data_8CWM
#
_entry.id   8CWM
#
_cell.length_a   1.00
_cell.length_b   1.00
_cell.length_c   1.00
_cell.angle_alpha   90.00
_cell.angle_beta   90.00
_cell.angle_gamma   90.00
#
_symmetry.space_group_name_H-M   'P 1'
#
_entity_poly.entity_id   1
_entity_poly.type   'polypeptide(L)'
_entity_poly.pdbx_seq_one_letter_code
;MNTKKMLKEYNKKVKRKGLAGLDTAIILIAFIITASVLAYVAINMGLFVTQKAKSTINKGEETASTALTLSGSVLYAVNY
PSNTRSYWIYFTVSPSSGVSSVELSPSTTAISFTASAEGISYSNIYEYTLLTVSPSELANQVYANGQYLDLVNQQTNAGQ
TYVYYPNPYYALLALNYTLSKIDKVSPSPLYITTTTPSSATQIYPFLAHDNMFTFTLNISGTLVTYYAFVNQTFAFTYPV
AGDPLIGSAIAPAGSVIGVMILFGPDLGSHVFQYQTITIQITPNIGSPLTISEYVYQPEGSVSVIG
;
_entity_poly.pdbx_strand_id   0,1,2,3,4,5,6,7,A,B,C,D,E,F,G,H,I,J,K,L,M,N,O,P,Q,R,S,T,U,V,W,X,Y,Z,a,b,c,d,e,f,g,h,i,j,k,l,m,n,o,p,q,r,s,t,u,v,w,x,y,z
#
# COMPACT_ATOMS: atom_id res chain seq x y z
N LEU A 19 -68.25 -8.76 4.82
CA LEU A 19 -68.91 -8.60 6.10
C LEU A 19 -70.28 -9.25 6.09
N ALA A 20 -70.93 -9.27 7.25
CA ALA A 20 -72.30 -9.77 7.37
C ALA A 20 -73.34 -8.72 7.08
N GLY A 21 -72.93 -7.46 6.89
CA GLY A 21 -73.89 -6.40 6.61
C GLY A 21 -74.55 -6.58 5.24
N LEU A 22 -73.75 -6.93 4.24
CA LEU A 22 -74.33 -7.23 2.93
C LEU A 22 -75.10 -8.54 2.96
N ASP A 23 -74.60 -9.53 3.70
CA ASP A 23 -75.32 -10.80 3.80
C ASP A 23 -76.65 -10.62 4.50
N THR A 24 -76.69 -9.79 5.54
CA THR A 24 -77.96 -9.52 6.22
C THR A 24 -78.90 -8.76 5.30
N ALA A 25 -78.36 -7.96 4.38
CA ALA A 25 -79.20 -7.21 3.46
C ALA A 25 -79.83 -8.11 2.42
N ILE A 26 -79.07 -9.08 1.91
CA ILE A 26 -79.58 -9.96 0.86
C ILE A 26 -80.71 -10.83 1.40
N ILE A 27 -80.48 -11.44 2.57
CA ILE A 27 -81.50 -12.29 3.16
C ILE A 27 -82.75 -11.49 3.53
N LEU A 28 -82.56 -10.25 3.97
CA LEU A 28 -83.71 -9.42 4.32
C LEU A 28 -84.60 -9.18 3.11
N ILE A 29 -84.01 -9.10 1.93
CA ILE A 29 -84.80 -8.93 0.71
C ILE A 29 -85.59 -10.20 0.43
N ALA A 30 -84.93 -11.36 0.55
CA ALA A 30 -85.58 -12.62 0.23
C ALA A 30 -86.74 -12.91 1.19
N PHE A 31 -86.55 -12.64 2.47
CA PHE A 31 -87.60 -12.94 3.43
C PHE A 31 -88.77 -11.99 3.28
N ILE A 32 -88.53 -10.77 2.81
CA ILE A 32 -89.61 -9.84 2.57
C ILE A 32 -90.44 -10.30 1.37
N ILE A 33 -89.76 -10.75 0.31
CA ILE A 33 -90.48 -11.25 -0.86
C ILE A 33 -91.26 -12.50 -0.52
N THR A 34 -90.64 -13.43 0.22
CA THR A 34 -91.34 -14.65 0.60
C THR A 34 -92.54 -14.35 1.49
N ALA A 35 -92.39 -13.39 2.40
CA ALA A 35 -93.51 -13.03 3.27
C ALA A 35 -94.61 -12.32 2.49
N SER A 36 -94.23 -11.61 1.42
CA SER A 36 -95.23 -10.92 0.61
C SER A 36 -96.06 -11.89 -0.19
N VAL A 37 -95.43 -12.92 -0.75
CA VAL A 37 -96.17 -13.90 -1.54
C VAL A 37 -97.23 -14.59 -0.70
N LEU A 38 -96.89 -14.88 0.57
CA LEU A 38 -97.87 -15.49 1.46
C LEU A 38 -99.07 -14.58 1.65
N ALA A 39 -98.82 -13.29 1.85
CA ALA A 39 -99.92 -12.33 1.96
C ALA A 39 -100.68 -12.22 0.66
N TYR A 40 -99.97 -12.23 -0.47
CA TYR A 40 -100.61 -12.10 -1.78
C TYR A 40 -101.59 -13.24 -2.03
N VAL A 41 -101.23 -14.45 -1.61
CA VAL A 41 -102.13 -15.59 -1.80
C VAL A 41 -103.08 -15.72 -0.61
N ALA A 42 -102.80 -15.05 0.50
CA ALA A 42 -103.70 -15.11 1.64
C ALA A 42 -104.97 -14.31 1.36
N ILE A 43 -104.82 -13.10 0.83
CA ILE A 43 -105.98 -12.25 0.57
C ILE A 43 -106.85 -12.85 -0.53
N ASN A 44 -106.23 -13.35 -1.59
CA ASN A 44 -106.98 -13.86 -2.73
C ASN A 44 -107.89 -15.01 -2.31
N MET A 45 -107.33 -16.01 -1.63
CA MET A 45 -108.16 -17.07 -1.09
C MET A 45 -109.02 -16.56 0.06
N GLY A 46 -108.57 -15.49 0.72
CA GLY A 46 -109.35 -14.94 1.81
C GLY A 46 -110.65 -14.31 1.34
N LEU A 47 -110.60 -13.59 0.22
CA LEU A 47 -111.82 -13.00 -0.34
C LEU A 47 -112.67 -14.04 -1.05
N PHE A 48 -112.02 -14.98 -1.74
CA PHE A 48 -112.76 -15.98 -2.50
C PHE A 48 -113.59 -16.87 -1.57
N VAL A 49 -113.00 -17.27 -0.44
CA VAL A 49 -113.72 -18.13 0.49
C VAL A 49 -114.89 -17.39 1.11
N THR A 50 -114.66 -16.16 1.57
CA THR A 50 -115.73 -15.43 2.24
C THR A 50 -116.79 -14.96 1.25
N GLN A 51 -116.43 -14.80 -0.02
CA GLN A 51 -117.43 -14.52 -1.04
C GLN A 51 -118.30 -15.74 -1.30
N LYS A 52 -117.70 -16.92 -1.30
CA LYS A 52 -118.47 -18.15 -1.47
C LYS A 52 -119.47 -18.31 -0.35
N ALA A 53 -119.11 -17.90 0.87
CA ALA A 53 -120.05 -17.95 1.99
C ALA A 53 -121.24 -17.03 1.74
N LYS A 54 -121.00 -15.91 1.06
CA LYS A 54 -122.10 -15.00 0.73
C LYS A 54 -123.11 -15.67 -0.19
N SER A 55 -122.61 -16.44 -1.17
CA SER A 55 -123.52 -17.12 -2.09
C SER A 55 -124.28 -18.24 -1.38
N THR A 56 -123.60 -18.98 -0.51
CA THR A 56 -124.25 -20.10 0.17
C THR A 56 -125.31 -19.61 1.14
N ILE A 57 -125.02 -18.55 1.89
CA ILE A 57 -126.03 -17.96 2.76
C ILE A 57 -127.22 -17.47 1.95
N ASN A 58 -126.96 -16.95 0.75
CA ASN A 58 -128.04 -16.51 -0.12
C ASN A 58 -128.90 -17.69 -0.56
N LYS A 59 -128.27 -18.75 -1.08
CA LYS A 59 -129.03 -19.91 -1.53
C LYS A 59 -129.68 -20.63 -0.36
N GLY A 60 -129.03 -20.61 0.81
CA GLY A 60 -129.62 -21.25 1.97
C GLY A 60 -130.93 -20.61 2.39
N GLU A 61 -131.02 -19.28 2.27
CA GLU A 61 -132.26 -18.60 2.59
C GLU A 61 -133.32 -18.89 1.54
N GLU A 62 -132.92 -18.94 0.27
CA GLU A 62 -133.88 -19.24 -0.79
C GLU A 62 -134.46 -20.64 -0.63
N THR A 63 -133.65 -21.59 -0.19
CA THR A 63 -134.15 -22.95 0.04
C THR A 63 -135.16 -22.97 1.16
N ALA A 64 -134.90 -22.23 2.23
CA ALA A 64 -135.77 -22.24 3.41
C ALA A 64 -136.95 -21.28 3.28
N SER A 65 -137.13 -20.63 2.14
CA SER A 65 -138.22 -19.68 1.96
C SER A 65 -139.31 -20.19 1.03
N THR A 66 -138.95 -20.65 -0.16
CA THR A 66 -139.93 -21.05 -1.15
C THR A 66 -140.43 -22.47 -0.90
N ALA A 67 -141.75 -22.64 -1.04
CA ALA A 67 -142.41 -23.92 -0.86
C ALA A 67 -143.84 -23.80 -1.36
N LEU A 68 -144.40 -24.91 -1.82
CA LEU A 68 -145.73 -24.93 -2.37
C LEU A 68 -146.74 -25.35 -1.30
N THR A 69 -148.02 -25.31 -1.66
CA THR A 69 -149.09 -25.77 -0.79
C THR A 69 -150.29 -26.14 -1.64
N LEU A 70 -150.96 -27.24 -1.27
CA LEU A 70 -152.12 -27.69 -2.01
C LEU A 70 -153.24 -26.65 -1.95
N SER A 71 -153.67 -26.17 -3.11
CA SER A 71 -154.73 -25.18 -3.22
C SER A 71 -155.93 -25.81 -3.89
N GLY A 72 -157.11 -25.61 -3.29
CA GLY A 72 -158.32 -26.20 -3.82
C GLY A 72 -158.38 -27.70 -3.66
N SER A 73 -159.50 -28.30 -4.06
CA SER A 73 -159.66 -29.73 -3.96
C SER A 73 -158.93 -30.43 -5.12
N VAL A 74 -159.10 -31.74 -5.19
CA VAL A 74 -158.50 -32.56 -6.24
C VAL A 74 -159.58 -33.43 -6.85
N LEU A 75 -159.58 -33.52 -8.19
CA LEU A 75 -160.63 -34.21 -8.93
C LEU A 75 -160.04 -35.36 -9.72
N TYR A 76 -160.79 -36.46 -9.82
CA TYR A 76 -160.37 -37.65 -10.53
C TYR A 76 -161.40 -37.98 -11.62
N ALA A 77 -160.92 -38.22 -12.83
CA ALA A 77 -161.77 -38.55 -13.96
C ALA A 77 -161.77 -40.05 -14.20
N VAL A 78 -162.97 -40.63 -14.33
CA VAL A 78 -163.13 -42.06 -14.50
C VAL A 78 -164.54 -42.31 -15.02
N ASN A 79 -164.68 -43.31 -15.89
CA ASN A 79 -165.99 -43.66 -16.42
C ASN A 79 -166.89 -44.22 -15.32
N TYR A 80 -167.88 -43.42 -14.90
CA TYR A 80 -168.66 -43.76 -13.72
C TYR A 80 -169.57 -44.98 -13.94
N PRO A 81 -170.37 -45.07 -15.00
CA PRO A 81 -171.29 -46.22 -15.10
C PRO A 81 -170.59 -47.57 -15.15
N SER A 82 -169.39 -47.63 -15.72
CA SER A 82 -168.61 -48.86 -15.75
C SER A 82 -167.16 -48.50 -15.49
N ASN A 83 -166.70 -48.67 -14.24
CA ASN A 83 -165.39 -48.19 -13.82
C ASN A 83 -164.33 -49.11 -14.42
N THR A 84 -163.99 -48.83 -15.68
CA THR A 84 -163.01 -49.65 -16.40
C THR A 84 -161.86 -48.80 -16.90
N ARG A 85 -162.12 -47.53 -17.22
CA ARG A 85 -161.11 -46.65 -17.81
C ARG A 85 -160.89 -45.45 -16.92
N SER A 86 -159.62 -45.07 -16.75
CA SER A 86 -159.22 -43.94 -15.93
C SER A 86 -158.63 -42.87 -16.85
N TYR A 87 -159.14 -41.64 -16.73
CA TYR A 87 -158.81 -40.59 -17.68
C TYR A 87 -157.72 -39.64 -17.17
N TRP A 88 -157.97 -38.95 -16.06
CA TRP A 88 -157.00 -37.98 -15.58
C TRP A 88 -157.35 -37.56 -14.15
N ILE A 89 -156.36 -36.94 -13.50
CA ILE A 89 -156.53 -36.32 -12.19
C ILE A 89 -156.27 -34.83 -12.34
N TYR A 90 -156.99 -34.03 -11.54
CA TYR A 90 -156.86 -32.59 -11.61
C TYR A 90 -156.82 -31.99 -10.22
N PHE A 91 -155.93 -31.01 -10.02
CA PHE A 91 -155.87 -30.22 -8.80
C PHE A 91 -155.04 -28.98 -9.09
N THR A 92 -154.94 -28.12 -8.08
CA THR A 92 -154.20 -26.87 -8.20
C THR A 92 -153.18 -26.75 -7.07
N VAL A 93 -152.19 -25.90 -7.28
CA VAL A 93 -151.10 -25.72 -6.32
C VAL A 93 -150.67 -24.26 -6.33
N SER A 94 -150.37 -23.73 -5.14
CA SER A 94 -149.97 -22.34 -4.98
C SER A 94 -148.80 -22.28 -4.01
N PRO A 95 -148.01 -21.20 -4.07
CA PRO A 95 -146.95 -21.02 -3.06
C PRO A 95 -147.53 -20.95 -1.65
N SER A 96 -146.66 -21.20 -0.67
CA SER A 96 -147.11 -21.32 0.71
C SER A 96 -147.75 -20.02 1.20
N SER A 97 -146.96 -18.94 1.24
CA SER A 97 -147.46 -17.65 1.68
C SER A 97 -146.79 -16.58 0.84
N GLY A 98 -146.89 -15.34 1.28
CA GLY A 98 -146.22 -14.25 0.59
C GLY A 98 -144.74 -14.25 0.86
N VAL A 99 -144.05 -15.31 0.45
CA VAL A 99 -142.64 -15.52 0.77
C VAL A 99 -141.74 -15.23 -0.43
N SER A 100 -142.01 -15.85 -1.57
CA SER A 100 -141.17 -15.70 -2.76
C SER A 100 -141.82 -16.43 -3.93
N SER A 101 -141.21 -16.27 -5.09
CA SER A 101 -141.64 -16.98 -6.28
C SER A 101 -141.07 -18.39 -6.27
N VAL A 102 -141.53 -19.21 -7.21
CA VAL A 102 -141.08 -20.59 -7.34
C VAL A 102 -140.92 -20.90 -8.83
N GLU A 103 -140.10 -21.91 -9.11
CA GLU A 103 -139.81 -22.34 -10.48
C GLU A 103 -140.52 -23.65 -10.78
N LEU A 104 -141.38 -23.64 -11.80
CA LEU A 104 -142.06 -24.83 -12.28
C LEU A 104 -141.61 -25.21 -13.69
N SER A 105 -140.34 -25.03 -13.99
CA SER A 105 -139.84 -25.35 -15.31
C SER A 105 -139.81 -26.86 -15.51
N PRO A 106 -140.36 -27.39 -16.60
CA PRO A 106 -140.28 -28.83 -16.83
C PRO A 106 -138.87 -29.33 -17.05
N SER A 107 -137.94 -28.44 -17.38
CA SER A 107 -136.56 -28.87 -17.61
C SER A 107 -135.89 -29.31 -16.32
N THR A 108 -136.33 -28.79 -15.17
CA THR A 108 -135.68 -29.08 -13.90
C THR A 108 -136.67 -29.46 -12.82
N THR A 109 -137.84 -29.98 -13.20
CA THR A 109 -138.83 -30.45 -12.24
C THR A 109 -139.32 -31.83 -12.67
N ALA A 110 -139.60 -32.68 -11.69
CA ALA A 110 -140.00 -34.05 -11.94
C ALA A 110 -141.23 -34.39 -11.11
N ILE A 111 -142.05 -35.29 -11.64
CA ILE A 111 -143.23 -35.79 -10.96
C ILE A 111 -143.11 -37.30 -10.84
N SER A 112 -143.36 -37.82 -9.66
CA SER A 112 -143.27 -39.26 -9.39
C SER A 112 -144.66 -39.77 -9.00
N PHE A 113 -145.20 -40.66 -9.82
CA PHE A 113 -146.49 -41.28 -9.56
C PHE A 113 -146.27 -42.73 -9.18
N THR A 114 -146.90 -43.17 -8.09
CA THR A 114 -146.73 -44.52 -7.58
C THR A 114 -148.09 -45.15 -7.34
N ALA A 115 -148.29 -46.35 -7.90
CA ALA A 115 -149.52 -47.09 -7.70
C ALA A 115 -149.34 -48.08 -6.55
N SER A 116 -150.28 -48.09 -5.61
CA SER A 116 -150.13 -48.94 -4.43
C SER A 116 -150.36 -50.40 -4.76
N ALA A 117 -151.58 -50.75 -5.17
CA ALA A 117 -151.92 -52.16 -5.37
C ALA A 117 -151.23 -52.73 -6.61
N GLU A 118 -151.29 -52.01 -7.73
CA GLU A 118 -150.69 -52.49 -8.97
C GLU A 118 -149.16 -52.43 -8.94
N GLY A 119 -148.55 -51.86 -7.91
CA GLY A 119 -147.11 -51.82 -7.82
C GLY A 119 -146.42 -51.00 -8.88
N ILE A 120 -147.13 -50.08 -9.53
CA ILE A 120 -146.56 -49.25 -10.58
C ILE A 120 -145.97 -48.00 -9.95
N SER A 121 -144.83 -47.55 -10.49
CA SER A 121 -144.18 -46.34 -10.04
C SER A 121 -143.67 -45.58 -11.25
N TYR A 122 -143.56 -44.25 -11.09
CA TYR A 122 -143.16 -43.39 -12.19
C TYR A 122 -142.21 -42.33 -11.65
N SER A 123 -141.62 -41.58 -12.57
CA SER A 123 -140.72 -40.49 -12.21
C SER A 123 -140.60 -39.54 -13.39
N ASN A 124 -140.83 -38.25 -13.15
CA ASN A 124 -140.70 -37.20 -14.15
C ASN A 124 -141.64 -37.45 -15.33
N ILE A 125 -142.94 -37.43 -15.04
CA ILE A 125 -143.95 -37.33 -16.10
C ILE A 125 -144.21 -35.90 -16.50
N TYR A 126 -143.56 -34.94 -15.85
CA TYR A 126 -143.68 -33.53 -16.20
C TYR A 126 -143.00 -33.30 -17.55
N GLU A 127 -143.79 -33.01 -18.57
CA GLU A 127 -143.29 -32.88 -19.93
C GLU A 127 -143.31 -31.43 -20.43
N TYR A 128 -144.49 -30.80 -20.43
CA TYR A 128 -144.62 -29.45 -20.94
C TYR A 128 -145.70 -28.72 -20.16
N THR A 129 -145.43 -27.48 -19.81
CA THR A 129 -146.39 -26.62 -19.13
C THR A 129 -146.74 -25.44 -20.01
N LEU A 130 -147.81 -24.74 -19.63
CA LEU A 130 -148.34 -23.62 -20.40
C LEU A 130 -148.03 -22.28 -19.77
N LEU A 131 -146.86 -22.14 -19.14
CA LEU A 131 -146.46 -20.88 -18.54
C LEU A 131 -145.57 -20.04 -19.45
N THR A 132 -144.88 -20.66 -20.41
CA THR A 132 -143.95 -19.94 -21.25
C THR A 132 -144.53 -19.52 -22.59
N VAL A 133 -145.65 -20.10 -23.01
CA VAL A 133 -146.23 -19.79 -24.30
C VAL A 133 -146.96 -18.45 -24.23
N SER A 134 -146.94 -17.73 -25.34
CA SER A 134 -147.55 -16.40 -25.39
C SER A 134 -149.04 -16.52 -25.64
N PRO A 135 -149.86 -15.64 -25.04
CA PRO A 135 -151.30 -15.69 -25.28
C PRO A 135 -151.72 -15.17 -26.65
N SER A 136 -150.77 -14.73 -27.48
CA SER A 136 -151.13 -14.20 -28.79
C SER A 136 -151.34 -15.33 -29.81
N GLU A 137 -150.31 -16.14 -30.02
CA GLU A 137 -150.39 -17.18 -31.05
C GLU A 137 -151.42 -18.24 -30.72
N LEU A 138 -151.69 -18.48 -29.43
CA LEU A 138 -152.67 -19.48 -29.05
C LEU A 138 -154.06 -19.08 -29.51
N ALA A 139 -154.44 -17.83 -29.28
CA ALA A 139 -155.74 -17.32 -29.69
C ALA A 139 -155.77 -16.87 -31.15
N ASN A 140 -154.78 -17.27 -31.95
CA ASN A 140 -154.73 -16.83 -33.34
C ASN A 140 -155.77 -17.54 -34.19
N GLN A 141 -155.67 -18.86 -34.29
CA GLN A 141 -156.61 -19.60 -35.13
C GLN A 141 -156.91 -20.96 -34.50
N VAL A 142 -158.17 -21.15 -34.12
CA VAL A 142 -158.75 -22.44 -33.76
C VAL A 142 -160.26 -22.25 -33.73
N TYR A 143 -161.01 -23.23 -34.23
CA TYR A 143 -162.46 -23.07 -34.30
C TYR A 143 -163.09 -24.41 -34.65
N ALA A 144 -164.36 -24.55 -34.24
CA ALA A 144 -165.19 -25.67 -34.64
C ALA A 144 -166.51 -25.21 -35.24
N ASN A 145 -166.64 -23.93 -35.53
CA ASN A 145 -167.86 -23.36 -36.11
C ASN A 145 -167.46 -22.22 -37.03
N GLY A 146 -168.43 -21.38 -37.39
CA GLY A 146 -168.14 -20.28 -38.30
C GLY A 146 -167.20 -19.24 -37.72
N GLN A 147 -167.14 -19.15 -36.39
CA GLN A 147 -166.33 -18.15 -35.71
C GLN A 147 -165.22 -18.81 -34.90
N TYR A 148 -164.18 -18.04 -34.62
CA TYR A 148 -163.09 -18.49 -33.78
C TYR A 148 -163.45 -18.30 -32.31
N LEU A 149 -162.78 -19.05 -31.45
CA LEU A 149 -162.95 -18.92 -30.00
C LEU A 149 -161.64 -18.50 -29.35
N ASP A 150 -161.76 -17.66 -28.33
CA ASP A 150 -160.62 -17.18 -27.56
C ASP A 150 -160.46 -18.03 -26.32
N LEU A 151 -159.26 -18.58 -26.12
CA LEU A 151 -159.02 -19.51 -25.03
C LEU A 151 -158.63 -18.78 -23.74
N VAL A 152 -157.54 -18.03 -23.79
CA VAL A 152 -157.04 -17.33 -22.61
C VAL A 152 -157.81 -16.03 -22.42
N ASN A 153 -158.13 -15.74 -21.16
CA ASN A 153 -158.80 -14.49 -20.79
C ASN A 153 -157.78 -13.65 -20.04
N GLN A 154 -157.31 -12.57 -20.67
CA GLN A 154 -156.25 -11.74 -20.12
C GLN A 154 -156.79 -10.38 -19.72
N GLN A 155 -156.30 -9.87 -18.59
CA GLN A 155 -156.60 -8.52 -18.13
C GLN A 155 -155.28 -7.80 -17.86
N THR A 156 -155.26 -6.50 -18.11
CA THR A 156 -154.05 -5.70 -18.00
C THR A 156 -154.30 -4.49 -17.11
N ASN A 157 -153.35 -4.24 -16.20
CA ASN A 157 -153.42 -3.08 -15.32
C ASN A 157 -152.06 -2.86 -14.70
N ALA A 158 -151.82 -1.63 -14.24
CA ALA A 158 -150.61 -1.22 -13.54
C ALA A 158 -149.34 -1.43 -14.37
N GLY A 159 -149.49 -1.61 -15.68
CA GLY A 159 -148.34 -1.77 -16.55
C GLY A 159 -147.97 -3.21 -16.86
N GLN A 160 -148.74 -4.19 -16.39
CA GLN A 160 -148.47 -5.59 -16.68
C GLN A 160 -149.78 -6.31 -16.91
N THR A 161 -149.70 -7.45 -17.57
CA THR A 161 -150.87 -8.23 -17.95
C THR A 161 -150.90 -9.54 -17.16
N TYR A 162 -152.10 -10.03 -16.89
CA TYR A 162 -152.31 -11.27 -16.15
C TYR A 162 -153.17 -12.19 -17.01
N VAL A 163 -152.57 -13.22 -17.59
CA VAL A 163 -153.27 -14.16 -18.44
C VAL A 163 -153.53 -15.43 -17.66
N TYR A 164 -154.55 -16.17 -18.09
CA TYR A 164 -154.87 -17.45 -17.47
C TYR A 164 -155.82 -18.21 -18.38
N TYR A 165 -155.69 -19.54 -18.36
CA TYR A 165 -156.57 -20.42 -19.11
C TYR A 165 -157.67 -20.90 -18.18
N PRO A 166 -158.88 -20.36 -18.27
CA PRO A 166 -159.89 -20.62 -17.23
C PRO A 166 -160.42 -22.04 -17.23
N ASN A 167 -160.24 -22.80 -18.31
CA ASN A 167 -160.84 -24.12 -18.37
C ASN A 167 -159.79 -25.17 -18.67
N PRO A 168 -159.85 -26.32 -17.98
CA PRO A 168 -158.91 -27.40 -18.31
C PRO A 168 -159.00 -27.85 -19.76
N TYR A 169 -160.21 -27.97 -20.29
CA TYR A 169 -160.37 -28.25 -21.71
C TYR A 169 -159.75 -27.15 -22.55
N TYR A 170 -159.96 -25.89 -22.16
CA TYR A 170 -159.32 -24.79 -22.86
C TYR A 170 -157.81 -24.92 -22.83
N ALA A 171 -157.26 -25.28 -21.67
CA ALA A 171 -155.82 -25.52 -21.60
C ALA A 171 -155.41 -26.75 -22.41
N LEU A 172 -156.31 -27.72 -22.53
CA LEU A 172 -155.99 -28.92 -23.31
C LEU A 172 -155.88 -28.59 -24.80
N LEU A 173 -156.87 -27.88 -25.35
CA LEU A 173 -156.76 -27.44 -26.73
C LEU A 173 -155.57 -26.52 -26.91
N ALA A 174 -155.30 -25.67 -25.92
CA ALA A 174 -154.11 -24.83 -25.97
C ALA A 174 -152.84 -25.67 -26.04
N LEU A 175 -152.79 -26.76 -25.26
CA LEU A 175 -151.63 -27.63 -25.31
C LEU A 175 -151.49 -28.30 -26.67
N ASN A 176 -152.61 -28.68 -27.27
CA ASN A 176 -152.58 -29.26 -28.61
C ASN A 176 -151.99 -28.28 -29.62
N TYR A 177 -152.43 -27.01 -29.54
CA TYR A 177 -151.90 -26.01 -30.46
C TYR A 177 -150.42 -25.79 -30.23
N THR A 178 -149.99 -25.74 -28.96
CA THR A 178 -148.58 -25.50 -28.67
C THR A 178 -147.72 -26.65 -29.16
N LEU A 179 -148.03 -27.87 -28.70
CA LEU A 179 -147.20 -29.02 -29.01
C LEU A 179 -147.21 -29.36 -30.50
N SER A 180 -148.17 -28.84 -31.26
CA SER A 180 -148.26 -29.14 -32.68
C SER A 180 -147.81 -28.00 -33.58
N LYS A 181 -148.24 -26.76 -33.30
CA LYS A 181 -147.92 -25.64 -34.17
C LYS A 181 -146.60 -24.97 -33.82
N ILE A 182 -146.41 -24.57 -32.56
CA ILE A 182 -145.21 -23.82 -32.20
C ILE A 182 -144.10 -24.75 -31.69
N ASP A 183 -144.45 -25.81 -30.97
CA ASP A 183 -143.47 -26.79 -30.52
C ASP A 183 -143.30 -27.83 -31.62
N LYS A 184 -142.11 -27.88 -32.21
CA LYS A 184 -141.85 -28.73 -33.37
C LYS A 184 -141.11 -29.98 -32.91
N VAL A 185 -141.87 -31.02 -32.61
CA VAL A 185 -141.33 -32.32 -32.26
C VAL A 185 -142.04 -33.39 -33.10
N SER A 186 -141.29 -34.43 -33.47
CA SER A 186 -141.89 -35.49 -34.28
C SER A 186 -142.93 -36.29 -33.52
N PRO A 187 -142.70 -36.75 -32.27
CA PRO A 187 -143.74 -37.51 -31.59
C PRO A 187 -144.76 -36.62 -30.91
N SER A 188 -146.01 -36.68 -31.37
CA SER A 188 -147.08 -35.91 -30.76
C SER A 188 -147.84 -36.79 -29.78
N PRO A 189 -147.60 -36.67 -28.48
CA PRO A 189 -148.32 -37.53 -27.52
C PRO A 189 -149.79 -37.18 -27.39
N LEU A 190 -150.14 -35.90 -27.52
CA LEU A 190 -151.52 -35.45 -27.40
C LEU A 190 -152.07 -35.14 -28.79
N TYR A 191 -153.31 -35.53 -29.03
CA TYR A 191 -153.93 -35.38 -30.34
C TYR A 191 -155.43 -35.22 -30.17
N ILE A 192 -155.96 -34.09 -30.57
CA ILE A 192 -157.37 -33.73 -30.36
C ILE A 192 -158.02 -33.54 -31.73
N THR A 193 -159.08 -34.31 -31.98
CA THR A 193 -159.85 -34.16 -33.21
C THR A 193 -161.33 -34.27 -32.91
N THR A 194 -162.15 -33.99 -33.92
CA THR A 194 -163.59 -34.06 -33.81
C THR A 194 -164.18 -35.29 -34.50
N THR A 195 -163.46 -35.91 -35.42
CA THR A 195 -163.98 -37.05 -36.15
C THR A 195 -164.29 -38.20 -35.21
N THR A 196 -165.21 -39.06 -35.64
CA THR A 196 -165.56 -40.23 -34.85
C THR A 196 -164.35 -41.14 -34.70
N PRO A 197 -164.21 -41.82 -33.56
CA PRO A 197 -162.99 -42.61 -33.32
C PRO A 197 -162.76 -43.70 -34.34
N SER A 198 -163.83 -44.23 -34.96
CA SER A 198 -163.65 -45.26 -35.97
C SER A 198 -162.88 -44.72 -37.17
N SER A 199 -163.33 -43.58 -37.71
CA SER A 199 -162.65 -43.01 -38.88
C SER A 199 -161.20 -42.67 -38.57
N ALA A 200 -160.93 -42.15 -37.36
CA ALA A 200 -159.55 -41.80 -37.01
C ALA A 200 -158.65 -43.03 -37.03
N THR A 201 -159.20 -44.20 -36.70
CA THR A 201 -158.40 -45.41 -36.73
C THR A 201 -158.08 -45.83 -38.16
N GLN A 202 -159.01 -45.59 -39.09
CA GLN A 202 -158.79 -46.01 -40.48
C GLN A 202 -157.75 -45.14 -41.16
N ILE A 203 -157.82 -43.82 -40.96
CA ILE A 203 -156.87 -42.93 -41.62
C ILE A 203 -155.48 -43.07 -41.01
N TYR A 204 -155.38 -43.30 -39.70
CA TYR A 204 -154.11 -43.40 -39.01
C TYR A 204 -154.05 -44.70 -38.24
N PRO A 205 -153.19 -45.64 -38.61
CA PRO A 205 -153.19 -46.96 -37.96
C PRO A 205 -152.75 -46.93 -36.51
N PHE A 206 -151.60 -46.32 -36.23
CA PHE A 206 -150.99 -46.38 -34.90
C PHE A 206 -151.63 -45.42 -33.90
N LEU A 207 -152.79 -44.86 -34.22
CA LEU A 207 -153.52 -44.02 -33.28
C LEU A 207 -154.70 -44.74 -32.65
N ALA A 208 -154.70 -46.08 -32.66
CA ALA A 208 -155.78 -46.85 -32.07
C ALA A 208 -155.42 -47.47 -30.73
N HIS A 209 -154.13 -47.71 -30.49
CA HIS A 209 -153.73 -48.42 -29.27
C HIS A 209 -153.80 -47.51 -28.05
N ASP A 210 -153.67 -46.20 -28.23
CA ASP A 210 -153.56 -45.27 -27.12
C ASP A 210 -154.88 -45.18 -26.36
N ASN A 211 -154.86 -44.37 -25.30
CA ASN A 211 -156.01 -44.21 -24.43
C ASN A 211 -157.08 -43.37 -25.11
N MET A 212 -158.20 -43.18 -24.41
CA MET A 212 -159.36 -42.51 -25.00
C MET A 212 -160.19 -41.84 -23.91
N PHE A 213 -160.42 -40.54 -24.07
CA PHE A 213 -161.40 -39.81 -23.27
C PHE A 213 -161.90 -38.64 -24.10
N THR A 214 -163.20 -38.39 -24.04
CA THR A 214 -163.85 -37.40 -24.89
C THR A 214 -164.44 -36.27 -24.05
N PHE A 215 -164.72 -35.17 -24.73
CA PHE A 215 -165.38 -34.02 -24.10
C PHE A 215 -166.19 -33.28 -25.15
N THR A 216 -167.45 -33.02 -24.83
CA THR A 216 -168.37 -32.33 -25.72
C THR A 216 -168.64 -30.94 -25.17
N LEU A 217 -168.58 -29.93 -26.04
CA LEU A 217 -168.77 -28.55 -25.64
C LEU A 217 -169.57 -27.82 -26.71
N ASN A 218 -170.35 -26.83 -26.27
CA ASN A 218 -171.27 -26.11 -27.13
C ASN A 218 -170.65 -24.80 -27.59
N ILE A 219 -170.62 -24.58 -28.91
CA ILE A 219 -170.14 -23.34 -29.50
C ILE A 219 -171.23 -22.79 -30.40
N SER A 220 -171.59 -21.53 -30.20
CA SER A 220 -172.61 -20.85 -30.99
C SER A 220 -173.90 -21.67 -31.08
N GLY A 221 -174.32 -22.19 -29.94
CA GLY A 221 -175.53 -23.00 -29.88
C GLY A 221 -175.46 -24.32 -30.59
N THR A 222 -174.27 -24.76 -31.00
CA THR A 222 -174.08 -26.01 -31.73
C THR A 222 -173.25 -26.94 -30.86
N LEU A 223 -173.82 -28.06 -30.47
CA LEU A 223 -173.11 -29.04 -29.64
C LEU A 223 -172.04 -29.72 -30.47
N VAL A 224 -170.78 -29.57 -30.05
CA VAL A 224 -169.64 -30.12 -30.76
C VAL A 224 -168.86 -31.03 -29.81
N THR A 225 -168.63 -32.26 -30.23
CA THR A 225 -167.86 -33.21 -29.44
C THR A 225 -166.41 -33.23 -29.90
N TYR A 226 -165.54 -33.71 -29.01
CA TYR A 226 -164.12 -33.79 -29.28
C TYR A 226 -163.57 -35.08 -28.71
N TYR A 227 -162.44 -35.52 -29.27
CA TYR A 227 -161.80 -36.76 -28.87
C TYR A 227 -160.33 -36.53 -28.61
N ALA A 228 -159.79 -37.24 -27.63
CA ALA A 228 -158.40 -37.07 -27.21
C ALA A 228 -157.62 -38.36 -27.43
N PHE A 229 -156.38 -38.21 -27.91
CA PHE A 229 -155.48 -39.33 -28.14
C PHE A 229 -154.19 -39.09 -27.37
N VAL A 230 -153.97 -39.88 -26.33
CA VAL A 230 -152.77 -39.79 -25.49
C VAL A 230 -152.08 -41.14 -25.51
N ASN A 231 -150.85 -41.17 -26.03
CA ASN A 231 -150.10 -42.40 -26.21
C ASN A 231 -149.03 -42.62 -25.16
N GLN A 232 -148.98 -41.77 -24.13
CA GLN A 232 -147.96 -41.90 -23.09
C GLN A 232 -148.41 -41.11 -21.88
N THR A 233 -148.28 -41.71 -20.70
CA THR A 233 -148.70 -41.05 -19.47
C THR A 233 -147.81 -39.84 -19.19
N PHE A 234 -148.44 -38.68 -19.00
CA PHE A 234 -147.70 -37.46 -18.70
C PHE A 234 -148.65 -36.48 -18.03
N ALA A 235 -148.08 -35.38 -17.54
CA ALA A 235 -148.84 -34.36 -16.82
C ALA A 235 -148.43 -32.98 -17.30
N PHE A 236 -149.27 -32.00 -16.99
CA PHE A 236 -149.01 -30.62 -17.39
C PHE A 236 -149.63 -29.68 -16.38
N THR A 237 -149.19 -28.42 -16.43
CA THR A 237 -149.68 -27.36 -15.54
C THR A 237 -149.90 -26.10 -16.34
N TYR A 238 -150.94 -25.36 -16.00
CA TYR A 238 -151.29 -24.12 -16.67
C TYR A 238 -151.57 -23.03 -15.65
N PRO A 239 -151.30 -21.77 -16.00
CA PRO A 239 -151.55 -20.67 -15.05
C PRO A 239 -153.04 -20.46 -14.86
N VAL A 240 -153.44 -20.30 -13.60
CA VAL A 240 -154.86 -20.16 -13.26
C VAL A 240 -155.22 -18.76 -12.78
N ALA A 241 -154.35 -18.11 -12.00
CA ALA A 241 -154.68 -16.78 -11.51
C ALA A 241 -153.40 -16.06 -11.10
N GLY A 242 -153.40 -14.74 -11.30
CA GLY A 242 -152.34 -13.87 -10.85
C GLY A 242 -150.94 -14.27 -11.28
N ASP A 243 -150.69 -14.29 -12.58
CA ASP A 243 -149.38 -14.65 -13.13
C ASP A 243 -148.97 -13.59 -14.15
N PRO A 244 -148.38 -12.49 -13.69
CA PRO A 244 -147.92 -11.47 -14.65
C PRO A 244 -146.70 -11.89 -15.43
N LEU A 245 -145.88 -12.79 -14.88
CA LEU A 245 -144.63 -13.19 -15.53
C LEU A 245 -144.91 -14.39 -16.42
N ILE A 246 -145.27 -14.11 -17.67
CA ILE A 246 -145.54 -15.14 -18.67
C ILE A 246 -144.36 -15.20 -19.63
N GLY A 247 -143.93 -16.42 -19.94
CA GLY A 247 -142.78 -16.62 -20.81
C GLY A 247 -141.50 -17.00 -20.11
N SER A 248 -141.56 -17.35 -18.83
CA SER A 248 -140.35 -17.71 -18.10
C SER A 248 -140.50 -18.95 -17.21
N ALA A 249 -141.69 -19.54 -17.10
CA ALA A 249 -141.93 -20.71 -16.26
C ALA A 249 -141.56 -20.42 -14.80
N ILE A 250 -141.72 -19.18 -14.37
CA ILE A 250 -141.42 -18.76 -13.00
C ILE A 250 -142.74 -18.34 -12.38
N ALA A 251 -143.35 -19.23 -11.61
CA ALA A 251 -144.59 -18.90 -10.94
C ALA A 251 -144.35 -17.83 -9.88
N PRO A 252 -144.94 -16.65 -10.01
CA PRO A 252 -144.68 -15.58 -9.04
C PRO A 252 -145.37 -15.85 -7.72
N ALA A 253 -145.01 -15.05 -6.73
CA ALA A 253 -145.65 -15.14 -5.42
C ALA A 253 -147.12 -14.77 -5.53
N GLY A 254 -147.93 -15.34 -4.64
CA GLY A 254 -149.36 -15.12 -4.65
C GLY A 254 -150.11 -15.77 -5.78
N SER A 255 -149.42 -16.35 -6.76
CA SER A 255 -150.08 -16.96 -7.89
C SER A 255 -150.76 -18.26 -7.49
N VAL A 256 -151.55 -18.80 -8.41
CA VAL A 256 -152.21 -20.10 -8.25
C VAL A 256 -152.06 -20.86 -9.55
N ILE A 257 -151.55 -22.09 -9.46
CA ILE A 257 -151.29 -22.91 -10.63
C ILE A 257 -152.06 -24.22 -10.48
N GLY A 258 -152.65 -24.67 -11.59
CA GLY A 258 -153.38 -25.93 -11.61
C GLY A 258 -152.55 -27.04 -12.21
N VAL A 259 -152.85 -28.27 -11.80
CA VAL A 259 -152.11 -29.45 -12.24
C VAL A 259 -153.10 -30.47 -12.78
N MET A 260 -152.73 -31.11 -13.89
CA MET A 260 -153.51 -32.18 -14.47
C MET A 260 -152.57 -33.31 -14.90
N ILE A 261 -152.95 -34.54 -14.57
CA ILE A 261 -152.14 -35.72 -14.87
C ILE A 261 -152.94 -36.58 -15.83
N LEU A 262 -152.53 -36.61 -17.10
CA LEU A 262 -153.20 -37.41 -18.11
C LEU A 262 -152.69 -38.84 -18.03
N PHE A 263 -153.61 -39.80 -18.01
CA PHE A 263 -153.27 -41.21 -17.90
C PHE A 263 -153.05 -41.82 -19.27
N GLY A 264 -152.05 -42.70 -19.35
CA GLY A 264 -151.73 -43.37 -20.59
C GLY A 264 -152.39 -44.74 -20.70
N PRO A 265 -152.13 -45.42 -21.81
CA PRO A 265 -152.76 -46.75 -22.00
C PRO A 265 -152.29 -47.76 -20.99
N ASP A 266 -151.02 -47.71 -20.59
CA ASP A 266 -150.51 -48.64 -19.59
C ASP A 266 -151.24 -48.49 -18.26
N LEU A 267 -151.59 -47.25 -17.91
CA LEU A 267 -152.28 -46.97 -16.65
C LEU A 267 -153.78 -46.80 -16.81
N GLY A 268 -154.22 -46.27 -17.95
CA GLY A 268 -155.65 -46.06 -18.15
C GLY A 268 -156.45 -47.35 -18.11
N SER A 269 -155.83 -48.48 -18.47
CA SER A 269 -156.50 -49.76 -18.39
C SER A 269 -156.88 -50.12 -16.97
N HIS A 270 -156.24 -49.52 -15.98
CA HIS A 270 -156.52 -49.76 -14.58
C HIS A 270 -157.23 -48.57 -13.96
N VAL A 271 -157.90 -48.82 -12.84
CA VAL A 271 -158.60 -47.78 -12.08
C VAL A 271 -158.37 -48.04 -10.61
N PHE A 272 -158.22 -46.97 -9.84
CA PHE A 272 -157.79 -47.03 -8.45
C PHE A 272 -158.98 -46.88 -7.52
N GLN A 273 -159.34 -47.96 -6.83
CA GLN A 273 -160.32 -47.93 -5.75
C GLN A 273 -159.69 -48.50 -4.49
N TYR A 274 -159.97 -47.87 -3.36
CA TYR A 274 -159.48 -48.33 -2.05
C TYR A 274 -157.96 -48.45 -2.03
N GLN A 275 -157.28 -47.49 -2.65
CA GLN A 275 -155.83 -47.53 -2.75
C GLN A 275 -155.26 -46.18 -2.37
N THR A 276 -153.94 -46.15 -2.20
CA THR A 276 -153.22 -44.93 -1.86
C THR A 276 -152.46 -44.44 -3.09
N ILE A 277 -152.55 -43.14 -3.35
CA ILE A 277 -151.88 -42.50 -4.48
C ILE A 277 -150.95 -41.43 -3.94
N THR A 278 -149.71 -41.44 -4.40
CA THR A 278 -148.69 -40.47 -3.97
C THR A 278 -148.15 -39.75 -5.19
N ILE A 279 -148.26 -38.42 -5.18
CA ILE A 279 -147.72 -37.57 -6.23
C ILE A 279 -146.75 -36.59 -5.59
N GLN A 280 -145.60 -36.38 -6.24
CA GLN A 280 -144.55 -35.52 -5.72
C GLN A 280 -144.18 -34.50 -6.77
N ILE A 281 -144.24 -33.22 -6.39
CA ILE A 281 -143.85 -32.12 -7.26
C ILE A 281 -142.61 -31.49 -6.64
N THR A 282 -141.44 -31.86 -7.14
CA THR A 282 -140.18 -31.38 -6.57
C THR A 282 -139.46 -30.46 -7.55
N PRO A 283 -139.45 -29.16 -7.32
CA PRO A 283 -138.70 -28.25 -8.20
C PRO A 283 -137.21 -28.32 -7.95
N ASN A 284 -136.45 -27.45 -8.62
CA ASN A 284 -135.01 -27.42 -8.40
C ASN A 284 -134.68 -26.99 -6.98
N ILE A 285 -135.20 -25.86 -6.54
CA ILE A 285 -135.00 -25.35 -5.18
C ILE A 285 -136.35 -25.24 -4.50
N GLY A 286 -136.40 -25.56 -3.21
CA GLY A 286 -137.62 -25.44 -2.45
C GLY A 286 -138.12 -26.74 -1.86
N SER A 287 -138.95 -26.65 -0.83
CA SER A 287 -139.52 -27.82 -0.20
C SER A 287 -140.38 -28.59 -1.19
N PRO A 288 -140.15 -29.88 -1.40
CA PRO A 288 -140.95 -30.62 -2.38
C PRO A 288 -142.40 -30.70 -1.95
N LEU A 289 -143.27 -30.79 -2.95
CA LEU A 289 -144.71 -30.92 -2.74
C LEU A 289 -145.09 -32.39 -2.92
N THR A 290 -145.31 -33.08 -1.80
CA THR A 290 -145.67 -34.49 -1.82
C THR A 290 -147.06 -34.65 -1.22
N ILE A 291 -147.97 -35.25 -1.99
CA ILE A 291 -149.33 -35.48 -1.54
C ILE A 291 -149.61 -36.97 -1.57
N SER A 292 -150.44 -37.42 -0.62
CA SER A 292 -150.79 -38.82 -0.49
C SER A 292 -152.28 -38.92 -0.18
N GLU A 293 -153.07 -39.41 -1.13
CA GLU A 293 -154.51 -39.54 -0.99
C GLU A 293 -154.92 -41.00 -1.04
N TYR A 294 -155.97 -41.33 -0.31
CA TYR A 294 -156.55 -42.67 -0.29
C TYR A 294 -158.01 -42.57 -0.70
N VAL A 295 -158.33 -43.08 -1.89
CA VAL A 295 -159.68 -42.96 -2.43
C VAL A 295 -160.58 -44.00 -1.80
N TYR A 296 -161.86 -43.65 -1.67
CA TYR A 296 -162.89 -44.59 -1.22
C TYR A 296 -163.62 -45.25 -2.39
N GLN A 297 -164.29 -44.43 -3.22
CA GLN A 297 -165.05 -44.90 -4.36
C GLN A 297 -165.29 -43.72 -5.28
N PRO A 298 -165.31 -43.92 -6.60
CA PRO A 298 -165.61 -42.81 -7.51
C PRO A 298 -167.09 -42.72 -7.86
N GLU A 299 -167.57 -41.49 -7.98
CA GLU A 299 -168.96 -41.25 -8.36
C GLU A 299 -169.02 -40.05 -9.30
N GLY A 300 -170.03 -40.05 -10.16
CA GLY A 300 -170.30 -38.92 -11.04
C GLY A 300 -169.21 -38.60 -12.02
N SER A 301 -168.28 -39.54 -12.21
CA SER A 301 -167.18 -39.44 -13.16
C SER A 301 -166.14 -38.41 -12.73
N VAL A 302 -166.42 -37.67 -11.66
CA VAL A 302 -165.48 -36.72 -11.09
C VAL A 302 -165.51 -36.83 -9.57
N SER A 303 -164.51 -37.49 -9.00
CA SER A 303 -164.45 -37.68 -7.56
C SER A 303 -163.61 -36.60 -6.93
N VAL A 304 -164.08 -36.05 -5.81
CA VAL A 304 -163.34 -35.02 -5.08
C VAL A 304 -162.41 -35.76 -4.11
N ILE A 305 -161.30 -36.24 -4.66
CA ILE A 305 -160.30 -37.00 -3.92
C ILE A 305 -159.16 -37.36 -4.88
N LEU B 19 76.48 15.74 -12.88
CA LEU B 19 75.80 15.47 -11.62
C LEU B 19 74.35 15.08 -11.85
N ALA B 20 73.72 14.57 -10.81
CA ALA B 20 72.29 14.24 -10.84
C ALA B 20 71.41 15.42 -10.45
N GLY B 21 71.99 16.54 -10.04
CA GLY B 21 71.19 17.68 -9.65
C GLY B 21 70.46 18.30 -10.83
N LEU B 22 71.13 18.42 -11.97
CA LEU B 22 70.48 18.96 -13.17
C LEU B 22 69.48 17.95 -13.73
N ASP B 23 69.87 16.67 -13.79
CA ASP B 23 68.98 15.66 -14.32
C ASP B 23 67.69 15.57 -13.52
N THR B 24 67.80 15.60 -12.19
CA THR B 24 66.61 15.55 -11.36
C THR B 24 65.74 16.79 -11.56
N ALA B 25 66.37 17.96 -11.66
CA ALA B 25 65.61 19.18 -11.91
C ALA B 25 64.87 19.10 -13.25
N ILE B 26 65.45 18.41 -14.22
CA ILE B 26 64.80 18.27 -15.51
C ILE B 26 63.65 17.28 -15.44
N ILE B 27 63.89 16.12 -14.83
CA ILE B 27 62.85 15.12 -14.70
C ILE B 27 61.73 15.61 -13.81
N LEU B 28 62.05 16.46 -12.83
CA LEU B 28 61.01 17.05 -11.99
C LEU B 28 60.07 17.92 -12.83
N ILE B 29 60.62 18.56 -13.86
CA ILE B 29 59.79 19.45 -14.70
C ILE B 29 58.83 18.63 -15.54
N ALA B 30 59.33 17.57 -16.18
CA ALA B 30 58.49 16.79 -17.08
C ALA B 30 57.40 16.05 -16.33
N PHE B 31 57.59 15.82 -15.03
CA PHE B 31 56.59 15.08 -14.28
C PHE B 31 55.45 16.00 -13.83
N ILE B 32 55.74 17.28 -13.64
CA ILE B 32 54.68 18.22 -13.29
C ILE B 32 53.80 18.49 -14.51
N ILE B 33 54.43 18.67 -15.67
CA ILE B 33 53.68 18.89 -16.90
C ILE B 33 52.71 17.74 -17.14
N THR B 34 53.18 16.51 -16.90
CA THR B 34 52.32 15.36 -17.09
C THR B 34 51.21 15.31 -16.04
N ALA B 35 51.55 15.61 -14.79
CA ALA B 35 50.55 15.53 -13.73
C ALA B 35 49.60 16.71 -13.78
N SER B 36 50.03 17.83 -14.35
CA SER B 36 49.13 18.98 -14.45
C SER B 36 48.14 18.79 -15.59
N VAL B 37 48.54 18.06 -16.64
CA VAL B 37 47.62 17.78 -17.73
C VAL B 37 46.53 16.82 -17.29
N LEU B 38 46.90 15.81 -16.50
CA LEU B 38 45.88 14.91 -15.97
C LEU B 38 44.87 15.67 -15.13
N ALA B 39 45.32 16.68 -14.39
CA ALA B 39 44.39 17.54 -13.68
C ALA B 39 43.57 18.37 -14.65
N TYR B 40 44.17 18.76 -15.77
CA TYR B 40 43.48 19.58 -16.76
C TYR B 40 42.27 18.86 -17.32
N VAL B 41 42.44 17.57 -17.65
CA VAL B 41 41.36 16.83 -18.31
C VAL B 41 40.38 16.28 -17.28
N ALA B 42 40.88 15.75 -16.16
CA ALA B 42 40.01 15.15 -15.16
C ALA B 42 39.02 16.15 -14.63
N ILE B 43 39.47 17.38 -14.34
CA ILE B 43 38.56 18.42 -13.88
C ILE B 43 37.54 18.74 -14.96
N ASN B 44 37.98 18.79 -16.23
CA ASN B 44 37.07 19.15 -17.30
C ASN B 44 35.91 18.17 -17.42
N MET B 45 36.23 16.88 -17.57
CA MET B 45 35.17 15.89 -17.69
C MET B 45 34.39 15.76 -16.39
N GLY B 46 35.00 16.10 -15.26
CA GLY B 46 34.27 16.09 -14.01
C GLY B 46 33.09 17.05 -14.03
N LEU B 47 33.32 18.26 -14.53
CA LEU B 47 32.22 19.21 -14.66
C LEU B 47 31.27 18.81 -15.78
N PHE B 48 31.79 18.16 -16.82
CA PHE B 48 30.96 17.79 -17.95
C PHE B 48 29.98 16.69 -17.56
N VAL B 49 30.48 15.61 -16.96
CA VAL B 49 29.62 14.50 -16.58
C VAL B 49 28.67 14.92 -15.47
N THR B 50 29.10 15.83 -14.60
CA THR B 50 28.22 16.30 -13.54
C THR B 50 27.03 17.06 -14.11
N GLN B 51 27.27 17.93 -15.09
CA GLN B 51 26.17 18.67 -15.70
C GLN B 51 25.26 17.74 -16.48
N LYS B 52 25.84 16.72 -17.13
CA LYS B 52 25.01 15.75 -17.83
C LYS B 52 24.16 14.96 -16.84
N ALA B 53 24.67 14.77 -15.62
CA ALA B 53 23.86 14.13 -14.58
C ALA B 53 22.77 15.08 -14.08
N LYS B 54 23.07 16.37 -14.03
CA LYS B 54 22.05 17.33 -13.63
C LYS B 54 20.93 17.39 -14.66
N SER B 55 21.26 17.22 -15.93
CA SER B 55 20.25 17.29 -16.98
C SER B 55 19.31 16.08 -16.92
N THR B 56 19.85 14.90 -16.63
CA THR B 56 19.01 13.72 -16.62
C THR B 56 18.16 13.66 -15.37
N ILE B 57 18.46 14.47 -14.36
CA ILE B 57 17.58 14.56 -13.20
C ILE B 57 16.32 15.32 -13.56
N ASN B 58 16.48 16.43 -14.28
CA ASN B 58 15.32 17.23 -14.67
C ASN B 58 14.44 16.50 -15.67
N LYS B 59 15.05 15.90 -16.70
CA LYS B 59 14.27 15.15 -17.67
C LYS B 59 13.67 13.90 -17.03
N GLY B 60 14.35 13.33 -16.04
CA GLY B 60 13.80 12.18 -15.35
C GLY B 60 12.59 12.55 -14.49
N GLU B 61 12.62 13.73 -13.89
CA GLU B 61 11.52 14.15 -13.04
C GLU B 61 10.31 14.57 -13.88
N GLU B 62 10.55 15.13 -15.07
CA GLU B 62 9.44 15.54 -15.93
C GLU B 62 8.67 14.34 -16.43
N THR B 63 9.36 13.23 -16.71
CA THR B 63 8.68 12.03 -17.17
C THR B 63 7.76 11.46 -16.10
N ALA B 64 8.17 11.57 -14.83
CA ALA B 64 7.36 11.03 -13.75
C ALA B 64 6.25 11.96 -13.34
N SER B 65 6.23 13.19 -13.84
CA SER B 65 5.22 14.17 -13.43
C SER B 65 4.11 14.31 -14.47
N THR B 66 4.48 14.63 -15.70
CA THR B 66 3.48 14.89 -16.73
C THR B 66 2.77 13.60 -17.13
N ALA B 67 1.44 13.63 -17.11
CA ALA B 67 0.61 12.50 -17.51
C ALA B 67 -0.83 12.93 -17.73
N LEU B 68 -1.43 12.48 -18.82
CA LEU B 68 -2.79 12.87 -19.16
C LEU B 68 -3.81 12.01 -18.43
N THR B 69 -5.04 12.50 -18.35
CA THR B 69 -6.16 11.72 -17.86
C THR B 69 -7.36 11.95 -18.76
N LEU B 70 -8.29 11.00 -18.73
CA LEU B 70 -9.48 11.03 -19.56
C LEU B 70 -10.63 11.55 -18.72
N SER B 71 -10.73 12.87 -18.63
CA SER B 71 -11.87 13.50 -17.99
C SER B 71 -12.99 13.67 -19.00
N GLY B 72 -14.23 13.64 -18.51
CA GLY B 72 -15.38 13.68 -19.38
C GLY B 72 -15.61 12.37 -20.09
N SER B 73 -16.80 12.25 -20.68
CA SER B 73 -17.20 11.02 -21.35
C SER B 73 -16.55 10.94 -22.73
N VAL B 74 -16.89 9.88 -23.46
CA VAL B 74 -16.42 9.67 -24.82
C VAL B 74 -17.62 9.36 -25.70
N LEU B 75 -17.73 10.06 -26.83
CA LEU B 75 -18.87 9.92 -27.73
C LEU B 75 -18.46 9.20 -29.00
N TYR B 76 -19.44 8.57 -29.64
CA TYR B 76 -19.20 7.80 -30.86
C TYR B 76 -20.35 8.06 -31.82
N ALA B 77 -20.04 8.63 -32.98
CA ALA B 77 -21.06 9.06 -33.94
C ALA B 77 -21.27 7.99 -35.00
N VAL B 78 -22.54 7.77 -35.35
CA VAL B 78 -22.91 6.69 -36.25
C VAL B 78 -24.30 7.01 -36.81
N ASN B 79 -24.60 6.48 -37.98
CA ASN B 79 -25.93 6.63 -38.57
C ASN B 79 -26.92 5.81 -37.75
N TYR B 80 -27.70 6.49 -36.92
CA TYR B 80 -28.48 5.78 -35.89
C TYR B 80 -29.55 4.86 -36.46
N PRO B 81 -30.40 5.28 -37.40
CA PRO B 81 -31.45 4.35 -37.85
C PRO B 81 -30.93 3.06 -38.43
N SER B 82 -29.82 3.11 -39.18
CA SER B 82 -29.21 1.93 -39.77
C SER B 82 -27.70 2.06 -39.60
N ASN B 83 -27.16 1.39 -38.58
CA ASN B 83 -25.75 1.53 -38.25
C ASN B 83 -24.92 0.86 -39.34
N THR B 84 -24.39 1.68 -40.25
CA THR B 84 -23.58 1.17 -41.35
C THR B 84 -22.27 1.94 -41.47
N ARG B 85 -22.30 3.24 -41.15
CA ARG B 85 -21.15 4.10 -41.31
C ARG B 85 -20.75 4.70 -39.97
N SER B 86 -19.45 4.95 -39.82
CA SER B 86 -18.91 5.63 -38.66
C SER B 86 -18.54 7.06 -39.04
N TYR B 87 -18.71 7.98 -38.10
CA TYR B 87 -18.49 9.40 -38.38
C TYR B 87 -17.30 9.97 -37.61
N TRP B 88 -17.29 9.89 -36.29
CA TRP B 88 -16.20 10.43 -35.51
C TRP B 88 -16.31 9.92 -34.07
N ILE B 89 -15.33 10.29 -33.26
CA ILE B 89 -15.25 9.93 -31.84
C ILE B 89 -14.68 11.12 -31.10
N TYR B 90 -15.39 11.61 -30.10
CA TYR B 90 -14.98 12.82 -29.38
C TYR B 90 -14.81 12.49 -27.91
N PHE B 91 -13.72 12.98 -27.32
CA PHE B 91 -13.48 12.84 -25.89
C PHE B 91 -12.48 13.90 -25.45
N THR B 92 -12.61 14.34 -24.21
CA THR B 92 -11.76 15.38 -23.66
C THR B 92 -10.60 14.78 -22.88
N VAL B 93 -9.52 15.55 -22.78
CA VAL B 93 -8.28 15.10 -22.13
C VAL B 93 -7.71 16.25 -21.34
N SER B 94 -7.25 15.97 -20.13
CA SER B 94 -6.68 16.97 -19.25
C SER B 94 -5.47 16.39 -18.54
N PRO B 95 -4.53 17.24 -18.12
CA PRO B 95 -3.39 16.74 -17.34
C PRO B 95 -3.83 16.16 -16.01
N SER B 96 -2.96 15.35 -15.42
CA SER B 96 -3.33 14.59 -14.24
C SER B 96 -3.77 15.50 -13.10
N SER B 97 -2.95 16.47 -12.75
CA SER B 97 -3.29 17.44 -11.73
C SER B 97 -2.58 18.74 -12.05
N GLY B 98 -2.71 19.72 -11.16
CA GLY B 98 -1.99 20.96 -11.33
C GLY B 98 -0.51 20.78 -11.04
N VAL B 99 0.14 19.87 -11.76
CA VAL B 99 1.52 19.49 -11.47
C VAL B 99 2.46 20.05 -12.54
N SER B 100 2.17 19.77 -13.81
CA SER B 100 3.05 20.20 -14.88
C SER B 100 2.29 20.17 -16.19
N SER B 101 2.50 21.20 -17.01
CA SER B 101 1.87 21.27 -18.31
C SER B 101 2.46 20.21 -19.24
N VAL B 102 1.64 19.73 -20.17
CA VAL B 102 2.03 18.68 -21.10
C VAL B 102 2.01 19.25 -22.51
N GLU B 103 2.96 18.82 -23.33
CA GLU B 103 3.04 19.26 -24.71
C GLU B 103 2.17 18.38 -25.59
N LEU B 104 1.49 19.02 -26.55
CA LEU B 104 0.62 18.31 -27.46
C LEU B 104 0.82 18.78 -28.91
N SER B 105 2.05 19.05 -29.30
CA SER B 105 2.32 19.49 -30.65
C SER B 105 2.11 18.34 -31.61
N PRO B 106 1.43 18.55 -32.75
CA PRO B 106 1.11 17.42 -33.63
C PRO B 106 2.31 16.79 -34.29
N SER B 107 3.47 17.43 -34.24
CA SER B 107 4.64 16.89 -34.91
C SER B 107 5.48 15.99 -34.03
N THR B 108 5.21 15.96 -32.72
CA THR B 108 6.00 15.18 -31.79
C THR B 108 5.23 14.07 -31.10
N THR B 109 3.95 14.29 -30.78
CA THR B 109 3.16 13.27 -30.12
C THR B 109 2.48 12.37 -31.15
N ALA B 110 1.81 11.33 -30.66
CA ALA B 110 1.21 10.33 -31.54
C ALA B 110 -0.05 9.78 -30.90
N ILE B 111 -1.14 9.79 -31.66
CA ILE B 111 -2.42 9.22 -31.24
C ILE B 111 -2.67 8.02 -32.14
N SER B 112 -2.60 6.83 -31.56
CA SER B 112 -2.74 5.59 -32.30
C SER B 112 -4.12 5.00 -32.06
N PHE B 113 -4.78 4.59 -33.14
CA PHE B 113 -6.08 3.96 -33.07
C PHE B 113 -5.95 2.52 -33.56
N THR B 114 -6.58 1.59 -32.83
CA THR B 114 -6.51 0.20 -33.21
C THR B 114 -7.77 -0.53 -32.74
N ALA B 115 -8.29 -1.39 -33.60
CA ALA B 115 -9.44 -2.21 -33.30
C ALA B 115 -9.08 -3.67 -33.51
N SER B 116 -9.54 -4.53 -32.59
CA SER B 116 -9.12 -5.94 -32.64
C SER B 116 -9.93 -6.72 -33.66
N ALA B 117 -11.25 -6.77 -33.48
CA ALA B 117 -12.09 -7.66 -34.29
C ALA B 117 -11.94 -7.36 -35.78
N GLU B 118 -12.07 -6.08 -36.16
CA GLU B 118 -11.95 -5.71 -37.57
C GLU B 118 -10.57 -5.99 -38.13
N GLY B 119 -9.58 -6.21 -37.27
CA GLY B 119 -8.22 -6.42 -37.72
C GLY B 119 -7.53 -5.17 -38.21
N ILE B 120 -8.20 -4.02 -38.20
CA ILE B 120 -7.60 -2.77 -38.64
C ILE B 120 -6.72 -2.21 -37.53
N SER B 121 -5.58 -1.65 -37.91
CA SER B 121 -4.67 -1.03 -36.96
C SER B 121 -4.08 0.22 -37.57
N TYR B 122 -3.90 1.24 -36.74
CA TYR B 122 -3.30 2.51 -37.16
C TYR B 122 -2.22 2.89 -36.17
N SER B 123 -1.49 3.94 -36.51
CA SER B 123 -0.45 4.47 -35.63
C SER B 123 -0.24 5.93 -35.97
N ASN B 124 -0.39 6.80 -34.97
CA ASN B 124 -0.14 8.23 -35.13
C ASN B 124 -1.00 8.83 -36.23
N ILE B 125 -2.30 8.89 -35.95
CA ILE B 125 -3.26 9.52 -36.85
C ILE B 125 -3.42 10.98 -36.49
N TYR B 126 -2.50 11.52 -35.70
CA TYR B 126 -2.57 12.89 -35.22
C TYR B 126 -1.87 13.81 -36.20
N GLU B 127 -2.61 14.72 -36.81
CA GLU B 127 -2.08 15.56 -37.87
C GLU B 127 -2.17 17.06 -37.58
N TYR B 128 -3.34 17.55 -37.18
CA TYR B 128 -3.55 18.99 -37.04
C TYR B 128 -4.04 19.33 -35.65
N THR B 129 -3.98 20.63 -35.33
CA THR B 129 -4.40 21.13 -34.03
C THR B 129 -4.88 22.56 -34.19
N LEU B 130 -5.55 23.05 -33.15
CA LEU B 130 -6.04 24.42 -33.12
C LEU B 130 -5.50 25.19 -31.93
N LEU B 131 -4.65 24.59 -31.11
CA LEU B 131 -4.09 25.29 -29.96
C LEU B 131 -3.16 26.42 -30.39
N THR B 132 -2.63 26.38 -31.60
CA THR B 132 -1.72 27.41 -32.07
C THR B 132 -2.41 28.51 -32.86
N VAL B 133 -3.59 28.23 -33.43
CA VAL B 133 -4.27 29.20 -34.27
C VAL B 133 -4.83 30.31 -33.37
N SER B 134 -4.27 31.50 -33.50
CA SER B 134 -4.75 32.64 -32.74
C SER B 134 -6.17 32.99 -33.17
N PRO B 135 -7.00 33.48 -32.25
CA PRO B 135 -8.39 33.81 -32.61
C PRO B 135 -8.50 35.02 -33.50
N SER B 136 -7.43 35.79 -33.70
CA SER B 136 -7.53 36.97 -34.55
C SER B 136 -7.74 36.59 -36.01
N GLU B 137 -7.27 35.42 -36.43
CA GLU B 137 -7.46 35.00 -37.80
C GLU B 137 -8.89 34.57 -38.06
N LEU B 138 -9.43 33.68 -37.22
CA LEU B 138 -10.78 33.18 -37.43
C LEU B 138 -11.83 34.19 -37.03
N ALA B 139 -11.45 35.45 -36.83
CA ALA B 139 -12.37 36.41 -36.22
C ALA B 139 -13.56 36.72 -37.11
N ASN B 140 -13.38 36.78 -38.43
CA ASN B 140 -14.42 37.38 -39.25
C ASN B 140 -14.83 36.54 -40.45
N GLN B 141 -13.92 35.74 -41.01
CA GLN B 141 -14.12 35.16 -42.34
C GLN B 141 -14.83 33.81 -42.24
N VAL B 142 -16.11 33.85 -41.86
CA VAL B 142 -17.03 32.75 -42.05
C VAL B 142 -18.44 33.27 -41.84
N TYR B 143 -19.39 32.85 -42.69
CA TYR B 143 -20.76 33.30 -42.53
C TYR B 143 -21.68 32.48 -43.44
N ALA B 144 -22.91 32.30 -42.98
CA ALA B 144 -23.95 31.64 -43.75
C ALA B 144 -25.16 32.53 -44.01
N ASN B 145 -25.20 33.72 -43.41
CA ASN B 145 -26.25 34.69 -43.64
C ASN B 145 -25.64 36.08 -43.46
N GLY B 146 -26.49 37.08 -43.24
CA GLY B 146 -26.02 38.44 -43.11
C GLY B 146 -25.05 38.67 -41.96
N GLN B 147 -24.80 37.67 -41.12
CA GLN B 147 -23.93 37.83 -39.96
C GLN B 147 -22.72 36.91 -40.07
N TYR B 148 -21.54 37.46 -39.80
CA TYR B 148 -20.30 36.69 -39.76
C TYR B 148 -20.18 36.07 -38.39
N LEU B 149 -20.38 34.75 -38.30
CA LEU B 149 -20.48 34.09 -37.00
C LEU B 149 -19.09 33.88 -36.40
N ASP B 150 -19.01 34.04 -35.07
CA ASP B 150 -17.78 33.84 -34.34
C ASP B 150 -17.74 32.43 -33.76
N LEU B 151 -16.58 31.78 -33.88
CA LEU B 151 -16.44 30.40 -33.48
C LEU B 151 -15.61 30.22 -32.20
N VAL B 152 -15.18 31.30 -31.58
CA VAL B 152 -14.35 31.22 -30.38
C VAL B 152 -14.87 32.22 -29.36
N ASN B 153 -15.05 31.75 -28.12
CA ASN B 153 -15.30 32.65 -27.01
C ASN B 153 -13.98 32.90 -26.28
N GLN B 154 -13.78 34.13 -25.81
CA GLN B 154 -12.54 34.48 -25.15
C GLN B 154 -12.83 35.36 -23.94
N GLN B 155 -12.56 34.83 -22.75
CA GLN B 155 -12.61 35.61 -21.53
C GLN B 155 -11.27 36.31 -21.32
N THR B 156 -11.19 37.13 -20.28
CA THR B 156 -9.93 37.80 -19.98
C THR B 156 -9.92 38.20 -18.50
N ASN B 157 -8.76 38.04 -17.88
CA ASN B 157 -8.54 38.41 -16.49
C ASN B 157 -7.06 38.26 -16.17
N ALA B 158 -6.59 39.08 -15.23
CA ALA B 158 -5.20 39.04 -14.78
C ALA B 158 -4.22 39.18 -15.96
N GLY B 159 -4.59 40.01 -16.92
CA GLY B 159 -3.73 40.25 -18.06
C GLY B 159 -3.56 39.06 -18.99
N GLN B 160 -4.52 38.15 -19.02
CA GLN B 160 -4.46 36.99 -19.90
C GLN B 160 -5.79 36.83 -20.62
N THR B 161 -5.76 36.07 -21.71
CA THR B 161 -6.94 35.81 -22.51
C THR B 161 -7.13 34.31 -22.65
N TYR B 162 -8.28 33.81 -22.20
CA TYR B 162 -8.59 32.39 -22.26
C TYR B 162 -9.59 32.17 -23.38
N VAL B 163 -9.16 31.51 -24.45
CA VAL B 163 -10.04 31.18 -25.56
C VAL B 163 -10.41 29.71 -25.45
N TYR B 164 -11.49 29.35 -26.14
CA TYR B 164 -11.97 27.98 -26.18
C TYR B 164 -13.01 27.87 -27.28
N TYR B 165 -13.49 26.66 -27.50
CA TYR B 165 -14.51 26.40 -28.50
C TYR B 165 -15.73 25.76 -27.85
N PRO B 166 -16.93 26.25 -28.13
CA PRO B 166 -18.10 25.77 -27.37
C PRO B 166 -18.61 24.41 -27.80
N ASN B 167 -18.31 23.95 -29.00
CA ASN B 167 -18.80 22.65 -29.44
C ASN B 167 -17.92 22.15 -30.57
N PRO B 168 -17.93 20.84 -30.85
CA PRO B 168 -17.06 20.32 -31.91
C PRO B 168 -17.38 20.87 -33.29
N TYR B 169 -18.64 21.21 -33.55
CA TYR B 169 -18.99 21.68 -34.89
C TYR B 169 -18.35 23.03 -35.18
N TYR B 170 -18.40 23.95 -34.22
CA TYR B 170 -17.67 25.20 -34.38
C TYR B 170 -16.18 24.93 -34.52
N ALA B 171 -15.67 23.93 -33.82
CA ALA B 171 -14.26 23.57 -33.94
C ALA B 171 -13.95 23.02 -35.32
N LEU B 172 -14.92 22.36 -35.95
CA LEU B 172 -14.72 21.87 -37.31
C LEU B 172 -14.71 23.02 -38.31
N LEU B 173 -15.71 23.91 -38.22
CA LEU B 173 -15.77 25.03 -39.14
C LEU B 173 -14.52 25.89 -39.04
N ALA B 174 -13.94 25.97 -37.85
CA ALA B 174 -12.68 26.71 -37.70
C ALA B 174 -11.54 25.97 -38.38
N LEU B 175 -11.50 24.65 -38.23
CA LEU B 175 -10.41 23.88 -38.82
C LEU B 175 -10.47 23.90 -40.34
N ASN B 176 -11.67 23.96 -40.90
CA ASN B 176 -11.81 24.03 -42.36
C ASN B 176 -11.08 25.23 -42.92
N TYR B 177 -11.21 26.38 -42.26
CA TYR B 177 -10.57 27.60 -42.77
C TYR B 177 -9.06 27.55 -42.59
N THR B 178 -8.60 27.05 -41.44
CA THR B 178 -7.17 27.03 -41.17
C THR B 178 -6.42 26.22 -42.22
N LEU B 179 -6.93 25.02 -42.52
CA LEU B 179 -6.26 24.19 -43.52
C LEU B 179 -6.27 24.84 -44.89
N SER B 180 -7.26 25.71 -45.15
CA SER B 180 -7.36 26.31 -46.46
C SER B 180 -6.46 27.53 -46.60
N LYS B 181 -6.39 28.36 -45.57
CA LYS B 181 -5.70 29.64 -45.69
C LYS B 181 -4.56 29.85 -44.70
N ILE B 182 -4.73 29.48 -43.44
CA ILE B 182 -3.71 29.77 -42.44
C ILE B 182 -2.44 28.97 -42.71
N ASP B 183 -2.60 27.70 -43.08
CA ASP B 183 -1.48 26.89 -43.54
C ASP B 183 -1.80 26.34 -44.92
N LYS B 184 -1.00 26.73 -45.91
CA LYS B 184 -1.29 26.41 -47.31
C LYS B 184 -1.00 24.95 -47.62
N VAL B 185 -1.81 24.04 -47.08
CA VAL B 185 -1.65 22.63 -47.41
C VAL B 185 -2.26 22.37 -48.79
N SER B 186 -1.55 21.60 -49.63
CA SER B 186 -2.08 21.30 -50.95
C SER B 186 -3.24 20.32 -50.86
N PRO B 187 -3.09 19.12 -50.26
CA PRO B 187 -4.28 18.32 -49.98
C PRO B 187 -4.85 18.63 -48.60
N SER B 188 -6.11 19.01 -48.54
CA SER B 188 -6.76 19.28 -47.27
C SER B 188 -7.71 18.15 -46.96
N PRO B 189 -7.44 17.34 -45.92
CA PRO B 189 -8.27 16.16 -45.68
C PRO B 189 -9.66 16.46 -45.14
N LEU B 190 -10.02 17.72 -44.94
CA LEU B 190 -11.35 18.10 -44.48
C LEU B 190 -11.86 19.23 -45.37
N TYR B 191 -12.92 18.94 -46.13
CA TYR B 191 -13.56 19.95 -46.97
C TYR B 191 -15.03 20.01 -46.63
N ILE B 192 -15.43 21.09 -45.95
CA ILE B 192 -16.81 21.30 -45.55
C ILE B 192 -17.47 22.27 -46.52
N THR B 193 -18.63 21.90 -47.03
CA THR B 193 -19.34 22.75 -47.97
C THR B 193 -20.83 22.65 -47.70
N THR B 194 -21.54 23.77 -47.89
CA THR B 194 -22.97 23.79 -47.69
C THR B 194 -23.72 23.29 -48.92
N THR B 195 -23.08 23.30 -50.08
CA THR B 195 -23.74 22.89 -51.31
C THR B 195 -24.16 21.43 -51.21
N THR B 196 -25.34 21.13 -51.75
CA THR B 196 -25.88 19.79 -51.68
C THR B 196 -24.95 18.80 -52.36
N PRO B 197 -24.71 17.64 -51.74
CA PRO B 197 -23.82 16.65 -52.38
C PRO B 197 -24.29 16.21 -53.75
N SER B 198 -25.60 16.27 -54.02
CA SER B 198 -26.09 15.92 -55.35
C SER B 198 -25.46 16.80 -56.42
N SER B 199 -25.09 18.02 -56.06
CA SER B 199 -24.41 18.93 -56.98
C SER B 199 -22.98 19.23 -56.58
N ALA B 200 -22.57 18.85 -55.37
CA ALA B 200 -21.19 19.08 -54.96
C ALA B 200 -20.24 18.12 -55.66
N THR B 201 -20.63 16.85 -55.78
CA THR B 201 -19.75 15.87 -56.41
C THR B 201 -19.59 16.12 -57.90
N GLN B 202 -20.58 16.75 -58.54
CA GLN B 202 -20.45 17.04 -59.96
C GLN B 202 -19.44 18.16 -60.21
N ILE B 203 -19.38 19.14 -59.30
CA ILE B 203 -18.39 20.20 -59.44
C ILE B 203 -17.01 19.71 -59.04
N TYR B 204 -16.94 18.89 -58.00
CA TYR B 204 -15.67 18.32 -57.53
C TYR B 204 -15.80 16.80 -57.55
N PRO B 205 -15.22 16.12 -58.54
CA PRO B 205 -15.40 14.67 -58.62
C PRO B 205 -14.75 13.91 -57.48
N PHE B 206 -13.67 14.43 -56.90
CA PHE B 206 -12.97 13.70 -55.85
C PHE B 206 -13.78 13.55 -54.58
N LEU B 207 -14.87 14.31 -54.43
CA LEU B 207 -15.72 14.18 -53.26
C LEU B 207 -16.60 12.94 -53.31
N ALA B 208 -16.58 12.20 -54.40
CA ALA B 208 -17.38 10.99 -54.53
C ALA B 208 -16.76 9.78 -53.83
N HIS B 209 -15.69 9.99 -53.08
CA HIS B 209 -15.02 8.93 -52.34
C HIS B 209 -14.93 9.18 -50.84
N ASP B 210 -15.02 10.44 -50.41
CA ASP B 210 -14.76 10.76 -49.02
C ASP B 210 -15.91 10.31 -48.13
N ASN B 211 -15.66 10.34 -46.83
CA ASN B 211 -16.66 9.97 -45.83
C ASN B 211 -17.47 11.20 -45.46
N MET B 212 -18.77 11.16 -45.72
CA MET B 212 -19.62 12.32 -45.55
C MET B 212 -20.53 12.15 -44.34
N PHE B 213 -20.49 13.15 -43.46
CA PHE B 213 -21.49 13.31 -42.41
C PHE B 213 -21.92 14.77 -42.39
N THR B 214 -23.04 15.04 -41.74
CA THR B 214 -23.66 16.36 -41.79
C THR B 214 -23.94 16.86 -40.38
N PHE B 215 -24.16 18.18 -40.29
CA PHE B 215 -24.54 18.81 -39.04
C PHE B 215 -25.21 20.13 -39.35
N THR B 216 -26.37 20.35 -38.75
CA THR B 216 -27.20 21.51 -39.05
C THR B 216 -27.02 22.59 -38.00
N LEU B 217 -27.09 23.85 -38.46
CA LEU B 217 -26.97 25.00 -37.59
C LEU B 217 -28.14 25.95 -37.86
N ASN B 218 -28.40 26.82 -36.89
CA ASN B 218 -29.50 27.78 -36.96
C ASN B 218 -28.95 29.19 -36.82
N ILE B 219 -28.58 29.80 -37.94
CA ILE B 219 -28.05 31.16 -37.96
C ILE B 219 -29.17 32.08 -38.44
N SER B 220 -29.51 33.06 -37.62
CA SER B 220 -30.52 34.08 -37.93
C SER B 220 -31.82 33.44 -38.44
N GLY B 221 -32.34 32.51 -37.63
CA GLY B 221 -33.65 31.93 -37.86
C GLY B 221 -33.74 30.91 -38.97
N THR B 222 -32.84 30.94 -39.94
CA THR B 222 -32.88 30.02 -41.07
C THR B 222 -31.91 28.87 -40.80
N LEU B 223 -32.40 27.64 -40.94
CA LEU B 223 -31.59 26.47 -40.70
C LEU B 223 -30.73 26.15 -41.92
N VAL B 224 -29.43 25.96 -41.70
CA VAL B 224 -28.49 25.64 -42.77
C VAL B 224 -27.76 24.37 -42.38
N THR B 225 -27.56 23.49 -43.37
CA THR B 225 -26.88 22.21 -43.15
C THR B 225 -25.52 22.23 -43.84
N TYR B 226 -24.51 21.71 -43.15
CA TYR B 226 -23.18 21.58 -43.71
C TYR B 226 -22.89 20.12 -44.01
N TYR B 227 -21.88 19.90 -44.85
CA TYR B 227 -21.49 18.56 -45.26
C TYR B 227 -19.98 18.45 -45.20
N ALA B 228 -19.49 17.52 -44.40
CA ALA B 228 -18.06 17.33 -44.20
C ALA B 228 -17.59 16.12 -45.00
N PHE B 229 -16.48 16.27 -45.71
CA PHE B 229 -15.89 15.19 -46.49
C PHE B 229 -14.47 14.95 -46.01
N VAL B 230 -14.22 13.76 -45.49
CA VAL B 230 -12.91 13.36 -44.98
C VAL B 230 -12.41 12.22 -45.85
N ASN B 231 -11.13 12.28 -46.24
CA ASN B 231 -10.54 11.28 -47.10
C ASN B 231 -9.43 10.49 -46.40
N GLN B 232 -9.25 10.68 -45.11
CA GLN B 232 -8.18 10.00 -44.38
C GLN B 232 -8.46 10.10 -42.89
N THR B 233 -8.38 8.96 -42.21
CA THR B 233 -8.67 8.91 -40.78
C THR B 233 -7.62 9.71 -40.02
N PHE B 234 -8.00 10.88 -39.52
CA PHE B 234 -7.09 11.73 -38.77
C PHE B 234 -7.83 12.30 -37.57
N ALA B 235 -7.11 13.08 -36.77
CA ALA B 235 -7.65 13.64 -35.54
C ALA B 235 -7.09 15.04 -35.34
N PHE B 236 -7.73 15.78 -34.44
CA PHE B 236 -7.29 17.13 -34.11
C PHE B 236 -7.72 17.46 -32.69
N THR B 237 -6.96 18.34 -32.05
CA THR B 237 -7.20 18.72 -30.66
C THR B 237 -7.38 20.23 -30.59
N TYR B 238 -8.50 20.67 -30.01
CA TYR B 238 -8.77 22.07 -29.83
C TYR B 238 -9.01 22.36 -28.36
N PRO B 239 -8.75 23.58 -27.89
CA PRO B 239 -8.95 23.88 -26.47
C PRO B 239 -10.42 23.86 -26.11
N VAL B 240 -10.70 23.48 -24.86
CA VAL B 240 -12.06 23.41 -24.35
C VAL B 240 -12.27 24.36 -23.18
N ALA B 241 -11.31 24.46 -22.27
CA ALA B 241 -11.46 25.33 -21.12
C ALA B 241 -10.09 25.70 -20.56
N GLY B 242 -9.91 26.98 -20.27
CA GLY B 242 -8.73 27.46 -19.57
C GLY B 242 -7.41 27.19 -20.26
N ASP B 243 -7.19 27.82 -21.41
CA ASP B 243 -5.94 27.68 -22.16
C ASP B 243 -5.47 29.07 -22.57
N PRO B 244 -4.75 29.77 -21.69
CA PRO B 244 -4.18 31.06 -22.08
C PRO B 244 -2.98 30.94 -22.99
N LEU B 245 -2.32 29.78 -23.01
CA LEU B 245 -1.14 29.56 -23.86
C LEU B 245 -1.61 29.24 -25.27
N ILE B 246 -1.96 30.29 -26.00
CA ILE B 246 -2.38 30.15 -27.39
C ILE B 246 -1.20 30.48 -28.29
N GLY B 247 -1.05 29.71 -29.37
CA GLY B 247 0.16 29.77 -30.15
C GLY B 247 1.28 28.91 -29.61
N SER B 248 0.95 27.92 -28.79
CA SER B 248 1.94 27.12 -28.09
C SER B 248 1.83 25.63 -28.35
N ALA B 249 0.63 25.10 -28.58
CA ALA B 249 0.41 23.66 -28.68
C ALA B 249 0.87 22.95 -27.42
N ILE B 250 0.68 23.60 -26.27
CA ILE B 250 1.08 23.06 -24.98
C ILE B 250 -0.11 23.19 -24.03
N ALA B 251 -0.65 22.08 -23.59
CA ALA B 251 -1.79 22.09 -22.69
C ALA B 251 -1.32 22.50 -21.29
N PRO B 252 -1.74 23.66 -20.80
CA PRO B 252 -1.26 24.11 -19.50
C PRO B 252 -1.83 23.26 -18.37
N ALA B 253 -1.15 23.32 -17.23
CA ALA B 253 -1.57 22.55 -16.06
C ALA B 253 -2.89 23.10 -15.54
N GLY B 254 -3.96 22.34 -15.73
CA GLY B 254 -5.28 22.80 -15.33
C GLY B 254 -6.12 23.25 -16.50
N SER B 255 -6.05 22.50 -17.60
CA SER B 255 -6.78 22.83 -18.81
C SER B 255 -7.47 21.58 -19.33
N VAL B 256 -8.49 21.78 -20.16
CA VAL B 256 -9.24 20.70 -20.78
C VAL B 256 -9.06 20.82 -22.29
N ILE B 257 -8.60 19.76 -22.92
CA ILE B 257 -8.36 19.72 -24.35
C ILE B 257 -9.28 18.69 -24.97
N GLY B 258 -9.90 19.06 -26.10
CA GLY B 258 -10.86 18.18 -26.73
C GLY B 258 -10.28 17.44 -27.92
N VAL B 259 -10.13 16.14 -27.79
CA VAL B 259 -9.62 15.31 -28.88
C VAL B 259 -10.80 14.80 -29.69
N MET B 260 -10.68 14.88 -31.02
CA MET B 260 -11.74 14.45 -31.91
C MET B 260 -11.11 13.65 -33.05
N ILE B 261 -11.55 12.41 -33.20
CA ILE B 261 -11.03 11.51 -34.23
C ILE B 261 -12.02 11.48 -35.38
N LEU B 262 -11.61 11.97 -36.53
CA LEU B 262 -12.43 11.91 -37.73
C LEU B 262 -12.13 10.62 -38.49
N PHE B 263 -13.17 9.98 -39.00
CA PHE B 263 -13.05 8.70 -39.67
C PHE B 263 -13.06 8.89 -41.18
N GLY B 264 -12.14 8.23 -41.87
CA GLY B 264 -12.04 8.32 -43.30
C GLY B 264 -12.86 7.26 -44.00
N PRO B 265 -12.70 7.14 -45.31
CA PRO B 265 -13.46 6.11 -46.04
C PRO B 265 -12.93 4.71 -45.80
N ASP B 266 -11.64 4.57 -45.52
CA ASP B 266 -11.07 3.25 -45.30
C ASP B 266 -11.68 2.58 -44.08
N LEU B 267 -11.90 3.34 -43.01
CA LEU B 267 -12.40 2.80 -41.76
C LEU B 267 -13.85 3.16 -41.47
N GLY B 268 -14.37 4.23 -42.08
CA GLY B 268 -15.72 4.66 -41.79
C GLY B 268 -16.79 3.68 -42.19
N SER B 269 -16.48 2.75 -43.09
CA SER B 269 -17.43 1.77 -43.56
C SER B 269 -17.65 0.63 -42.57
N HIS B 270 -17.16 0.76 -41.35
CA HIS B 270 -17.33 -0.25 -40.32
C HIS B 270 -17.99 0.37 -39.09
N VAL B 271 -18.83 -0.43 -38.44
CA VAL B 271 -19.43 -0.05 -37.17
C VAL B 271 -18.86 -0.96 -36.09
N PHE B 272 -18.50 -0.38 -34.96
CA PHE B 272 -17.85 -1.11 -33.88
C PHE B 272 -18.93 -1.66 -32.96
N GLN B 273 -19.32 -2.92 -33.19
CA GLN B 273 -20.36 -3.58 -32.43
C GLN B 273 -19.81 -4.87 -31.87
N TYR B 274 -19.87 -5.02 -30.54
CA TYR B 274 -19.35 -6.20 -29.86
C TYR B 274 -17.85 -6.36 -30.14
N GLN B 275 -17.13 -5.25 -30.08
CA GLN B 275 -15.70 -5.21 -30.32
C GLN B 275 -15.03 -4.42 -29.20
N THR B 276 -13.72 -4.26 -29.31
CA THR B 276 -12.93 -3.48 -28.37
C THR B 276 -12.15 -2.43 -29.13
N ILE B 277 -12.27 -1.17 -28.69
CA ILE B 277 -11.61 -0.05 -29.33
C ILE B 277 -10.50 0.44 -28.41
N THR B 278 -9.30 0.58 -28.95
CA THR B 278 -8.13 1.00 -28.19
C THR B 278 -7.51 2.22 -28.83
N ILE B 279 -7.32 3.27 -28.04
CA ILE B 279 -6.67 4.50 -28.47
C ILE B 279 -5.59 4.84 -27.46
N GLN B 280 -4.46 5.35 -27.94
CA GLN B 280 -3.34 5.67 -27.08
C GLN B 280 -2.72 6.99 -27.48
N ILE B 281 -2.63 7.92 -26.54
CA ILE B 281 -2.01 9.22 -26.73
C ILE B 281 -0.68 9.22 -25.99
N THR B 282 0.40 9.51 -26.69
CA THR B 282 1.75 9.42 -26.14
C THR B 282 2.59 10.62 -26.53
N PRO B 283 2.79 11.57 -25.62
CA PRO B 283 3.67 12.70 -25.92
C PRO B 283 5.13 12.29 -25.88
N ASN B 284 5.99 13.23 -26.28
CA ASN B 284 7.41 12.92 -26.37
C ASN B 284 8.04 12.76 -25.00
N ILE B 285 7.60 13.54 -24.02
CA ILE B 285 8.15 13.50 -22.67
C ILE B 285 6.99 13.33 -21.69
N GLY B 286 6.89 12.16 -21.08
CA GLY B 286 5.84 11.85 -20.13
C GLY B 286 5.18 10.52 -20.44
N SER B 287 4.39 10.07 -19.48
CA SER B 287 3.70 8.81 -19.62
C SER B 287 2.56 8.92 -20.62
N PRO B 288 2.24 7.84 -21.31
CA PRO B 288 1.14 7.89 -22.29
C PRO B 288 -0.23 7.81 -21.63
N LEU B 289 -1.26 7.74 -22.46
CA LEU B 289 -2.63 7.54 -22.00
C LEU B 289 -3.26 6.44 -22.85
N THR B 290 -4.07 5.59 -22.22
CA THR B 290 -4.68 4.46 -22.90
C THR B 290 -6.18 4.44 -22.64
N ILE B 291 -6.95 4.23 -23.71
CA ILE B 291 -8.40 4.13 -23.64
C ILE B 291 -8.80 2.79 -24.22
N SER B 292 -9.64 2.05 -23.51
CA SER B 292 -10.14 0.76 -23.97
C SER B 292 -11.61 0.67 -23.65
N GLU B 293 -12.44 0.45 -24.67
CA GLU B 293 -13.88 0.42 -24.51
C GLU B 293 -14.46 -0.76 -25.28
N TYR B 294 -15.46 -1.41 -24.68
CA TYR B 294 -16.21 -2.47 -25.31
C TYR B 294 -17.55 -1.90 -25.76
N VAL B 295 -17.81 -1.90 -27.06
CA VAL B 295 -18.99 -1.28 -27.62
C VAL B 295 -20.00 -2.37 -27.96
N TYR B 296 -21.16 -2.32 -27.32
CA TYR B 296 -22.20 -3.32 -27.62
C TYR B 296 -23.01 -2.93 -28.85
N GLN B 297 -23.77 -1.85 -28.74
CA GLN B 297 -24.72 -1.46 -29.77
C GLN B 297 -24.95 0.05 -29.71
N PRO B 298 -24.69 0.77 -30.79
CA PRO B 298 -24.87 2.22 -30.76
C PRO B 298 -26.33 2.62 -30.83
N GLU B 299 -26.63 3.79 -30.27
CA GLU B 299 -27.99 4.33 -30.29
C GLU B 299 -27.92 5.84 -30.13
N GLY B 300 -28.89 6.53 -30.70
CA GLY B 300 -28.97 7.98 -30.62
C GLY B 300 -28.07 8.73 -31.56
N SER B 301 -27.25 8.03 -32.34
CA SER B 301 -26.31 8.61 -33.31
C SER B 301 -25.14 9.29 -32.61
N VAL B 302 -25.22 9.42 -31.29
CA VAL B 302 -24.09 9.83 -30.47
C VAL B 302 -24.10 8.95 -29.22
N SER B 303 -23.32 7.88 -29.23
CA SER B 303 -23.31 6.94 -28.13
C SER B 303 -22.21 7.29 -27.15
N VAL B 304 -22.53 7.23 -25.86
CA VAL B 304 -21.55 7.56 -24.82
C VAL B 304 -20.83 6.27 -24.48
N ILE B 305 -19.83 5.94 -25.31
CA ILE B 305 -18.98 4.76 -25.13
C ILE B 305 -17.91 4.74 -26.21
N LEU C 19 59.90 14.42 -7.78
CA LEU C 19 59.38 13.29 -7.01
C LEU C 19 57.89 13.13 -7.22
N ALA C 20 57.36 11.96 -6.85
CA ALA C 20 55.93 11.72 -6.87
C ALA C 20 55.19 12.39 -5.73
N GLY C 21 55.92 13.03 -4.80
CA GLY C 21 55.26 13.76 -3.73
C GLY C 21 54.55 15.00 -4.22
N LEU C 22 55.09 15.62 -5.27
CA LEU C 22 54.41 16.78 -5.86
C LEU C 22 53.25 16.35 -6.74
N ASP C 23 53.45 15.33 -7.58
CA ASP C 23 52.38 14.87 -8.45
C ASP C 23 51.19 14.38 -7.63
N THR C 24 51.45 13.71 -6.51
CA THR C 24 50.35 13.25 -5.66
C THR C 24 49.54 14.42 -5.15
N ALA C 25 50.22 15.49 -4.72
CA ALA C 25 49.50 16.64 -4.21
C ALA C 25 48.67 17.30 -5.30
N ILE C 26 49.23 17.45 -6.49
CA ILE C 26 48.52 18.11 -7.58
C ILE C 26 47.28 17.31 -7.95
N ILE C 27 47.43 16.00 -8.13
CA ILE C 27 46.27 15.16 -8.42
C ILE C 27 45.29 15.17 -7.26
N LEU C 28 45.80 15.30 -6.03
CA LEU C 28 44.91 15.36 -4.87
C LEU C 28 44.03 16.59 -4.92
N ILE C 29 44.60 17.72 -5.36
CA ILE C 29 43.82 18.95 -5.42
C ILE C 29 42.77 18.86 -6.51
N ALA C 30 43.14 18.30 -7.66
CA ALA C 30 42.20 18.22 -8.77
C ALA C 30 41.08 17.24 -8.49
N PHE C 31 41.40 16.12 -7.84
CA PHE C 31 40.38 15.10 -7.60
C PHE C 31 39.43 15.50 -6.48
N ILE C 32 39.83 16.45 -5.64
CA ILE C 32 38.92 16.93 -4.60
C ILE C 32 38.00 18.00 -5.16
N ILE C 33 38.49 18.81 -6.08
CA ILE C 33 37.65 19.82 -6.71
C ILE C 33 36.55 19.15 -7.53
N THR C 34 36.91 18.12 -8.28
CA THR C 34 35.91 17.41 -9.08
C THR C 34 34.85 16.76 -8.19
N ALA C 35 35.28 16.13 -7.11
CA ALA C 35 34.33 15.52 -6.19
C ALA C 35 33.50 16.57 -5.47
N SER C 36 34.06 17.77 -5.31
CA SER C 36 33.32 18.85 -4.67
C SER C 36 32.21 19.38 -5.57
N VAL C 37 32.44 19.35 -6.89
CA VAL C 37 31.44 19.87 -7.81
C VAL C 37 30.25 18.93 -7.86
N LEU C 38 30.49 17.62 -7.86
CA LEU C 38 29.40 16.66 -7.83
C LEU C 38 28.53 16.87 -6.60
N ALA C 39 29.16 17.14 -5.45
CA ALA C 39 28.38 17.45 -4.25
C ALA C 39 27.65 18.77 -4.40
N TYR C 40 28.23 19.72 -5.12
CA TYR C 40 27.58 21.01 -5.32
C TYR C 40 26.32 20.86 -6.16
N VAL C 41 26.28 19.88 -7.05
CA VAL C 41 25.14 19.71 -7.94
C VAL C 41 24.18 18.66 -7.42
N ALA C 42 24.68 17.63 -6.74
CA ALA C 42 23.80 16.61 -6.18
C ALA C 42 22.85 17.22 -5.15
N ILE C 43 23.35 18.16 -4.35
CA ILE C 43 22.49 18.81 -3.37
C ILE C 43 21.47 19.69 -4.06
N ASN C 44 21.91 20.49 -5.03
CA ASN C 44 21.03 21.46 -5.67
C ASN C 44 19.84 20.77 -6.31
N MET C 45 20.08 19.74 -7.10
CA MET C 45 18.98 19.01 -7.72
C MET C 45 18.27 18.10 -6.72
N GLY C 46 18.97 17.70 -5.66
CA GLY C 46 18.32 16.91 -4.62
C GLY C 46 17.25 17.70 -3.90
N LEU C 47 17.57 18.95 -3.54
CA LEU C 47 16.56 19.82 -2.93
C LEU C 47 15.48 20.18 -3.93
N PHE C 48 15.84 20.29 -5.22
CA PHE C 48 14.88 20.69 -6.24
C PHE C 48 13.81 19.63 -6.42
N VAL C 49 14.22 18.37 -6.61
CA VAL C 49 13.24 17.31 -6.77
C VAL C 49 12.48 17.08 -5.47
N THR C 50 13.10 17.42 -4.33
CA THR C 50 12.43 17.25 -3.04
C THR C 50 11.30 18.24 -2.88
N GLN C 51 11.59 19.53 -3.09
CA GLN C 51 10.55 20.55 -2.98
C GLN C 51 9.50 20.38 -4.08
N LYS C 52 9.88 19.79 -5.20
CA LYS C 52 8.90 19.49 -6.24
C LYS C 52 7.94 18.40 -5.77
N ALA C 53 8.45 17.42 -5.03
CA ALA C 53 7.60 16.36 -4.51
C ALA C 53 6.60 16.90 -3.50
N LYS C 54 7.01 17.91 -2.71
CA LYS C 54 6.10 18.50 -1.74
C LYS C 54 4.92 19.15 -2.45
N SER C 55 5.15 19.71 -3.63
CA SER C 55 4.06 20.33 -4.38
C SER C 55 3.04 19.30 -4.84
N THR C 56 3.51 18.20 -5.43
CA THR C 56 2.58 17.23 -6.00
C THR C 56 1.89 16.41 -4.94
N ILE C 57 2.36 16.46 -3.69
CA ILE C 57 1.59 15.86 -2.59
C ILE C 57 0.39 16.72 -2.27
N ASN C 58 0.57 18.05 -2.31
CA ASN C 58 -0.53 18.95 -2.01
C ASN C 58 -1.57 18.92 -3.12
N LYS C 59 -1.13 19.02 -4.38
CA LYS C 59 -2.08 18.93 -5.48
C LYS C 59 -2.73 17.56 -5.55
N GLY C 60 -1.99 16.52 -5.18
CA GLY C 60 -2.59 15.19 -5.13
C GLY C 60 -3.62 15.06 -4.03
N GLU C 61 -3.51 15.90 -3.00
CA GLU C 61 -4.48 15.86 -1.91
C GLU C 61 -5.71 16.71 -2.25
N GLU C 62 -5.49 17.89 -2.81
CA GLU C 62 -6.62 18.74 -3.19
C GLU C 62 -7.47 18.08 -4.27
N THR C 63 -6.86 17.26 -5.12
CA THR C 63 -7.62 16.53 -6.12
C THR C 63 -8.60 15.56 -5.45
N ALA C 64 -8.13 14.87 -4.41
CA ALA C 64 -8.98 13.89 -3.73
C ALA C 64 -9.96 14.54 -2.77
N SER C 65 -9.82 15.84 -2.51
CA SER C 65 -10.65 16.49 -1.50
C SER C 65 -11.80 17.28 -2.12
N THR C 66 -11.48 18.17 -3.05
CA THR C 66 -12.51 19.02 -3.63
C THR C 66 -13.43 18.21 -4.54
N ALA C 67 -14.73 18.47 -4.42
CA ALA C 67 -15.75 17.78 -5.21
C ALA C 67 -17.06 18.53 -5.03
N LEU C 68 -17.97 18.32 -5.97
CA LEU C 68 -19.28 18.96 -5.93
C LEU C 68 -20.35 17.91 -5.66
N THR C 69 -21.55 18.40 -5.34
CA THR C 69 -22.67 17.52 -5.06
C THR C 69 -23.96 18.26 -5.41
N LEU C 70 -24.85 17.57 -6.13
CA LEU C 70 -26.08 18.18 -6.63
C LEU C 70 -27.07 18.32 -5.47
N SER C 71 -26.86 19.36 -4.68
CA SER C 71 -27.82 19.70 -3.64
C SER C 71 -29.00 20.44 -4.26
N GLY C 72 -30.20 20.04 -3.86
CA GLY C 72 -31.39 20.62 -4.45
C GLY C 72 -31.68 20.05 -5.82
N SER C 73 -32.96 20.01 -6.20
CA SER C 73 -33.35 19.34 -7.43
C SER C 73 -33.09 20.24 -8.64
N VAL C 74 -33.36 19.69 -9.82
CA VAL C 74 -33.15 20.38 -11.09
C VAL C 74 -34.50 20.65 -11.72
N LEU C 75 -34.66 21.84 -12.28
CA LEU C 75 -35.93 22.24 -12.90
C LEU C 75 -35.79 22.21 -14.41
N TYR C 76 -36.88 22.54 -15.10
CA TYR C 76 -36.91 22.50 -16.55
C TYR C 76 -38.03 23.41 -17.04
N ALA C 77 -37.68 24.45 -17.77
CA ALA C 77 -38.67 25.39 -18.27
C ALA C 77 -39.08 25.02 -19.69
N VAL C 78 -40.36 25.21 -19.99
CA VAL C 78 -40.93 24.83 -21.28
C VAL C 78 -42.28 25.53 -21.43
N ASN C 79 -42.69 25.78 -22.67
CA ASN C 79 -44.03 26.32 -22.92
C ASN C 79 -45.05 25.24 -22.60
N TYR C 80 -45.66 25.34 -21.41
CA TYR C 80 -46.42 24.20 -20.87
C TYR C 80 -47.66 23.87 -21.68
N PRO C 81 -48.57 24.80 -21.97
CA PRO C 81 -49.82 24.40 -22.66
C PRO C 81 -49.57 23.71 -23.98
N SER C 82 -48.44 23.97 -24.63
CA SER C 82 -48.07 23.30 -25.86
C SER C 82 -46.54 23.20 -25.87
N ASN C 83 -46.02 22.04 -25.48
CA ASN C 83 -44.58 21.85 -25.35
C ASN C 83 -43.95 21.88 -26.74
N THR C 84 -43.33 23.00 -27.08
CA THR C 84 -42.65 23.14 -28.35
C THR C 84 -41.27 23.76 -28.27
N ARG C 85 -40.95 24.52 -27.22
CA ARG C 85 -39.65 25.14 -27.08
C ARG C 85 -39.15 24.94 -25.66
N SER C 86 -37.82 24.93 -25.52
CA SER C 86 -37.16 24.76 -24.23
C SER C 86 -36.54 26.08 -23.83
N TYR C 87 -36.85 26.55 -22.62
CA TYR C 87 -36.42 27.87 -22.18
C TYR C 87 -35.11 27.83 -21.40
N TRP C 88 -35.08 27.10 -20.28
CA TRP C 88 -33.88 27.04 -19.47
C TRP C 88 -33.95 25.85 -18.53
N ILE C 89 -32.82 25.57 -17.88
CA ILE C 89 -32.69 24.54 -16.87
C ILE C 89 -31.90 25.12 -15.70
N TYR C 90 -32.38 24.90 -14.48
CA TYR C 90 -31.79 25.50 -13.30
C TYR C 90 -31.64 24.46 -12.21
N PHE C 91 -30.44 24.38 -11.64
CA PHE C 91 -30.16 23.44 -10.57
C PHE C 91 -29.07 24.00 -9.69
N THR C 92 -29.14 23.70 -8.41
CA THR C 92 -28.17 24.18 -7.44
C THR C 92 -27.09 23.14 -7.22
N VAL C 93 -25.88 23.63 -6.94
CA VAL C 93 -24.70 22.78 -6.78
C VAL C 93 -23.85 23.38 -5.67
N SER C 94 -23.30 22.52 -4.82
CA SER C 94 -22.53 22.96 -3.67
C SER C 94 -21.33 22.03 -3.52
N PRO C 95 -20.32 22.44 -2.74
CA PRO C 95 -19.23 21.52 -2.42
C PRO C 95 -19.75 20.23 -1.80
N SER C 96 -19.00 19.15 -2.01
CA SER C 96 -19.46 17.83 -1.61
C SER C 96 -19.78 17.77 -0.13
N SER C 97 -18.77 17.95 0.70
CA SER C 97 -18.93 18.10 2.14
C SER C 97 -18.14 19.33 2.58
N GLY C 98 -18.18 19.60 3.89
CA GLY C 98 -17.36 20.68 4.40
C GLY C 98 -15.90 20.29 4.43
N VAL C 99 -15.34 20.03 3.26
CA VAL C 99 -13.98 19.52 3.15
C VAL C 99 -13.03 20.54 2.53
N SER C 100 -13.46 21.19 1.46
CA SER C 100 -12.61 22.16 0.77
C SER C 100 -13.44 22.96 -0.20
N SER C 101 -12.99 24.18 -0.48
CA SER C 101 -13.67 25.05 -1.43
C SER C 101 -13.24 24.71 -2.84
N VAL C 102 -14.10 25.02 -3.80
CA VAL C 102 -13.85 24.74 -5.20
C VAL C 102 -13.82 26.05 -5.98
N GLU C 103 -13.03 26.06 -7.05
CA GLU C 103 -12.91 27.24 -7.90
C GLU C 103 -13.84 27.10 -9.10
N LEU C 104 -14.69 28.10 -9.30
CA LEU C 104 -15.68 28.08 -10.37
C LEU C 104 -15.55 29.29 -11.29
N SER C 105 -14.37 29.87 -11.39
CA SER C 105 -14.18 31.01 -12.28
C SER C 105 -14.44 30.57 -13.73
N PRO C 106 -15.20 31.33 -14.50
CA PRO C 106 -15.66 30.83 -15.81
C PRO C 106 -14.56 30.68 -16.82
N SER C 107 -13.36 31.18 -16.53
CA SER C 107 -12.27 31.11 -17.49
C SER C 107 -11.54 29.78 -17.46
N THR C 108 -11.61 29.04 -16.36
CA THR C 108 -10.79 27.83 -16.22
C THR C 108 -11.60 26.62 -15.77
N THR C 109 -12.93 26.70 -15.78
CA THR C 109 -13.77 25.55 -15.52
C THR C 109 -14.56 25.23 -16.79
N ALA C 110 -15.46 24.25 -16.71
CA ALA C 110 -16.17 23.83 -17.92
C ALA C 110 -17.49 23.15 -17.55
N ILE C 111 -18.57 23.63 -18.15
CA ILE C 111 -19.89 23.01 -18.06
C ILE C 111 -20.28 22.54 -19.45
N SER C 112 -20.60 21.26 -19.59
CA SER C 112 -20.88 20.67 -20.89
C SER C 112 -22.25 20.04 -20.89
N PHE C 113 -23.07 20.41 -21.87
CA PHE C 113 -24.42 19.90 -22.02
C PHE C 113 -24.47 18.95 -23.22
N THR C 114 -25.19 17.85 -23.06
CA THR C 114 -25.33 16.89 -24.16
C THR C 114 -26.59 16.07 -23.95
N ALA C 115 -27.25 15.74 -25.05
CA ALA C 115 -28.45 14.90 -25.05
C ALA C 115 -28.35 13.98 -26.25
N SER C 116 -28.38 12.66 -26.00
CA SER C 116 -28.07 11.70 -27.04
C SER C 116 -29.11 11.67 -28.15
N ALA C 117 -30.34 12.07 -27.87
CA ALA C 117 -31.41 11.95 -28.86
C ALA C 117 -31.15 12.79 -30.10
N GLU C 118 -31.11 14.12 -29.93
CA GLU C 118 -30.97 15.01 -31.08
C GLU C 118 -29.57 15.00 -31.66
N GLY C 119 -28.67 14.13 -31.19
CA GLY C 119 -27.29 14.21 -31.63
C GLY C 119 -26.61 15.48 -31.20
N ILE C 120 -27.13 16.15 -30.18
CA ILE C 120 -26.58 17.42 -29.73
C ILE C 120 -25.43 17.17 -28.77
N SER C 121 -24.46 18.07 -28.80
CA SER C 121 -23.32 17.98 -27.90
C SER C 121 -22.67 19.36 -27.82
N TYR C 122 -22.10 19.66 -26.66
CA TYR C 122 -21.47 20.93 -26.41
C TYR C 122 -20.23 20.71 -25.58
N SER C 123 -19.54 21.81 -25.27
CA SER C 123 -18.37 21.75 -24.40
C SER C 123 -18.09 23.15 -23.88
N ASN C 124 -18.12 23.31 -22.56
CA ASN C 124 -17.80 24.58 -21.91
C ASN C 124 -18.73 25.69 -22.42
N ILE C 125 -20.00 25.55 -22.07
CA ILE C 125 -20.99 26.58 -22.37
C ILE C 125 -21.02 27.57 -21.21
N TYR C 126 -20.04 27.48 -20.32
CA TYR C 126 -19.95 28.34 -19.17
C TYR C 126 -19.25 29.63 -19.57
N GLU C 127 -19.96 30.75 -19.50
CA GLU C 127 -19.43 32.02 -19.99
C GLU C 127 -19.25 33.05 -18.89
N TYR C 128 -20.30 33.36 -18.13
CA TYR C 128 -20.24 34.45 -17.16
C TYR C 128 -20.69 33.95 -15.79
N THR C 129 -20.33 34.71 -14.76
CA THR C 129 -20.71 34.41 -13.39
C THR C 129 -21.11 35.68 -12.68
N LEU C 130 -21.93 35.53 -11.64
CA LEU C 130 -22.31 36.63 -10.78
C LEU C 130 -21.57 36.59 -9.44
N LEU C 131 -20.60 35.69 -9.29
CA LEU C 131 -19.87 35.60 -8.04
C LEU C 131 -18.83 36.72 -7.91
N THR C 132 -18.50 37.39 -9.01
CA THR C 132 -17.47 38.42 -8.98
C THR C 132 -18.05 39.82 -8.81
N VAL C 133 -19.29 40.05 -9.19
CA VAL C 133 -19.89 41.37 -9.11
C VAL C 133 -20.24 41.68 -7.67
N SER C 134 -19.88 42.87 -7.21
CA SER C 134 -20.14 43.34 -5.85
C SER C 134 -21.50 44.04 -5.80
N PRO C 135 -22.22 43.92 -4.68
CA PRO C 135 -23.55 44.55 -4.60
C PRO C 135 -23.52 46.06 -4.64
N SER C 136 -22.34 46.69 -4.54
CA SER C 136 -22.27 48.14 -4.58
C SER C 136 -22.68 48.68 -5.94
N GLU C 137 -22.36 47.95 -7.02
CA GLU C 137 -22.68 48.42 -8.35
C GLU C 137 -24.17 48.27 -8.65
N LEU C 138 -24.68 47.04 -8.56
CA LEU C 138 -26.04 46.74 -8.96
C LEU C 138 -27.09 47.31 -8.02
N ALA C 139 -26.68 48.03 -6.98
CA ALA C 139 -27.62 48.41 -5.92
C ALA C 139 -28.62 49.49 -6.35
N ASN C 140 -28.37 50.22 -7.44
CA ASN C 140 -29.19 51.37 -7.76
C ASN C 140 -29.88 51.28 -9.12
N GLN C 141 -29.15 50.91 -10.17
CA GLN C 141 -29.59 51.17 -11.54
C GLN C 141 -30.42 50.02 -12.09
N VAL C 142 -31.60 49.84 -11.51
CA VAL C 142 -32.66 49.06 -12.12
C VAL C 142 -33.99 49.42 -11.46
N TYR C 143 -35.02 49.66 -12.26
CA TYR C 143 -36.33 50.00 -11.70
C TYR C 143 -37.40 49.84 -12.76
N ALA C 144 -38.62 49.59 -12.29
CA ALA C 144 -39.77 49.47 -13.16
C ALA C 144 -40.93 50.38 -12.76
N ASN C 145 -40.84 51.05 -11.62
CA ASN C 145 -41.86 51.98 -11.16
C ASN C 145 -41.19 52.97 -10.22
N GLY C 146 -42.00 53.68 -9.43
CA GLY C 146 -41.49 54.70 -8.54
C GLY C 146 -40.34 54.30 -7.63
N GLN C 147 -40.07 53.00 -7.52
CA GLN C 147 -39.03 52.49 -6.63
C GLN C 147 -38.01 51.68 -7.41
N TYR C 148 -36.74 51.88 -7.09
CA TYR C 148 -35.70 50.99 -7.58
C TYR C 148 -35.71 49.70 -6.77
N LEU C 149 -35.54 48.57 -7.44
CA LEU C 149 -35.58 47.27 -6.79
C LEU C 149 -34.17 46.76 -6.54
N ASP C 150 -33.96 46.14 -5.38
CA ASP C 150 -32.68 45.57 -5.01
C ASP C 150 -32.68 44.08 -5.32
N LEU C 151 -31.70 43.64 -6.10
CA LEU C 151 -31.66 42.28 -6.61
C LEU C 151 -30.88 41.32 -5.72
N VAL C 152 -30.37 41.78 -4.59
CA VAL C 152 -29.59 40.94 -3.69
C VAL C 152 -30.04 41.18 -2.26
N ASN C 153 -29.84 40.16 -1.43
CA ASN C 153 -30.00 40.26 0.01
C ASN C 153 -28.67 39.92 0.66
N GLN C 154 -28.30 40.68 1.69
CA GLN C 154 -26.99 40.52 2.30
C GLN C 154 -27.10 40.65 3.81
N GLN C 155 -26.67 39.61 4.52
CA GLN C 155 -26.54 39.65 5.96
C GLN C 155 -25.09 39.89 6.33
N THR C 156 -24.87 40.23 7.60
CA THR C 156 -23.52 40.51 8.09
C THR C 156 -23.38 39.99 9.51
N ASN C 157 -22.35 39.19 9.74
CA ASN C 157 -22.06 38.66 11.06
C ASN C 157 -20.63 38.15 11.08
N ALA C 158 -19.98 38.30 12.24
CA ALA C 158 -18.57 37.92 12.42
C ALA C 158 -17.67 38.62 11.41
N GLY C 159 -18.03 39.84 11.01
CA GLY C 159 -17.18 40.67 10.19
C GLY C 159 -17.34 40.48 8.70
N GLN C 160 -17.91 39.36 8.25
CA GLN C 160 -18.06 39.09 6.83
C GLN C 160 -19.53 39.19 6.43
N THR C 161 -19.75 39.59 5.18
CA THR C 161 -21.08 39.76 4.63
C THR C 161 -21.36 38.66 3.60
N TYR C 162 -22.56 38.08 3.68
CA TYR C 162 -22.97 37.00 2.79
C TYR C 162 -24.11 37.53 1.93
N VAL C 163 -23.84 37.78 0.66
CA VAL C 163 -24.85 38.22 -0.27
C VAL C 163 -25.36 37.00 -1.03
N TYR C 164 -26.55 37.12 -1.59
CA TYR C 164 -27.14 36.04 -2.37
C TYR C 164 -28.33 36.59 -3.15
N TYR C 165 -28.69 35.88 -4.21
CA TYR C 165 -29.79 36.27 -5.08
C TYR C 165 -31.02 35.45 -4.76
N PRO C 166 -32.15 36.09 -4.46
CA PRO C 166 -33.31 35.35 -3.95
C PRO C 166 -34.12 34.61 -5.00
N ASN C 167 -33.85 34.82 -6.29
CA ASN C 167 -34.71 34.23 -7.31
C ASN C 167 -33.95 34.23 -8.63
N PRO C 168 -34.12 33.21 -9.47
CA PRO C 168 -33.42 33.21 -10.76
C PRO C 168 -33.71 34.43 -11.60
N TYR C 169 -34.93 34.95 -11.56
CA TYR C 169 -35.27 36.11 -12.37
C TYR C 169 -34.55 37.35 -11.89
N TYR C 170 -34.33 37.47 -10.57
CA TYR C 170 -33.54 38.58 -10.06
C TYR C 170 -32.10 38.49 -10.54
N ALA C 171 -31.59 37.27 -10.71
CA ALA C 171 -30.25 37.10 -11.24
C ALA C 171 -30.19 37.45 -12.72
N LEU C 172 -31.25 37.17 -13.47
CA LEU C 172 -31.28 37.53 -14.88
C LEU C 172 -31.24 39.04 -15.06
N LEU C 173 -32.02 39.77 -14.27
CA LEU C 173 -31.97 41.22 -14.33
C LEU C 173 -30.61 41.74 -13.92
N ALA C 174 -29.97 41.09 -12.94
CA ALA C 174 -28.64 41.50 -12.54
C ALA C 174 -27.62 41.17 -13.61
N LEU C 175 -27.82 40.06 -14.34
CA LEU C 175 -26.87 39.68 -15.36
C LEU C 175 -26.99 40.57 -16.59
N ASN C 176 -28.18 41.09 -16.87
CA ASN C 176 -28.37 41.95 -18.02
C ASN C 176 -27.56 43.23 -17.89
N TYR C 177 -27.61 43.87 -16.71
CA TYR C 177 -26.91 45.13 -16.54
C TYR C 177 -25.40 44.92 -16.54
N THR C 178 -24.92 43.86 -15.90
CA THR C 178 -23.48 43.63 -15.81
C THR C 178 -22.87 43.47 -17.19
N LEU C 179 -23.47 42.62 -18.03
CA LEU C 179 -22.96 42.45 -19.39
C LEU C 179 -22.97 43.76 -20.16
N SER C 180 -23.90 44.65 -19.84
CA SER C 180 -24.03 45.89 -20.60
C SER C 180 -23.03 46.95 -20.12
N LYS C 181 -22.95 47.16 -18.81
CA LYS C 181 -22.19 48.29 -18.29
C LYS C 181 -21.01 47.91 -17.40
N ILE C 182 -21.08 46.79 -16.68
CA ILE C 182 -19.98 46.44 -15.78
C ILE C 182 -18.72 46.12 -16.58
N ASP C 183 -18.85 45.26 -17.58
CA ASP C 183 -17.76 44.98 -18.51
C ASP C 183 -18.27 45.22 -19.92
N LYS C 184 -17.60 46.09 -20.66
CA LYS C 184 -18.07 46.53 -21.96
C LYS C 184 -17.89 45.47 -23.03
N VAL C 185 -18.57 44.33 -22.89
CA VAL C 185 -18.56 43.33 -23.95
C VAL C 185 -19.51 43.78 -25.05
N SER C 186 -18.99 43.86 -26.28
CA SER C 186 -19.78 44.47 -27.35
C SER C 186 -20.96 43.60 -27.76
N PRO C 187 -20.83 42.27 -27.90
CA PRO C 187 -22.05 41.47 -28.04
C PRO C 187 -22.62 41.07 -26.68
N SER C 188 -23.81 41.54 -26.37
CA SER C 188 -24.49 41.15 -25.14
C SER C 188 -25.31 39.90 -25.42
N PRO C 189 -24.99 38.75 -24.82
CA PRO C 189 -25.71 37.52 -25.17
C PRO C 189 -27.18 37.54 -24.81
N LEU C 190 -27.56 38.25 -23.75
CA LEU C 190 -28.96 38.36 -23.38
C LEU C 190 -29.36 39.84 -23.32
N TYR C 191 -30.63 40.09 -23.57
CA TYR C 191 -31.17 41.45 -23.62
C TYR C 191 -32.58 41.41 -23.05
N ILE C 192 -32.75 41.96 -21.86
CA ILE C 192 -34.05 42.00 -21.20
C ILE C 192 -34.63 43.39 -21.39
N THR C 193 -35.88 43.46 -21.84
CA THR C 193 -36.55 44.74 -22.02
C THR C 193 -38.05 44.54 -21.85
N THR C 194 -38.72 45.59 -21.40
CA THR C 194 -40.14 45.53 -21.12
C THR C 194 -41.00 45.89 -22.31
N THR C 195 -40.42 46.45 -23.37
CA THR C 195 -41.20 46.86 -24.52
C THR C 195 -41.85 45.64 -25.18
N THR C 196 -42.93 45.91 -25.92
CA THR C 196 -43.64 44.85 -26.59
C THR C 196 -42.72 44.17 -27.61
N PRO C 197 -42.69 42.84 -27.65
CA PRO C 197 -41.79 42.16 -28.61
C PRO C 197 -42.05 42.53 -30.05
N SER C 198 -43.30 42.78 -30.42
CA SER C 198 -43.59 43.22 -31.78
C SER C 198 -42.89 44.54 -32.08
N SER C 199 -43.01 45.50 -31.16
CA SER C 199 -42.28 46.76 -31.33
C SER C 199 -40.80 46.59 -31.05
N ALA C 200 -40.42 45.57 -30.26
CA ALA C 200 -39.02 45.36 -29.95
C ALA C 200 -38.24 44.92 -31.18
N THR C 201 -38.72 43.88 -31.86
CA THR C 201 -38.05 43.45 -33.08
C THR C 201 -38.11 44.50 -34.17
N GLN C 202 -39.00 45.49 -34.05
CA GLN C 202 -39.05 46.56 -35.03
C GLN C 202 -37.91 47.54 -34.83
N ILE C 203 -37.71 48.01 -33.60
CA ILE C 203 -36.63 48.96 -33.35
C ILE C 203 -35.27 48.28 -33.44
N TYR C 204 -35.17 47.04 -33.03
CA TYR C 204 -33.92 46.28 -33.14
C TYR C 204 -34.16 45.03 -33.98
N PRO C 205 -33.65 44.97 -35.21
CA PRO C 205 -33.97 43.83 -36.07
C PRO C 205 -33.37 42.52 -35.59
N PHE C 206 -32.22 42.57 -34.90
CA PHE C 206 -31.55 41.34 -34.51
C PHE C 206 -32.32 40.54 -33.47
N LEU C 207 -33.20 41.19 -32.71
CA LEU C 207 -33.97 40.50 -31.68
C LEU C 207 -34.99 39.53 -32.25
N ALA C 208 -35.07 39.38 -33.57
CA ALA C 208 -36.04 38.48 -34.18
C ALA C 208 -35.50 37.08 -34.37
N HIS C 209 -34.21 36.85 -34.15
CA HIS C 209 -33.61 35.54 -34.32
C HIS C 209 -33.29 34.87 -32.99
N ASP C 210 -33.52 35.54 -31.87
CA ASP C 210 -33.14 35.04 -30.56
C ASP C 210 -34.33 34.41 -29.85
N ASN C 211 -34.02 33.45 -28.98
CA ASN C 211 -35.04 32.84 -28.15
C ASN C 211 -35.66 33.89 -27.23
N MET C 212 -36.87 33.60 -26.74
CA MET C 212 -37.56 34.55 -25.89
C MET C 212 -38.43 33.82 -24.89
N PHE C 213 -38.20 34.09 -23.61
CA PHE C 213 -39.10 33.69 -22.54
C PHE C 213 -39.45 34.91 -21.70
N THR C 214 -40.50 34.77 -20.90
CA THR C 214 -41.02 35.90 -20.14
C THR C 214 -41.12 35.53 -18.67
N PHE C 215 -41.17 36.56 -17.83
CA PHE C 215 -41.40 36.39 -16.40
C PHE C 215 -42.08 37.63 -15.87
N THR C 216 -43.16 37.44 -15.13
CA THR C 216 -44.00 38.54 -14.67
C THR C 216 -43.67 38.91 -13.24
N LEU C 217 -43.58 40.21 -12.97
CA LEU C 217 -43.25 40.70 -11.64
C LEU C 217 -44.25 41.78 -11.23
N ASN C 218 -44.60 41.79 -9.96
CA ASN C 218 -45.57 42.71 -9.39
C ASN C 218 -44.82 43.74 -8.54
N ILE C 219 -44.62 44.93 -9.09
CA ILE C 219 -43.94 46.02 -8.40
C ILE C 219 -44.94 47.13 -8.13
N SER C 220 -44.99 47.58 -6.88
CA SER C 220 -45.85 48.68 -6.45
C SER C 220 -47.27 48.53 -6.97
N GLY C 221 -47.79 47.31 -6.87
CA GLY C 221 -49.16 47.04 -7.22
C GLY C 221 -49.42 46.85 -8.71
N THR C 222 -48.51 47.28 -9.56
CA THR C 222 -48.67 47.10 -11.00
C THR C 222 -48.06 45.78 -11.42
N LEU C 223 -48.39 45.36 -12.64
CA LEU C 223 -47.91 44.11 -13.22
C LEU C 223 -46.90 44.44 -14.30
N VAL C 224 -45.63 44.14 -14.04
CA VAL C 224 -44.54 44.46 -14.96
C VAL C 224 -44.01 43.14 -15.52
N THR C 225 -44.13 42.96 -16.83
CA THR C 225 -43.63 41.77 -17.50
C THR C 225 -42.35 42.11 -18.25
N TYR C 226 -41.59 41.06 -18.57
CA TYR C 226 -40.30 41.21 -19.22
C TYR C 226 -40.19 40.24 -20.38
N TYR C 227 -39.15 40.41 -21.18
CA TYR C 227 -38.94 39.59 -22.37
C TYR C 227 -37.44 39.37 -22.53
N ALA C 228 -36.97 38.20 -22.11
CA ALA C 228 -35.55 37.88 -22.15
C ALA C 228 -35.19 37.26 -23.49
N PHE C 229 -34.29 37.92 -24.22
CA PHE C 229 -33.86 37.47 -25.53
C PHE C 229 -32.45 36.91 -25.43
N VAL C 230 -32.28 35.66 -25.87
CA VAL C 230 -31.00 34.97 -25.80
C VAL C 230 -30.63 34.49 -27.18
N ASN C 231 -29.40 34.78 -27.62
CA ASN C 231 -28.95 34.41 -28.95
C ASN C 231 -27.91 33.30 -28.95
N GLN C 232 -27.54 32.78 -27.78
CA GLN C 232 -26.51 31.75 -27.69
C GLN C 232 -26.70 30.96 -26.41
N THR C 233 -26.58 29.65 -26.52
CA THR C 233 -26.73 28.78 -25.36
C THR C 233 -25.56 28.97 -24.41
N PHE C 234 -25.79 29.63 -23.29
CA PHE C 234 -24.75 29.85 -22.30
C PHE C 234 -25.31 29.53 -20.92
N ALA C 235 -24.46 29.62 -19.91
CA ALA C 235 -24.85 29.28 -18.55
C ALA C 235 -24.03 30.11 -17.57
N PHE C 236 -24.68 30.56 -16.50
CA PHE C 236 -24.03 31.38 -15.48
C PHE C 236 -24.31 30.80 -14.10
N THR C 237 -23.64 31.36 -13.10
CA THR C 237 -23.78 30.92 -11.73
C THR C 237 -23.83 32.14 -10.81
N TYR C 238 -24.61 32.03 -9.75
CA TYR C 238 -24.81 33.11 -8.80
C TYR C 238 -24.97 32.53 -7.40
N PRO C 239 -24.55 33.25 -6.38
CA PRO C 239 -24.58 32.71 -5.01
C PRO C 239 -26.01 32.60 -4.50
N VAL C 240 -26.32 31.48 -3.85
CA VAL C 240 -27.66 31.23 -3.35
C VAL C 240 -27.64 31.23 -1.83
N ALA C 241 -26.57 30.71 -1.23
CA ALA C 241 -26.50 30.65 0.22
C ALA C 241 -25.06 30.69 0.69
N GLY C 242 -24.76 31.58 1.62
CA GLY C 242 -23.51 31.59 2.35
C GLY C 242 -22.24 31.72 1.53
N ASP C 243 -22.10 32.81 0.79
CA ASP C 243 -20.90 33.08 0.00
C ASP C 243 -20.29 34.39 0.47
N PRO C 244 -19.41 34.36 1.47
CA PRO C 244 -18.77 35.59 1.94
C PRO C 244 -17.66 36.08 1.02
N LEU C 245 -17.03 35.20 0.26
CA LEU C 245 -15.93 35.58 -0.61
C LEU C 245 -16.45 36.09 -1.96
N ILE C 246 -17.20 37.17 -1.89
CA ILE C 246 -17.77 37.77 -3.09
C ILE C 246 -16.72 38.61 -3.78
N GLY C 247 -16.61 38.46 -5.09
CA GLY C 247 -15.59 39.12 -5.87
C GLY C 247 -14.40 38.25 -6.22
N SER C 248 -14.51 36.93 -6.05
CA SER C 248 -13.41 36.03 -6.32
C SER C 248 -13.79 34.77 -7.10
N ALA C 249 -15.08 34.48 -7.26
CA ALA C 249 -15.54 33.28 -7.98
C ALA C 249 -14.96 32.02 -7.34
N ILE C 250 -15.28 31.84 -6.06
CA ILE C 250 -14.85 30.67 -5.29
C ILE C 250 -16.02 30.24 -4.42
N ALA C 251 -16.45 28.99 -4.57
CA ALA C 251 -17.51 28.46 -3.74
C ALA C 251 -16.93 27.95 -2.43
N PRO C 252 -17.14 28.65 -1.32
CA PRO C 252 -16.53 28.23 -0.05
C PRO C 252 -17.11 26.92 0.44
N ALA C 253 -16.44 26.35 1.42
CA ALA C 253 -16.92 25.12 2.04
C ALA C 253 -18.21 25.41 2.78
N GLY C 254 -19.31 24.85 2.30
CA GLY C 254 -20.60 25.09 2.92
C GLY C 254 -21.33 26.26 2.29
N SER C 255 -21.49 26.23 0.97
CA SER C 255 -22.18 27.29 0.25
C SER C 255 -22.92 26.69 -0.93
N VAL C 256 -24.15 27.13 -1.13
CA VAL C 256 -24.98 26.63 -2.22
C VAL C 256 -24.88 27.60 -3.38
N ILE C 257 -24.39 27.10 -4.51
CA ILE C 257 -24.27 27.88 -5.74
C ILE C 257 -25.35 27.42 -6.71
N GLY C 258 -25.97 28.37 -7.40
CA GLY C 258 -27.04 28.08 -8.33
C GLY C 258 -26.55 28.15 -9.76
N VAL C 259 -26.78 27.08 -10.50
CA VAL C 259 -26.39 26.99 -11.90
C VAL C 259 -27.64 27.10 -12.76
N MET C 260 -27.61 27.99 -13.75
CA MET C 260 -28.74 28.21 -14.64
C MET C 260 -28.25 28.17 -16.08
N ILE C 261 -28.87 27.32 -16.89
CA ILE C 261 -28.48 27.13 -18.28
C ILE C 261 -29.60 27.69 -19.15
N LEU C 262 -29.27 28.71 -19.94
CA LEU C 262 -30.23 29.33 -20.84
C LEU C 262 -30.04 28.79 -22.24
N PHE C 263 -31.15 28.48 -22.91
CA PHE C 263 -31.12 27.84 -24.22
C PHE C 263 -31.31 28.88 -25.32
N GLY C 264 -30.49 28.76 -26.36
CA GLY C 264 -30.55 29.69 -27.47
C GLY C 264 -31.37 29.13 -28.62
N PRO C 265 -31.29 29.78 -29.78
CA PRO C 265 -32.05 29.29 -30.94
C PRO C 265 -31.60 27.93 -31.40
N ASP C 266 -30.33 27.59 -31.19
CA ASP C 266 -29.83 26.28 -31.62
C ASP C 266 -30.48 25.16 -30.84
N LEU C 267 -30.54 25.29 -29.51
CA LEU C 267 -31.03 24.23 -28.64
C LEU C 267 -32.43 24.47 -28.10
N GLY C 268 -32.86 25.73 -27.99
CA GLY C 268 -34.16 26.02 -27.43
C GLY C 268 -35.34 25.62 -28.27
N SER C 269 -35.11 25.11 -29.47
CA SER C 269 -36.17 24.68 -30.37
C SER C 269 -36.47 23.19 -30.24
N HIS C 270 -35.91 22.53 -29.23
CA HIS C 270 -36.15 21.11 -28.98
C HIS C 270 -36.60 20.93 -27.55
N VAL C 271 -37.68 20.19 -27.36
CA VAL C 271 -38.16 19.79 -26.04
C VAL C 271 -37.69 18.37 -25.78
N PHE C 272 -37.01 18.16 -24.66
CA PHE C 272 -36.44 16.86 -24.32
C PHE C 272 -37.52 16.02 -23.66
N GLN C 273 -38.12 15.12 -24.44
CA GLN C 273 -39.16 14.23 -23.95
C GLN C 273 -38.77 12.81 -24.34
N TYR C 274 -38.75 11.91 -23.36
CA TYR C 274 -38.28 10.54 -23.56
C TYR C 274 -36.83 10.53 -24.05
N GLN C 275 -36.01 11.41 -23.47
CA GLN C 275 -34.60 11.53 -23.82
C GLN C 275 -33.76 11.52 -22.55
N THR C 276 -32.45 11.52 -22.73
CA THR C 276 -31.50 11.48 -21.62
C THR C 276 -30.63 12.73 -21.66
N ILE C 277 -30.78 13.57 -20.67
CA ILE C 277 -29.99 14.78 -20.53
C ILE C 277 -28.72 14.46 -19.76
N THR C 278 -27.62 15.12 -20.08
CA THR C 278 -26.38 14.90 -19.37
C THR C 278 -25.62 16.21 -19.25
N ILE C 279 -25.26 16.58 -18.01
CA ILE C 279 -24.51 17.78 -17.73
C ILE C 279 -23.28 17.40 -16.92
N GLN C 280 -22.19 18.13 -17.12
CA GLN C 280 -20.95 17.83 -16.41
C GLN C 280 -20.21 19.13 -16.11
N ILE C 281 -19.90 19.35 -14.85
CA ILE C 281 -19.14 20.51 -14.40
C ILE C 281 -17.77 20.01 -13.97
N THR C 282 -16.74 20.30 -14.78
CA THR C 282 -15.38 19.84 -14.51
C THR C 282 -14.49 21.04 -14.16
N PRO C 283 -14.28 21.31 -12.88
CA PRO C 283 -13.44 22.44 -12.49
C PRO C 283 -11.99 22.18 -12.82
N ASN C 284 -11.16 23.22 -12.66
CA ASN C 284 -9.77 23.09 -13.02
C ASN C 284 -9.01 22.18 -12.07
N ILE C 285 -9.50 22.03 -10.84
CA ILE C 285 -8.91 21.14 -9.85
C ILE C 285 -10.05 20.42 -9.13
N GLY C 286 -9.98 19.11 -9.08
CA GLY C 286 -10.97 18.29 -8.41
C GLY C 286 -11.73 17.40 -9.38
N SER C 287 -12.44 16.45 -8.79
CA SER C 287 -13.21 15.49 -9.57
C SER C 287 -14.49 16.14 -10.09
N PRO C 288 -14.89 15.85 -11.32
CA PRO C 288 -16.04 16.54 -11.90
C PRO C 288 -17.36 16.11 -11.27
N LEU C 289 -18.46 16.68 -11.75
CA LEU C 289 -19.80 16.31 -11.33
C LEU C 289 -20.63 16.04 -12.56
N THR C 290 -21.07 14.80 -12.73
CA THR C 290 -21.88 14.40 -13.88
C THR C 290 -23.32 14.17 -13.44
N ILE C 291 -24.25 14.70 -14.21
CA ILE C 291 -25.68 14.60 -13.93
C ILE C 291 -26.36 14.04 -15.16
N SER C 292 -27.06 12.93 -14.99
CA SER C 292 -27.74 12.26 -16.09
C SER C 292 -29.17 11.96 -15.66
N GLU C 293 -30.13 12.60 -16.32
CA GLU C 293 -31.53 12.44 -16.01
C GLU C 293 -32.30 11.94 -17.22
N TYR C 294 -33.49 11.42 -16.96
CA TYR C 294 -34.40 10.94 -17.98
C TYR C 294 -35.70 11.72 -17.87
N VAL C 295 -36.04 12.45 -18.92
CA VAL C 295 -37.20 13.33 -18.92
C VAL C 295 -38.36 12.59 -19.59
N TYR C 296 -39.43 12.35 -18.85
CA TYR C 296 -40.59 11.66 -19.39
C TYR C 296 -41.54 12.60 -20.12
N GLN C 297 -42.09 13.56 -19.40
CA GLN C 297 -43.10 14.46 -19.95
C GLN C 297 -43.20 15.71 -19.09
N PRO C 298 -43.08 16.89 -19.67
CA PRO C 298 -43.11 18.11 -18.87
C PRO C 298 -44.51 18.47 -18.43
N GLU C 299 -44.59 19.24 -17.35
CA GLU C 299 -45.86 19.75 -16.86
C GLU C 299 -45.60 20.95 -15.97
N GLY C 300 -46.54 21.89 -15.94
CA GLY C 300 -46.46 23.06 -15.09
C GLY C 300 -45.49 24.13 -15.54
N SER C 301 -44.79 23.92 -16.67
CA SER C 301 -43.84 24.87 -17.24
C SER C 301 -42.57 24.96 -16.42
N VAL C 302 -42.56 24.35 -15.24
CA VAL C 302 -41.34 24.16 -14.46
C VAL C 302 -41.37 22.72 -13.94
N SER C 303 -40.76 21.82 -14.68
CA SER C 303 -40.80 20.40 -14.33
C SER C 303 -39.61 20.04 -13.45
N VAL C 304 -39.86 19.27 -12.41
CA VAL C 304 -38.79 18.86 -11.48
C VAL C 304 -38.24 17.56 -12.04
N ILE C 305 -37.32 17.71 -13.00
CA ILE C 305 -36.65 16.57 -13.64
C ILE C 305 -35.61 17.09 -14.62
N LEU D 19 43.81 10.86 -3.42
CA LEU D 19 43.24 9.53 -3.26
C LEU D 19 41.72 9.57 -3.31
N ALA D 20 41.10 8.40 -3.17
CA ALA D 20 39.64 8.31 -3.10
C ALA D 20 39.13 8.24 -1.67
N GLY D 21 40.01 8.03 -0.69
CA GLY D 21 39.61 8.08 0.70
C GLY D 21 39.14 9.43 1.18
N LEU D 22 39.38 10.49 0.41
CA LEU D 22 38.86 11.82 0.69
C LEU D 22 37.67 12.18 -0.16
N ASP D 23 37.69 11.82 -1.45
CA ASP D 23 36.57 12.12 -2.31
C ASP D 23 35.31 11.39 -1.85
N THR D 24 35.47 10.17 -1.35
CA THR D 24 34.32 9.43 -0.83
C THR D 24 33.76 10.09 0.41
N ALA D 25 34.63 10.63 1.26
CA ALA D 25 34.16 11.33 2.46
C ALA D 25 33.36 12.56 2.09
N ILE D 26 33.84 13.33 1.10
CA ILE D 26 33.14 14.55 0.71
C ILE D 26 31.81 14.20 0.05
N ILE D 27 31.78 13.11 -0.71
CA ILE D 27 30.54 12.71 -1.37
C ILE D 27 29.55 12.16 -0.35
N LEU D 28 30.02 11.31 0.56
CA LEU D 28 29.13 10.73 1.56
C LEU D 28 28.48 11.81 2.42
N ILE D 29 29.22 12.88 2.73
CA ILE D 29 28.64 13.99 3.47
C ILE D 29 27.48 14.60 2.69
N ALA D 30 27.66 14.74 1.38
CA ALA D 30 26.63 15.37 0.56
C ALA D 30 25.38 14.51 0.50
N PHE D 31 25.54 13.21 0.24
CA PHE D 31 24.38 12.36 0.06
C PHE D 31 23.57 12.22 1.34
N ILE D 32 24.22 12.31 2.50
CA ILE D 32 23.49 12.28 3.76
C ILE D 32 22.65 13.54 3.91
N ILE D 33 23.18 14.67 3.42
CA ILE D 33 22.43 15.92 3.50
C ILE D 33 21.20 15.86 2.60
N THR D 34 21.37 15.38 1.37
CA THR D 34 20.25 15.31 0.44
C THR D 34 19.22 14.28 0.87
N ALA D 35 19.67 13.16 1.43
CA ALA D 35 18.74 12.17 1.93
C ALA D 35 18.03 12.67 3.17
N SER D 36 18.66 13.58 3.92
CA SER D 36 18.05 14.11 5.12
C SER D 36 16.89 15.04 4.80
N VAL D 37 17.06 15.91 3.80
CA VAL D 37 16.02 16.87 3.48
C VAL D 37 14.79 16.17 2.93
N LEU D 38 14.99 14.99 2.31
CA LEU D 38 13.84 14.22 1.86
C LEU D 38 13.03 13.73 3.06
N ALA D 39 13.71 13.20 4.08
CA ALA D 39 13.03 12.82 5.30
C ALA D 39 12.42 14.03 5.98
N TYR D 40 12.99 15.21 5.74
CA TYR D 40 12.48 16.42 6.36
C TYR D 40 11.11 16.77 5.82
N VAL D 41 10.92 16.66 4.51
CA VAL D 41 9.63 17.05 3.92
C VAL D 41 8.67 15.88 3.90
N ALA D 42 9.19 14.65 3.84
CA ALA D 42 8.30 13.49 3.84
C ALA D 42 7.55 13.38 5.15
N ILE D 43 8.25 13.61 6.25
CA ILE D 43 7.60 13.56 7.56
C ILE D 43 6.69 14.76 7.74
N ASN D 44 7.13 15.94 7.30
CA ASN D 44 6.33 17.14 7.47
C ASN D 44 5.01 17.04 6.72
N MET D 45 5.07 16.70 5.43
CA MET D 45 3.84 16.53 4.66
C MET D 45 3.10 15.27 5.08
N GLY D 46 3.81 14.25 5.55
CA GLY D 46 3.16 13.02 5.95
C GLY D 46 2.14 13.24 7.06
N LEU D 47 2.46 14.13 7.99
CA LEU D 47 1.51 14.42 9.06
C LEU D 47 0.41 15.36 8.59
N PHE D 48 0.75 16.25 7.65
CA PHE D 48 -0.24 17.19 7.14
C PHE D 48 -1.38 16.46 6.44
N VAL D 49 -1.05 15.61 5.47
CA VAL D 49 -2.07 14.87 4.76
C VAL D 49 -2.79 13.90 5.70
N THR D 50 -2.10 13.47 6.75
CA THR D 50 -2.74 12.62 7.74
C THR D 50 -3.76 13.40 8.57
N GLN D 51 -3.31 14.50 9.18
CA GLN D 51 -4.23 15.32 9.97
C GLN D 51 -5.34 15.88 9.12
N LYS D 52 -5.09 16.05 7.81
CA LYS D 52 -6.16 16.46 6.91
C LYS D 52 -7.12 15.32 6.65
N ALA D 53 -6.63 14.08 6.64
CA ALA D 53 -7.52 12.94 6.47
C ALA D 53 -8.41 12.76 7.69
N LYS D 54 -7.93 13.18 8.87
CA LYS D 54 -8.73 13.05 10.07
C LYS D 54 -9.91 14.00 10.06
N SER D 55 -9.69 15.25 9.65
CA SER D 55 -10.78 16.22 9.63
C SER D 55 -11.86 15.81 8.64
N THR D 56 -11.47 15.14 7.55
CA THR D 56 -12.47 14.66 6.61
C THR D 56 -13.33 13.56 7.21
N ILE D 57 -12.73 12.71 8.05
CA ILE D 57 -13.50 11.69 8.75
C ILE D 57 -14.51 12.35 9.68
N ASN D 58 -14.11 13.45 10.33
CA ASN D 58 -15.02 14.16 11.21
C ASN D 58 -16.15 14.79 10.43
N LYS D 59 -15.83 15.50 9.35
CA LYS D 59 -16.87 16.16 8.57
C LYS D 59 -17.72 15.14 7.82
N GLY D 60 -17.11 14.06 7.34
CA GLY D 60 -17.88 13.04 6.66
C GLY D 60 -18.84 12.31 7.59
N GLU D 61 -18.51 12.28 8.88
CA GLU D 61 -19.39 11.63 9.85
C GLU D 61 -20.46 12.57 10.33
N GLU D 62 -20.17 13.88 10.39
CA GLU D 62 -21.19 14.85 10.75
C GLU D 62 -22.27 14.91 9.68
N THR D 63 -21.89 14.67 8.42
CA THR D 63 -22.87 14.66 7.35
C THR D 63 -23.84 13.50 7.48
N ALA D 64 -23.34 12.33 7.89
CA ALA D 64 -24.16 11.14 7.96
C ALA D 64 -25.03 11.09 9.21
N SER D 65 -24.81 11.98 10.17
CA SER D 65 -25.54 11.94 11.43
C SER D 65 -26.22 13.27 11.73
N THR D 66 -26.63 13.98 10.69
CA THR D 66 -27.31 15.26 10.86
C THR D 66 -28.40 15.39 9.82
N ALA D 67 -29.63 15.61 10.28
CA ALA D 67 -30.77 15.82 9.40
C ALA D 67 -31.91 16.39 10.21
N LEU D 68 -32.81 17.09 9.51
CA LEU D 68 -33.99 17.69 10.11
C LEU D 68 -35.21 16.90 9.68
N THR D 69 -36.05 16.51 10.64
CA THR D 69 -37.29 15.81 10.35
C THR D 69 -38.46 16.73 10.60
N LEU D 70 -39.57 16.42 9.93
CA LEU D 70 -40.78 17.23 10.00
C LEU D 70 -41.69 16.66 11.07
N SER D 71 -41.62 17.24 12.27
CA SER D 71 -42.54 16.90 13.33
C SER D 71 -43.74 17.82 13.29
N GLY D 72 -44.92 17.24 13.46
CA GLY D 72 -46.13 18.03 13.44
C GLY D 72 -46.58 18.40 12.04
N SER D 73 -47.89 18.48 11.84
CA SER D 73 -48.43 18.74 10.52
C SER D 73 -48.11 20.17 10.08
N VAL D 74 -48.24 20.41 8.78
CA VAL D 74 -47.96 21.70 8.18
C VAL D 74 -49.28 22.44 7.97
N LEU D 75 -49.34 23.68 8.45
CA LEU D 75 -50.53 24.50 8.30
C LEU D 75 -50.39 25.43 7.10
N TYR D 76 -51.52 26.00 6.69
CA TYR D 76 -51.54 26.86 5.52
C TYR D 76 -52.69 27.85 5.67
N ALA D 77 -52.40 29.13 5.52
CA ALA D 77 -53.36 30.18 5.79
C ALA D 77 -53.82 30.84 4.50
N VAL D 78 -55.08 31.26 4.50
CA VAL D 78 -55.72 31.86 3.34
C VAL D 78 -57.01 32.52 3.81
N ASN D 79 -57.45 33.57 3.12
CA ASN D 79 -58.72 34.19 3.44
C ASN D 79 -59.86 33.23 3.14
N TYR D 80 -60.46 32.66 4.21
CA TYR D 80 -61.26 31.46 4.08
C TYR D 80 -62.48 31.63 3.19
N PRO D 81 -63.44 32.53 3.48
CA PRO D 81 -64.69 32.51 2.71
C PRO D 81 -64.48 32.78 1.23
N SER D 82 -63.52 33.63 0.88
CA SER D 82 -63.19 33.93 -0.51
C SER D 82 -61.70 33.69 -0.67
N ASN D 83 -61.33 32.47 -1.06
CA ASN D 83 -59.93 32.09 -1.15
C ASN D 83 -59.30 32.80 -2.32
N THR D 84 -58.64 33.93 -2.05
CA THR D 84 -58.02 34.71 -3.12
C THR D 84 -56.59 35.09 -2.79
N ARG D 85 -56.26 35.22 -1.51
CA ARG D 85 -54.94 35.69 -1.09
C ARG D 85 -54.33 34.70 -0.10
N SER D 86 -53.08 34.32 -0.35
CA SER D 86 -52.35 33.48 0.57
C SER D 86 -51.62 34.34 1.60
N TYR D 87 -51.52 33.82 2.82
CA TYR D 87 -50.95 34.59 3.93
C TYR D 87 -49.64 34.01 4.44
N TRP D 88 -49.62 32.76 4.87
CA TRP D 88 -48.40 32.17 5.41
C TRP D 88 -48.55 30.66 5.52
N ILE D 89 -47.41 29.99 5.69
CA ILE D 89 -47.34 28.55 5.86
C ILE D 89 -46.45 28.27 7.06
N TYR D 90 -46.96 27.51 8.02
CA TYR D 90 -46.25 27.24 9.25
C TYR D 90 -46.06 25.75 9.45
N PHE D 91 -44.87 25.35 9.87
CA PHE D 91 -44.59 23.96 10.19
C PHE D 91 -43.37 23.92 11.11
N THR D 92 -43.22 22.79 11.80
CA THR D 92 -42.14 22.62 12.76
C THR D 92 -41.19 21.52 12.29
N VAL D 93 -39.92 21.66 12.64
CA VAL D 93 -38.90 20.69 12.30
C VAL D 93 -38.01 20.47 13.52
N SER D 94 -37.37 19.30 13.56
CA SER D 94 -36.54 18.91 14.68
C SER D 94 -35.42 18.02 14.15
N PRO D 95 -34.32 17.91 14.88
CA PRO D 95 -33.27 16.97 14.46
C PRO D 95 -33.84 15.58 14.23
N SER D 96 -33.41 14.97 13.11
CA SER D 96 -34.08 13.79 12.56
C SER D 96 -34.37 12.76 13.64
N SER D 97 -33.32 12.24 14.27
CA SER D 97 -33.45 11.46 15.48
C SER D 97 -32.45 12.03 16.48
N GLY D 98 -32.54 11.56 17.72
CA GLY D 98 -31.75 12.17 18.77
C GLY D 98 -30.27 11.83 18.70
N VAL D 99 -29.59 12.34 17.67
CA VAL D 99 -28.19 12.01 17.44
C VAL D 99 -27.27 13.22 17.57
N SER D 100 -27.70 14.38 17.10
CA SER D 100 -26.80 15.52 17.03
C SER D 100 -27.62 16.81 16.98
N SER D 101 -26.95 17.91 16.67
CA SER D 101 -27.56 19.23 16.62
C SER D 101 -27.16 19.92 15.33
N VAL D 102 -28.09 20.65 14.74
CA VAL D 102 -27.90 21.29 13.43
C VAL D 102 -27.99 22.80 13.61
N GLU D 103 -27.18 23.52 12.84
CA GLU D 103 -27.21 24.98 12.88
C GLU D 103 -28.24 25.51 11.90
N LEU D 104 -28.80 26.67 12.22
CA LEU D 104 -29.83 27.29 11.40
C LEU D 104 -29.57 28.78 11.27
N SER D 105 -28.31 29.18 11.15
CA SER D 105 -28.00 30.58 10.97
C SER D 105 -28.50 31.06 9.62
N PRO D 106 -29.18 32.20 9.56
CA PRO D 106 -29.80 32.63 8.29
C PRO D 106 -28.79 32.93 7.20
N SER D 107 -27.52 33.11 7.52
CA SER D 107 -26.52 33.48 6.54
C SER D 107 -25.87 32.28 5.86
N THR D 108 -26.11 31.06 6.35
CA THR D 108 -25.47 29.87 5.79
C THR D 108 -26.44 28.85 5.23
N THR D 109 -27.61 28.66 5.83
CA THR D 109 -28.58 27.71 5.34
C THR D 109 -29.49 28.36 4.30
N ALA D 110 -30.34 27.54 3.69
CA ALA D 110 -31.23 28.00 2.63
C ALA D 110 -32.58 27.32 2.76
N ILE D 111 -33.63 28.08 2.45
CA ILE D 111 -34.99 27.56 2.46
C ILE D 111 -35.65 27.93 1.15
N SER D 112 -35.73 26.97 0.22
CA SER D 112 -36.30 27.25 -1.08
C SER D 112 -37.83 27.12 -1.03
N PHE D 113 -38.46 27.39 -2.16
CA PHE D 113 -39.91 27.28 -2.27
C PHE D 113 -40.32 27.27 -3.74
N THR D 114 -41.15 26.32 -4.14
CA THR D 114 -41.54 26.22 -5.55
C THR D 114 -42.91 25.58 -5.68
N ALA D 115 -43.76 26.17 -6.51
CA ALA D 115 -45.05 25.63 -6.86
C ALA D 115 -45.04 25.22 -8.33
N SER D 116 -45.91 24.28 -8.68
CA SER D 116 -45.88 23.69 -10.02
C SER D 116 -46.75 24.46 -11.02
N ALA D 117 -47.96 24.84 -10.61
CA ALA D 117 -48.89 25.44 -11.57
C ALA D 117 -48.41 26.81 -12.02
N GLU D 118 -48.25 27.74 -11.08
CA GLU D 118 -47.84 29.09 -11.42
C GLU D 118 -46.43 29.14 -12.00
N GLY D 119 -45.65 28.07 -11.86
CA GLY D 119 -44.30 28.07 -12.38
C GLY D 119 -43.37 29.04 -11.69
N ILE D 120 -43.70 29.46 -10.47
CA ILE D 120 -42.88 30.38 -9.71
C ILE D 120 -42.04 29.58 -8.72
N SER D 121 -40.73 29.60 -8.92
CA SER D 121 -39.79 28.91 -8.05
C SER D 121 -38.84 29.93 -7.44
N TYR D 122 -38.59 29.79 -6.14
CA TYR D 122 -37.72 30.69 -5.41
C TYR D 122 -36.47 29.92 -4.98
N SER D 123 -35.59 30.63 -4.27
CA SER D 123 -34.36 30.02 -3.78
C SER D 123 -33.85 30.85 -2.62
N ASN D 124 -33.74 30.22 -1.45
CA ASN D 124 -33.24 30.88 -0.24
C ASN D 124 -34.09 32.10 0.11
N ILE D 125 -35.33 31.81 0.51
CA ILE D 125 -36.22 32.86 0.98
C ILE D 125 -36.02 33.05 2.48
N TYR D 126 -34.93 32.50 3.01
CA TYR D 126 -34.62 32.58 4.42
C TYR D 126 -33.84 33.86 4.69
N GLU D 127 -34.42 34.75 5.50
CA GLU D 127 -33.81 36.05 5.76
C GLU D 127 -33.42 36.23 7.22
N TYR D 128 -34.36 36.09 8.15
CA TYR D 128 -34.13 36.39 9.56
C TYR D 128 -34.35 35.16 10.41
N THR D 129 -34.19 35.34 11.72
CA THR D 129 -34.45 34.29 12.69
C THR D 129 -34.55 34.92 14.08
N LEU D 130 -35.35 34.29 14.93
CA LEU D 130 -35.49 34.72 16.31
C LEU D 130 -34.66 33.88 17.27
N LEU D 131 -33.91 32.91 16.75
CA LEU D 131 -33.08 32.07 17.61
C LEU D 131 -31.95 32.87 18.25
N THR D 132 -31.53 33.97 17.61
CA THR D 132 -30.38 34.72 18.08
C THR D 132 -30.75 35.84 19.04
N VAL D 133 -32.02 36.19 19.15
CA VAL D 133 -32.41 37.29 20.04
C VAL D 133 -32.58 36.77 21.45
N SER D 134 -32.05 37.50 22.41
CA SER D 134 -32.18 37.11 23.80
C SER D 134 -33.49 37.65 24.37
N PRO D 135 -34.11 36.91 25.30
CA PRO D 135 -35.41 37.35 25.82
C PRO D 135 -35.37 38.66 26.58
N SER D 136 -34.18 39.12 26.97
CA SER D 136 -34.10 40.35 27.76
C SER D 136 -34.51 41.57 26.95
N GLU D 137 -34.40 41.51 25.63
CA GLU D 137 -34.74 42.65 24.80
C GLU D 137 -36.25 42.78 24.63
N LEU D 138 -36.90 41.71 24.15
CA LEU D 138 -38.32 41.77 23.89
C LEU D 138 -39.13 41.88 25.18
N ALA D 139 -38.49 41.69 26.33
CA ALA D 139 -39.22 41.50 27.58
C ALA D 139 -40.08 42.70 27.99
N ASN D 140 -39.79 43.90 27.49
CA ASN D 140 -40.46 45.09 28.00
C ASN D 140 -41.25 45.82 26.92
N GLN D 141 -40.65 46.14 25.79
CA GLN D 141 -41.20 47.18 24.91
C GLN D 141 -42.08 46.56 23.81
N VAL D 142 -43.26 46.13 24.23
CA VAL D 142 -44.37 45.86 23.31
C VAL D 142 -45.66 45.84 24.12
N TYR D 143 -46.67 46.57 23.65
CA TYR D 143 -47.92 46.64 24.40
C TYR D 143 -49.01 47.21 23.51
N ALA D 144 -50.25 46.88 23.87
CA ALA D 144 -51.42 47.38 23.14
C ALA D 144 -52.57 47.76 24.08
N ASN D 145 -52.36 47.75 25.38
CA ASN D 145 -53.37 48.13 26.35
C ASN D 145 -52.68 48.53 27.64
N GLY D 146 -53.45 48.54 28.74
CA GLY D 146 -52.93 48.98 30.02
C GLY D 146 -51.73 48.21 30.52
N GLN D 147 -51.32 47.15 29.83
CA GLN D 147 -50.20 46.32 30.27
C GLN D 147 -49.29 46.00 29.09
N TYR D 148 -48.01 45.82 29.40
CA TYR D 148 -47.06 45.37 28.40
C TYR D 148 -47.25 43.88 28.14
N LEU D 149 -46.73 43.43 27.00
CA LEU D 149 -46.92 42.07 26.54
C LEU D 149 -45.61 41.29 26.68
N ASP D 150 -45.70 40.09 27.24
CA ASP D 150 -44.56 39.19 27.37
C ASP D 150 -44.73 38.07 26.35
N LEU D 151 -43.89 38.08 25.32
CA LEU D 151 -44.06 37.15 24.22
C LEU D 151 -43.44 35.79 24.54
N VAL D 152 -42.17 35.78 24.86
CA VAL D 152 -41.45 34.52 25.10
C VAL D 152 -41.77 34.00 26.49
N ASN D 153 -41.79 32.69 26.62
CA ASN D 153 -41.91 32.01 27.91
C ASN D 153 -40.63 31.26 28.20
N GLN D 154 -40.16 31.34 29.44
CA GLN D 154 -38.86 30.78 29.78
C GLN D 154 -38.96 29.93 31.05
N GLN D 155 -38.29 28.79 31.02
CA GLN D 155 -38.18 27.90 32.16
C GLN D 155 -36.71 27.59 32.41
N THR D 156 -36.39 27.25 33.64
CA THR D 156 -35.00 27.03 34.02
C THR D 156 -34.87 25.76 34.86
N ASN D 157 -33.83 24.99 34.59
CA ASN D 157 -33.47 23.85 35.40
C ASN D 157 -32.06 23.42 35.01
N ALA D 158 -31.37 22.75 35.94
CA ALA D 158 -29.99 22.31 35.76
C ALA D 158 -29.06 23.46 35.41
N GLY D 159 -29.43 24.69 35.73
CA GLY D 159 -28.61 25.84 35.43
C GLY D 159 -28.79 26.43 34.05
N GLN D 160 -29.63 25.84 33.21
CA GLN D 160 -29.88 26.32 31.86
C GLN D 160 -31.32 26.80 31.74
N THR D 161 -31.55 27.70 30.80
CA THR D 161 -32.86 28.32 30.60
C THR D 161 -33.38 27.95 29.22
N TYR D 162 -34.62 27.45 29.17
CA TYR D 162 -35.27 27.05 27.94
C TYR D 162 -36.37 28.06 27.62
N VAL D 163 -36.24 28.73 26.48
CA VAL D 163 -37.21 29.73 26.07
C VAL D 163 -37.90 29.27 24.79
N TYR D 164 -39.08 29.84 24.54
CA TYR D 164 -39.84 29.55 23.34
C TYR D 164 -40.96 30.57 23.20
N TYR D 165 -41.40 30.78 21.96
CA TYR D 165 -42.55 31.62 21.69
C TYR D 165 -43.76 30.73 21.48
N PRO D 166 -44.81 30.84 22.29
CA PRO D 166 -45.89 29.84 22.18
C PRO D 166 -46.74 30.00 20.95
N ASN D 167 -47.13 31.21 20.61
CA ASN D 167 -48.02 31.46 19.50
C ASN D 167 -47.23 31.93 18.28
N PRO D 168 -47.59 31.49 17.07
CA PRO D 168 -46.93 32.02 15.88
C PRO D 168 -47.08 33.51 15.73
N TYR D 169 -48.20 34.07 16.20
CA TYR D 169 -48.39 35.51 16.17
C TYR D 169 -47.45 36.20 17.16
N TYR D 170 -47.26 35.61 18.34
CA TYR D 170 -46.31 36.16 19.29
C TYR D 170 -44.90 36.19 18.71
N ALA D 171 -44.61 35.27 17.78
CA ALA D 171 -43.32 35.31 17.10
C ALA D 171 -43.22 36.50 16.18
N LEU D 172 -44.32 36.85 15.50
CA LEU D 172 -44.30 37.97 14.58
C LEU D 172 -44.11 39.29 15.31
N LEU D 173 -44.84 39.49 16.41
CA LEU D 173 -44.67 40.70 17.20
C LEU D 173 -43.22 40.88 17.62
N ALA D 174 -42.56 39.79 17.98
CA ALA D 174 -41.15 39.87 18.34
C ALA D 174 -40.29 40.16 17.12
N LEU D 175 -40.72 39.70 15.95
CA LEU D 175 -39.95 39.96 14.73
C LEU D 175 -40.05 41.41 14.31
N ASN D 176 -41.22 42.03 14.52
CA ASN D 176 -41.40 43.42 14.12
C ASN D 176 -40.50 44.34 14.90
N TYR D 177 -40.37 44.10 16.21
CA TYR D 177 -39.56 44.99 17.04
C TYR D 177 -38.08 44.83 16.73
N THR D 178 -37.63 43.60 16.50
CA THR D 178 -36.21 43.37 16.26
C THR D 178 -35.77 44.04 14.96
N LEU D 179 -36.51 43.85 13.88
CA LEU D 179 -36.15 44.49 12.61
C LEU D 179 -36.11 46.00 12.75
N SER D 180 -36.94 46.56 13.65
CA SER D 180 -37.01 48.00 13.77
C SER D 180 -35.87 48.55 14.62
N LYS D 181 -35.54 47.88 15.72
CA LYS D 181 -34.60 48.42 16.69
C LYS D 181 -33.33 47.60 16.85
N ILE D 182 -33.42 46.26 16.82
CA ILE D 182 -32.23 45.44 17.06
C ILE D 182 -31.22 45.63 15.94
N ASP D 183 -31.60 45.32 14.71
CA ASP D 183 -30.75 45.54 13.54
C ASP D 183 -31.32 46.68 12.70
N LYS D 184 -30.58 47.78 12.64
CA LYS D 184 -31.06 49.00 11.98
C LYS D 184 -31.02 48.80 10.47
N VAL D 185 -32.01 48.06 9.97
CA VAL D 185 -32.18 47.88 8.54
C VAL D 185 -33.12 48.98 8.04
N SER D 186 -32.66 49.75 7.05
CA SER D 186 -33.48 50.85 6.56
C SER D 186 -34.66 50.32 5.75
N PRO D 187 -34.50 49.29 4.88
CA PRO D 187 -35.69 48.62 4.36
C PRO D 187 -36.07 47.44 5.24
N SER D 188 -37.32 47.39 5.72
CA SER D 188 -37.78 46.32 6.58
C SER D 188 -39.07 45.76 5.99
N PRO D 189 -39.13 44.47 5.64
CA PRO D 189 -40.37 43.96 5.05
C PRO D 189 -41.53 43.93 6.04
N LEU D 190 -41.33 43.40 7.24
CA LEU D 190 -42.41 43.31 8.19
C LEU D 190 -42.75 44.67 8.77
N TYR D 191 -44.04 44.90 9.02
CA TYR D 191 -44.50 46.12 9.65
C TYR D 191 -45.88 45.84 10.23
N ILE D 192 -46.00 45.94 11.55
CA ILE D 192 -47.24 45.61 12.26
C ILE D 192 -47.73 46.86 12.95
N THR D 193 -48.93 47.30 12.60
CA THR D 193 -49.52 48.51 13.17
C THR D 193 -50.98 48.26 13.51
N THR D 194 -51.41 48.79 14.64
CA THR D 194 -52.79 48.65 15.10
C THR D 194 -53.71 49.73 14.55
N THR D 195 -53.25 50.50 13.56
CA THR D 195 -54.06 51.53 12.96
C THR D 195 -54.82 50.97 11.76
N THR D 196 -56.00 51.54 11.52
CA THR D 196 -56.80 51.11 10.39
C THR D 196 -56.04 51.31 9.09
N PRO D 197 -56.03 50.32 8.19
CA PRO D 197 -55.28 50.48 6.94
C PRO D 197 -55.78 51.60 6.07
N SER D 198 -57.04 52.02 6.21
CA SER D 198 -57.56 53.12 5.40
C SER D 198 -56.75 54.39 5.62
N SER D 199 -56.19 54.57 6.82
CA SER D 199 -55.30 55.68 7.07
C SER D 199 -53.83 55.31 6.92
N ALA D 200 -53.50 54.03 7.07
CA ALA D 200 -52.10 53.61 6.96
C ALA D 200 -51.55 53.89 5.57
N THR D 201 -52.35 53.65 4.54
CA THR D 201 -51.90 53.95 3.18
C THR D 201 -51.75 55.46 2.97
N GLN D 202 -52.55 56.26 3.66
CA GLN D 202 -52.46 57.71 3.51
C GLN D 202 -51.15 58.25 4.03
N ILE D 203 -50.86 57.99 5.32
CA ILE D 203 -49.60 58.45 5.89
C ILE D 203 -48.43 57.74 5.23
N TYR D 204 -48.49 56.42 5.15
CA TYR D 204 -47.43 55.64 4.51
C TYR D 204 -47.90 55.24 3.12
N PRO D 205 -47.44 55.89 2.06
CA PRO D 205 -47.89 55.52 0.71
C PRO D 205 -47.43 54.16 0.27
N PHE D 206 -46.37 53.61 0.87
CA PHE D 206 -45.83 52.34 0.40
C PHE D 206 -46.60 51.14 0.94
N LEU D 207 -47.25 51.27 2.10
CA LEU D 207 -47.99 50.15 2.67
C LEU D 207 -49.21 49.77 1.84
N ALA D 208 -49.63 50.60 0.90
CA ALA D 208 -50.72 50.24 0.02
C ALA D 208 -50.31 49.23 -1.04
N HIS D 209 -49.04 48.81 -1.03
CA HIS D 209 -48.53 47.88 -2.02
C HIS D 209 -48.08 46.56 -1.43
N ASP D 210 -48.00 46.44 -0.11
CA ASP D 210 -47.56 45.23 0.55
C ASP D 210 -48.75 44.35 0.88
N ASN D 211 -48.53 43.03 0.80
CA ASN D 211 -49.56 42.09 1.23
C ASN D 211 -49.85 42.28 2.71
N MET D 212 -51.07 41.94 3.12
CA MET D 212 -51.50 42.20 4.48
C MET D 212 -52.45 41.11 4.95
N PHE D 213 -52.22 40.63 6.17
CA PHE D 213 -53.20 39.78 6.85
C PHE D 213 -53.46 40.35 8.23
N THR D 214 -54.26 39.67 9.04
CA THR D 214 -54.64 40.23 10.34
C THR D 214 -54.76 39.11 11.36
N PHE D 215 -54.64 39.50 12.62
CA PHE D 215 -54.77 38.56 13.73
C PHE D 215 -55.14 39.36 14.97
N THR D 216 -56.12 38.88 15.73
CA THR D 216 -56.63 39.60 16.87
C THR D 216 -56.14 38.99 18.17
N LEU D 217 -56.17 39.79 19.22
CA LEU D 217 -55.81 39.36 20.57
C LEU D 217 -56.78 39.97 21.56
N ASN D 218 -57.12 39.20 22.59
CA ASN D 218 -58.01 39.67 23.65
C ASN D 218 -57.18 40.16 24.83
N ILE D 219 -56.48 41.26 24.61
CA ILE D 219 -55.57 41.82 25.61
C ILE D 219 -56.37 42.63 26.62
N SER D 220 -56.32 42.22 27.88
CA SER D 220 -56.95 42.93 28.98
C SER D 220 -58.44 43.19 28.69
N GLY D 221 -59.11 42.13 28.25
CA GLY D 221 -60.54 42.19 28.00
C GLY D 221 -60.97 43.01 26.80
N THR D 222 -60.07 43.82 26.23
CA THR D 222 -60.39 44.65 25.09
C THR D 222 -59.79 44.03 23.84
N LEU D 223 -60.65 43.64 22.90
CA LEU D 223 -60.19 43.01 21.68
C LEU D 223 -59.38 44.01 20.85
N VAL D 224 -58.19 43.58 20.42
CA VAL D 224 -57.29 44.41 19.62
C VAL D 224 -56.89 43.61 18.38
N THR D 225 -56.93 44.25 17.23
CA THR D 225 -56.55 43.64 15.97
C THR D 225 -55.26 44.26 15.45
N TYR D 226 -54.54 43.51 14.64
CA TYR D 226 -53.28 43.96 14.07
C TYR D 226 -53.33 43.87 12.56
N TYR D 227 -52.37 44.55 11.92
CA TYR D 227 -52.29 44.60 10.46
C TYR D 227 -50.82 44.49 10.08
N ALA D 228 -50.38 43.28 9.75
CA ALA D 228 -48.99 43.03 9.38
C ALA D 228 -48.83 43.15 7.87
N PHE D 229 -47.84 43.92 7.44
CA PHE D 229 -47.56 44.13 6.03
C PHE D 229 -46.20 43.55 5.68
N VAL D 230 -46.12 42.95 4.49
CA VAL D 230 -44.89 42.33 4.01
C VAL D 230 -44.71 42.69 2.54
N ASN D 231 -43.52 43.15 2.17
CA ASN D 231 -43.22 43.53 0.79
C ASN D 231 -42.23 42.58 0.14
N GLN D 232 -42.10 41.38 0.68
CA GLN D 232 -41.21 40.38 0.11
C GLN D 232 -41.55 39.01 0.69
N THR D 233 -41.43 37.99 -0.15
CA THR D 233 -41.71 36.61 0.27
C THR D 233 -40.49 36.06 0.98
N PHE D 234 -40.49 36.16 2.31
CA PHE D 234 -39.38 35.70 3.12
C PHE D 234 -39.86 34.70 4.15
N ALA D 235 -38.92 34.09 4.86
CA ALA D 235 -39.20 33.05 5.84
C ALA D 235 -38.28 33.21 7.03
N PHE D 236 -38.79 32.95 8.22
CA PHE D 236 -38.03 33.06 9.45
C PHE D 236 -38.30 31.86 10.34
N THR D 237 -37.46 31.69 11.35
CA THR D 237 -37.56 30.58 12.28
C THR D 237 -37.48 31.11 13.71
N TYR D 238 -38.21 30.45 14.60
CA TYR D 238 -38.24 30.82 16.01
C TYR D 238 -38.34 29.56 16.84
N PRO D 239 -37.78 29.55 18.05
CA PRO D 239 -37.82 28.34 18.87
C PRO D 239 -39.21 28.08 19.40
N VAL D 240 -39.55 26.79 19.52
CA VAL D 240 -40.85 26.42 20.06
C VAL D 240 -40.77 25.43 21.21
N ALA D 241 -39.70 24.65 21.36
CA ALA D 241 -39.62 23.70 22.47
C ALA D 241 -38.18 23.26 22.66
N GLY D 242 -37.65 23.47 23.86
CA GLY D 242 -36.40 22.86 24.25
C GLY D 242 -35.15 23.45 23.64
N ASP D 243 -35.06 24.77 23.54
CA ASP D 243 -33.90 25.45 22.98
C ASP D 243 -33.16 26.19 24.08
N PRO D 244 -32.25 25.53 24.81
CA PRO D 244 -31.56 26.24 25.89
C PRO D 244 -30.54 27.24 25.41
N LEU D 245 -29.74 26.88 24.41
CA LEU D 245 -28.69 27.78 23.90
C LEU D 245 -29.36 28.84 23.02
N ILE D 246 -29.43 30.05 23.55
CA ILE D 246 -30.06 31.17 22.86
C ILE D 246 -28.99 32.19 22.49
N GLY D 247 -28.99 32.62 21.24
CA GLY D 247 -27.96 33.47 20.72
C GLY D 247 -26.97 32.79 19.81
N SER D 248 -27.31 31.60 19.29
CA SER D 248 -26.40 30.85 18.43
C SER D 248 -27.03 30.35 17.14
N ALA D 249 -28.35 30.37 17.01
CA ALA D 249 -29.03 29.89 15.81
C ALA D 249 -28.66 28.44 15.50
N ILE D 250 -28.68 27.62 16.55
CA ILE D 250 -28.40 26.20 16.44
C ILE D 250 -29.53 25.44 17.14
N ALA D 251 -30.05 24.41 16.47
CA ALA D 251 -31.12 23.61 17.04
C ALA D 251 -30.52 22.42 17.78
N PRO D 252 -30.53 22.40 19.10
CA PRO D 252 -29.93 21.28 19.83
C PRO D 252 -30.74 20.02 19.62
N ALA D 253 -30.15 18.91 20.06
CA ALA D 253 -30.80 17.61 19.93
C ALA D 253 -32.03 17.56 20.81
N GLY D 254 -33.14 17.07 20.26
CA GLY D 254 -34.38 17.01 21.01
C GLY D 254 -35.18 18.30 21.03
N SER D 255 -34.75 19.32 20.32
CA SER D 255 -35.44 20.59 20.26
C SER D 255 -36.32 20.66 19.01
N VAL D 256 -37.34 21.50 19.09
CA VAL D 256 -38.28 21.71 17.99
C VAL D 256 -38.23 23.16 17.58
N ILE D 257 -38.12 23.41 16.27
CA ILE D 257 -38.00 24.75 15.72
C ILE D 257 -39.16 24.96 14.76
N GLY D 258 -39.82 26.11 14.89
CA GLY D 258 -40.99 26.38 14.07
C GLY D 258 -40.72 27.27 12.89
N VAL D 259 -40.69 26.68 11.70
CA VAL D 259 -40.45 27.46 10.49
C VAL D 259 -41.73 28.16 10.08
N MET D 260 -41.60 29.39 9.59
CA MET D 260 -42.75 30.16 9.12
C MET D 260 -42.36 30.93 7.87
N ILE D 261 -43.19 30.82 6.83
CA ILE D 261 -42.98 31.50 5.56
C ILE D 261 -44.07 32.53 5.38
N LEU D 262 -43.67 33.78 5.17
CA LEU D 262 -44.62 34.88 4.96
C LEU D 262 -44.63 35.25 3.49
N PHE D 263 -45.82 35.27 2.91
CA PHE D 263 -45.98 35.51 1.48
C PHE D 263 -46.12 36.99 1.19
N GLY D 264 -45.35 37.48 0.22
CA GLY D 264 -45.41 38.85 -0.18
C GLY D 264 -46.43 39.09 -1.27
N PRO D 265 -46.41 40.29 -1.86
CA PRO D 265 -47.36 40.56 -2.95
C PRO D 265 -47.04 39.82 -4.23
N ASP D 266 -45.78 39.48 -4.45
CA ASP D 266 -45.41 38.78 -5.68
C ASP D 266 -46.02 37.39 -5.75
N LEU D 267 -46.20 36.75 -4.60
CA LEU D 267 -46.66 35.38 -4.53
C LEU D 267 -47.97 35.20 -3.78
N GLY D 268 -48.21 35.98 -2.73
CA GLY D 268 -49.41 35.86 -1.95
C GLY D 268 -50.71 36.14 -2.69
N SER D 269 -50.63 36.55 -3.96
CA SER D 269 -51.80 36.77 -4.78
C SER D 269 -52.27 35.51 -5.47
N HIS D 270 -51.79 34.35 -5.04
CA HIS D 270 -52.22 33.07 -5.57
C HIS D 270 -52.71 32.20 -4.43
N VAL D 271 -53.58 31.25 -4.77
CA VAL D 271 -54.08 30.26 -3.82
C VAL D 271 -53.67 28.90 -4.35
N PHE D 272 -52.76 28.23 -3.65
CA PHE D 272 -52.30 26.91 -4.05
C PHE D 272 -53.46 25.94 -3.89
N GLN D 273 -54.01 25.50 -5.01
CA GLN D 273 -55.14 24.57 -5.01
C GLN D 273 -54.97 23.64 -6.20
N TYR D 274 -55.06 22.34 -5.95
CA TYR D 274 -54.80 21.32 -6.96
C TYR D 274 -53.40 21.48 -7.54
N GLN D 275 -52.43 21.78 -6.69
CA GLN D 275 -51.05 21.96 -7.08
C GLN D 275 -50.16 21.10 -6.19
N THR D 276 -48.85 21.26 -6.37
CA THR D 276 -47.86 20.57 -5.56
C THR D 276 -46.85 21.59 -5.07
N ILE D 277 -46.59 21.58 -3.76
CA ILE D 277 -45.70 22.54 -3.13
C ILE D 277 -44.46 21.80 -2.64
N THR D 278 -43.29 22.41 -2.80
CA THR D 278 -42.04 21.79 -2.41
C THR D 278 -41.17 22.80 -1.68
N ILE D 279 -40.82 22.49 -0.44
CA ILE D 279 -39.96 23.33 0.38
C ILE D 279 -38.76 22.51 0.81
N GLN D 280 -37.57 23.09 0.74
CA GLN D 280 -36.34 22.37 1.04
C GLN D 280 -35.46 23.22 1.94
N ILE D 281 -35.07 22.66 3.09
CA ILE D 281 -34.21 23.33 4.05
C ILE D 281 -32.84 22.66 3.98
N THR D 282 -31.84 23.40 3.53
CA THR D 282 -30.50 22.85 3.30
C THR D 282 -29.50 23.48 4.25
N PRO D 283 -29.12 22.82 5.34
CA PRO D 283 -28.07 23.35 6.20
C PRO D 283 -26.72 23.28 5.51
N ASN D 284 -25.77 24.06 6.03
CA ASN D 284 -24.44 24.09 5.44
C ASN D 284 -23.75 22.75 5.59
N ILE D 285 -23.87 22.13 6.77
CA ILE D 285 -23.37 20.78 7.01
C ILE D 285 -24.55 19.91 7.38
N GLY D 286 -24.64 18.74 6.76
CA GLY D 286 -25.74 17.84 7.02
C GLY D 286 -26.47 17.40 5.77
N SER D 287 -27.72 16.98 5.93
CA SER D 287 -28.55 16.56 4.82
C SER D 287 -29.78 17.45 4.70
N PRO D 288 -30.27 17.69 3.49
CA PRO D 288 -31.42 18.56 3.33
C PRO D 288 -32.72 17.84 3.63
N LEU D 289 -33.73 18.62 3.98
CA LEU D 289 -35.08 18.13 4.25
C LEU D 289 -36.03 18.74 3.23
N THR D 290 -36.68 17.88 2.44
CA THR D 290 -37.63 18.32 1.43
C THR D 290 -39.04 17.99 1.87
N ILE D 291 -39.97 18.90 1.61
CA ILE D 291 -41.36 18.77 2.00
C ILE D 291 -42.21 18.92 0.76
N SER D 292 -42.87 17.85 0.35
CA SER D 292 -43.72 17.84 -0.84
C SER D 292 -45.13 17.47 -0.43
N GLU D 293 -46.09 18.33 -0.78
CA GLU D 293 -47.49 18.11 -0.43
C GLU D 293 -48.36 18.42 -1.63
N TYR D 294 -49.54 17.80 -1.65
CA TYR D 294 -50.56 18.03 -2.68
C TYR D 294 -51.76 18.66 -1.99
N VAL D 295 -51.95 19.96 -2.22
CA VAL D 295 -52.95 20.73 -1.49
C VAL D 295 -54.28 20.69 -2.23
N TYR D 296 -55.36 20.53 -1.48
CA TYR D 296 -56.72 20.56 -1.99
C TYR D 296 -57.38 21.90 -1.68
N GLN D 297 -58.68 21.98 -1.95
CA GLN D 297 -59.47 23.15 -1.62
C GLN D 297 -59.29 23.52 -0.14
N PRO D 298 -58.85 24.73 0.17
CA PRO D 298 -58.61 25.08 1.57
C PRO D 298 -59.91 25.20 2.35
N GLU D 299 -59.77 25.29 3.67
CA GLU D 299 -60.92 25.46 4.55
C GLU D 299 -60.42 25.93 5.91
N GLY D 300 -61.28 26.68 6.61
CA GLY D 300 -61.01 27.12 7.96
C GLY D 300 -59.98 28.22 8.11
N SER D 301 -59.40 28.69 7.01
CA SER D 301 -58.41 29.77 7.01
C SER D 301 -57.09 29.30 7.60
N VAL D 302 -57.07 28.10 8.14
CA VAL D 302 -55.82 27.42 8.48
C VAL D 302 -55.95 25.96 8.04
N SER D 303 -55.49 25.67 6.83
CA SER D 303 -55.63 24.34 6.26
C SER D 303 -54.47 23.47 6.69
N VAL D 304 -54.77 22.28 7.19
CA VAL D 304 -53.74 21.37 7.70
C VAL D 304 -53.30 20.53 6.52
N ILE D 305 -52.40 21.10 5.71
CA ILE D 305 -51.82 20.43 4.55
C ILE D 305 -50.80 21.35 3.88
N LEU E 19 81.71 14.08 -6.52
CA LEU E 19 81.03 12.90 -7.05
C LEU E 19 79.52 13.09 -7.00
N ALA E 20 78.81 12.15 -7.63
CA ALA E 20 77.36 12.17 -7.64
C ALA E 20 76.75 11.41 -6.47
N GLY E 21 77.57 10.70 -5.69
CA GLY E 21 77.03 10.03 -4.51
C GLY E 21 76.64 11.01 -3.43
N LEU E 22 77.43 12.07 -3.25
CA LEU E 22 77.08 13.10 -2.28
C LEU E 22 75.91 13.93 -2.77
N ASP E 23 75.75 14.04 -4.09
CA ASP E 23 74.61 14.78 -4.64
C ASP E 23 73.32 14.00 -4.46
N THR E 24 73.35 12.71 -4.75
CA THR E 24 72.14 11.89 -4.63
C THR E 24 71.70 11.78 -3.18
N ALA E 25 72.65 11.65 -2.25
CA ALA E 25 72.29 11.49 -0.86
C ALA E 25 71.66 12.76 -0.30
N ILE E 26 72.22 13.91 -0.63
CA ILE E 26 71.63 15.18 -0.20
C ILE E 26 70.25 15.35 -0.80
N ILE E 27 70.10 15.01 -2.08
CA ILE E 27 68.80 15.11 -2.74
C ILE E 27 67.80 14.17 -2.10
N LEU E 28 68.24 12.97 -1.73
CA LEU E 28 67.33 11.98 -1.18
C LEU E 28 66.75 12.43 0.15
N ILE E 29 67.56 13.09 0.97
CA ILE E 29 67.09 13.54 2.28
C ILE E 29 65.97 14.55 2.13
N ALA E 30 66.09 15.44 1.13
CA ALA E 30 65.07 16.46 0.92
C ALA E 30 63.78 15.83 0.39
N PHE E 31 63.89 14.97 -0.61
CA PHE E 31 62.71 14.38 -1.23
C PHE E 31 61.92 13.54 -0.24
N ILE E 32 62.57 13.12 0.85
CA ILE E 32 61.84 12.39 1.89
C ILE E 32 61.20 13.35 2.87
N ILE E 33 61.85 14.48 3.13
CA ILE E 33 61.28 15.45 4.06
C ILE E 33 59.98 16.01 3.51
N THR E 34 59.96 16.38 2.22
CA THR E 34 58.74 16.91 1.63
C THR E 34 57.66 15.84 1.55
N ALA E 35 58.04 14.60 1.24
CA ALA E 35 57.08 13.52 1.22
C ALA E 35 56.57 13.20 2.61
N SER E 36 57.36 13.50 3.65
CA SER E 36 56.90 13.27 5.01
C SER E 36 55.85 14.28 5.42
N VAL E 37 56.00 15.53 4.98
CA VAL E 37 55.02 16.55 5.32
C VAL E 37 53.72 16.33 4.56
N LEU E 38 53.80 15.83 3.33
CA LEU E 38 52.60 15.46 2.61
C LEU E 38 51.81 14.42 3.38
N ALA E 39 52.50 13.41 3.92
CA ALA E 39 51.84 12.45 4.77
C ALA E 39 51.34 13.10 6.06
N TYR E 40 52.05 14.12 6.54
CA TYR E 40 51.65 14.82 7.74
C TYR E 40 50.28 15.47 7.57
N VAL E 41 50.10 16.18 6.46
CA VAL E 41 48.86 16.91 6.24
C VAL E 41 47.77 15.96 5.75
N ALA E 42 48.12 14.98 4.92
CA ALA E 42 47.12 14.07 4.38
C ALA E 42 46.48 13.25 5.49
N ILE E 43 47.23 12.94 6.54
CA ILE E 43 46.68 12.16 7.65
C ILE E 43 45.80 13.05 8.52
N ASN E 44 46.24 14.29 8.76
CA ASN E 44 45.49 15.19 9.62
C ASN E 44 44.13 15.50 9.02
N MET E 45 44.10 15.95 7.77
CA MET E 45 42.83 16.31 7.15
C MET E 45 41.97 15.08 6.88
N GLY E 46 42.61 13.93 6.67
CA GLY E 46 41.84 12.72 6.45
C GLY E 46 40.97 12.35 7.63
N LEU E 47 41.50 12.54 8.85
CA LEU E 47 40.72 12.23 10.04
C LEU E 47 39.74 13.36 10.35
N PHE E 48 40.12 14.60 10.05
CA PHE E 48 39.24 15.73 10.35
C PHE E 48 37.98 15.67 9.51
N VAL E 49 38.12 15.38 8.22
CA VAL E 49 36.93 15.27 7.37
C VAL E 49 36.19 13.97 7.68
N THR E 50 36.88 12.99 8.26
CA THR E 50 36.21 11.77 8.68
C THR E 50 35.33 12.02 9.90
N GLN E 51 35.90 12.65 10.93
CA GLN E 51 35.12 13.00 12.11
C GLN E 51 34.02 13.98 11.74
N LYS E 52 34.25 14.81 10.73
CA LYS E 52 33.20 15.70 10.25
C LYS E 52 32.08 14.91 9.59
N ALA E 53 32.42 13.89 8.81
CA ALA E 53 31.40 13.06 8.18
C ALA E 53 30.64 12.26 9.23
N LYS E 54 31.28 11.95 10.35
CA LYS E 54 30.59 11.23 11.42
C LYS E 54 29.52 12.10 12.06
N SER E 55 29.78 13.40 12.17
CA SER E 55 28.80 14.28 12.82
C SER E 55 27.60 14.52 11.93
N THR E 56 27.79 14.53 10.60
CA THR E 56 26.65 14.73 9.71
C THR E 56 25.77 13.50 9.63
N ILE E 57 26.34 12.31 9.79
CA ILE E 57 25.53 11.10 9.82
C ILE E 57 24.64 11.10 11.05
N ASN E 58 25.16 11.62 12.16
CA ASN E 58 24.36 11.67 13.39
C ASN E 58 23.22 12.67 13.25
N LYS E 59 23.49 13.83 12.66
CA LYS E 59 22.42 14.82 12.49
C LYS E 59 21.40 14.35 11.46
N GLY E 60 21.85 13.70 10.39
CA GLY E 60 20.92 13.19 9.40
C GLY E 60 19.97 12.17 9.98
N GLU E 61 20.43 11.40 10.97
CA GLU E 61 19.55 10.46 11.65
C GLU E 61 18.69 11.16 12.68
N GLU E 62 19.19 12.27 13.25
CA GLU E 62 18.38 13.04 14.18
C GLU E 62 17.24 13.75 13.46
N THR E 63 17.46 14.12 12.20
CA THR E 63 16.41 14.77 11.44
C THR E 63 15.33 13.79 11.03
N ALA E 64 15.74 12.62 10.52
CA ALA E 64 14.78 11.63 10.06
C ALA E 64 14.03 10.95 11.19
N SER E 65 14.36 11.25 12.45
CA SER E 65 13.71 10.59 13.58
C SER E 65 12.76 11.54 14.32
N THR E 66 13.27 12.69 14.75
CA THR E 66 12.47 13.58 15.58
C THR E 66 11.36 14.24 14.77
N ALA E 67 10.17 14.25 15.34
CA ALA E 67 8.99 14.86 14.71
C ALA E 67 7.90 14.99 15.76
N LEU E 68 7.10 16.04 15.62
CA LEU E 68 6.01 16.32 16.53
C LEU E 68 4.68 15.89 15.91
N THR E 69 3.83 15.26 16.72
CA THR E 69 2.49 14.89 16.28
C THR E 69 1.47 15.59 17.16
N LEU E 70 0.28 15.80 16.60
CA LEU E 70 -0.79 16.51 17.29
C LEU E 70 -1.77 15.50 17.87
N SER E 71 -1.84 15.46 19.19
CA SER E 71 -2.80 14.61 19.90
C SER E 71 -3.76 15.50 20.65
N GLY E 72 -5.06 15.24 20.51
CA GLY E 72 -6.06 16.09 21.12
C GLY E 72 -6.45 17.24 20.21
N SER E 73 -7.76 17.39 19.98
CA SER E 73 -8.24 18.39 19.05
C SER E 73 -7.89 19.80 19.53
N VAL E 74 -7.84 20.73 18.59
CA VAL E 74 -7.49 22.11 18.89
C VAL E 74 -8.78 22.85 19.28
N LEU E 75 -8.67 23.73 20.25
CA LEU E 75 -9.82 24.48 20.74
C LEU E 75 -9.71 25.93 20.31
N TYR E 76 -10.87 26.60 20.27
CA TYR E 76 -10.95 27.98 19.81
C TYR E 76 -11.87 28.74 20.77
N ALA E 77 -11.39 29.88 21.24
CA ALA E 77 -12.12 30.66 22.24
C ALA E 77 -12.61 31.97 21.63
N VAL E 78 -13.88 32.29 21.89
CA VAL E 78 -14.51 33.47 21.34
C VAL E 78 -15.77 33.73 22.15
N ASN E 79 -16.12 35.00 22.32
CA ASN E 79 -17.33 35.33 23.06
C ASN E 79 -18.55 34.71 22.40
N TYR E 80 -19.18 33.77 23.11
CA TYR E 80 -20.17 32.90 22.48
C TYR E 80 -21.45 33.62 22.07
N PRO E 81 -22.09 34.43 22.90
CA PRO E 81 -23.38 35.02 22.49
C PRO E 81 -23.30 35.82 21.21
N SER E 82 -22.26 36.64 21.04
CA SER E 82 -22.07 37.45 19.84
C SER E 82 -20.60 37.36 19.45
N ASN E 83 -20.28 36.42 18.57
CA ASN E 83 -18.89 36.19 18.19
C ASN E 83 -18.33 37.39 17.46
N THR E 84 -17.52 38.19 18.15
CA THR E 84 -16.95 39.38 17.53
C THR E 84 -15.44 39.46 17.75
N ARG E 85 -14.96 38.92 18.86
CA ARG E 85 -13.55 38.99 19.22
C ARG E 85 -13.04 37.61 19.61
N SER E 86 -11.90 37.23 19.06
CA SER E 86 -11.25 35.98 19.40
C SER E 86 -10.37 36.15 20.63
N TYR E 87 -10.17 35.05 21.35
CA TYR E 87 -9.42 35.09 22.60
C TYR E 87 -8.13 34.30 22.55
N TRP E 88 -8.18 33.02 22.19
CA TRP E 88 -6.97 32.20 22.13
C TRP E 88 -7.27 30.90 21.39
N ILE E 89 -6.25 30.05 21.30
CA ILE E 89 -6.34 28.73 20.68
C ILE E 89 -5.40 27.80 21.43
N TYR E 90 -5.90 26.63 21.83
CA TYR E 90 -5.16 25.71 22.67
C TYR E 90 -5.15 24.32 22.04
N PHE E 91 -3.98 23.68 22.03
CA PHE E 91 -3.86 22.33 21.51
C PHE E 91 -2.63 21.68 22.11
N THR E 92 -2.70 20.37 22.30
CA THR E 92 -1.59 19.61 22.87
C THR E 92 -0.78 18.94 21.77
N VAL E 93 0.54 18.93 21.94
CA VAL E 93 1.45 18.36 20.97
C VAL E 93 2.39 17.41 21.69
N SER E 94 2.87 16.40 20.98
CA SER E 94 3.70 15.36 21.58
C SER E 94 4.61 14.79 20.50
N PRO E 95 5.73 14.20 20.88
CA PRO E 95 6.60 13.55 19.88
C PRO E 95 5.87 12.44 19.15
N SER E 96 6.31 12.19 17.91
CA SER E 96 5.57 11.30 17.01
C SER E 96 5.46 9.90 17.58
N SER E 97 6.59 9.21 17.74
CA SER E 97 6.59 7.88 18.31
C SER E 97 7.75 7.74 19.29
N GLY E 98 8.01 6.52 19.75
CA GLY E 98 9.10 6.30 20.68
C GLY E 98 10.45 6.38 20.01
N VAL E 99 10.84 7.57 19.55
CA VAL E 99 12.07 7.73 18.80
C VAL E 99 13.09 8.55 19.57
N SER E 100 12.77 9.81 19.86
CA SER E 100 13.71 10.70 20.53
C SER E 100 12.95 11.87 21.13
N SER E 101 13.69 12.73 21.83
CA SER E 101 13.15 13.94 22.39
C SER E 101 13.21 15.08 21.38
N VAL E 102 12.48 16.15 21.67
CA VAL E 102 12.43 17.33 20.82
C VAL E 102 12.69 18.57 21.66
N GLU E 103 13.50 19.47 21.13
CA GLU E 103 13.78 20.73 21.81
C GLU E 103 12.62 21.70 21.60
N LEU E 104 12.32 22.50 22.63
CA LEU E 104 11.23 23.44 22.52
C LEU E 104 11.56 24.79 23.15
N SER E 105 12.83 25.11 23.33
CA SER E 105 13.20 26.40 23.90
C SER E 105 12.73 27.52 22.97
N PRO E 106 12.14 28.59 23.52
CA PRO E 106 11.58 29.63 22.66
C PRO E 106 12.63 30.42 21.92
N SER E 107 13.88 30.39 22.35
CA SER E 107 14.91 31.17 21.69
C SER E 107 15.40 30.54 20.41
N THR E 108 15.00 29.30 20.12
CA THR E 108 15.50 28.60 18.95
C THR E 108 14.44 28.14 17.97
N THR E 109 13.22 27.88 18.43
CA THR E 109 12.16 27.38 17.56
C THR E 109 11.16 28.49 17.26
N ALA E 110 10.27 28.21 16.31
CA ALA E 110 9.34 29.22 15.82
C ALA E 110 7.97 28.63 15.61
N ILE E 111 6.94 29.41 15.93
CA ILE E 111 5.55 29.04 15.70
C ILE E 111 4.93 30.14 14.85
N SER E 112 4.50 29.78 13.65
CA SER E 112 4.02 30.76 12.67
C SER E 112 2.52 30.61 12.51
N PHE E 113 1.79 31.65 12.89
CA PHE E 113 0.35 31.70 12.70
C PHE E 113 0.02 32.53 11.47
N THR E 114 -0.95 32.06 10.69
CA THR E 114 -1.34 32.78 9.48
C THR E 114 -2.80 32.48 9.14
N ALA E 115 -3.48 33.49 8.62
CA ALA E 115 -4.86 33.38 8.15
C ALA E 115 -4.96 34.06 6.80
N SER E 116 -5.66 33.41 5.87
CA SER E 116 -5.65 33.89 4.49
C SER E 116 -6.62 35.03 4.27
N ALA E 117 -7.86 34.88 4.73
CA ALA E 117 -8.90 35.86 4.41
C ALA E 117 -8.54 37.24 4.95
N GLU E 118 -8.26 37.34 6.25
CA GLU E 118 -7.94 38.62 6.84
C GLU E 118 -6.65 39.22 6.29
N GLY E 119 -5.90 38.46 5.49
CA GLY E 119 -4.66 38.96 4.93
C GLY E 119 -3.55 39.20 5.91
N ILE E 120 -3.74 38.84 7.18
CA ILE E 120 -2.75 39.06 8.22
C ILE E 120 -1.94 37.78 8.41
N SER E 121 -0.63 37.94 8.54
CA SER E 121 0.28 36.81 8.72
C SER E 121 1.26 37.13 9.82
N TYR E 122 1.77 36.08 10.46
CA TYR E 122 2.75 36.21 11.52
C TYR E 122 3.84 35.16 11.31
N SER E 123 4.87 35.23 12.15
CA SER E 123 5.96 34.27 12.09
C SER E 123 6.73 34.35 13.39
N ASN E 124 6.91 33.21 14.05
CA ASN E 124 7.61 33.13 15.33
C ASN E 124 6.96 34.03 16.37
N ILE E 125 5.75 33.63 16.77
CA ILE E 125 5.05 34.30 17.86
C ILE E 125 5.32 33.56 19.17
N TYR E 126 6.35 32.70 19.17
CA TYR E 126 6.72 31.94 20.35
C TYR E 126 7.61 32.79 21.24
N GLU E 127 7.11 33.14 22.42
CA GLU E 127 7.79 34.09 23.29
C GLU E 127 8.31 33.47 24.58
N TYR E 128 7.49 32.73 25.32
CA TYR E 128 7.88 32.23 26.63
C TYR E 128 7.61 30.73 26.69
N THR E 129 7.97 30.14 27.84
CA THR E 129 7.72 28.73 28.07
C THR E 129 7.68 28.47 29.58
N LEU E 130 6.96 27.44 29.95
CA LEU E 130 6.90 26.99 31.34
C LEU E 130 7.63 25.67 31.55
N LEU E 131 8.21 25.09 30.50
CA LEU E 131 8.94 23.84 30.65
C LEU E 131 10.18 24.01 31.51
N THR E 132 10.67 25.24 31.67
CA THR E 132 11.89 25.49 32.44
C THR E 132 11.63 25.89 33.88
N VAL E 133 10.45 26.44 34.16
CA VAL E 133 10.17 26.92 35.51
C VAL E 133 9.97 25.73 36.44
N SER E 134 10.78 25.66 37.48
CA SER E 134 10.64 24.60 38.47
C SER E 134 9.38 24.84 39.31
N PRO E 135 8.76 23.77 39.81
CA PRO E 135 7.58 23.95 40.67
C PRO E 135 7.89 24.56 42.01
N SER E 136 9.16 24.81 42.34
CA SER E 136 9.50 25.33 43.66
C SER E 136 9.01 26.76 43.84
N GLU E 137 9.25 27.62 42.85
CA GLU E 137 8.82 29.01 42.96
C GLU E 137 7.31 29.12 42.95
N LEU E 138 6.64 28.32 42.11
CA LEU E 138 5.20 28.39 41.96
C LEU E 138 4.44 27.80 43.15
N ALA E 139 5.13 27.47 44.24
CA ALA E 139 4.50 26.70 45.30
C ALA E 139 3.49 27.54 46.09
N ASN E 140 3.86 28.75 46.49
CA ASN E 140 3.07 29.51 47.44
C ASN E 140 2.46 30.78 46.85
N GLN E 141 3.27 31.65 46.25
CA GLN E 141 2.91 33.05 46.08
C GLN E 141 1.87 33.24 44.98
N VAL E 142 0.68 32.68 45.23
CA VAL E 142 -0.53 33.02 44.49
C VAL E 142 -1.73 32.55 45.28
N TYR E 143 -2.72 33.41 45.45
CA TYR E 143 -3.88 33.06 46.27
C TYR E 143 -5.04 34.00 45.97
N ALA E 144 -6.25 33.46 45.98
CA ALA E 144 -7.46 34.24 45.80
C ALA E 144 -8.37 34.24 47.01
N ASN E 145 -8.12 33.35 47.97
CA ASN E 145 -8.93 33.26 49.19
C ASN E 145 -8.05 32.65 50.27
N GLY E 146 -8.68 32.17 51.34
CA GLY E 146 -7.98 31.62 52.48
C GLY E 146 -6.86 30.65 52.17
N GLN E 147 -6.86 30.07 50.98
CA GLN E 147 -5.85 29.10 50.58
C GLN E 147 -5.02 29.63 49.43
N TYR E 148 -3.72 29.35 49.47
CA TYR E 148 -2.81 29.61 48.35
C TYR E 148 -2.94 28.45 47.38
N LEU E 149 -3.58 28.68 46.24
CA LEU E 149 -3.85 27.59 45.31
C LEU E 149 -2.56 27.07 44.71
N ASP E 150 -2.53 25.76 44.46
CA ASP E 150 -1.35 25.08 43.93
C ASP E 150 -1.51 24.90 42.43
N LEU E 151 -0.68 25.58 41.65
CA LEU E 151 -0.85 25.61 40.21
C LEU E 151 -0.34 24.34 39.53
N VAL E 152 0.59 23.63 40.15
CA VAL E 152 1.18 22.46 39.54
C VAL E 152 0.88 21.24 40.40
N ASN E 153 0.81 20.08 39.74
CA ASN E 153 0.56 18.81 40.41
C ASN E 153 1.69 17.86 40.05
N GLN E 154 2.52 17.54 41.03
CA GLN E 154 3.73 16.75 40.81
C GLN E 154 3.61 15.37 41.44
N GLN E 155 4.32 14.41 40.86
CA GLN E 155 4.34 13.04 41.35
C GLN E 155 5.63 12.40 40.88
N THR E 156 6.07 11.39 41.62
CA THR E 156 7.40 10.81 41.41
C THR E 156 7.33 9.30 41.32
N ASN E 157 8.25 8.74 40.53
CA ASN E 157 8.50 7.31 40.50
C ASN E 157 9.84 7.08 39.82
N ALA E 158 10.44 5.93 40.14
CA ALA E 158 11.75 5.54 39.60
C ALA E 158 12.82 6.59 39.87
N GLY E 159 12.68 7.33 40.96
CA GLY E 159 13.68 8.31 41.33
C GLY E 159 13.66 9.59 40.52
N GLN E 160 12.63 9.79 39.70
CA GLN E 160 12.47 11.00 38.92
C GLN E 160 11.32 11.83 39.48
N THR E 161 10.98 12.92 38.79
CA THR E 161 9.89 13.77 39.23
C THR E 161 9.17 14.32 38.00
N TYR E 162 7.85 14.14 37.97
CA TYR E 162 7.02 14.57 36.86
C TYR E 162 6.07 15.65 37.34
N VAL E 163 6.04 16.78 36.63
CA VAL E 163 5.14 17.88 36.95
C VAL E 163 4.31 18.20 35.72
N TYR E 164 3.16 18.81 35.94
CA TYR E 164 2.26 19.19 34.86
C TYR E 164 1.19 20.12 35.41
N TYR E 165 0.74 21.03 34.55
CA TYR E 165 -0.35 21.94 34.89
C TYR E 165 -1.64 21.38 34.32
N PRO E 166 -2.60 20.96 35.16
CA PRO E 166 -3.80 20.32 34.61
C PRO E 166 -4.72 21.27 33.88
N ASN E 167 -4.98 22.42 34.45
CA ASN E 167 -5.91 23.37 33.85
C ASN E 167 -5.15 24.36 32.98
N PRO E 168 -5.56 24.55 31.73
CA PRO E 168 -4.95 25.62 30.93
C PRO E 168 -5.02 26.97 31.59
N TYR E 169 -6.03 27.21 32.43
CA TYR E 169 -6.11 28.46 33.17
C TYR E 169 -5.07 28.51 34.28
N TYR E 170 -4.81 27.37 34.92
CA TYR E 170 -3.75 27.33 35.92
C TYR E 170 -2.40 27.66 35.32
N ALA E 171 -2.16 27.23 34.08
CA ALA E 171 -0.92 27.60 33.40
C ALA E 171 -0.85 29.10 33.18
N LEU E 172 -1.98 29.73 32.87
CA LEU E 172 -1.98 31.17 32.65
C LEU E 172 -1.57 31.92 33.90
N LEU E 173 -2.16 31.58 35.04
CA LEU E 173 -1.82 32.25 36.30
C LEU E 173 -0.35 32.03 36.64
N ALA E 174 0.20 30.88 36.27
CA ALA E 174 1.61 30.65 36.50
C ALA E 174 2.46 31.52 35.60
N LEU E 175 1.99 31.79 34.38
CA LEU E 175 2.75 32.63 33.47
C LEU E 175 2.76 34.09 33.93
N ASN E 176 1.64 34.57 34.45
CA ASN E 176 1.58 35.93 34.97
C ASN E 176 2.59 36.11 36.10
N TYR E 177 2.82 35.07 36.89
CA TYR E 177 3.81 35.17 37.95
C TYR E 177 5.21 35.05 37.40
N THR E 178 5.41 34.20 36.38
CA THR E 178 6.74 34.02 35.82
C THR E 178 7.26 35.33 35.25
N LEU E 179 6.48 35.97 34.39
CA LEU E 179 6.92 37.22 33.78
C LEU E 179 7.11 38.33 34.80
N SER E 180 6.42 38.23 35.94
CA SER E 180 6.49 39.30 36.92
C SER E 180 7.75 39.20 37.79
N LYS E 181 8.08 38.00 38.24
CA LYS E 181 9.13 37.83 39.22
C LYS E 181 10.28 36.96 38.75
N ILE E 182 10.01 35.89 38.00
CA ILE E 182 11.07 34.96 37.62
C ILE E 182 12.08 35.66 36.71
N ASP E 183 11.63 36.12 35.55
CA ASP E 183 12.47 36.88 34.63
C ASP E 183 11.94 38.30 34.56
N LYS E 184 12.72 39.25 35.06
CA LYS E 184 12.30 40.65 35.16
C LYS E 184 12.28 41.27 33.77
N VAL E 185 11.10 41.30 33.17
CA VAL E 185 10.89 42.03 31.92
C VAL E 185 10.10 43.29 32.22
N SER E 186 10.59 44.43 31.73
CA SER E 186 9.93 45.68 32.02
C SER E 186 8.61 45.80 31.26
N PRO E 187 8.51 45.39 29.98
CA PRO E 187 7.18 45.21 29.40
C PRO E 187 6.70 43.78 29.57
N SER E 188 5.50 43.59 30.13
CA SER E 188 4.93 42.26 30.25
C SER E 188 3.80 42.12 29.23
N PRO E 189 3.93 41.26 28.23
CA PRO E 189 2.87 41.15 27.22
C PRO E 189 1.56 40.60 27.77
N LEU E 190 1.56 40.03 28.96
CA LEU E 190 0.37 39.46 29.57
C LEU E 190 0.15 40.06 30.95
N TYR E 191 -1.09 40.43 31.24
CA TYR E 191 -1.45 40.92 32.55
C TYR E 191 -2.76 40.28 32.98
N ILE E 192 -2.79 39.75 34.19
CA ILE E 192 -3.96 39.08 34.74
C ILE E 192 -4.26 39.69 36.09
N THR E 193 -5.44 40.30 36.22
CA THR E 193 -5.84 40.95 37.46
C THR E 193 -7.21 40.47 37.87
N THR E 194 -7.54 40.68 39.15
CA THR E 194 -8.82 40.27 39.71
C THR E 194 -9.72 41.46 40.02
N THR E 195 -9.32 42.67 39.68
CA THR E 195 -10.17 43.83 39.84
C THR E 195 -10.99 44.07 38.59
N THR E 196 -12.08 44.81 38.75
CA THR E 196 -12.95 45.11 37.62
C THR E 196 -12.17 45.90 36.57
N PRO E 197 -12.43 45.69 35.28
CA PRO E 197 -11.70 46.43 34.26
C PRO E 197 -11.98 47.93 34.29
N SER E 198 -13.15 48.34 34.78
CA SER E 198 -13.45 49.76 34.87
C SER E 198 -12.53 50.46 35.85
N SER E 199 -12.08 49.76 36.89
CA SER E 199 -11.13 50.34 37.83
C SER E 199 -9.69 50.15 37.37
N ALA E 200 -9.43 49.10 36.60
CA ALA E 200 -8.08 48.85 36.12
C ALA E 200 -7.62 49.95 35.18
N THR E 201 -8.45 50.29 34.19
CA THR E 201 -8.08 51.33 33.24
C THR E 201 -7.93 52.70 33.87
N GLN E 202 -8.43 52.89 35.09
CA GLN E 202 -8.30 54.17 35.77
C GLN E 202 -6.96 54.29 36.49
N ILE E 203 -6.49 53.21 37.11
CA ILE E 203 -5.18 53.23 37.73
C ILE E 203 -4.08 52.80 36.76
N TYR E 204 -4.40 51.93 35.81
CA TYR E 204 -3.48 51.53 34.76
C TYR E 204 -4.11 51.87 33.41
N PRO E 205 -3.79 53.02 32.84
CA PRO E 205 -4.46 53.42 31.58
C PRO E 205 -3.98 52.64 30.37
N PHE E 206 -2.79 52.03 30.41
CA PHE E 206 -2.29 51.33 29.23
C PHE E 206 -3.15 50.13 28.86
N LEU E 207 -3.90 49.57 29.83
CA LEU E 207 -4.76 48.43 29.55
C LEU E 207 -5.97 48.81 28.71
N ALA E 208 -6.21 50.10 28.49
CA ALA E 208 -7.33 50.50 27.65
C ALA E 208 -7.18 50.06 26.21
N HIS E 209 -5.96 49.74 25.78
CA HIS E 209 -5.71 49.30 24.42
C HIS E 209 -5.54 47.80 24.28
N ASP E 210 -5.57 47.06 25.38
CA ASP E 210 -5.27 45.63 25.35
C ASP E 210 -6.52 44.85 24.95
N ASN E 211 -6.42 43.52 25.02
CA ASN E 211 -7.51 42.61 24.68
C ASN E 211 -7.81 41.75 25.90
N MET E 212 -8.93 42.00 26.55
CA MET E 212 -9.27 41.37 27.82
C MET E 212 -10.20 40.19 27.59
N PHE E 213 -9.81 39.03 28.11
CA PHE E 213 -10.70 37.89 28.21
C PHE E 213 -10.73 37.42 29.66
N THR E 214 -11.89 36.94 30.08
CA THR E 214 -12.14 36.62 31.48
C THR E 214 -12.35 35.13 31.67
N PHE E 215 -11.80 34.60 32.75
CA PHE E 215 -12.01 33.22 33.14
C PHE E 215 -12.17 33.17 34.66
N THR E 216 -13.03 32.26 35.11
CA THR E 216 -13.37 32.16 36.52
C THR E 216 -13.00 30.80 37.08
N LEU E 217 -12.75 30.77 38.39
CA LEU E 217 -12.50 29.55 39.14
C LEU E 217 -13.42 29.54 40.35
N ASN E 218 -13.33 28.46 41.13
CA ASN E 218 -14.17 28.29 42.33
C ASN E 218 -13.24 27.90 43.47
N ILE E 219 -12.76 28.89 44.21
CA ILE E 219 -11.84 28.69 45.32
C ILE E 219 -12.57 29.03 46.61
N SER E 220 -12.42 28.16 47.62
CA SER E 220 -13.01 28.37 48.94
C SER E 220 -14.53 28.56 48.86
N GLY E 221 -15.18 27.74 48.03
CA GLY E 221 -16.62 27.75 47.92
C GLY E 221 -17.23 28.96 47.26
N THR E 222 -16.46 30.03 47.06
CA THR E 222 -16.96 31.25 46.43
C THR E 222 -16.35 31.42 45.05
N LEU E 223 -17.15 31.93 44.13
CA LEU E 223 -16.69 32.16 42.77
C LEU E 223 -15.67 33.29 42.74
N VAL E 224 -14.60 33.10 41.99
CA VAL E 224 -13.56 34.11 41.81
C VAL E 224 -13.37 34.36 40.33
N THR E 225 -13.38 35.62 39.94
CA THR E 225 -13.24 36.02 38.54
C THR E 225 -11.87 36.60 38.30
N TYR E 226 -11.35 36.40 37.09
CA TYR E 226 -10.03 36.87 36.71
C TYR E 226 -10.11 37.58 35.37
N TYR E 227 -9.30 38.63 35.21
CA TYR E 227 -9.29 39.45 34.01
C TYR E 227 -7.89 39.46 33.43
N ALA E 228 -7.74 38.89 32.24
CA ALA E 228 -6.44 38.72 31.60
C ALA E 228 -6.33 39.68 30.43
N PHE E 229 -5.30 40.51 30.46
CA PHE E 229 -5.03 41.47 29.39
C PHE E 229 -3.80 41.04 28.62
N VAL E 230 -3.86 41.16 27.30
CA VAL E 230 -2.75 40.77 26.42
C VAL E 230 -2.59 41.86 25.38
N ASN E 231 -1.39 42.44 25.28
CA ASN E 231 -1.15 43.56 24.38
C ASN E 231 -0.38 43.17 23.13
N GLN E 232 -0.15 41.89 22.90
CA GLN E 232 0.48 41.43 21.67
C GLN E 232 0.29 39.93 21.54
N THR E 233 0.08 39.47 20.32
CA THR E 233 -0.17 38.06 20.07
C THR E 233 1.08 37.25 20.34
N PHE E 234 1.02 36.36 21.33
CA PHE E 234 2.16 35.52 21.66
C PHE E 234 1.66 34.13 22.02
N ALA E 235 2.61 33.20 22.17
CA ALA E 235 2.30 31.81 22.44
C ALA E 235 3.31 31.25 23.43
N PHE E 236 2.88 30.28 24.23
CA PHE E 236 3.74 29.66 25.22
C PHE E 236 3.39 28.19 25.34
N THR E 237 4.30 27.43 25.94
CA THR E 237 4.16 25.98 26.08
C THR E 237 4.36 25.59 27.54
N TYR E 238 3.68 24.53 27.95
CA TYR E 238 3.76 24.05 29.32
C TYR E 238 3.57 22.55 29.32
N PRO E 239 4.15 21.83 30.28
CA PRO E 239 3.99 20.38 30.32
C PRO E 239 2.62 19.98 30.85
N VAL E 240 2.09 18.88 30.30
CA VAL E 240 0.76 18.44 30.71
C VAL E 240 0.78 16.95 31.04
N ALA E 241 1.80 16.23 30.60
CA ALA E 241 1.87 14.81 30.90
C ALA E 241 3.26 14.22 30.70
N GLY E 242 3.79 13.56 31.72
CA GLY E 242 5.00 12.78 31.60
C GLY E 242 6.25 13.55 31.23
N ASP E 243 6.59 14.57 32.00
CA ASP E 243 7.78 15.38 31.77
C ASP E 243 8.74 15.21 32.95
N PRO E 244 9.68 14.26 32.86
CA PRO E 244 10.61 14.09 33.98
C PRO E 244 11.62 15.21 34.11
N LEU E 245 12.19 15.65 32.99
CA LEU E 245 13.26 16.65 33.00
C LEU E 245 12.64 18.04 32.96
N ILE E 246 12.70 18.74 34.09
CA ILE E 246 12.16 20.08 34.23
C ILE E 246 13.32 21.06 34.38
N GLY E 247 13.23 22.18 33.69
CA GLY E 247 14.30 23.14 33.66
C GLY E 247 15.16 23.10 32.42
N SER E 248 14.69 22.44 31.36
CA SER E 248 15.49 22.27 30.16
C SER E 248 14.76 22.58 28.86
N ALA E 249 13.43 22.73 28.88
CA ALA E 249 12.65 23.01 27.68
C ALA E 249 12.88 21.93 26.63
N ILE E 250 12.76 20.67 27.06
CA ILE E 250 12.89 19.52 26.17
C ILE E 250 11.68 18.64 26.35
N ALA E 251 11.07 18.24 25.25
CA ALA E 251 9.92 17.33 25.29
C ALA E 251 10.41 15.90 25.09
N PRO E 252 10.44 15.09 26.15
CA PRO E 252 10.95 13.73 26.00
C PRO E 252 9.99 12.86 25.22
N ALA E 253 10.54 11.78 24.68
CA ALA E 253 9.73 10.82 23.92
C ALA E 253 8.72 10.16 24.84
N GLY E 254 7.44 10.43 24.61
CA GLY E 254 6.38 9.93 25.46
C GLY E 254 5.68 11.01 26.27
N SER E 255 6.20 12.23 26.27
CA SER E 255 5.57 13.32 26.98
C SER E 255 4.46 13.94 26.13
N VAL E 256 3.67 14.80 26.78
CA VAL E 256 2.65 15.59 26.10
C VAL E 256 2.84 17.03 26.53
N ILE E 257 3.00 17.93 25.56
CA ILE E 257 3.23 19.35 25.82
C ILE E 257 2.03 20.13 25.33
N GLY E 258 1.56 21.07 26.16
CA GLY E 258 0.39 21.87 25.84
C GLY E 258 0.77 23.24 25.33
N VAL E 259 0.24 23.58 24.17
CA VAL E 259 0.50 24.88 23.55
C VAL E 259 -0.75 25.73 23.65
N MET E 260 -0.57 27.03 23.88
CA MET E 260 -1.68 27.96 23.92
C MET E 260 -1.24 29.27 23.29
N ILE E 261 -2.01 29.73 22.31
CA ILE E 261 -1.70 30.93 21.55
C ILE E 261 -2.67 32.02 21.98
N LEU E 262 -2.21 32.93 22.82
CA LEU E 262 -3.03 34.05 23.26
C LEU E 262 -3.06 35.13 22.20
N PHE E 263 -4.16 35.87 22.16
CA PHE E 263 -4.38 36.90 21.16
C PHE E 263 -4.27 38.27 21.80
N GLY E 264 -3.90 39.25 20.98
CA GLY E 264 -3.77 40.61 21.44
C GLY E 264 -4.82 41.52 20.85
N PRO E 265 -4.55 42.82 20.84
CA PRO E 265 -5.53 43.75 20.23
C PRO E 265 -5.56 43.66 18.72
N ASP E 266 -4.42 43.39 18.08
CA ASP E 266 -4.37 43.40 16.63
C ASP E 266 -5.25 42.30 16.04
N LEU E 267 -4.92 41.04 16.33
CA LEU E 267 -5.62 39.91 15.73
C LEU E 267 -6.88 39.54 16.49
N GLY E 268 -6.93 39.81 17.79
CA GLY E 268 -8.06 39.44 18.60
C GLY E 268 -9.36 40.14 18.28
N SER E 269 -9.35 41.08 17.34
CA SER E 269 -10.55 41.77 16.91
C SER E 269 -11.20 41.11 15.70
N HIS E 270 -10.80 39.90 15.38
CA HIS E 270 -11.36 39.15 14.26
C HIS E 270 -11.87 37.80 14.74
N VAL E 271 -12.73 37.19 13.93
CA VAL E 271 -13.25 35.86 14.19
C VAL E 271 -13.06 35.05 12.92
N PHE E 272 -12.23 34.02 12.98
CA PHE E 272 -11.96 33.21 11.80
C PHE E 272 -13.14 32.30 11.51
N GLN E 273 -14.12 32.81 10.77
CA GLN E 273 -15.29 32.04 10.36
C GLN E 273 -15.23 31.87 8.85
N TYR E 274 -15.42 30.64 8.39
CA TYR E 274 -15.33 30.29 6.97
C TYR E 274 -13.97 30.65 6.40
N GLN E 275 -12.92 30.55 7.21
CA GLN E 275 -11.55 30.79 6.78
C GLN E 275 -10.70 29.60 7.19
N THR E 276 -9.47 29.59 6.68
CA THR E 276 -8.51 28.54 6.98
C THR E 276 -7.44 29.08 7.91
N ILE E 277 -7.13 28.34 8.96
CA ILE E 277 -6.10 28.71 9.93
C ILE E 277 -4.92 27.77 9.74
N THR E 278 -3.71 28.30 9.78
CA THR E 278 -2.52 27.50 9.59
C THR E 278 -1.50 27.83 10.66
N ILE E 279 -0.97 26.80 11.31
CA ILE E 279 0.06 26.94 12.33
C ILE E 279 1.19 25.99 11.98
N GLN E 280 2.42 26.43 12.22
CA GLN E 280 3.60 25.62 11.89
C GLN E 280 4.62 25.76 13.02
N ILE E 281 4.88 24.65 13.70
CA ILE E 281 5.87 24.60 14.77
C ILE E 281 7.14 23.99 14.19
N THR E 282 8.23 24.76 14.21
CA THR E 282 9.48 24.33 13.59
C THR E 282 10.63 24.36 14.58
N PRO E 283 11.10 23.22 15.06
CA PRO E 283 12.26 23.20 15.93
C PRO E 283 13.54 23.34 15.13
N ASN E 284 14.65 23.53 15.86
CA ASN E 284 15.94 23.74 15.19
C ASN E 284 16.38 22.46 14.48
N ILE E 285 16.35 21.33 15.16
CA ILE E 285 16.71 20.05 14.58
C ILE E 285 15.46 19.19 14.51
N GLY E 286 15.16 18.67 13.32
CA GLY E 286 14.00 17.84 13.09
C GLY E 286 13.07 18.48 12.07
N SER E 287 11.94 17.83 11.88
CA SER E 287 10.93 18.26 10.93
C SER E 287 9.89 19.13 11.61
N PRO E 288 9.30 20.08 10.90
CA PRO E 288 8.27 20.93 11.50
C PRO E 288 6.88 20.33 11.34
N LEU E 289 5.98 20.75 12.23
CA LEU E 289 4.61 20.30 12.24
C LEU E 289 3.69 21.41 11.78
N THR E 290 2.97 21.18 10.69
CA THR E 290 2.01 22.13 10.16
C THR E 290 0.60 21.67 10.45
N ILE E 291 -0.26 22.60 10.84
CA ILE E 291 -1.64 22.32 11.22
C ILE E 291 -2.55 23.28 10.47
N SER E 292 -3.48 22.74 9.70
CA SER E 292 -4.40 23.53 8.90
C SER E 292 -5.83 23.10 9.21
N GLU E 293 -6.66 24.05 9.62
CA GLU E 293 -8.03 23.77 10.00
C GLU E 293 -8.99 24.77 9.38
N TYR E 294 -10.18 24.28 9.03
CA TYR E 294 -11.26 25.11 8.49
C TYR E 294 -12.30 25.29 9.57
N VAL E 295 -12.79 26.53 9.72
CA VAL E 295 -13.71 26.86 10.81
C VAL E 295 -15.02 27.34 10.20
N TYR E 296 -16.10 26.60 10.47
CA TYR E 296 -17.42 26.97 9.95
C TYR E 296 -18.10 28.00 10.84
N GLN E 297 -18.28 27.67 12.12
CA GLN E 297 -19.04 28.52 13.01
C GLN E 297 -18.78 28.12 14.46
N PRO E 298 -18.51 29.09 15.34
CA PRO E 298 -18.20 28.74 16.73
C PRO E 298 -19.43 28.31 17.51
N GLU E 299 -19.17 27.71 18.67
CA GLU E 299 -20.23 27.35 19.61
C GLU E 299 -19.62 27.06 20.97
N GLY E 300 -20.39 27.36 22.01
CA GLY E 300 -20.01 27.05 23.38
C GLY E 300 -18.88 27.88 23.96
N SER E 301 -18.36 28.85 23.21
CA SER E 301 -17.28 29.74 23.62
C SER E 301 -15.96 29.00 23.68
N VAL E 302 -15.99 27.68 23.56
CA VAL E 302 -14.79 26.88 23.34
C VAL E 302 -15.13 25.86 22.26
N SER E 303 -14.84 26.19 21.02
CA SER E 303 -15.16 25.28 19.94
C SER E 303 -14.09 24.22 19.81
N VAL E 304 -14.36 23.24 18.94
CA VAL E 304 -13.39 22.20 18.60
C VAL E 304 -13.00 22.41 17.15
N ILE E 305 -11.69 22.37 16.88
CA ILE E 305 -11.11 22.66 15.57
C ILE E 305 -11.32 24.12 15.22
N LEU F 19 65.92 9.08 -5.53
CA LEU F 19 64.92 8.32 -6.26
C LEU F 19 63.53 8.56 -5.70
N ALA F 20 62.51 7.99 -6.37
CA ALA F 20 61.14 8.11 -5.93
C ALA F 20 60.57 6.83 -5.33
N GLY F 21 61.35 5.76 -5.30
CA GLY F 21 60.84 4.51 -4.73
C GLY F 21 60.56 4.62 -3.25
N LEU F 22 61.45 5.30 -2.52
CA LEU F 22 61.25 5.46 -1.09
C LEU F 22 60.11 6.44 -0.81
N ASP F 23 60.05 7.53 -1.57
CA ASP F 23 59.00 8.52 -1.35
C ASP F 23 57.62 7.92 -1.62
N THR F 24 57.48 7.15 -2.70
CA THR F 24 56.19 6.59 -3.04
C THR F 24 55.70 5.63 -1.96
N ALA F 25 56.62 4.96 -1.28
CA ALA F 25 56.22 4.03 -0.24
C ALA F 25 55.77 4.77 1.01
N ILE F 26 56.46 5.85 1.38
CA ILE F 26 56.10 6.61 2.57
C ILE F 26 54.73 7.24 2.40
N ILE F 27 54.41 7.68 1.18
CA ILE F 27 53.10 8.29 0.93
C ILE F 27 52.01 7.24 0.95
N LEU F 28 52.31 6.03 0.50
CA LEU F 28 51.31 4.97 0.46
C LEU F 28 50.82 4.62 1.85
N ILE F 29 51.74 4.55 2.83
CA ILE F 29 51.36 4.17 4.18
C ILE F 29 50.41 5.21 4.78
N ALA F 30 50.57 6.46 4.39
CA ALA F 30 49.67 7.50 4.91
C ALA F 30 48.27 7.36 4.33
N PHE F 31 48.18 7.04 3.05
CA PHE F 31 46.86 6.92 2.42
C PHE F 31 46.13 5.69 2.93
N ILE F 32 46.87 4.64 3.32
CA ILE F 32 46.24 3.46 3.87
C ILE F 32 45.68 3.75 5.25
N ILE F 33 46.44 4.47 6.08
CA ILE F 33 45.96 4.78 7.42
C ILE F 33 44.71 5.64 7.36
N THR F 34 44.69 6.63 6.47
CA THR F 34 43.50 7.47 6.33
C THR F 34 42.33 6.67 5.78
N ALA F 35 42.57 5.86 4.75
CA ALA F 35 41.50 5.07 4.17
C ALA F 35 40.98 4.05 5.18
N SER F 36 41.85 3.54 6.05
CA SER F 36 41.40 2.59 7.05
C SER F 36 40.51 3.24 8.09
N VAL F 37 40.87 4.46 8.53
CA VAL F 37 40.06 5.13 9.55
C VAL F 37 38.69 5.48 9.00
N LEU F 38 38.61 5.83 7.72
CA LEU F 38 37.30 6.03 7.10
C LEU F 38 36.48 4.75 7.18
N ALA F 39 37.12 3.62 6.92
CA ALA F 39 36.45 2.34 7.10
C ALA F 39 36.18 2.07 8.58
N TYR F 40 37.02 2.63 9.45
CA TYR F 40 36.88 2.40 10.88
C TYR F 40 35.64 3.08 11.45
N VAL F 41 35.19 4.15 10.81
CA VAL F 41 34.02 4.86 11.31
C VAL F 41 32.78 4.57 10.47
N ALA F 42 32.96 4.19 9.20
CA ALA F 42 31.80 3.86 8.37
C ALA F 42 31.07 2.64 8.91
N ILE F 43 31.82 1.70 9.48
CA ILE F 43 31.19 0.53 10.10
C ILE F 43 30.46 0.94 11.38
N ASN F 44 31.12 1.74 12.20
CA ASN F 44 30.55 2.12 13.49
C ASN F 44 29.24 2.87 13.30
N MET F 45 29.24 3.91 12.45
CA MET F 45 28.02 4.66 12.21
C MET F 45 27.04 3.85 11.35
N GLY F 46 27.56 2.98 10.49
CA GLY F 46 26.69 2.13 9.70
C GLY F 46 25.86 1.20 10.56
N LEU F 47 26.48 0.58 11.56
CA LEU F 47 25.73 -0.26 12.48
C LEU F 47 24.84 0.58 13.39
N PHE F 48 25.35 1.74 13.83
CA PHE F 48 24.58 2.62 14.70
C PHE F 48 23.26 3.02 14.04
N VAL F 49 23.32 3.44 12.78
CA VAL F 49 22.11 3.91 12.10
C VAL F 49 21.14 2.76 11.89
N THR F 50 21.63 1.62 11.39
CA THR F 50 20.73 0.50 11.12
C THR F 50 20.21 -0.11 12.42
N GLN F 51 20.96 0.02 13.52
CA GLN F 51 20.44 -0.45 14.79
C GLN F 51 19.30 0.44 15.27
N LYS F 52 19.44 1.75 15.09
CA LYS F 52 18.33 2.66 15.39
C LYS F 52 17.13 2.39 14.49
N ALA F 53 17.40 1.99 13.24
CA ALA F 53 16.29 1.63 12.34
C ALA F 53 15.55 0.41 12.86
N LYS F 54 16.26 -0.55 13.44
CA LYS F 54 15.61 -1.73 13.99
C LYS F 54 14.71 -1.35 15.16
N SER F 55 15.14 -0.40 15.98
CA SER F 55 14.38 -0.03 17.16
C SER F 55 13.11 0.73 16.78
N THR F 56 13.22 1.67 15.85
CA THR F 56 12.06 2.50 15.52
C THR F 56 10.99 1.70 14.80
N ILE F 57 11.37 0.67 14.05
CA ILE F 57 10.36 -0.20 13.44
C ILE F 57 9.62 -0.98 14.52
N ASN F 58 10.35 -1.40 15.57
CA ASN F 58 9.70 -2.04 16.69
C ASN F 58 8.73 -1.09 17.39
N LYS F 59 9.19 0.13 17.68
CA LYS F 59 8.30 1.12 18.27
C LYS F 59 7.18 1.49 17.30
N GLY F 60 7.50 1.59 16.01
CA GLY F 60 6.46 1.81 15.03
C GLY F 60 5.46 0.66 14.97
N GLU F 61 5.93 -0.55 15.25
CA GLU F 61 5.03 -1.69 15.32
C GLU F 61 4.15 -1.63 16.56
N GLU F 62 4.75 -1.31 17.70
CA GLU F 62 3.96 -1.24 18.93
C GLU F 62 2.97 -0.08 18.90
N THR F 63 3.26 0.97 18.13
CA THR F 63 2.34 2.10 18.04
C THR F 63 1.04 1.69 17.36
N ALA F 64 1.14 0.94 16.27
CA ALA F 64 -0.06 0.47 15.56
C ALA F 64 -0.68 -0.75 16.23
N SER F 65 0.02 -1.40 17.15
CA SER F 65 -0.50 -2.60 17.78
C SER F 65 -1.44 -2.27 18.94
N THR F 66 -0.93 -1.56 19.95
CA THR F 66 -1.72 -1.32 21.15
C THR F 66 -2.84 -0.33 20.86
N ALA F 67 -3.98 -0.55 21.53
CA ALA F 67 -5.13 0.33 21.40
C ALA F 67 -6.12 0.06 22.53
N LEU F 68 -6.54 1.11 23.23
CA LEU F 68 -7.57 0.96 24.24
C LEU F 68 -8.94 0.99 23.58
N THR F 69 -9.84 0.17 24.08
CA THR F 69 -11.21 0.11 23.57
C THR F 69 -12.17 0.10 24.73
N LEU F 70 -13.21 0.93 24.65
CA LEU F 70 -14.20 1.05 25.70
C LEU F 70 -15.18 -0.11 25.62
N SER F 71 -15.24 -0.90 26.69
CA SER F 71 -16.10 -2.07 26.76
C SER F 71 -16.99 -1.92 27.98
N GLY F 72 -18.24 -1.50 27.76
CA GLY F 72 -19.17 -1.29 28.84
C GLY F 72 -19.71 0.13 28.87
N SER F 73 -21.00 0.26 29.18
CA SER F 73 -21.63 1.57 29.21
C SER F 73 -21.00 2.44 30.29
N VAL F 74 -21.09 3.75 30.09
CA VAL F 74 -20.54 4.73 31.01
C VAL F 74 -21.66 5.23 31.92
N LEU F 75 -21.36 5.37 33.20
CA LEU F 75 -22.32 5.85 34.17
C LEU F 75 -22.06 7.32 34.48
N TYR F 76 -23.03 7.94 35.16
CA TYR F 76 -22.96 9.35 35.48
C TYR F 76 -23.92 9.62 36.63
N ALA F 77 -23.38 10.05 37.76
CA ALA F 77 -24.16 10.22 38.98
C ALA F 77 -24.36 11.70 39.29
N VAL F 78 -25.60 12.05 39.61
CA VAL F 78 -25.96 13.39 40.05
C VAL F 78 -26.95 13.26 41.20
N ASN F 79 -27.22 14.38 41.86
CA ASN F 79 -28.27 14.40 42.87
C ASN F 79 -29.62 14.26 42.18
N TYR F 80 -30.19 13.05 42.23
CA TYR F 80 -31.29 12.72 41.32
C TYR F 80 -32.57 13.47 41.64
N PRO F 81 -33.07 13.52 42.88
CA PRO F 81 -34.35 14.22 43.10
C PRO F 81 -34.33 15.68 42.70
N SER F 82 -33.16 16.32 42.72
CA SER F 82 -33.03 17.72 42.30
C SER F 82 -31.70 17.84 41.57
N ASN F 83 -31.74 17.77 40.25
CA ASN F 83 -30.53 17.74 39.46
C ASN F 83 -29.83 19.09 39.49
N THR F 84 -28.88 19.24 40.39
CA THR F 84 -28.18 20.50 40.57
C THR F 84 -26.67 20.35 40.51
N ARG F 85 -26.13 19.25 41.03
CA ARG F 85 -24.69 19.04 41.08
C ARG F 85 -24.35 17.62 40.66
N SER F 86 -23.18 17.47 40.03
CA SER F 86 -22.72 16.18 39.54
C SER F 86 -21.74 15.57 40.54
N TYR F 87 -21.64 14.24 40.49
CA TYR F 87 -20.84 13.51 41.47
C TYR F 87 -19.63 12.82 40.86
N TRP F 88 -19.83 11.93 39.89
CA TRP F 88 -18.70 11.17 39.34
C TRP F 88 -19.14 10.51 38.03
N ILE F 89 -18.19 9.81 37.42
CA ILE F 89 -18.40 9.11 36.16
C ILE F 89 -17.53 7.86 36.19
N TYR F 90 -18.07 6.74 35.71
CA TYR F 90 -17.37 5.47 35.77
C TYR F 90 -17.55 4.71 34.46
N PHE F 91 -16.46 4.15 33.95
CA PHE F 91 -16.50 3.37 32.70
C PHE F 91 -15.30 2.46 32.66
N THR F 92 -15.47 1.31 32.01
CA THR F 92 -14.44 0.28 31.96
C THR F 92 -13.72 0.31 30.61
N VAL F 93 -12.39 0.35 30.66
CA VAL F 93 -11.56 0.40 29.47
C VAL F 93 -10.75 -0.88 29.37
N SER F 94 -10.69 -1.46 28.18
CA SER F 94 -10.00 -2.71 27.95
C SER F 94 -9.14 -2.60 26.70
N PRO F 95 -7.99 -3.28 26.67
CA PRO F 95 -7.19 -3.31 25.44
C PRO F 95 -8.00 -3.87 24.29
N SER F 96 -7.64 -3.45 23.07
CA SER F 96 -8.47 -3.73 21.90
C SER F 96 -8.72 -5.22 21.73
N SER F 97 -7.66 -5.97 21.49
CA SER F 97 -7.76 -7.41 21.30
C SER F 97 -6.46 -8.05 21.76
N GLY F 98 -6.27 -9.31 21.40
CA GLY F 98 -5.04 -10.00 21.75
C GLY F 98 -3.87 -9.52 20.91
N VAL F 99 -3.55 -8.23 21.01
CA VAL F 99 -2.48 -7.62 20.22
C VAL F 99 -1.23 -7.37 21.07
N SER F 100 -1.36 -6.60 22.14
CA SER F 100 -0.23 -6.29 23.01
C SER F 100 -0.76 -5.58 24.25
N SER F 101 0.12 -5.43 25.24
CA SER F 101 -0.21 -4.76 26.48
C SER F 101 -0.03 -3.25 26.35
N VAL F 102 -0.71 -2.52 27.22
CA VAL F 102 -0.70 -1.06 27.21
C VAL F 102 -0.42 -0.58 28.62
N GLU F 103 0.38 0.48 28.74
CA GLU F 103 0.75 1.03 30.04
C GLU F 103 -0.18 2.17 30.41
N LEU F 104 -0.66 2.15 31.65
CA LEU F 104 -1.57 3.16 32.16
C LEU F 104 -1.02 3.79 33.43
N SER F 105 0.29 4.01 33.47
CA SER F 105 0.91 4.58 34.65
C SER F 105 0.47 6.03 34.82
N PRO F 106 0.13 6.46 36.04
CA PRO F 106 -0.39 7.82 36.21
C PRO F 106 0.64 8.90 35.94
N SER F 107 1.92 8.55 35.86
CA SER F 107 2.94 9.56 35.63
C SER F 107 3.19 9.80 34.15
N THR F 108 2.84 8.85 33.29
CA THR F 108 3.15 8.93 31.87
C THR F 108 1.91 8.68 31.02
N THR F 109 0.80 9.32 31.38
CA THR F 109 -0.39 9.30 30.55
C THR F 109 -1.27 10.49 30.93
N ALA F 110 -2.39 10.64 30.24
CA ALA F 110 -3.23 11.81 30.42
C ALA F 110 -4.68 11.48 30.07
N ILE F 111 -5.59 11.90 30.93
CA ILE F 111 -7.03 11.79 30.69
C ILE F 111 -7.58 13.20 30.64
N SER F 112 -8.00 13.63 29.46
CA SER F 112 -8.43 15.01 29.22
C SER F 112 -9.95 15.06 29.18
N PHE F 113 -10.56 15.71 30.16
CA PHE F 113 -12.00 15.89 30.23
C PHE F 113 -12.36 17.29 29.78
N THR F 114 -13.30 17.40 28.85
CA THR F 114 -13.70 18.70 28.31
C THR F 114 -15.18 18.71 28.00
N ALA F 115 -15.81 19.86 28.28
CA ALA F 115 -17.21 20.10 27.97
C ALA F 115 -17.30 21.40 27.18
N SER F 116 -17.94 21.34 26.01
CA SER F 116 -17.89 22.47 25.09
C SER F 116 -18.76 23.62 25.59
N ALA F 117 -20.02 23.34 25.93
CA ALA F 117 -20.95 24.41 26.26
C ALA F 117 -20.51 25.20 27.48
N GLU F 118 -20.13 24.51 28.56
CA GLU F 118 -19.76 25.20 29.79
C GLU F 118 -18.53 26.08 29.64
N GLY F 119 -17.79 25.95 28.53
CA GLY F 119 -16.58 26.71 28.38
C GLY F 119 -15.44 26.25 29.24
N ILE F 120 -15.53 25.04 29.81
CA ILE F 120 -14.49 24.48 30.65
C ILE F 120 -13.80 23.37 29.89
N SER F 121 -12.51 23.20 30.17
CA SER F 121 -11.73 22.14 29.53
C SER F 121 -10.51 21.87 30.38
N TYR F 122 -10.48 20.71 31.04
CA TYR F 122 -9.31 20.27 31.78
C TYR F 122 -8.42 19.44 30.88
N SER F 123 -7.26 19.05 31.40
CA SER F 123 -6.36 18.18 30.66
C SER F 123 -5.48 17.42 31.64
N ASN F 124 -5.45 16.09 31.49
CA ASN F 124 -4.65 15.21 32.32
C ASN F 124 -5.04 15.35 33.80
N ILE F 125 -6.26 14.92 34.10
CA ILE F 125 -6.70 14.81 35.49
C ILE F 125 -6.26 13.52 36.15
N TYR F 126 -5.52 12.67 35.45
CA TYR F 126 -5.11 11.38 36.01
C TYR F 126 -4.03 11.59 37.06
N GLU F 127 -4.32 11.20 38.30
CA GLU F 127 -3.39 11.43 39.41
C GLU F 127 -2.94 10.14 40.08
N TYR F 128 -3.86 9.25 40.42
CA TYR F 128 -3.53 8.05 41.17
C TYR F 128 -4.02 6.81 40.44
N THR F 129 -3.69 5.65 40.99
CA THR F 129 -4.12 4.37 40.44
C THR F 129 -4.08 3.33 41.55
N LEU F 130 -4.66 2.17 41.25
CA LEU F 130 -4.65 1.04 42.17
C LEU F 130 -4.06 -0.21 41.54
N LEU F 131 -3.63 -0.15 40.28
CA LEU F 131 -3.02 -1.31 39.64
C LEU F 131 -1.67 -1.66 40.22
N THR F 132 -1.11 -0.81 41.08
CA THR F 132 0.21 -1.04 41.65
C THR F 132 0.18 -1.62 43.04
N VAL F 133 -0.83 -1.30 43.85
CA VAL F 133 -0.85 -1.75 45.23
C VAL F 133 -1.12 -3.25 45.26
N SER F 134 -0.57 -3.91 46.27
CA SER F 134 -0.72 -5.35 46.49
C SER F 134 -1.90 -5.61 47.42
N PRO F 135 -2.63 -6.71 47.21
CA PRO F 135 -3.81 -6.97 48.05
C PRO F 135 -3.49 -7.28 49.50
N SER F 136 -2.21 -7.28 49.89
CA SER F 136 -1.85 -7.61 51.26
C SER F 136 -2.38 -6.56 52.23
N GLU F 137 -2.05 -5.30 51.99
CA GLU F 137 -2.43 -4.24 52.94
C GLU F 137 -3.93 -4.02 52.93
N LEU F 138 -4.56 -4.09 51.76
CA LEU F 138 -5.97 -3.74 51.65
C LEU F 138 -6.85 -4.67 52.46
N ALA F 139 -6.58 -5.97 52.40
CA ALA F 139 -7.47 -6.97 52.98
C ALA F 139 -7.41 -7.03 54.49
N ASN F 140 -6.80 -6.08 55.20
CA ASN F 140 -6.65 -6.21 56.64
C ASN F 140 -7.59 -5.28 57.41
N GLN F 141 -7.57 -3.96 57.14
CA GLN F 141 -8.26 -2.99 58.00
C GLN F 141 -9.19 -2.08 57.20
N VAL F 142 -10.39 -2.60 56.91
CA VAL F 142 -11.53 -1.79 56.51
C VAL F 142 -12.76 -2.41 57.14
N TYR F 143 -13.23 -1.84 58.25
CA TYR F 143 -14.33 -2.44 59.00
C TYR F 143 -15.23 -1.36 59.58
N ALA F 144 -16.54 -1.55 59.41
CA ALA F 144 -17.55 -0.67 60.00
C ALA F 144 -18.48 -1.42 60.95
N ASN F 145 -18.30 -2.72 61.09
CA ASN F 145 -19.09 -3.53 62.02
C ASN F 145 -18.18 -4.66 62.53
N GLY F 146 -18.79 -5.69 63.09
CA GLY F 146 -18.02 -6.80 63.64
C GLY F 146 -17.13 -7.51 62.65
N GLN F 147 -17.27 -7.21 61.37
CA GLN F 147 -16.51 -7.86 60.31
C GLN F 147 -15.60 -6.87 59.61
N TYR F 148 -14.43 -7.35 59.20
CA TYR F 148 -13.49 -6.55 58.41
C TYR F 148 -13.76 -6.85 56.94
N LEU F 149 -14.58 -6.02 56.31
CA LEU F 149 -15.01 -6.29 54.95
C LEU F 149 -13.83 -6.25 53.99
N ASP F 150 -13.78 -7.23 53.10
CA ASP F 150 -12.68 -7.37 52.16
C ASP F 150 -12.99 -6.64 50.87
N LEU F 151 -12.07 -5.76 50.45
CA LEU F 151 -12.25 -5.02 49.22
C LEU F 151 -11.85 -5.86 48.01
N VAL F 152 -10.60 -6.31 47.98
CA VAL F 152 -10.05 -6.99 46.82
C VAL F 152 -10.62 -8.40 46.74
N ASN F 153 -10.50 -9.03 45.58
CA ASN F 153 -10.95 -10.39 45.36
C ASN F 153 -10.03 -11.02 44.33
N GLN F 154 -9.43 -12.16 44.67
CA GLN F 154 -8.37 -12.73 43.84
C GLN F 154 -8.51 -14.23 43.75
N GLN F 155 -8.49 -14.75 42.52
CA GLN F 155 -8.35 -16.17 42.25
C GLN F 155 -6.91 -16.45 41.85
N THR F 156 -6.63 -17.69 41.45
CA THR F 156 -5.32 -18.05 40.97
C THR F 156 -5.41 -19.33 40.16
N ASN F 157 -4.66 -19.39 39.06
CA ASN F 157 -4.53 -20.59 38.27
C ASN F 157 -3.31 -20.46 37.38
N ALA F 158 -2.81 -21.62 36.94
CA ALA F 158 -1.65 -21.69 36.04
C ALA F 158 -0.43 -20.96 36.61
N GLY F 159 -0.34 -20.89 37.94
CA GLY F 159 0.78 -20.25 38.59
C GLY F 159 0.71 -18.76 38.72
N GLN F 160 -0.36 -18.12 38.26
CA GLN F 160 -0.52 -16.68 38.37
C GLN F 160 -1.75 -16.37 39.21
N THR F 161 -1.74 -15.19 39.82
CA THR F 161 -2.81 -14.74 40.71
C THR F 161 -3.46 -13.51 40.11
N TYR F 162 -4.71 -13.64 39.70
CA TYR F 162 -5.48 -12.53 39.17
C TYR F 162 -6.27 -11.87 40.28
N VAL F 163 -6.17 -10.54 40.37
CA VAL F 163 -6.94 -9.78 41.35
C VAL F 163 -7.90 -8.88 40.62
N TYR F 164 -8.94 -8.43 41.34
CA TYR F 164 -9.94 -7.55 40.76
C TYR F 164 -10.83 -7.02 41.87
N TYR F 165 -11.33 -5.81 41.66
CA TYR F 165 -12.31 -5.19 42.56
C TYR F 165 -13.72 -5.43 42.04
N PRO F 166 -14.64 -5.83 42.89
CA PRO F 166 -15.97 -6.20 42.40
C PRO F 166 -16.91 -5.01 42.25
N ASN F 167 -16.69 -3.96 43.05
CA ASN F 167 -17.62 -2.85 43.15
C ASN F 167 -16.85 -1.55 43.07
N PRO F 168 -17.29 -0.58 42.25
CA PRO F 168 -16.60 0.71 42.22
C PRO F 168 -16.58 1.42 43.55
N TYR F 169 -17.54 1.16 44.42
CA TYR F 169 -17.52 1.75 45.75
C TYR F 169 -16.41 1.15 46.60
N TYR F 170 -16.13 -0.15 46.40
CA TYR F 170 -15.01 -0.76 47.11
C TYR F 170 -13.69 -0.11 46.69
N ALA F 171 -13.52 0.14 45.39
CA ALA F 171 -12.32 0.82 44.93
C ALA F 171 -12.17 2.18 45.58
N LEU F 172 -13.29 2.88 45.78
CA LEU F 172 -13.24 4.17 46.48
C LEU F 172 -12.72 3.98 47.89
N LEU F 173 -13.16 2.93 48.58
CA LEU F 173 -12.68 2.67 49.92
C LEU F 173 -11.22 2.23 49.90
N ALA F 174 -10.82 1.50 48.87
CA ALA F 174 -9.43 1.07 48.76
C ALA F 174 -8.52 2.25 48.45
N LEU F 175 -8.99 3.19 47.62
CA LEU F 175 -8.17 4.34 47.27
C LEU F 175 -8.04 5.29 48.45
N ASN F 176 -9.12 5.51 49.20
CA ASN F 176 -9.05 6.39 50.36
C ASN F 176 -8.00 5.92 51.34
N TYR F 177 -7.91 4.60 51.56
CA TYR F 177 -6.89 4.06 52.45
C TYR F 177 -5.51 4.25 51.86
N THR F 178 -5.36 4.01 50.56
CA THR F 178 -4.04 4.07 49.93
C THR F 178 -3.42 5.45 50.10
N LEU F 179 -4.15 6.49 49.74
CA LEU F 179 -3.60 7.84 49.84
C LEU F 179 -3.29 8.20 51.28
N SER F 180 -3.99 7.59 52.23
CA SER F 180 -3.82 7.97 53.63
C SER F 180 -2.67 7.23 54.30
N LYS F 181 -2.43 5.98 53.94
CA LYS F 181 -1.44 5.17 54.64
C LYS F 181 -0.41 4.53 53.75
N ILE F 182 -0.77 4.09 52.55
CA ILE F 182 0.20 3.46 51.67
C ILE F 182 1.29 4.45 51.27
N ASP F 183 0.90 5.59 50.72
CA ASP F 183 1.82 6.67 50.41
C ASP F 183 1.32 7.95 51.07
N LYS F 184 2.06 8.42 52.08
CA LYS F 184 1.58 9.49 52.95
C LYS F 184 1.60 10.82 52.19
N VAL F 185 0.51 11.07 51.46
CA VAL F 185 0.33 12.37 50.84
C VAL F 185 -0.21 13.34 51.89
N SER F 186 0.37 14.54 51.94
CA SER F 186 -0.11 15.50 52.93
C SER F 186 -1.39 16.16 52.46
N PRO F 187 -1.49 16.64 51.19
CA PRO F 187 -2.81 17.03 50.70
C PRO F 187 -3.50 15.84 50.06
N SER F 188 -4.61 15.39 50.64
CA SER F 188 -5.33 14.25 50.09
C SER F 188 -6.59 14.73 49.39
N PRO F 189 -6.74 14.49 48.09
CA PRO F 189 -7.95 14.98 47.41
C PRO F 189 -9.22 14.28 47.88
N LEU F 190 -9.13 13.01 48.25
CA LEU F 190 -10.28 12.25 48.70
C LEU F 190 -10.22 12.01 50.19
N TYR F 191 -11.37 12.10 50.85
CA TYR F 191 -11.45 11.82 52.29
C TYR F 191 -12.83 11.25 52.56
N ILE F 192 -12.92 9.92 52.58
CA ILE F 192 -14.20 9.23 52.75
C ILE F 192 -14.39 8.96 54.24
N THR F 193 -15.29 9.69 54.87
CA THR F 193 -15.59 9.52 56.28
C THR F 193 -17.01 9.00 56.45
N THR F 194 -17.28 8.47 57.64
CA THR F 194 -18.58 7.89 57.95
C THR F 194 -19.39 8.69 58.96
N THR F 195 -18.78 9.67 59.62
CA THR F 195 -19.52 10.47 60.58
C THR F 195 -20.48 11.41 59.87
N THR F 196 -21.41 11.96 60.63
CA THR F 196 -22.38 12.89 60.05
C THR F 196 -21.66 14.14 59.56
N PRO F 197 -21.82 14.52 58.29
CA PRO F 197 -21.06 15.66 57.77
C PRO F 197 -21.36 16.96 58.49
N SER F 198 -22.61 17.16 58.92
CA SER F 198 -22.94 18.35 59.68
C SER F 198 -22.12 18.44 60.96
N SER F 199 -21.65 17.30 61.47
CA SER F 199 -20.78 17.28 62.63
C SER F 199 -19.31 17.24 62.24
N ALA F 200 -18.99 16.91 60.99
CA ALA F 200 -17.61 16.78 60.56
C ALA F 200 -16.97 18.11 60.17
N THR F 201 -17.77 19.16 59.96
CA THR F 201 -17.20 20.45 59.61
C THR F 201 -16.57 21.15 60.82
N GLN F 202 -16.98 20.79 62.03
CA GLN F 202 -16.39 21.41 63.22
C GLN F 202 -14.97 20.92 63.45
N ILE F 203 -14.78 19.60 63.47
CA ILE F 203 -13.43 19.06 63.66
C ILE F 203 -12.57 19.35 62.44
N TYR F 204 -13.15 19.31 61.25
CA TYR F 204 -12.43 19.52 60.00
C TYR F 204 -13.10 20.66 59.24
N PRO F 205 -12.68 21.91 59.45
CA PRO F 205 -13.32 23.02 58.73
C PRO F 205 -13.05 23.02 57.25
N PHE F 206 -11.94 22.43 56.81
CA PHE F 206 -11.60 22.44 55.39
C PHE F 206 -12.54 21.61 54.54
N LEU F 207 -13.51 20.92 55.15
CA LEU F 207 -14.49 20.14 54.41
C LEU F 207 -15.71 20.96 54.01
N ALA F 208 -15.79 22.23 54.45
CA ALA F 208 -16.92 23.07 54.08
C ALA F 208 -16.88 23.51 52.62
N HIS F 209 -15.74 23.35 51.95
CA HIS F 209 -15.62 23.75 50.55
C HIS F 209 -15.63 22.56 49.61
N ASP F 210 -15.21 21.38 50.07
CA ASP F 210 -15.09 20.23 49.19
C ASP F 210 -16.45 19.78 48.67
N ASN F 211 -16.43 19.08 47.55
CA ASN F 211 -17.64 18.53 46.95
C ASN F 211 -17.92 17.16 47.58
N MET F 212 -19.14 17.00 48.09
CA MET F 212 -19.51 15.80 48.84
C MET F 212 -20.47 14.95 48.02
N PHE F 213 -20.28 13.63 48.11
CA PHE F 213 -21.24 12.69 47.55
C PHE F 213 -21.26 11.46 48.43
N THR F 214 -22.45 10.92 48.66
CA THR F 214 -22.65 9.83 49.61
C THR F 214 -22.89 8.53 48.88
N PHE F 215 -22.70 7.43 49.62
CA PHE F 215 -23.10 6.12 49.14
C PHE F 215 -23.35 5.23 50.34
N THR F 216 -24.50 4.58 50.36
CA THR F 216 -24.89 3.72 51.47
C THR F 216 -24.47 2.29 51.20
N LEU F 217 -24.25 1.55 52.28
CA LEU F 217 -23.83 0.17 52.18
C LEU F 217 -24.47 -0.61 53.33
N ASN F 218 -24.97 -1.81 53.01
CA ASN F 218 -25.63 -2.67 53.98
C ASN F 218 -24.67 -3.77 54.38
N ILE F 219 -24.15 -3.70 55.61
CA ILE F 219 -23.25 -4.71 56.16
C ILE F 219 -23.91 -5.29 57.40
N SER F 220 -23.98 -6.62 57.47
CA SER F 220 -24.56 -7.32 58.61
C SER F 220 -26.00 -6.88 58.86
N GLY F 221 -26.77 -6.75 57.79
CA GLY F 221 -28.17 -6.43 57.89
C GLY F 221 -28.50 -5.00 58.27
N THR F 222 -27.56 -4.25 58.84
CA THR F 222 -27.77 -2.86 59.20
C THR F 222 -27.13 -1.95 58.16
N LEU F 223 -27.78 -0.80 57.93
CA LEU F 223 -27.30 0.15 56.93
C LEU F 223 -26.11 0.92 57.46
N VAL F 224 -25.14 1.16 56.59
CA VAL F 224 -23.95 1.93 56.91
C VAL F 224 -23.74 2.95 55.82
N THR F 225 -23.78 4.22 56.17
CA THR F 225 -23.58 5.30 55.21
C THR F 225 -22.11 5.65 55.09
N TYR F 226 -21.79 6.45 54.08
CA TYR F 226 -20.42 6.90 53.86
C TYR F 226 -20.45 8.25 53.16
N TYR F 227 -19.66 9.19 53.65
CA TYR F 227 -19.62 10.55 53.13
C TYR F 227 -18.23 10.83 52.58
N ALA F 228 -18.12 11.01 51.27
CA ALA F 228 -16.85 11.17 50.59
C ALA F 228 -16.71 12.60 50.10
N PHE F 229 -15.68 13.29 50.58
CA PHE F 229 -15.38 14.65 50.17
C PHE F 229 -14.22 14.66 49.21
N VAL F 230 -14.29 15.53 48.20
CA VAL F 230 -13.27 15.67 47.19
C VAL F 230 -12.97 17.15 47.02
N ASN F 231 -11.68 17.50 46.90
CA ASN F 231 -11.28 18.89 46.81
C ASN F 231 -10.65 19.26 45.46
N GLN F 232 -10.63 18.34 44.50
CA GLN F 232 -10.16 18.65 43.16
C GLN F 232 -10.56 17.52 42.24
N THR F 233 -10.76 17.86 40.97
CA THR F 233 -11.19 16.87 39.98
C THR F 233 -10.02 15.99 39.58
N PHE F 234 -10.19 14.68 39.71
CA PHE F 234 -9.15 13.74 39.33
C PHE F 234 -9.80 12.43 38.93
N ALA F 235 -8.96 11.49 38.48
CA ALA F 235 -9.42 10.17 38.05
C ALA F 235 -8.40 9.13 38.47
N PHE F 236 -8.88 7.90 38.69
CA PHE F 236 -8.02 6.79 39.05
C PHE F 236 -8.51 5.53 38.35
N THR F 237 -7.68 4.50 38.37
CA THR F 237 -8.01 3.24 37.74
C THR F 237 -7.83 2.10 38.73
N TYR F 238 -8.40 0.95 38.37
CA TYR F 238 -8.31 -0.26 39.18
C TYR F 238 -8.69 -1.46 38.32
N PRO F 239 -8.12 -2.64 38.57
CA PRO F 239 -8.39 -3.79 37.70
C PRO F 239 -9.79 -4.34 37.93
N VAL F 240 -10.34 -4.95 36.89
CA VAL F 240 -11.67 -5.54 36.97
C VAL F 240 -11.63 -7.00 36.55
N ALA F 241 -10.71 -7.36 35.66
CA ALA F 241 -10.65 -8.73 35.17
C ALA F 241 -9.39 -8.93 34.35
N GLY F 242 -8.90 -10.17 34.34
CA GLY F 242 -7.77 -10.52 33.51
C GLY F 242 -6.52 -9.71 33.77
N ASP F 243 -6.24 -9.39 35.03
CA ASP F 243 -5.06 -8.61 35.40
C ASP F 243 -4.15 -9.44 36.28
N PRO F 244 -3.36 -10.36 35.72
CA PRO F 244 -2.50 -11.19 36.58
C PRO F 244 -1.35 -10.42 37.20
N LEU F 245 -0.66 -9.61 36.42
CA LEU F 245 0.50 -8.88 36.91
C LEU F 245 0.04 -7.66 37.70
N ILE F 246 0.55 -7.54 38.93
CA ILE F 246 0.14 -6.48 39.84
C ILE F 246 1.39 -5.83 40.41
N GLY F 247 1.38 -4.50 40.46
CA GLY F 247 2.51 -3.74 40.93
C GLY F 247 3.24 -2.94 39.88
N SER F 248 2.67 -2.81 38.68
CA SER F 248 3.33 -2.10 37.60
C SER F 248 2.43 -1.16 36.82
N ALA F 249 1.12 -1.16 37.07
CA ALA F 249 0.18 -0.32 36.33
C ALA F 249 0.25 -0.60 34.84
N ILE F 250 0.34 -1.88 34.48
CA ILE F 250 0.37 -2.31 33.10
C ILE F 250 -0.90 -3.11 32.83
N ALA F 251 -1.62 -2.72 31.78
CA ALA F 251 -2.85 -3.41 31.42
C ALA F 251 -2.54 -4.49 30.40
N PRO F 252 -2.62 -5.76 30.75
CA PRO F 252 -2.26 -6.82 29.81
C PRO F 252 -3.33 -7.01 28.74
N ALA F 253 -2.94 -7.72 27.68
CA ALA F 253 -3.87 -8.01 26.59
C ALA F 253 -5.00 -8.91 27.10
N GLY F 254 -6.23 -8.50 26.83
CA GLY F 254 -7.39 -9.23 27.31
C GLY F 254 -7.83 -8.85 28.70
N SER F 255 -7.40 -7.70 29.21
CA SER F 255 -7.75 -7.27 30.55
C SER F 255 -8.96 -6.33 30.50
N VAL F 256 -9.42 -5.91 31.67
CA VAL F 256 -10.49 -4.94 31.80
C VAL F 256 -10.16 -4.04 32.97
N ILE F 257 -9.91 -2.76 32.69
CA ILE F 257 -9.56 -1.79 33.72
C ILE F 257 -10.75 -0.87 33.93
N GLY F 258 -10.90 -0.37 35.15
CA GLY F 258 -12.02 0.47 35.48
C GLY F 258 -11.61 1.88 35.84
N VAL F 259 -12.11 2.87 35.10
CA VAL F 259 -11.75 4.26 35.28
C VAL F 259 -12.92 4.98 35.94
N MET F 260 -12.63 5.76 36.97
CA MET F 260 -13.64 6.53 37.67
C MET F 260 -13.14 7.95 37.85
N ILE F 261 -13.91 8.92 37.35
CA ILE F 261 -13.59 10.34 37.46
C ILE F 261 -14.38 10.92 38.62
N LEU F 262 -13.74 11.77 39.40
CA LEU F 262 -14.36 12.40 40.56
C LEU F 262 -14.33 13.91 40.39
N PHE F 263 -15.48 14.55 40.59
CA PHE F 263 -15.60 15.99 40.39
C PHE F 263 -15.39 16.73 41.70
N GLY F 264 -14.63 17.82 41.63
CA GLY F 264 -14.43 18.66 42.78
C GLY F 264 -15.46 19.77 42.83
N PRO F 265 -15.25 20.76 43.69
CA PRO F 265 -16.20 21.89 43.74
C PRO F 265 -16.12 22.75 42.50
N ASP F 266 -14.95 22.83 41.87
CA ASP F 266 -14.77 23.66 40.69
C ASP F 266 -15.66 23.21 39.54
N LEU F 267 -15.95 21.92 39.45
CA LEU F 267 -16.76 21.38 38.36
C LEU F 267 -18.02 20.69 38.81
N GLY F 268 -18.08 20.20 40.05
CA GLY F 268 -19.26 19.52 40.54
C GLY F 268 -20.49 20.40 40.65
N SER F 269 -20.34 21.71 40.57
CA SER F 269 -21.48 22.63 40.59
C SER F 269 -22.18 22.72 39.25
N HIS F 270 -21.83 21.87 38.30
CA HIS F 270 -22.43 21.85 36.98
C HIS F 270 -22.97 20.47 36.67
N VAL F 271 -24.17 20.41 36.11
CA VAL F 271 -24.76 19.17 35.62
C VAL F 271 -24.77 19.23 34.10
N PHE F 272 -24.18 18.23 33.47
CA PHE F 272 -24.09 18.19 32.01
C PHE F 272 -25.41 17.67 31.47
N GLN F 273 -26.20 18.58 30.91
CA GLN F 273 -27.49 18.25 30.32
C GLN F 273 -27.59 18.96 28.99
N TYR F 274 -27.99 18.23 27.95
CA TYR F 274 -28.09 18.78 26.60
C TYR F 274 -26.74 19.29 26.11
N GLN F 275 -25.66 18.66 26.57
CA GLN F 275 -24.31 19.03 26.19
C GLN F 275 -23.57 17.81 25.67
N THR F 276 -22.37 18.05 25.18
CA THR F 276 -21.50 17.00 24.65
C THR F 276 -20.28 16.87 25.54
N ILE F 277 -20.11 15.70 26.14
CA ILE F 277 -19.00 15.42 27.05
C ILE F 277 -17.96 14.62 26.29
N THR F 278 -16.71 15.06 26.33
CA THR F 278 -15.62 14.41 25.62
C THR F 278 -14.53 14.04 26.60
N ILE F 279 -14.08 12.78 26.54
CA ILE F 279 -12.98 12.28 27.35
C ILE F 279 -11.98 11.62 26.41
N GLN F 280 -10.69 11.84 26.69
CA GLN F 280 -9.64 11.31 25.83
C GLN F 280 -8.50 10.78 26.69
N ILE F 281 -8.26 9.47 26.63
CA ILE F 281 -7.14 8.85 27.31
C ILE F 281 -6.01 8.71 26.31
N THR F 282 -4.84 9.22 26.65
CA THR F 282 -3.68 9.21 25.75
C THR F 282 -2.46 8.67 26.46
N PRO F 283 -2.08 7.42 26.20
CA PRO F 283 -0.89 6.86 26.86
C PRO F 283 0.38 7.37 26.21
N ASN F 284 1.51 6.94 26.76
CA ASN F 284 2.80 7.40 26.26
C ASN F 284 3.05 6.90 24.84
N ILE F 285 2.68 5.66 24.56
CA ILE F 285 2.82 5.08 23.23
C ILE F 285 1.51 4.40 22.84
N GLY F 286 1.16 4.49 21.57
CA GLY F 286 -0.07 3.91 21.07
C GLY F 286 -1.14 4.96 20.83
N SER F 287 -2.26 4.49 20.32
CA SER F 287 -3.35 5.36 19.90
C SER F 287 -4.13 5.87 21.12
N PRO F 288 -4.69 7.08 21.03
CA PRO F 288 -5.48 7.60 22.14
C PRO F 288 -6.95 7.28 22.01
N LEU F 289 -7.58 6.87 23.11
CA LEU F 289 -9.00 6.59 23.11
C LEU F 289 -9.79 7.85 23.42
N THR F 290 -10.76 8.16 22.57
CA THR F 290 -11.62 9.33 22.75
C THR F 290 -13.07 8.89 22.84
N ILE F 291 -13.76 9.32 23.89
CA ILE F 291 -15.17 9.04 24.08
C ILE F 291 -15.93 10.36 24.08
N SER F 292 -17.03 10.40 23.33
CA SER F 292 -17.86 11.61 23.24
C SER F 292 -19.32 11.19 23.30
N GLU F 293 -20.06 11.75 24.24
CA GLU F 293 -21.45 11.41 24.45
C GLU F 293 -22.30 12.66 24.52
N TYR F 294 -23.58 12.52 24.18
CA TYR F 294 -24.58 13.56 24.35
C TYR F 294 -25.48 13.16 25.50
N VAL F 295 -25.59 14.02 26.50
CA VAL F 295 -26.31 13.71 27.73
C VAL F 295 -27.63 14.48 27.71
N TYR F 296 -28.74 13.75 27.65
CA TYR F 296 -30.05 14.39 27.51
C TYR F 296 -30.58 14.87 28.85
N GLN F 297 -30.87 13.93 29.76
CA GLN F 297 -31.46 14.22 31.05
C GLN F 297 -31.14 13.10 32.01
N PRO F 298 -30.61 13.41 33.20
CA PRO F 298 -30.26 12.35 34.14
C PRO F 298 -31.50 11.68 34.71
N GLU F 299 -31.33 10.41 35.09
CA GLU F 299 -32.41 9.67 35.72
C GLU F 299 -31.83 8.55 36.56
N GLY F 300 -32.49 8.26 37.69
CA GLY F 300 -32.11 7.16 38.55
C GLY F 300 -30.83 7.35 39.33
N SER F 301 -30.21 8.53 39.27
CA SER F 301 -28.99 8.87 40.00
C SER F 301 -27.78 8.14 39.42
N VAL F 302 -28.02 7.20 38.51
CA VAL F 302 -26.97 6.59 37.70
C VAL F 302 -27.52 6.43 36.30
N SER F 303 -27.16 7.34 35.40
CA SER F 303 -27.70 7.33 34.04
C SER F 303 -26.68 6.70 33.12
N VAL F 304 -27.07 5.62 32.44
CA VAL F 304 -26.23 5.05 31.40
C VAL F 304 -25.99 6.11 30.34
N ILE F 305 -24.72 6.34 30.03
CA ILE F 305 -24.28 7.43 29.14
C ILE F 305 -24.58 8.79 29.75
N LEU G 19 48.96 6.03 -6.69
CA LEU G 19 47.79 5.23 -7.04
C LEU G 19 46.93 4.98 -5.80
N ALA G 20 45.63 4.83 -6.02
CA ALA G 20 44.67 4.65 -4.94
C ALA G 20 43.93 3.32 -5.00
N GLY G 21 44.24 2.47 -5.99
CA GLY G 21 43.57 1.19 -6.08
C GLY G 21 43.74 0.36 -4.83
N LEU G 22 44.93 0.38 -4.22
CA LEU G 22 45.12 -0.28 -2.94
C LEU G 22 44.32 0.42 -1.85
N ASP G 23 44.08 1.72 -2.00
CA ASP G 23 43.46 2.51 -0.94
C ASP G 23 41.96 2.31 -0.87
N THR G 24 41.31 1.91 -1.97
CA THR G 24 39.88 1.70 -1.96
C THR G 24 39.50 0.31 -1.49
N ALA G 25 40.41 -0.65 -1.57
CA ALA G 25 40.10 -2.02 -1.15
C ALA G 25 39.63 -2.04 0.30
N ILE G 26 40.23 -1.19 1.14
CA ILE G 26 39.80 -1.12 2.53
C ILE G 26 38.41 -0.53 2.63
N ILE G 27 38.08 0.42 1.75
CA ILE G 27 36.77 1.06 1.80
C ILE G 27 35.70 0.12 1.26
N LEU G 28 36.01 -0.64 0.22
CA LEU G 28 35.05 -1.59 -0.34
C LEU G 28 34.61 -2.60 0.72
N ILE G 29 35.58 -3.15 1.46
CA ILE G 29 35.27 -4.21 2.41
C ILE G 29 34.37 -3.68 3.52
N ALA G 30 34.65 -2.48 4.02
CA ALA G 30 33.82 -1.91 5.08
C ALA G 30 32.42 -1.62 4.58
N PHE G 31 32.30 -1.21 3.31
CA PHE G 31 30.99 -0.87 2.78
C PHE G 31 30.13 -2.12 2.60
N ILE G 32 30.74 -3.24 2.20
CA ILE G 32 29.99 -4.48 2.06
C ILE G 32 29.54 -4.98 3.43
N ILE G 33 30.36 -4.76 4.46
CA ILE G 33 30.01 -5.24 5.79
C ILE G 33 28.80 -4.49 6.33
N THR G 34 28.84 -3.16 6.28
CA THR G 34 27.73 -2.38 6.82
C THR G 34 26.48 -2.51 5.96
N ALA G 35 26.65 -2.81 4.68
CA ALA G 35 25.50 -3.01 3.81
C ALA G 35 24.81 -4.34 4.11
N SER G 36 25.62 -5.39 4.31
CA SER G 36 25.05 -6.69 4.60
C SER G 36 24.28 -6.67 5.92
N VAL G 37 24.84 -6.05 6.95
CA VAL G 37 24.17 -6.01 8.24
C VAL G 37 22.84 -5.27 8.12
N LEU G 38 22.86 -4.11 7.47
CA LEU G 38 21.63 -3.36 7.25
C LEU G 38 20.65 -4.18 6.41
N ALA G 39 21.17 -4.98 5.49
CA ALA G 39 20.30 -5.83 4.69
C ALA G 39 19.56 -6.84 5.56
N TYR G 40 20.30 -7.66 6.30
CA TYR G 40 19.64 -8.79 6.96
C TYR G 40 18.95 -8.39 8.26
N VAL G 41 19.03 -7.13 8.68
CA VAL G 41 18.17 -6.70 9.77
C VAL G 41 16.80 -6.33 9.22
N ALA G 42 16.74 -5.96 7.94
CA ALA G 42 15.44 -5.74 7.30
C ALA G 42 14.73 -7.07 7.09
N ILE G 43 15.44 -8.07 6.57
CA ILE G 43 14.87 -9.41 6.47
C ILE G 43 14.39 -9.89 7.83
N ASN G 44 15.15 -9.59 8.88
CA ASN G 44 14.77 -10.04 10.21
C ASN G 44 13.55 -9.29 10.73
N MET G 45 13.41 -8.01 10.38
CA MET G 45 12.27 -7.24 10.86
C MET G 45 11.04 -7.44 9.98
N GLY G 46 11.23 -7.77 8.71
CA GLY G 46 10.09 -8.01 7.84
C GLY G 46 9.27 -9.21 8.29
N LEU G 47 9.94 -10.29 8.71
CA LEU G 47 9.22 -11.44 9.23
C LEU G 47 8.47 -11.08 10.50
N PHE G 48 9.06 -10.23 11.34
CA PHE G 48 8.42 -9.88 12.61
C PHE G 48 7.10 -9.16 12.37
N VAL G 49 7.11 -8.16 11.49
CA VAL G 49 5.91 -7.37 11.26
C VAL G 49 4.87 -8.16 10.46
N THR G 50 5.32 -9.01 9.54
CA THR G 50 4.38 -9.80 8.76
C THR G 50 3.77 -10.91 9.58
N GLN G 51 4.59 -11.62 10.37
CA GLN G 51 4.04 -12.63 11.27
C GLN G 51 3.03 -12.01 12.23
N LYS G 52 3.30 -10.77 12.67
CA LYS G 52 2.34 -10.09 13.53
C LYS G 52 1.01 -9.90 12.83
N ALA G 53 1.05 -9.58 11.53
CA ALA G 53 -0.19 -9.37 10.78
C ALA G 53 -1.03 -10.64 10.76
N LYS G 54 -0.39 -11.80 10.80
CA LYS G 54 -1.13 -13.05 10.84
C LYS G 54 -1.80 -13.25 12.20
N SER G 55 -1.07 -12.95 13.28
CA SER G 55 -1.62 -13.13 14.62
C SER G 55 -2.85 -12.26 14.82
N THR G 56 -2.81 -11.02 14.36
CA THR G 56 -3.96 -10.13 14.53
C THR G 56 -5.15 -10.60 13.73
N ILE G 57 -4.92 -11.13 12.53
CA ILE G 57 -6.03 -11.63 11.72
C ILE G 57 -6.62 -12.88 12.35
N ASN G 58 -5.77 -13.72 12.95
CA ASN G 58 -6.26 -14.88 13.69
C ASN G 58 -7.13 -14.43 14.87
N LYS G 59 -6.59 -13.53 15.70
CA LYS G 59 -7.37 -13.00 16.81
C LYS G 59 -8.56 -12.17 16.32
N GLY G 60 -8.35 -11.36 15.28
CA GLY G 60 -9.43 -10.53 14.78
C GLY G 60 -10.62 -11.35 14.29
N GLU G 61 -10.34 -12.41 13.54
CA GLU G 61 -11.42 -13.32 13.16
C GLU G 61 -12.07 -13.94 14.38
N GLU G 62 -11.29 -14.18 15.44
CA GLU G 62 -11.85 -14.73 16.66
C GLU G 62 -12.80 -13.74 17.33
N THR G 63 -12.52 -12.45 17.19
CA THR G 63 -13.48 -11.43 17.65
C THR G 63 -14.77 -11.52 16.86
N ALA G 64 -14.67 -11.54 15.53
CA ALA G 64 -15.86 -11.59 14.69
C ALA G 64 -16.57 -12.93 14.84
N SER G 65 -15.82 -14.03 14.73
CA SER G 65 -16.44 -15.35 14.74
C SER G 65 -17.05 -15.65 16.11
N THR G 66 -16.22 -15.72 17.14
CA THR G 66 -16.71 -16.11 18.46
C THR G 66 -17.64 -15.03 19.01
N ALA G 67 -18.85 -15.44 19.39
CA ALA G 67 -19.84 -14.51 19.91
C ALA G 67 -20.86 -15.30 20.71
N LEU G 68 -21.02 -14.94 21.98
CA LEU G 68 -22.02 -15.59 22.83
C LEU G 68 -23.38 -15.02 22.53
N THR G 69 -24.39 -15.89 22.47
CA THR G 69 -25.78 -15.47 22.28
C THR G 69 -26.65 -16.19 23.29
N LEU G 70 -27.56 -15.45 23.90
CA LEU G 70 -28.48 -16.05 24.86
C LEU G 70 -29.47 -16.95 24.14
N SER G 71 -29.65 -18.15 24.65
CA SER G 71 -30.58 -19.12 24.07
C SER G 71 -31.38 -19.75 25.20
N GLY G 72 -32.57 -19.23 25.45
CA GLY G 72 -33.38 -19.69 26.55
C GLY G 72 -33.71 -18.53 27.47
N SER G 73 -34.98 -18.43 27.87
CA SER G 73 -35.44 -17.30 28.66
C SER G 73 -34.69 -17.22 29.99
N VAL G 74 -34.60 -16.01 30.51
CA VAL G 74 -34.00 -15.78 31.82
C VAL G 74 -35.03 -16.03 32.89
N LEU G 75 -34.57 -16.22 34.12
CA LEU G 75 -35.46 -16.45 35.25
C LEU G 75 -34.99 -15.63 36.44
N TYR G 76 -35.95 -15.16 37.22
CA TYR G 76 -35.67 -14.30 38.36
C TYR G 76 -36.56 -14.73 39.52
N ALA G 77 -35.94 -15.27 40.57
CA ALA G 77 -36.66 -15.81 41.71
C ALA G 77 -36.66 -14.81 42.86
N VAL G 78 -37.74 -14.84 43.64
CA VAL G 78 -37.97 -13.87 44.71
C VAL G 78 -39.04 -14.44 45.62
N ASN G 79 -38.97 -14.11 46.92
CA ASN G 79 -39.99 -14.57 47.86
C ASN G 79 -41.35 -14.04 47.44
N TYR G 80 -42.24 -14.95 47.05
CA TYR G 80 -43.49 -14.62 46.38
C TYR G 80 -44.50 -13.87 47.25
N PRO G 81 -44.82 -14.34 48.46
CA PRO G 81 -45.87 -13.63 49.23
C PRO G 81 -45.52 -12.20 49.54
N SER G 82 -44.29 -11.94 49.98
CA SER G 82 -43.82 -10.59 50.27
C SER G 82 -42.57 -10.35 49.44
N ASN G 83 -42.71 -9.57 48.36
CA ASN G 83 -41.60 -9.29 47.46
C ASN G 83 -40.64 -8.33 48.17
N THR G 84 -39.73 -8.90 48.95
CA THR G 84 -38.82 -8.11 49.75
C THR G 84 -37.38 -8.55 49.53
N ARG G 85 -37.18 -9.83 49.21
CA ARG G 85 -35.84 -10.38 49.05
C ARG G 85 -35.70 -11.06 47.70
N SER G 86 -34.73 -10.62 46.91
CA SER G 86 -34.43 -11.24 45.62
C SER G 86 -33.42 -12.35 45.82
N TYR G 87 -33.71 -13.52 45.26
CA TYR G 87 -32.92 -14.72 45.56
C TYR G 87 -31.82 -14.98 44.54
N TRP G 88 -32.18 -15.19 43.27
CA TRP G 88 -31.19 -15.57 42.27
C TRP G 88 -31.72 -15.30 40.88
N ILE G 89 -30.83 -15.48 39.90
CA ILE G 89 -31.13 -15.29 38.48
C ILE G 89 -30.36 -16.33 37.68
N TYR G 90 -31.02 -16.95 36.70
CA TYR G 90 -30.42 -17.99 35.91
C TYR G 90 -30.77 -17.80 34.44
N PHE G 91 -29.83 -18.13 33.56
CA PHE G 91 -30.07 -18.13 32.12
C PHE G 91 -28.99 -18.94 31.45
N THR G 92 -29.28 -19.40 30.24
CA THR G 92 -28.35 -20.19 29.46
C THR G 92 -27.66 -19.33 28.42
N VAL G 93 -26.40 -19.65 28.16
CA VAL G 93 -25.58 -18.91 27.21
C VAL G 93 -24.86 -19.90 26.32
N SER G 94 -24.96 -19.72 25.01
CA SER G 94 -24.35 -20.64 24.07
C SER G 94 -23.57 -19.87 23.01
N PRO G 95 -22.42 -20.40 22.57
CA PRO G 95 -21.73 -19.81 21.43
C PRO G 95 -22.64 -19.74 20.21
N SER G 96 -22.42 -18.72 19.39
CA SER G 96 -23.34 -18.42 18.29
C SER G 96 -23.46 -19.58 17.32
N SER G 97 -22.37 -19.94 16.67
CA SER G 97 -22.40 -20.95 15.62
C SER G 97 -21.15 -21.81 15.75
N GLY G 98 -20.87 -22.60 14.73
CA GLY G 98 -19.65 -23.37 14.71
C GLY G 98 -18.45 -22.52 14.38
N VAL G 99 -18.34 -21.37 15.03
CA VAL G 99 -17.30 -20.41 14.69
C VAL G 99 -15.96 -20.83 15.30
N SER G 100 -15.90 -20.92 16.63
CA SER G 100 -14.69 -21.30 17.35
C SER G 100 -15.02 -21.34 18.83
N SER G 101 -14.16 -21.98 19.59
CA SER G 101 -14.36 -22.10 21.02
C SER G 101 -14.14 -20.77 21.71
N VAL G 102 -14.90 -20.54 22.78
CA VAL G 102 -14.73 -19.37 23.62
C VAL G 102 -14.34 -19.83 25.02
N GLU G 103 -13.47 -19.06 25.66
CA GLU G 103 -12.94 -19.40 26.97
C GLU G 103 -13.68 -18.60 28.03
N LEU G 104 -14.27 -19.30 28.99
CA LEU G 104 -15.05 -18.68 30.06
C LEU G 104 -14.42 -18.94 31.42
N SER G 105 -13.11 -18.85 31.51
CA SER G 105 -12.44 -19.05 32.78
C SER G 105 -12.74 -17.88 33.71
N PRO G 106 -13.00 -18.14 35.00
CA PRO G 106 -13.36 -17.05 35.91
C PRO G 106 -12.23 -16.08 36.17
N SER G 107 -11.02 -16.39 35.73
CA SER G 107 -9.89 -15.49 35.94
C SER G 107 -9.78 -14.42 34.87
N THR G 108 -10.26 -14.70 33.66
CA THR G 108 -10.16 -13.77 32.54
C THR G 108 -11.45 -13.01 32.28
N THR G 109 -12.57 -13.72 32.15
CA THR G 109 -13.82 -13.08 31.79
C THR G 109 -14.38 -12.30 32.97
N ALA G 110 -15.45 -11.54 32.69
CA ALA G 110 -16.10 -10.74 33.72
C ALA G 110 -17.58 -10.66 33.44
N ILE G 111 -18.38 -10.57 34.50
CA ILE G 111 -19.82 -10.45 34.40
C ILE G 111 -20.23 -9.22 35.21
N SER G 112 -20.88 -8.27 34.56
CA SER G 112 -21.25 -7.00 35.19
C SER G 112 -22.76 -6.91 35.27
N PHE G 113 -23.29 -6.84 36.49
CA PHE G 113 -24.70 -6.69 36.76
C PHE G 113 -24.95 -5.32 37.37
N THR G 114 -25.90 -4.58 36.80
CA THR G 114 -26.16 -3.23 37.27
C THR G 114 -27.63 -2.88 37.09
N ALA G 115 -28.17 -2.15 38.06
CA ALA G 115 -29.54 -1.66 38.05
C ALA G 115 -29.48 -0.15 38.27
N SER G 116 -29.84 0.61 37.24
CA SER G 116 -29.65 2.06 37.30
C SER G 116 -30.59 2.72 38.28
N ALA G 117 -31.72 2.07 38.60
CA ALA G 117 -32.72 2.71 39.45
C ALA G 117 -32.18 3.01 40.84
N GLU G 118 -31.84 1.97 41.60
CA GLU G 118 -31.33 2.17 42.94
C GLU G 118 -29.92 2.75 42.96
N GLY G 119 -29.24 2.81 41.82
CA GLY G 119 -27.89 3.30 41.78
C GLY G 119 -26.82 2.26 42.01
N ILE G 120 -27.12 0.99 41.78
CA ILE G 120 -26.17 -0.08 41.99
C ILE G 120 -25.50 -0.42 40.67
N SER G 121 -24.24 -0.83 40.74
CA SER G 121 -23.47 -1.19 39.56
C SER G 121 -22.29 -2.03 40.00
N TYR G 122 -22.24 -3.28 39.56
CA TYR G 122 -21.17 -4.19 39.91
C TYR G 122 -20.25 -4.38 38.70
N SER G 123 -19.18 -5.14 38.93
CA SER G 123 -18.25 -5.47 37.86
C SER G 123 -17.53 -6.75 38.24
N ASN G 124 -17.61 -7.76 37.38
CA ASN G 124 -16.90 -9.02 37.56
C ASN G 124 -17.29 -9.69 38.88
N ILE G 125 -18.54 -10.13 38.92
CA ILE G 125 -19.03 -10.95 40.02
C ILE G 125 -18.88 -12.41 39.65
N TYR G 126 -18.06 -12.69 38.64
CA TYR G 126 -17.77 -14.04 38.18
C TYR G 126 -16.61 -14.59 38.99
N GLU G 127 -16.89 -15.58 39.84
CA GLU G 127 -15.87 -16.12 40.74
C GLU G 127 -15.53 -17.58 40.45
N TYR G 128 -16.52 -18.45 40.36
CA TYR G 128 -16.29 -19.89 40.27
C TYR G 128 -16.82 -20.44 38.95
N THR G 129 -16.62 -21.74 38.75
CA THR G 129 -17.03 -22.43 37.54
C THR G 129 -17.05 -23.92 37.82
N LEU G 130 -17.89 -24.63 37.07
CA LEU G 130 -18.00 -26.08 37.20
C LEU G 130 -17.47 -26.81 35.98
N LEU G 131 -17.09 -26.09 34.93
CA LEU G 131 -16.57 -26.77 33.74
C LEU G 131 -15.21 -27.40 34.00
N THR G 132 -14.46 -26.88 34.98
CA THR G 132 -13.13 -27.39 35.25
C THR G 132 -13.13 -28.66 36.11
N VAL G 133 -14.25 -28.95 36.77
CA VAL G 133 -14.28 -30.06 37.73
C VAL G 133 -14.66 -31.34 36.99
N SER G 134 -13.81 -32.36 37.13
CA SER G 134 -14.09 -33.64 36.53
C SER G 134 -15.26 -34.33 37.24
N PRO G 135 -16.09 -35.07 36.51
CA PRO G 135 -17.26 -35.70 37.12
C PRO G 135 -16.96 -36.95 37.93
N SER G 136 -15.70 -37.20 38.26
CA SER G 136 -15.37 -38.39 39.02
C SER G 136 -15.83 -38.27 40.48
N GLU G 137 -15.38 -37.22 41.16
CA GLU G 137 -15.64 -37.10 42.60
C GLU G 137 -17.09 -36.77 42.92
N LEU G 138 -17.85 -36.27 41.93
CA LEU G 138 -19.19 -35.78 42.22
C LEU G 138 -20.13 -36.91 42.62
N ALA G 139 -20.14 -37.99 41.85
CA ALA G 139 -21.16 -39.03 42.01
C ALA G 139 -21.01 -39.82 43.31
N ASN G 140 -19.92 -39.65 44.06
CA ASN G 140 -19.69 -40.51 45.21
C ASN G 140 -20.43 -40.00 46.45
N GLN G 141 -20.10 -38.79 46.91
CA GLN G 141 -20.55 -38.34 48.23
C GLN G 141 -21.56 -37.19 48.12
N VAL G 142 -22.82 -37.56 47.94
CA VAL G 142 -23.95 -36.67 48.21
C VAL G 142 -25.20 -37.51 48.35
N TYR G 143 -25.99 -37.26 49.39
CA TYR G 143 -27.21 -38.02 49.63
C TYR G 143 -27.98 -37.41 50.78
N ALA G 144 -29.29 -37.60 50.76
CA ALA G 144 -30.16 -37.20 51.84
C ALA G 144 -31.21 -38.25 52.19
N ASN G 145 -31.19 -39.39 51.52
CA ASN G 145 -32.13 -40.47 51.76
C ASN G 145 -31.43 -41.79 51.47
N GLY G 146 -32.21 -42.86 51.31
CA GLY G 146 -31.65 -44.19 51.14
C GLY G 146 -30.70 -44.33 49.96
N GLN G 147 -30.76 -43.41 49.00
CA GLN G 147 -29.93 -43.49 47.81
C GLN G 147 -28.97 -42.30 47.76
N TYR G 148 -27.79 -42.54 47.19
CA TYR G 148 -26.82 -41.48 46.94
C TYR G 148 -27.09 -40.92 45.56
N LEU G 149 -27.89 -39.85 45.52
CA LEU G 149 -28.32 -39.30 44.24
C LEU G 149 -27.13 -38.78 43.44
N ASP G 150 -27.20 -38.95 42.13
CA ASP G 150 -26.14 -38.51 41.23
C ASP G 150 -26.44 -37.11 40.72
N LEU G 151 -25.40 -36.29 40.62
CA LEU G 151 -25.54 -34.92 40.15
C LEU G 151 -25.28 -34.81 38.65
N VAL G 152 -24.08 -35.19 38.24
CA VAL G 152 -23.70 -35.08 36.83
C VAL G 152 -24.27 -36.25 36.05
N ASN G 153 -24.78 -35.97 34.86
CA ASN G 153 -25.33 -36.98 33.96
C ASN G 153 -24.54 -36.93 32.67
N GLN G 154 -23.71 -37.94 32.43
CA GLN G 154 -22.76 -37.93 31.32
C GLN G 154 -23.11 -38.98 30.29
N GLN G 155 -22.95 -38.63 29.02
CA GLN G 155 -23.07 -39.55 27.91
C GLN G 155 -21.72 -39.71 27.22
N THR G 156 -21.68 -40.56 26.20
CA THR G 156 -20.46 -40.79 25.44
C THR G 156 -20.74 -41.41 24.08
N ASN G 157 -20.09 -40.90 23.04
CA ASN G 157 -20.19 -41.45 21.71
C ASN G 157 -19.15 -40.77 20.82
N ALA G 158 -18.90 -41.38 19.66
CA ALA G 158 -17.96 -40.87 18.66
C ALA G 158 -16.55 -40.70 19.21
N GLY G 159 -16.22 -41.42 20.29
CA GLY G 159 -14.90 -41.36 20.87
C GLY G 159 -14.69 -40.29 21.92
N GLN G 160 -15.75 -39.63 22.36
CA GLN G 160 -15.64 -38.59 23.38
C GLN G 160 -16.71 -38.81 24.44
N THR G 161 -16.50 -38.20 25.60
CA THR G 161 -17.41 -38.31 26.73
C THR G 161 -17.94 -36.92 27.07
N TYR G 162 -19.26 -36.75 26.95
CA TYR G 162 -19.90 -35.47 27.25
C TYR G 162 -20.49 -35.49 28.64
N VAL G 163 -20.65 -34.30 29.23
CA VAL G 163 -21.21 -34.15 30.56
C VAL G 163 -22.19 -32.99 30.55
N TYR G 164 -23.06 -32.97 31.56
CA TYR G 164 -23.99 -31.87 31.78
C TYR G 164 -24.69 -32.09 33.11
N TYR G 165 -25.44 -31.09 33.54
CA TYR G 165 -26.23 -31.12 34.75
C TYR G 165 -27.71 -31.00 34.41
N PRO G 166 -28.58 -31.72 35.12
CA PRO G 166 -30.00 -31.72 34.73
C PRO G 166 -30.69 -30.40 34.99
N ASN G 167 -30.47 -29.78 36.14
CA ASN G 167 -31.16 -28.54 36.44
C ASN G 167 -30.28 -27.64 37.31
N PRO G 168 -30.61 -26.36 37.47
CA PRO G 168 -29.80 -25.50 38.36
C PRO G 168 -29.78 -25.98 39.79
N TYR G 169 -30.77 -26.75 40.22
CA TYR G 169 -30.82 -27.16 41.62
C TYR G 169 -29.77 -28.24 41.91
N TYR G 170 -29.50 -29.11 40.94
CA TYR G 170 -28.45 -30.10 41.15
C TYR G 170 -27.07 -29.46 41.11
N ALA G 171 -26.92 -28.37 40.37
CA ALA G 171 -25.62 -27.72 40.28
C ALA G 171 -25.29 -26.95 41.54
N LEU G 172 -26.30 -26.42 42.23
CA LEU G 172 -26.04 -25.70 43.47
C LEU G 172 -25.41 -26.63 44.51
N LEU G 173 -25.91 -27.85 44.62
CA LEU G 173 -25.32 -28.81 45.56
C LEU G 173 -23.91 -29.19 45.12
N ALA G 174 -23.71 -29.38 43.81
CA ALA G 174 -22.37 -29.69 43.32
C ALA G 174 -21.41 -28.55 43.60
N LEU G 175 -21.90 -27.32 43.60
CA LEU G 175 -21.05 -26.19 43.97
C LEU G 175 -20.81 -26.18 45.47
N ASN G 176 -21.84 -26.46 46.27
CA ASN G 176 -21.66 -26.52 47.72
C ASN G 176 -20.63 -27.56 48.11
N TYR G 177 -20.45 -28.59 47.28
CA TYR G 177 -19.45 -29.60 47.56
C TYR G 177 -18.11 -29.24 46.93
N THR G 178 -18.12 -28.66 45.73
CA THR G 178 -16.87 -28.32 45.07
C THR G 178 -16.10 -27.28 45.84
N LEU G 179 -16.78 -26.22 46.30
CA LEU G 179 -16.12 -25.17 47.06
C LEU G 179 -15.61 -25.67 48.41
N SER G 180 -15.90 -26.91 48.78
CA SER G 180 -15.55 -27.41 50.10
C SER G 180 -14.51 -28.52 50.08
N LYS G 181 -14.59 -29.45 49.13
CA LYS G 181 -13.74 -30.63 49.15
C LYS G 181 -12.79 -30.76 47.96
N ILE G 182 -13.05 -30.08 46.85
CA ILE G 182 -12.14 -30.13 45.72
C ILE G 182 -11.13 -29.00 45.77
N ASP G 183 -11.60 -27.76 45.92
CA ASP G 183 -10.72 -26.61 46.09
C ASP G 183 -10.94 -26.02 47.47
N LYS G 184 -9.87 -25.53 48.07
CA LYS G 184 -9.89 -25.06 49.44
C LYS G 184 -9.95 -23.54 49.46
N VAL G 185 -11.08 -23.00 49.90
CA VAL G 185 -11.26 -21.58 50.13
C VAL G 185 -11.73 -21.41 51.58
N SER G 186 -10.96 -20.68 52.38
CA SER G 186 -11.27 -20.62 53.81
C SER G 186 -12.58 -19.90 54.10
N PRO G 187 -12.89 -18.73 53.50
CA PRO G 187 -14.26 -18.23 53.61
C PRO G 187 -15.14 -18.82 52.51
N SER G 188 -16.07 -19.65 52.86
CA SER G 188 -16.89 -20.23 51.81
C SER G 188 -18.10 -19.33 51.56
N PRO G 189 -18.30 -18.85 50.33
CA PRO G 189 -19.42 -17.95 50.05
C PRO G 189 -20.76 -18.65 49.87
N LEU G 190 -20.85 -19.94 50.18
CA LEU G 190 -22.10 -20.68 50.02
C LEU G 190 -22.11 -21.83 51.01
N TYR G 191 -23.25 -22.04 51.67
CA TYR G 191 -23.40 -23.09 52.67
C TYR G 191 -24.80 -23.67 52.53
N ILE G 192 -24.91 -24.76 51.78
CA ILE G 192 -26.18 -25.44 51.57
C ILE G 192 -26.29 -26.58 52.57
N THR G 193 -27.16 -26.43 53.55
CA THR G 193 -27.33 -27.43 54.59
C THR G 193 -28.79 -27.87 54.65
N THR G 194 -29.01 -29.04 55.26
CA THR G 194 -30.35 -29.59 55.43
C THR G 194 -30.90 -29.39 56.83
N THR G 195 -30.12 -28.78 57.73
CA THR G 195 -30.56 -28.63 59.11
C THR G 195 -31.66 -27.58 59.20
N THR G 196 -32.19 -27.41 60.40
CA THR G 196 -33.19 -26.39 60.63
C THR G 196 -32.53 -25.02 60.53
N PRO G 197 -33.11 -24.08 59.77
CA PRO G 197 -32.45 -22.77 59.59
C PRO G 197 -32.19 -22.05 60.91
N SER G 198 -33.12 -22.15 61.87
CA SER G 198 -32.89 -21.52 63.16
C SER G 198 -31.72 -22.18 63.88
N SER G 199 -31.63 -23.50 63.82
CA SER G 199 -30.54 -24.20 64.50
C SER G 199 -29.18 -23.83 63.91
N ALA G 200 -29.13 -23.63 62.59
CA ALA G 200 -27.88 -23.23 61.96
C ALA G 200 -27.35 -21.92 62.55
N THR G 201 -28.27 -21.01 62.91
CA THR G 201 -27.85 -19.78 63.57
C THR G 201 -27.24 -20.08 64.94
N GLN G 202 -27.77 -21.07 65.64
CA GLN G 202 -27.26 -21.38 66.97
C GLN G 202 -25.86 -21.98 66.90
N ILE G 203 -25.63 -22.88 65.95
CA ILE G 203 -24.31 -23.49 65.82
C ILE G 203 -23.36 -22.56 65.08
N TYR G 204 -23.85 -21.77 64.13
CA TYR G 204 -23.03 -20.83 63.40
C TYR G 204 -23.65 -19.44 63.48
N PRO G 205 -23.07 -18.51 64.26
CA PRO G 205 -23.68 -17.18 64.36
C PRO G 205 -23.62 -16.39 63.08
N PHE G 206 -22.50 -16.44 62.36
CA PHE G 206 -22.34 -15.65 61.15
C PHE G 206 -23.26 -16.10 60.02
N LEU G 207 -23.95 -17.23 60.17
CA LEU G 207 -24.91 -17.66 59.18
C LEU G 207 -26.21 -16.86 59.23
N ALA G 208 -26.39 -16.01 60.24
CA ALA G 208 -27.62 -15.25 60.37
C ALA G 208 -27.65 -14.03 59.47
N HIS G 209 -26.48 -13.56 59.03
CA HIS G 209 -26.41 -12.35 58.21
C HIS G 209 -26.56 -12.62 56.72
N ASP G 210 -26.45 -13.87 56.29
CA ASP G 210 -26.48 -14.18 54.88
C ASP G 210 -27.90 -14.27 54.35
N ASN G 211 -28.06 -14.01 53.06
CA ASN G 211 -29.35 -14.07 52.40
C ASN G 211 -29.69 -15.54 52.16
N MET G 212 -30.56 -16.09 53.00
CA MET G 212 -30.94 -17.49 52.92
C MET G 212 -32.06 -17.66 51.90
N PHE G 213 -31.83 -18.49 50.90
CA PHE G 213 -32.87 -18.90 49.97
C PHE G 213 -32.96 -20.41 49.96
N THR G 214 -34.19 -20.92 49.93
CA THR G 214 -34.46 -22.33 50.14
C THR G 214 -35.13 -22.93 48.90
N PHE G 215 -34.81 -24.19 48.62
CA PHE G 215 -35.43 -24.93 47.53
C PHE G 215 -35.70 -26.35 48.00
N THR G 216 -36.58 -27.03 47.28
CA THR G 216 -37.06 -28.34 47.69
C THR G 216 -36.81 -29.37 46.59
N LEU G 217 -36.49 -30.58 47.00
CA LEU G 217 -36.35 -31.71 46.11
C LEU G 217 -37.24 -32.85 46.61
N ASN G 218 -37.41 -33.86 45.76
CA ASN G 218 -38.24 -35.02 46.09
C ASN G 218 -37.40 -36.27 45.84
N ILE G 219 -36.91 -36.86 46.93
CA ILE G 219 -36.09 -38.07 46.87
C ILE G 219 -36.83 -39.16 47.63
N SER G 220 -36.94 -40.35 47.01
CA SER G 220 -37.61 -41.50 47.60
C SER G 220 -39.01 -41.13 48.09
N GLY G 221 -39.70 -40.28 47.33
CA GLY G 221 -41.06 -39.92 47.62
C GLY G 221 -41.26 -38.92 48.74
N THR G 222 -40.22 -38.59 49.50
CA THR G 222 -40.31 -37.60 50.56
C THR G 222 -39.61 -36.32 50.16
N LEU G 223 -39.96 -35.24 50.85
CA LEU G 223 -39.45 -33.91 50.52
C LEU G 223 -38.18 -33.62 51.30
N VAL G 224 -37.22 -32.99 50.62
CA VAL G 224 -35.97 -32.56 51.23
C VAL G 224 -35.84 -31.06 51.01
N THR G 225 -35.80 -30.31 52.09
CA THR G 225 -35.77 -28.85 52.04
C THR G 225 -34.35 -28.38 52.36
N TYR G 226 -33.61 -27.98 51.33
CA TYR G 226 -32.28 -27.45 51.52
C TYR G 226 -32.35 -25.97 51.88
N TYR G 227 -31.32 -25.50 52.58
CA TYR G 227 -31.25 -24.11 53.05
C TYR G 227 -29.92 -23.53 52.61
N ALA G 228 -29.93 -22.82 51.50
CA ALA G 228 -28.70 -22.26 50.91
C ALA G 228 -28.50 -20.84 51.42
N PHE G 229 -27.32 -20.59 51.98
CA PHE G 229 -26.96 -19.27 52.49
C PHE G 229 -25.83 -18.70 51.65
N VAL G 230 -25.97 -17.44 51.24
CA VAL G 230 -24.97 -16.76 50.43
C VAL G 230 -24.63 -15.44 51.10
N ASN G 231 -23.35 -15.14 51.23
CA ASN G 231 -22.88 -13.93 51.88
C ASN G 231 -22.25 -12.93 50.93
N GLN G 232 -22.21 -13.24 49.64
CA GLN G 232 -21.56 -12.37 48.68
C GLN G 232 -22.19 -12.60 47.31
N THR G 233 -22.51 -11.50 46.62
CA THR G 233 -23.11 -11.61 45.30
C THR G 233 -22.08 -12.12 44.30
N PHE G 234 -22.25 -13.35 43.84
CA PHE G 234 -21.30 -13.96 42.92
C PHE G 234 -22.08 -14.72 41.86
N ALA G 235 -21.34 -15.30 40.91
CA ALA G 235 -21.95 -16.06 39.82
C ALA G 235 -21.03 -17.22 39.46
N PHE G 236 -21.61 -18.21 38.81
CA PHE G 236 -20.86 -19.38 38.37
C PHE G 236 -21.48 -19.92 37.10
N THR G 237 -20.74 -20.78 36.42
CA THR G 237 -21.17 -21.38 35.17
C THR G 237 -20.96 -22.88 35.22
N TYR G 238 -21.69 -23.59 34.36
CA TYR G 238 -21.61 -25.04 34.32
C TYR G 238 -22.09 -25.51 32.95
N PRO G 239 -21.57 -26.61 32.44
CA PRO G 239 -22.03 -27.11 31.15
C PRO G 239 -23.46 -27.64 31.25
N VAL G 240 -24.20 -27.48 30.17
CA VAL G 240 -25.60 -27.91 30.18
C VAL G 240 -25.91 -28.73 28.94
N ALA G 241 -25.03 -28.69 27.94
CA ALA G 241 -25.27 -29.47 26.73
C ALA G 241 -24.01 -29.48 25.88
N GLY G 242 -23.68 -30.66 25.36
CA GLY G 242 -22.71 -30.75 24.28
C GLY G 242 -21.35 -30.16 24.59
N ASP G 243 -20.80 -30.46 25.76
CA ASP G 243 -19.46 -30.00 26.09
C ASP G 243 -18.51 -31.18 26.19
N PRO G 244 -17.97 -31.66 25.07
CA PRO G 244 -17.02 -32.77 25.15
C PRO G 244 -15.73 -32.38 25.81
N LEU G 245 -15.42 -31.10 25.89
CA LEU G 245 -14.19 -30.61 26.49
C LEU G 245 -14.47 -30.31 27.96
N ILE G 246 -14.31 -31.31 28.80
CA ILE G 246 -14.62 -31.20 30.22
C ILE G 246 -13.33 -31.09 31.02
N GLY G 247 -13.32 -30.17 31.97
CA GLY G 247 -12.17 -29.95 32.83
C GLY G 247 -11.27 -28.80 32.42
N SER G 248 -11.71 -27.94 31.49
CA SER G 248 -10.85 -26.89 30.97
C SER G 248 -11.49 -25.52 30.88
N ALA G 249 -12.79 -25.39 31.16
CA ALA G 249 -13.49 -24.10 31.10
C ALA G 249 -13.42 -23.49 29.71
N ILE G 250 -13.44 -24.34 28.69
CA ILE G 250 -13.49 -23.92 27.30
C ILE G 250 -14.85 -24.29 26.75
N ALA G 251 -15.57 -23.30 26.21
CA ALA G 251 -16.88 -23.55 25.64
C ALA G 251 -16.72 -23.81 24.15
N PRO G 252 -16.91 -25.04 23.68
CA PRO G 252 -16.75 -25.32 22.25
C PRO G 252 -17.93 -24.83 21.45
N ALA G 253 -17.70 -24.67 20.15
CA ALA G 253 -18.74 -24.17 19.26
C ALA G 253 -19.93 -25.12 19.23
N GLY G 254 -21.12 -24.57 19.28
CA GLY G 254 -22.34 -25.35 19.34
C GLY G 254 -22.76 -25.80 20.72
N SER G 255 -21.86 -25.76 21.70
CA SER G 255 -22.22 -26.14 23.05
C SER G 255 -23.18 -25.12 23.66
N VAL G 256 -23.74 -25.49 24.81
CA VAL G 256 -24.62 -24.60 25.56
C VAL G 256 -24.10 -24.57 27.00
N ILE G 257 -23.86 -23.37 27.52
CA ILE G 257 -23.36 -23.19 28.87
C ILE G 257 -24.48 -22.57 29.70
N GLY G 258 -24.47 -22.86 30.99
CA GLY G 258 -25.46 -22.33 31.91
C GLY G 258 -24.80 -21.35 32.86
N VAL G 259 -25.51 -20.25 33.15
CA VAL G 259 -25.02 -19.20 34.03
C VAL G 259 -26.04 -18.97 35.13
N MET G 260 -25.58 -18.82 36.36
CA MET G 260 -26.46 -18.58 37.48
C MET G 260 -25.87 -17.48 38.36
N ILE G 261 -26.72 -16.56 38.79
CA ILE G 261 -26.31 -15.43 39.61
C ILE G 261 -26.99 -15.54 40.95
N LEU G 262 -26.20 -15.59 42.02
CA LEU G 262 -26.73 -15.66 43.37
C LEU G 262 -26.54 -14.31 44.05
N PHE G 263 -27.57 -13.88 44.77
CA PHE G 263 -27.59 -12.56 45.39
C PHE G 263 -27.17 -12.65 46.85
N GLY G 264 -26.26 -11.78 47.27
CA GLY G 264 -25.84 -11.70 48.64
C GLY G 264 -26.77 -10.83 49.46
N PRO G 265 -26.35 -10.50 50.68
CA PRO G 265 -27.21 -9.65 51.52
C PRO G 265 -27.22 -8.20 51.07
N ASP G 266 -26.12 -7.72 50.48
CA ASP G 266 -26.07 -6.34 50.02
C ASP G 266 -27.12 -6.06 48.96
N LEU G 267 -27.23 -6.94 47.97
CA LEU G 267 -28.15 -6.78 46.86
C LEU G 267 -29.46 -7.54 47.06
N GLY G 268 -29.50 -8.47 48.00
CA GLY G 268 -30.72 -9.23 48.23
C GLY G 268 -31.81 -8.51 48.98
N SER G 269 -31.57 -7.27 49.39
CA SER G 269 -32.57 -6.49 50.10
C SER G 269 -33.46 -5.69 49.15
N HIS G 270 -33.25 -5.80 47.85
CA HIS G 270 -34.02 -5.06 46.87
C HIS G 270 -34.72 -6.03 45.93
N VAL G 271 -35.95 -5.69 45.57
CA VAL G 271 -36.72 -6.45 44.57
C VAL G 271 -36.94 -5.53 43.38
N PHE G 272 -36.42 -5.93 42.23
CA PHE G 272 -36.48 -5.11 41.03
C PHE G 272 -37.92 -5.08 40.52
N GLN G 273 -38.53 -3.90 40.56
CA GLN G 273 -39.88 -3.69 40.04
C GLN G 273 -39.89 -2.41 39.23
N TYR G 274 -40.36 -2.50 37.99
CA TYR G 274 -40.42 -1.37 37.07
C TYR G 274 -39.05 -0.77 36.78
N GLN G 275 -37.99 -1.54 36.99
CA GLN G 275 -36.63 -1.10 36.73
C GLN G 275 -36.10 -1.74 35.45
N THR G 276 -34.84 -1.48 35.13
CA THR G 276 -34.21 -1.99 33.92
C THR G 276 -32.95 -2.75 34.32
N ILE G 277 -33.10 -4.05 34.55
CA ILE G 277 -31.98 -4.92 34.87
C ILE G 277 -31.15 -5.17 33.63
N THR G 278 -29.83 -5.14 33.76
CA THR G 278 -28.97 -5.39 32.63
C THR G 278 -27.68 -6.08 33.08
N ILE G 279 -27.27 -7.09 32.33
CA ILE G 279 -26.08 -7.88 32.60
C ILE G 279 -25.20 -7.85 31.36
N GLN G 280 -23.89 -7.97 31.57
CA GLN G 280 -22.93 -7.96 30.47
C GLN G 280 -21.83 -8.96 30.75
N ILE G 281 -21.69 -9.95 29.88
CA ILE G 281 -20.69 -10.99 30.01
C ILE G 281 -19.58 -10.67 29.00
N THR G 282 -18.43 -10.22 29.49
CA THR G 282 -17.36 -9.81 28.61
C THR G 282 -16.21 -10.82 28.64
N PRO G 283 -16.00 -11.59 27.58
CA PRO G 283 -14.85 -12.50 27.55
C PRO G 283 -13.54 -11.77 27.35
N ASN G 284 -12.44 -12.51 27.16
CA ASN G 284 -11.15 -11.88 26.95
C ASN G 284 -10.99 -11.39 25.52
N ILE G 285 -11.36 -12.21 24.54
CA ILE G 285 -11.33 -11.82 23.14
C ILE G 285 -12.66 -12.22 22.51
N GLY G 286 -13.29 -11.30 21.79
CA GLY G 286 -14.59 -11.51 21.21
C GLY G 286 -15.61 -10.56 21.77
N SER G 287 -16.77 -10.53 21.10
CA SER G 287 -17.81 -9.59 21.47
C SER G 287 -18.45 -10.00 22.79
N PRO G 288 -18.82 -9.04 23.63
CA PRO G 288 -19.50 -9.38 24.88
C PRO G 288 -20.95 -9.79 24.64
N LEU G 289 -21.69 -10.00 25.73
CA LEU G 289 -23.10 -10.36 25.67
C LEU G 289 -23.84 -9.50 26.68
N THR G 290 -24.63 -8.55 26.19
CA THR G 290 -25.36 -7.62 27.05
C THR G 290 -26.82 -8.02 27.10
N ILE G 291 -27.25 -8.55 28.24
CA ILE G 291 -28.66 -8.77 28.51
C ILE G 291 -29.24 -7.50 29.11
N SER G 292 -30.46 -7.16 28.72
CA SER G 292 -31.14 -5.98 29.25
C SER G 292 -32.64 -6.22 29.21
N GLU G 293 -33.30 -6.05 30.35
CA GLU G 293 -34.72 -6.34 30.45
C GLU G 293 -35.39 -5.30 31.33
N TYR G 294 -36.72 -5.33 31.33
CA TYR G 294 -37.56 -4.47 32.16
C TYR G 294 -38.55 -5.36 32.88
N VAL G 295 -38.48 -5.39 34.20
CA VAL G 295 -39.28 -6.31 35.01
C VAL G 295 -40.36 -5.50 35.74
N TYR G 296 -41.62 -5.88 35.53
CA TYR G 296 -42.74 -5.20 36.17
C TYR G 296 -43.01 -5.77 37.56
N GLN G 297 -43.40 -7.05 37.63
CA GLN G 297 -43.81 -7.68 38.87
C GLN G 297 -43.45 -9.15 38.83
N PRO G 298 -43.29 -9.79 39.99
CA PRO G 298 -43.08 -11.23 40.01
C PRO G 298 -44.38 -12.01 40.14
N GLU G 299 -44.28 -13.31 39.87
CA GLU G 299 -45.42 -14.20 39.98
C GLU G 299 -44.91 -15.62 40.29
N GLY G 300 -45.66 -16.32 41.13
CA GLY G 300 -45.35 -17.70 41.47
C GLY G 300 -43.95 -17.93 42.01
N SER G 301 -43.31 -16.88 42.52
CA SER G 301 -41.96 -16.90 43.07
C SER G 301 -40.90 -17.16 42.01
N VAL G 302 -41.28 -17.42 40.77
CA VAL G 302 -40.33 -17.64 39.68
C VAL G 302 -40.94 -17.00 38.44
N SER G 303 -40.31 -15.95 37.93
CA SER G 303 -40.81 -15.24 36.76
C SER G 303 -40.16 -15.81 35.51
N VAL G 304 -40.40 -15.17 34.37
CA VAL G 304 -39.91 -15.65 33.08
C VAL G 304 -39.02 -14.60 32.41
N ILE G 305 -38.94 -13.40 32.98
CA ILE G 305 -38.04 -12.39 32.45
C ILE G 305 -37.41 -11.61 33.60
N LEU H 19 143.63 18.81 -20.43
CA LEU H 19 142.62 18.11 -21.21
C LEU H 19 141.39 17.77 -20.38
N ALA H 20 140.25 18.32 -20.80
CA ALA H 20 138.97 17.99 -20.16
C ALA H 20 138.28 16.83 -20.86
N GLY H 21 138.89 16.24 -21.88
CA GLY H 21 138.26 15.19 -22.65
C GLY H 21 138.15 13.86 -21.93
N LEU H 22 139.24 13.44 -21.28
CA LEU H 22 139.25 12.11 -20.66
C LEU H 22 138.33 12.05 -19.46
N ASP H 23 138.42 13.03 -18.55
CA ASP H 23 137.60 13.00 -17.35
C ASP H 23 136.12 13.12 -17.71
N THR H 24 135.76 14.09 -18.54
CA THR H 24 134.37 14.24 -18.94
C THR H 24 133.86 13.01 -19.65
N ALA H 25 134.74 12.28 -20.33
CA ALA H 25 134.34 11.00 -20.90
C ALA H 25 133.96 10.02 -19.81
N ILE H 26 134.69 10.01 -18.70
CA ILE H 26 134.34 9.15 -17.58
C ILE H 26 133.22 9.77 -16.76
N ILE H 27 133.24 11.10 -16.61
CA ILE H 27 132.12 11.79 -15.97
C ILE H 27 130.83 11.48 -16.72
N LEU H 28 130.91 11.43 -18.04
CA LEU H 28 129.73 11.08 -18.84
C LEU H 28 129.25 9.67 -18.50
N ILE H 29 130.12 8.68 -18.72
CA ILE H 29 129.70 7.29 -18.57
C ILE H 29 129.26 7.00 -17.13
N ALA H 30 129.82 7.73 -16.17
CA ALA H 30 129.41 7.54 -14.78
C ALA H 30 128.00 8.04 -14.55
N PHE H 31 127.68 9.24 -15.04
CA PHE H 31 126.37 9.81 -14.80
C PHE H 31 125.29 9.15 -15.65
N ILE H 32 125.63 8.73 -16.87
CA ILE H 32 124.67 8.00 -17.68
C ILE H 32 124.28 6.70 -17.00
N ILE H 33 125.21 6.09 -16.27
CA ILE H 33 124.87 4.92 -15.45
C ILE H 33 123.82 5.29 -14.41
N THR H 34 124.00 6.43 -13.75
CA THR H 34 123.01 6.89 -12.79
C THR H 34 121.66 7.11 -13.47
N ALA H 35 121.68 7.64 -14.69
CA ALA H 35 120.44 7.81 -15.44
C ALA H 35 119.80 6.46 -15.73
N SER H 36 120.62 5.42 -15.90
CA SER H 36 120.06 4.10 -16.15
C SER H 36 119.32 3.57 -14.93
N VAL H 37 119.95 3.64 -13.76
CA VAL H 37 119.35 3.06 -12.56
C VAL H 37 118.12 3.85 -12.12
N LEU H 38 118.21 5.19 -12.16
CA LEU H 38 117.06 6.00 -11.79
C LEU H 38 115.87 5.74 -12.70
N ALA H 39 116.13 5.58 -14.00
CA ALA H 39 115.07 5.20 -14.90
C ALA H 39 114.60 3.78 -14.64
N TYR H 40 115.51 2.93 -14.17
CA TYR H 40 115.15 1.54 -13.89
C TYR H 40 114.14 1.44 -12.76
N VAL H 41 114.40 2.13 -11.66
CA VAL H 41 113.53 2.04 -10.50
C VAL H 41 112.33 2.94 -10.64
N ALA H 42 112.35 3.88 -11.59
CA ALA H 42 111.19 4.73 -11.81
C ALA H 42 110.07 3.96 -12.49
N ILE H 43 110.37 3.30 -13.61
CA ILE H 43 109.36 2.51 -14.30
C ILE H 43 108.99 1.28 -13.48
N ASN H 44 109.92 0.79 -12.66
CA ASN H 44 109.64 -0.40 -11.86
C ASN H 44 108.50 -0.13 -10.88
N MET H 45 108.59 0.99 -10.15
CA MET H 45 107.52 1.35 -9.23
C MET H 45 106.24 1.68 -9.97
N GLY H 46 106.35 2.26 -11.17
CA GLY H 46 105.17 2.59 -11.94
C GLY H 46 104.38 1.36 -12.35
N LEU H 47 105.08 0.28 -12.70
CA LEU H 47 104.39 -0.93 -13.12
C LEU H 47 103.68 -1.62 -11.97
N PHE H 48 104.21 -1.51 -10.75
CA PHE H 48 103.55 -2.12 -9.60
C PHE H 48 102.21 -1.46 -9.33
N VAL H 49 102.19 -0.13 -9.26
CA VAL H 49 101.01 0.56 -8.76
C VAL H 49 99.84 0.39 -9.72
N THR H 50 100.03 0.70 -11.00
CA THR H 50 98.93 0.62 -11.96
C THR H 50 98.33 -0.77 -11.99
N GLN H 51 99.16 -1.81 -11.84
CA GLN H 51 98.63 -3.16 -11.73
C GLN H 51 97.97 -3.37 -10.38
N LYS H 52 98.57 -2.85 -9.31
CA LYS H 52 97.98 -2.99 -7.98
C LYS H 52 96.69 -2.21 -7.87
N ALA H 53 96.66 -0.99 -8.40
CA ALA H 53 95.45 -0.19 -8.36
C ALA H 53 94.34 -0.84 -9.16
N LYS H 54 94.66 -1.37 -10.34
CA LYS H 54 93.65 -2.03 -11.17
C LYS H 54 93.00 -3.18 -10.42
N SER H 55 93.80 -3.98 -9.71
CA SER H 55 93.26 -5.12 -8.98
C SER H 55 92.30 -4.66 -7.89
N THR H 56 92.66 -3.57 -7.20
CA THR H 56 91.78 -3.07 -6.14
C THR H 56 90.53 -2.42 -6.72
N ILE H 57 90.60 -1.92 -7.94
CA ILE H 57 89.39 -1.38 -8.58
C ILE H 57 88.46 -2.51 -8.97
N ASN H 58 89.00 -3.58 -9.57
CA ASN H 58 88.18 -4.74 -9.89
C ASN H 58 87.58 -5.34 -8.62
N LYS H 59 88.38 -5.43 -7.55
CA LYS H 59 87.85 -5.92 -6.29
C LYS H 59 86.80 -4.97 -5.74
N GLY H 60 87.01 -3.67 -5.86
CA GLY H 60 85.99 -2.72 -5.47
C GLY H 60 84.76 -2.76 -6.36
N GLU H 61 84.88 -3.36 -7.54
CA GLU H 61 83.76 -3.43 -8.46
C GLU H 61 82.82 -4.58 -8.14
N GLU H 62 83.37 -5.73 -7.75
CA GLU H 62 82.52 -6.88 -7.46
C GLU H 62 81.60 -6.62 -6.27
N THR H 63 81.99 -5.74 -5.35
CA THR H 63 81.11 -5.37 -4.25
C THR H 63 79.82 -4.72 -4.75
N ALA H 64 79.88 -4.03 -5.89
CA ALA H 64 78.68 -3.38 -6.42
C ALA H 64 77.61 -4.41 -6.77
N SER H 65 78.00 -5.49 -7.44
CA SER H 65 77.06 -6.50 -7.90
C SER H 65 77.01 -7.65 -6.89
N THR H 66 76.39 -7.38 -5.74
CA THR H 66 76.12 -8.41 -4.75
C THR H 66 74.62 -8.64 -4.56
N ALA H 67 73.88 -7.61 -4.17
CA ALA H 67 72.44 -7.52 -4.38
C ALA H 67 71.68 -8.72 -3.79
N LEU H 68 71.71 -8.80 -2.46
CA LEU H 68 70.85 -9.74 -1.76
C LEU H 68 69.50 -9.09 -1.47
N THR H 69 68.46 -9.92 -1.39
CA THR H 69 67.11 -9.41 -1.14
C THR H 69 66.32 -10.45 -0.34
N LEU H 70 65.02 -10.24 -0.24
CA LEU H 70 64.11 -11.09 0.51
C LEU H 70 63.03 -11.62 -0.41
N SER H 71 62.81 -12.92 -0.38
CA SER H 71 61.68 -13.55 -1.05
C SER H 71 60.73 -14.13 -0.02
N GLY H 72 59.62 -14.69 -0.48
CA GLY H 72 58.66 -15.34 0.39
C GLY H 72 58.17 -14.44 1.48
N SER H 73 57.89 -15.03 2.64
CA SER H 73 57.44 -14.29 3.81
C SER H 73 58.00 -14.98 5.06
N VAL H 74 57.70 -14.40 6.22
CA VAL H 74 58.11 -14.95 7.50
C VAL H 74 56.92 -15.67 8.12
N LEU H 75 57.22 -16.63 8.99
CA LEU H 75 56.18 -17.42 9.66
C LEU H 75 56.63 -17.62 11.10
N TYR H 76 55.91 -17.02 12.04
CA TYR H 76 56.27 -17.03 13.45
C TYR H 76 55.36 -18.02 14.16
N ALA H 77 55.89 -19.20 14.48
CA ALA H 77 55.13 -20.24 15.15
C ALA H 77 55.28 -20.12 16.66
N VAL H 78 54.19 -20.35 17.37
CA VAL H 78 54.16 -20.17 18.81
C VAL H 78 53.07 -21.07 19.38
N ASN H 79 53.27 -21.51 20.62
CA ASN H 79 52.25 -22.32 21.30
C ASN H 79 50.97 -21.53 21.48
N TYR H 80 49.92 -21.95 20.76
CA TYR H 80 48.72 -21.12 20.66
C TYR H 80 47.99 -20.93 21.98
N PRO H 81 47.52 -21.98 22.68
CA PRO H 81 46.59 -21.76 23.80
C PRO H 81 47.18 -20.90 24.91
N SER H 82 48.29 -21.33 25.48
CA SER H 82 48.98 -20.59 26.54
C SER H 82 50.27 -20.06 25.90
N ASN H 83 50.19 -18.85 25.36
CA ASN H 83 51.33 -18.28 24.65
C ASN H 83 52.42 -17.90 25.63
N THR H 84 53.37 -18.80 25.85
CA THR H 84 54.46 -18.57 26.79
C THR H 84 55.81 -18.80 26.13
N ARG H 85 55.88 -19.77 25.23
CA ARG H 85 57.14 -20.15 24.59
C ARG H 85 56.99 -20.10 23.08
N SER H 86 57.84 -19.28 22.44
CA SER H 86 57.87 -19.20 21.00
C SER H 86 58.73 -20.33 20.44
N TYR H 87 58.40 -20.77 19.23
CA TYR H 87 58.98 -21.99 18.68
C TYR H 87 60.02 -21.73 17.60
N TRP H 88 59.66 -21.05 16.51
CA TRP H 88 60.62 -20.88 15.42
C TRP H 88 60.10 -19.86 14.42
N ILE H 89 61.03 -19.29 13.67
CA ILE H 89 60.73 -18.33 12.61
C ILE H 89 61.40 -18.81 11.33
N TYR H 90 60.67 -18.77 10.22
CA TYR H 90 61.16 -19.27 8.96
C TYR H 90 60.84 -18.28 7.85
N PHE H 91 61.85 -18.00 7.01
CA PHE H 91 61.67 -17.16 5.84
C PHE H 91 62.78 -17.48 4.87
N THR H 92 62.53 -17.21 3.60
CA THR H 92 63.50 -17.52 2.56
C THR H 92 64.22 -16.26 2.11
N VAL H 93 65.46 -16.45 1.64
CA VAL H 93 66.31 -15.36 1.19
C VAL H 93 67.03 -15.80 -0.07
N SER H 94 66.78 -15.10 -1.17
CA SER H 94 67.41 -15.34 -2.45
C SER H 94 68.10 -14.07 -2.93
N PRO H 95 69.07 -14.18 -3.82
CA PRO H 95 69.66 -12.97 -4.42
C PRO H 95 68.60 -12.14 -5.13
N SER H 96 69.01 -10.95 -5.55
CA SER H 96 68.11 -10.05 -6.27
C SER H 96 67.56 -10.73 -7.52
N SER H 97 68.44 -11.02 -8.47
CA SER H 97 68.06 -11.65 -9.72
C SER H 97 69.33 -12.27 -10.31
N GLY H 98 69.29 -12.63 -11.58
CA GLY H 98 70.43 -13.23 -12.22
C GLY H 98 71.54 -12.23 -12.48
N VAL H 99 72.13 -11.72 -11.41
CA VAL H 99 73.22 -10.75 -11.51
C VAL H 99 74.57 -11.37 -11.17
N SER H 100 74.64 -12.13 -10.08
CA SER H 100 75.86 -12.80 -9.64
C SER H 100 75.53 -13.61 -8.40
N SER H 101 76.38 -14.59 -8.13
CA SER H 101 76.21 -15.43 -6.96
C SER H 101 76.56 -14.68 -5.69
N VAL H 102 76.08 -15.20 -4.55
CA VAL H 102 76.40 -14.65 -3.25
C VAL H 102 76.80 -15.80 -2.33
N GLU H 103 77.67 -15.51 -1.38
CA GLU H 103 78.21 -16.50 -0.46
C GLU H 103 77.60 -16.32 0.93
N LEU H 104 77.18 -17.43 1.52
CA LEU H 104 76.58 -17.44 2.85
C LEU H 104 77.25 -18.49 3.73
N SER H 105 78.56 -18.61 3.64
CA SER H 105 79.28 -19.55 4.48
C SER H 105 79.08 -19.17 5.94
N PRO H 106 78.72 -20.13 6.81
CA PRO H 106 78.35 -19.78 8.18
C PRO H 106 79.48 -19.18 9.00
N SER H 107 80.72 -19.21 8.51
CA SER H 107 81.82 -18.63 9.25
C SER H 107 82.03 -17.17 8.93
N THR H 108 81.59 -16.72 7.75
CA THR H 108 81.82 -15.35 7.31
C THR H 108 80.62 -14.44 7.48
N THR H 109 79.40 -14.97 7.43
CA THR H 109 78.21 -14.15 7.55
C THR H 109 77.65 -14.25 8.97
N ALA H 110 76.84 -13.26 9.32
CA ALA H 110 76.36 -13.11 10.69
C ALA H 110 74.88 -12.76 10.66
N ILE H 111 74.05 -13.67 11.15
CA ILE H 111 72.62 -13.45 11.28
C ILE H 111 72.35 -13.04 12.72
N SER H 112 71.88 -11.81 12.91
CA SER H 112 71.56 -11.30 14.24
C SER H 112 70.05 -11.24 14.41
N PHE H 113 69.61 -11.46 15.64
CA PHE H 113 68.20 -11.39 15.99
C PHE H 113 68.05 -10.49 17.20
N THR H 114 67.09 -9.57 17.15
CA THR H 114 66.93 -8.62 18.24
C THR H 114 65.49 -8.14 18.31
N ALA H 115 65.07 -7.78 19.52
CA ALA H 115 63.76 -7.19 19.76
C ALA H 115 63.93 -6.19 20.89
N SER H 116 63.95 -4.90 20.55
CA SER H 116 64.39 -3.89 21.51
C SER H 116 63.39 -3.69 22.65
N ALA H 117 62.11 -3.95 22.39
CA ALA H 117 61.08 -3.66 23.39
C ALA H 117 61.31 -4.41 24.69
N GLU H 118 61.91 -5.59 24.62
CA GLU H 118 62.18 -6.40 25.80
C GLU H 118 63.65 -6.49 26.13
N GLY H 119 64.52 -5.86 25.36
CA GLY H 119 65.94 -5.86 25.65
C GLY H 119 66.65 -7.12 25.22
N ILE H 120 66.36 -7.59 24.02
CA ILE H 120 67.01 -8.76 23.44
C ILE H 120 67.93 -8.29 22.33
N SER H 121 69.21 -8.63 22.43
CA SER H 121 70.19 -8.28 21.40
C SER H 121 71.10 -9.49 21.21
N TYR H 122 70.83 -10.28 20.18
CA TYR H 122 71.62 -11.45 19.84
C TYR H 122 72.28 -11.21 18.50
N SER H 123 73.60 -11.27 18.47
CA SER H 123 74.38 -11.03 17.25
C SER H 123 75.05 -12.32 16.82
N ASN H 124 74.93 -12.64 15.53
CA ASN H 124 75.55 -13.82 14.93
C ASN H 124 75.09 -15.10 15.62
N ILE H 125 73.81 -15.39 15.43
CA ILE H 125 73.22 -16.64 15.92
C ILE H 125 73.26 -17.68 14.80
N TYR H 126 74.11 -17.46 13.81
CA TYR H 126 74.24 -18.34 12.66
C TYR H 126 75.41 -19.30 12.91
N GLU H 127 75.10 -20.59 13.06
CA GLU H 127 76.11 -21.59 13.37
C GLU H 127 76.29 -22.61 12.26
N TYR H 128 75.23 -23.31 11.87
CA TYR H 128 75.34 -24.42 10.92
C TYR H 128 74.54 -24.11 9.65
N THR H 129 74.87 -24.86 8.59
CA THR H 129 74.16 -24.75 7.33
C THR H 129 74.09 -26.13 6.70
N LEU H 130 73.01 -26.38 5.97
CA LEU H 130 72.83 -27.64 5.26
C LEU H 130 73.25 -27.54 3.80
N LEU H 131 73.82 -26.40 3.39
CA LEU H 131 74.25 -26.25 2.02
C LEU H 131 75.49 -27.07 1.70
N THR H 132 76.13 -27.65 2.71
CA THR H 132 77.39 -28.35 2.49
C THR H 132 77.23 -29.85 2.36
N VAL H 133 76.18 -30.44 2.94
CA VAL H 133 76.02 -31.89 2.95
C VAL H 133 75.55 -32.35 1.58
N SER H 134 76.18 -33.39 1.04
CA SER H 134 75.71 -34.00 -0.18
C SER H 134 74.57 -34.96 0.13
N PRO H 135 73.56 -35.05 -0.74
CA PRO H 135 72.36 -35.82 -0.37
C PRO H 135 72.62 -37.31 -0.18
N SER H 136 73.68 -37.86 -0.77
CA SER H 136 73.91 -39.29 -0.68
C SER H 136 74.15 -39.72 0.77
N GLU H 137 74.94 -38.95 1.51
CA GLU H 137 75.25 -39.31 2.90
C GLU H 137 74.02 -39.24 3.80
N LEU H 138 72.91 -38.69 3.31
CA LEU H 138 71.75 -38.42 4.14
C LEU H 138 70.50 -39.18 3.73
N ALA H 139 70.45 -39.68 2.49
CA ALA H 139 69.18 -40.14 1.93
C ALA H 139 68.67 -41.39 2.64
N ASN H 140 69.57 -42.31 3.00
CA ASN H 140 69.17 -43.67 3.31
C ASN H 140 68.96 -43.95 4.79
N GLN H 141 69.36 -43.06 5.69
CA GLN H 141 69.31 -43.36 7.13
C GLN H 141 68.40 -42.38 7.86
N VAL H 142 67.10 -42.64 7.80
CA VAL H 142 66.10 -42.12 8.74
C VAL H 142 64.98 -43.15 8.81
N TYR H 143 64.77 -43.74 9.99
CA TYR H 143 63.81 -44.83 10.14
C TYR H 143 62.58 -44.32 10.89
N ALA H 144 61.57 -43.88 10.12
CA ALA H 144 60.35 -43.39 10.71
C ALA H 144 59.42 -44.56 11.08
N ASN H 145 58.99 -45.33 10.08
CA ASN H 145 58.12 -46.48 10.33
C ASN H 145 58.22 -47.40 9.13
N GLY H 146 58.77 -48.59 9.34
CA GLY H 146 58.81 -49.59 8.29
C GLY H 146 59.89 -49.37 7.26
N GLN H 147 60.11 -48.12 6.87
CA GLN H 147 60.99 -47.80 5.74
C GLN H 147 61.94 -46.68 6.12
N TYR H 148 62.91 -46.46 5.23
CA TYR H 148 63.82 -45.32 5.33
C TYR H 148 63.41 -44.30 4.28
N LEU H 149 62.80 -43.20 4.73
CA LEU H 149 62.33 -42.16 3.84
C LEU H 149 63.42 -41.17 3.54
N ASP H 150 63.41 -40.64 2.31
CA ASP H 150 64.40 -39.67 1.89
C ASP H 150 64.00 -38.27 2.34
N LEU H 151 64.99 -37.48 2.73
CA LEU H 151 64.76 -36.12 3.20
C LEU H 151 65.05 -35.07 2.15
N VAL H 152 65.53 -35.46 0.96
CA VAL H 152 65.94 -34.50 -0.06
C VAL H 152 65.20 -34.79 -1.35
N ASN H 153 65.46 -33.99 -2.38
CA ASN H 153 64.93 -34.22 -3.72
C ASN H 153 65.93 -33.68 -4.72
N GLN H 154 65.88 -34.21 -5.95
CA GLN H 154 66.80 -33.77 -6.98
C GLN H 154 66.20 -34.01 -8.35
N GLN H 155 66.32 -33.02 -9.23
CA GLN H 155 65.88 -33.10 -10.61
C GLN H 155 67.00 -32.59 -11.50
N THR H 156 67.73 -33.51 -12.14
CA THR H 156 68.80 -33.10 -13.01
C THR H 156 68.27 -32.33 -14.22
N ASN H 157 69.07 -31.41 -14.71
CA ASN H 157 68.68 -30.57 -15.83
C ASN H 157 69.91 -29.88 -16.40
N ALA H 158 69.99 -29.83 -17.74
CA ALA H 158 71.07 -29.16 -18.45
C ALA H 158 72.44 -29.70 -18.08
N GLY H 159 72.51 -30.91 -17.51
CA GLY H 159 73.77 -31.49 -17.11
C GLY H 159 74.23 -31.12 -15.72
N GLN H 160 73.52 -30.24 -15.03
CA GLN H 160 73.87 -29.81 -13.68
C GLN H 160 72.72 -30.15 -12.75
N THR H 161 72.89 -31.20 -11.96
CA THR H 161 71.83 -31.64 -11.06
C THR H 161 71.56 -30.60 -10.01
N TYR H 162 70.29 -30.51 -9.60
CA TYR H 162 69.86 -29.59 -8.57
C TYR H 162 69.44 -30.38 -7.33
N VAL H 163 69.55 -29.74 -6.17
CA VAL H 163 69.20 -30.35 -4.89
C VAL H 163 68.44 -29.33 -4.07
N TYR H 164 67.34 -29.77 -3.45
CA TYR H 164 66.57 -28.90 -2.59
C TYR H 164 65.84 -29.74 -1.55
N TYR H 165 65.36 -29.08 -0.51
CA TYR H 165 64.61 -29.74 0.53
C TYR H 165 63.15 -29.33 0.43
N PRO H 166 62.21 -30.28 0.39
CA PRO H 166 60.81 -29.94 0.12
C PRO H 166 60.00 -29.55 1.35
N ASN H 167 60.60 -29.47 2.54
CA ASN H 167 59.81 -29.19 3.73
C ASN H 167 60.71 -28.73 4.85
N PRO H 168 60.29 -27.77 5.66
CA PRO H 168 61.12 -27.36 6.80
C PRO H 168 61.34 -28.47 7.81
N TYR H 169 60.32 -29.30 8.06
CA TYR H 169 60.51 -30.44 8.94
C TYR H 169 61.51 -31.43 8.37
N TYR H 170 61.42 -31.69 7.06
CA TYR H 170 62.45 -32.50 6.40
C TYR H 170 63.83 -31.89 6.59
N ALA H 171 63.91 -30.56 6.53
CA ALA H 171 65.19 -29.89 6.75
C ALA H 171 65.67 -30.08 8.18
N LEU H 172 64.75 -30.15 9.13
CA LEU H 172 65.15 -30.33 10.52
C LEU H 172 65.80 -31.69 10.72
N LEU H 173 65.12 -32.75 10.26
CA LEU H 173 65.66 -34.10 10.44
C LEU H 173 67.00 -34.25 9.76
N ALA H 174 67.20 -33.54 8.65
CA ALA H 174 68.50 -33.55 7.99
C ALA H 174 69.57 -32.92 8.88
N LEU H 175 69.18 -31.96 9.71
CA LEU H 175 70.14 -31.32 10.61
C LEU H 175 70.42 -32.20 11.82
N ASN H 176 69.44 -32.96 12.29
CA ASN H 176 69.66 -33.83 13.43
C ASN H 176 70.66 -34.93 13.10
N TYR H 177 70.68 -35.38 11.85
CA TYR H 177 71.59 -36.44 11.46
C TYR H 177 72.99 -35.90 11.20
N THR H 178 73.09 -34.72 10.60
CA THR H 178 74.40 -34.17 10.27
C THR H 178 75.16 -33.77 11.53
N LEU H 179 74.47 -33.17 12.49
CA LEU H 179 75.14 -32.75 13.72
C LEU H 179 75.55 -33.95 14.55
N SER H 180 74.88 -35.09 14.39
CA SER H 180 75.21 -36.26 15.20
C SER H 180 76.28 -37.12 14.55
N LYS H 181 76.15 -37.38 13.25
CA LYS H 181 77.02 -38.31 12.55
C LYS H 181 78.00 -37.64 11.61
N ILE H 182 77.52 -36.80 10.68
CA ILE H 182 78.40 -36.21 9.68
C ILE H 182 79.37 -35.24 10.32
N ASP H 183 78.84 -34.23 11.01
CA ASP H 183 79.65 -33.22 11.67
C ASP H 183 79.78 -33.60 13.14
N LYS H 184 80.98 -34.05 13.53
CA LYS H 184 81.21 -34.49 14.89
C LYS H 184 81.14 -33.29 15.83
N VAL H 185 80.03 -33.17 16.55
CA VAL H 185 79.83 -32.08 17.50
C VAL H 185 79.32 -32.66 18.81
N SER H 186 80.20 -32.74 19.81
CA SER H 186 79.82 -33.38 21.07
C SER H 186 78.69 -32.66 21.78
N PRO H 187 78.71 -31.33 21.99
CA PRO H 187 77.52 -30.69 22.56
C PRO H 187 76.53 -30.37 21.45
N SER H 188 75.39 -31.04 21.44
CA SER H 188 74.49 -30.82 20.33
C SER H 188 73.38 -29.85 20.71
N PRO H 189 73.17 -28.80 19.91
CA PRO H 189 72.04 -27.90 20.17
C PRO H 189 70.71 -28.44 19.68
N LEU H 190 70.72 -29.48 18.87
CA LEU H 190 69.50 -30.06 18.32
C LEU H 190 69.45 -31.55 18.62
N TYR H 191 68.26 -32.03 18.99
CA TYR H 191 68.05 -33.45 19.27
C TYR H 191 66.60 -33.74 18.95
N ILE H 192 66.36 -34.32 17.78
CA ILE H 192 65.01 -34.63 17.32
C ILE H 192 64.81 -36.12 17.47
N THR H 193 63.88 -36.51 18.34
CA THR H 193 63.63 -37.91 18.65
C THR H 193 62.19 -38.27 18.31
N THR H 194 61.93 -39.57 18.30
CA THR H 194 60.58 -40.09 18.06
C THR H 194 60.03 -40.83 19.25
N THR H 195 60.70 -40.79 20.40
CA THR H 195 60.25 -41.48 21.59
C THR H 195 59.34 -40.59 22.42
N THR H 196 58.83 -41.14 23.51
CA THR H 196 57.96 -40.38 24.40
C THR H 196 58.77 -39.28 25.07
N PRO H 197 58.25 -38.05 25.12
CA PRO H 197 59.03 -36.95 25.73
C PRO H 197 59.39 -37.18 27.17
N SER H 198 58.44 -37.62 28.00
CA SER H 198 58.75 -37.86 29.40
C SER H 198 59.80 -38.96 29.55
N SER H 199 59.74 -39.98 28.70
CA SER H 199 60.78 -41.01 28.72
C SER H 199 62.13 -40.43 28.34
N ALA H 200 62.15 -39.52 27.37
CA ALA H 200 63.41 -38.91 26.94
C ALA H 200 64.04 -38.12 28.08
N THR H 201 63.23 -37.48 28.90
CA THR H 201 63.77 -36.77 30.05
C THR H 201 64.34 -37.74 31.08
N GLN H 202 63.77 -38.93 31.18
CA GLN H 202 64.24 -39.91 32.15
C GLN H 202 65.59 -40.49 31.73
N ILE H 203 65.77 -40.76 30.44
CA ILE H 203 67.02 -41.35 29.99
C ILE H 203 68.13 -40.31 29.91
N TYR H 204 67.78 -39.06 29.61
CA TYR H 204 68.76 -37.99 29.46
C TYR H 204 68.41 -36.85 30.40
N PRO H 205 69.20 -36.59 31.43
CA PRO H 205 68.85 -35.56 32.41
C PRO H 205 68.91 -34.15 31.83
N PHE H 206 69.97 -33.83 31.09
CA PHE H 206 70.13 -32.46 30.59
C PHE H 206 69.06 -32.10 29.58
N LEU H 207 68.35 -33.08 29.03
CA LEU H 207 67.34 -32.82 28.02
C LEU H 207 66.06 -32.22 28.61
N ALA H 208 66.07 -31.85 29.88
CA ALA H 208 64.89 -31.27 30.53
C ALA H 208 64.93 -29.75 30.56
N HIS H 209 66.08 -29.13 30.32
CA HIS H 209 66.14 -27.68 30.30
C HIS H 209 65.70 -27.10 28.96
N ASP H 210 65.84 -27.86 27.89
CA ASP H 210 65.55 -27.35 26.56
C ASP H 210 64.06 -27.11 26.39
N ASN H 211 63.73 -26.21 25.47
CA ASN H 211 62.35 -26.04 25.03
C ASN H 211 62.08 -26.94 23.85
N MET H 212 60.84 -27.43 23.77
CA MET H 212 60.48 -28.43 22.79
C MET H 212 59.34 -27.92 21.92
N PHE H 213 59.41 -28.24 20.62
CA PHE H 213 58.30 -28.07 19.71
C PHE H 213 58.10 -29.38 18.96
N THR H 214 56.85 -29.81 18.85
CA THR H 214 56.51 -31.15 18.38
C THR H 214 55.87 -31.05 17.00
N PHE H 215 56.61 -31.42 15.97
CA PHE H 215 56.08 -31.51 14.63
C PHE H 215 55.76 -32.97 14.30
N THR H 216 54.79 -33.15 13.42
CA THR H 216 54.25 -34.46 13.11
C THR H 216 54.24 -34.67 11.60
N LEU H 217 54.46 -35.92 11.19
CA LEU H 217 54.50 -36.28 9.78
C LEU H 217 53.47 -37.38 9.53
N ASN H 218 53.51 -37.95 8.34
CA ASN H 218 52.61 -39.04 7.96
C ASN H 218 53.35 -39.93 6.97
N ILE H 219 53.90 -41.04 7.45
CA ILE H 219 54.64 -41.97 6.62
C ILE H 219 53.94 -43.31 6.64
N SER H 220 53.59 -43.81 5.45
CA SER H 220 53.00 -45.13 5.29
C SER H 220 51.71 -45.29 6.12
N GLY H 221 50.83 -44.31 5.98
CA GLY H 221 49.53 -44.36 6.64
C GLY H 221 49.57 -44.34 8.15
N THR H 222 50.74 -44.20 8.76
CA THR H 222 50.88 -44.20 10.21
C THR H 222 51.44 -42.85 10.65
N LEU H 223 50.69 -42.17 11.51
CA LEU H 223 51.14 -40.88 12.05
C LEU H 223 52.34 -41.10 12.97
N VAL H 224 53.47 -40.50 12.63
CA VAL H 224 54.69 -40.61 13.42
C VAL H 224 54.99 -39.24 14.02
N THR H 225 54.90 -39.14 15.34
CA THR H 225 55.22 -37.90 16.01
C THR H 225 56.73 -37.69 16.03
N TYR H 226 57.13 -36.47 16.39
CA TYR H 226 58.54 -36.13 16.47
C TYR H 226 58.71 -34.98 17.45
N TYR H 227 59.66 -35.13 18.36
CA TYR H 227 59.94 -34.12 19.38
C TYR H 227 61.33 -33.56 19.15
N ALA H 228 61.43 -32.24 19.04
CA ALA H 228 62.69 -31.55 18.79
C ALA H 228 63.06 -30.75 20.02
N PHE H 229 64.32 -30.82 20.43
CA PHE H 229 64.82 -30.15 21.61
C PHE H 229 65.96 -29.22 21.22
N VAL H 230 66.01 -28.05 21.86
CA VAL H 230 66.98 -27.02 21.51
C VAL H 230 67.42 -26.31 22.79
N ASN H 231 68.73 -26.20 22.98
CA ASN H 231 69.28 -25.59 24.19
C ASN H 231 70.01 -24.28 23.91
N GLN H 232 69.90 -23.74 22.71
CA GLN H 232 70.53 -22.46 22.40
C GLN H 232 69.91 -21.90 21.13
N THR H 233 69.88 -20.58 21.03
CA THR H 233 69.30 -19.91 19.87
C THR H 233 70.28 -19.97 18.71
N PHE H 234 69.86 -20.58 17.60
CA PHE H 234 70.71 -20.67 16.43
C PHE H 234 69.84 -20.71 15.18
N ALA H 235 70.49 -20.59 14.02
CA ALA H 235 69.80 -20.50 12.75
C ALA H 235 70.62 -21.23 11.69
N PHE H 236 69.92 -21.83 10.72
CA PHE H 236 70.58 -22.54 9.64
C PHE H 236 69.90 -22.23 8.32
N THR H 237 70.61 -22.53 7.24
CA THR H 237 70.14 -22.28 5.88
C THR H 237 70.22 -23.56 5.07
N TYR H 238 69.14 -23.88 4.35
CA TYR H 238 69.10 -25.08 3.54
C TYR H 238 68.61 -24.74 2.14
N PRO H 239 69.13 -25.41 1.13
CA PRO H 239 68.73 -25.09 -0.24
C PRO H 239 67.28 -25.48 -0.48
N VAL H 240 66.56 -24.62 -1.19
CA VAL H 240 65.14 -24.88 -1.48
C VAL H 240 64.78 -24.75 -2.95
N ALA H 241 65.54 -24.02 -3.76
CA ALA H 241 65.24 -23.96 -5.19
C ALA H 241 66.45 -23.56 -6.01
N GLY H 242 66.77 -24.34 -7.03
CA GLY H 242 67.77 -23.95 -8.01
C GLY H 242 69.17 -23.80 -7.44
N ASP H 243 69.58 -24.70 -6.55
CA ASP H 243 70.91 -24.62 -5.96
C ASP H 243 71.72 -25.83 -6.39
N PRO H 244 72.34 -25.80 -7.57
CA PRO H 244 73.11 -26.97 -8.01
C PRO H 244 74.43 -27.11 -7.27
N LEU H 245 75.00 -26.01 -6.79
CA LEU H 245 76.30 -26.04 -6.12
C LEU H 245 76.15 -26.51 -4.67
N ILE H 246 75.69 -27.76 -4.53
CA ILE H 246 75.56 -28.36 -3.22
C ILE H 246 76.96 -28.69 -2.69
N GLY H 247 77.20 -28.38 -1.43
CA GLY H 247 78.53 -28.52 -0.87
C GLY H 247 79.42 -27.32 -1.03
N SER H 248 78.90 -26.20 -1.53
CA SER H 248 79.69 -24.99 -1.74
C SER H 248 79.25 -23.81 -0.92
N ALA H 249 78.04 -23.83 -0.36
CA ALA H 249 77.48 -22.76 0.46
C ALA H 249 77.43 -21.42 -0.25
N ILE H 250 77.60 -21.41 -1.57
CA ILE H 250 77.57 -20.19 -2.37
C ILE H 250 76.28 -20.23 -3.19
N ALA H 251 75.27 -19.50 -2.73
CA ALA H 251 73.98 -19.50 -3.41
C ALA H 251 74.10 -18.77 -4.74
N PRO H 252 73.82 -19.43 -5.87
CA PRO H 252 73.88 -18.73 -7.15
C PRO H 252 72.78 -17.69 -7.26
N ALA H 253 72.89 -16.87 -8.31
CA ALA H 253 71.99 -15.73 -8.47
C ALA H 253 70.56 -16.19 -8.69
N GLY H 254 69.63 -15.59 -7.95
CA GLY H 254 68.23 -15.91 -8.10
C GLY H 254 67.81 -17.16 -7.33
N SER H 255 68.76 -18.06 -7.12
CA SER H 255 68.46 -19.31 -6.41
C SER H 255 67.88 -19.01 -5.05
N VAL H 256 66.80 -19.71 -4.72
CA VAL H 256 66.07 -19.49 -3.49
C VAL H 256 66.73 -20.32 -2.39
N ILE H 257 66.85 -19.73 -1.20
CA ILE H 257 67.58 -20.34 -0.10
C ILE H 257 66.81 -20.07 1.19
N GLY H 258 66.36 -21.12 1.85
CA GLY H 258 65.59 -20.95 3.06
C GLY H 258 66.44 -20.60 4.26
N VAL H 259 65.79 -20.06 5.28
CA VAL H 259 66.43 -19.68 6.53
C VAL H 259 65.46 -19.99 7.67
N MET H 260 65.98 -20.53 8.77
CA MET H 260 65.12 -20.91 9.88
C MET H 260 65.83 -20.60 11.20
N ILE H 261 65.11 -20.00 12.13
CA ILE H 261 65.63 -19.64 13.45
C ILE H 261 64.89 -20.45 14.49
N LEU H 262 65.64 -21.03 15.43
CA LEU H 262 65.06 -21.83 16.51
C LEU H 262 65.36 -21.17 17.84
N PHE H 263 64.34 -21.07 18.68
CA PHE H 263 64.46 -20.40 19.98
C PHE H 263 64.75 -21.42 21.06
N GLY H 264 65.85 -21.23 21.78
CA GLY H 264 66.22 -22.12 22.84
C GLY H 264 65.46 -21.83 24.11
N PRO H 265 66.05 -22.14 25.27
CA PRO H 265 65.38 -21.84 26.54
C PRO H 265 65.47 -20.38 26.92
N ASP H 266 66.60 -19.71 26.63
CA ASP H 266 66.79 -18.32 27.02
C ASP H 266 65.73 -17.43 26.39
N LEU H 267 65.65 -17.44 25.07
CA LEU H 267 64.66 -16.66 24.34
C LEU H 267 63.33 -17.40 24.21
N GLY H 268 63.08 -18.37 25.07
CA GLY H 268 61.87 -19.15 24.99
C GLY H 268 60.70 -18.53 25.73
N SER H 269 60.92 -18.16 26.98
CA SER H 269 59.84 -17.71 27.87
C SER H 269 59.22 -16.38 27.46
N HIS H 270 59.60 -15.79 26.34
CA HIS H 270 59.05 -14.51 25.91
C HIS H 270 58.12 -14.69 24.71
N VAL H 271 57.22 -13.74 24.55
CA VAL H 271 56.28 -13.71 23.43
C VAL H 271 56.32 -12.31 22.82
N PHE H 272 56.45 -12.26 21.50
CA PHE H 272 56.58 -10.99 20.78
C PHE H 272 55.21 -10.32 20.71
N GLN H 273 54.86 -9.65 21.81
CA GLN H 273 53.59 -8.95 21.94
C GLN H 273 53.84 -7.45 21.93
N TYR H 274 53.33 -6.77 20.91
CA TYR H 274 53.46 -5.32 20.76
C TYR H 274 54.93 -4.90 20.74
N GLN H 275 55.70 -5.52 19.84
CA GLN H 275 57.12 -5.26 19.72
C GLN H 275 57.49 -5.19 18.24
N THR H 276 58.65 -4.60 17.98
CA THR H 276 59.18 -4.48 16.62
C THR H 276 60.32 -5.46 16.47
N ILE H 277 60.06 -6.57 15.80
CA ILE H 277 61.07 -7.59 15.56
C ILE H 277 62.05 -7.10 14.51
N THR H 278 63.34 -7.39 14.71
CA THR H 278 64.38 -6.98 13.79
C THR H 278 65.36 -8.13 13.59
N ILE H 279 65.53 -8.53 12.33
CA ILE H 279 66.49 -9.54 11.94
C ILE H 279 67.46 -8.89 10.96
N GLN H 280 68.71 -9.37 10.97
CA GLN H 280 69.74 -8.77 10.14
C GLN H 280 70.67 -9.86 9.62
N ILE H 281 70.67 -10.05 8.30
CA ILE H 281 71.64 -10.89 7.63
C ILE H 281 72.73 -9.97 7.09
N THR H 282 73.96 -10.47 7.07
CA THR H 282 75.11 -9.65 6.69
C THR H 282 76.20 -10.55 6.15
N PRO H 283 76.24 -10.75 4.83
CA PRO H 283 77.38 -11.46 4.24
C PRO H 283 78.64 -10.61 4.36
N ASN H 284 79.76 -11.23 3.99
CA ASN H 284 81.04 -10.54 4.12
C ASN H 284 81.14 -9.37 3.16
N ILE H 285 80.78 -9.58 1.90
CA ILE H 285 80.76 -8.51 0.91
C ILE H 285 79.33 -8.14 0.59
N GLY H 286 79.12 -6.86 0.27
CA GLY H 286 77.84 -6.45 -0.25
C GLY H 286 76.86 -5.98 0.80
N SER H 287 75.58 -6.12 0.47
CA SER H 287 74.53 -5.51 1.27
C SER H 287 74.27 -6.30 2.54
N PRO H 288 73.99 -5.64 3.65
CA PRO H 288 73.30 -6.31 4.74
C PRO H 288 71.84 -6.51 4.37
N LEU H 289 71.02 -7.03 5.28
CA LEU H 289 69.62 -7.28 4.96
C LEU H 289 68.82 -7.20 6.24
N THR H 290 68.12 -6.10 6.43
CA THR H 290 67.32 -5.87 7.62
C THR H 290 65.90 -6.38 7.39
N ILE H 291 65.39 -7.15 8.35
CA ILE H 291 64.02 -7.64 8.32
C ILE H 291 63.32 -7.01 9.51
N SER H 292 62.50 -6.01 9.26
CA SER H 292 61.76 -5.33 10.31
C SER H 292 60.27 -5.60 10.12
N GLU H 293 59.66 -6.19 11.14
CA GLU H 293 58.23 -6.46 11.12
C GLU H 293 57.64 -6.05 12.46
N TYR H 294 56.32 -5.91 12.48
CA TYR H 294 55.58 -5.55 13.68
C TYR H 294 54.47 -6.57 13.90
N VAL H 295 54.51 -7.26 15.04
CA VAL H 295 53.56 -8.33 15.34
C VAL H 295 53.10 -8.22 16.78
N TYR H 296 51.78 -8.31 16.99
CA TYR H 296 51.22 -8.55 18.32
C TYR H 296 50.09 -9.56 18.32
N GLN H 297 49.59 -9.98 17.16
CA GLN H 297 48.50 -10.96 17.08
C GLN H 297 49.05 -12.27 16.55
N PRO H 298 49.31 -13.27 17.40
CA PRO H 298 49.80 -14.55 16.89
C PRO H 298 48.78 -15.27 16.04
N GLU H 299 47.50 -15.09 16.33
CA GLU H 299 46.36 -15.65 15.58
C GLU H 299 46.59 -17.14 15.25
N GLY H 300 46.64 -17.95 16.30
CA GLY H 300 46.68 -19.39 16.17
C GLY H 300 48.01 -19.96 16.65
N SER H 301 48.42 -21.07 16.02
CA SER H 301 49.69 -21.71 16.33
C SER H 301 50.78 -21.37 15.32
N VAL H 302 50.42 -20.78 14.19
CA VAL H 302 51.38 -20.27 13.22
C VAL H 302 50.79 -19.01 12.61
N SER H 303 51.60 -17.95 12.53
CA SER H 303 51.15 -16.67 12.03
C SER H 303 51.58 -16.51 10.58
N VAL H 304 51.30 -15.34 10.01
CA VAL H 304 51.64 -15.05 8.62
C VAL H 304 52.71 -13.97 8.50
N ILE H 305 52.83 -13.06 9.46
CA ILE H 305 53.90 -12.07 9.45
C ILE H 305 54.53 -11.98 10.84
N LEU I 19 126.99 15.88 -19.10
CA LEU I 19 125.99 16.94 -19.13
C LEU I 19 124.64 16.42 -18.65
N ALA I 20 123.68 17.33 -18.51
CA ALA I 20 122.31 16.98 -18.18
C ALA I 20 121.41 16.88 -19.41
N GLY I 21 122.03 16.67 -20.58
CA GLY I 21 121.29 16.62 -21.83
C GLY I 21 121.02 15.20 -22.31
N LEU I 22 122.02 14.34 -22.26
CA LEU I 22 121.83 12.97 -22.74
C LEU I 22 121.07 12.13 -21.73
N ASP I 23 121.27 12.40 -20.43
CA ASP I 23 120.57 11.64 -19.41
C ASP I 23 119.11 12.03 -19.34
N THR I 24 118.81 13.31 -19.56
CA THR I 24 117.42 13.76 -19.55
C THR I 24 116.64 13.12 -20.70
N ALA I 25 117.31 12.82 -21.81
CA ALA I 25 116.64 12.13 -22.90
C ALA I 25 116.28 10.71 -22.50
N ILE I 26 117.10 10.08 -21.66
CA ILE I 26 116.82 8.71 -21.24
C ILE I 26 115.70 8.70 -20.22
N ILE I 27 115.71 9.63 -19.27
CA ILE I 27 114.62 9.73 -18.31
C ILE I 27 113.32 10.06 -19.03
N LEU I 28 113.39 10.84 -20.11
CA LEU I 28 112.20 11.18 -20.87
C LEU I 28 111.57 9.93 -21.48
N ILE I 29 112.40 9.04 -22.03
CA ILE I 29 111.88 7.81 -22.63
C ILE I 29 111.27 6.94 -21.56
N ALA I 30 111.90 6.87 -20.39
CA ALA I 30 111.41 6.00 -19.33
C ALA I 30 110.03 6.44 -18.85
N PHE I 31 109.84 7.75 -18.71
CA PHE I 31 108.56 8.23 -18.19
C PHE I 31 107.45 8.11 -19.22
N ILE I 32 107.80 8.20 -20.51
CA ILE I 32 106.80 8.03 -21.56
C ILE I 32 106.25 6.61 -21.52
N ILE I 33 107.11 5.64 -21.21
CA ILE I 33 106.65 4.26 -21.12
C ILE I 33 105.75 4.07 -19.91
N THR I 34 106.12 4.67 -18.78
CA THR I 34 105.31 4.54 -17.57
C THR I 34 103.92 5.14 -17.77
N ALA I 35 103.84 6.26 -18.49
CA ALA I 35 102.53 6.85 -18.78
C ALA I 35 101.77 6.00 -19.79
N SER I 36 102.48 5.41 -20.75
CA SER I 36 101.83 4.58 -21.74
C SER I 36 101.26 3.31 -21.13
N VAL I 37 101.99 2.69 -20.21
CA VAL I 37 101.46 1.53 -19.50
C VAL I 37 100.25 1.92 -18.69
N LEU I 38 100.30 3.07 -18.02
CA LEU I 38 99.15 3.52 -17.24
C LEU I 38 97.94 3.76 -18.14
N ALA I 39 98.15 4.33 -19.32
CA ALA I 39 97.05 4.53 -20.25
C ALA I 39 96.51 3.19 -20.73
N TYR I 40 97.39 2.20 -20.90
CA TYR I 40 96.97 0.86 -21.27
C TYR I 40 95.99 0.29 -20.25
N VAL I 41 96.37 0.36 -18.97
CA VAL I 41 95.55 -0.21 -17.91
C VAL I 41 94.28 0.61 -17.70
N ALA I 42 94.38 1.94 -17.80
CA ALA I 42 93.22 2.77 -17.53
C ALA I 42 92.11 2.57 -18.56
N ILE I 43 92.49 2.43 -19.84
CA ILE I 43 91.48 2.23 -20.88
C ILE I 43 90.81 0.87 -20.72
N ASN I 44 91.61 -0.17 -20.58
CA ASN I 44 91.05 -1.52 -20.46
C ASN I 44 90.13 -1.62 -19.25
N MET I 45 90.46 -0.90 -18.18
CA MET I 45 89.57 -0.88 -17.02
C MET I 45 88.29 -0.12 -17.34
N GLY I 46 88.39 0.93 -18.16
CA GLY I 46 87.20 1.68 -18.52
C GLY I 46 86.26 0.88 -19.39
N LEU I 47 86.79 0.29 -20.47
CA LEU I 47 85.95 -0.46 -21.39
C LEU I 47 85.33 -1.68 -20.73
N PHE I 48 86.05 -2.29 -19.79
CA PHE I 48 85.54 -3.50 -19.15
C PHE I 48 84.38 -3.19 -18.22
N VAL I 49 84.56 -2.21 -17.34
CA VAL I 49 83.54 -1.92 -16.33
C VAL I 49 82.27 -1.40 -16.98
N THR I 50 82.39 -0.54 -17.99
CA THR I 50 81.20 0.04 -18.60
C THR I 50 80.35 -1.03 -19.27
N GLN I 51 81.00 -2.00 -19.92
CA GLN I 51 80.25 -3.10 -20.51
C GLN I 51 79.65 -3.99 -19.43
N LYS I 52 80.40 -4.27 -18.37
CA LYS I 52 79.86 -5.03 -17.26
C LYS I 52 78.66 -4.31 -16.65
N ALA I 53 78.77 -2.98 -16.49
CA ALA I 53 77.65 -2.22 -15.95
C ALA I 53 76.47 -2.19 -16.91
N LYS I 54 76.74 -2.29 -18.21
CA LYS I 54 75.66 -2.28 -19.19
C LYS I 54 74.81 -3.55 -19.06
N SER I 55 75.45 -4.69 -18.82
CA SER I 55 74.72 -5.94 -18.70
C SER I 55 73.81 -5.92 -17.47
N THR I 56 74.32 -5.42 -16.35
CA THR I 56 73.52 -5.36 -15.14
C THR I 56 72.33 -4.43 -15.28
N ILE I 57 72.40 -3.46 -16.19
CA ILE I 57 71.25 -2.61 -16.47
C ILE I 57 70.26 -3.35 -17.37
N ASN I 58 70.77 -4.03 -18.39
CA ASN I 58 69.91 -4.83 -19.25
C ASN I 58 69.32 -6.01 -18.49
N LYS I 59 70.05 -6.54 -17.51
CA LYS I 59 69.53 -7.65 -16.73
C LYS I 59 68.50 -7.17 -15.71
N GLY I 60 68.81 -6.10 -14.99
CA GLY I 60 67.86 -5.56 -14.04
C GLY I 60 66.60 -5.02 -14.69
N GLU I 61 66.70 -4.66 -15.97
CA GLU I 61 65.52 -4.18 -16.69
C GLU I 61 64.50 -5.30 -16.88
N GLU I 62 64.98 -6.52 -17.12
CA GLU I 62 64.06 -7.64 -17.28
C GLU I 62 63.38 -7.99 -15.97
N THR I 63 64.07 -7.83 -14.85
CA THR I 63 63.51 -8.21 -13.55
C THR I 63 62.25 -7.39 -13.25
N ALA I 64 62.32 -6.07 -13.45
CA ALA I 64 61.16 -5.22 -13.21
C ALA I 64 60.07 -5.42 -14.25
N SER I 65 60.39 -6.07 -15.37
CA SER I 65 59.40 -6.28 -16.41
C SER I 65 58.61 -7.57 -16.22
N THR I 66 59.30 -8.68 -15.98
CA THR I 66 58.63 -9.96 -15.87
C THR I 66 57.87 -10.06 -14.56
N ALA I 67 56.67 -10.64 -14.64
CA ALA I 67 55.82 -10.90 -13.48
C ALA I 67 54.68 -11.80 -13.93
N LEU I 68 54.09 -12.51 -12.97
CA LEU I 68 53.01 -13.44 -13.24
C LEU I 68 51.72 -12.92 -12.62
N THR I 69 50.60 -13.50 -13.05
CA THR I 69 49.29 -13.15 -12.52
C THR I 69 48.47 -14.42 -12.34
N LEU I 70 47.23 -14.24 -11.90
CA LEU I 70 46.30 -15.35 -11.67
C LEU I 70 45.09 -15.10 -12.56
N SER I 71 45.14 -15.61 -13.79
CA SER I 71 44.07 -15.44 -14.76
C SER I 71 43.17 -16.66 -14.69
N GLY I 72 42.10 -16.56 -13.92
CA GLY I 72 41.18 -17.65 -13.71
C GLY I 72 40.94 -17.93 -12.24
N SER I 73 39.94 -18.77 -12.00
CA SER I 73 39.54 -19.08 -10.64
C SER I 73 40.43 -20.18 -10.06
N VAL I 74 40.36 -20.35 -8.75
CA VAL I 74 41.13 -21.34 -8.02
C VAL I 74 40.14 -22.37 -7.47
N LEU I 75 40.10 -23.54 -8.11
CA LEU I 75 39.14 -24.56 -7.74
C LEU I 75 39.62 -25.30 -6.48
N TYR I 76 38.87 -26.32 -6.10
CA TYR I 76 39.20 -27.13 -4.92
C TYR I 76 38.46 -28.46 -4.97
N ALA I 77 39.20 -29.56 -4.90
CA ALA I 77 38.63 -30.89 -4.96
C ALA I 77 38.51 -31.46 -3.56
N VAL I 78 37.31 -31.93 -3.21
CA VAL I 78 37.03 -32.40 -1.86
C VAL I 78 35.76 -33.23 -1.91
N ASN I 79 35.67 -34.22 -1.02
CA ASN I 79 34.42 -34.95 -0.86
C ASN I 79 33.37 -34.04 -0.26
N TYR I 80 32.41 -33.61 -1.09
CA TYR I 80 31.51 -32.53 -0.66
C TYR I 80 30.49 -32.99 0.37
N PRO I 81 29.66 -34.02 0.13
CA PRO I 81 28.64 -34.37 1.13
C PRO I 81 29.23 -34.82 2.46
N SER I 82 30.48 -35.29 2.48
CA SER I 82 31.16 -35.68 3.71
C SER I 82 32.56 -35.09 3.67
N ASN I 83 32.71 -33.87 4.18
CA ASN I 83 33.98 -33.17 4.07
C ASN I 83 35.02 -33.78 4.99
N THR I 84 35.77 -34.75 4.49
CA THR I 84 36.78 -35.45 5.28
C THR I 84 38.13 -35.57 4.59
N ARG I 85 38.19 -35.57 3.26
CA ARG I 85 39.45 -35.73 2.57
C ARG I 85 39.78 -34.51 1.71
N SER I 86 40.86 -34.59 0.93
CA SER I 86 41.26 -33.51 0.04
C SER I 86 42.00 -34.12 -1.14
N TYR I 87 41.71 -33.62 -2.34
CA TYR I 87 42.22 -34.24 -3.55
C TYR I 87 43.20 -33.35 -4.32
N TRP I 88 42.81 -32.14 -4.72
CA TRP I 88 43.70 -31.28 -5.47
C TRP I 88 43.17 -29.86 -5.49
N ILE I 89 44.00 -28.95 -6.00
CA ILE I 89 43.65 -27.55 -6.20
C ILE I 89 44.17 -27.14 -7.57
N TYR I 90 43.37 -26.38 -8.31
CA TYR I 90 43.68 -26.06 -9.69
C TYR I 90 43.47 -24.58 -9.95
N PHE I 91 44.39 -23.98 -10.69
CA PHE I 91 44.27 -22.60 -11.14
C PHE I 91 45.23 -22.38 -12.30
N THR I 92 45.00 -21.31 -13.05
CA THR I 92 45.79 -20.99 -14.21
C THR I 92 46.60 -19.72 -13.98
N VAL I 93 47.71 -19.61 -14.71
CA VAL I 93 48.68 -18.53 -14.51
C VAL I 93 49.16 -18.06 -15.87
N SER I 94 49.31 -16.76 -16.02
CA SER I 94 49.75 -16.13 -17.26
C SER I 94 50.75 -15.03 -16.93
N PRO I 95 51.56 -14.60 -17.89
CA PRO I 95 52.43 -13.45 -17.65
C PRO I 95 51.60 -12.22 -17.32
N SER I 96 52.13 -11.40 -16.40
CA SER I 96 51.39 -10.29 -15.80
C SER I 96 50.61 -9.48 -16.84
N SER I 97 51.33 -8.92 -17.80
CA SER I 97 50.73 -8.31 -18.98
C SER I 97 51.62 -8.64 -20.15
N GLY I 98 51.19 -8.26 -21.35
CA GLY I 98 51.90 -8.68 -22.54
C GLY I 98 53.25 -8.00 -22.70
N VAL I 99 54.12 -8.15 -21.69
CA VAL I 99 55.42 -7.51 -21.68
C VAL I 99 56.57 -8.52 -21.72
N SER I 100 56.40 -9.68 -21.09
CA SER I 100 57.55 -10.54 -20.80
C SER I 100 57.23 -11.97 -21.21
N SER I 101 58.13 -12.88 -20.84
CA SER I 101 57.96 -14.31 -21.10
C SER I 101 58.66 -15.05 -19.97
N VAL I 102 57.88 -15.49 -18.98
CA VAL I 102 58.42 -16.08 -17.76
C VAL I 102 58.90 -17.49 -18.03
N GLU I 103 59.93 -17.93 -17.32
CA GLU I 103 60.48 -19.29 -17.43
C GLU I 103 60.05 -20.07 -16.19
N LEU I 104 59.22 -21.09 -16.40
CA LEU I 104 58.62 -21.84 -15.31
C LEU I 104 59.22 -23.22 -15.13
N SER I 105 60.49 -23.40 -15.48
CA SER I 105 61.11 -24.71 -15.35
C SER I 105 61.13 -25.14 -13.88
N PRO I 106 60.69 -26.36 -13.57
CA PRO I 106 60.63 -26.77 -12.16
C PRO I 106 61.99 -26.85 -11.49
N SER I 107 63.07 -26.86 -12.25
CA SER I 107 64.39 -26.92 -11.63
C SER I 107 64.80 -25.58 -11.03
N THR I 108 64.30 -24.47 -11.57
CA THR I 108 64.69 -23.14 -11.12
C THR I 108 63.57 -22.38 -10.45
N THR I 109 62.37 -22.94 -10.38
CA THR I 109 61.25 -22.28 -9.74
C THR I 109 60.79 -23.08 -8.53
N ALA I 110 59.91 -22.48 -7.74
CA ALA I 110 59.51 -23.08 -6.47
C ALA I 110 58.10 -22.63 -6.11
N ILE I 111 57.21 -23.58 -5.89
CA ILE I 111 55.86 -23.32 -5.42
C ILE I 111 55.78 -23.75 -3.97
N SER I 112 55.25 -22.88 -3.11
CA SER I 112 55.14 -23.18 -1.69
C SER I 112 53.67 -23.39 -1.32
N PHE I 113 53.45 -23.70 -0.05
CA PHE I 113 52.10 -23.97 0.44
C PHE I 113 52.08 -23.92 1.97
N THR I 114 51.27 -23.05 2.55
CA THR I 114 51.19 -22.92 3.99
C THR I 114 49.75 -22.71 4.40
N ALA I 115 49.38 -23.26 5.55
CA ALA I 115 48.07 -23.05 6.16
C ALA I 115 48.27 -22.74 7.63
N SER I 116 47.48 -21.79 8.14
CA SER I 116 47.73 -21.27 9.48
C SER I 116 47.26 -22.23 10.56
N ALA I 117 45.96 -22.54 10.59
CA ALA I 117 45.40 -23.31 11.68
C ALA I 117 45.99 -24.71 11.78
N GLU I 118 46.53 -25.23 10.69
CA GLU I 118 47.13 -26.56 10.71
C GLU I 118 48.62 -26.53 11.01
N GLY I 119 49.23 -25.35 11.02
CA GLY I 119 50.66 -25.25 11.20
C GLY I 119 51.49 -25.88 10.09
N ILE I 120 50.84 -26.39 9.04
CA ILE I 120 51.57 -27.03 7.96
C ILE I 120 52.31 -25.98 7.14
N SER I 121 53.54 -26.30 6.76
CA SER I 121 54.31 -25.46 5.87
C SER I 121 54.94 -26.34 4.80
N TYR I 122 55.39 -25.71 3.73
CA TYR I 122 56.01 -26.44 2.63
C TYR I 122 57.01 -25.52 1.96
N SER I 123 57.74 -26.08 1.00
CA SER I 123 58.71 -25.31 0.22
C SER I 123 59.06 -26.07 -1.05
N ASN I 124 58.84 -25.44 -2.20
CA ASN I 124 59.21 -26.00 -3.50
C ASN I 124 58.61 -27.39 -3.69
N ILE I 125 57.28 -27.41 -3.77
CA ILE I 125 56.55 -28.62 -4.08
C ILE I 125 56.30 -28.75 -5.59
N TYR I 126 57.05 -28.01 -6.39
CA TYR I 126 56.94 -28.05 -7.84
C TYR I 126 58.01 -29.00 -8.37
N GLU I 127 57.58 -30.09 -8.99
CA GLU I 127 58.50 -31.16 -9.35
C GLU I 127 58.57 -31.45 -10.84
N TYR I 128 57.44 -31.44 -11.54
CA TYR I 128 57.43 -31.84 -12.94
C TYR I 128 56.56 -30.88 -13.75
N THR I 129 56.77 -30.90 -15.07
CA THR I 129 56.01 -30.05 -15.97
C THR I 129 55.80 -30.78 -17.29
N LEU I 130 54.82 -30.31 -18.05
CA LEU I 130 54.44 -30.93 -19.31
C LEU I 130 54.75 -30.06 -20.51
N LEU I 131 55.39 -28.91 -20.33
CA LEU I 131 55.66 -28.02 -21.45
C LEU I 131 56.74 -28.59 -22.36
N THR I 132 57.75 -29.23 -21.79
CA THR I 132 58.88 -29.69 -22.58
C THR I 132 58.52 -30.87 -23.48
N VAL I 133 57.59 -31.71 -23.04
CA VAL I 133 57.30 -32.93 -23.78
C VAL I 133 56.71 -32.57 -25.15
N SER I 134 56.95 -33.41 -26.12
CA SER I 134 56.50 -33.12 -27.47
C SER I 134 55.19 -33.85 -27.76
N PRO I 135 54.31 -33.23 -28.55
CA PRO I 135 53.05 -33.90 -28.91
C PRO I 135 53.24 -35.09 -29.83
N SER I 136 54.45 -35.32 -30.34
CA SER I 136 54.66 -36.47 -31.20
C SER I 136 54.66 -37.78 -30.42
N GLU I 137 55.06 -37.74 -29.15
CA GLU I 137 55.14 -38.96 -28.36
C GLU I 137 53.82 -39.28 -27.68
N LEU I 138 53.22 -38.29 -27.03
CA LEU I 138 52.05 -38.56 -26.18
C LEU I 138 50.87 -39.06 -27.00
N ALA I 139 50.71 -38.56 -28.22
CA ALA I 139 49.49 -38.81 -28.97
C ALA I 139 49.39 -40.23 -29.52
N ASN I 140 50.44 -41.03 -29.41
CA ASN I 140 50.44 -42.33 -30.09
C ASN I 140 49.82 -43.44 -29.25
N GLN I 141 50.37 -43.70 -28.07
CA GLN I 141 50.06 -44.91 -27.30
C GLN I 141 49.26 -44.59 -26.04
N VAL I 142 47.94 -44.58 -26.16
CA VAL I 142 47.03 -44.67 -25.03
C VAL I 142 45.62 -44.98 -25.54
N TYR I 143 44.92 -45.88 -24.85
CA TYR I 143 43.54 -46.20 -25.23
C TYR I 143 42.90 -47.05 -24.14
N ALA I 144 41.64 -46.75 -23.84
CA ALA I 144 40.83 -47.53 -22.92
C ALA I 144 39.86 -48.45 -23.64
N ASN I 145 39.79 -48.38 -24.95
CA ASN I 145 38.95 -49.27 -25.74
C ASN I 145 39.62 -49.48 -27.09
N GLY I 146 38.85 -49.97 -28.07
CA GLY I 146 39.42 -50.37 -29.35
C GLY I 146 40.15 -49.27 -30.10
N GLN I 147 39.89 -48.01 -29.76
CA GLN I 147 40.46 -46.89 -30.50
C GLN I 147 41.30 -46.02 -29.57
N TYR I 148 42.44 -45.55 -30.08
CA TYR I 148 43.28 -44.63 -29.33
C TYR I 148 42.56 -43.31 -29.11
N LEU I 149 42.90 -42.64 -28.02
CA LEU I 149 42.40 -41.30 -27.73
C LEU I 149 43.56 -40.32 -27.75
N ASP I 150 43.28 -39.12 -28.23
CA ASP I 150 44.28 -38.05 -28.31
C ASP I 150 44.18 -37.15 -27.09
N LEU I 151 45.33 -36.75 -26.57
CA LEU I 151 45.41 -35.93 -25.36
C LEU I 151 45.87 -34.51 -25.63
N VAL I 152 46.64 -34.29 -26.68
CA VAL I 152 47.14 -32.96 -27.04
C VAL I 152 46.44 -32.51 -28.30
N ASN I 153 45.81 -31.34 -28.23
CA ASN I 153 45.18 -30.72 -29.39
C ASN I 153 46.03 -29.56 -29.86
N GLN I 154 46.22 -29.46 -31.17
CA GLN I 154 47.17 -28.51 -31.73
C GLN I 154 46.52 -27.70 -32.85
N GLN I 155 46.75 -26.39 -32.83
CA GLN I 155 46.27 -25.48 -33.86
C GLN I 155 47.45 -24.90 -34.63
N THR I 156 47.20 -24.52 -35.88
CA THR I 156 48.25 -23.98 -36.73
C THR I 156 47.74 -22.70 -37.39
N ASN I 157 48.52 -21.64 -37.28
CA ASN I 157 48.21 -20.39 -37.97
C ASN I 157 49.46 -19.53 -38.03
N ALA I 158 49.56 -18.74 -39.08
CA ALA I 158 50.68 -17.82 -39.30
C ALA I 158 52.02 -18.53 -39.25
N GLY I 159 52.05 -19.80 -39.67
CA GLY I 159 53.27 -20.56 -39.72
C GLY I 159 53.63 -21.30 -38.44
N GLN I 160 53.14 -20.84 -37.30
CA GLN I 160 53.46 -21.49 -36.03
C GLN I 160 52.46 -22.60 -35.74
N THR I 161 52.68 -23.31 -34.64
CA THR I 161 51.80 -24.41 -34.24
C THR I 161 51.72 -24.42 -32.72
N TYR I 162 50.50 -24.28 -32.19
CA TYR I 162 50.26 -24.23 -30.76
C TYR I 162 49.81 -25.59 -30.24
N VAL I 163 50.00 -25.81 -28.94
CA VAL I 163 49.60 -27.05 -28.30
C VAL I 163 48.93 -26.71 -26.97
N TYR I 164 47.87 -27.44 -26.66
CA TYR I 164 47.12 -27.19 -25.43
C TYR I 164 46.44 -28.47 -25.00
N TYR I 165 46.02 -28.49 -23.74
CA TYR I 165 45.38 -29.67 -23.15
C TYR I 165 43.94 -29.31 -22.79
N PRO I 166 42.95 -29.94 -23.41
CA PRO I 166 41.55 -29.52 -23.21
C PRO I 166 40.91 -30.03 -21.94
N ASN I 167 41.65 -30.69 -21.06
CA ASN I 167 41.02 -31.30 -19.89
C ASN I 167 42.10 -31.64 -18.86
N PRO I 168 41.94 -31.24 -17.60
CA PRO I 168 42.94 -31.61 -16.59
C PRO I 168 43.19 -33.11 -16.51
N TYR I 169 42.15 -33.92 -16.68
CA TYR I 169 42.33 -35.36 -16.69
C TYR I 169 43.14 -35.80 -17.91
N TYR I 170 42.77 -35.29 -19.09
CA TYR I 170 43.58 -35.54 -20.28
C TYR I 170 45.01 -35.10 -20.06
N ALA I 171 45.21 -34.03 -19.29
CA ALA I 171 46.57 -33.63 -18.91
C ALA I 171 47.14 -34.55 -17.85
N LEU I 172 46.29 -35.03 -16.93
CA LEU I 172 46.77 -35.92 -15.87
C LEU I 172 47.20 -37.26 -16.44
N LEU I 173 46.37 -37.85 -17.30
CA LEU I 173 46.74 -39.11 -17.96
C LEU I 173 48.05 -38.95 -18.71
N ALA I 174 48.28 -37.77 -19.29
CA ALA I 174 49.52 -37.54 -20.03
C ALA I 174 50.72 -37.62 -19.10
N LEU I 175 50.58 -37.10 -17.88
CA LEU I 175 51.71 -37.10 -16.97
C LEU I 175 52.12 -38.52 -16.58
N ASN I 176 51.14 -39.39 -16.32
CA ASN I 176 51.44 -40.75 -15.92
C ASN I 176 52.28 -41.47 -16.96
N TYR I 177 52.01 -41.22 -18.24
CA TYR I 177 52.81 -41.83 -19.29
C TYR I 177 54.19 -41.19 -19.35
N THR I 178 54.27 -39.87 -19.17
CA THR I 178 55.55 -39.20 -19.32
C THR I 178 56.56 -39.65 -18.28
N LEU I 179 56.12 -39.76 -17.03
CA LEU I 179 57.02 -40.20 -15.97
C LEU I 179 57.50 -41.63 -16.21
N SER I 180 56.64 -42.46 -16.82
CA SER I 180 56.98 -43.86 -16.98
C SER I 180 57.78 -44.11 -18.25
N LYS I 181 57.68 -43.23 -19.23
CA LYS I 181 58.29 -43.57 -20.51
C LYS I 181 59.25 -42.52 -21.05
N ILE I 182 58.98 -41.24 -20.84
CA ILE I 182 59.88 -40.21 -21.36
C ILE I 182 61.18 -40.19 -20.57
N ASP I 183 61.09 -39.93 -19.27
CA ASP I 183 62.26 -39.94 -18.39
C ASP I 183 62.17 -41.14 -17.46
N LYS I 184 63.27 -41.88 -17.34
CA LYS I 184 63.31 -43.12 -16.57
C LYS I 184 63.43 -42.81 -15.09
N VAL I 185 62.36 -42.24 -14.54
CA VAL I 185 62.31 -42.00 -13.10
C VAL I 185 61.70 -43.21 -12.41
N SER I 186 62.47 -43.82 -11.50
CA SER I 186 61.98 -45.02 -10.84
C SER I 186 60.89 -44.72 -9.81
N PRO I 187 61.02 -43.71 -8.92
CA PRO I 187 59.89 -43.36 -8.06
C PRO I 187 58.94 -42.42 -8.79
N SER I 188 57.78 -42.95 -9.16
CA SER I 188 56.75 -42.13 -9.78
C SER I 188 55.82 -41.60 -8.71
N PRO I 189 55.63 -40.28 -8.60
CA PRO I 189 54.79 -39.76 -7.51
C PRO I 189 53.33 -40.16 -7.63
N LEU I 190 52.82 -40.43 -8.82
CA LEU I 190 51.44 -40.86 -8.98
C LEU I 190 51.37 -42.04 -9.93
N TYR I 191 50.40 -42.91 -9.69
CA TYR I 191 50.12 -44.05 -10.56
C TYR I 191 48.61 -44.20 -10.66
N ILE I 192 48.07 -43.88 -11.82
CA ILE I 192 46.63 -43.94 -12.06
C ILE I 192 46.33 -45.22 -12.84
N THR I 193 45.28 -45.93 -12.43
CA THR I 193 44.92 -47.18 -13.09
C THR I 193 43.42 -47.38 -13.03
N THR I 194 42.94 -48.26 -13.90
CA THR I 194 41.51 -48.55 -14.00
C THR I 194 41.08 -49.69 -13.07
N THR I 195 41.99 -50.58 -12.72
CA THR I 195 41.65 -51.73 -11.88
C THR I 195 41.10 -51.27 -10.54
N THR I 196 40.11 -52.00 -10.06
CA THR I 196 39.53 -51.71 -8.75
C THR I 196 40.64 -51.62 -7.70
N PRO I 197 40.60 -50.61 -6.83
CA PRO I 197 41.66 -50.49 -5.81
C PRO I 197 41.82 -51.74 -4.96
N SER I 198 40.75 -52.49 -4.73
CA SER I 198 40.86 -53.75 -4.01
C SER I 198 41.86 -54.68 -4.68
N SER I 199 41.62 -54.99 -5.96
CA SER I 199 42.54 -55.84 -6.69
C SER I 199 43.89 -55.16 -6.91
N ALA I 200 43.89 -53.83 -6.98
CA ALA I 200 45.14 -53.12 -7.22
C ALA I 200 46.08 -53.20 -6.02
N THR I 201 45.52 -53.18 -4.81
CA THR I 201 46.37 -53.22 -3.62
C THR I 201 46.91 -54.63 -3.36
N GLN I 202 46.09 -55.66 -3.65
CA GLN I 202 46.54 -57.03 -3.41
C GLN I 202 47.73 -57.39 -4.28
N ILE I 203 47.85 -56.78 -5.45
CA ILE I 203 48.99 -57.01 -6.33
C ILE I 203 50.11 -55.99 -6.08
N TYR I 204 49.78 -54.80 -5.61
CA TYR I 204 50.76 -53.78 -5.28
C TYR I 204 50.49 -53.28 -3.86
N PRO I 205 51.25 -53.75 -2.88
CA PRO I 205 50.93 -53.39 -1.48
C PRO I 205 51.15 -51.92 -1.18
N PHE I 206 52.18 -51.30 -1.77
CA PHE I 206 52.46 -49.91 -1.44
C PHE I 206 51.34 -48.97 -1.89
N LEU I 207 50.47 -49.41 -2.77
CA LEU I 207 49.38 -48.58 -3.26
C LEU I 207 48.24 -48.45 -2.26
N ALA I 208 48.45 -48.81 -1.00
CA ALA I 208 47.43 -48.68 0.02
C ALA I 208 47.64 -47.48 0.94
N HIS I 209 48.86 -46.95 1.01
CA HIS I 209 49.12 -45.80 1.87
C HIS I 209 48.76 -44.49 1.17
N ASP I 210 48.75 -44.48 -0.15
CA ASP I 210 48.67 -43.24 -0.91
C ASP I 210 47.27 -42.64 -0.84
N ASN I 211 47.11 -41.47 -1.45
CA ASN I 211 45.83 -40.79 -1.53
C ASN I 211 45.06 -41.28 -2.76
N MET I 212 43.80 -40.86 -2.85
CA MET I 212 42.94 -41.34 -3.92
C MET I 212 41.91 -40.29 -4.31
N PHE I 213 41.81 -40.06 -5.62
CA PHE I 213 40.69 -39.33 -6.20
C PHE I 213 40.42 -39.92 -7.57
N THR I 214 39.16 -39.84 -8.00
CA THR I 214 38.71 -40.53 -9.20
C THR I 214 38.17 -39.55 -10.22
N PHE I 215 38.11 -40.01 -11.47
CA PHE I 215 37.53 -39.25 -12.56
C PHE I 215 37.10 -40.23 -13.64
N THR I 216 35.99 -39.92 -14.32
CA THR I 216 35.41 -40.82 -15.29
C THR I 216 35.49 -40.22 -16.69
N LEU I 217 35.49 -41.11 -17.69
CA LEU I 217 35.49 -40.71 -19.08
C LEU I 217 34.54 -41.61 -19.85
N ASN I 218 33.88 -41.04 -20.85
CA ASN I 218 32.99 -41.80 -21.74
C ASN I 218 33.75 -42.04 -23.04
N ILE I 219 34.57 -43.10 -23.05
CA ILE I 219 35.38 -43.45 -24.20
C ILE I 219 34.61 -44.51 -25.00
N SER I 220 34.27 -44.16 -26.24
CA SER I 220 33.64 -45.08 -27.17
C SER I 220 32.37 -45.70 -26.56
N GLY I 221 31.63 -44.90 -25.80
CA GLY I 221 30.37 -45.34 -25.25
C GLY I 221 30.47 -46.23 -24.03
N THR I 222 31.64 -46.80 -23.74
CA THR I 222 31.86 -47.60 -22.54
C THR I 222 32.53 -46.71 -21.49
N LEU I 223 31.78 -46.40 -20.43
CA LEU I 223 32.30 -45.52 -19.39
C LEU I 223 33.39 -46.23 -18.62
N VAL I 224 34.62 -45.72 -18.71
CA VAL I 224 35.77 -46.29 -18.04
C VAL I 224 36.18 -45.33 -16.94
N THR I 225 36.19 -45.83 -15.70
CA THR I 225 36.59 -45.01 -14.57
C THR I 225 38.11 -45.05 -14.38
N TYR I 226 38.61 -44.14 -13.57
CA TYR I 226 40.02 -44.07 -13.26
C TYR I 226 40.20 -43.68 -11.80
N TYR I 227 41.32 -44.08 -11.23
CA TYR I 227 41.63 -43.81 -9.83
C TYR I 227 43.07 -43.33 -9.72
N ALA I 228 43.27 -42.28 -8.93
CA ALA I 228 44.59 -41.69 -8.76
C ALA I 228 45.19 -42.10 -7.42
N PHE I 229 46.52 -42.24 -7.39
CA PHE I 229 47.24 -42.64 -6.20
C PHE I 229 48.47 -41.75 -6.06
N VAL I 230 48.40 -40.79 -5.13
CA VAL I 230 49.47 -39.83 -4.90
C VAL I 230 50.19 -40.20 -3.61
N ASN I 231 51.52 -40.30 -3.67
CA ASN I 231 52.32 -40.64 -2.52
C ASN I 231 53.02 -39.44 -1.90
N GLN I 232 52.92 -38.27 -2.52
CA GLN I 232 53.66 -37.09 -2.08
C GLN I 232 53.02 -35.86 -2.70
N THR I 233 52.77 -34.85 -1.88
CA THR I 233 52.19 -33.61 -2.37
C THR I 233 53.17 -32.93 -3.34
N PHE I 234 52.74 -32.76 -4.58
CA PHE I 234 53.57 -32.13 -5.60
C PHE I 234 52.66 -31.40 -6.57
N ALA I 235 53.26 -30.75 -7.57
CA ALA I 235 52.50 -29.95 -8.52
C ALA I 235 53.10 -30.09 -9.91
N PHE I 236 52.31 -29.75 -10.91
CA PHE I 236 52.78 -29.79 -12.29
C PHE I 236 52.06 -28.71 -13.08
N THR I 237 52.63 -28.39 -14.25
CA THR I 237 52.14 -27.32 -15.10
C THR I 237 52.04 -27.81 -16.54
N TYR I 238 50.86 -27.68 -17.13
CA TYR I 238 50.63 -28.08 -18.51
C TYR I 238 50.07 -26.91 -19.30
N PRO I 239 50.39 -26.82 -20.59
CA PRO I 239 49.89 -25.69 -21.38
C PRO I 239 48.38 -25.76 -21.54
N VAL I 240 47.76 -24.57 -21.54
CA VAL I 240 46.30 -24.47 -21.62
C VAL I 240 45.86 -23.71 -22.88
N ALA I 241 46.54 -22.63 -23.22
CA ALA I 241 46.12 -21.84 -24.38
C ALA I 241 47.27 -20.96 -24.86
N GLY I 242 47.50 -20.96 -26.16
CA GLY I 242 48.44 -20.05 -26.78
C GLY I 242 49.89 -20.34 -26.46
N ASP I 243 50.33 -21.58 -26.66
CA ASP I 243 51.71 -22.00 -26.39
C ASP I 243 52.35 -22.44 -27.71
N PRO I 244 52.89 -21.51 -28.49
CA PRO I 244 53.48 -21.90 -29.77
C PRO I 244 54.81 -22.61 -29.62
N LEU I 245 55.63 -22.19 -28.66
CA LEU I 245 56.98 -22.70 -28.51
C LEU I 245 57.01 -23.81 -27.46
N ILE I 246 56.29 -24.88 -27.77
CA ILE I 246 56.32 -26.07 -26.94
C ILE I 246 57.71 -26.69 -26.99
N GLY I 247 58.08 -27.39 -25.92
CA GLY I 247 59.40 -27.95 -25.82
C GLY I 247 60.44 -27.03 -25.20
N SER I 248 60.01 -26.04 -24.42
CA SER I 248 60.93 -25.07 -23.86
C SER I 248 60.70 -24.76 -22.38
N ALA I 249 59.58 -25.17 -21.79
CA ALA I 249 59.26 -24.87 -20.40
C ALA I 249 59.26 -23.37 -20.12
N ILE I 250 59.03 -22.57 -21.16
CA ILE I 250 58.99 -21.12 -21.05
C ILE I 250 57.60 -20.65 -21.42
N ALA I 251 56.97 -19.87 -20.54
CA ALA I 251 55.63 -19.36 -20.78
C ALA I 251 55.75 -18.01 -21.49
N PRO I 252 55.43 -17.91 -22.77
CA PRO I 252 55.55 -16.62 -23.46
C PRO I 252 54.39 -15.70 -23.12
N ALA I 253 54.43 -14.48 -23.65
CA ALA I 253 53.33 -13.55 -23.43
C ALA I 253 52.09 -14.00 -24.19
N GLY I 254 50.93 -13.68 -23.64
CA GLY I 254 49.69 -14.09 -24.26
C GLY I 254 49.44 -15.58 -24.16
N SER I 255 49.86 -16.21 -23.07
CA SER I 255 49.69 -17.63 -22.87
C SER I 255 49.12 -17.88 -21.48
N VAL I 256 48.30 -18.92 -21.36
CA VAL I 256 47.70 -19.33 -20.10
C VAL I 256 48.28 -20.69 -19.74
N ILE I 257 49.02 -20.75 -18.64
CA ILE I 257 49.60 -21.98 -18.14
C ILE I 257 48.81 -22.44 -16.93
N GLY I 258 48.45 -23.72 -16.89
CA GLY I 258 47.63 -24.26 -15.84
C GLY I 258 48.46 -24.96 -14.78
N VAL I 259 48.31 -24.51 -13.54
CA VAL I 259 49.00 -25.08 -12.40
C VAL I 259 48.03 -25.94 -11.62
N MET I 260 48.44 -27.17 -11.31
CA MET I 260 47.58 -28.10 -10.58
C MET I 260 48.37 -28.71 -9.45
N ILE I 261 47.97 -28.42 -8.22
CA ILE I 261 48.61 -28.97 -7.03
C ILE I 261 47.91 -30.28 -6.70
N LEU I 262 48.65 -31.38 -6.73
CA LEU I 262 48.12 -32.69 -6.40
C LEU I 262 48.42 -32.97 -4.93
N PHE I 263 47.38 -32.98 -4.10
CA PHE I 263 47.55 -33.22 -2.68
C PHE I 263 47.97 -34.67 -2.44
N GLY I 264 48.31 -34.96 -1.19
CA GLY I 264 48.79 -36.27 -0.83
C GLY I 264 48.25 -36.76 0.50
N PRO I 265 48.89 -37.78 1.06
CA PRO I 265 48.37 -38.38 2.30
C PRO I 265 48.48 -37.46 3.51
N ASP I 266 49.61 -36.77 3.66
CA ASP I 266 49.83 -35.96 4.86
C ASP I 266 48.81 -34.84 4.96
N LEU I 267 48.42 -34.26 3.83
CA LEU I 267 47.41 -33.21 3.85
C LEU I 267 46.01 -33.72 3.54
N GLY I 268 45.89 -34.84 2.84
CA GLY I 268 44.58 -35.35 2.46
C GLY I 268 43.68 -35.63 3.64
N SER I 269 44.25 -35.82 4.83
CA SER I 269 43.45 -36.05 6.03
C SER I 269 42.86 -34.78 6.61
N HIS I 270 43.00 -33.65 5.93
CA HIS I 270 42.50 -32.37 6.42
C HIS I 270 41.54 -31.74 5.42
N VAL I 271 40.64 -30.91 5.94
CA VAL I 271 39.74 -30.10 5.13
C VAL I 271 39.79 -28.69 5.70
N PHE I 272 40.32 -27.76 4.92
CA PHE I 272 40.53 -26.40 5.43
C PHE I 272 39.21 -25.67 5.56
N GLN I 273 38.95 -25.14 6.75
CA GLN I 273 37.72 -24.40 7.04
C GLN I 273 38.06 -23.24 7.96
N TYR I 274 37.54 -22.05 7.63
CA TYR I 274 37.74 -20.85 8.43
C TYR I 274 39.23 -20.57 8.65
N GLN I 275 39.98 -20.55 7.56
CA GLN I 275 41.41 -20.33 7.63
C GLN I 275 41.90 -19.83 6.27
N THR I 276 43.07 -19.22 6.28
CA THR I 276 43.66 -18.66 5.07
C THR I 276 44.68 -19.63 4.48
N ILE I 277 44.53 -19.92 3.20
CA ILE I 277 45.45 -20.79 2.48
C ILE I 277 46.39 -19.91 1.65
N THR I 278 47.65 -20.31 1.56
CA THR I 278 48.66 -19.51 0.90
C THR I 278 49.44 -20.36 -0.09
N ILE I 279 49.55 -19.87 -1.32
CA ILE I 279 50.39 -20.47 -2.35
C ILE I 279 51.29 -19.37 -2.89
N GLN I 280 52.49 -19.74 -3.30
CA GLN I 280 53.44 -18.73 -3.78
C GLN I 280 54.37 -19.34 -4.80
N ILE I 281 54.33 -18.82 -6.03
CA ILE I 281 55.27 -19.20 -7.07
C ILE I 281 56.42 -18.19 -7.06
N THR I 282 57.65 -18.69 -7.07
CA THR I 282 58.84 -17.86 -7.05
C THR I 282 59.71 -18.22 -8.24
N PRO I 283 59.50 -17.57 -9.38
CA PRO I 283 60.37 -17.82 -10.53
C PRO I 283 61.74 -17.20 -10.32
N ASN I 284 62.71 -17.73 -11.07
CA ASN I 284 64.10 -17.30 -10.90
C ASN I 284 64.29 -15.85 -11.31
N ILE I 285 63.48 -15.37 -12.25
CA ILE I 285 63.58 -14.00 -12.75
C ILE I 285 62.21 -13.35 -12.67
N GLY I 286 62.07 -12.39 -11.77
CA GLY I 286 60.85 -11.61 -11.66
C GLY I 286 60.16 -11.79 -10.32
N SER I 287 59.05 -11.07 -10.18
CA SER I 287 58.34 -11.01 -8.92
C SER I 287 57.75 -12.38 -8.58
N PRO I 288 57.62 -12.68 -7.29
CA PRO I 288 57.00 -13.95 -6.89
C PRO I 288 55.49 -13.82 -6.82
N LEU I 289 54.77 -14.66 -7.57
CA LEU I 289 53.32 -14.65 -7.52
C LEU I 289 52.86 -15.27 -6.21
N THR I 290 51.91 -14.61 -5.55
CA THR I 290 51.41 -15.05 -4.26
C THR I 290 49.89 -15.04 -4.27
N ILE I 291 49.30 -16.04 -3.64
CA ILE I 291 47.85 -16.21 -3.59
C ILE I 291 47.46 -16.52 -2.15
N SER I 292 46.62 -15.67 -1.57
CA SER I 292 46.14 -15.86 -0.20
C SER I 292 44.62 -15.88 -0.23
N GLU I 293 44.04 -17.07 -0.18
CA GLU I 293 42.60 -17.25 -0.26
C GLU I 293 42.02 -17.60 1.09
N TYR I 294 40.73 -17.33 1.25
CA TYR I 294 39.99 -17.64 2.46
C TYR I 294 38.80 -18.52 2.11
N VAL I 295 38.54 -19.52 2.95
CA VAL I 295 37.53 -20.52 2.65
C VAL I 295 36.69 -20.78 3.90
N TYR I 296 35.38 -20.50 3.81
CA TYR I 296 34.46 -20.92 4.85
C TYR I 296 34.40 -22.43 4.92
N GLN I 297 33.87 -23.03 3.86
CA GLN I 297 33.47 -24.42 3.80
C GLN I 297 33.41 -24.84 2.34
N PRO I 298 34.14 -25.87 1.95
CA PRO I 298 34.12 -26.29 0.54
C PRO I 298 32.75 -26.84 0.18
N GLU I 299 32.21 -26.36 -0.93
CA GLU I 299 30.90 -26.80 -1.38
C GLU I 299 30.95 -27.18 -2.86
N GLY I 300 30.20 -28.20 -3.24
CA GLY I 300 30.08 -28.63 -4.61
C GLY I 300 31.08 -29.68 -5.02
N SER I 301 32.11 -29.93 -4.21
CA SER I 301 33.20 -30.86 -4.48
C SER I 301 34.14 -30.29 -5.54
N VAL I 302 33.73 -29.19 -6.17
CA VAL I 302 34.63 -28.32 -6.93
C VAL I 302 34.26 -26.89 -6.54
N SER I 303 34.94 -26.36 -5.54
CA SER I 303 34.59 -25.06 -4.97
C SER I 303 35.42 -23.97 -5.62
N VAL I 304 34.77 -22.93 -6.10
CA VAL I 304 35.46 -21.82 -6.79
C VAL I 304 35.84 -20.83 -5.69
N ILE I 305 36.96 -21.12 -5.04
CA ILE I 305 37.57 -20.27 -4.01
C ILE I 305 38.76 -21.01 -3.42
N LEU J 19 19.31 0.42 -5.13
CA LEU J 19 18.34 1.49 -5.23
C LEU J 19 16.97 1.03 -4.72
N ALA J 20 16.01 1.95 -4.72
CA ALA J 20 14.63 1.64 -4.36
C ALA J 20 13.75 1.46 -5.59
N GLY J 21 14.33 1.18 -6.74
CA GLY J 21 13.58 1.04 -7.96
C GLY J 21 13.28 -0.39 -8.36
N LEU J 22 14.29 -1.26 -8.33
CA LEU J 22 14.06 -2.66 -8.66
C LEU J 22 13.25 -3.36 -7.57
N ASP J 23 13.62 -3.14 -6.31
CA ASP J 23 12.93 -3.83 -5.22
C ASP J 23 11.48 -3.38 -5.11
N THR J 24 11.19 -2.12 -5.42
CA THR J 24 9.81 -1.66 -5.39
C THR J 24 8.99 -2.34 -6.47
N ALA J 25 9.58 -2.59 -7.63
CA ALA J 25 8.86 -3.27 -8.69
C ALA J 25 8.62 -4.73 -8.35
N ILE J 26 9.57 -5.36 -7.65
CA ILE J 26 9.37 -6.75 -7.23
C ILE J 26 8.28 -6.83 -6.18
N ILE J 27 8.27 -5.90 -5.23
CA ILE J 27 7.19 -5.83 -4.25
C ILE J 27 5.88 -5.53 -4.96
N LEU J 28 5.93 -4.75 -6.04
CA LEU J 28 4.72 -4.46 -6.80
C LEU J 28 4.09 -5.74 -7.35
N ILE J 29 4.90 -6.56 -8.03
CA ILE J 29 4.39 -7.79 -8.61
C ILE J 29 3.82 -8.70 -7.53
N ALA J 30 4.51 -8.76 -6.39
CA ALA J 30 4.08 -9.66 -5.32
C ALA J 30 2.73 -9.22 -4.74
N PHE J 31 2.57 -7.92 -4.48
CA PHE J 31 1.36 -7.46 -3.83
C PHE J 31 0.17 -7.54 -4.77
N ILE J 32 0.40 -7.39 -6.08
CA ILE J 32 -0.70 -7.46 -7.04
C ILE J 32 -1.19 -8.89 -7.18
N ILE J 33 -0.30 -9.87 -7.01
CA ILE J 33 -0.72 -11.26 -7.05
C ILE J 33 -1.71 -11.56 -5.94
N THR J 34 -1.46 -11.02 -4.75
CA THR J 34 -2.39 -11.22 -3.64
C THR J 34 -3.75 -10.60 -3.95
N ALA J 35 -3.75 -9.49 -4.69
CA ALA J 35 -5.02 -8.86 -5.06
C ALA J 35 -5.79 -9.73 -6.04
N SER J 36 -5.10 -10.33 -7.01
CA SER J 36 -5.77 -11.19 -7.97
C SER J 36 -6.29 -12.45 -7.30
N VAL J 37 -5.54 -12.97 -6.33
CA VAL J 37 -5.98 -14.17 -5.61
C VAL J 37 -7.21 -13.86 -4.77
N LEU J 38 -7.16 -12.76 -4.01
CA LEU J 38 -8.30 -12.38 -3.19
C LEU J 38 -9.52 -12.09 -4.04
N ALA J 39 -9.33 -11.45 -5.19
CA ALA J 39 -10.45 -11.23 -6.11
C ALA J 39 -10.99 -12.55 -6.61
N TYR J 40 -10.11 -13.53 -6.84
CA TYR J 40 -10.54 -14.83 -7.32
C TYR J 40 -11.46 -15.51 -6.30
N VAL J 41 -11.09 -15.46 -5.03
CA VAL J 41 -11.88 -16.15 -4.01
C VAL J 41 -13.13 -15.35 -3.67
N ALA J 42 -13.09 -14.03 -3.86
CA ALA J 42 -14.27 -13.22 -3.56
C ALA J 42 -15.36 -13.45 -4.59
N ILE J 43 -15.00 -13.45 -5.87
CA ILE J 43 -16.01 -13.66 -6.91
C ILE J 43 -16.56 -15.07 -6.84
N ASN J 44 -15.72 -16.04 -6.55
CA ASN J 44 -16.18 -17.42 -6.45
C ASN J 44 -17.17 -17.57 -5.29
N MET J 45 -16.87 -16.93 -4.16
CA MET J 45 -17.74 -17.07 -3.00
C MET J 45 -19.04 -16.31 -3.18
N GLY J 46 -19.01 -15.24 -3.98
CA GLY J 46 -20.23 -14.53 -4.28
C GLY J 46 -21.16 -15.34 -5.18
N LEU J 47 -20.59 -15.95 -6.23
CA LEU J 47 -21.40 -16.74 -7.14
C LEU J 47 -21.98 -17.96 -6.44
N PHE J 48 -21.25 -18.52 -5.48
CA PHE J 48 -21.74 -19.71 -4.79
C PHE J 48 -22.90 -19.38 -3.86
N VAL J 49 -22.73 -18.36 -3.02
CA VAL J 49 -23.77 -18.02 -2.06
C VAL J 49 -25.01 -17.52 -2.78
N THR J 50 -24.82 -16.76 -3.87
CA THR J 50 -25.96 -16.19 -4.58
C THR J 50 -26.83 -17.28 -5.18
N GLN J 51 -26.21 -18.23 -5.89
CA GLN J 51 -26.98 -19.32 -6.49
C GLN J 51 -27.55 -20.23 -5.41
N LYS J 52 -26.84 -20.39 -4.30
CA LYS J 52 -27.35 -21.22 -3.21
C LYS J 52 -28.59 -20.59 -2.59
N ALA J 53 -28.57 -19.27 -2.39
CA ALA J 53 -29.73 -18.60 -1.82
C ALA J 53 -30.90 -18.60 -2.79
N LYS J 54 -30.61 -18.59 -4.09
CA LYS J 54 -31.68 -18.61 -5.09
C LYS J 54 -32.46 -19.91 -5.02
N SER J 55 -31.77 -21.03 -4.83
CA SER J 55 -32.45 -22.31 -4.76
C SER J 55 -33.38 -22.39 -3.56
N THR J 56 -32.96 -21.82 -2.42
CA THR J 56 -33.78 -21.88 -1.23
C THR J 56 -35.03 -21.02 -1.38
N ILE J 57 -34.92 -19.90 -2.06
CA ILE J 57 -36.11 -19.08 -2.32
C ILE J 57 -37.06 -19.81 -3.25
N ASN J 58 -36.52 -20.45 -4.29
CA ASN J 58 -37.35 -21.24 -5.20
C ASN J 58 -38.03 -22.38 -4.46
N LYS J 59 -37.34 -22.96 -3.48
CA LYS J 59 -37.95 -24.02 -2.68
C LYS J 59 -38.89 -23.45 -1.63
N GLY J 60 -38.63 -22.23 -1.17
CA GLY J 60 -39.49 -21.64 -0.16
C GLY J 60 -40.87 -21.31 -0.68
N GLU J 61 -40.97 -20.90 -1.95
CA GLU J 61 -42.27 -20.55 -2.50
C GLU J 61 -43.11 -21.79 -2.75
N GLU J 62 -42.47 -22.95 -2.91
CA GLU J 62 -43.22 -24.19 -3.07
C GLU J 62 -43.85 -24.63 -1.76
N THR J 63 -43.16 -24.37 -0.64
CA THR J 63 -43.71 -24.71 0.66
C THR J 63 -44.97 -23.91 0.95
N ALA J 64 -45.00 -22.64 0.54
CA ALA J 64 -46.17 -21.81 0.80
C ALA J 64 -47.32 -22.15 -0.14
N SER J 65 -47.05 -22.85 -1.24
CA SER J 65 -48.10 -23.11 -2.22
C SER J 65 -48.77 -24.46 -1.99
N THR J 66 -47.99 -25.49 -1.66
CA THR J 66 -48.56 -26.82 -1.53
C THR J 66 -49.42 -26.93 -0.28
N ALA J 67 -50.63 -27.44 -0.45
CA ALA J 67 -51.54 -27.67 0.68
C ALA J 67 -52.64 -28.63 0.23
N LEU J 68 -53.25 -29.30 1.20
CA LEU J 68 -54.31 -30.26 0.95
C LEU J 68 -55.60 -29.78 1.58
N THR J 69 -56.70 -30.44 1.21
CA THR J 69 -58.01 -30.06 1.73
C THR J 69 -58.91 -31.30 1.73
N LEU J 70 -59.89 -31.28 2.61
CA LEU J 70 -60.82 -32.40 2.76
C LEU J 70 -62.01 -32.17 1.85
N SER J 71 -61.97 -32.75 0.66
CA SER J 71 -63.12 -32.77 -0.23
C SER J 71 -63.92 -34.04 -0.03
N GLY J 72 -65.20 -33.96 -0.35
CA GLY J 72 -66.05 -35.10 -0.05
C GLY J 72 -66.33 -35.19 1.45
N SER J 73 -66.88 -36.33 1.83
CA SER J 73 -67.26 -36.57 3.21
C SER J 73 -66.38 -37.66 3.82
N VAL J 74 -66.48 -37.80 5.14
CA VAL J 74 -65.75 -38.81 5.88
C VAL J 74 -66.77 -39.82 6.43
N LEU J 75 -66.65 -41.07 5.99
CA LEU J 75 -67.60 -42.11 6.33
C LEU J 75 -67.08 -42.98 7.47
N TYR J 76 -67.98 -43.39 8.35
CA TYR J 76 -67.65 -44.24 9.48
C TYR J 76 -68.51 -45.50 9.41
N ALA J 77 -67.86 -46.66 9.53
CA ALA J 77 -68.51 -47.95 9.35
C ALA J 77 -68.47 -48.75 10.64
N VAL J 78 -69.65 -48.95 11.25
CA VAL J 78 -69.80 -49.74 12.47
C VAL J 78 -71.09 -50.53 12.37
N ASN J 79 -71.07 -51.78 12.82
CA ASN J 79 -72.25 -52.62 12.78
C ASN J 79 -73.44 -51.92 13.41
N TYR J 80 -74.46 -51.65 12.60
CA TYR J 80 -75.55 -50.75 12.93
C TYR J 80 -76.57 -51.33 13.91
N PRO J 81 -76.97 -52.62 13.79
CA PRO J 81 -77.88 -53.18 14.81
C PRO J 81 -77.33 -53.04 16.21
N SER J 82 -76.11 -53.53 16.44
CA SER J 82 -75.44 -53.42 17.72
C SER J 82 -74.06 -52.81 17.48
N ASN J 83 -73.90 -51.53 17.83
CA ASN J 83 -72.65 -50.84 17.59
C ASN J 83 -71.57 -51.36 18.54
N THR J 84 -70.78 -52.33 18.09
CA THR J 84 -69.73 -52.90 18.91
C THR J 84 -68.34 -52.87 18.28
N ARG J 85 -68.22 -52.92 16.95
CA ARG J 85 -66.93 -52.99 16.31
C ARG J 85 -66.84 -51.97 15.19
N SER J 86 -65.64 -51.45 14.98
CA SER J 86 -65.36 -50.49 13.92
C SER J 86 -64.81 -51.21 12.70
N TYR J 87 -65.27 -50.83 11.52
CA TYR J 87 -64.88 -51.49 10.29
C TYR J 87 -63.81 -50.72 9.53
N TRP J 88 -64.08 -49.47 9.16
CA TRP J 88 -63.14 -48.67 8.39
C TRP J 88 -63.61 -47.23 8.38
N ILE J 89 -62.77 -46.34 7.84
CA ILE J 89 -63.10 -44.94 7.63
C ILE J 89 -62.58 -44.54 6.25
N TYR J 90 -63.42 -43.87 5.47
CA TYR J 90 -63.07 -43.49 4.11
C TYR J 90 -63.40 -42.01 3.90
N PHE J 91 -62.46 -41.29 3.30
CA PHE J 91 -62.68 -39.89 2.97
C PHE J 91 -61.72 -39.50 1.85
N THR J 92 -62.15 -38.57 1.01
CA THR J 92 -61.35 -38.13 -0.12
C THR J 92 -60.46 -36.97 0.27
N VAL J 93 -59.33 -36.85 -0.43
CA VAL J 93 -58.37 -35.79 -0.19
C VAL J 93 -57.85 -35.29 -1.54
N SER J 94 -57.91 -33.99 -1.76
CA SER J 94 -57.48 -33.36 -2.99
C SER J 94 -56.61 -32.17 -2.64
N PRO J 95 -55.78 -31.70 -3.57
CA PRO J 95 -54.99 -30.50 -3.31
C PRO J 95 -55.90 -29.33 -2.92
N SER J 96 -55.33 -28.39 -2.16
CA SER J 96 -56.12 -27.31 -1.58
C SER J 96 -56.88 -26.55 -2.65
N SER J 97 -56.15 -25.88 -3.53
CA SER J 97 -56.70 -25.28 -4.74
C SER J 97 -55.74 -25.60 -5.88
N GLY J 98 -56.23 -25.46 -7.10
CA GLY J 98 -55.45 -25.94 -8.22
C GLY J 98 -54.23 -25.07 -8.49
N VAL J 99 -53.35 -24.98 -7.50
CA VAL J 99 -52.11 -24.22 -7.61
C VAL J 99 -50.89 -25.13 -7.56
N SER J 100 -50.96 -26.23 -6.82
CA SER J 100 -49.79 -27.05 -6.54
C SER J 100 -50.14 -28.52 -6.65
N SER J 101 -49.13 -29.33 -6.96
CA SER J 101 -49.26 -30.77 -7.09
C SER J 101 -48.42 -31.43 -6.00
N VAL J 102 -49.09 -32.00 -4.99
CA VAL J 102 -48.41 -32.57 -3.85
C VAL J 102 -48.07 -34.03 -4.13
N GLU J 103 -47.16 -34.56 -3.32
CA GLU J 103 -46.69 -35.94 -3.45
C GLU J 103 -47.12 -36.72 -2.23
N LEU J 104 -47.78 -37.85 -2.45
CA LEU J 104 -48.35 -38.66 -1.37
C LEU J 104 -47.69 -40.04 -1.28
N SER J 105 -46.46 -40.18 -1.76
CA SER J 105 -45.77 -41.46 -1.68
C SER J 105 -45.59 -41.85 -0.22
N PRO J 106 -46.03 -43.04 0.19
CA PRO J 106 -45.98 -43.40 1.62
C PRO J 106 -44.59 -43.46 2.18
N SER J 107 -43.55 -43.42 1.34
CA SER J 107 -42.19 -43.42 1.85
C SER J 107 -41.86 -42.12 2.56
N THR J 108 -42.60 -41.06 2.29
CA THR J 108 -42.30 -39.75 2.83
C THR J 108 -43.46 -39.09 3.58
N THR J 109 -44.70 -39.49 3.32
CA THR J 109 -45.85 -38.92 4.01
C THR J 109 -46.33 -39.87 5.09
N ALA J 110 -46.94 -39.31 6.13
CA ALA J 110 -47.35 -40.07 7.30
C ALA J 110 -48.78 -39.70 7.67
N ILE J 111 -49.61 -40.70 7.89
CA ILE J 111 -50.97 -40.51 8.37
C ILE J 111 -51.02 -41.00 9.81
N SER J 112 -51.29 -40.09 10.74
CA SER J 112 -51.38 -40.42 12.15
C SER J 112 -52.82 -40.70 12.52
N PHE J 113 -53.04 -41.04 13.79
CA PHE J 113 -54.38 -41.32 14.30
C PHE J 113 -54.34 -41.29 15.81
N THR J 114 -55.39 -40.73 16.41
CA THR J 114 -55.48 -40.63 17.86
C THR J 114 -56.92 -40.34 18.26
N ALA J 115 -57.23 -40.67 19.51
CA ALA J 115 -58.55 -40.39 20.07
C ALA J 115 -58.36 -40.14 21.55
N SER J 116 -58.61 -38.91 22.00
CA SER J 116 -58.29 -38.51 23.36
C SER J 116 -59.21 -39.13 24.41
N ALA J 117 -60.12 -40.02 24.02
CA ALA J 117 -61.01 -40.66 24.99
C ALA J 117 -60.44 -42.00 25.45
N GLU J 118 -60.21 -42.91 24.51
CA GLU J 118 -59.66 -44.22 24.82
C GLU J 118 -58.15 -44.19 25.03
N GLY J 119 -57.54 -43.00 25.05
CA GLY J 119 -56.10 -42.90 25.19
C GLY J 119 -55.31 -43.48 24.03
N ILE J 120 -55.98 -43.92 22.97
CA ILE J 120 -55.28 -44.54 21.87
C ILE J 120 -54.50 -43.48 21.09
N SER J 121 -53.34 -43.87 20.57
CA SER J 121 -52.52 -42.98 19.77
C SER J 121 -51.69 -43.81 18.81
N TYR J 122 -51.59 -43.33 17.57
CA TYR J 122 -50.81 -43.99 16.54
C TYR J 122 -49.96 -42.95 15.84
N SER J 123 -49.15 -43.39 14.89
CA SER J 123 -48.29 -42.49 14.13
C SER J 123 -47.86 -43.21 12.86
N ASN J 124 -48.12 -42.59 11.71
CA ASN J 124 -47.74 -43.13 10.41
C ASN J 124 -48.34 -44.53 10.19
N ILE J 125 -49.66 -44.55 10.09
CA ILE J 125 -50.39 -45.76 9.75
C ILE J 125 -50.59 -45.88 8.24
N TYR J 126 -49.86 -45.09 7.46
CA TYR J 126 -49.96 -45.07 6.00
C TYR J 126 -48.87 -45.98 5.44
N GLU J 127 -49.27 -47.08 4.80
CA GLU J 127 -48.32 -48.08 4.37
C GLU J 127 -48.28 -48.28 2.86
N TYR J 128 -49.42 -48.41 2.21
CA TYR J 128 -49.46 -48.74 0.79
C TYR J 128 -50.28 -47.71 0.03
N THR J 129 -50.13 -47.73 -1.29
CA THR J 129 -50.85 -46.82 -2.18
C THR J 129 -51.05 -47.51 -3.52
N LEU J 130 -52.10 -47.10 -4.22
CA LEU J 130 -52.47 -47.69 -5.50
C LEU J 130 -52.17 -46.78 -6.68
N LEU J 131 -51.53 -45.64 -6.43
CA LEU J 131 -51.21 -44.72 -7.53
C LEU J 131 -50.07 -45.22 -8.39
N THR J 132 -49.25 -46.14 -7.87
CA THR J 132 -48.07 -46.61 -8.60
C THR J 132 -48.37 -47.80 -9.50
N VAL J 133 -49.44 -48.54 -9.23
CA VAL J 133 -49.73 -49.72 -10.04
C VAL J 133 -50.12 -49.31 -11.46
N SER J 134 -50.10 -50.28 -12.35
CA SER J 134 -50.42 -49.94 -13.73
C SER J 134 -51.84 -50.39 -14.07
N PRO J 135 -52.56 -49.61 -14.88
CA PRO J 135 -53.93 -50.00 -15.23
C PRO J 135 -54.01 -51.30 -16.01
N SER J 136 -52.97 -51.60 -16.80
CA SER J 136 -53.02 -52.82 -17.60
C SER J 136 -52.86 -54.08 -16.75
N GLU J 137 -52.07 -54.00 -15.68
CA GLU J 137 -51.76 -55.20 -14.91
C GLU J 137 -52.95 -55.63 -14.05
N LEU J 138 -53.67 -54.67 -13.48
CA LEU J 138 -54.78 -55.02 -12.59
C LEU J 138 -55.87 -55.76 -13.33
N ALA J 139 -56.02 -55.52 -14.63
CA ALA J 139 -57.09 -56.14 -15.39
C ALA J 139 -56.75 -57.54 -15.86
N ASN J 140 -55.59 -58.09 -15.47
CA ASN J 140 -55.20 -59.41 -15.97
C ASN J 140 -56.16 -60.50 -15.55
N GLN J 141 -56.27 -60.77 -14.24
CA GLN J 141 -57.08 -61.89 -13.80
C GLN J 141 -57.75 -61.59 -12.47
N VAL J 142 -59.08 -61.63 -12.47
CA VAL J 142 -59.91 -61.77 -11.28
C VAL J 142 -61.32 -62.08 -11.75
N TYR J 143 -62.03 -62.96 -11.05
CA TYR J 143 -63.41 -63.24 -11.42
C TYR J 143 -64.08 -64.02 -10.31
N ALA J 144 -65.41 -63.95 -10.30
CA ALA J 144 -66.25 -64.74 -9.41
C ALA J 144 -67.22 -65.63 -10.17
N ASN J 145 -67.23 -65.55 -11.49
CA ASN J 145 -68.09 -66.39 -12.32
C ASN J 145 -67.38 -66.63 -13.64
N GLY J 146 -68.13 -67.07 -14.65
CA GLY J 146 -67.53 -67.44 -15.93
C GLY J 146 -66.91 -66.29 -16.70
N GLN J 147 -66.93 -65.07 -16.16
CA GLN J 147 -66.41 -63.91 -16.86
C GLN J 147 -65.53 -63.09 -15.93
N TYR J 148 -64.35 -62.71 -16.42
CA TYR J 148 -63.46 -61.84 -15.69
C TYR J 148 -64.06 -60.44 -15.58
N LEU J 149 -63.59 -59.68 -14.59
CA LEU J 149 -64.05 -58.31 -14.42
C LEU J 149 -62.86 -57.38 -14.33
N ASP J 150 -63.09 -56.12 -14.70
CA ASP J 150 -62.08 -55.08 -14.68
C ASP J 150 -62.33 -54.17 -13.49
N LEU J 151 -61.35 -54.06 -12.60
CA LEU J 151 -61.50 -53.29 -11.38
C LEU J 151 -61.17 -51.82 -11.58
N VAL J 152 -60.20 -51.51 -12.42
CA VAL J 152 -59.73 -50.15 -12.63
C VAL J 152 -60.34 -49.64 -13.93
N ASN J 153 -61.33 -48.76 -13.80
CA ASN J 153 -61.87 -48.08 -14.96
C ASN J 153 -60.86 -47.06 -15.48
N GLN J 154 -61.02 -46.68 -16.75
CA GLN J 154 -60.09 -45.74 -17.37
C GLN J 154 -60.81 -44.98 -18.47
N GLN J 155 -60.23 -43.85 -18.84
CA GLN J 155 -60.77 -43.01 -19.90
C GLN J 155 -59.62 -42.40 -20.68
N THR J 156 -59.95 -41.57 -21.67
CA THR J 156 -58.96 -40.90 -22.48
C THR J 156 -59.60 -39.72 -23.18
N ASN J 157 -58.92 -38.57 -23.16
CA ASN J 157 -59.39 -37.38 -23.85
C ASN J 157 -58.27 -36.36 -23.92
N ALA J 158 -58.24 -35.62 -25.03
CA ALA J 158 -57.30 -34.51 -25.23
C ALA J 158 -55.85 -34.98 -25.10
N GLY J 159 -55.54 -36.14 -25.65
CA GLY J 159 -54.18 -36.62 -25.69
C GLY J 159 -53.63 -37.19 -24.40
N GLN J 160 -54.50 -37.58 -23.47
CA GLN J 160 -54.06 -38.19 -22.22
C GLN J 160 -54.97 -39.37 -21.90
N THR J 161 -54.62 -40.10 -20.85
CA THR J 161 -55.41 -41.24 -20.37
C THR J 161 -55.61 -41.09 -18.89
N TYR J 162 -56.87 -41.09 -18.45
CA TYR J 162 -57.22 -40.97 -17.04
C TYR J 162 -57.71 -42.31 -16.51
N VAL J 163 -57.46 -42.55 -15.23
CA VAL J 163 -57.81 -43.80 -14.58
C VAL J 163 -58.37 -43.51 -13.20
N TYR J 164 -59.21 -44.42 -12.71
CA TYR J 164 -59.81 -44.26 -11.39
C TYR J 164 -60.48 -45.57 -10.99
N TYR J 165 -60.72 -45.71 -9.69
CA TYR J 165 -61.40 -46.87 -9.12
C TYR J 165 -62.81 -46.47 -8.73
N PRO J 166 -63.85 -47.01 -9.37
CA PRO J 166 -65.21 -46.52 -9.14
C PRO J 166 -65.87 -47.04 -7.87
N ASN J 167 -65.11 -47.67 -6.97
CA ASN J 167 -65.72 -48.26 -5.79
C ASN J 167 -64.63 -48.52 -4.77
N PRO J 168 -64.86 -48.26 -3.49
CA PRO J 168 -63.87 -48.65 -2.48
C PRO J 168 -63.63 -50.14 -2.45
N TYR J 169 -64.67 -50.94 -2.67
CA TYR J 169 -64.53 -52.39 -2.72
C TYR J 169 -63.68 -52.82 -3.91
N TYR J 170 -63.95 -52.24 -5.08
CA TYR J 170 -63.10 -52.53 -6.25
C TYR J 170 -61.65 -52.15 -5.98
N ALA J 171 -61.44 -51.14 -5.14
CA ALA J 171 -60.09 -50.78 -4.75
C ALA J 171 -59.49 -51.83 -3.83
N LEU J 172 -60.32 -52.41 -2.96
CA LEU J 172 -59.83 -53.47 -2.07
C LEU J 172 -59.43 -54.70 -2.86
N LEU J 173 -60.31 -55.20 -3.72
CA LEU J 173 -59.98 -56.36 -4.55
C LEU J 173 -58.77 -56.08 -5.42
N ALA J 174 -58.62 -54.84 -5.87
CA ALA J 174 -57.43 -54.48 -6.63
C ALA J 174 -56.20 -54.45 -5.72
N LEU J 175 -56.38 -54.04 -4.47
CA LEU J 175 -55.26 -53.99 -3.55
C LEU J 175 -54.79 -55.39 -3.18
N ASN J 176 -55.73 -56.31 -2.95
CA ASN J 176 -55.39 -57.67 -2.57
C ASN J 176 -54.47 -58.31 -3.59
N TYR J 177 -54.78 -58.15 -4.88
CA TYR J 177 -53.97 -58.75 -5.92
C TYR J 177 -52.59 -58.11 -5.99
N THR J 178 -52.51 -56.81 -5.73
CA THR J 178 -51.23 -56.12 -5.84
C THR J 178 -50.27 -56.55 -4.74
N LEU J 179 -50.76 -56.61 -3.50
CA LEU J 179 -49.88 -56.97 -2.39
C LEU J 179 -49.47 -58.44 -2.46
N SER J 180 -50.21 -59.24 -3.21
CA SER J 180 -49.90 -60.67 -3.28
C SER J 180 -49.12 -61.02 -4.55
N LYS J 181 -49.22 -60.21 -5.59
CA LYS J 181 -48.55 -60.52 -6.85
C LYS J 181 -47.59 -59.44 -7.32
N ILE J 182 -47.95 -58.17 -7.21
CA ILE J 182 -47.08 -57.10 -7.69
C ILE J 182 -45.94 -56.86 -6.71
N ASP J 183 -46.27 -56.48 -5.49
CA ASP J 183 -45.29 -56.23 -4.44
C ASP J 183 -45.12 -57.50 -3.62
N LYS J 184 -44.01 -58.19 -3.82
CA LYS J 184 -43.75 -59.49 -3.19
C LYS J 184 -43.43 -59.29 -1.72
N VAL J 185 -44.45 -58.91 -0.97
CA VAL J 185 -44.33 -58.81 0.49
C VAL J 185 -44.63 -60.16 1.10
N SER J 186 -43.87 -60.52 2.14
CA SER J 186 -44.10 -61.80 2.78
C SER J 186 -45.30 -61.73 3.72
N PRO J 187 -45.45 -60.68 4.56
CA PRO J 187 -46.70 -60.57 5.32
C PRO J 187 -47.78 -59.87 4.52
N SER J 188 -48.83 -60.59 4.16
CA SER J 188 -49.96 -59.98 3.47
C SER J 188 -50.84 -59.27 4.50
N PRO J 189 -50.84 -57.93 4.51
CA PRO J 189 -51.54 -57.21 5.58
C PRO J 189 -53.06 -57.39 5.57
N LEU J 190 -53.63 -57.84 4.47
CA LEU J 190 -55.06 -58.15 4.45
C LEU J 190 -55.30 -59.28 3.46
N TYR J 191 -56.35 -60.05 3.74
CA TYR J 191 -56.71 -61.19 2.90
C TYR J 191 -58.22 -61.15 2.69
N ILE J 192 -58.63 -61.10 1.43
CA ILE J 192 -60.04 -61.08 1.06
C ILE J 192 -60.33 -62.38 0.31
N THR J 193 -61.11 -63.26 0.93
CA THR J 193 -61.44 -64.55 0.33
C THR J 193 -62.94 -64.77 0.40
N THR J 194 -63.50 -65.31 -0.68
CA THR J 194 -64.94 -65.52 -0.77
C THR J 194 -65.40 -66.73 0.04
N THR J 195 -64.47 -67.60 0.44
CA THR J 195 -64.83 -68.76 1.23
C THR J 195 -65.35 -68.32 2.60
N THR J 196 -66.34 -69.05 3.10
CA THR J 196 -66.96 -68.79 4.40
C THR J 196 -65.89 -68.66 5.48
N PRO J 197 -66.09 -67.78 6.47
CA PRO J 197 -65.06 -67.61 7.51
C PRO J 197 -64.78 -68.87 8.29
N SER J 198 -65.78 -69.74 8.44
CA SER J 198 -65.58 -71.00 9.15
C SER J 198 -64.51 -71.84 8.45
N SER J 199 -64.77 -72.23 7.20
CA SER J 199 -63.82 -73.06 6.46
C SER J 199 -62.49 -72.36 6.28
N ALA J 200 -62.50 -71.04 6.10
CA ALA J 200 -61.25 -70.30 5.95
C ALA J 200 -60.41 -70.39 7.20
N THR J 201 -61.05 -70.47 8.37
CA THR J 201 -60.30 -70.60 9.61
C THR J 201 -59.66 -71.99 9.74
N GLN J 202 -60.34 -73.02 9.24
CA GLN J 202 -59.77 -74.37 9.31
C GLN J 202 -58.53 -74.50 8.44
N ILE J 203 -58.59 -74.00 7.20
CA ILE J 203 -57.45 -74.11 6.31
C ILE J 203 -56.33 -73.17 6.73
N TYR J 204 -56.68 -71.99 7.22
CA TYR J 204 -55.68 -71.02 7.68
C TYR J 204 -55.98 -70.63 9.12
N PRO J 205 -55.14 -71.03 10.07
CA PRO J 205 -55.45 -70.77 11.49
C PRO J 205 -55.21 -69.33 11.89
N PHE J 206 -54.17 -68.70 11.34
CA PHE J 206 -53.81 -67.36 11.76
C PHE J 206 -54.83 -66.31 11.36
N LEU J 207 -55.72 -66.62 10.43
CA LEU J 207 -56.80 -65.71 10.04
C LEU J 207 -57.93 -65.68 11.04
N ALA J 208 -57.74 -66.26 12.23
CA ALA J 208 -58.77 -66.26 13.26
C ALA J 208 -58.55 -65.19 14.32
N HIS J 209 -57.50 -64.38 14.18
CA HIS J 209 -57.23 -63.31 15.15
C HIS J 209 -57.55 -61.93 14.61
N ASP J 210 -57.68 -61.79 13.30
CA ASP J 210 -57.83 -60.48 12.67
C ASP J 210 -59.27 -60.00 12.78
N ASN J 211 -59.56 -58.90 12.08
CA ASN J 211 -60.90 -58.34 12.03
C ASN J 211 -61.56 -58.67 10.70
N MET J 212 -62.88 -58.70 10.70
CA MET J 212 -63.64 -59.13 9.54
C MET J 212 -64.84 -58.22 9.32
N PHE J 213 -64.91 -57.61 8.14
CA PHE J 213 -66.11 -56.94 7.66
C PHE J 213 -66.45 -57.51 6.29
N THR J 214 -67.75 -57.66 6.02
CA THR J 214 -68.23 -58.34 4.84
C THR J 214 -68.84 -57.35 3.86
N PHE J 215 -68.59 -57.58 2.57
CA PHE J 215 -69.17 -56.79 1.50
C PHE J 215 -69.45 -57.70 0.32
N THR J 216 -70.67 -57.60 -0.21
CA THR J 216 -71.12 -58.49 -1.28
C THR J 216 -71.25 -57.71 -2.59
N LEU J 217 -71.40 -58.46 -3.68
CA LEU J 217 -71.57 -57.89 -5.00
C LEU J 217 -72.67 -58.67 -5.72
N ASN J 218 -72.84 -58.40 -7.01
CA ASN J 218 -73.81 -59.10 -7.85
C ASN J 218 -73.15 -59.28 -9.22
N ILE J 219 -72.52 -60.43 -9.43
CA ILE J 219 -71.77 -60.72 -10.64
C ILE J 219 -72.50 -61.78 -11.44
N SER J 220 -72.81 -61.46 -12.70
CA SER J 220 -73.48 -62.38 -13.61
C SER J 220 -74.76 -62.95 -13.00
N GLY J 221 -75.51 -62.08 -12.32
CA GLY J 221 -76.74 -62.46 -11.68
C GLY J 221 -76.60 -63.36 -10.47
N THR J 222 -75.43 -63.93 -10.25
CA THR J 222 -75.19 -64.82 -9.11
C THR J 222 -74.50 -64.00 -8.01
N LEU J 223 -75.24 -63.70 -6.95
CA LEU J 223 -74.70 -62.88 -5.87
C LEU J 223 -73.51 -63.55 -5.23
N VAL J 224 -72.49 -62.76 -4.92
CA VAL J 224 -71.26 -63.24 -4.33
C VAL J 224 -70.92 -62.38 -3.13
N THR J 225 -70.52 -63.02 -2.04
CA THR J 225 -70.13 -62.32 -0.82
C THR J 225 -68.62 -62.42 -0.63
N TYR J 226 -68.06 -61.44 0.08
CA TYR J 226 -66.63 -61.40 0.33
C TYR J 226 -66.39 -61.11 1.81
N TYR J 227 -65.20 -61.47 2.27
CA TYR J 227 -64.80 -61.25 3.65
C TYR J 227 -63.38 -60.74 3.69
N ALA J 228 -63.15 -59.68 4.46
CA ALA J 228 -61.85 -59.03 4.57
C ALA J 228 -61.26 -59.33 5.94
N PHE J 229 -59.97 -59.68 5.97
CA PHE J 229 -59.27 -60.02 7.20
C PHE J 229 -58.11 -59.05 7.37
N VAL J 230 -58.27 -58.07 8.24
CA VAL J 230 -57.27 -57.04 8.50
C VAL J 230 -56.61 -57.33 9.84
N ASN J 231 -55.29 -57.48 9.83
CA ASN J 231 -54.55 -57.84 11.02
C ASN J 231 -53.99 -56.64 11.78
N GLN J 232 -53.90 -55.47 11.14
CA GLN J 232 -53.35 -54.29 11.78
C GLN J 232 -53.98 -53.06 11.14
N THR J 233 -54.03 -51.98 11.90
CA THR J 233 -54.62 -50.74 11.42
C THR J 233 -53.67 -50.07 10.44
N PHE J 234 -54.07 -49.98 9.18
CA PHE J 234 -53.30 -49.28 8.16
C PHE J 234 -54.28 -48.56 7.23
N ALA J 235 -53.72 -47.73 6.35
CA ALA J 235 -54.52 -46.92 5.45
C ALA J 235 -53.81 -46.81 4.11
N PHE J 236 -54.59 -46.68 3.04
CA PHE J 236 -54.04 -46.65 1.68
C PHE J 236 -54.82 -45.63 0.85
N THR J 237 -54.23 -45.27 -0.29
CA THR J 237 -54.79 -44.26 -1.17
C THR J 237 -54.88 -44.80 -2.59
N TYR J 238 -55.93 -44.39 -3.29
CA TYR J 238 -56.15 -44.79 -4.67
C TYR J 238 -56.79 -43.65 -5.43
N PRO J 239 -56.55 -43.54 -6.73
CA PRO J 239 -57.15 -42.46 -7.50
C PRO J 239 -58.65 -42.66 -7.66
N VAL J 240 -59.39 -41.56 -7.59
CA VAL J 240 -60.84 -41.61 -7.71
C VAL J 240 -61.31 -40.77 -8.89
N ALA J 241 -60.53 -39.76 -9.26
CA ALA J 241 -60.90 -38.92 -10.39
C ALA J 241 -59.72 -38.05 -10.81
N GLY J 242 -59.63 -37.79 -12.10
CA GLY J 242 -58.71 -36.80 -12.61
C GLY J 242 -57.25 -37.07 -12.35
N ASP J 243 -56.84 -38.33 -12.38
CA ASP J 243 -55.43 -38.66 -12.20
C ASP J 243 -54.83 -39.10 -13.53
N PRO J 244 -54.27 -38.17 -14.31
CA PRO J 244 -53.78 -38.56 -15.64
C PRO J 244 -52.47 -39.30 -15.59
N LEU J 245 -51.73 -39.22 -14.48
CA LEU J 245 -50.42 -39.83 -14.35
C LEU J 245 -50.48 -40.93 -13.30
N ILE J 246 -50.81 -42.13 -13.73
CA ILE J 246 -50.77 -43.30 -12.87
C ILE J 246 -49.38 -43.93 -12.99
N GLY J 247 -48.87 -44.43 -11.86
CA GLY J 247 -47.53 -44.95 -11.81
C GLY J 247 -46.50 -43.97 -11.30
N SER J 248 -46.90 -42.75 -10.95
CA SER J 248 -45.96 -41.75 -10.45
C SER J 248 -46.21 -41.35 -9.00
N ALA J 249 -47.34 -41.74 -8.41
CA ALA J 249 -47.64 -41.51 -7.01
C ALA J 249 -47.63 -40.02 -6.63
N ILE J 250 -47.83 -39.14 -7.59
CA ILE J 250 -47.86 -37.71 -7.36
C ILE J 250 -49.26 -37.21 -7.67
N ALA J 251 -49.92 -36.63 -6.66
CA ALA J 251 -51.26 -36.12 -6.85
C ALA J 251 -51.21 -34.77 -7.54
N PRO J 252 -51.75 -34.63 -8.74
CA PRO J 252 -51.72 -33.33 -9.43
C PRO J 252 -52.86 -32.42 -8.99
N ALA J 253 -52.70 -31.14 -9.28
CA ALA J 253 -53.75 -30.19 -8.98
C ALA J 253 -54.97 -30.49 -9.85
N GLY J 254 -56.15 -30.25 -9.29
CA GLY J 254 -57.37 -30.60 -9.99
C GLY J 254 -57.66 -32.08 -10.01
N SER J 255 -57.10 -32.84 -9.08
CA SER J 255 -57.35 -34.26 -8.96
C SER J 255 -57.85 -34.56 -7.56
N VAL J 256 -58.54 -35.68 -7.42
CA VAL J 256 -59.05 -36.13 -6.13
C VAL J 256 -58.49 -37.52 -5.85
N ILE J 257 -58.08 -37.75 -4.61
CA ILE J 257 -57.45 -39.00 -4.21
C ILE J 257 -58.18 -39.50 -2.97
N GLY J 258 -58.69 -40.72 -3.04
CA GLY J 258 -59.37 -41.29 -1.90
C GLY J 258 -58.42 -41.80 -0.84
N VAL J 259 -58.93 -41.88 0.39
CA VAL J 259 -58.19 -42.41 1.52
C VAL J 259 -59.11 -43.35 2.28
N MET J 260 -58.61 -44.55 2.58
CA MET J 260 -59.38 -45.53 3.34
C MET J 260 -58.54 -46.04 4.49
N ILE J 261 -59.07 -45.95 5.70
CA ILE J 261 -58.37 -46.39 6.91
C ILE J 261 -59.01 -47.70 7.33
N LEU J 262 -58.31 -48.80 7.08
CA LEU J 262 -58.79 -50.11 7.47
C LEU J 262 -58.43 -50.39 8.92
N PHE J 263 -59.44 -50.64 9.76
CA PHE J 263 -59.18 -50.90 11.16
C PHE J 263 -58.79 -52.35 11.36
N GLY J 264 -58.39 -52.68 12.59
CA GLY J 264 -57.90 -54.00 12.89
C GLY J 264 -58.49 -54.57 14.17
N PRO J 265 -57.85 -55.61 14.70
CA PRO J 265 -58.37 -56.22 15.92
C PRO J 265 -58.25 -55.33 17.14
N ASP J 266 -57.18 -54.53 17.21
CA ASP J 266 -56.98 -53.68 18.39
C ASP J 266 -58.01 -52.55 18.44
N LEU J 267 -58.27 -51.91 17.29
CA LEU J 267 -59.25 -50.84 17.25
C LEU J 267 -60.67 -51.38 17.22
N GLY J 268 -60.89 -52.47 16.48
CA GLY J 268 -62.22 -53.03 16.36
C GLY J 268 -62.85 -53.41 17.68
N SER J 269 -62.05 -53.58 18.73
CA SER J 269 -62.60 -53.84 20.05
C SER J 269 -63.38 -52.64 20.57
N HIS J 270 -63.11 -51.45 20.05
CA HIS J 270 -63.76 -50.23 20.50
C HIS J 270 -64.69 -49.68 19.42
N VAL J 271 -65.56 -48.76 19.84
CA VAL J 271 -66.41 -48.00 18.94
C VAL J 271 -66.47 -46.57 19.47
N PHE J 272 -66.00 -45.62 18.67
CA PHE J 272 -65.87 -44.25 19.15
C PHE J 272 -67.26 -43.65 19.38
N GLN J 273 -67.49 -43.17 20.59
CA GLN J 273 -68.79 -42.65 20.99
C GLN J 273 -68.58 -41.48 21.93
N TYR J 274 -69.13 -40.33 21.58
CA TYR J 274 -69.00 -39.10 22.37
C TYR J 274 -67.53 -38.79 22.65
N GLN J 275 -66.79 -38.55 21.57
CA GLN J 275 -65.35 -38.33 21.68
C GLN J 275 -64.85 -37.66 20.40
N THR J 276 -63.62 -37.20 20.46
CA THR J 276 -62.98 -36.49 19.35
C THR J 276 -61.97 -37.41 18.69
N ILE J 277 -62.12 -37.61 17.38
CA ILE J 277 -61.20 -38.43 16.59
C ILE J 277 -60.39 -37.50 15.71
N THR J 278 -59.08 -37.65 15.73
CA THR J 278 -58.17 -36.78 15.01
C THR J 278 -57.33 -37.60 14.05
N ILE J 279 -57.43 -37.28 12.75
CA ILE J 279 -56.59 -37.85 11.72
C ILE J 279 -55.75 -36.73 11.12
N GLN J 280 -54.49 -37.03 10.83
CA GLN J 280 -53.58 -36.01 10.33
C GLN J 280 -52.72 -36.59 9.21
N ILE J 281 -52.56 -35.82 8.14
CA ILE J 281 -51.70 -36.18 7.02
C ILE J 281 -50.60 -35.14 6.93
N THR J 282 -49.39 -35.58 6.58
CA THR J 282 -48.24 -34.68 6.50
C THR J 282 -47.31 -35.10 5.37
N PRO J 283 -47.49 -34.54 4.17
CA PRO J 283 -46.56 -34.82 3.08
C PRO J 283 -45.18 -34.25 3.36
N ASN J 284 -44.22 -34.65 2.55
CA ASN J 284 -42.84 -34.23 2.76
C ASN J 284 -42.67 -32.73 2.56
N ILE J 285 -43.51 -32.11 1.75
CA ILE J 285 -43.49 -30.67 1.55
C ILE J 285 -44.90 -30.14 1.70
N GLY J 286 -45.00 -28.93 2.22
CA GLY J 286 -46.29 -28.30 2.46
C GLY J 286 -46.79 -28.54 3.87
N SER J 287 -47.81 -27.82 4.21
CA SER J 287 -48.29 -27.89 5.58
C SER J 287 -49.28 -29.03 5.76
N PRO J 288 -49.31 -29.63 6.95
CA PRO J 288 -50.16 -30.82 7.16
C PRO J 288 -51.64 -30.50 7.12
N LEU J 289 -52.46 -31.54 7.20
CA LEU J 289 -53.92 -31.40 7.22
C LEU J 289 -54.46 -32.23 8.36
N THR J 290 -55.14 -31.59 9.30
CA THR J 290 -55.61 -32.23 10.53
C THR J 290 -57.13 -32.37 10.45
N ILE J 291 -57.60 -33.57 10.13
CA ILE J 291 -59.03 -33.87 10.09
C ILE J 291 -59.48 -34.17 11.52
N SER J 292 -60.13 -33.21 12.16
CA SER J 292 -60.69 -33.39 13.49
C SER J 292 -62.20 -33.50 13.38
N GLU J 293 -62.78 -34.50 14.04
CA GLU J 293 -64.20 -34.77 13.93
C GLU J 293 -64.79 -35.00 15.31
N TYR J 294 -66.12 -35.03 15.36
CA TYR J 294 -66.87 -35.33 16.57
C TYR J 294 -68.06 -36.19 16.19
N VAL J 295 -68.27 -37.27 16.94
CA VAL J 295 -69.30 -38.24 16.63
C VAL J 295 -70.15 -38.48 17.86
N TYR J 296 -71.47 -38.54 17.68
CA TYR J 296 -72.36 -38.96 18.76
C TYR J 296 -72.31 -40.46 18.93
N GLN J 297 -72.74 -41.19 17.91
CA GLN J 297 -72.75 -42.64 17.86
C GLN J 297 -73.02 -43.03 16.42
N PRO J 298 -72.41 -44.08 15.91
CA PRO J 298 -72.59 -44.42 14.49
C PRO J 298 -74.00 -44.89 14.21
N GLU J 299 -74.45 -44.64 12.98
CA GLU J 299 -75.75 -45.10 12.51
C GLU J 299 -75.64 -45.48 11.05
N GLY J 300 -76.64 -46.22 10.57
CA GLY J 300 -76.70 -46.68 9.20
C GLY J 300 -75.67 -47.71 8.80
N SER J 301 -74.69 -48.00 9.66
CA SER J 301 -73.57 -48.91 9.40
C SER J 301 -72.57 -48.28 8.43
N VAL J 302 -72.94 -47.15 7.83
CA VAL J 302 -71.99 -46.26 7.17
C VAL J 302 -72.36 -44.85 7.58
N SER J 303 -71.72 -44.34 8.62
CA SER J 303 -72.08 -43.04 9.18
C SER J 303 -71.29 -41.95 8.49
N VAL J 304 -71.99 -40.98 7.91
CA VAL J 304 -71.36 -39.84 7.25
C VAL J 304 -71.17 -38.78 8.33
N ILE J 305 -70.00 -38.80 8.96
CA ILE J 305 -69.68 -37.87 10.03
C ILE J 305 -68.19 -37.86 10.26
N LEU K 19 235.43 30.87 -32.56
CA LEU K 19 234.12 31.03 -33.18
C LEU K 19 233.13 30.01 -32.65
N ALA K 20 231.87 30.40 -32.57
CA ALA K 20 230.80 29.55 -32.07
C ALA K 20 229.78 29.28 -33.16
N GLY K 21 230.26 29.00 -34.38
CA GLY K 21 229.39 28.74 -35.50
C GLY K 21 229.03 27.28 -35.66
N LEU K 22 230.06 26.42 -35.65
CA LEU K 22 229.82 24.99 -35.88
C LEU K 22 228.95 24.39 -34.80
N ASP K 23 229.23 24.70 -33.54
CA ASP K 23 228.46 24.12 -32.44
C ASP K 23 227.00 24.56 -32.49
N THR K 24 226.76 25.85 -32.79
CA THR K 24 225.39 26.33 -32.89
C THR K 24 224.65 25.66 -34.05
N ALA K 25 225.38 25.27 -35.09
CA ALA K 25 224.76 24.53 -36.18
C ALA K 25 224.31 23.16 -35.72
N ILE K 26 225.16 22.45 -34.98
CA ILE K 26 224.79 21.13 -34.47
C ILE K 26 223.64 21.26 -33.48
N ILE K 27 223.68 22.28 -32.63
CA ILE K 27 222.57 22.53 -31.72
C ILE K 27 221.30 22.81 -32.49
N LEU K 28 221.42 23.55 -33.60
CA LEU K 28 220.25 23.86 -34.41
C LEU K 28 219.64 22.60 -35.00
N ILE K 29 220.48 21.71 -35.52
CA ILE K 29 219.98 20.47 -36.11
C ILE K 29 219.25 19.65 -35.06
N ALA K 30 219.82 19.57 -33.86
CA ALA K 30 219.21 18.77 -32.80
C ALA K 30 217.86 19.34 -32.38
N PHE K 31 217.76 20.67 -32.26
CA PHE K 31 216.52 21.27 -31.80
C PHE K 31 215.40 21.10 -32.82
N ILE K 32 215.72 21.17 -34.11
CA ILE K 32 214.71 20.91 -35.13
C ILE K 32 214.23 19.47 -35.05
N ILE K 33 215.12 18.56 -34.68
CA ILE K 33 214.72 17.15 -34.55
C ILE K 33 213.75 16.98 -33.40
N THR K 34 214.12 17.44 -32.20
CA THR K 34 213.26 17.25 -31.05
C THR K 34 211.95 18.00 -31.18
N ALA K 35 211.94 19.08 -31.96
CA ALA K 35 210.67 19.77 -32.24
C ALA K 35 209.83 18.96 -33.23
N SER K 36 210.49 18.30 -34.18
CA SER K 36 209.75 17.51 -35.17
C SER K 36 209.05 16.34 -34.52
N VAL K 37 209.77 15.55 -33.71
CA VAL K 37 209.15 14.39 -33.06
C VAL K 37 208.07 14.85 -32.10
N LEU K 38 208.27 16.00 -31.45
CA LEU K 38 207.21 16.55 -30.60
C LEU K 38 205.98 16.86 -31.42
N ALA K 39 206.17 17.42 -32.62
CA ALA K 39 205.04 17.67 -33.50
C ALA K 39 204.38 16.37 -33.95
N TYR K 40 205.19 15.34 -34.16
CA TYR K 40 204.66 14.05 -34.60
C TYR K 40 203.78 13.44 -33.52
N VAL K 41 204.14 13.63 -32.25
CA VAL K 41 203.36 13.06 -31.16
C VAL K 41 202.07 13.85 -30.97
N ALA K 42 202.16 15.18 -31.03
CA ALA K 42 200.98 16.01 -30.79
C ALA K 42 199.93 15.79 -31.87
N ILE K 43 200.35 15.66 -33.12
CA ILE K 43 199.39 15.49 -34.21
C ILE K 43 198.68 14.14 -34.09
N ASN K 44 199.45 13.08 -33.84
CA ASN K 44 198.84 11.75 -33.73
C ASN K 44 197.84 11.70 -32.58
N MET K 45 198.19 12.30 -31.45
CA MET K 45 197.25 12.36 -30.33
C MET K 45 196.04 13.21 -30.68
N GLY K 46 196.22 14.19 -31.56
CA GLY K 46 195.09 15.00 -31.98
C GLY K 46 194.08 14.21 -32.79
N LEU K 47 194.57 13.48 -33.80
CA LEU K 47 193.67 12.71 -34.66
C LEU K 47 193.05 11.55 -33.90
N PHE K 48 193.79 10.96 -32.95
CA PHE K 48 193.27 9.81 -32.23
C PHE K 48 192.09 10.19 -31.36
N VAL K 49 192.25 11.20 -30.51
CA VAL K 49 191.18 11.59 -29.60
C VAL K 49 189.99 12.13 -30.39
N THR K 50 190.24 12.80 -31.50
CA THR K 50 189.15 13.39 -32.27
C THR K 50 188.26 12.31 -32.87
N GLN K 51 188.85 11.30 -33.49
CA GLN K 51 188.04 10.20 -34.02
C GLN K 51 187.41 9.39 -32.90
N LYS K 52 188.04 9.37 -31.73
CA LYS K 52 187.42 8.73 -30.56
C LYS K 52 186.17 9.50 -30.14
N ALA K 53 186.22 10.82 -30.22
CA ALA K 53 185.06 11.61 -29.85
C ALA K 53 183.92 11.42 -30.85
N LYS K 54 184.24 11.41 -32.14
CA LYS K 54 183.20 11.24 -33.16
C LYS K 54 182.46 9.92 -32.97
N SER K 55 183.20 8.86 -32.65
CA SER K 55 182.57 7.56 -32.44
C SER K 55 181.67 7.59 -31.21
N THR K 56 182.15 8.16 -30.11
CA THR K 56 181.36 8.18 -28.88
C THR K 56 180.14 9.08 -29.01
N ILE K 57 180.26 10.18 -29.76
CA ILE K 57 179.10 11.04 -29.98
C ILE K 57 178.05 10.31 -30.81
N ASN K 58 178.48 9.59 -31.85
CA ASN K 58 177.55 8.80 -32.63
C ASN K 58 176.92 7.69 -31.78
N LYS K 59 177.67 7.15 -30.83
CA LYS K 59 177.10 6.15 -29.94
C LYS K 59 176.10 6.77 -28.98
N GLY K 60 176.37 8.00 -28.53
CA GLY K 60 175.44 8.67 -27.63
C GLY K 60 174.13 9.01 -28.31
N GLU K 61 174.18 9.32 -29.60
CA GLU K 61 172.95 9.66 -30.33
C GLU K 61 172.01 8.46 -30.42
N GLU K 62 172.57 7.27 -30.66
CA GLU K 62 171.74 6.08 -30.73
C GLU K 62 171.09 5.77 -29.38
N THR K 63 171.78 6.12 -28.29
CA THR K 63 171.22 5.87 -26.96
C THR K 63 169.98 6.72 -26.73
N ALA K 64 170.06 8.02 -27.00
CA ALA K 64 168.93 8.91 -26.79
C ALA K 64 167.80 8.67 -27.77
N SER K 65 168.08 8.04 -28.91
CA SER K 65 167.03 7.82 -29.91
C SER K 65 166.24 6.56 -29.61
N THR K 66 166.93 5.44 -29.40
CA THR K 66 166.26 4.16 -29.26
C THR K 66 165.46 4.11 -27.96
N ALA K 67 164.28 3.51 -28.05
CA ALA K 67 163.39 3.32 -26.91
C ALA K 67 162.27 2.38 -27.31
N LEU K 68 161.68 1.74 -26.31
CA LEU K 68 160.59 0.78 -26.54
C LEU K 68 159.32 1.28 -25.89
N THR K 69 158.19 1.05 -26.56
CA THR K 69 156.88 1.44 -26.06
C THR K 69 155.96 0.23 -26.00
N LEU K 70 154.97 0.32 -25.13
CA LEU K 70 153.97 -0.74 -24.95
C LEU K 70 152.86 -0.49 -25.96
N SER K 71 152.93 -1.19 -27.10
CA SER K 71 151.96 -1.04 -28.18
C SER K 71 150.95 -2.17 -28.08
N GLY K 72 149.97 -2.01 -27.20
CA GLY K 72 148.93 -2.99 -27.02
C GLY K 72 148.65 -3.27 -25.55
N SER K 73 147.48 -3.87 -25.32
CA SER K 73 147.06 -4.19 -23.98
C SER K 73 147.80 -5.42 -23.46
N VAL K 74 147.68 -5.66 -22.16
CA VAL K 74 148.35 -6.76 -21.48
C VAL K 74 147.29 -7.71 -20.95
N LEU K 75 147.52 -9.00 -21.10
CA LEU K 75 146.56 -10.04 -20.74
C LEU K 75 147.11 -10.91 -19.62
N TYR K 76 146.21 -11.45 -18.81
CA TYR K 76 146.56 -12.28 -17.66
C TYR K 76 145.80 -13.60 -17.76
N ALA K 77 146.53 -14.71 -17.79
CA ALA K 77 145.94 -16.03 -17.95
C ALA K 77 145.77 -16.69 -16.59
N VAL K 78 144.56 -17.15 -16.30
CA VAL K 78 144.21 -17.71 -15.00
C VAL K 78 142.93 -18.50 -15.15
N ASN K 79 142.80 -19.56 -14.36
CA ASN K 79 141.55 -20.31 -14.32
C ASN K 79 140.46 -19.46 -13.69
N TYR K 80 139.55 -18.95 -14.53
CA TYR K 80 138.62 -17.92 -14.06
C TYR K 80 137.63 -18.44 -13.04
N PRO K 81 136.91 -19.54 -13.27
CA PRO K 81 135.92 -19.98 -12.26
C PRO K 81 136.53 -20.25 -10.89
N SER K 82 137.80 -20.63 -10.82
CA SER K 82 138.48 -20.90 -9.56
C SER K 82 139.83 -20.18 -9.61
N ASN K 83 139.87 -18.97 -9.06
CA ASN K 83 141.09 -18.14 -9.08
C ASN K 83 142.08 -18.74 -8.07
N THR K 84 142.85 -19.71 -8.54
CA THR K 84 143.82 -20.38 -7.69
C THR K 84 145.20 -20.54 -8.33
N ARG K 85 145.31 -20.52 -9.65
CA ARG K 85 146.57 -20.75 -10.33
C ARG K 85 146.95 -19.52 -11.15
N SER K 86 148.01 -19.66 -11.94
CA SER K 86 148.45 -18.61 -12.85
C SER K 86 149.21 -19.27 -13.99
N TYR K 87 148.97 -18.81 -15.22
CA TYR K 87 149.49 -19.47 -16.41
C TYR K 87 150.52 -18.62 -17.15
N TRP K 88 150.16 -17.42 -17.59
CA TRP K 88 151.10 -16.59 -18.34
C TRP K 88 150.54 -15.18 -18.47
N ILE K 89 151.34 -14.31 -19.06
CA ILE K 89 150.99 -12.92 -19.33
C ILE K 89 151.44 -12.58 -20.74
N TYR K 90 150.58 -11.90 -21.50
CA TYR K 90 150.86 -11.58 -22.89
C TYR K 90 150.70 -10.09 -23.12
N PHE K 91 151.62 -9.52 -23.90
CA PHE K 91 151.59 -8.12 -24.28
C PHE K 91 152.61 -7.88 -25.38
N THR K 92 152.27 -7.01 -26.32
CA THR K 92 153.12 -6.72 -27.46
C THR K 92 153.96 -5.47 -27.18
N VAL K 93 155.06 -5.35 -27.93
CA VAL K 93 156.02 -4.26 -27.72
C VAL K 93 156.55 -3.83 -29.07
N SER K 94 156.52 -2.53 -29.33
CA SER K 94 157.03 -1.92 -30.55
C SER K 94 158.05 -0.85 -30.18
N PRO K 95 158.93 -0.49 -31.11
CA PRO K 95 159.91 0.56 -30.84
C PRO K 95 159.24 1.89 -30.54
N SER K 96 160.08 2.87 -30.18
CA SER K 96 159.59 4.19 -29.79
C SER K 96 158.69 4.78 -30.87
N SER K 97 159.24 4.99 -32.07
CA SER K 97 158.49 5.43 -33.23
C SER K 97 159.34 5.14 -34.46
N GLY K 98 158.93 5.68 -35.60
CA GLY K 98 159.70 5.45 -36.81
C GLY K 98 160.99 6.23 -36.83
N VAL K 99 161.82 6.03 -35.79
CA VAL K 99 163.07 6.76 -35.64
C VAL K 99 164.28 5.83 -35.65
N SER K 100 164.17 4.65 -35.05
CA SER K 100 165.32 3.77 -34.93
C SER K 100 164.85 2.33 -34.73
N SER K 101 165.80 1.42 -34.80
CA SER K 101 165.56 -0.01 -34.60
C SER K 101 166.26 -0.45 -33.34
N VAL K 102 165.58 -1.28 -32.55
CA VAL K 102 166.09 -1.74 -31.28
C VAL K 102 166.53 -3.18 -31.42
N GLU K 103 167.49 -3.59 -30.58
CA GLU K 103 167.99 -4.96 -30.55
C GLU K 103 167.47 -5.67 -29.32
N LEU K 104 166.89 -6.85 -29.53
CA LEU K 104 166.33 -7.66 -28.45
C LEU K 104 167.07 -8.98 -28.31
N SER K 105 168.39 -8.93 -28.40
CA SER K 105 169.21 -10.12 -28.28
C SER K 105 168.99 -10.78 -26.93
N PRO K 106 168.50 -12.03 -26.89
CA PRO K 106 168.29 -12.68 -25.59
C PRO K 106 169.56 -12.86 -24.79
N SER K 107 170.72 -12.71 -25.42
CA SER K 107 171.98 -12.76 -24.70
C SER K 107 172.46 -11.39 -24.24
N THR K 108 171.70 -10.33 -24.53
CA THR K 108 172.17 -8.99 -24.20
C THR K 108 171.13 -8.22 -23.38
N THR K 109 169.85 -8.43 -23.65
CA THR K 109 168.81 -7.73 -22.93
C THR K 109 168.38 -8.56 -21.72
N ALA K 110 167.41 -8.05 -20.96
CA ALA K 110 167.02 -8.69 -19.71
C ALA K 110 165.61 -8.24 -19.33
N ILE K 111 164.71 -9.20 -19.15
CA ILE K 111 163.37 -8.95 -18.64
C ILE K 111 163.37 -9.24 -17.15
N SER K 112 162.73 -8.37 -16.37
CA SER K 112 162.76 -8.48 -14.90
C SER K 112 161.34 -8.42 -14.36
N PHE K 113 160.71 -9.59 -14.22
CA PHE K 113 159.44 -9.67 -13.52
C PHE K 113 159.65 -9.45 -12.03
N THR K 114 158.65 -8.84 -11.39
CA THR K 114 158.66 -8.67 -9.94
C THR K 114 157.25 -8.40 -9.47
N ALA K 115 157.11 -8.29 -8.15
CA ALA K 115 155.82 -8.04 -7.52
C ALA K 115 156.06 -7.45 -6.14
N SER K 116 155.03 -6.83 -5.59
CA SER K 116 155.15 -6.14 -4.31
C SER K 116 154.58 -6.95 -3.15
N ALA K 117 153.36 -7.48 -3.32
CA ALA K 117 152.69 -8.17 -2.21
C ALA K 117 153.45 -9.43 -1.81
N GLU K 118 153.61 -10.36 -2.73
CA GLU K 118 154.30 -11.62 -2.43
C GLU K 118 155.78 -11.43 -2.13
N GLY K 119 156.32 -10.24 -2.36
CA GLY K 119 157.74 -10.04 -2.16
C GLY K 119 158.63 -10.81 -3.10
N ILE K 120 158.07 -11.37 -4.17
CA ILE K 120 158.85 -12.14 -5.13
C ILE K 120 159.49 -11.17 -6.12
N SER K 121 160.75 -11.40 -6.43
CA SER K 121 161.49 -10.59 -7.39
C SER K 121 162.23 -11.49 -8.35
N TYR K 122 162.59 -10.94 -9.50
CA TYR K 122 163.33 -11.68 -10.51
C TYR K 122 164.21 -10.71 -11.27
N SER K 123 165.10 -11.27 -12.11
CA SER K 123 165.96 -10.47 -12.96
C SER K 123 166.45 -11.30 -14.13
N ASN K 124 166.36 -10.75 -15.35
CA ASN K 124 166.92 -11.36 -16.54
C ASN K 124 166.32 -12.75 -16.79
N ILE K 125 165.01 -12.79 -16.96
CA ILE K 125 164.30 -14.03 -17.22
C ILE K 125 164.04 -14.21 -18.71
N TYR K 126 164.79 -13.53 -19.56
CA TYR K 126 164.62 -13.60 -21.01
C TYR K 126 165.72 -14.49 -21.59
N GLU K 127 165.34 -15.64 -22.12
CA GLU K 127 166.30 -16.64 -22.56
C GLU K 127 166.25 -16.94 -24.05
N TYR K 128 165.06 -17.19 -24.62
CA TYR K 128 164.96 -17.62 -26.00
C TYR K 128 164.02 -16.72 -26.78
N THR K 129 164.31 -16.56 -28.07
CA THR K 129 163.51 -15.72 -28.96
C THR K 129 163.25 -16.48 -30.26
N LEU K 130 162.29 -15.97 -31.03
CA LEU K 130 161.91 -16.56 -32.30
C LEU K 130 162.19 -15.65 -33.48
N LEU K 131 162.92 -14.55 -33.27
CA LEU K 131 163.19 -13.64 -34.37
C LEU K 131 164.22 -14.21 -35.33
N THR K 132 165.18 -14.98 -34.83
CA THR K 132 166.28 -15.43 -35.67
C THR K 132 165.94 -16.68 -36.49
N VAL K 133 164.90 -17.41 -36.11
CA VAL K 133 164.57 -18.63 -36.84
C VAL K 133 164.11 -18.30 -38.26
N SER K 134 164.24 -19.28 -39.14
CA SER K 134 163.83 -19.10 -40.53
C SER K 134 162.57 -19.88 -40.82
N PRO K 135 161.66 -19.33 -41.64
CA PRO K 135 160.40 -20.03 -41.91
C PRO K 135 160.57 -21.30 -42.73
N SER K 136 161.75 -21.54 -43.29
CA SER K 136 161.95 -22.73 -44.11
C SER K 136 161.87 -23.99 -43.27
N GLU K 137 162.51 -24.00 -42.10
CA GLU K 137 162.52 -25.18 -41.26
C GLU K 137 161.20 -25.36 -40.51
N LEU K 138 160.57 -24.25 -40.13
CA LEU K 138 159.36 -24.34 -39.32
C LEU K 138 158.22 -24.99 -40.10
N ALA K 139 158.02 -24.58 -41.35
CA ALA K 139 156.85 -25.03 -42.10
C ALA K 139 156.97 -26.48 -42.57
N ASN K 140 158.11 -27.14 -42.33
CA ASN K 140 158.29 -28.48 -42.87
C ASN K 140 157.67 -29.55 -41.97
N GLN K 141 158.13 -29.66 -40.72
CA GLN K 141 157.77 -30.80 -39.88
C GLN K 141 156.94 -30.36 -38.68
N VAL K 142 155.62 -30.28 -38.89
CA VAL K 142 154.65 -30.25 -37.80
C VAL K 142 153.27 -30.59 -38.36
N TYR K 143 152.57 -31.51 -37.71
CA TYR K 143 151.24 -31.91 -38.17
C TYR K 143 150.51 -32.74 -37.12
N ALA K 144 149.22 -32.46 -36.93
CA ALA K 144 148.40 -33.19 -35.97
C ALA K 144 147.33 -34.05 -36.64
N ASN K 145 147.26 -34.04 -37.96
CA ASN K 145 146.30 -34.87 -38.69
C ASN K 145 146.91 -35.21 -40.03
N GLY K 146 146.08 -35.68 -40.97
CA GLY K 146 146.54 -36.05 -42.28
C GLY K 146 147.13 -34.93 -43.12
N GLN K 147 147.16 -33.70 -42.60
CA GLN K 147 147.69 -32.56 -43.33
C GLN K 147 148.62 -31.77 -42.42
N TYR K 148 149.66 -31.21 -43.02
CA TYR K 148 150.60 -30.38 -42.29
C TYR K 148 150.04 -28.97 -42.11
N LEU K 149 150.29 -28.39 -40.94
CA LEU K 149 149.80 -27.06 -40.61
C LEU K 149 150.97 -26.11 -40.52
N ASP K 150 150.83 -24.93 -41.14
CA ASP K 150 151.89 -23.94 -41.17
C ASP K 150 151.70 -22.94 -40.03
N LEU K 151 152.75 -22.77 -39.23
CA LEU K 151 152.68 -21.87 -38.09
C LEU K 151 152.89 -20.42 -38.51
N VAL K 152 154.05 -20.12 -39.07
CA VAL K 152 154.38 -18.75 -39.44
C VAL K 152 153.79 -18.44 -40.80
N ASN K 153 152.91 -17.44 -40.85
CA ASN K 153 152.43 -16.91 -42.12
C ASN K 153 153.34 -15.79 -42.59
N GLN K 154 153.42 -15.62 -43.90
CA GLN K 154 154.36 -14.67 -44.47
C GLN K 154 153.75 -14.00 -45.69
N GLN K 155 154.19 -12.77 -45.95
CA GLN K 155 153.82 -12.03 -47.15
C GLN K 155 155.06 -11.31 -47.68
N THR K 156 155.01 -10.93 -48.95
CA THR K 156 156.11 -10.24 -49.58
C THR K 156 155.58 -9.06 -50.39
N ASN K 157 156.34 -7.96 -50.38
CA ASN K 157 155.99 -6.77 -51.13
C ASN K 157 157.20 -5.86 -51.16
N ALA K 158 157.28 -5.02 -52.19
CA ALA K 158 158.35 -4.06 -52.38
C ALA K 158 159.73 -4.71 -52.40
N GLY K 159 159.81 -5.96 -52.85
CA GLY K 159 161.08 -6.66 -52.90
C GLY K 159 161.57 -7.19 -51.58
N GLN K 160 160.75 -7.16 -50.53
CA GLN K 160 161.13 -7.67 -49.23
C GLN K 160 160.05 -8.63 -48.73
N THR K 161 160.45 -9.48 -47.78
CA THR K 161 159.56 -10.48 -47.22
C THR K 161 159.31 -10.17 -45.76
N TYR K 162 158.08 -10.42 -45.31
CA TYR K 162 157.68 -10.20 -43.93
C TYR K 162 157.15 -11.50 -43.34
N VAL K 163 157.30 -11.63 -42.02
CA VAL K 163 156.87 -12.83 -41.31
C VAL K 163 156.12 -12.40 -40.05
N TYR K 164 155.21 -13.26 -39.61
CA TYR K 164 154.40 -12.98 -38.44
C TYR K 164 153.67 -14.24 -38.02
N TYR K 165 153.34 -14.32 -36.74
CA TYR K 165 152.64 -15.47 -36.19
C TYR K 165 151.22 -15.07 -35.82
N PRO K 166 150.20 -15.73 -36.37
CA PRO K 166 148.83 -15.25 -36.16
C PRO K 166 148.29 -15.52 -34.77
N ASN K 167 148.74 -16.55 -34.08
CA ASN K 167 148.27 -16.89 -32.75
C ASN K 167 149.45 -17.01 -31.81
N PRO K 168 149.24 -16.72 -30.52
CA PRO K 168 150.30 -17.00 -29.54
C PRO K 168 150.59 -18.48 -29.42
N TYR K 169 149.60 -19.33 -29.68
CA TYR K 169 149.83 -20.77 -29.65
C TYR K 169 150.81 -21.19 -30.75
N TYR K 170 150.63 -20.66 -31.95
CA TYR K 170 151.57 -20.97 -33.04
C TYR K 170 152.98 -20.54 -32.67
N ALA K 171 153.11 -19.52 -31.84
CA ALA K 171 154.43 -19.14 -31.33
C ALA K 171 154.92 -20.18 -30.33
N LEU K 172 154.01 -20.76 -29.54
CA LEU K 172 154.40 -21.79 -28.60
C LEU K 172 154.86 -23.05 -29.32
N LEU K 173 154.03 -23.56 -30.23
CA LEU K 173 154.38 -24.77 -30.96
C LEU K 173 155.68 -24.62 -31.71
N ALA K 174 155.92 -23.43 -32.25
CA ALA K 174 157.18 -23.19 -32.95
C ALA K 174 158.35 -23.18 -31.98
N LEU K 175 158.14 -22.61 -30.80
CA LEU K 175 159.22 -22.56 -29.81
C LEU K 175 159.61 -23.96 -29.37
N ASN K 176 158.62 -24.81 -29.09
CA ASN K 176 158.91 -26.15 -28.59
C ASN K 176 159.76 -26.94 -29.57
N TYR K 177 159.42 -26.87 -30.86
CA TYR K 177 160.20 -27.60 -31.85
C TYR K 177 161.60 -27.02 -31.98
N THR K 178 161.74 -25.71 -31.80
CA THR K 178 163.05 -25.08 -31.95
C THR K 178 163.97 -25.46 -30.80
N LEU K 179 163.52 -25.25 -29.56
CA LEU K 179 164.34 -25.60 -28.41
C LEU K 179 164.66 -27.08 -28.37
N SER K 180 163.87 -27.91 -29.07
CA SER K 180 164.14 -29.34 -29.11
C SER K 180 165.11 -29.68 -30.23
N LYS K 181 164.82 -29.23 -31.45
CA LYS K 181 165.56 -29.67 -32.62
C LYS K 181 166.45 -28.62 -33.25
N ILE K 182 166.19 -27.33 -33.04
CA ILE K 182 167.02 -26.29 -33.65
C ILE K 182 168.28 -26.08 -32.82
N ASP K 183 168.12 -25.64 -31.57
CA ASP K 183 169.21 -25.54 -30.62
C ASP K 183 169.04 -26.64 -29.57
N LYS K 184 169.87 -27.66 -29.66
CA LYS K 184 169.70 -28.88 -28.87
C LYS K 184 170.11 -28.62 -27.42
N VAL K 185 169.34 -27.75 -26.77
CA VAL K 185 169.49 -27.53 -25.33
C VAL K 185 168.93 -28.76 -24.62
N SER K 186 169.81 -29.61 -24.11
CA SER K 186 169.37 -30.92 -23.61
C SER K 186 168.30 -30.82 -22.53
N PRO K 187 168.32 -29.86 -21.59
CA PRO K 187 167.11 -29.62 -20.80
C PRO K 187 166.18 -28.65 -21.49
N SER K 188 164.99 -29.10 -21.86
CA SER K 188 164.06 -28.15 -22.46
C SER K 188 163.23 -27.49 -21.38
N PRO K 189 163.13 -26.16 -21.36
CA PRO K 189 162.35 -25.50 -20.31
C PRO K 189 160.86 -25.74 -20.44
N LEU K 190 160.37 -26.17 -21.61
CA LEU K 190 158.95 -26.43 -21.81
C LEU K 190 158.79 -27.59 -22.77
N TYR K 191 157.66 -28.28 -22.65
CA TYR K 191 157.35 -29.44 -23.49
C TYR K 191 155.85 -29.52 -23.65
N ILE K 192 155.37 -29.23 -24.86
CA ILE K 192 153.95 -29.26 -25.18
C ILE K 192 153.64 -30.60 -25.84
N THR K 193 152.67 -31.32 -25.29
CA THR K 193 152.27 -32.61 -25.84
C THR K 193 150.75 -32.70 -25.83
N THR K 194 150.23 -33.68 -26.59
CA THR K 194 148.80 -33.91 -26.70
C THR K 194 148.33 -35.13 -25.93
N THR K 195 149.24 -35.89 -25.34
CA THR K 195 148.86 -37.07 -24.57
C THR K 195 148.17 -36.65 -23.27
N THR K 196 147.19 -37.45 -22.86
CA THR K 196 146.47 -37.18 -21.62
C THR K 196 147.46 -37.01 -20.47
N PRO K 197 147.33 -35.95 -19.68
CA PRO K 197 148.37 -35.67 -18.67
C PRO K 197 148.53 -36.76 -17.63
N SER K 198 147.45 -37.40 -17.20
CA SER K 198 147.55 -38.45 -16.20
C SER K 198 148.50 -39.54 -16.66
N SER K 199 148.32 -40.03 -17.88
CA SER K 199 149.22 -41.04 -18.42
C SER K 199 150.59 -40.44 -18.72
N ALA K 200 150.66 -39.12 -18.95
CA ALA K 200 151.93 -38.49 -19.25
C ALA K 200 152.87 -38.55 -18.05
N THR K 201 152.35 -38.32 -16.84
CA THR K 201 153.17 -38.44 -15.66
C THR K 201 153.64 -39.87 -15.44
N GLN K 202 152.87 -40.85 -15.89
CA GLN K 202 153.28 -42.25 -15.75
C GLN K 202 154.47 -42.56 -16.63
N ILE K 203 154.42 -42.14 -17.89
CA ILE K 203 155.55 -42.34 -18.79
C ILE K 203 156.65 -41.32 -18.58
N TYR K 204 156.42 -40.30 -17.76
CA TYR K 204 157.41 -39.30 -17.47
C TYR K 204 157.25 -38.81 -16.04
N PRO K 205 158.10 -39.26 -15.11
CA PRO K 205 157.89 -38.89 -13.70
C PRO K 205 158.11 -37.41 -13.43
N PHE K 206 159.14 -36.81 -14.02
CA PHE K 206 159.45 -35.41 -13.74
C PHE K 206 158.46 -34.44 -14.36
N LEU K 207 157.41 -34.93 -15.02
CA LEU K 207 156.33 -34.09 -15.52
C LEU K 207 155.18 -33.99 -14.53
N ALA K 208 155.44 -34.15 -13.24
CA ALA K 208 154.42 -34.03 -12.22
C ALA K 208 154.49 -32.73 -11.44
N HIS K 209 155.65 -32.10 -11.37
CA HIS K 209 155.82 -30.84 -10.64
C HIS K 209 155.65 -29.62 -11.53
N ASP K 210 155.92 -29.74 -12.83
CA ASP K 210 155.87 -28.60 -13.72
C ASP K 210 154.46 -28.03 -13.81
N ASN K 211 154.39 -26.79 -14.29
CA ASN K 211 153.10 -26.12 -14.42
C ASN K 211 152.35 -26.65 -15.63
N MET K 212 151.09 -26.23 -15.75
CA MET K 212 150.22 -26.74 -16.81
C MET K 212 149.16 -25.71 -17.15
N PHE K 213 149.08 -25.33 -18.42
CA PHE K 213 147.99 -24.53 -18.94
C PHE K 213 147.56 -25.12 -20.27
N THR K 214 146.26 -25.17 -20.49
CA THR K 214 145.70 -25.88 -21.64
C THR K 214 145.30 -24.89 -22.73
N PHE K 215 145.47 -25.31 -23.98
CA PHE K 215 145.02 -24.55 -25.14
C PHE K 215 144.60 -25.53 -26.22
N THR K 216 143.48 -25.23 -26.87
CA THR K 216 142.88 -26.14 -27.83
C THR K 216 142.83 -25.52 -29.22
N LEU K 217 142.90 -26.40 -30.22
CA LEU K 217 142.81 -26.00 -31.62
C LEU K 217 141.76 -26.87 -32.30
N ASN K 218 141.39 -26.47 -33.51
CA ASN K 218 140.43 -27.20 -34.34
C ASN K 218 141.01 -27.36 -35.73
N ILE K 219 141.34 -28.60 -36.09
CA ILE K 219 141.92 -28.91 -37.39
C ILE K 219 141.11 -30.02 -38.04
N SER K 220 140.69 -29.79 -39.28
CA SER K 220 140.03 -30.82 -40.09
C SER K 220 138.80 -31.40 -39.39
N GLY K 221 138.13 -30.57 -38.58
CA GLY K 221 137.00 -31.03 -37.80
C GLY K 221 137.35 -31.87 -36.61
N THR K 222 138.62 -32.24 -36.43
CA THR K 222 139.07 -33.04 -35.30
C THR K 222 139.52 -32.09 -34.20
N LEU K 223 138.76 -32.03 -33.10
CA LEU K 223 139.09 -31.15 -32.00
C LEU K 223 140.31 -31.66 -31.28
N VAL K 224 141.50 -31.20 -31.67
CA VAL K 224 142.76 -31.71 -31.14
C VAL K 224 143.26 -30.72 -30.10
N THR K 225 143.20 -31.11 -28.84
CA THR K 225 143.70 -30.28 -27.76
C THR K 225 145.20 -30.46 -27.60
N TYR K 226 145.80 -29.58 -26.80
CA TYR K 226 147.22 -29.64 -26.51
C TYR K 226 147.45 -29.31 -25.06
N TYR K 227 148.60 -29.74 -24.54
CA TYR K 227 148.94 -29.53 -23.14
C TYR K 227 150.38 -29.05 -23.04
N ALA K 228 150.60 -27.98 -22.28
CA ALA K 228 151.90 -27.36 -22.14
C ALA K 228 152.38 -27.44 -20.70
N PHE K 229 153.68 -27.72 -20.53
CA PHE K 229 154.29 -27.83 -19.22
C PHE K 229 155.50 -26.92 -19.15
N VAL K 230 155.59 -26.13 -18.07
CA VAL K 230 156.70 -25.23 -17.83
C VAL K 230 157.30 -25.55 -16.48
N ASN K 231 158.64 -25.65 -16.43
CA ASN K 231 159.34 -25.93 -15.18
C ASN K 231 160.00 -24.70 -14.57
N GLN K 232 160.38 -23.73 -15.39
CA GLN K 232 161.04 -22.52 -14.89
C GLN K 232 160.43 -21.31 -15.57
N THR K 233 160.10 -20.29 -14.79
CA THR K 233 159.51 -19.08 -15.33
C THR K 233 160.45 -18.43 -16.34
N PHE K 234 159.92 -18.07 -17.50
CA PHE K 234 160.71 -17.47 -18.56
C PHE K 234 159.78 -16.72 -19.50
N ALA K 235 160.38 -16.01 -20.46
CA ALA K 235 159.63 -15.22 -21.43
C ALA K 235 160.33 -15.28 -22.77
N PHE K 236 159.53 -15.28 -23.84
CA PHE K 236 160.05 -15.34 -25.20
C PHE K 236 159.36 -14.29 -26.05
N THR K 237 159.95 -14.03 -27.22
CA THR K 237 159.48 -13.01 -28.13
C THR K 237 159.35 -13.58 -29.53
N TYR K 238 158.26 -13.24 -30.21
CA TYR K 238 158.00 -13.67 -31.57
C TYR K 238 157.40 -12.51 -32.35
N PRO K 239 157.75 -12.36 -33.62
CA PRO K 239 157.26 -11.22 -34.39
C PRO K 239 155.76 -11.30 -34.61
N VAL K 240 155.10 -10.14 -34.58
CA VAL K 240 153.67 -10.07 -34.73
C VAL K 240 153.30 -9.31 -36.00
N ALA K 241 154.14 -8.34 -36.38
CA ALA K 241 153.81 -7.51 -37.53
C ALA K 241 155.05 -6.75 -37.98
N GLY K 242 155.20 -6.63 -39.30
CA GLY K 242 156.22 -5.79 -39.90
C GLY K 242 157.64 -6.15 -39.52
N ASP K 243 158.04 -7.39 -39.77
CA ASP K 243 159.39 -7.88 -39.48
C ASP K 243 160.06 -8.27 -40.78
N PRO K 244 160.63 -7.31 -41.51
CA PRO K 244 161.24 -7.67 -42.80
C PRO K 244 162.53 -8.45 -42.67
N LEU K 245 163.38 -8.09 -41.72
CA LEU K 245 164.71 -8.68 -41.61
C LEU K 245 164.69 -9.85 -40.61
N ILE K 246 163.97 -10.90 -41.00
CA ILE K 246 163.98 -12.13 -40.22
C ILE K 246 165.39 -12.70 -40.19
N GLY K 247 165.76 -13.27 -39.05
CA GLY K 247 167.06 -13.90 -38.89
C GLY K 247 168.13 -13.03 -38.31
N SER K 248 167.79 -11.94 -37.63
CA SER K 248 168.77 -11.05 -37.05
C SER K 248 168.48 -10.65 -35.61
N ALA K 249 167.30 -10.99 -35.09
CA ALA K 249 166.90 -10.67 -33.72
C ALA K 249 166.89 -9.18 -33.43
N ILE K 250 166.87 -8.35 -34.47
CA ILE K 250 166.83 -6.90 -34.33
C ILE K 250 165.43 -6.44 -34.71
N ALA K 251 164.74 -5.82 -33.77
CA ALA K 251 163.40 -5.32 -34.04
C ALA K 251 163.50 -4.03 -34.85
N PRO K 252 163.02 -4.01 -36.09
CA PRO K 252 163.12 -2.80 -36.91
C PRO K 252 162.09 -1.76 -36.51
N ALA K 253 162.29 -0.54 -37.02
CA ALA K 253 161.37 0.54 -36.74
C ALA K 253 160.00 0.23 -37.35
N GLY K 254 158.95 0.53 -36.59
CA GLY K 254 157.61 0.25 -37.07
C GLY K 254 157.23 -1.22 -37.03
N SER K 255 157.88 -2.01 -36.18
CA SER K 255 157.59 -3.43 -36.05
C SER K 255 156.85 -3.68 -34.74
N VAL K 256 156.28 -4.86 -34.63
CA VAL K 256 155.60 -5.31 -33.41
C VAL K 256 156.21 -6.63 -32.98
N ILE K 257 156.68 -6.68 -31.73
CA ILE K 257 157.32 -7.86 -31.17
C ILE K 257 156.55 -8.24 -29.92
N GLY K 258 155.75 -9.29 -30.01
CA GLY K 258 154.97 -9.72 -28.86
C GLY K 258 155.85 -10.39 -27.82
N VAL K 259 155.58 -10.07 -26.56
CA VAL K 259 156.31 -10.63 -25.43
C VAL K 259 155.33 -11.44 -24.59
N MET K 260 155.70 -12.68 -24.29
CA MET K 260 154.86 -13.60 -23.52
C MET K 260 155.68 -14.16 -22.37
N ILE K 261 155.28 -13.81 -21.15
CA ILE K 261 155.96 -14.27 -19.94
C ILE K 261 155.24 -15.53 -19.46
N LEU K 262 155.90 -16.67 -19.58
CA LEU K 262 155.31 -17.94 -19.17
C LEU K 262 155.67 -18.21 -17.71
N PHE K 263 154.64 -18.40 -16.89
CA PHE K 263 154.84 -18.62 -15.46
C PHE K 263 155.35 -20.03 -15.23
N GLY K 264 155.44 -20.43 -13.96
CA GLY K 264 155.91 -21.75 -13.62
C GLY K 264 155.30 -22.24 -12.32
N PRO K 265 155.91 -23.25 -11.71
CA PRO K 265 155.37 -23.77 -10.45
C PRO K 265 155.53 -22.80 -9.30
N ASP K 266 156.64 -22.07 -9.27
CA ASP K 266 156.91 -21.16 -8.15
C ASP K 266 155.90 -20.01 -8.11
N LEU K 267 155.69 -19.35 -9.25
CA LEU K 267 154.78 -18.20 -9.30
C LEU K 267 153.35 -18.60 -9.62
N GLY K 268 153.17 -19.54 -10.54
CA GLY K 268 151.84 -19.99 -10.90
C GLY K 268 151.03 -20.49 -9.72
N SER K 269 151.73 -20.89 -8.66
CA SER K 269 151.06 -21.29 -7.43
C SER K 269 150.23 -20.16 -6.85
N HIS K 270 150.63 -18.91 -7.09
CA HIS K 270 149.92 -17.75 -6.59
C HIS K 270 149.09 -17.11 -7.70
N VAL K 271 148.26 -16.16 -7.28
CA VAL K 271 147.46 -15.37 -8.21
C VAL K 271 147.35 -13.95 -7.67
N PHE K 272 147.84 -12.98 -8.43
CA PHE K 272 147.98 -11.61 -7.94
C PHE K 272 146.61 -10.94 -7.88
N GLN K 273 146.18 -10.58 -6.67
CA GLN K 273 144.92 -9.89 -6.47
C GLN K 273 145.14 -8.74 -5.50
N TYR K 274 144.59 -7.58 -5.83
CA TYR K 274 144.67 -6.39 -4.98
C TYR K 274 146.12 -6.03 -4.65
N GLN K 275 146.95 -5.99 -5.69
CA GLN K 275 148.37 -5.69 -5.52
C GLN K 275 148.91 -5.10 -6.81
N THR K 276 150.19 -4.76 -6.80
CA THR K 276 150.86 -4.15 -7.94
C THR K 276 151.86 -5.13 -8.53
N ILE K 277 152.05 -5.02 -9.85
CA ILE K 277 153.03 -5.82 -10.57
C ILE K 277 153.96 -4.85 -11.30
N THR K 278 155.11 -5.37 -11.71
CA THR K 278 156.09 -4.54 -12.42
C THR K 278 156.94 -5.41 -13.33
N ILE K 279 157.03 -5.02 -14.60
CA ILE K 279 157.88 -5.67 -15.58
C ILE K 279 158.82 -4.61 -16.14
N GLN K 280 160.01 -5.05 -16.55
CA GLN K 280 161.01 -4.10 -17.05
C GLN K 280 161.90 -4.79 -18.07
N ILE K 281 161.84 -4.33 -19.32
CA ILE K 281 162.67 -4.82 -20.40
C ILE K 281 163.84 -3.87 -20.58
N THR K 282 165.06 -4.35 -20.39
CA THR K 282 166.25 -3.51 -20.37
C THR K 282 167.21 -3.93 -21.49
N PRO K 283 167.03 -3.42 -22.70
CA PRO K 283 168.02 -3.66 -23.75
C PRO K 283 169.31 -2.91 -23.47
N ASN K 284 170.40 -3.43 -24.06
CA ASN K 284 171.71 -2.83 -23.83
C ASN K 284 171.80 -1.40 -24.32
N ILE K 285 171.03 -1.04 -25.33
CA ILE K 285 171.01 0.31 -25.86
C ILE K 285 169.67 0.93 -25.55
N GLY K 286 169.63 2.26 -25.57
CA GLY K 286 168.36 2.92 -25.33
C GLY K 286 167.96 2.90 -23.87
N SER K 287 166.64 2.91 -23.66
CA SER K 287 166.08 3.05 -22.34
C SER K 287 165.29 1.80 -21.94
N PRO K 288 165.19 1.51 -20.65
CA PRO K 288 164.43 0.34 -20.20
C PRO K 288 162.94 0.64 -20.11
N LEU K 289 162.15 -0.09 -20.89
CA LEU K 289 160.71 0.02 -20.81
C LEU K 289 160.22 -0.67 -19.55
N THR K 290 159.29 -0.02 -18.84
CA THR K 290 158.81 -0.52 -17.55
C THR K 290 157.29 -0.58 -17.55
N ILE K 291 156.74 -1.76 -17.34
CA ILE K 291 155.30 -1.97 -17.27
C ILE K 291 154.92 -2.06 -15.80
N SER K 292 153.89 -1.31 -15.39
CA SER K 292 153.48 -1.26 -13.99
C SER K 292 151.96 -1.19 -13.92
N GLU K 293 151.33 -2.21 -13.33
CA GLU K 293 149.88 -2.29 -13.27
C GLU K 293 149.41 -2.50 -11.84
N TYR K 294 148.10 -2.34 -11.66
CA TYR K 294 147.39 -2.76 -10.46
C TYR K 294 146.16 -3.54 -10.91
N VAL K 295 145.91 -4.68 -10.29
CA VAL K 295 144.84 -5.57 -10.68
C VAL K 295 143.79 -5.61 -9.58
N TYR K 296 142.53 -5.39 -9.96
CA TYR K 296 141.44 -5.52 -9.01
C TYR K 296 141.27 -6.98 -8.63
N GLN K 297 140.95 -7.80 -9.62
CA GLN K 297 140.77 -9.23 -9.48
C GLN K 297 140.69 -9.85 -10.87
N PRO K 298 141.32 -11.00 -11.10
CA PRO K 298 141.31 -11.58 -12.44
C PRO K 298 139.92 -12.05 -12.82
N GLU K 299 139.48 -11.66 -14.01
CA GLU K 299 138.17 -12.07 -14.50
C GLU K 299 138.27 -12.42 -15.98
N GLY K 300 137.46 -13.38 -16.41
CA GLY K 300 137.40 -13.79 -17.79
C GLY K 300 138.48 -14.75 -18.24
N SER K 301 139.46 -15.04 -17.39
CA SER K 301 140.57 -15.96 -17.65
C SER K 301 141.56 -15.36 -18.64
N VAL K 302 141.20 -14.24 -19.27
CA VAL K 302 142.14 -13.37 -19.94
C VAL K 302 141.74 -11.93 -19.61
N SER K 303 142.36 -11.36 -18.59
CA SER K 303 141.98 -10.02 -18.13
C SER K 303 142.83 -8.99 -18.84
N VAL K 304 142.18 -7.91 -19.28
CA VAL K 304 142.89 -6.82 -19.96
C VAL K 304 143.36 -5.88 -18.86
N ILE K 305 144.49 -6.25 -18.25
CA ILE K 305 145.07 -5.52 -17.14
C ILE K 305 146.35 -6.24 -16.70
N LEU L 19 -34.25 -7.98 2.58
CA LEU L 19 -35.29 -6.97 2.44
C LEU L 19 -36.58 -7.43 3.10
N ALA L 20 -37.66 -6.68 2.87
CA ALA L 20 -38.98 -7.05 3.33
C ALA L 20 -39.96 -7.26 2.18
N GLY L 21 -39.50 -7.18 0.94
CA GLY L 21 -40.37 -7.32 -0.22
C GLY L 21 -40.46 -8.75 -0.73
N LEU L 22 -39.32 -9.42 -0.81
CA LEU L 22 -39.32 -10.81 -1.27
C LEU L 22 -40.02 -11.75 -0.29
N ASP L 23 -39.93 -11.47 1.00
CA ASP L 23 -40.61 -12.32 1.98
C ASP L 23 -42.10 -12.05 2.02
N THR L 24 -42.50 -10.78 1.91
CA THR L 24 -43.92 -10.45 1.88
C THR L 24 -44.63 -11.15 0.74
N ALA L 25 -43.95 -11.29 -0.40
CA ALA L 25 -44.55 -12.00 -1.52
C ALA L 25 -44.82 -13.45 -1.17
N ILE L 26 -43.94 -14.05 -0.36
CA ILE L 26 -44.17 -15.43 0.07
C ILE L 26 -45.30 -15.48 1.09
N ILE L 27 -45.33 -14.52 2.02
CA ILE L 27 -46.44 -14.45 2.97
C ILE L 27 -47.75 -14.18 2.25
N LEU L 28 -47.69 -13.51 1.11
CA LEU L 28 -48.90 -13.21 0.36
C LEU L 28 -49.50 -14.47 -0.24
N ILE L 29 -48.67 -15.33 -0.83
CA ILE L 29 -49.17 -16.54 -1.47
C ILE L 29 -49.81 -17.45 -0.42
N ALA L 30 -49.17 -17.58 0.74
CA ALA L 30 -49.71 -18.45 1.77
C ALA L 30 -51.06 -17.95 2.27
N PHE L 31 -51.19 -16.63 2.48
CA PHE L 31 -52.43 -16.09 3.02
C PHE L 31 -53.56 -16.19 2.01
N ILE L 32 -53.25 -16.06 0.72
CA ILE L 32 -54.28 -16.21 -0.30
C ILE L 32 -54.83 -17.63 -0.28
N ILE L 33 -53.98 -18.61 0.05
CA ILE L 33 -54.44 -20.00 0.08
C ILE L 33 -55.36 -20.23 1.26
N THR L 34 -54.89 -19.88 2.47
CA THR L 34 -55.70 -20.16 3.65
C THR L 34 -57.02 -19.41 3.63
N ALA L 35 -57.13 -18.37 2.80
CA ALA L 35 -58.43 -17.75 2.58
C ALA L 35 -59.23 -18.50 1.53
N SER L 36 -58.54 -19.11 0.56
CA SER L 36 -59.23 -19.88 -0.46
C SER L 36 -59.81 -21.16 0.13
N VAL L 37 -59.10 -21.78 1.07
CA VAL L 37 -59.60 -23.01 1.69
C VAL L 37 -60.77 -22.70 2.61
N LEU L 38 -60.70 -21.58 3.33
CA LEU L 38 -61.83 -21.19 4.16
C LEU L 38 -63.06 -20.95 3.32
N ALA L 39 -62.90 -20.31 2.17
CA ALA L 39 -64.02 -20.14 1.25
C ALA L 39 -64.53 -21.47 0.75
N TYR L 40 -63.63 -22.44 0.57
CA TYR L 40 -64.02 -23.77 0.10
C TYR L 40 -64.96 -24.44 1.09
N VAL L 41 -64.59 -24.44 2.36
CA VAL L 41 -65.41 -25.13 3.35
C VAL L 41 -66.65 -24.32 3.68
N ALA L 42 -66.60 -22.99 3.51
CA ALA L 42 -67.74 -22.16 3.87
C ALA L 42 -68.86 -22.30 2.85
N ILE L 43 -68.51 -22.43 1.56
CA ILE L 43 -69.54 -22.59 0.54
C ILE L 43 -70.11 -24.00 0.58
N ASN L 44 -69.26 -25.00 0.72
CA ASN L 44 -69.73 -26.38 0.82
C ASN L 44 -70.67 -26.54 2.00
N MET L 45 -70.31 -25.97 3.14
CA MET L 45 -71.18 -26.04 4.31
C MET L 45 -72.47 -25.26 4.08
N GLY L 46 -72.39 -24.17 3.33
CA GLY L 46 -73.59 -23.40 3.04
C GLY L 46 -74.56 -24.17 2.15
N LEU L 47 -74.05 -24.79 1.10
CA LEU L 47 -74.91 -25.56 0.20
C LEU L 47 -75.43 -26.82 0.88
N PHE L 48 -74.67 -27.35 1.84
CA PHE L 48 -75.06 -28.60 2.48
C PHE L 48 -76.25 -28.37 3.41
N VAL L 49 -76.13 -27.42 4.34
CA VAL L 49 -77.18 -27.19 5.32
C VAL L 49 -78.44 -26.67 4.65
N THR L 50 -78.30 -25.98 3.52
CA THR L 50 -79.46 -25.44 2.82
C THR L 50 -80.33 -26.56 2.29
N GLN L 51 -79.73 -27.49 1.53
CA GLN L 51 -80.48 -28.63 1.03
C GLN L 51 -81.04 -29.46 2.16
N LYS L 52 -80.28 -29.61 3.24
CA LYS L 52 -80.79 -30.29 4.43
C LYS L 52 -82.03 -29.59 4.97
N ALA L 53 -82.03 -28.26 4.93
CA ALA L 53 -83.21 -27.52 5.36
C ALA L 53 -84.35 -27.68 4.38
N LYS L 54 -84.05 -27.61 3.08
CA LYS L 54 -85.11 -27.67 2.07
C LYS L 54 -85.84 -28.99 2.12
N SER L 55 -85.10 -30.10 2.09
CA SER L 55 -85.72 -31.42 2.13
C SER L 55 -86.55 -31.60 3.39
N THR L 56 -86.11 -31.01 4.50
CA THR L 56 -86.84 -31.17 5.74
C THR L 56 -88.12 -30.33 5.74
N ILE L 57 -88.09 -29.15 5.14
CA ILE L 57 -89.31 -28.35 5.04
C ILE L 57 -90.33 -29.07 4.17
N ASN L 58 -89.87 -29.76 3.12
CA ASN L 58 -90.77 -30.49 2.24
C ASN L 58 -91.52 -31.56 3.00
N LYS L 59 -90.86 -32.22 3.95
CA LYS L 59 -91.53 -33.26 4.72
C LYS L 59 -92.44 -32.68 5.79
N GLY L 60 -92.03 -31.58 6.42
CA GLY L 60 -92.89 -30.94 7.40
C GLY L 60 -94.23 -30.54 6.82
N GLU L 61 -94.23 -30.15 5.54
CA GLU L 61 -95.48 -29.85 4.88
C GLU L 61 -96.30 -31.11 4.64
N GLU L 62 -95.60 -32.21 4.32
CA GLU L 62 -96.30 -33.46 4.06
C GLU L 62 -96.96 -34.01 5.32
N THR L 63 -96.33 -33.76 6.48
CA THR L 63 -96.90 -34.26 7.73
C THR L 63 -98.18 -33.52 8.09
N ALA L 64 -98.19 -32.20 7.91
CA ALA L 64 -99.36 -31.42 8.27
C ALA L 64 -100.52 -31.61 7.31
N SER L 65 -100.29 -32.23 6.16
CA SER L 65 -101.35 -32.34 5.15
C SER L 65 -102.16 -33.61 5.32
N THR L 66 -101.51 -34.75 5.60
CA THR L 66 -102.21 -36.02 5.64
C THR L 66 -102.95 -36.19 6.96
N ALA L 67 -104.14 -36.79 6.88
CA ALA L 67 -104.96 -37.09 8.04
C ALA L 67 -106.04 -38.06 7.60
N LEU L 68 -106.76 -38.60 8.58
CA LEU L 68 -107.79 -39.60 8.33
C LEU L 68 -109.10 -39.19 9.00
N THR L 69 -110.20 -39.66 8.43
CA THR L 69 -111.53 -39.41 8.96
C THR L 69 -112.30 -40.73 9.02
N LEU L 70 -113.37 -40.72 9.81
CA LEU L 70 -114.20 -41.91 10.00
C LEU L 70 -115.35 -41.82 9.01
N SER L 71 -115.11 -42.29 7.78
CA SER L 71 -116.17 -42.41 6.80
C SER L 71 -117.04 -43.60 7.12
N GLY L 72 -118.34 -43.46 6.91
CA GLY L 72 -119.28 -44.49 7.27
C GLY L 72 -119.54 -44.54 8.76
N SER L 73 -120.28 -45.56 9.18
CA SER L 73 -120.59 -45.74 10.58
C SER L 73 -119.72 -46.86 11.17
N VAL L 74 -119.87 -47.08 12.47
CA VAL L 74 -119.16 -48.14 13.19
C VAL L 74 -120.20 -49.18 13.63
N LEU L 75 -119.88 -50.44 13.40
CA LEU L 75 -120.82 -51.54 13.65
C LEU L 75 -120.29 -52.43 14.76
N TYR L 76 -121.22 -53.09 15.45
CA TYR L 76 -120.90 -53.93 16.60
C TYR L 76 -121.68 -55.22 16.49
N ALA L 77 -120.99 -56.36 16.53
CA ALA L 77 -121.59 -57.67 16.35
C ALA L 77 -121.49 -58.46 17.65
N VAL L 78 -122.66 -58.78 18.24
CA VAL L 78 -122.73 -59.52 19.48
C VAL L 78 -123.97 -60.41 19.43
N ASN L 79 -123.86 -61.61 19.99
CA ASN L 79 -125.00 -62.51 20.05
C ASN L 79 -126.19 -61.82 20.72
N TYR L 80 -127.31 -61.73 19.97
CA TYR L 80 -128.39 -60.84 20.38
C TYR L 80 -129.19 -61.37 21.57
N PRO L 81 -129.77 -62.57 21.52
CA PRO L 81 -130.68 -62.97 22.62
C PRO L 81 -129.98 -63.05 23.97
N SER L 82 -128.79 -63.63 24.01
CA SER L 82 -127.99 -63.70 25.23
C SER L 82 -126.73 -62.87 24.98
N ASN L 83 -126.80 -61.58 25.31
CA ASN L 83 -125.73 -60.64 24.98
C ASN L 83 -124.53 -60.92 25.88
N THR L 84 -123.75 -61.93 25.49
CA THR L 84 -122.53 -62.26 26.22
C THR L 84 -121.33 -62.57 25.35
N ARG L 85 -121.49 -62.69 24.03
CA ARG L 85 -120.41 -63.10 23.14
C ARG L 85 -120.17 -62.02 22.10
N SER L 86 -118.92 -61.56 22.00
CA SER L 86 -118.54 -60.56 21.01
C SER L 86 -118.06 -61.25 19.74
N TYR L 87 -118.46 -60.71 18.59
CA TYR L 87 -118.16 -61.34 17.31
C TYR L 87 -117.16 -60.55 16.48
N TRP L 88 -117.44 -59.28 16.18
CA TRP L 88 -116.52 -58.46 15.40
C TRP L 88 -117.01 -57.03 15.40
N ILE L 89 -116.08 -56.11 15.11
CA ILE L 89 -116.36 -54.69 14.98
C ILE L 89 -115.81 -54.23 13.64
N TYR L 90 -116.65 -53.55 12.85
CA TYR L 90 -116.28 -53.15 11.51
C TYR L 90 -116.67 -51.70 11.26
N PHE L 91 -115.86 -51.02 10.48
CA PHE L 91 -116.14 -49.66 10.04
C PHE L 91 -115.27 -49.37 8.82
N THR L 92 -115.28 -48.13 8.38
CA THR L 92 -114.50 -47.71 7.22
C THR L 92 -113.64 -46.51 7.59
N VAL L 93 -112.66 -46.24 6.72
CA VAL L 93 -111.74 -45.12 6.94
C VAL L 93 -111.24 -44.65 5.59
N SER L 94 -111.00 -43.35 5.47
CA SER L 94 -110.53 -42.72 4.26
C SER L 94 -109.68 -41.52 4.66
N PRO L 95 -108.86 -41.01 3.73
CA PRO L 95 -108.10 -39.79 4.03
C PRO L 95 -109.01 -38.63 4.43
N SER L 96 -108.43 -37.61 5.08
CA SER L 96 -109.22 -36.47 5.55
C SER L 96 -110.07 -35.88 4.43
N SER L 97 -109.43 -35.53 3.33
CA SER L 97 -110.12 -35.08 2.13
C SER L 97 -109.19 -35.30 0.95
N GLY L 98 -109.50 -34.69 -0.18
CA GLY L 98 -108.64 -34.81 -1.34
C GLY L 98 -107.36 -34.02 -1.19
N VAL L 99 -106.50 -34.44 -0.27
CA VAL L 99 -105.27 -33.72 0.04
C VAL L 99 -104.03 -34.56 -0.24
N SER L 100 -104.06 -35.85 0.10
CA SER L 100 -102.84 -36.64 0.00
C SER L 100 -103.19 -38.12 0.08
N SER L 101 -102.24 -38.95 -0.32
CA SER L 101 -102.38 -40.40 -0.30
C SER L 101 -101.64 -40.95 0.91
N VAL L 102 -102.38 -41.59 1.80
CA VAL L 102 -101.80 -42.16 3.02
C VAL L 102 -101.50 -43.63 2.78
N GLU L 103 -100.43 -44.12 3.40
CA GLU L 103 -100.04 -45.52 3.31
C GLU L 103 -100.42 -46.25 4.58
N LEU L 104 -101.18 -47.33 4.44
CA LEU L 104 -101.70 -48.08 5.57
C LEU L 104 -101.09 -49.47 5.67
N SER L 105 -99.83 -49.61 5.28
CA SER L 105 -99.15 -50.90 5.39
C SER L 105 -99.04 -51.28 6.85
N PRO L 106 -99.50 -52.48 7.25
CA PRO L 106 -99.50 -52.83 8.68
C PRO L 106 -98.13 -52.84 9.32
N SER L 107 -97.06 -52.86 8.54
CA SER L 107 -95.72 -52.84 9.12
C SER L 107 -95.42 -51.51 9.79
N THR L 108 -96.09 -50.44 9.35
CA THR L 108 -95.84 -49.10 9.88
C THR L 108 -96.98 -48.58 10.75
N THR L 109 -98.21 -48.58 10.26
CA THR L 109 -99.33 -48.11 11.04
C THR L 109 -99.80 -49.20 12.00
N ALA L 110 -100.44 -48.76 13.09
CA ALA L 110 -100.80 -49.66 14.19
C ALA L 110 -102.15 -49.24 14.75
N ILE L 111 -103.15 -50.09 14.60
CA ILE L 111 -104.45 -49.85 15.22
C ILE L 111 -104.38 -50.29 16.67
N SER L 112 -104.74 -49.40 17.58
CA SER L 112 -104.71 -49.67 19.01
C SER L 112 -106.12 -50.03 19.48
N PHE L 113 -106.22 -50.37 20.77
CA PHE L 113 -107.50 -50.74 21.36
C PHE L 113 -107.37 -50.72 22.87
N THR L 114 -108.47 -50.33 23.52
CA THR L 114 -108.54 -50.34 24.97
C THR L 114 -109.99 -50.35 25.40
N ALA L 115 -110.22 -50.79 26.64
CA ALA L 115 -111.55 -50.85 27.22
C ALA L 115 -111.49 -50.25 28.61
N SER L 116 -112.37 -49.29 28.89
CA SER L 116 -112.30 -48.57 30.16
C SER L 116 -112.78 -49.43 31.32
N ALA L 117 -113.91 -50.12 31.16
CA ALA L 117 -114.49 -50.88 32.26
C ALA L 117 -113.64 -52.10 32.60
N GLU L 118 -113.48 -53.01 31.65
CA GLU L 118 -112.73 -54.24 31.90
C GLU L 118 -111.24 -53.99 32.05
N GLY L 119 -110.78 -52.75 31.90
CA GLY L 119 -109.38 -52.41 32.10
C GLY L 119 -108.42 -53.01 31.09
N ILE L 120 -108.90 -53.82 30.15
CA ILE L 120 -108.01 -54.46 29.20
C ILE L 120 -107.56 -53.44 28.16
N SER L 121 -106.25 -53.40 27.92
CA SER L 121 -105.65 -52.49 26.95
C SER L 121 -104.82 -53.28 25.95
N TYR L 122 -104.69 -52.71 24.75
CA TYR L 122 -103.96 -53.41 23.69
C TYR L 122 -103.01 -52.45 22.97
N SER L 123 -102.33 -52.95 21.95
CA SER L 123 -101.44 -52.12 21.15
C SER L 123 -101.12 -52.82 19.83
N ASN L 124 -101.33 -52.13 18.73
CA ASN L 124 -101.05 -52.65 17.38
C ASN L 124 -101.73 -54.00 17.15
N ILE L 125 -103.07 -53.98 17.21
CA ILE L 125 -103.85 -55.13 16.77
C ILE L 125 -103.93 -55.22 15.26
N TYR L 126 -103.33 -54.28 14.55
CA TYR L 126 -103.31 -54.29 13.09
C TYR L 126 -102.19 -55.19 12.61
N GLU L 127 -102.55 -56.29 11.94
CA GLU L 127 -101.58 -57.27 11.51
C GLU L 127 -101.56 -57.47 10.00
N TYR L 128 -102.72 -57.64 9.37
CA TYR L 128 -102.79 -58.04 7.98
C TYR L 128 -103.68 -57.08 7.20
N THR L 129 -103.58 -57.17 5.87
CA THR L 129 -104.40 -56.36 4.98
C THR L 129 -104.60 -57.11 3.68
N LEU L 130 -105.53 -56.62 2.88
CA LEU L 130 -105.83 -57.21 1.58
C LEU L 130 -105.47 -56.29 0.42
N LEU L 131 -104.85 -55.14 0.69
CA LEU L 131 -104.45 -54.25 -0.39
C LEU L 131 -103.31 -54.84 -1.21
N THR L 132 -102.46 -55.65 -0.59
CA THR L 132 -101.27 -56.14 -1.27
C THR L 132 -101.59 -57.19 -2.33
N VAL L 133 -102.63 -58.00 -2.09
CA VAL L 133 -102.96 -59.05 -3.04
C VAL L 133 -103.56 -58.44 -4.30
N SER L 134 -103.45 -59.18 -5.39
CA SER L 134 -103.98 -58.75 -6.67
C SER L 134 -105.23 -59.55 -7.04
N PRO L 135 -106.21 -58.93 -7.69
CA PRO L 135 -107.47 -59.64 -7.99
C PRO L 135 -107.31 -60.80 -8.95
N SER L 136 -106.14 -60.97 -9.57
CA SER L 136 -105.94 -62.12 -10.44
C SER L 136 -105.77 -63.40 -9.61
N GLU L 137 -105.18 -63.29 -8.43
CA GLU L 137 -104.89 -64.47 -7.62
C GLU L 137 -106.12 -64.99 -6.89
N LEU L 138 -107.00 -64.09 -6.44
CA LEU L 138 -108.14 -64.50 -5.65
C LEU L 138 -109.18 -65.24 -6.49
N ALA L 139 -109.51 -64.69 -7.66
CA ALA L 139 -110.64 -65.18 -8.44
C ALA L 139 -110.36 -66.52 -9.13
N ASN L 140 -109.23 -67.18 -8.86
CA ASN L 140 -108.94 -68.42 -9.55
C ASN L 140 -109.82 -69.56 -9.05
N GLN L 141 -109.68 -69.93 -7.78
CA GLN L 141 -110.33 -71.14 -7.29
C GLN L 141 -110.90 -70.92 -5.90
N VAL L 142 -112.22 -70.97 -5.79
CA VAL L 142 -112.95 -71.15 -4.54
C VAL L 142 -114.41 -71.43 -4.89
N TYR L 143 -115.05 -72.31 -4.13
CA TYR L 143 -116.47 -72.57 -4.34
C TYR L 143 -117.05 -73.34 -3.16
N ALA L 144 -118.38 -73.30 -3.06
CA ALA L 144 -119.12 -74.12 -2.12
C ALA L 144 -120.06 -75.09 -2.83
N ASN L 145 -120.13 -75.02 -4.16
CA ASN L 145 -120.97 -75.91 -4.96
C ASN L 145 -120.19 -76.31 -6.20
N GLY L 146 -120.88 -76.88 -7.18
CA GLY L 146 -120.24 -77.33 -8.40
C GLY L 146 -119.65 -76.22 -9.25
N GLN L 147 -119.94 -74.96 -8.93
CA GLN L 147 -119.47 -73.83 -9.72
C GLN L 147 -118.71 -72.85 -8.83
N TYR L 148 -117.63 -72.29 -9.37
CA TYR L 148 -116.84 -71.31 -8.66
C TYR L 148 -117.61 -70.00 -8.50
N LEU L 149 -117.09 -69.12 -7.66
CA LEU L 149 -117.65 -67.79 -7.49
C LEU L 149 -116.51 -66.77 -7.41
N ASP L 150 -116.79 -65.56 -7.89
CA ASP L 150 -115.82 -64.48 -7.88
C ASP L 150 -116.02 -63.62 -6.65
N LEU L 151 -114.93 -63.35 -5.93
CA LEU L 151 -115.03 -62.55 -4.72
C LEU L 151 -114.76 -61.08 -5.01
N VAL L 152 -113.62 -60.78 -5.62
CA VAL L 152 -113.20 -59.40 -5.84
C VAL L 152 -113.84 -58.89 -7.14
N ASN L 153 -114.66 -57.86 -7.02
CA ASN L 153 -115.22 -57.20 -8.19
C ASN L 153 -114.18 -56.25 -8.78
N GLN L 154 -114.47 -55.76 -9.99
CA GLN L 154 -113.55 -54.82 -10.63
C GLN L 154 -114.30 -54.03 -11.70
N GLN L 155 -113.81 -52.82 -11.94
CA GLN L 155 -114.34 -51.95 -12.98
C GLN L 155 -113.16 -51.32 -13.71
N THR L 156 -113.46 -50.60 -14.78
CA THR L 156 -112.42 -49.98 -15.60
C THR L 156 -112.92 -48.69 -16.20
N ASN L 157 -112.16 -47.61 -16.01
CA ASN L 157 -112.46 -46.32 -16.62
C ASN L 157 -111.23 -45.45 -16.53
N ALA L 158 -111.08 -44.55 -17.50
CA ALA L 158 -109.97 -43.60 -17.55
C ALA L 158 -108.62 -44.31 -17.51
N GLY L 159 -108.53 -45.45 -18.19
CA GLY L 159 -107.28 -46.17 -18.27
C GLY L 159 -106.79 -46.76 -16.97
N GLN L 160 -107.70 -47.05 -16.04
CA GLN L 160 -107.33 -47.64 -14.76
C GLN L 160 -108.35 -48.71 -14.38
N THR L 161 -107.87 -49.71 -13.65
CA THR L 161 -108.69 -50.83 -13.20
C THR L 161 -108.89 -50.71 -11.70
N TYR L 162 -110.15 -50.66 -11.27
CA TYR L 162 -110.48 -50.50 -9.86
C TYR L 162 -110.91 -51.84 -9.26
N VAL L 163 -110.94 -51.89 -7.93
CA VAL L 163 -111.30 -53.08 -7.19
C VAL L 163 -112.08 -52.69 -5.95
N TYR L 164 -112.91 -53.61 -5.47
CA TYR L 164 -113.64 -53.44 -4.23
C TYR L 164 -114.23 -54.76 -3.80
N TYR L 165 -114.23 -55.02 -2.49
CA TYR L 165 -114.84 -56.22 -1.95
C TYR L 165 -116.24 -55.87 -1.46
N PRO L 166 -117.30 -56.37 -2.11
CA PRO L 166 -118.65 -55.87 -1.80
C PRO L 166 -119.20 -56.37 -0.48
N ASN L 167 -118.57 -57.36 0.16
CA ASN L 167 -119.15 -57.98 1.34
C ASN L 167 -118.05 -58.38 2.30
N PRO L 168 -118.14 -58.01 3.58
CA PRO L 168 -117.16 -58.48 4.56
C PRO L 168 -117.05 -60.00 4.62
N TYR L 169 -118.18 -60.69 4.48
CA TYR L 169 -118.14 -62.15 4.41
C TYR L 169 -117.33 -62.61 3.19
N TYR L 170 -117.53 -61.95 2.05
CA TYR L 170 -116.66 -62.21 0.90
C TYR L 170 -115.22 -61.85 1.23
N ALA L 171 -115.02 -60.79 2.01
CA ALA L 171 -113.66 -60.38 2.37
C ALA L 171 -113.00 -61.41 3.28
N LEU L 172 -113.77 -61.95 4.23
CA LEU L 172 -113.20 -62.95 5.13
C LEU L 172 -112.79 -64.20 4.36
N LEU L 173 -113.60 -64.61 3.38
CA LEU L 173 -113.23 -65.75 2.55
C LEU L 173 -111.96 -65.45 1.77
N ALA L 174 -111.84 -64.24 1.23
CA ALA L 174 -110.60 -63.85 0.57
C ALA L 174 -109.46 -63.81 1.57
N LEU L 175 -109.75 -63.47 2.82
CA LEU L 175 -108.70 -63.46 3.84
C LEU L 175 -108.24 -64.86 4.18
N ASN L 176 -109.17 -65.83 4.18
CA ASN L 176 -108.81 -67.21 4.49
C ASN L 176 -107.85 -67.77 3.45
N TYR L 177 -108.17 -67.58 2.17
CA TYR L 177 -107.33 -68.11 1.10
C TYR L 177 -105.97 -67.43 1.09
N THR L 178 -105.93 -66.13 1.41
CA THR L 178 -104.66 -65.42 1.37
C THR L 178 -103.74 -65.86 2.50
N LEU L 179 -104.26 -65.92 3.72
CA LEU L 179 -103.43 -66.34 4.86
C LEU L 179 -102.99 -67.79 4.73
N SER L 180 -103.70 -68.60 3.94
CA SER L 180 -103.37 -70.01 3.83
C SER L 180 -102.44 -70.28 2.65
N LYS L 181 -102.61 -69.56 1.55
CA LYS L 181 -101.89 -69.86 0.32
C LYS L 181 -100.91 -68.77 -0.09
N ILE L 182 -101.32 -67.50 -0.06
CA ILE L 182 -100.45 -66.44 -0.56
C ILE L 182 -99.22 -66.28 0.32
N ASP L 183 -99.41 -65.96 1.59
CA ASP L 183 -98.31 -65.86 2.53
C ASP L 183 -98.17 -67.15 3.32
N LYS L 184 -96.94 -67.61 3.47
CA LYS L 184 -96.67 -68.91 4.09
C LYS L 184 -96.37 -68.74 5.58
N VAL L 185 -97.39 -68.32 6.32
CA VAL L 185 -97.31 -68.23 7.76
C VAL L 185 -97.90 -69.50 8.36
N SER L 186 -97.11 -70.18 9.20
CA SER L 186 -97.54 -71.49 9.70
C SER L 186 -98.64 -71.38 10.74
N PRO L 187 -98.63 -70.38 11.65
CA PRO L 187 -99.81 -70.18 12.48
C PRO L 187 -100.82 -69.28 11.78
N SER L 188 -102.00 -69.81 11.51
CA SER L 188 -103.02 -68.98 10.89
C SER L 188 -103.98 -68.46 11.95
N PRO L 189 -104.23 -67.14 11.99
CA PRO L 189 -105.14 -66.62 13.02
C PRO L 189 -106.60 -66.95 12.78
N LEU L 190 -107.00 -67.19 11.53
CA LEU L 190 -108.38 -67.52 11.22
C LEU L 190 -108.43 -68.78 10.38
N TYR L 191 -109.49 -69.56 10.58
CA TYR L 191 -109.72 -70.79 9.83
C TYR L 191 -111.23 -70.96 9.68
N ILE L 192 -111.72 -70.78 8.46
CA ILE L 192 -113.15 -70.85 8.15
C ILE L 192 -113.43 -72.19 7.52
N THR L 193 -114.48 -72.86 8.00
CA THR L 193 -114.87 -74.16 7.47
C THR L 193 -116.38 -74.26 7.44
N THR L 194 -116.88 -75.08 6.52
CA THR L 194 -118.32 -75.26 6.34
C THR L 194 -118.86 -76.48 7.05
N THR L 195 -117.98 -77.32 7.61
CA THR L 195 -118.43 -78.53 8.29
C THR L 195 -119.11 -78.18 9.61
N THR L 196 -119.59 -79.22 10.28
CA THR L 196 -120.23 -79.02 11.58
C THR L 196 -119.21 -78.45 12.56
N PRO L 197 -119.57 -77.43 13.35
CA PRO L 197 -118.59 -76.86 14.29
C PRO L 197 -118.01 -77.87 15.24
N SER L 198 -118.86 -78.72 15.84
CA SER L 198 -118.34 -79.77 16.71
C SER L 198 -117.45 -80.74 15.94
N SER L 199 -117.82 -81.04 14.69
CA SER L 199 -117.01 -81.93 13.86
C SER L 199 -115.60 -81.38 13.69
N ALA L 200 -115.46 -80.06 13.60
CA ALA L 200 -114.14 -79.46 13.50
C ALA L 200 -113.32 -79.71 14.76
N THR L 201 -114.00 -79.80 15.91
CA THR L 201 -113.28 -80.00 17.16
C THR L 201 -112.62 -81.38 17.22
N GLN L 202 -113.29 -82.41 16.71
CA GLN L 202 -112.70 -83.74 16.74
C GLN L 202 -111.52 -83.85 15.78
N ILE L 203 -111.71 -83.38 14.54
CA ILE L 203 -110.64 -83.48 13.55
C ILE L 203 -109.48 -82.55 13.93
N TYR L 204 -109.77 -81.43 14.57
CA TYR L 204 -108.74 -80.50 15.03
C TYR L 204 -109.05 -80.12 16.47
N PRO L 205 -108.32 -80.61 17.46
CA PRO L 205 -108.69 -80.34 18.85
C PRO L 205 -108.45 -78.90 19.26
N PHE L 206 -107.36 -78.28 18.81
CA PHE L 206 -107.02 -76.95 19.27
C PHE L 206 -107.89 -75.85 18.66
N LEU L 207 -108.85 -76.20 17.81
CA LEU L 207 -109.83 -75.24 17.33
C LEU L 207 -111.02 -75.10 18.26
N ALA L 208 -110.92 -75.60 19.49
CA ALA L 208 -112.01 -75.51 20.45
C ALA L 208 -111.93 -74.29 21.34
N HIS L 209 -110.75 -73.68 21.48
CA HIS L 209 -110.60 -72.50 22.30
C HIS L 209 -110.88 -71.20 21.54
N ASP L 210 -110.97 -71.27 20.22
CA ASP L 210 -111.18 -70.07 19.41
C ASP L 210 -112.62 -69.58 19.56
N ASN L 211 -112.89 -68.44 18.95
CA ASN L 211 -114.22 -67.82 18.98
C ASN L 211 -115.00 -68.23 17.74
N MET L 212 -116.32 -68.04 17.80
CA MET L 212 -117.21 -68.52 16.75
C MET L 212 -118.26 -67.47 16.42
N PHE L 213 -118.46 -67.25 15.12
CA PHE L 213 -119.61 -66.51 14.63
C PHE L 213 -119.96 -67.06 13.26
N THR L 214 -121.25 -67.22 13.00
CA THR L 214 -121.74 -67.93 11.82
C THR L 214 -122.39 -66.96 10.85
N PHE L 215 -122.08 -67.11 9.57
CA PHE L 215 -122.72 -66.37 8.50
C PHE L 215 -123.01 -67.30 7.34
N THR L 216 -124.16 -67.13 6.71
CA THR L 216 -124.62 -68.02 5.66
C THR L 216 -124.70 -67.27 4.34
N LEU L 217 -124.68 -68.04 3.25
CA LEU L 217 -124.76 -67.50 1.91
C LEU L 217 -125.62 -68.41 1.05
N ASN L 218 -126.23 -67.83 0.02
CA ASN L 218 -127.10 -68.55 -0.91
C ASN L 218 -126.39 -68.60 -2.26
N ILE L 219 -125.76 -69.72 -2.56
CA ILE L 219 -125.01 -69.91 -3.80
C ILE L 219 -125.80 -70.85 -4.70
N SER L 220 -126.00 -70.45 -5.95
CA SER L 220 -126.71 -71.23 -6.95
C SER L 220 -128.05 -71.73 -6.42
N GLY L 221 -128.76 -70.86 -5.71
CA GLY L 221 -130.03 -71.21 -5.11
C GLY L 221 -129.94 -72.16 -3.93
N THR L 222 -128.75 -72.49 -3.47
CA THR L 222 -128.55 -73.40 -2.36
C THR L 222 -128.01 -72.65 -1.15
N LEU L 223 -128.52 -72.98 0.03
CA LEU L 223 -128.09 -72.35 1.27
C LEU L 223 -126.82 -73.02 1.77
N VAL L 224 -125.78 -72.21 1.98
CA VAL L 224 -124.50 -72.71 2.49
C VAL L 224 -124.12 -71.86 3.69
N THR L 225 -123.71 -72.53 4.77
CA THR L 225 -123.30 -71.86 5.99
C THR L 225 -121.79 -71.93 6.15
N TYR L 226 -121.26 -71.01 6.95
CA TYR L 226 -119.84 -70.95 7.25
C TYR L 226 -119.65 -70.69 8.73
N TYR L 227 -118.59 -71.25 9.29
CA TYR L 227 -118.30 -71.12 10.72
C TYR L 227 -116.90 -70.55 10.89
N ALA L 228 -116.74 -69.65 11.85
CA ALA L 228 -115.49 -68.93 12.05
C ALA L 228 -114.71 -69.51 13.22
N PHE L 229 -113.41 -69.21 13.23
CA PHE L 229 -112.51 -69.67 14.27
C PHE L 229 -111.33 -68.71 14.34
N VAL L 230 -111.25 -67.93 15.42
CA VAL L 230 -110.18 -66.95 15.59
C VAL L 230 -109.59 -67.11 16.98
N ASN L 231 -108.25 -67.12 17.06
CA ASN L 231 -107.54 -67.39 18.30
C ASN L 231 -106.84 -66.16 18.87
N GLN L 232 -106.97 -65.01 18.23
CA GLN L 232 -106.30 -63.80 18.70
C GLN L 232 -107.02 -62.59 18.15
N THR L 233 -107.13 -61.55 18.97
CA THR L 233 -107.81 -60.32 18.57
C THR L 233 -106.91 -59.54 17.61
N PHE L 234 -107.39 -59.33 16.39
CA PHE L 234 -106.63 -58.62 15.38
C PHE L 234 -107.60 -57.90 14.45
N ALA L 235 -107.05 -57.17 13.49
CA ALA L 235 -107.85 -56.38 12.57
C ALA L 235 -107.13 -56.28 11.23
N PHE L 236 -107.91 -56.23 10.15
CA PHE L 236 -107.36 -56.19 8.82
C PHE L 236 -108.10 -55.13 7.99
N THR L 237 -107.47 -54.73 6.89
CA THR L 237 -107.99 -53.68 6.03
C THR L 237 -108.04 -54.16 4.59
N TYR L 238 -109.14 -53.88 3.92
CA TYR L 238 -109.36 -54.28 2.54
C TYR L 238 -109.96 -53.10 1.78
N PRO L 239 -109.74 -53.03 0.47
CA PRO L 239 -110.32 -51.95 -0.31
C PRO L 239 -111.83 -52.09 -0.41
N VAL L 240 -112.52 -50.95 -0.36
CA VAL L 240 -113.98 -50.95 -0.48
C VAL L 240 -114.49 -49.91 -1.46
N ALA L 241 -113.72 -48.91 -1.85
CA ALA L 241 -114.22 -47.90 -2.77
C ALA L 241 -113.07 -47.26 -3.53
N GLY L 242 -113.13 -47.31 -4.86
CA GLY L 242 -112.25 -46.59 -5.74
C GLY L 242 -110.77 -46.66 -5.42
N ASP L 243 -110.22 -47.87 -5.34
CA ASP L 243 -108.79 -48.07 -5.09
C ASP L 243 -108.14 -48.62 -6.35
N PRO L 244 -107.66 -47.76 -7.25
CA PRO L 244 -107.04 -48.28 -8.48
C PRO L 244 -105.76 -49.05 -8.23
N LEU L 245 -104.83 -48.46 -7.50
CA LEU L 245 -103.54 -49.09 -7.21
C LEU L 245 -103.75 -50.18 -6.16
N ILE L 246 -103.88 -51.41 -6.62
CA ILE L 246 -103.91 -52.57 -5.74
C ILE L 246 -102.54 -53.22 -5.75
N GLY L 247 -102.12 -53.71 -4.59
CA GLY L 247 -100.82 -54.30 -4.41
C GLY L 247 -99.82 -53.40 -3.73
N SER L 248 -99.93 -52.08 -3.94
CA SER L 248 -98.99 -51.14 -3.35
C SER L 248 -99.30 -50.83 -1.89
N ALA L 249 -100.47 -51.24 -1.39
CA ALA L 249 -100.86 -51.03 0.01
C ALA L 249 -100.83 -49.56 0.38
N ILE L 250 -101.42 -48.73 -0.48
CA ILE L 250 -101.49 -47.29 -0.28
C ILE L 250 -102.93 -46.85 -0.45
N ALA L 251 -103.38 -45.95 0.42
CA ALA L 251 -104.74 -45.44 0.38
C ALA L 251 -104.75 -44.02 -0.18
N PRO L 252 -105.03 -43.84 -1.47
CA PRO L 252 -105.08 -42.49 -2.02
C PRO L 252 -106.33 -41.74 -1.57
N ALA L 253 -106.30 -40.43 -1.77
CA ALA L 253 -107.45 -39.59 -1.44
C ALA L 253 -108.62 -39.93 -2.36
N GLY L 254 -109.81 -40.00 -1.79
CA GLY L 254 -111.01 -40.39 -2.49
C GLY L 254 -111.35 -41.85 -2.34
N SER L 255 -110.37 -42.69 -2.01
CA SER L 255 -110.58 -44.12 -1.83
C SER L 255 -110.92 -44.40 -0.38
N VAL L 256 -112.05 -45.07 -0.15
CA VAL L 256 -112.44 -45.49 1.18
C VAL L 256 -111.83 -46.86 1.44
N ILE L 257 -111.34 -47.07 2.65
CA ILE L 257 -110.68 -48.31 3.05
C ILE L 257 -111.43 -48.88 4.24
N GLY L 258 -111.89 -50.12 4.11
CA GLY L 258 -112.59 -50.76 5.20
C GLY L 258 -111.65 -51.29 6.26
N VAL L 259 -112.13 -51.29 7.51
CA VAL L 259 -111.39 -51.78 8.65
C VAL L 259 -112.30 -52.70 9.44
N MET L 260 -111.83 -53.92 9.71
CA MET L 260 -112.61 -54.92 10.43
C MET L 260 -111.81 -55.43 11.60
N ILE L 261 -112.31 -55.19 12.82
CA ILE L 261 -111.68 -55.68 14.04
C ILE L 261 -112.37 -56.99 14.43
N LEU L 262 -111.61 -58.08 14.47
CA LEU L 262 -112.13 -59.38 14.84
C LEU L 262 -111.79 -59.65 16.30
N PHE L 263 -112.81 -60.00 17.08
CA PHE L 263 -112.58 -60.35 18.47
C PHE L 263 -111.89 -61.71 18.56
N GLY L 264 -111.70 -62.19 19.78
CA GLY L 264 -111.04 -63.46 19.99
C GLY L 264 -111.46 -64.14 21.27
N PRO L 265 -110.69 -65.13 21.71
CA PRO L 265 -111.05 -65.81 22.96
C PRO L 265 -110.77 -64.98 24.19
N ASP L 266 -109.69 -64.19 24.18
CA ASP L 266 -109.33 -63.43 25.37
C ASP L 266 -110.34 -62.33 25.66
N LEU L 267 -111.01 -61.80 24.63
CA LEU L 267 -111.94 -60.70 24.80
C LEU L 267 -113.37 -61.06 24.45
N GLY L 268 -113.59 -61.95 23.48
CA GLY L 268 -114.94 -62.28 23.04
C GLY L 268 -115.83 -62.83 24.13
N SER L 269 -115.25 -63.42 25.18
CA SER L 269 -116.05 -63.92 26.29
C SER L 269 -116.80 -62.83 27.02
N HIS L 270 -116.45 -61.56 26.79
CA HIS L 270 -117.14 -60.43 27.40
C HIS L 270 -118.02 -59.75 26.35
N VAL L 271 -118.76 -58.75 26.81
CA VAL L 271 -119.59 -57.91 25.95
C VAL L 271 -119.53 -56.49 26.46
N PHE L 272 -119.21 -55.54 25.57
CA PHE L 272 -119.05 -54.16 25.98
C PHE L 272 -120.42 -53.57 26.34
N GLN L 273 -120.58 -53.21 27.61
CA GLN L 273 -121.86 -52.74 28.12
C GLN L 273 -121.60 -51.59 29.08
N TYR L 274 -122.05 -50.39 28.71
CA TYR L 274 -121.90 -49.18 29.52
C TYR L 274 -120.43 -48.93 29.85
N GLN L 275 -119.65 -48.71 28.79
CA GLN L 275 -118.23 -48.42 28.91
C GLN L 275 -117.77 -47.69 27.67
N THR L 276 -116.64 -46.99 27.80
CA THR L 276 -116.09 -46.18 26.73
C THR L 276 -115.08 -47.03 25.94
N ILE L 277 -115.47 -47.45 24.75
CA ILE L 277 -114.61 -48.20 23.85
C ILE L 277 -113.80 -47.22 23.02
N THR L 278 -112.49 -47.44 22.97
CA THR L 278 -111.57 -46.51 22.32
C THR L 278 -110.68 -47.29 21.35
N ILE L 279 -110.81 -46.98 20.07
CA ILE L 279 -109.92 -47.49 19.04
C ILE L 279 -109.15 -46.32 18.46
N GLN L 280 -107.90 -46.57 18.08
CA GLN L 280 -107.05 -45.50 17.58
C GLN L 280 -106.11 -46.04 16.51
N ILE L 281 -106.09 -45.37 15.36
CA ILE L 281 -105.18 -45.67 14.28
C ILE L 281 -104.09 -44.61 14.26
N THR L 282 -102.85 -45.04 14.03
CA THR L 282 -101.69 -44.14 14.04
C THR L 282 -100.82 -44.45 12.83
N PRO L 283 -101.02 -43.75 11.72
CA PRO L 283 -100.15 -43.95 10.56
C PRO L 283 -98.76 -43.40 10.82
N ASN L 284 -97.84 -43.75 9.91
CA ASN L 284 -96.46 -43.30 10.06
C ASN L 284 -96.29 -41.84 9.68
N ILE L 285 -97.06 -41.35 8.71
CA ILE L 285 -97.00 -39.97 8.26
C ILE L 285 -98.36 -39.34 8.50
N GLY L 286 -98.41 -38.37 9.40
CA GLY L 286 -99.64 -37.66 9.70
C GLY L 286 -100.06 -37.86 11.15
N SER L 287 -101.18 -37.23 11.48
CA SER L 287 -101.71 -37.31 12.82
C SER L 287 -102.63 -38.52 12.98
N PRO L 288 -102.66 -39.13 14.16
CA PRO L 288 -103.46 -40.34 14.35
C PRO L 288 -104.96 -40.02 14.38
N LEU L 289 -105.74 -41.07 14.20
CA LEU L 289 -107.20 -40.98 14.24
C LEU L 289 -107.68 -41.71 15.49
N THR L 290 -108.17 -40.95 16.46
CA THR L 290 -108.54 -41.49 17.76
C THR L 290 -110.06 -41.52 17.87
N ILE L 291 -110.63 -42.73 17.86
CA ILE L 291 -112.06 -42.92 17.98
C ILE L 291 -112.40 -43.28 19.41
N SER L 292 -113.40 -42.61 19.97
CA SER L 292 -113.84 -42.83 21.34
C SER L 292 -115.36 -42.89 21.36
N GLU L 293 -115.91 -44.07 21.57
CA GLU L 293 -117.35 -44.27 21.59
C GLU L 293 -117.80 -44.79 22.95
N TYR L 294 -119.10 -44.66 23.20
CA TYR L 294 -119.72 -45.16 24.42
C TYR L 294 -121.01 -45.85 24.05
N VAL L 295 -121.20 -47.08 24.54
CA VAL L 295 -122.31 -47.93 24.14
C VAL L 295 -123.23 -48.16 25.32
N TYR L 296 -124.55 -48.10 25.08
CA TYR L 296 -125.52 -48.47 26.09
C TYR L 296 -125.76 -49.97 26.10
N GLN L 297 -126.24 -50.51 24.98
CA GLN L 297 -126.60 -51.91 24.86
C GLN L 297 -126.78 -52.25 23.38
N PRO L 298 -126.22 -53.36 22.91
CA PRO L 298 -126.36 -53.70 21.49
C PRO L 298 -127.76 -54.19 21.15
N GLU L 299 -128.14 -54.00 19.88
CA GLU L 299 -129.43 -54.45 19.39
C GLU L 299 -129.26 -55.10 18.02
N GLY L 300 -130.18 -56.00 17.70
CA GLY L 300 -130.20 -56.69 16.42
C GLY L 300 -129.04 -57.61 16.16
N SER L 301 -128.10 -57.74 17.09
CA SER L 301 -126.86 -58.50 16.97
C SER L 301 -125.87 -57.81 16.05
N VAL L 302 -126.31 -56.76 15.35
CA VAL L 302 -125.43 -55.87 14.61
C VAL L 302 -125.90 -54.45 14.88
N SER L 303 -125.25 -53.76 15.81
CA SER L 303 -125.70 -52.45 16.24
C SER L 303 -124.78 -51.36 15.69
N VAL L 304 -125.33 -50.18 15.50
CA VAL L 304 -124.58 -49.02 15.02
C VAL L 304 -124.12 -48.29 16.29
N ILE L 305 -122.93 -48.65 16.76
CA ILE L 305 -122.39 -48.10 17.98
C ILE L 305 -120.89 -48.37 18.06
N LEU M 19 180.95 22.64 -25.92
CA LEU M 19 179.85 23.58 -26.07
C LEU M 19 178.54 22.97 -25.60
N ALA M 20 177.45 23.73 -25.75
CA ALA M 20 176.12 23.24 -25.44
C ALA M 20 175.32 22.87 -26.68
N GLY M 21 175.87 23.07 -27.88
CA GLY M 21 175.15 22.71 -29.08
C GLY M 21 174.96 21.21 -29.22
N LEU M 22 176.06 20.46 -29.11
CA LEU M 22 175.95 19.01 -29.16
C LEU M 22 175.24 18.44 -27.94
N ASP M 23 175.14 19.20 -26.86
CA ASP M 23 174.40 18.76 -25.69
C ASP M 23 172.89 18.92 -25.91
N THR M 24 172.47 20.14 -26.26
CA THR M 24 171.04 20.40 -26.44
C THR M 24 170.48 19.62 -27.62
N ALA M 25 171.30 19.35 -28.64
CA ALA M 25 170.82 18.58 -29.78
C ALA M 25 170.42 17.18 -29.36
N ILE M 26 171.17 16.58 -28.43
CA ILE M 26 170.84 15.24 -27.95
C ILE M 26 169.70 15.30 -26.95
N ILE M 27 169.70 16.31 -26.09
CA ILE M 27 168.61 16.46 -25.12
C ILE M 27 167.30 16.71 -25.85
N LEU M 28 167.35 17.38 -27.00
CA LEU M 28 166.14 17.67 -27.74
C LEU M 28 165.52 16.40 -28.31
N ILE M 29 166.35 15.54 -28.91
CA ILE M 29 165.83 14.30 -29.49
C ILE M 29 165.16 13.44 -28.43
N ALA M 30 165.80 13.33 -27.26
CA ALA M 30 165.24 12.52 -26.19
C ALA M 30 163.90 13.06 -25.72
N PHE M 31 163.79 14.39 -25.64
CA PHE M 31 162.56 14.99 -25.12
C PHE M 31 161.42 14.93 -26.13
N ILE M 32 161.73 14.99 -27.42
CA ILE M 32 160.68 14.86 -28.42
C ILE M 32 160.12 13.45 -28.41
N ILE M 33 160.96 12.47 -28.10
CA ILE M 33 160.50 11.08 -28.06
C ILE M 33 159.56 10.86 -26.89
N THR M 34 159.99 11.26 -25.68
CA THR M 34 159.13 11.07 -24.52
C THR M 34 157.87 11.92 -24.60
N ALA M 35 157.90 13.00 -25.36
CA ALA M 35 156.69 13.75 -25.63
C ALA M 35 155.81 13.00 -26.63
N SER M 36 156.43 12.32 -27.59
CA SER M 36 155.66 11.55 -28.55
C SER M 36 155.09 10.29 -27.92
N VAL M 37 155.84 9.66 -27.02
CA VAL M 37 155.35 8.46 -26.37
C VAL M 37 154.13 8.77 -25.53
N LEU M 38 154.12 9.91 -24.84
CA LEU M 38 152.94 10.32 -24.09
C LEU M 38 151.75 10.51 -25.00
N ALA M 39 151.97 11.06 -26.19
CA ALA M 39 150.87 11.19 -27.16
C ALA M 39 150.35 9.83 -27.56
N TYR M 40 151.24 8.85 -27.71
CA TYR M 40 150.82 7.49 -28.01
C TYR M 40 149.91 6.95 -26.92
N VAL M 41 150.25 7.26 -25.67
CA VAL M 41 149.45 6.77 -24.54
C VAL M 41 148.17 7.58 -24.41
N ALA M 42 148.27 8.90 -24.56
CA ALA M 42 147.12 9.76 -24.34
C ALA M 42 146.02 9.49 -25.36
N ILE M 43 146.38 9.46 -26.64
CA ILE M 43 145.38 9.29 -27.68
C ILE M 43 144.72 7.91 -27.57
N ASN M 44 145.53 6.88 -27.33
CA ASN M 44 144.98 5.53 -27.24
C ASN M 44 144.00 5.42 -26.07
N MET M 45 144.37 6.00 -24.92
CA MET M 45 143.46 6.01 -23.77
C MET M 45 142.23 6.84 -24.08
N GLY M 46 142.36 7.83 -24.95
CA GLY M 46 141.20 8.63 -25.32
C GLY M 46 140.20 7.84 -26.14
N LEU M 47 140.67 7.21 -27.22
CA LEU M 47 139.77 6.45 -28.07
C LEU M 47 139.15 5.28 -27.33
N PHE M 48 139.89 4.69 -26.39
CA PHE M 48 139.39 3.52 -25.68
C PHE M 48 138.19 3.88 -24.80
N VAL M 49 138.39 4.79 -23.85
CA VAL M 49 137.31 5.15 -22.95
C VAL M 49 136.18 5.83 -23.71
N THR M 50 136.48 6.40 -24.87
CA THR M 50 135.45 6.99 -25.70
C THR M 50 134.45 5.93 -26.18
N GLN M 51 134.95 4.92 -26.89
CA GLN M 51 134.08 3.88 -27.41
C GLN M 51 133.40 3.11 -26.27
N LYS M 52 134.09 2.98 -25.14
CA LYS M 52 133.48 2.33 -23.98
C LYS M 52 132.25 3.08 -23.52
N ALA M 53 132.34 4.42 -23.47
CA ALA M 53 131.20 5.21 -23.04
C ALA M 53 130.05 5.11 -24.04
N LYS M 54 130.37 5.00 -25.33
CA LYS M 54 129.32 4.86 -26.33
C LYS M 54 128.59 3.54 -26.19
N SER M 55 129.33 2.47 -25.88
CA SER M 55 128.69 1.17 -25.74
C SER M 55 127.71 1.16 -24.59
N THR M 56 128.09 1.72 -23.43
CA THR M 56 127.20 1.71 -22.27
C THR M 56 126.01 2.63 -22.46
N ILE M 57 126.18 3.72 -23.20
CA ILE M 57 125.04 4.59 -23.51
C ILE M 57 124.04 3.85 -24.37
N ASN M 58 124.54 3.04 -25.31
CA ASN M 58 123.64 2.22 -26.12
C ASN M 58 122.89 1.21 -25.26
N LYS M 59 123.54 0.69 -24.22
CA LYS M 59 122.89 -0.30 -23.37
C LYS M 59 121.90 0.36 -22.41
N GLY M 60 122.30 1.46 -21.76
CA GLY M 60 121.37 2.16 -20.90
C GLY M 60 120.13 2.63 -21.61
N GLU M 61 120.23 2.84 -22.93
CA GLU M 61 119.06 3.19 -23.72
C GLU M 61 118.06 2.05 -23.76
N GLU M 62 118.55 0.81 -23.87
CA GLU M 62 117.65 -0.34 -23.88
C GLU M 62 117.09 -0.61 -22.49
N THR M 63 117.90 -0.39 -21.45
CA THR M 63 117.44 -0.66 -20.09
C THR M 63 116.24 0.20 -19.74
N ALA M 64 116.24 1.47 -20.14
CA ALA M 64 115.12 2.34 -19.88
C ALA M 64 114.00 2.20 -20.91
N SER M 65 114.18 1.33 -21.92
CA SER M 65 113.19 1.16 -22.96
C SER M 65 112.37 -0.12 -22.77
N THR M 66 113.05 -1.25 -22.62
CA THR M 66 112.35 -2.52 -22.56
C THR M 66 111.52 -2.62 -21.27
N ALA M 67 110.32 -3.17 -21.41
CA ALA M 67 109.42 -3.37 -20.29
C ALA M 67 108.28 -4.27 -20.75
N LEU M 68 107.71 -4.99 -19.80
CA LEU M 68 106.59 -5.90 -20.04
C LEU M 68 105.32 -5.34 -19.44
N THR M 69 104.19 -5.92 -19.82
CA THR M 69 102.89 -5.51 -19.31
C THR M 69 101.97 -6.72 -19.26
N LEU M 70 100.90 -6.58 -18.50
CA LEU M 70 99.96 -7.67 -18.26
C LEU M 70 98.74 -7.46 -19.14
N SER M 71 98.83 -7.91 -20.39
CA SER M 71 97.68 -7.94 -21.26
C SER M 71 96.89 -9.23 -21.02
N GLY M 72 95.58 -9.14 -21.18
CA GLY M 72 94.72 -10.26 -20.91
C GLY M 72 94.48 -10.47 -19.43
N SER M 73 93.51 -11.31 -19.12
CA SER M 73 93.11 -11.56 -17.74
C SER M 73 93.95 -12.68 -17.15
N VAL M 74 93.99 -12.71 -15.81
CA VAL M 74 94.68 -13.75 -15.06
C VAL M 74 93.63 -14.71 -14.53
N LEU M 75 93.90 -16.01 -14.65
CA LEU M 75 92.93 -17.04 -14.32
C LEU M 75 93.48 -17.94 -13.21
N TYR M 76 92.59 -18.35 -12.31
CA TYR M 76 92.93 -19.24 -11.20
C TYR M 76 92.14 -20.54 -11.36
N ALA M 77 92.84 -21.66 -11.28
CA ALA M 77 92.24 -22.98 -11.42
C ALA M 77 92.12 -23.66 -10.06
N VAL M 78 90.92 -24.10 -9.73
CA VAL M 78 90.63 -24.65 -8.42
C VAL M 78 89.34 -25.44 -8.52
N ASN M 79 89.20 -26.47 -7.69
CA ASN M 79 87.98 -27.26 -7.65
C ASN M 79 86.82 -26.41 -7.16
N TYR M 80 85.93 -26.04 -8.07
CA TYR M 80 84.84 -25.13 -7.75
C TYR M 80 83.93 -25.64 -6.64
N PRO M 81 83.42 -26.89 -6.66
CA PRO M 81 82.44 -27.30 -5.65
C PRO M 81 82.93 -27.09 -4.22
N SER M 82 84.06 -27.69 -3.88
CA SER M 82 84.65 -27.55 -2.55
C SER M 82 86.08 -27.04 -2.72
N ASN M 83 86.28 -25.76 -2.44
CA ASN M 83 87.56 -25.09 -2.71
C ASN M 83 88.57 -25.57 -1.67
N THR M 84 89.22 -26.70 -1.97
CA THR M 84 90.28 -27.22 -1.12
C THR M 84 91.54 -27.59 -1.88
N ARG M 85 91.63 -27.28 -3.17
CA ARG M 85 92.80 -27.63 -3.95
C ARG M 85 93.32 -26.44 -4.75
N SER M 86 94.27 -26.68 -5.65
CA SER M 86 94.81 -25.65 -6.51
C SER M 86 95.49 -26.34 -7.69
N TYR M 87 95.24 -25.83 -8.90
CA TYR M 87 95.74 -26.47 -10.11
C TYR M 87 96.78 -25.64 -10.83
N TRP M 88 96.44 -24.42 -11.24
CA TRP M 88 97.39 -23.60 -12.00
C TRP M 88 96.87 -22.18 -12.07
N ILE M 89 97.74 -21.29 -12.54
CA ILE M 89 97.42 -19.89 -12.79
C ILE M 89 97.96 -19.52 -14.17
N TYR M 90 97.16 -18.82 -14.95
CA TYR M 90 97.50 -18.50 -16.33
C TYR M 90 97.25 -17.03 -16.60
N PHE M 91 98.21 -16.37 -17.26
CA PHE M 91 98.06 -14.98 -17.67
C PHE M 91 99.00 -14.71 -18.82
N THR M 92 98.56 -13.84 -19.73
CA THR M 92 99.34 -13.50 -20.91
C THR M 92 100.19 -12.26 -20.64
N VAL M 93 101.35 -12.22 -21.30
CA VAL M 93 102.33 -11.15 -21.09
C VAL M 93 102.82 -10.68 -22.45
N SER M 94 102.82 -9.38 -22.66
CA SER M 94 103.23 -8.76 -23.91
C SER M 94 104.22 -7.65 -23.57
N PRO M 95 105.08 -7.27 -24.52
CA PRO M 95 105.95 -6.11 -24.29
C PRO M 95 105.12 -4.88 -23.98
N SER M 96 105.76 -3.93 -23.27
CA SER M 96 105.08 -2.73 -22.81
C SER M 96 104.26 -2.09 -23.94
N SER M 97 104.95 -1.66 -24.99
CA SER M 97 104.31 -1.22 -26.21
C SER M 97 105.28 -1.50 -27.36
N GLY M 98 104.93 -1.06 -28.56
CA GLY M 98 105.76 -1.37 -29.70
C GLY M 98 107.05 -0.57 -29.70
N VAL M 99 107.91 -0.83 -28.70
CA VAL M 99 109.16 -0.10 -28.53
C VAL M 99 110.37 -1.02 -28.62
N SER M 100 110.30 -2.21 -28.04
CA SER M 100 111.46 -3.07 -27.92
C SER M 100 111.03 -4.52 -28.18
N SER M 101 111.97 -5.44 -27.98
CA SER M 101 111.72 -6.88 -28.13
C SER M 101 112.51 -7.58 -27.03
N VAL M 102 111.84 -7.81 -25.90
CA VAL M 102 112.51 -8.42 -24.76
C VAL M 102 112.71 -9.92 -25.01
N GLU M 103 113.62 -10.51 -24.26
CA GLU M 103 113.90 -11.94 -24.33
C GLU M 103 113.48 -12.58 -23.01
N LEU M 104 112.78 -13.70 -23.11
CA LEU M 104 112.22 -14.39 -21.95
C LEU M 104 112.79 -15.80 -21.82
N SER M 105 114.09 -15.95 -22.07
CA SER M 105 114.70 -17.26 -21.99
C SER M 105 114.68 -17.76 -20.55
N PRO M 106 114.40 -19.04 -20.31
CA PRO M 106 114.33 -19.54 -18.94
C PRO M 106 115.68 -19.61 -18.24
N SER M 107 116.77 -19.36 -18.96
CA SER M 107 118.09 -19.40 -18.34
C SER M 107 118.55 -18.06 -17.82
N THR M 108 117.88 -16.96 -18.21
CA THR M 108 118.32 -15.63 -17.84
C THR M 108 117.19 -14.79 -17.26
N THR M 109 116.03 -15.36 -16.98
CA THR M 109 114.95 -14.66 -16.31
C THR M 109 114.58 -15.39 -15.02
N ALA M 110 113.56 -14.88 -14.34
CA ALA M 110 113.16 -15.44 -13.05
C ALA M 110 111.73 -15.03 -12.75
N ILE M 111 110.90 -16.00 -12.39
CA ILE M 111 109.51 -15.79 -12.01
C ILE M 111 109.36 -16.20 -10.56
N SER M 112 108.90 -15.28 -9.72
CA SER M 112 108.70 -15.55 -8.31
C SER M 112 107.23 -15.84 -8.05
N PHE M 113 106.93 -16.11 -6.78
CA PHE M 113 105.55 -16.35 -6.33
C PHE M 113 105.50 -16.31 -4.81
N THR M 114 104.57 -15.55 -4.25
CA THR M 114 104.48 -15.46 -2.80
C THR M 114 103.08 -15.03 -2.40
N ALA M 115 102.58 -15.60 -1.31
CA ALA M 115 101.30 -15.24 -0.73
C ALA M 115 101.55 -14.85 0.72
N SER M 116 101.29 -13.59 1.04
CA SER M 116 101.67 -13.02 2.33
C SER M 116 100.84 -13.56 3.49
N ALA M 117 100.00 -14.57 3.27
CA ALA M 117 99.25 -15.17 4.37
C ALA M 117 99.87 -16.48 4.82
N GLU M 118 100.02 -17.43 3.90
CA GLU M 118 100.54 -18.75 4.23
C GLU M 118 102.03 -18.75 4.49
N GLY M 119 102.70 -17.60 4.44
CA GLY M 119 104.13 -17.57 4.63
C GLY M 119 104.95 -18.13 3.49
N ILE M 120 104.31 -18.51 2.39
CA ILE M 120 105.04 -19.07 1.26
C ILE M 120 105.85 -17.98 0.58
N SER M 121 106.97 -18.38 -0.04
CA SER M 121 107.79 -17.47 -0.81
C SER M 121 108.71 -18.29 -1.69
N TYR M 122 108.61 -18.08 -3.00
CA TYR M 122 109.41 -18.82 -3.96
C TYR M 122 110.28 -17.84 -4.74
N SER M 123 111.09 -18.39 -5.64
CA SER M 123 111.98 -17.59 -6.46
C SER M 123 112.45 -18.37 -7.68
N ASN M 124 112.23 -17.81 -8.87
CA ASN M 124 112.71 -18.39 -10.12
C ASN M 124 112.18 -19.81 -10.31
N ILE M 125 110.87 -19.89 -10.50
CA ILE M 125 110.21 -21.14 -10.83
C ILE M 125 110.04 -21.30 -12.35
N TYR M 126 110.78 -20.52 -13.13
CA TYR M 126 110.69 -20.54 -14.59
C TYR M 126 111.80 -21.45 -15.11
N GLU M 127 111.42 -22.60 -15.66
CA GLU M 127 112.38 -23.62 -16.05
C GLU M 127 112.32 -24.03 -17.50
N TYR M 128 111.15 -24.03 -18.14
CA TYR M 128 111.02 -24.50 -19.50
C TYR M 128 110.13 -23.55 -20.29
N THR M 129 110.40 -23.44 -21.59
CA THR M 129 109.63 -22.60 -22.49
C THR M 129 109.39 -23.33 -23.79
N LEU M 130 108.43 -22.83 -24.56
CA LEU M 130 108.04 -23.45 -25.82
C LEU M 130 108.26 -22.54 -27.01
N LEU M 131 108.96 -21.41 -26.83
CA LEU M 131 109.16 -20.49 -27.94
C LEU M 131 110.24 -21.01 -28.89
N THR M 132 111.25 -21.69 -28.36
CA THR M 132 112.41 -22.03 -29.18
C THR M 132 112.14 -23.21 -30.10
N VAL M 133 111.19 -24.08 -29.75
CA VAL M 133 111.01 -25.31 -30.51
C VAL M 133 110.40 -24.99 -31.87
N SER M 134 110.86 -25.71 -32.88
CA SER M 134 110.37 -25.56 -34.25
C SER M 134 109.03 -26.28 -34.40
N PRO M 135 108.17 -25.77 -35.29
CA PRO M 135 106.82 -26.37 -35.42
C PRO M 135 106.80 -27.67 -36.20
N SER M 136 107.85 -27.95 -36.97
CA SER M 136 107.86 -29.16 -37.79
C SER M 136 107.85 -30.41 -36.93
N GLU M 137 108.59 -30.41 -35.83
CA GLU M 137 108.71 -31.62 -35.02
C GLU M 137 107.41 -31.93 -34.29
N LEU M 138 106.59 -30.91 -34.01
CA LEU M 138 105.40 -31.12 -33.20
C LEU M 138 104.30 -31.82 -33.99
N ALA M 139 103.89 -31.23 -35.10
CA ALA M 139 102.70 -31.67 -35.81
C ALA M 139 102.86 -33.04 -36.47
N ASN M 140 103.98 -33.73 -36.24
CA ASN M 140 104.20 -35.00 -36.92
C ASN M 140 103.62 -36.18 -36.14
N GLN M 141 104.01 -36.34 -34.87
CA GLN M 141 103.62 -37.52 -34.09
C GLN M 141 102.87 -37.13 -32.82
N VAL M 142 101.55 -37.12 -32.89
CA VAL M 142 100.68 -37.19 -31.71
C VAL M 142 99.27 -37.52 -32.19
N TYR M 143 98.58 -38.42 -31.49
CA TYR M 143 97.22 -38.76 -31.86
C TYR M 143 96.51 -39.55 -30.76
N ALA M 144 95.31 -39.12 -30.40
CA ALA M 144 94.47 -39.81 -29.44
C ALA M 144 93.41 -40.68 -30.10
N ASN M 145 93.34 -40.66 -31.42
CA ASN M 145 92.43 -41.52 -32.17
C ASN M 145 93.06 -41.81 -33.52
N GLY M 146 92.25 -42.28 -34.47
CA GLY M 146 92.77 -42.72 -35.75
C GLY M 146 93.47 -41.62 -36.55
N GLN M 147 93.32 -40.36 -36.16
CA GLN M 147 93.90 -39.25 -36.90
C GLN M 147 94.84 -38.46 -36.02
N TYR M 148 95.92 -37.96 -36.63
CA TYR M 148 96.87 -37.12 -35.91
C TYR M 148 96.28 -35.73 -35.71
N LEU M 149 96.53 -35.15 -34.54
CA LEU M 149 96.11 -33.79 -34.25
C LEU M 149 97.30 -32.85 -34.28
N ASP M 150 97.02 -31.58 -34.58
CA ASP M 150 98.05 -30.55 -34.70
C ASP M 150 97.95 -29.61 -33.53
N LEU M 151 99.10 -29.31 -32.92
CA LEU M 151 99.16 -28.42 -31.76
C LEU M 151 99.53 -26.99 -32.16
N VAL M 152 100.60 -26.83 -32.93
CA VAL M 152 101.08 -25.51 -33.32
C VAL M 152 100.35 -25.11 -34.61
N ASN M 153 99.42 -24.17 -34.47
CA ASN M 153 98.80 -23.57 -35.64
C ASN M 153 99.68 -22.43 -36.13
N GLN M 154 99.93 -22.37 -37.43
CA GLN M 154 100.83 -21.39 -38.00
C GLN M 154 100.21 -20.72 -39.21
N GLN M 155 100.52 -19.44 -39.37
CA GLN M 155 100.06 -18.62 -40.49
C GLN M 155 101.26 -18.02 -41.19
N THR M 156 101.00 -17.42 -42.36
CA THR M 156 102.06 -16.84 -43.18
C THR M 156 101.51 -15.61 -43.87
N ASN M 157 102.26 -14.51 -43.80
CA ASN M 157 101.92 -13.29 -44.50
C ASN M 157 103.13 -12.37 -44.51
N ALA M 158 103.20 -11.53 -45.55
CA ALA M 158 104.30 -10.58 -45.73
C ALA M 158 105.65 -11.27 -45.75
N GLY M 159 105.70 -12.51 -46.25
CA GLY M 159 106.93 -13.26 -46.33
C GLY M 159 107.37 -13.93 -45.05
N GLN M 160 106.77 -13.59 -43.91
CA GLN M 160 107.15 -14.17 -42.63
C GLN M 160 106.07 -15.13 -42.15
N THR M 161 106.48 -16.10 -41.35
CA THR M 161 105.59 -17.13 -40.83
C THR M 161 105.41 -16.93 -39.34
N TYR M 162 104.15 -16.91 -38.89
CA TYR M 162 103.81 -16.76 -37.48
C TYR M 162 103.29 -18.09 -36.94
N VAL M 163 103.67 -18.41 -35.71
CA VAL M 163 103.21 -19.61 -35.04
C VAL M 163 102.55 -19.22 -33.73
N TYR M 164 101.63 -20.05 -33.26
CA TYR M 164 100.93 -19.80 -32.02
C TYR M 164 100.23 -21.07 -31.58
N TYR M 165 99.79 -21.07 -30.32
CA TYR M 165 99.11 -22.21 -29.72
C TYR M 165 97.68 -21.83 -29.42
N PRO M 166 96.69 -22.54 -29.97
CA PRO M 166 95.29 -22.12 -29.81
C PRO M 166 94.69 -22.45 -28.45
N ASN M 167 95.37 -23.22 -27.61
CA ASN M 167 94.80 -23.64 -26.35
C ASN M 167 95.94 -23.98 -25.39
N PRO M 168 95.78 -23.72 -24.10
CA PRO M 168 96.81 -24.13 -23.15
C PRO M 168 97.03 -25.63 -23.12
N TYR M 169 95.97 -26.41 -23.26
CA TYR M 169 96.10 -27.86 -23.26
C TYR M 169 96.97 -28.33 -24.42
N TYR M 170 96.76 -27.76 -25.61
CA TYR M 170 97.63 -28.07 -26.74
C TYR M 170 99.07 -27.71 -26.42
N ALA M 171 99.28 -26.66 -25.62
CA ALA M 171 100.63 -26.33 -25.19
C ALA M 171 101.12 -27.32 -24.15
N LEU M 172 100.24 -27.73 -23.22
CA LEU M 172 100.61 -28.75 -22.25
C LEU M 172 100.95 -30.07 -22.95
N LEU M 173 100.12 -30.48 -23.90
CA LEU M 173 100.43 -31.68 -24.66
C LEU M 173 101.73 -31.50 -25.45
N ALA M 174 102.01 -30.28 -25.88
CA ALA M 174 103.26 -30.02 -26.59
C ALA M 174 104.45 -30.13 -25.64
N LEU M 175 104.29 -29.66 -24.41
CA LEU M 175 105.39 -29.70 -23.46
C LEU M 175 105.69 -31.14 -23.05
N ASN M 176 104.65 -31.94 -22.83
CA ASN M 176 104.83 -33.34 -22.46
C ASN M 176 105.67 -34.07 -23.49
N TYR M 177 105.57 -33.67 -24.75
CA TYR M 177 106.35 -34.31 -25.79
C TYR M 177 107.78 -33.78 -25.83
N THR M 178 107.94 -32.45 -25.82
CA THR M 178 109.28 -31.89 -25.99
C THR M 178 110.18 -32.20 -24.80
N LEU M 179 109.61 -32.31 -23.60
CA LEU M 179 110.41 -32.66 -22.44
C LEU M 179 110.88 -34.11 -22.52
N SER M 180 110.02 -35.01 -23.02
CA SER M 180 110.37 -36.41 -23.04
C SER M 180 111.26 -36.78 -24.22
N LYS M 181 111.25 -35.97 -25.27
CA LYS M 181 111.96 -36.34 -26.50
C LYS M 181 113.06 -35.37 -26.89
N ILE M 182 112.77 -34.07 -26.93
CA ILE M 182 113.75 -33.11 -27.45
C ILE M 182 114.94 -33.00 -26.50
N ASP M 183 114.70 -32.55 -25.28
CA ASP M 183 115.76 -32.44 -24.28
C ASP M 183 115.68 -33.65 -23.36
N LYS M 184 116.76 -34.44 -23.33
CA LYS M 184 116.78 -35.67 -22.58
C LYS M 184 116.89 -35.40 -21.09
N VAL M 185 115.88 -34.74 -20.52
CA VAL M 185 115.84 -34.46 -19.08
C VAL M 185 115.21 -35.68 -18.42
N SER M 186 116.04 -36.54 -17.84
CA SER M 186 115.53 -37.80 -17.32
C SER M 186 114.44 -37.62 -16.26
N PRO M 187 114.52 -36.68 -15.31
CA PRO M 187 113.35 -36.43 -14.47
C PRO M 187 112.40 -35.43 -15.12
N SER M 188 111.20 -35.87 -15.47
CA SER M 188 110.37 -34.80 -16.02
C SER M 188 109.49 -34.20 -14.93
N PRO M 189 109.27 -32.89 -14.95
CA PRO M 189 108.44 -32.28 -13.90
C PRO M 189 106.97 -32.64 -13.99
N LEU M 190 106.48 -33.05 -15.16
CA LEU M 190 105.09 -33.41 -15.31
C LEU M 190 104.96 -34.59 -16.27
N TYR M 191 103.91 -35.38 -16.07
CA TYR M 191 103.58 -36.50 -16.95
C TYR M 191 102.08 -36.53 -17.15
N ILE M 192 101.65 -36.40 -18.40
CA ILE M 192 100.24 -36.35 -18.76
C ILE M 192 99.89 -37.68 -19.44
N THR M 193 98.85 -38.35 -18.95
CA THR M 193 98.43 -39.61 -19.51
C THR M 193 96.92 -39.75 -19.38
N THR M 194 96.36 -40.62 -20.21
CA THR M 194 94.92 -40.88 -20.22
C THR M 194 94.52 -42.09 -19.39
N THR M 195 95.48 -42.77 -18.78
CA THR M 195 95.18 -43.96 -18.00
C THR M 195 94.44 -43.58 -16.71
N THR M 196 93.51 -44.44 -16.31
CA THR M 196 92.79 -44.24 -15.05
C THR M 196 93.79 -44.07 -13.91
N PRO M 197 93.60 -43.07 -13.04
CA PRO M 197 94.60 -42.82 -11.99
C PRO M 197 94.84 -44.00 -11.07
N SER M 198 93.79 -44.78 -10.77
CA SER M 198 93.96 -45.96 -9.93
C SER M 198 94.95 -46.93 -10.56
N SER M 199 94.75 -47.26 -11.84
CA SER M 199 95.68 -48.15 -12.52
C SER M 199 96.98 -47.43 -12.88
N ALA M 200 96.93 -46.11 -13.04
CA ALA M 200 98.14 -45.37 -13.41
C ALA M 200 99.21 -45.51 -12.33
N THR M 201 98.88 -45.18 -11.08
CA THR M 201 99.85 -45.30 -10.01
C THR M 201 100.26 -46.75 -9.76
N GLN M 202 99.41 -47.72 -10.11
CA GLN M 202 99.77 -49.11 -9.94
C GLN M 202 100.83 -49.57 -10.94
N ILE M 203 101.11 -48.76 -11.96
CA ILE M 203 102.25 -49.03 -12.84
C ILE M 203 103.47 -48.23 -12.40
N TYR M 204 103.26 -47.04 -11.83
CA TYR M 204 104.34 -46.18 -11.38
C TYR M 204 103.98 -45.65 -10.00
N PRO M 205 104.70 -46.04 -8.95
CA PRO M 205 104.25 -45.68 -7.60
C PRO M 205 104.34 -44.19 -7.29
N PHE M 206 105.31 -43.49 -7.88
CA PHE M 206 105.51 -42.09 -7.56
C PHE M 206 104.35 -41.21 -7.99
N LEU M 207 103.44 -41.71 -8.82
CA LEU M 207 102.33 -40.91 -9.33
C LEU M 207 101.17 -40.84 -8.36
N ALA M 208 101.37 -41.10 -7.08
CA ALA M 208 100.30 -41.09 -6.10
C ALA M 208 100.30 -39.84 -5.22
N HIS M 209 101.46 -39.23 -4.99
CA HIS M 209 101.55 -38.06 -4.14
C HIS M 209 101.52 -36.75 -4.91
N ASP M 210 101.74 -36.78 -6.22
CA ASP M 210 101.82 -35.57 -7.01
C ASP M 210 100.46 -34.89 -7.11
N ASN M 211 100.44 -33.74 -7.78
CA ASN M 211 99.21 -33.00 -7.99
C ASN M 211 98.48 -33.53 -9.23
N MET M 212 97.18 -33.28 -9.28
CA MET M 212 96.36 -33.80 -10.36
C MET M 212 95.26 -32.80 -10.71
N PHE M 213 95.26 -32.35 -11.97
CA PHE M 213 94.14 -31.62 -12.54
C PHE M 213 93.78 -32.26 -13.86
N THR M 214 92.50 -32.19 -14.21
CA THR M 214 91.97 -32.90 -15.36
C THR M 214 91.56 -31.93 -16.46
N PHE M 215 91.59 -32.42 -17.69
CA PHE M 215 91.10 -31.68 -18.84
C PHE M 215 90.71 -32.67 -19.92
N THR M 216 89.54 -32.47 -20.52
CA THR M 216 88.99 -33.40 -21.49
C THR M 216 88.97 -32.75 -22.87
N LEU M 217 89.03 -33.59 -23.90
CA LEU M 217 89.02 -33.16 -25.28
C LEU M 217 87.96 -33.94 -26.04
N ASN M 218 87.74 -33.54 -27.30
CA ASN M 218 86.84 -34.24 -28.20
C ASN M 218 87.53 -34.38 -29.55
N ILE M 219 87.75 -35.61 -29.98
CA ILE M 219 88.44 -35.90 -31.23
C ILE M 219 87.75 -37.05 -31.93
N SER M 220 87.33 -36.82 -33.18
CA SER M 220 86.75 -37.85 -34.03
C SER M 220 85.55 -38.51 -33.35
N GLY M 221 84.74 -37.70 -32.68
CA GLY M 221 83.56 -38.19 -32.00
C GLY M 221 83.83 -38.98 -30.74
N THR M 222 85.08 -39.12 -30.34
CA THR M 222 85.45 -39.88 -29.14
C THR M 222 86.05 -38.91 -28.13
N LEU M 223 85.36 -38.71 -27.01
CA LEU M 223 85.83 -37.82 -25.96
C LEU M 223 87.01 -38.48 -25.25
N VAL M 224 88.22 -38.05 -25.57
CA VAL M 224 89.44 -38.61 -25.00
C VAL M 224 89.87 -37.71 -23.84
N THR M 225 89.52 -38.11 -22.62
CA THR M 225 89.92 -37.37 -21.44
C THR M 225 91.41 -37.53 -21.20
N TYR M 226 91.96 -36.63 -20.39
CA TYR M 226 93.37 -36.66 -20.05
C TYR M 226 93.53 -36.32 -18.57
N TYR M 227 94.69 -36.69 -18.04
CA TYR M 227 95.01 -36.45 -16.63
C TYR M 227 96.45 -35.94 -16.54
N ALA M 228 96.65 -34.94 -15.69
CA ALA M 228 97.95 -34.32 -15.53
C ALA M 228 98.50 -34.56 -14.13
N PHE M 229 99.83 -34.68 -14.06
CA PHE M 229 100.54 -34.91 -12.80
C PHE M 229 101.70 -33.93 -12.71
N VAL M 230 101.83 -33.27 -11.55
CA VAL M 230 102.90 -32.33 -11.32
C VAL M 230 103.58 -32.66 -10.00
N ASN M 231 104.90 -32.82 -10.04
CA ASN M 231 105.67 -33.14 -8.84
C ASN M 231 106.25 -31.91 -8.14
N GLN M 232 106.55 -30.86 -8.88
CA GLN M 232 107.13 -29.64 -8.32
C GLN M 232 106.58 -28.45 -9.09
N THR M 233 106.27 -27.39 -8.36
CA THR M 233 105.71 -26.20 -8.99
C THR M 233 106.71 -25.58 -9.96
N PHE M 234 106.20 -25.13 -11.10
CA PHE M 234 107.01 -24.47 -12.11
C PHE M 234 106.08 -23.73 -13.07
N ALA M 235 106.64 -23.16 -14.12
CA ALA M 235 105.86 -22.39 -15.08
C ALA M 235 106.52 -22.48 -16.45
N PHE M 236 105.75 -22.14 -17.48
CA PHE M 236 106.25 -22.21 -18.85
C PHE M 236 105.51 -21.19 -19.70
N THR M 237 106.12 -20.88 -20.85
CA THR M 237 105.67 -19.81 -21.73
C THR M 237 105.56 -20.33 -23.15
N TYR M 238 104.39 -20.15 -23.76
CA TYR M 238 104.14 -20.58 -25.13
C TYR M 238 103.55 -19.44 -25.93
N PRO M 239 103.88 -19.36 -27.22
CA PRO M 239 103.40 -18.22 -28.02
C PRO M 239 101.89 -18.27 -28.20
N VAL M 240 101.27 -17.09 -28.20
CA VAL M 240 99.83 -16.97 -28.30
C VAL M 240 99.43 -16.24 -29.58
N ALA M 241 100.11 -15.16 -29.93
CA ALA M 241 99.75 -14.40 -31.12
C ALA M 241 100.92 -13.52 -31.55
N GLY M 242 101.21 -13.53 -32.84
CA GLY M 242 102.18 -12.61 -33.41
C GLY M 242 103.62 -12.90 -33.04
N ASP M 243 104.07 -14.12 -33.30
CA ASP M 243 105.47 -14.50 -33.07
C ASP M 243 106.11 -14.87 -34.41
N PRO M 244 106.71 -13.94 -35.13
CA PRO M 244 107.31 -14.29 -36.42
C PRO M 244 108.63 -15.01 -36.29
N LEU M 245 109.45 -14.64 -35.32
CA LEU M 245 110.78 -15.22 -35.15
C LEU M 245 110.73 -16.35 -34.13
N ILE M 246 110.07 -17.44 -34.53
CA ILE M 246 110.03 -18.62 -33.69
C ILE M 246 111.42 -19.27 -33.67
N GLY M 247 111.82 -19.72 -32.49
CA GLY M 247 113.10 -20.36 -32.31
C GLY M 247 114.20 -19.48 -31.75
N SER M 248 113.84 -18.43 -31.01
CA SER M 248 114.85 -17.56 -30.42
C SER M 248 114.55 -17.16 -28.98
N ALA M 249 113.42 -17.57 -28.42
CA ALA M 249 113.04 -17.22 -27.05
C ALA M 249 113.05 -15.71 -26.84
N ILE M 250 112.67 -14.97 -27.88
CA ILE M 250 112.62 -13.52 -27.84
C ILE M 250 111.24 -13.09 -28.30
N ALA M 251 110.51 -12.40 -27.43
CA ALA M 251 109.17 -11.93 -27.76
C ALA M 251 109.27 -10.56 -28.41
N PRO M 252 108.92 -10.41 -29.68
CA PRO M 252 109.01 -9.11 -30.33
C PRO M 252 107.90 -8.19 -29.85
N ALA M 253 107.97 -6.94 -30.31
CA ALA M 253 106.91 -5.99 -30.02
C ALA M 253 105.64 -6.41 -30.74
N GLY M 254 104.50 -6.13 -30.10
CA GLY M 254 103.23 -6.58 -30.66
C GLY M 254 103.11 -8.08 -30.70
N SER M 255 103.55 -8.75 -29.64
CA SER M 255 103.46 -10.20 -29.53
C SER M 255 102.83 -10.56 -28.19
N VAL M 256 102.26 -11.75 -28.13
CA VAL M 256 101.58 -12.23 -26.93
C VAL M 256 102.23 -13.54 -26.52
N ILE M 257 102.61 -13.63 -25.25
CA ILE M 257 103.19 -14.83 -24.67
C ILE M 257 102.32 -15.27 -23.51
N GLY M 258 102.11 -16.58 -23.39
CA GLY M 258 101.25 -17.10 -22.35
C GLY M 258 102.00 -17.75 -21.21
N VAL M 259 101.99 -17.10 -20.04
CA VAL M 259 102.62 -17.62 -18.84
C VAL M 259 101.61 -18.48 -18.09
N MET M 260 102.02 -19.68 -17.70
CA MET M 260 101.15 -20.60 -16.99
C MET M 260 101.92 -21.20 -15.82
N ILE M 261 101.53 -20.86 -14.60
CA ILE M 261 102.19 -21.33 -13.41
C ILE M 261 101.53 -22.63 -12.97
N LEU M 262 102.25 -23.74 -13.11
CA LEU M 262 101.70 -25.06 -12.79
C LEU M 262 101.97 -25.36 -11.31
N PHE M 263 100.91 -25.33 -10.50
CA PHE M 263 101.04 -25.60 -9.09
C PHE M 263 101.44 -27.05 -8.85
N GLY M 264 101.82 -27.35 -7.62
CA GLY M 264 102.28 -28.67 -7.25
C GLY M 264 101.71 -29.16 -5.94
N PRO M 265 102.31 -30.21 -5.39
CA PRO M 265 101.81 -30.75 -4.11
C PRO M 265 101.98 -29.79 -2.97
N ASP M 266 102.94 -28.87 -3.05
CA ASP M 266 103.12 -27.88 -2.01
C ASP M 266 101.94 -26.91 -1.98
N LEU M 267 101.62 -26.31 -3.13
CA LEU M 267 100.56 -25.30 -3.17
C LEU M 267 99.18 -25.94 -3.18
N GLY M 268 98.99 -26.97 -4.00
CA GLY M 268 97.69 -27.62 -4.14
C GLY M 268 97.08 -28.04 -2.82
N SER M 269 97.93 -28.32 -1.84
CA SER M 269 97.45 -28.60 -0.49
C SER M 269 96.75 -27.39 0.11
N HIS M 270 97.06 -26.20 -0.38
CA HIS M 270 96.44 -24.97 0.10
C HIS M 270 95.54 -24.38 -0.98
N VAL M 271 94.76 -23.37 -0.58
CA VAL M 271 94.00 -22.56 -1.51
C VAL M 271 93.93 -21.15 -0.94
N PHE M 272 94.25 -20.16 -1.76
CA PHE M 272 94.32 -18.79 -1.28
C PHE M 272 92.94 -18.21 -1.10
N GLN M 273 92.73 -17.57 0.05
CA GLN M 273 91.40 -17.10 0.42
C GLN M 273 91.57 -15.93 1.38
N TYR M 274 91.08 -14.76 0.98
CA TYR M 274 91.21 -13.53 1.77
C TYR M 274 92.68 -13.21 2.05
N GLN M 275 93.41 -12.95 0.96
CA GLN M 275 94.83 -12.60 1.07
C GLN M 275 95.28 -11.99 -0.25
N THR M 276 96.59 -11.80 -0.38
CA THR M 276 97.20 -11.18 -1.55
C THR M 276 98.14 -12.17 -2.24
N ILE M 277 98.17 -12.10 -3.57
CA ILE M 277 99.05 -12.93 -4.40
C ILE M 277 100.01 -12.01 -5.14
N THR M 278 101.27 -12.40 -5.19
CA THR M 278 102.30 -11.58 -5.83
C THR M 278 103.13 -12.45 -6.76
N ILE M 279 103.15 -12.09 -8.03
CA ILE M 279 104.01 -12.73 -9.02
C ILE M 279 104.90 -11.65 -9.63
N GLN M 280 106.10 -12.05 -10.04
CA GLN M 280 107.07 -11.08 -10.54
C GLN M 280 107.96 -11.74 -11.57
N ILE M 281 107.98 -11.19 -12.78
CA ILE M 281 108.81 -11.69 -13.88
C ILE M 281 109.97 -10.73 -14.08
N THR M 282 111.19 -11.21 -13.87
CA THR M 282 112.38 -10.37 -13.89
C THR M 282 113.30 -10.80 -15.02
N PRO M 283 113.17 -10.23 -16.21
CA PRO M 283 114.15 -10.50 -17.26
C PRO M 283 115.45 -9.75 -17.00
N ASN M 284 116.50 -10.16 -17.72
CA ASN M 284 117.83 -9.61 -17.45
C ASN M 284 117.90 -8.12 -17.79
N ILE M 285 117.13 -7.68 -18.77
CA ILE M 285 117.16 -6.29 -19.21
C ILE M 285 115.82 -5.66 -18.90
N GLY M 286 115.85 -4.37 -18.56
CA GLY M 286 114.64 -3.63 -18.25
C GLY M 286 114.07 -3.97 -16.89
N SER M 287 113.13 -3.15 -16.42
CA SER M 287 112.57 -3.35 -15.09
C SER M 287 111.58 -4.51 -15.10
N PRO M 288 111.46 -5.23 -14.00
CA PRO M 288 110.62 -6.42 -13.96
C PRO M 288 109.15 -6.06 -13.79
N LEU M 289 108.30 -6.96 -14.29
CA LEU M 289 106.86 -6.88 -14.08
C LEU M 289 106.51 -7.50 -12.74
N THR M 290 105.50 -6.94 -12.08
CA THR M 290 105.11 -7.37 -10.75
C THR M 290 103.60 -7.33 -10.60
N ILE M 291 102.98 -8.51 -10.74
CA ILE M 291 101.53 -8.63 -10.60
C ILE M 291 101.20 -8.85 -9.13
N SER M 292 100.36 -7.98 -8.57
CA SER M 292 99.95 -8.08 -7.18
C SER M 292 98.42 -8.16 -7.15
N GLU M 293 97.90 -9.38 -7.08
CA GLU M 293 96.46 -9.62 -7.14
C GLU M 293 95.93 -9.97 -5.75
N TYR M 294 94.71 -9.53 -5.48
CA TYR M 294 94.01 -9.90 -4.25
C TYR M 294 92.94 -10.92 -4.61
N VAL M 295 93.09 -12.14 -4.13
CA VAL M 295 92.15 -13.22 -4.37
C VAL M 295 91.18 -13.27 -3.20
N TYR M 296 89.91 -12.98 -3.48
CA TYR M 296 88.92 -12.94 -2.42
C TYR M 296 88.37 -14.33 -2.12
N GLN M 297 87.69 -14.91 -3.10
CA GLN M 297 87.07 -16.22 -2.98
C GLN M 297 86.96 -16.83 -4.37
N PRO M 298 87.62 -17.95 -4.63
CA PRO M 298 87.60 -18.51 -5.97
C PRO M 298 86.23 -19.08 -6.33
N GLU M 299 85.82 -18.86 -7.57
CA GLU M 299 84.56 -19.40 -8.06
C GLU M 299 84.69 -19.69 -9.54
N GLY M 300 83.82 -20.57 -10.03
CA GLY M 300 83.79 -20.96 -11.42
C GLY M 300 84.90 -21.89 -11.85
N SER M 301 85.88 -22.15 -10.99
CA SER M 301 87.03 -23.02 -11.26
C SER M 301 87.98 -22.39 -12.26
N VAL M 302 87.57 -21.30 -12.89
CA VAL M 302 88.43 -20.39 -13.63
C VAL M 302 87.95 -18.96 -13.35
N SER M 303 88.63 -18.28 -12.44
CA SER M 303 88.21 -16.96 -12.00
C SER M 303 89.12 -15.90 -12.59
N VAL M 304 88.55 -14.73 -12.88
CA VAL M 304 89.31 -13.61 -13.43
C VAL M 304 89.82 -12.82 -12.24
N ILE M 305 90.93 -13.31 -11.68
CA ILE M 305 91.54 -12.70 -10.51
C ILE M 305 92.88 -13.38 -10.25
N LEU N 19 73.15 8.48 -12.12
CA LEU N 19 72.01 9.40 -12.23
C LEU N 19 70.73 8.73 -11.76
N ALA N 20 69.62 9.48 -11.80
CA ALA N 20 68.31 8.93 -11.54
C ALA N 20 67.48 8.74 -12.80
N GLY N 21 67.92 9.30 -13.94
CA GLY N 21 67.18 9.15 -15.17
C GLY N 21 67.05 7.70 -15.58
N LEU N 22 68.11 6.92 -15.40
CA LEU N 22 68.03 5.48 -15.63
C LEU N 22 67.41 4.77 -14.43
N ASP N 23 67.42 5.39 -13.26
CA ASP N 23 66.73 4.82 -12.11
C ASP N 23 65.23 5.05 -12.20
N THR N 24 64.82 6.28 -12.54
CA THR N 24 63.40 6.58 -12.63
C THR N 24 62.73 5.79 -13.74
N ALA N 25 63.43 5.59 -14.85
CA ALA N 25 62.86 4.83 -15.95
C ALA N 25 62.58 3.39 -15.56
N ILE N 26 63.40 2.84 -14.65
CA ILE N 26 63.19 1.46 -14.23
C ILE N 26 62.04 1.38 -13.23
N ILE N 27 61.96 2.33 -12.30
CA ILE N 27 60.83 2.35 -11.37
C ILE N 27 59.53 2.62 -12.12
N LEU N 28 59.62 3.36 -13.23
CA LEU N 28 58.43 3.64 -14.03
C LEU N 28 57.81 2.36 -14.57
N ILE N 29 58.61 1.54 -15.26
CA ILE N 29 58.08 0.31 -15.85
C ILE N 29 57.50 -0.60 -14.78
N ALA N 30 58.17 -0.68 -13.63
CA ALA N 30 57.69 -1.52 -12.55
C ALA N 30 56.33 -1.06 -12.06
N PHE N 31 56.21 0.23 -11.73
CA PHE N 31 54.95 0.75 -11.20
C PHE N 31 53.84 0.68 -12.24
N ILE N 32 54.18 0.73 -13.53
CA ILE N 32 53.15 0.66 -14.56
C ILE N 32 52.57 -0.75 -14.63
N ILE N 33 53.40 -1.76 -14.40
CA ILE N 33 52.90 -3.13 -14.46
C ILE N 33 51.97 -3.42 -13.29
N THR N 34 52.33 -2.95 -12.09
CA THR N 34 51.47 -3.18 -10.93
C THR N 34 50.14 -2.46 -11.10
N ALA N 35 50.11 -1.40 -11.89
CA ALA N 35 48.84 -0.76 -12.20
C ALA N 35 48.02 -1.60 -13.17
N SER N 36 48.69 -2.27 -14.11
CA SER N 36 47.99 -3.15 -15.02
C SER N 36 47.39 -4.34 -14.30
N VAL N 37 48.15 -4.95 -13.39
CA VAL N 37 47.64 -6.09 -12.63
C VAL N 37 46.46 -5.67 -11.77
N LEU N 38 46.54 -4.48 -11.18
CA LEU N 38 45.44 -3.99 -10.35
C LEU N 38 44.17 -3.83 -11.18
N ALA N 39 44.30 -3.32 -12.40
CA ALA N 39 43.14 -3.17 -13.27
C ALA N 39 42.62 -4.53 -13.73
N TYR N 40 43.54 -5.46 -14.01
CA TYR N 40 43.15 -6.79 -14.47
C TYR N 40 42.23 -7.47 -13.45
N VAL N 41 42.57 -7.34 -12.16
CA VAL N 41 41.76 -7.98 -11.14
C VAL N 41 40.50 -7.17 -10.85
N ALA N 42 40.63 -5.84 -10.80
CA ALA N 42 39.50 -5.00 -10.45
C ALA N 42 38.39 -5.08 -11.51
N ILE N 43 38.76 -5.15 -12.79
CA ILE N 43 37.75 -5.27 -13.82
C ILE N 43 37.09 -6.65 -13.76
N ASN N 44 37.90 -7.70 -13.56
CA ASN N 44 37.35 -9.05 -13.49
C ASN N 44 36.34 -9.17 -12.37
N MET N 45 36.69 -8.70 -11.17
CA MET N 45 35.75 -8.74 -10.06
C MET N 45 34.55 -7.84 -10.33
N GLY N 46 34.73 -6.82 -11.16
CA GLY N 46 33.61 -5.96 -11.51
C GLY N 46 32.56 -6.70 -12.33
N LEU N 47 33.00 -7.45 -13.33
CA LEU N 47 32.06 -8.19 -14.16
C LEU N 47 31.49 -9.38 -13.43
N PHE N 48 32.23 -9.92 -12.46
CA PHE N 48 31.76 -11.12 -11.78
C PHE N 48 30.59 -10.81 -10.84
N VAL N 49 30.78 -9.86 -9.93
CA VAL N 49 29.72 -9.54 -8.98
C VAL N 49 28.52 -8.94 -9.70
N THR N 50 28.75 -8.35 -10.87
CA THR N 50 27.64 -7.77 -11.63
C THR N 50 26.80 -8.86 -12.28
N GLN N 51 27.44 -9.76 -13.02
CA GLN N 51 26.71 -10.85 -13.65
C GLN N 51 26.03 -11.74 -12.63
N LYS N 52 26.71 -12.02 -11.51
CA LYS N 52 26.11 -12.84 -10.47
C LYS N 52 24.86 -12.17 -9.91
N ALA N 53 24.91 -10.85 -9.72
CA ALA N 53 23.73 -10.15 -9.22
C ALA N 53 22.61 -10.18 -10.23
N LYS N 54 22.93 -10.14 -11.52
CA LYS N 54 21.90 -10.18 -12.55
C LYS N 54 21.11 -11.48 -12.47
N SER N 55 21.81 -12.60 -12.24
CA SER N 55 21.14 -13.89 -12.17
C SER N 55 20.22 -13.96 -10.95
N THR N 56 20.61 -13.31 -9.86
CA THR N 56 19.77 -13.39 -8.66
C THR N 56 18.59 -12.44 -8.74
N ILE N 57 18.77 -11.26 -9.32
CA ILE N 57 17.65 -10.36 -9.54
C ILE N 57 16.62 -11.01 -10.47
N ASN N 58 17.10 -11.64 -11.55
CA ASN N 58 16.22 -12.40 -12.42
C ASN N 58 15.59 -13.58 -11.70
N LYS N 59 16.17 -14.01 -10.59
CA LYS N 59 15.63 -15.13 -9.82
C LYS N 59 14.68 -14.66 -8.73
N GLY N 60 14.98 -13.53 -8.09
CA GLY N 60 14.10 -13.03 -7.06
C GLY N 60 12.74 -12.63 -7.59
N GLU N 61 12.66 -12.31 -8.87
CA GLU N 61 11.37 -11.94 -9.45
C GLU N 61 10.53 -13.17 -9.74
N GLU N 62 11.17 -14.34 -9.88
CA GLU N 62 10.42 -15.57 -10.08
C GLU N 62 9.83 -16.06 -8.77
N THR N 63 10.55 -15.87 -7.67
CA THR N 63 10.01 -16.23 -6.36
C THR N 63 8.81 -15.37 -6.01
N ALA N 64 8.82 -14.11 -6.45
CA ALA N 64 7.73 -13.18 -6.18
C ALA N 64 6.63 -13.23 -7.23
N SER N 65 6.71 -14.15 -8.18
CA SER N 65 5.69 -14.23 -9.22
C SER N 65 4.86 -15.49 -9.14
N THR N 66 5.49 -16.64 -8.93
CA THR N 66 4.77 -17.90 -8.93
C THR N 66 4.03 -18.09 -7.61
N ALA N 67 2.88 -18.76 -7.70
CA ALA N 67 2.02 -19.04 -6.55
C ALA N 67 0.92 -19.98 -6.99
N LEU N 68 0.28 -20.61 -6.01
CA LEU N 68 -0.80 -21.56 -6.26
C LEU N 68 -2.10 -21.04 -5.67
N THR N 69 -3.21 -21.45 -6.28
CA THR N 69 -4.53 -21.06 -5.83
C THR N 69 -5.41 -22.30 -5.71
N LEU N 70 -6.39 -22.24 -4.80
CA LEU N 70 -7.28 -23.36 -4.55
C LEU N 70 -8.47 -23.23 -5.48
N SER N 71 -8.32 -23.76 -6.68
CA SER N 71 -9.41 -23.78 -7.66
C SER N 71 -10.27 -25.01 -7.40
N GLY N 72 -11.53 -24.78 -7.06
CA GLY N 72 -12.46 -25.85 -6.76
C GLY N 72 -12.60 -26.10 -5.27
N SER N 73 -13.53 -26.99 -4.95
CA SER N 73 -13.83 -27.31 -3.56
C SER N 73 -12.90 -28.40 -3.04
N VAL N 74 -13.01 -28.68 -1.75
CA VAL N 74 -12.18 -29.68 -1.08
C VAL N 74 -13.12 -30.74 -0.49
N LEU N 75 -13.26 -31.85 -1.19
CA LEU N 75 -14.19 -32.88 -0.78
C LEU N 75 -13.64 -33.66 0.40
N TYR N 76 -14.45 -34.59 0.92
CA TYR N 76 -14.08 -35.37 2.09
C TYR N 76 -14.93 -36.63 2.09
N ALA N 77 -14.28 -37.80 2.05
CA ALA N 77 -14.97 -39.07 1.99
C ALA N 77 -15.10 -39.66 3.38
N VAL N 78 -16.25 -40.29 3.64
CA VAL N 78 -16.57 -40.82 4.97
C VAL N 78 -17.73 -41.79 4.84
N ASN N 79 -17.80 -42.77 5.73
CA ASN N 79 -18.95 -43.67 5.77
C ASN N 79 -20.14 -42.91 6.32
N TYR N 80 -21.02 -42.45 5.43
CA TYR N 80 -22.10 -41.54 5.82
C TYR N 80 -23.09 -42.16 6.80
N PRO N 81 -23.62 -43.37 6.59
CA PRO N 81 -24.60 -43.89 7.57
C PRO N 81 -24.08 -43.94 8.99
N SER N 82 -22.88 -44.50 9.20
CA SER N 82 -22.25 -44.56 10.52
C SER N 82 -20.90 -43.87 10.41
N ASN N 83 -20.83 -42.61 10.84
CA ASN N 83 -19.62 -41.83 10.67
C ASN N 83 -18.52 -42.29 11.62
N THR N 84 -17.79 -43.32 11.22
CA THR N 84 -16.72 -43.88 12.04
C THR N 84 -15.37 -43.97 11.35
N ARG N 85 -15.32 -43.97 10.02
CA ARG N 85 -14.08 -44.13 9.28
C ARG N 85 -13.85 -42.93 8.37
N SER N 86 -12.66 -42.87 7.78
CA SER N 86 -12.29 -41.85 6.83
C SER N 86 -11.60 -42.51 5.65
N TYR N 87 -11.87 -42.00 4.44
CA TYR N 87 -11.40 -42.64 3.22
C TYR N 87 -10.37 -41.79 2.48
N TRP N 88 -10.71 -40.55 2.12
CA TRP N 88 -9.78 -39.71 1.37
C TRP N 88 -10.29 -38.28 1.37
N ILE N 89 -9.44 -37.38 0.89
CA ILE N 89 -9.77 -35.97 0.68
C ILE N 89 -9.23 -35.57 -0.69
N TYR N 90 -10.04 -34.83 -1.45
CA TYR N 90 -9.71 -34.49 -2.81
C TYR N 90 -9.99 -33.01 -3.06
N PHE N 91 -9.09 -32.36 -3.78
CA PHE N 91 -9.29 -30.98 -4.23
C PHE N 91 -8.35 -30.72 -5.39
N THR N 92 -8.65 -29.66 -6.13
CA THR N 92 -7.86 -29.27 -7.30
C THR N 92 -7.09 -27.99 -7.01
N VAL N 93 -5.96 -27.83 -7.70
CA VAL N 93 -5.05 -26.72 -7.48
C VAL N 93 -4.46 -26.31 -8.82
N SER N 94 -4.47 -25.02 -9.09
CA SER N 94 -3.91 -24.44 -10.31
C SER N 94 -2.99 -23.30 -9.92
N PRO N 95 -2.10 -22.87 -10.83
CA PRO N 95 -1.29 -21.68 -10.56
C PRO N 95 -2.17 -20.48 -10.22
N SER N 96 -1.58 -19.52 -9.49
CA SER N 96 -2.35 -18.39 -8.95
C SER N 96 -3.20 -17.76 -10.02
N SER N 97 -2.56 -17.25 -11.07
CA SER N 97 -3.25 -16.84 -12.29
C SER N 97 -2.29 -17.11 -13.45
N GLY N 98 -2.62 -16.60 -14.62
CA GLY N 98 -1.77 -16.84 -15.75
C GLY N 98 -0.50 -16.01 -15.70
N VAL N 99 0.36 -16.30 -14.72
CA VAL N 99 1.59 -15.55 -14.52
C VAL N 99 2.82 -16.41 -14.78
N SER N 100 2.78 -17.69 -14.42
CA SER N 100 3.97 -18.52 -14.49
C SER N 100 3.55 -19.98 -14.39
N SER N 101 4.54 -20.87 -14.31
CA SER N 101 4.31 -22.30 -14.22
C SER N 101 5.11 -22.85 -13.04
N VAL N 102 4.42 -23.38 -12.05
CA VAL N 102 5.08 -23.90 -10.86
C VAL N 102 5.44 -25.36 -11.07
N GLU N 103 6.37 -25.85 -10.27
CA GLU N 103 6.82 -27.24 -10.33
C GLU N 103 6.30 -27.97 -9.10
N LEU N 104 5.65 -29.12 -9.34
CA LEU N 104 5.02 -29.89 -8.27
C LEU N 104 5.62 -31.30 -8.16
N SER N 105 6.85 -31.49 -8.61
CA SER N 105 7.46 -32.80 -8.52
C SER N 105 7.61 -33.21 -7.06
N PRO N 106 7.33 -34.46 -6.71
CA PRO N 106 7.38 -34.85 -5.30
C PRO N 106 8.77 -34.81 -4.71
N SER N 107 9.81 -34.85 -5.54
CA SER N 107 11.17 -34.81 -5.00
C SER N 107 11.53 -33.45 -4.44
N THR N 108 10.78 -32.40 -4.79
CA THR N 108 11.09 -31.05 -4.37
C THR N 108 10.02 -30.40 -3.52
N THR N 109 8.79 -30.88 -3.55
CA THR N 109 7.69 -30.24 -2.84
C THR N 109 7.28 -31.08 -1.64
N ALA N 110 6.43 -30.49 -0.79
CA ALA N 110 6.02 -31.12 0.45
C ALA N 110 4.58 -30.74 0.76
N ILE N 111 3.79 -31.74 1.17
CA ILE N 111 2.40 -31.52 1.56
C ILE N 111 2.24 -32.01 2.99
N SER N 112 2.01 -31.08 3.90
CA SER N 112 1.86 -31.41 5.31
C SER N 112 0.39 -31.64 5.64
N PHE N 113 0.12 -31.92 6.91
CA PHE N 113 -1.24 -32.16 7.38
C PHE N 113 -1.23 -32.13 8.90
N THR N 114 -2.27 -31.55 9.48
CA THR N 114 -2.39 -31.50 10.93
C THR N 114 -3.82 -31.18 11.31
N ALA N 115 -4.28 -31.79 12.40
CA ALA N 115 -5.59 -31.52 12.99
C ALA N 115 -5.38 -31.20 14.45
N SER N 116 -5.64 -29.94 14.83
CA SER N 116 -5.29 -29.47 16.16
C SER N 116 -5.97 -30.23 17.28
N ALA N 117 -7.16 -30.80 17.02
CA ALA N 117 -7.87 -31.52 18.07
C ALA N 117 -7.16 -32.82 18.42
N GLU N 118 -7.01 -33.71 17.43
CA GLU N 118 -6.35 -34.98 17.67
C GLU N 118 -4.85 -34.85 17.86
N GLY N 119 -4.30 -33.65 17.71
CA GLY N 119 -2.87 -33.46 17.85
C GLY N 119 -2.04 -34.12 16.77
N ILE N 120 -2.65 -34.75 15.78
CA ILE N 120 -1.90 -35.41 14.73
C ILE N 120 -1.21 -34.37 13.86
N SER N 121 0.02 -34.68 13.44
CA SER N 121 0.77 -33.80 12.56
C SER N 121 1.57 -34.65 11.60
N TYR N 122 1.77 -34.11 10.39
CA TYR N 122 2.52 -34.81 9.36
C TYR N 122 3.42 -33.81 8.65
N SER N 123 4.20 -34.31 7.70
CA SER N 123 5.11 -33.45 6.93
C SER N 123 5.52 -34.20 5.68
N ASN N 124 5.25 -33.62 4.51
CA ASN N 124 5.64 -34.18 3.23
C ASN N 124 5.06 -35.58 3.04
N ILE N 125 3.74 -35.65 2.97
CA ILE N 125 3.05 -36.89 2.67
C ILE N 125 2.92 -37.04 1.16
N TYR N 126 3.47 -36.08 0.43
CA TYR N 126 3.42 -36.08 -1.03
C TYR N 126 4.54 -36.98 -1.55
N GLU N 127 4.16 -38.10 -2.17
CA GLU N 127 5.15 -39.10 -2.57
C GLU N 127 5.17 -39.35 -4.07
N TYR N 128 4.01 -39.52 -4.69
CA TYR N 128 3.96 -39.90 -6.10
C TYR N 128 3.19 -38.87 -6.90
N THR N 129 3.24 -39.01 -8.22
CA THR N 129 2.54 -38.12 -9.13
C THR N 129 2.26 -38.86 -10.44
N LEU N 130 1.29 -38.36 -11.18
CA LEU N 130 0.90 -38.95 -12.46
C LEU N 130 1.16 -38.04 -13.64
N LEU N 131 1.76 -36.86 -13.42
CA LEU N 131 2.06 -35.97 -14.53
C LEU N 131 3.20 -36.50 -15.38
N THR N 132 4.04 -37.37 -14.83
CA THR N 132 5.21 -37.84 -15.56
C THR N 132 4.88 -38.98 -16.51
N VAL N 133 3.88 -39.81 -16.18
CA VAL N 133 3.57 -40.95 -17.03
C VAL N 133 3.01 -40.49 -18.37
N SER N 134 3.10 -41.36 -19.35
CA SER N 134 2.66 -41.10 -20.71
C SER N 134 1.37 -41.84 -21.02
N PRO N 135 0.51 -41.27 -21.87
CA PRO N 135 -0.74 -41.96 -22.21
C PRO N 135 -0.52 -43.25 -22.99
N SER N 136 0.67 -43.46 -23.55
CA SER N 136 0.91 -44.69 -24.31
C SER N 136 0.92 -45.91 -23.40
N GLU N 137 1.52 -45.80 -22.23
CA GLU N 137 1.63 -46.94 -21.33
C GLU N 137 0.28 -47.31 -20.74
N LEU N 138 -0.42 -46.33 -20.16
CA LEU N 138 -1.66 -46.63 -19.44
C LEU N 138 -2.72 -47.18 -20.37
N ALA N 139 -2.77 -46.68 -21.61
CA ALA N 139 -3.80 -47.13 -22.55
C ALA N 139 -3.49 -48.50 -23.13
N ASN N 140 -2.46 -49.19 -22.66
CA ASN N 140 -2.10 -50.48 -23.24
C ASN N 140 -2.95 -51.61 -22.69
N GLN N 141 -2.86 -51.88 -21.39
CA GLN N 141 -3.53 -53.03 -20.80
C GLN N 141 -4.14 -52.68 -19.46
N VAL N 142 -5.48 -52.66 -19.42
CA VAL N 142 -6.27 -52.77 -18.19
C VAL N 142 -7.70 -53.04 -18.62
N TYR N 143 -8.37 -53.98 -17.94
CA TYR N 143 -9.76 -54.28 -18.29
C TYR N 143 -10.36 -55.20 -17.25
N ALA N 144 -11.64 -54.98 -16.96
CA ALA N 144 -12.40 -55.84 -16.08
C ALA N 144 -13.44 -56.66 -16.82
N ASN N 145 -13.54 -56.52 -18.14
CA ASN N 145 -14.47 -57.31 -18.93
C ASN N 145 -13.83 -57.51 -20.31
N GLY N 146 -14.65 -57.92 -21.28
CA GLY N 146 -14.16 -58.31 -22.58
C GLY N 146 -13.49 -57.21 -23.39
N GLN N 147 -13.52 -55.98 -22.91
CA GLN N 147 -12.94 -54.86 -23.66
C GLN N 147 -12.06 -54.01 -22.75
N TYR N 148 -10.92 -53.60 -23.29
CA TYR N 148 -10.02 -52.72 -22.56
C TYR N 148 -10.66 -51.34 -22.37
N LEU N 149 -10.33 -50.69 -21.27
CA LEU N 149 -10.79 -49.34 -21.01
C LEU N 149 -9.61 -48.39 -20.94
N ASP N 150 -9.82 -47.17 -21.41
CA ASP N 150 -8.79 -46.14 -21.43
C ASP N 150 -8.95 -45.24 -20.22
N LEU N 151 -7.88 -45.12 -19.43
CA LEU N 151 -7.91 -44.35 -18.21
C LEU N 151 -7.64 -42.87 -18.44
N VAL N 152 -7.05 -42.50 -19.57
CA VAL N 152 -6.75 -41.11 -19.89
C VAL N 152 -7.47 -40.75 -21.18
N ASN N 153 -7.98 -39.53 -21.24
CA ASN N 153 -8.54 -38.99 -22.47
C ASN N 153 -7.64 -37.86 -22.97
N GLN N 154 -7.45 -37.79 -24.27
CA GLN N 154 -6.52 -36.82 -24.84
C GLN N 154 -7.17 -36.08 -26.00
N GLN N 155 -6.77 -34.83 -26.17
CA GLN N 155 -7.26 -33.98 -27.25
C GLN N 155 -6.08 -33.27 -27.88
N THR N 156 -6.28 -32.84 -29.13
CA THR N 156 -5.24 -32.15 -29.89
C THR N 156 -5.82 -30.91 -30.55
N ASN N 157 -5.17 -29.77 -30.32
CA ASN N 157 -5.56 -28.54 -30.96
C ASN N 157 -4.37 -27.59 -31.01
N ALA N 158 -4.29 -26.81 -32.08
CA ALA N 158 -3.22 -25.84 -32.31
C ALA N 158 -1.84 -26.48 -32.35
N GLY N 159 -1.76 -27.75 -32.75
CA GLY N 159 -0.50 -28.44 -32.91
C GLY N 159 0.02 -29.15 -31.68
N GLN N 160 -0.63 -28.99 -30.54
CA GLN N 160 -0.22 -29.65 -29.31
C GLN N 160 -1.20 -30.78 -28.99
N THR N 161 -0.94 -31.45 -27.87
CA THR N 161 -1.83 -32.49 -27.38
C THR N 161 -2.01 -32.31 -25.87
N TYR N 162 -3.24 -32.53 -25.42
CA TYR N 162 -3.59 -32.33 -24.01
C TYR N 162 -4.10 -33.65 -23.43
N VAL N 163 -3.78 -33.89 -22.16
CA VAL N 163 -4.26 -35.07 -21.46
C VAL N 163 -4.96 -34.64 -20.19
N TYR N 164 -5.86 -35.49 -19.72
CA TYR N 164 -6.65 -35.21 -18.53
C TYR N 164 -7.33 -36.49 -18.08
N TYR N 165 -7.46 -36.64 -16.76
CA TYR N 165 -8.08 -37.82 -16.19
C TYR N 165 -9.53 -37.52 -15.85
N PRO N 166 -10.50 -38.13 -16.52
CA PRO N 166 -11.90 -37.74 -16.32
C PRO N 166 -12.47 -38.15 -14.98
N ASN N 167 -11.75 -38.92 -14.18
CA ASN N 167 -12.35 -39.46 -12.97
C ASN N 167 -11.27 -39.81 -11.94
N PRO N 168 -11.49 -39.49 -10.66
CA PRO N 168 -10.51 -39.88 -9.64
C PRO N 168 -10.32 -41.39 -9.54
N TYR N 169 -11.37 -42.16 -9.80
CA TYR N 169 -11.24 -43.61 -9.81
C TYR N 169 -10.39 -44.07 -10.98
N TYR N 170 -10.58 -43.47 -12.15
CA TYR N 170 -9.70 -43.74 -13.27
C TYR N 170 -8.26 -43.35 -12.94
N ALA N 171 -8.08 -42.23 -12.24
CA ALA N 171 -6.75 -41.83 -11.83
C ALA N 171 -6.15 -42.82 -10.84
N LEU N 172 -6.98 -43.38 -9.97
CA LEU N 172 -6.50 -44.39 -9.03
C LEU N 172 -6.02 -45.63 -9.76
N LEU N 173 -6.89 -46.22 -10.58
CA LEU N 173 -6.50 -47.40 -11.35
C LEU N 173 -5.32 -47.09 -12.25
N ALA N 174 -5.14 -45.82 -12.62
CA ALA N 174 -3.94 -45.43 -13.34
C ALA N 174 -2.72 -45.50 -12.44
N LEU N 175 -2.87 -45.10 -11.18
CA LEU N 175 -1.74 -45.13 -10.26
C LEU N 175 -1.37 -46.56 -9.90
N ASN N 176 -2.37 -47.42 -9.71
CA ASN N 176 -2.10 -48.82 -9.36
C ASN N 176 -1.22 -49.49 -10.39
N TYR N 177 -1.44 -49.17 -11.67
CA TYR N 177 -0.67 -49.80 -12.73
C TYR N 177 0.73 -49.21 -12.81
N THR N 178 0.83 -47.88 -12.80
CA THR N 178 2.13 -47.25 -12.99
C THR N 178 3.04 -47.47 -11.80
N LEU N 179 2.47 -47.76 -10.63
CA LEU N 179 3.30 -48.02 -9.45
C LEU N 179 3.93 -49.39 -9.52
N SER N 180 3.13 -50.40 -9.83
CA SER N 180 3.61 -51.78 -9.83
C SER N 180 4.26 -52.19 -11.15
N LYS N 181 4.23 -51.35 -12.18
CA LYS N 181 4.77 -51.73 -13.47
C LYS N 181 5.89 -50.82 -13.95
N ILE N 182 5.70 -49.50 -13.91
CA ILE N 182 6.70 -48.59 -14.47
C ILE N 182 7.94 -48.55 -13.59
N ASP N 183 7.78 -48.10 -12.35
CA ASP N 183 8.88 -48.05 -11.39
C ASP N 183 8.69 -49.17 -10.38
N LYS N 184 9.51 -50.21 -10.50
CA LYS N 184 9.30 -51.44 -9.74
C LYS N 184 9.64 -51.23 -8.28
N VAL N 185 8.89 -50.37 -7.59
CA VAL N 185 9.02 -50.21 -6.15
C VAL N 185 8.38 -51.42 -5.48
N SER N 186 9.19 -52.23 -4.82
CA SER N 186 8.68 -53.49 -4.28
C SER N 186 7.63 -53.30 -3.20
N PRO N 187 7.74 -52.32 -2.28
CA PRO N 187 6.57 -52.01 -1.43
C PRO N 187 5.62 -51.07 -2.16
N SER N 188 4.49 -51.60 -2.59
CA SER N 188 3.62 -50.58 -3.16
C SER N 188 2.66 -50.06 -2.09
N PRO N 189 2.39 -48.76 -2.08
CA PRO N 189 1.53 -48.21 -1.02
C PRO N 189 0.09 -48.66 -1.12
N LEU N 190 -0.44 -48.84 -2.32
CA LEU N 190 -1.83 -49.26 -2.47
C LEU N 190 -1.92 -50.40 -3.47
N TYR N 191 -2.94 -51.24 -3.28
CA TYR N 191 -3.19 -52.38 -4.15
C TYR N 191 -4.70 -52.49 -4.33
N ILE N 192 -5.15 -52.49 -5.58
CA ILE N 192 -6.57 -52.45 -5.91
C ILE N 192 -6.91 -53.70 -6.72
N THR N 193 -7.81 -54.52 -6.19
CA THR N 193 -8.31 -55.68 -6.91
C THR N 193 -9.79 -55.84 -6.60
N THR N 194 -10.51 -56.42 -7.56
CA THR N 194 -11.93 -56.67 -7.39
C THR N 194 -12.23 -57.90 -6.56
N THR N 195 -11.20 -58.64 -6.14
CA THR N 195 -11.41 -59.85 -5.35
C THR N 195 -12.12 -59.51 -4.05
N THR N 196 -13.03 -60.39 -3.65
CA THR N 196 -13.77 -60.18 -2.41
C THR N 196 -12.80 -59.93 -1.26
N PRO N 197 -13.04 -58.91 -0.42
CA PRO N 197 -12.06 -58.58 0.62
C PRO N 197 -11.79 -59.73 1.58
N SER N 198 -12.80 -60.53 1.91
CA SER N 198 -12.56 -61.68 2.80
C SER N 198 -11.56 -62.64 2.17
N SER N 199 -11.79 -63.02 0.92
CA SER N 199 -10.83 -63.87 0.22
C SER N 199 -9.54 -63.12 -0.07
N ALA N 200 -9.59 -61.79 -0.11
CA ALA N 200 -8.38 -61.01 -0.35
C ALA N 200 -7.41 -61.12 0.82
N THR N 201 -7.91 -61.09 2.05
CA THR N 201 -7.05 -61.24 3.21
C THR N 201 -6.50 -62.66 3.31
N GLN N 202 -7.22 -63.65 2.77
CA GLN N 202 -6.76 -65.03 2.86
C GLN N 202 -5.54 -65.26 1.99
N ILE N 203 -5.56 -64.76 0.75
CA ILE N 203 -4.41 -64.94 -0.13
C ILE N 203 -3.26 -64.04 0.30
N TYR N 204 -3.55 -62.88 0.86
CA TYR N 204 -2.52 -61.96 1.34
C TYR N 204 -2.91 -61.50 2.75
N PRO N 205 -2.17 -61.93 3.78
CA PRO N 205 -2.63 -61.65 5.15
C PRO N 205 -2.50 -60.19 5.55
N PHE N 206 -1.53 -59.46 5.00
CA PHE N 206 -1.30 -58.09 5.43
C PHE N 206 -2.46 -57.17 5.10
N LEU N 207 -3.32 -57.55 4.17
CA LEU N 207 -4.42 -56.71 3.74
C LEU N 207 -5.51 -56.58 4.78
N ALA N 208 -5.31 -57.06 6.01
CA ALA N 208 -6.32 -56.90 7.06
C ALA N 208 -6.16 -55.61 7.84
N HIS N 209 -4.95 -55.07 7.92
CA HIS N 209 -4.75 -53.81 8.63
C HIS N 209 -5.00 -52.61 7.73
N ASP N 210 -4.72 -52.75 6.43
CA ASP N 210 -4.82 -51.64 5.50
C ASP N 210 -6.27 -51.16 5.37
N ASN N 211 -6.42 -49.88 5.06
CA ASN N 211 -7.75 -49.29 4.96
C ASN N 211 -8.43 -49.75 3.66
N MET N 212 -9.73 -49.44 3.56
CA MET N 212 -10.52 -49.90 2.43
C MET N 212 -11.66 -48.93 2.17
N PHE N 213 -11.67 -48.31 0.99
CA PHE N 213 -12.84 -47.64 0.47
C PHE N 213 -13.19 -48.25 -0.88
N THR N 214 -14.46 -48.22 -1.22
CA THR N 214 -14.97 -48.94 -2.38
C THR N 214 -15.42 -47.98 -3.46
N PHE N 215 -15.41 -48.46 -4.70
CA PHE N 215 -15.94 -47.72 -5.84
C PHE N 215 -16.28 -48.72 -6.94
N THR N 216 -17.47 -48.59 -7.51
CA THR N 216 -17.98 -49.52 -8.49
C THR N 216 -18.06 -48.86 -9.86
N LEU N 217 -18.11 -49.70 -10.89
CA LEU N 217 -18.27 -49.23 -12.26
C LEU N 217 -19.19 -50.18 -13.02
N ASN N 218 -19.80 -49.66 -14.08
CA ASN N 218 -20.66 -50.43 -14.97
C ASN N 218 -19.92 -50.54 -16.29
N ILE N 219 -19.05 -51.55 -16.40
CA ILE N 219 -18.20 -51.72 -17.57
C ILE N 219 -18.80 -52.79 -18.45
N SER N 220 -19.01 -52.46 -19.72
CA SER N 220 -19.56 -53.39 -20.71
C SER N 220 -20.90 -53.97 -20.26
N GLY N 221 -21.67 -53.17 -19.53
CA GLY N 221 -22.95 -53.60 -19.02
C GLY N 221 -22.91 -54.42 -17.74
N THR N 222 -21.78 -55.06 -17.46
CA THR N 222 -21.65 -55.88 -16.25
C THR N 222 -21.06 -55.04 -15.14
N LEU N 223 -21.82 -54.85 -14.06
CA LEU N 223 -21.34 -54.05 -12.94
C LEU N 223 -20.11 -54.67 -12.32
N VAL N 224 -19.09 -53.85 -12.09
CA VAL N 224 -17.84 -54.29 -11.50
C VAL N 224 -17.52 -53.41 -10.30
N THR N 225 -17.19 -54.03 -9.18
CA THR N 225 -16.82 -53.33 -7.96
C THR N 225 -15.31 -53.44 -7.73
N TYR N 226 -14.81 -52.57 -6.87
CA TYR N 226 -13.39 -52.55 -6.56
C TYR N 226 -13.18 -52.26 -5.08
N TYR N 227 -11.97 -52.53 -4.62
CA TYR N 227 -11.59 -52.29 -3.23
C TYR N 227 -10.17 -51.76 -3.20
N ALA N 228 -9.96 -50.62 -2.54
CA ALA N 228 -8.65 -50.02 -2.41
C ALA N 228 -8.03 -50.41 -1.07
N PHE N 229 -6.74 -50.72 -1.09
CA PHE N 229 -6.01 -51.16 0.09
C PHE N 229 -4.81 -50.25 0.28
N VAL N 230 -4.94 -49.28 1.19
CA VAL N 230 -3.90 -48.29 1.47
C VAL N 230 -3.35 -48.55 2.87
N ASN N 231 -2.03 -48.52 2.98
CA ASN N 231 -1.35 -48.83 4.24
C ASN N 231 -0.77 -47.60 4.93
N GLN N 232 -0.34 -46.59 4.17
CA GLN N 232 0.23 -45.39 4.74
C GLN N 232 -0.40 -44.17 4.07
N THR N 233 -0.72 -43.16 4.88
CA THR N 233 -1.33 -41.95 4.35
C THR N 233 -0.35 -41.24 3.42
N PHE N 234 -0.81 -40.95 2.20
CA PHE N 234 0.02 -40.27 1.22
C PHE N 234 -0.90 -39.55 0.24
N ALA N 235 -0.28 -38.91 -0.76
CA ALA N 235 -1.03 -38.10 -1.72
C ALA N 235 -0.37 -38.20 -3.08
N PHE N 236 -1.09 -37.75 -4.11
CA PHE N 236 -0.58 -37.77 -5.47
C PHE N 236 -1.38 -36.79 -6.31
N THR N 237 -0.79 -36.37 -7.43
CA THR N 237 -1.36 -35.35 -8.29
C THR N 237 -1.43 -35.86 -9.73
N TYR N 238 -2.59 -35.71 -10.36
CA TYR N 238 -2.79 -36.14 -11.73
C TYR N 238 -3.37 -35.00 -12.55
N PRO N 239 -2.97 -34.89 -13.82
CA PRO N 239 -3.46 -33.78 -14.64
C PRO N 239 -4.94 -33.92 -14.95
N VAL N 240 -5.68 -32.85 -14.73
CA VAL N 240 -7.13 -32.88 -14.93
C VAL N 240 -7.61 -31.91 -16.00
N ALA N 241 -6.86 -30.87 -16.33
CA ALA N 241 -7.30 -29.94 -17.38
C ALA N 241 -6.13 -29.11 -17.87
N GLY N 242 -6.05 -28.95 -19.18
CA GLY N 242 -5.14 -27.99 -19.78
C GLY N 242 -3.67 -28.26 -19.56
N ASP N 243 -3.25 -29.52 -19.64
CA ASP N 243 -1.85 -29.90 -19.47
C ASP N 243 -1.31 -30.36 -20.82
N PRO N 244 -0.73 -29.46 -21.61
CA PRO N 244 -0.23 -29.86 -22.93
C PRO N 244 1.09 -30.61 -22.86
N LEU N 245 1.91 -30.26 -21.88
CA LEU N 245 3.25 -30.82 -21.74
C LEU N 245 3.22 -31.95 -20.71
N ILE N 246 2.71 -33.10 -21.15
CA ILE N 246 2.66 -34.27 -20.30
C ILE N 246 4.05 -34.88 -20.18
N GLY N 247 4.33 -35.43 -19.00
CA GLY N 247 5.59 -36.11 -18.77
C GLY N 247 6.68 -35.25 -18.17
N SER N 248 6.34 -34.14 -17.52
CA SER N 248 7.35 -33.25 -16.98
C SER N 248 7.10 -32.86 -15.53
N ALA N 249 5.99 -33.30 -14.93
CA ALA N 249 5.69 -33.03 -13.52
C ALA N 249 5.68 -31.53 -13.22
N ILE N 250 5.33 -30.73 -14.21
CA ILE N 250 5.27 -29.28 -14.07
C ILE N 250 3.88 -28.82 -14.47
N ALA N 251 3.32 -27.89 -13.70
CA ALA N 251 1.99 -27.37 -13.99
C ALA N 251 2.11 -26.05 -14.74
N PRO N 252 1.66 -25.96 -15.98
CA PRO N 252 1.71 -24.69 -16.71
C PRO N 252 0.62 -23.76 -16.24
N ALA N 253 0.65 -22.53 -16.75
CA ALA N 253 -0.37 -21.55 -16.43
C ALA N 253 -1.67 -21.91 -17.13
N GLY N 254 -2.79 -21.67 -16.45
CA GLY N 254 -4.08 -22.05 -16.98
C GLY N 254 -4.35 -23.54 -16.93
N SER N 255 -3.60 -24.28 -16.13
CA SER N 255 -3.76 -25.72 -16.00
C SER N 255 -4.21 -26.05 -14.59
N VAL N 256 -5.21 -26.92 -14.49
CA VAL N 256 -5.74 -27.36 -13.20
C VAL N 256 -5.16 -28.71 -12.86
N ILE N 257 -4.70 -28.88 -11.63
CA ILE N 257 -4.09 -30.12 -11.16
C ILE N 257 -4.87 -30.60 -9.96
N GLY N 258 -5.24 -31.89 -9.97
CA GLY N 258 -6.02 -32.46 -8.89
C GLY N 258 -5.13 -33.07 -7.83
N VAL N 259 -5.50 -32.85 -6.57
CA VAL N 259 -4.76 -33.36 -5.42
C VAL N 259 -5.66 -34.32 -4.67
N MET N 260 -5.12 -35.50 -4.34
CA MET N 260 -5.89 -36.53 -3.67
C MET N 260 -5.08 -37.07 -2.50
N ILE N 261 -5.59 -36.88 -1.29
CA ILE N 261 -4.95 -37.39 -0.07
C ILE N 261 -5.62 -38.72 0.26
N LEU N 262 -4.86 -39.80 0.17
CA LEU N 262 -5.38 -41.13 0.47
C LEU N 262 -5.13 -41.43 1.95
N PHE N 263 -6.19 -41.41 2.74
CA PHE N 263 -6.05 -41.61 4.17
C PHE N 263 -5.59 -43.04 4.46
N GLY N 264 -5.31 -43.31 5.74
CA GLY N 264 -4.77 -44.58 6.14
C GLY N 264 -5.35 -45.09 7.44
N PRO N 265 -4.75 -46.17 7.96
CA PRO N 265 -5.28 -46.75 9.20
C PRO N 265 -5.02 -45.90 10.43
N ASP N 266 -3.93 -45.11 10.43
CA ASP N 266 -3.65 -44.24 11.55
C ASP N 266 -4.66 -43.11 11.65
N LEU N 267 -4.82 -42.33 10.57
CA LEU N 267 -5.77 -41.23 10.59
C LEU N 267 -7.21 -41.74 10.50
N GLY N 268 -7.44 -42.80 9.71
CA GLY N 268 -8.78 -43.31 9.53
C GLY N 268 -9.46 -43.76 10.81
N SER N 269 -8.68 -44.05 11.84
CA SER N 269 -9.26 -44.40 13.13
C SER N 269 -10.11 -43.27 13.67
N HIS N 270 -9.63 -42.04 13.55
CA HIS N 270 -10.37 -40.87 13.97
C HIS N 270 -11.12 -40.25 12.79
N VAL N 271 -12.05 -39.36 13.11
CA VAL N 271 -12.81 -38.62 12.11
C VAL N 271 -12.95 -37.19 12.59
N PHE N 272 -12.57 -36.25 11.73
CA PHE N 272 -12.55 -34.84 12.12
C PHE N 272 -13.96 -34.35 12.41
N GLN N 273 -14.19 -33.93 13.65
CA GLN N 273 -15.49 -33.43 14.09
C GLN N 273 -15.25 -32.20 14.95
N TYR N 274 -15.79 -31.06 14.51
CA TYR N 274 -15.71 -29.81 15.27
C TYR N 274 -14.26 -29.44 15.58
N GLN N 275 -13.47 -29.28 14.52
CA GLN N 275 -12.06 -28.98 14.66
C GLN N 275 -11.53 -28.43 13.36
N THR N 276 -10.28 -27.97 13.40
CA THR N 276 -9.62 -27.35 12.25
C THR N 276 -8.68 -28.34 11.59
N ILE N 277 -8.77 -28.43 10.26
CA ILE N 277 -7.89 -29.27 9.46
C ILE N 277 -7.02 -28.37 8.60
N THR N 278 -5.73 -28.68 8.52
CA THR N 278 -4.77 -27.83 7.84
C THR N 278 -3.93 -28.64 6.87
N ILE N 279 -3.83 -28.15 5.64
CA ILE N 279 -2.95 -28.71 4.63
C ILE N 279 -2.04 -27.60 4.14
N GLN N 280 -0.88 -27.98 3.62
CA GLN N 280 0.08 -26.98 3.14
C GLN N 280 0.90 -27.57 2.01
N ILE N 281 0.90 -26.92 0.86
CA ILE N 281 1.64 -27.36 -0.32
C ILE N 281 2.77 -26.35 -0.52
N THR N 282 4.01 -26.79 -0.26
CA THR N 282 5.18 -25.91 -0.29
C THR N 282 6.10 -26.32 -1.44
N PRO N 283 5.95 -25.74 -2.61
CA PRO N 283 6.88 -26.03 -3.71
C PRO N 283 8.24 -25.41 -3.46
N ASN N 284 9.25 -25.81 -4.25
CA ASN N 284 10.59 -25.28 -4.04
C ASN N 284 10.66 -23.80 -4.37
N ILE N 285 9.89 -23.34 -5.34
CA ILE N 285 9.82 -21.93 -5.71
C ILE N 285 8.43 -21.42 -5.38
N GLY N 286 8.34 -20.10 -5.19
CA GLY N 286 7.06 -19.54 -4.87
C GLY N 286 6.69 -19.73 -3.41
N SER N 287 5.44 -19.44 -3.11
CA SER N 287 4.98 -19.43 -1.74
C SER N 287 4.08 -20.63 -1.45
N PRO N 288 4.03 -21.08 -0.20
CA PRO N 288 3.17 -22.22 0.13
C PRO N 288 1.70 -21.85 0.08
N LEU N 289 0.87 -22.86 -0.16
CA LEU N 289 -0.58 -22.72 -0.13
C LEU N 289 -1.10 -23.44 1.09
N THR N 290 -1.69 -22.69 2.03
CA THR N 290 -2.12 -23.24 3.31
C THR N 290 -3.64 -23.29 3.34
N ILE N 291 -4.19 -24.50 3.36
CA ILE N 291 -5.62 -24.71 3.38
C ILE N 291 -6.05 -24.96 4.83
N SER N 292 -6.89 -24.10 5.36
CA SER N 292 -7.42 -24.23 6.71
C SER N 292 -8.94 -24.32 6.64
N GLU N 293 -9.49 -25.42 7.12
CA GLU N 293 -10.93 -25.67 7.03
C GLU N 293 -11.48 -26.07 8.38
N TYR N 294 -12.81 -25.99 8.51
CA TYR N 294 -13.53 -26.39 9.70
C TYR N 294 -14.75 -27.20 9.27
N VAL N 295 -14.97 -28.33 9.93
CA VAL N 295 -16.04 -29.25 9.55
C VAL N 295 -16.96 -29.48 10.74
N TYR N 296 -18.25 -29.65 10.46
CA TYR N 296 -19.21 -30.01 11.51
C TYR N 296 -19.20 -31.50 11.78
N GLN N 297 -19.66 -32.27 10.81
CA GLN N 297 -19.91 -33.69 10.88
C GLN N 297 -19.94 -34.21 9.45
N PRO N 298 -18.88 -34.85 8.98
CA PRO N 298 -18.82 -35.24 7.57
C PRO N 298 -20.04 -36.04 7.13
N GLU N 299 -20.85 -35.45 6.25
CA GLU N 299 -22.10 -36.04 5.82
C GLU N 299 -22.10 -36.23 4.31
N GLY N 300 -23.04 -37.03 3.83
CA GLY N 300 -23.19 -37.29 2.41
C GLY N 300 -22.18 -38.26 1.82
N SER N 301 -21.18 -38.68 2.58
CA SER N 301 -20.14 -39.61 2.18
C SER N 301 -19.16 -38.97 1.20
N VAL N 302 -19.51 -37.79 0.68
CA VAL N 302 -18.56 -36.87 0.06
C VAL N 302 -18.96 -35.48 0.51
N SER N 303 -18.30 -34.98 1.54
CA SER N 303 -18.68 -33.71 2.15
C SER N 303 -17.96 -32.57 1.43
N VAL N 304 -18.74 -31.61 0.95
CA VAL N 304 -18.17 -30.44 0.26
C VAL N 304 -17.87 -29.41 1.34
N ILE N 305 -16.72 -29.60 2.00
CA ILE N 305 -16.27 -28.76 3.10
C ILE N 305 -14.84 -29.10 3.44
N LEU O 19 110.11 15.72 -18.82
CA LEU O 19 109.07 16.51 -18.17
C LEU O 19 107.81 15.67 -17.99
N ALA O 20 106.85 16.22 -17.24
CA ALA O 20 105.55 15.61 -17.09
C ALA O 20 104.49 16.25 -17.97
N GLY O 21 104.87 17.29 -18.73
CA GLY O 21 103.95 17.94 -19.63
C GLY O 21 103.61 17.07 -20.82
N LEU O 22 104.64 16.44 -21.41
CA LEU O 22 104.41 15.47 -22.46
C LEU O 22 103.83 14.16 -21.92
N ASP O 23 103.88 13.96 -20.61
CA ASP O 23 103.25 12.82 -19.96
C ASP O 23 101.80 13.09 -19.57
N THR O 24 101.50 14.30 -19.09
CA THR O 24 100.13 14.63 -18.78
C THR O 24 99.26 14.65 -20.03
N ALA O 25 99.88 14.92 -21.19
CA ALA O 25 99.13 14.94 -22.44
C ALA O 25 98.65 13.53 -22.79
N ILE O 26 99.55 12.54 -22.69
CA ILE O 26 99.18 11.17 -23.02
C ILE O 26 98.09 10.69 -22.07
N ILE O 27 98.20 11.03 -20.79
CA ILE O 27 97.20 10.60 -19.83
C ILE O 27 95.87 11.30 -20.07
N LEU O 28 95.91 12.54 -20.55
CA LEU O 28 94.69 13.26 -20.83
C LEU O 28 93.91 12.61 -21.97
N ILE O 29 94.61 12.18 -23.02
CA ILE O 29 93.94 11.52 -24.14
C ILE O 29 93.37 10.19 -23.69
N ALA O 30 94.00 9.55 -22.71
CA ALA O 30 93.53 8.25 -22.24
C ALA O 30 92.22 8.39 -21.49
N PHE O 31 92.12 9.39 -20.61
CA PHE O 31 90.92 9.53 -19.79
C PHE O 31 89.76 10.09 -20.59
N ILE O 32 90.03 10.83 -21.66
CA ILE O 32 88.94 11.35 -22.47
C ILE O 32 88.29 10.25 -23.29
N ILE O 33 89.09 9.39 -23.90
CA ILE O 33 88.55 8.25 -24.65
C ILE O 33 87.86 7.28 -23.70
N THR O 34 88.36 7.16 -22.48
CA THR O 34 87.70 6.31 -21.49
C THR O 34 86.38 6.92 -21.04
N ALA O 35 86.35 8.24 -20.85
CA ALA O 35 85.10 8.89 -20.45
C ALA O 35 84.13 8.98 -21.62
N SER O 36 84.65 8.92 -22.85
CA SER O 36 83.78 9.00 -24.02
C SER O 36 82.94 7.76 -24.16
N VAL O 37 83.55 6.58 -24.06
CA VAL O 37 82.83 5.33 -24.25
C VAL O 37 81.75 5.17 -23.17
N LEU O 38 81.96 5.78 -22.00
CA LEU O 38 80.92 5.75 -20.99
C LEU O 38 79.69 6.53 -21.45
N ALA O 39 79.91 7.66 -22.11
CA ALA O 39 78.79 8.38 -22.71
C ALA O 39 78.16 7.58 -23.83
N TYR O 40 78.99 6.89 -24.62
CA TYR O 40 78.49 6.06 -25.71
C TYR O 40 77.53 5.00 -25.19
N VAL O 41 77.82 4.44 -24.03
CA VAL O 41 76.99 3.37 -23.49
C VAL O 41 75.80 3.95 -22.73
N ALA O 42 76.03 5.01 -21.96
CA ALA O 42 74.96 5.58 -21.14
C ALA O 42 73.81 6.07 -22.00
N ILE O 43 74.10 6.52 -23.22
CA ILE O 43 73.04 7.03 -24.07
C ILE O 43 72.31 5.89 -24.76
N ASN O 44 73.03 4.84 -25.13
CA ASN O 44 72.38 3.70 -25.78
C ASN O 44 71.38 3.04 -24.85
N MET O 45 71.74 2.86 -23.58
CA MET O 45 70.82 2.27 -22.62
C MET O 45 69.73 3.27 -22.23
N GLY O 46 70.01 4.56 -22.36
CA GLY O 46 68.98 5.54 -22.08
C GLY O 46 67.86 5.50 -23.10
N LEU O 47 68.20 5.27 -24.37
CA LEU O 47 67.19 5.18 -25.41
C LEU O 47 66.49 3.83 -25.37
N PHE O 48 67.19 2.79 -24.93
CA PHE O 48 66.62 1.44 -24.93
C PHE O 48 65.61 1.28 -23.80
N VAL O 49 65.97 1.72 -22.60
CA VAL O 49 65.05 1.59 -21.47
C VAL O 49 63.85 2.48 -21.65
N THR O 50 64.05 3.69 -22.18
CA THR O 50 62.93 4.62 -22.36
C THR O 50 61.97 4.11 -23.43
N GLN O 51 62.50 3.53 -24.51
CA GLN O 51 61.64 2.96 -25.53
C GLN O 51 60.88 1.75 -25.00
N LYS O 52 61.51 0.98 -24.11
CA LYS O 52 60.83 -0.15 -23.52
C LYS O 52 59.76 0.30 -22.54
N ALA O 53 59.99 1.40 -21.85
CA ALA O 53 58.98 1.94 -20.94
C ALA O 53 57.79 2.47 -21.73
N LYS O 54 58.03 3.01 -22.91
CA LYS O 54 56.93 3.50 -23.75
C LYS O 54 56.01 2.37 -24.15
N SER O 55 56.58 1.26 -24.61
CA SER O 55 55.77 0.14 -25.07
C SER O 55 55.02 -0.51 -23.92
N THR O 56 55.50 -0.34 -22.70
CA THR O 56 54.82 -0.92 -21.55
C THR O 56 53.52 -0.18 -21.26
N ILE O 57 53.54 1.15 -21.34
CA ILE O 57 52.31 1.91 -21.14
C ILE O 57 51.32 1.61 -22.26
N ASN O 58 51.81 1.57 -23.49
CA ASN O 58 50.94 1.27 -24.63
C ASN O 58 50.30 -0.10 -24.49
N LYS O 59 50.86 -0.96 -23.66
CA LYS O 59 50.26 -2.26 -23.38
C LYS O 59 49.43 -2.23 -22.10
N GLY O 60 49.88 -1.49 -21.08
CA GLY O 60 49.12 -1.39 -19.86
C GLY O 60 47.81 -0.66 -20.06
N GLU O 61 47.77 0.27 -21.01
CA GLU O 61 46.54 0.98 -21.30
C GLU O 61 45.53 0.07 -22.00
N GLU O 62 46.02 -0.83 -22.86
CA GLU O 62 45.13 -1.78 -23.51
C GLU O 62 44.56 -2.76 -22.52
N THR O 63 45.40 -3.27 -21.62
CA THR O 63 44.94 -4.23 -20.63
C THR O 63 43.82 -3.66 -19.77
N ALA O 64 43.95 -2.39 -19.36
CA ALA O 64 42.92 -1.75 -18.56
C ALA O 64 41.73 -1.28 -19.39
N SER O 65 41.77 -1.45 -20.71
CA SER O 65 40.68 -1.01 -21.58
C SER O 65 39.85 -2.17 -22.12
N THR O 66 40.50 -3.14 -22.75
CA THR O 66 39.77 -4.25 -23.35
C THR O 66 39.12 -5.11 -22.28
N ALA O 67 37.82 -5.37 -22.44
CA ALA O 67 37.07 -6.21 -21.52
C ALA O 67 35.73 -6.57 -22.15
N LEU O 68 35.35 -7.83 -22.04
CA LEU O 68 34.11 -8.31 -22.62
C LEU O 68 32.95 -8.19 -21.64
N THR O 69 31.74 -8.29 -22.16
CA THR O 69 30.54 -8.28 -21.33
C THR O 69 29.48 -9.13 -22.00
N LEU O 70 28.63 -9.74 -21.19
CA LEU O 70 27.63 -10.69 -21.67
C LEU O 70 26.38 -9.92 -22.05
N SER O 71 26.21 -9.70 -23.36
CA SER O 71 25.04 -9.01 -23.89
C SER O 71 24.07 -10.05 -24.40
N GLY O 72 22.91 -10.13 -23.77
CA GLY O 72 21.92 -11.11 -24.17
C GLY O 72 21.91 -12.31 -23.24
N SER O 73 20.75 -12.96 -23.15
CA SER O 73 20.58 -14.08 -22.25
C SER O 73 21.39 -15.28 -22.73
N VAL O 74 21.48 -16.28 -21.86
CA VAL O 74 22.21 -17.52 -22.14
C VAL O 74 21.19 -18.65 -22.23
N LEU O 75 21.22 -19.37 -23.33
CA LEU O 75 20.29 -20.46 -23.58
C LEU O 75 20.91 -21.79 -23.20
N TYR O 76 20.05 -22.78 -22.96
CA TYR O 76 20.47 -24.11 -22.55
C TYR O 76 19.53 -25.13 -23.16
N ALA O 77 20.02 -25.93 -24.08
CA ALA O 77 19.19 -26.84 -24.86
C ALA O 77 19.24 -28.24 -24.27
N VAL O 78 18.07 -28.87 -24.14
CA VAL O 78 17.95 -30.18 -23.52
C VAL O 78 16.64 -30.80 -23.97
N ASN O 79 16.63 -32.12 -24.12
CA ASN O 79 15.40 -32.84 -24.42
C ASN O 79 14.43 -32.68 -23.26
N TYR O 80 13.36 -31.92 -23.49
CA TYR O 80 12.55 -31.44 -22.37
C TYR O 80 11.79 -32.55 -21.65
N PRO O 81 11.05 -33.45 -22.33
CA PRO O 81 10.30 -34.47 -21.59
C PRO O 81 11.19 -35.33 -20.70
N SER O 82 12.19 -35.96 -21.30
CA SER O 82 13.13 -36.79 -20.57
C SER O 82 14.45 -36.02 -20.46
N ASN O 83 14.63 -35.34 -19.32
CA ASN O 83 15.85 -34.57 -19.08
C ASN O 83 16.99 -35.55 -18.77
N THR O 84 17.48 -36.19 -19.83
CA THR O 84 18.53 -37.19 -19.71
C THR O 84 19.84 -36.74 -20.34
N ARG O 85 19.79 -36.03 -21.46
CA ARG O 85 20.98 -35.57 -22.15
C ARG O 85 21.12 -34.06 -22.01
N SER O 86 22.11 -33.51 -22.71
CA SER O 86 22.33 -32.07 -22.77
C SER O 86 22.87 -31.74 -24.14
N TYR O 87 22.25 -30.76 -24.81
CA TYR O 87 22.54 -30.49 -26.21
C TYR O 87 23.59 -29.41 -26.40
N TRP O 88 23.34 -28.19 -25.95
CA TRP O 88 24.28 -27.11 -26.14
C TRP O 88 23.90 -25.91 -25.29
N ILE O 89 24.88 -25.03 -25.08
CA ILE O 89 24.67 -23.74 -24.43
C ILE O 89 25.18 -22.65 -25.37
N TYR O 90 24.36 -21.62 -25.60
CA TYR O 90 24.69 -20.56 -26.53
C TYR O 90 24.47 -19.20 -25.86
N PHE O 91 25.39 -18.28 -26.10
CA PHE O 91 25.27 -16.93 -25.57
C PHE O 91 26.04 -15.98 -26.46
N THR O 92 25.77 -14.69 -26.30
CA THR O 92 26.39 -13.64 -27.11
C THR O 92 27.22 -12.73 -26.22
N VAL O 93 28.41 -12.39 -26.69
CA VAL O 93 29.35 -11.57 -25.95
C VAL O 93 29.73 -10.36 -26.80
N SER O 94 29.95 -9.24 -26.13
CA SER O 94 30.33 -7.99 -26.80
C SER O 94 31.30 -7.25 -25.89
N PRO O 95 32.13 -6.38 -26.46
CA PRO O 95 33.02 -5.57 -25.62
C PRO O 95 32.24 -4.72 -24.63
N SER O 96 32.90 -4.32 -23.55
CA SER O 96 32.24 -3.61 -22.46
C SER O 96 31.56 -2.35 -22.98
N SER O 97 32.29 -1.56 -23.75
CA SER O 97 31.74 -0.38 -24.40
C SER O 97 32.37 -0.29 -25.78
N GLY O 98 32.25 0.87 -26.42
CA GLY O 98 32.92 1.08 -27.68
C GLY O 98 34.36 1.49 -27.48
N VAL O 99 34.95 1.05 -26.37
CA VAL O 99 36.28 1.54 -25.99
C VAL O 99 37.34 1.00 -26.94
N SER O 100 37.49 -0.32 -27.02
CA SER O 100 38.52 -0.90 -27.86
C SER O 100 38.18 -2.35 -28.15
N SER O 101 38.73 -2.85 -29.25
CA SER O 101 38.41 -4.17 -29.76
C SER O 101 39.24 -5.24 -29.08
N VAL O 102 38.61 -6.39 -28.82
CA VAL O 102 39.29 -7.55 -28.26
C VAL O 102 39.47 -8.58 -29.36
N GLU O 103 40.51 -9.41 -29.22
CA GLU O 103 40.80 -10.45 -30.18
C GLU O 103 40.31 -11.79 -29.65
N LEU O 104 39.52 -12.49 -30.47
CA LEU O 104 38.92 -13.75 -30.10
C LEU O 104 39.43 -14.88 -30.99
N SER O 105 40.72 -14.89 -31.26
CA SER O 105 41.30 -15.96 -32.06
C SER O 105 41.26 -17.27 -31.26
N PRO O 106 40.97 -18.40 -31.91
CA PRO O 106 40.91 -19.67 -31.17
C PRO O 106 42.25 -20.15 -30.70
N SER O 107 43.34 -19.69 -31.30
CA SER O 107 44.66 -20.16 -30.92
C SER O 107 45.17 -19.52 -29.64
N THR O 108 44.70 -18.31 -29.33
CA THR O 108 45.16 -17.56 -28.17
C THR O 108 43.99 -17.16 -27.28
N THR O 109 43.07 -18.10 -27.04
CA THR O 109 41.94 -17.84 -26.16
C THR O 109 41.52 -19.15 -25.51
N ALA O 110 41.07 -19.07 -24.26
CA ALA O 110 40.69 -20.24 -23.49
C ALA O 110 39.30 -20.01 -22.93
N ILE O 111 38.39 -20.95 -23.20
CA ILE O 111 37.05 -20.94 -22.63
C ILE O 111 36.94 -22.15 -21.70
N SER O 112 36.59 -21.90 -20.44
CA SER O 112 36.52 -22.95 -19.44
C SER O 112 35.07 -23.24 -19.08
N PHE O 113 34.84 -24.43 -18.54
CA PHE O 113 33.52 -24.85 -18.10
C PHE O 113 33.67 -25.74 -16.89
N THR O 114 33.08 -25.33 -15.76
CA THR O 114 33.14 -26.09 -14.52
C THR O 114 31.74 -26.31 -14.00
N ALA O 115 31.41 -27.57 -13.73
CA ALA O 115 30.14 -27.95 -13.10
C ALA O 115 30.45 -28.48 -11.72
N SER O 116 29.99 -27.77 -10.69
CA SER O 116 30.36 -28.09 -9.32
C SER O 116 29.89 -29.48 -8.91
N ALA O 117 28.58 -29.68 -8.81
CA ALA O 117 28.06 -30.93 -8.29
C ALA O 117 28.41 -32.11 -9.19
N GLU O 118 28.51 -31.88 -10.50
CA GLU O 118 28.91 -32.94 -11.40
C GLU O 118 30.37 -33.32 -11.20
N GLY O 119 31.16 -32.50 -10.50
CA GLY O 119 32.55 -32.81 -10.28
C GLY O 119 33.41 -32.77 -11.53
N ILE O 120 33.03 -31.96 -12.52
CA ILE O 120 33.76 -31.87 -13.77
C ILE O 120 34.30 -30.46 -13.92
N SER O 121 35.34 -30.34 -14.75
CA SER O 121 35.96 -29.05 -15.03
C SER O 121 36.80 -29.20 -16.29
N TYR O 122 36.80 -28.17 -17.11
CA TYR O 122 37.51 -28.16 -18.39
C TYR O 122 38.51 -27.02 -18.43
N SER O 123 39.24 -26.93 -19.53
CA SER O 123 40.20 -25.87 -19.74
C SER O 123 40.43 -25.71 -21.23
N ASN O 124 40.05 -24.56 -21.78
CA ASN O 124 40.26 -24.23 -23.18
C ASN O 124 39.57 -25.24 -24.11
N ILE O 125 38.24 -25.26 -24.04
CA ILE O 125 37.46 -26.01 -25.02
C ILE O 125 37.29 -25.25 -26.32
N TYR O 126 37.74 -24.00 -26.38
CA TYR O 126 37.63 -23.21 -27.60
C TYR O 126 38.51 -23.81 -28.68
N GLU O 127 37.88 -24.31 -29.74
CA GLU O 127 38.62 -24.99 -30.80
C GLU O 127 38.58 -24.25 -32.12
N TYR O 128 37.39 -23.95 -32.65
CA TYR O 128 37.27 -23.35 -33.97
C TYR O 128 36.46 -22.07 -33.89
N THR O 129 36.42 -21.36 -35.02
CA THR O 129 35.69 -20.10 -35.11
C THR O 129 35.34 -19.84 -36.56
N LEU O 130 34.43 -18.90 -36.77
CA LEU O 130 33.95 -18.58 -38.11
C LEU O 130 34.22 -17.12 -38.50
N LEU O 131 34.86 -16.34 -37.64
CA LEU O 131 35.15 -14.95 -37.99
C LEU O 131 36.19 -14.83 -39.10
N THR O 132 36.94 -15.90 -39.35
CA THR O 132 37.99 -15.86 -40.37
C THR O 132 37.53 -16.38 -41.72
N VAL O 133 36.38 -17.03 -41.79
CA VAL O 133 35.91 -17.64 -43.03
C VAL O 133 35.14 -16.60 -43.82
N SER O 134 35.62 -16.28 -45.02
CA SER O 134 35.01 -15.24 -45.82
C SER O 134 33.66 -15.69 -46.35
N PRO O 135 32.69 -14.78 -46.50
CA PRO O 135 31.38 -15.18 -47.01
C PRO O 135 31.36 -15.49 -48.50
N SER O 136 32.47 -15.28 -49.21
CA SER O 136 32.51 -15.60 -50.62
C SER O 136 32.63 -17.10 -50.88
N GLU O 137 32.48 -17.94 -49.86
CA GLU O 137 32.62 -19.38 -50.00
C GLU O 137 31.36 -20.14 -49.61
N LEU O 138 30.69 -19.75 -48.53
CA LEU O 138 29.62 -20.55 -47.97
C LEU O 138 28.40 -20.58 -48.88
N ALA O 139 27.97 -19.41 -49.35
CA ALA O 139 26.70 -19.29 -50.04
C ALA O 139 26.66 -20.00 -51.39
N ASN O 140 27.71 -20.73 -51.75
CA ASN O 140 27.74 -21.36 -53.07
C ASN O 140 27.39 -22.84 -53.05
N GLN O 141 27.84 -23.59 -52.04
CA GLN O 141 27.67 -25.05 -52.05
C GLN O 141 27.08 -25.55 -50.73
N VAL O 142 25.75 -25.50 -50.64
CA VAL O 142 24.98 -26.29 -49.68
C VAL O 142 23.51 -26.22 -50.09
N TYR O 143 22.82 -27.35 -50.06
CA TYR O 143 21.40 -27.35 -50.43
C TYR O 143 20.77 -28.68 -50.08
N ALA O 144 19.48 -28.62 -49.78
CA ALA O 144 18.67 -29.82 -49.56
C ALA O 144 17.54 -29.96 -50.58
N ASN O 145 17.27 -28.93 -51.36
CA ASN O 145 16.25 -28.96 -52.39
C ASN O 145 16.72 -28.07 -53.54
N GLY O 146 15.79 -27.68 -54.41
CA GLY O 146 16.14 -26.96 -55.63
C GLY O 146 16.85 -25.64 -55.42
N GLN O 147 17.12 -25.25 -54.18
CA GLN O 147 17.74 -23.96 -53.89
C GLN O 147 18.98 -24.15 -53.02
N TYR O 148 20.10 -23.59 -53.45
CA TYR O 148 21.30 -23.52 -52.63
C TYR O 148 21.07 -22.47 -51.55
N LEU O 149 20.71 -22.92 -50.35
CA LEU O 149 20.37 -22.00 -49.28
C LEU O 149 21.60 -21.20 -48.85
N ASP O 150 21.42 -19.90 -48.68
CA ASP O 150 22.50 -19.02 -48.23
C ASP O 150 22.47 -18.90 -46.72
N LEU O 151 23.65 -18.98 -46.11
CA LEU O 151 23.76 -19.03 -44.65
C LEU O 151 24.05 -17.67 -44.04
N VAL O 152 24.89 -16.87 -44.66
CA VAL O 152 25.27 -15.56 -44.14
C VAL O 152 24.55 -14.47 -44.93
N ASN O 153 23.99 -13.51 -44.21
CA ASN O 153 23.33 -12.36 -44.81
C ASN O 153 24.23 -11.15 -44.66
N GLN O 154 24.63 -10.56 -45.79
CA GLN O 154 25.61 -9.49 -45.80
C GLN O 154 24.97 -8.18 -46.24
N GLN O 155 25.38 -7.09 -45.61
CA GLN O 155 24.92 -5.74 -45.92
C GLN O 155 26.12 -4.91 -46.37
N THR O 156 25.87 -3.61 -46.58
CA THR O 156 26.94 -2.69 -46.97
C THR O 156 26.47 -1.26 -46.77
N ASN O 157 27.37 -0.43 -46.26
CA ASN O 157 27.19 1.01 -46.15
C ASN O 157 28.50 1.62 -45.68
N ALA O 158 28.73 2.87 -46.09
CA ALA O 158 29.95 3.60 -45.78
C ALA O 158 31.20 2.89 -46.31
N GLY O 159 31.04 1.99 -47.26
CA GLY O 159 32.16 1.30 -47.85
C GLY O 159 32.68 0.10 -47.07
N GLN O 160 31.85 -0.50 -46.23
CA GLN O 160 32.25 -1.65 -45.43
C GLN O 160 31.14 -2.68 -45.45
N THR O 161 31.47 -3.91 -45.83
CA THR O 161 30.49 -4.99 -45.92
C THR O 161 30.40 -5.70 -44.58
N TYR O 162 29.23 -5.64 -43.96
CA TYR O 162 28.97 -6.30 -42.70
C TYR O 162 28.28 -7.63 -42.96
N VAL O 163 28.81 -8.70 -42.37
CA VAL O 163 28.18 -10.01 -42.48
C VAL O 163 27.83 -10.49 -41.08
N TYR O 164 26.94 -11.47 -41.01
CA TYR O 164 26.49 -12.05 -39.76
C TYR O 164 25.79 -13.36 -40.07
N TYR O 165 25.62 -14.18 -39.03
CA TYR O 165 24.89 -15.44 -39.16
C TYR O 165 23.58 -15.33 -38.41
N PRO O 166 22.43 -15.43 -39.07
CA PRO O 166 21.17 -15.06 -38.43
C PRO O 166 20.60 -16.10 -37.50
N ASN O 167 21.17 -17.29 -37.45
CA ASN O 167 20.53 -18.36 -36.69
C ASN O 167 21.58 -19.42 -36.34
N PRO O 168 21.66 -19.83 -35.07
CA PRO O 168 22.64 -20.85 -34.69
C PRO O 168 22.59 -22.11 -35.54
N TYR O 169 21.45 -22.40 -36.17
CA TYR O 169 21.38 -23.56 -37.04
C TYR O 169 22.10 -23.29 -38.36
N TYR O 170 21.92 -22.10 -38.93
CA TYR O 170 22.70 -21.73 -40.10
C TYR O 170 24.18 -21.66 -39.78
N ALA O 171 24.51 -21.30 -38.54
CA ALA O 171 25.90 -21.25 -38.13
C ALA O 171 26.52 -22.64 -38.11
N LEU O 172 25.73 -23.65 -37.73
CA LEU O 172 26.24 -25.02 -37.68
C LEU O 172 26.44 -25.57 -39.08
N LEU O 173 25.49 -25.32 -39.99
CA LEU O 173 25.63 -25.82 -41.35
C LEU O 173 26.81 -25.18 -42.06
N ALA O 174 27.19 -23.97 -41.65
CA ALA O 174 28.38 -23.36 -42.20
C ALA O 174 29.64 -23.98 -41.62
N LEU O 175 29.56 -24.51 -40.40
CA LEU O 175 30.73 -25.10 -39.78
C LEU O 175 31.02 -26.47 -40.35
N ASN O 176 29.97 -27.27 -40.60
CA ASN O 176 30.15 -28.59 -41.20
C ASN O 176 30.99 -28.51 -42.46
N TYR O 177 30.63 -27.61 -43.38
CA TYR O 177 31.37 -27.48 -44.62
C TYR O 177 32.73 -26.83 -44.39
N THR O 178 32.85 -25.96 -43.39
CA THR O 178 34.11 -25.25 -43.16
C THR O 178 35.21 -26.22 -42.77
N LEU O 179 34.94 -27.09 -41.79
CA LEU O 179 35.94 -28.06 -41.37
C LEU O 179 36.19 -29.09 -42.46
N SER O 180 35.21 -29.29 -43.35
CA SER O 180 35.32 -30.36 -44.34
C SER O 180 36.15 -29.91 -45.54
N LYS O 181 36.00 -28.67 -45.97
CA LYS O 181 36.65 -28.28 -47.21
C LYS O 181 37.58 -27.08 -47.07
N ILE O 182 37.21 -26.09 -46.26
CA ILE O 182 38.06 -24.91 -46.10
C ILE O 182 39.41 -25.31 -45.49
N ASP O 183 39.37 -25.86 -44.29
CA ASP O 183 40.56 -26.42 -43.65
C ASP O 183 40.29 -27.89 -43.35
N LYS O 184 40.66 -28.75 -44.29
CA LYS O 184 40.26 -30.16 -44.28
C LYS O 184 41.01 -30.91 -43.18
N VAL O 185 40.56 -30.71 -41.95
CA VAL O 185 41.09 -31.49 -40.84
C VAL O 185 40.61 -32.93 -40.96
N SER O 186 41.48 -33.89 -40.62
CA SER O 186 41.08 -35.29 -40.78
C SER O 186 40.12 -35.74 -39.70
N PRO O 187 40.30 -35.41 -38.40
CA PRO O 187 39.19 -35.57 -37.46
C PRO O 187 38.35 -34.31 -37.39
N SER O 188 37.05 -34.42 -37.67
CA SER O 188 36.16 -33.29 -37.57
C SER O 188 35.10 -33.57 -36.52
N PRO O 189 35.03 -32.78 -35.44
CA PRO O 189 34.07 -33.09 -34.38
C PRO O 189 32.62 -32.96 -34.79
N LEU O 190 32.34 -32.32 -35.92
CA LEU O 190 30.97 -32.08 -36.36
C LEU O 190 30.72 -32.79 -37.68
N TYR O 191 29.60 -33.50 -37.75
CA TYR O 191 29.18 -34.18 -38.99
C TYR O 191 27.67 -34.16 -39.02
N ILE O 192 27.10 -33.38 -39.94
CA ILE O 192 25.66 -33.22 -40.05
C ILE O 192 25.21 -33.87 -41.35
N THR O 193 24.23 -34.76 -41.27
CA THR O 193 23.74 -35.49 -42.43
C THR O 193 22.22 -35.46 -42.44
N THR O 194 21.66 -35.58 -43.64
CA THR O 194 20.21 -35.56 -43.78
C THR O 194 19.59 -36.91 -43.53
N THR O 195 20.35 -37.99 -43.74
CA THR O 195 19.81 -39.33 -43.58
C THR O 195 19.49 -39.61 -42.11
N THR O 196 18.66 -40.63 -41.90
CA THR O 196 18.31 -41.03 -40.55
C THR O 196 19.53 -41.55 -39.82
N PRO O 197 19.61 -41.33 -38.50
CA PRO O 197 20.75 -41.85 -37.75
C PRO O 197 20.85 -43.36 -37.76
N SER O 198 19.71 -44.07 -37.82
CA SER O 198 19.74 -45.52 -37.83
C SER O 198 20.57 -46.04 -38.99
N SER O 199 20.36 -45.49 -40.18
CA SER O 199 21.20 -45.84 -41.33
C SER O 199 22.57 -45.17 -41.27
N ALA O 200 22.69 -44.06 -40.55
CA ALA O 200 23.98 -43.38 -40.44
C ALA O 200 24.99 -44.23 -39.68
N THR O 201 24.56 -44.87 -38.59
CA THR O 201 25.46 -45.77 -37.87
C THR O 201 25.88 -46.95 -38.74
N GLN O 202 25.02 -47.36 -39.68
CA GLN O 202 25.36 -48.48 -40.53
C GLN O 202 26.49 -48.13 -41.49
N ILE O 203 26.30 -47.08 -42.28
CA ILE O 203 27.33 -46.68 -43.24
C ILE O 203 28.54 -46.12 -42.50
N TYR O 204 28.33 -45.42 -41.40
CA TYR O 204 29.42 -44.86 -40.61
C TYR O 204 29.37 -45.43 -39.21
N PRO O 205 30.29 -46.33 -38.85
CA PRO O 205 30.19 -46.96 -37.52
C PRO O 205 30.52 -46.03 -36.38
N PHE O 206 31.51 -45.16 -36.54
CA PHE O 206 31.99 -44.35 -35.42
C PHE O 206 30.93 -43.40 -34.87
N LEU O 207 29.85 -43.15 -35.61
CA LEU O 207 28.81 -42.28 -35.11
C LEU O 207 28.04 -42.89 -33.95
N ALA O 208 28.19 -44.19 -33.71
CA ALA O 208 27.47 -44.84 -32.61
C ALA O 208 27.94 -44.36 -31.25
N HIS O 209 29.03 -43.60 -31.18
CA HIS O 209 29.61 -43.18 -29.91
C HIS O 209 29.44 -41.69 -29.65
N ASP O 210 29.35 -40.88 -30.69
CA ASP O 210 29.23 -39.44 -30.55
C ASP O 210 27.86 -39.05 -30.02
N ASN O 211 27.74 -37.80 -29.58
CA ASN O 211 26.45 -37.25 -29.22
C ASN O 211 25.65 -36.93 -30.48
N MET O 212 24.37 -36.61 -30.30
CA MET O 212 23.52 -36.32 -31.45
C MET O 212 22.33 -35.48 -31.02
N PHE O 213 22.12 -34.35 -31.70
CA PHE O 213 20.91 -33.56 -31.58
C PHE O 213 20.46 -33.16 -32.96
N THR O 214 19.21 -32.76 -33.08
CA THR O 214 18.60 -32.57 -34.39
C THR O 214 17.89 -31.24 -34.46
N PHE O 215 17.73 -30.76 -35.70
CA PHE O 215 16.99 -29.54 -35.98
C PHE O 215 16.44 -29.66 -37.39
N THR O 216 15.42 -28.85 -37.69
CA THR O 216 14.73 -28.96 -38.97
C THR O 216 14.52 -27.58 -39.56
N LEU O 217 14.34 -27.56 -40.88
CA LEU O 217 14.07 -26.34 -41.62
C LEU O 217 13.01 -26.62 -42.67
N ASN O 218 12.45 -25.55 -43.22
CA ASN O 218 11.41 -25.64 -44.24
C ASN O 218 11.96 -25.00 -45.51
N ILE O 219 12.67 -25.80 -46.31
CA ILE O 219 13.28 -25.34 -47.55
C ILE O 219 12.41 -25.79 -48.70
N SER O 220 11.95 -24.82 -49.49
CA SER O 220 11.12 -25.08 -50.66
C SER O 220 9.86 -25.85 -50.29
N GLY O 221 9.24 -25.44 -49.19
CA GLY O 221 7.99 -26.04 -48.78
C GLY O 221 8.14 -27.30 -47.98
N THR O 222 8.98 -28.21 -48.45
CA THR O 222 9.16 -29.50 -47.80
C THR O 222 9.99 -29.34 -46.53
N LEU O 223 9.84 -30.30 -45.62
CA LEU O 223 10.56 -30.29 -44.36
C LEU O 223 11.84 -31.09 -44.48
N VAL O 224 12.94 -30.51 -44.01
CA VAL O 224 14.24 -31.17 -44.00
C VAL O 224 14.72 -31.26 -42.56
N THR O 225 15.24 -32.42 -42.18
CA THR O 225 15.74 -32.65 -40.84
C THR O 225 17.23 -32.98 -40.91
N TYR O 226 18.00 -32.37 -40.01
CA TYR O 226 19.44 -32.60 -39.93
C TYR O 226 19.79 -33.23 -38.59
N TYR O 227 20.88 -33.98 -38.57
CA TYR O 227 21.34 -34.67 -37.37
C TYR O 227 22.82 -34.34 -37.17
N ALA O 228 23.11 -33.59 -36.11
CA ALA O 228 24.47 -33.15 -35.82
C ALA O 228 25.12 -34.13 -34.84
N PHE O 229 26.27 -34.66 -35.23
CA PHE O 229 27.02 -35.61 -34.42
C PHE O 229 28.26 -34.92 -33.86
N VAL O 230 28.42 -34.97 -32.54
CA VAL O 230 29.51 -34.31 -31.83
C VAL O 230 30.25 -35.35 -31.02
N ASN O 231 31.57 -35.44 -31.21
CA ASN O 231 32.38 -36.42 -30.51
C ASN O 231 33.19 -35.84 -29.36
N GLN O 232 33.17 -34.53 -29.16
CA GLN O 232 33.89 -33.92 -28.05
C GLN O 232 33.32 -32.54 -27.79
N THR O 233 33.39 -32.12 -26.53
CA THR O 233 32.86 -30.82 -26.12
C THR O 233 33.80 -29.71 -26.60
N PHE O 234 33.23 -28.73 -27.29
CA PHE O 234 34.01 -27.59 -27.75
C PHE O 234 33.07 -26.42 -27.98
N ALA O 235 33.66 -25.25 -28.22
CA ALA O 235 32.90 -24.04 -28.43
C ALA O 235 33.46 -23.30 -29.63
N PHE O 236 32.59 -22.58 -30.33
CA PHE O 236 33.01 -21.80 -31.48
C PHE O 236 32.30 -20.45 -31.45
N THR O 237 32.88 -19.49 -32.15
CA THR O 237 32.35 -18.13 -32.22
C THR O 237 32.04 -17.78 -33.66
N TYR O 238 30.98 -17.00 -33.85
CA TYR O 238 30.56 -16.56 -35.17
C TYR O 238 29.97 -15.17 -35.04
N PRO O 239 30.07 -14.35 -36.09
CA PRO O 239 29.60 -12.96 -35.98
C PRO O 239 28.08 -12.91 -35.92
N VAL O 240 27.57 -12.05 -35.04
CA VAL O 240 26.13 -11.87 -34.89
C VAL O 240 25.66 -10.51 -35.38
N ALA O 241 26.43 -9.44 -35.14
CA ALA O 241 26.01 -8.12 -35.57
C ALA O 241 27.22 -7.21 -35.68
N GLY O 242 27.24 -6.40 -36.73
CA GLY O 242 28.20 -5.33 -36.88
C GLY O 242 29.66 -5.73 -36.80
N ASP O 243 30.11 -6.60 -37.70
CA ASP O 243 31.49 -7.02 -37.78
C ASP O 243 32.03 -6.68 -39.17
N PRO O 244 32.45 -5.44 -39.39
CA PRO O 244 33.04 -5.09 -40.69
C PRO O 244 34.40 -5.71 -40.92
N LEU O 245 35.05 -6.22 -39.86
CA LEU O 245 36.37 -6.84 -39.98
C LEU O 245 36.19 -8.36 -40.03
N ILE O 246 35.92 -8.86 -41.22
CA ILE O 246 35.75 -10.29 -41.44
C ILE O 246 37.04 -10.85 -42.03
N GLY O 247 37.42 -12.04 -41.58
CA GLY O 247 38.67 -12.64 -41.97
C GLY O 247 39.85 -12.25 -41.12
N SER O 248 39.61 -11.77 -39.90
CA SER O 248 40.67 -11.34 -39.01
C SER O 248 40.56 -11.89 -37.60
N ALA O 249 39.41 -12.44 -37.21
CA ALA O 249 39.21 -12.99 -35.86
C ALA O 249 39.45 -11.93 -34.80
N ILE O 250 38.87 -10.76 -35.01
CA ILE O 250 38.93 -9.66 -34.05
C ILE O 250 37.52 -9.18 -33.80
N ALA O 251 37.17 -9.03 -32.53
CA ALA O 251 35.85 -8.53 -32.17
C ALA O 251 35.90 -7.01 -32.04
N PRO O 252 35.39 -6.27 -33.02
CA PRO O 252 35.48 -4.81 -32.96
C PRO O 252 34.55 -4.26 -31.90
N ALA O 253 34.84 -3.03 -31.49
CA ALA O 253 33.96 -2.34 -30.56
C ALA O 253 32.60 -2.11 -31.19
N GLY O 254 31.56 -2.20 -30.37
CA GLY O 254 30.21 -2.07 -30.88
C GLY O 254 29.84 -3.22 -31.79
N SER O 255 30.09 -4.44 -31.34
CA SER O 255 29.84 -5.63 -32.14
C SER O 255 29.50 -6.77 -31.22
N VAL O 256 28.50 -7.56 -31.61
CA VAL O 256 28.05 -8.71 -30.83
C VAL O 256 28.63 -9.97 -31.44
N ILE O 257 29.20 -10.82 -30.60
CA ILE O 257 29.79 -12.09 -31.02
C ILE O 257 29.05 -13.22 -30.34
N GLY O 258 28.69 -14.24 -31.10
CA GLY O 258 27.94 -15.37 -30.58
C GLY O 258 28.84 -16.55 -30.29
N VAL O 259 28.65 -17.15 -29.12
CA VAL O 259 29.42 -18.30 -28.67
C VAL O 259 28.46 -19.47 -28.50
N MET O 260 28.87 -20.65 -28.99
CA MET O 260 28.04 -21.84 -28.92
C MET O 260 28.88 -23.00 -28.43
N ILE O 261 28.58 -23.46 -27.21
CA ILE O 261 29.23 -24.64 -26.65
C ILE O 261 28.45 -25.86 -27.10
N LEU O 262 29.14 -26.84 -27.66
CA LEU O 262 28.52 -28.07 -28.14
C LEU O 262 28.92 -29.20 -27.22
N PHE O 263 27.98 -29.65 -26.38
CA PHE O 263 28.28 -30.68 -25.41
C PHE O 263 28.51 -32.02 -26.10
N GLY O 264 29.65 -32.64 -25.80
CA GLY O 264 30.00 -33.92 -26.38
C GLY O 264 29.46 -35.06 -25.56
N PRO O 265 29.87 -36.29 -25.90
CA PRO O 265 29.37 -37.45 -25.15
C PRO O 265 29.80 -37.47 -23.70
N ASP O 266 30.98 -36.92 -23.40
CA ASP O 266 31.49 -36.94 -22.04
C ASP O 266 30.61 -36.13 -21.10
N LEU O 267 30.23 -34.92 -21.51
CA LEU O 267 29.45 -34.03 -20.66
C LEU O 267 27.97 -33.96 -21.03
N GLY O 268 27.62 -34.23 -22.29
CA GLY O 268 26.23 -34.15 -22.69
C GLY O 268 25.33 -35.16 -22.01
N SER O 269 25.90 -36.23 -21.47
CA SER O 269 25.10 -37.26 -20.80
C SER O 269 24.50 -36.77 -19.50
N HIS O 270 24.87 -35.60 -19.01
CA HIS O 270 24.34 -35.05 -17.77
C HIS O 270 23.32 -33.97 -18.07
N VAL O 271 22.70 -33.48 -17.00
CA VAL O 271 21.82 -32.32 -17.07
C VAL O 271 22.02 -31.52 -15.79
N PHE O 272 22.52 -30.30 -15.93
CA PHE O 272 22.87 -29.49 -14.77
C PHE O 272 21.60 -29.07 -14.03
N GLN O 273 21.48 -29.49 -12.78
CA GLN O 273 20.23 -29.35 -12.02
C GLN O 273 20.58 -28.95 -10.60
N TYR O 274 20.17 -27.75 -10.21
CA TYR O 274 20.40 -27.22 -8.86
C TYR O 274 21.89 -27.08 -8.54
N GLN O 275 22.71 -26.85 -9.55
CA GLN O 275 24.15 -26.70 -9.38
C GLN O 275 24.58 -25.30 -9.79
N THR O 276 25.89 -25.05 -9.70
CA THR O 276 26.49 -23.81 -10.15
C THR O 276 27.32 -24.09 -11.40
N ILE O 277 27.11 -23.28 -12.43
CA ILE O 277 27.80 -23.43 -13.71
C ILE O 277 28.61 -22.17 -13.96
N THR O 278 29.89 -22.35 -14.27
CA THR O 278 30.82 -21.24 -14.44
C THR O 278 31.56 -21.38 -15.76
N ILE O 279 31.47 -20.35 -16.60
CA ILE O 279 32.21 -20.27 -17.85
C ILE O 279 33.11 -19.04 -17.78
N GLN O 280 34.35 -19.20 -18.22
CA GLN O 280 35.31 -18.09 -18.19
C GLN O 280 36.01 -17.99 -19.53
N ILE O 281 35.87 -16.83 -20.17
CA ILE O 281 36.53 -16.55 -21.44
C ILE O 281 37.72 -15.64 -21.15
N THR O 282 38.92 -16.16 -21.33
CA THR O 282 40.14 -15.40 -21.04
C THR O 282 40.86 -15.05 -22.33
N PRO O 283 40.77 -13.81 -22.80
CA PRO O 283 41.55 -13.42 -23.97
C PRO O 283 43.02 -13.22 -23.61
N ASN O 284 43.86 -12.97 -24.60
CA ASN O 284 45.29 -12.80 -24.34
C ASN O 284 45.64 -11.39 -23.87
N ILE O 285 44.78 -10.41 -24.10
CA ILE O 285 45.00 -9.04 -23.66
C ILE O 285 43.69 -8.52 -23.09
N GLY O 286 43.64 -8.36 -21.78
CA GLY O 286 42.47 -7.82 -21.11
C GLY O 286 41.89 -8.79 -20.09
N SER O 287 40.92 -8.28 -19.35
CA SER O 287 40.32 -9.04 -18.27
C SER O 287 39.45 -10.16 -18.82
N PRO O 288 39.37 -11.28 -18.13
CA PRO O 288 38.52 -12.38 -18.58
C PRO O 288 37.10 -12.24 -18.08
N LEU O 289 36.17 -12.65 -18.93
CA LEU O 289 34.74 -12.65 -18.60
C LEU O 289 34.41 -13.97 -17.93
N THR O 290 33.88 -13.91 -16.70
CA THR O 290 33.55 -15.10 -15.93
C THR O 290 32.06 -15.10 -15.61
N ILE O 291 31.33 -16.00 -16.24
CA ILE O 291 29.91 -16.17 -15.96
C ILE O 291 29.75 -17.16 -14.82
N SER O 292 28.65 -17.04 -14.09
CA SER O 292 28.36 -17.97 -13.00
C SER O 292 26.85 -18.02 -12.83
N GLU O 293 26.26 -19.18 -13.13
CA GLU O 293 24.81 -19.34 -13.10
C GLU O 293 24.43 -20.51 -12.22
N TYR O 294 23.28 -20.40 -11.57
CA TYR O 294 22.70 -21.45 -10.74
C TYR O 294 21.38 -21.85 -11.38
N VAL O 295 21.41 -22.92 -12.16
CA VAL O 295 20.21 -23.37 -12.87
C VAL O 295 19.36 -24.22 -11.94
N TYR O 296 18.06 -23.94 -11.91
CA TYR O 296 17.14 -24.74 -11.09
C TYR O 296 16.84 -26.07 -11.77
N GLN O 297 16.18 -26.01 -12.92
CA GLN O 297 15.68 -27.15 -13.66
C GLN O 297 15.28 -26.65 -15.03
N PRO O 298 15.67 -27.34 -16.10
CA PRO O 298 15.37 -26.82 -17.44
C PRO O 298 13.89 -26.90 -17.77
N GLU O 299 13.39 -25.87 -18.43
CA GLU O 299 12.00 -25.85 -18.88
C GLU O 299 11.92 -25.28 -20.29
N GLY O 300 11.01 -25.82 -21.08
CA GLY O 300 10.77 -25.32 -22.42
C GLY O 300 11.67 -25.87 -23.50
N SER O 301 12.58 -26.78 -23.16
CA SER O 301 13.51 -27.43 -24.10
C SER O 301 14.57 -26.48 -24.59
N VAL O 302 14.42 -25.18 -24.29
CA VAL O 302 15.48 -24.20 -24.41
C VAL O 302 15.36 -23.27 -23.21
N SER O 303 16.19 -23.48 -22.19
CA SER O 303 16.07 -22.69 -20.98
C SER O 303 16.64 -21.30 -21.18
N VAL O 304 16.20 -20.38 -20.33
CA VAL O 304 16.63 -18.99 -20.41
C VAL O 304 17.83 -18.72 -19.51
N ILE O 305 18.34 -19.74 -18.83
CA ILE O 305 19.49 -19.57 -17.96
C ILE O 305 20.26 -20.87 -17.83
N LEU P 19 93.19 16.01 -16.97
CA LEU P 19 92.46 16.37 -15.76
C LEU P 19 91.02 15.91 -15.84
N ALA P 20 90.43 15.65 -14.68
CA ALA P 20 89.04 15.22 -14.60
C ALA P 20 88.06 16.35 -14.90
N GLY P 21 88.55 17.56 -15.13
CA GLY P 21 87.65 18.65 -15.49
C GLY P 21 86.97 18.41 -16.83
N LEU P 22 87.75 17.96 -17.82
CA LEU P 22 87.17 17.69 -19.13
C LEU P 22 86.35 16.41 -19.12
N ASP P 23 86.77 15.42 -18.35
CA ASP P 23 86.01 14.17 -18.30
C ASP P 23 84.68 14.36 -17.59
N THR P 24 84.64 15.26 -16.61
CA THR P 24 83.38 15.53 -15.92
C THR P 24 82.43 16.31 -16.81
N ALA P 25 82.98 17.15 -17.69
CA ALA P 25 82.13 17.95 -18.57
C ALA P 25 81.52 17.07 -19.66
N ILE P 26 82.32 16.18 -20.24
CA ILE P 26 81.81 15.31 -21.30
C ILE P 26 80.71 14.41 -20.76
N ILE P 27 80.92 13.84 -19.57
CA ILE P 27 79.91 12.97 -18.97
C ILE P 27 78.66 13.78 -18.66
N LEU P 28 78.82 15.00 -18.14
CA LEU P 28 77.68 15.81 -17.76
C LEU P 28 76.75 16.05 -18.94
N ILE P 29 77.32 16.17 -20.14
CA ILE P 29 76.50 16.37 -21.34
C ILE P 29 75.66 15.13 -21.61
N ALA P 30 76.27 13.95 -21.47
CA ALA P 30 75.57 12.72 -21.80
C ALA P 30 74.40 12.48 -20.85
N PHE P 31 74.56 12.86 -19.59
CA PHE P 31 73.54 12.55 -18.60
C PHE P 31 72.35 13.49 -18.71
N ILE P 32 72.56 14.67 -19.28
CA ILE P 32 71.45 15.59 -19.47
C ILE P 32 70.64 15.20 -20.70
N ILE P 33 71.32 14.72 -21.75
CA ILE P 33 70.62 14.27 -22.95
C ILE P 33 69.76 13.06 -22.62
N THR P 34 70.30 12.12 -21.85
CA THR P 34 69.51 10.95 -21.46
C THR P 34 68.35 11.34 -20.56
N ALA P 35 68.49 12.44 -19.82
CA ALA P 35 67.38 12.89 -18.99
C ALA P 35 66.29 13.54 -19.82
N SER P 36 66.69 14.33 -20.82
CA SER P 36 65.70 14.99 -21.68
C SER P 36 64.93 13.98 -22.52
N VAL P 37 65.59 12.90 -22.93
CA VAL P 37 64.91 11.87 -23.70
C VAL P 37 63.81 11.23 -22.88
N LEU P 38 64.09 10.93 -21.62
CA LEU P 38 63.05 10.38 -20.75
C LEU P 38 61.92 11.38 -20.56
N ALA P 39 62.25 12.66 -20.49
CA ALA P 39 61.21 13.69 -20.44
C ALA P 39 60.41 13.71 -21.74
N TYR P 40 61.10 13.55 -22.87
CA TYR P 40 60.44 13.59 -24.17
C TYR P 40 59.40 12.50 -24.30
N VAL P 41 59.66 11.34 -23.70
CA VAL P 41 58.73 10.22 -23.81
C VAL P 41 57.71 10.26 -22.68
N ALA P 42 58.12 10.70 -21.49
CA ALA P 42 57.19 10.77 -20.38
C ALA P 42 56.06 11.75 -20.66
N ILE P 43 56.38 12.89 -21.27
CA ILE P 43 55.36 13.88 -21.58
C ILE P 43 54.46 13.36 -22.69
N ASN P 44 55.05 12.76 -23.72
CA ASN P 44 54.26 12.31 -24.87
C ASN P 44 53.26 11.24 -24.46
N MET P 45 53.72 10.19 -23.78
CA MET P 45 52.80 9.13 -23.38
C MET P 45 51.83 9.62 -22.31
N GLY P 46 52.24 10.58 -21.49
CA GLY P 46 51.33 11.12 -20.49
C GLY P 46 50.13 11.81 -21.11
N LEU P 47 50.36 12.54 -22.20
CA LEU P 47 49.24 13.17 -22.89
C LEU P 47 48.39 12.13 -23.60
N PHE P 48 49.00 11.05 -24.06
CA PHE P 48 48.26 10.05 -24.84
C PHE P 48 47.25 9.32 -23.97
N VAL P 49 47.67 8.85 -22.79
CA VAL P 49 46.75 8.11 -21.95
C VAL P 49 45.73 9.04 -21.30
N THR P 50 46.07 10.32 -21.15
CA THR P 50 45.12 11.28 -20.60
C THR P 50 44.00 11.55 -21.59
N GLN P 51 44.34 11.76 -22.85
CA GLN P 51 43.31 11.94 -23.87
C GLN P 51 42.51 10.67 -24.06
N LYS P 52 43.14 9.52 -23.89
CA LYS P 52 42.41 8.26 -23.95
C LYS P 52 41.47 8.12 -22.77
N ALA P 53 41.86 8.63 -21.60
CA ALA P 53 40.98 8.60 -20.45
C ALA P 53 39.79 9.51 -20.65
N LYS P 54 39.94 10.55 -21.46
CA LYS P 54 38.81 11.43 -21.77
C LYS P 54 37.82 10.73 -22.68
N SER P 55 38.31 9.93 -23.61
CA SER P 55 37.41 9.26 -24.56
C SER P 55 36.57 8.21 -23.86
N THR P 56 37.15 7.50 -22.90
CA THR P 56 36.39 6.46 -22.22
C THR P 56 35.38 7.04 -21.24
N ILE P 57 35.62 8.26 -20.75
CA ILE P 57 34.61 8.93 -19.92
C ILE P 57 33.38 9.24 -20.75
N ASN P 58 33.59 9.64 -22.01
CA ASN P 58 32.47 9.95 -22.89
C ASN P 58 31.65 8.71 -23.17
N LYS P 59 32.31 7.61 -23.55
CA LYS P 59 31.59 6.37 -23.83
C LYS P 59 30.97 5.81 -22.56
N GLY P 60 31.66 5.96 -21.42
CA GLY P 60 31.12 5.46 -20.18
C GLY P 60 29.82 6.12 -19.79
N GLU P 61 29.68 7.40 -20.12
CA GLU P 61 28.43 8.11 -19.82
C GLU P 61 27.37 7.80 -20.87
N GLU P 62 27.77 7.69 -22.14
CA GLU P 62 26.80 7.38 -23.18
C GLU P 62 26.20 6.00 -22.99
N THR P 63 26.95 5.09 -22.39
CA THR P 63 26.41 3.76 -22.13
C THR P 63 25.39 3.79 -21.00
N ALA P 64 25.64 4.60 -19.97
CA ALA P 64 24.74 4.66 -18.83
C ALA P 64 23.52 5.53 -19.10
N SER P 65 23.50 6.26 -20.20
CA SER P 65 22.41 7.19 -20.47
C SER P 65 21.52 6.79 -21.64
N THR P 66 21.92 5.81 -22.43
CA THR P 66 21.21 5.42 -23.64
C THR P 66 20.54 4.07 -23.44
N ALA P 67 19.23 4.01 -23.69
CA ALA P 67 18.47 2.78 -23.60
C ALA P 67 17.09 3.01 -24.16
N LEU P 68 16.52 1.97 -24.77
CA LEU P 68 15.20 2.04 -25.36
C LEU P 68 14.14 1.64 -24.34
N THR P 69 12.88 1.82 -24.72
CA THR P 69 11.76 1.41 -23.88
C THR P 69 10.58 1.04 -24.77
N LEU P 70 9.70 0.21 -24.24
CA LEU P 70 8.54 -0.27 -24.99
C LEU P 70 7.37 0.66 -24.72
N SER P 71 7.13 1.58 -25.65
CA SER P 71 6.08 2.58 -25.52
C SER P 71 4.98 2.22 -26.52
N GLY P 72 4.07 1.34 -26.10
CA GLY P 72 3.01 0.89 -26.97
C GLY P 72 2.84 -0.62 -26.93
N SER P 73 1.61 -1.08 -26.73
CA SER P 73 1.35 -2.51 -26.59
C SER P 73 1.75 -3.25 -27.86
N VAL P 74 2.12 -4.52 -27.68
CA VAL P 74 2.62 -5.36 -28.76
C VAL P 74 1.46 -6.11 -29.37
N LEU P 75 1.42 -6.15 -30.70
CA LEU P 75 0.37 -6.84 -31.43
C LEU P 75 0.86 -8.18 -31.94
N TYR P 76 -0.04 -8.92 -32.57
CA TYR P 76 0.26 -10.26 -33.05
C TYR P 76 -0.79 -10.67 -34.06
N ALA P 77 -0.36 -11.06 -35.25
CA ALA P 77 -1.25 -11.41 -36.34
C ALA P 77 -1.26 -12.90 -36.59
N VAL P 78 -2.45 -13.43 -36.90
CA VAL P 78 -2.67 -14.87 -37.06
C VAL P 78 -4.02 -15.06 -37.72
N ASN P 79 -4.14 -16.09 -38.56
CA ASN P 79 -5.44 -16.41 -39.13
C ASN P 79 -6.42 -16.81 -38.03
N TYR P 80 -7.55 -16.11 -37.96
CA TYR P 80 -8.40 -16.21 -36.78
C TYR P 80 -9.22 -17.50 -36.73
N PRO P 81 -9.93 -17.90 -37.78
CA PRO P 81 -10.77 -19.10 -37.64
C PRO P 81 -9.99 -20.35 -37.28
N SER P 82 -8.96 -20.69 -38.04
CA SER P 82 -8.12 -21.85 -37.78
C SER P 82 -6.71 -21.35 -37.54
N ASN P 83 -6.32 -21.30 -36.26
CA ASN P 83 -5.00 -20.77 -35.91
C ASN P 83 -3.91 -21.73 -36.35
N THR P 84 -3.39 -21.54 -37.54
CA THR P 84 -2.34 -22.41 -38.06
C THR P 84 -1.10 -21.65 -38.49
N ARG P 85 -1.25 -20.48 -39.09
CA ARG P 85 -0.13 -19.67 -39.54
C ARG P 85 0.07 -18.48 -38.62
N SER P 86 1.25 -17.88 -38.73
CA SER P 86 1.58 -16.66 -38.01
C SER P 86 2.09 -15.63 -39.00
N TYR P 87 1.60 -14.41 -38.90
CA TYR P 87 1.82 -13.40 -39.93
C TYR P 87 2.86 -12.36 -39.53
N TRP P 88 2.66 -11.66 -38.41
CA TRP P 88 3.61 -10.62 -38.02
C TRP P 88 3.38 -10.22 -36.58
N ILE P 89 4.39 -9.60 -35.99
CA ILE P 89 4.32 -8.98 -34.68
C ILE P 89 4.74 -7.53 -34.82
N TYR P 90 3.98 -6.64 -34.19
CA TYR P 90 4.25 -5.21 -34.29
C TYR P 90 4.24 -4.58 -32.91
N PHE P 91 5.17 -3.66 -32.68
CA PHE P 91 5.21 -2.89 -31.44
C PHE P 91 6.17 -1.72 -31.65
N THR P 92 6.00 -0.69 -30.83
CA THR P 92 6.79 0.52 -30.95
C THR P 92 7.83 0.59 -29.85
N VAL P 93 8.88 1.37 -30.11
CA VAL P 93 9.96 1.57 -29.15
C VAL P 93 10.35 3.04 -29.18
N SER P 94 10.85 3.54 -28.07
CA SER P 94 11.28 4.91 -27.94
C SER P 94 12.45 4.96 -26.97
N PRO P 95 13.25 6.03 -27.00
CA PRO P 95 14.28 6.20 -25.97
C PRO P 95 13.65 6.24 -24.58
N SER P 96 14.43 5.81 -23.59
CA SER P 96 13.94 5.74 -22.21
C SER P 96 13.38 7.07 -21.76
N SER P 97 14.20 8.11 -21.83
CA SER P 97 13.77 9.48 -21.61
C SER P 97 14.45 10.35 -22.65
N GLY P 98 14.11 11.63 -22.65
CA GLY P 98 14.75 12.54 -23.58
C GLY P 98 16.17 12.84 -23.14
N VAL P 99 17.03 11.83 -23.19
CA VAL P 99 18.38 11.94 -22.66
C VAL P 99 19.43 11.75 -23.76
N SER P 100 19.26 10.76 -24.63
CA SER P 100 20.27 10.49 -25.64
C SER P 100 19.62 9.79 -26.82
N SER P 101 20.06 10.15 -28.02
CA SER P 101 19.58 9.51 -29.23
C SER P 101 20.14 8.09 -29.33
N VAL P 102 19.38 7.23 -30.01
CA VAL P 102 19.75 5.84 -30.18
C VAL P 102 19.93 5.58 -31.67
N GLU P 103 21.01 4.88 -32.03
CA GLU P 103 21.27 4.53 -33.41
C GLU P 103 20.65 3.18 -33.71
N LEU P 104 19.71 3.15 -34.66
CA LEU P 104 19.04 1.93 -35.06
C LEU P 104 19.45 1.50 -36.46
N SER P 105 20.71 1.69 -36.81
CA SER P 105 21.20 1.25 -38.11
C SER P 105 21.15 -0.27 -38.17
N PRO P 106 20.58 -0.86 -39.23
CA PRO P 106 20.45 -2.32 -39.29
C PRO P 106 21.78 -3.04 -39.37
N SER P 107 22.89 -2.33 -39.52
CA SER P 107 24.20 -2.97 -39.62
C SER P 107 24.84 -3.16 -38.25
N THR P 108 24.49 -2.34 -37.27
CA THR P 108 25.13 -2.40 -35.96
C THR P 108 24.28 -3.08 -34.90
N THR P 109 22.98 -2.78 -34.83
CA THR P 109 22.14 -3.34 -33.80
C THR P 109 21.57 -4.69 -34.22
N ALA P 110 21.03 -5.42 -33.25
CA ALA P 110 20.56 -6.77 -33.48
C ALA P 110 19.23 -6.98 -32.78
N ILE P 111 18.30 -7.62 -33.48
CA ILE P 111 17.01 -8.01 -32.92
C ILE P 111 16.96 -9.53 -32.92
N SER P 112 16.99 -10.12 -31.73
CA SER P 112 17.00 -11.57 -31.61
C SER P 112 15.63 -12.06 -31.20
N PHE P 113 15.25 -13.23 -31.74
CA PHE P 113 13.95 -13.83 -31.49
C PHE P 113 14.15 -15.27 -31.06
N THR P 114 13.35 -15.71 -30.10
CA THR P 114 13.45 -17.08 -29.61
C THR P 114 12.13 -17.49 -28.96
N ALA P 115 11.63 -18.65 -29.36
CA ALA P 115 10.45 -19.25 -28.74
C ALA P 115 10.88 -20.50 -28.00
N SER P 116 10.55 -20.57 -26.71
CA SER P 116 11.03 -21.67 -25.88
C SER P 116 10.44 -23.00 -26.34
N ALA P 117 9.11 -23.12 -26.29
CA ALA P 117 8.47 -24.42 -26.53
C ALA P 117 8.88 -25.03 -27.86
N GLU P 118 8.84 -24.24 -28.94
CA GLU P 118 9.22 -24.77 -30.23
C GLU P 118 10.73 -24.94 -30.37
N GLY P 119 11.52 -24.49 -29.40
CA GLY P 119 12.96 -24.61 -29.45
C GLY P 119 13.64 -23.77 -30.50
N ILE P 120 12.89 -23.00 -31.27
CA ILE P 120 13.48 -22.18 -32.33
C ILE P 120 14.11 -20.94 -31.71
N SER P 121 15.27 -20.55 -32.24
CA SER P 121 15.97 -19.37 -31.76
C SER P 121 16.66 -18.71 -32.94
N TYR P 122 16.70 -17.37 -32.92
CA TYR P 122 17.30 -16.59 -33.99
C TYR P 122 18.31 -15.62 -33.40
N SER P 123 18.92 -14.82 -34.28
CA SER P 123 19.88 -13.82 -33.85
C SER P 123 20.03 -12.79 -34.95
N ASN P 124 19.76 -11.52 -34.64
CA ASN P 124 19.89 -10.42 -35.59
C ASN P 124 19.11 -10.70 -36.87
N ILE P 125 17.79 -10.74 -36.71
CA ILE P 125 16.90 -10.86 -37.85
C ILE P 125 16.57 -9.47 -38.38
N TYR P 126 17.25 -8.45 -37.84
CA TYR P 126 17.03 -7.07 -38.22
C TYR P 126 17.82 -6.78 -39.50
N GLU P 127 17.11 -6.44 -40.57
CA GLU P 127 17.73 -6.32 -41.88
C GLU P 127 17.62 -4.93 -42.47
N TYR P 128 16.44 -4.32 -42.48
CA TYR P 128 16.23 -3.05 -43.15
C TYR P 128 15.51 -2.08 -42.22
N THR P 129 15.59 -0.80 -42.57
CA THR P 129 14.90 0.25 -41.83
C THR P 129 14.44 1.33 -42.79
N LEU P 130 13.31 1.95 -42.47
CA LEU P 130 12.75 3.02 -43.27
C LEU P 130 13.13 4.40 -42.76
N LEU P 131 13.99 4.48 -41.74
CA LEU P 131 14.39 5.77 -41.21
C LEU P 131 15.34 6.50 -42.14
N THR P 132 15.90 5.82 -43.13
CA THR P 132 16.90 6.41 -44.00
C THR P 132 16.33 6.93 -45.31
N VAL P 133 15.25 6.34 -45.80
CA VAL P 133 14.71 6.72 -47.10
C VAL P 133 14.04 8.08 -47.01
N SER P 134 14.31 8.94 -48.00
CA SER P 134 13.79 10.29 -47.98
C SER P 134 12.34 10.31 -48.45
N PRO P 135 11.48 11.09 -47.79
CA PRO P 135 10.06 11.10 -48.15
C PRO P 135 9.75 11.66 -49.53
N SER P 136 10.75 12.08 -50.29
CA SER P 136 10.52 12.59 -51.63
C SER P 136 10.59 11.50 -52.69
N GLU P 137 11.10 10.32 -52.36
CA GLU P 137 11.21 9.26 -53.34
C GLU P 137 9.95 8.40 -53.39
N LEU P 138 9.30 8.20 -52.25
CA LEU P 138 8.15 7.31 -52.21
C LEU P 138 6.88 8.02 -52.64
N ALA P 139 6.86 9.35 -52.60
CA ALA P 139 5.62 10.11 -52.73
C ALA P 139 5.03 10.10 -54.12
N ASN P 140 5.64 9.41 -55.09
CA ASN P 140 5.13 9.47 -56.46
C ASN P 140 4.68 8.12 -57.00
N GLN P 141 5.52 7.10 -56.95
CA GLN P 141 5.34 5.90 -57.78
C GLN P 141 4.70 4.78 -56.97
N VAL P 142 3.39 4.87 -56.77
CA VAL P 142 2.57 3.75 -56.33
C VAL P 142 1.10 4.09 -56.55
N TYR P 143 0.32 3.14 -57.05
CA TYR P 143 -1.10 3.35 -57.24
C TYR P 143 -1.78 2.04 -57.59
N ALA P 144 -3.07 1.97 -57.27
CA ALA P 144 -3.89 0.81 -57.60
C ALA P 144 -5.26 1.20 -58.14
N ASN P 145 -5.54 2.49 -58.28
CA ASN P 145 -6.79 2.98 -58.84
C ASN P 145 -6.49 4.27 -59.59
N GLY P 146 -7.53 5.05 -59.85
CA GLY P 146 -7.38 6.26 -60.64
C GLY P 146 -6.35 7.26 -60.13
N GLN P 147 -5.92 7.12 -58.88
CA GLN P 147 -5.03 8.08 -58.26
C GLN P 147 -3.78 7.42 -57.71
N TYR P 148 -2.70 8.19 -57.67
CA TYR P 148 -1.50 7.81 -56.93
C TYR P 148 -1.72 8.12 -55.45
N LEU P 149 -1.21 7.26 -54.58
CA LEU P 149 -1.39 7.43 -53.15
C LEU P 149 -0.07 7.81 -52.49
N ASP P 150 -0.17 8.58 -51.41
CA ASP P 150 0.98 9.00 -50.63
C ASP P 150 0.99 8.27 -49.30
N LEU P 151 2.17 7.78 -48.91
CA LEU P 151 2.30 6.96 -47.71
C LEU P 151 2.79 7.77 -46.51
N VAL P 152 3.94 8.43 -46.64
CA VAL P 152 4.46 9.22 -45.54
C VAL P 152 3.64 10.48 -45.36
N ASN P 153 3.70 11.05 -44.16
CA ASN P 153 2.93 12.26 -43.84
C ASN P 153 3.87 13.26 -43.17
N GLN P 154 4.37 14.21 -43.94
CA GLN P 154 5.37 15.15 -43.47
C GLN P 154 4.74 16.50 -43.13
N GLN P 155 5.26 17.12 -42.08
CA GLN P 155 4.78 18.42 -41.60
C GLN P 155 5.94 19.16 -40.95
N THR P 156 6.07 20.43 -41.29
CA THR P 156 7.26 21.21 -40.93
C THR P 156 6.95 22.26 -39.88
N ASN P 157 7.88 22.46 -38.96
CA ASN P 157 7.88 23.60 -38.07
C ASN P 157 9.30 23.83 -37.58
N ALA P 158 9.58 25.08 -37.18
CA ALA P 158 10.89 25.46 -36.66
C ALA P 158 12.01 25.11 -37.63
N GLY P 159 11.75 25.19 -38.93
CA GLY P 159 12.76 24.87 -39.92
C GLY P 159 13.12 23.41 -40.03
N GLN P 160 12.35 22.52 -39.41
CA GLN P 160 12.63 21.09 -39.45
C GLN P 160 11.38 20.36 -39.93
N THR P 161 11.59 19.35 -40.78
CA THR P 161 10.50 18.56 -41.34
C THR P 161 10.41 17.23 -40.61
N TYR P 162 9.23 16.92 -40.10
CA TYR P 162 8.97 15.67 -39.40
C TYR P 162 8.11 14.78 -40.28
N VAL P 163 8.60 13.57 -40.57
CA VAL P 163 7.87 12.62 -41.38
C VAL P 163 7.59 11.38 -40.55
N TYR P 164 6.57 10.64 -40.96
CA TYR P 164 6.21 9.40 -40.28
C TYR P 164 5.23 8.63 -41.16
N TYR P 165 5.06 7.35 -40.83
CA TYR P 165 4.15 6.48 -41.56
C TYR P 165 2.96 6.14 -40.68
N PRO P 166 1.74 6.47 -41.08
CA PRO P 166 0.58 6.33 -40.20
C PRO P 166 0.00 4.93 -40.11
N ASN P 167 0.64 3.93 -40.69
CA ASN P 167 0.02 2.61 -40.78
C ASN P 167 1.05 1.56 -41.16
N PRO P 168 1.10 0.43 -40.47
CA PRO P 168 2.01 -0.64 -40.88
C PRO P 168 1.80 -1.10 -42.32
N TYR P 169 0.55 -1.07 -42.81
CA TYR P 169 0.32 -1.45 -44.20
C TYR P 169 0.91 -0.43 -45.15
N TYR P 170 0.80 0.86 -44.81
CA TYR P 170 1.46 1.88 -45.61
C TYR P 170 2.97 1.70 -45.58
N ALA P 171 3.50 1.30 -44.43
CA ALA P 171 4.95 1.07 -44.33
C ALA P 171 5.38 -0.10 -45.20
N LEU P 172 4.54 -1.13 -45.28
CA LEU P 172 4.90 -2.32 -46.05
C LEU P 172 4.99 -2.00 -47.54
N LEU P 173 3.95 -1.37 -48.09
CA LEU P 173 4.00 -0.96 -49.50
C LEU P 173 5.17 -0.03 -49.75
N ALA P 174 5.52 0.77 -48.75
CA ALA P 174 6.71 1.62 -48.88
C ALA P 174 7.97 0.78 -48.91
N LEU P 175 8.03 -0.28 -48.11
CA LEU P 175 9.23 -1.11 -48.05
C LEU P 175 9.39 -1.94 -49.31
N ASN P 176 8.29 -2.44 -49.86
CA ASN P 176 8.37 -3.24 -51.09
C ASN P 176 9.05 -2.46 -52.20
N TYR P 177 8.73 -1.17 -52.32
CA TYR P 177 9.34 -0.36 -53.36
C TYR P 177 10.81 -0.11 -53.07
N THR P 178 11.13 0.29 -51.84
CA THR P 178 12.51 0.62 -51.52
C THR P 178 13.43 -0.58 -51.65
N LEU P 179 12.91 -1.78 -51.40
CA LEU P 179 13.70 -2.99 -51.61
C LEU P 179 13.86 -3.30 -53.08
N SER P 180 12.86 -2.95 -53.90
CA SER P 180 12.91 -3.33 -55.31
C SER P 180 13.67 -2.31 -56.15
N LYS P 181 13.45 -1.03 -55.91
CA LYS P 181 14.02 0.01 -56.75
C LYS P 181 15.11 0.82 -56.06
N ILE P 182 14.91 1.20 -54.80
CA ILE P 182 15.89 2.06 -54.14
C ILE P 182 17.18 1.29 -53.87
N ASP P 183 17.10 0.23 -53.07
CA ASP P 183 18.25 -0.59 -52.73
C ASP P 183 18.30 -1.76 -53.70
N LYS P 184 19.37 -1.82 -54.49
CA LYS P 184 19.50 -2.84 -55.53
C LYS P 184 19.80 -4.21 -54.94
N VAL P 185 18.87 -4.78 -54.18
CA VAL P 185 19.03 -6.13 -53.68
C VAL P 185 18.34 -7.09 -54.66
N SER P 186 19.08 -8.07 -55.14
CA SER P 186 18.51 -9.00 -56.11
C SER P 186 17.61 -10.04 -55.44
N PRO P 187 18.00 -10.65 -54.29
CA PRO P 187 17.01 -11.45 -53.57
C PRO P 187 16.18 -10.59 -52.65
N SER P 188 14.94 -10.35 -53.00
CA SER P 188 14.13 -9.49 -52.14
C SER P 188 13.17 -10.34 -51.34
N PRO P 189 13.24 -10.28 -50.01
CA PRO P 189 12.36 -11.12 -49.20
C PRO P 189 10.89 -10.75 -49.36
N LEU P 190 10.58 -9.47 -49.20
CA LEU P 190 9.20 -8.99 -49.27
C LEU P 190 8.81 -8.73 -50.71
N TYR P 191 7.59 -9.10 -51.06
CA TYR P 191 7.10 -8.95 -52.42
C TYR P 191 5.58 -8.93 -52.38
N ILE P 192 4.98 -7.80 -52.71
CA ILE P 192 3.54 -7.60 -52.62
C ILE P 192 2.98 -7.37 -54.01
N THR P 193 1.90 -8.09 -54.33
CA THR P 193 1.17 -7.87 -55.58
C THR P 193 -0.31 -7.90 -55.29
N THR P 194 -1.09 -7.34 -56.22
CA THR P 194 -2.53 -7.34 -56.12
C THR P 194 -3.16 -8.53 -56.82
N THR P 195 -2.47 -9.11 -57.80
CA THR P 195 -3.03 -10.21 -58.57
C THR P 195 -3.29 -11.42 -57.70
N THR P 196 -4.16 -12.30 -58.17
CA THR P 196 -4.57 -13.45 -57.38
C THR P 196 -3.39 -14.38 -57.16
N PRO P 197 -3.16 -14.86 -55.93
CA PRO P 197 -2.06 -15.80 -55.70
C PRO P 197 -2.22 -17.09 -56.48
N SER P 198 -3.46 -17.49 -56.81
CA SER P 198 -3.65 -18.64 -57.67
C SER P 198 -3.02 -18.44 -59.04
N SER P 199 -2.82 -17.20 -59.46
CA SER P 199 -2.10 -16.90 -60.68
C SER P 199 -0.71 -16.33 -60.44
N ALA P 200 -0.45 -15.78 -59.25
CA ALA P 200 0.87 -15.27 -58.96
C ALA P 200 1.90 -16.38 -58.87
N THR P 201 1.55 -17.49 -58.22
CA THR P 201 2.45 -18.63 -58.16
C THR P 201 2.62 -19.30 -59.52
N GLN P 202 1.70 -19.08 -60.45
CA GLN P 202 1.85 -19.67 -61.78
C GLN P 202 2.92 -18.95 -62.58
N ILE P 203 2.90 -17.62 -62.59
CA ILE P 203 3.90 -16.87 -63.34
C ILE P 203 5.23 -16.90 -62.61
N TYR P 204 5.21 -16.80 -61.28
CA TYR P 204 6.42 -16.88 -60.47
C TYR P 204 6.34 -18.13 -59.62
N PRO P 205 7.05 -19.21 -59.97
CA PRO P 205 6.90 -20.45 -59.20
C PRO P 205 7.46 -20.36 -57.80
N PHE P 206 8.47 -19.52 -57.56
CA PHE P 206 9.11 -19.48 -56.25
C PHE P 206 8.18 -18.94 -55.17
N LEU P 207 7.13 -18.21 -55.54
CA LEU P 207 6.25 -17.62 -54.56
C LEU P 207 5.39 -18.64 -53.83
N ALA P 208 5.45 -19.91 -54.22
CA ALA P 208 4.66 -20.93 -53.55
C ALA P 208 5.23 -21.36 -52.21
N HIS P 209 6.51 -21.08 -51.94
CA HIS P 209 7.12 -21.48 -50.69
C HIS P 209 7.02 -20.41 -49.61
N ASP P 210 6.98 -19.15 -50.02
CA ASP P 210 6.99 -18.06 -49.06
C ASP P 210 5.67 -17.97 -48.31
N ASN P 211 5.76 -17.59 -47.04
CA ASN P 211 4.57 -17.37 -46.24
C ASN P 211 3.80 -16.17 -46.78
N MET P 212 2.48 -16.20 -46.59
CA MET P 212 1.63 -15.17 -47.16
C MET P 212 0.62 -14.68 -46.14
N PHE P 213 0.52 -13.36 -46.00
CA PHE P 213 -0.56 -12.74 -45.25
C PHE P 213 -1.15 -11.62 -46.10
N THR P 214 -2.46 -11.46 -46.02
CA THR P 214 -3.18 -10.52 -46.86
C THR P 214 -3.69 -9.35 -46.03
N PHE P 215 -3.66 -8.17 -46.63
CA PHE P 215 -4.22 -6.96 -46.04
C PHE P 215 -4.95 -6.19 -47.13
N THR P 216 -6.04 -5.52 -46.76
CA THR P 216 -6.96 -4.93 -47.72
C THR P 216 -7.02 -3.42 -47.51
N LEU P 217 -7.00 -2.67 -48.60
CA LEU P 217 -7.16 -1.23 -48.59
C LEU P 217 -8.43 -0.83 -49.32
N ASN P 218 -8.68 0.47 -49.40
CA ASN P 218 -9.88 1.01 -50.03
C ASN P 218 -9.53 2.37 -50.60
N ILE P 219 -9.25 2.42 -51.90
CA ILE P 219 -8.86 3.65 -52.58
C ILE P 219 -9.90 3.97 -53.63
N SER P 220 -10.35 5.22 -53.67
CA SER P 220 -11.34 5.69 -54.63
C SER P 220 -12.62 4.88 -54.57
N GLY P 221 -12.98 4.44 -53.36
CA GLY P 221 -14.20 3.67 -53.16
C GLY P 221 -14.14 2.28 -53.76
N THR P 222 -13.00 1.91 -54.31
CA THR P 222 -12.82 0.61 -54.93
C THR P 222 -11.97 -0.27 -54.03
N LEU P 223 -12.45 -1.49 -53.78
CA LEU P 223 -11.76 -2.39 -52.88
C LEU P 223 -10.49 -2.92 -53.53
N VAL P 224 -9.38 -2.89 -52.81
CA VAL P 224 -8.10 -3.41 -53.28
C VAL P 224 -7.52 -4.30 -52.19
N THR P 225 -7.09 -5.50 -52.59
CA THR P 225 -6.52 -6.48 -51.68
C THR P 225 -5.08 -6.76 -52.08
N TYR P 226 -4.21 -6.95 -51.08
CA TYR P 226 -2.79 -7.17 -51.31
C TYR P 226 -2.36 -8.48 -50.66
N TYR P 227 -1.38 -9.13 -51.29
CA TYR P 227 -0.83 -10.39 -50.81
C TYR P 227 0.68 -10.25 -50.67
N ALA P 228 1.16 -10.35 -49.43
CA ALA P 228 2.57 -10.22 -49.13
C ALA P 228 3.21 -11.59 -49.03
N PHE P 229 4.35 -11.77 -49.68
CA PHE P 229 5.08 -13.04 -49.69
C PHE P 229 6.42 -12.83 -48.98
N VAL P 230 6.60 -13.49 -47.84
CA VAL P 230 7.82 -13.39 -47.05
C VAL P 230 8.49 -14.75 -47.04
N ASN P 231 9.80 -14.78 -47.29
CA ASN P 231 10.55 -16.04 -47.36
C ASN P 231 11.49 -16.24 -46.19
N GLN P 232 11.62 -15.27 -45.29
CA GLN P 232 12.46 -15.43 -44.12
C GLN P 232 12.01 -14.46 -43.06
N THR P 233 12.10 -14.89 -41.80
CA THR P 233 11.68 -14.06 -40.68
C THR P 233 12.65 -12.90 -40.50
N PHE P 234 12.20 -11.69 -40.79
CA PHE P 234 13.02 -10.51 -40.62
C PHE P 234 12.18 -9.38 -40.05
N ALA P 235 12.86 -8.37 -39.53
CA ALA P 235 12.21 -7.24 -38.87
C ALA P 235 12.73 -5.94 -39.45
N PHE P 236 11.86 -4.94 -39.50
CA PHE P 236 12.22 -3.63 -40.01
C PHE P 236 11.60 -2.56 -39.12
N THR P 237 12.15 -1.35 -39.21
CA THR P 237 11.74 -0.23 -38.37
C THR P 237 11.45 0.97 -39.24
N TYR P 238 10.37 1.68 -38.93
CA TYR P 238 9.96 2.87 -39.63
C TYR P 238 9.64 3.97 -38.64
N PRO P 239 9.71 5.24 -39.05
CA PRO P 239 9.39 6.32 -38.13
C PRO P 239 7.89 6.50 -37.98
N VAL P 240 7.43 6.65 -36.75
CA VAL P 240 6.01 6.79 -36.48
C VAL P 240 5.65 8.06 -35.74
N ALA P 241 6.60 8.75 -35.10
CA ALA P 241 6.28 10.00 -34.44
C ALA P 241 7.51 10.83 -34.15
N GLY P 242 7.56 12.06 -34.68
CA GLY P 242 8.57 13.02 -34.32
C GLY P 242 10.00 12.61 -34.60
N ASP P 243 10.36 12.48 -35.87
CA ASP P 243 11.71 12.11 -36.28
C ASP P 243 12.17 13.08 -37.37
N PRO P 244 12.83 14.17 -36.99
CA PRO P 244 13.30 15.12 -37.99
C PRO P 244 14.53 14.64 -38.75
N LEU P 245 15.39 13.89 -38.06
CA LEU P 245 16.63 13.39 -38.66
C LEU P 245 16.31 12.16 -39.49
N ILE P 246 15.85 12.40 -40.72
CA ILE P 246 15.51 11.33 -41.65
C ILE P 246 16.63 11.20 -42.66
N GLY P 247 17.17 9.99 -42.79
CA GLY P 247 18.32 9.74 -43.62
C GLY P 247 19.56 9.32 -42.86
N SER P 248 19.45 9.03 -41.57
CA SER P 248 20.60 8.66 -40.76
C SER P 248 20.39 7.43 -39.89
N ALA P 249 19.16 6.91 -39.79
CA ALA P 249 18.86 5.73 -38.98
C ALA P 249 19.24 5.96 -37.52
N ILE P 250 18.69 7.04 -36.96
CA ILE P 250 18.92 7.42 -35.57
C ILE P 250 17.59 7.78 -34.95
N ALA P 251 17.28 7.19 -33.81
CA ALA P 251 16.06 7.50 -33.07
C ALA P 251 16.35 8.61 -32.07
N PRO P 252 16.01 9.85 -32.38
CA PRO P 252 16.37 10.96 -31.49
C PRO P 252 15.56 10.92 -30.20
N ALA P 253 16.01 11.73 -29.25
CA ALA P 253 15.30 11.83 -27.98
C ALA P 253 13.91 12.39 -28.20
N GLY P 254 12.92 11.72 -27.62
CA GLY P 254 11.54 12.15 -27.77
C GLY P 254 10.83 11.59 -28.99
N SER P 255 11.50 10.77 -29.79
CA SER P 255 10.89 10.16 -30.95
C SER P 255 10.25 8.83 -30.57
N VAL P 256 9.42 8.32 -31.48
CA VAL P 256 8.81 7.01 -31.33
C VAL P 256 9.08 6.24 -32.61
N ILE P 257 9.58 5.01 -32.47
CA ILE P 257 9.92 4.16 -33.60
C ILE P 257 9.08 2.90 -33.53
N GLY P 258 8.54 2.48 -34.67
CA GLY P 258 7.76 1.26 -34.74
C GLY P 258 8.60 0.11 -35.28
N VAL P 259 8.43 -1.05 -34.67
CA VAL P 259 9.13 -2.26 -35.08
C VAL P 259 8.09 -3.28 -35.51
N MET P 260 8.29 -3.88 -36.67
CA MET P 260 7.39 -4.91 -37.19
C MET P 260 8.22 -6.11 -37.62
N ILE P 261 7.99 -7.25 -36.98
CA ILE P 261 8.63 -8.50 -37.33
C ILE P 261 7.69 -9.25 -38.26
N LEU P 262 8.23 -9.73 -39.37
CA LEU P 262 7.47 -10.53 -40.33
C LEU P 262 7.89 -11.97 -40.20
N PHE P 263 6.93 -12.87 -40.16
CA PHE P 263 7.19 -14.29 -39.96
C PHE P 263 7.26 -15.01 -41.30
N GLY P 264 8.26 -15.88 -41.44
CA GLY P 264 8.50 -16.58 -42.67
C GLY P 264 7.98 -18.00 -42.64
N PRO P 265 8.36 -18.80 -43.64
CA PRO P 265 7.87 -20.18 -43.68
C PRO P 265 8.44 -21.05 -42.58
N ASP P 266 9.69 -20.81 -42.20
CA ASP P 266 10.33 -21.63 -41.16
C ASP P 266 9.65 -21.47 -39.82
N LEU P 267 9.18 -20.26 -39.50
CA LEU P 267 8.56 -19.97 -38.22
C LEU P 267 7.07 -19.75 -38.30
N GLY P 268 6.54 -19.35 -39.46
CA GLY P 268 5.12 -19.07 -39.57
C GLY P 268 4.24 -20.28 -39.41
N SER P 269 4.80 -21.48 -39.56
CA SER P 269 4.00 -22.69 -39.42
C SER P 269 3.48 -22.89 -38.01
N HIS P 270 4.13 -22.30 -37.01
CA HIS P 270 3.73 -22.44 -35.63
C HIS P 270 2.94 -21.23 -35.17
N VAL P 271 1.97 -21.47 -34.30
CA VAL P 271 1.27 -20.42 -33.57
C VAL P 271 1.65 -20.55 -32.11
N PHE P 272 1.94 -19.42 -31.48
CA PHE P 272 2.50 -19.40 -30.14
C PHE P 272 1.38 -19.36 -29.11
N GLN P 273 1.05 -20.54 -28.56
CA GLN P 273 0.03 -20.67 -27.54
C GLN P 273 0.65 -21.31 -26.31
N TYR P 274 0.43 -20.69 -25.14
CA TYR P 274 0.95 -21.20 -23.88
C TYR P 274 2.48 -21.31 -23.95
N GLN P 275 3.11 -20.26 -24.45
CA GLN P 275 4.55 -20.24 -24.64
C GLN P 275 5.10 -18.91 -24.13
N THR P 276 6.42 -18.78 -24.15
CA THR P 276 7.12 -17.58 -23.69
C THR P 276 7.99 -17.07 -24.82
N ILE P 277 7.63 -15.93 -25.38
CA ILE P 277 8.34 -15.31 -26.50
C ILE P 277 9.27 -14.25 -25.95
N THR P 278 10.53 -14.31 -26.34
CA THR P 278 11.54 -13.35 -25.90
C THR P 278 12.13 -12.66 -27.12
N ILE P 279 12.05 -11.33 -27.14
CA ILE P 279 12.62 -10.52 -28.21
C ILE P 279 13.57 -9.51 -27.58
N GLN P 280 14.80 -9.45 -28.09
CA GLN P 280 15.81 -8.57 -27.55
C GLN P 280 16.37 -7.68 -28.65
N ILE P 281 16.48 -6.39 -28.35
CA ILE P 281 17.13 -5.42 -29.24
C ILE P 281 18.35 -4.87 -28.52
N THR P 282 19.52 -5.02 -29.14
CA THR P 282 20.79 -4.68 -28.50
C THR P 282 21.59 -3.73 -29.38
N PRO P 283 21.46 -2.42 -29.16
CA PRO P 283 22.19 -1.45 -29.99
C PRO P 283 23.69 -1.50 -29.71
N ASN P 284 24.44 -0.83 -30.58
CA ASN P 284 25.89 -0.83 -30.44
C ASN P 284 26.35 -0.04 -29.21
N ILE P 285 25.65 1.03 -28.87
CA ILE P 285 25.93 1.81 -27.67
C ILE P 285 24.62 2.01 -26.92
N GLY P 286 24.56 1.48 -25.70
CA GLY P 286 23.37 1.54 -24.88
C GLY P 286 23.00 0.17 -24.36
N SER P 287 21.97 0.16 -23.52
CA SER P 287 21.47 -1.04 -22.87
C SER P 287 20.45 -1.75 -23.76
N PRO P 288 20.38 -3.07 -23.70
CA PRO P 288 19.45 -3.80 -24.55
C PRO P 288 18.04 -3.79 -24.00
N LEU P 289 17.08 -3.80 -24.91
CA LEU P 289 15.66 -3.87 -24.57
C LEU P 289 15.21 -5.32 -24.69
N THR P 290 14.98 -5.96 -23.55
CA THR P 290 14.52 -7.34 -23.50
C THR P 290 13.07 -7.37 -23.06
N ILE P 291 12.24 -8.12 -23.78
CA ILE P 291 10.81 -8.21 -23.50
C ILE P 291 10.38 -9.67 -23.62
N SER P 292 9.69 -10.15 -22.60
CA SER P 292 9.14 -11.51 -22.59
C SER P 292 7.65 -11.44 -22.32
N GLU P 293 6.91 -12.36 -22.92
CA GLU P 293 5.47 -12.41 -22.79
C GLU P 293 5.03 -13.87 -22.62
N TYR P 294 3.72 -14.06 -22.48
CA TYR P 294 3.14 -15.39 -22.36
C TYR P 294 1.78 -15.36 -23.06
N VAL P 295 1.70 -15.97 -24.23
CA VAL P 295 0.51 -15.88 -25.08
C VAL P 295 -0.35 -17.10 -24.84
N TYR P 296 -1.59 -16.89 -24.39
CA TYR P 296 -2.49 -18.01 -24.16
C TYR P 296 -3.09 -18.51 -25.47
N GLN P 297 -3.90 -17.65 -26.10
CA GLN P 297 -4.71 -17.97 -27.26
C GLN P 297 -5.00 -16.69 -28.01
N PRO P 298 -4.82 -16.64 -29.32
CA PRO P 298 -5.12 -15.41 -30.05
C PRO P 298 -6.62 -15.19 -30.18
N GLU P 299 -7.00 -13.92 -30.28
CA GLU P 299 -8.39 -13.54 -30.49
C GLU P 299 -8.44 -12.27 -31.32
N GLY P 300 -9.41 -12.21 -32.22
CA GLY P 300 -9.63 -11.04 -33.06
C GLY P 300 -8.74 -10.94 -34.28
N SER P 301 -7.85 -11.91 -34.50
CA SER P 301 -6.93 -11.96 -35.64
C SER P 301 -5.84 -10.92 -35.53
N VAL P 302 -5.95 -10.02 -34.55
CA VAL P 302 -4.84 -9.16 -34.15
C VAL P 302 -4.86 -9.09 -32.64
N SER P 303 -4.01 -9.89 -32.00
CA SER P 303 -4.02 -10.01 -30.55
C SER P 303 -3.10 -8.98 -29.93
N VAL P 304 -3.58 -8.32 -28.87
CA VAL P 304 -2.78 -7.31 -28.18
C VAL P 304 -2.02 -8.03 -27.08
N ILE P 305 -0.94 -8.69 -27.48
CA ILE P 305 -0.03 -9.40 -26.58
C ILE P 305 1.08 -10.04 -27.40
N LEU Q 19 22.72 7.73 -6.15
CA LEU Q 19 22.09 7.31 -4.91
C LEU Q 19 20.65 6.88 -5.16
N ALA Q 20 20.01 6.35 -4.11
CA ALA Q 20 18.60 5.99 -4.15
C ALA Q 20 17.71 7.08 -3.55
N GLY Q 21 18.30 8.18 -3.07
CA GLY Q 21 17.50 9.26 -2.55
C GLY Q 21 16.72 9.98 -3.63
N LEU Q 22 17.29 10.08 -4.83
CA LEU Q 22 16.57 10.69 -5.94
C LEU Q 22 15.51 9.74 -6.49
N ASP Q 23 15.88 8.47 -6.68
CA ASP Q 23 14.92 7.48 -7.18
C ASP Q 23 13.72 7.37 -6.27
N THR Q 24 13.94 7.40 -4.95
CA THR Q 24 12.83 7.36 -4.01
C THR Q 24 11.95 8.59 -4.17
N ALA Q 25 12.56 9.75 -4.43
CA ALA Q 25 11.77 10.96 -4.62
C ALA Q 25 11.00 10.91 -5.93
N ILE Q 26 11.60 10.34 -6.97
CA ILE Q 26 10.91 10.25 -8.26
C ILE Q 26 9.75 9.27 -8.18
N ILE Q 27 9.97 8.10 -7.59
CA ILE Q 27 8.91 7.13 -7.44
C ILE Q 27 7.80 7.68 -6.55
N LEU Q 28 8.16 8.50 -5.57
CA LEU Q 28 7.16 9.07 -4.67
C LEU Q 28 6.22 10.01 -5.43
N ILE Q 29 6.74 10.67 -6.46
CA ILE Q 29 5.91 11.59 -7.24
C ILE Q 29 4.88 10.82 -8.05
N ALA Q 30 5.31 9.71 -8.67
CA ALA Q 30 4.42 8.98 -9.56
C ALA Q 30 3.36 8.21 -8.79
N PHE Q 31 3.73 7.64 -7.65
CA PHE Q 31 2.77 6.85 -6.89
C PHE Q 31 1.65 7.71 -6.33
N ILE Q 32 1.88 9.02 -6.22
CA ILE Q 32 0.84 9.91 -5.74
C ILE Q 32 -0.03 10.38 -6.90
N ILE Q 33 0.58 10.61 -8.07
CA ILE Q 33 -0.20 10.96 -9.25
C ILE Q 33 -1.14 9.81 -9.61
N THR Q 34 -0.66 8.58 -9.50
CA THR Q 34 -1.52 7.43 -9.75
C THR Q 34 -2.60 7.31 -8.70
N ALA Q 35 -2.24 7.50 -7.43
CA ALA Q 35 -3.22 7.38 -6.36
C ALA Q 35 -4.21 8.53 -6.36
N SER Q 36 -3.92 9.59 -7.12
CA SER Q 36 -4.86 10.69 -7.25
C SER Q 36 -5.89 10.40 -8.33
N VAL Q 37 -5.46 9.80 -9.43
CA VAL Q 37 -6.37 9.46 -10.51
C VAL Q 37 -7.40 8.44 -10.03
N LEU Q 38 -6.98 7.50 -9.18
CA LEU Q 38 -7.93 6.59 -8.57
C LEU Q 38 -8.92 7.36 -7.70
N ALA Q 39 -8.43 8.36 -6.97
CA ALA Q 39 -9.32 9.21 -6.19
C ALA Q 39 -10.16 10.09 -7.10
N TYR Q 40 -9.67 10.37 -8.30
CA TYR Q 40 -10.40 11.20 -9.25
C TYR Q 40 -11.65 10.48 -9.73
N VAL Q 41 -11.51 9.25 -10.22
CA VAL Q 41 -12.65 8.56 -10.78
C VAL Q 41 -13.55 8.01 -9.69
N ALA Q 42 -13.01 7.77 -8.50
CA ALA Q 42 -13.83 7.22 -7.42
C ALA Q 42 -14.90 8.21 -7.00
N ILE Q 43 -14.52 9.48 -6.86
CA ILE Q 43 -15.51 10.51 -6.50
C ILE Q 43 -16.48 10.72 -7.64
N ASN Q 44 -15.97 10.77 -8.88
CA ASN Q 44 -16.83 11.07 -10.02
C ASN Q 44 -17.92 10.01 -10.17
N MET Q 45 -17.53 8.75 -10.32
CA MET Q 45 -18.53 7.70 -10.49
C MET Q 45 -19.34 7.47 -9.23
N GLY Q 46 -18.76 7.77 -8.06
CA GLY Q 46 -19.51 7.63 -6.82
C GLY Q 46 -20.70 8.57 -6.76
N LEU Q 47 -20.48 9.83 -7.16
CA LEU Q 47 -21.58 10.78 -7.24
C LEU Q 47 -22.56 10.38 -8.34
N PHE Q 48 -22.04 9.80 -9.42
CA PHE Q 48 -22.90 9.43 -10.54
C PHE Q 48 -23.86 8.31 -10.16
N VAL Q 49 -23.32 7.23 -9.57
CA VAL Q 49 -24.17 6.11 -9.19
C VAL Q 49 -25.15 6.51 -8.11
N THR Q 50 -24.75 7.42 -7.23
CA THR Q 50 -25.66 7.88 -6.19
C THR Q 50 -26.84 8.62 -6.78
N GLN Q 51 -26.59 9.58 -7.67
CA GLN Q 51 -27.68 10.31 -8.29
C GLN Q 51 -28.57 9.38 -9.11
N LYS Q 52 -27.97 8.35 -9.71
CA LYS Q 52 -28.76 7.36 -10.42
C LYS Q 52 -29.64 6.58 -9.46
N ALA Q 53 -29.20 6.42 -8.20
CA ALA Q 53 -30.03 5.78 -7.20
C ALA Q 53 -31.12 6.72 -6.71
N LYS Q 54 -30.86 8.03 -6.74
CA LYS Q 54 -31.89 8.98 -6.34
C LYS Q 54 -33.04 9.00 -7.33
N SER Q 55 -32.72 9.02 -8.62
CA SER Q 55 -33.77 9.01 -9.64
C SER Q 55 -34.56 7.71 -9.60
N THR Q 56 -33.94 6.63 -9.14
CA THR Q 56 -34.65 5.36 -9.05
C THR Q 56 -35.66 5.37 -7.91
N ILE Q 57 -35.28 5.92 -6.77
CA ILE Q 57 -36.18 5.96 -5.63
C ILE Q 57 -37.43 6.77 -5.97
N ASN Q 58 -37.28 7.81 -6.78
CA ASN Q 58 -38.42 8.62 -7.17
C ASN Q 58 -39.35 7.86 -8.08
N LYS Q 59 -38.80 7.19 -9.10
CA LYS Q 59 -39.64 6.44 -10.02
C LYS Q 59 -40.27 5.23 -9.34
N GLY Q 60 -39.57 4.64 -8.37
CA GLY Q 60 -40.16 3.54 -7.64
C GLY Q 60 -41.29 3.98 -6.73
N GLU Q 61 -41.19 5.20 -6.20
CA GLU Q 61 -42.24 5.69 -5.32
C GLU Q 61 -43.46 6.15 -6.11
N GLU Q 62 -43.26 6.67 -7.31
CA GLU Q 62 -44.40 7.05 -8.15
C GLU Q 62 -45.16 5.82 -8.61
N THR Q 63 -44.45 4.74 -8.93
CA THR Q 63 -45.11 3.52 -9.34
C THR Q 63 -46.03 2.98 -8.26
N ALA Q 64 -45.63 3.17 -6.99
CA ALA Q 64 -46.44 2.66 -5.90
C ALA Q 64 -47.58 3.62 -5.52
N SER Q 65 -47.61 4.82 -6.09
CA SER Q 65 -48.61 5.80 -5.70
C SER Q 65 -49.69 6.00 -6.76
N THR Q 66 -49.34 5.95 -8.04
CA THR Q 66 -50.30 6.22 -9.10
C THR Q 66 -51.03 4.94 -9.50
N ALA Q 67 -52.35 5.02 -9.55
CA ALA Q 67 -53.19 3.90 -9.96
C ALA Q 67 -54.58 4.45 -10.25
N LEU Q 68 -55.38 3.64 -10.95
CA LEU Q 68 -56.72 4.03 -11.38
C LEU Q 68 -57.76 3.14 -10.73
N THR Q 69 -58.94 3.71 -10.52
CA THR Q 69 -60.11 2.97 -10.06
C THR Q 69 -61.26 3.22 -11.02
N LEU Q 70 -62.28 2.37 -10.93
CA LEU Q 70 -63.42 2.42 -11.85
C LEU Q 70 -64.61 3.04 -11.12
N SER Q 71 -64.68 4.36 -11.18
CA SER Q 71 -65.83 5.07 -10.63
C SER Q 71 -66.98 5.04 -11.61
N GLY Q 72 -68.19 4.84 -11.09
CA GLY Q 72 -69.37 4.74 -11.93
C GLY Q 72 -69.45 3.42 -12.65
N SER Q 73 -70.64 3.14 -13.17
CA SER Q 73 -70.92 1.86 -13.81
C SER Q 73 -70.33 1.85 -15.22
N VAL Q 74 -70.65 0.80 -15.98
CA VAL Q 74 -70.12 0.60 -17.32
C VAL Q 74 -71.31 0.31 -18.23
N LEU Q 75 -71.57 1.22 -19.16
CA LEU Q 75 -72.71 1.10 -20.06
C LEU Q 75 -72.30 0.44 -21.37
N TYR Q 76 -73.27 -0.20 -22.02
CA TYR Q 76 -73.02 -0.95 -23.24
C TYR Q 76 -74.14 -0.66 -24.23
N ALA Q 77 -73.80 -0.21 -25.42
CA ALA Q 77 -74.77 0.23 -26.42
C ALA Q 77 -74.99 -0.85 -27.46
N VAL Q 78 -76.26 -1.10 -27.79
CA VAL Q 78 -76.64 -2.17 -28.69
C VAL Q 78 -78.01 -1.84 -29.26
N ASN Q 79 -78.27 -2.30 -30.48
CA ASN Q 79 -79.57 -2.08 -31.10
C ASN Q 79 -80.62 -2.87 -30.33
N TYR Q 80 -81.43 -2.16 -29.54
CA TYR Q 80 -82.25 -2.84 -28.53
C TYR Q 80 -83.29 -3.78 -29.13
N PRO Q 81 -84.07 -3.41 -30.15
CA PRO Q 81 -85.12 -4.33 -30.60
C PRO Q 81 -84.58 -5.69 -31.05
N SER Q 82 -83.56 -5.69 -31.90
CA SER Q 82 -82.94 -6.92 -32.39
C SER Q 82 -81.43 -6.77 -32.22
N ASN Q 83 -80.90 -7.30 -31.12
CA ASN Q 83 -79.50 -7.11 -30.78
C ASN Q 83 -78.63 -7.81 -31.81
N THR Q 84 -78.05 -7.02 -32.71
CA THR Q 84 -77.19 -7.58 -33.74
C THR Q 84 -75.89 -6.79 -33.86
N ARG Q 85 -75.92 -5.50 -33.50
CA ARG Q 85 -74.78 -4.62 -33.66
C ARG Q 85 -74.41 -4.00 -32.31
N SER Q 86 -73.13 -3.77 -32.12
CA SER Q 86 -72.61 -3.10 -30.93
C SER Q 86 -72.14 -1.71 -31.30
N TYR Q 87 -72.53 -0.72 -30.50
CA TYR Q 87 -72.25 0.68 -30.81
C TYR Q 87 -71.07 1.23 -30.02
N TRP Q 88 -71.15 1.22 -28.69
CA TRP Q 88 -70.10 1.84 -27.88
C TRP Q 88 -70.22 1.38 -26.45
N ILE Q 89 -69.11 1.52 -25.72
CA ILE Q 89 -69.03 1.24 -24.29
C ILE Q 89 -68.50 2.49 -23.61
N TYR Q 90 -69.07 2.81 -22.44
CA TYR Q 90 -68.70 4.02 -21.74
C TYR Q 90 -68.55 3.75 -20.26
N PHE Q 91 -67.49 4.31 -19.66
CA PHE Q 91 -67.23 4.16 -18.24
C PHE Q 91 -66.25 5.23 -17.82
N THR Q 92 -66.32 5.63 -16.55
CA THR Q 92 -65.46 6.66 -16.02
C THR Q 92 -64.36 6.05 -15.14
N VAL Q 93 -63.22 6.71 -15.12
CA VAL Q 93 -62.09 6.27 -14.31
C VAL Q 93 -61.53 7.47 -13.57
N SER Q 94 -60.97 7.23 -12.39
CA SER Q 94 -60.37 8.28 -11.57
C SER Q 94 -59.12 7.73 -10.91
N PRO Q 95 -58.19 8.60 -10.52
CA PRO Q 95 -56.99 8.14 -9.81
C PRO Q 95 -57.32 7.31 -8.58
N SER Q 96 -56.37 6.47 -8.15
CA SER Q 96 -56.63 5.50 -7.08
C SER Q 96 -57.24 6.18 -5.86
N SER Q 97 -56.51 7.12 -5.27
CA SER Q 97 -57.05 7.96 -4.22
C SER Q 97 -56.53 9.38 -4.43
N GLY Q 98 -56.82 10.28 -3.52
CA GLY Q 98 -56.30 11.63 -3.65
C GLY Q 98 -54.82 11.70 -3.32
N VAL Q 99 -54.02 10.90 -4.01
CA VAL Q 99 -52.61 10.74 -3.68
C VAL Q 99 -51.71 11.34 -4.76
N SER Q 100 -52.04 11.15 -6.04
CA SER Q 100 -51.16 11.61 -7.10
C SER Q 100 -51.90 11.58 -8.43
N SER Q 101 -51.44 12.41 -9.35
CA SER Q 101 -52.02 12.45 -10.68
C SER Q 101 -51.46 11.31 -11.53
N VAL Q 102 -52.02 11.16 -12.72
CA VAL Q 102 -51.63 10.12 -13.67
C VAL Q 102 -51.77 10.66 -15.08
N GLU Q 103 -50.79 10.35 -15.92
CA GLU Q 103 -50.81 10.83 -17.30
C GLU Q 103 -51.65 9.91 -18.17
N LEU Q 104 -52.36 10.50 -19.13
CA LEU Q 104 -53.20 9.76 -20.06
C LEU Q 104 -52.96 10.21 -21.49
N SER Q 105 -51.74 10.58 -21.83
CA SER Q 105 -51.44 10.99 -23.19
C SER Q 105 -51.48 9.78 -24.10
N PRO Q 106 -52.27 9.80 -25.17
CA PRO Q 106 -52.44 8.59 -25.99
C PRO Q 106 -51.17 8.15 -26.68
N SER Q 107 -50.19 9.04 -26.83
CA SER Q 107 -48.95 8.63 -27.48
C SER Q 107 -48.13 7.67 -26.63
N THR Q 108 -48.45 7.53 -25.34
CA THR Q 108 -47.62 6.77 -24.43
C THR Q 108 -48.41 5.89 -23.47
N THR Q 109 -49.68 5.64 -23.73
CA THR Q 109 -50.48 4.71 -22.94
C THR Q 109 -51.15 3.71 -23.87
N ALA Q 110 -51.91 2.78 -23.27
CA ALA Q 110 -52.49 1.69 -24.04
C ALA Q 110 -53.80 1.24 -23.41
N ILE Q 111 -54.81 1.06 -24.24
CA ILE Q 111 -56.09 0.50 -23.83
C ILE Q 111 -56.36 -0.71 -24.70
N SER Q 112 -56.35 -1.90 -24.11
CA SER Q 112 -56.45 -3.15 -24.84
C SER Q 112 -57.80 -3.79 -24.59
N PHE Q 113 -58.50 -4.11 -25.67
CA PHE Q 113 -59.81 -4.77 -25.61
C PHE Q 113 -59.66 -6.18 -26.11
N THR Q 114 -60.32 -7.13 -25.43
CA THR Q 114 -60.24 -8.52 -25.83
C THR Q 114 -61.52 -9.24 -25.40
N ALA Q 115 -62.09 -9.98 -26.34
CA ALA Q 115 -63.27 -10.82 -26.10
C ALA Q 115 -62.85 -12.26 -26.32
N SER Q 116 -62.71 -13.01 -25.23
CA SER Q 116 -62.22 -14.37 -25.30
C SER Q 116 -63.25 -15.36 -25.80
N ALA Q 117 -64.36 -14.89 -26.36
CA ALA Q 117 -65.38 -15.77 -26.94
C ALA Q 117 -65.26 -15.84 -28.45
N GLU Q 118 -65.31 -14.70 -29.13
CA GLU Q 118 -65.15 -14.70 -30.59
C GLU Q 118 -63.71 -14.94 -31.00
N GLY Q 119 -62.77 -14.82 -30.07
CA GLY Q 119 -61.36 -14.97 -30.38
C GLY Q 119 -60.66 -13.68 -30.76
N ILE Q 120 -61.41 -12.64 -31.07
CA ILE Q 120 -60.82 -11.38 -31.49
C ILE Q 120 -60.22 -10.68 -30.29
N SER Q 121 -58.98 -10.21 -30.43
CA SER Q 121 -58.29 -9.44 -29.41
C SER Q 121 -57.87 -8.11 -30.00
N TYR Q 122 -57.30 -7.26 -29.17
CA TYR Q 122 -56.79 -5.97 -29.61
C TYR Q 122 -55.63 -5.57 -28.70
N SER Q 123 -55.03 -4.44 -29.00
CA SER Q 123 -53.91 -3.92 -28.21
C SER Q 123 -53.77 -2.44 -28.48
N ASN Q 124 -54.01 -1.62 -27.47
CA ASN Q 124 -53.87 -0.17 -27.56
C ASN Q 124 -54.74 0.40 -28.68
N ILE Q 125 -56.05 0.31 -28.46
CA ILE Q 125 -57.01 0.98 -29.33
C ILE Q 125 -57.12 2.47 -29.01
N TYR Q 126 -56.36 2.96 -28.04
CA TYR Q 126 -56.42 4.36 -27.63
C TYR Q 126 -55.73 5.23 -28.68
N GLU Q 127 -56.48 6.19 -29.23
CA GLU Q 127 -55.96 7.04 -30.29
C GLU Q 127 -56.00 8.52 -29.94
N TYR Q 128 -57.13 9.03 -29.45
CA TYR Q 128 -57.31 10.46 -29.26
C TYR Q 128 -57.79 10.74 -27.84
N THR Q 129 -57.84 12.04 -27.51
CA THR Q 129 -58.29 12.49 -26.21
C THR Q 129 -58.67 13.96 -26.29
N LEU Q 130 -59.60 14.36 -25.43
CA LEU Q 130 -60.06 15.74 -25.37
C LEU Q 130 -59.54 16.45 -24.13
N LEU Q 131 -58.52 15.91 -23.47
CA LEU Q 131 -57.96 16.54 -22.30
C LEU Q 131 -57.03 17.70 -22.64
N THR Q 132 -56.55 17.77 -23.87
CA THR Q 132 -55.59 18.80 -24.26
C THR Q 132 -56.22 19.98 -24.97
N VAL Q 133 -57.29 19.76 -25.73
CA VAL Q 133 -57.85 20.81 -26.57
C VAL Q 133 -58.48 21.88 -25.68
N SER Q 134 -58.17 23.13 -25.97
CA SER Q 134 -58.64 24.23 -25.15
C SER Q 134 -60.12 24.48 -25.40
N PRO Q 135 -60.86 24.94 -24.38
CA PRO Q 135 -62.29 25.24 -24.59
C PRO Q 135 -62.52 26.49 -25.41
N SER Q 136 -61.49 27.30 -25.64
CA SER Q 136 -61.67 28.52 -26.43
C SER Q 136 -61.99 28.19 -27.88
N GLU Q 137 -61.35 27.15 -28.43
CA GLU Q 137 -61.52 26.83 -29.84
C GLU Q 137 -62.87 26.18 -30.11
N LEU Q 138 -63.37 25.40 -29.16
CA LEU Q 138 -64.61 24.66 -29.40
C LEU Q 138 -65.84 25.54 -29.30
N ALA Q 139 -65.78 26.57 -28.46
CA ALA Q 139 -66.99 27.30 -28.08
C ALA Q 139 -67.57 28.16 -29.19
N ASN Q 140 -67.05 28.10 -30.41
CA ASN Q 140 -67.51 29.00 -31.47
C ASN Q 140 -68.37 28.30 -32.51
N GLN Q 141 -67.85 27.25 -33.16
CA GLN Q 141 -68.43 26.76 -34.41
C GLN Q 141 -69.03 25.36 -34.28
N VAL Q 142 -70.29 25.32 -33.84
CA VAL Q 142 -71.19 24.20 -34.10
C VAL Q 142 -72.62 24.67 -33.84
N TYR Q 143 -73.54 24.36 -34.77
CA TYR Q 143 -74.90 24.85 -34.63
C TYR Q 143 -75.82 24.08 -35.56
N ALA Q 144 -76.97 23.67 -35.04
CA ALA Q 144 -77.98 22.96 -35.82
C ALA Q 144 -79.21 23.82 -36.07
N ASN Q 145 -79.24 25.04 -35.55
CA ASN Q 145 -80.33 25.98 -35.78
C ASN Q 145 -79.74 27.38 -35.77
N GLY Q 146 -80.59 28.39 -35.58
CA GLY Q 146 -80.11 29.77 -35.54
C GLY Q 146 -79.19 30.08 -34.38
N GLN Q 147 -78.90 29.11 -33.52
CA GLN Q 147 -78.09 29.34 -32.33
C GLN Q 147 -76.92 28.37 -32.31
N TYR Q 148 -75.74 28.87 -31.95
CA TYR Q 148 -74.61 28.00 -31.68
C TYR Q 148 -74.76 27.39 -30.29
N LEU Q 149 -74.42 26.11 -30.17
CA LEU Q 149 -74.52 25.41 -28.90
C LEU Q 149 -73.14 25.19 -28.29
N ASP Q 150 -73.04 25.38 -26.98
CA ASP Q 150 -71.80 25.21 -26.26
C ASP Q 150 -71.66 23.77 -25.79
N LEU Q 151 -70.43 23.25 -25.82
CA LEU Q 151 -70.19 21.85 -25.55
C LEU Q 151 -69.47 21.59 -24.24
N VAL Q 152 -68.80 22.60 -23.68
CA VAL Q 152 -67.99 22.44 -22.47
C VAL Q 152 -68.47 23.43 -21.43
N ASN Q 153 -68.69 22.94 -20.21
CA ASN Q 153 -69.09 23.79 -19.09
C ASN Q 153 -67.86 24.07 -18.24
N GLN Q 154 -67.61 25.35 -17.97
CA GLN Q 154 -66.42 25.77 -17.25
C GLN Q 154 -66.78 26.69 -16.10
N GLN Q 155 -66.28 26.37 -14.91
CA GLN Q 155 -66.40 27.21 -13.74
C GLN Q 155 -65.04 27.78 -13.39
N THR Q 156 -65.03 28.80 -12.52
CA THR Q 156 -63.80 29.39 -12.06
C THR Q 156 -63.86 29.61 -10.55
N ASN Q 157 -62.75 29.32 -9.89
CA ASN Q 157 -62.60 29.54 -8.45
C ASN Q 157 -61.14 29.36 -8.09
N ALA Q 158 -60.65 30.22 -7.20
CA ALA Q 158 -59.25 30.22 -6.77
C ALA Q 158 -58.31 30.43 -7.96
N GLY Q 159 -58.76 31.17 -8.96
CA GLY Q 159 -57.92 31.52 -10.09
C GLY Q 159 -57.76 30.46 -11.15
N GLN Q 160 -58.46 29.35 -11.05
CA GLN Q 160 -58.35 28.26 -12.00
C GLN Q 160 -59.71 27.99 -12.64
N THR Q 161 -59.67 27.43 -13.86
CA THR Q 161 -60.87 27.15 -14.64
C THR Q 161 -61.03 25.66 -14.77
N TYR Q 162 -62.15 25.12 -14.26
CA TYR Q 162 -62.46 23.71 -14.34
C TYR Q 162 -63.45 23.49 -15.46
N VAL Q 163 -62.99 22.91 -16.57
CA VAL Q 163 -63.84 22.64 -17.70
C VAL Q 163 -64.17 21.16 -17.73
N TYR Q 164 -65.26 20.83 -18.41
CA TYR Q 164 -65.71 19.44 -18.54
C TYR Q 164 -66.84 19.39 -19.54
N TYR Q 165 -67.13 18.18 -20.02
CA TYR Q 165 -68.20 17.96 -20.97
C TYR Q 165 -69.33 17.22 -20.29
N PRO Q 166 -70.57 17.72 -20.32
CA PRO Q 166 -71.63 17.14 -19.50
C PRO Q 166 -72.35 15.97 -20.14
N ASN Q 167 -71.92 15.50 -21.31
CA ASN Q 167 -72.65 14.45 -22.01
C ASN Q 167 -71.71 13.83 -23.02
N PRO Q 168 -71.69 12.51 -23.16
CA PRO Q 168 -70.84 11.90 -24.20
C PRO Q 168 -71.15 12.39 -25.60
N TYR Q 169 -72.43 12.65 -25.90
CA TYR Q 169 -72.79 13.15 -27.22
C TYR Q 169 -72.19 14.53 -27.47
N TYR Q 170 -72.29 15.43 -26.48
CA TYR Q 170 -71.60 16.71 -26.60
C TYR Q 170 -70.11 16.50 -26.82
N ALA Q 171 -69.53 15.51 -26.16
CA ALA Q 171 -68.12 15.20 -26.39
C ALA Q 171 -67.90 14.61 -27.78
N LEU Q 172 -68.87 13.85 -28.29
CA LEU Q 172 -68.72 13.27 -29.63
C LEU Q 172 -68.73 14.35 -30.69
N LEU Q 173 -69.69 15.27 -30.65
CA LEU Q 173 -69.70 16.39 -31.59
C LEU Q 173 -68.44 17.23 -31.41
N ALA Q 174 -67.96 17.36 -30.17
CA ALA Q 174 -66.74 18.09 -29.92
C ALA Q 174 -65.54 17.35 -30.49
N LEU Q 175 -65.58 16.01 -30.47
CA LEU Q 175 -64.48 15.25 -31.04
C LEU Q 175 -64.50 15.31 -32.56
N ASN Q 176 -65.68 15.32 -33.16
CA ASN Q 176 -65.77 15.37 -34.62
C ASN Q 176 -65.12 16.63 -35.17
N TYR Q 177 -65.42 17.78 -34.56
CA TYR Q 177 -64.81 19.03 -35.03
C TYR Q 177 -63.32 19.06 -34.74
N THR Q 178 -62.90 18.45 -33.63
CA THR Q 178 -61.49 18.47 -33.27
C THR Q 178 -60.66 17.73 -34.30
N LEU Q 179 -61.09 16.54 -34.69
CA LEU Q 179 -60.33 15.77 -35.67
C LEU Q 179 -60.27 16.46 -37.01
N SER Q 180 -61.30 17.23 -37.35
CA SER Q 180 -61.37 17.81 -38.69
C SER Q 180 -60.50 19.05 -38.81
N LYS Q 181 -60.61 19.98 -37.87
CA LYS Q 181 -60.01 21.28 -38.01
C LYS Q 181 -58.89 21.59 -37.03
N ILE Q 182 -58.90 21.01 -35.82
CA ILE Q 182 -57.87 21.32 -34.85
C ILE Q 182 -56.54 20.72 -35.27
N ASP Q 183 -56.51 19.41 -35.48
CA ASP Q 183 -55.33 18.72 -35.98
C ASP Q 183 -55.61 18.22 -37.40
N LYS Q 184 -54.70 18.52 -38.32
CA LYS Q 184 -54.91 18.21 -39.73
C LYS Q 184 -54.69 16.73 -40.02
N VAL Q 185 -55.52 15.86 -39.46
CA VAL Q 185 -55.46 14.44 -39.78
C VAL Q 185 -56.33 14.18 -40.99
N SER Q 186 -55.77 13.52 -42.01
CA SER Q 186 -56.54 13.31 -43.24
C SER Q 186 -57.54 12.17 -43.10
N PRO Q 187 -57.19 10.97 -42.62
CA PRO Q 187 -58.23 9.96 -42.38
C PRO Q 187 -58.85 10.18 -41.01
N SER Q 188 -60.06 10.67 -40.99
CA SER Q 188 -60.72 10.82 -39.70
C SER Q 188 -61.54 9.58 -39.40
N PRO Q 189 -61.37 8.95 -38.24
CA PRO Q 189 -62.10 7.70 -37.99
C PRO Q 189 -63.60 7.89 -37.85
N LEU Q 190 -64.06 9.05 -37.43
CA LEU Q 190 -65.49 9.29 -37.28
C LEU Q 190 -65.90 10.53 -38.06
N TYR Q 191 -67.14 10.51 -38.55
CA TYR Q 191 -67.71 11.62 -39.31
C TYR Q 191 -69.17 11.74 -38.92
N ILE Q 192 -69.47 12.68 -38.05
CA ILE Q 192 -70.83 12.92 -37.58
C ILE Q 192 -71.52 13.87 -38.54
N THR Q 193 -72.66 13.46 -39.07
CA THR Q 193 -73.40 14.27 -40.03
C THR Q 193 -74.86 14.32 -39.63
N THR Q 194 -75.58 15.28 -40.21
CA THR Q 194 -77.00 15.46 -39.95
C THR Q 194 -77.87 15.14 -41.15
N THR Q 195 -77.29 14.97 -42.33
CA THR Q 195 -78.08 14.67 -43.52
C THR Q 195 -78.64 13.26 -43.44
N THR Q 196 -79.53 12.96 -44.38
CA THR Q 196 -80.09 11.62 -44.47
C THR Q 196 -78.98 10.62 -44.74
N PRO Q 197 -78.90 9.52 -44.00
CA PRO Q 197 -77.84 8.54 -44.26
C PRO Q 197 -77.91 7.97 -45.67
N SER Q 198 -79.11 7.78 -46.22
CA SER Q 198 -79.22 7.30 -47.60
C SER Q 198 -78.57 8.27 -48.56
N SER Q 199 -78.92 9.56 -48.46
CA SER Q 199 -78.30 10.56 -49.32
C SER Q 199 -76.82 10.75 -48.97
N ALA Q 200 -76.45 10.50 -47.71
CA ALA Q 200 -75.06 10.64 -47.31
C ALA Q 200 -74.17 9.62 -48.03
N THR Q 201 -74.61 8.36 -48.06
CA THR Q 201 -73.84 7.35 -48.77
C THR Q 201 -73.86 7.58 -50.28
N GLN Q 202 -74.86 8.30 -50.78
CA GLN Q 202 -74.91 8.60 -52.21
C GLN Q 202 -73.77 9.54 -52.60
N ILE Q 203 -73.59 10.62 -51.86
CA ILE Q 203 -72.53 11.57 -52.17
C ILE Q 203 -71.19 11.07 -51.62
N TYR Q 204 -71.21 10.44 -50.46
CA TYR Q 204 -69.99 9.91 -49.85
C TYR Q 204 -69.97 8.40 -50.00
N PRO Q 205 -69.17 7.84 -50.92
CA PRO Q 205 -69.24 6.39 -51.13
C PRO Q 205 -68.60 5.59 -50.00
N PHE Q 206 -67.52 6.09 -49.41
CA PHE Q 206 -66.78 5.30 -48.43
C PHE Q 206 -67.60 5.04 -47.17
N LEU Q 207 -68.61 5.85 -46.88
CA LEU Q 207 -69.42 5.62 -45.69
C LEU Q 207 -70.37 4.45 -45.83
N ALA Q 208 -70.32 3.70 -46.93
CA ALA Q 208 -71.20 2.56 -47.11
C ALA Q 208 -70.68 1.31 -46.41
N HIS Q 209 -69.58 1.40 -45.67
CA HIS Q 209 -69.02 0.26 -44.97
C HIS Q 209 -68.78 0.51 -43.49
N ASP Q 210 -68.73 1.76 -43.06
CA ASP Q 210 -68.41 2.08 -41.68
C ASP Q 210 -69.61 1.81 -40.76
N ASN Q 211 -69.33 1.76 -39.47
CA ASN Q 211 -70.36 1.49 -38.47
C ASN Q 211 -71.14 2.75 -38.17
N MET Q 212 -72.44 2.60 -37.93
CA MET Q 212 -73.32 3.75 -37.77
C MET Q 212 -74.24 3.56 -36.58
N PHE Q 213 -74.33 4.58 -35.73
CA PHE Q 213 -75.34 4.68 -34.69
C PHE Q 213 -75.89 6.09 -34.69
N THR Q 214 -77.06 6.27 -34.09
CA THR Q 214 -77.75 7.54 -34.10
C THR Q 214 -77.91 8.07 -32.67
N PHE Q 215 -78.03 9.38 -32.56
CA PHE Q 215 -78.32 10.03 -31.29
C PHE Q 215 -78.98 11.36 -31.58
N THR Q 216 -80.11 11.62 -30.92
CA THR Q 216 -80.93 12.79 -31.20
C THR Q 216 -80.83 13.78 -30.05
N LEU Q 217 -81.15 15.04 -30.36
CA LEU Q 217 -81.18 16.10 -29.38
C LEU Q 217 -82.42 16.95 -29.63
N ASN Q 218 -82.51 18.09 -28.94
CA ASN Q 218 -83.64 19.02 -29.10
C ASN Q 218 -83.08 20.43 -28.96
N ILE Q 219 -82.71 21.02 -30.10
CA ILE Q 219 -82.09 22.34 -30.12
C ILE Q 219 -83.13 23.35 -30.60
N SER Q 220 -83.49 24.27 -29.70
CA SER Q 220 -84.46 25.33 -29.97
C SER Q 220 -85.73 24.78 -30.60
N GLY Q 221 -86.42 23.93 -29.84
CA GLY Q 221 -87.70 23.39 -30.23
C GLY Q 221 -87.69 22.43 -31.39
N THR Q 222 -86.55 22.21 -32.04
CA THR Q 222 -86.45 21.32 -33.18
C THR Q 222 -85.65 20.08 -32.79
N LEU Q 223 -86.14 18.91 -33.20
CA LEU Q 223 -85.47 17.65 -32.93
C LEU Q 223 -84.52 17.34 -34.09
N VAL Q 224 -83.24 17.21 -33.78
CA VAL Q 224 -82.21 16.95 -34.78
C VAL Q 224 -81.60 15.58 -34.49
N THR Q 225 -81.47 14.77 -35.54
CA THR Q 225 -80.83 13.47 -35.44
C THR Q 225 -79.47 13.51 -36.10
N TYR Q 226 -78.51 12.81 -35.50
CA TYR Q 226 -77.15 12.76 -36.00
C TYR Q 226 -76.77 11.32 -36.29
N TYR Q 227 -75.72 11.16 -37.09
CA TYR Q 227 -75.26 9.83 -37.51
C TYR Q 227 -73.75 9.79 -37.45
N ALA Q 228 -73.21 8.92 -36.61
CA ALA Q 228 -71.77 8.79 -36.43
C ALA Q 228 -71.29 7.58 -37.21
N PHE Q 229 -70.36 7.82 -38.15
CA PHE Q 229 -69.84 6.78 -39.03
C PHE Q 229 -68.39 6.51 -38.63
N VAL Q 230 -68.18 5.39 -37.94
CA VAL Q 230 -66.86 4.99 -37.44
C VAL Q 230 -66.35 3.86 -38.31
N ASN Q 231 -65.08 3.94 -38.72
CA ASN Q 231 -64.46 2.92 -39.55
C ASN Q 231 -63.39 2.13 -38.81
N GLN Q 232 -63.23 2.34 -37.51
CA GLN Q 232 -62.17 1.68 -36.77
C GLN Q 232 -62.47 1.68 -35.27
N THR Q 233 -62.34 0.52 -34.64
CA THR Q 233 -62.56 0.41 -33.20
C THR Q 233 -61.49 1.20 -32.46
N PHE Q 234 -61.88 2.31 -31.84
CA PHE Q 234 -60.96 3.17 -31.12
C PHE Q 234 -61.65 3.70 -29.87
N ALA Q 235 -60.88 4.42 -29.05
CA ALA Q 235 -61.39 4.92 -27.78
C ALA Q 235 -60.71 6.24 -27.44
N PHE Q 236 -61.45 7.12 -26.78
CA PHE Q 236 -60.95 8.43 -26.40
C PHE Q 236 -61.40 8.76 -24.98
N THR Q 237 -60.90 9.88 -24.47
CA THR Q 237 -61.20 10.32 -23.12
C THR Q 237 -61.52 11.81 -23.11
N TYR Q 238 -62.31 12.22 -22.14
CA TYR Q 238 -62.67 13.62 -21.97
C TYR Q 238 -62.90 13.89 -20.51
N PRO Q 239 -62.72 15.13 -20.05
CA PRO Q 239 -62.88 15.42 -18.63
C PRO Q 239 -64.35 15.48 -18.23
N VAL Q 240 -64.66 14.89 -17.08
CA VAL Q 240 -66.02 14.92 -16.55
C VAL Q 240 -66.15 15.75 -15.28
N ALA Q 241 -65.10 15.83 -14.46
CA ALA Q 241 -65.19 16.59 -13.22
C ALA Q 241 -63.79 16.94 -12.73
N GLY Q 242 -63.61 18.21 -12.39
CA GLY Q 242 -62.40 18.66 -11.74
C GLY Q 242 -61.12 18.47 -12.50
N ASP Q 243 -61.02 19.03 -13.71
CA ASP Q 243 -59.82 18.97 -14.54
C ASP Q 243 -59.40 20.38 -14.91
N PRO Q 244 -58.74 21.11 -14.01
CA PRO Q 244 -58.34 22.48 -14.37
C PRO Q 244 -57.19 22.53 -15.36
N LEU Q 245 -56.18 21.68 -15.19
CA LEU Q 245 -54.98 21.72 -16.03
C LEU Q 245 -55.27 21.09 -17.39
N ILE Q 246 -56.03 21.81 -18.20
CA ILE Q 246 -56.33 21.39 -19.55
C ILE Q 246 -55.20 21.81 -20.47
N GLY Q 247 -54.79 20.90 -21.35
CA GLY Q 247 -53.68 21.15 -22.26
C GLY Q 247 -52.49 20.24 -22.06
N SER Q 248 -52.59 19.24 -21.20
CA SER Q 248 -51.46 18.36 -20.90
C SER Q 248 -51.78 16.89 -20.92
N ALA Q 249 -53.04 16.49 -21.08
CA ALA Q 249 -53.45 15.08 -21.04
C ALA Q 249 -53.00 14.42 -19.75
N ILE Q 250 -53.22 15.12 -18.64
CA ILE Q 250 -52.88 14.64 -17.31
C ILE Q 250 -54.14 14.68 -16.45
N ALA Q 251 -54.45 13.56 -15.79
CA ALA Q 251 -55.61 13.50 -14.91
C ALA Q 251 -55.18 13.84 -13.49
N PRO Q 252 -55.51 15.03 -13.00
CA PRO Q 252 -55.04 15.43 -11.67
C PRO Q 252 -55.67 14.60 -10.57
N ALA Q 253 -54.97 14.57 -9.44
CA ALA Q 253 -55.46 13.82 -8.29
C ALA Q 253 -56.74 14.43 -7.77
N GLY Q 254 -57.84 13.71 -7.94
CA GLY Q 254 -59.15 14.24 -7.60
C GLY Q 254 -60.06 14.49 -8.78
N SER Q 255 -59.67 14.07 -9.98
CA SER Q 255 -60.44 14.30 -11.18
C SER Q 255 -61.20 13.04 -11.57
N VAL Q 256 -62.16 13.21 -12.46
CA VAL Q 256 -62.92 12.12 -13.04
C VAL Q 256 -62.81 12.21 -14.56
N ILE Q 257 -62.36 11.13 -15.18
CA ILE Q 257 -62.10 11.09 -16.62
C ILE Q 257 -63.02 10.06 -17.25
N GLY Q 258 -63.93 10.51 -18.10
CA GLY Q 258 -64.83 9.59 -18.77
C GLY Q 258 -64.14 8.94 -19.96
N VAL Q 259 -64.19 7.62 -20.01
CA VAL Q 259 -63.58 6.84 -21.08
C VAL Q 259 -64.69 6.26 -21.94
N MET Q 260 -64.59 6.43 -23.25
CA MET Q 260 -65.59 5.92 -24.17
C MET Q 260 -64.91 5.17 -25.29
N ILE Q 261 -65.37 3.95 -25.54
CA ILE Q 261 -64.87 3.11 -26.62
C ILE Q 261 -65.92 3.11 -27.72
N LEU Q 262 -65.47 3.32 -28.96
CA LEU Q 262 -66.33 3.25 -30.12
C LEU Q 262 -65.98 2.02 -30.94
N PHE Q 263 -67.01 1.31 -31.40
CA PHE Q 263 -66.82 0.06 -32.12
C PHE Q 263 -66.98 0.28 -33.61
N GLY Q 264 -66.08 -0.31 -34.39
CA GLY Q 264 -66.09 -0.15 -35.82
C GLY Q 264 -66.82 -1.27 -36.53
N PRO Q 265 -66.57 -1.42 -37.83
CA PRO Q 265 -67.23 -2.50 -38.58
C PRO Q 265 -66.63 -3.87 -38.34
N ASP Q 266 -65.37 -3.93 -37.90
CA ASP Q 266 -64.74 -5.23 -37.64
C ASP Q 266 -65.33 -5.90 -36.42
N LEU Q 267 -65.58 -5.13 -35.36
CA LEU Q 267 -66.07 -5.66 -34.10
C LEU Q 267 -67.53 -5.35 -33.83
N GLY Q 268 -68.05 -4.25 -34.36
CA GLY Q 268 -69.43 -3.87 -34.10
C GLY Q 268 -70.46 -4.85 -34.59
N SER Q 269 -70.05 -5.84 -35.38
CA SER Q 269 -70.97 -6.84 -35.90
C SER Q 269 -71.29 -7.93 -34.89
N HIS Q 270 -70.83 -7.80 -33.65
CA HIS Q 270 -71.04 -8.80 -32.62
C HIS Q 270 -71.71 -8.17 -31.42
N VAL Q 271 -72.72 -8.85 -30.88
CA VAL Q 271 -73.33 -8.47 -29.60
C VAL Q 271 -72.81 -9.43 -28.54
N PHE Q 272 -72.12 -8.88 -27.55
CA PHE Q 272 -71.49 -9.70 -26.53
C PHE Q 272 -72.57 -10.23 -25.60
N GLN Q 273 -72.97 -11.48 -25.81
CA GLN Q 273 -73.99 -12.13 -25.00
C GLN Q 273 -73.45 -13.45 -24.51
N TYR Q 274 -73.52 -13.67 -23.19
CA TYR Q 274 -72.95 -14.86 -22.56
C TYR Q 274 -71.45 -14.97 -22.85
N GLN Q 275 -70.75 -13.85 -22.74
CA GLN Q 275 -69.32 -13.83 -23.01
C GLN Q 275 -68.55 -13.13 -21.89
N THR Q 276 -67.26 -12.92 -22.09
CA THR Q 276 -66.42 -12.21 -21.13
C THR Q 276 -65.71 -11.08 -21.85
N ILE Q 277 -65.82 -9.88 -21.30
CA ILE Q 277 -65.25 -8.68 -21.89
C ILE Q 277 -64.15 -8.17 -20.97
N THR Q 278 -62.98 -7.90 -21.52
CA THR Q 278 -61.82 -7.47 -20.75
C THR Q 278 -61.27 -6.19 -21.34
N ILE Q 279 -61.02 -5.20 -20.49
CA ILE Q 279 -60.39 -3.95 -20.88
C ILE Q 279 -59.27 -3.66 -19.89
N GLN Q 280 -58.18 -3.08 -20.38
CA GLN Q 280 -57.02 -2.84 -19.54
C GLN Q 280 -56.37 -1.52 -19.93
N ILE Q 281 -56.15 -0.67 -18.93
CA ILE Q 281 -55.55 0.65 -19.12
C ILE Q 281 -54.22 0.65 -18.39
N THR Q 282 -53.12 0.71 -19.14
CA THR Q 282 -51.77 0.69 -18.58
C THR Q 282 -51.06 1.98 -18.94
N PRO Q 283 -51.08 2.98 -18.06
CA PRO Q 283 -50.28 4.18 -18.30
C PRO Q 283 -48.79 3.87 -18.27
N ASN Q 284 -48.00 4.83 -18.77
CA ASN Q 284 -46.57 4.60 -18.90
C ASN Q 284 -45.90 4.42 -17.54
N ILE Q 285 -46.48 4.98 -16.49
CA ILE Q 285 -45.94 4.84 -15.14
C ILE Q 285 -47.09 4.55 -14.18
N GLY Q 286 -46.95 3.51 -13.39
CA GLY Q 286 -47.97 3.12 -12.44
C GLY Q 286 -48.55 1.75 -12.77
N SER Q 287 -49.42 1.29 -11.88
CA SER Q 287 -50.04 -0.01 -12.02
C SER Q 287 -51.25 0.06 -12.93
N PRO Q 288 -51.50 -0.98 -13.71
CA PRO Q 288 -52.61 -0.94 -14.67
C PRO Q 288 -53.96 -1.06 -13.99
N LEU Q 289 -55.01 -1.16 -14.80
CA LEU Q 289 -56.36 -1.38 -14.29
C LEU Q 289 -57.09 -2.29 -15.25
N THR Q 290 -57.41 -3.49 -14.80
CA THR Q 290 -58.11 -4.48 -15.61
C THR Q 290 -59.57 -4.53 -15.21
N ILE Q 291 -60.45 -4.67 -16.20
CA ILE Q 291 -61.89 -4.70 -16.01
C ILE Q 291 -62.43 -5.91 -16.75
N SER Q 292 -62.96 -6.89 -16.02
CA SER Q 292 -63.54 -8.08 -16.60
C SER Q 292 -65.00 -8.18 -16.17
N GLU Q 293 -65.88 -8.46 -17.13
CA GLU Q 293 -67.30 -8.53 -16.84
C GLU Q 293 -67.89 -9.74 -17.56
N TYR Q 294 -69.18 -9.97 -17.32
CA TYR Q 294 -69.93 -11.06 -17.94
C TYR Q 294 -71.29 -10.51 -18.33
N VAL Q 295 -71.51 -10.33 -19.63
CA VAL Q 295 -72.72 -9.71 -20.15
C VAL Q 295 -73.73 -10.82 -20.47
N TYR Q 296 -74.86 -10.81 -19.76
CA TYR Q 296 -75.85 -11.85 -19.97
C TYR Q 296 -76.77 -11.54 -21.14
N GLN Q 297 -77.53 -10.46 -21.04
CA GLN Q 297 -78.53 -10.13 -22.04
C GLN Q 297 -78.81 -8.63 -22.00
N PRO Q 298 -78.54 -7.91 -23.08
CA PRO Q 298 -78.70 -6.46 -23.04
C PRO Q 298 -80.16 -6.05 -23.07
N GLU Q 299 -80.43 -4.84 -22.57
CA GLU Q 299 -81.77 -4.28 -22.59
C GLU Q 299 -81.67 -2.76 -22.54
N GLY Q 300 -82.63 -2.10 -23.18
CA GLY Q 300 -82.70 -0.65 -23.16
C GLY Q 300 -81.71 0.06 -24.06
N SER Q 301 -80.86 -0.67 -24.77
CA SER Q 301 -79.86 -0.13 -25.68
C SER Q 301 -78.73 0.57 -24.93
N VAL Q 302 -78.88 0.72 -23.61
CA VAL Q 302 -77.78 1.14 -22.75
C VAL Q 302 -77.78 0.24 -21.51
N SER Q 303 -76.98 -0.81 -21.55
CA SER Q 303 -77.01 -1.82 -20.50
C SER Q 303 -75.98 -1.49 -19.42
N VAL Q 304 -76.43 -1.52 -18.17
CA VAL Q 304 -75.56 -1.19 -17.04
C VAL Q 304 -74.87 -2.49 -16.64
N ILE Q 305 -73.78 -2.79 -17.34
CA ILE Q 305 -73.01 -4.00 -17.08
C ILE Q 305 -71.63 -3.90 -17.72
N LEU R 19 113.95 21.58 -15.38
CA LEU R 19 113.36 20.57 -14.51
C LEU R 19 111.88 20.41 -14.82
N ALA R 20 111.22 19.50 -14.09
CA ALA R 20 109.79 19.31 -14.18
C ALA R 20 109.04 19.95 -13.02
N GLY R 21 109.75 20.54 -12.06
CA GLY R 21 109.07 21.20 -10.96
C GLY R 21 108.38 22.47 -11.40
N LEU R 22 108.94 23.16 -12.39
CA LEU R 22 108.29 24.34 -12.93
C LEU R 22 107.17 23.96 -13.88
N ASP R 23 107.39 22.93 -14.72
CA ASP R 23 106.34 22.47 -15.61
C ASP R 23 105.14 21.95 -14.82
N THR R 24 105.40 21.32 -13.68
CA THR R 24 104.31 20.88 -12.82
C THR R 24 103.51 22.09 -12.33
N ALA R 25 104.21 23.15 -11.93
CA ALA R 25 103.53 24.33 -11.41
C ALA R 25 102.71 25.01 -12.51
N ILE R 26 103.25 25.08 -13.72
CA ILE R 26 102.55 25.75 -14.81
C ILE R 26 101.27 25.00 -15.16
N ILE R 27 101.36 23.67 -15.27
CA ILE R 27 100.18 22.88 -15.60
C ILE R 27 99.19 22.90 -14.46
N LEU R 28 99.67 22.93 -13.22
CA LEU R 28 98.76 22.99 -12.07
C LEU R 28 97.91 24.24 -12.11
N ILE R 29 98.49 25.37 -12.56
CA ILE R 29 97.73 26.61 -12.67
C ILE R 29 96.69 26.48 -13.78
N ALA R 30 97.05 25.79 -14.87
CA ALA R 30 96.17 25.71 -16.03
C ALA R 30 94.96 24.83 -15.74
N PHE R 31 95.18 23.72 -15.02
CA PHE R 31 94.08 22.79 -14.80
C PHE R 31 93.14 23.28 -13.70
N ILE R 32 93.64 24.09 -12.77
CA ILE R 32 92.78 24.63 -11.73
C ILE R 32 91.92 25.75 -12.29
N ILE R 33 92.45 26.51 -13.25
CA ILE R 33 91.66 27.54 -13.90
C ILE R 33 90.53 26.92 -14.71
N THR R 34 90.84 25.85 -15.45
CA THR R 34 89.82 25.19 -16.25
C THR R 34 88.76 24.54 -15.36
N ALA R 35 89.19 23.89 -14.28
CA ALA R 35 88.23 23.26 -13.37
C ALA R 35 87.35 24.29 -12.69
N SER R 36 87.87 25.51 -12.50
CA SER R 36 87.08 26.56 -11.88
C SER R 36 85.97 27.03 -12.81
N VAL R 37 86.27 27.15 -14.11
CA VAL R 37 85.27 27.63 -15.05
C VAL R 37 84.10 26.67 -15.13
N LEU R 38 84.38 25.37 -15.09
CA LEU R 38 83.29 24.39 -15.08
C LEU R 38 82.37 24.63 -13.90
N ALA R 39 82.95 24.89 -12.73
CA ALA R 39 82.14 25.23 -11.56
C ALA R 39 81.42 26.56 -11.77
N TYR R 40 82.05 27.49 -12.48
CA TYR R 40 81.47 28.81 -12.69
C TYR R 40 80.20 28.74 -13.51
N VAL R 41 80.08 27.75 -14.40
CA VAL R 41 78.89 27.63 -15.22
C VAL R 41 77.93 26.58 -14.69
N ALA R 42 78.43 25.58 -13.97
CA ALA R 42 77.54 24.59 -13.39
C ALA R 42 76.66 25.22 -12.33
N ILE R 43 77.23 26.08 -11.49
CA ILE R 43 76.43 26.78 -10.49
C ILE R 43 75.46 27.73 -11.18
N ASN R 44 75.90 28.39 -12.25
CA ASN R 44 75.03 29.33 -12.94
C ASN R 44 73.83 28.62 -13.54
N MET R 45 74.07 27.65 -14.44
CA MET R 45 72.97 26.93 -15.06
C MET R 45 72.24 26.06 -14.05
N GLY R 46 72.91 25.64 -12.99
CA GLY R 46 72.24 24.87 -11.96
C GLY R 46 71.19 25.69 -11.24
N LEU R 47 71.54 26.91 -10.84
CA LEU R 47 70.56 27.79 -10.22
C LEU R 47 69.46 28.17 -11.21
N PHE R 48 69.81 28.21 -12.51
CA PHE R 48 68.83 28.63 -13.50
C PHE R 48 67.71 27.60 -13.63
N VAL R 49 68.07 26.35 -13.92
CA VAL R 49 67.04 25.32 -14.09
C VAL R 49 66.29 25.09 -12.80
N THR R 50 66.92 25.36 -11.66
CA THR R 50 66.22 25.22 -10.38
C THR R 50 65.10 26.24 -10.25
N GLN R 51 65.36 27.48 -10.68
CA GLN R 51 64.30 28.49 -10.64
C GLN R 51 63.22 28.19 -11.66
N LYS R 52 63.59 27.59 -12.79
CA LYS R 52 62.60 27.21 -13.79
C LYS R 52 61.66 26.15 -13.23
N ALA R 53 62.13 25.36 -12.27
CA ALA R 53 61.26 24.38 -11.63
C ALA R 53 60.23 25.07 -10.74
N LYS R 54 60.64 26.13 -10.04
CA LYS R 54 59.70 26.83 -9.18
C LYS R 54 58.59 27.46 -10.00
N SER R 55 58.89 27.85 -11.24
CA SER R 55 57.86 28.41 -12.10
C SER R 55 56.86 27.34 -12.54
N THR R 56 57.36 26.21 -13.05
CA THR R 56 56.47 25.19 -13.57
C THR R 56 55.69 24.50 -12.44
N ILE R 57 56.21 24.53 -11.22
CA ILE R 57 55.45 23.98 -10.10
C ILE R 57 54.29 24.90 -9.75
N ASN R 58 54.54 26.20 -9.78
CA ASN R 58 53.48 27.16 -9.48
C ASN R 58 52.40 27.13 -10.54
N LYS R 59 52.78 27.11 -11.82
CA LYS R 59 51.80 27.06 -12.88
C LYS R 59 51.08 25.72 -12.91
N GLY R 60 51.79 24.64 -12.60
CA GLY R 60 51.15 23.34 -12.53
C GLY R 60 50.11 23.28 -11.43
N GLU R 61 50.29 24.07 -10.38
CA GLU R 61 49.34 24.07 -9.28
C GLU R 61 48.18 25.00 -9.54
N GLU R 62 48.42 26.12 -10.23
CA GLU R 62 47.32 27.00 -10.60
C GLU R 62 46.37 26.33 -11.58
N THR R 63 46.87 25.37 -12.36
CA THR R 63 46.01 24.64 -13.29
C THR R 63 45.01 23.78 -12.54
N ALA R 64 45.47 23.03 -11.54
CA ALA R 64 44.58 22.14 -10.81
C ALA R 64 43.60 22.92 -9.94
N SER R 65 43.96 24.14 -9.55
CA SER R 65 43.11 24.90 -8.65
C SER R 65 41.99 25.61 -9.39
N THR R 66 42.34 26.46 -10.35
CA THR R 66 41.33 27.28 -11.02
C THR R 66 40.46 26.43 -11.93
N ALA R 67 39.15 26.60 -11.79
CA ALA R 67 38.15 25.93 -12.61
C ALA R 67 36.80 26.59 -12.35
N LEU R 68 36.00 26.71 -13.41
CA LEU R 68 34.70 27.34 -13.31
C LEU R 68 33.61 26.29 -13.17
N THR R 69 32.44 26.73 -12.70
CA THR R 69 31.29 25.86 -12.56
C THR R 69 30.04 26.63 -12.96
N LEU R 70 29.07 25.91 -13.50
CA LEU R 70 27.81 26.51 -13.94
C LEU R 70 26.89 26.65 -12.74
N SER R 71 26.79 27.87 -12.21
CA SER R 71 26.01 28.15 -11.01
C SER R 71 24.72 28.84 -11.45
N GLY R 72 23.67 28.06 -11.67
CA GLY R 72 22.39 28.58 -12.07
C GLY R 72 21.94 28.03 -13.41
N SER R 73 20.69 28.35 -13.73
CA SER R 73 20.08 27.84 -14.95
C SER R 73 20.65 28.54 -16.18
N VAL R 74 20.20 28.11 -17.35
CA VAL R 74 20.61 28.68 -18.62
C VAL R 74 19.35 29.03 -19.41
N LEU R 75 19.23 30.29 -19.80
CA LEU R 75 18.01 30.80 -20.44
C LEU R 75 18.20 30.87 -21.95
N TYR R 76 17.08 30.83 -22.65
CA TYR R 76 17.08 30.83 -24.12
C TYR R 76 15.93 31.71 -24.60
N ALA R 77 16.25 32.75 -25.36
CA ALA R 77 15.25 33.68 -25.88
C ALA R 77 14.88 33.31 -27.30
N VAL R 78 13.62 33.55 -27.65
CA VAL R 78 13.05 33.13 -28.92
C VAL R 78 11.72 33.85 -29.11
N ASN R 79 11.32 34.08 -30.35
CA ASN R 79 9.99 34.64 -30.61
C ASN R 79 8.95 33.58 -30.28
N TYR R 80 8.29 33.73 -29.13
CA TYR R 80 7.49 32.64 -28.59
C TYR R 80 6.27 32.30 -29.43
N PRO R 81 5.42 33.26 -29.83
CA PRO R 81 4.21 32.87 -30.57
C PRO R 81 4.49 32.03 -31.80
N SER R 82 5.54 32.36 -32.55
CA SER R 82 5.94 31.58 -33.72
C SER R 82 7.44 31.44 -33.66
N ASN R 83 7.93 30.28 -33.22
CA ASN R 83 9.35 30.08 -33.00
C ASN R 83 10.06 30.03 -34.34
N THR R 84 10.66 31.16 -34.74
CA THR R 84 11.42 31.21 -35.98
C THR R 84 12.78 31.89 -35.83
N ARG R 85 12.97 32.79 -34.87
CA ARG R 85 14.23 33.48 -34.68
C ARG R 85 14.80 33.17 -33.31
N SER R 86 16.11 33.29 -33.18
CA SER R 86 16.80 33.12 -31.91
C SER R 86 17.41 34.46 -31.52
N TYR R 87 17.16 34.88 -30.28
CA TYR R 87 17.59 36.19 -29.82
C TYR R 87 18.87 36.13 -28.99
N TRP R 88 18.87 35.41 -27.88
CA TRP R 88 20.05 35.37 -27.03
C TRP R 88 19.98 34.16 -26.11
N ILE R 89 21.12 33.87 -25.48
CA ILE R 89 21.26 32.80 -24.50
C ILE R 89 22.10 33.34 -23.35
N TYR R 90 21.59 33.20 -22.13
CA TYR R 90 22.25 33.79 -20.97
C TYR R 90 22.37 32.77 -19.86
N PHE R 91 23.53 32.76 -19.21
CA PHE R 91 23.77 31.83 -18.11
C PHE R 91 24.89 32.39 -17.24
N THR R 92 24.86 32.03 -15.97
CA THR R 92 25.85 32.50 -15.01
C THR R 92 26.96 31.47 -14.83
N VAL R 93 28.05 31.92 -14.22
CA VAL R 93 29.23 31.08 -14.01
C VAL R 93 29.99 31.64 -12.83
N SER R 94 30.76 30.78 -12.17
CA SER R 94 31.49 31.17 -10.98
C SER R 94 32.65 30.20 -10.78
N PRO R 95 33.68 30.60 -10.05
CA PRO R 95 34.74 29.65 -9.69
C PRO R 95 34.15 28.41 -9.02
N SER R 96 34.75 27.26 -9.33
CA SER R 96 34.19 25.98 -8.88
C SER R 96 34.03 25.96 -7.37
N SER R 97 35.14 26.06 -6.65
CA SER R 97 35.14 26.28 -5.22
C SER R 97 35.94 27.53 -4.94
N GLY R 98 35.80 28.06 -3.73
CA GLY R 98 36.53 29.27 -3.40
C GLY R 98 38.01 29.02 -3.22
N VAL R 99 38.65 28.47 -4.25
CA VAL R 99 40.05 28.09 -4.16
C VAL R 99 40.97 29.16 -4.74
N SER R 100 40.60 29.73 -5.88
CA SER R 100 41.45 30.73 -6.54
C SER R 100 40.61 31.46 -7.58
N SER R 101 41.09 32.65 -7.96
CA SER R 101 40.40 33.47 -8.93
C SER R 101 40.70 33.01 -10.35
N VAL R 102 39.83 33.41 -11.27
CA VAL R 102 39.96 33.07 -12.67
C VAL R 102 40.04 34.37 -13.48
N GLU R 103 40.83 34.34 -14.55
CA GLU R 103 41.04 35.49 -15.41
C GLU R 103 40.10 35.37 -16.61
N LEU R 104 39.21 36.33 -16.76
CA LEU R 104 38.22 36.31 -17.83
C LEU R 104 38.36 37.54 -18.73
N SER R 105 39.59 37.90 -19.07
CA SER R 105 39.79 39.04 -19.94
C SER R 105 39.47 38.65 -21.38
N PRO R 106 38.68 39.45 -22.09
CA PRO R 106 38.20 39.03 -23.42
C PRO R 106 39.28 38.84 -24.44
N SER R 107 40.52 39.22 -24.15
CA SER R 107 41.61 39.08 -25.10
C SER R 107 42.42 37.82 -24.89
N THR R 108 42.30 37.19 -23.73
CA THR R 108 43.09 36.01 -23.40
C THR R 108 42.19 34.87 -22.93
N THR R 109 41.03 34.71 -23.55
CA THR R 109 40.18 33.56 -23.30
C THR R 109 39.27 33.37 -24.50
N ALA R 110 38.56 32.25 -24.52
CA ALA R 110 37.78 31.88 -25.69
C ALA R 110 36.47 31.24 -25.28
N ILE R 111 35.40 31.62 -25.96
CA ILE R 111 34.08 31.01 -25.81
C ILE R 111 33.65 30.51 -27.18
N SER R 112 33.38 29.22 -27.28
CA SER R 112 33.03 28.60 -28.55
C SER R 112 31.56 28.20 -28.55
N PHE R 113 30.99 28.08 -29.74
CA PHE R 113 29.59 27.74 -29.92
C PHE R 113 29.46 26.82 -31.13
N THR R 114 28.94 25.62 -30.92
CA THR R 114 28.74 24.66 -31.99
C THR R 114 27.35 24.04 -31.86
N ALA R 115 26.65 23.95 -32.99
CA ALA R 115 25.35 23.29 -33.07
C ALA R 115 25.47 22.10 -34.00
N SER R 116 24.79 21.01 -33.64
CA SER R 116 24.97 19.75 -34.37
C SER R 116 24.24 19.77 -35.70
N ALA R 117 22.94 20.12 -35.69
CA ALA R 117 22.13 19.99 -36.90
C ALA R 117 22.56 20.98 -37.97
N GLU R 118 22.50 22.28 -37.66
CA GLU R 118 22.75 23.32 -38.64
C GLU R 118 24.17 23.28 -39.19
N GLY R 119 25.07 22.51 -38.60
CA GLY R 119 26.43 22.46 -39.08
C GLY R 119 27.24 23.71 -38.83
N ILE R 120 26.81 24.55 -37.90
CA ILE R 120 27.53 25.77 -37.57
C ILE R 120 28.56 25.45 -36.50
N SER R 121 29.62 26.25 -36.45
CA SER R 121 30.69 26.05 -35.48
C SER R 121 31.49 27.33 -35.38
N TYR R 122 31.66 27.84 -34.17
CA TYR R 122 32.36 29.08 -33.92
C TYR R 122 33.61 28.80 -33.08
N SER R 123 34.35 29.85 -32.79
CA SER R 123 35.54 29.78 -31.93
C SER R 123 35.83 31.18 -31.43
N ASN R 124 35.81 31.36 -30.11
CA ASN R 124 36.15 32.62 -29.48
C ASN R 124 35.26 33.75 -30.00
N ILE R 125 33.98 33.64 -29.66
CA ILE R 125 33.01 34.69 -29.98
C ILE R 125 32.99 35.70 -28.85
N TYR R 126 33.94 35.58 -27.93
CA TYR R 126 34.04 36.47 -26.78
C TYR R 126 34.76 37.75 -27.19
N GLU R 127 34.07 38.89 -27.09
CA GLU R 127 34.61 40.13 -27.60
C GLU R 127 34.68 41.25 -26.58
N TYR R 128 33.69 41.39 -25.71
CA TYR R 128 33.63 42.52 -24.79
C TYR R 128 33.28 42.06 -23.38
N THR R 129 33.51 42.94 -22.41
CA THR R 129 33.24 42.64 -21.03
C THR R 129 32.85 43.91 -20.30
N LEU R 130 32.16 43.75 -19.17
CA LEU R 130 31.81 44.87 -18.31
C LEU R 130 32.47 44.78 -16.95
N LEU R 131 33.36 43.80 -16.76
CA LEU R 131 34.10 43.72 -15.51
C LEU R 131 35.14 44.82 -15.39
N THR R 132 35.45 45.50 -16.49
CA THR R 132 36.46 46.55 -16.51
C THR R 132 35.90 47.95 -16.42
N VAL R 133 34.70 48.18 -16.97
CA VAL R 133 34.13 49.51 -16.97
C VAL R 133 33.74 49.91 -15.55
N SER R 134 34.03 51.15 -15.19
CA SER R 134 33.79 51.68 -13.87
C SER R 134 32.38 52.26 -13.76
N PRO R 135 31.76 52.18 -12.59
CA PRO R 135 30.42 52.75 -12.44
C PRO R 135 30.39 54.27 -12.48
N SER R 136 31.54 54.92 -12.47
CA SER R 136 31.55 56.38 -12.50
C SER R 136 31.03 56.90 -13.84
N GLU R 137 31.37 56.21 -14.93
CA GLU R 137 30.95 56.68 -16.24
C GLU R 137 29.47 56.43 -16.48
N LEU R 138 29.04 55.17 -16.39
CA LEU R 138 27.68 54.80 -16.79
C LEU R 138 26.63 55.55 -15.99
N ALA R 139 26.88 55.79 -14.70
CA ALA R 139 25.87 56.36 -13.83
C ALA R 139 25.54 57.81 -14.16
N ASN R 140 26.13 58.39 -15.20
CA ASN R 140 25.94 59.81 -15.48
C ASN R 140 24.83 60.04 -16.51
N GLN R 141 24.97 59.51 -17.72
CA GLN R 141 24.07 59.87 -18.82
C GLN R 141 23.49 58.62 -19.49
N VAL R 142 22.24 58.31 -19.15
CA VAL R 142 21.34 57.52 -19.99
C VAL R 142 19.93 57.78 -19.47
N TYR R 143 19.00 58.08 -20.36
CA TYR R 143 17.68 58.46 -19.88
C TYR R 143 16.65 58.31 -20.98
N ALA R 144 15.40 58.07 -20.56
CA ALA R 144 14.26 58.02 -21.46
C ALA R 144 13.06 58.75 -20.90
N ASN R 145 13.20 59.43 -19.76
CA ASN R 145 12.12 60.19 -19.14
C ASN R 145 12.78 61.24 -18.24
N GLY R 146 12.00 61.81 -17.32
CA GLY R 146 12.51 62.85 -16.46
C GLY R 146 13.66 62.47 -15.55
N GLN R 147 14.13 61.22 -15.62
CA GLN R 147 15.19 60.73 -14.75
C GLN R 147 16.22 59.96 -15.56
N TYR R 148 17.48 60.14 -15.20
CA TYR R 148 18.57 59.36 -15.76
C TYR R 148 18.69 58.06 -14.96
N LEU R 149 18.29 56.95 -15.57
CA LEU R 149 18.28 55.68 -14.86
C LEU R 149 19.70 55.17 -14.66
N ASP R 150 19.95 54.58 -13.48
CA ASP R 150 21.24 54.00 -13.15
C ASP R 150 21.21 52.51 -13.41
N LEU R 151 22.32 51.97 -13.91
CA LEU R 151 22.36 50.57 -14.31
C LEU R 151 23.15 49.68 -13.37
N VAL R 152 23.85 50.25 -12.40
CA VAL R 152 24.71 49.49 -11.50
C VAL R 152 24.24 49.68 -10.07
N ASN R 153 24.41 48.64 -9.26
CA ASN R 153 24.18 48.72 -7.82
C ASN R 153 25.47 48.49 -7.08
N GLN R 154 25.90 49.47 -6.28
CA GLN R 154 27.20 49.43 -5.64
C GLN R 154 27.04 49.43 -4.13
N GLN R 155 27.65 48.44 -3.47
CA GLN R 155 27.62 48.32 -2.03
C GLN R 155 29.04 48.36 -1.48
N THR R 156 29.18 48.91 -0.27
CA THR R 156 30.49 49.14 0.33
C THR R 156 30.54 48.50 1.70
N ASN R 157 31.62 47.77 1.96
CA ASN R 157 31.91 47.21 3.28
C ASN R 157 33.35 46.74 3.30
N ALA R 158 34.04 47.00 4.42
CA ALA R 158 35.45 46.66 4.56
C ALA R 158 36.30 47.35 3.49
N GLY R 159 35.99 48.62 3.22
CA GLY R 159 36.78 49.43 2.32
C GLY R 159 36.63 49.12 0.85
N GLN R 160 35.97 48.03 0.48
CA GLN R 160 35.82 47.63 -0.90
C GLN R 160 34.39 47.86 -1.37
N THR R 161 34.24 48.09 -2.67
CA THR R 161 32.96 48.44 -3.27
C THR R 161 32.57 47.36 -4.27
N TYR R 162 31.56 46.57 -3.92
CA TYR R 162 31.03 45.55 -4.81
C TYR R 162 29.94 46.15 -5.69
N VAL R 163 30.01 45.86 -6.98
CA VAL R 163 28.99 46.29 -7.92
C VAL R 163 28.48 45.07 -8.69
N TYR R 164 27.32 45.23 -9.32
CA TYR R 164 26.73 44.19 -10.14
C TYR R 164 25.58 44.80 -10.93
N TYR R 165 25.20 44.12 -12.00
CA TYR R 165 24.13 44.59 -12.86
C TYR R 165 22.87 43.79 -12.58
N PRO R 166 21.79 44.42 -12.13
CA PRO R 166 20.63 43.65 -11.65
C PRO R 166 19.78 43.03 -12.75
N ASN R 167 20.14 43.18 -14.02
CA ASN R 167 19.29 42.67 -15.07
C ASN R 167 20.05 42.57 -16.39
N PRO R 168 19.78 41.56 -17.21
CA PRO R 168 20.47 41.49 -18.50
C PRO R 168 20.18 42.68 -19.40
N TYR R 169 19.00 43.27 -19.30
CA TYR R 169 18.70 44.45 -20.10
C TYR R 169 19.46 45.67 -19.59
N TYR R 170 19.58 45.81 -18.27
CA TYR R 170 20.39 46.89 -17.73
C TYR R 170 21.84 46.76 -18.15
N ALA R 171 22.32 45.53 -18.33
CA ALA R 171 23.68 45.34 -18.79
C ALA R 171 23.81 45.61 -20.28
N LEU R 172 22.74 45.42 -21.04
CA LEU R 172 22.79 45.71 -22.47
C LEU R 172 22.91 47.21 -22.71
N LEU R 173 22.03 48.00 -22.09
CA LEU R 173 22.11 49.44 -22.24
C LEU R 173 23.47 49.97 -21.80
N ALA R 174 24.06 49.36 -20.78
CA ALA R 174 25.40 49.75 -20.37
C ALA R 174 26.42 49.44 -21.44
N LEU R 175 26.34 48.26 -22.05
CA LEU R 175 27.27 47.89 -23.10
C LEU R 175 27.15 48.83 -24.28
N ASN R 176 25.95 49.34 -24.54
CA ASN R 176 25.76 50.27 -25.65
C ASN R 176 26.55 51.55 -25.42
N TYR R 177 26.46 52.12 -24.22
CA TYR R 177 27.15 53.37 -23.95
C TYR R 177 28.66 53.20 -24.00
N THR R 178 29.17 52.08 -23.48
CA THR R 178 30.60 51.86 -23.50
C THR R 178 31.12 51.76 -24.92
N LEU R 179 30.49 50.93 -25.75
CA LEU R 179 30.93 50.77 -27.13
C LEU R 179 30.88 52.10 -27.88
N SER R 180 30.01 53.01 -27.46
CA SER R 180 29.86 54.28 -28.16
C SER R 180 30.91 55.29 -27.71
N LYS R 181 31.01 55.51 -26.40
CA LYS R 181 31.83 56.60 -25.88
C LYS R 181 33.07 56.16 -25.13
N ILE R 182 33.04 55.03 -24.43
CA ILE R 182 34.18 54.63 -23.61
C ILE R 182 35.37 54.27 -24.50
N ASP R 183 35.20 53.28 -25.36
CA ASP R 183 36.25 52.88 -26.30
C ASP R 183 35.77 53.13 -27.71
N LYS R 184 36.51 53.96 -28.44
CA LYS R 184 36.13 54.43 -29.77
C LYS R 184 36.34 53.30 -30.78
N VAL R 185 35.32 52.47 -30.93
CA VAL R 185 35.32 51.43 -31.95
C VAL R 185 34.43 51.89 -33.11
N SER R 186 34.96 51.80 -34.34
CA SER R 186 34.20 52.32 -35.48
C SER R 186 33.01 51.42 -35.83
N PRO R 187 33.17 50.09 -35.98
CA PRO R 187 31.98 49.26 -36.15
C PRO R 187 31.40 48.87 -34.79
N SER R 188 30.26 49.40 -34.44
CA SER R 188 29.68 48.98 -33.18
C SER R 188 28.83 47.74 -33.39
N PRO R 189 29.00 46.70 -32.57
CA PRO R 189 28.26 45.46 -32.79
C PRO R 189 26.77 45.56 -32.48
N LEU R 190 26.37 46.42 -31.54
CA LEU R 190 24.96 46.57 -31.21
C LEU R 190 24.62 48.04 -31.09
N TYR R 191 23.38 48.37 -31.49
CA TYR R 191 22.88 49.73 -31.42
C TYR R 191 21.44 49.67 -30.91
N ILE R 192 21.18 50.37 -29.81
CA ILE R 192 19.87 50.34 -29.16
C ILE R 192 19.25 51.72 -29.28
N THR R 193 18.02 51.78 -29.78
CA THR R 193 17.34 53.05 -29.98
C THR R 193 15.85 52.87 -29.74
N THR R 194 15.23 53.90 -29.18
CA THR R 194 13.79 53.90 -28.95
C THR R 194 13.00 54.32 -30.18
N THR R 195 13.67 54.75 -31.24
CA THR R 195 12.98 55.13 -32.46
C THR R 195 12.35 53.90 -33.11
N THR R 196 11.14 54.09 -33.62
CA THR R 196 10.44 53.00 -34.30
C THR R 196 11.33 52.41 -35.40
N PRO R 197 11.47 51.08 -35.48
CA PRO R 197 12.38 50.51 -36.47
C PRO R 197 12.01 50.83 -37.90
N SER R 198 10.78 51.28 -38.16
CA SER R 198 10.42 51.70 -39.51
C SER R 198 11.26 52.89 -39.94
N SER R 199 11.20 53.99 -39.18
CA SER R 199 11.95 55.17 -39.55
C SER R 199 13.43 55.04 -39.19
N ALA R 200 13.75 54.29 -38.13
CA ALA R 200 15.14 54.07 -37.78
C ALA R 200 15.88 53.38 -38.90
N THR R 201 15.22 52.43 -39.58
CA THR R 201 15.82 51.81 -40.75
C THR R 201 15.97 52.80 -41.89
N GLN R 202 15.03 53.73 -42.01
CA GLN R 202 15.06 54.69 -43.11
C GLN R 202 16.26 55.63 -42.98
N ILE R 203 16.54 56.11 -41.78
CA ILE R 203 17.66 57.03 -41.60
C ILE R 203 18.99 56.27 -41.58
N TYR R 204 19.01 55.09 -40.97
CA TYR R 204 20.20 54.25 -40.93
C TYR R 204 19.99 53.03 -41.82
N PRO R 205 20.43 53.08 -43.08
CA PRO R 205 20.14 51.96 -43.99
C PRO R 205 20.84 50.67 -43.63
N PHE R 206 21.90 50.71 -42.81
CA PHE R 206 22.63 49.49 -42.50
C PHE R 206 21.96 48.64 -41.43
N LEU R 207 20.98 49.19 -40.71
CA LEU R 207 20.28 48.40 -39.71
C LEU R 207 19.26 47.45 -40.31
N ALA R 208 19.03 47.51 -41.62
CA ALA R 208 18.06 46.63 -42.25
C ALA R 208 18.53 45.20 -42.38
N HIS R 209 19.81 44.93 -42.10
CA HIS R 209 20.36 43.59 -42.23
C HIS R 209 20.76 42.99 -40.89
N ASP R 210 20.49 43.68 -39.79
CA ASP R 210 20.91 43.24 -38.47
C ASP R 210 19.75 42.60 -37.72
N ASN R 211 20.06 41.51 -37.01
CA ASN R 211 19.07 40.86 -36.17
C ASN R 211 18.60 41.81 -35.07
N MET R 212 17.32 41.72 -34.72
CA MET R 212 16.74 42.64 -33.77
C MET R 212 15.86 41.89 -32.77
N PHE R 213 16.00 42.26 -31.50
CA PHE R 213 15.07 41.83 -30.46
C PHE R 213 14.72 43.03 -29.61
N THR R 214 13.49 43.03 -29.09
CA THR R 214 12.99 44.17 -28.34
C THR R 214 12.84 43.84 -26.87
N PHE R 215 12.86 44.88 -26.04
CA PHE R 215 12.60 44.75 -24.62
C PHE R 215 12.13 46.09 -24.10
N THR R 216 11.08 46.07 -23.27
CA THR R 216 10.44 47.28 -22.80
C THR R 216 10.77 47.55 -21.34
N LEU R 217 10.56 48.80 -20.94
CA LEU R 217 10.77 49.23 -19.57
C LEU R 217 9.74 50.28 -19.22
N ASN R 218 9.36 50.30 -17.94
CA ASN R 218 8.36 51.22 -17.41
C ASN R 218 9.07 52.25 -16.53
N ILE R 219 9.44 53.38 -17.13
CA ILE R 219 10.11 54.46 -16.43
C ILE R 219 9.12 55.57 -16.18
N SER R 220 8.97 55.95 -14.90
CA SER R 220 8.09 57.04 -14.48
C SER R 220 6.67 56.88 -15.03
N GLY R 221 6.22 55.64 -15.15
CA GLY R 221 4.87 55.35 -15.57
C GLY R 221 4.70 55.18 -17.06
N THR R 222 5.63 55.67 -17.86
CA THR R 222 5.55 55.54 -19.31
C THR R 222 6.31 54.30 -19.77
N LEU R 223 5.70 53.55 -20.68
CA LEU R 223 6.29 52.31 -21.17
C LEU R 223 7.25 52.66 -22.30
N VAL R 224 8.54 52.72 -21.97
CA VAL R 224 9.58 53.04 -22.93
C VAL R 224 10.12 51.73 -23.50
N THR R 225 9.98 51.56 -24.80
CA THR R 225 10.43 50.35 -25.49
C THR R 225 11.75 50.61 -26.20
N TYR R 226 12.48 49.53 -26.46
CA TYR R 226 13.80 49.61 -27.08
C TYR R 226 13.88 48.61 -28.22
N TYR R 227 14.87 48.81 -29.09
CA TYR R 227 15.10 47.95 -30.23
C TYR R 227 16.60 47.74 -30.37
N ALA R 228 17.07 46.54 -30.05
CA ALA R 228 18.49 46.21 -30.08
C ALA R 228 18.82 45.55 -31.42
N PHE R 229 19.71 46.16 -32.19
CA PHE R 229 20.13 45.64 -33.48
C PHE R 229 21.53 45.06 -33.34
N VAL R 230 21.71 43.80 -33.70
CA VAL R 230 22.98 43.11 -33.59
C VAL R 230 23.38 42.64 -34.97
N ASN R 231 24.65 42.84 -35.33
CA ASN R 231 25.16 42.48 -36.65
C ASN R 231 26.15 41.32 -36.61
N GLN R 232 26.52 40.83 -35.44
CA GLN R 232 27.52 39.79 -35.35
C GLN R 232 27.30 38.99 -34.08
N THR R 233 27.35 37.67 -34.19
CA THR R 233 27.13 36.79 -33.04
C THR R 233 28.32 36.90 -32.11
N PHE R 234 28.13 37.59 -30.97
CA PHE R 234 29.19 37.77 -30.00
C PHE R 234 28.62 37.55 -28.61
N ALA R 235 29.52 37.38 -27.64
CA ALA R 235 29.16 37.17 -26.26
C ALA R 235 29.95 38.11 -25.37
N PHE R 236 29.35 38.51 -24.26
CA PHE R 236 30.01 39.39 -23.31
C PHE R 236 29.68 38.96 -21.90
N THR R 237 30.48 39.44 -20.94
CA THR R 237 30.32 39.08 -19.55
C THR R 237 30.23 40.34 -18.70
N TYR R 238 29.45 40.26 -17.63
CA TYR R 238 29.27 41.37 -16.71
C TYR R 238 29.12 40.83 -15.30
N PRO R 239 29.56 41.57 -14.28
CA PRO R 239 29.46 41.06 -12.91
C PRO R 239 28.03 41.01 -12.44
N VAL R 240 27.66 39.89 -11.81
CA VAL R 240 26.29 39.69 -11.37
C VAL R 240 26.18 39.52 -9.86
N ALA R 241 27.25 39.16 -9.16
CA ALA R 241 27.20 39.06 -7.71
C ALA R 241 28.61 39.05 -7.13
N GLY R 242 28.90 40.03 -6.28
CA GLY R 242 30.09 40.02 -5.46
C GLY R 242 31.41 40.07 -6.18
N ASP R 243 31.72 41.20 -6.82
CA ASP R 243 32.98 41.37 -7.54
C ASP R 243 33.64 42.67 -7.11
N PRO R 244 34.47 42.62 -6.07
CA PRO R 244 35.09 43.87 -5.60
C PRO R 244 36.18 44.38 -6.52
N LEU R 245 36.81 43.51 -7.30
CA LEU R 245 37.92 43.92 -8.17
C LEU R 245 37.36 44.35 -9.52
N ILE R 246 36.79 45.55 -9.54
CA ILE R 246 36.21 46.11 -10.74
C ILE R 246 37.25 46.94 -11.48
N GLY R 247 37.41 46.67 -12.76
CA GLY R 247 38.41 47.32 -13.57
C GLY R 247 39.61 46.48 -13.93
N SER R 248 39.53 45.16 -13.75
CA SER R 248 40.66 44.29 -14.02
C SER R 248 40.34 43.04 -14.83
N ALA R 249 39.05 42.75 -15.06
CA ALA R 249 38.63 41.57 -15.80
C ALA R 249 39.18 40.30 -15.16
N ILE R 250 38.78 40.08 -13.92
CA ILE R 250 39.20 38.91 -13.16
C ILE R 250 38.06 38.51 -12.23
N ALA R 251 37.72 37.23 -12.24
CA ALA R 251 36.64 36.74 -11.41
C ALA R 251 37.20 36.19 -10.10
N PRO R 252 37.06 36.92 -9.00
CA PRO R 252 37.63 36.47 -7.73
C PRO R 252 36.90 35.25 -7.21
N ALA R 253 37.56 34.53 -6.32
CA ALA R 253 36.94 33.37 -5.69
C ALA R 253 35.74 33.81 -4.87
N GLY R 254 34.63 33.12 -5.06
CA GLY R 254 33.39 33.50 -4.40
C GLY R 254 32.61 34.57 -5.12
N SER R 255 32.61 34.56 -6.44
CA SER R 255 31.94 35.58 -7.23
C SER R 255 31.21 34.93 -8.38
N VAL R 256 29.98 35.39 -8.63
CA VAL R 256 29.17 34.90 -9.74
C VAL R 256 29.29 35.90 -10.88
N ILE R 257 29.47 35.37 -12.09
CA ILE R 257 29.62 36.18 -13.30
C ILE R 257 28.55 35.78 -14.29
N GLY R 258 28.02 36.74 -15.02
CA GLY R 258 26.97 36.50 -15.99
C GLY R 258 27.52 36.53 -17.41
N VAL R 259 27.19 35.50 -18.17
CA VAL R 259 27.58 35.39 -19.57
C VAL R 259 26.33 35.46 -20.42
N MET R 260 26.39 36.22 -21.51
CA MET R 260 25.24 36.41 -22.40
C MET R 260 25.72 36.38 -23.84
N ILE R 261 25.15 35.47 -24.62
CA ILE R 261 25.46 35.36 -26.04
C ILE R 261 24.36 36.05 -26.82
N LEU R 262 24.75 36.91 -27.76
CA LEU R 262 23.80 37.68 -28.57
C LEU R 262 23.88 37.16 -30.00
N PHE R 263 22.87 36.44 -30.43
CA PHE R 263 22.90 35.82 -31.76
C PHE R 263 22.74 36.88 -32.84
N GLY R 264 23.52 36.73 -33.91
CA GLY R 264 23.52 37.69 -34.99
C GLY R 264 22.70 37.22 -36.16
N PRO R 265 22.77 37.94 -37.28
CA PRO R 265 21.97 37.55 -38.45
C PRO R 265 22.39 36.23 -39.05
N ASP R 266 23.64 35.82 -38.86
CA ASP R 266 24.09 34.54 -39.39
C ASP R 266 23.42 33.39 -38.66
N LEU R 267 23.19 33.53 -37.36
CA LEU R 267 22.70 32.45 -36.54
C LEU R 267 21.31 32.70 -35.97
N GLY R 268 20.84 33.95 -35.92
CA GLY R 268 19.50 34.20 -35.43
C GLY R 268 18.40 33.64 -36.30
N SER R 269 18.72 33.29 -37.54
CA SER R 269 17.74 32.73 -38.46
C SER R 269 17.43 31.27 -38.18
N HIS R 270 18.00 30.70 -37.12
CA HIS R 270 17.74 29.31 -36.76
C HIS R 270 17.31 29.25 -35.30
N VAL R 271 16.23 28.52 -35.03
CA VAL R 271 15.84 28.18 -33.68
C VAL R 271 16.24 26.73 -33.43
N PHE R 272 16.84 26.48 -32.27
CA PHE R 272 17.34 25.15 -31.94
C PHE R 272 16.21 24.33 -31.35
N GLN R 273 15.76 23.32 -32.10
CA GLN R 273 14.71 22.43 -31.66
C GLN R 273 15.11 21.02 -32.04
N TYR R 274 15.14 20.12 -31.05
CA TYR R 274 15.62 18.76 -31.23
C TYR R 274 17.05 18.75 -31.76
N GLN R 275 17.91 19.46 -31.04
CA GLN R 275 19.31 19.61 -31.40
C GLN R 275 20.15 19.52 -30.13
N THR R 276 21.42 19.93 -30.24
CA THR R 276 22.33 19.91 -29.11
C THR R 276 23.20 21.17 -29.16
N ILE R 277 23.14 21.95 -28.11
CA ILE R 277 23.92 23.18 -27.99
C ILE R 277 25.21 22.86 -27.26
N THR R 278 26.31 23.46 -27.69
CA THR R 278 27.60 23.22 -27.07
C THR R 278 28.34 24.54 -26.92
N ILE R 279 28.78 24.82 -25.69
CA ILE R 279 29.56 26.01 -25.37
C ILE R 279 30.78 25.57 -24.57
N GLN R 280 31.88 26.30 -24.70
CA GLN R 280 33.08 25.99 -23.95
C GLN R 280 33.86 27.27 -23.66
N ILE R 281 34.04 27.58 -22.38
CA ILE R 281 34.76 28.77 -21.95
C ILE R 281 36.11 28.30 -21.42
N THR R 282 37.17 28.60 -22.15
CA THR R 282 38.52 28.16 -21.78
C THR R 282 39.39 29.34 -21.37
N PRO R 283 39.63 29.54 -20.07
CA PRO R 283 40.52 30.62 -19.65
C PRO R 283 41.96 30.34 -20.05
N ASN R 284 42.80 31.37 -19.98
CA ASN R 284 44.17 31.24 -20.43
C ASN R 284 44.96 30.28 -19.54
N ILE R 285 44.58 30.16 -18.27
CA ILE R 285 45.20 29.19 -17.37
C ILE R 285 44.09 28.54 -16.55
N GLY R 286 44.00 27.22 -16.63
CA GLY R 286 42.98 26.48 -15.90
C GLY R 286 42.22 25.53 -16.81
N SER R 287 41.43 24.69 -16.17
CA SER R 287 40.61 23.72 -16.88
C SER R 287 39.41 24.41 -17.50
N PRO R 288 39.00 23.98 -18.70
CA PRO R 288 37.87 24.65 -19.36
C PRO R 288 36.53 24.31 -18.73
N LEU R 289 35.46 24.88 -19.29
CA LEU R 289 34.09 24.59 -18.86
C LEU R 289 33.26 24.35 -20.10
N THR R 290 32.88 23.10 -20.33
CA THR R 290 32.05 22.73 -21.47
C THR R 290 30.60 22.58 -21.02
N ILE R 291 29.68 22.92 -21.92
CA ILE R 291 28.26 22.86 -21.65
C ILE R 291 27.57 22.23 -22.85
N SER R 292 26.78 21.18 -22.59
CA SER R 292 26.01 20.52 -23.64
C SER R 292 24.59 20.35 -23.14
N GLU R 293 23.62 20.70 -23.99
CA GLU R 293 22.22 20.63 -23.62
C GLU R 293 21.41 20.15 -24.82
N TYR R 294 20.25 19.57 -24.53
CA TYR R 294 19.32 19.11 -25.54
C TYR R 294 18.02 19.87 -25.38
N VAL R 295 17.63 20.60 -26.42
CA VAL R 295 16.44 21.46 -26.37
C VAL R 295 15.33 20.80 -27.17
N TYR R 296 14.20 20.55 -26.51
CA TYR R 296 13.06 19.96 -27.22
C TYR R 296 12.24 21.02 -27.93
N GLN R 297 11.61 21.91 -27.17
CA GLN R 297 10.64 22.85 -27.70
C GLN R 297 10.63 24.12 -26.85
N PRO R 298 10.99 25.26 -27.40
CA PRO R 298 10.97 26.50 -26.63
C PRO R 298 9.55 26.92 -26.30
N GLU R 299 9.43 27.74 -25.25
CA GLU R 299 8.13 28.26 -24.85
C GLU R 299 8.33 29.43 -23.91
N GLY R 300 7.39 30.38 -23.93
CA GLY R 300 7.42 31.52 -23.05
C GLY R 300 8.40 32.60 -23.41
N SER R 301 9.14 32.44 -24.52
CA SER R 301 10.11 33.41 -25.00
C SER R 301 11.34 33.47 -24.12
N VAL R 302 11.30 32.80 -22.97
CA VAL R 302 12.47 32.56 -22.15
C VAL R 302 12.42 31.12 -21.68
N SER R 303 13.12 30.23 -22.39
CA SER R 303 13.10 28.81 -22.08
C SER R 303 14.30 28.48 -21.20
N VAL R 304 14.02 27.78 -20.09
CA VAL R 304 15.09 27.46 -19.13
C VAL R 304 15.66 26.13 -19.57
N ILE R 305 16.57 26.21 -20.54
CA ILE R 305 17.34 25.05 -21.02
C ILE R 305 18.34 25.52 -22.07
N LEU S 19 97.63 18.48 -10.82
CA LEU S 19 96.98 17.22 -10.52
C LEU S 19 95.47 17.38 -10.49
N ALA S 20 94.76 16.26 -10.38
CA ALA S 20 93.31 16.26 -10.25
C ALA S 20 92.85 16.18 -8.80
N GLY S 21 93.77 15.98 -7.85
CA GLY S 21 93.41 15.95 -6.45
C GLY S 21 92.85 17.26 -5.95
N LEU S 22 93.19 18.37 -6.59
CA LEU S 22 92.56 19.66 -6.30
C LEU S 22 91.39 19.95 -7.22
N ASP S 23 91.45 19.48 -8.48
CA ASP S 23 90.34 19.73 -9.39
C ASP S 23 89.10 18.97 -8.95
N THR S 24 89.25 17.72 -8.52
CA THR S 24 88.11 16.96 -8.03
C THR S 24 87.54 17.59 -6.77
N ALA S 25 88.40 18.19 -5.95
CA ALA S 25 87.92 18.85 -4.74
C ALA S 25 87.08 20.08 -5.09
N ILE S 26 87.51 20.85 -6.09
CA ILE S 26 86.78 22.05 -6.47
C ILE S 26 85.46 21.68 -7.11
N ILE S 27 85.48 20.72 -8.04
CA ILE S 27 84.25 20.28 -8.68
C ILE S 27 83.31 19.67 -7.64
N LEU S 28 83.87 19.06 -6.60
CA LEU S 28 83.04 18.52 -5.52
C LEU S 28 82.28 19.63 -4.83
N ILE S 29 82.97 20.72 -4.47
CA ILE S 29 82.33 21.83 -3.76
C ILE S 29 81.23 22.42 -4.62
N ALA S 30 81.46 22.50 -5.94
CA ALA S 30 80.50 23.12 -6.83
C ALA S 30 79.20 22.32 -6.88
N PHE S 31 79.31 21.04 -7.21
CA PHE S 31 78.11 20.24 -7.41
C PHE S 31 77.30 20.08 -6.14
N ILE S 32 77.95 20.16 -4.97
CA ILE S 32 77.22 20.10 -3.72
C ILE S 32 76.42 21.36 -3.51
N ILE S 33 76.94 22.50 -3.94
CA ILE S 33 76.21 23.76 -3.81
C ILE S 33 74.99 23.77 -4.72
N THR S 34 75.15 23.30 -5.96
CA THR S 34 74.02 23.25 -6.87
C THR S 34 72.98 22.25 -6.40
N ALA S 35 73.42 21.08 -5.94
CA ALA S 35 72.46 20.10 -5.43
C ALA S 35 71.81 20.59 -4.15
N SER S 36 72.48 21.51 -3.44
CA SER S 36 71.91 22.03 -2.20
C SER S 36 70.73 22.94 -2.48
N VAL S 37 70.83 23.81 -3.48
CA VAL S 37 69.78 24.77 -3.75
C VAL S 37 68.55 24.08 -4.33
N LEU S 38 68.75 22.95 -5.00
CA LEU S 38 67.59 22.18 -5.47
C LEU S 38 66.79 21.66 -4.30
N ALA S 39 67.45 21.16 -3.27
CA ALA S 39 66.77 20.78 -2.04
C ALA S 39 66.14 21.99 -1.36
N TYR S 40 66.84 23.12 -1.39
CA TYR S 40 66.33 24.34 -0.78
C TYR S 40 65.03 24.78 -1.42
N VAL S 41 64.88 24.50 -2.72
CA VAL S 41 63.67 24.92 -3.43
C VAL S 41 62.63 23.81 -3.44
N ALA S 42 63.08 22.55 -3.50
CA ALA S 42 62.13 21.44 -3.51
C ALA S 42 61.38 21.37 -2.19
N ILE S 43 62.03 21.74 -1.09
CA ILE S 43 61.36 21.74 0.20
C ILE S 43 60.38 22.90 0.30
N ASN S 44 60.83 24.11 -0.07
CA ASN S 44 59.98 25.27 0.03
C ASN S 44 58.72 25.12 -0.80
N MET S 45 58.86 24.84 -2.10
CA MET S 45 57.70 24.66 -2.95
C MET S 45 56.95 23.38 -2.61
N GLY S 46 57.64 22.41 -2.00
CA GLY S 46 56.94 21.21 -1.59
C GLY S 46 55.92 21.47 -0.51
N LEU S 47 56.31 22.25 0.50
CA LEU S 47 55.35 22.61 1.55
C LEU S 47 54.29 23.55 1.02
N PHE S 48 54.63 24.39 0.05
CA PHE S 48 53.67 25.34 -0.48
C PHE S 48 52.51 24.62 -1.17
N VAL S 49 52.83 23.65 -2.02
CA VAL S 49 51.79 22.87 -2.69
C VAL S 49 51.01 22.05 -1.68
N THR S 50 51.66 21.66 -0.58
CA THR S 50 50.97 20.86 0.43
C THR S 50 49.95 21.69 1.18
N GLN S 51 50.33 22.89 1.61
CA GLN S 51 49.41 23.74 2.35
C GLN S 51 48.22 24.15 1.48
N LYS S 52 48.46 24.40 0.20
CA LYS S 52 47.37 24.76 -0.68
C LYS S 52 46.46 23.55 -0.94
N ALA S 53 47.01 22.35 -0.83
CA ALA S 53 46.18 21.15 -0.92
C ALA S 53 45.30 21.02 0.31
N LYS S 54 45.76 21.54 1.44
CA LYS S 54 44.96 21.50 2.66
C LYS S 54 43.83 22.52 2.60
N SER S 55 44.10 23.72 2.07
CA SER S 55 43.07 24.73 1.96
C SER S 55 41.98 24.30 0.97
N THR S 56 42.34 23.45 0.02
CA THR S 56 41.35 22.94 -0.92
C THR S 56 40.40 21.97 -0.24
N ILE S 57 40.91 21.16 0.68
CA ILE S 57 40.05 20.21 1.40
C ILE S 57 39.04 20.96 2.24
N ASN S 58 39.49 22.00 2.94
CA ASN S 58 38.59 22.78 3.79
C ASN S 58 37.47 23.41 2.97
N LYS S 59 37.78 23.81 1.73
CA LYS S 59 36.76 24.41 0.89
C LYS S 59 35.88 23.35 0.24
N GLY S 60 36.49 22.24 -0.19
CA GLY S 60 35.70 21.17 -0.78
C GLY S 60 34.75 20.56 0.22
N GLU S 61 35.16 20.44 1.48
CA GLU S 61 34.29 19.89 2.50
C GLU S 61 33.19 20.88 2.88
N GLU S 62 33.55 22.16 3.00
CA GLU S 62 32.56 23.16 3.37
C GLU S 62 31.49 23.33 2.30
N THR S 63 31.85 23.10 1.04
CA THR S 63 30.87 23.15 -0.03
C THR S 63 29.82 22.07 0.13
N ALA S 64 30.25 20.85 0.41
CA ALA S 64 29.33 19.71 0.46
C ALA S 64 28.39 19.81 1.66
N SER S 65 28.79 20.54 2.70
CA SER S 65 27.97 20.60 3.90
C SER S 65 27.00 21.77 3.87
N THR S 66 27.41 22.91 3.34
CA THR S 66 26.59 24.12 3.36
C THR S 66 25.47 24.03 2.34
N ALA S 67 24.25 24.26 2.80
CA ALA S 67 23.08 24.27 1.93
C ALA S 67 21.91 24.86 2.69
N LEU S 68 20.96 25.42 1.95
CA LEU S 68 19.76 26.01 2.51
C LEU S 68 18.54 25.17 2.17
N THR S 69 17.52 25.25 3.01
CA THR S 69 16.27 24.56 2.78
C THR S 69 15.11 25.53 2.92
N LEU S 70 13.96 25.16 2.36
CA LEU S 70 12.76 25.99 2.40
C LEU S 70 11.89 25.51 3.55
N SER S 71 12.27 25.91 4.76
CA SER S 71 11.56 25.52 5.97
C SER S 71 10.37 26.46 6.16
N GLY S 72 9.25 26.11 5.54
CA GLY S 72 8.04 26.89 5.65
C GLY S 72 7.37 27.06 4.32
N SER S 73 6.19 27.69 4.36
CA SER S 73 5.39 27.90 3.17
C SER S 73 5.69 29.28 2.57
N VAL S 74 5.55 29.37 1.25
CA VAL S 74 5.81 30.60 0.52
C VAL S 74 4.48 31.32 0.29
N LEU S 75 4.44 32.60 0.64
CA LEU S 75 3.24 33.40 0.49
C LEU S 75 3.33 34.27 -0.76
N TYR S 76 2.23 34.96 -1.06
CA TYR S 76 2.15 35.78 -2.26
C TYR S 76 1.03 36.80 -2.07
N ALA S 77 1.36 38.07 -2.25
CA ALA S 77 0.45 39.16 -1.94
C ALA S 77 -0.03 39.85 -3.21
N VAL S 78 -1.34 39.84 -3.43
CA VAL S 78 -1.99 40.51 -4.54
C VAL S 78 -3.28 41.13 -4.01
N ASN S 79 -3.69 42.26 -4.61
CA ASN S 79 -4.96 42.86 -4.22
C ASN S 79 -6.12 41.90 -4.50
N TYR S 80 -6.81 41.49 -3.43
CA TYR S 80 -7.66 40.29 -3.52
C TYR S 80 -8.83 40.46 -4.48
N PRO S 81 -9.69 41.48 -4.35
CA PRO S 81 -10.89 41.50 -5.21
C PRO S 81 -10.57 41.52 -6.69
N SER S 82 -9.76 42.48 -7.14
CA SER S 82 -9.39 42.59 -8.54
C SER S 82 -7.88 42.38 -8.65
N ASN S 83 -7.47 41.17 -8.98
CA ASN S 83 -6.05 40.84 -9.05
C ASN S 83 -5.43 41.58 -10.23
N THR S 84 -4.80 42.69 -9.95
CA THR S 84 -4.14 43.46 -10.99
C THR S 84 -2.69 43.78 -10.66
N ARG S 85 -2.38 44.03 -9.40
CA ARG S 85 -1.04 44.39 -8.98
C ARG S 85 -0.49 43.37 -8.00
N SER S 86 0.78 43.04 -8.14
CA SER S 86 1.48 42.16 -7.23
C SER S 86 2.22 43.00 -6.19
N TYR S 87 2.18 42.56 -4.94
CA TYR S 87 2.74 43.33 -3.84
C TYR S 87 4.06 42.76 -3.34
N TRP S 88 4.09 41.50 -2.89
CA TRP S 88 5.33 40.93 -2.40
C TRP S 88 5.20 39.42 -2.32
N ILE S 89 6.36 38.76 -2.35
CA ILE S 89 6.48 37.31 -2.15
C ILE S 89 7.36 37.09 -0.94
N TYR S 90 6.95 36.16 -0.07
CA TYR S 90 7.64 35.93 1.19
C TYR S 90 7.80 34.44 1.42
N PHE S 91 8.91 34.07 2.03
CA PHE S 91 9.18 32.69 2.41
C PHE S 91 10.35 32.68 3.37
N THR S 92 10.43 31.63 4.17
CA THR S 92 11.50 31.45 5.14
C THR S 92 12.48 30.40 4.66
N VAL S 93 13.73 30.53 5.09
CA VAL S 93 14.80 29.59 4.76
C VAL S 93 15.56 29.27 6.04
N SER S 94 16.43 28.27 5.93
CA SER S 94 17.26 27.83 7.05
C SER S 94 18.32 26.88 6.51
N PRO S 95 19.44 26.74 7.20
CA PRO S 95 20.45 25.77 6.76
C PRO S 95 19.86 24.39 6.63
N SER S 96 20.37 23.63 5.64
CA SER S 96 19.76 22.36 5.26
C SER S 96 19.54 21.47 6.48
N SER S 97 20.62 21.13 7.17
CA SER S 97 20.54 20.51 8.47
C SER S 97 21.26 21.41 9.47
N GLY S 98 21.39 20.93 10.70
CA GLY S 98 22.17 21.66 11.68
C GLY S 98 23.65 21.38 11.51
N VAL S 99 24.10 21.32 10.27
CA VAL S 99 25.47 20.88 10.00
C VAL S 99 26.44 22.05 9.87
N SER S 100 26.01 23.16 9.27
CA SER S 100 26.94 24.25 9.01
C SER S 100 26.17 25.55 8.89
N SER S 101 26.88 26.65 9.11
CA SER S 101 26.31 27.97 8.99
C SER S 101 26.67 28.57 7.63
N VAL S 102 25.68 29.21 7.00
CA VAL S 102 25.86 29.81 5.68
C VAL S 102 25.83 31.32 5.83
N GLU S 103 26.59 32.00 4.97
CA GLU S 103 26.67 33.45 4.99
C GLU S 103 25.72 34.04 3.95
N LEU S 104 24.98 35.07 4.34
CA LEU S 104 24.01 35.71 3.48
C LEU S 104 24.25 37.21 3.39
N SER S 105 25.51 37.60 3.32
CA SER S 105 25.84 39.02 3.17
C SER S 105 25.37 39.50 1.81
N PRO S 106 24.60 40.58 1.73
CA PRO S 106 24.01 40.99 0.45
C PRO S 106 25.03 41.31 -0.61
N SER S 107 26.27 41.63 -0.24
CA SER S 107 27.27 42.00 -1.22
C SER S 107 27.78 40.80 -2.01
N THR S 108 27.74 39.60 -1.42
CA THR S 108 28.31 38.42 -2.05
C THR S 108 27.26 37.48 -2.64
N THR S 109 26.20 37.18 -1.91
CA THR S 109 25.20 36.24 -2.40
C THR S 109 24.23 36.92 -3.35
N ALA S 110 23.55 36.11 -4.15
CA ALA S 110 22.64 36.59 -5.16
C ALA S 110 21.30 35.89 -5.05
N ILE S 111 20.24 36.58 -5.45
CA ILE S 111 18.89 36.03 -5.48
C ILE S 111 18.28 36.38 -6.83
N SER S 112 18.13 35.39 -7.69
CA SER S 112 17.68 35.59 -9.06
C SER S 112 16.20 35.23 -9.17
N PHE S 113 15.41 36.18 -9.66
CA PHE S 113 13.98 35.98 -9.88
C PHE S 113 13.71 35.93 -11.38
N THR S 114 12.88 34.98 -11.80
CA THR S 114 12.60 34.82 -13.22
C THR S 114 11.24 34.17 -13.41
N ALA S 115 10.49 34.66 -14.38
CA ALA S 115 9.20 34.10 -14.77
C ALA S 115 9.28 33.61 -16.21
N SER S 116 8.44 32.63 -16.53
CA SER S 116 8.48 32.01 -17.85
C SER S 116 7.48 32.62 -18.82
N ALA S 117 6.30 33.02 -18.33
CA ALA S 117 5.25 33.50 -19.23
C ALA S 117 5.55 34.92 -19.72
N GLU S 118 5.66 35.87 -18.79
CA GLU S 118 5.87 37.26 -19.17
C GLU S 118 7.19 37.48 -19.88
N GLY S 119 8.12 36.53 -19.76
CA GLY S 119 9.41 36.68 -20.41
C GLY S 119 10.35 37.64 -19.72
N ILE S 120 10.07 38.01 -18.48
CA ILE S 120 10.94 38.90 -17.70
C ILE S 120 11.81 38.04 -16.79
N SER S 121 13.10 38.34 -16.78
CA SER S 121 14.06 37.61 -15.95
C SER S 121 15.00 38.62 -15.29
N TYR S 122 15.31 38.36 -14.03
CA TYR S 122 16.22 39.20 -13.26
C TYR S 122 17.47 38.41 -12.92
N SER S 123 18.37 39.07 -12.19
CA SER S 123 19.61 38.43 -11.75
C SER S 123 20.13 39.22 -10.56
N ASN S 124 20.11 38.60 -9.38
CA ASN S 124 20.57 39.23 -8.15
C ASN S 124 19.79 40.51 -7.84
N ILE S 125 18.51 40.32 -7.53
CA ILE S 125 17.70 41.40 -6.98
C ILE S 125 17.98 41.65 -5.50
N TYR S 126 18.89 40.90 -4.90
CA TYR S 126 19.14 40.98 -3.46
C TYR S 126 19.97 42.21 -3.15
N GLU S 127 19.43 43.12 -2.35
CA GLU S 127 20.09 44.39 -2.07
C GLU S 127 20.45 44.59 -0.62
N TYR S 128 19.50 44.44 0.30
CA TYR S 128 19.70 44.80 1.70
C TYR S 128 19.48 43.59 2.59
N THR S 129 19.59 43.83 3.90
CA THR S 129 19.40 42.82 4.92
C THR S 129 19.24 43.51 6.27
N LEU S 130 18.58 42.81 7.19
CA LEU S 130 18.46 43.28 8.56
C LEU S 130 19.26 42.44 9.52
N LEU S 131 19.99 41.43 9.02
CA LEU S 131 20.82 40.59 9.89
C LEU S 131 21.98 41.35 10.48
N THR S 132 22.25 42.57 10.02
CA THR S 132 23.39 43.34 10.49
C THR S 132 23.03 44.49 11.43
N VAL S 133 21.79 44.94 11.41
CA VAL S 133 21.39 46.06 12.27
C VAL S 133 21.14 45.55 13.67
N SER S 134 21.73 46.21 14.66
CA SER S 134 21.55 45.81 16.04
C SER S 134 20.28 46.44 16.62
N PRO S 135 19.57 45.72 17.48
CA PRO S 135 18.31 46.25 18.00
C PRO S 135 18.45 47.52 18.80
N SER S 136 19.66 47.90 19.19
CA SER S 136 19.83 49.12 19.98
C SER S 136 19.47 50.35 19.17
N GLU S 137 19.78 50.35 17.88
CA GLU S 137 19.50 51.51 17.04
C GLU S 137 18.00 51.69 16.86
N LEU S 138 17.30 50.61 16.50
CA LEU S 138 15.88 50.70 16.20
C LEU S 138 15.01 50.79 17.44
N ALA S 139 15.61 50.91 18.62
CA ALA S 139 14.86 50.72 19.85
C ALA S 139 13.86 51.86 20.08
N ASN S 140 14.22 53.08 19.73
CA ASN S 140 13.46 54.24 20.17
C ASN S 140 12.62 54.85 19.05
N GLN S 141 13.24 55.20 17.93
CA GLN S 141 12.70 56.17 17.00
C GLN S 141 11.79 55.51 15.96
N VAL S 142 10.58 55.14 16.39
CA VAL S 142 9.47 54.90 15.48
C VAL S 142 8.17 54.95 16.28
N TYR S 143 7.19 55.70 15.79
CA TYR S 143 5.90 55.79 16.47
C TYR S 143 4.83 56.46 15.63
N ALA S 144 3.62 55.90 15.65
CA ALA S 144 2.47 56.48 14.98
C ALA S 144 1.35 56.82 15.94
N ASN S 145 1.53 56.58 17.24
CA ASN S 145 0.54 56.94 18.24
C ASN S 145 1.28 57.29 19.52
N GLY S 146 0.57 57.31 20.65
CA GLY S 146 1.16 57.73 21.90
C GLY S 146 2.31 56.87 22.39
N GLN S 147 2.67 55.81 21.66
CA GLN S 147 3.72 54.90 22.08
C GLN S 147 4.65 54.60 20.92
N TYR S 148 5.95 54.55 21.21
CA TYR S 148 6.94 54.09 20.25
C TYR S 148 6.88 52.57 20.18
N LEU S 149 6.35 52.04 19.09
CA LEU S 149 6.19 50.60 18.98
C LEU S 149 7.54 49.91 18.88
N ASP S 150 7.65 48.75 19.53
CA ASP S 150 8.87 47.96 19.49
C ASP S 150 8.79 46.96 18.34
N LEU S 151 9.85 46.91 17.53
CA LEU S 151 9.84 46.16 16.29
C LEU S 151 10.51 44.80 16.41
N VAL S 152 11.33 44.59 17.43
CA VAL S 152 12.12 43.37 17.55
C VAL S 152 11.93 42.80 18.96
N ASN S 153 11.92 41.48 19.03
CA ASN S 153 11.79 40.76 20.30
C ASN S 153 13.09 40.04 20.61
N GLN S 154 13.71 40.39 21.72
CA GLN S 154 15.02 39.87 22.09
C GLN S 154 14.91 39.01 23.35
N GLN S 155 15.42 37.79 23.27
CA GLN S 155 15.47 36.87 24.39
C GLN S 155 16.90 36.40 24.59
N THR S 156 17.28 36.19 25.85
CA THR S 156 18.66 35.87 26.18
C THR S 156 18.73 34.63 27.06
N ASN S 157 19.75 33.81 26.81
CA ASN S 157 20.10 32.69 27.67
C ASN S 157 21.53 32.28 27.35
N ALA S 158 22.23 31.80 28.38
CA ALA S 158 23.63 31.37 28.25
C ALA S 158 24.50 32.50 27.71
N GLY S 159 24.18 33.73 28.10
CA GLY S 159 24.98 34.88 27.75
C GLY S 159 24.78 35.43 26.35
N GLN S 160 24.00 34.75 25.52
CA GLN S 160 23.74 35.20 24.15
C GLN S 160 22.30 35.65 24.02
N THR S 161 22.08 36.65 23.17
CA THR S 161 20.76 37.22 22.94
C THR S 161 20.27 36.87 21.55
N TYR S 162 19.04 36.41 21.47
CA TYR S 162 18.40 36.07 20.20
C TYR S 162 17.35 37.12 19.88
N VAL S 163 17.50 37.82 18.76
CA VAL S 163 16.53 38.80 18.32
C VAL S 163 15.87 38.30 17.05
N TYR S 164 14.68 38.83 16.76
CA TYR S 164 13.96 38.47 15.55
C TYR S 164 12.79 39.41 15.37
N TYR S 165 12.37 39.56 14.12
CA TYR S 165 11.20 40.37 13.78
C TYR S 165 10.01 39.44 13.56
N PRO S 166 8.96 39.52 14.37
CA PRO S 166 7.86 38.57 14.25
C PRO S 166 7.07 38.71 12.95
N ASN S 167 6.63 39.91 12.68
CA ASN S 167 5.72 40.20 11.58
C ASN S 167 6.50 40.72 10.38
N PRO S 168 6.23 40.23 9.18
CA PRO S 168 6.86 40.83 7.99
C PRO S 168 6.68 42.33 7.91
N TYR S 169 5.52 42.85 8.31
CA TYR S 169 5.32 44.28 8.32
C TYR S 169 6.25 44.96 9.33
N TYR S 170 6.40 44.36 10.52
CA TYR S 170 7.31 44.91 11.50
C TYR S 170 8.74 44.99 10.96
N ALA S 171 9.05 44.16 9.97
CA ALA S 171 10.37 44.22 9.35
C ALA S 171 10.47 45.39 8.38
N LEU S 172 9.36 45.75 7.73
CA LEU S 172 9.38 46.84 6.77
C LEU S 172 9.58 48.17 7.47
N LEU S 173 8.85 48.41 8.54
CA LEU S 173 9.10 49.61 9.36
C LEU S 173 10.54 49.62 9.86
N ALA S 174 11.08 48.44 10.13
CA ALA S 174 12.48 48.35 10.56
C ALA S 174 13.42 48.64 9.40
N LEU S 175 13.03 48.29 8.17
CA LEU S 175 13.91 48.53 7.03
C LEU S 175 13.86 49.99 6.61
N ASN S 176 12.70 50.65 6.78
CA ASN S 176 12.57 52.03 6.35
C ASN S 176 13.50 52.93 7.14
N TYR S 177 13.60 52.72 8.46
CA TYR S 177 14.46 53.56 9.27
C TYR S 177 15.92 53.32 8.94
N THR S 178 16.29 52.06 8.69
CA THR S 178 17.66 51.75 8.33
C THR S 178 18.09 52.50 7.08
N LEU S 179 17.39 52.26 5.97
CA LEU S 179 17.79 52.85 4.69
C LEU S 179 17.83 54.37 4.76
N SER S 180 16.90 54.98 5.50
CA SER S 180 16.78 56.43 5.45
C SER S 180 17.82 57.12 6.33
N LYS S 181 18.07 56.60 7.53
CA LYS S 181 18.90 57.30 8.50
C LYS S 181 20.14 56.55 8.94
N ILE S 182 20.20 55.23 8.77
CA ILE S 182 21.38 54.50 9.24
C ILE S 182 22.49 54.55 8.20
N ASP S 183 22.23 54.06 6.99
CA ASP S 183 23.19 54.12 5.90
C ASP S 183 22.72 55.17 4.90
N LYS S 184 23.58 56.15 4.63
CA LYS S 184 23.21 57.31 3.82
C LYS S 184 23.14 56.90 2.35
N VAL S 185 22.00 56.33 1.97
CA VAL S 185 21.69 56.10 0.57
C VAL S 185 20.72 57.20 0.12
N SER S 186 21.11 57.95 -0.93
CA SER S 186 20.31 59.10 -1.31
C SER S 186 19.01 58.69 -2.02
N PRO S 187 19.03 57.83 -3.05
CA PRO S 187 17.76 57.28 -3.54
C PRO S 187 17.34 56.08 -2.69
N SER S 188 16.34 56.27 -1.86
CA SER S 188 15.85 55.20 -0.99
C SER S 188 14.84 54.37 -1.74
N PRO S 189 15.10 53.10 -2.02
CA PRO S 189 14.16 52.30 -2.80
C PRO S 189 12.91 51.91 -2.03
N LEU S 190 12.78 52.39 -0.80
CA LEU S 190 11.61 52.12 0.02
C LEU S 190 11.23 53.39 0.75
N TYR S 191 9.94 53.69 0.78
CA TYR S 191 9.46 54.91 1.43
C TYR S 191 8.11 54.59 2.07
N ILE S 192 8.08 54.54 3.40
CA ILE S 192 6.86 54.28 4.15
C ILE S 192 6.40 55.59 4.75
N THR S 193 5.12 55.91 4.54
CA THR S 193 4.55 57.14 5.07
C THR S 193 3.12 56.89 5.48
N THR S 194 2.64 57.71 6.42
CA THR S 194 1.28 57.58 6.93
C THR S 194 0.29 58.51 6.23
N THR S 195 0.77 59.43 5.39
CA THR S 195 -0.11 60.38 4.75
C THR S 195 -0.85 59.74 3.58
N THR S 196 -2.01 60.31 3.26
CA THR S 196 -2.78 59.83 2.12
C THR S 196 -1.96 59.98 0.84
N PRO S 197 -1.95 58.99 -0.05
CA PRO S 197 -1.16 59.10 -1.28
C PRO S 197 -1.51 60.31 -2.13
N SER S 198 -2.74 60.82 -2.02
CA SER S 198 -3.10 62.04 -2.76
C SER S 198 -2.22 63.21 -2.33
N SER S 199 -2.21 63.51 -1.03
CA SER S 199 -1.35 64.58 -0.55
C SER S 199 0.12 64.19 -0.63
N ALA S 200 0.43 62.90 -0.48
CA ALA S 200 1.81 62.46 -0.53
C ALA S 200 2.40 62.68 -1.92
N THR S 201 1.62 62.43 -2.97
CA THR S 201 2.11 62.64 -4.32
C THR S 201 2.42 64.11 -4.59
N GLN S 202 1.63 65.01 -3.99
CA GLN S 202 1.81 66.44 -4.24
C GLN S 202 3.19 66.89 -3.74
N ILE S 203 3.47 66.68 -2.45
CA ILE S 203 4.75 67.10 -1.91
C ILE S 203 5.90 66.34 -2.57
N TYR S 204 5.70 65.06 -2.86
CA TYR S 204 6.73 64.23 -3.46
C TYR S 204 6.29 63.78 -4.85
N PRO S 205 6.64 64.52 -5.90
CA PRO S 205 6.18 64.16 -7.24
C PRO S 205 6.75 62.84 -7.75
N PHE S 206 7.77 62.29 -7.10
CA PHE S 206 8.37 61.05 -7.55
C PHE S 206 7.63 59.81 -7.04
N LEU S 207 6.72 59.96 -6.08
CA LEU S 207 5.97 58.81 -5.58
C LEU S 207 4.87 58.37 -6.51
N ALA S 208 4.51 59.18 -7.51
CA ALA S 208 3.50 58.77 -8.48
C ALA S 208 4.01 57.73 -9.46
N HIS S 209 5.24 57.27 -9.30
CA HIS S 209 5.81 56.26 -10.18
C HIS S 209 6.17 54.97 -9.48
N ASP S 210 6.10 54.92 -8.16
CA ASP S 210 6.46 53.73 -7.40
C ASP S 210 5.23 52.91 -7.08
N ASN S 211 5.38 51.59 -7.11
CA ASN S 211 4.27 50.71 -6.76
C ASN S 211 3.94 50.86 -5.28
N MET S 212 2.64 50.93 -4.99
CA MET S 212 2.16 51.21 -3.64
C MET S 212 1.31 50.06 -3.14
N PHE S 213 1.52 49.69 -1.88
CA PHE S 213 0.66 48.75 -1.20
C PHE S 213 0.50 49.19 0.24
N THR S 214 -0.59 48.74 0.87
CA THR S 214 -0.96 49.18 2.20
C THR S 214 -0.95 48.00 3.17
N PHE S 215 -0.78 48.32 4.44
CA PHE S 215 -0.89 47.35 5.51
C PHE S 215 -1.25 48.11 6.78
N THR S 216 -2.14 47.54 7.57
CA THR S 216 -2.77 48.26 8.67
C THR S 216 -2.37 47.66 10.01
N LEU S 217 -2.16 48.52 10.99
CA LEU S 217 -1.85 48.12 12.35
C LEU S 217 -2.85 48.75 13.31
N ASN S 218 -3.21 48.02 14.36
CA ASN S 218 -4.14 48.51 15.37
C ASN S 218 -3.32 48.97 16.57
N ILE S 219 -2.70 50.14 16.42
CA ILE S 219 -1.80 50.68 17.43
C ILE S 219 -2.60 51.53 18.40
N SER S 220 -2.46 51.24 19.70
CA SER S 220 -3.09 52.00 20.77
C SER S 220 -4.60 52.10 20.59
N GLY S 221 -5.18 50.99 20.13
CA GLY S 221 -6.62 50.92 19.94
C GLY S 221 -7.13 51.84 18.84
N THR S 222 -6.21 52.40 18.06
CA THR S 222 -6.58 53.26 16.95
C THR S 222 -6.08 52.65 15.64
N LEU S 223 -6.77 52.99 14.56
CA LEU S 223 -6.48 52.44 13.25
C LEU S 223 -5.39 53.28 12.57
N VAL S 224 -4.29 52.64 12.22
CA VAL S 224 -3.17 53.33 11.56
C VAL S 224 -2.83 52.57 10.29
N THR S 225 -2.90 53.27 9.16
CA THR S 225 -2.63 52.68 7.85
C THR S 225 -1.37 53.29 7.25
N TYR S 226 -0.54 52.44 6.66
CA TYR S 226 0.70 52.86 6.04
C TYR S 226 0.63 52.66 4.53
N TYR S 227 1.58 53.29 3.83
CA TYR S 227 1.68 53.20 2.39
C TYR S 227 3.16 53.03 2.02
N ALA S 228 3.51 51.88 1.44
CA ALA S 228 4.88 51.58 1.08
C ALA S 228 5.07 51.74 -0.42
N PHE S 229 6.03 52.56 -0.81
CA PHE S 229 6.37 52.78 -2.21
C PHE S 229 7.75 52.22 -2.48
N VAL S 230 7.92 51.59 -3.64
CA VAL S 230 9.20 51.01 -4.05
C VAL S 230 9.44 51.32 -5.51
N ASN S 231 10.56 51.95 -5.82
CA ASN S 231 10.90 52.30 -7.19
C ASN S 231 11.84 51.28 -7.84
N GLN S 232 11.93 50.08 -7.26
CA GLN S 232 12.78 49.03 -7.79
C GLN S 232 12.40 47.72 -7.12
N THR S 233 12.57 46.62 -7.86
CA THR S 233 12.22 45.29 -7.38
C THR S 233 13.43 44.71 -6.67
N PHE S 234 13.42 44.76 -5.34
CA PHE S 234 14.52 44.27 -4.53
C PHE S 234 14.00 43.27 -3.52
N ALA S 235 14.92 42.72 -2.73
CA ALA S 235 14.57 41.70 -1.74
C ALA S 235 15.55 41.79 -0.59
N PHE S 236 15.05 41.59 0.63
CA PHE S 236 15.87 41.66 1.82
C PHE S 236 15.61 40.42 2.68
N THR S 237 16.40 40.28 3.74
CA THR S 237 16.33 39.13 4.62
C THR S 237 16.46 39.60 6.05
N TYR S 238 15.70 38.98 6.94
CA TYR S 238 15.69 39.36 8.35
C TYR S 238 15.60 38.09 9.19
N PRO S 239 16.11 38.14 10.43
CA PRO S 239 16.09 36.93 11.27
C PRO S 239 14.71 36.72 11.87
N VAL S 240 14.24 35.49 11.84
CA VAL S 240 12.92 35.17 12.37
C VAL S 240 12.97 34.19 13.55
N ALA S 241 14.03 33.39 13.67
CA ALA S 241 14.11 32.45 14.78
C ALA S 241 15.52 31.95 15.03
N GLY S 242 15.99 32.08 16.27
CA GLY S 242 17.22 31.44 16.69
C GLY S 242 18.50 31.98 16.09
N ASP S 243 18.61 33.29 15.90
CA ASP S 243 19.80 33.93 15.36
C ASP S 243 20.51 34.69 16.47
N PRO S 244 21.47 34.07 17.16
CA PRO S 244 22.14 34.80 18.26
C PRO S 244 23.10 35.87 17.78
N LEU S 245 23.91 35.57 16.77
CA LEU S 245 24.91 36.50 16.29
C LEU S 245 24.25 37.52 15.37
N ILE S 246 24.29 38.78 15.75
CA ILE S 246 23.67 39.87 15.00
C ILE S 246 24.73 40.90 14.66
N GLY S 247 24.79 41.29 13.40
CA GLY S 247 25.79 42.21 12.92
C GLY S 247 26.79 41.64 11.94
N SER S 248 26.55 40.44 11.42
CA SER S 248 27.47 39.82 10.49
C SER S 248 26.81 39.18 9.28
N ALA S 249 25.48 39.12 9.22
CA ALA S 249 24.77 38.56 8.08
C ALA S 249 25.15 37.10 7.85
N ILE S 250 25.24 36.35 8.95
CA ILE S 250 25.54 34.92 8.91
C ILE S 250 24.37 34.17 9.52
N ALA S 251 23.95 33.10 8.86
CA ALA S 251 22.84 32.28 9.33
C ALA S 251 23.37 31.10 10.12
N PRO S 252 23.39 31.16 11.46
CA PRO S 252 23.94 30.04 12.23
C PRO S 252 23.10 28.79 12.04
N ALA S 253 23.71 27.64 12.37
CA ALA S 253 23.02 26.38 12.22
C ALA S 253 21.82 26.33 13.16
N GLY S 254 20.70 25.80 12.66
CA GLY S 254 19.50 25.76 13.46
C GLY S 254 18.84 27.10 13.64
N SER S 255 18.86 27.94 12.60
CA SER S 255 18.27 29.26 12.64
C SER S 255 17.49 29.49 11.35
N VAL S 256 16.27 29.96 11.48
CA VAL S 256 15.40 30.20 10.34
C VAL S 256 15.50 31.66 9.95
N ILE S 257 15.61 31.93 8.65
CA ILE S 257 15.72 33.27 8.12
C ILE S 257 14.56 33.49 7.15
N GLY S 258 13.99 34.69 7.16
CA GLY S 258 12.84 35.01 6.34
C GLY S 258 13.21 36.01 5.25
N VAL S 259 12.88 35.64 4.02
CA VAL S 259 13.17 36.47 2.85
C VAL S 259 11.87 37.09 2.37
N MET S 260 11.96 38.31 1.86
CA MET S 260 10.79 39.02 1.36
C MET S 260 11.17 39.77 0.10
N ILE S 261 10.45 39.50 -0.99
CA ILE S 261 10.69 40.12 -2.28
C ILE S 261 9.66 41.21 -2.50
N LEU S 262 10.11 42.43 -2.73
CA LEU S 262 9.22 43.55 -3.03
C LEU S 262 9.25 43.85 -4.51
N PHE S 263 8.08 44.03 -5.11
CA PHE S 263 7.94 44.28 -6.54
C PHE S 263 7.84 45.77 -6.79
N GLY S 264 8.71 46.28 -7.66
CA GLY S 264 8.67 47.67 -8.05
C GLY S 264 7.59 47.90 -9.09
N PRO S 265 7.68 49.02 -9.81
CA PRO S 265 6.68 49.28 -10.85
C PRO S 265 6.86 48.42 -12.08
N ASP S 266 8.09 47.98 -12.36
CA ASP S 266 8.35 47.16 -13.54
C ASP S 266 7.57 45.85 -13.47
N LEU S 267 7.66 45.17 -12.34
CA LEU S 267 7.08 43.84 -12.19
C LEU S 267 5.75 43.84 -11.46
N GLY S 268 5.48 44.87 -10.66
CA GLY S 268 4.27 44.90 -9.85
C GLY S 268 2.99 44.97 -10.65
N SER S 269 3.05 45.32 -11.92
CA SER S 269 1.85 45.44 -12.73
C SER S 269 1.35 44.09 -13.23
N HIS S 270 2.08 43.01 -13.00
CA HIS S 270 1.70 41.70 -13.47
C HIS S 270 1.13 40.86 -12.34
N VAL S 271 0.30 39.89 -12.70
CA VAL S 271 -0.26 38.93 -11.76
C VAL S 271 0.12 37.54 -12.25
N PHE S 272 0.97 36.87 -11.48
CA PHE S 272 1.44 35.54 -11.86
C PHE S 272 0.29 34.56 -11.74
N GLN S 273 -0.33 34.22 -12.86
CA GLN S 273 -1.46 33.31 -12.90
C GLN S 273 -1.26 32.34 -14.04
N TYR S 274 -1.35 31.03 -13.72
CA TYR S 274 -1.05 29.98 -14.69
C TYR S 274 0.35 30.12 -15.25
N GLN S 275 1.31 30.46 -14.38
CA GLN S 275 2.69 30.66 -14.75
C GLN S 275 3.60 29.88 -13.81
N THR S 276 4.89 29.92 -14.10
CA THR S 276 5.91 29.31 -13.27
C THR S 276 6.85 30.39 -12.75
N ILE S 277 7.17 30.32 -11.47
CA ILE S 277 8.01 31.32 -10.80
C ILE S 277 9.21 30.60 -10.21
N THR S 278 10.41 31.04 -10.60
CA THR S 278 11.65 30.40 -10.18
C THR S 278 12.50 31.42 -9.42
N ILE S 279 12.84 31.09 -8.18
CA ILE S 279 13.78 31.88 -7.39
C ILE S 279 14.92 30.97 -6.99
N GLN S 280 16.12 31.55 -6.89
CA GLN S 280 17.30 30.76 -6.57
C GLN S 280 18.26 31.62 -5.75
N ILE S 281 18.46 31.25 -4.50
CA ILE S 281 19.44 31.90 -3.64
C ILE S 281 20.74 31.12 -3.70
N THR S 282 21.82 31.79 -4.09
CA THR S 282 23.11 31.14 -4.35
C THR S 282 24.20 31.81 -3.54
N PRO S 283 24.47 31.31 -2.33
CA PRO S 283 25.54 31.88 -1.52
C PRO S 283 26.89 31.66 -2.17
N ASN S 284 27.89 32.39 -1.67
CA ASN S 284 29.21 32.35 -2.29
C ASN S 284 29.88 30.99 -2.11
N ILE S 285 29.73 30.39 -0.93
CA ILE S 285 30.29 29.08 -0.64
C ILE S 285 29.15 28.16 -0.23
N GLY S 286 28.87 27.17 -1.07
CA GLY S 286 27.82 26.21 -0.84
C GLY S 286 26.93 26.05 -2.05
N SER S 287 25.94 25.20 -1.90
CA SER S 287 25.02 24.90 -2.99
C SER S 287 23.85 25.87 -2.99
N PRO S 288 23.31 26.19 -4.16
CA PRO S 288 22.15 27.11 -4.22
C PRO S 288 20.88 26.49 -3.68
N LEU S 289 19.80 27.26 -3.70
CA LEU S 289 18.48 26.81 -3.25
C LEU S 289 17.48 27.23 -4.30
N THR S 290 17.04 26.29 -5.13
CA THR S 290 16.14 26.58 -6.24
C THR S 290 14.70 26.34 -5.80
N ILE S 291 13.85 27.34 -6.05
CA ILE S 291 12.44 27.29 -5.68
C ILE S 291 11.65 27.49 -6.98
N SER S 292 11.09 26.42 -7.50
CA SER S 292 10.30 26.47 -8.74
C SER S 292 8.85 26.13 -8.40
N GLU S 293 8.00 27.15 -8.37
CA GLU S 293 6.59 26.97 -8.09
C GLU S 293 5.76 27.29 -9.33
N TYR S 294 4.56 26.74 -9.35
CA TYR S 294 3.60 26.96 -10.44
C TYR S 294 2.38 27.65 -9.83
N VAL S 295 2.32 28.97 -9.95
CA VAL S 295 1.23 29.72 -9.35
C VAL S 295 -0.05 29.39 -10.10
N TYR S 296 -1.09 29.04 -9.36
CA TYR S 296 -2.27 28.43 -9.93
C TYR S 296 -3.41 29.43 -10.08
N GLN S 297 -3.82 30.06 -8.98
CA GLN S 297 -4.89 31.04 -8.95
C GLN S 297 -4.82 31.80 -7.63
N PRO S 298 -4.81 33.13 -7.65
CA PRO S 298 -4.67 33.88 -6.40
C PRO S 298 -6.00 34.08 -5.69
N GLU S 299 -5.93 34.08 -4.37
CA GLU S 299 -7.10 34.35 -3.53
C GLU S 299 -6.62 34.65 -2.12
N GLY S 300 -7.39 35.48 -1.42
CA GLY S 300 -7.13 35.82 -0.03
C GLY S 300 -6.19 37.00 0.17
N SER S 301 -5.52 37.46 -0.89
CA SER S 301 -4.57 38.57 -0.85
C SER S 301 -3.27 38.17 -0.17
N VAL S 302 -3.24 36.99 0.46
CA VAL S 302 -2.01 36.34 0.87
C VAL S 302 -2.14 34.87 0.50
N SER S 303 -1.68 34.49 -0.69
CA SER S 303 -1.87 33.15 -1.18
C SER S 303 -0.67 32.27 -0.83
N VAL S 304 -0.95 31.08 -0.35
CA VAL S 304 0.11 30.16 0.09
C VAL S 304 0.50 29.33 -1.14
N ILE S 305 1.37 29.93 -1.95
CA ILE S 305 1.92 29.27 -3.13
C ILE S 305 2.99 30.15 -3.76
N LEU T 19 27.84 6.00 0.50
CA LEU T 19 27.13 4.84 -0.05
C LEU T 19 25.63 5.06 0.01
N ALA T 20 24.89 4.23 -0.74
CA ALA T 20 23.43 4.25 -0.71
C ALA T 20 22.86 3.39 0.39
N GLY T 21 23.70 2.82 1.25
CA GLY T 21 23.19 2.09 2.40
C GLY T 21 22.74 3.00 3.52
N LEU T 22 23.61 3.91 3.94
CA LEU T 22 23.26 4.85 4.99
C LEU T 22 22.12 5.75 4.55
N ASP T 23 22.03 6.03 3.25
CA ASP T 23 20.90 6.82 2.76
C ASP T 23 19.60 6.06 2.87
N THR T 24 19.63 4.75 2.60
CA THR T 24 18.41 3.96 2.66
C THR T 24 17.92 3.82 4.09
N ALA T 25 18.84 3.65 5.04
CA ALA T 25 18.43 3.50 6.43
C ALA T 25 17.85 4.79 6.98
N ILE T 26 18.41 5.94 6.60
CA ILE T 26 17.86 7.22 7.01
C ILE T 26 16.46 7.40 6.43
N ILE T 27 16.30 7.07 5.14
CA ILE T 27 15.00 7.18 4.50
C ILE T 27 14.01 6.19 5.08
N LEU T 28 14.49 4.99 5.43
CA LEU T 28 13.59 3.97 5.96
C LEU T 28 13.03 4.37 7.31
N ILE T 29 13.83 5.04 8.14
CA ILE T 29 13.36 5.45 9.45
C ILE T 29 12.22 6.44 9.32
N ALA T 30 12.33 7.38 8.37
CA ALA T 30 11.30 8.39 8.22
C ALA T 30 9.99 7.78 7.72
N PHE T 31 10.09 6.86 6.76
CA PHE T 31 8.87 6.26 6.20
C PHE T 31 8.13 5.44 7.24
N ILE T 32 8.85 4.90 8.22
CA ILE T 32 8.19 4.19 9.31
C ILE T 32 7.48 5.18 10.23
N ILE T 33 8.05 6.37 10.38
CA ILE T 33 7.44 7.37 11.25
C ILE T 33 6.12 7.85 10.67
N THR T 34 6.11 8.20 9.39
CA THR T 34 4.88 8.66 8.77
C THR T 34 3.83 7.57 8.76
N ALA T 35 4.26 6.32 8.55
CA ALA T 35 3.32 5.21 8.62
C ALA T 35 2.83 5.00 10.04
N SER T 36 3.66 5.33 11.03
CA SER T 36 3.25 5.18 12.42
C SER T 36 2.19 6.20 12.80
N VAL T 37 2.28 7.40 12.25
CA VAL T 37 1.30 8.44 12.58
C VAL T 37 0.01 8.21 11.80
N LEU T 38 0.11 7.70 10.58
CA LEU T 38 -1.10 7.38 9.82
C LEU T 38 -1.89 6.30 10.53
N ALA T 39 -1.21 5.26 11.04
CA ALA T 39 -1.90 4.24 11.80
C ALA T 39 -2.36 4.78 13.15
N TYR T 40 -1.70 5.82 13.64
CA TYR T 40 -2.07 6.43 14.91
C TYR T 40 -3.48 7.00 14.84
N VAL T 41 -3.74 7.86 13.84
CA VAL T 41 -5.05 8.49 13.76
C VAL T 41 -6.09 7.53 13.19
N ALA T 42 -5.65 6.52 12.45
CA ALA T 42 -6.60 5.56 11.89
C ALA T 42 -7.26 4.76 13.00
N ILE T 43 -6.49 4.38 14.01
CA ILE T 43 -7.06 3.65 15.15
C ILE T 43 -7.92 4.59 15.99
N ASN T 44 -7.44 5.81 16.21
CA ASN T 44 -8.16 6.75 17.06
C ASN T 44 -9.51 7.11 16.45
N MET T 45 -9.50 7.60 15.21
CA MET T 45 -10.75 7.99 14.57
C MET T 45 -11.63 6.79 14.29
N GLY T 46 -11.04 5.64 13.99
CA GLY T 46 -11.83 4.45 13.73
C GLY T 46 -12.70 4.07 14.90
N LEU T 47 -12.14 4.11 16.11
CA LEU T 47 -12.94 3.83 17.30
C LEU T 47 -13.93 4.95 17.57
N PHE T 48 -13.57 6.18 17.23
CA PHE T 48 -14.46 7.31 17.44
C PHE T 48 -15.73 7.16 16.60
N VAL T 49 -15.58 6.88 15.31
CA VAL T 49 -16.75 6.67 14.46
C VAL T 49 -17.48 5.41 14.85
N THR T 50 -16.73 4.38 15.27
CA THR T 50 -17.35 3.13 15.69
C THR T 50 -18.24 3.34 16.90
N GLN T 51 -17.72 3.99 17.94
CA GLN T 51 -18.53 4.29 19.11
C GLN T 51 -19.67 5.23 18.77
N LYS T 52 -19.50 6.07 17.75
CA LYS T 52 -20.57 6.96 17.35
C LYS T 52 -21.73 6.18 16.76
N ALA T 53 -21.44 5.12 16.01
CA ALA T 53 -22.49 4.28 15.49
C ALA T 53 -23.20 3.52 16.60
N LYS T 54 -22.46 3.16 17.65
CA LYS T 54 -23.08 2.49 18.79
C LYS T 54 -24.08 3.39 19.49
N SER T 55 -23.75 4.68 19.64
CA SER T 55 -24.69 5.60 20.25
C SER T 55 -25.88 5.87 19.36
N THR T 56 -25.73 5.67 18.04
CA THR T 56 -26.84 5.89 17.13
C THR T 56 -27.84 4.73 17.17
N ILE T 57 -27.33 3.50 17.29
CA ILE T 57 -28.23 2.35 17.38
C ILE T 57 -29.08 2.44 18.65
N ASN T 58 -28.48 2.92 19.74
CA ASN T 58 -29.21 3.02 21.00
C ASN T 58 -30.28 4.10 20.92
N LYS T 59 -29.94 5.24 20.32
CA LYS T 59 -30.92 6.31 20.16
C LYS T 59 -31.96 5.93 19.12
N GLY T 60 -31.55 5.22 18.07
CA GLY T 60 -32.51 4.79 17.06
C GLY T 60 -33.50 3.78 17.60
N GLU T 61 -33.03 2.87 18.47
CA GLU T 61 -33.92 1.87 19.03
C GLU T 61 -34.80 2.47 20.12
N GLU T 62 -34.33 3.54 20.77
CA GLU T 62 -35.15 4.19 21.78
C GLU T 62 -36.33 4.92 21.13
N THR T 63 -36.12 5.43 19.92
CA THR T 63 -37.21 6.10 19.21
C THR T 63 -38.28 5.10 18.76
N ALA T 64 -37.85 3.97 18.20
CA ALA T 64 -38.81 3.00 17.68
C ALA T 64 -39.64 2.36 18.77
N SER T 65 -39.18 2.43 20.02
CA SER T 65 -39.90 1.79 21.12
C SER T 65 -40.75 2.78 21.91
N THR T 66 -40.23 3.97 22.18
CA THR T 66 -40.94 4.94 22.99
C THR T 66 -42.10 5.54 22.21
N ALA T 67 -43.31 5.41 22.77
CA ALA T 67 -44.50 5.94 22.13
C ALA T 67 -45.66 6.02 23.11
N LEU T 68 -46.25 7.20 23.26
CA LEU T 68 -47.40 7.36 24.13
C LEU T 68 -48.66 6.86 23.44
N THR T 69 -49.65 6.51 24.25
CA THR T 69 -50.96 6.12 23.73
C THR T 69 -52.04 6.75 24.59
N LEU T 70 -53.24 6.82 24.02
CA LEU T 70 -54.38 7.43 24.68
C LEU T 70 -55.23 6.33 25.30
N SER T 71 -55.04 6.10 26.59
CA SER T 71 -55.76 5.07 27.33
C SER T 71 -56.79 5.76 28.20
N GLY T 72 -57.97 6.02 27.63
CA GLY T 72 -59.02 6.69 28.35
C GLY T 72 -59.78 7.69 27.51
N SER T 73 -60.87 8.22 28.06
CA SER T 73 -61.70 9.15 27.32
C SER T 73 -61.22 10.59 27.52
N VAL T 74 -61.50 11.43 26.53
CA VAL T 74 -61.15 12.84 26.57
C VAL T 74 -62.38 13.63 26.95
N LEU T 75 -62.30 14.38 28.04
CA LEU T 75 -63.42 15.17 28.51
C LEU T 75 -63.26 16.63 28.10
N TYR T 76 -64.37 17.34 28.06
CA TYR T 76 -64.38 18.71 27.54
C TYR T 76 -65.42 19.51 28.31
N ALA T 77 -64.97 20.51 29.06
CA ALA T 77 -65.83 21.26 29.96
C ALA T 77 -66.25 22.59 29.34
N VAL T 78 -67.48 23.01 29.68
CA VAL T 78 -68.06 24.23 29.13
C VAL T 78 -69.26 24.57 30.00
N ASN T 79 -69.53 25.87 30.15
CA ASN T 79 -70.71 26.30 30.91
C ASN T 79 -71.97 25.71 30.28
N TYR T 80 -72.65 24.83 31.03
CA TYR T 80 -73.61 23.92 30.41
C TYR T 80 -74.85 24.63 29.86
N PRO T 81 -75.61 25.39 30.66
CA PRO T 81 -76.88 25.93 30.11
C PRO T 81 -76.66 26.89 28.96
N SER T 82 -75.61 27.69 29.02
CA SER T 82 -75.31 28.68 27.98
C SER T 82 -73.93 28.36 27.42
N ASN T 83 -73.89 27.67 26.29
CA ASN T 83 -72.62 27.27 25.69
C ASN T 83 -71.92 28.47 25.07
N THR T 84 -71.15 29.20 25.89
CA THR T 84 -70.46 30.39 25.39
C THR T 84 -68.98 30.35 25.76
N ARG T 85 -68.65 29.83 26.93
CA ARG T 85 -67.29 29.87 27.46
C ARG T 85 -66.78 28.46 27.64
N SER T 86 -65.66 28.15 26.99
CA SER T 86 -64.99 26.86 27.17
C SER T 86 -64.05 26.94 28.36
N TYR T 87 -64.03 25.88 29.17
CA TYR T 87 -63.28 25.89 30.41
C TYR T 87 -61.94 25.15 30.31
N TRP T 88 -61.97 23.86 29.98
CA TRP T 88 -60.74 23.07 29.95
C TRP T 88 -61.01 21.75 29.25
N ILE T 89 -59.94 20.99 29.04
CA ILE T 89 -60.00 19.66 28.44
C ILE T 89 -59.10 18.74 29.25
N TYR T 90 -59.54 17.51 29.48
CA TYR T 90 -58.80 16.57 30.30
C TYR T 90 -58.82 15.18 29.68
N PHE T 91 -57.66 14.53 29.66
CA PHE T 91 -57.54 13.17 29.17
C PHE T 91 -56.31 12.52 29.78
N THR T 92 -56.20 11.22 29.60
CA THR T 92 -55.11 10.45 30.19
C THR T 92 -54.26 9.81 29.09
N VAL T 93 -52.95 9.75 29.34
CA VAL T 93 -52.01 9.13 28.41
C VAL T 93 -51.15 8.14 29.18
N SER T 94 -50.57 7.20 28.44
CA SER T 94 -49.76 6.14 29.03
C SER T 94 -48.85 5.60 27.95
N PRO T 95 -47.73 4.97 28.33
CA PRO T 95 -46.88 4.32 27.33
C PRO T 95 -47.67 3.27 26.54
N SER T 96 -47.30 3.12 25.27
CA SER T 96 -48.04 2.25 24.36
C SER T 96 -48.15 0.85 24.93
N SER T 97 -47.02 0.19 25.10
CA SER T 97 -46.92 -1.08 25.81
C SER T 97 -45.80 -0.96 26.83
N GLY T 98 -45.60 -2.01 27.63
CA GLY T 98 -44.54 -1.98 28.61
C GLY T 98 -43.18 -2.11 27.94
N VAL T 99 -42.88 -1.18 27.03
CA VAL T 99 -41.68 -1.27 26.22
C VAL T 99 -40.61 -0.31 26.70
N SER T 100 -40.96 0.93 27.02
CA SER T 100 -39.99 1.91 27.48
C SER T 100 -40.70 3.01 28.26
N SER T 101 -39.90 3.83 28.93
CA SER T 101 -40.42 4.99 29.62
C SER T 101 -40.45 6.20 28.69
N VAL T 102 -41.23 7.20 29.08
CA VAL T 102 -41.37 8.43 28.31
C VAL T 102 -41.07 9.61 29.22
N GLU T 103 -40.34 10.58 28.69
CA GLU T 103 -40.00 11.79 29.43
C GLU T 103 -41.02 12.88 29.14
N LEU T 104 -41.50 13.54 30.20
CA LEU T 104 -42.50 14.57 30.08
C LEU T 104 -42.07 15.87 30.75
N SER T 105 -40.77 16.14 30.76
CA SER T 105 -40.27 17.37 31.37
C SER T 105 -40.78 18.56 30.58
N PRO T 106 -41.41 19.54 31.22
CA PRO T 106 -42.04 20.65 30.47
C PRO T 106 -41.07 21.54 29.74
N SER T 107 -39.76 21.30 29.84
CA SER T 107 -38.78 22.10 29.14
C SER T 107 -38.34 21.48 27.83
N THR T 108 -38.56 20.19 27.63
CA THR T 108 -38.13 19.49 26.42
C THR T 108 -39.27 19.05 25.53
N THR T 109 -40.40 18.65 26.10
CA THR T 109 -41.54 18.22 25.28
C THR T 109 -42.41 19.41 24.92
N ALA T 110 -43.44 19.14 24.13
CA ALA T 110 -44.31 20.19 23.62
C ALA T 110 -45.70 19.62 23.39
N ILE T 111 -46.71 20.29 23.95
CA ILE T 111 -48.11 19.93 23.74
C ILE T 111 -48.74 21.04 22.90
N SER T 112 -49.22 20.68 21.72
CA SER T 112 -49.78 21.63 20.78
C SER T 112 -51.30 21.65 20.89
N PHE T 113 -51.91 22.59 20.17
CA PHE T 113 -53.36 22.73 20.14
C PHE T 113 -53.75 23.57 18.93
N THR T 114 -54.82 23.17 18.25
CA THR T 114 -55.25 23.88 17.06
C THR T 114 -56.71 23.57 16.78
N ALA T 115 -57.39 24.53 16.15
CA ALA T 115 -58.78 24.37 15.73
C ALA T 115 -58.91 24.96 14.33
N SER T 116 -59.79 24.35 13.52
CA SER T 116 -59.88 24.74 12.12
C SER T 116 -60.75 25.98 11.93
N ALA T 117 -62.03 25.88 12.31
CA ALA T 117 -62.98 26.93 11.99
C ALA T 117 -62.60 28.26 12.66
N GLU T 118 -62.24 28.20 13.95
CA GLU T 118 -61.92 29.41 14.68
C GLU T 118 -60.70 30.14 14.12
N GLY T 119 -59.91 29.49 13.28
CA GLY T 119 -58.73 30.13 12.73
C GLY T 119 -57.65 30.43 13.73
N ILE T 120 -57.64 29.73 14.87
CA ILE T 120 -56.64 29.93 15.92
C ILE T 120 -55.83 28.66 16.06
N SER T 121 -54.53 28.82 16.25
CA SER T 121 -53.62 27.70 16.44
C SER T 121 -52.62 28.05 17.53
N TYR T 122 -51.95 27.03 18.05
CA TYR T 122 -50.97 27.20 19.11
C TYR T 122 -49.82 26.24 18.86
N SER T 123 -48.83 26.30 19.74
CA SER T 123 -47.68 25.40 19.69
C SER T 123 -46.95 25.42 21.02
N ASN T 124 -46.83 24.26 21.66
CA ASN T 124 -46.12 24.10 22.92
C ASN T 124 -46.72 25.00 24.00
N ILE T 125 -47.95 24.66 24.36
CA ILE T 125 -48.65 25.35 25.44
C ILE T 125 -48.38 24.63 26.76
N TYR T 126 -47.37 23.77 26.77
CA TYR T 126 -46.99 23.00 27.95
C TYR T 126 -46.07 23.83 28.81
N GLU T 127 -46.48 24.12 30.04
CA GLU T 127 -45.72 25.01 30.89
C GLU T 127 -45.34 24.42 32.23
N TYR T 128 -46.22 23.65 32.87
CA TYR T 128 -45.95 23.13 34.20
C TYR T 128 -46.26 21.65 34.27
N THR T 129 -45.81 21.02 35.35
CA THR T 129 -46.05 19.60 35.58
C THR T 129 -46.08 19.34 37.07
N LEU T 130 -46.72 18.23 37.45
CA LEU T 130 -46.77 17.80 38.83
C LEU T 130 -46.02 16.49 39.04
N LEU T 131 -45.42 15.93 38.00
CA LEU T 131 -44.66 14.69 38.16
C LEU T 131 -43.40 14.91 38.98
N THR T 132 -42.97 16.16 39.13
CA THR T 132 -41.72 16.42 39.86
C THR T 132 -41.96 16.65 41.33
N VAL T 133 -43.04 17.34 41.69
CA VAL T 133 -43.26 17.71 43.08
C VAL T 133 -43.48 16.47 43.93
N SER T 134 -42.86 16.44 45.09
CA SER T 134 -42.94 15.36 46.07
C SER T 134 -44.17 15.55 46.95
N PRO T 135 -44.82 14.47 47.38
CA PRO T 135 -46.03 14.60 48.21
C PRO T 135 -45.77 15.16 49.59
N SER T 136 -44.51 15.43 49.96
CA SER T 136 -44.24 16.00 51.28
C SER T 136 -44.66 17.46 51.34
N GLU T 137 -44.44 18.21 50.27
CA GLU T 137 -44.74 19.64 50.29
C GLU T 137 -46.24 19.88 50.31
N LEU T 138 -46.98 19.25 49.40
CA LEU T 138 -48.42 19.48 49.29
C LEU T 138 -49.19 18.78 50.39
N ALA T 139 -48.48 18.30 51.41
CA ALA T 139 -49.11 17.42 52.40
C ALA T 139 -50.11 18.17 53.27
N ASN T 140 -49.74 19.34 53.76
CA ASN T 140 -50.49 19.96 54.86
C ASN T 140 -51.05 21.33 54.55
N GLN T 141 -50.36 22.14 53.74
CA GLN T 141 -50.70 23.56 53.63
C GLN T 141 -51.78 23.78 52.57
N VAL T 142 -52.95 23.22 52.83
CA VAL T 142 -54.17 23.58 52.12
C VAL T 142 -55.37 23.15 52.96
N TYR T 143 -56.34 24.05 53.12
CA TYR T 143 -57.52 23.75 53.92
C TYR T 143 -58.56 24.84 53.74
N ALA T 144 -59.83 24.42 53.74
CA ALA T 144 -60.95 25.35 53.67
C ALA T 144 -61.96 25.16 54.78
N ASN T 145 -61.76 24.17 55.65
CA ASN T 145 -62.62 23.95 56.80
C ASN T 145 -61.78 23.34 57.91
N GLY T 146 -62.43 22.74 58.89
CA GLY T 146 -61.75 22.21 60.06
C GLY T 146 -60.67 21.19 59.80
N GLN T 147 -60.48 20.78 58.54
CA GLN T 147 -59.52 19.75 58.20
C GLN T 147 -58.55 20.26 57.14
N TYR T 148 -57.26 20.07 57.39
CA TYR T 148 -56.23 20.35 56.40
C TYR T 148 -56.20 19.19 55.42
N LEU T 149 -57.10 19.24 54.45
CA LEU T 149 -57.33 18.10 53.58
C LEU T 149 -56.08 17.74 52.79
N ASP T 150 -55.88 16.44 52.59
CA ASP T 150 -54.74 15.94 51.83
C ASP T 150 -55.10 15.83 50.35
N LEU T 151 -54.13 16.11 49.49
CA LEU T 151 -54.41 16.15 48.06
C LEU T 151 -54.05 14.84 47.37
N VAL T 152 -52.89 14.29 47.67
CA VAL T 152 -52.35 13.13 46.96
C VAL T 152 -52.41 11.92 47.88
N ASN T 153 -52.81 10.79 47.31
CA ASN T 153 -52.81 9.51 48.02
C ASN T 153 -51.57 8.72 47.63
N GLN T 154 -50.99 8.02 48.61
CA GLN T 154 -49.74 7.32 48.40
C GLN T 154 -49.81 5.95 49.06
N GLN T 155 -49.38 4.92 48.35
CA GLN T 155 -49.27 3.58 48.86
C GLN T 155 -48.00 2.95 48.34
N THR T 156 -47.28 2.25 49.21
CA THR T 156 -45.97 1.72 48.89
C THR T 156 -45.95 0.21 48.98
N ASN T 157 -45.06 -0.40 48.21
CA ASN T 157 -44.80 -1.83 48.28
C ASN T 157 -43.44 -2.12 47.67
N ALA T 158 -42.76 -3.12 48.21
CA ALA T 158 -41.45 -3.53 47.74
C ALA T 158 -40.47 -2.35 47.69
N GLY T 159 -40.59 -1.46 48.67
CA GLY T 159 -39.66 -0.36 48.79
C GLY T 159 -39.86 0.77 47.80
N GLN T 160 -40.95 0.77 47.04
CA GLN T 160 -41.25 1.84 46.11
C GLN T 160 -42.58 2.48 46.48
N THR T 161 -42.63 3.81 46.45
CA THR T 161 -43.82 4.56 46.83
C THR T 161 -44.54 5.03 45.57
N TYR T 162 -45.83 4.74 45.48
CA TYR T 162 -46.66 5.09 44.34
C TYR T 162 -47.68 6.13 44.79
N VAL T 163 -47.62 7.32 44.18
CA VAL T 163 -48.54 8.40 44.54
C VAL T 163 -49.38 8.75 43.32
N TYR T 164 -50.50 9.41 43.58
CA TYR T 164 -51.39 9.85 42.51
C TYR T 164 -52.40 10.84 43.09
N TYR T 165 -52.84 11.77 42.25
CA TYR T 165 -53.94 12.66 42.61
C TYR T 165 -55.24 12.08 42.10
N PRO T 166 -56.22 11.82 42.96
CA PRO T 166 -57.45 11.15 42.51
C PRO T 166 -58.27 11.95 41.54
N ASN T 167 -58.64 13.17 41.92
CA ASN T 167 -59.52 13.99 41.13
C ASN T 167 -58.74 15.04 40.36
N PRO T 168 -59.16 15.39 39.14
CA PRO T 168 -58.50 16.50 38.44
C PRO T 168 -58.52 17.80 39.21
N TYR T 169 -59.59 18.05 39.96
CA TYR T 169 -59.66 19.26 40.78
C TYR T 169 -58.58 19.26 41.85
N TYR T 170 -58.29 18.09 42.42
CA TYR T 170 -57.22 18.00 43.40
C TYR T 170 -55.87 18.34 42.77
N ALA T 171 -55.69 17.98 41.51
CA ALA T 171 -54.46 18.34 40.82
C ALA T 171 -54.33 19.85 40.68
N LEU T 172 -55.46 20.53 40.49
CA LEU T 172 -55.43 21.99 40.36
C LEU T 172 -54.97 22.65 41.66
N LEU T 173 -55.59 22.29 42.77
CA LEU T 173 -55.23 22.90 44.05
C LEU T 173 -53.75 22.68 44.36
N ALA T 174 -53.24 21.49 44.05
CA ALA T 174 -51.82 21.24 44.24
C ALA T 174 -50.98 22.05 43.27
N LEU T 175 -51.52 22.33 42.08
CA LEU T 175 -50.79 23.13 41.11
C LEU T 175 -50.72 24.59 41.54
N ASN T 176 -51.82 25.13 42.08
CA ASN T 176 -51.82 26.51 42.51
C ASN T 176 -50.79 26.74 43.59
N TYR T 177 -50.65 25.79 44.52
CA TYR T 177 -49.70 25.98 45.62
C TYR T 177 -48.27 25.97 45.11
N THR T 178 -47.97 25.11 44.14
CA THR T 178 -46.62 24.99 43.64
C THR T 178 -46.15 26.32 43.05
N LEU T 179 -46.93 26.88 42.13
CA LEU T 179 -46.56 28.16 41.51
C LEU T 179 -46.40 29.26 42.53
N SER T 180 -47.01 29.11 43.71
CA SER T 180 -46.91 30.15 44.73
C SER T 180 -45.66 29.97 45.57
N LYS T 181 -45.40 28.75 46.03
CA LYS T 181 -44.33 28.50 46.99
C LYS T 181 -43.20 27.65 46.45
N ILE T 182 -43.49 26.62 45.67
CA ILE T 182 -42.45 25.70 45.21
C ILE T 182 -41.48 26.42 44.28
N ASP T 183 -41.98 26.89 43.14
CA ASP T 183 -41.15 27.63 42.19
C ASP T 183 -41.65 29.07 42.16
N LYS T 184 -40.79 29.99 42.60
CA LYS T 184 -41.18 31.38 42.78
C LYS T 184 -41.32 32.11 41.47
N VAL T 185 -42.53 32.12 40.91
CA VAL T 185 -42.81 32.89 39.71
C VAL T 185 -43.52 34.18 40.12
N SER T 186 -43.13 35.29 39.50
CA SER T 186 -43.77 36.55 39.83
C SER T 186 -45.10 36.69 39.09
N PRO T 187 -45.20 36.33 37.79
CA PRO T 187 -46.54 36.20 37.21
C PRO T 187 -47.05 34.77 37.33
N SER T 188 -48.25 34.60 37.86
CA SER T 188 -48.82 33.27 38.01
C SER T 188 -49.99 33.11 37.05
N PRO T 189 -49.89 32.23 36.06
CA PRO T 189 -51.02 32.04 35.13
C PRO T 189 -52.21 31.33 35.75
N LEU T 190 -52.13 30.92 37.01
CA LEU T 190 -53.24 30.27 37.69
C LEU T 190 -53.47 30.96 39.03
N TYR T 191 -54.74 31.18 39.35
CA TYR T 191 -55.11 31.75 40.63
C TYR T 191 -56.43 31.14 41.07
N ILE T 192 -56.43 30.47 42.22
CA ILE T 192 -57.63 29.86 42.78
C ILE T 192 -57.88 30.48 44.14
N THR T 193 -59.04 31.11 44.31
CA THR T 193 -59.41 31.75 45.56
C THR T 193 -60.80 31.30 45.97
N THR T 194 -61.03 31.26 47.29
CA THR T 194 -62.30 30.85 47.85
C THR T 194 -63.21 32.01 48.19
N THR T 195 -62.78 33.24 47.93
CA THR T 195 -63.60 34.40 48.21
C THR T 195 -64.58 34.66 47.07
N THR T 196 -65.48 35.61 47.30
CA THR T 196 -66.43 35.98 46.27
C THR T 196 -65.69 36.55 45.06
N PRO T 197 -66.04 36.14 43.85
CA PRO T 197 -65.33 36.68 42.66
C PRO T 197 -65.47 38.17 42.50
N SER T 198 -66.63 38.72 42.85
CA SER T 198 -66.80 40.17 42.79
C SER T 198 -65.84 40.87 43.74
N SER T 199 -65.66 40.32 44.94
CA SER T 199 -64.76 40.92 45.92
C SER T 199 -63.32 40.83 45.45
N ALA T 200 -62.95 39.72 44.79
CA ALA T 200 -61.58 39.56 44.33
C ALA T 200 -61.24 40.56 43.23
N THR T 201 -62.22 40.91 42.39
CA THR T 201 -61.96 41.88 41.34
C THR T 201 -61.69 43.26 41.93
N GLN T 202 -62.40 43.63 42.99
CA GLN T 202 -62.12 44.91 43.64
C GLN T 202 -60.74 44.91 44.26
N ILE T 203 -60.39 43.85 44.98
CA ILE T 203 -59.07 43.77 45.61
C ILE T 203 -58.00 43.61 44.55
N TYR T 204 -58.27 42.82 43.52
CA TYR T 204 -57.32 42.61 42.43
C TYR T 204 -57.95 43.04 41.12
N PRO T 205 -57.59 44.21 40.59
CA PRO T 205 -58.21 44.67 39.33
C PRO T 205 -57.83 43.83 38.13
N PHE T 206 -56.74 43.08 38.18
CA PHE T 206 -56.31 42.30 37.03
C PHE T 206 -57.17 41.05 36.81
N LEU T 207 -57.95 40.65 37.80
CA LEU T 207 -58.78 39.46 37.66
C LEU T 207 -60.00 39.69 36.78
N ALA T 208 -60.25 40.93 36.34
CA ALA T 208 -61.40 41.18 35.48
C ALA T 208 -61.18 40.70 34.05
N HIS T 209 -59.94 40.36 33.68
CA HIS T 209 -59.63 39.95 32.32
C HIS T 209 -59.21 38.49 32.23
N ASP T 210 -59.41 37.71 33.29
CA ASP T 210 -59.01 36.32 33.31
C ASP T 210 -60.22 35.40 33.22
N ASN T 211 -60.08 34.33 32.44
CA ASN T 211 -61.14 33.33 32.37
C ASN T 211 -61.26 32.60 33.70
N MET T 212 -62.49 32.39 34.14
CA MET T 212 -62.76 31.84 35.46
C MET T 212 -63.79 30.73 35.36
N PHE T 213 -63.47 29.58 35.95
CA PHE T 213 -64.44 28.53 36.11
C PHE T 213 -64.53 28.15 37.59
N THR T 214 -65.62 27.49 37.94
CA THR T 214 -65.92 27.17 39.34
C THR T 214 -66.10 25.67 39.49
N PHE T 215 -65.43 25.09 40.47
CA PHE T 215 -65.64 23.70 40.84
C PHE T 215 -65.96 23.63 42.33
N THR T 216 -66.92 22.78 42.68
CA THR T 216 -67.46 22.73 44.03
C THR T 216 -67.05 21.44 44.71
N LEU T 217 -66.66 21.54 45.98
CA LEU T 217 -66.30 20.41 46.80
C LEU T 217 -67.24 20.32 47.99
N ASN T 218 -67.17 19.20 48.71
CA ASN T 218 -67.99 18.96 49.90
C ASN T 218 -67.08 18.39 50.97
N ILE T 219 -66.48 19.27 51.77
CA ILE T 219 -65.59 18.88 52.85
C ILE T 219 -66.28 19.15 54.17
N SER T 220 -66.21 18.18 55.09
CA SER T 220 -66.81 18.28 56.42
C SER T 220 -68.29 18.70 56.32
N GLY T 221 -68.96 18.23 55.29
CA GLY T 221 -70.37 18.50 55.10
C GLY T 221 -70.74 19.95 54.89
N THR T 222 -69.78 20.88 54.94
CA THR T 222 -70.03 22.29 54.71
C THR T 222 -69.55 22.62 53.31
N LEU T 223 -70.50 22.65 52.36
CA LEU T 223 -70.16 22.85 50.96
C LEU T 223 -69.41 24.16 50.76
N VAL T 224 -68.31 24.09 50.03
CA VAL T 224 -67.49 25.25 49.69
C VAL T 224 -67.18 25.22 48.20
N THR T 225 -67.11 26.38 47.59
CA THR T 225 -66.87 26.50 46.16
C THR T 225 -65.59 27.29 45.91
N TYR T 226 -64.98 27.05 44.76
CA TYR T 226 -63.72 27.66 44.40
C TYR T 226 -63.86 28.40 43.07
N TYR T 227 -62.89 29.28 42.80
CA TYR T 227 -62.85 30.04 41.57
C TYR T 227 -61.42 30.06 41.07
N ALA T 228 -61.21 29.54 39.86
CA ALA T 228 -59.87 29.45 39.28
C ALA T 228 -59.78 30.40 38.10
N PHE T 229 -58.84 31.34 38.18
CA PHE T 229 -58.61 32.32 37.13
C PHE T 229 -57.35 31.97 36.36
N VAL T 230 -57.39 32.14 35.04
CA VAL T 230 -56.28 31.79 34.15
C VAL T 230 -56.12 32.92 33.15
N ASN T 231 -54.92 33.50 33.08
CA ASN T 231 -54.67 34.61 32.17
C ASN T 231 -53.91 34.21 30.91
N GLN T 232 -53.73 32.92 30.68
CA GLN T 232 -53.13 32.43 29.44
C GLN T 232 -53.35 30.93 29.34
N THR T 233 -53.70 30.47 28.14
CA THR T 233 -54.01 29.07 27.94
C THR T 233 -52.76 28.22 28.12
N PHE T 234 -52.77 27.33 29.11
CA PHE T 234 -51.63 26.50 29.41
C PHE T 234 -52.11 25.11 29.80
N ALA T 235 -51.17 24.17 29.88
CA ALA T 235 -51.47 22.78 30.15
C ALA T 235 -50.45 22.22 31.13
N PHE T 236 -50.85 21.21 31.90
CA PHE T 236 -49.97 20.59 32.87
C PHE T 236 -50.29 19.11 32.93
N THR T 237 -49.48 18.38 33.71
CA THR T 237 -49.61 16.94 33.84
C THR T 237 -49.51 16.55 35.30
N TYR T 238 -50.07 15.38 35.64
CA TYR T 238 -50.02 14.89 37.00
C TYR T 238 -50.26 13.39 37.00
N PRO T 239 -49.57 12.63 37.84
CA PRO T 239 -49.69 11.17 37.77
C PRO T 239 -50.98 10.68 38.41
N VAL T 240 -51.57 9.66 37.80
CA VAL T 240 -52.84 9.12 38.28
C VAL T 240 -52.77 7.64 38.61
N ALA T 241 -51.77 6.90 38.14
CA ALA T 241 -51.71 5.47 38.42
C ALA T 241 -50.29 4.96 38.24
N GLY T 242 -49.69 4.48 39.32
CA GLY T 242 -48.42 3.77 39.25
C GLY T 242 -47.24 4.60 38.79
N ASP T 243 -46.86 5.62 39.58
CA ASP T 243 -45.73 6.48 39.27
C ASP T 243 -44.78 6.47 40.46
N PRO T 244 -43.85 5.52 40.52
CA PRO T 244 -42.99 5.43 41.71
C PRO T 244 -41.87 6.46 41.72
N LEU T 245 -41.35 6.82 40.55
CA LEU T 245 -40.16 7.68 40.45
C LEU T 245 -40.54 9.15 40.44
N ILE T 246 -41.27 9.55 41.48
CA ILE T 246 -41.67 10.95 41.64
C ILE T 246 -40.43 11.82 41.79
N GLY T 247 -40.44 12.95 41.10
CA GLY T 247 -39.30 13.83 41.04
C GLY T 247 -38.49 13.72 39.77
N SER T 248 -39.09 13.22 38.69
CA SER T 248 -38.35 12.93 37.48
C SER T 248 -39.00 13.44 36.20
N ALA T 249 -40.31 13.70 36.21
CA ALA T 249 -41.05 14.06 35.01
C ALA T 249 -40.88 12.98 33.94
N ILE T 250 -40.83 11.73 34.37
CA ILE T 250 -40.73 10.58 33.48
C ILE T 250 -41.88 9.65 33.78
N ALA T 251 -42.45 9.06 32.73
CA ALA T 251 -43.53 8.10 32.90
C ALA T 251 -42.99 6.70 32.71
N PRO T 252 -42.89 5.89 33.75
CA PRO T 252 -42.37 4.54 33.59
C PRO T 252 -43.39 3.66 32.89
N ALA T 253 -42.88 2.70 32.11
CA ALA T 253 -43.73 1.80 31.35
C ALA T 253 -44.67 1.05 32.30
N GLY T 254 -45.96 1.34 32.19
CA GLY T 254 -46.96 0.83 33.12
C GLY T 254 -47.67 1.89 33.91
N SER T 255 -47.36 3.17 33.71
CA SER T 255 -47.98 4.26 34.44
C SER T 255 -49.08 4.90 33.60
N VAL T 256 -49.88 5.74 34.25
CA VAL T 256 -50.93 6.51 33.60
C VAL T 256 -50.78 7.96 34.04
N ILE T 257 -50.66 8.86 33.07
CA ILE T 257 -50.43 10.27 33.33
C ILE T 257 -51.60 11.07 32.78
N GLY T 258 -52.14 11.96 33.59
CA GLY T 258 -53.29 12.76 33.22
C GLY T 258 -52.87 14.16 32.79
N VAL T 259 -53.43 14.60 31.66
CA VAL T 259 -53.14 15.91 31.09
C VAL T 259 -54.39 16.77 31.20
N MET T 260 -54.20 18.03 31.56
CA MET T 260 -55.30 18.97 31.69
C MET T 260 -54.91 20.28 31.03
N ILE T 261 -55.65 20.67 30.00
CA ILE T 261 -55.41 21.90 29.26
C ILE T 261 -56.38 22.94 29.76
N LEU T 262 -55.88 23.95 30.47
CA LEU T 262 -56.72 25.01 31.00
C LEU T 262 -56.78 26.17 30.02
N PHE T 263 -57.98 26.68 29.80
CA PHE T 263 -58.20 27.74 28.82
C PHE T 263 -58.12 29.10 29.48
N GLY T 264 -57.65 30.08 28.71
CA GLY T 264 -57.51 31.43 29.21
C GLY T 264 -58.59 32.35 28.67
N PRO T 265 -58.32 33.64 28.64
CA PRO T 265 -59.30 34.58 28.12
C PRO T 265 -59.32 34.60 26.59
N ASP T 266 -58.17 34.33 25.99
CA ASP T 266 -58.06 34.41 24.54
C ASP T 266 -58.90 33.33 23.86
N LEU T 267 -58.76 32.09 24.30
CA LEU T 267 -59.42 30.96 23.66
C LEU T 267 -60.67 30.50 24.39
N GLY T 268 -60.76 30.72 25.70
CA GLY T 268 -61.88 30.22 26.47
C GLY T 268 -63.22 30.79 26.07
N SER T 269 -63.23 31.87 25.30
CA SER T 269 -64.47 32.50 24.86
C SER T 269 -65.05 31.86 23.62
N HIS T 270 -64.48 30.75 23.15
CA HIS T 270 -64.98 30.03 21.99
C HIS T 270 -65.42 28.63 22.40
N VAL T 271 -66.56 28.20 21.90
CA VAL T 271 -67.07 26.85 22.14
C VAL T 271 -66.89 26.05 20.86
N PHE T 272 -66.06 25.01 20.93
CA PHE T 272 -65.73 24.19 19.76
C PHE T 272 -66.92 23.29 19.45
N GLN T 273 -67.91 23.87 18.77
CA GLN T 273 -69.10 23.14 18.34
C GLN T 273 -69.05 23.01 16.83
N TYR T 274 -69.20 21.78 16.34
CA TYR T 274 -69.10 21.48 14.92
C TYR T 274 -67.73 21.88 14.37
N GLN T 275 -66.68 21.50 15.11
CA GLN T 275 -65.30 21.81 14.74
C GLN T 275 -64.45 20.58 14.94
N THR T 276 -63.18 20.69 14.56
CA THR T 276 -62.21 19.62 14.70
C THR T 276 -61.06 20.10 15.56
N ILE T 277 -60.86 19.45 16.70
CA ILE T 277 -59.78 19.79 17.63
C ILE T 277 -58.64 18.82 17.40
N THR T 278 -57.41 19.32 17.46
CA THR T 278 -56.23 18.49 17.25
C THR T 278 -55.19 18.83 18.30
N ILE T 279 -54.85 17.85 19.14
CA ILE T 279 -53.82 18.00 20.16
C ILE T 279 -52.70 17.03 19.84
N GLN T 280 -51.46 17.47 20.04
CA GLN T 280 -50.29 16.67 19.68
C GLN T 280 -49.24 16.81 20.77
N ILE T 281 -48.89 15.69 21.40
CA ILE T 281 -47.90 15.65 22.47
C ILE T 281 -46.63 15.06 21.89
N THR T 282 -45.67 15.91 21.57
CA THR T 282 -44.42 15.45 20.97
C THR T 282 -43.31 15.42 22.01
N PRO T 283 -42.85 14.25 22.43
CA PRO T 283 -41.73 14.19 23.37
C PRO T 283 -40.42 14.50 22.66
N ASN T 284 -39.35 14.62 23.45
CA ASN T 284 -38.06 14.97 22.89
C ASN T 284 -37.41 13.83 22.12
N ILE T 285 -37.55 12.60 22.60
CA ILE T 285 -37.04 11.42 21.91
C ILE T 285 -38.17 10.40 21.81
N GLY T 286 -38.52 10.03 20.58
CA GLY T 286 -39.60 9.10 20.36
C GLY T 286 -40.74 9.73 19.59
N SER T 287 -41.63 8.86 19.11
CA SER T 287 -42.74 9.31 18.28
C SER T 287 -43.76 10.08 19.12
N PRO T 288 -44.47 11.01 18.50
CA PRO T 288 -45.47 11.80 19.23
C PRO T 288 -46.80 11.05 19.30
N LEU T 289 -47.80 11.73 19.85
CA LEU T 289 -49.16 11.22 19.92
C LEU T 289 -50.10 12.32 19.44
N THR T 290 -50.86 12.04 18.39
CA THR T 290 -51.74 13.02 17.77
C THR T 290 -53.18 12.64 18.06
N ILE T 291 -53.87 13.48 18.81
CA ILE T 291 -55.29 13.32 19.07
C ILE T 291 -56.05 14.18 18.07
N SER T 292 -57.27 13.75 17.73
CA SER T 292 -58.12 14.51 16.83
C SER T 292 -59.57 14.12 17.09
N GLU T 293 -60.40 15.11 17.35
CA GLU T 293 -61.80 14.86 17.71
C GLU T 293 -62.71 15.83 16.99
N TYR T 294 -63.94 15.37 16.75
CA TYR T 294 -64.99 16.19 16.18
C TYR T 294 -66.08 16.37 17.23
N VAL T 295 -66.35 17.61 17.60
CA VAL T 295 -67.27 17.92 18.69
C VAL T 295 -68.58 18.39 18.08
N TYR T 296 -69.66 17.65 18.32
CA TYR T 296 -70.95 18.04 17.77
C TYR T 296 -71.64 19.10 18.61
N GLN T 297 -72.03 18.74 19.83
CA GLN T 297 -72.69 19.67 20.75
C GLN T 297 -72.40 19.21 22.17
N PRO T 298 -71.97 20.11 23.06
CA PRO T 298 -71.68 19.70 24.43
C PRO T 298 -72.94 19.35 25.19
N GLU T 299 -72.75 18.63 26.29
CA GLU T 299 -73.85 18.28 27.18
C GLU T 299 -73.28 17.87 28.52
N GLY T 300 -74.08 18.09 29.57
CA GLY T 300 -73.69 17.73 30.92
C GLY T 300 -72.52 18.48 31.50
N SER T 301 -71.99 19.49 30.79
CA SER T 301 -70.88 20.32 31.22
C SER T 301 -69.57 19.55 31.22
N VAL T 302 -69.64 18.24 30.99
CA VAL T 302 -68.47 17.40 30.75
C VAL T 302 -68.83 16.40 29.66
N SER T 303 -68.42 16.67 28.42
CA SER T 303 -68.77 15.82 27.30
C SER T 303 -67.59 14.93 26.94
N VAL T 304 -67.89 13.66 26.65
CA VAL T 304 -66.84 12.69 26.32
C VAL T 304 -66.63 12.78 24.81
N ILE T 305 -65.82 13.74 24.40
CA ILE T 305 -65.49 13.96 23.00
C ILE T 305 -64.45 15.08 22.89
N LEU U 19 119.56 16.07 -11.96
CA LEU U 19 118.63 15.77 -13.04
C LEU U 19 117.18 15.86 -12.57
N ALA U 20 116.26 15.59 -13.47
CA ALA U 20 114.84 15.61 -13.15
C ALA U 20 114.34 14.29 -12.59
N GLY U 21 115.21 13.31 -12.41
CA GLY U 21 114.78 12.04 -11.86
C GLY U 21 114.43 12.13 -10.40
N LEU U 22 115.19 12.92 -9.65
CA LEU U 22 114.99 13.00 -8.20
C LEU U 22 113.81 13.88 -7.85
N ASP U 23 113.75 15.10 -8.42
CA ASP U 23 112.68 16.01 -8.08
C ASP U 23 111.32 15.48 -8.49
N THR U 24 111.27 14.72 -9.60
CA THR U 24 110.00 14.11 -10.01
C THR U 24 109.52 13.10 -8.98
N ALA U 25 110.46 12.46 -8.28
CA ALA U 25 110.07 11.50 -7.25
C ALA U 25 109.56 12.22 -6.00
N ILE U 26 110.19 13.34 -5.65
CA ILE U 26 109.75 14.10 -4.48
C ILE U 26 108.37 14.69 -4.73
N ILE U 27 108.15 15.24 -5.92
CA ILE U 27 106.86 15.84 -6.23
C ILE U 27 105.76 14.80 -6.21
N LEU U 28 106.06 13.59 -6.68
CA LEU U 28 105.06 12.53 -6.69
C LEU U 28 104.63 12.16 -5.28
N ILE U 29 105.56 12.22 -4.32
CA ILE U 29 105.23 11.82 -2.96
C ILE U 29 104.22 12.76 -2.34
N ALA U 30 104.43 14.07 -2.50
CA ALA U 30 103.45 15.03 -2.00
C ALA U 30 102.11 14.86 -2.71
N PHE U 31 102.14 14.61 -4.01
CA PHE U 31 100.89 14.45 -4.76
C PHE U 31 100.16 13.18 -4.34
N ILE U 32 100.84 12.24 -3.70
CA ILE U 32 100.16 11.09 -3.13
C ILE U 32 99.53 11.46 -1.79
N ILE U 33 100.26 12.21 -0.97
CA ILE U 33 99.77 12.51 0.38
C ILE U 33 98.56 13.43 0.32
N THR U 34 98.54 14.37 -0.63
CA THR U 34 97.38 15.23 -0.78
C THR U 34 96.21 14.46 -1.38
N ALA U 35 96.48 13.56 -2.31
CA ALA U 35 95.42 12.75 -2.89
C ALA U 35 94.83 11.81 -1.86
N SER U 36 95.67 11.27 -0.98
CA SER U 36 95.18 10.31 0.01
C SER U 36 94.32 10.99 1.06
N VAL U 37 94.74 12.16 1.53
CA VAL U 37 93.98 12.83 2.58
C VAL U 37 92.63 13.29 2.05
N LEU U 38 92.53 13.58 0.75
CA LEU U 38 91.23 13.91 0.18
C LEU U 38 90.29 12.72 0.27
N ALA U 39 90.78 11.53 -0.10
CA ALA U 39 89.98 10.32 0.08
C ALA U 39 89.76 10.03 1.56
N TYR U 40 90.73 10.39 2.40
CA TYR U 40 90.61 10.18 3.83
C TYR U 40 89.43 10.94 4.41
N VAL U 41 89.10 12.09 3.84
CA VAL U 41 87.95 12.86 4.29
C VAL U 41 86.71 12.58 3.44
N ALA U 42 86.89 12.23 2.17
CA ALA U 42 85.75 11.92 1.32
C ALA U 42 85.00 10.70 1.84
N ILE U 43 85.72 9.78 2.48
CA ILE U 43 85.06 8.60 3.05
C ILE U 43 84.26 9.00 4.28
N ASN U 44 84.86 9.77 5.19
CA ASN U 44 84.19 10.15 6.42
C ASN U 44 82.89 10.87 6.13
N MET U 45 82.89 11.78 5.14
CA MET U 45 81.66 12.49 4.82
C MET U 45 80.67 11.59 4.07
N GLY U 46 81.18 10.73 3.19
CA GLY U 46 80.31 9.83 2.48
C GLY U 46 79.51 8.92 3.40
N LEU U 47 80.08 8.60 4.57
CA LEU U 47 79.36 7.80 5.54
C LEU U 47 78.45 8.67 6.40
N PHE U 48 78.94 9.82 6.84
CA PHE U 48 78.15 10.69 7.69
C PHE U 48 76.86 11.13 7.00
N VAL U 49 76.95 11.44 5.71
CA VAL U 49 75.77 11.86 4.98
C VAL U 49 74.81 10.68 4.82
N THR U 50 75.33 9.51 4.45
CA THR U 50 74.45 8.37 4.22
C THR U 50 73.93 7.79 5.53
N GLN U 51 74.57 8.11 6.65
CA GLN U 51 74.04 7.67 7.94
C GLN U 51 72.92 8.58 8.40
N LYS U 52 73.09 9.89 8.24
CA LYS U 52 72.02 10.84 8.54
C LYS U 52 70.83 10.61 7.61
N ALA U 53 71.10 10.20 6.37
CA ALA U 53 70.01 9.88 5.46
C ALA U 53 69.24 8.65 5.94
N LYS U 54 69.95 7.70 6.55
CA LYS U 54 69.29 6.51 7.07
C LYS U 54 68.34 6.86 8.20
N SER U 55 68.76 7.75 9.10
CA SER U 55 67.90 8.15 10.20
C SER U 55 66.75 9.02 9.74
N THR U 56 66.93 9.72 8.62
CA THR U 56 65.86 10.57 8.11
C THR U 56 64.69 9.73 7.59
N ILE U 57 64.99 8.64 6.91
CA ILE U 57 63.92 7.75 6.45
C ILE U 57 63.23 7.11 7.64
N ASN U 58 64.00 6.80 8.69
CA ASN U 58 63.42 6.22 9.89
C ASN U 58 62.43 7.19 10.54
N LYS U 59 62.86 8.43 10.74
CA LYS U 59 61.96 9.44 11.29
C LYS U 59 60.86 9.77 10.30
N GLY U 60 61.18 9.78 9.00
CA GLY U 60 60.15 10.00 8.00
C GLY U 60 59.12 8.89 7.98
N GLU U 61 59.55 7.66 8.23
CA GLU U 61 58.60 6.55 8.30
C GLU U 61 57.70 6.68 9.53
N GLU U 62 58.26 7.16 10.64
CA GLU U 62 57.44 7.38 11.83
C GLU U 62 56.40 8.45 11.59
N THR U 63 56.76 9.51 10.87
CA THR U 63 55.85 10.61 10.64
C THR U 63 54.63 10.15 9.84
N ALA U 64 54.81 9.17 8.96
CA ALA U 64 53.71 8.68 8.15
C ALA U 64 52.96 7.52 8.79
N SER U 65 53.36 7.08 9.98
CA SER U 65 52.74 5.92 10.62
C SER U 65 51.95 6.29 11.87
N THR U 66 52.59 6.97 12.82
CA THR U 66 51.90 7.28 14.07
C THR U 66 50.90 8.41 13.87
N ALA U 67 49.68 8.19 14.36
CA ALA U 67 48.61 9.17 14.25
C ALA U 67 47.50 8.78 15.21
N LEU U 68 47.08 9.72 16.03
CA LEU U 68 46.00 9.45 16.96
C LEU U 68 44.67 9.51 16.25
N THR U 69 43.72 8.71 16.74
CA THR U 69 42.35 8.75 16.24
C THR U 69 41.40 8.76 17.43
N LEU U 70 40.24 9.40 17.23
CA LEU U 70 39.26 9.51 18.29
C LEU U 70 38.41 8.26 18.31
N SER U 71 38.39 7.56 19.45
CA SER U 71 37.60 6.35 19.62
C SER U 71 36.75 6.54 20.88
N GLY U 72 35.55 7.09 20.71
CA GLY U 72 34.69 7.36 21.83
C GLY U 72 34.01 8.71 21.73
N SER U 73 32.74 8.78 22.12
CA SER U 73 31.99 10.01 22.03
C SER U 73 32.57 11.06 22.96
N VAL U 74 32.37 12.33 22.60
CA VAL U 74 32.88 13.46 23.36
C VAL U 74 31.77 13.96 24.28
N LEU U 75 32.14 14.26 25.52
CA LEU U 75 31.19 14.73 26.52
C LEU U 75 31.46 16.19 26.86
N TYR U 76 30.53 16.79 27.60
CA TYR U 76 30.62 18.20 27.93
C TYR U 76 29.72 18.46 29.13
N ALA U 77 30.31 18.87 30.24
CA ALA U 77 29.59 18.99 31.51
C ALA U 77 29.33 20.45 31.85
N VAL U 78 28.06 20.78 32.09
CA VAL U 78 27.64 22.11 32.50
C VAL U 78 26.59 21.96 33.59
N ASN U 79 26.30 23.05 34.27
CA ASN U 79 25.22 23.07 35.24
C ASN U 79 23.90 22.98 34.48
N TYR U 80 23.29 21.79 34.52
CA TYR U 80 22.18 21.49 33.60
C TYR U 80 20.96 22.37 33.81
N PRO U 81 20.37 22.47 35.01
CA PRO U 81 19.11 23.21 35.11
C PRO U 81 19.23 24.67 34.67
N SER U 82 20.38 25.28 34.85
CA SER U 82 20.63 26.64 34.42
C SER U 82 22.00 26.68 33.74
N ASN U 83 22.01 26.68 32.41
CA ASN U 83 23.26 26.68 31.68
C ASN U 83 23.95 28.03 31.82
N THR U 84 24.83 28.15 32.79
CA THR U 84 25.54 29.40 33.02
C THR U 84 27.05 29.22 33.05
N ARG U 85 27.55 28.09 33.57
CA ARG U 85 28.97 27.84 33.68
C ARG U 85 29.28 26.44 33.20
N SER U 86 30.49 26.27 32.66
CA SER U 86 30.96 25.00 32.14
C SER U 86 31.94 24.37 33.11
N TYR U 87 32.00 23.03 33.11
CA TYR U 87 32.76 22.30 34.10
C TYR U 87 33.96 21.56 33.51
N TRP U 88 33.77 20.70 32.52
CA TRP U 88 34.88 19.94 31.94
C TRP U 88 34.45 19.36 30.61
N ILE U 89 35.40 18.69 29.95
CA ILE U 89 35.19 18.03 28.66
C ILE U 89 36.08 16.80 28.62
N TYR U 90 35.50 15.65 28.31
CA TYR U 90 36.22 14.39 28.38
C TYR U 90 35.99 13.56 27.12
N PHE U 91 37.06 12.94 26.64
CA PHE U 91 37.00 12.07 25.47
C PHE U 91 38.20 11.13 25.52
N THR U 92 38.15 10.10 24.68
CA THR U 92 39.18 9.08 24.65
C THR U 92 39.89 9.06 23.31
N VAL U 93 41.19 8.84 23.36
CA VAL U 93 42.05 8.83 22.18
C VAL U 93 42.74 7.48 22.08
N SER U 94 43.03 7.06 20.85
CA SER U 94 43.65 5.78 20.59
C SER U 94 44.53 5.89 19.36
N PRO U 95 45.65 5.15 19.31
CA PRO U 95 46.45 5.11 18.08
C PRO U 95 45.62 4.62 16.90
N SER U 96 46.08 4.97 15.70
CA SER U 96 45.30 4.71 14.49
C SER U 96 45.03 3.22 14.32
N SER U 97 46.08 2.44 14.14
CA SER U 97 45.96 0.99 13.95
C SER U 97 47.23 0.36 14.48
N GLY U 98 47.47 -0.90 14.11
CA GLY U 98 48.70 -1.55 14.47
C GLY U 98 49.85 -1.03 13.63
N VAL U 99 50.20 0.24 13.83
CA VAL U 99 51.24 0.91 13.04
C VAL U 99 52.49 1.15 13.88
N SER U 100 52.36 1.89 14.97
CA SER U 100 53.50 2.21 15.84
C SER U 100 52.95 2.85 17.10
N SER U 101 53.85 3.11 18.04
CA SER U 101 53.48 3.75 19.30
C SER U 101 53.43 5.27 19.12
N VAL U 102 53.08 5.97 20.19
CA VAL U 102 53.01 7.42 20.18
C VAL U 102 53.22 7.92 21.59
N GLU U 103 54.01 8.99 21.72
CA GLU U 103 54.38 9.55 23.01
C GLU U 103 53.43 10.69 23.36
N LEU U 104 52.85 10.62 24.55
CA LEU U 104 51.94 11.64 25.05
C LEU U 104 52.50 12.31 26.30
N SER U 105 53.82 12.39 26.39
CA SER U 105 54.44 12.98 27.56
C SER U 105 54.09 14.47 27.64
N PRO U 106 53.60 14.96 28.77
CA PRO U 106 53.18 16.36 28.85
C PRO U 106 54.32 17.36 28.69
N SER U 107 55.55 16.90 28.50
CA SER U 107 56.65 17.82 28.30
C SER U 107 56.80 18.21 26.83
N THR U 108 56.52 17.29 25.92
CA THR U 108 56.80 17.47 24.50
C THR U 108 55.55 17.33 23.65
N THR U 109 54.41 17.81 24.13
CA THR U 109 53.20 17.80 23.31
C THR U 109 52.28 18.92 23.77
N ALA U 110 51.32 19.25 22.90
CA ALA U 110 50.46 20.40 23.12
C ALA U 110 49.02 20.03 22.82
N ILE U 111 48.10 20.45 23.69
CA ILE U 111 46.68 20.31 23.47
C ILE U 111 46.09 21.71 23.46
N SER U 112 45.58 22.13 22.31
CA SER U 112 45.11 23.49 22.11
C SER U 112 43.60 23.51 22.04
N PHE U 113 42.97 24.31 22.88
CA PHE U 113 41.52 24.43 22.94
C PHE U 113 41.14 25.83 22.50
N THR U 114 40.40 25.94 21.40
CA THR U 114 40.06 27.23 20.84
C THR U 114 38.59 27.28 20.47
N ALA U 115 37.98 28.45 20.67
CA ALA U 115 36.60 28.72 20.32
C ALA U 115 36.52 30.10 19.69
N SER U 116 36.05 30.18 18.45
CA SER U 116 36.15 31.42 17.70
C SER U 116 35.15 32.46 18.22
N ALA U 117 33.88 32.08 18.32
CA ALA U 117 32.82 33.05 18.60
C ALA U 117 33.12 33.86 19.85
N GLU U 118 33.48 33.20 20.94
CA GLU U 118 33.78 33.91 22.18
C GLU U 118 35.05 34.75 22.10
N GLY U 119 35.83 34.59 21.04
CA GLY U 119 37.08 35.33 20.94
C GLY U 119 38.13 34.87 21.94
N ILE U 120 38.18 33.57 22.22
CA ILE U 120 39.17 33.01 23.13
C ILE U 120 39.93 31.92 22.41
N SER U 121 41.17 31.69 22.85
CA SER U 121 42.01 30.67 22.22
C SER U 121 43.18 30.38 23.15
N TYR U 122 43.47 29.10 23.34
CA TYR U 122 44.57 28.65 24.17
C TYR U 122 45.54 27.83 23.33
N SER U 123 46.68 27.51 23.93
CA SER U 123 47.68 26.69 23.25
C SER U 123 48.45 25.92 24.31
N ASN U 124 48.46 24.58 24.19
CA ASN U 124 49.18 23.71 25.10
C ASN U 124 48.72 23.91 26.54
N ILE U 125 47.46 23.52 26.78
CA ILE U 125 46.91 23.53 28.13
C ILE U 125 47.23 22.21 28.82
N TYR U 126 48.06 21.40 28.18
CA TYR U 126 48.41 20.07 28.70
C TYR U 126 49.52 20.20 29.73
N GLU U 127 49.22 19.83 30.98
CA GLU U 127 50.18 19.99 32.06
C GLU U 127 50.61 18.68 32.70
N TYR U 128 49.67 17.86 33.15
CA TYR U 128 49.98 16.66 33.93
C TYR U 128 49.47 15.42 33.22
N THR U 129 49.86 14.26 33.76
CA THR U 129 49.42 12.99 33.21
C THR U 129 49.55 11.92 34.29
N LEU U 130 48.79 10.85 34.13
CA LEU U 130 48.83 9.72 35.05
C LEU U 130 49.46 8.48 34.42
N LEU U 131 49.87 8.54 33.15
CA LEU U 131 50.50 7.40 32.51
C LEU U 131 51.89 7.12 33.07
N THR U 132 52.38 7.95 33.99
CA THR U 132 53.71 7.76 34.57
C THR U 132 53.69 7.28 36.01
N VAL U 133 52.60 7.48 36.73
CA VAL U 133 52.54 7.07 38.12
C VAL U 133 52.30 5.58 38.22
N SER U 134 52.88 4.96 39.22
CA SER U 134 52.71 3.54 39.43
C SER U 134 51.45 3.27 40.26
N PRO U 135 50.77 2.16 40.00
CA PRO U 135 49.52 1.89 40.74
C PRO U 135 49.73 1.65 42.22
N SER U 136 50.97 1.40 42.66
CA SER U 136 51.21 1.10 44.06
C SER U 136 50.88 2.28 44.95
N GLU U 137 51.35 3.47 44.57
CA GLU U 137 51.16 4.64 45.42
C GLU U 137 49.70 5.05 45.52
N LEU U 138 48.89 4.68 44.53
CA LEU U 138 47.52 5.16 44.49
C LEU U 138 46.60 4.38 45.43
N ALA U 139 46.70 3.05 45.41
CA ALA U 139 45.71 2.23 46.08
C ALA U 139 45.80 2.28 47.60
N ASN U 140 46.80 2.95 48.16
CA ASN U 140 47.00 2.85 49.61
C ASN U 140 46.11 3.81 50.38
N GLN U 141 46.26 5.12 50.17
CA GLN U 141 45.67 6.12 51.06
C GLN U 141 44.66 7.00 50.34
N VAL U 142 43.40 6.55 50.34
CA VAL U 142 42.25 7.40 50.06
C VAL U 142 41.00 6.70 50.57
N TYR U 143 40.15 7.42 51.31
CA TYR U 143 38.95 6.82 51.84
C TYR U 143 38.01 7.89 52.37
N ALA U 144 36.71 7.69 52.17
CA ALA U 144 35.68 8.56 52.72
C ALA U 144 34.74 7.84 53.67
N ASN U 145 34.91 6.53 53.86
CA ASN U 145 34.09 5.74 54.75
C ASN U 145 34.96 4.63 55.32
N GLY U 146 34.32 3.60 55.88
CA GLY U 146 35.05 2.50 56.47
C GLY U 146 35.97 1.76 55.53
N GLN U 147 35.80 1.96 54.23
CA GLN U 147 36.57 1.25 53.21
C GLN U 147 37.52 2.21 52.50
N TYR U 148 38.68 1.69 52.10
CA TYR U 148 39.68 2.43 51.33
C TYR U 148 39.43 2.12 49.87
N LEU U 149 38.75 3.04 49.18
CA LEU U 149 38.32 2.79 47.81
C LEU U 149 39.52 2.63 46.87
N ASP U 150 39.37 1.72 45.91
CA ASP U 150 40.42 1.40 44.96
C ASP U 150 40.18 2.14 43.67
N LEU U 151 41.07 3.08 43.35
CA LEU U 151 40.91 3.87 42.12
C LEU U 151 41.40 3.11 40.90
N VAL U 152 42.68 2.77 40.88
CA VAL U 152 43.22 2.06 39.72
C VAL U 152 42.79 0.60 39.74
N ASN U 153 42.73 0.01 38.55
CA ASN U 153 42.47 -1.41 38.40
C ASN U 153 43.48 -1.98 37.42
N GLN U 154 43.92 -3.21 37.68
CA GLN U 154 44.99 -3.78 36.87
C GLN U 154 44.81 -5.29 36.72
N GLN U 155 45.44 -5.83 35.68
CA GLN U 155 45.43 -7.25 35.42
C GLN U 155 46.84 -7.71 35.04
N THR U 156 46.97 -8.97 34.62
CA THR U 156 48.27 -9.48 34.20
C THR U 156 48.04 -10.73 33.35
N ASN U 157 48.80 -10.83 32.27
CA ASN U 157 48.76 -12.00 31.38
C ASN U 157 49.94 -11.94 30.43
N ALA U 158 50.46 -13.12 30.09
CA ALA U 158 51.57 -13.26 29.14
C ALA U 158 52.79 -12.46 29.58
N GLY U 159 53.09 -12.50 30.87
CA GLY U 159 54.27 -11.85 31.39
C GLY U 159 54.24 -10.34 31.37
N GLN U 160 53.05 -9.74 31.34
CA GLN U 160 52.90 -8.30 31.34
C GLN U 160 51.85 -7.90 32.37
N THR U 161 51.77 -6.61 32.65
CA THR U 161 50.84 -6.07 33.64
C THR U 161 50.19 -4.83 33.07
N TYR U 162 48.89 -4.92 32.78
CA TYR U 162 48.12 -3.80 32.26
C TYR U 162 47.36 -3.14 33.39
N VAL U 163 47.32 -1.81 33.37
CA VAL U 163 46.51 -1.04 34.32
C VAL U 163 45.49 -0.24 33.52
N TYR U 164 44.47 0.23 34.22
CA TYR U 164 43.47 1.10 33.62
C TYR U 164 42.59 1.68 34.71
N TYR U 165 42.17 2.89 34.51
CA TYR U 165 41.25 3.54 35.43
C TYR U 165 39.83 3.33 34.95
N PRO U 166 38.92 2.86 35.79
CA PRO U 166 37.58 2.51 35.30
C PRO U 166 36.69 3.71 35.10
N ASN U 167 36.86 4.74 35.92
CA ASN U 167 35.96 5.87 35.92
C ASN U 167 36.74 7.17 35.86
N PRO U 168 36.23 8.19 35.17
CA PRO U 168 36.92 9.49 35.17
C PRO U 168 37.07 10.10 36.54
N TYR U 169 36.06 10.01 37.40
CA TYR U 169 36.15 10.61 38.72
C TYR U 169 37.24 9.96 39.55
N TYR U 170 37.41 8.64 39.41
CA TYR U 170 38.53 7.98 40.07
C TYR U 170 39.85 8.54 39.57
N ALA U 171 39.96 8.75 38.25
CA ALA U 171 41.16 9.39 37.72
C ALA U 171 41.29 10.82 38.19
N LEU U 172 40.16 11.50 38.41
CA LEU U 172 40.21 12.85 38.96
C LEU U 172 40.71 12.83 40.40
N LEU U 173 40.19 11.91 41.21
CA LEU U 173 40.68 11.77 42.57
C LEU U 173 42.14 11.37 42.58
N ALA U 174 42.54 10.49 41.66
CA ALA U 174 43.92 10.03 41.61
C ALA U 174 44.86 11.20 41.34
N LEU U 175 44.43 12.15 40.52
CA LEU U 175 45.30 13.28 40.21
C LEU U 175 45.45 14.20 41.42
N ASN U 176 44.39 14.36 42.21
CA ASN U 176 44.48 15.21 43.39
C ASN U 176 45.55 14.71 44.34
N TYR U 177 45.64 13.39 44.51
CA TYR U 177 46.62 12.82 45.42
C TYR U 177 48.02 12.89 44.83
N THR U 178 48.16 12.66 43.52
CA THR U 178 49.47 12.69 42.90
C THR U 178 50.06 14.09 42.92
N LEU U 179 49.25 15.09 42.58
CA LEU U 179 49.74 16.46 42.56
C LEU U 179 50.22 16.89 43.95
N SER U 180 49.58 16.39 45.00
CA SER U 180 49.93 16.83 46.35
C SER U 180 51.06 16.02 46.95
N LYS U 181 51.19 14.75 46.56
CA LYS U 181 52.14 13.85 47.22
C LYS U 181 53.19 13.31 46.27
N ILE U 182 52.81 12.83 45.10
CA ILE U 182 53.76 12.19 44.19
C ILE U 182 54.83 13.19 43.75
N ASP U 183 54.40 14.28 43.12
CA ASP U 183 55.31 15.34 42.72
C ASP U 183 54.97 16.60 43.51
N LYS U 184 55.90 17.03 44.36
CA LYS U 184 55.65 18.13 45.28
C LYS U 184 55.63 19.47 44.56
N VAL U 185 54.46 19.87 44.09
CA VAL U 185 54.28 21.20 43.53
C VAL U 185 53.74 22.12 44.63
N SER U 186 54.27 23.34 44.70
CA SER U 186 53.80 24.26 45.73
C SER U 186 52.46 24.87 45.31
N PRO U 187 52.26 25.30 44.05
CA PRO U 187 50.90 25.67 43.64
C PRO U 187 50.17 24.48 43.03
N SER U 188 48.98 24.18 43.52
CA SER U 188 48.23 23.07 42.96
C SER U 188 47.06 23.60 42.14
N PRO U 189 46.94 23.21 40.87
CA PRO U 189 45.81 23.68 40.07
C PRO U 189 44.49 23.06 40.49
N LEU U 190 44.50 21.83 40.98
CA LEU U 190 43.29 21.12 41.38
C LEU U 190 43.32 20.92 42.89
N TYR U 191 42.13 20.93 43.50
CA TYR U 191 42.02 20.70 44.93
C TYR U 191 40.60 20.18 45.19
N ILE U 192 40.48 18.89 45.40
CA ILE U 192 39.20 18.27 45.73
C ILE U 192 39.08 18.14 47.24
N THR U 193 37.95 18.56 47.78
CA THR U 193 37.71 18.48 49.20
C THR U 193 36.28 18.02 49.45
N THR U 194 36.08 17.33 50.58
CA THR U 194 34.78 16.78 50.93
C THR U 194 34.00 17.65 51.90
N THR U 195 34.60 18.73 52.41
CA THR U 195 33.85 19.64 53.26
C THR U 195 32.98 20.56 52.41
N THR U 196 32.00 21.18 53.06
CA THR U 196 31.10 22.07 52.34
C THR U 196 31.87 23.27 51.81
N PRO U 197 31.55 23.76 50.60
CA PRO U 197 32.28 24.90 50.06
C PRO U 197 32.13 26.16 50.88
N SER U 198 31.05 26.28 51.65
CA SER U 198 30.90 27.43 52.54
C SER U 198 31.99 27.46 53.59
N SER U 199 32.32 26.29 54.16
CA SER U 199 33.38 26.24 55.16
C SER U 199 34.77 26.21 54.53
N ALA U 200 34.89 25.62 53.33
CA ALA U 200 36.19 25.53 52.69
C ALA U 200 36.76 26.90 52.36
N THR U 201 35.89 27.87 52.06
CA THR U 201 36.37 29.21 51.77
C THR U 201 36.82 29.91 53.05
N GLN U 202 36.11 29.67 54.15
CA GLN U 202 36.46 30.35 55.40
C GLN U 202 37.83 29.92 55.90
N ILE U 203 38.20 28.66 55.70
CA ILE U 203 39.51 28.19 56.11
C ILE U 203 40.55 28.50 55.03
N TYR U 204 40.15 28.42 53.76
CA TYR U 204 41.03 28.70 52.63
C TYR U 204 40.43 29.80 51.78
N PRO U 205 40.90 31.04 51.92
CA PRO U 205 40.29 32.12 51.14
C PRO U 205 40.54 32.02 49.65
N PHE U 206 41.65 31.42 49.24
CA PHE U 206 42.00 31.34 47.83
C PHE U 206 41.07 30.42 47.04
N LEU U 207 40.20 29.67 47.71
CA LEU U 207 39.25 28.79 47.04
C LEU U 207 37.96 29.51 46.66
N ALA U 208 37.89 30.82 46.88
CA ALA U 208 36.72 31.60 46.51
C ALA U 208 36.76 32.10 45.08
N HIS U 209 37.90 31.94 44.39
CA HIS U 209 38.03 32.41 43.01
C HIS U 209 38.09 31.28 42.00
N ASP U 210 38.42 30.07 42.42
CA ASP U 210 38.53 28.96 41.50
C ASP U 210 37.16 28.52 41.00
N ASN U 211 37.17 27.74 39.92
CA ASN U 211 35.96 27.16 39.36
C ASN U 211 35.66 25.84 40.07
N MET U 212 34.41 25.67 40.48
CA MET U 212 34.01 24.51 41.29
C MET U 212 32.98 23.69 40.53
N PHE U 213 33.28 22.41 40.34
CA PHE U 213 32.31 21.45 39.84
C PHE U 213 32.22 20.30 40.82
N THR U 214 31.01 19.82 41.06
CA THR U 214 30.76 18.81 42.07
C THR U 214 30.51 17.45 41.43
N PHE U 215 30.82 16.40 42.19
CA PHE U 215 30.51 15.04 41.77
C PHE U 215 30.39 14.18 43.02
N THR U 216 29.30 13.43 43.12
CA THR U 216 29.00 12.64 44.30
C THR U 216 29.27 11.17 44.04
N LEU U 217 29.64 10.46 45.09
CA LEU U 217 29.90 9.02 45.02
C LEU U 217 29.04 8.31 46.04
N ASN U 218 28.43 7.20 45.62
CA ASN U 218 27.63 6.34 46.49
C ASN U 218 28.55 5.23 47.00
N ILE U 219 29.07 5.41 48.21
CA ILE U 219 30.03 4.49 48.79
C ILE U 219 29.46 3.92 50.07
N SER U 220 29.44 2.59 50.18
CA SER U 220 28.92 1.90 51.35
C SER U 220 27.49 2.32 51.65
N GLY U 221 26.66 2.37 50.61
CA GLY U 221 25.26 2.69 50.75
C GLY U 221 24.93 4.15 51.03
N THR U 222 25.90 4.94 51.45
CA THR U 222 25.68 6.36 51.75
C THR U 222 26.43 7.21 50.72
N LEU U 223 25.77 8.27 50.25
CA LEU U 223 26.37 9.12 49.24
C LEU U 223 27.34 10.09 49.88
N VAL U 224 28.48 10.28 49.22
CA VAL U 224 29.49 11.24 49.66
C VAL U 224 29.78 12.19 48.50
N THR U 225 29.78 13.48 48.80
CA THR U 225 29.97 14.51 47.78
C THR U 225 31.43 14.96 47.77
N TYR U 226 31.91 15.29 46.59
CA TYR U 226 33.24 15.84 46.41
C TYR U 226 33.14 17.14 45.62
N TYR U 227 33.84 18.16 46.08
CA TYR U 227 33.91 19.44 45.39
C TYR U 227 35.32 19.63 44.86
N ALA U 228 35.42 20.01 43.59
CA ALA U 228 36.71 20.15 42.92
C ALA U 228 36.88 21.59 42.46
N PHE U 229 38.00 22.19 42.83
CA PHE U 229 38.32 23.57 42.48
C PHE U 229 39.48 23.59 41.49
N VAL U 230 39.30 24.31 40.39
CA VAL U 230 40.34 24.48 39.37
C VAL U 230 40.58 25.97 39.19
N ASN U 231 41.84 26.37 39.17
CA ASN U 231 42.20 27.78 39.05
C ASN U 231 42.83 28.11 37.70
N GLN U 232 42.97 27.13 36.81
CA GLN U 232 43.48 27.37 35.48
C GLN U 232 43.12 26.20 34.60
N THR U 233 42.77 26.48 33.35
CA THR U 233 42.39 25.43 32.42
C THR U 233 43.58 24.52 32.13
N PHE U 234 43.51 23.28 32.59
CA PHE U 234 44.55 22.30 32.34
C PHE U 234 43.89 20.98 31.97
N ALA U 235 44.71 20.05 31.50
CA ALA U 235 44.25 18.75 31.05
C ALA U 235 45.22 17.68 31.50
N PHE U 236 44.77 16.43 31.45
CA PHE U 236 45.61 15.31 31.83
C PHE U 236 45.12 14.07 31.09
N THR U 237 45.91 13.00 31.17
CA THR U 237 45.57 11.74 30.54
C THR U 237 45.71 10.61 31.54
N TYR U 238 44.97 9.53 31.30
CA TYR U 238 45.02 8.34 32.12
C TYR U 238 44.64 7.16 31.26
N PRO U 239 45.24 6.00 31.48
CA PRO U 239 44.99 4.86 30.59
C PRO U 239 43.57 4.35 30.72
N VAL U 240 43.07 3.76 29.63
CA VAL U 240 41.74 3.17 29.60
C VAL U 240 41.77 1.69 29.27
N ALA U 241 42.59 1.29 28.30
CA ALA U 241 42.68 -0.11 27.93
C ALA U 241 43.99 -0.37 27.22
N GLY U 242 44.52 -1.57 27.42
CA GLY U 242 45.68 -2.04 26.70
C GLY U 242 46.90 -1.16 26.81
N ASP U 243 47.34 -0.90 28.04
CA ASP U 243 48.51 -0.06 28.29
C ASP U 243 49.40 -0.79 29.29
N PRO U 244 50.21 -1.75 28.82
CA PRO U 244 51.06 -2.49 29.75
C PRO U 244 52.20 -1.65 30.31
N LEU U 245 52.89 -0.91 29.47
CA LEU U 245 54.06 -0.14 29.88
C LEU U 245 53.60 1.11 30.63
N ILE U 246 54.00 1.23 31.89
CA ILE U 246 53.58 2.33 32.76
C ILE U 246 54.82 2.96 33.36
N GLY U 247 54.81 4.28 33.49
CA GLY U 247 55.96 5.03 33.93
C GLY U 247 56.73 5.69 32.81
N SER U 248 56.18 5.73 31.60
CA SER U 248 56.88 6.25 30.43
C SER U 248 56.08 7.25 29.62
N ALA U 249 54.77 7.33 29.81
CA ALA U 249 53.92 8.25 29.05
C ALA U 249 54.02 7.98 27.56
N ILE U 250 53.91 6.73 27.17
CA ILE U 250 53.91 6.30 25.78
C ILE U 250 52.64 5.50 25.53
N ALA U 251 51.92 5.85 24.47
CA ALA U 251 50.71 5.11 24.13
C ALA U 251 51.07 4.06 23.08
N PRO U 252 51.01 2.78 23.40
CA PRO U 252 51.38 1.75 22.44
C PRO U 252 50.26 1.53 21.43
N ALA U 253 50.61 0.82 20.36
CA ALA U 253 49.62 0.51 19.33
C ALA U 253 48.54 -0.39 19.90
N GLY U 254 47.29 -0.10 19.52
CA GLY U 254 46.17 -0.85 20.04
C GLY U 254 45.76 -0.47 21.45
N SER U 255 46.12 0.73 21.91
CA SER U 255 45.76 1.19 23.23
C SER U 255 44.63 2.21 23.15
N VAL U 256 44.14 2.62 24.31
CA VAL U 256 43.13 3.66 24.42
C VAL U 256 43.50 4.55 25.60
N ILE U 257 43.49 5.87 25.36
CA ILE U 257 43.92 6.84 26.36
C ILE U 257 42.79 7.84 26.59
N GLY U 258 42.47 8.09 27.85
CA GLY U 258 41.46 9.07 28.18
C GLY U 258 42.05 10.46 28.36
N VAL U 259 41.27 11.47 27.96
CA VAL U 259 41.68 12.87 28.06
C VAL U 259 40.53 13.65 28.68
N MET U 260 40.83 14.39 29.74
CA MET U 260 39.82 15.22 30.41
C MET U 260 40.36 16.64 30.52
N ILE U 261 39.62 17.59 29.97
CA ILE U 261 39.96 19.01 30.03
C ILE U 261 39.14 19.64 31.15
N LEU U 262 39.82 20.16 32.16
CA LEU U 262 39.17 20.78 33.31
C LEU U 262 39.26 22.28 33.16
N PHE U 263 38.10 22.93 33.08
CA PHE U 263 38.06 24.37 32.89
C PHE U 263 38.38 25.10 34.19
N GLY U 264 38.65 26.39 34.06
CA GLY U 264 38.98 27.23 35.18
C GLY U 264 38.02 28.39 35.34
N PRO U 265 38.44 29.42 36.06
CA PRO U 265 37.57 30.59 36.23
C PRO U 265 37.52 31.44 34.97
N ASP U 266 38.62 31.45 34.23
CA ASP U 266 38.69 32.23 33.00
C ASP U 266 37.68 31.74 31.98
N LEU U 267 37.70 30.45 31.66
CA LEU U 267 36.81 29.89 30.65
C LEU U 267 35.55 29.26 31.24
N GLY U 268 35.43 29.19 32.55
CA GLY U 268 34.23 28.64 33.15
C GLY U 268 33.03 29.54 33.10
N SER U 269 33.19 30.80 32.67
CA SER U 269 32.09 31.74 32.61
C SER U 269 31.35 31.69 31.28
N HIS U 270 31.68 30.74 30.41
CA HIS U 270 31.04 30.61 29.11
C HIS U 270 30.34 29.26 29.00
N VAL U 271 29.27 29.24 28.21
CA VAL U 271 28.59 28.00 27.83
C VAL U 271 28.58 27.97 26.32
N PHE U 272 29.38 27.08 25.74
CA PHE U 272 29.46 26.96 24.29
C PHE U 272 28.11 26.49 23.77
N GLN U 273 27.40 27.38 23.09
CA GLN U 273 26.08 27.11 22.55
C GLN U 273 25.98 27.74 21.18
N TYR U 274 25.64 26.93 20.18
CA TYR U 274 25.60 27.38 18.78
C TYR U 274 26.95 27.89 18.31
N GLN U 275 28.03 27.36 18.89
CA GLN U 275 29.38 27.71 18.48
C GLN U 275 30.11 26.45 18.04
N THR U 276 31.32 26.65 17.53
CA THR U 276 32.19 25.57 17.11
C THR U 276 33.37 25.48 18.07
N ILE U 277 33.59 24.30 18.63
CA ILE U 277 34.67 24.04 19.57
C ILE U 277 35.73 23.21 18.87
N THR U 278 36.99 23.62 19.00
CA THR U 278 38.09 22.97 18.29
C THR U 278 39.19 22.62 19.27
N ILE U 279 39.59 21.35 19.29
CA ILE U 279 40.68 20.86 20.12
C ILE U 279 41.71 20.21 19.21
N GLN U 280 42.99 20.35 19.56
CA GLN U 280 44.06 19.80 18.74
C GLN U 280 45.12 19.17 19.62
N ILE U 281 45.40 17.89 19.39
CA ILE U 281 46.42 17.15 20.11
C ILE U 281 47.57 16.88 19.13
N THR U 282 48.76 17.39 19.46
CA THR U 282 49.91 17.30 18.56
C THR U 282 51.12 16.73 19.29
N PRO U 283 51.51 15.50 18.98
CA PRO U 283 52.73 14.94 19.59
C PRO U 283 53.97 15.53 18.94
N ASN U 284 55.13 15.15 19.49
CA ASN U 284 56.40 15.66 19.00
C ASN U 284 56.78 15.08 17.65
N ILE U 285 56.27 13.91 17.29
CA ILE U 285 56.51 13.34 15.97
C ILE U 285 55.27 12.58 15.53
N GLY U 286 54.79 12.88 14.33
CA GLY U 286 53.58 12.29 13.80
C GLY U 286 52.53 13.33 13.51
N SER U 287 51.42 12.86 12.95
CA SER U 287 50.35 13.76 12.56
C SER U 287 49.49 14.13 13.77
N PRO U 288 49.02 15.36 13.85
CA PRO U 288 48.20 15.78 14.98
C PRO U 288 46.74 15.41 14.79
N LEU U 289 46.00 15.48 15.89
CA LEU U 289 44.57 15.20 15.92
C LEU U 289 43.82 16.51 16.01
N THR U 290 42.69 16.61 15.31
CA THR U 290 41.89 17.82 15.27
C THR U 290 40.43 17.47 15.51
N ILE U 291 39.93 17.83 16.68
CA ILE U 291 38.52 17.67 17.02
C ILE U 291 37.81 18.99 16.75
N SER U 292 36.60 18.92 16.21
CA SER U 292 35.83 20.13 15.90
C SER U 292 34.35 19.77 15.90
N GLU U 293 33.60 20.38 16.81
CA GLU U 293 32.19 20.07 16.97
C GLU U 293 31.38 21.36 17.07
N TYR U 294 30.09 21.25 16.78
CA TYR U 294 29.14 22.36 16.87
C TYR U 294 28.04 21.97 17.84
N VAL U 295 27.95 22.66 18.96
CA VAL U 295 27.06 22.30 20.05
C VAL U 295 25.85 23.24 20.04
N TYR U 296 24.66 22.66 19.87
CA TYR U 296 23.44 23.46 19.90
C TYR U 296 23.09 23.86 21.34
N GLN U 297 22.82 22.86 22.18
CA GLN U 297 22.31 23.09 23.51
C GLN U 297 22.55 21.85 24.36
N PRO U 298 23.07 22.00 25.57
CA PRO U 298 23.35 20.83 26.40
C PRO U 298 22.08 20.19 26.93
N GLU U 299 22.22 18.95 27.39
CA GLU U 299 21.13 18.26 28.07
C GLU U 299 21.70 17.17 28.95
N GLY U 300 21.21 17.10 30.19
CA GLY U 300 21.57 16.05 31.11
C GLY U 300 22.82 16.29 31.94
N SER U 301 23.42 17.47 31.84
CA SER U 301 24.63 17.87 32.59
C SER U 301 25.86 17.11 32.10
N VAL U 302 25.66 16.13 31.23
CA VAL U 302 26.72 15.49 30.47
C VAL U 302 26.17 15.26 29.07
N SER U 303 26.53 16.13 28.14
CA SER U 303 25.94 16.14 26.81
C SER U 303 26.93 15.59 25.79
N VAL U 304 26.48 14.60 25.02
CA VAL U 304 27.34 14.04 23.98
C VAL U 304 27.62 15.12 22.94
N ILE U 305 28.90 15.24 22.58
CA ILE U 305 29.38 16.25 21.63
C ILE U 305 29.16 17.66 22.15
N LEU V 19 103.67 12.37 -13.56
CA LEU V 19 102.44 11.85 -14.13
C LEU V 19 101.31 11.88 -13.09
N ALA V 20 100.11 12.28 -13.54
CA ALA V 20 99.00 12.52 -12.64
C ALA V 20 98.07 11.34 -12.48
N GLY V 21 98.20 10.31 -13.33
CA GLY V 21 97.33 9.16 -13.21
C GLY V 21 97.58 8.35 -11.95
N LEU V 22 98.82 8.37 -11.46
CA LEU V 22 99.15 7.68 -10.21
C LEU V 22 98.45 8.30 -9.01
N ASP V 23 97.74 9.41 -9.19
CA ASP V 23 97.00 10.06 -8.12
C ASP V 23 95.49 9.81 -8.21
N THR V 24 95.02 9.29 -9.33
CA THR V 24 93.58 9.11 -9.54
C THR V 24 93.04 7.90 -8.78
N ALA V 25 93.81 6.81 -8.76
CA ALA V 25 93.30 5.56 -8.20
C ALA V 25 92.96 5.68 -6.73
N ILE V 26 93.67 6.55 -6.00
CA ILE V 26 93.42 6.69 -4.57
C ILE V 26 92.03 7.27 -4.33
N ILE V 27 91.74 8.41 -4.96
CA ILE V 27 90.42 9.02 -4.79
C ILE V 27 89.35 8.21 -5.49
N LEU V 28 89.71 7.48 -6.54
CA LEU V 28 88.73 6.67 -7.25
C LEU V 28 88.26 5.50 -6.39
N ILE V 29 89.19 4.88 -5.66
CA ILE V 29 88.83 3.74 -4.83
C ILE V 29 87.89 4.17 -3.70
N ALA V 30 88.20 5.30 -3.05
CA ALA V 30 87.37 5.76 -1.96
C ALA V 30 85.98 6.16 -2.45
N PHE V 31 85.90 6.74 -3.65
CA PHE V 31 84.60 7.12 -4.19
C PHE V 31 83.71 5.89 -4.39
N ILE V 32 84.32 4.75 -4.72
CA ILE V 32 83.56 3.52 -4.87
C ILE V 32 83.06 3.04 -3.52
N ILE V 33 83.92 3.11 -2.50
CA ILE V 33 83.54 2.64 -1.17
C ILE V 33 82.36 3.46 -0.64
N THR V 34 82.44 4.78 -0.72
CA THR V 34 81.33 5.62 -0.29
C THR V 34 80.10 5.39 -1.17
N ALA V 35 80.32 5.09 -2.45
CA ALA V 35 79.19 4.79 -3.32
C ALA V 35 78.53 3.48 -2.91
N SER V 36 79.33 2.47 -2.57
CA SER V 36 78.78 1.18 -2.20
C SER V 36 77.97 1.26 -0.93
N VAL V 37 78.52 1.90 0.10
CA VAL V 37 77.81 2.02 1.37
C VAL V 37 76.47 2.70 1.18
N LEU V 38 76.46 3.84 0.48
CA LEU V 38 75.21 4.53 0.21
C LEU V 38 74.29 3.68 -0.66
N ALA V 39 74.86 2.89 -1.55
CA ALA V 39 74.04 2.09 -2.46
C ALA V 39 73.19 1.08 -1.71
N TYR V 40 73.82 0.25 -0.88
CA TYR V 40 73.07 -0.83 -0.27
C TYR V 40 72.44 -0.47 1.07
N VAL V 41 72.76 0.71 1.63
CA VAL V 41 71.96 1.15 2.77
C VAL V 41 70.59 1.57 2.29
N ALA V 42 70.46 1.94 1.02
CA ALA V 42 69.15 2.22 0.46
C ALA V 42 68.32 0.94 0.35
N ILE V 43 68.94 -0.14 -0.11
CA ILE V 43 68.25 -1.43 -0.15
C ILE V 43 67.82 -1.84 1.25
N ASN V 44 68.70 -1.67 2.23
CA ASN V 44 68.38 -2.04 3.59
C ASN V 44 67.19 -1.25 4.11
N MET V 45 67.16 0.05 3.85
CA MET V 45 66.05 0.90 4.24
C MET V 45 64.91 0.90 3.23
N GLY V 46 65.12 0.30 2.06
CA GLY V 46 64.06 0.20 1.08
C GLY V 46 63.06 -0.88 1.43
N LEU V 47 63.54 -2.01 1.94
CA LEU V 47 62.64 -3.08 2.35
C LEU V 47 61.84 -2.68 3.58
N PHE V 48 62.46 -1.91 4.48
CA PHE V 48 61.80 -1.57 5.74
C PHE V 48 60.52 -0.79 5.51
N VAL V 49 60.56 0.19 4.61
CA VAL V 49 59.38 1.00 4.35
C VAL V 49 58.32 0.19 3.60
N THR V 50 58.73 -0.77 2.78
CA THR V 50 57.76 -1.57 2.04
C THR V 50 57.13 -2.63 2.95
N GLN V 51 57.94 -3.28 3.78
CA GLN V 51 57.39 -4.24 4.72
C GLN V 51 56.43 -3.56 5.68
N LYS V 52 56.74 -2.33 6.11
CA LYS V 52 55.80 -1.58 6.93
C LYS V 52 54.56 -1.21 6.13
N ALA V 53 54.75 -0.86 4.86
CA ALA V 53 53.60 -0.61 3.99
C ALA V 53 52.80 -1.90 3.77
N LYS V 54 53.48 -3.04 3.81
CA LYS V 54 52.78 -4.31 3.70
C LYS V 54 51.96 -4.60 4.95
N SER V 55 52.62 -4.69 6.10
CA SER V 55 51.93 -5.09 7.33
C SER V 55 50.80 -4.13 7.68
N THR V 56 50.91 -2.88 7.23
CA THR V 56 49.83 -1.92 7.46
C THR V 56 48.57 -2.33 6.70
N ILE V 57 48.74 -2.91 5.51
CA ILE V 57 47.57 -3.28 4.71
C ILE V 57 46.85 -4.47 5.32
N ASN V 58 47.60 -5.47 5.79
CA ASN V 58 46.98 -6.58 6.50
C ASN V 58 46.12 -6.07 7.67
N LYS V 59 46.76 -5.39 8.62
CA LYS V 59 46.02 -4.81 9.74
C LYS V 59 45.00 -3.78 9.29
N GLY V 60 45.22 -3.14 8.14
CA GLY V 60 44.19 -2.30 7.58
C GLY V 60 42.98 -3.10 7.12
N GLU V 61 43.23 -4.22 6.43
CA GLU V 61 42.13 -5.07 6.00
C GLU V 61 41.41 -5.69 7.19
N GLU V 62 42.13 -5.98 8.27
CA GLU V 62 41.47 -6.42 9.49
C GLU V 62 40.61 -5.31 10.08
N THR V 63 41.11 -4.07 10.05
CA THR V 63 40.32 -2.94 10.49
C THR V 63 39.02 -2.84 9.72
N ALA V 64 39.09 -3.04 8.40
CA ALA V 64 37.90 -2.97 7.57
C ALA V 64 37.05 -4.23 7.66
N SER V 65 37.63 -5.35 8.10
CA SER V 65 36.89 -6.60 8.17
C SER V 65 36.44 -6.94 9.59
N THR V 66 37.35 -6.90 10.56
CA THR V 66 36.98 -7.17 11.93
C THR V 66 35.96 -6.15 12.42
N ALA V 67 34.73 -6.58 12.64
CA ALA V 67 33.68 -5.68 13.07
C ALA V 67 32.64 -6.48 13.86
N LEU V 68 32.48 -6.15 15.13
CA LEU V 68 31.45 -6.78 15.94
C LEU V 68 30.09 -6.19 15.59
N THR V 69 29.11 -7.08 15.41
CA THR V 69 27.74 -6.68 15.12
C THR V 69 26.80 -7.39 16.08
N LEU V 70 25.95 -6.61 16.74
CA LEU V 70 24.98 -7.18 17.67
C LEU V 70 23.99 -8.06 16.93
N SER V 71 23.82 -9.29 17.41
CA SER V 71 22.89 -10.27 16.85
C SER V 71 22.07 -10.83 18.00
N GLY V 72 20.94 -10.19 18.29
CA GLY V 72 20.10 -10.60 19.40
C GLY V 72 19.77 -9.44 20.31
N SER V 73 18.48 -9.19 20.51
CA SER V 73 18.04 -8.02 21.26
C SER V 73 18.61 -8.04 22.67
N VAL V 74 19.02 -6.86 23.15
CA VAL V 74 19.55 -6.76 24.49
C VAL V 74 18.46 -7.03 25.52
N LEU V 75 18.87 -7.26 26.75
CA LEU V 75 17.96 -7.50 27.85
C LEU V 75 18.21 -6.48 28.95
N TYR V 76 17.43 -6.56 30.02
CA TYR V 76 17.53 -5.61 31.11
C TYR V 76 16.79 -6.16 32.32
N ALA V 77 17.37 -6.00 33.50
CA ALA V 77 16.81 -6.59 34.71
C ALA V 77 16.74 -5.54 35.82
N VAL V 78 15.65 -5.60 36.58
CA VAL V 78 15.38 -4.63 37.62
C VAL V 78 14.25 -5.18 38.49
N ASN V 79 14.27 -4.88 39.79
CA ASN V 79 13.18 -5.30 40.66
C ASN V 79 11.87 -4.72 40.14
N TYR V 80 10.99 -5.60 39.66
CA TYR V 80 9.84 -5.24 38.86
C TYR V 80 8.72 -4.55 39.63
N PRO V 81 8.24 -5.10 40.76
CA PRO V 81 7.13 -4.42 41.46
C PRO V 81 7.49 -3.03 41.94
N SER V 82 8.72 -2.83 42.40
CA SER V 82 9.19 -1.54 42.87
C SER V 82 10.53 -1.26 42.18
N ASN V 83 10.49 -0.49 41.09
CA ASN V 83 11.68 -0.24 40.30
C ASN V 83 12.62 0.68 41.06
N THR V 84 13.58 0.11 41.79
CA THR V 84 14.49 0.91 42.59
C THR V 84 15.94 0.54 42.35
N ARG V 85 16.20 -0.72 42.02
CA ARG V 85 17.56 -1.21 41.85
C ARG V 85 17.69 -1.92 40.51
N SER V 86 18.72 -1.57 39.75
CA SER V 86 19.01 -2.20 38.47
C SER V 86 19.98 -3.36 38.68
N TYR V 87 19.66 -4.51 38.09
CA TYR V 87 20.40 -5.74 38.37
C TYR V 87 21.50 -6.01 37.34
N TRP V 88 21.15 -6.18 36.07
CA TRP V 88 22.14 -6.57 35.08
C TRP V 88 21.61 -6.32 33.68
N ILE V 89 22.50 -6.47 32.70
CA ILE V 89 22.17 -6.34 31.29
C ILE V 89 22.93 -7.42 30.54
N TYR V 90 22.29 -8.01 29.53
CA TYR V 90 22.90 -9.09 28.76
C TYR V 90 22.55 -8.94 27.30
N PHE V 91 23.52 -9.25 26.44
CA PHE V 91 23.26 -9.29 25.00
C PHE V 91 24.32 -10.15 24.35
N THR V 92 24.09 -10.51 23.10
CA THR V 92 25.01 -11.32 22.33
C THR V 92 25.75 -10.47 21.31
N VAL V 93 26.94 -10.93 20.94
CA VAL V 93 27.79 -10.23 19.99
C VAL V 93 28.45 -11.26 19.10
N SER V 94 28.42 -11.00 17.79
CA SER V 94 28.99 -11.90 16.81
C SER V 94 29.81 -11.11 15.82
N PRO V 95 30.95 -11.63 15.39
CA PRO V 95 31.71 -10.95 14.33
C PRO V 95 30.85 -10.73 13.09
N SER V 96 31.18 -9.68 12.34
CA SER V 96 30.38 -9.24 11.20
C SER V 96 30.00 -10.40 10.30
N SER V 97 31.01 -11.08 9.75
CA SER V 97 30.80 -12.24 8.91
C SER V 97 32.09 -13.04 8.94
N GLY V 98 32.23 -13.98 8.01
CA GLY V 98 33.45 -14.73 7.92
C GLY V 98 34.53 -13.92 7.22
N VAL V 99 35.08 -12.95 7.94
CA VAL V 99 36.13 -12.09 7.42
C VAL V 99 37.44 -12.31 8.15
N SER V 100 37.43 -12.20 9.48
CA SER V 100 38.62 -12.40 10.28
C SER V 100 38.22 -12.55 11.74
N SER V 101 39.10 -13.16 12.52
CA SER V 101 38.85 -13.37 13.93
C SER V 101 39.24 -12.13 14.73
N VAL V 102 38.47 -11.86 15.77
CA VAL V 102 38.73 -10.75 16.68
C VAL V 102 39.10 -11.32 18.04
N GLU V 103 39.91 -10.58 18.79
CA GLU V 103 40.27 -10.94 20.16
C GLU V 103 39.48 -10.07 21.12
N LEU V 104 38.67 -10.71 21.98
CA LEU V 104 37.96 -10.03 23.04
C LEU V 104 38.66 -10.18 24.38
N SER V 105 39.98 -10.18 24.38
CA SER V 105 40.73 -10.38 25.60
C SER V 105 40.42 -9.26 26.60
N PRO V 106 40.38 -9.56 27.89
CA PRO V 106 40.04 -8.52 28.87
C PRO V 106 41.15 -7.53 29.14
N SER V 107 42.30 -7.68 28.49
CA SER V 107 43.43 -6.79 28.72
C SER V 107 43.58 -5.73 27.64
N THR V 108 43.22 -6.03 26.40
CA THR V 108 43.38 -5.10 25.29
C THR V 108 42.08 -4.53 24.77
N THR V 109 40.94 -5.02 25.24
CA THR V 109 39.63 -4.56 24.81
C THR V 109 39.00 -3.71 25.90
N ALA V 110 38.14 -2.78 25.49
CA ALA V 110 37.45 -1.88 26.41
C ALA V 110 35.96 -1.91 26.13
N ILE V 111 35.17 -1.83 27.19
CA ILE V 111 33.72 -1.78 27.11
C ILE V 111 33.23 -0.69 28.04
N SER V 112 32.60 0.34 27.48
CA SER V 112 32.18 1.51 28.24
C SER V 112 30.69 1.46 28.52
N PHE V 113 30.26 2.34 29.42
CA PHE V 113 28.84 2.45 29.77
C PHE V 113 28.58 3.84 30.32
N THR V 114 27.83 4.64 29.58
CA THR V 114 27.51 6.01 29.99
C THR V 114 26.01 6.22 29.90
N ALA V 115 25.40 6.63 31.00
CA ALA V 115 24.00 7.04 31.03
C ALA V 115 23.97 8.56 31.06
N SER V 116 23.68 9.17 29.91
CA SER V 116 23.80 10.60 29.74
C SER V 116 22.84 11.41 30.59
N ALA V 117 21.85 10.78 31.21
CA ALA V 117 20.88 11.51 32.02
C ALA V 117 21.43 11.81 33.41
N GLU V 118 21.80 10.77 34.17
CA GLU V 118 22.32 10.97 35.51
C GLU V 118 23.71 11.58 35.54
N GLY V 119 24.35 11.74 34.38
CA GLY V 119 25.67 12.32 34.33
C GLY V 119 26.81 11.35 34.56
N ILE V 120 26.52 10.05 34.58
CA ILE V 120 27.58 9.07 34.81
C ILE V 120 28.31 8.78 33.51
N SER V 121 29.49 8.19 33.64
CA SER V 121 30.27 7.75 32.49
C SER V 121 31.36 6.81 32.99
N TYR V 122 31.42 5.62 32.41
CA TYR V 122 32.43 4.62 32.77
C TYR V 122 33.37 4.41 31.60
N SER V 123 34.39 3.59 31.84
CA SER V 123 35.38 3.30 30.81
C SER V 123 36.05 1.98 31.13
N ASN V 124 35.92 1.00 30.24
CA ASN V 124 36.58 -0.29 30.37
C ASN V 124 36.23 -0.98 31.69
N ILE V 125 34.95 -1.32 31.82
CA ILE V 125 34.49 -2.13 32.95
C ILE V 125 34.72 -3.59 32.62
N TYR V 126 35.33 -3.86 31.47
CA TYR V 126 35.61 -5.21 31.02
C TYR V 126 36.76 -5.78 31.83
N GLU V 127 36.48 -6.77 32.68
CA GLU V 127 37.46 -7.29 33.61
C GLU V 127 37.81 -8.75 33.36
N TYR V 128 36.82 -9.63 33.27
CA TYR V 128 37.05 -11.06 33.18
C TYR V 128 36.43 -11.63 31.91
N THR V 129 36.72 -12.91 31.67
CA THR V 129 36.20 -13.61 30.51
C THR V 129 36.31 -15.11 30.77
N LEU V 130 35.43 -15.87 30.11
CA LEU V 130 35.44 -17.31 30.22
C LEU V 130 35.87 -17.98 28.92
N LEU V 131 36.27 -17.20 27.91
CA LEU V 131 36.77 -17.77 26.68
C LEU V 131 38.11 -18.47 26.86
N THR V 132 38.83 -18.14 27.93
CA THR V 132 40.14 -18.74 28.17
C THR V 132 40.07 -19.97 29.07
N VAL V 133 38.99 -20.13 29.83
CA VAL V 133 38.88 -21.21 30.79
C VAL V 133 38.45 -22.49 30.06
N SER V 134 39.25 -23.54 30.24
CA SER V 134 38.92 -24.83 29.64
C SER V 134 37.78 -25.49 30.41
N PRO V 135 36.92 -26.25 29.71
CA PRO V 135 35.78 -26.88 30.38
C PRO V 135 36.14 -28.04 31.29
N SER V 136 37.42 -28.33 31.48
CA SER V 136 37.81 -29.44 32.35
C SER V 136 37.51 -29.13 33.81
N GLU V 137 37.89 -27.94 34.27
CA GLU V 137 37.73 -27.61 35.68
C GLU V 137 36.27 -27.44 36.06
N LEU V 138 35.42 -27.04 35.11
CA LEU V 138 34.06 -26.63 35.46
C LEU V 138 33.22 -27.81 35.91
N ALA V 139 33.08 -28.83 35.05
CA ALA V 139 32.18 -29.94 35.33
C ALA V 139 32.59 -30.75 36.56
N ASN V 140 33.69 -30.39 37.22
CA ASN V 140 34.16 -31.17 38.36
C ASN V 140 33.20 -31.03 39.54
N GLN V 141 33.05 -29.81 40.07
CA GLN V 141 32.24 -29.63 41.27
C GLN V 141 31.49 -28.30 41.22
N VAL V 142 30.17 -28.41 41.09
CA VAL V 142 29.23 -27.37 41.47
C VAL V 142 27.86 -28.03 41.55
N TYR V 143 27.14 -27.84 42.65
CA TYR V 143 25.89 -28.54 42.84
C TYR V 143 25.19 -28.05 44.10
N ALA V 144 23.87 -28.26 44.14
CA ALA V 144 23.09 -28.02 45.33
C ALA V 144 22.03 -29.10 45.54
N ASN V 145 22.06 -30.17 44.77
CA ASN V 145 21.12 -31.27 44.88
C ASN V 145 21.84 -32.57 44.52
N GLY V 146 21.08 -33.61 44.22
CA GLY V 146 21.65 -34.92 43.97
C GLY V 146 22.43 -35.07 42.69
N GLN V 147 22.84 -33.98 42.04
CA GLN V 147 23.60 -34.07 40.81
C GLN V 147 24.55 -32.88 40.69
N TYR V 148 25.76 -33.16 40.23
CA TYR V 148 26.75 -32.13 39.93
C TYR V 148 26.44 -31.60 38.53
N LEU V 149 25.61 -30.56 38.47
CA LEU V 149 25.17 -30.05 37.18
C LEU V 149 26.35 -29.48 36.40
N ASP V 150 26.44 -29.86 35.12
CA ASP V 150 27.53 -29.40 34.26
C ASP V 150 27.12 -28.09 33.60
N LEU V 151 27.97 -27.08 33.74
CA LEU V 151 27.65 -25.76 33.21
C LEU V 151 28.05 -25.63 31.74
N VAL V 152 29.06 -26.37 31.30
CA VAL V 152 29.57 -26.24 29.95
C VAL V 152 29.02 -27.39 29.12
N ASN V 153 28.75 -27.09 27.85
CA ASN V 153 28.35 -28.09 26.88
C ASN V 153 29.38 -28.12 25.76
N GLN V 154 29.50 -29.26 25.09
CA GLN V 154 30.53 -29.38 24.07
C GLN V 154 30.15 -30.47 23.08
N GLN V 155 30.41 -30.20 21.80
CA GLN V 155 30.24 -31.13 20.70
C GLN V 155 31.59 -31.32 20.00
N THR V 156 31.57 -32.04 18.88
CA THR V 156 32.80 -32.26 18.13
C THR V 156 32.45 -32.65 16.70
N ASN V 157 33.21 -32.10 15.75
CA ASN V 157 33.12 -32.45 14.34
C ASN V 157 34.28 -31.79 13.62
N ALA V 158 34.70 -32.40 12.50
CA ALA V 158 35.80 -31.90 11.69
C ALA V 158 37.09 -31.76 12.50
N GLY V 159 37.26 -32.60 13.53
CA GLY V 159 38.49 -32.60 14.28
C GLY V 159 38.67 -31.44 15.23
N GLN V 160 37.59 -30.97 15.85
CA GLN V 160 37.66 -29.88 16.81
C GLN V 160 36.70 -30.16 17.95
N THR V 161 36.77 -29.32 18.99
CA THR V 161 35.93 -29.46 20.17
C THR V 161 35.30 -28.09 20.46
N TYR V 162 34.02 -27.96 20.13
CA TYR V 162 33.30 -26.71 20.28
C TYR V 162 32.59 -26.69 21.63
N VAL V 163 32.90 -25.71 22.46
CA VAL V 163 32.29 -25.58 23.77
C VAL V 163 31.52 -24.27 23.83
N TYR V 164 30.52 -24.25 24.72
CA TYR V 164 29.72 -23.05 24.94
C TYR V 164 28.95 -23.22 26.25
N TYR V 165 28.10 -22.23 26.54
CA TYR V 165 27.30 -22.21 27.75
C TYR V 165 25.84 -22.00 27.35
N PRO V 166 24.91 -22.78 27.90
CA PRO V 166 23.53 -22.70 27.39
C PRO V 166 22.81 -21.40 27.69
N ASN V 167 22.84 -20.93 28.93
CA ASN V 167 22.13 -19.74 29.34
C ASN V 167 23.06 -18.79 30.06
N PRO V 168 22.65 -17.53 30.25
CA PRO V 168 23.49 -16.62 31.02
C PRO V 168 23.67 -17.03 32.47
N TYR V 169 22.69 -17.73 33.04
CA TYR V 169 22.75 -18.06 34.46
C TYR V 169 23.84 -19.08 34.74
N TYR V 170 24.08 -20.01 33.82
CA TYR V 170 25.17 -20.95 34.02
C TYR V 170 26.51 -20.28 33.87
N ALA V 171 26.58 -19.21 33.07
CA ALA V 171 27.82 -18.46 32.95
C ALA V 171 28.21 -17.80 34.27
N LEU V 172 27.21 -17.41 35.05
CA LEU V 172 27.51 -16.77 36.33
C LEU V 172 28.17 -17.75 37.29
N LEU V 173 27.58 -18.93 37.46
CA LEU V 173 28.16 -19.93 38.35
C LEU V 173 29.52 -20.39 37.83
N ALA V 174 29.68 -20.49 36.52
CA ALA V 174 30.99 -20.82 35.96
C ALA V 174 31.99 -19.71 36.21
N LEU V 175 31.50 -18.49 36.46
CA LEU V 175 32.40 -17.38 36.78
C LEU V 175 32.72 -17.37 38.26
N ASN V 176 31.73 -17.62 39.11
CA ASN V 176 31.97 -17.62 40.55
C ASN V 176 32.98 -18.69 40.93
N TYR V 177 32.97 -19.82 40.22
CA TYR V 177 33.95 -20.86 40.48
C TYR V 177 35.33 -20.45 39.98
N THR V 178 35.38 -19.78 38.83
CA THR V 178 36.66 -19.38 38.27
C THR V 178 37.37 -18.37 39.15
N LEU V 179 36.64 -17.33 39.59
CA LEU V 179 37.27 -16.28 40.38
C LEU V 179 37.84 -16.81 41.69
N SER V 180 37.25 -17.87 42.24
CA SER V 180 37.64 -18.34 43.56
C SER V 180 38.67 -19.47 43.51
N LYS V 181 38.72 -20.23 42.42
CA LYS V 181 39.61 -21.38 42.35
C LYS V 181 40.62 -21.28 41.22
N ILE V 182 40.20 -20.89 40.01
CA ILE V 182 41.10 -20.96 38.87
C ILE V 182 42.13 -19.84 38.92
N ASP V 183 41.67 -18.60 39.11
CA ASP V 183 42.58 -17.47 39.25
C ASP V 183 42.27 -16.79 40.58
N LYS V 184 43.11 -17.04 41.59
CA LYS V 184 42.87 -16.54 42.94
C LYS V 184 43.03 -15.03 42.95
N VAL V 185 41.98 -14.33 43.36
CA VAL V 185 42.02 -12.89 43.60
C VAL V 185 41.48 -12.64 45.00
N SER V 186 42.23 -11.86 45.78
CA SER V 186 41.88 -11.73 47.19
C SER V 186 40.59 -10.93 47.37
N PRO V 187 40.37 -9.81 46.66
CA PRO V 187 39.01 -9.26 46.63
C PRO V 187 38.20 -9.87 45.49
N SER V 188 37.13 -10.58 45.80
CA SER V 188 36.29 -11.19 44.78
C SER V 188 35.11 -10.26 44.50
N PRO V 189 35.02 -9.69 43.29
CA PRO V 189 33.90 -8.78 43.01
C PRO V 189 32.56 -9.48 42.92
N LEU V 190 32.53 -10.80 42.97
CA LEU V 190 31.30 -11.57 42.87
C LEU V 190 31.27 -12.60 43.99
N TYR V 191 30.06 -12.92 44.45
CA TYR V 191 29.90 -13.94 45.48
C TYR V 191 28.49 -14.50 45.37
N ILE V 192 28.38 -15.75 44.92
CA ILE V 192 27.11 -16.43 44.76
C ILE V 192 27.00 -17.51 45.83
N THR V 193 25.96 -17.41 46.66
CA THR V 193 25.76 -18.36 47.74
C THR V 193 24.28 -18.68 47.86
N THR V 194 23.98 -19.92 48.23
CA THR V 194 22.62 -20.37 48.41
C THR V 194 22.12 -20.20 49.83
N THR V 195 22.89 -19.58 50.71
CA THR V 195 22.50 -19.42 52.10
C THR V 195 21.43 -18.34 52.22
N THR V 196 20.97 -18.14 53.45
CA THR V 196 20.00 -17.09 53.71
C THR V 196 20.66 -15.73 53.55
N PRO V 197 20.06 -14.81 52.80
CA PRO V 197 20.70 -13.49 52.62
C PRO V 197 20.94 -12.77 53.93
N SER V 198 19.97 -12.83 54.86
CA SER V 198 20.18 -12.24 56.18
C SER V 198 21.33 -12.94 56.91
N SER V 199 21.37 -14.27 56.84
CA SER V 199 22.49 -14.99 57.43
C SER V 199 23.79 -14.69 56.70
N ALA V 200 23.71 -14.42 55.39
CA ALA V 200 24.91 -14.10 54.63
C ALA V 200 25.54 -12.82 55.12
N THR V 201 24.73 -11.87 55.59
CA THR V 201 25.29 -10.62 56.10
C THR V 201 25.95 -10.81 57.46
N GLN V 202 25.36 -11.64 58.32
CA GLN V 202 25.90 -11.79 59.67
C GLN V 202 27.24 -12.50 59.66
N ILE V 203 27.42 -13.44 58.72
CA ILE V 203 28.71 -14.12 58.62
C ILE V 203 29.72 -13.24 57.91
N TYR V 204 29.27 -12.44 56.94
CA TYR V 204 30.14 -11.60 56.14
C TYR V 204 29.64 -10.16 56.21
N PRO V 205 30.19 -9.35 57.13
CA PRO V 205 29.72 -7.96 57.23
C PRO V 205 29.98 -7.13 55.99
N PHE V 206 31.00 -7.47 55.21
CA PHE V 206 31.29 -6.70 54.01
C PHE V 206 30.18 -6.82 52.97
N LEU V 207 29.39 -7.88 53.03
CA LEU V 207 28.28 -8.04 52.08
C LEU V 207 27.12 -7.10 52.36
N ALA V 208 27.19 -6.31 53.44
CA ALA V 208 26.12 -5.38 53.75
C ALA V 208 26.10 -4.17 52.83
N HIS V 209 27.04 -4.08 51.89
CA HIS V 209 27.12 -2.95 50.98
C HIS V 209 27.03 -3.35 49.52
N ASP V 210 27.29 -4.61 49.18
CA ASP V 210 27.27 -5.03 47.79
C ASP V 210 25.85 -5.15 47.28
N ASN V 211 25.64 -4.78 46.02
CA ASN V 211 24.34 -4.96 45.40
C ASN V 211 24.05 -6.45 45.21
N MET V 212 22.80 -6.84 45.47
CA MET V 212 22.42 -8.24 45.46
C MET V 212 21.21 -8.43 44.56
N PHE V 213 21.28 -9.43 43.69
CA PHE V 213 20.14 -9.87 42.92
C PHE V 213 20.01 -11.38 43.08
N THR V 214 18.81 -11.89 42.81
CA THR V 214 18.50 -13.30 43.02
C THR V 214 17.91 -13.89 41.75
N PHE V 215 18.46 -15.03 41.34
CA PHE V 215 17.91 -15.81 40.24
C PHE V 215 17.70 -17.24 40.72
N THR V 216 16.65 -17.87 40.21
CA THR V 216 16.24 -19.18 40.70
C THR V 216 16.20 -20.20 39.56
N LEU V 217 16.56 -21.43 39.88
CA LEU V 217 16.56 -22.54 38.95
C LEU V 217 15.77 -23.69 39.55
N ASN V 218 15.29 -24.58 38.68
CA ASN V 218 14.57 -25.79 39.10
C ASN V 218 15.48 -26.97 38.83
N ILE V 219 16.09 -27.50 39.89
CA ILE V 219 17.04 -28.61 39.79
C ILE V 219 16.39 -29.84 40.39
N SER V 220 16.08 -30.81 39.53
CA SER V 220 15.46 -32.07 39.93
C SER V 220 14.20 -31.83 40.77
N GLY V 221 13.26 -31.10 40.18
CA GLY V 221 12.01 -30.82 40.84
C GLY V 221 12.15 -30.04 42.13
N THR V 222 13.26 -29.31 42.30
CA THR V 222 13.48 -28.53 43.50
C THR V 222 13.95 -27.14 43.11
N LEU V 223 13.43 -26.13 43.82
CA LEU V 223 13.77 -24.74 43.54
C LEU V 223 14.96 -24.32 44.38
N VAL V 224 15.97 -23.76 43.72
CA VAL V 224 17.14 -23.21 44.38
C VAL V 224 17.23 -21.73 44.05
N THR V 225 17.40 -20.90 45.06
CA THR V 225 17.44 -19.45 44.91
C THR V 225 18.83 -18.96 45.30
N TYR V 226 19.57 -18.44 44.33
CA TYR V 226 20.92 -17.94 44.58
C TYR V 226 20.87 -16.48 44.98
N TYR V 227 21.93 -16.03 45.66
CA TYR V 227 22.06 -14.66 46.14
C TYR V 227 23.42 -14.14 45.70
N ALA V 228 23.48 -13.58 44.50
CA ALA V 228 24.73 -13.11 43.91
C ALA V 228 24.97 -11.67 44.33
N PHE V 229 26.04 -11.46 45.08
CA PHE V 229 26.45 -10.13 45.51
C PHE V 229 27.56 -9.60 44.61
N VAL V 230 27.54 -8.30 44.35
CA VAL V 230 28.53 -7.65 43.48
C VAL V 230 28.96 -6.35 44.13
N ASN V 231 30.27 -6.13 44.23
CA ASN V 231 30.82 -4.92 44.84
C ASN V 231 31.44 -3.98 43.83
N GLN V 232 31.30 -4.26 42.54
CA GLN V 232 31.93 -3.45 41.51
C GLN V 232 31.30 -3.71 40.16
N THR V 233 30.88 -2.65 39.46
CA THR V 233 30.23 -2.81 38.17
C THR V 233 31.23 -3.28 37.13
N PHE V 234 31.02 -4.48 36.59
CA PHE V 234 31.92 -5.05 35.60
C PHE V 234 31.10 -5.81 34.58
N ALA V 235 31.78 -6.41 33.61
CA ALA V 235 31.12 -7.14 32.54
C ALA V 235 32.08 -8.17 31.97
N PHE V 236 31.61 -9.38 31.79
CA PHE V 236 32.43 -10.48 31.30
C PHE V 236 31.88 -11.00 29.98
N THR V 237 32.58 -11.95 29.38
CA THR V 237 32.19 -12.56 28.12
C THR V 237 32.36 -14.07 28.22
N TYR V 238 31.62 -14.78 27.38
CA TYR V 238 31.67 -16.24 27.32
C TYR V 238 31.16 -16.69 25.97
N PRO V 239 31.60 -17.83 25.47
CA PRO V 239 31.15 -18.28 24.15
C PRO V 239 29.70 -18.75 24.19
N VAL V 240 29.05 -18.67 23.04
CA VAL V 240 27.67 -19.11 22.92
C VAL V 240 27.56 -20.13 21.80
N ALA V 241 28.42 -20.03 20.81
CA ALA V 241 28.35 -20.96 19.68
C ALA V 241 29.56 -20.76 18.77
N GLY V 242 29.89 -21.81 18.03
CA GLY V 242 30.83 -21.72 16.93
C GLY V 242 32.22 -21.25 17.31
N ASP V 243 32.65 -21.49 18.54
CA ASP V 243 33.98 -21.09 19.00
C ASP V 243 34.80 -22.32 19.36
N PRO V 244 35.54 -22.90 18.41
CA PRO V 244 36.44 -24.01 18.77
C PRO V 244 37.75 -23.53 19.36
N LEU V 245 38.16 -22.30 19.07
CA LEU V 245 39.41 -21.74 19.58
C LEU V 245 39.21 -21.38 21.04
N ILE V 246 39.15 -22.41 21.87
CA ILE V 246 38.91 -22.25 23.29
C ILE V 246 40.23 -22.17 24.04
N GLY V 247 40.29 -21.24 24.99
CA GLY V 247 41.47 -21.08 25.82
C GLY V 247 42.37 -19.93 25.44
N SER V 248 41.94 -19.06 24.52
CA SER V 248 42.79 -17.98 24.05
C SER V 248 42.08 -16.64 23.88
N ALA V 249 40.80 -16.55 24.22
CA ALA V 249 40.04 -15.31 24.09
C ALA V 249 40.10 -14.77 22.67
N ILE V 250 39.78 -15.64 21.71
CA ILE V 250 39.75 -15.30 20.30
C ILE V 250 38.37 -15.64 19.77
N ALA V 251 37.68 -14.64 19.25
CA ALA V 251 36.38 -14.87 18.63
C ALA V 251 36.58 -15.13 17.15
N PRO V 252 36.35 -16.34 16.66
CA PRO V 252 36.61 -16.64 15.26
C PRO V 252 35.51 -16.08 14.36
N ALA V 253 35.76 -16.18 13.06
CA ALA V 253 34.85 -15.64 12.05
C ALA V 253 33.63 -16.54 11.95
N GLY V 254 32.56 -16.17 12.64
CA GLY V 254 31.32 -16.92 12.64
C GLY V 254 30.80 -17.31 14.01
N SER V 255 31.57 -17.10 15.07
CA SER V 255 31.12 -17.47 16.40
C SER V 255 30.08 -16.46 16.90
N VAL V 256 29.56 -16.73 18.10
CA VAL V 256 28.63 -15.84 18.78
C VAL V 256 29.07 -15.76 20.24
N ILE V 257 29.37 -14.56 20.71
CA ILE V 257 29.82 -14.36 22.08
C ILE V 257 28.67 -13.78 22.89
N GLY V 258 28.69 -14.03 24.19
CA GLY V 258 27.70 -13.49 25.11
C GLY V 258 28.35 -12.52 26.08
N VAL V 259 27.75 -11.34 26.21
CA VAL V 259 28.26 -10.30 27.10
C VAL V 259 27.19 -10.03 28.15
N MET V 260 27.62 -9.83 29.39
CA MET V 260 26.70 -9.57 30.49
C MET V 260 27.33 -8.58 31.44
N ILE V 261 26.63 -7.49 31.71
CA ILE V 261 27.09 -6.45 32.61
C ILE V 261 26.38 -6.62 33.95
N LEU V 262 27.09 -6.37 35.04
CA LEU V 262 26.55 -6.48 36.38
C LEU V 262 26.72 -5.16 37.10
N PHE V 263 25.65 -4.65 37.70
CA PHE V 263 25.64 -3.36 38.37
C PHE V 263 25.90 -3.56 39.86
N GLY V 264 26.87 -2.81 40.39
CA GLY V 264 27.23 -2.91 41.78
C GLY V 264 26.49 -1.92 42.64
N PRO V 265 27.09 -1.53 43.77
CA PRO V 265 26.42 -0.56 44.64
C PRO V 265 26.44 0.85 44.08
N ASP V 266 27.42 1.18 43.25
CA ASP V 266 27.53 2.53 42.72
C ASP V 266 26.43 2.82 41.69
N LEU V 267 26.28 1.95 40.70
CA LEU V 267 25.31 2.15 39.64
C LEU V 267 24.00 1.42 39.88
N GLY V 268 24.02 0.33 40.65
CA GLY V 268 22.81 -0.46 40.85
C GLY V 268 21.69 0.29 41.54
N SER V 269 22.01 1.39 42.23
CA SER V 269 21.00 2.16 42.94
C SER V 269 20.21 3.08 42.02
N HIS V 270 20.30 2.89 40.71
CA HIS V 270 19.56 3.71 39.75
C HIS V 270 18.67 2.82 38.89
N VAL V 271 17.66 3.44 38.30
CA VAL V 271 16.79 2.78 37.32
C VAL V 271 16.64 3.73 36.14
N PHE V 272 16.90 3.24 34.95
CA PHE V 272 16.89 4.05 33.74
C PHE V 272 15.48 4.08 33.15
N GLN V 273 14.85 5.25 33.18
CA GLN V 273 13.54 5.46 32.60
C GLN V 273 13.55 6.76 31.81
N TYR V 274 13.15 6.69 30.54
CA TYR V 274 13.16 7.85 29.65
C TYR V 274 14.57 8.43 29.54
N GLN V 275 15.53 7.55 29.25
CA GLN V 275 16.92 7.93 29.11
C GLN V 275 17.49 7.26 27.86
N THR V 276 18.78 7.47 27.63
CA THR V 276 19.48 6.85 26.51
C THR V 276 20.74 6.19 27.04
N ILE V 277 20.89 4.91 26.78
CA ILE V 277 22.00 4.09 27.31
C ILE V 277 22.96 3.81 26.17
N THR V 278 24.25 4.00 26.42
CA THR V 278 25.29 3.83 25.40
C THR V 278 26.32 2.83 25.92
N ILE V 279 26.50 1.74 25.19
CA ILE V 279 27.50 0.73 25.48
C ILE V 279 28.38 0.56 24.25
N GLN V 280 29.69 0.73 24.43
CA GLN V 280 30.63 0.73 23.33
C GLN V 280 31.68 -0.35 23.56
N ILE V 281 31.69 -1.36 22.70
CA ILE V 281 32.64 -2.46 22.78
C ILE V 281 33.71 -2.21 21.73
N THR V 282 34.88 -1.78 22.15
CA THR V 282 35.96 -1.39 21.23
C THR V 282 37.17 -2.30 21.38
N PRO V 283 37.48 -3.11 20.39
CA PRO V 283 38.70 -3.93 20.46
C PRO V 283 39.94 -3.12 20.11
N ASN V 284 41.09 -3.79 20.01
CA ASN V 284 42.33 -3.09 19.69
C ASN V 284 42.39 -2.73 18.21
N ILE V 285 41.88 -3.60 17.32
CA ILE V 285 41.82 -3.32 15.90
C ILE V 285 40.39 -3.53 15.42
N GLY V 286 40.06 -2.85 14.33
CA GLY V 286 38.71 -2.87 13.82
C GLY V 286 37.83 -1.84 14.48
N SER V 287 36.65 -1.72 13.95
CA SER V 287 35.73 -0.70 14.42
C SER V 287 35.06 -1.14 15.72
N PRO V 288 34.68 -0.18 16.56
CA PRO V 288 33.94 -0.52 17.78
C PRO V 288 32.50 -0.89 17.50
N LEU V 289 31.73 -1.10 18.56
CA LEU V 289 30.31 -1.42 18.45
C LEU V 289 29.56 -0.55 19.43
N THR V 290 28.66 0.30 18.92
CA THR V 290 27.93 1.26 19.73
C THR V 290 26.50 0.77 19.91
N ILE V 291 26.03 0.74 21.15
CA ILE V 291 24.70 0.28 21.49
C ILE V 291 23.96 1.44 22.16
N SER V 292 23.12 2.13 21.39
CA SER V 292 22.35 3.26 21.89
C SER V 292 20.87 2.88 21.86
N GLU V 293 20.24 2.87 23.04
CA GLU V 293 18.83 2.52 23.14
C GLU V 293 18.14 3.53 24.04
N TYR V 294 16.81 3.59 23.91
CA TYR V 294 15.97 4.45 24.73
C TYR V 294 15.04 3.54 25.53
N VAL V 295 15.25 3.49 26.83
CA VAL V 295 14.47 2.61 27.70
C VAL V 295 13.27 3.37 28.24
N TYR V 296 12.07 2.83 28.01
CA TYR V 296 10.84 3.45 28.50
C TYR V 296 10.55 3.02 29.94
N GLN V 297 10.27 1.74 30.14
CA GLN V 297 9.96 1.19 31.46
C GLN V 297 10.31 -0.29 31.44
N PRO V 298 10.35 -0.93 32.60
CA PRO V 298 10.45 -2.39 32.64
C PRO V 298 9.09 -3.07 32.61
N GLU V 299 9.10 -4.33 32.21
CA GLU V 299 7.88 -5.13 32.13
C GLU V 299 8.26 -6.57 32.52
N GLY V 300 7.96 -6.95 33.76
CA GLY V 300 8.19 -8.30 34.21
C GLY V 300 9.59 -8.62 34.67
N SER V 301 10.33 -7.63 35.15
CA SER V 301 11.68 -7.76 35.68
C SER V 301 12.70 -8.16 34.63
N VAL V 302 12.29 -8.38 33.39
CA VAL V 302 13.20 -8.65 32.28
C VAL V 302 12.64 -7.92 31.07
N SER V 303 13.29 -6.83 30.66
CA SER V 303 12.83 -6.04 29.53
C SER V 303 13.34 -6.67 28.23
N VAL V 304 13.19 -5.93 27.13
CA VAL V 304 13.60 -6.43 25.81
C VAL V 304 14.48 -5.38 25.16
N ILE V 305 14.74 -4.28 25.87
CA ILE V 305 15.62 -3.24 25.36
C ILE V 305 16.21 -2.45 26.52
N LEU W 19 89.18 11.09 -11.49
CA LEU W 19 88.47 10.82 -12.73
C LEU W 19 87.06 10.30 -12.46
N ALA W 20 86.09 10.85 -13.15
CA ALA W 20 84.71 10.41 -13.03
C ALA W 20 84.33 9.35 -14.06
N GLY W 21 85.29 8.84 -14.82
CA GLY W 21 85.02 7.80 -15.79
C GLY W 21 84.68 6.48 -15.14
N LEU W 22 85.66 5.90 -14.43
CA LEU W 22 85.41 4.64 -13.74
C LEU W 22 84.52 4.82 -12.53
N ASP W 23 84.60 5.99 -11.87
CA ASP W 23 83.86 6.20 -10.64
C ASP W 23 82.35 6.15 -10.88
N THR W 24 81.83 7.04 -11.72
CA THR W 24 80.40 7.05 -11.99
C THR W 24 79.96 5.74 -12.64
N ALA W 25 80.87 5.08 -13.36
CA ALA W 25 80.55 3.76 -13.89
C ALA W 25 80.20 2.78 -12.78
N ILE W 26 80.93 2.86 -11.66
CA ILE W 26 80.60 2.04 -10.50
C ILE W 26 79.40 2.62 -9.77
N ILE W 27 79.38 3.94 -9.58
CA ILE W 27 78.24 4.59 -8.94
C ILE W 27 76.96 4.27 -9.69
N LEU W 28 77.04 4.16 -11.01
CA LEU W 28 75.86 3.81 -11.80
C LEU W 28 75.41 2.39 -11.50
N ILE W 29 76.30 1.42 -11.69
CA ILE W 29 75.91 0.01 -11.54
C ILE W 29 75.50 -0.28 -10.11
N ALA W 30 76.04 0.47 -9.15
CA ALA W 30 75.62 0.29 -7.76
C ALA W 30 74.21 0.81 -7.54
N PHE W 31 73.86 1.92 -8.21
CA PHE W 31 72.55 2.52 -8.00
C PHE W 31 71.48 1.87 -8.87
N ILE W 32 71.84 1.46 -10.10
CA ILE W 32 70.88 0.73 -10.92
C ILE W 32 70.48 -0.58 -10.25
N ILE W 33 71.41 -1.19 -9.53
CA ILE W 33 71.08 -2.40 -8.77
C ILE W 33 70.11 -2.08 -7.65
N THR W 34 70.34 -0.97 -6.95
CA THR W 34 69.50 -0.61 -5.81
C THR W 34 68.07 -0.35 -6.25
N ALA W 35 67.88 0.40 -7.34
CA ALA W 35 66.54 0.63 -7.85
C ALA W 35 65.95 -0.64 -8.44
N SER W 36 66.79 -1.55 -8.92
CA SER W 36 66.29 -2.81 -9.46
C SER W 36 65.61 -3.64 -8.38
N VAL W 37 66.26 -3.78 -7.22
CA VAL W 37 65.67 -4.59 -6.15
C VAL W 37 64.47 -3.87 -5.54
N LEU W 38 64.48 -2.53 -5.53
CA LEU W 38 63.34 -1.81 -4.99
C LEU W 38 62.14 -1.92 -5.91
N ALA W 39 62.37 -1.91 -7.22
CA ALA W 39 61.29 -2.22 -8.16
C ALA W 39 60.81 -3.64 -7.97
N TYR W 40 61.71 -4.54 -7.59
CA TYR W 40 61.35 -5.95 -7.41
C TYR W 40 60.51 -6.12 -6.15
N VAL W 41 60.77 -5.33 -5.12
CA VAL W 41 60.02 -5.44 -3.88
C VAL W 41 58.68 -4.74 -4.00
N ALA W 42 58.63 -3.62 -4.71
CA ALA W 42 57.38 -2.90 -4.88
C ALA W 42 56.37 -3.69 -5.69
N ILE W 43 56.82 -4.31 -6.78
CA ILE W 43 55.92 -5.11 -7.60
C ILE W 43 55.44 -6.33 -6.84
N ASN W 44 56.24 -6.80 -5.87
CA ASN W 44 55.83 -7.96 -5.08
C ASN W 44 54.77 -7.57 -4.07
N MET W 45 55.04 -6.54 -3.27
CA MET W 45 54.09 -6.12 -2.24
C MET W 45 52.84 -5.51 -2.85
N GLY W 46 52.91 -5.11 -4.12
CA GLY W 46 51.71 -4.65 -4.80
C GLY W 46 50.83 -5.80 -5.25
N LEU W 47 51.44 -6.87 -5.76
CA LEU W 47 50.67 -7.98 -6.31
C LEU W 47 50.01 -8.78 -5.20
N PHE W 48 50.62 -8.81 -4.01
CA PHE W 48 50.03 -9.52 -2.89
C PHE W 48 48.67 -8.93 -2.51
N VAL W 49 48.60 -7.61 -2.40
CA VAL W 49 47.38 -6.97 -1.92
C VAL W 49 46.22 -7.22 -2.87
N THR W 50 46.43 -7.01 -4.17
CA THR W 50 45.34 -7.14 -5.12
C THR W 50 44.74 -8.55 -5.07
N GLN W 51 45.57 -9.56 -4.88
CA GLN W 51 45.04 -10.91 -4.75
C GLN W 51 44.42 -11.13 -3.38
N LYS W 52 45.01 -10.54 -2.34
CA LYS W 52 44.45 -10.68 -0.99
C LYS W 52 43.15 -9.91 -0.86
N ALA W 53 43.10 -8.69 -1.41
CA ALA W 53 41.88 -7.90 -1.34
C ALA W 53 40.77 -8.53 -2.16
N LYS W 54 41.10 -9.13 -3.30
CA LYS W 54 40.09 -9.76 -4.14
C LYS W 54 39.41 -10.90 -3.38
N SER W 55 40.20 -11.75 -2.74
CA SER W 55 39.63 -12.88 -2.01
C SER W 55 38.68 -12.40 -0.92
N THR W 56 39.05 -11.32 -0.22
CA THR W 56 38.16 -10.76 0.79
C THR W 56 36.95 -10.10 0.15
N ILE W 57 37.09 -9.57 -1.05
CA ILE W 57 35.94 -9.01 -1.76
C ILE W 57 35.00 -10.13 -2.19
N ASN W 58 35.55 -11.22 -2.70
CA ASN W 58 34.71 -12.33 -3.14
C ASN W 58 33.94 -12.93 -1.96
N LYS W 59 34.63 -13.16 -0.85
CA LYS W 59 33.96 -13.73 0.31
C LYS W 59 32.97 -12.75 0.93
N GLY W 60 33.25 -11.46 0.82
CA GLY W 60 32.29 -10.46 1.27
C GLY W 60 31.01 -10.49 0.44
N GLU W 61 31.11 -10.93 -0.82
CA GLU W 61 29.93 -11.02 -1.67
C GLU W 61 29.04 -12.19 -1.26
N GLU W 62 29.66 -13.32 -0.89
CA GLU W 62 28.89 -14.51 -0.57
C GLU W 62 27.99 -14.30 0.64
N THR W 63 28.33 -13.36 1.51
CA THR W 63 27.55 -13.12 2.72
C THR W 63 26.14 -12.65 2.40
N ALA W 64 26.02 -11.73 1.44
CA ALA W 64 24.72 -11.10 1.18
C ALA W 64 23.73 -12.04 0.51
N SER W 65 24.13 -13.26 0.16
CA SER W 65 23.28 -14.17 -0.59
C SER W 65 22.96 -15.45 0.19
N THR W 66 22.63 -15.31 1.48
CA THR W 66 22.29 -16.47 2.30
C THR W 66 20.77 -16.63 2.46
N ALA W 67 20.11 -15.64 3.07
CA ALA W 67 18.67 -15.45 3.00
C ALA W 67 17.90 -16.69 3.48
N LEU W 68 18.02 -16.96 4.78
CA LEU W 68 17.13 -17.94 5.39
C LEU W 68 15.76 -17.31 5.64
N THR W 69 14.72 -18.14 5.63
CA THR W 69 13.37 -17.65 5.89
C THR W 69 12.58 -18.71 6.63
N LEU W 70 11.29 -18.45 6.81
CA LEU W 70 10.40 -19.31 7.59
C LEU W 70 9.33 -19.88 6.65
N SER W 71 9.22 -21.20 6.63
CA SER W 71 8.17 -21.88 5.89
C SER W 71 7.23 -22.57 6.87
N GLY W 72 6.17 -23.18 6.36
CA GLY W 72 5.25 -23.92 7.21
C GLY W 72 4.58 -23.03 8.22
N SER W 73 4.30 -23.60 9.40
CA SER W 73 3.64 -22.87 10.47
C SER W 73 4.13 -23.40 11.80
N VAL W 74 4.05 -22.56 12.82
CA VAL W 74 4.53 -22.89 14.15
C VAL W 74 3.44 -23.65 14.90
N LEU W 75 3.77 -24.85 15.36
CA LEU W 75 2.86 -25.67 16.15
C LEU W 75 3.43 -25.86 17.54
N TYR W 76 2.58 -25.76 18.55
CA TYR W 76 3.00 -25.80 19.94
C TYR W 76 2.04 -26.67 20.71
N ALA W 77 2.56 -27.74 21.31
CA ALA W 77 1.74 -28.73 22.00
C ALA W 77 1.89 -28.61 23.50
N VAL W 78 0.83 -28.98 24.22
CA VAL W 78 0.77 -28.80 25.66
C VAL W 78 -0.33 -29.71 26.20
N ASN W 79 -0.21 -30.11 27.46
CA ASN W 79 -1.25 -30.90 28.10
C ASN W 79 -2.53 -30.09 28.18
N TYR W 80 -3.55 -30.50 27.43
CA TYR W 80 -4.74 -29.66 27.28
C TYR W 80 -5.52 -29.47 28.57
N PRO W 81 -5.99 -30.54 29.26
CA PRO W 81 -6.93 -30.32 30.37
C PRO W 81 -6.37 -29.43 31.47
N SER W 82 -5.25 -29.82 32.05
CA SER W 82 -4.54 -29.01 33.04
C SER W 82 -3.34 -28.37 32.34
N ASN W 83 -3.50 -27.12 31.93
CA ASN W 83 -2.42 -26.41 31.23
C ASN W 83 -1.35 -26.08 32.26
N THR W 84 -0.45 -27.03 32.46
CA THR W 84 0.58 -26.90 33.48
C THR W 84 1.96 -27.21 32.89
N ARG W 85 2.03 -28.11 31.93
CA ARG W 85 3.29 -28.57 31.38
C ARG W 85 3.29 -28.42 29.86
N SER W 86 4.22 -27.61 29.35
CA SER W 86 4.43 -27.52 27.92
C SER W 86 5.30 -28.68 27.45
N TYR W 87 5.11 -29.08 26.20
CA TYR W 87 5.74 -30.29 25.69
C TYR W 87 6.80 -30.01 24.63
N TRP W 88 6.44 -29.35 23.53
CA TRP W 88 7.40 -29.12 22.45
C TRP W 88 6.88 -28.02 21.54
N ILE W 89 7.72 -27.63 20.58
CA ILE W 89 7.40 -26.62 19.59
C ILE W 89 8.00 -27.06 18.26
N TYR W 90 7.17 -27.09 17.22
CA TYR W 90 7.61 -27.59 15.92
C TYR W 90 7.30 -26.55 14.85
N PHE W 91 8.31 -26.21 14.07
CA PHE W 91 8.17 -25.28 12.95
C PHE W 91 9.29 -25.55 11.98
N THR W 92 8.96 -25.57 10.69
CA THR W 92 9.99 -25.82 9.69
C THR W 92 10.63 -24.52 9.24
N VAL W 93 11.82 -24.66 8.65
CA VAL W 93 12.62 -23.51 8.23
C VAL W 93 13.31 -23.87 6.93
N SER W 94 13.21 -23.00 5.94
CA SER W 94 13.73 -23.26 4.61
C SER W 94 14.47 -22.03 4.12
N PRO W 95 15.38 -22.20 3.16
CA PRO W 95 15.97 -21.03 2.51
C PRO W 95 14.91 -20.24 1.77
N SER W 96 15.26 -19.00 1.41
CA SER W 96 14.33 -18.14 0.68
C SER W 96 14.00 -18.75 -0.68
N SER W 97 15.00 -18.87 -1.54
CA SER W 97 14.85 -19.45 -2.85
C SER W 97 16.17 -20.10 -3.22
N GLY W 98 16.25 -20.62 -4.44
CA GLY W 98 17.46 -21.28 -4.89
C GLY W 98 18.58 -20.31 -5.19
N VAL W 99 18.98 -19.51 -4.20
CA VAL W 99 20.09 -18.59 -4.39
C VAL W 99 21.43 -19.27 -4.09
N SER W 100 21.49 -20.02 -2.98
CA SER W 100 22.66 -20.78 -2.58
C SER W 100 22.31 -21.55 -1.33
N SER W 101 22.99 -22.66 -1.12
CA SER W 101 22.71 -23.52 0.01
C SER W 101 23.05 -22.83 1.33
N VAL W 102 22.54 -23.39 2.43
CA VAL W 102 22.81 -22.89 3.76
C VAL W 102 23.28 -24.06 4.61
N GLU W 103 24.10 -23.75 5.62
CA GLU W 103 24.72 -24.75 6.47
C GLU W 103 24.12 -24.66 7.87
N LEU W 104 23.47 -25.73 8.31
CA LEU W 104 22.84 -25.79 9.61
C LEU W 104 23.48 -26.84 10.51
N SER W 105 24.80 -27.00 10.40
CA SER W 105 25.50 -27.89 11.31
C SER W 105 25.36 -27.40 12.73
N PRO W 106 25.12 -28.28 13.71
CA PRO W 106 24.92 -27.82 15.09
C PRO W 106 26.17 -27.20 15.70
N SER W 107 27.31 -27.29 15.03
CA SER W 107 28.55 -26.78 15.60
C SER W 107 28.63 -25.26 15.50
N THR W 108 28.12 -24.68 14.42
CA THR W 108 28.25 -23.26 14.16
C THR W 108 26.99 -22.46 14.42
N THR W 109 25.83 -22.99 14.05
CA THR W 109 24.59 -22.25 14.22
C THR W 109 24.14 -22.27 15.68
N ALA W 110 23.22 -21.37 16.01
CA ALA W 110 22.79 -21.19 17.40
C ALA W 110 21.31 -20.87 17.42
N ILE W 111 20.53 -21.70 18.11
CA ILE W 111 19.11 -21.48 18.27
C ILE W 111 18.86 -21.09 19.72
N SER W 112 18.44 -19.85 19.93
CA SER W 112 18.17 -19.33 21.26
C SER W 112 16.67 -19.22 21.48
N PHE W 113 16.26 -19.35 22.73
CA PHE W 113 14.86 -19.26 23.12
C PHE W 113 14.74 -18.31 24.29
N THR W 114 13.74 -17.42 24.24
CA THR W 114 13.55 -16.46 25.29
C THR W 114 12.08 -16.11 25.43
N ALA W 115 11.69 -15.73 26.65
CA ALA W 115 10.34 -15.27 26.94
C ALA W 115 10.46 -14.26 28.06
N SER W 116 10.50 -12.97 27.69
CA SER W 116 10.87 -11.93 28.64
C SER W 116 9.86 -11.78 29.78
N ALA W 117 8.62 -12.23 29.59
CA ALA W 117 7.60 -12.00 30.61
C ALA W 117 7.85 -12.81 31.87
N GLU W 118 8.72 -13.83 31.82
CA GLU W 118 8.95 -14.68 32.98
C GLU W 118 10.43 -14.88 33.27
N GLY W 119 11.31 -14.12 32.64
CA GLY W 119 12.73 -14.24 32.92
C GLY W 119 13.36 -15.50 32.35
N ILE W 120 13.08 -15.78 31.09
CA ILE W 120 13.61 -16.95 30.40
C ILE W 120 14.48 -16.48 29.26
N SER W 121 15.70 -16.99 29.19
CA SER W 121 16.62 -16.63 28.11
C SER W 121 17.65 -17.73 27.98
N TYR W 122 17.67 -18.42 26.85
CA TYR W 122 18.62 -19.48 26.59
C TYR W 122 19.51 -19.10 25.41
N SER W 123 20.40 -20.00 25.02
CA SER W 123 21.28 -19.76 23.90
C SER W 123 21.82 -21.09 23.40
N ASN W 124 21.70 -21.33 22.11
CA ASN W 124 22.19 -22.55 21.46
C ASN W 124 21.64 -23.80 22.15
N ILE W 125 20.33 -23.97 22.02
CA ILE W 125 19.68 -25.19 22.47
C ILE W 125 19.67 -26.17 21.30
N TYR W 126 20.45 -25.85 20.26
CA TYR W 126 20.59 -26.69 19.09
C TYR W 126 21.81 -27.58 19.30
N GLU W 127 21.57 -28.86 19.53
CA GLU W 127 22.65 -29.79 19.83
C GLU W 127 22.82 -30.88 18.78
N TYR W 128 21.75 -31.58 18.43
CA TYR W 128 21.84 -32.72 17.53
C TYR W 128 21.04 -32.45 16.26
N THR W 129 21.32 -33.27 15.24
CA THR W 129 20.62 -33.17 13.97
C THR W 129 20.66 -34.53 13.28
N LEU W 130 19.62 -34.80 12.51
CA LEU W 130 19.54 -36.04 11.73
C LEU W 130 20.02 -35.86 10.30
N LEU W 131 20.41 -34.64 9.91
CA LEU W 131 20.86 -34.41 8.55
C LEU W 131 22.09 -35.23 8.21
N THR W 132 22.93 -35.51 9.20
CA THR W 132 24.16 -36.26 8.96
C THR W 132 23.95 -37.76 8.93
N VAL W 133 22.89 -38.25 9.55
CA VAL W 133 22.65 -39.69 9.66
C VAL W 133 22.18 -40.22 8.31
N SER W 134 22.93 -41.17 7.75
CA SER W 134 22.52 -41.81 6.51
C SER W 134 21.31 -42.72 6.78
N PRO W 135 20.41 -42.86 5.81
CA PRO W 135 19.20 -43.66 6.05
C PRO W 135 19.45 -45.15 6.07
N SER W 136 20.56 -45.63 5.51
CA SER W 136 20.80 -47.08 5.45
C SER W 136 20.89 -47.68 6.84
N GLU W 137 21.78 -47.15 7.68
CA GLU W 137 21.96 -47.68 9.02
C GLU W 137 20.71 -47.48 9.87
N LEU W 138 19.83 -46.58 9.47
CA LEU W 138 18.63 -46.28 10.23
C LEU W 138 17.43 -47.10 9.78
N ALA W 139 17.59 -47.91 8.73
CA ALA W 139 16.43 -48.52 8.08
C ALA W 139 15.80 -49.60 8.95
N ASN W 140 16.58 -50.62 9.31
CA ASN W 140 15.99 -51.87 9.79
C ASN W 140 15.75 -51.91 11.29
N GLN W 141 16.75 -51.53 12.09
CA GLN W 141 16.75 -51.88 13.51
C GLN W 141 15.77 -51.02 14.32
N VAL W 142 14.50 -51.09 13.92
CA VAL W 142 13.39 -50.58 14.71
C VAL W 142 12.24 -51.57 14.55
N TYR W 143 11.83 -52.18 15.65
CA TYR W 143 10.80 -53.22 15.64
C TYR W 143 9.66 -52.81 16.57
N ALA W 144 8.64 -52.19 15.99
CA ALA W 144 7.47 -51.81 16.78
C ALA W 144 6.68 -53.03 17.21
N ASN W 145 6.15 -53.77 16.25
CA ASN W 145 5.38 -54.98 16.53
C ASN W 145 5.19 -55.75 15.24
N GLY W 146 5.35 -57.06 15.31
CA GLY W 146 5.13 -57.90 14.15
C GLY W 146 6.23 -57.80 13.13
N GLN W 147 6.34 -56.63 12.49
CA GLN W 147 7.33 -56.38 11.46
C GLN W 147 8.06 -55.09 11.74
N TYR W 148 9.31 -55.02 11.30
CA TYR W 148 10.08 -53.79 11.43
C TYR W 148 9.50 -52.71 10.53
N LEU W 149 9.57 -51.46 11.01
CA LEU W 149 9.01 -50.33 10.29
C LEU W 149 10.12 -49.37 9.90
N ASP W 150 9.99 -48.78 8.72
CA ASP W 150 10.95 -47.80 8.22
C ASP W 150 10.51 -46.40 8.61
N LEU W 151 11.46 -45.59 9.05
CA LEU W 151 11.16 -44.25 9.55
C LEU W 151 11.33 -43.17 8.51
N VAL W 152 12.21 -43.36 7.52
CA VAL W 152 12.46 -42.37 6.49
C VAL W 152 11.98 -42.92 5.16
N ASN W 153 11.45 -42.04 4.32
CA ASN W 153 11.04 -42.38 2.97
C ASN W 153 11.97 -41.69 1.99
N GLN W 154 12.47 -42.44 1.00
CA GLN W 154 13.42 -41.91 0.04
C GLN W 154 12.88 -42.06 -1.37
N GLN W 155 13.23 -41.09 -2.21
CA GLN W 155 12.93 -41.14 -3.64
C GLN W 155 14.20 -40.87 -4.44
N THR W 156 14.17 -41.28 -5.70
CA THR W 156 15.24 -41.00 -6.64
C THR W 156 14.70 -40.12 -7.76
N ASN W 157 15.53 -39.22 -8.26
CA ASN W 157 15.11 -38.29 -9.31
C ASN W 157 16.34 -37.73 -9.98
N ALA W 158 16.42 -37.90 -11.30
CA ALA W 158 17.52 -37.40 -12.12
C ALA W 158 18.88 -37.89 -11.66
N GLY W 159 18.93 -39.02 -10.96
CA GLY W 159 20.17 -39.61 -10.50
C GLY W 159 20.57 -39.23 -9.10
N GLN W 160 19.88 -38.28 -8.47
CA GLN W 160 20.18 -37.84 -7.12
C GLN W 160 19.04 -38.25 -6.21
N THR W 161 19.35 -39.12 -5.24
CA THR W 161 18.33 -39.63 -4.34
C THR W 161 18.02 -38.61 -3.25
N TYR W 162 16.75 -38.54 -2.87
CA TYR W 162 16.28 -37.64 -1.82
C TYR W 162 15.86 -38.44 -0.61
N VAL W 163 16.06 -37.87 0.57
CA VAL W 163 15.71 -38.51 1.83
C VAL W 163 15.00 -37.49 2.72
N TYR W 164 13.94 -37.92 3.38
CA TYR W 164 13.19 -37.03 4.25
C TYR W 164 12.47 -37.86 5.31
N TYR W 165 11.75 -37.17 6.18
CA TYR W 165 10.99 -37.79 7.26
C TYR W 165 9.53 -37.44 7.08
N PRO W 166 8.62 -38.42 7.03
CA PRO W 166 7.21 -38.12 6.83
C PRO W 166 6.47 -37.71 8.09
N ASN W 167 7.14 -37.65 9.22
CA ASN W 167 6.45 -37.46 10.49
C ASN W 167 7.43 -37.03 11.57
N PRO W 168 7.11 -35.99 12.36
CA PRO W 168 7.97 -35.69 13.51
C PRO W 168 8.11 -36.85 14.47
N TYR W 169 7.09 -37.70 14.58
CA TYR W 169 7.19 -38.89 15.42
C TYR W 169 8.19 -39.89 14.84
N TYR W 170 8.13 -40.13 13.53
CA TYR W 170 9.15 -40.97 12.89
C TYR W 170 10.52 -40.34 13.04
N ALA W 171 10.59 -39.01 13.17
CA ALA W 171 11.87 -38.37 13.41
C ALA W 171 12.35 -38.62 14.83
N LEU W 172 11.44 -38.57 15.80
CA LEU W 172 11.82 -38.83 17.18
C LEU W 172 12.37 -40.24 17.35
N LEU W 173 11.65 -41.24 16.82
CA LEU W 173 12.13 -42.62 16.93
C LEU W 173 13.47 -42.79 16.25
N ALA W 174 13.73 -42.03 15.19
CA ALA W 174 15.03 -42.08 14.54
C ALA W 174 16.09 -41.38 15.39
N LEU W 175 15.68 -40.41 16.20
CA LEU W 175 16.65 -39.69 17.01
C LEU W 175 17.03 -40.48 18.26
N ASN W 176 16.05 -41.08 18.93
CA ASN W 176 16.33 -41.86 20.13
C ASN W 176 17.32 -42.97 19.83
N TYR W 177 17.23 -43.57 18.64
CA TYR W 177 18.16 -44.62 18.27
C TYR W 177 19.54 -44.05 17.97
N THR W 178 19.60 -42.95 17.24
CA THR W 178 20.89 -42.39 16.83
C THR W 178 21.67 -41.89 18.04
N LEU W 179 20.98 -41.32 19.02
CA LEU W 179 21.65 -40.91 20.25
C LEU W 179 22.15 -42.12 21.03
N SER W 180 21.44 -43.24 20.92
CA SER W 180 21.78 -44.40 21.75
C SER W 180 22.87 -45.25 21.12
N LYS W 181 22.69 -45.66 19.86
CA LYS W 181 23.65 -46.54 19.21
C LYS W 181 24.58 -45.84 18.23
N ILE W 182 24.04 -44.97 17.36
CA ILE W 182 24.85 -44.39 16.29
C ILE W 182 25.95 -43.51 16.88
N ASP W 183 25.55 -42.45 17.58
CA ASP W 183 26.49 -41.51 18.18
C ASP W 183 26.47 -41.72 19.69
N LYS W 184 27.50 -42.39 20.20
CA LYS W 184 27.54 -42.73 21.62
C LYS W 184 27.61 -41.47 22.47
N VAL W 185 26.65 -41.32 23.38
CA VAL W 185 26.65 -40.27 24.39
C VAL W 185 26.17 -40.90 25.69
N SER W 186 27.07 -41.03 26.66
CA SER W 186 26.69 -41.69 27.91
C SER W 186 25.58 -40.96 28.66
N PRO W 187 25.55 -39.62 28.77
CA PRO W 187 24.34 -38.97 29.24
C PRO W 187 23.39 -38.70 28.09
N SER W 188 22.22 -39.31 28.10
CA SER W 188 21.36 -39.11 26.96
C SER W 188 20.19 -38.20 27.32
N PRO W 189 19.92 -37.17 26.51
CA PRO W 189 18.77 -36.30 26.82
C PRO W 189 17.44 -36.97 26.55
N LEU W 190 17.29 -37.67 25.43
CA LEU W 190 16.04 -38.29 25.06
C LEU W 190 16.04 -39.76 25.46
N TYR W 191 14.85 -40.29 25.74
CA TYR W 191 14.68 -41.70 26.04
C TYR W 191 13.25 -42.08 25.67
N ILE W 192 13.08 -42.71 24.51
CA ILE W 192 11.78 -43.15 24.04
C ILE W 192 11.65 -44.64 24.32
N THR W 193 10.69 -45.01 25.17
CA THR W 193 10.47 -46.39 25.54
C THR W 193 9.00 -46.75 25.38
N THR W 194 8.73 -48.03 25.14
CA THR W 194 7.38 -48.53 24.98
C THR W 194 6.84 -49.18 26.24
N THR W 195 7.64 -49.28 27.30
CA THR W 195 7.18 -49.86 28.55
C THR W 195 6.24 -48.90 29.27
N THR W 196 5.66 -49.38 30.36
CA THR W 196 4.79 -48.54 31.16
C THR W 196 5.60 -47.42 31.81
N PRO W 197 5.12 -46.18 31.76
CA PRO W 197 5.89 -45.08 32.37
C PRO W 197 6.10 -45.23 33.86
N SER W 198 5.17 -45.87 34.56
CA SER W 198 5.34 -46.05 36.00
C SER W 198 6.49 -47.00 36.29
N SER W 199 6.48 -48.17 35.67
CA SER W 199 7.54 -49.15 35.91
C SER W 199 8.88 -48.66 35.37
N ALA W 200 8.85 -47.78 34.36
CA ALA W 200 10.09 -47.23 33.83
C ALA W 200 10.84 -46.44 34.89
N THR W 201 10.11 -45.62 35.65
CA THR W 201 10.74 -44.90 36.76
C THR W 201 11.23 -45.84 37.84
N GLN W 202 10.62 -47.03 37.94
CA GLN W 202 11.06 -48.01 38.93
C GLN W 202 12.41 -48.61 38.55
N ILE W 203 12.53 -49.09 37.31
CA ILE W 203 13.78 -49.71 36.88
C ILE W 203 14.87 -48.66 36.72
N TYR W 204 14.51 -47.46 36.26
CA TYR W 204 15.48 -46.40 36.07
C TYR W 204 15.17 -45.25 37.03
N PRO W 205 16.00 -45.00 38.03
CA PRO W 205 15.67 -43.97 39.03
C PRO W 205 15.69 -42.55 38.46
N PHE W 206 16.77 -42.19 37.77
CA PHE W 206 16.92 -40.82 37.30
C PHE W 206 15.89 -40.43 36.26
N LEU W 207 15.15 -41.39 35.71
CA LEU W 207 14.17 -41.11 34.68
C LEU W 207 12.89 -40.50 35.23
N ALA W 208 12.86 -40.18 36.52
CA ALA W 208 11.70 -39.56 37.14
C ALA W 208 11.72 -38.04 37.07
N HIS W 209 12.87 -37.43 36.79
CA HIS W 209 12.96 -35.98 36.74
C HIS W 209 12.47 -35.40 35.42
N ASP W 210 12.43 -36.20 34.35
CA ASP W 210 12.05 -35.70 33.05
C ASP W 210 10.56 -35.42 33.00
N ASN W 211 10.12 -34.82 31.89
CA ASN W 211 8.70 -34.65 31.60
C ASN W 211 8.39 -35.40 30.32
N MET W 212 7.24 -36.08 30.30
CA MET W 212 6.92 -37.03 29.25
C MET W 212 5.82 -36.48 28.35
N PHE W 213 5.84 -36.93 27.09
CA PHE W 213 4.74 -36.69 26.17
C PHE W 213 4.60 -37.92 25.28
N THR W 214 3.39 -38.45 25.20
CA THR W 214 3.15 -39.76 24.61
C THR W 214 2.56 -39.60 23.21
N PHE W 215 3.15 -40.30 22.24
CA PHE W 215 2.62 -40.37 20.88
C PHE W 215 2.38 -41.82 20.51
N THR W 216 1.32 -42.05 19.74
CA THR W 216 0.90 -43.39 19.38
C THR W 216 1.12 -43.63 17.89
N LEU W 217 1.10 -44.90 17.51
CA LEU W 217 1.26 -45.31 16.13
C LEU W 217 0.27 -46.44 15.85
N ASN W 218 0.38 -47.03 14.66
CA ASN W 218 -0.44 -48.19 14.31
C ASN W 218 0.31 -48.99 13.25
N ILE W 219 0.97 -50.05 13.67
CA ILE W 219 1.70 -50.95 12.77
C ILE W 219 1.06 -52.32 12.85
N SER W 220 0.69 -52.87 11.70
CA SER W 220 0.08 -54.20 11.61
C SER W 220 -1.18 -54.29 12.47
N GLY W 221 -1.97 -53.22 12.48
CA GLY W 221 -3.25 -53.24 13.15
C GLY W 221 -3.21 -53.29 14.66
N THR W 222 -2.12 -52.86 15.28
CA THR W 222 -1.99 -52.87 16.73
C THR W 222 -1.58 -51.49 17.21
N LEU W 223 -2.50 -50.81 17.89
CA LEU W 223 -2.22 -49.47 18.41
C LEU W 223 -1.15 -49.54 19.48
N VAL W 224 0.01 -48.96 19.20
CA VAL W 224 1.16 -48.99 20.09
C VAL W 224 1.37 -47.60 20.66
N THR W 225 1.77 -47.54 21.93
CA THR W 225 2.09 -46.29 22.59
C THR W 225 3.60 -46.09 22.64
N TYR W 226 4.01 -44.86 22.92
CA TYR W 226 5.42 -44.52 23.03
C TYR W 226 5.57 -43.36 24.00
N TYR W 227 6.57 -43.43 24.87
CA TYR W 227 6.79 -42.43 25.90
C TYR W 227 8.18 -41.83 25.76
N ALA W 228 8.23 -40.51 25.65
CA ALA W 228 9.49 -39.78 25.49
C ALA W 228 9.83 -39.05 26.78
N PHE W 229 11.12 -38.96 27.08
CA PHE W 229 11.61 -38.28 28.26
C PHE W 229 12.78 -37.40 27.89
N VAL W 230 12.87 -36.24 28.54
CA VAL W 230 13.93 -35.28 28.28
C VAL W 230 14.40 -34.65 29.59
N ASN W 231 15.70 -34.64 29.83
CA ASN W 231 16.27 -34.07 31.04
C ASN W 231 16.85 -32.68 30.85
N GLN W 232 16.93 -32.20 29.61
CA GLN W 232 17.45 -30.87 29.33
C GLN W 232 16.76 -30.33 28.09
N THR W 233 16.40 -29.05 28.14
CA THR W 233 15.69 -28.41 27.04
C THR W 233 16.62 -28.30 25.83
N PHE W 234 16.36 -29.09 24.80
CA PHE W 234 17.19 -29.10 23.61
C PHE W 234 16.31 -29.12 22.37
N ALA W 235 16.95 -28.94 21.22
CA ALA W 235 16.25 -28.84 19.94
C ALA W 235 17.09 -29.48 18.85
N PHE W 236 16.42 -30.16 17.92
CA PHE W 236 17.09 -30.84 16.82
C PHE W 236 16.37 -30.51 15.52
N THR W 237 17.09 -30.66 14.42
CA THR W 237 16.57 -30.40 13.09
C THR W 237 16.71 -31.63 12.22
N TYR W 238 15.62 -32.02 11.57
CA TYR W 238 15.58 -33.17 10.69
C TYR W 238 15.09 -32.76 9.31
N PRO W 239 15.56 -33.45 8.27
CA PRO W 239 15.12 -33.09 6.92
C PRO W 239 13.68 -33.48 6.67
N VAL W 240 13.01 -32.68 5.86
CA VAL W 240 11.59 -32.92 5.57
C VAL W 240 11.26 -32.92 4.09
N ALA W 241 12.02 -32.24 3.22
CA ALA W 241 11.68 -32.25 1.80
C ALA W 241 12.85 -31.71 0.99
N GLY W 242 13.07 -32.30 -0.18
CA GLY W 242 14.02 -31.78 -1.14
C GLY W 242 15.45 -31.65 -0.63
N ASP W 243 15.91 -32.61 0.17
CA ASP W 243 17.25 -32.59 0.75
C ASP W 243 18.02 -33.78 0.19
N PRO W 244 18.55 -33.66 -1.03
CA PRO W 244 19.31 -34.77 -1.61
C PRO W 244 20.69 -34.93 -1.00
N LEU W 245 21.17 -33.96 -0.23
CA LEU W 245 22.51 -34.00 0.34
C LEU W 245 22.47 -34.57 1.75
N ILE W 246 21.96 -35.80 1.86
CA ILE W 246 21.91 -36.48 3.15
C ILE W 246 23.32 -36.77 3.63
N GLY W 247 23.53 -36.70 4.93
CA GLY W 247 24.84 -36.90 5.51
C GLY W 247 25.77 -35.73 5.38
N SER W 248 25.27 -34.54 5.07
CA SER W 248 26.10 -33.36 4.85
C SER W 248 25.79 -32.20 5.79
N ALA W 249 24.62 -32.19 6.42
CA ALA W 249 24.19 -31.07 7.28
C ALA W 249 24.18 -29.75 6.54
N ILE W 250 24.05 -29.79 5.22
CA ILE W 250 24.04 -28.59 4.38
C ILE W 250 22.69 -28.56 3.68
N ALA W 251 21.74 -27.84 4.25
CA ALA W 251 20.43 -27.69 3.63
C ALA W 251 20.55 -26.91 2.33
N PRO W 252 20.23 -27.50 1.18
CA PRO W 252 20.34 -26.76 -0.07
C PRO W 252 19.26 -25.70 -0.17
N ALA W 253 19.48 -24.77 -1.09
CA ALA W 253 18.53 -23.68 -1.30
C ALA W 253 17.26 -24.21 -1.94
N GLY W 254 16.13 -23.73 -1.45
CA GLY W 254 14.84 -24.21 -1.88
C GLY W 254 14.34 -25.42 -1.11
N SER W 255 15.25 -26.18 -0.51
CA SER W 255 14.86 -27.32 0.31
C SER W 255 14.08 -26.86 1.52
N VAL W 256 13.52 -27.83 2.24
CA VAL W 256 12.78 -27.54 3.47
C VAL W 256 13.41 -28.35 4.59
N ILE W 257 13.47 -27.75 5.78
CA ILE W 257 14.12 -28.36 6.92
C ILE W 257 13.23 -28.18 8.14
N GLY W 258 13.02 -29.26 8.89
CA GLY W 258 12.22 -29.17 10.09
C GLY W 258 13.05 -28.79 11.30
N VAL W 259 12.38 -28.17 12.27
CA VAL W 259 13.00 -27.76 13.52
C VAL W 259 12.04 -28.05 14.66
N MET W 260 12.53 -28.67 15.72
CA MET W 260 11.68 -29.11 16.82
C MET W 260 12.40 -28.85 18.14
N ILE W 261 11.79 -28.03 18.99
CA ILE W 261 12.31 -27.74 20.32
C ILE W 261 11.60 -28.65 21.31
N LEU W 262 12.36 -29.26 22.22
CA LEU W 262 11.82 -30.17 23.22
C LEU W 262 12.07 -29.57 24.59
N PHE W 263 10.99 -29.30 25.33
CA PHE W 263 11.11 -28.71 26.65
C PHE W 263 11.47 -29.76 27.68
N GLY W 264 12.45 -29.46 28.51
CA GLY W 264 12.84 -30.33 29.59
C GLY W 264 12.01 -30.06 30.83
N PRO W 265 12.48 -30.55 31.98
CA PRO W 265 11.74 -30.28 33.21
C PRO W 265 11.85 -28.82 33.66
N ASP W 266 13.01 -28.21 33.46
CA ASP W 266 13.22 -26.84 33.92
C ASP W 266 12.29 -25.86 33.23
N LEU W 267 12.19 -25.95 31.91
CA LEU W 267 11.43 -24.98 31.13
C LEU W 267 9.99 -25.41 30.92
N GLY W 268 9.75 -26.67 30.56
CA GLY W 268 8.42 -27.16 30.22
C GLY W 268 7.42 -27.15 31.35
N SER W 269 7.83 -26.81 32.58
CA SER W 269 6.92 -26.78 33.71
C SER W 269 6.04 -25.53 33.72
N HIS W 270 6.23 -24.61 32.78
CA HIS W 270 5.43 -23.39 32.70
C HIS W 270 4.52 -23.45 31.47
N VAL W 271 3.65 -22.46 31.35
CA VAL W 271 2.76 -22.31 30.22
C VAL W 271 2.84 -20.87 29.72
N PHE W 272 2.79 -20.69 28.40
CA PHE W 272 2.97 -19.39 27.78
C PHE W 272 1.60 -18.72 27.65
N GLN W 273 1.19 -18.02 28.71
CA GLN W 273 -0.06 -17.27 28.74
C GLN W 273 0.25 -15.79 28.89
N TYR W 274 -0.29 -14.99 27.97
CA TYR W 274 -0.08 -13.53 27.97
C TYR W 274 1.40 -13.20 27.87
N GLN W 275 2.12 -13.90 27.00
CA GLN W 275 3.55 -13.72 26.85
C GLN W 275 3.90 -13.66 25.37
N THR W 276 5.19 -13.46 25.09
CA THR W 276 5.72 -13.43 23.74
C THR W 276 6.83 -14.45 23.63
N ILE W 277 6.87 -15.18 22.51
CA ILE W 277 7.79 -16.29 22.31
C ILE W 277 8.73 -15.90 21.17
N THR W 278 9.99 -15.65 21.51
CA THR W 278 10.99 -15.28 20.52
C THR W 278 11.97 -16.44 20.35
N ILE W 279 12.02 -17.00 19.15
CA ILE W 279 12.95 -18.07 18.79
C ILE W 279 13.83 -17.55 17.67
N GLN W 280 15.14 -17.64 17.85
CA GLN W 280 16.08 -17.04 16.92
C GLN W 280 17.12 -18.06 16.48
N ILE W 281 17.20 -18.29 15.18
CA ILE W 281 18.28 -19.06 14.59
C ILE W 281 19.36 -18.09 14.15
N THR W 282 20.58 -18.58 14.02
CA THR W 282 21.73 -17.75 13.66
C THR W 282 22.80 -18.60 13.00
N PRO W 283 22.71 -18.79 11.69
CA PRO W 283 23.77 -19.50 10.98
C PRO W 283 25.09 -18.76 11.07
N ASN W 284 26.17 -19.47 10.73
CA ASN W 284 27.50 -18.87 10.82
C ASN W 284 27.62 -17.67 9.90
N ILE W 285 26.93 -17.68 8.77
CA ILE W 285 26.96 -16.61 7.79
C ILE W 285 25.53 -16.17 7.49
N GLY W 286 25.35 -14.89 7.27
CA GLY W 286 24.07 -14.39 6.82
C GLY W 286 23.14 -13.98 7.94
N SER W 287 21.85 -14.05 7.61
CA SER W 287 20.84 -13.44 8.45
C SER W 287 20.48 -14.35 9.63
N PRO W 288 20.18 -13.78 10.78
CA PRO W 288 19.44 -14.54 11.80
C PRO W 288 17.99 -14.68 11.39
N LEU W 289 17.18 -15.30 12.24
CA LEU W 289 15.77 -15.52 11.90
C LEU W 289 14.99 -15.50 13.22
N THR W 290 14.43 -14.33 13.56
CA THR W 290 13.74 -14.14 14.83
C THR W 290 12.24 -14.31 14.60
N ILE W 291 11.67 -15.35 15.20
CA ILE W 291 10.23 -15.60 15.14
C ILE W 291 9.62 -15.11 16.44
N SER W 292 8.60 -14.27 16.33
CA SER W 292 7.91 -13.72 17.50
C SER W 292 6.42 -14.03 17.41
N GLU W 293 5.85 -14.46 18.52
CA GLU W 293 4.43 -14.76 18.58
C GLU W 293 3.90 -14.42 19.96
N TYR W 294 2.67 -13.90 19.99
CA TYR W 294 1.95 -13.65 21.23
C TYR W 294 0.92 -14.74 21.43
N VAL W 295 1.04 -15.48 22.53
CA VAL W 295 0.18 -16.63 22.79
C VAL W 295 -0.34 -16.57 24.22
N TYR W 296 -1.64 -16.77 24.38
CA TYR W 296 -2.25 -16.94 25.70
C TYR W 296 -3.24 -18.10 25.79
N GLN W 297 -3.78 -18.59 24.68
CA GLN W 297 -4.75 -19.67 24.68
C GLN W 297 -4.28 -20.81 23.77
N PRO W 298 -3.94 -21.97 24.32
CA PRO W 298 -3.43 -23.06 23.47
C PRO W 298 -4.49 -23.70 22.60
N GLU W 299 -5.78 -23.43 22.85
CA GLU W 299 -6.92 -23.97 22.10
C GLU W 299 -6.75 -25.47 21.81
N GLY W 300 -6.72 -26.25 22.90
CA GLY W 300 -6.64 -27.69 22.81
C GLY W 300 -5.35 -28.22 23.39
N SER W 301 -4.88 -29.34 22.83
CA SER W 301 -3.60 -29.92 23.20
C SER W 301 -2.50 -29.61 22.19
N VAL W 302 -2.87 -29.21 20.98
CA VAL W 302 -1.90 -28.74 19.99
C VAL W 302 -2.49 -27.48 19.36
N SER W 303 -1.63 -26.51 19.09
CA SER W 303 -2.10 -25.25 18.53
C SER W 303 -1.54 -25.03 17.13
N VAL W 304 -1.79 -23.85 16.56
CA VAL W 304 -1.24 -23.48 15.26
C VAL W 304 -0.44 -22.18 15.35
N ILE W 305 -0.30 -21.62 16.54
CA ILE W 305 0.51 -20.42 16.73
C ILE W 305 1.09 -20.41 18.13
N LEU X 19 2.62 -0.04 -4.54
CA LEU X 19 1.58 0.75 -3.88
C LEU X 19 0.29 -0.04 -3.75
N ALA X 20 -0.76 0.63 -3.28
CA ALA X 20 -2.09 0.03 -3.17
C ALA X 20 -3.06 0.58 -4.21
N GLY X 21 -2.63 1.54 -5.03
CA GLY X 21 -3.52 2.07 -6.05
C GLY X 21 -3.86 1.04 -7.11
N LEU X 22 -2.86 0.28 -7.56
CA LEU X 22 -3.11 -0.81 -8.48
C LEU X 22 -3.77 -2.00 -7.80
N ASP X 23 -3.78 -2.03 -6.46
CA ASP X 23 -4.44 -3.10 -5.71
C ASP X 23 -5.86 -2.75 -5.33
N THR X 24 -6.11 -1.51 -4.89
CA THR X 24 -7.47 -1.10 -4.59
C THR X 24 -8.34 -1.12 -5.83
N ALA X 25 -7.77 -0.81 -6.98
CA ALA X 25 -8.53 -0.86 -8.22
C ALA X 25 -8.92 -2.28 -8.57
N ILE X 26 -7.96 -3.22 -8.44
CA ILE X 26 -8.25 -4.62 -8.76
C ILE X 26 -9.33 -5.16 -7.83
N ILE X 27 -9.33 -4.71 -6.58
CA ILE X 27 -10.36 -5.13 -5.65
C ILE X 27 -11.69 -4.44 -5.95
N LEU X 28 -11.64 -3.17 -6.36
CA LEU X 28 -12.88 -2.44 -6.62
C LEU X 28 -13.65 -3.05 -7.77
N ILE X 29 -12.96 -3.44 -8.84
CA ILE X 29 -13.62 -4.11 -9.96
C ILE X 29 -14.19 -5.44 -9.51
N ALA X 30 -13.49 -6.12 -8.59
CA ALA X 30 -13.94 -7.42 -8.15
C ALA X 30 -15.20 -7.33 -7.30
N PHE X 31 -15.21 -6.39 -6.35
CA PHE X 31 -16.36 -6.30 -5.45
C PHE X 31 -17.61 -5.84 -6.18
N ILE X 32 -17.44 -5.14 -7.30
CA ILE X 32 -18.60 -4.65 -8.04
C ILE X 32 -19.27 -5.79 -8.79
N ILE X 33 -18.48 -6.71 -9.34
CA ILE X 33 -19.06 -7.84 -10.05
C ILE X 33 -19.80 -8.75 -9.09
N THR X 34 -19.32 -8.83 -7.84
CA THR X 34 -20.02 -9.65 -6.85
C THR X 34 -21.35 -9.02 -6.45
N ALA X 35 -21.40 -7.69 -6.36
CA ALA X 35 -22.66 -7.03 -6.07
C ALA X 35 -23.56 -6.99 -7.29
N SER X 36 -22.98 -7.10 -8.50
CA SER X 36 -23.79 -7.09 -9.70
C SER X 36 -24.55 -8.40 -9.88
N VAL X 37 -23.87 -9.53 -9.71
CA VAL X 37 -24.55 -10.82 -9.86
C VAL X 37 -25.63 -10.99 -8.81
N LEU X 38 -25.41 -10.43 -7.62
CA LEU X 38 -26.47 -10.44 -6.61
C LEU X 38 -27.69 -9.68 -7.08
N ALA X 39 -27.48 -8.53 -7.71
CA ALA X 39 -28.60 -7.78 -8.26
C ALA X 39 -29.26 -8.56 -9.39
N TYR X 40 -28.47 -9.23 -10.22
CA TYR X 40 -29.00 -10.00 -11.32
C TYR X 40 -29.95 -11.09 -10.82
N VAL X 41 -29.62 -11.71 -9.68
CA VAL X 41 -30.44 -12.80 -9.18
C VAL X 41 -31.58 -12.27 -8.32
N ALA X 42 -31.32 -11.24 -7.52
CA ALA X 42 -32.37 -10.71 -6.65
C ALA X 42 -33.53 -10.15 -7.45
N ILE X 43 -33.29 -9.75 -8.69
CA ILE X 43 -34.36 -9.21 -9.51
C ILE X 43 -35.12 -10.32 -10.20
N ASN X 44 -34.41 -11.25 -10.84
CA ASN X 44 -35.06 -12.35 -11.53
C ASN X 44 -35.97 -13.14 -10.60
N MET X 45 -35.53 -13.33 -9.35
CA MET X 45 -36.37 -14.05 -8.40
C MET X 45 -37.50 -13.16 -7.88
N GLY X 46 -37.27 -11.85 -7.85
CA GLY X 46 -38.32 -10.96 -7.41
C GLY X 46 -39.49 -10.93 -8.37
N LEU X 47 -39.20 -10.99 -9.68
CA LEU X 47 -40.25 -11.00 -10.67
C LEU X 47 -40.99 -12.33 -10.69
N PHE X 48 -40.23 -13.44 -10.61
CA PHE X 48 -40.84 -14.76 -10.70
C PHE X 48 -41.73 -15.04 -9.50
N VAL X 49 -41.27 -14.67 -8.31
CA VAL X 49 -42.08 -14.89 -7.11
C VAL X 49 -43.32 -14.00 -7.16
N THR X 50 -43.17 -12.77 -7.62
CA THR X 50 -44.31 -11.87 -7.71
C THR X 50 -45.33 -12.37 -8.73
N GLN X 51 -44.85 -12.78 -9.91
CA GLN X 51 -45.77 -13.29 -10.92
C GLN X 51 -46.45 -14.56 -10.44
N LYS X 52 -45.72 -15.43 -9.74
CA LYS X 52 -46.34 -16.62 -9.16
C LYS X 52 -47.40 -16.23 -8.15
N ALA X 53 -47.17 -15.15 -7.40
CA ALA X 53 -48.19 -14.68 -6.46
C ALA X 53 -49.41 -14.16 -7.19
N LYS X 54 -49.23 -13.71 -8.43
CA LYS X 54 -50.36 -13.21 -9.21
C LYS X 54 -51.29 -14.34 -9.61
N SER X 55 -50.73 -15.44 -10.09
CA SER X 55 -51.56 -16.56 -10.52
C SER X 55 -52.30 -17.19 -9.36
N THR X 56 -51.74 -17.11 -8.15
CA THR X 56 -52.40 -17.67 -6.99
C THR X 56 -53.69 -16.94 -6.68
N ILE X 57 -53.66 -15.60 -6.70
CA ILE X 57 -54.86 -14.83 -6.42
C ILE X 57 -55.87 -15.00 -7.54
N ASN X 58 -55.40 -15.06 -8.79
CA ASN X 58 -56.30 -15.30 -9.91
C ASN X 58 -56.98 -16.65 -9.79
N LYS X 59 -56.33 -17.61 -9.13
CA LYS X 59 -56.94 -18.91 -8.94
C LYS X 59 -57.66 -19.00 -7.61
N GLY X 60 -57.24 -18.21 -6.61
CA GLY X 60 -57.96 -18.20 -5.36
C GLY X 60 -59.33 -17.58 -5.47
N GLU X 61 -59.48 -16.61 -6.37
CA GLU X 61 -60.78 -15.98 -6.58
C GLU X 61 -61.76 -16.94 -7.25
N GLU X 62 -61.28 -17.72 -8.22
CA GLU X 62 -62.15 -18.67 -8.89
C GLU X 62 -62.63 -19.75 -7.93
N THR X 63 -61.78 -20.14 -6.99
CA THR X 63 -62.17 -21.16 -6.03
C THR X 63 -63.27 -20.65 -5.10
N ALA X 64 -63.22 -19.36 -4.76
CA ALA X 64 -64.25 -18.78 -3.91
C ALA X 64 -65.49 -18.37 -4.67
N SER X 65 -65.45 -18.41 -6.00
CA SER X 65 -66.56 -17.94 -6.82
C SER X 65 -67.36 -19.05 -7.45
N THR X 66 -66.71 -20.11 -7.91
CA THR X 66 -67.42 -21.20 -8.59
C THR X 66 -68.06 -22.12 -7.57
N ALA X 67 -69.32 -22.48 -7.83
CA ALA X 67 -70.07 -23.40 -6.99
C ALA X 67 -71.35 -23.79 -7.71
N LEU X 68 -71.73 -25.06 -7.59
CA LEU X 68 -72.94 -25.56 -8.22
C LEU X 68 -74.13 -25.41 -7.27
N THR X 69 -75.31 -25.74 -7.77
CA THR X 69 -76.51 -25.76 -6.95
C THR X 69 -77.56 -26.62 -7.64
N LEU X 70 -78.37 -27.30 -6.82
CA LEU X 70 -79.39 -28.19 -7.34
C LEU X 70 -80.64 -27.37 -7.63
N SER X 71 -80.95 -27.19 -8.91
CA SER X 71 -82.17 -26.53 -9.35
C SER X 71 -83.07 -27.58 -10.00
N GLY X 72 -84.30 -27.64 -9.54
CA GLY X 72 -85.21 -28.69 -10.01
C GLY X 72 -85.17 -29.90 -9.11
N SER X 73 -86.32 -30.57 -9.02
CA SER X 73 -86.47 -31.65 -8.07
C SER X 73 -85.64 -32.86 -8.48
N VAL X 74 -85.59 -33.85 -7.58
CA VAL X 74 -84.89 -35.11 -7.81
C VAL X 74 -85.94 -36.20 -7.95
N LEU X 75 -85.75 -37.08 -8.94
CA LEU X 75 -86.75 -38.07 -9.31
C LEU X 75 -86.19 -39.46 -9.15
N TYR X 76 -86.88 -40.30 -8.37
CA TYR X 76 -86.51 -41.68 -8.15
C TYR X 76 -87.57 -42.58 -8.77
N ALA X 77 -87.14 -43.51 -9.62
CA ALA X 77 -88.05 -44.35 -10.38
C ALA X 77 -87.89 -45.80 -9.95
N VAL X 78 -88.98 -46.40 -9.48
CA VAL X 78 -89.00 -47.78 -9.05
C VAL X 78 -90.33 -48.41 -9.48
N ASN X 79 -90.37 -49.74 -9.47
CA ASN X 79 -91.60 -50.45 -9.78
C ASN X 79 -92.62 -50.21 -8.67
N TYR X 80 -93.76 -49.63 -9.04
CA TYR X 80 -94.72 -49.12 -8.07
C TYR X 80 -95.62 -50.18 -7.44
N PRO X 81 -96.22 -51.10 -8.22
CA PRO X 81 -97.09 -52.10 -7.58
C PRO X 81 -96.35 -52.95 -6.55
N SER X 82 -95.13 -53.39 -6.86
CA SER X 82 -94.30 -54.15 -5.94
C SER X 82 -92.95 -53.47 -5.85
N ASN X 83 -92.69 -52.79 -4.74
CA ASN X 83 -91.44 -52.04 -4.59
C ASN X 83 -90.28 -52.99 -4.36
N THR X 84 -89.74 -53.55 -5.43
CA THR X 84 -88.65 -54.53 -5.33
C THR X 84 -87.39 -54.11 -6.06
N ARG X 85 -87.52 -53.35 -7.15
CA ARG X 85 -86.38 -52.98 -7.99
C ARG X 85 -86.09 -51.49 -7.86
N SER X 86 -85.06 -51.05 -8.57
CA SER X 86 -84.69 -49.64 -8.64
C SER X 86 -84.18 -49.34 -10.05
N TYR X 87 -84.74 -48.29 -10.66
CA TYR X 87 -84.47 -48.01 -12.08
C TYR X 87 -83.42 -46.94 -12.29
N TRP X 88 -83.64 -45.73 -11.77
CA TRP X 88 -82.68 -44.65 -11.99
C TRP X 88 -83.04 -43.49 -11.06
N ILE X 89 -82.18 -42.47 -11.08
CA ILE X 89 -82.37 -41.22 -10.35
C ILE X 89 -81.95 -40.07 -11.25
N TYR X 90 -82.76 -39.02 -11.30
CA TYR X 90 -82.49 -37.90 -12.21
C TYR X 90 -82.76 -36.58 -11.51
N PHE X 91 -81.89 -35.60 -11.76
CA PHE X 91 -82.01 -34.28 -11.19
C PHE X 91 -81.14 -33.33 -12.00
N THR X 92 -81.44 -32.04 -11.89
CA THR X 92 -80.76 -31.02 -12.67
C THR X 92 -79.89 -30.14 -11.77
N VAL X 93 -78.75 -29.71 -12.33
CA VAL X 93 -77.78 -28.89 -11.62
C VAL X 93 -77.50 -27.64 -12.43
N SER X 94 -77.21 -26.55 -11.73
CA SER X 94 -76.94 -25.27 -12.35
C SER X 94 -75.95 -24.51 -11.47
N PRO X 95 -75.21 -23.56 -12.04
CA PRO X 95 -74.34 -22.73 -11.20
C PRO X 95 -75.15 -21.98 -10.16
N SER X 96 -74.47 -21.60 -9.06
CA SER X 96 -75.16 -21.02 -7.92
C SER X 96 -75.94 -19.78 -8.31
N SER X 97 -75.23 -18.75 -8.76
CA SER X 97 -75.83 -17.55 -9.30
C SER X 97 -75.14 -17.21 -10.60
N GLY X 98 -75.49 -16.08 -11.18
CA GLY X 98 -74.79 -15.62 -12.36
C GLY X 98 -73.42 -15.10 -11.98
N VAL X 99 -72.53 -15.99 -11.53
CA VAL X 99 -71.24 -15.60 -11.01
C VAL X 99 -70.09 -16.18 -11.83
N SER X 100 -70.18 -17.44 -12.24
CA SER X 100 -69.06 -18.08 -12.92
C SER X 100 -69.52 -19.42 -13.48
N SER X 101 -68.72 -19.95 -14.40
CA SER X 101 -68.95 -21.24 -15.02
C SER X 101 -68.09 -22.31 -14.36
N VAL X 102 -68.56 -23.55 -14.44
CA VAL X 102 -67.86 -24.68 -13.85
C VAL X 102 -67.55 -25.70 -14.94
N GLU X 103 -66.51 -26.50 -14.70
CA GLU X 103 -66.08 -27.53 -15.65
C GLU X 103 -66.57 -28.89 -15.16
N LEU X 104 -67.36 -29.57 -15.97
CA LEU X 104 -67.96 -30.84 -15.62
C LEU X 104 -67.49 -31.96 -16.51
N SER X 105 -66.26 -31.88 -16.99
CA SER X 105 -65.74 -32.91 -17.88
C SER X 105 -65.68 -34.25 -17.14
N PRO X 106 -66.03 -35.35 -17.80
CA PRO X 106 -65.99 -36.65 -17.11
C PRO X 106 -64.60 -37.05 -16.67
N SER X 107 -63.56 -36.46 -17.24
CA SER X 107 -62.20 -36.83 -16.88
C SER X 107 -61.80 -36.22 -15.54
N THR X 108 -62.28 -35.03 -15.24
CA THR X 108 -61.88 -34.28 -14.04
C THR X 108 -63.10 -33.90 -13.23
N THR X 109 -63.99 -34.86 -12.98
CA THR X 109 -65.13 -34.65 -12.10
C THR X 109 -65.50 -35.97 -11.46
N ALA X 110 -66.01 -35.89 -10.23
CA ALA X 110 -66.35 -37.09 -9.46
C ALA X 110 -67.73 -36.93 -8.85
N ILE X 111 -68.56 -37.95 -9.02
CA ILE X 111 -69.88 -38.01 -8.42
C ILE X 111 -69.93 -39.23 -7.51
N SER X 112 -70.14 -38.99 -6.21
CA SER X 112 -70.06 -40.04 -5.21
C SER X 112 -71.45 -40.32 -4.65
N PHE X 113 -72.03 -41.44 -5.05
CA PHE X 113 -73.31 -41.88 -4.53
C PHE X 113 -73.09 -42.78 -3.33
N THR X 114 -73.96 -42.67 -2.32
CA THR X 114 -73.85 -43.51 -1.14
C THR X 114 -75.18 -43.57 -0.43
N ALA X 115 -75.57 -44.76 0.01
CA ALA X 115 -76.79 -44.99 0.76
C ALA X 115 -76.41 -45.51 2.15
N SER X 116 -77.00 -44.91 3.18
CA SER X 116 -76.53 -45.19 4.54
C SER X 116 -76.96 -46.57 5.00
N ALA X 117 -78.26 -46.80 5.15
CA ALA X 117 -78.72 -47.99 5.86
C ALA X 117 -78.41 -49.27 5.11
N GLU X 118 -78.41 -49.22 3.77
CA GLU X 118 -78.04 -50.40 3.01
C GLU X 118 -76.56 -50.73 3.15
N GLY X 119 -75.74 -49.78 3.57
CA GLY X 119 -74.33 -50.01 3.71
C GLY X 119 -73.52 -49.88 2.45
N ILE X 120 -74.13 -49.47 1.36
CA ILE X 120 -73.44 -49.35 0.08
C ILE X 120 -72.79 -47.98 -0.02
N SER X 121 -71.71 -47.92 -0.78
CA SER X 121 -71.02 -46.65 -1.05
C SER X 121 -70.40 -46.73 -2.43
N TYR X 122 -70.20 -45.56 -3.04
CA TYR X 122 -69.64 -45.48 -4.37
C TYR X 122 -68.71 -44.27 -4.43
N SER X 123 -68.04 -44.11 -5.57
CA SER X 123 -67.18 -42.97 -5.80
C SER X 123 -66.97 -42.83 -7.31
N ASN X 124 -67.26 -41.64 -7.84
CA ASN X 124 -67.00 -41.30 -9.23
C ASN X 124 -67.73 -42.27 -10.17
N ILE X 125 -69.05 -42.21 -10.11
CA ILE X 125 -69.89 -42.97 -11.02
C ILE X 125 -70.08 -42.19 -12.30
N TYR X 126 -69.33 -41.10 -12.45
CA TYR X 126 -69.44 -40.21 -13.61
C TYR X 126 -68.55 -40.73 -14.73
N GLU X 127 -69.15 -41.12 -15.84
CA GLU X 127 -68.40 -41.69 -16.95
C GLU X 127 -68.53 -40.90 -18.25
N TYR X 128 -69.75 -40.58 -18.66
CA TYR X 128 -69.99 -39.99 -19.96
C TYR X 128 -70.83 -38.72 -19.83
N THR X 129 -70.90 -37.96 -20.92
CA THR X 129 -71.70 -36.76 -20.97
C THR X 129 -71.98 -36.43 -22.42
N LEU X 130 -73.10 -35.72 -22.65
CA LEU X 130 -73.52 -35.36 -23.99
C LEU X 130 -73.14 -33.93 -24.37
N LEU X 131 -72.59 -33.16 -23.43
CA LEU X 131 -72.21 -31.78 -23.74
C LEU X 131 -71.13 -31.70 -24.80
N THR X 132 -70.43 -32.80 -25.08
CA THR X 132 -69.31 -32.78 -26.01
C THR X 132 -69.71 -33.08 -27.44
N VAL X 133 -70.74 -33.88 -27.66
CA VAL X 133 -71.14 -34.26 -29.00
C VAL X 133 -72.02 -33.17 -29.60
N SER X 134 -71.85 -32.91 -30.91
CA SER X 134 -72.57 -31.89 -31.65
C SER X 134 -73.88 -32.45 -32.20
N PRO X 135 -74.92 -31.62 -32.33
CA PRO X 135 -76.22 -32.13 -32.77
C PRO X 135 -76.25 -32.58 -34.21
N SER X 136 -75.22 -32.27 -35.00
CA SER X 136 -75.24 -32.66 -36.41
C SER X 136 -75.24 -34.18 -36.56
N GLU X 137 -74.49 -34.89 -35.72
CA GLU X 137 -74.43 -36.34 -35.84
C GLU X 137 -75.66 -37.01 -35.23
N LEU X 138 -76.38 -36.32 -34.33
CA LEU X 138 -77.47 -36.96 -33.62
C LEU X 138 -78.73 -37.05 -34.47
N ALA X 139 -79.18 -35.92 -35.01
CA ALA X 139 -80.46 -35.84 -35.69
C ALA X 139 -80.49 -36.61 -37.00
N ASN X 140 -79.37 -37.24 -37.37
CA ASN X 140 -79.29 -37.86 -38.68
C ASN X 140 -79.92 -39.25 -38.70
N GLN X 141 -79.39 -40.19 -37.90
CA GLN X 141 -79.82 -41.58 -37.99
C GLN X 141 -80.28 -42.11 -36.63
N VAL X 142 -81.60 -42.14 -36.46
CA VAL X 142 -82.27 -42.98 -35.46
C VAL X 142 -83.76 -42.97 -35.80
N TYR X 143 -84.41 -44.13 -35.71
CA TYR X 143 -85.82 -44.20 -36.03
C TYR X 143 -86.38 -45.56 -35.64
N ALA X 144 -87.70 -45.64 -35.60
CA ALA X 144 -88.42 -46.89 -35.48
C ALA X 144 -89.54 -47.04 -36.50
N ASN X 145 -89.80 -46.02 -37.30
CA ASN X 145 -90.85 -46.03 -38.32
C ASN X 145 -90.38 -45.16 -39.48
N GLY X 146 -91.31 -44.75 -40.33
CA GLY X 146 -90.97 -43.98 -41.51
C GLY X 146 -90.29 -42.66 -41.25
N GLN X 147 -90.20 -42.23 -39.99
CA GLN X 147 -89.65 -40.91 -39.66
C GLN X 147 -88.40 -41.09 -38.78
N TYR X 148 -87.31 -40.46 -39.20
CA TYR X 148 -86.10 -40.37 -38.38
C TYR X 148 -86.30 -39.32 -37.30
N LEU X 149 -86.80 -39.72 -36.14
CA LEU X 149 -87.15 -38.77 -35.10
C LEU X 149 -85.93 -37.99 -34.64
N ASP X 150 -86.14 -36.69 -34.40
CA ASP X 150 -85.07 -35.80 -33.98
C ASP X 150 -85.06 -35.71 -32.46
N LEU X 151 -84.01 -36.25 -31.84
CA LEU X 151 -83.92 -36.27 -30.39
C LEU X 151 -83.53 -34.91 -29.85
N VAL X 152 -82.61 -34.21 -30.53
CA VAL X 152 -82.08 -32.95 -30.04
C VAL X 152 -83.00 -31.82 -30.51
N ASN X 153 -82.91 -30.67 -29.84
CA ASN X 153 -83.72 -29.51 -30.20
C ASN X 153 -82.89 -28.25 -30.00
N GLN X 154 -82.80 -27.41 -31.02
CA GLN X 154 -81.92 -26.26 -30.99
C GLN X 154 -82.61 -25.04 -31.57
N GLN X 155 -82.23 -23.87 -31.04
CA GLN X 155 -82.69 -22.59 -31.56
C GLN X 155 -81.48 -21.68 -31.76
N THR X 156 -81.74 -20.51 -32.33
CA THR X 156 -80.70 -19.52 -32.59
C THR X 156 -81.08 -18.20 -31.95
N ASN X 157 -80.07 -17.48 -31.46
CA ASN X 157 -80.29 -16.20 -30.81
C ASN X 157 -78.94 -15.51 -30.64
N ALA X 158 -78.93 -14.19 -30.92
CA ALA X 158 -77.74 -13.35 -30.77
C ALA X 158 -76.55 -13.90 -31.55
N GLY X 159 -76.81 -14.60 -32.65
CA GLY X 159 -75.76 -15.19 -33.43
C GLY X 159 -75.18 -16.48 -32.87
N GLN X 160 -75.87 -17.11 -31.93
CA GLN X 160 -75.43 -18.36 -31.33
C GLN X 160 -76.55 -19.39 -31.40
N THR X 161 -76.16 -20.66 -31.28
CA THR X 161 -77.09 -21.77 -31.33
C THR X 161 -77.17 -22.39 -29.94
N TYR X 162 -78.30 -22.20 -29.27
CA TYR X 162 -78.52 -22.69 -27.91
C TYR X 162 -79.23 -24.03 -28.01
N VAL X 163 -78.45 -25.10 -28.04
CA VAL X 163 -78.96 -26.44 -28.29
C VAL X 163 -79.18 -27.16 -26.96
N TYR X 164 -80.26 -27.94 -26.88
CA TYR X 164 -80.64 -28.57 -25.63
C TYR X 164 -81.34 -29.89 -25.92
N TYR X 165 -81.65 -30.62 -24.85
CA TYR X 165 -82.31 -31.92 -24.93
C TYR X 165 -83.69 -31.83 -24.29
N PRO X 166 -84.76 -32.14 -25.02
CA PRO X 166 -86.11 -31.92 -24.48
C PRO X 166 -86.64 -33.06 -23.63
N ASN X 167 -85.90 -34.16 -23.48
CA ASN X 167 -86.43 -35.29 -22.73
C ASN X 167 -85.30 -36.17 -22.25
N PRO X 168 -85.36 -36.69 -21.03
CA PRO X 168 -84.35 -37.68 -20.61
C PRO X 168 -84.39 -38.94 -21.44
N TYR X 169 -85.59 -39.40 -21.80
CA TYR X 169 -85.70 -40.58 -22.66
C TYR X 169 -85.02 -40.36 -23.99
N TYR X 170 -85.22 -39.18 -24.59
CA TYR X 170 -84.50 -38.85 -25.81
C TYR X 170 -83.00 -38.87 -25.58
N ALA X 171 -82.56 -38.42 -24.42
CA ALA X 171 -81.13 -38.39 -24.13
C ALA X 171 -80.55 -39.79 -24.14
N LEU X 172 -81.26 -40.76 -23.58
CA LEU X 172 -80.78 -42.14 -23.59
C LEU X 172 -80.65 -42.66 -25.00
N LEU X 173 -81.72 -42.55 -25.79
CA LEU X 173 -81.63 -42.91 -27.21
C LEU X 173 -80.56 -42.10 -27.92
N ALA X 174 -80.24 -40.91 -27.42
CA ALA X 174 -79.13 -40.14 -27.95
C ALA X 174 -77.80 -40.61 -27.37
N LEU X 175 -77.81 -41.09 -26.12
CA LEU X 175 -76.58 -41.59 -25.53
C LEU X 175 -76.21 -42.95 -26.11
N ASN X 176 -77.21 -43.80 -26.35
CA ASN X 176 -76.95 -45.14 -26.87
C ASN X 176 -76.18 -45.07 -28.19
N TYR X 177 -76.61 -44.20 -29.09
CA TYR X 177 -75.94 -44.10 -30.38
C TYR X 177 -74.54 -43.51 -30.24
N THR X 178 -74.36 -42.59 -29.30
CA THR X 178 -73.04 -41.98 -29.13
C THR X 178 -72.02 -42.99 -28.66
N LEU X 179 -72.34 -43.72 -27.59
CA LEU X 179 -71.38 -44.68 -27.04
C LEU X 179 -71.08 -45.81 -28.02
N SER X 180 -71.97 -46.03 -28.99
CA SER X 180 -71.77 -47.14 -29.91
C SER X 180 -70.95 -46.73 -31.12
N LYS X 181 -71.15 -45.53 -31.64
CA LYS X 181 -70.55 -45.13 -32.90
C LYS X 181 -69.63 -43.92 -32.79
N ILE X 182 -70.00 -42.89 -32.04
CA ILE X 182 -69.17 -41.69 -31.96
C ILE X 182 -67.82 -42.01 -31.32
N ASP X 183 -67.85 -42.44 -30.06
CA ASP X 183 -66.66 -42.93 -29.38
C ASP X 183 -66.79 -44.44 -29.25
N LYS X 184 -66.06 -45.16 -30.09
CA LYS X 184 -66.25 -46.60 -30.20
C LYS X 184 -65.68 -47.34 -29.00
N VAL X 185 -66.28 -47.12 -27.82
CA VAL X 185 -65.92 -47.89 -26.64
C VAL X 185 -66.52 -49.29 -26.78
N SER X 186 -65.66 -50.30 -26.89
CA SER X 186 -66.15 -51.64 -27.15
C SER X 186 -67.04 -52.20 -26.05
N PRO X 187 -66.75 -52.03 -24.74
CA PRO X 187 -67.75 -52.39 -23.74
C PRO X 187 -68.76 -51.27 -23.58
N SER X 188 -69.97 -51.48 -24.11
CA SER X 188 -71.02 -50.49 -24.01
C SER X 188 -71.82 -50.74 -22.73
N PRO X 189 -71.78 -49.83 -21.76
CA PRO X 189 -72.49 -50.08 -20.50
C PRO X 189 -74.00 -50.06 -20.63
N LEU X 190 -74.53 -49.50 -21.71
CA LEU X 190 -75.96 -49.42 -21.93
C LEU X 190 -76.28 -49.95 -23.31
N TYR X 191 -77.39 -50.66 -23.42
CA TYR X 191 -77.81 -51.24 -24.70
C TYR X 191 -79.34 -51.21 -24.73
N ILE X 192 -79.89 -50.27 -25.48
CA ILE X 192 -81.34 -50.15 -25.64
C ILE X 192 -81.71 -50.74 -26.99
N THR X 193 -82.65 -51.69 -26.97
CA THR X 193 -83.11 -52.35 -28.18
C THR X 193 -84.63 -52.37 -28.18
N THR X 194 -85.20 -52.60 -29.36
CA THR X 194 -86.65 -52.59 -29.54
C THR X 194 -87.26 -53.99 -29.56
N THR X 195 -86.45 -55.03 -29.70
CA THR X 195 -86.97 -56.38 -29.67
C THR X 195 -87.41 -56.74 -28.26
N THR X 196 -88.23 -57.78 -28.17
CA THR X 196 -88.69 -58.24 -26.87
C THR X 196 -87.50 -58.73 -26.05
N PRO X 197 -87.51 -58.57 -24.73
CA PRO X 197 -86.37 -59.01 -23.92
C PRO X 197 -86.13 -60.51 -23.99
N SER X 198 -87.17 -61.30 -24.28
CA SER X 198 -87.00 -62.74 -24.39
C SER X 198 -86.05 -63.08 -25.53
N SER X 199 -86.42 -62.73 -26.76
CA SER X 199 -85.57 -63.04 -27.91
C SER X 199 -84.26 -62.28 -27.86
N ALA X 200 -84.27 -61.07 -27.29
CA ALA X 200 -83.03 -60.33 -27.13
C ALA X 200 -82.05 -61.08 -26.23
N THR X 201 -82.57 -61.73 -25.19
CA THR X 201 -81.72 -62.55 -24.34
C THR X 201 -81.22 -63.77 -25.09
N GLN X 202 -82.03 -64.30 -26.01
CA GLN X 202 -81.62 -65.48 -26.77
C GLN X 202 -80.49 -65.14 -27.74
N ILE X 203 -80.60 -64.00 -28.41
CA ILE X 203 -79.57 -63.63 -29.37
C ILE X 203 -78.33 -63.08 -28.67
N TYR X 204 -78.48 -62.59 -27.44
CA TYR X 204 -77.34 -62.11 -26.64
C TYR X 204 -77.55 -62.57 -25.21
N PRO X 205 -76.79 -63.55 -24.73
CA PRO X 205 -77.02 -64.06 -23.38
C PRO X 205 -76.65 -63.08 -22.29
N PHE X 206 -75.68 -62.19 -22.53
CA PHE X 206 -75.23 -61.29 -21.48
C PHE X 206 -76.28 -60.26 -21.10
N LEU X 207 -77.34 -60.12 -21.88
CA LEU X 207 -78.46 -59.27 -21.53
C LEU X 207 -79.35 -59.87 -20.44
N ALA X 208 -78.94 -60.97 -19.82
CA ALA X 208 -79.74 -61.60 -18.79
C ALA X 208 -79.36 -61.18 -17.38
N HIS X 209 -78.15 -60.67 -17.18
CA HIS X 209 -77.70 -60.27 -15.86
C HIS X 209 -77.89 -58.78 -15.59
N ASP X 210 -78.18 -57.99 -16.62
CA ASP X 210 -78.24 -56.55 -16.47
C ASP X 210 -79.60 -56.13 -15.92
N ASN X 211 -79.68 -54.86 -15.51
CA ASN X 211 -80.93 -54.28 -15.03
C ASN X 211 -81.70 -53.70 -16.21
N MET X 212 -83.01 -53.92 -16.22
CA MET X 212 -83.85 -53.58 -17.36
C MET X 212 -84.98 -52.66 -16.92
N PHE X 213 -85.01 -51.46 -17.48
CA PHE X 213 -86.14 -50.56 -17.34
C PHE X 213 -86.66 -50.20 -18.73
N THR X 214 -87.97 -50.06 -18.83
CA THR X 214 -88.64 -49.91 -20.11
C THR X 214 -89.25 -48.52 -20.22
N PHE X 215 -89.08 -47.90 -21.39
CA PHE X 215 -89.73 -46.64 -21.71
C PHE X 215 -90.24 -46.72 -23.14
N THR X 216 -91.42 -46.16 -23.37
CA THR X 216 -92.09 -46.25 -24.66
C THR X 216 -92.40 -44.86 -25.19
N LEU X 217 -92.66 -44.80 -26.50
CA LEU X 217 -92.97 -43.57 -27.18
C LEU X 217 -94.12 -43.81 -28.15
N ASN X 218 -94.69 -42.72 -28.66
CA ASN X 218 -95.78 -42.76 -29.63
C ASN X 218 -95.28 -42.06 -30.89
N ILE X 219 -94.69 -42.83 -31.80
CA ILE X 219 -94.10 -42.30 -33.02
C ILE X 219 -94.96 -42.74 -34.20
N SER X 220 -95.36 -41.77 -35.02
CA SER X 220 -96.21 -42.01 -36.20
C SER X 220 -97.43 -42.84 -35.86
N GLY X 221 -98.03 -42.58 -34.71
CA GLY X 221 -99.18 -43.34 -34.24
C GLY X 221 -98.88 -44.75 -33.80
N THR X 222 -97.70 -45.28 -34.12
CA THR X 222 -97.31 -46.63 -33.71
C THR X 222 -96.68 -46.56 -32.33
N LEU X 223 -97.29 -47.25 -31.38
CA LEU X 223 -96.79 -47.27 -30.00
C LEU X 223 -95.53 -48.12 -29.94
N VAL X 224 -94.37 -47.48 -29.97
CA VAL X 224 -93.09 -48.17 -29.94
C VAL X 224 -92.55 -48.15 -28.52
N THR X 225 -91.95 -49.27 -28.11
CA THR X 225 -91.38 -49.41 -26.78
C THR X 225 -89.90 -49.77 -26.90
N TYR X 226 -89.14 -49.41 -25.87
CA TYR X 226 -87.71 -49.65 -25.83
C TYR X 226 -87.34 -50.28 -24.50
N TYR X 227 -86.44 -51.27 -24.55
CA TYR X 227 -85.93 -51.92 -23.35
C TYR X 227 -84.49 -51.53 -23.14
N ALA X 228 -84.15 -51.13 -21.91
CA ALA X 228 -82.85 -50.56 -21.60
C ALA X 228 -82.13 -51.44 -20.58
N PHE X 229 -80.98 -51.97 -20.97
CA PHE X 229 -80.20 -52.87 -20.11
C PHE X 229 -78.94 -52.16 -19.66
N VAL X 230 -78.75 -52.07 -18.35
CA VAL X 230 -77.59 -51.41 -17.75
C VAL X 230 -76.81 -52.46 -16.96
N ASN X 231 -75.49 -52.51 -17.19
CA ASN X 231 -74.64 -53.50 -16.55
C ASN X 231 -73.83 -52.94 -15.39
N GLN X 232 -73.79 -51.63 -15.23
CA GLN X 232 -73.04 -51.01 -14.13
C GLN X 232 -73.64 -49.64 -13.85
N THR X 233 -73.60 -49.26 -12.58
CA THR X 233 -74.16 -47.97 -12.18
C THR X 233 -73.28 -46.84 -12.68
N PHE X 234 -73.87 -45.92 -13.45
CA PHE X 234 -73.15 -44.77 -13.97
C PHE X 234 -74.13 -43.63 -14.16
N ALA X 235 -73.60 -42.46 -14.47
CA ALA X 235 -74.41 -41.25 -14.61
C ALA X 235 -73.82 -40.37 -15.69
N PHE X 236 -74.69 -39.73 -16.46
CA PHE X 236 -74.26 -38.86 -17.54
C PHE X 236 -74.97 -37.52 -17.43
N THR X 237 -74.38 -36.51 -18.06
CA THR X 237 -74.88 -35.14 -17.99
C THR X 237 -75.08 -34.61 -19.41
N TYR X 238 -76.26 -34.06 -19.67
CA TYR X 238 -76.62 -33.52 -20.97
C TYR X 238 -77.16 -32.10 -20.80
N PRO X 239 -77.00 -31.25 -21.80
CA PRO X 239 -77.49 -29.87 -21.67
C PRO X 239 -79.01 -29.83 -21.66
N VAL X 240 -79.56 -29.17 -20.65
CA VAL X 240 -81.00 -29.05 -20.48
C VAL X 240 -81.52 -27.72 -20.99
N ALA X 241 -80.82 -26.63 -20.69
CA ALA X 241 -81.27 -25.31 -21.14
C ALA X 241 -80.10 -24.35 -21.13
N GLY X 242 -80.02 -23.50 -22.16
CA GLY X 242 -79.09 -22.41 -22.18
C GLY X 242 -77.62 -22.80 -22.13
N ASP X 243 -77.22 -23.76 -22.96
CA ASP X 243 -75.83 -24.18 -23.08
C ASP X 243 -75.39 -23.95 -24.53
N PRO X 244 -75.06 -22.70 -24.88
CA PRO X 244 -74.62 -22.45 -26.25
C PRO X 244 -73.26 -23.03 -26.56
N LEU X 245 -72.46 -23.33 -25.55
CA LEU X 245 -71.10 -23.84 -25.73
C LEU X 245 -71.08 -25.37 -25.75
N ILE X 246 -71.91 -25.98 -26.59
CA ILE X 246 -71.89 -27.43 -26.72
C ILE X 246 -70.58 -27.84 -27.39
N GLY X 247 -70.18 -29.09 -27.14
CA GLY X 247 -68.89 -29.53 -27.62
C GLY X 247 -67.72 -29.04 -26.80
N SER X 248 -67.97 -28.62 -25.56
CA SER X 248 -66.94 -28.01 -24.73
C SER X 248 -66.93 -28.62 -23.33
N ALA X 249 -68.07 -29.15 -22.89
CA ALA X 249 -68.22 -29.74 -21.57
C ALA X 249 -67.89 -28.74 -20.47
N ILE X 250 -68.55 -27.58 -20.53
CA ILE X 250 -68.47 -26.56 -19.49
C ILE X 250 -69.84 -25.93 -19.34
N ALA X 251 -70.27 -25.73 -18.10
CA ALA X 251 -71.59 -25.18 -17.84
C ALA X 251 -71.47 -23.70 -17.60
N PRO X 252 -71.83 -22.84 -18.55
CA PRO X 252 -71.71 -21.40 -18.35
C PRO X 252 -72.71 -20.89 -17.33
N ALA X 253 -72.46 -19.67 -16.86
CA ALA X 253 -73.38 -19.04 -15.93
C ALA X 253 -74.74 -18.85 -16.58
N GLY X 254 -75.79 -19.11 -15.83
CA GLY X 254 -77.13 -19.07 -16.40
C GLY X 254 -77.43 -20.24 -17.30
N SER X 255 -77.02 -21.44 -16.92
CA SER X 255 -77.29 -22.65 -17.68
C SER X 255 -77.76 -23.73 -16.74
N VAL X 256 -78.41 -24.74 -17.31
CA VAL X 256 -78.92 -25.88 -16.56
C VAL X 256 -78.43 -27.16 -17.22
N ILE X 257 -77.88 -28.06 -16.41
CA ILE X 257 -77.42 -29.36 -16.85
C ILE X 257 -78.26 -30.41 -16.15
N GLY X 258 -78.35 -31.59 -16.76
CA GLY X 258 -79.13 -32.67 -16.18
C GLY X 258 -78.33 -33.90 -15.85
N VAL X 259 -78.40 -34.35 -14.61
CA VAL X 259 -77.68 -35.53 -14.14
C VAL X 259 -78.67 -36.68 -14.03
N MET X 260 -78.29 -37.84 -14.57
CA MET X 260 -79.17 -39.01 -14.60
C MET X 260 -78.36 -40.22 -14.16
N ILE X 261 -78.58 -40.67 -12.94
CA ILE X 261 -77.87 -41.82 -12.39
C ILE X 261 -78.64 -43.08 -12.77
N LEU X 262 -78.02 -43.94 -13.56
CA LEU X 262 -78.63 -45.18 -14.03
C LEU X 262 -78.13 -46.32 -13.16
N PHE X 263 -79.01 -46.86 -12.32
CA PHE X 263 -78.64 -47.97 -11.46
C PHE X 263 -78.34 -49.22 -12.29
N GLY X 264 -77.49 -50.08 -11.73
CA GLY X 264 -77.12 -51.31 -12.40
C GLY X 264 -77.69 -52.53 -11.71
N PRO X 265 -77.11 -53.70 -12.00
CA PRO X 265 -77.59 -54.91 -11.34
C PRO X 265 -77.17 -55.01 -9.89
N ASP X 266 -76.06 -54.38 -9.51
CA ASP X 266 -75.57 -54.50 -8.15
C ASP X 266 -76.40 -53.69 -7.17
N LEU X 267 -76.78 -52.48 -7.55
CA LEU X 267 -77.53 -51.59 -6.67
C LEU X 267 -79.01 -51.53 -6.99
N GLY X 268 -79.40 -51.69 -8.25
CA GLY X 268 -80.79 -51.64 -8.63
C GLY X 268 -81.65 -52.73 -8.04
N SER X 269 -81.04 -53.79 -7.52
CA SER X 269 -81.78 -54.87 -6.88
C SER X 269 -82.29 -54.49 -5.50
N HIS X 270 -81.95 -53.30 -5.00
CA HIS X 270 -82.43 -52.82 -3.72
C HIS X 270 -83.46 -51.71 -3.91
N VAL X 271 -84.04 -51.29 -2.80
CA VAL X 271 -84.96 -50.15 -2.77
C VAL X 271 -84.75 -49.43 -1.45
N PHE X 272 -84.55 -48.12 -1.52
CA PHE X 272 -84.24 -47.34 -0.33
C PHE X 272 -85.52 -46.97 0.40
N GLN X 273 -85.49 -47.14 1.72
CA GLN X 273 -86.70 -46.99 2.53
C GLN X 273 -86.28 -46.61 3.94
N TYR X 274 -86.71 -45.44 4.40
CA TYR X 274 -86.35 -44.92 5.73
C TYR X 274 -84.84 -44.80 5.87
N GLN X 275 -84.20 -44.22 4.85
CA GLN X 275 -82.76 -44.11 4.79
C GLN X 275 -82.37 -42.70 4.40
N THR X 276 -81.07 -42.42 4.47
CA THR X 276 -80.50 -41.18 3.97
C THR X 276 -79.66 -41.49 2.74
N ILE X 277 -80.00 -40.85 1.62
CA ILE X 277 -79.30 -41.02 0.36
C ILE X 277 -78.47 -39.77 0.11
N THR X 278 -77.19 -39.96 -0.23
CA THR X 278 -76.27 -38.85 -0.39
C THR X 278 -75.59 -38.93 -1.74
N ILE X 279 -75.59 -37.80 -2.47
CA ILE X 279 -74.86 -37.66 -3.72
C ILE X 279 -74.00 -36.41 -3.61
N GLN X 280 -72.82 -36.44 -4.22
CA GLN X 280 -71.89 -35.33 -4.10
C GLN X 280 -71.10 -35.18 -5.40
N ILE X 281 -71.36 -34.10 -6.13
CA ILE X 281 -70.62 -33.78 -7.35
C ILE X 281 -69.41 -32.93 -6.97
N THR X 282 -68.26 -33.22 -7.57
CA THR X 282 -67.00 -32.56 -7.23
C THR X 282 -66.29 -32.08 -8.48
N PRO X 283 -66.45 -30.80 -8.84
CA PRO X 283 -65.67 -30.26 -9.95
C PRO X 283 -64.21 -30.09 -9.59
N ASN X 284 -63.38 -29.67 -10.55
CA ASN X 284 -61.96 -29.52 -10.29
C ASN X 284 -61.63 -28.22 -9.56
N ILE X 285 -62.45 -27.18 -9.75
CA ILE X 285 -62.26 -25.91 -9.08
C ILE X 285 -63.60 -25.50 -8.47
N GLY X 286 -63.56 -25.00 -7.25
CA GLY X 286 -64.77 -24.56 -6.58
C GLY X 286 -65.33 -25.62 -5.64
N SER X 287 -66.30 -25.18 -4.85
CA SER X 287 -66.91 -26.03 -3.85
C SER X 287 -67.65 -27.20 -4.50
N PRO X 288 -67.77 -28.32 -3.80
CA PRO X 288 -68.58 -29.42 -4.29
C PRO X 288 -70.01 -29.34 -3.75
N LEU X 289 -70.93 -29.89 -4.53
CA LEU X 289 -72.33 -29.94 -4.16
C LEU X 289 -72.59 -31.20 -3.35
N THR X 290 -73.36 -31.06 -2.27
CA THR X 290 -73.64 -32.17 -1.36
C THR X 290 -75.15 -32.32 -1.20
N ILE X 291 -75.71 -33.30 -1.88
CA ILE X 291 -77.14 -33.59 -1.80
C ILE X 291 -77.35 -34.73 -0.83
N SER X 292 -78.33 -34.58 0.07
CA SER X 292 -78.59 -35.61 1.08
C SER X 292 -80.07 -35.53 1.48
N GLU X 293 -80.86 -36.46 0.97
CA GLU X 293 -82.28 -36.53 1.29
C GLU X 293 -82.59 -37.80 2.06
N TYR X 294 -83.72 -37.79 2.75
CA TYR X 294 -84.18 -38.92 3.55
C TYR X 294 -85.46 -39.45 2.92
N VAL X 295 -85.35 -40.58 2.22
CA VAL X 295 -86.50 -41.16 1.53
C VAL X 295 -87.27 -42.05 2.50
N TYR X 296 -88.59 -41.94 2.47
CA TYR X 296 -89.45 -42.71 3.37
C TYR X 296 -90.10 -43.89 2.66
N GLN X 297 -90.90 -43.61 1.64
CA GLN X 297 -91.70 -44.63 0.96
C GLN X 297 -91.89 -44.24 -0.50
N PRO X 298 -91.42 -45.06 -1.44
CA PRO X 298 -91.57 -44.70 -2.85
C PRO X 298 -93.03 -44.78 -3.28
N GLU X 299 -93.50 -43.73 -3.94
CA GLU X 299 -94.88 -43.70 -4.41
C GLU X 299 -94.93 -43.04 -5.78
N GLY X 300 -95.88 -43.49 -6.60
CA GLY X 300 -96.12 -42.92 -7.91
C GLY X 300 -95.32 -43.52 -9.04
N SER X 301 -94.35 -44.38 -8.74
CA SER X 301 -93.44 -45.00 -9.70
C SER X 301 -92.44 -43.98 -10.22
N VAL X 302 -92.63 -42.72 -9.88
CA VAL X 302 -91.62 -41.67 -10.03
C VAL X 302 -91.60 -40.89 -8.74
N SER X 303 -90.73 -41.27 -7.81
CA SER X 303 -90.73 -40.65 -6.50
C SER X 303 -90.30 -39.19 -6.60
N VAL X 304 -90.93 -38.35 -5.77
CA VAL X 304 -90.62 -36.92 -5.77
C VAL X 304 -89.38 -36.61 -4.95
N ILE X 305 -88.90 -37.54 -4.15
CA ILE X 305 -87.71 -37.31 -3.33
C ILE X 305 -86.85 -38.56 -3.31
N LEU Y 19 39.44 8.56 -9.60
CA LEU Y 19 38.51 8.75 -8.50
C LEU Y 19 37.18 8.10 -8.79
N ALA Y 20 36.38 7.88 -7.75
CA ALA Y 20 35.02 7.36 -7.88
C ALA Y 20 34.00 8.48 -8.04
N GLY Y 21 34.45 9.73 -8.12
CA GLY Y 21 33.53 10.82 -8.37
C GLY Y 21 32.92 10.76 -9.76
N LEU Y 22 33.72 10.35 -10.74
CA LEU Y 22 33.19 10.11 -12.07
C LEU Y 22 32.32 8.86 -12.09
N ASP Y 23 32.74 7.81 -11.38
CA ASP Y 23 31.97 6.58 -11.35
C ASP Y 23 30.67 6.77 -10.58
N THR Y 24 30.65 7.68 -9.62
CA THR Y 24 29.42 7.97 -8.92
C THR Y 24 28.41 8.63 -9.84
N ALA Y 25 28.88 9.54 -10.70
CA ALA Y 25 27.97 10.21 -11.62
C ALA Y 25 27.45 9.25 -12.68
N ILE Y 26 28.32 8.38 -13.20
CA ILE Y 26 27.91 7.43 -14.22
C ILE Y 26 26.81 6.51 -13.68
N ILE Y 27 26.93 6.14 -12.41
CA ILE Y 27 25.90 5.28 -11.80
C ILE Y 27 24.64 6.09 -11.53
N LEU Y 28 24.78 7.31 -11.01
CA LEU Y 28 23.62 8.13 -10.69
C LEU Y 28 22.79 8.39 -11.94
N ILE Y 29 23.45 8.61 -13.08
CA ILE Y 29 22.73 8.74 -14.34
C ILE Y 29 21.97 7.47 -14.65
N ALA Y 30 22.54 6.33 -14.31
CA ALA Y 30 21.89 5.06 -14.63
C ALA Y 30 20.66 4.84 -13.76
N PHE Y 31 20.78 5.06 -12.46
CA PHE Y 31 19.68 4.73 -11.55
C PHE Y 31 18.49 5.65 -11.75
N ILE Y 32 18.71 6.85 -12.28
CA ILE Y 32 17.58 7.73 -12.57
C ILE Y 32 16.85 7.26 -13.81
N ILE Y 33 17.57 6.73 -14.80
CA ILE Y 33 16.94 6.21 -16.00
C ILE Y 33 16.09 5.00 -15.65
N THR Y 34 16.59 4.14 -14.76
CA THR Y 34 15.83 2.96 -14.36
C THR Y 34 14.67 3.33 -13.46
N ALA Y 35 14.82 4.36 -12.63
CA ALA Y 35 13.73 4.79 -11.77
C ALA Y 35 12.66 5.52 -12.57
N SER Y 36 13.06 6.18 -13.66
CA SER Y 36 12.09 6.87 -14.50
C SER Y 36 11.21 5.89 -15.24
N VAL Y 37 11.80 4.81 -15.75
CA VAL Y 37 11.03 3.83 -16.51
C VAL Y 37 9.98 3.18 -15.62
N LEU Y 38 10.31 2.95 -14.35
CA LEU Y 38 9.32 2.40 -13.43
C LEU Y 38 8.15 3.35 -13.26
N ALA Y 39 8.44 4.63 -13.02
CA ALA Y 39 7.38 5.62 -12.90
C ALA Y 39 6.62 5.75 -14.22
N TYR Y 40 7.29 5.53 -15.34
CA TYR Y 40 6.65 5.64 -16.64
C TYR Y 40 5.56 4.59 -16.80
N VAL Y 41 5.89 3.33 -16.54
CA VAL Y 41 4.93 2.25 -16.76
C VAL Y 41 3.90 2.21 -15.62
N ALA Y 42 4.32 2.55 -14.41
CA ALA Y 42 3.39 2.50 -13.28
C ALA Y 42 2.27 3.51 -13.46
N ILE Y 43 2.57 4.68 -14.01
CA ILE Y 43 1.54 5.68 -14.25
C ILE Y 43 0.60 5.20 -15.35
N ASN Y 44 1.15 4.68 -16.44
CA ASN Y 44 0.32 4.27 -17.57
C ASN Y 44 -0.65 3.18 -17.16
N MET Y 45 -0.17 2.16 -16.45
CA MET Y 45 -1.07 1.10 -16.00
C MET Y 45 -2.01 1.61 -14.94
N GLY Y 46 -1.57 2.58 -14.14
CA GLY Y 46 -2.45 3.14 -13.12
C GLY Y 46 -3.66 3.83 -13.72
N LEU Y 47 -3.46 4.51 -14.85
CA LEU Y 47 -4.59 5.15 -15.53
C LEU Y 47 -5.45 4.10 -16.22
N PHE Y 48 -4.83 3.15 -16.91
CA PHE Y 48 -5.58 2.17 -17.69
C PHE Y 48 -6.47 1.33 -16.79
N VAL Y 49 -5.91 0.79 -15.71
CA VAL Y 49 -6.71 -0.01 -14.80
C VAL Y 49 -7.82 0.83 -14.19
N THR Y 50 -7.53 2.10 -13.92
CA THR Y 50 -8.55 3.00 -13.40
C THR Y 50 -9.70 3.18 -14.39
N GLN Y 51 -9.37 3.37 -15.67
CA GLN Y 51 -10.40 3.51 -16.67
C GLN Y 51 -11.20 2.23 -16.83
N LYS Y 52 -10.57 1.08 -16.59
CA LYS Y 52 -11.30 -0.17 -16.64
C LYS Y 52 -12.27 -0.29 -15.48
N ALA Y 53 -11.92 0.30 -14.34
CA ALA Y 53 -12.84 0.28 -13.20
C ALA Y 53 -14.06 1.14 -13.48
N LYS Y 54 -13.87 2.30 -14.11
CA LYS Y 54 -14.98 3.19 -14.39
C LYS Y 54 -15.98 2.53 -15.34
N SER Y 55 -15.47 1.88 -16.39
CA SER Y 55 -16.36 1.17 -17.31
C SER Y 55 -17.02 -0.03 -16.64
N THR Y 56 -16.48 -0.47 -15.50
CA THR Y 56 -17.11 -1.56 -14.78
C THR Y 56 -18.26 -1.07 -13.92
N ILE Y 57 -18.08 0.08 -13.25
CA ILE Y 57 -19.16 0.64 -12.45
C ILE Y 57 -20.35 1.00 -13.33
N ASN Y 58 -20.07 1.40 -14.57
CA ASN Y 58 -21.16 1.72 -15.50
C ASN Y 58 -22.02 0.50 -15.77
N LYS Y 59 -21.39 -0.63 -16.08
CA LYS Y 59 -22.15 -1.82 -16.43
C LYS Y 59 -22.88 -2.39 -15.23
N GLY Y 60 -22.29 -2.26 -14.04
CA GLY Y 60 -22.96 -2.77 -12.85
C GLY Y 60 -24.28 -2.08 -12.58
N GLU Y 61 -24.33 -0.76 -12.78
CA GLU Y 61 -25.59 -0.04 -12.61
C GLU Y 61 -26.57 -0.39 -13.72
N GLU Y 62 -26.07 -0.54 -14.95
CA GLU Y 62 -26.95 -0.91 -16.05
C GLU Y 62 -27.54 -2.30 -15.85
N THR Y 63 -26.73 -3.23 -15.35
CA THR Y 63 -27.25 -4.56 -15.06
C THR Y 63 -28.27 -4.52 -13.94
N ALA Y 64 -28.06 -3.65 -12.95
CA ALA Y 64 -28.96 -3.61 -11.81
C ALA Y 64 -30.27 -2.91 -12.16
N SER Y 65 -30.18 -1.78 -12.86
CA SER Y 65 -31.38 -0.98 -13.11
C SER Y 65 -32.26 -1.57 -14.20
N THR Y 66 -31.67 -2.12 -15.26
CA THR Y 66 -32.43 -2.60 -16.40
C THR Y 66 -33.06 -3.95 -16.11
N ALA Y 67 -34.37 -4.04 -16.27
CA ALA Y 67 -35.12 -5.28 -16.08
C ALA Y 67 -36.49 -5.11 -16.70
N LEU Y 68 -37.07 -6.23 -17.16
CA LEU Y 68 -38.38 -6.20 -17.78
C LEU Y 68 -39.44 -6.64 -16.78
N THR Y 69 -40.70 -6.62 -17.23
CA THR Y 69 -41.81 -7.08 -16.40
C THR Y 69 -42.98 -7.41 -17.31
N LEU Y 70 -43.90 -8.21 -16.78
CA LEU Y 70 -45.08 -8.64 -17.51
C LEU Y 70 -46.21 -7.67 -17.23
N SER Y 71 -46.57 -6.87 -18.23
CA SER Y 71 -47.62 -5.86 -18.11
C SER Y 71 -48.74 -6.24 -19.06
N GLY Y 72 -49.65 -7.09 -18.57
CA GLY Y 72 -50.74 -7.57 -19.40
C GLY Y 72 -50.91 -9.06 -19.32
N SER Y 73 -52.15 -9.53 -19.30
CA SER Y 73 -52.41 -10.95 -19.21
C SER Y 73 -51.86 -11.69 -20.42
N VAL Y 74 -51.73 -13.00 -20.28
CA VAL Y 74 -51.20 -13.86 -21.34
C VAL Y 74 -52.35 -14.66 -21.93
N LEU Y 75 -52.42 -14.69 -23.26
CA LEU Y 75 -53.46 -15.39 -23.99
C LEU Y 75 -52.89 -16.65 -24.64
N TYR Y 76 -53.77 -17.61 -24.89
CA TYR Y 76 -53.39 -18.88 -25.49
C TYR Y 76 -54.40 -19.24 -26.55
N ALA Y 77 -53.92 -19.60 -27.74
CA ALA Y 77 -54.77 -19.88 -28.89
C ALA Y 77 -54.88 -21.38 -29.12
N VAL Y 78 -56.09 -21.84 -29.42
CA VAL Y 78 -56.37 -23.26 -29.55
C VAL Y 78 -57.70 -23.43 -30.26
N ASN Y 79 -57.81 -24.47 -31.07
CA ASN Y 79 -59.09 -24.84 -31.67
C ASN Y 79 -60.06 -25.23 -30.56
N TYR Y 80 -61.09 -24.39 -30.34
CA TYR Y 80 -61.86 -24.52 -29.10
C TYR Y 80 -62.70 -25.78 -29.03
N PRO Y 81 -63.64 -26.04 -29.96
CA PRO Y 81 -64.55 -27.17 -29.74
C PRO Y 81 -63.83 -28.51 -29.66
N SER Y 82 -62.71 -28.66 -30.34
CA SER Y 82 -61.93 -29.90 -30.32
C SER Y 82 -60.47 -29.52 -30.11
N ASN Y 83 -60.01 -29.60 -28.87
CA ASN Y 83 -58.65 -29.21 -28.52
C ASN Y 83 -57.67 -30.23 -29.10
N THR Y 84 -57.15 -29.95 -30.28
CA THR Y 84 -56.26 -30.89 -30.95
C THR Y 84 -54.97 -30.20 -31.38
N ARG Y 85 -55.05 -28.90 -31.66
CA ARG Y 85 -53.90 -28.14 -32.12
C ARG Y 85 -53.66 -26.95 -31.20
N SER Y 86 -52.46 -26.38 -31.31
CA SER Y 86 -52.09 -25.16 -30.62
C SER Y 86 -51.62 -24.15 -31.64
N TYR Y 87 -52.15 -22.93 -31.57
CA TYR Y 87 -51.93 -21.92 -32.60
C TYR Y 87 -50.86 -20.91 -32.22
N TRP Y 88 -51.05 -20.19 -31.12
CA TRP Y 88 -50.08 -19.18 -30.71
C TRP Y 88 -50.30 -18.80 -29.26
N ILE Y 89 -49.36 -18.02 -28.74
CA ILE Y 89 -49.42 -17.46 -27.38
C ILE Y 89 -48.98 -16.01 -27.46
N TYR Y 90 -49.71 -15.12 -26.79
CA TYR Y 90 -49.45 -13.70 -26.88
C TYR Y 90 -49.51 -13.06 -25.51
N PHE Y 91 -48.59 -12.15 -25.25
CA PHE Y 91 -48.57 -11.38 -24.02
C PHE Y 91 -47.71 -10.14 -24.24
N THR Y 92 -47.74 -9.23 -23.27
CA THR Y 92 -47.06 -7.95 -23.38
C THR Y 92 -45.94 -7.87 -22.36
N VAL Y 93 -44.94 -7.05 -22.68
CA VAL Y 93 -43.74 -6.91 -21.86
C VAL Y 93 -43.34 -5.44 -21.82
N SER Y 94 -43.14 -4.93 -20.62
CA SER Y 94 -42.71 -3.55 -20.39
C SER Y 94 -41.48 -3.56 -19.50
N PRO Y 95 -40.68 -2.51 -19.54
CA PRO Y 95 -39.59 -2.37 -18.56
C PRO Y 95 -40.13 -2.47 -17.14
N SER Y 96 -39.29 -2.98 -16.24
CA SER Y 96 -39.74 -3.29 -14.89
C SER Y 96 -40.38 -2.08 -14.22
N SER Y 97 -39.60 -1.04 -14.02
CA SER Y 97 -40.11 0.26 -13.59
C SER Y 97 -39.60 1.31 -14.56
N GLY Y 98 -40.10 2.53 -14.40
CA GLY Y 98 -39.66 3.59 -15.28
C GLY Y 98 -38.26 4.06 -14.94
N VAL Y 99 -37.26 3.19 -15.12
CA VAL Y 99 -35.90 3.45 -14.69
C VAL Y 99 -34.92 3.44 -15.85
N SER Y 100 -35.01 2.46 -16.73
CA SER Y 100 -34.03 2.33 -17.81
C SER Y 100 -34.67 1.60 -18.98
N SER Y 101 -34.00 1.68 -20.12
CA SER Y 101 -34.45 1.07 -21.36
C SER Y 101 -33.85 -0.31 -21.53
N VAL Y 102 -34.48 -1.11 -22.39
CA VAL Y 102 -34.07 -2.47 -22.66
C VAL Y 102 -33.86 -2.64 -24.16
N GLU Y 103 -32.81 -3.34 -24.53
CA GLU Y 103 -32.47 -3.61 -25.93
C GLU Y 103 -32.98 -5.00 -26.31
N LEU Y 104 -33.93 -5.04 -27.24
CA LEU Y 104 -34.57 -6.28 -27.64
C LEU Y 104 -34.21 -6.69 -29.05
N SER Y 105 -32.97 -6.46 -29.46
CA SER Y 105 -32.53 -6.89 -30.78
C SER Y 105 -32.59 -8.41 -30.87
N PRO Y 106 -33.24 -8.96 -31.90
CA PRO Y 106 -33.32 -10.43 -32.00
C PRO Y 106 -31.99 -11.11 -32.22
N SER Y 107 -30.91 -10.35 -32.42
CA SER Y 107 -29.61 -10.94 -32.61
C SER Y 107 -28.95 -11.27 -31.27
N THR Y 108 -29.19 -10.46 -30.25
CA THR Y 108 -28.52 -10.61 -28.96
C THR Y 108 -29.50 -10.93 -27.84
N THR Y 109 -30.66 -11.50 -28.14
CA THR Y 109 -31.66 -11.82 -27.13
C THR Y 109 -32.17 -13.24 -27.34
N ALA Y 110 -32.44 -13.92 -26.24
CA ALA Y 110 -32.91 -15.30 -26.26
C ALA Y 110 -34.27 -15.40 -25.60
N ILE Y 111 -35.15 -16.18 -26.21
CA ILE Y 111 -36.48 -16.45 -25.67
C ILE Y 111 -36.63 -17.96 -25.60
N SER Y 112 -36.60 -18.49 -24.39
CA SER Y 112 -36.64 -19.94 -24.17
C SER Y 112 -38.07 -20.40 -23.92
N PHE Y 113 -38.31 -21.67 -24.22
CA PHE Y 113 -39.63 -22.26 -24.05
C PHE Y 113 -39.45 -23.73 -23.74
N THR Y 114 -39.92 -24.15 -22.57
CA THR Y 114 -39.78 -25.54 -22.14
C THR Y 114 -41.12 -26.04 -21.64
N ALA Y 115 -41.74 -26.94 -22.39
CA ALA Y 115 -42.95 -27.61 -21.95
C ALA Y 115 -42.54 -28.78 -21.08
N SER Y 116 -42.96 -28.76 -19.81
CA SER Y 116 -42.46 -29.75 -18.85
C SER Y 116 -43.04 -31.13 -19.13
N ALA Y 117 -44.36 -31.27 -19.02
CA ALA Y 117 -44.96 -32.60 -19.02
C ALA Y 117 -44.73 -33.34 -20.32
N GLU Y 118 -44.43 -32.62 -21.41
CA GLU Y 118 -44.19 -33.26 -22.69
C GLU Y 118 -42.71 -33.44 -23.00
N GLY Y 119 -41.82 -32.97 -22.13
CA GLY Y 119 -40.40 -33.03 -22.40
C GLY Y 119 -39.92 -32.10 -23.48
N ILE Y 120 -40.81 -31.41 -24.17
CA ILE Y 120 -40.42 -30.51 -25.25
C ILE Y 120 -39.74 -29.28 -24.66
N SER Y 121 -38.48 -29.07 -25.03
CA SER Y 121 -37.73 -27.89 -24.61
C SER Y 121 -37.20 -27.17 -25.84
N TYR Y 122 -36.93 -25.88 -25.69
CA TYR Y 122 -36.43 -25.06 -26.77
C TYR Y 122 -35.41 -24.09 -26.21
N SER Y 123 -34.81 -23.31 -27.11
CA SER Y 123 -33.87 -22.26 -26.72
C SER Y 123 -33.80 -21.25 -27.85
N ASN Y 124 -34.04 -19.98 -27.54
CA ASN Y 124 -33.91 -18.89 -28.50
C ASN Y 124 -34.81 -19.12 -29.72
N ILE Y 125 -36.11 -19.05 -29.46
CA ILE Y 125 -37.11 -19.12 -30.52
C ILE Y 125 -37.37 -17.70 -31.02
N TYR Y 126 -36.50 -16.77 -30.65
CA TYR Y 126 -36.65 -15.36 -31.01
C TYR Y 126 -35.89 -15.12 -32.30
N GLU Y 127 -36.61 -14.80 -33.37
CA GLU Y 127 -36.02 -14.68 -34.69
C GLU Y 127 -36.20 -13.31 -35.30
N TYR Y 128 -37.42 -12.76 -35.30
CA TYR Y 128 -37.70 -11.51 -35.97
C TYR Y 128 -38.36 -10.53 -35.01
N THR Y 129 -38.53 -9.29 -35.47
CA THR Y 129 -39.20 -8.27 -34.70
C THR Y 129 -39.65 -7.16 -35.64
N LEU Y 130 -40.54 -6.31 -35.14
CA LEU Y 130 -41.08 -5.21 -35.92
C LEU Y 130 -40.64 -3.85 -35.41
N LEU Y 131 -39.85 -3.79 -34.35
CA LEU Y 131 -39.39 -2.51 -33.83
C LEU Y 131 -38.44 -1.82 -34.80
N THR Y 132 -37.73 -2.59 -35.60
CA THR Y 132 -36.70 -2.01 -36.46
C THR Y 132 -37.26 -1.45 -37.76
N VAL Y 133 -38.38 -2.00 -38.24
CA VAL Y 133 -38.91 -1.59 -39.53
C VAL Y 133 -39.52 -0.20 -39.41
N SER Y 134 -39.37 0.61 -40.46
CA SER Y 134 -39.87 1.96 -40.46
C SER Y 134 -41.35 1.99 -40.81
N PRO Y 135 -42.13 2.87 -40.18
CA PRO Y 135 -43.58 2.90 -40.45
C PRO Y 135 -43.95 3.42 -41.82
N SER Y 136 -42.98 3.79 -42.66
CA SER Y 136 -43.32 4.35 -43.96
C SER Y 136 -43.63 3.26 -44.98
N GLU Y 137 -42.76 2.26 -45.10
CA GLU Y 137 -42.88 1.30 -46.19
C GLU Y 137 -44.15 0.46 -46.07
N LEU Y 138 -44.51 0.05 -44.84
CA LEU Y 138 -45.62 -0.87 -44.68
C LEU Y 138 -46.94 -0.23 -45.10
N ALA Y 139 -47.10 1.07 -44.86
CA ALA Y 139 -48.39 1.72 -45.02
C ALA Y 139 -48.83 1.85 -46.48
N ASN Y 140 -48.03 1.38 -47.42
CA ASN Y 140 -48.36 1.58 -48.83
C ASN Y 140 -48.94 0.34 -49.49
N GLN Y 141 -48.25 -0.79 -49.43
CA GLN Y 141 -48.59 -1.97 -50.24
C GLN Y 141 -49.05 -3.14 -49.38
N VAL Y 142 -50.34 -3.13 -49.03
CA VAL Y 142 -51.05 -4.32 -48.58
C VAL Y 142 -52.54 -4.04 -48.64
N TYR Y 143 -53.33 -4.94 -49.22
CA TYR Y 143 -54.77 -4.73 -49.30
C TYR Y 143 -55.46 -6.04 -49.62
N ALA Y 144 -56.78 -6.04 -49.42
CA ALA Y 144 -57.63 -7.17 -49.72
C ALA Y 144 -58.91 -6.80 -50.44
N ASN Y 145 -59.25 -5.53 -50.54
CA ASN Y 145 -60.44 -5.09 -51.26
C ASN Y 145 -60.16 -3.70 -51.84
N GLY Y 146 -61.21 -2.98 -52.18
CA GLY Y 146 -61.09 -1.71 -52.88
C GLY Y 146 -60.14 -0.69 -52.31
N GLN Y 147 -59.77 -0.83 -51.04
CA GLN Y 147 -58.94 0.16 -50.36
C GLN Y 147 -57.76 -0.50 -49.66
N TYR Y 148 -56.60 0.12 -49.80
CA TYR Y 148 -55.41 -0.32 -49.06
C TYR Y 148 -55.62 -0.05 -47.57
N LEU Y 149 -55.01 -0.88 -46.74
CA LEU Y 149 -55.21 -0.84 -45.30
C LEU Y 149 -53.97 -0.30 -44.60
N ASP Y 150 -54.22 0.45 -43.52
CA ASP Y 150 -53.16 1.07 -42.75
C ASP Y 150 -52.90 0.24 -41.49
N LEU Y 151 -51.74 -0.42 -41.46
CA LEU Y 151 -51.45 -1.33 -40.36
C LEU Y 151 -51.07 -0.58 -39.10
N VAL Y 152 -50.13 0.36 -39.20
CA VAL Y 152 -49.55 1.02 -38.05
C VAL Y 152 -50.27 2.34 -37.81
N ASN Y 153 -50.50 2.66 -36.54
CA ASN Y 153 -50.99 3.97 -36.15
C ASN Y 153 -49.84 4.82 -35.65
N GLN Y 154 -49.87 6.11 -35.97
CA GLN Y 154 -48.76 6.98 -35.62
C GLN Y 154 -49.27 8.35 -35.19
N GLN Y 155 -48.79 8.81 -34.04
CA GLN Y 155 -49.07 10.13 -33.52
C GLN Y 155 -47.75 10.88 -33.35
N THR Y 156 -47.80 12.20 -33.57
CA THR Y 156 -46.62 13.03 -33.47
C THR Y 156 -46.86 14.15 -32.47
N ASN Y 157 -45.91 14.33 -31.55
CA ASN Y 157 -45.97 15.43 -30.60
C ASN Y 157 -44.58 15.62 -30.00
N ALA Y 158 -44.32 16.85 -29.54
CA ALA Y 158 -43.03 17.22 -28.97
C ALA Y 158 -41.89 16.93 -29.93
N GLY Y 159 -42.17 17.02 -31.23
CA GLY Y 159 -41.16 16.79 -32.24
C GLY Y 159 -40.83 15.33 -32.50
N GLN Y 160 -41.50 14.40 -31.83
CA GLN Y 160 -41.24 12.98 -31.99
C GLN Y 160 -42.51 12.26 -32.41
N THR Y 161 -42.36 11.18 -33.16
CA THR Y 161 -43.47 10.39 -33.64
C THR Y 161 -43.54 9.09 -32.87
N TYR Y 162 -44.77 8.63 -32.59
CA TYR Y 162 -45.03 7.42 -31.83
C TYR Y 162 -45.85 6.48 -32.69
N VAL Y 163 -45.25 5.39 -33.13
CA VAL Y 163 -45.95 4.41 -33.96
C VAL Y 163 -46.16 3.14 -33.15
N TYR Y 164 -47.22 2.41 -33.50
CA TYR Y 164 -47.53 1.15 -32.84
C TYR Y 164 -48.54 0.40 -33.69
N TYR Y 165 -48.59 -0.90 -33.50
CA TYR Y 165 -49.52 -1.76 -34.21
C TYR Y 165 -50.68 -2.13 -33.30
N PRO Y 166 -51.92 -1.89 -33.70
CA PRO Y 166 -53.05 -2.04 -32.79
C PRO Y 166 -53.60 -3.46 -32.68
N ASN Y 167 -53.04 -4.42 -33.41
CA ASN Y 167 -53.61 -5.75 -33.42
C ASN Y 167 -52.54 -6.77 -33.78
N PRO Y 168 -52.58 -7.96 -33.19
CA PRO Y 168 -51.63 -9.00 -33.59
C PRO Y 168 -51.79 -9.41 -35.04
N TYR Y 169 -53.02 -9.47 -35.53
CA TYR Y 169 -53.24 -9.78 -36.94
C TYR Y 169 -52.67 -8.69 -37.83
N TYR Y 170 -52.90 -7.43 -37.47
CA TYR Y 170 -52.23 -6.34 -38.17
C TYR Y 170 -50.73 -6.47 -38.06
N ALA Y 171 -50.24 -7.04 -36.95
CA ALA Y 171 -48.81 -7.25 -36.81
C ALA Y 171 -48.35 -8.44 -37.62
N LEU Y 172 -49.23 -9.43 -37.84
CA LEU Y 172 -48.86 -10.58 -38.65
C LEU Y 172 -48.76 -10.22 -40.12
N LEU Y 173 -49.82 -9.62 -40.68
CA LEU Y 173 -49.77 -9.16 -42.06
C LEU Y 173 -48.61 -8.21 -42.27
N ALA Y 174 -48.28 -7.41 -41.24
CA ALA Y 174 -47.12 -6.54 -41.32
C ALA Y 174 -45.84 -7.37 -41.39
N LEU Y 175 -45.85 -8.56 -40.80
CA LEU Y 175 -44.64 -9.38 -40.79
C LEU Y 175 -44.48 -10.15 -42.09
N ASN Y 176 -45.58 -10.67 -42.65
CA ASN Y 176 -45.49 -11.43 -43.89
C ASN Y 176 -44.87 -10.59 -44.99
N TYR Y 177 -45.20 -9.31 -45.04
CA TYR Y 177 -44.60 -8.44 -46.05
C TYR Y 177 -43.14 -8.15 -45.76
N THR Y 178 -42.82 -7.87 -44.49
CA THR Y 178 -41.45 -7.49 -44.15
C THR Y 178 -40.49 -8.65 -44.38
N LEU Y 179 -40.90 -9.87 -44.03
CA LEU Y 179 -40.03 -11.02 -44.25
C LEU Y 179 -39.83 -11.30 -45.73
N SER Y 180 -40.74 -10.82 -46.58
CA SER Y 180 -40.64 -11.11 -48.00
C SER Y 180 -39.89 -10.01 -48.74
N LYS Y 181 -40.23 -8.75 -48.44
CA LYS Y 181 -39.66 -7.62 -49.17
C LYS Y 181 -38.70 -6.79 -48.32
N ILE Y 182 -39.13 -6.36 -47.12
CA ILE Y 182 -38.27 -5.50 -46.31
C ILE Y 182 -37.01 -6.23 -45.88
N ASP Y 183 -37.16 -7.41 -45.30
CA ASP Y 183 -36.03 -8.27 -44.95
C ASP Y 183 -35.91 -9.37 -45.98
N LYS Y 184 -34.69 -9.62 -46.44
CA LYS Y 184 -34.43 -10.54 -47.55
C LYS Y 184 -34.05 -11.89 -46.98
N VAL Y 185 -35.04 -12.78 -46.88
CA VAL Y 185 -34.83 -14.18 -46.51
C VAL Y 185 -35.40 -15.05 -47.62
N SER Y 186 -34.67 -16.11 -47.97
CA SER Y 186 -35.17 -17.02 -49.00
C SER Y 186 -36.25 -17.92 -48.41
N PRO Y 187 -35.97 -18.70 -47.34
CA PRO Y 187 -37.08 -19.40 -46.70
C PRO Y 187 -37.76 -18.54 -45.65
N SER Y 188 -39.01 -18.15 -45.91
CA SER Y 188 -39.75 -17.34 -44.95
C SER Y 188 -40.61 -18.26 -44.10
N PRO Y 189 -40.39 -18.32 -42.78
CA PRO Y 189 -41.18 -19.23 -41.94
C PRO Y 189 -42.64 -18.83 -41.80
N LEU Y 190 -43.05 -17.67 -42.30
CA LEU Y 190 -44.43 -17.23 -42.23
C LEU Y 190 -44.93 -16.92 -43.63
N TYR Y 191 -46.12 -17.42 -43.96
CA TYR Y 191 -46.68 -17.24 -45.30
C TYR Y 191 -48.19 -17.23 -45.18
N ILE Y 192 -48.79 -16.05 -45.21
CA ILE Y 192 -50.23 -15.87 -45.08
C ILE Y 192 -50.82 -15.61 -46.44
N THR Y 193 -51.89 -16.34 -46.78
CA THR Y 193 -52.57 -16.17 -48.05
C THR Y 193 -54.06 -16.43 -47.87
N THR Y 194 -54.88 -15.70 -48.62
CA THR Y 194 -56.32 -15.87 -48.54
C THR Y 194 -56.83 -17.01 -49.40
N THR Y 195 -56.00 -17.52 -50.31
CA THR Y 195 -56.43 -18.61 -51.17
C THR Y 195 -56.77 -19.85 -50.34
N THR Y 196 -57.77 -20.58 -50.80
CA THR Y 196 -58.26 -21.74 -50.06
C THR Y 196 -57.12 -22.75 -49.87
N PRO Y 197 -56.95 -23.29 -48.66
CA PRO Y 197 -55.91 -24.31 -48.47
C PRO Y 197 -56.12 -25.56 -49.32
N SER Y 198 -57.36 -25.83 -49.73
CA SER Y 198 -57.60 -26.96 -50.62
C SER Y 198 -56.91 -26.76 -51.97
N SER Y 199 -56.74 -25.50 -52.38
CA SER Y 199 -56.01 -25.19 -53.61
C SER Y 199 -54.62 -24.64 -53.34
N ALA Y 200 -54.40 -24.03 -52.17
CA ALA Y 200 -53.08 -23.50 -51.85
C ALA Y 200 -52.06 -24.61 -51.75
N THR Y 201 -52.39 -25.68 -51.03
CA THR Y 201 -51.49 -26.82 -50.91
C THR Y 201 -51.28 -27.52 -52.26
N GLN Y 202 -52.19 -27.34 -53.21
CA GLN Y 202 -52.03 -27.97 -54.52
C GLN Y 202 -51.01 -27.23 -55.36
N ILE Y 203 -51.08 -25.89 -55.39
CA ILE Y 203 -50.11 -25.13 -56.16
C ILE Y 203 -48.78 -25.04 -55.41
N TYR Y 204 -48.81 -25.00 -54.08
CA TYR Y 204 -47.60 -24.96 -53.28
C TYR Y 204 -47.50 -26.24 -52.46
N PRO Y 205 -46.55 -27.13 -52.76
CA PRO Y 205 -46.53 -28.42 -52.06
C PRO Y 205 -46.10 -28.31 -50.61
N PHE Y 206 -45.10 -27.47 -50.31
CA PHE Y 206 -44.54 -27.44 -48.96
C PHE Y 206 -45.53 -26.93 -47.93
N LEU Y 207 -46.58 -26.24 -48.35
CA LEU Y 207 -47.55 -25.70 -47.41
C LEU Y 207 -48.47 -26.77 -46.83
N ALA Y 208 -48.24 -28.05 -47.14
CA ALA Y 208 -49.07 -29.12 -46.61
C ALA Y 208 -48.58 -29.66 -45.28
N HIS Y 209 -47.30 -29.50 -44.97
CA HIS Y 209 -46.75 -29.98 -43.70
C HIS Y 209 -46.77 -28.91 -42.61
N ASP Y 210 -46.92 -27.65 -42.97
CA ASP Y 210 -46.82 -26.56 -42.01
C ASP Y 210 -48.06 -26.50 -41.13
N ASN Y 211 -48.05 -25.58 -40.18
CA ASN Y 211 -49.18 -25.34 -39.30
C ASN Y 211 -50.15 -24.40 -39.98
N MET Y 212 -51.38 -24.35 -39.45
CA MET Y 212 -52.40 -23.53 -40.06
C MET Y 212 -53.38 -23.03 -39.01
N PHE Y 213 -53.59 -21.71 -38.98
CA PHE Y 213 -54.62 -21.11 -38.15
C PHE Y 213 -55.18 -19.90 -38.87
N THR Y 214 -56.47 -19.64 -38.66
CA THR Y 214 -57.22 -18.68 -39.45
C THR Y 214 -57.55 -17.44 -38.66
N PHE Y 215 -57.70 -16.32 -39.38
CA PHE Y 215 -58.21 -15.08 -38.81
C PHE Y 215 -58.78 -14.25 -39.95
N THR Y 216 -60.00 -13.75 -39.77
CA THR Y 216 -60.71 -13.04 -40.82
C THR Y 216 -61.06 -11.64 -40.38
N LEU Y 217 -61.12 -10.72 -41.35
CA LEU Y 217 -61.44 -9.33 -41.10
C LEU Y 217 -62.63 -8.91 -41.94
N ASN Y 218 -63.11 -7.70 -41.70
CA ASN Y 218 -64.21 -7.10 -42.46
C ASN Y 218 -63.67 -5.84 -43.12
N ILE Y 219 -63.11 -6.00 -44.30
CA ILE Y 219 -62.54 -4.89 -45.07
C ILE Y 219 -63.51 -4.51 -46.15
N SER Y 220 -63.98 -3.26 -46.11
CA SER Y 220 -64.92 -2.72 -47.10
C SER Y 220 -66.19 -3.56 -47.17
N GLY Y 221 -66.72 -3.90 -46.00
CA GLY Y 221 -67.99 -4.61 -45.92
C GLY Y 221 -67.98 -6.01 -46.50
N THR Y 222 -66.81 -6.60 -46.69
CA THR Y 222 -66.69 -7.94 -47.25
C THR Y 222 -65.71 -8.74 -46.41
N LEU Y 223 -66.20 -9.82 -45.80
CA LEU Y 223 -65.36 -10.66 -44.98
C LEU Y 223 -64.26 -11.30 -45.81
N VAL Y 224 -63.02 -11.12 -45.38
CA VAL Y 224 -61.85 -11.70 -46.03
C VAL Y 224 -61.17 -12.64 -45.04
N THR Y 225 -60.94 -13.88 -45.45
CA THR Y 225 -60.36 -14.90 -44.58
C THR Y 225 -58.90 -15.10 -44.93
N TYR Y 226 -58.07 -15.19 -43.89
CA TYR Y 226 -56.63 -15.38 -44.05
C TYR Y 226 -56.22 -16.70 -43.40
N TYR Y 227 -55.28 -17.39 -44.04
CA TYR Y 227 -54.75 -18.66 -43.55
C TYR Y 227 -53.25 -18.52 -43.35
N ALA Y 228 -52.80 -18.65 -42.12
CA ALA Y 228 -51.39 -18.53 -41.80
C ALA Y 228 -50.72 -19.89 -41.80
N PHE Y 229 -49.50 -19.93 -42.34
CA PHE Y 229 -48.71 -21.15 -42.42
C PHE Y 229 -47.39 -20.93 -41.70
N VAL Y 230 -47.11 -21.75 -40.69
CA VAL Y 230 -45.87 -21.69 -39.94
C VAL Y 230 -45.19 -23.05 -40.04
N ASN Y 231 -43.90 -23.05 -40.37
CA ASN Y 231 -43.12 -24.27 -40.49
C ASN Y 231 -42.11 -24.43 -39.38
N GLN Y 232 -42.10 -23.52 -38.41
CA GLN Y 232 -41.11 -23.55 -37.34
C GLN Y 232 -41.57 -22.68 -36.19
N THR Y 233 -41.58 -23.22 -34.97
CA THR Y 233 -42.02 -22.47 -33.81
C THR Y 233 -41.06 -21.34 -33.54
N PHE Y 234 -41.51 -20.11 -33.71
CA PHE Y 234 -40.69 -18.93 -33.46
C PHE Y 234 -41.56 -17.86 -32.83
N ALA Y 235 -40.95 -16.72 -32.53
CA ALA Y 235 -41.63 -15.63 -31.85
C ALA Y 235 -41.12 -14.30 -32.36
N PHE Y 236 -41.89 -13.25 -32.13
CA PHE Y 236 -41.52 -11.91 -32.56
C PHE Y 236 -42.16 -10.89 -31.65
N THR Y 237 -41.57 -9.70 -31.62
CA THR Y 237 -42.04 -8.61 -30.79
C THR Y 237 -42.32 -7.39 -31.66
N TYR Y 238 -43.41 -6.70 -31.38
CA TYR Y 238 -43.79 -5.50 -32.11
C TYR Y 238 -44.13 -4.39 -31.13
N PRO Y 239 -43.99 -3.13 -31.54
CA PRO Y 239 -44.34 -2.02 -30.64
C PRO Y 239 -45.84 -1.94 -30.45
N VAL Y 240 -46.25 -1.63 -29.22
CA VAL Y 240 -47.68 -1.51 -28.94
C VAL Y 240 -48.04 -0.23 -28.20
N ALA Y 241 -47.12 0.47 -27.54
CA ALA Y 241 -47.48 1.68 -26.83
C ALA Y 241 -46.23 2.51 -26.57
N GLY Y 242 -46.22 3.75 -27.04
CA GLY Y 242 -45.19 4.71 -26.70
C GLY Y 242 -43.79 4.31 -27.10
N ASP Y 243 -43.52 4.22 -28.40
CA ASP Y 243 -42.22 3.82 -28.91
C ASP Y 243 -41.75 4.85 -29.93
N PRO Y 244 -41.14 5.95 -29.46
CA PRO Y 244 -40.62 6.94 -30.42
C PRO Y 244 -39.41 6.45 -31.18
N LEU Y 245 -38.48 5.77 -30.51
CA LEU Y 245 -37.27 5.27 -31.15
C LEU Y 245 -37.64 4.04 -31.97
N ILE Y 246 -37.93 4.26 -33.25
CA ILE Y 246 -38.27 3.20 -34.19
C ILE Y 246 -37.11 3.03 -35.15
N GLY Y 247 -36.67 1.79 -35.33
CA GLY Y 247 -35.50 1.48 -36.10
C GLY Y 247 -34.28 1.12 -35.28
N SER Y 248 -34.44 0.80 -34.01
CA SER Y 248 -33.31 0.47 -33.14
C SER Y 248 -33.53 -0.76 -32.28
N ALA Y 249 -34.73 -1.33 -32.22
CA ALA Y 249 -35.01 -2.51 -31.41
C ALA Y 249 -34.67 -2.27 -29.94
N ILE Y 250 -34.92 -1.05 -29.48
CA ILE Y 250 -34.70 -0.66 -28.09
C ILE Y 250 -36.04 -0.19 -27.52
N ALA Y 251 -36.46 -0.82 -26.45
CA ALA Y 251 -37.70 -0.45 -25.78
C ALA Y 251 -37.40 0.67 -24.78
N PRO Y 252 -37.81 1.90 -25.05
CA PRO Y 252 -37.49 2.99 -24.15
C PRO Y 252 -38.24 2.86 -22.82
N ALA Y 253 -37.63 3.41 -21.78
CA ALA Y 253 -38.26 3.38 -20.46
C ALA Y 253 -39.60 4.08 -20.52
N GLY Y 254 -40.66 3.34 -20.23
CA GLY Y 254 -42.00 3.85 -20.33
C GLY Y 254 -42.80 3.34 -21.52
N SER Y 255 -42.29 2.36 -22.24
CA SER Y 255 -42.95 1.80 -23.40
C SER Y 255 -43.57 0.45 -23.05
N VAL Y 256 -44.36 -0.08 -23.96
CA VAL Y 256 -44.94 -1.41 -23.84
C VAL Y 256 -44.63 -2.16 -25.13
N ILE Y 257 -44.27 -3.43 -25.00
CA ILE Y 257 -43.92 -4.26 -26.14
C ILE Y 257 -44.77 -5.54 -26.09
N GLY Y 258 -45.41 -5.86 -27.20
CA GLY Y 258 -46.15 -7.10 -27.31
C GLY Y 258 -45.24 -8.22 -27.78
N VAL Y 259 -45.48 -9.41 -27.25
CA VAL Y 259 -44.74 -10.61 -27.61
C VAL Y 259 -45.73 -11.66 -28.06
N MET Y 260 -45.44 -12.30 -29.19
CA MET Y 260 -46.30 -13.35 -29.74
C MET Y 260 -45.44 -14.52 -30.16
N ILE Y 261 -45.84 -15.72 -29.77
CA ILE Y 261 -45.13 -16.95 -30.08
C ILE Y 261 -45.97 -17.75 -31.07
N LEU Y 262 -45.40 -18.06 -32.22
CA LEU Y 262 -46.07 -18.85 -33.23
C LEU Y 262 -45.67 -20.31 -33.06
N PHE Y 263 -46.67 -21.19 -32.99
CA PHE Y 263 -46.43 -22.60 -32.72
C PHE Y 263 -46.34 -23.37 -34.03
N GLY Y 264 -45.20 -24.00 -34.27
CA GLY Y 264 -45.00 -24.73 -35.50
C GLY Y 264 -45.76 -26.05 -35.52
N PRO Y 265 -45.43 -26.92 -36.46
CA PRO Y 265 -46.08 -28.23 -36.50
C PRO Y 265 -45.48 -29.18 -35.47
N ASP Y 266 -44.22 -28.92 -35.11
CA ASP Y 266 -43.56 -29.74 -34.11
C ASP Y 266 -44.22 -29.58 -32.74
N LEU Y 267 -44.59 -28.35 -32.38
CA LEU Y 267 -45.23 -28.09 -31.10
C LEU Y 267 -46.73 -27.86 -31.20
N GLY Y 268 -47.23 -27.51 -32.38
CA GLY Y 268 -48.66 -27.30 -32.52
C GLY Y 268 -49.47 -28.56 -32.37
N SER Y 269 -48.88 -29.72 -32.66
CA SER Y 269 -49.60 -30.97 -32.53
C SER Y 269 -50.06 -31.22 -31.11
N HIS Y 270 -49.33 -30.69 -30.13
CA HIS Y 270 -49.68 -30.87 -28.73
C HIS Y 270 -50.59 -29.74 -28.25
N VAL Y 271 -51.25 -29.99 -27.13
CA VAL Y 271 -52.04 -28.98 -26.43
C VAL Y 271 -51.72 -29.08 -24.96
N PHE Y 272 -51.43 -27.94 -24.34
CA PHE Y 272 -50.96 -27.90 -22.96
C PHE Y 272 -52.17 -27.90 -22.02
N GLN Y 273 -52.42 -29.04 -21.41
CA GLN Y 273 -53.49 -29.20 -20.43
C GLN Y 273 -52.90 -29.85 -19.18
N TYR Y 274 -53.11 -29.23 -18.02
CA TYR Y 274 -52.59 -29.71 -16.76
C TYR Y 274 -51.07 -29.84 -16.83
N GLN Y 275 -50.43 -28.82 -17.41
CA GLN Y 275 -48.99 -28.77 -17.53
C GLN Y 275 -48.50 -27.40 -17.08
N THR Y 276 -47.19 -27.30 -16.90
CA THR Y 276 -46.53 -26.05 -16.56
C THR Y 276 -45.68 -25.60 -17.74
N ILE Y 277 -45.92 -24.37 -18.21
CA ILE Y 277 -45.23 -23.81 -19.35
C ILE Y 277 -44.26 -22.74 -18.86
N THR Y 278 -43.00 -22.85 -19.27
CA THR Y 278 -41.96 -21.91 -18.84
C THR Y 278 -41.45 -21.15 -20.05
N ILE Y 279 -41.53 -19.82 -19.98
CA ILE Y 279 -40.97 -18.94 -21.00
C ILE Y 279 -39.99 -18.01 -20.31
N GLN Y 280 -38.86 -17.74 -20.97
CA GLN Y 280 -37.84 -16.87 -20.40
C GLN Y 280 -37.27 -15.98 -21.49
N ILE Y 281 -37.24 -14.68 -21.23
CA ILE Y 281 -36.68 -13.69 -22.15
C ILE Y 281 -35.42 -13.14 -21.50
N THR Y 282 -34.29 -13.33 -22.14
CA THR Y 282 -33.00 -12.94 -21.57
C THR Y 282 -32.31 -11.93 -22.46
N PRO Y 283 -32.29 -10.65 -22.09
CA PRO Y 283 -31.54 -9.68 -22.90
C PRO Y 283 -30.03 -9.81 -22.70
N ASN Y 284 -29.26 -8.94 -23.34
CA ASN Y 284 -27.81 -9.02 -23.17
C ASN Y 284 -27.35 -8.27 -21.91
N ILE Y 285 -28.08 -7.23 -21.50
CA ILE Y 285 -27.76 -6.47 -20.31
C ILE Y 285 -29.03 -6.33 -19.50
N GLY Y 286 -29.03 -6.89 -18.29
CA GLY Y 286 -30.17 -6.83 -17.41
C GLY Y 286 -30.62 -8.20 -16.95
N SER Y 287 -31.50 -8.18 -15.96
CA SER Y 287 -32.03 -9.42 -15.40
C SER Y 287 -32.93 -10.12 -16.41
N PRO Y 288 -33.15 -11.43 -16.25
CA PRO Y 288 -34.06 -12.13 -17.15
C PRO Y 288 -35.51 -11.89 -16.81
N LEU Y 289 -36.41 -12.58 -17.51
CA LEU Y 289 -37.84 -12.51 -17.24
C LEU Y 289 -38.42 -13.91 -17.43
N THR Y 290 -38.63 -14.61 -16.33
CA THR Y 290 -39.16 -15.97 -16.35
C THR Y 290 -40.63 -15.94 -15.95
N ILE Y 291 -41.49 -16.50 -16.79
CA ILE Y 291 -42.92 -16.56 -16.55
C ILE Y 291 -43.36 -18.01 -16.67
N SER Y 292 -43.79 -18.60 -15.56
CA SER Y 292 -44.24 -19.98 -15.52
C SER Y 292 -45.72 -20.02 -15.13
N GLU Y 293 -46.52 -20.68 -15.95
CA GLU Y 293 -47.96 -20.76 -15.73
C GLU Y 293 -48.39 -22.23 -15.71
N TYR Y 294 -49.57 -22.46 -15.13
CA TYR Y 294 -50.17 -23.78 -15.06
C TYR Y 294 -51.60 -23.68 -15.57
N VAL Y 295 -51.81 -24.04 -16.83
CA VAL Y 295 -53.13 -23.97 -17.45
C VAL Y 295 -53.85 -25.30 -17.27
N TYR Y 296 -55.10 -25.24 -16.83
CA TYR Y 296 -55.88 -26.47 -16.69
C TYR Y 296 -56.36 -26.96 -18.05
N GLN Y 297 -57.25 -26.20 -18.66
CA GLN Y 297 -57.98 -26.59 -19.86
C GLN Y 297 -58.39 -25.32 -20.59
N PRO Y 298 -58.26 -25.26 -21.91
CA PRO Y 298 -58.60 -24.04 -22.63
C PRO Y 298 -60.10 -23.86 -22.77
N GLU Y 299 -60.51 -22.61 -22.93
CA GLU Y 299 -61.91 -22.28 -23.17
C GLU Y 299 -61.99 -20.97 -23.95
N GLY Y 300 -62.91 -20.92 -24.92
CA GLY Y 300 -63.16 -19.72 -25.68
C GLY Y 300 -62.31 -19.52 -26.91
N SER Y 301 -61.41 -20.46 -27.21
CA SER Y 301 -60.49 -20.43 -28.36
C SER Y 301 -59.40 -19.38 -28.16
N VAL Y 302 -59.53 -18.55 -27.12
CA VAL Y 302 -58.45 -17.69 -26.66
C VAL Y 302 -58.50 -17.70 -25.14
N SER Y 303 -57.63 -18.48 -24.52
CA SER Y 303 -57.65 -18.66 -23.08
C SER Y 303 -56.71 -17.65 -22.43
N VAL Y 304 -57.22 -16.94 -21.42
CA VAL Y 304 -56.43 -15.89 -20.76
C VAL Y 304 -55.69 -16.57 -19.61
N ILE Y 305 -54.56 -17.20 -19.97
CA ILE Y 305 -53.63 -17.82 -19.03
C ILE Y 305 -52.51 -18.47 -19.82
N LEU Z 19 -84.41 -10.07 9.42
CA LEU Z 19 -85.08 -10.38 10.66
C LEU Z 19 -86.51 -10.83 10.40
N ALA Z 20 -87.23 -11.17 11.48
CA ALA Z 20 -88.63 -11.51 11.39
C ALA Z 20 -89.54 -10.39 11.91
N GLY Z 21 -88.96 -9.30 12.40
CA GLY Z 21 -89.78 -8.17 12.84
C GLY Z 21 -90.48 -7.49 11.69
N LEU Z 22 -89.80 -7.40 10.55
CA LEU Z 22 -90.43 -6.86 9.34
C LEU Z 22 -91.49 -7.83 8.82
N ASP Z 23 -91.13 -9.11 8.67
CA ASP Z 23 -92.05 -10.07 8.07
C ASP Z 23 -93.29 -10.25 8.92
N THR Z 24 -93.18 -10.09 10.24
CA THR Z 24 -94.33 -10.27 11.10
C THR Z 24 -95.37 -9.20 10.85
N ALA Z 25 -94.93 -7.96 10.59
CA ALA Z 25 -95.86 -6.88 10.33
C ALA Z 25 -96.60 -7.09 9.01
N ILE Z 26 -95.89 -7.59 8.00
CA ILE Z 26 -96.51 -7.78 6.69
C ILE Z 26 -97.64 -8.80 6.77
N ILE Z 27 -97.38 -9.95 7.38
CA ILE Z 27 -98.42 -10.94 7.55
C ILE Z 27 -99.49 -10.45 8.51
N LEU Z 28 -99.12 -9.55 9.43
CA LEU Z 28 -100.12 -8.97 10.32
C LEU Z 28 -101.06 -8.05 9.55
N ILE Z 29 -100.52 -7.27 8.62
CA ILE Z 29 -101.34 -6.36 7.83
C ILE Z 29 -102.32 -7.15 6.97
N ALA Z 30 -101.84 -8.21 6.32
CA ALA Z 30 -102.69 -8.98 5.43
C ALA Z 30 -103.79 -9.71 6.19
N PHE Z 31 -103.42 -10.38 7.27
CA PHE Z 31 -104.40 -11.19 8.00
C PHE Z 31 -105.50 -10.34 8.59
N ILE Z 32 -105.18 -9.11 9.03
CA ILE Z 32 -106.21 -8.20 9.50
C ILE Z 32 -107.15 -7.83 8.36
N ILE Z 33 -106.61 -7.71 7.15
CA ILE Z 33 -107.43 -7.32 6.01
C ILE Z 33 -108.42 -8.42 5.66
N THR Z 34 -107.93 -9.64 5.52
CA THR Z 34 -108.83 -10.75 5.20
C THR Z 34 -109.82 -11.01 6.32
N ALA Z 35 -109.42 -10.73 7.56
CA ALA Z 35 -110.34 -10.92 8.68
C ALA Z 35 -111.41 -9.83 8.68
N SER Z 36 -111.02 -8.60 8.34
CA SER Z 36 -111.99 -7.51 8.31
C SER Z 36 -113.03 -7.71 7.21
N VAL Z 37 -112.59 -8.22 6.06
CA VAL Z 37 -113.51 -8.49 4.96
C VAL Z 37 -114.52 -9.55 5.36
N LEU Z 38 -114.09 -10.55 6.13
CA LEU Z 38 -115.02 -11.57 6.59
C LEU Z 38 -116.12 -10.97 7.45
N ALA Z 39 -115.76 -10.10 8.38
CA ALA Z 39 -116.77 -9.41 9.17
C ALA Z 39 -117.53 -8.40 8.32
N TYR Z 40 -116.90 -7.93 7.24
CA TYR Z 40 -117.56 -6.97 6.35
C TYR Z 40 -118.76 -7.60 5.66
N VAL Z 41 -118.59 -8.79 5.09
CA VAL Z 41 -119.68 -9.44 4.40
C VAL Z 41 -120.60 -10.15 5.38
N ALA Z 42 -120.10 -10.51 6.56
CA ALA Z 42 -120.93 -11.19 7.53
C ALA Z 42 -122.03 -10.29 8.06
N ILE Z 43 -121.67 -9.09 8.51
CA ILE Z 43 -122.67 -8.15 9.00
C ILE Z 43 -123.64 -7.77 7.90
N ASN Z 44 -123.13 -7.57 6.68
CA ASN Z 44 -123.99 -7.21 5.57
C ASN Z 44 -125.00 -8.30 5.27
N MET Z 45 -124.51 -9.53 5.04
CA MET Z 45 -125.40 -10.64 4.73
C MET Z 45 -126.26 -10.99 5.93
N GLY Z 46 -125.74 -10.83 7.14
CA GLY Z 46 -126.53 -11.12 8.32
C GLY Z 46 -127.72 -10.19 8.47
N LEU Z 47 -127.48 -8.89 8.30
CA LEU Z 47 -128.57 -7.92 8.39
C LEU Z 47 -129.55 -8.08 7.24
N PHE Z 48 -129.08 -8.58 6.10
CA PHE Z 48 -129.97 -8.80 4.97
C PHE Z 48 -130.94 -9.94 5.25
N VAL Z 49 -130.46 -11.00 5.90
CA VAL Z 49 -131.29 -12.16 6.15
C VAL Z 49 -132.36 -11.86 7.19
N THR Z 50 -131.97 -11.21 8.29
CA THR Z 50 -132.94 -10.93 9.35
C THR Z 50 -134.05 -10.02 8.87
N GLN Z 51 -133.73 -9.10 7.95
CA GLN Z 51 -134.78 -8.28 7.36
C GLN Z 51 -135.68 -9.11 6.46
N LYS Z 52 -135.11 -10.08 5.74
CA LYS Z 52 -135.93 -11.01 4.98
C LYS Z 52 -136.83 -11.82 5.91
N ALA Z 53 -136.33 -12.17 7.09
CA ALA Z 53 -137.14 -12.87 8.06
C ALA Z 53 -138.28 -12.00 8.57
N LYS Z 54 -138.04 -10.69 8.67
CA LYS Z 54 -139.10 -9.78 9.08
C LYS Z 54 -140.20 -9.73 8.04
N SER Z 55 -139.86 -9.85 6.76
CA SER Z 55 -140.87 -9.90 5.72
C SER Z 55 -141.63 -11.22 5.77
N THR Z 56 -140.94 -12.31 6.10
CA THR Z 56 -141.59 -13.62 6.13
C THR Z 56 -142.58 -13.71 7.27
N ILE Z 57 -142.21 -13.21 8.45
CA ILE Z 57 -143.12 -13.28 9.59
C ILE Z 57 -144.32 -12.36 9.38
N ASN Z 58 -144.12 -11.24 8.68
CA ASN Z 58 -145.22 -10.33 8.41
C ASN Z 58 -146.24 -10.97 7.49
N LYS Z 59 -145.79 -11.45 6.32
CA LYS Z 59 -146.69 -12.13 5.41
C LYS Z 59 -147.23 -13.42 6.00
N GLY Z 60 -146.51 -14.03 6.94
CA GLY Z 60 -147.02 -15.21 7.60
C GLY Z 60 -148.21 -14.90 8.49
N GLU Z 61 -148.10 -13.85 9.31
CA GLU Z 61 -149.22 -13.44 10.14
C GLU Z 61 -150.38 -12.95 9.29
N GLU Z 62 -150.07 -12.32 8.14
CA GLU Z 62 -151.11 -11.86 7.24
C GLU Z 62 -151.95 -13.03 6.73
N THR Z 63 -151.32 -14.18 6.50
CA THR Z 63 -152.05 -15.33 5.99
C THR Z 63 -153.04 -15.85 7.03
N ALA Z 64 -152.64 -15.89 8.30
CA ALA Z 64 -153.49 -16.49 9.31
C ALA Z 64 -154.65 -15.59 9.67
N SER Z 65 -154.47 -14.28 9.61
CA SER Z 65 -155.49 -13.35 10.08
C SER Z 65 -156.61 -13.19 9.06
N THR Z 66 -156.27 -12.70 7.86
CA THR Z 66 -157.28 -12.39 6.86
C THR Z 66 -157.89 -13.66 6.30
N ALA Z 67 -159.22 -13.75 6.32
CA ALA Z 67 -159.95 -14.86 5.73
C ALA Z 67 -161.36 -14.40 5.44
N LEU Z 68 -162.06 -15.16 4.60
CA LEU Z 68 -163.41 -14.82 4.16
C LEU Z 68 -164.41 -15.82 4.72
N THR Z 69 -165.62 -15.33 4.97
CA THR Z 69 -166.71 -16.16 5.46
C THR Z 69 -167.92 -15.99 4.55
N LEU Z 70 -168.82 -16.96 4.63
CA LEU Z 70 -170.06 -16.95 3.85
C LEU Z 70 -171.18 -16.40 4.73
N SER Z 71 -171.17 -15.09 4.93
CA SER Z 71 -172.19 -14.42 5.70
C SER Z 71 -173.36 -14.08 4.79
N GLY Z 72 -174.55 -14.53 5.17
CA GLY Z 72 -175.73 -14.35 4.35
C GLY Z 72 -176.09 -15.60 3.56
N SER Z 73 -177.35 -15.64 3.12
CA SER Z 73 -177.86 -16.80 2.41
C SER Z 73 -177.30 -16.85 0.99
N VAL Z 74 -177.67 -17.91 0.28
CA VAL Z 74 -177.28 -18.12 -1.11
C VAL Z 74 -178.54 -18.32 -1.94
N LEU Z 75 -178.54 -17.79 -3.17
CA LEU Z 75 -179.69 -17.82 -4.03
C LEU Z 75 -179.42 -18.66 -5.27
N TYR Z 76 -180.49 -19.19 -5.85
CA TYR Z 76 -180.42 -20.05 -7.03
C TYR Z 76 -181.52 -19.65 -7.98
N ALA Z 77 -181.15 -19.18 -9.18
CA ALA Z 77 -182.09 -18.60 -10.12
C ALA Z 77 -182.13 -19.45 -11.39
N VAL Z 78 -183.18 -20.26 -11.53
CA VAL Z 78 -183.46 -21.03 -12.73
C VAL Z 78 -184.94 -20.92 -13.03
N ASN Z 79 -185.29 -20.94 -14.32
CA ASN Z 79 -186.70 -20.85 -14.73
C ASN Z 79 -187.56 -21.93 -14.07
N TYR Z 80 -188.52 -21.49 -13.25
CA TYR Z 80 -189.26 -22.41 -12.41
C TYR Z 80 -190.18 -23.33 -13.20
N PRO Z 81 -191.08 -22.84 -14.07
CA PRO Z 81 -192.06 -23.75 -14.69
C PRO Z 81 -191.42 -24.83 -15.54
N SER Z 82 -190.44 -24.49 -16.36
CA SER Z 82 -189.75 -25.45 -17.22
C SER Z 82 -188.26 -25.32 -16.95
N ASN Z 83 -187.75 -26.15 -16.03
CA ASN Z 83 -186.36 -26.08 -15.61
C ASN Z 83 -185.49 -26.63 -16.73
N THR Z 84 -185.05 -25.73 -17.62
CA THR Z 84 -184.19 -26.12 -18.74
C THR Z 84 -182.98 -25.23 -18.94
N ARG Z 85 -182.98 -24.00 -18.46
CA ARG Z 85 -181.85 -23.09 -18.62
C ARG Z 85 -181.48 -22.49 -17.27
N SER Z 86 -180.28 -22.80 -16.79
CA SER Z 86 -179.78 -22.22 -15.54
C SER Z 86 -179.32 -20.80 -15.81
N TYR Z 87 -179.76 -19.87 -14.96
CA TYR Z 87 -179.54 -18.44 -15.22
C TYR Z 87 -178.38 -17.86 -14.42
N TRP Z 88 -178.45 -17.90 -13.10
CA TRP Z 88 -177.41 -17.29 -12.27
C TRP Z 88 -177.62 -17.69 -10.82
N ILE Z 89 -176.63 -17.34 -9.99
CA ILE Z 89 -176.68 -17.56 -8.55
C ILE Z 89 -176.16 -16.30 -7.85
N TYR Z 90 -176.39 -16.23 -6.55
CA TYR Z 90 -176.00 -15.05 -5.80
C TYR Z 90 -175.85 -15.41 -4.32
N PHE Z 91 -174.88 -14.78 -3.67
CA PHE Z 91 -174.63 -14.96 -2.25
C PHE Z 91 -173.69 -13.86 -1.78
N THR Z 92 -173.84 -13.48 -0.51
CA THR Z 92 -173.00 -12.47 0.09
C THR Z 92 -171.79 -13.11 0.78
N VAL Z 93 -170.70 -12.36 0.85
CA VAL Z 93 -169.45 -12.84 1.43
C VAL Z 93 -168.87 -11.74 2.30
N SER Z 94 -168.41 -12.11 3.48
CA SER Z 94 -167.83 -11.18 4.44
C SER Z 94 -166.47 -11.71 4.89
N PRO Z 95 -165.57 -10.83 5.32
CA PRO Z 95 -164.28 -11.31 5.85
C PRO Z 95 -164.43 -12.13 7.12
N SER Z 96 -163.30 -12.60 7.66
CA SER Z 96 -163.33 -13.44 8.84
C SER Z 96 -164.00 -12.74 10.01
N SER Z 97 -163.38 -11.65 10.48
CA SER Z 97 -163.93 -10.87 11.58
C SER Z 97 -163.24 -9.51 11.57
N GLY Z 98 -163.45 -8.73 12.62
CA GLY Z 98 -162.82 -7.44 12.72
C GLY Z 98 -161.34 -7.53 13.03
N VAL Z 99 -160.57 -8.13 12.12
CA VAL Z 99 -159.15 -8.34 12.31
C VAL Z 99 -158.31 -7.62 11.26
N SER Z 100 -158.77 -7.62 10.00
CA SER Z 100 -158.04 -6.98 8.91
C SER Z 100 -158.92 -6.99 7.68
N SER Z 101 -158.42 -6.37 6.61
CA SER Z 101 -159.13 -6.30 5.35
C SER Z 101 -158.77 -7.49 4.47
N VAL Z 102 -159.31 -7.50 3.26
CA VAL Z 102 -159.03 -8.56 2.29
C VAL Z 102 -159.17 -7.96 0.89
N GLU Z 103 -158.26 -8.35 0.00
CA GLU Z 103 -158.24 -7.83 -1.35
C GLU Z 103 -158.89 -8.80 -2.32
N LEU Z 104 -159.82 -8.29 -3.12
CA LEU Z 104 -160.55 -9.08 -4.10
C LEU Z 104 -160.33 -8.55 -5.50
N SER Z 105 -159.09 -8.19 -5.81
CA SER Z 105 -158.76 -7.69 -7.13
C SER Z 105 -158.87 -8.81 -8.16
N PRO Z 106 -159.53 -8.57 -9.29
CA PRO Z 106 -159.64 -9.61 -10.32
C PRO Z 106 -158.31 -10.02 -10.92
N SER Z 107 -157.23 -9.31 -10.60
CA SER Z 107 -155.93 -9.65 -11.17
C SER Z 107 -155.41 -10.99 -10.65
N THR Z 108 -155.65 -11.29 -9.37
CA THR Z 108 -155.06 -12.47 -8.75
C THR Z 108 -156.06 -13.39 -8.07
N THR Z 109 -157.24 -12.89 -7.69
CA THR Z 109 -158.22 -13.73 -7.02
C THR Z 109 -158.82 -14.73 -8.00
N ALA Z 110 -159.07 -15.94 -7.52
CA ALA Z 110 -159.57 -17.01 -8.35
C ALA Z 110 -160.87 -17.56 -7.77
N ILE Z 111 -161.76 -18.00 -8.66
CA ILE Z 111 -163.01 -18.63 -8.28
C ILE Z 111 -163.29 -19.78 -9.25
N SER Z 112 -163.48 -20.98 -8.71
CA SER Z 112 -163.63 -22.17 -9.52
C SER Z 112 -165.07 -22.67 -9.46
N PHE Z 113 -165.45 -23.43 -10.50
CA PHE Z 113 -166.78 -23.99 -10.61
C PHE Z 113 -166.68 -25.41 -11.14
N THR Z 114 -167.27 -26.36 -10.41
CA THR Z 114 -167.21 -27.76 -10.76
C THR Z 114 -168.61 -28.37 -10.73
N ALA Z 115 -168.88 -29.28 -11.65
CA ALA Z 115 -170.16 -29.99 -11.73
C ALA Z 115 -169.89 -31.46 -11.42
N SER Z 116 -170.51 -31.96 -10.34
CA SER Z 116 -170.25 -33.32 -9.91
C SER Z 116 -170.96 -34.34 -10.81
N ALA Z 117 -172.24 -34.13 -11.09
CA ALA Z 117 -172.99 -35.10 -11.86
C ALA Z 117 -172.64 -35.05 -13.35
N GLU Z 118 -172.54 -33.84 -13.91
CA GLU Z 118 -172.24 -33.72 -15.33
C GLU Z 118 -170.82 -34.13 -15.64
N GLY Z 119 -169.85 -33.46 -15.03
CA GLY Z 119 -168.45 -33.73 -15.25
C GLY Z 119 -167.65 -32.59 -15.86
N ILE Z 120 -168.12 -31.36 -15.74
CA ILE Z 120 -167.42 -30.19 -16.27
C ILE Z 120 -166.88 -29.39 -15.08
N SER Z 121 -165.68 -28.83 -15.26
CA SER Z 121 -165.04 -28.06 -14.20
C SER Z 121 -164.44 -26.80 -14.79
N TYR Z 122 -164.65 -25.67 -14.10
CA TYR Z 122 -164.09 -24.38 -14.48
C TYR Z 122 -163.14 -23.90 -13.42
N SER Z 123 -162.42 -22.82 -13.72
CA SER Z 123 -161.47 -22.25 -12.79
C SER Z 123 -161.24 -20.79 -13.12
N ASN Z 124 -161.26 -19.95 -12.09
CA ASN Z 124 -161.00 -18.51 -12.21
C ASN Z 124 -161.92 -17.88 -13.26
N ILE Z 125 -163.21 -17.88 -12.95
CA ILE Z 125 -164.21 -17.24 -13.79
C ILE Z 125 -164.40 -15.81 -13.31
N TYR Z 126 -163.51 -15.36 -12.44
CA TYR Z 126 -163.51 -13.98 -11.99
C TYR Z 126 -162.96 -13.08 -13.10
N GLU Z 127 -163.79 -12.18 -13.62
CA GLU Z 127 -163.40 -11.33 -14.73
C GLU Z 127 -163.37 -9.86 -14.39
N TYR Z 128 -164.46 -9.32 -13.85
CA TYR Z 128 -164.54 -7.89 -13.56
C TYR Z 128 -165.26 -7.68 -12.24
N THR Z 129 -165.24 -6.43 -11.78
CA THR Z 129 -165.95 -6.05 -10.57
C THR Z 129 -166.18 -4.54 -10.59
N LEU Z 130 -167.15 -4.10 -9.80
CA LEU Z 130 -167.52 -2.70 -9.74
C LEU Z 130 -166.89 -1.97 -8.55
N LEU Z 131 -165.91 -2.58 -7.90
CA LEU Z 131 -165.28 -1.93 -6.75
C LEU Z 131 -164.40 -0.76 -7.17
N THR Z 132 -163.85 -0.81 -8.39
CA THR Z 132 -162.91 0.20 -8.83
C THR Z 132 -163.55 1.36 -9.56
N VAL Z 133 -164.85 1.32 -9.79
CA VAL Z 133 -165.53 2.36 -10.56
C VAL Z 133 -165.99 3.47 -9.63
N SER Z 134 -166.04 4.68 -10.16
CA SER Z 134 -166.43 5.84 -9.39
C SER Z 134 -167.91 6.16 -9.61
N PRO Z 135 -168.59 6.72 -8.59
CA PRO Z 135 -170.01 7.06 -8.76
C PRO Z 135 -170.24 8.19 -9.74
N SER Z 136 -169.19 8.88 -10.19
CA SER Z 136 -169.39 10.01 -11.11
C SER Z 136 -169.90 9.52 -12.46
N GLU Z 137 -169.16 8.63 -13.12
CA GLU Z 137 -169.55 8.18 -14.44
C GLU Z 137 -170.79 7.29 -14.40
N LEU Z 138 -170.87 6.43 -13.39
CA LEU Z 138 -171.96 5.45 -13.33
C LEU Z 138 -173.31 6.15 -13.21
N ALA Z 139 -173.48 6.95 -12.16
CA ALA Z 139 -174.76 7.63 -11.93
C ALA Z 139 -174.94 8.85 -12.81
N ASN Z 140 -174.12 9.04 -13.85
CA ASN Z 140 -174.23 10.24 -14.66
C ASN Z 140 -175.44 10.18 -15.59
N GLN Z 141 -175.46 9.19 -16.50
CA GLN Z 141 -176.56 9.08 -17.45
C GLN Z 141 -176.84 7.62 -17.73
N VAL Z 142 -178.08 7.20 -17.45
CA VAL Z 142 -178.65 5.95 -17.94
C VAL Z 142 -180.15 6.05 -17.77
N TYR Z 143 -180.90 5.66 -18.81
CA TYR Z 143 -182.35 5.84 -18.77
C TYR Z 143 -183.07 5.05 -19.84
N ALA Z 144 -184.17 4.39 -19.46
CA ALA Z 144 -185.09 3.77 -20.41
C ALA Z 144 -186.41 4.51 -20.50
N ASN Z 145 -186.64 5.49 -19.64
CA ASN Z 145 -187.84 6.32 -19.65
C ASN Z 145 -187.45 7.77 -19.91
N GLY Z 146 -188.43 8.67 -19.79
CA GLY Z 146 -188.18 10.08 -20.05
C GLY Z 146 -187.24 10.74 -19.07
N GLN Z 147 -186.98 10.10 -17.93
CA GLN Z 147 -186.12 10.66 -16.90
C GLN Z 147 -184.87 9.81 -16.72
N TYR Z 148 -183.77 10.48 -16.36
CA TYR Z 148 -182.52 9.77 -16.10
C TYR Z 148 -182.58 9.12 -14.73
N LEU Z 149 -182.29 7.83 -14.66
CA LEU Z 149 -182.44 7.06 -13.44
C LEU Z 149 -181.11 6.97 -12.70
N ASP Z 150 -181.20 6.86 -11.38
CA ASP Z 150 -180.04 6.70 -10.51
C ASP Z 150 -179.79 5.22 -10.25
N LEU Z 151 -178.53 4.90 -9.96
CA LEU Z 151 -178.12 3.52 -9.81
C LEU Z 151 -177.54 3.18 -8.44
N VAL Z 152 -176.71 4.06 -7.88
CA VAL Z 152 -176.00 3.76 -6.64
C VAL Z 152 -176.55 4.61 -5.51
N ASN Z 153 -176.59 4.02 -4.32
CA ASN Z 153 -177.01 4.70 -3.11
C ASN Z 153 -175.78 4.98 -2.27
N GLN Z 154 -175.56 6.25 -1.92
CA GLN Z 154 -174.35 6.65 -1.22
C GLN Z 154 -174.69 7.51 -0.02
N GLN Z 155 -174.13 7.15 1.13
CA GLN Z 155 -174.21 7.95 2.34
C GLN Z 155 -172.80 8.37 2.73
N THR Z 156 -172.68 9.56 3.34
CA THR Z 156 -171.40 10.12 3.68
C THR Z 156 -171.35 10.50 5.15
N ASN Z 157 -170.20 10.25 5.77
CA ASN Z 157 -169.94 10.59 7.16
C ASN Z 157 -168.46 10.37 7.44
N ALA Z 158 -167.95 11.10 8.43
CA ALA Z 158 -166.55 10.99 8.84
C ALA Z 158 -165.60 11.21 7.68
N GLY Z 159 -165.96 12.15 6.80
CA GLY Z 159 -165.12 12.45 5.64
C GLY Z 159 -164.94 11.28 4.70
N GLN Z 160 -165.85 10.31 4.72
CA GLN Z 160 -165.76 9.15 3.87
C GLN Z 160 -167.11 8.89 3.21
N THR Z 161 -167.08 8.23 2.06
CA THR Z 161 -168.27 7.95 1.28
C THR Z 161 -168.47 6.44 1.17
N TYR Z 162 -169.64 5.97 1.57
CA TYR Z 162 -169.98 4.56 1.52
C TYR Z 162 -171.02 4.36 0.42
N VAL Z 163 -170.63 3.67 -0.66
CA VAL Z 163 -171.52 3.41 -1.77
C VAL Z 163 -171.80 1.91 -1.83
N TYR Z 164 -172.94 1.57 -2.44
CA TYR Z 164 -173.38 0.20 -2.56
C TYR Z 164 -174.54 0.14 -3.54
N TYR Z 165 -174.80 -1.06 -4.07
CA TYR Z 165 -175.93 -1.30 -4.93
C TYR Z 165 -176.89 -2.24 -4.24
N PRO Z 166 -178.10 -1.79 -3.87
CA PRO Z 166 -179.00 -2.65 -3.10
C PRO Z 166 -179.47 -3.88 -3.86
N ASN Z 167 -180.00 -3.68 -5.06
CA ASN Z 167 -180.51 -4.84 -5.77
C ASN Z 167 -179.51 -5.31 -6.81
N PRO Z 168 -179.36 -6.63 -6.96
CA PRO Z 168 -178.38 -7.16 -7.93
C PRO Z 168 -178.55 -6.61 -9.35
N TYR Z 169 -179.78 -6.52 -9.85
CA TYR Z 169 -179.99 -6.05 -11.22
C TYR Z 169 -179.39 -4.67 -11.45
N TYR Z 170 -179.39 -3.82 -10.41
CA TYR Z 170 -178.73 -2.52 -10.54
C TYR Z 170 -177.26 -2.69 -10.85
N ALA Z 171 -176.63 -3.73 -10.31
CA ALA Z 171 -175.22 -3.98 -10.61
C ALA Z 171 -175.04 -4.50 -12.03
N LEU Z 172 -176.04 -5.21 -12.57
CA LEU Z 172 -175.94 -5.68 -13.94
C LEU Z 172 -175.85 -4.51 -14.92
N LEU Z 173 -176.77 -3.55 -14.80
CA LEU Z 173 -176.70 -2.37 -15.65
C LEU Z 173 -175.42 -1.60 -15.39
N ALA Z 174 -174.97 -1.55 -14.14
CA ALA Z 174 -173.71 -0.90 -13.81
C ALA Z 174 -172.56 -1.58 -14.53
N LEU Z 175 -172.54 -2.91 -14.54
CA LEU Z 175 -171.49 -3.64 -15.24
C LEU Z 175 -171.54 -3.36 -16.74
N ASN Z 176 -172.75 -3.36 -17.31
CA ASN Z 176 -172.90 -3.08 -18.74
C ASN Z 176 -172.35 -1.69 -19.08
N TYR Z 177 -172.71 -0.69 -18.28
CA TYR Z 177 -172.23 0.67 -18.53
C TYR Z 177 -170.72 0.75 -18.43
N THR Z 178 -170.12 0.00 -17.51
CA THR Z 178 -168.68 0.08 -17.30
C THR Z 178 -167.93 -0.63 -18.42
N LEU Z 179 -168.28 -1.88 -18.70
CA LEU Z 179 -167.57 -2.62 -19.73
C LEU Z 179 -167.74 -2.00 -21.10
N SER Z 180 -168.69 -1.08 -21.26
CA SER Z 180 -168.91 -0.46 -22.56
C SER Z 180 -167.92 0.66 -22.82
N LYS Z 181 -167.93 1.69 -21.97
CA LYS Z 181 -167.12 2.88 -22.20
C LYS Z 181 -166.03 3.08 -21.16
N ILE Z 182 -166.24 2.67 -19.92
CA ILE Z 182 -165.21 2.84 -18.89
C ILE Z 182 -163.97 2.04 -19.26
N ASP Z 183 -164.14 0.79 -19.67
CA ASP Z 183 -163.07 -0.04 -20.17
C ASP Z 183 -163.39 -0.44 -21.60
N LYS Z 184 -162.44 -0.23 -22.51
CA LYS Z 184 -162.65 -0.50 -23.93
C LYS Z 184 -162.25 -1.93 -24.27
N VAL Z 185 -163.03 -2.87 -23.74
CA VAL Z 185 -162.83 -4.28 -24.02
C VAL Z 185 -163.60 -4.63 -25.30
N SER Z 186 -162.89 -5.21 -26.28
CA SER Z 186 -163.51 -5.41 -27.58
C SER Z 186 -164.56 -6.52 -27.56
N PRO Z 187 -164.35 -7.66 -26.87
CA PRO Z 187 -165.47 -8.58 -26.70
C PRO Z 187 -166.26 -8.28 -25.43
N SER Z 188 -167.57 -8.11 -25.57
CA SER Z 188 -168.41 -7.80 -24.41
C SER Z 188 -168.91 -9.09 -23.80
N PRO Z 189 -168.63 -9.36 -22.51
CA PRO Z 189 -169.16 -10.58 -21.90
C PRO Z 189 -170.67 -10.58 -21.80
N LEU Z 190 -171.28 -9.43 -21.54
CA LEU Z 190 -172.72 -9.31 -21.44
C LEU Z 190 -173.21 -8.13 -22.26
N TYR Z 191 -174.49 -8.15 -22.60
CA TYR Z 191 -175.11 -7.09 -23.38
C TYR Z 191 -176.60 -7.05 -23.05
N ILE Z 192 -177.09 -5.88 -22.65
CA ILE Z 192 -178.49 -5.68 -22.27
C ILE Z 192 -179.07 -4.59 -23.14
N THR Z 193 -180.25 -4.84 -23.71
CA THR Z 193 -180.96 -3.84 -24.49
C THR Z 193 -182.44 -4.16 -24.45
N THR Z 194 -183.26 -3.14 -24.21
CA THR Z 194 -184.70 -3.32 -24.06
C THR Z 194 -185.41 -3.69 -25.35
N THR Z 195 -184.68 -3.91 -26.45
CA THR Z 195 -185.32 -4.29 -27.69
C THR Z 195 -185.95 -5.68 -27.57
N THR Z 196 -186.85 -5.97 -28.52
CA THR Z 196 -187.48 -7.27 -28.55
C THR Z 196 -186.42 -8.35 -28.80
N PRO Z 197 -186.43 -9.43 -28.02
CA PRO Z 197 -185.40 -10.48 -28.19
C PRO Z 197 -185.28 -11.00 -29.61
N SER Z 198 -186.40 -11.21 -30.30
CA SER Z 198 -186.33 -11.61 -31.69
C SER Z 198 -185.73 -10.50 -32.55
N SER Z 199 -186.11 -9.25 -32.26
CA SER Z 199 -185.56 -8.12 -33.02
C SER Z 199 -184.05 -8.01 -32.82
N ALA Z 200 -183.59 -8.28 -31.60
CA ALA Z 200 -182.15 -8.25 -31.34
C ALA Z 200 -181.42 -9.28 -32.18
N THR Z 201 -182.04 -10.42 -32.44
CA THR Z 201 -181.42 -11.44 -33.27
C THR Z 201 -181.29 -10.97 -34.72
N GLN Z 202 -182.27 -10.20 -35.19
CA GLN Z 202 -182.20 -9.70 -36.57
C GLN Z 202 -181.07 -8.70 -36.73
N ILE Z 203 -180.98 -7.72 -35.84
CA ILE Z 203 -179.91 -6.74 -35.94
C ILE Z 203 -178.58 -7.36 -35.56
N TYR Z 204 -178.57 -8.29 -34.61
CA TYR Z 204 -177.35 -8.94 -34.17
C TYR Z 204 -177.53 -10.45 -34.30
N PRO Z 205 -177.10 -11.04 -35.41
CA PRO Z 205 -177.27 -12.50 -35.57
C PRO Z 205 -176.48 -13.32 -34.58
N PHE Z 206 -175.30 -12.84 -34.17
CA PHE Z 206 -174.52 -13.54 -33.17
C PHE Z 206 -175.22 -13.61 -31.82
N LEU Z 207 -176.16 -12.71 -31.57
CA LEU Z 207 -176.83 -12.67 -30.27
C LEU Z 207 -177.73 -13.89 -30.06
N ALA Z 208 -178.09 -14.60 -31.12
CA ALA Z 208 -178.97 -15.76 -30.99
C ALA Z 208 -178.26 -16.96 -30.36
N HIS Z 209 -176.93 -16.93 -30.26
CA HIS Z 209 -176.19 -18.01 -29.65
C HIS Z 209 -176.04 -17.86 -28.14
N ASP Z 210 -176.08 -16.62 -27.65
CA ASP Z 210 -175.90 -16.37 -26.23
C ASP Z 210 -177.11 -16.81 -25.44
N ASN Z 211 -176.91 -17.05 -24.15
CA ASN Z 211 -178.02 -17.30 -23.26
C ASN Z 211 -178.62 -15.99 -22.78
N MET Z 212 -179.88 -16.05 -22.34
CA MET Z 212 -180.61 -14.85 -21.98
C MET Z 212 -181.49 -15.14 -20.77
N PHE Z 213 -181.90 -14.06 -20.11
CA PHE Z 213 -182.80 -14.14 -18.96
C PHE Z 213 -183.47 -12.78 -18.80
N THR Z 214 -184.74 -12.81 -18.42
CA THR Z 214 -185.55 -11.60 -18.35
C THR Z 214 -185.66 -11.10 -16.92
N PHE Z 215 -185.81 -9.79 -16.79
CA PHE Z 215 -186.00 -9.15 -15.49
C PHE Z 215 -186.55 -7.75 -15.73
N THR Z 216 -187.67 -7.44 -15.10
CA THR Z 216 -188.38 -6.19 -15.31
C THR Z 216 -188.35 -5.35 -14.03
N LEU Z 217 -188.92 -4.16 -14.14
CA LEU Z 217 -189.00 -3.23 -13.00
C LEU Z 217 -190.01 -2.14 -13.36
N ASN Z 218 -190.70 -1.63 -12.36
CA ASN Z 218 -191.68 -0.57 -12.53
C ASN Z 218 -191.01 0.77 -12.27
N ILE Z 219 -190.77 1.53 -13.32
CA ILE Z 219 -190.15 2.84 -13.25
C ILE Z 219 -191.19 3.89 -13.62
N SER Z 220 -191.31 4.93 -12.80
CA SER Z 220 -192.23 6.05 -13.04
C SER Z 220 -193.65 5.57 -13.28
N GLY Z 221 -194.03 4.46 -12.66
CA GLY Z 221 -195.38 3.93 -12.75
C GLY Z 221 -195.59 2.88 -13.82
N THR Z 222 -194.66 2.73 -14.75
CA THR Z 222 -194.78 1.77 -15.84
C THR Z 222 -193.70 0.70 -15.72
N LEU Z 223 -194.03 -0.50 -16.20
CA LEU Z 223 -193.09 -1.60 -16.18
C LEU Z 223 -192.17 -1.55 -17.39
N VAL Z 224 -190.88 -1.76 -17.16
CA VAL Z 224 -189.88 -1.79 -18.22
C VAL Z 224 -189.11 -3.11 -18.07
N THR Z 225 -189.26 -4.00 -19.04
CA THR Z 225 -188.56 -5.27 -19.02
C THR Z 225 -187.14 -5.10 -19.54
N TYR Z 226 -186.33 -6.16 -19.36
CA TYR Z 226 -184.95 -6.13 -19.82
C TYR Z 226 -184.57 -7.52 -20.32
N TYR Z 227 -183.52 -7.55 -21.14
CA TYR Z 227 -183.04 -8.81 -21.72
C TYR Z 227 -181.51 -8.76 -21.72
N ALA Z 228 -180.89 -9.65 -20.96
CA ALA Z 228 -179.44 -9.69 -20.80
C ALA Z 228 -178.88 -10.92 -21.50
N PHE Z 229 -177.97 -10.69 -22.43
CA PHE Z 229 -177.31 -11.77 -23.16
C PHE Z 229 -175.86 -11.88 -22.71
N VAL Z 230 -175.40 -13.13 -22.53
CA VAL Z 230 -174.04 -13.40 -22.10
C VAL Z 230 -173.46 -14.50 -22.98
N ASN Z 231 -172.22 -14.33 -23.42
CA ASN Z 231 -171.59 -15.23 -24.37
C ASN Z 231 -170.54 -16.13 -23.74
N GLN Z 232 -170.27 -16.00 -22.44
CA GLN Z 232 -169.23 -16.80 -21.83
C GLN Z 232 -169.45 -16.85 -20.31
N THR Z 233 -169.18 -18.01 -19.73
CA THR Z 233 -169.34 -18.18 -18.28
C THR Z 233 -168.39 -17.28 -17.52
N PHE Z 234 -168.93 -16.43 -16.66
CA PHE Z 234 -168.11 -15.51 -15.90
C PHE Z 234 -168.85 -15.11 -14.62
N ALA Z 235 -168.14 -14.41 -13.75
CA ALA Z 235 -168.67 -13.98 -12.48
C ALA Z 235 -168.06 -12.63 -12.11
N PHE Z 236 -168.80 -11.86 -11.31
CA PHE Z 236 -168.36 -10.52 -10.92
C PHE Z 236 -168.82 -10.24 -9.49
N THR Z 237 -168.25 -9.18 -8.92
CA THR Z 237 -168.56 -8.78 -7.54
C THR Z 237 -168.83 -7.28 -7.50
N TYR Z 238 -169.50 -6.85 -6.43
CA TYR Z 238 -169.88 -5.45 -6.26
C TYR Z 238 -170.08 -5.19 -4.78
N PRO Z 239 -169.83 -3.96 -4.32
CA PRO Z 239 -170.02 -3.65 -2.91
C PRO Z 239 -171.48 -3.57 -2.55
N VAL Z 240 -171.83 -4.10 -1.38
CA VAL Z 240 -173.22 -4.18 -0.96
C VAL Z 240 -173.44 -3.46 0.35
N ALA Z 241 -172.37 -3.25 1.13
CA ALA Z 241 -172.51 -2.64 2.44
C ALA Z 241 -171.18 -2.11 2.93
N GLY Z 242 -171.16 -0.83 3.31
CA GLY Z 242 -170.04 -0.23 4.01
C GLY Z 242 -168.67 -0.40 3.40
N ASP Z 243 -168.44 0.18 2.23
CA ASP Z 243 -167.13 0.15 1.59
C ASP Z 243 -166.67 1.59 1.38
N PRO Z 244 -165.93 2.17 2.32
CA PRO Z 244 -165.50 3.57 2.12
C PRO Z 244 -164.44 3.72 1.05
N LEU Z 245 -163.49 2.79 0.97
CA LEU Z 245 -162.37 2.90 0.04
C LEU Z 245 -162.80 2.38 -1.32
N ILE Z 246 -163.34 3.28 -2.13
CA ILE Z 246 -163.85 2.95 -3.45
C ILE Z 246 -162.78 3.28 -4.49
N GLY Z 247 -162.53 2.35 -5.41
CA GLY Z 247 -161.56 2.55 -6.45
C GLY Z 247 -160.28 1.76 -6.30
N SER Z 248 -160.25 0.76 -5.43
CA SER Z 248 -159.05 -0.02 -5.18
C SER Z 248 -159.27 -1.51 -5.06
N ALA Z 249 -160.51 -1.98 -5.20
CA ALA Z 249 -160.84 -3.41 -5.17
C ALA Z 249 -160.42 -4.07 -3.87
N ILE Z 250 -160.49 -3.33 -2.76
CA ILE Z 250 -160.21 -3.85 -1.43
C ILE Z 250 -161.48 -3.80 -0.62
N ALA Z 251 -161.82 -4.91 0.03
CA ALA Z 251 -162.97 -4.98 0.91
C ALA Z 251 -162.52 -4.85 2.35
N PRO Z 252 -162.62 -3.66 2.95
CA PRO Z 252 -162.07 -3.46 4.30
C PRO Z 252 -162.82 -4.28 5.33
N ALA Z 253 -162.24 -4.35 6.52
CA ALA Z 253 -162.87 -5.07 7.62
C ALA Z 253 -164.19 -4.40 7.99
N GLY Z 254 -165.13 -5.21 8.46
CA GLY Z 254 -166.45 -4.70 8.76
C GLY Z 254 -167.30 -4.39 7.55
N SER Z 255 -166.89 -4.83 6.36
CA SER Z 255 -167.63 -4.63 5.13
C SER Z 255 -168.24 -5.94 4.66
N VAL Z 256 -169.16 -5.84 3.70
CA VAL Z 256 -169.81 -6.99 3.10
C VAL Z 256 -169.73 -6.84 1.59
N ILE Z 257 -169.46 -7.93 0.90
CA ILE Z 257 -169.36 -7.95 -0.56
C ILE Z 257 -170.40 -8.91 -1.11
N GLY Z 258 -170.76 -8.70 -2.37
CA GLY Z 258 -171.69 -9.57 -3.07
C GLY Z 258 -170.99 -10.28 -4.21
N VAL Z 259 -171.42 -11.51 -4.47
CA VAL Z 259 -170.82 -12.34 -5.52
C VAL Z 259 -171.94 -12.92 -6.36
N MET Z 260 -171.81 -12.82 -7.68
CA MET Z 260 -172.77 -13.40 -8.61
C MET Z 260 -172.03 -14.03 -9.78
N ILE Z 261 -172.57 -15.16 -10.24
CA ILE Z 261 -171.99 -15.91 -11.35
C ILE Z 261 -173.03 -16.04 -12.45
N LEU Z 262 -172.61 -15.79 -13.68
CA LEU Z 262 -173.48 -15.93 -14.84
C LEU Z 262 -173.07 -17.17 -15.64
N PHE Z 263 -174.04 -17.73 -16.36
CA PHE Z 263 -173.85 -18.97 -17.10
C PHE Z 263 -173.93 -18.71 -18.59
N GLY Z 264 -173.16 -19.48 -19.35
CA GLY Z 264 -173.09 -19.31 -20.79
C GLY Z 264 -173.60 -20.52 -21.54
N PRO Z 265 -173.36 -20.55 -22.85
CA PRO Z 265 -173.91 -21.66 -23.67
C PRO Z 265 -173.36 -23.01 -23.30
N ASP Z 266 -172.06 -23.08 -22.97
CA ASP Z 266 -171.45 -24.37 -22.66
C ASP Z 266 -172.01 -24.98 -21.38
N LEU Z 267 -172.56 -24.16 -20.49
CA LEU Z 267 -173.09 -24.65 -19.22
C LEU Z 267 -174.57 -24.34 -19.01
N GLY Z 268 -175.04 -23.19 -19.51
CA GLY Z 268 -176.42 -22.78 -19.31
C GLY Z 268 -177.45 -23.74 -19.86
N SER Z 269 -177.04 -24.69 -20.71
CA SER Z 269 -177.95 -25.68 -21.27
C SER Z 269 -178.20 -26.84 -20.31
N HIS Z 270 -177.88 -26.68 -19.02
CA HIS Z 270 -178.03 -27.75 -18.04
C HIS Z 270 -178.59 -27.16 -16.75
N VAL Z 271 -179.56 -27.85 -16.18
CA VAL Z 271 -180.15 -27.47 -14.90
C VAL Z 271 -179.63 -28.40 -13.82
N PHE Z 272 -179.04 -27.82 -12.78
CA PHE Z 272 -178.40 -28.60 -11.73
C PHE Z 272 -179.45 -29.11 -10.75
N GLN Z 273 -179.54 -30.43 -10.62
CA GLN Z 273 -180.53 -31.05 -9.76
C GLN Z 273 -180.00 -32.40 -9.29
N TYR Z 274 -180.08 -32.64 -7.98
CA TYR Z 274 -179.55 -33.87 -7.37
C TYR Z 274 -178.04 -33.98 -7.60
N GLN Z 275 -177.35 -32.86 -7.54
CA GLN Z 275 -175.90 -32.79 -7.75
C GLN Z 275 -175.27 -32.04 -6.58
N THR Z 276 -173.94 -31.95 -6.60
CA THR Z 276 -173.19 -31.17 -5.64
C THR Z 276 -172.33 -30.16 -6.39
N ILE Z 277 -172.53 -28.88 -6.10
CA ILE Z 277 -171.80 -27.80 -6.75
C ILE Z 277 -170.80 -27.24 -5.75
N THR Z 278 -169.54 -27.13 -6.17
CA THR Z 278 -168.46 -26.66 -5.33
C THR Z 278 -167.98 -25.31 -5.83
N ILE Z 279 -167.96 -24.33 -4.94
CA ILE Z 279 -167.45 -22.99 -5.24
C ILE Z 279 -166.45 -22.61 -4.16
N GLN Z 280 -165.24 -22.27 -4.57
CA GLN Z 280 -164.17 -21.90 -3.65
C GLN Z 280 -163.60 -20.55 -4.06
N ILE Z 281 -163.73 -19.57 -3.17
CA ILE Z 281 -163.13 -18.25 -3.39
C ILE Z 281 -161.83 -18.19 -2.60
N THR Z 282 -160.80 -17.63 -3.22
CA THR Z 282 -159.49 -17.63 -2.59
C THR Z 282 -158.64 -16.46 -3.09
N PRO Z 283 -158.23 -15.56 -2.20
CA PRO Z 283 -157.32 -14.49 -2.59
C PRO Z 283 -155.89 -14.99 -2.70
N ASN Z 284 -155.01 -14.10 -3.15
CA ASN Z 284 -153.60 -14.46 -3.26
C ASN Z 284 -152.99 -14.70 -1.88
N ILE Z 285 -153.44 -13.97 -0.87
CA ILE Z 285 -153.05 -14.22 0.52
C ILE Z 285 -154.32 -14.43 1.33
N GLY Z 286 -154.46 -15.61 1.91
CA GLY Z 286 -155.64 -15.92 2.69
C GLY Z 286 -156.13 -17.34 2.49
N SER Z 287 -156.85 -17.86 3.47
CA SER Z 287 -157.38 -19.20 3.36
C SER Z 287 -158.59 -19.21 2.41
N PRO Z 288 -158.68 -20.23 1.54
CA PRO Z 288 -159.82 -20.30 0.62
C PRO Z 288 -161.13 -20.53 1.36
N LEU Z 289 -162.22 -20.48 0.61
CA LEU Z 289 -163.57 -20.71 1.14
C LEU Z 289 -164.27 -21.67 0.18
N THR Z 290 -164.09 -22.97 0.42
CA THR Z 290 -164.66 -24.01 -0.44
C THR Z 290 -166.06 -24.33 0.06
N ILE Z 291 -167.07 -23.94 -0.71
CA ILE Z 291 -168.47 -24.18 -0.37
C ILE Z 291 -169.02 -25.20 -1.36
N SER Z 292 -169.46 -26.34 -0.84
CA SER Z 292 -170.03 -27.41 -1.65
C SER Z 292 -171.37 -27.81 -1.04
N GLU Z 293 -172.45 -27.47 -1.73
CA GLU Z 293 -173.81 -27.73 -1.26
C GLU Z 293 -174.50 -28.72 -2.18
N TYR Z 294 -175.68 -29.16 -1.74
CA TYR Z 294 -176.50 -30.10 -2.49
C TYR Z 294 -177.87 -29.48 -2.72
N VAL Z 295 -178.31 -29.48 -3.97
CA VAL Z 295 -179.58 -28.87 -4.35
C VAL Z 295 -180.67 -29.93 -4.25
N TYR Z 296 -181.82 -29.53 -3.70
CA TYR Z 296 -182.95 -30.44 -3.54
C TYR Z 296 -183.93 -30.31 -4.71
N GLN Z 297 -184.50 -29.12 -4.89
CA GLN Z 297 -185.46 -28.87 -5.96
C GLN Z 297 -185.68 -27.37 -6.11
N PRO Z 298 -185.68 -26.85 -7.33
CA PRO Z 298 -185.91 -25.41 -7.51
C PRO Z 298 -187.40 -25.08 -7.52
N GLU Z 299 -187.70 -23.84 -7.13
CA GLU Z 299 -189.07 -23.38 -7.08
C GLU Z 299 -189.10 -21.86 -7.08
N GLY Z 300 -190.15 -21.31 -7.70
CA GLY Z 300 -190.37 -19.88 -7.71
C GLY Z 300 -189.31 -19.07 -8.42
N SER Z 301 -188.42 -19.74 -9.14
CA SER Z 301 -187.31 -19.16 -9.90
C SER Z 301 -186.26 -18.50 -9.02
N VAL Z 302 -186.45 -18.49 -7.71
CA VAL Z 302 -185.44 -17.99 -6.77
C VAL Z 302 -185.35 -18.96 -5.61
N SER Z 303 -184.39 -19.88 -5.67
CA SER Z 303 -184.25 -20.96 -4.71
C SER Z 303 -183.20 -20.60 -3.67
N VAL Z 304 -183.55 -20.78 -2.39
CA VAL Z 304 -182.61 -20.54 -1.29
C VAL Z 304 -182.00 -21.89 -0.92
N ILE Z 305 -180.91 -22.23 -1.59
CA ILE Z 305 -180.21 -23.47 -1.32
C ILE Z 305 -178.81 -23.41 -1.92
N LEU AA 19 6.19 6.03 -1.04
CA LEU AA 19 5.62 5.03 -0.14
C LEU AA 19 4.12 4.90 -0.39
N ALA AA 20 3.48 3.99 0.36
CA ALA AA 20 2.05 3.82 0.34
C ALA AA 20 1.35 4.53 1.48
N GLY AA 21 2.11 5.03 2.47
CA GLY AA 21 1.51 5.78 3.55
C GLY AA 21 0.86 7.06 3.07
N LEU AA 22 1.40 7.65 2.00
CA LEU AA 22 0.75 8.81 1.39
C LEU AA 22 -0.41 8.38 0.51
N ASP AA 23 -0.25 7.29 -0.25
CA ASP AA 23 -1.34 6.81 -1.09
C ASP AA 23 -2.53 6.37 -0.24
N THR AA 24 -2.25 5.66 0.86
CA THR AA 24 -3.34 5.23 1.73
C THR AA 24 -4.09 6.42 2.32
N ALA AA 25 -3.36 7.46 2.71
CA ALA AA 25 -4.01 8.66 3.26
C ALA AA 25 -4.84 9.35 2.19
N ILE AA 26 -4.37 9.33 0.94
CA ILE AA 26 -5.07 10.04 -0.13
C ILE AA 26 -6.33 9.28 -0.54
N ILE AA 27 -6.22 7.98 -0.71
CA ILE AA 27 -7.39 7.18 -1.08
C ILE AA 27 -8.41 7.16 0.04
N LEU AA 28 -7.94 7.15 1.29
CA LEU AA 28 -8.86 7.14 2.42
C LEU AA 28 -9.73 8.38 2.43
N ILE AA 29 -9.19 9.51 1.97
CA ILE AA 29 -9.98 10.74 1.94
C ILE AA 29 -11.04 10.65 0.85
N ALA AA 30 -10.70 10.07 -0.30
CA ALA AA 30 -11.66 9.98 -1.39
C ALA AA 30 -12.76 8.98 -1.08
N PHE AA 31 -12.40 7.85 -0.48
CA PHE AA 31 -13.39 6.83 -0.20
C PHE AA 31 -14.34 7.25 0.91
N ILE AA 32 -13.95 8.23 1.72
CA ILE AA 32 -14.85 8.71 2.77
C ILE AA 32 -15.73 9.82 2.22
N ILE AA 33 -15.24 10.59 1.26
CA ILE AA 33 -16.07 11.59 0.61
C ILE AA 33 -17.17 10.93 -0.20
N THR AA 34 -16.83 9.85 -0.91
CA THR AA 34 -17.85 9.13 -1.67
C THR AA 34 -18.85 8.45 -0.76
N ALA AA 35 -18.38 7.87 0.35
CA ALA AA 35 -19.29 7.18 1.25
C ALA AA 35 -20.15 8.16 2.02
N SER AA 36 -19.72 9.42 2.11
CA SER AA 36 -20.54 10.43 2.77
C SER AA 36 -21.69 10.86 1.89
N VAL AA 37 -21.44 11.09 0.61
CA VAL AA 37 -22.48 11.57 -0.29
C VAL AA 37 -23.61 10.55 -0.39
N LEU AA 38 -23.27 9.27 -0.48
CA LEU AA 38 -24.30 8.24 -0.51
C LEU AA 38 -25.18 8.33 0.73
N ALA AA 39 -24.58 8.58 1.89
CA ALA AA 39 -25.37 8.80 3.10
C ALA AA 39 -26.10 10.12 3.03
N TYR AA 40 -25.51 11.13 2.39
CA TYR AA 40 -26.15 12.43 2.27
C TYR AA 40 -27.43 12.34 1.46
N VAL AA 41 -27.43 11.51 0.42
CA VAL AA 41 -28.61 11.41 -0.44
C VAL AA 41 -29.61 10.41 0.13
N ALA AA 42 -29.12 9.30 0.68
CA ALA AA 42 -30.02 8.28 1.20
C ALA AA 42 -30.86 8.82 2.35
N ILE AA 43 -30.28 9.69 3.17
CA ILE AA 43 -31.05 10.30 4.25
C ILE AA 43 -32.10 11.24 3.70
N ASN AA 44 -31.75 11.98 2.64
CA ASN AA 44 -32.68 12.95 2.08
C ASN AA 44 -33.88 12.27 1.45
N MET AA 45 -33.64 11.30 0.56
CA MET AA 45 -34.74 10.60 -0.08
C MET AA 45 -35.49 9.70 0.91
N GLY AA 46 -34.84 9.31 2.00
CA GLY AA 46 -35.52 8.51 3.00
C GLY AA 46 -36.62 9.28 3.70
N LEU AA 47 -36.31 10.50 4.14
CA LEU AA 47 -37.33 11.33 4.77
C LEU AA 47 -38.38 11.78 3.77
N PHE AA 48 -38.00 11.87 2.50
CA PHE AA 48 -38.95 12.27 1.47
C PHE AA 48 -40.02 11.22 1.27
N VAL AA 49 -39.61 9.99 0.92
CA VAL AA 49 -40.56 8.91 0.71
C VAL AA 49 -41.37 8.65 1.97
N THR AA 50 -40.78 8.87 3.14
CA THR AA 50 -41.51 8.63 4.38
C THR AA 50 -42.65 9.62 4.54
N GLN AA 51 -42.40 10.91 4.33
CA GLN AA 51 -43.49 11.89 4.40
C GLN AA 51 -44.48 11.67 3.27
N LYS AA 52 -44.06 11.00 2.19
CA LYS AA 52 -45.01 10.64 1.15
C LYS AA 52 -45.88 9.48 1.60
N ALA AA 53 -45.34 8.58 2.41
CA ALA AA 53 -46.14 7.50 2.97
C ALA AA 53 -47.09 8.03 4.04
N LYS AA 54 -46.70 9.11 4.73
CA LYS AA 54 -47.60 9.71 5.70
C LYS AA 54 -48.81 10.35 5.02
N SER AA 55 -48.60 10.86 3.81
CA SER AA 55 -49.72 11.47 3.09
C SER AA 55 -50.70 10.43 2.61
N THR AA 56 -50.22 9.34 2.04
CA THR AA 56 -51.13 8.33 1.50
C THR AA 56 -51.89 7.62 2.62
N ILE AA 57 -51.31 7.54 3.82
CA ILE AA 57 -52.03 6.98 4.95
C ILE AA 57 -53.19 7.88 5.34
N ASN AA 58 -52.95 9.19 5.32
CA ASN AA 58 -54.00 10.14 5.68
C ASN AA 58 -55.09 10.17 4.62
N LYS AA 59 -54.71 10.12 3.35
CA LYS AA 59 -55.71 10.10 2.28
C LYS AA 59 -56.49 8.78 2.29
N GLY AA 60 -55.79 7.67 2.54
CA GLY AA 60 -56.47 6.38 2.57
C GLY AA 60 -57.52 6.30 3.66
N GLU AA 61 -57.28 6.97 4.78
CA GLU AA 61 -58.26 6.97 5.86
C GLU AA 61 -59.47 7.81 5.49
N GLU AA 62 -59.25 8.96 4.84
CA GLU AA 62 -60.36 9.82 4.47
C GLU AA 62 -61.25 9.15 3.43
N THR AA 63 -60.68 8.34 2.55
CA THR AA 63 -61.49 7.63 1.57
C THR AA 63 -62.40 6.61 2.25
N ALA AA 64 -61.92 5.98 3.32
CA ALA AA 64 -62.74 5.00 4.02
C ALA AA 64 -63.75 5.66 4.96
N SER AA 65 -63.46 6.87 5.42
CA SER AA 65 -64.32 7.51 6.41
C SER AA 65 -65.45 8.29 5.74
N THR AA 66 -65.10 9.22 4.85
CA THR AA 66 -66.12 10.07 4.25
C THR AA 66 -67.03 9.26 3.34
N ALA AA 67 -68.33 9.49 3.48
CA ALA AA 67 -69.33 8.84 2.65
C ALA AA 67 -70.68 9.52 2.88
N LEU AA 68 -71.49 9.56 1.84
CA LEU AA 68 -72.81 10.18 1.89
C LEU AA 68 -73.90 9.12 2.01
N THR AA 69 -75.06 9.55 2.49
CA THR AA 69 -76.22 8.67 2.60
C THR AA 69 -77.46 9.45 2.22
N LEU AA 70 -78.49 8.71 1.82
CA LEU AA 70 -79.75 9.29 1.37
C LEU AA 70 -80.69 9.34 2.57
N SER AA 71 -80.70 10.48 3.25
CA SER AA 71 -81.55 10.68 4.43
C SER AA 71 -82.81 11.40 3.99
N GLY AA 72 -83.83 10.62 3.65
CA GLY AA 72 -85.07 11.20 3.18
C GLY AA 72 -85.51 10.64 1.84
N SER AA 73 -86.79 10.75 1.53
CA SER AA 73 -87.33 10.17 0.31
C SER AA 73 -86.96 11.03 -0.89
N VAL AA 74 -87.10 10.45 -2.07
CA VAL AA 74 -86.81 11.12 -3.33
C VAL AA 74 -88.15 11.46 -4.00
N LEU AA 75 -88.31 12.71 -4.38
CA LEU AA 75 -89.56 13.21 -4.94
C LEU AA 75 -89.44 13.40 -6.45
N TYR AA 76 -90.53 13.15 -7.15
CA TYR AA 76 -90.59 13.26 -8.60
C TYR AA 76 -91.79 14.12 -8.97
N ALA AA 77 -91.55 15.19 -9.72
CA ALA AA 77 -92.58 16.20 -9.99
C ALA AA 77 -92.86 16.25 -11.49
N VAL AA 78 -94.11 15.93 -11.86
CA VAL AA 78 -94.59 16.04 -13.21
C VAL AA 78 -95.95 16.72 -13.19
N ASN AA 79 -96.57 16.83 -14.37
CA ASN AA 79 -97.90 17.41 -14.49
C ASN AA 79 -98.95 16.33 -14.25
N TYR AA 80 -99.75 16.50 -13.20
CA TYR AA 80 -100.65 15.44 -12.76
C TYR AA 80 -101.73 15.10 -13.77
N PRO AA 81 -102.54 16.05 -14.27
CA PRO AA 81 -103.65 15.65 -15.14
C PRO AA 81 -103.22 14.85 -16.37
N SER AA 82 -102.16 15.29 -17.05
CA SER AA 82 -101.63 14.59 -18.21
C SER AA 82 -100.16 14.33 -17.98
N ASN AA 83 -99.81 13.09 -17.66
CA ASN AA 83 -98.42 12.74 -17.42
C ASN AA 83 -97.66 12.70 -18.74
N THR AA 84 -97.13 13.84 -19.16
CA THR AA 84 -96.40 13.93 -20.41
C THR AA 84 -95.06 14.63 -20.30
N ARG AA 85 -94.86 15.51 -19.34
CA ARG AA 85 -93.63 16.27 -19.18
C ARG AA 85 -92.90 15.80 -17.93
N SER AA 86 -91.82 16.50 -17.61
CA SER AA 86 -91.06 16.28 -16.38
C SER AA 86 -90.51 17.61 -15.93
N TYR AA 87 -90.52 17.84 -14.61
CA TYR AA 87 -90.14 19.12 -14.06
C TYR AA 87 -88.86 19.07 -13.24
N TRP AA 88 -88.81 18.25 -12.19
CA TRP AA 88 -87.61 18.20 -11.35
C TRP AA 88 -87.68 17.02 -10.40
N ILE AA 89 -86.53 16.68 -9.84
CA ILE AA 89 -86.39 15.64 -8.82
C ILE AA 89 -85.66 16.25 -7.64
N TYR AA 90 -86.09 15.93 -6.43
CA TYR AA 90 -85.55 16.56 -5.23
C TYR AA 90 -85.36 15.52 -4.14
N PHE AA 91 -84.11 15.33 -3.72
CA PHE AA 91 -83.79 14.41 -2.64
C PHE AA 91 -82.67 15.01 -1.78
N THR AA 92 -82.68 14.66 -0.50
CA THR AA 92 -81.68 15.16 0.44
C THR AA 92 -80.57 14.14 0.64
N VAL AA 93 -79.42 14.62 1.10
CA VAL AA 93 -78.28 13.76 1.37
C VAL AA 93 -77.59 14.26 2.62
N SER AA 94 -76.85 13.38 3.28
CA SER AA 94 -76.11 13.69 4.49
C SER AA 94 -74.92 12.75 4.56
N PRO AA 95 -73.89 13.08 5.35
CA PRO AA 95 -72.79 12.14 5.54
C PRO AA 95 -73.29 10.80 6.05
N SER AA 96 -72.59 9.74 5.67
CA SER AA 96 -73.05 8.37 5.93
C SER AA 96 -73.40 8.17 7.39
N SER AA 97 -72.45 8.41 8.28
CA SER AA 97 -72.70 8.47 9.70
C SER AA 97 -71.97 9.70 10.23
N GLY AA 98 -71.90 9.82 11.56
CA GLY AA 98 -71.20 10.93 12.14
C GLY AA 98 -69.70 10.80 12.05
N VAL AA 99 -69.17 10.69 10.83
CA VAL AA 99 -67.74 10.45 10.65
C VAL AA 99 -66.99 11.75 10.36
N SER AA 100 -67.31 12.41 9.25
CA SER AA 100 -66.54 13.57 8.82
C SER AA 100 -67.28 14.27 7.70
N SER AA 101 -66.84 15.49 7.41
CA SER AA 101 -67.48 16.31 6.39
C SER AA 101 -67.02 15.90 5.00
N VAL AA 102 -67.78 16.32 4.00
CA VAL AA 102 -67.47 16.06 2.60
C VAL AA 102 -67.60 17.37 1.83
N GLU AA 103 -66.82 17.51 0.77
CA GLU AA 103 -66.85 18.72 -0.05
C GLU AA 103 -67.72 18.49 -1.27
N LEU AA 104 -68.59 19.47 -1.54
CA LEU AA 104 -69.56 19.39 -2.63
C LEU AA 104 -69.45 20.59 -3.55
N SER AA 105 -68.24 21.04 -3.80
CA SER AA 105 -68.05 22.14 -4.73
C SER AA 105 -68.45 21.70 -6.13
N PRO AA 106 -69.14 22.56 -6.90
CA PRO AA 106 -69.62 22.13 -8.21
C PRO AA 106 -68.51 21.88 -9.21
N SER AA 107 -67.32 22.42 -8.99
CA SER AA 107 -66.25 22.24 -9.94
C SER AA 107 -65.60 20.87 -9.80
N THR AA 108 -65.54 20.33 -8.58
CA THR AA 108 -64.86 19.09 -8.28
C THR AA 108 -65.83 18.03 -7.77
N THR AA 109 -66.97 17.90 -8.44
CA THR AA 109 -67.97 16.90 -8.10
C THR AA 109 -68.65 16.45 -9.39
N ALA AA 110 -69.37 15.34 -9.34
CA ALA AA 110 -70.01 14.81 -10.54
C ALA AA 110 -71.30 14.10 -10.15
N ILE AA 111 -72.42 14.57 -10.67
CA ILE AA 111 -73.72 13.93 -10.49
C ILE AA 111 -74.15 13.40 -11.85
N SER AA 112 -74.19 12.07 -11.99
CA SER AA 112 -74.47 11.43 -13.25
C SER AA 112 -75.87 10.85 -13.24
N PHE AA 113 -76.75 11.41 -14.08
CA PHE AA 113 -78.11 10.93 -14.23
C PHE AA 113 -78.20 10.04 -15.46
N THR AA 114 -78.87 8.91 -15.31
CA THR AA 114 -78.99 7.96 -16.41
C THR AA 114 -80.31 7.22 -16.33
N ALA AA 115 -80.82 6.84 -17.50
CA ALA AA 115 -82.04 6.06 -17.61
C ALA AA 115 -81.83 4.96 -18.65
N SER AA 116 -82.59 3.88 -18.52
CA SER AA 116 -82.37 2.72 -19.36
C SER AA 116 -83.11 2.82 -20.69
N ALA AA 117 -84.43 3.00 -20.64
CA ALA AA 117 -85.25 2.89 -21.84
C ALA AA 117 -84.88 3.97 -22.86
N GLU AA 118 -84.92 5.23 -22.44
CA GLU AA 118 -84.69 6.32 -23.38
C GLU AA 118 -83.26 6.36 -23.91
N GLY AA 119 -82.36 5.55 -23.37
CA GLY AA 119 -80.98 5.61 -23.79
C GLY AA 119 -80.25 6.86 -23.38
N ILE AA 120 -80.89 7.72 -22.59
CA ILE AA 120 -80.26 8.97 -22.16
C ILE AA 120 -79.25 8.65 -21.06
N SER AA 121 -78.13 9.36 -21.09
CA SER AA 121 -77.08 9.16 -20.09
C SER AA 121 -76.27 10.43 -19.99
N TYR AA 122 -76.23 11.00 -18.79
CA TYR AA 122 -75.51 12.24 -18.53
C TYR AA 122 -74.28 11.95 -17.67
N SER AA 123 -73.51 13.01 -17.42
CA SER AA 123 -72.33 12.92 -16.58
C SER AA 123 -72.04 14.31 -16.03
N ASN AA 124 -72.12 14.46 -14.71
CA ASN AA 124 -71.81 15.71 -14.03
C ASN AA 124 -72.71 16.84 -14.51
N ILE AA 125 -73.98 16.71 -14.19
CA ILE AA 125 -74.95 17.76 -14.46
C ILE AA 125 -74.92 18.76 -13.30
N TYR AA 126 -73.93 18.60 -12.42
CA TYR AA 126 -73.77 19.49 -11.28
C TYR AA 126 -73.13 20.78 -11.73
N GLU AA 127 -73.84 21.90 -11.58
CA GLU AA 127 -73.38 23.18 -12.11
C GLU AA 127 -73.21 24.24 -11.04
N TYR AA 128 -74.16 24.43 -10.14
CA TYR AA 128 -74.13 25.52 -9.17
C TYR AA 128 -74.52 24.98 -7.80
N THR AA 129 -74.39 25.85 -6.80
CA THR AA 129 -74.69 25.50 -5.42
C THR AA 129 -74.90 26.78 -4.63
N LEU AA 130 -75.76 26.69 -3.62
CA LEU AA 130 -76.08 27.82 -2.76
C LEU AA 130 -75.37 27.75 -1.41
N LEU AA 131 -74.42 26.83 -1.25
CA LEU AA 131 -73.66 26.77 -0.01
C LEU AA 131 -72.62 27.88 0.08
N THR AA 132 -72.33 28.55 -1.03
CA THR AA 132 -71.32 29.61 -1.05
C THR AA 132 -71.93 31.00 -0.86
N VAL AA 133 -73.17 31.20 -1.30
CA VAL AA 133 -73.78 32.52 -1.18
C VAL AA 133 -74.10 32.79 0.28
N SER AA 134 -73.70 33.96 0.76
CA SER AA 134 -73.94 34.34 2.14
C SER AA 134 -75.34 34.94 2.28
N PRO AA 135 -75.99 34.72 3.44
CA PRO AA 135 -77.35 35.24 3.60
C PRO AA 135 -77.44 36.75 3.58
N SER AA 136 -76.32 37.47 3.70
CA SER AA 136 -76.35 38.92 3.63
C SER AA 136 -76.63 39.43 2.22
N GLU AA 137 -76.55 38.57 1.22
CA GLU AA 137 -76.79 38.99 -0.16
C GLU AA 137 -78.25 38.85 -0.54
N LEU AA 138 -78.80 37.64 -0.43
CA LEU AA 138 -80.14 37.38 -0.93
C LEU AA 138 -81.19 38.17 -0.17
N ALA AA 139 -80.93 38.48 1.10
CA ALA AA 139 -81.94 39.06 1.97
C ALA AA 139 -82.25 40.52 1.67
N ASN AA 140 -81.70 41.11 0.61
CA ASN AA 140 -81.89 42.54 0.39
C ASN AA 140 -83.06 42.82 -0.56
N GLN AA 141 -83.00 42.30 -1.79
CA GLN AA 141 -83.96 42.66 -2.82
C GLN AA 141 -84.55 41.42 -3.49
N VAL AA 142 -85.75 41.03 -3.05
CA VAL AA 142 -86.67 40.22 -3.83
C VAL AA 142 -88.06 40.41 -3.24
N TYR AA 143 -89.04 40.69 -4.08
CA TYR AA 143 -90.40 40.91 -3.59
C TYR AA 143 -91.36 40.96 -4.75
N ALA AA 144 -92.56 40.40 -4.52
CA ALA AA 144 -93.63 40.41 -5.49
C ALA AA 144 -94.85 41.20 -5.01
N ASN AA 145 -94.81 41.73 -3.80
CA ASN AA 145 -95.90 42.54 -3.26
C ASN AA 145 -95.32 43.56 -2.30
N GLY AA 146 -96.17 44.15 -1.48
CA GLY AA 146 -95.78 45.23 -0.61
C GLY AA 146 -94.64 44.94 0.36
N GLN AA 147 -94.24 43.68 0.48
CA GLN AA 147 -93.22 43.27 1.43
C GLN AA 147 -92.13 42.46 0.73
N TYR AA 148 -90.89 42.72 1.10
CA TYR AA 148 -89.79 41.86 0.71
C TYR AA 148 -89.91 40.53 1.45
N LEU AA 149 -89.58 39.45 0.76
CA LEU AA 149 -89.60 38.12 1.37
C LEU AA 149 -88.18 37.63 1.58
N ASP AA 150 -87.95 37.00 2.73
CA ASP AA 150 -86.65 36.44 3.06
C ASP AA 150 -86.61 34.98 2.64
N LEU AA 151 -85.55 34.60 1.93
CA LEU AA 151 -85.44 33.26 1.36
C LEU AA 151 -84.65 32.30 2.24
N VAL AA 152 -84.11 32.76 3.37
CA VAL AA 152 -83.33 31.92 4.25
C VAL AA 152 -83.77 32.15 5.69
N ASN AA 153 -83.64 31.11 6.51
CA ASN AA 153 -83.85 31.19 7.95
C ASN AA 153 -82.53 30.87 8.64
N GLN AA 154 -82.21 31.64 9.68
CA GLN AA 154 -80.92 31.50 10.33
C GLN AA 154 -81.05 31.63 11.84
N GLN AA 155 -80.49 30.68 12.56
CA GLN AA 155 -80.34 30.74 14.01
C GLN AA 155 -78.87 30.91 14.35
N THR AA 156 -78.60 31.11 15.64
CA THR AA 156 -77.23 31.28 16.09
C THR AA 156 -77.09 30.76 17.52
N ASN AA 157 -75.94 30.14 17.79
CA ASN AA 157 -75.58 29.64 19.11
C ASN AA 157 -74.13 29.19 19.07
N ALA AA 158 -73.47 29.34 20.21
CA ALA AA 158 -72.05 28.96 20.36
C ALA AA 158 -71.17 29.67 19.34
N GLY AA 159 -71.55 30.89 18.96
CA GLY AA 159 -70.74 31.67 18.04
C GLY AA 159 -70.82 31.25 16.60
N GLN AA 160 -71.80 30.42 16.22
CA GLN AA 160 -71.94 29.96 14.85
C GLN AA 160 -73.37 30.19 14.39
N THR AA 161 -73.52 30.49 13.11
CA THR AA 161 -74.81 30.83 12.51
C THR AA 161 -75.17 29.77 11.47
N TYR AA 162 -76.26 29.06 11.72
CA TYR AA 162 -76.76 28.04 10.82
C TYR AA 162 -77.87 28.61 9.96
N VAL AA 163 -77.73 28.51 8.64
CA VAL AA 163 -78.76 28.94 7.72
C VAL AA 163 -79.25 27.73 6.93
N TYR AA 164 -80.43 27.87 6.35
CA TYR AA 164 -81.00 26.82 5.50
C TYR AA 164 -82.17 27.42 4.73
N TYR AA 165 -82.68 26.64 3.78
CA TYR AA 165 -83.76 27.10 2.92
C TYR AA 165 -85.01 26.29 3.23
N PRO AA 166 -86.04 26.88 3.85
CA PRO AA 166 -87.20 26.08 4.29
C PRO AA 166 -88.07 25.55 3.16
N ASN AA 167 -87.69 25.72 1.90
CA ASN AA 167 -88.53 25.29 0.80
C ASN AA 167 -87.66 25.19 -0.45
N PRO AA 168 -87.95 24.24 -1.34
CA PRO AA 168 -87.21 24.21 -2.61
C PRO AA 168 -87.44 25.45 -3.45
N TYR AA 169 -88.66 25.98 -3.43
CA TYR AA 169 -88.98 27.17 -4.23
C TYR AA 169 -88.21 28.38 -3.73
N TYR AA 170 -88.09 28.54 -2.40
CA TYR AA 170 -87.23 29.58 -1.87
C TYR AA 170 -85.79 29.37 -2.33
N ALA AA 171 -85.38 28.11 -2.47
CA ALA AA 171 -84.04 27.84 -2.97
C ALA AA 171 -83.95 28.09 -4.46
N LEU AA 172 -85.08 28.10 -5.16
CA LEU AA 172 -85.08 28.42 -6.58
C LEU AA 172 -84.93 29.91 -6.81
N LEU AA 173 -85.74 30.71 -6.12
CA LEU AA 173 -85.67 32.16 -6.27
C LEU AA 173 -84.30 32.69 -5.89
N ALA AA 174 -83.68 32.10 -4.87
CA ALA AA 174 -82.36 32.55 -4.45
C ALA AA 174 -81.31 32.20 -5.48
N LEU AA 175 -81.56 31.15 -6.28
CA LEU AA 175 -80.60 30.78 -7.31
C LEU AA 175 -80.67 31.73 -8.49
N ASN AA 176 -81.89 32.15 -8.86
CA ASN AA 176 -82.05 33.07 -9.98
C ASN AA 176 -81.37 34.41 -9.69
N TYR AA 177 -81.59 34.94 -8.48
CA TYR AA 177 -80.94 36.19 -8.12
C TYR AA 177 -79.43 36.04 -8.09
N THR AA 178 -78.95 34.87 -7.65
CA THR AA 178 -77.51 34.64 -7.58
C THR AA 178 -76.89 34.65 -8.96
N LEU AA 179 -77.46 33.87 -9.89
CA LEU AA 179 -76.87 33.76 -11.22
C LEU AA 179 -76.98 35.08 -11.98
N SER AA 180 -77.99 35.89 -11.66
CA SER AA 180 -78.17 37.14 -12.40
C SER AA 180 -77.20 38.21 -11.93
N LYS AA 181 -76.97 38.30 -10.62
CA LYS AA 181 -76.19 39.42 -10.07
C LYS AA 181 -74.87 39.00 -9.47
N ILE AA 182 -74.82 37.90 -8.72
CA ILE AA 182 -73.60 37.52 -8.01
C ILE AA 182 -72.46 37.27 -8.99
N ASP AA 183 -72.71 36.43 -9.99
CA ASP AA 183 -71.72 36.14 -11.02
C ASP AA 183 -72.27 36.59 -12.37
N LYS AA 184 -71.41 37.22 -13.17
CA LYS AA 184 -71.82 37.77 -14.47
C LYS AA 184 -71.84 36.67 -15.53
N VAL AA 185 -72.61 35.62 -15.25
CA VAL AA 185 -72.82 34.54 -16.21
C VAL AA 185 -73.92 34.99 -17.16
N SER AA 186 -73.52 35.56 -18.30
CA SER AA 186 -74.52 36.07 -19.25
C SER AA 186 -75.43 34.98 -19.78
N PRO AA 187 -75.00 33.74 -20.04
CA PRO AA 187 -75.98 32.68 -20.28
C PRO AA 187 -76.52 32.12 -18.97
N SER AA 188 -77.76 32.45 -18.63
CA SER AA 188 -78.19 31.87 -17.38
C SER AA 188 -79.05 30.64 -17.64
N PRO AA 189 -78.87 29.58 -16.85
CA PRO AA 189 -79.63 28.35 -17.11
C PRO AA 189 -81.11 28.48 -16.85
N LEU AA 190 -81.52 29.27 -15.85
CA LEU AA 190 -82.92 29.46 -15.55
C LEU AA 190 -83.26 30.94 -15.53
N TYR AA 191 -84.54 31.23 -15.68
CA TYR AA 191 -85.06 32.59 -15.65
C TYR AA 191 -86.46 32.55 -15.07
N ILE AA 192 -86.63 33.07 -13.87
CA ILE AA 192 -87.91 33.04 -13.16
C ILE AA 192 -88.54 34.42 -13.27
N THR AA 193 -89.71 34.48 -13.91
CA THR AA 193 -90.44 35.73 -14.05
C THR AA 193 -91.91 35.51 -13.74
N THR AA 194 -92.51 36.50 -13.10
CA THR AA 194 -93.91 36.45 -12.72
C THR AA 194 -94.84 36.96 -13.81
N THR AA 195 -94.31 37.37 -14.95
CA THR AA 195 -95.13 37.87 -16.04
C THR AA 195 -95.81 36.72 -16.76
N THR AA 196 -96.96 37.02 -17.36
CA THR AA 196 -97.70 36.02 -18.12
C THR AA 196 -96.80 35.41 -19.20
N PRO AA 197 -96.75 34.09 -19.34
CA PRO AA 197 -95.86 33.48 -20.33
C PRO AA 197 -96.17 33.91 -21.75
N SER AA 198 -97.40 34.31 -22.03
CA SER AA 198 -97.74 34.79 -23.38
C SER AA 198 -96.95 36.04 -23.72
N SER AA 199 -97.05 37.07 -22.88
CA SER AA 199 -96.28 38.28 -23.11
C SER AA 199 -94.81 38.07 -22.82
N ALA AA 200 -94.48 37.08 -21.99
CA ALA AA 200 -93.08 36.83 -21.65
C ALA AA 200 -92.30 36.38 -22.88
N THR AA 201 -92.81 35.36 -23.57
CA THR AA 201 -92.11 34.87 -24.76
C THR AA 201 -92.08 35.89 -25.88
N GLN AA 202 -92.95 36.89 -25.83
CA GLN AA 202 -92.94 37.94 -26.84
C GLN AA 202 -91.72 38.84 -26.68
N ILE AA 203 -91.55 39.43 -25.50
CA ILE AA 203 -90.42 40.32 -25.27
C ILE AA 203 -89.11 39.53 -25.23
N TYR AA 204 -89.15 38.30 -24.75
CA TYR AA 204 -87.98 37.43 -24.75
C TYR AA 204 -88.24 36.25 -25.67
N PRO AA 205 -87.76 36.27 -26.91
CA PRO AA 205 -88.12 35.21 -27.85
C PRO AA 205 -87.49 33.86 -27.54
N PHE AA 206 -86.34 33.85 -26.86
CA PHE AA 206 -85.66 32.58 -26.62
C PHE AA 206 -86.41 31.69 -25.64
N LEU AA 207 -87.27 32.26 -24.79
CA LEU AA 207 -88.00 31.47 -23.82
C LEU AA 207 -89.04 30.55 -24.44
N ALA AA 208 -89.19 30.56 -25.75
CA ALA AA 208 -90.13 29.66 -26.41
C ALA AA 208 -89.58 28.26 -26.60
N HIS AA 209 -88.33 28.02 -26.22
CA HIS AA 209 -87.72 26.70 -26.33
C HIS AA 209 -87.44 26.04 -25.00
N ASP AA 210 -87.32 26.82 -23.92
CA ASP AA 210 -86.98 26.27 -22.62
C ASP AA 210 -88.16 25.52 -22.02
N ASN AA 211 -87.88 24.80 -20.94
CA ASN AA 211 -88.90 24.10 -20.19
C ASN AA 211 -89.44 25.00 -19.08
N MET AA 212 -90.69 24.76 -18.69
CA MET AA 212 -91.37 25.67 -17.77
C MET AA 212 -92.22 24.88 -16.78
N PHE AA 213 -92.16 25.28 -15.52
CA PHE AA 213 -93.08 24.80 -14.49
C PHE AA 213 -93.43 25.96 -13.59
N THR AA 214 -94.60 25.89 -12.97
CA THR AA 214 -95.17 26.98 -12.20
C THR AA 214 -95.26 26.61 -10.74
N PHE AA 215 -95.05 27.59 -9.87
CA PHE AA 215 -95.25 27.44 -8.43
C PHE AA 215 -95.82 28.73 -7.88
N THR AA 216 -96.88 28.62 -7.10
CA THR AA 216 -97.61 29.77 -6.58
C THR AA 216 -97.35 29.94 -5.09
N LEU AA 217 -97.36 31.19 -4.65
CA LEU AA 217 -97.16 31.53 -3.25
C LEU AA 217 -98.17 32.60 -2.84
N ASN AA 218 -98.75 32.43 -1.65
CA ASN AA 218 -99.74 33.37 -1.12
C ASN AA 218 -99.01 34.45 -0.34
N ILE AA 219 -98.44 35.40 -1.08
CA ILE AA 219 -97.64 36.48 -0.51
C ILE AA 219 -98.54 37.67 -0.24
N SER AA 220 -98.44 38.23 0.97
CA SER AA 220 -99.19 39.42 1.37
C SER AA 220 -100.70 39.23 1.24
N GLY AA 221 -101.15 37.97 1.33
CA GLY AA 221 -102.56 37.67 1.29
C GLY AA 221 -103.15 37.44 -0.09
N THR AA 222 -102.33 37.49 -1.13
CA THR AA 222 -102.82 37.25 -2.49
C THR AA 222 -101.90 36.27 -3.20
N LEU AA 223 -102.46 35.59 -4.19
CA LEU AA 223 -101.71 34.60 -4.95
C LEU AA 223 -100.79 35.28 -5.94
N VAL AA 224 -99.55 34.81 -6.01
CA VAL AA 224 -98.55 35.32 -6.95
C VAL AA 224 -97.93 34.11 -7.65
N THR AA 225 -98.37 33.84 -8.87
CA THR AA 225 -97.83 32.72 -9.62
C THR AA 225 -96.39 33.00 -10.03
N TYR AA 226 -95.74 31.97 -10.57
CA TYR AA 226 -94.37 32.11 -11.05
C TYR AA 226 -94.18 31.19 -12.24
N TYR AA 227 -93.12 31.47 -13.00
CA TYR AA 227 -92.80 30.69 -14.20
C TYR AA 227 -91.29 30.54 -14.28
N ALA AA 228 -90.80 29.33 -14.04
CA ALA AA 228 -89.38 29.04 -14.10
C ALA AA 228 -89.04 28.46 -15.46
N PHE AA 229 -88.25 29.18 -16.24
CA PHE AA 229 -87.82 28.74 -17.56
C PHE AA 229 -86.37 28.26 -17.47
N VAL AA 230 -86.16 26.97 -17.62
CA VAL AA 230 -84.83 26.36 -17.59
C VAL AA 230 -84.48 25.91 -18.99
N ASN AA 231 -83.26 26.20 -19.43
CA ASN AA 231 -82.83 25.93 -20.79
C ASN AA 231 -81.83 24.79 -20.87
N GLN AA 232 -81.56 24.10 -19.76
CA GLN AA 232 -80.56 23.04 -19.76
C GLN AA 232 -80.75 22.20 -18.51
N THR AA 233 -80.53 20.90 -18.65
CA THR AA 233 -80.70 19.96 -17.55
C THR AA 233 -79.52 20.08 -16.60
N PHE AA 234 -79.76 20.68 -15.43
CA PHE AA 234 -78.70 20.88 -14.45
C PHE AA 234 -79.27 20.65 -13.06
N ALA AA 235 -78.36 20.57 -12.09
CA ALA AA 235 -78.73 20.29 -10.71
C ALA AA 235 -77.90 21.15 -9.78
N PHE AA 236 -78.45 21.43 -8.60
CA PHE AA 236 -77.79 22.29 -7.63
C PHE AA 236 -78.10 21.80 -6.22
N THR AA 237 -77.33 22.31 -5.26
CA THR AA 237 -77.49 21.97 -3.86
C THR AA 237 -77.79 23.23 -3.06
N TYR AA 238 -78.30 23.04 -1.85
CA TYR AA 238 -78.56 24.14 -0.94
C TYR AA 238 -78.70 23.59 0.46
N PRO AA 239 -78.32 24.35 1.48
CA PRO AA 239 -78.41 23.83 2.86
C PRO AA 239 -79.86 23.66 3.28
N VAL AA 240 -80.11 22.61 4.05
CA VAL AA 240 -81.46 22.38 4.59
C VAL AA 240 -81.46 22.10 6.09
N ALA AA 241 -80.36 21.70 6.71
CA ALA AA 241 -80.36 21.48 8.15
C ALA AA 241 -78.94 21.52 8.67
N GLY AA 242 -78.63 22.50 9.50
CA GLY AA 242 -77.37 22.53 10.24
C GLY AA 242 -76.13 22.73 9.40
N ASP AA 243 -75.98 23.91 8.80
CA ASP AA 243 -74.77 24.24 8.05
C ASP AA 243 -74.20 25.55 8.58
N PRO AA 244 -73.23 25.49 9.48
CA PRO AA 244 -72.66 26.73 10.02
C PRO AA 244 -71.65 27.37 9.09
N LEU AA 245 -70.89 26.55 8.37
CA LEU AA 245 -69.81 27.04 7.51
C LEU AA 245 -70.33 27.29 6.10
N ILE AA 246 -71.23 28.25 6.00
CA ILE AA 246 -71.74 28.70 4.71
C ILE AA 246 -70.68 29.56 4.03
N GLY AA 247 -70.48 29.32 2.75
CA GLY AA 247 -69.43 29.97 2.01
C GLY AA 247 -68.24 29.10 1.68
N SER AA 248 -68.37 27.78 1.82
CA SER AA 248 -67.28 26.86 1.55
C SER AA 248 -67.67 25.68 0.68
N ALA AA 249 -68.96 25.44 0.43
CA ALA AA 249 -69.42 24.30 -0.35
C ALA AA 249 -68.93 22.99 0.26
N ILE AA 250 -69.10 22.87 1.57
CA ILE AA 250 -68.70 21.68 2.32
C ILE AA 250 -69.83 21.32 3.28
N ALA AA 251 -70.32 20.09 3.18
CA ALA AA 251 -71.37 19.63 4.08
C ALA AA 251 -70.74 19.08 5.35
N PRO AA 252 -70.89 19.77 6.48
CA PRO AA 252 -70.25 19.30 7.72
C PRO AA 252 -70.87 18.00 8.20
N ALA AA 253 -70.09 17.26 8.98
CA ALA AA 253 -70.60 16.04 9.58
C ALA AA 253 -71.77 16.36 10.51
N GLY AA 254 -72.90 15.73 10.25
CA GLY AA 254 -74.11 16.03 10.98
C GLY AA 254 -74.99 17.08 10.34
N SER AA 255 -74.99 17.15 9.01
CA SER AA 255 -75.75 18.14 8.27
C SER AA 255 -76.52 17.46 7.15
N VAL AA 256 -77.65 18.05 6.78
CA VAL AA 256 -78.46 17.57 5.68
C VAL AA 256 -78.37 18.57 4.54
N ILE AA 257 -78.29 18.07 3.32
CA ILE AA 257 -78.11 18.90 2.13
C ILE AA 257 -79.10 18.43 1.08
N GLY AA 258 -79.89 19.36 0.54
CA GLY AA 258 -80.87 19.03 -0.47
C GLY AA 258 -80.27 19.14 -1.87
N VAL AA 259 -80.65 18.20 -2.74
CA VAL AA 259 -80.22 18.17 -4.12
C VAL AA 259 -81.45 18.20 -5.01
N MET AA 260 -81.49 19.15 -5.94
CA MET AA 260 -82.62 19.28 -6.85
C MET AA 260 -82.11 19.25 -8.28
N ILE AA 261 -82.65 18.33 -9.07
CA ILE AA 261 -82.25 18.15 -10.46
C ILE AA 261 -83.35 18.75 -11.33
N LEU AA 262 -83.06 19.87 -11.98
CA LEU AA 262 -84.01 20.55 -12.84
C LEU AA 262 -83.83 20.06 -14.27
N PHE AA 263 -84.91 19.55 -14.87
CA PHE AA 263 -84.85 18.99 -16.20
C PHE AA 263 -85.00 20.08 -17.25
N GLY AA 264 -84.27 19.94 -18.35
CA GLY AA 264 -84.29 20.92 -19.41
C GLY AA 264 -85.12 20.48 -20.59
N PRO AA 265 -85.05 21.25 -21.68
CA PRO AA 265 -85.85 20.88 -22.86
C PRO AA 265 -85.39 19.59 -23.51
N ASP AA 266 -84.11 19.26 -23.43
CA ASP AA 266 -83.61 18.05 -24.06
C ASP AA 266 -84.15 16.79 -23.39
N LEU AA 267 -84.48 16.87 -22.10
CA LEU AA 267 -84.88 15.70 -21.33
C LEU AA 267 -86.29 15.78 -20.78
N GLY AA 268 -86.80 16.97 -20.48
CA GLY AA 268 -88.13 17.10 -19.93
C GLY AA 268 -89.26 16.62 -20.83
N SER AA 269 -88.95 16.22 -22.06
CA SER AA 269 -89.96 15.71 -22.97
C SER AA 269 -90.36 14.27 -22.67
N HIS AA 270 -89.76 13.65 -21.65
CA HIS AA 270 -90.05 12.28 -21.30
C HIS AA 270 -90.63 12.21 -19.89
N VAL AA 271 -91.42 11.18 -19.65
CA VAL AA 271 -91.92 10.86 -18.32
C VAL AA 271 -91.47 9.44 -17.99
N PHE AA 272 -90.70 9.29 -16.92
CA PHE AA 272 -90.15 7.99 -16.56
C PHE AA 272 -91.27 7.15 -15.96
N GLN AA 273 -91.70 6.13 -16.71
CA GLN AA 273 -92.72 5.21 -16.25
C GLN AA 273 -92.33 3.81 -16.71
N TYR AA 274 -92.38 2.86 -15.80
CA TYR AA 274 -91.94 1.48 -16.05
C TYR AA 274 -90.51 1.46 -16.57
N GLN AA 275 -89.64 2.17 -15.85
CA GLN AA 275 -88.23 2.29 -16.21
C GLN AA 275 -87.42 2.23 -14.92
N THR AA 276 -86.14 2.60 -15.02
CA THR AA 276 -85.24 2.58 -13.88
C THR AA 276 -84.44 3.88 -13.86
N ILE AA 277 -84.59 4.64 -12.80
CA ILE AA 277 -83.82 5.86 -12.58
C ILE AA 277 -82.54 5.49 -11.87
N THR AA 278 -81.44 6.15 -12.20
CA THR AA 278 -80.17 5.91 -11.53
C THR AA 278 -79.40 7.20 -11.45
N ILE AA 279 -79.07 7.62 -10.23
CA ILE AA 279 -78.29 8.83 -9.98
C ILE AA 279 -77.09 8.47 -9.11
N GLN AA 280 -75.95 9.08 -9.40
CA GLN AA 280 -74.72 8.79 -8.68
C GLN AA 280 -73.97 10.08 -8.42
N ILE AA 281 -73.64 10.33 -7.16
CA ILE AA 281 -72.96 11.54 -6.74
C ILE AA 281 -71.59 11.12 -6.20
N THR AA 282 -70.53 11.49 -6.92
CA THR AA 282 -69.18 11.12 -6.51
C THR AA 282 -68.36 12.36 -6.14
N PRO AA 283 -68.12 12.60 -4.86
CA PRO AA 283 -67.24 13.72 -4.48
C PRO AA 283 -65.79 13.43 -4.86
N ASN AA 284 -64.95 14.44 -4.67
CA ASN AA 284 -63.57 14.35 -5.11
C ASN AA 284 -62.73 13.41 -4.26
N ILE AA 285 -63.08 13.23 -2.99
CA ILE AA 285 -62.36 12.33 -2.09
C ILE AA 285 -63.39 11.57 -1.26
N GLY AA 286 -63.55 10.29 -1.53
CA GLY AA 286 -64.45 9.45 -0.78
C GLY AA 286 -65.18 8.50 -1.69
N SER AA 287 -66.11 7.78 -1.12
CA SER AA 287 -66.91 6.83 -1.86
C SER AA 287 -68.14 7.51 -2.45
N PRO AA 288 -68.59 7.06 -3.61
CA PRO AA 288 -69.76 7.68 -4.24
C PRO AA 288 -71.05 7.31 -3.52
N LEU AA 289 -72.18 7.74 -4.09
CA LEU AA 289 -73.50 7.40 -3.59
C LEU AA 289 -74.36 7.00 -4.78
N THR AA 290 -74.96 5.82 -4.71
CA THR AA 290 -75.75 5.28 -5.82
C THR AA 290 -77.20 5.21 -5.40
N ILE AA 291 -78.08 5.78 -6.22
CA ILE AA 291 -79.52 5.73 -6.01
C ILE AA 291 -80.15 5.17 -7.27
N SER AA 292 -80.78 4.00 -7.15
CA SER AA 292 -81.47 3.37 -8.27
C SER AA 292 -82.91 3.10 -7.83
N GLU AA 293 -83.86 3.68 -8.55
CA GLU AA 293 -85.27 3.55 -8.22
C GLU AA 293 -86.03 3.04 -9.45
N TYR AA 294 -87.17 2.42 -9.18
CA TYR AA 294 -88.07 1.91 -10.21
C TYR AA 294 -89.41 2.61 -10.05
N VAL AA 295 -89.90 3.21 -11.12
CA VAL AA 295 -91.11 4.03 -11.08
C VAL AA 295 -92.20 3.32 -11.89
N TYR AA 296 -93.33 3.03 -11.24
CA TYR AA 296 -94.43 2.39 -11.93
C TYR AA 296 -95.30 3.40 -12.66
N GLN AA 297 -95.94 4.29 -11.91
CA GLN AA 297 -96.91 5.20 -12.48
C GLN AA 297 -97.00 6.47 -11.63
N PRO AA 298 -96.52 7.61 -12.13
CA PRO AA 298 -96.54 8.83 -11.32
C PRO AA 298 -97.96 9.30 -11.05
N GLU AA 299 -98.18 9.84 -9.86
CA GLU AA 299 -99.49 10.36 -9.48
C GLU AA 299 -99.32 11.41 -8.40
N GLY AA 300 -100.23 12.39 -8.41
CA GLY AA 300 -100.21 13.47 -7.45
C GLY AA 300 -99.35 14.65 -7.81
N SER AA 301 -98.64 14.59 -8.95
CA SER AA 301 -97.76 15.64 -9.45
C SER AA 301 -96.51 15.76 -8.60
N VAL AA 302 -96.48 15.06 -7.46
CA VAL AA 302 -95.28 14.90 -6.66
C VAL AA 302 -95.26 13.45 -6.18
N SER AA 303 -94.52 12.60 -6.86
CA SER AA 303 -94.50 11.17 -6.55
C SER AA 303 -93.31 10.84 -5.68
N VAL AA 304 -93.54 10.06 -4.63
CA VAL AA 304 -92.48 9.68 -3.70
C VAL AA 304 -91.91 8.37 -4.25
N ILE AA 305 -90.99 8.50 -5.20
CA ILE AA 305 -90.34 7.35 -5.82
C ILE AA 305 -89.20 7.83 -6.70
N LEU BA 19 -9.69 2.31 4.28
CA LEU BA 19 -10.38 1.03 4.38
C LEU BA 19 -11.89 1.23 4.32
N ALA BA 20 -12.61 0.13 4.13
CA ALA BA 20 -14.07 0.14 4.18
C ALA BA 20 -14.60 0.01 5.59
N GLY BA 21 -13.73 -0.21 6.58
CA GLY BA 21 -14.15 -0.23 7.97
C GLY BA 21 -14.60 1.11 8.49
N LEU BA 22 -14.30 2.20 7.79
CA LEU BA 22 -14.80 3.52 8.11
C LEU BA 22 -16.00 3.91 7.26
N ASP BA 23 -16.04 3.46 6.01
CA ASP BA 23 -17.20 3.75 5.17
C ASP BA 23 -18.41 2.92 5.58
N THR BA 24 -18.18 1.67 5.96
CA THR BA 24 -19.29 0.83 6.41
C THR BA 24 -19.88 1.37 7.70
N ALA BA 25 -19.05 1.95 8.56
CA ALA BA 25 -19.56 2.58 9.76
C ALA BA 25 -20.43 3.78 9.41
N ILE BA 26 -19.99 4.60 8.44
CA ILE BA 26 -20.76 5.77 8.06
C ILE BA 26 -22.10 5.37 7.48
N ILE BA 27 -22.10 4.41 6.55
CA ILE BA 27 -23.34 3.93 5.96
C ILE BA 27 -24.22 3.26 7.01
N LEU BA 28 -23.62 2.77 8.09
CA LEU BA 28 -24.41 2.18 9.16
C LEU BA 28 -25.13 3.25 9.98
N ILE BA 29 -24.49 4.41 10.14
CA ILE BA 29 -25.11 5.48 10.91
C ILE BA 29 -26.27 6.08 10.14
N ALA BA 30 -26.13 6.17 8.81
CA ALA BA 30 -27.19 6.78 8.00
C ALA BA 30 -28.40 5.86 7.89
N PHE BA 31 -28.16 4.58 7.61
CA PHE BA 31 -29.27 3.67 7.37
C PHE BA 31 -30.10 3.43 8.63
N ILE BA 32 -29.56 3.76 9.79
CA ILE BA 32 -30.34 3.64 11.02
C ILE BA 32 -31.16 4.90 11.25
N ILE BA 33 -30.61 6.06 10.88
CA ILE BA 33 -31.36 7.31 11.04
C ILE BA 33 -32.60 7.30 10.16
N THR BA 34 -32.45 6.89 8.90
CA THR BA 34 -33.60 6.82 8.01
C THR BA 34 -34.56 5.72 8.45
N ALA BA 35 -34.04 4.65 9.04
CA ALA BA 35 -34.92 3.59 9.52
C ALA BA 35 -35.65 4.01 10.79
N SER BA 36 -35.01 4.82 11.63
CA SER BA 36 -35.68 5.29 12.84
C SER BA 36 -36.76 6.30 12.51
N VAL BA 37 -36.59 7.03 11.40
CA VAL BA 37 -37.61 8.00 11.01
C VAL BA 37 -38.87 7.30 10.52
N LEU BA 38 -38.71 6.21 9.77
CA LEU BA 38 -39.87 5.45 9.33
C LEU BA 38 -40.64 4.91 10.52
N ALA BA 39 -39.91 4.47 11.56
CA ALA BA 39 -40.58 4.05 12.79
C ALA BA 39 -41.26 5.24 13.46
N TYR BA 40 -40.61 6.41 13.40
CA TYR BA 40 -41.20 7.62 13.98
C TYR BA 40 -42.53 7.94 13.33
N VAL BA 41 -42.61 7.81 12.01
CA VAL BA 41 -43.84 8.14 11.30
C VAL BA 41 -44.85 7.02 11.42
N ALA BA 42 -44.40 5.77 11.23
CA ALA BA 42 -45.34 4.65 11.22
C ALA BA 42 -46.04 4.50 12.56
N ILE BA 43 -45.36 4.85 13.65
CA ILE BA 43 -46.00 4.75 14.96
C ILE BA 43 -46.97 5.90 15.16
N ASN BA 44 -46.63 7.08 14.67
CA ASN BA 44 -47.53 8.23 14.83
C ASN BA 44 -48.81 8.03 14.04
N MET BA 45 -48.70 7.68 12.77
CA MET BA 45 -49.89 7.42 11.97
C MET BA 45 -50.61 6.16 12.43
N GLY BA 46 -49.88 5.22 13.01
CA GLY BA 46 -50.52 4.03 13.55
C GLY BA 46 -51.50 4.36 14.66
N LEU BA 47 -51.09 5.24 15.57
CA LEU BA 47 -51.99 5.63 16.66
C LEU BA 47 -53.10 6.53 16.17
N PHE BA 48 -52.83 7.34 15.14
CA PHE BA 48 -53.83 8.27 14.63
C PHE BA 48 -55.00 7.51 14.02
N VAL BA 49 -54.72 6.63 13.05
CA VAL BA 49 -55.78 5.86 12.44
C VAL BA 49 -56.44 4.95 13.47
N THR BA 50 -55.67 4.43 14.41
CA THR BA 50 -56.22 3.55 15.45
C THR BA 50 -57.23 4.30 16.31
N GLN BA 51 -56.85 5.48 16.78
CA GLN BA 51 -57.78 6.29 17.56
C GLN BA 51 -58.96 6.74 16.73
N LYS BA 52 -58.75 6.94 15.42
CA LYS BA 52 -59.85 7.31 14.54
C LYS BA 52 -60.82 6.16 14.35
N ALA BA 53 -60.31 4.93 14.29
CA ALA BA 53 -61.18 3.77 14.24
C ALA BA 53 -62.01 3.65 15.51
N LYS BA 54 -61.47 4.11 16.63
CA LYS BA 54 -62.22 4.08 17.88
C LYS BA 54 -63.38 5.07 17.85
N SER BA 55 -63.20 6.20 17.18
CA SER BA 55 -64.25 7.20 17.13
C SER BA 55 -65.37 6.77 16.20
N THR BA 56 -65.04 6.20 15.04
CA THR BA 56 -66.07 5.80 14.10
C THR BA 56 -66.85 4.59 14.58
N ILE BA 57 -66.29 3.83 15.53
CA ILE BA 57 -67.04 2.72 16.13
C ILE BA 57 -68.02 3.25 17.15
N ASN BA 58 -67.63 4.27 17.91
CA ASN BA 58 -68.53 4.87 18.87
C ASN BA 58 -69.72 5.51 18.16
N LYS BA 59 -69.46 6.29 17.12
CA LYS BA 59 -70.54 6.96 16.40
C LYS BA 59 -71.41 5.95 15.65
N GLY BA 60 -70.81 4.85 15.18
CA GLY BA 60 -71.59 3.85 14.49
C GLY BA 60 -72.61 3.17 15.38
N GLU BA 61 -72.22 2.88 16.62
CA GLU BA 61 -73.16 2.26 17.55
C GLU BA 61 -74.29 3.22 17.91
N GLU BA 62 -73.97 4.50 18.08
CA GLU BA 62 -74.99 5.48 18.44
C GLU BA 62 -76.03 5.62 17.33
N THR BA 63 -75.59 5.59 16.07
CA THR BA 63 -76.54 5.64 14.96
C THR BA 63 -77.51 4.47 15.03
N ALA BA 64 -77.02 3.29 15.41
CA ALA BA 64 -77.88 2.12 15.50
C ALA BA 64 -78.71 2.14 16.78
N SER BA 65 -78.29 2.90 17.78
CA SER BA 65 -78.99 2.88 19.06
C SER BA 65 -80.15 3.87 19.07
N THR BA 66 -79.86 5.15 18.82
CA THR BA 66 -80.88 6.18 18.94
C THR BA 66 -81.93 6.04 17.85
N ALA BA 67 -83.19 6.06 18.25
CA ALA BA 67 -84.31 6.00 17.31
C ALA BA 67 -85.60 6.48 17.98
N LEU BA 68 -86.21 7.52 17.44
CA LEU BA 68 -87.45 8.04 17.99
C LEU BA 68 -88.63 7.18 17.55
N THR BA 69 -89.68 7.21 18.36
CA THR BA 69 -90.89 6.46 18.05
C THR BA 69 -92.11 7.34 18.34
N LEU BA 70 -93.20 7.03 17.65
CA LEU BA 70 -94.43 7.81 17.75
C LEU BA 70 -95.26 7.24 18.89
N SER BA 71 -95.14 7.84 20.07
CA SER BA 71 -95.90 7.42 21.24
C SER BA 71 -97.16 8.27 21.32
N GLY BA 72 -98.30 7.64 21.07
CA GLY BA 72 -99.58 8.32 21.06
C GLY BA 72 -100.05 8.67 19.66
N SER BA 73 -101.31 9.08 19.59
CA SER BA 73 -101.91 9.41 18.31
C SER BA 73 -101.56 10.84 17.91
N VAL BA 74 -101.92 11.20 16.68
CA VAL BA 74 -101.64 12.51 16.11
C VAL BA 74 -102.96 13.25 15.92
N LEU BA 75 -102.96 14.55 16.19
CA LEU BA 75 -104.15 15.37 16.13
C LEU BA 75 -104.10 16.30 14.92
N TYR BA 76 -105.26 16.89 14.61
CA TYR BA 76 -105.41 17.71 13.41
C TYR BA 76 -106.49 18.74 13.69
N ALA BA 77 -106.15 20.01 13.56
CA ALA BA 77 -107.03 21.11 13.94
C ALA BA 77 -107.56 21.81 12.69
N VAL BA 78 -108.87 21.77 12.50
CA VAL BA 78 -109.55 22.39 11.37
C VAL BA 78 -110.84 23.02 11.87
N ASN BA 79 -111.18 24.19 11.33
CA ASN BA 79 -112.46 24.82 11.66
C ASN BA 79 -113.63 23.90 11.38
N TYR BA 80 -114.35 23.51 12.44
CA TYR BA 80 -115.25 22.36 12.35
C TYR BA 80 -116.40 22.54 11.38
N PRO BA 81 -117.21 23.61 11.47
CA PRO BA 81 -118.39 23.67 10.58
C PRO BA 81 -118.04 23.75 9.11
N SER BA 82 -117.17 24.69 8.73
CA SER BA 82 -116.78 24.86 7.33
C SER BA 82 -115.30 24.50 7.23
N ASN BA 83 -115.04 23.25 6.84
CA ASN BA 83 -113.67 22.73 6.78
C ASN BA 83 -112.97 23.38 5.58
N THR BA 84 -112.44 24.57 5.81
CA THR BA 84 -111.75 25.30 4.74
C THR BA 84 -110.34 25.67 5.19
N ARG BA 85 -110.17 25.91 6.49
CA ARG BA 85 -108.88 26.32 7.04
C ARG BA 85 -108.31 25.21 7.91
N SER BA 86 -107.01 24.95 7.74
CA SER BA 86 -106.28 24.00 8.58
C SER BA 86 -105.44 24.78 9.58
N TYR BA 87 -105.56 24.43 10.85
CA TYR BA 87 -104.96 25.23 11.91
C TYR BA 87 -103.58 24.74 12.32
N TRP BA 88 -103.48 23.50 12.80
CA TRP BA 88 -102.20 22.98 13.26
C TRP BA 88 -102.30 21.46 13.39
N ILE BA 89 -101.14 20.83 13.51
CA ILE BA 89 -101.01 19.40 13.72
C ILE BA 89 -100.09 19.17 14.91
N TYR BA 90 -100.52 18.33 15.85
CA TYR BA 90 -99.77 18.11 17.07
C TYR BA 90 -99.70 16.61 17.36
N PHE BA 91 -98.51 16.16 17.78
CA PHE BA 91 -98.30 14.77 18.14
C PHE BA 91 -97.09 14.68 19.07
N THR BA 92 -96.99 13.54 19.75
CA THR BA 92 -95.92 13.31 20.71
C THR BA 92 -94.89 12.35 20.14
N VAL BA 93 -93.64 12.54 20.54
CA VAL BA 93 -92.52 11.75 20.06
C VAL BA 93 -91.67 11.35 21.25
N SER BA 94 -91.17 10.10 21.23
CA SER BA 94 -90.34 9.59 22.30
C SER BA 94 -89.32 8.63 21.72
N PRO BA 95 -88.18 8.46 22.38
CA PRO BA 95 -87.24 7.42 21.95
C PRO BA 95 -87.90 6.05 21.98
N SER BA 96 -87.46 5.18 21.07
CA SER BA 96 -88.10 3.88 20.89
C SER BA 96 -88.10 3.09 22.20
N SER BA 97 -86.93 2.74 22.68
CA SER BA 97 -86.77 2.14 24.00
C SER BA 97 -85.66 2.91 24.73
N GLY BA 98 -85.68 2.84 26.05
CA GLY BA 98 -84.78 3.67 26.83
C GLY BA 98 -83.34 3.22 26.75
N VAL BA 99 -82.75 3.30 25.56
CA VAL BA 99 -81.37 2.89 25.36
C VAL BA 99 -80.42 4.08 25.35
N SER BA 100 -80.87 5.24 24.85
CA SER BA 100 -80.02 6.42 24.78
C SER BA 100 -80.89 7.61 24.41
N SER BA 101 -80.34 8.80 24.65
CA SER BA 101 -81.07 10.03 24.38
C SER BA 101 -80.99 10.41 22.91
N VAL BA 102 -81.80 11.39 22.54
CA VAL BA 102 -81.85 11.94 21.19
C VAL BA 102 -81.75 13.45 21.28
N GLU BA 103 -81.04 14.05 20.34
CA GLU BA 103 -80.81 15.50 20.33
C GLU BA 103 -81.75 16.16 19.35
N LEU BA 104 -82.52 17.14 19.84
CA LEU BA 104 -83.54 17.83 19.05
C LEU BA 104 -83.25 19.32 18.98
N SER BA 105 -81.99 19.69 18.79
CA SER BA 105 -81.64 21.10 18.68
C SER BA 105 -82.22 21.68 17.40
N PRO BA 106 -82.94 22.79 17.47
CA PRO BA 106 -83.63 23.30 16.26
C PRO BA 106 -82.68 23.75 15.17
N SER BA 107 -81.37 23.79 15.43
CA SER BA 107 -80.40 24.19 14.44
C SER BA 107 -79.68 23.02 13.80
N THR BA 108 -80.00 21.78 14.20
CA THR BA 108 -79.35 20.61 13.62
C THR BA 108 -80.31 19.54 13.14
N THR BA 109 -81.57 19.53 13.55
CA THR BA 109 -82.53 18.54 13.10
C THR BA 109 -83.53 19.17 12.15
N ALA BA 110 -84.10 18.34 11.29
CA ALA BA 110 -84.98 18.79 10.22
C ALA BA 110 -86.34 18.11 10.33
N ILE BA 111 -87.40 18.89 10.09
CA ILE BA 111 -88.76 18.37 10.09
C ILE BA 111 -89.34 18.67 8.72
N SER BA 112 -89.49 17.64 7.89
CA SER BA 112 -89.95 17.79 6.52
C SER BA 112 -91.42 17.38 6.44
N PHE BA 113 -92.26 18.30 5.99
CA PHE BA 113 -93.68 18.04 5.80
C PHE BA 113 -93.98 18.06 4.30
N THR BA 114 -94.50 16.94 3.80
CA THR BA 114 -94.81 16.79 2.38
C THR BA 114 -96.24 16.32 2.22
N ALA BA 115 -97.03 17.09 1.48
CA ALA BA 115 -98.38 16.69 1.11
C ALA BA 115 -98.38 16.25 -0.36
N SER BA 116 -99.15 15.21 -0.65
CA SER BA 116 -99.06 14.58 -1.97
C SER BA 116 -99.89 15.32 -3.01
N ALA BA 117 -101.20 15.39 -2.81
CA ALA BA 117 -102.09 15.85 -3.88
C ALA BA 117 -101.89 17.34 -4.17
N GLU BA 118 -101.69 18.16 -3.14
CA GLU BA 118 -101.58 19.59 -3.33
C GLU BA 118 -100.29 19.98 -4.04
N GLY BA 119 -99.32 19.08 -4.16
CA GLY BA 119 -98.06 19.43 -4.77
C GLY BA 119 -97.20 20.35 -3.93
N ILE BA 120 -97.44 20.40 -2.62
CA ILE BA 120 -96.70 21.26 -1.71
C ILE BA 120 -95.78 20.37 -0.88
N SER BA 121 -94.49 20.68 -0.88
CA SER BA 121 -93.50 19.93 -0.14
C SER BA 121 -92.54 20.89 0.54
N TYR BA 122 -92.32 20.69 1.83
CA TYR BA 122 -91.47 21.54 2.63
C TYR BA 122 -90.20 20.78 3.01
N SER BA 123 -89.34 21.46 3.76
CA SER BA 123 -88.10 20.84 4.25
C SER BA 123 -87.59 21.67 5.42
N ASN BA 124 -87.52 21.05 6.59
CA ASN BA 124 -86.99 21.69 7.81
C ASN BA 124 -87.78 22.95 8.15
N ILE BA 125 -89.04 22.73 8.52
CA ILE BA 125 -89.89 23.80 9.01
C ILE BA 125 -89.66 23.98 10.50
N TYR BA 126 -88.65 23.29 11.04
CA TYR BA 126 -88.34 23.36 12.46
C TYR BA 126 -87.53 24.62 12.73
N GLU BA 127 -88.11 25.54 13.50
CA GLU BA 127 -87.48 26.83 13.75
C GLU BA 127 -87.17 27.07 15.22
N TYR BA 128 -88.12 26.82 16.12
CA TYR BA 128 -87.95 27.14 17.53
C TYR BA 128 -88.24 25.91 18.37
N THR BA 129 -87.91 26.02 19.67
CA THR BA 129 -88.16 24.96 20.62
C THR BA 129 -88.28 25.56 22.01
N LEU BA 130 -88.83 24.77 22.93
CA LEU BA 130 -88.99 25.18 24.32
C LEU BA 130 -88.15 24.35 25.27
N LEU BA 131 -87.29 23.48 24.75
CA LEU BA 131 -86.46 22.63 25.59
C LEU BA 131 -85.27 23.36 26.17
N THR BA 132 -85.09 24.64 25.88
CA THR BA 132 -83.93 25.39 26.33
C THR BA 132 -84.27 26.44 27.38
N VAL BA 133 -85.39 27.12 27.25
CA VAL BA 133 -85.70 28.22 28.16
C VAL BA 133 -86.10 27.65 29.52
N SER BA 134 -85.50 28.19 30.58
CA SER BA 134 -85.80 27.73 31.92
C SER BA 134 -87.17 28.24 32.37
N PRO BA 135 -87.88 27.48 33.20
CA PRO BA 135 -89.21 27.92 33.65
C PRO BA 135 -89.18 29.16 34.54
N SER BA 136 -88.00 29.70 34.85
CA SER BA 136 -87.94 30.87 35.71
C SER BA 136 -88.49 32.11 35.02
N GLU BA 137 -88.05 32.37 33.79
CA GLU BA 137 -88.44 33.59 33.11
C GLU BA 137 -89.91 33.56 32.69
N LEU BA 138 -90.43 32.37 32.40
CA LEU BA 138 -91.82 32.27 31.92
C LEU BA 138 -92.81 32.63 33.02
N ALA BA 139 -92.62 32.08 34.22
CA ALA BA 139 -93.63 32.21 35.27
C ALA BA 139 -93.77 33.63 35.80
N ASN BA 140 -92.99 34.59 35.30
CA ASN BA 140 -93.05 35.93 35.86
C ASN BA 140 -94.19 36.75 35.30
N GLN BA 141 -94.18 37.02 33.99
CA GLN BA 141 -95.08 38.01 33.40
C GLN BA 141 -95.91 37.42 32.26
N VAL BA 142 -97.12 36.97 32.61
CA VAL BA 142 -98.19 36.74 31.65
C VAL BA 142 -99.49 36.67 32.43
N TYR BA 143 -100.52 37.39 31.97
CA TYR BA 143 -101.79 37.39 32.67
C TYR BA 143 -102.87 38.04 31.81
N ALA BA 144 -104.07 37.48 31.89
CA ALA BA 144 -105.25 38.06 31.25
C ALA BA 144 -106.31 38.46 32.26
N ASN BA 145 -106.09 38.21 33.55
CA ASN BA 145 -107.04 38.58 34.60
C ASN BA 145 -106.25 38.86 35.87
N GLY BA 146 -106.95 38.87 37.00
CA GLY BA 146 -106.33 39.23 38.26
C GLY BA 146 -105.20 38.34 38.71
N GLN BA 147 -105.10 37.13 38.15
CA GLN BA 147 -104.09 36.17 38.57
C GLN BA 147 -103.10 35.94 37.44
N TYR BA 148 -101.81 36.03 37.76
CA TYR BA 148 -100.76 35.66 36.82
C TYR BA 148 -100.78 34.14 36.62
N LEU BA 149 -101.19 33.69 35.44
CA LEU BA 149 -101.29 32.25 35.21
C LEU BA 149 -99.92 31.64 35.01
N ASP BA 150 -99.79 30.37 35.40
CA ASP BA 150 -98.57 29.61 35.20
C ASP BA 150 -98.72 28.69 34.00
N LEU BA 151 -97.59 28.41 33.34
CA LEU BA 151 -97.60 27.70 32.09
C LEU BA 151 -96.82 26.39 32.11
N VAL BA 152 -96.17 26.05 33.21
CA VAL BA 152 -95.34 24.86 33.28
C VAL BA 152 -95.44 24.25 34.67
N ASN BA 153 -95.68 22.95 34.73
CA ASN BA 153 -95.68 22.21 35.99
C ASN BA 153 -94.32 21.55 36.18
N GLN BA 154 -93.89 21.46 37.43
CA GLN BA 154 -92.57 20.93 37.72
C GLN BA 154 -92.56 20.22 39.07
N GLN BA 155 -92.18 18.94 39.04
CA GLN BA 155 -91.91 18.17 40.24
C GLN BA 155 -90.41 18.09 40.47
N THR BA 156 -90.03 17.59 41.64
CA THR BA 156 -88.63 17.45 42.00
C THR BA 156 -88.43 16.17 42.78
N ASN BA 157 -87.52 15.32 42.30
CA ASN BA 157 -87.16 14.09 42.99
C ASN BA 157 -85.76 13.68 42.57
N ALA BA 158 -85.08 12.97 43.47
CA ALA BA 158 -83.71 12.50 43.24
C ALA BA 158 -82.78 13.65 42.89
N GLY BA 159 -83.06 14.84 43.43
CA GLY BA 159 -82.22 15.99 43.17
C GLY BA 159 -82.33 16.54 41.75
N GLN BA 160 -83.45 16.29 41.08
CA GLN BA 160 -83.65 16.79 39.73
C GLN BA 160 -85.08 17.30 39.58
N THR BA 161 -85.24 18.35 38.79
CA THR BA 161 -86.53 18.99 38.56
C THR BA 161 -87.03 18.59 37.19
N TYR BA 162 -88.21 18.00 37.13
CA TYR BA 162 -88.83 17.55 35.89
C TYR BA 162 -89.98 18.48 35.55
N VAL BA 163 -89.86 19.18 34.42
CA VAL BA 163 -90.89 20.13 34.00
C VAL BA 163 -91.55 19.60 32.73
N TYR BA 164 -92.69 20.18 32.40
CA TYR BA 164 -93.44 19.86 31.20
C TYR BA 164 -94.60 20.83 31.07
N TYR BA 165 -95.12 20.96 29.86
CA TYR BA 165 -96.26 21.82 29.60
C TYR BA 165 -97.53 21.00 29.51
N PRO BA 166 -98.59 21.37 30.24
CA PRO BA 166 -99.77 20.50 30.32
C PRO BA 166 -100.71 20.58 29.13
N ASN BA 167 -100.52 21.53 28.22
CA ASN BA 167 -101.44 21.65 27.10
C ASN BA 167 -100.70 22.15 25.87
N PRO BA 168 -101.28 22.04 24.68
CA PRO BA 168 -100.65 22.65 23.51
C PRO BA 168 -100.75 24.17 23.55
N TYR BA 169 -101.88 24.67 24.04
CA TYR BA 169 -102.08 26.12 24.13
C TYR BA 169 -101.09 26.74 25.11
N TYR BA 170 -100.89 26.09 26.26
CA TYR BA 170 -99.94 26.62 27.23
C TYR BA 170 -98.55 26.74 26.63
N ALA BA 171 -98.23 25.91 25.64
CA ALA BA 171 -96.97 26.06 24.94
C ALA BA 171 -96.97 27.30 24.06
N LEU BA 172 -98.13 27.62 23.46
CA LEU BA 172 -98.19 28.79 22.58
C LEU BA 172 -98.04 30.08 23.38
N LEU BA 173 -98.76 30.21 24.49
CA LEU BA 173 -98.56 31.37 25.36
C LEU BA 173 -97.11 31.45 25.83
N ALA BA 174 -96.47 30.31 26.01
CA ALA BA 174 -95.06 30.29 26.37
C ALA BA 174 -94.19 30.71 25.19
N LEU BA 175 -94.56 30.29 23.97
CA LEU BA 175 -93.76 30.62 22.81
C LEU BA 175 -93.89 32.09 22.44
N ASN BA 176 -95.09 32.66 22.61
CA ASN BA 176 -95.30 34.06 22.25
C ASN BA 176 -94.41 34.97 23.08
N TYR BA 177 -94.15 34.60 24.33
CA TYR BA 177 -93.35 35.46 25.19
C TYR BA 177 -91.86 35.34 24.88
N THR BA 178 -91.37 34.12 24.69
CA THR BA 178 -89.94 33.94 24.49
C THR BA 178 -89.50 34.50 23.14
N LEU BA 179 -90.41 34.51 22.15
CA LEU BA 179 -90.06 35.07 20.86
C LEU BA 179 -89.88 36.58 20.94
N SER BA 180 -90.69 37.25 21.76
CA SER BA 180 -90.69 38.70 21.79
C SER BA 180 -89.65 39.24 22.75
N LYS BA 181 -89.38 38.52 23.84
CA LYS BA 181 -88.55 39.05 24.92
C LYS BA 181 -87.24 38.31 25.09
N ILE BA 182 -87.26 36.98 25.14
CA ILE BA 182 -86.05 36.21 25.43
C ILE BA 182 -84.98 36.47 24.38
N ASP BA 183 -85.30 36.17 23.13
CA ASP BA 183 -84.39 36.45 22.01
C ASP BA 183 -84.94 37.60 21.20
N LYS BA 184 -84.11 38.64 21.00
CA LYS BA 184 -84.55 39.86 20.36
C LYS BA 184 -84.66 39.69 18.86
N VAL BA 185 -85.62 38.90 18.41
CA VAL BA 185 -85.86 38.69 16.98
C VAL BA 185 -87.00 39.59 16.54
N SER BA 186 -86.74 40.42 15.52
CA SER BA 186 -87.76 41.36 15.08
C SER BA 186 -88.83 40.67 14.22
N PRO BA 187 -88.48 39.76 13.28
CA PRO BA 187 -89.54 39.00 12.61
C PRO BA 187 -90.02 37.86 13.48
N SER BA 188 -91.21 38.02 14.07
CA SER BA 188 -91.79 37.00 14.91
C SER BA 188 -92.83 36.23 14.12
N PRO BA 189 -92.59 34.96 13.77
CA PRO BA 189 -93.60 34.22 13.02
C PRO BA 189 -94.87 33.98 13.79
N LEU BA 190 -94.85 34.10 15.12
CA LEU BA 190 -96.03 33.93 15.96
C LEU BA 190 -96.35 35.24 16.64
N TYR BA 191 -97.65 35.52 16.78
CA TYR BA 191 -98.10 36.72 17.48
C TYR BA 191 -99.48 36.42 18.05
N ILE BA 192 -99.57 36.39 19.37
CA ILE BA 192 -100.82 36.11 20.07
C ILE BA 192 -101.23 37.37 20.83
N THR BA 193 -102.45 37.84 20.56
CA THR BA 193 -102.97 39.02 21.22
C THR BA 193 -104.41 38.79 21.63
N THR BA 194 -104.82 39.46 22.69
CA THR BA 194 -106.15 39.27 23.26
C THR BA 194 -107.16 40.29 22.78
N THR BA 195 -106.77 41.20 21.89
CA THR BA 195 -107.71 42.21 21.42
C THR BA 195 -108.58 41.64 20.30
N THR BA 196 -109.55 42.44 19.90
CA THR BA 196 -110.44 42.03 18.81
C THR BA 196 -109.65 42.00 17.51
N PRO BA 197 -109.80 40.95 16.70
CA PRO BA 197 -108.99 40.85 15.47
C PRO BA 197 -109.20 42.00 14.50
N SER BA 198 -110.39 42.58 14.44
CA SER BA 198 -110.62 43.71 13.56
C SER BA 198 -109.83 44.93 14.03
N SER BA 199 -109.88 45.22 15.33
CA SER BA 199 -109.13 46.35 15.86
C SER BA 199 -107.63 46.12 15.71
N ALA BA 200 -107.18 44.89 15.93
CA ALA BA 200 -105.76 44.59 15.75
C ALA BA 200 -105.33 44.79 14.31
N THR BA 201 -106.22 44.50 13.36
CA THR BA 201 -105.89 44.72 11.95
C THR BA 201 -105.75 46.20 11.64
N GLN BA 202 -106.54 47.05 12.32
CA GLN BA 202 -106.44 48.48 12.09
C GLN BA 202 -105.14 49.06 12.63
N ILE BA 203 -104.72 48.61 13.81
CA ILE BA 203 -103.48 49.12 14.38
C ILE BA 203 -102.27 48.42 13.75
N TYR BA 204 -102.40 47.14 13.43
CA TYR BA 204 -101.31 46.40 12.79
C TYR BA 204 -101.74 46.00 11.40
N PRO BA 205 -101.19 46.60 10.35
CA PRO BA 205 -101.67 46.29 8.99
C PRO BA 205 -101.26 44.91 8.51
N PHE BA 206 -100.12 44.40 8.95
CA PHE BA 206 -99.62 43.13 8.42
C PHE BA 206 -100.49 41.95 8.84
N LEU BA 207 -101.22 42.06 9.96
CA LEU BA 207 -101.97 40.93 10.48
C LEU BA 207 -103.12 40.51 9.58
N ALA BA 208 -103.43 41.28 8.54
CA ALA BA 208 -104.52 40.90 7.65
C ALA BA 208 -104.14 39.72 6.76
N HIS BA 209 -102.86 39.50 6.50
CA HIS BA 209 -102.42 38.45 5.61
C HIS BA 209 -102.01 37.17 6.33
N ASP BA 210 -101.96 37.19 7.66
CA ASP BA 210 -101.51 36.03 8.41
C ASP BA 210 -102.66 35.07 8.66
N ASN BA 211 -102.31 33.85 9.03
CA ASN BA 211 -103.28 32.83 9.41
C ASN BA 211 -103.65 33.01 10.87
N MET BA 212 -104.91 32.66 11.20
CA MET BA 212 -105.41 32.93 12.53
C MET BA 212 -106.35 31.82 12.98
N PHE BA 213 -106.19 31.39 14.23
CA PHE BA 213 -107.16 30.55 14.89
C PHE BA 213 -107.35 31.04 16.32
N THR BA 214 -108.31 30.46 17.02
CA THR BA 214 -108.68 30.92 18.35
C THR BA 214 -108.73 29.76 19.32
N PHE BA 215 -108.41 30.05 20.58
CA PHE BA 215 -108.51 29.08 21.66
C PHE BA 215 -108.87 29.82 22.94
N THR BA 216 -109.98 29.43 23.56
CA THR BA 216 -110.50 30.12 24.73
C THR BA 216 -110.11 29.36 25.99
N LEU BA 217 -109.85 30.14 27.04
CA LEU BA 217 -109.49 29.60 28.35
C LEU BA 217 -110.34 30.27 29.42
N ASN BA 218 -110.61 29.55 30.49
CA ASN BA 218 -111.36 30.07 31.63
C ASN BA 218 -110.38 30.41 32.74
N ILE BA 219 -110.33 31.69 33.12
CA ILE BA 219 -109.44 32.18 34.16
C ILE BA 219 -110.28 32.94 35.18
N SER BA 220 -110.07 32.63 36.46
CA SER BA 220 -110.74 33.31 37.58
C SER BA 220 -112.26 33.37 37.37
N GLY BA 221 -112.82 32.38 36.69
CA GLY BA 221 -114.24 32.30 36.44
C GLY BA 221 -114.68 32.92 35.13
N THR BA 222 -114.06 34.00 34.70
CA THR BA 222 -114.43 34.66 33.46
C THR BA 222 -113.77 33.96 32.27
N LEU BA 223 -114.27 34.28 31.08
CA LEU BA 223 -113.79 33.66 29.85
C LEU BA 223 -112.85 34.62 29.13
N VAL BA 224 -111.78 34.05 28.56
CA VAL BA 224 -110.80 34.81 27.79
C VAL BA 224 -110.50 34.05 26.51
N THR BA 225 -110.56 34.75 25.38
CA THR BA 225 -110.27 34.16 24.08
C THR BA 225 -109.00 34.78 23.52
N TYR BA 226 -108.20 33.96 22.85
CA TYR BA 226 -106.96 34.41 22.24
C TYR BA 226 -107.02 34.21 20.73
N TYR BA 227 -106.25 35.01 20.00
CA TYR BA 227 -106.19 34.94 18.54
C TYR BA 227 -104.72 34.87 18.13
N ALA BA 228 -104.29 33.70 17.68
CA ALA BA 228 -102.91 33.48 17.28
C ALA BA 228 -102.76 33.81 15.80
N PHE BA 229 -101.86 34.74 15.50
CA PHE BA 229 -101.59 35.16 14.12
C PHE BA 229 -100.22 34.67 13.70
N VAL BA 230 -100.18 33.84 12.66
CA VAL BA 230 -98.95 33.23 12.17
C VAL BA 230 -98.79 33.58 10.70
N ASN BA 231 -97.59 34.03 10.33
CA ASN BA 231 -97.31 34.43 8.95
C ASN BA 231 -96.36 33.47 8.25
N GLN BA 232 -96.13 32.28 8.80
CA GLN BA 232 -95.19 31.35 8.21
C GLN BA 232 -95.38 29.98 8.86
N THR BA 233 -95.42 28.94 8.03
CA THR BA 233 -95.59 27.58 8.51
C THR BA 233 -94.31 27.14 9.22
N PHE BA 234 -94.41 26.87 10.52
CA PHE BA 234 -93.26 26.48 11.30
C PHE BA 234 -93.69 25.49 12.38
N ALA BA 235 -92.72 24.82 12.98
CA ALA BA 235 -92.98 23.81 13.99
C ALA BA 235 -92.05 23.99 15.16
N PHE BA 236 -92.53 23.62 16.35
CA PHE BA 236 -91.74 23.71 17.56
C PHE BA 236 -92.01 22.51 18.43
N THR BA 237 -91.12 22.26 19.39
CA THR BA 237 -91.21 21.13 20.29
C THR BA 237 -91.10 21.62 21.73
N TYR BA 238 -91.76 20.91 22.64
CA TYR BA 238 -91.78 21.28 24.05
C TYR BA 238 -91.87 20.03 24.89
N PRO BA 239 -91.33 20.04 26.11
CA PRO BA 239 -91.34 18.83 26.92
C PRO BA 239 -92.72 18.53 27.46
N VAL BA 240 -93.06 17.24 27.50
CA VAL BA 240 -94.36 16.82 28.00
C VAL BA 240 -94.29 15.71 29.04
N ALA BA 241 -93.19 14.96 29.15
CA ALA BA 241 -93.13 13.91 30.14
C ALA BA 241 -91.67 13.65 30.53
N GLY BA 242 -91.30 14.06 31.74
CA GLY BA 242 -90.02 13.69 32.32
C GLY BA 242 -88.77 14.13 31.58
N ASP BA 243 -88.61 15.44 31.39
CA ASP BA 243 -87.41 16.01 30.79
C ASP BA 243 -86.67 16.81 31.84
N PRO BA 244 -85.77 16.19 32.60
CA PRO BA 244 -85.11 16.93 33.68
C PRO BA 244 -84.08 17.92 33.19
N LEU BA 245 -83.26 17.54 32.21
CA LEU BA 245 -82.15 18.39 31.74
C LEU BA 245 -82.66 19.52 30.85
N ILE BA 246 -83.41 20.43 31.47
CA ILE BA 246 -83.91 21.59 30.76
C ILE BA 246 -82.78 22.55 30.49
N GLY BA 247 -82.75 23.09 29.27
CA GLY BA 247 -81.67 23.95 28.84
C GLY BA 247 -80.68 23.31 27.90
N SER BA 248 -81.02 22.17 27.30
CA SER BA 248 -80.08 21.43 26.46
C SER BA 248 -80.63 21.01 25.12
N ALA BA 249 -81.95 21.03 24.92
CA ALA BA 249 -82.56 20.56 23.67
C ALA BA 249 -82.17 19.12 23.38
N ILE BA 250 -82.18 18.30 24.44
CA ILE BA 250 -81.88 16.87 24.35
C ILE BA 250 -83.02 16.12 25.02
N ALA BA 251 -83.57 15.14 24.32
CA ALA BA 251 -84.66 14.33 24.87
C ALA BA 251 -84.05 13.15 25.61
N PRO BA 252 -84.10 13.09 26.93
CA PRO BA 252 -83.48 11.97 27.65
C PRO BA 252 -84.22 10.68 27.39
N ALA BA 253 -83.47 9.58 27.42
CA ALA BA 253 -84.08 8.27 27.22
C ALA BA 253 -85.13 8.02 28.29
N GLY BA 254 -86.31 7.59 27.85
CA GLY BA 254 -87.42 7.44 28.76
C GLY BA 254 -88.20 8.71 28.98
N SER BA 255 -88.39 9.51 27.93
CA SER BA 255 -89.12 10.76 28.04
C SER BA 255 -89.91 10.97 26.74
N VAL BA 256 -90.99 11.73 26.86
CA VAL BA 256 -91.87 12.02 25.73
C VAL BA 256 -91.72 13.50 25.39
N ILE BA 257 -91.74 13.81 24.10
CA ILE BA 257 -91.59 15.18 23.61
C ILE BA 257 -92.73 15.46 22.66
N GLY BA 258 -93.43 16.57 22.88
CA GLY BA 258 -94.57 16.94 22.06
C GLY BA 258 -94.14 17.84 20.92
N VAL BA 259 -94.54 17.46 19.71
CA VAL BA 259 -94.23 18.20 18.50
C VAL BA 259 -95.52 18.83 17.99
N MET BA 260 -95.43 20.10 17.60
CA MET BA 260 -96.60 20.82 17.10
C MET BA 260 -96.20 21.63 15.87
N ILE BA 261 -96.92 21.41 14.77
CA ILE BA 261 -96.65 22.08 13.51
C ILE BA 261 -97.71 23.16 13.34
N LEU BA 262 -97.29 24.41 13.42
CA LEU BA 262 -98.18 25.54 13.19
C LEU BA 262 -98.19 25.89 11.72
N PHE BA 263 -99.38 25.98 11.14
CA PHE BA 263 -99.54 26.26 9.72
C PHE BA 263 -99.71 27.75 9.48
N GLY BA 264 -99.07 28.25 8.44
CA GLY BA 264 -99.15 29.65 8.10
C GLY BA 264 -100.24 29.94 7.10
N PRO BA 265 -100.12 31.06 6.38
CA PRO BA 265 -101.12 31.39 5.37
C PRO BA 265 -100.90 30.62 4.08
N ASP BA 266 -99.63 30.29 3.80
CA ASP BA 266 -99.30 29.58 2.58
C ASP BA 266 -99.98 28.22 2.52
N LEU BA 267 -99.82 27.41 3.57
CA LEU BA 267 -100.36 26.06 3.60
C LEU BA 267 -101.68 25.96 4.35
N GLY BA 268 -101.93 26.86 5.30
CA GLY BA 268 -103.13 26.79 6.12
C GLY BA 268 -104.43 27.00 5.38
N SER BA 269 -104.38 27.34 4.09
CA SER BA 269 -105.58 27.54 3.29
C SER BA 269 -106.07 26.25 2.66
N HIS BA 270 -105.55 25.11 3.08
CA HIS BA 270 -105.92 23.82 2.53
C HIS BA 270 -106.57 22.96 3.61
N VAL BA 271 -107.20 21.87 3.17
CA VAL BA 271 -107.74 20.85 4.06
C VAL BA 271 -107.34 19.50 3.49
N PHE BA 272 -106.44 18.81 4.18
CA PHE BA 272 -105.90 17.54 3.69
C PHE BA 272 -106.97 16.46 3.88
N GLN BA 273 -107.86 16.37 2.90
CA GLN BA 273 -108.94 15.39 2.90
C GLN BA 273 -108.73 14.42 1.74
N TYR BA 274 -108.84 13.13 2.03
CA TYR BA 274 -108.61 12.09 1.04
C TYR BA 274 -107.23 12.23 0.41
N GLN BA 275 -106.23 12.51 1.25
CA GLN BA 275 -104.85 12.67 0.79
C GLN BA 275 -103.94 11.95 1.77
N THR BA 276 -102.64 11.96 1.44
CA THR BA 276 -101.62 11.33 2.26
C THR BA 276 -100.69 12.41 2.83
N ILE BA 277 -100.42 12.32 4.13
CA ILE BA 277 -99.55 13.27 4.82
C ILE BA 277 -98.28 12.55 5.22
N THR BA 278 -97.15 13.25 5.14
CA THR BA 278 -95.86 12.67 5.48
C THR BA 278 -95.04 13.68 6.25
N ILE BA 279 -94.61 13.29 7.46
CA ILE BA 279 -93.72 14.11 8.29
C ILE BA 279 -92.50 13.27 8.62
N GLN BA 280 -91.33 13.90 8.61
CA GLN BA 280 -90.08 13.20 8.86
C GLN BA 280 -89.17 14.04 9.73
N ILE BA 281 -88.66 13.44 10.80
CA ILE BA 281 -87.74 14.10 11.72
C ILE BA 281 -86.40 13.39 11.64
N THR BA 282 -85.35 14.13 11.27
CA THR BA 282 -84.02 13.56 11.08
C THR BA 282 -83.01 14.30 11.96
N PRO BA 283 -82.68 13.75 13.12
CA PRO BA 283 -81.65 14.38 13.96
C PRO BA 283 -80.29 14.29 13.30
N ASN BA 284 -79.31 14.99 13.90
CA ASN BA 284 -77.97 15.01 13.35
C ASN BA 284 -77.35 13.62 13.37
N ILE BA 285 -77.44 12.93 14.50
CA ILE BA 285 -76.98 11.57 14.64
C ILE BA 285 -78.17 10.69 14.99
N GLY BA 286 -78.26 9.53 14.34
CA GLY BA 286 -79.33 8.59 14.57
C GLY BA 286 -80.23 8.44 13.37
N SER BA 287 -81.16 7.50 13.48
CA SER BA 287 -82.12 7.12 12.46
C SER BA 287 -83.28 8.10 12.42
N PRO BA 288 -83.89 8.30 11.25
CA PRO BA 288 -85.01 9.24 11.14
C PRO BA 288 -86.30 8.68 11.70
N LEU BA 289 -87.39 9.41 11.53
CA LEU BA 289 -88.72 8.96 11.92
C LEU BA 289 -89.72 9.48 10.89
N THR BA 290 -90.37 8.57 10.17
CA THR BA 290 -91.30 8.93 9.12
C THR BA 290 -92.71 8.47 9.48
N ILE BA 291 -93.69 9.26 9.08
CA ILE BA 291 -95.10 8.96 9.31
C ILE BA 291 -95.84 9.13 7.99
N SER BA 292 -96.91 8.36 7.81
CA SER BA 292 -97.69 8.44 6.58
C SER BA 292 -99.14 8.09 6.94
N GLU BA 293 -99.97 9.11 7.11
CA GLU BA 293 -101.36 8.94 7.48
C GLU BA 293 -102.27 9.34 6.34
N TYR BA 294 -103.43 8.70 6.27
CA TYR BA 294 -104.43 8.94 5.23
C TYR BA 294 -105.67 9.50 5.90
N VAL BA 295 -105.91 10.80 5.71
CA VAL BA 295 -106.98 11.50 6.39
C VAL BA 295 -108.25 11.40 5.54
N TYR BA 296 -109.35 11.01 6.18
CA TYR BA 296 -110.64 10.88 5.48
C TYR BA 296 -111.49 12.14 5.57
N GLN BA 297 -111.87 12.52 6.78
CA GLN BA 297 -112.79 13.62 7.03
C GLN BA 297 -112.51 14.23 8.39
N PRO BA 298 -112.30 15.53 8.48
CA PRO BA 298 -112.14 16.16 9.80
C PRO BA 298 -113.46 16.16 10.56
N GLU BA 299 -113.36 16.04 11.88
CA GLU BA 299 -114.53 16.09 12.73
C GLU BA 299 -114.11 16.54 14.13
N GLY BA 300 -115.02 17.22 14.82
CA GLY BA 300 -114.75 17.73 16.16
C GLY BA 300 -113.73 18.83 16.25
N SER BA 301 -113.15 19.25 15.11
CA SER BA 301 -112.14 20.30 15.03
C SER BA 301 -110.82 19.84 15.62
N VAL BA 302 -110.80 18.67 16.25
CA VAL BA 302 -109.57 18.00 16.66
C VAL BA 302 -109.74 16.52 16.34
N SER BA 303 -109.20 16.08 15.21
CA SER BA 303 -109.39 14.73 14.73
C SER BA 303 -108.17 13.87 15.10
N VAL BA 304 -108.43 12.62 15.48
CA VAL BA 304 -107.36 11.68 15.81
C VAL BA 304 -107.01 10.98 14.49
N ILE BA 305 -106.15 11.63 13.71
CA ILE BA 305 -105.73 11.10 12.42
C ILE BA 305 -104.56 11.91 11.90
N LEU CA 19 -78.68 -12.07 15.33
CA LEU CA 19 -79.55 -13.11 14.80
C LEU CA 19 -81.01 -12.73 14.97
N ALA CA 20 -81.89 -13.55 14.39
CA ALA CA 20 -83.32 -13.37 14.53
C ALA CA 20 -83.92 -14.25 15.64
N GLY CA 21 -83.10 -15.06 16.30
CA GLY CA 21 -83.61 -15.88 17.39
C GLY CA 21 -84.13 -15.05 18.54
N LEU CA 22 -83.41 -13.97 18.87
CA LEU CA 22 -83.90 -13.06 19.90
C LEU CA 22 -85.10 -12.27 19.41
N ASP CA 23 -85.12 -11.91 18.13
CA ASP CA 23 -86.25 -11.18 17.58
C ASP CA 23 -87.53 -12.00 17.64
N THR CA 24 -87.47 -13.25 17.16
CA THR CA 24 -88.67 -14.09 17.19
C THR CA 24 -89.05 -14.43 18.62
N ALA CA 25 -88.10 -14.34 19.55
CA ALA CA 25 -88.42 -14.59 20.96
C ALA CA 25 -89.14 -13.41 21.57
N ILE CA 26 -88.71 -12.18 21.23
CA ILE CA 26 -89.34 -11.00 21.81
C ILE CA 26 -90.74 -10.83 21.24
N ILE CA 27 -90.90 -11.05 19.94
CA ILE CA 27 -92.22 -10.96 19.32
C ILE CA 27 -93.16 -11.99 19.92
N LEU CA 28 -92.64 -13.17 20.24
CA LEU CA 28 -93.48 -14.23 20.79
C LEU CA 28 -94.03 -13.84 22.16
N ILE CA 29 -93.20 -13.18 22.98
CA ILE CA 29 -93.64 -12.81 24.32
C ILE CA 29 -94.78 -11.80 24.25
N ALA CA 30 -94.71 -10.86 23.30
CA ALA CA 30 -95.75 -9.85 23.19
C ALA CA 30 -97.06 -10.48 22.73
N PHE CA 31 -97.00 -11.37 21.76
CA PHE CA 31 -98.22 -11.95 21.20
C PHE CA 31 -98.96 -12.80 22.23
N ILE CA 32 -98.22 -13.43 23.15
CA ILE CA 32 -98.87 -14.22 24.19
C ILE CA 32 -99.49 -13.31 25.24
N ILE CA 33 -98.83 -12.21 25.55
CA ILE CA 33 -99.44 -11.21 26.43
C ILE CA 33 -100.71 -10.65 25.80
N THR CA 34 -100.67 -10.40 24.49
CA THR CA 34 -101.85 -9.92 23.79
C THR CA 34 -102.95 -10.98 23.78
N ALA CA 35 -102.57 -12.23 23.50
CA ALA CA 35 -103.57 -13.29 23.47
C ALA CA 35 -104.17 -13.53 24.85
N SER CA 36 -103.35 -13.37 25.91
CA SER CA 36 -103.85 -13.64 27.25
C SER CA 36 -104.87 -12.61 27.68
N VAL CA 37 -104.61 -11.33 27.42
CA VAL CA 37 -105.56 -10.29 27.82
C VAL CA 37 -106.84 -10.40 27.03
N LEU CA 38 -106.79 -11.03 25.84
CA LEU CA 38 -108.02 -11.26 25.08
C LEU CA 38 -108.92 -12.26 25.80
N ALA CA 39 -108.33 -13.38 26.24
CA ALA CA 39 -109.11 -14.35 27.01
C ALA CA 39 -109.51 -13.79 28.35
N TYR CA 40 -108.79 -12.76 28.82
CA TYR CA 40 -109.09 -12.16 30.11
C TYR CA 40 -110.48 -11.55 30.11
N VAL CA 41 -110.78 -10.70 29.12
CA VAL CA 41 -112.08 -10.06 29.08
C VAL CA 41 -113.12 -10.97 28.43
N ALA CA 42 -112.68 -11.94 27.63
CA ALA CA 42 -113.63 -12.85 26.99
C ALA CA 42 -114.31 -13.74 28.02
N ILE CA 43 -113.52 -14.34 28.91
CA ILE CA 43 -114.09 -15.20 29.94
C ILE CA 43 -114.91 -14.38 30.92
N ASN CA 44 -114.44 -13.18 31.26
CA ASN CA 44 -115.16 -12.34 32.21
C ASN CA 44 -116.51 -11.91 31.65
N MET CA 45 -116.52 -11.34 30.44
CA MET CA 45 -117.77 -10.92 29.84
C MET CA 45 -118.67 -12.11 29.52
N GLY CA 46 -118.09 -13.24 29.11
CA GLY CA 46 -118.89 -14.42 28.90
C GLY CA 46 -119.58 -14.88 30.17
N LEU CA 47 -118.96 -14.65 31.32
CA LEU CA 47 -119.61 -14.91 32.58
C LEU CA 47 -120.71 -13.90 32.86
N PHE CA 48 -120.51 -12.66 32.43
CA PHE CA 48 -121.53 -11.62 32.66
C PHE CA 48 -122.80 -11.92 31.88
N VAL CA 49 -122.66 -12.21 30.59
CA VAL CA 49 -123.83 -12.48 29.76
C VAL CA 49 -124.53 -13.74 30.22
N THR CA 50 -123.75 -14.76 30.61
CA THR CA 50 -124.36 -16.01 31.09
C THR CA 50 -125.12 -15.77 32.38
N GLN CA 51 -124.51 -15.07 33.34
CA GLN CA 51 -125.21 -14.77 34.59
C GLN CA 51 -126.42 -13.89 34.35
N LYS CA 52 -126.30 -12.90 33.46
CA LYS CA 52 -127.45 -12.09 33.11
C LYS CA 52 -128.50 -12.92 32.39
N ALA CA 53 -128.06 -13.91 31.60
CA ALA CA 53 -129.02 -14.80 30.95
C ALA CA 53 -129.78 -15.63 31.97
N LYS CA 54 -129.16 -15.88 33.12
CA LYS CA 54 -129.84 -16.64 34.16
C LYS CA 54 -130.96 -15.83 34.79
N SER CA 55 -130.76 -14.51 34.90
CA SER CA 55 -131.79 -13.66 35.51
C SER CA 55 -132.98 -13.50 34.58
N THR CA 56 -132.74 -13.27 33.29
CA THR CA 56 -133.84 -12.99 32.38
C THR CA 56 -134.72 -14.22 32.16
N ILE CA 57 -134.17 -15.42 32.29
CA ILE CA 57 -135.01 -16.62 32.24
C ILE CA 57 -135.70 -16.82 33.58
N ASN CA 58 -135.03 -16.43 34.66
CA ASN CA 58 -135.67 -16.50 35.98
C ASN CA 58 -136.83 -15.53 36.06
N LYS CA 59 -136.63 -14.30 35.60
CA LYS CA 59 -137.72 -13.33 35.57
C LYS CA 59 -138.76 -13.72 34.52
N GLY CA 60 -138.32 -14.28 33.40
CA GLY CA 60 -139.26 -14.66 32.35
C GLY CA 60 -140.24 -15.72 32.80
N GLU CA 61 -139.78 -16.68 33.59
CA GLU CA 61 -140.68 -17.69 34.14
C GLU CA 61 -141.60 -17.07 35.19
N GLU CA 62 -141.10 -16.07 35.92
CA GLU CA 62 -141.90 -15.46 36.96
C GLU CA 62 -143.08 -14.68 36.37
N THR CA 63 -142.83 -13.88 35.34
CA THR CA 63 -143.91 -13.10 34.75
C THR CA 63 -144.94 -13.99 34.07
N ALA CA 64 -144.52 -15.18 33.65
CA ALA CA 64 -145.47 -16.09 33.02
C ALA CA 64 -146.29 -16.85 34.06
N SER CA 65 -145.67 -17.21 35.18
CA SER CA 65 -146.35 -18.01 36.19
C SER CA 65 -147.31 -17.16 37.02
N THR CA 66 -146.83 -16.05 37.56
CA THR CA 66 -147.65 -15.23 38.44
C THR CA 66 -148.73 -14.50 37.66
N ALA CA 67 -149.97 -14.61 38.14
CA ALA CA 67 -151.10 -13.92 37.53
C ALA CA 67 -152.24 -13.88 38.54
N LEU CA 68 -153.24 -13.06 38.25
CA LEU CA 68 -154.37 -12.85 39.14
C LEU CA 68 -155.68 -13.27 38.48
N THR CA 69 -156.63 -13.72 39.30
CA THR CA 69 -157.94 -14.10 38.84
C THR CA 69 -158.98 -13.58 39.83
N LEU CA 70 -160.00 -12.91 39.30
CA LEU CA 70 -161.01 -12.29 40.15
C LEU CA 70 -161.85 -13.37 40.82
N SER CA 71 -162.08 -13.21 42.13
CA SER CA 71 -162.84 -14.16 42.92
C SER CA 71 -164.13 -13.49 43.38
N GLY CA 72 -165.22 -14.25 43.36
CA GLY CA 72 -166.50 -13.71 43.76
C GLY CA 72 -167.09 -12.77 42.71
N SER CA 73 -168.03 -11.95 43.16
CA SER CA 73 -168.65 -10.97 42.28
C SER CA 73 -168.19 -9.57 42.63
N VAL CA 74 -168.57 -8.62 41.78
CA VAL CA 74 -168.24 -7.21 41.99
C VAL CA 74 -169.49 -6.49 42.47
N LEU CA 75 -169.28 -5.41 43.21
CA LEU CA 75 -170.37 -4.66 43.84
C LEU CA 75 -170.50 -3.28 43.21
N TYR CA 76 -171.52 -2.55 43.68
CA TYR CA 76 -171.76 -1.18 43.22
C TYR CA 76 -172.55 -0.47 44.30
N ALA CA 77 -172.02 0.64 44.81
CA ALA CA 77 -172.62 1.38 45.92
C ALA CA 77 -173.19 2.68 45.39
N VAL CA 78 -174.51 2.76 45.31
CA VAL CA 78 -175.21 3.95 44.85
C VAL CA 78 -176.47 4.11 45.70
N ASN CA 79 -176.74 5.35 46.10
CA ASN CA 79 -177.94 5.65 46.90
C ASN CA 79 -179.19 5.12 46.21
N TYR CA 80 -179.86 4.15 46.86
CA TYR CA 80 -180.94 3.43 46.20
C TYR CA 80 -182.16 4.29 45.93
N PRO CA 81 -182.75 5.00 46.90
CA PRO CA 81 -184.02 5.70 46.62
C PRO CA 81 -183.89 6.75 45.52
N SER CA 82 -182.73 7.38 45.41
CA SER CA 82 -182.48 8.38 44.37
C SER CA 82 -181.06 8.18 43.87
N ASN CA 83 -180.91 7.51 42.73
CA ASN CA 83 -179.60 7.16 42.18
C ASN CA 83 -178.95 8.43 41.64
N THR CA 84 -178.39 9.23 42.54
CA THR CA 84 -177.75 10.48 42.20
C THR CA 84 -176.26 10.53 42.51
N ARG CA 85 -175.81 9.88 43.58
CA ARG CA 85 -174.41 9.90 43.98
C ARG CA 85 -173.90 8.48 44.11
N SER CA 86 -172.85 8.15 43.36
CA SER CA 86 -172.19 6.86 43.48
C SER CA 86 -171.19 6.88 44.62
N TYR CA 87 -171.11 5.78 45.36
CA TYR CA 87 -170.34 5.76 46.60
C TYR CA 87 -169.03 5.00 46.46
N TRP CA 88 -169.05 3.73 46.06
CA TRP CA 88 -167.83 2.94 45.92
C TRP CA 88 -168.16 1.66 45.16
N ILE CA 89 -167.12 0.88 44.89
CA ILE CA 89 -167.22 -0.41 44.21
C ILE CA 89 -166.30 -1.39 44.92
N TYR CA 90 -166.80 -2.60 45.17
CA TYR CA 90 -166.07 -3.60 45.94
C TYR CA 90 -166.06 -4.93 45.22
N PHE CA 91 -164.93 -5.64 45.31
CA PHE CA 91 -164.77 -6.98 44.77
C PHE CA 91 -163.48 -7.56 45.31
N THR CA 92 -163.26 -8.84 45.03
CA THR CA 92 -162.11 -9.57 45.52
C THR CA 92 -161.31 -10.16 44.35
N VAL CA 93 -160.01 -10.36 44.58
CA VAL CA 93 -159.11 -10.89 43.58
C VAL CA 93 -158.16 -11.87 44.25
N SER CA 94 -158.00 -13.04 43.65
CA SER CA 94 -157.12 -14.09 44.14
C SER CA 94 -156.04 -14.38 43.09
N PRO CA 95 -154.90 -14.94 43.49
CA PRO CA 95 -153.92 -15.39 42.52
C PRO CA 95 -154.55 -16.32 41.48
N SER CA 96 -153.88 -16.40 40.32
CA SER CA 96 -154.46 -17.12 39.18
C SER CA 96 -154.80 -18.56 39.54
N SER CA 97 -153.89 -19.27 40.18
CA SER CA 97 -154.10 -20.66 40.58
C SER CA 97 -153.00 -21.00 41.59
N GLY CA 98 -152.87 -22.29 41.88
CA GLY CA 98 -151.85 -22.74 42.81
C GLY CA 98 -150.45 -22.74 42.22
N VAL CA 99 -149.92 -21.55 41.95
CA VAL CA 99 -148.62 -21.44 41.31
C VAL CA 99 -147.59 -20.74 42.19
N SER CA 100 -147.89 -19.52 42.64
CA SER CA 100 -146.94 -18.74 43.42
C SER CA 100 -147.65 -17.52 43.98
N SER CA 101 -146.90 -16.64 44.63
CA SER CA 101 -147.40 -15.42 45.23
C SER CA 101 -147.20 -14.23 44.29
N VAL CA 102 -147.90 -13.15 44.57
CA VAL CA 102 -147.85 -11.93 43.78
C VAL CA 102 -147.64 -10.75 44.71
N GLU CA 103 -146.74 -9.84 44.33
CA GLU CA 103 -146.46 -8.66 45.13
C GLU CA 103 -147.49 -7.57 44.83
N LEU CA 104 -147.92 -6.87 45.86
CA LEU CA 104 -148.96 -5.85 45.72
C LEU CA 104 -148.62 -4.60 46.51
N SER CA 105 -147.37 -4.16 46.44
CA SER CA 105 -147.02 -2.88 47.05
C SER CA 105 -147.60 -1.74 46.21
N PRO CA 106 -148.16 -0.73 46.86
CA PRO CA 106 -148.85 0.33 46.09
C PRO CA 106 -147.90 1.19 45.27
N SER CA 107 -146.64 1.34 45.69
CA SER CA 107 -145.72 2.20 44.96
C SER CA 107 -145.28 1.57 43.64
N THR CA 108 -145.33 0.24 43.54
CA THR CA 108 -144.85 -0.46 42.37
C THR CA 108 -145.98 -1.06 41.54
N THR CA 109 -147.24 -0.73 41.83
CA THR CA 109 -148.37 -1.23 41.06
C THR CA 109 -149.31 -0.07 40.78
N ALA CA 110 -150.29 -0.32 39.92
CA ALA CA 110 -151.25 0.70 39.54
C ALA CA 110 -152.61 0.06 39.31
N ILE CA 111 -153.65 0.90 39.44
CA ILE CA 111 -155.03 0.49 39.19
C ILE CA 111 -155.69 1.59 38.38
N SER CA 112 -156.07 1.28 37.15
CA SER CA 112 -156.66 2.25 36.24
C SER CA 112 -158.17 2.16 36.25
N PHE CA 113 -158.82 3.28 35.94
CA PHE CA 113 -160.26 3.39 35.91
C PHE CA 113 -160.69 4.06 34.61
N THR CA 114 -161.70 3.50 33.96
CA THR CA 114 -162.19 4.01 32.70
C THR CA 114 -163.69 4.24 32.78
N ALA CA 115 -164.15 5.32 32.16
CA ALA CA 115 -165.57 5.66 32.09
C ALA CA 115 -165.91 5.91 30.62
N SER CA 116 -166.52 4.92 29.97
CA SER CA 116 -166.83 5.04 28.55
C SER CA 116 -167.89 6.11 28.30
N ALA CA 117 -169.03 6.00 28.98
CA ALA CA 117 -170.12 6.95 28.75
C ALA CA 117 -169.78 8.34 29.31
N GLU CA 118 -169.17 8.39 30.49
CA GLU CA 118 -168.85 9.68 31.10
C GLU CA 118 -167.76 10.41 30.31
N GLY CA 119 -166.81 9.67 29.76
CA GLY CA 119 -165.75 10.27 28.97
C GLY CA 119 -164.53 10.69 29.75
N ILE CA 120 -164.38 10.25 31.00
CA ILE CA 120 -163.22 10.58 31.82
C ILE CA 120 -162.47 9.29 32.12
N SER CA 121 -161.15 9.32 31.91
CA SER CA 121 -160.30 8.18 32.16
C SER CA 121 -159.39 8.46 33.35
N TYR CA 122 -158.98 7.38 34.02
CA TYR CA 122 -158.11 7.48 35.19
C TYR CA 122 -156.94 6.54 35.01
N SER CA 123 -155.95 6.66 35.90
CA SER CA 123 -154.77 5.81 35.85
C SER CA 123 -154.08 5.85 37.20
N ASN CA 124 -153.87 4.68 37.79
CA ASN CA 124 -153.14 4.53 39.05
C ASN CA 124 -153.82 5.34 40.17
N ILE CA 125 -155.03 4.90 40.50
CA ILE CA 125 -155.81 5.48 41.57
C ILE CA 125 -155.67 4.68 42.87
N TYR CA 126 -154.60 3.89 42.98
CA TYR CA 126 -154.36 3.02 44.12
C TYR CA 126 -153.13 3.53 44.85
N GLU CA 127 -153.34 4.27 45.94
CA GLU CA 127 -152.26 4.94 46.66
C GLU CA 127 -151.95 4.29 48.00
N TYR CA 128 -152.95 4.11 48.85
CA TYR CA 128 -152.76 3.58 50.19
C TYR CA 128 -153.45 2.23 50.31
N THR CA 129 -152.99 1.43 51.28
CA THR CA 129 -153.53 0.11 51.50
C THR CA 129 -153.36 -0.27 52.97
N LEU CA 130 -153.84 -1.45 53.32
CA LEU CA 130 -153.85 -1.91 54.70
C LEU CA 130 -153.04 -3.19 54.91
N LEU CA 131 -152.34 -3.65 53.88
CA LEU CA 131 -151.57 -4.90 54.00
C LEU CA 131 -150.25 -4.72 54.74
N THR CA 132 -149.84 -3.49 55.03
CA THR CA 132 -148.57 -3.22 55.67
C THR CA 132 -148.69 -2.73 57.10
N VAL CA 133 -149.90 -2.69 57.65
CA VAL CA 133 -150.12 -2.22 59.02
C VAL CA 133 -150.07 -3.41 59.97
N SER CA 134 -149.70 -3.14 61.21
CA SER CA 134 -149.67 -4.19 62.21
C SER CA 134 -151.02 -4.24 62.95
N PRO CA 135 -151.54 -5.43 63.23
CA PRO CA 135 -152.85 -5.52 63.87
C PRO CA 135 -152.88 -5.03 65.30
N SER CA 136 -151.73 -4.87 65.95
CA SER CA 136 -151.73 -4.43 67.34
C SER CA 136 -152.11 -2.96 67.46
N GLU CA 137 -151.50 -2.11 66.64
CA GLU CA 137 -151.75 -0.67 66.74
C GLU CA 137 -153.17 -0.33 66.33
N LEU CA 138 -153.71 -1.02 65.32
CA LEU CA 138 -155.06 -0.72 64.85
C LEU CA 138 -156.09 -1.07 65.91
N ALA CA 139 -155.95 -2.22 66.56
CA ALA CA 139 -156.87 -2.61 67.62
C ALA CA 139 -156.49 -2.01 68.97
N ASN CA 140 -155.52 -1.12 69.02
CA ASN CA 140 -155.05 -0.59 70.30
C ASN CA 140 -156.11 0.31 70.93
N GLN CA 141 -156.48 1.40 70.25
CA GLN CA 141 -157.48 2.31 70.78
C GLN CA 141 -158.40 2.77 69.66
N VAL CA 142 -159.66 2.37 69.75
CA VAL CA 142 -160.74 2.91 68.92
C VAL CA 142 -162.06 2.49 69.55
N TYR CA 143 -163.01 3.42 69.63
CA TYR CA 143 -164.28 3.12 70.28
C TYR CA 143 -165.30 4.20 69.99
N ALA CA 144 -166.53 3.79 69.74
CA ALA CA 144 -167.66 4.70 69.61
C ALA CA 144 -168.71 4.47 70.69
N ASN CA 145 -168.38 3.68 71.70
CA ASN CA 145 -169.29 3.38 72.80
C ASN CA 145 -168.45 3.20 74.06
N GLY CA 146 -169.06 2.61 75.10
CA GLY CA 146 -168.34 2.41 76.35
C GLY CA 146 -167.19 1.43 76.25
N GLN CA 147 -167.14 0.63 75.19
CA GLN CA 147 -166.10 -0.38 75.03
C GLN CA 147 -165.31 -0.14 73.75
N TYR CA 148 -164.04 -0.53 73.78
CA TYR CA 148 -163.16 -0.41 72.62
C TYR CA 148 -163.45 -1.57 71.68
N LEU CA 149 -164.02 -1.27 70.51
CA LEU CA 149 -164.42 -2.32 69.59
C LEU CA 149 -163.19 -2.90 68.89
N ASP CA 150 -163.35 -4.12 68.38
CA ASP CA 150 -162.31 -4.83 67.67
C ASP CA 150 -162.49 -4.64 66.16
N LEU CA 151 -161.38 -4.75 65.43
CA LEU CA 151 -161.38 -4.51 64.00
C LEU CA 151 -160.85 -5.68 63.17
N VAL CA 152 -160.11 -6.60 63.77
CA VAL CA 152 -159.45 -7.67 63.03
C VAL CA 152 -159.74 -9.01 63.68
N ASN CA 153 -159.80 -10.06 62.86
CA ASN CA 153 -159.90 -11.43 63.33
C ASN CA 153 -158.54 -12.09 63.10
N GLN CA 154 -157.91 -12.52 64.19
CA GLN CA 154 -156.56 -13.10 64.14
C GLN CA 154 -156.61 -14.54 64.65
N GLN CA 155 -156.54 -15.48 63.73
CA GLN CA 155 -156.39 -16.89 64.07
C GLN CA 155 -154.96 -17.32 63.74
N THR CA 156 -154.35 -18.08 64.65
CA THR CA 156 -152.97 -18.50 64.52
C THR CA 156 -152.88 -20.02 64.52
N ASN CA 157 -151.94 -20.54 63.75
CA ASN CA 157 -151.69 -21.98 63.66
C ASN CA 157 -150.40 -22.20 62.90
N ALA CA 158 -149.76 -23.34 63.16
CA ALA CA 158 -148.52 -23.73 62.50
C ALA CA 158 -147.44 -22.66 62.65
N GLY CA 159 -147.42 -22.02 63.82
CA GLY CA 159 -146.40 -21.02 64.09
C GLY CA 159 -146.48 -19.79 63.22
N GLN CA 160 -147.68 -19.44 62.75
CA GLN CA 160 -147.87 -18.24 61.95
C GLN CA 160 -149.13 -17.52 62.42
N THR CA 161 -149.24 -16.25 62.03
CA THR CA 161 -150.38 -15.41 62.37
C THR CA 161 -151.13 -15.04 61.10
N TYR CA 162 -152.44 -15.21 61.13
CA TYR CA 162 -153.30 -14.94 59.98
C TYR CA 162 -154.36 -13.92 60.38
N VAL CA 163 -154.33 -12.76 59.73
CA VAL CA 163 -155.26 -11.68 60.02
C VAL CA 163 -156.02 -11.32 58.76
N TYR CA 164 -157.20 -10.74 58.95
CA TYR CA 164 -158.03 -10.29 57.85
C TYR CA 164 -159.16 -9.43 58.41
N TYR CA 165 -159.79 -8.66 57.53
CA TYR CA 165 -160.90 -7.80 57.90
C TYR CA 165 -162.17 -8.30 57.25
N PRO CA 166 -163.09 -8.91 57.99
CA PRO CA 166 -164.30 -9.44 57.36
C PRO CA 166 -165.28 -8.37 56.93
N ASN CA 167 -165.35 -7.25 57.63
CA ASN CA 167 -166.27 -6.19 57.26
C ASN CA 167 -165.56 -5.15 56.42
N PRO CA 168 -166.10 -4.78 55.26
CA PRO CA 168 -165.46 -3.72 54.47
C PRO CA 168 -165.40 -2.39 55.19
N TYR CA 169 -166.49 -2.02 55.89
CA TYR CA 169 -166.47 -0.76 56.64
C TYR CA 169 -165.45 -0.79 57.76
N TYR CA 170 -165.15 -1.98 58.30
CA TYR CA 170 -164.10 -2.08 59.30
C TYR CA 170 -162.77 -1.62 58.75
N ALA CA 171 -162.46 -1.98 57.51
CA ALA CA 171 -161.24 -1.49 56.88
C ALA CA 171 -161.26 0.02 56.73
N LEU CA 172 -162.42 0.59 56.42
CA LEU CA 172 -162.54 2.04 56.32
C LEU CA 172 -162.22 2.70 57.65
N LEU CA 173 -162.81 2.21 58.74
CA LEU CA 173 -162.46 2.70 60.07
C LEU CA 173 -160.98 2.47 60.36
N ALA CA 174 -160.46 1.31 59.98
CA ALA CA 174 -159.04 1.05 60.16
C ALA CA 174 -158.21 1.98 59.28
N LEU CA 175 -158.62 2.17 58.03
CA LEU CA 175 -157.85 3.02 57.12
C LEU CA 175 -157.79 4.45 57.63
N ASN CA 176 -158.87 4.92 58.25
CA ASN CA 176 -158.87 6.28 58.80
C ASN CA 176 -157.80 6.44 59.86
N TYR CA 177 -157.70 5.48 60.77
CA TYR CA 177 -156.73 5.59 61.86
C TYR CA 177 -155.31 5.58 61.32
N THR CA 178 -154.99 4.63 60.44
CA THR CA 178 -153.62 4.52 59.96
C THR CA 178 -153.25 5.71 59.07
N LEU CA 179 -154.20 6.19 58.25
CA LEU CA 179 -153.91 7.32 57.39
C LEU CA 179 -153.74 8.61 58.19
N SER CA 180 -154.34 8.68 59.37
CA SER CA 180 -154.32 9.92 60.14
C SER CA 180 -153.08 10.00 61.04
N LYS CA 181 -152.76 8.92 61.74
CA LYS CA 181 -151.78 8.96 62.81
C LYS CA 181 -150.47 8.25 62.49
N ILE CA 182 -150.51 7.10 61.83
CA ILE CA 182 -149.27 6.36 61.55
C ILE CA 182 -148.40 7.12 60.56
N ASP CA 183 -148.96 7.42 59.39
CA ASP CA 183 -148.25 8.22 58.40
C ASP CA 183 -148.68 9.66 58.52
N LYS CA 184 -147.71 10.57 58.52
CA LYS CA 184 -147.97 12.00 58.71
C LYS CA 184 -147.98 12.71 57.37
N VAL CA 185 -149.09 12.54 56.66
CA VAL CA 185 -149.32 13.23 55.40
C VAL CA 185 -150.11 14.51 55.69
N SER CA 186 -149.70 15.61 55.08
CA SER CA 186 -150.40 16.87 55.31
C SER CA 186 -151.80 16.89 54.71
N PRO CA 187 -152.07 16.38 53.50
CA PRO CA 187 -153.46 16.28 53.05
C PRO CA 187 -154.09 14.96 53.43
N SER CA 188 -155.26 15.00 54.06
CA SER CA 188 -155.96 13.79 54.47
C SER CA 188 -157.04 13.47 53.46
N PRO CA 189 -156.83 12.52 52.55
CA PRO CA 189 -157.84 12.22 51.54
C PRO CA 189 -159.07 11.50 52.08
N LEU CA 190 -159.14 11.23 53.37
CA LEU CA 190 -160.30 10.63 53.99
C LEU CA 190 -160.41 11.09 55.43
N TYR CA 191 -161.64 11.28 55.90
CA TYR CA 191 -161.87 11.78 57.25
C TYR CA 191 -163.23 11.30 57.74
N ILE CA 192 -163.24 10.65 58.90
CA ILE CA 192 -164.43 10.07 59.49
C ILE CA 192 -164.72 10.78 60.81
N THR CA 193 -165.99 11.07 61.07
CA THR CA 193 -166.40 11.72 62.30
C THR CA 193 -167.80 11.29 62.66
N THR CA 194 -168.01 11.01 63.95
CA THR CA 194 -169.29 10.56 64.46
C THR CA 194 -170.26 11.70 64.76
N THR CA 195 -169.82 12.95 64.65
CA THR CA 195 -170.69 14.08 64.92
C THR CA 195 -171.57 14.38 63.71
N THR CA 196 -172.48 15.34 63.90
CA THR CA 196 -173.41 15.70 62.85
C THR CA 196 -172.67 16.27 61.65
N PRO CA 197 -172.95 15.80 60.43
CA PRO CA 197 -172.21 16.32 59.26
C PRO CA 197 -172.44 17.79 59.02
N SER CA 198 -173.69 18.26 59.15
CA SER CA 198 -173.95 19.68 58.97
C SER CA 198 -173.21 20.50 60.02
N SER CA 199 -173.01 19.94 61.21
CA SER CA 199 -172.22 20.61 62.23
C SER CA 199 -170.76 20.71 61.81
N ALA CA 200 -170.23 19.64 61.21
CA ALA CA 200 -168.83 19.63 60.79
C ALA CA 200 -168.53 20.66 59.73
N THR CA 201 -169.54 21.14 59.01
CA THR CA 201 -169.31 22.19 58.02
C THR CA 201 -168.77 23.45 58.66
N GLN CA 202 -169.37 23.87 59.77
CA GLN CA 202 -168.87 25.06 60.47
C GLN CA 202 -167.56 24.77 61.19
N ILE CA 203 -167.41 23.56 61.74
CA ILE CA 203 -166.15 23.18 62.36
C ILE CA 203 -165.06 23.07 61.32
N TYR CA 204 -165.36 22.45 60.18
CA TYR CA 204 -164.40 22.25 59.11
C TYR CA 204 -165.00 22.77 57.80
N PRO CA 205 -164.51 23.89 57.28
CA PRO CA 205 -165.18 24.50 56.12
C PRO CA 205 -165.04 23.69 54.84
N PHE CA 206 -163.85 23.18 54.54
CA PHE CA 206 -163.63 22.54 53.25
C PHE CA 206 -164.23 21.14 53.15
N LEU CA 207 -164.82 20.62 54.22
CA LEU CA 207 -165.52 19.35 54.13
C LEU CA 207 -166.81 19.46 53.34
N ALA CA 208 -167.32 20.68 53.13
CA ALA CA 208 -168.50 20.87 52.32
C ALA CA 208 -168.25 20.58 50.85
N HIS CA 209 -166.99 20.43 50.44
CA HIS CA 209 -166.64 20.10 49.08
C HIS CA 209 -166.42 18.60 48.87
N ASP CA 210 -166.32 17.84 49.95
CA ASP CA 210 -166.05 16.42 49.85
C ASP CA 210 -167.32 15.66 49.47
N ASN CA 211 -167.15 14.40 49.08
CA ASN CA 211 -168.29 13.55 48.77
C ASN CA 211 -168.90 13.01 50.05
N MET CA 212 -170.14 12.56 49.94
CA MET CA 212 -170.93 12.12 51.09
C MET CA 212 -171.45 10.71 50.87
N PHE CA 213 -171.14 9.84 51.83
CA PHE CA 213 -171.74 8.52 51.92
C PHE CA 213 -171.58 8.02 53.35
N THR CA 214 -172.66 7.47 53.90
CA THR CA 214 -172.71 7.12 55.31
C THR CA 214 -173.08 5.66 55.48
N PHE CA 215 -172.91 5.17 56.71
CA PHE CA 215 -173.25 3.80 57.05
C PHE CA 215 -173.56 3.74 58.53
N THR CA 216 -174.47 2.84 58.89
CA THR CA 216 -174.98 2.72 60.25
C THR CA 216 -174.59 1.36 60.82
N LEU CA 217 -173.94 1.38 61.99
CA LEU CA 217 -173.55 0.17 62.69
C LEU CA 217 -174.09 0.22 64.11
N ASN CA 218 -174.69 -0.88 64.54
CA ASN CA 218 -175.26 -0.99 65.89
C ASN CA 218 -174.28 -1.72 66.78
N ILE CA 219 -173.85 -1.07 67.87
CA ILE CA 219 -172.91 -1.62 68.81
C ILE CA 219 -173.49 -1.45 70.21
N SER CA 220 -173.34 -2.49 71.04
CA SER CA 220 -173.84 -2.50 72.41
C SER CA 220 -175.33 -2.16 72.46
N GLY CA 221 -176.09 -2.75 71.55
CA GLY CA 221 -177.52 -2.58 71.51
C GLY CA 221 -178.01 -1.27 70.94
N THR CA 222 -177.16 -0.25 70.88
CA THR CA 222 -177.54 1.06 70.36
C THR CA 222 -176.92 1.28 68.98
N LEU CA 223 -177.61 2.07 68.17
CA LEU CA 223 -177.17 2.36 66.81
C LEU CA 223 -176.31 3.60 66.81
N VAL CA 224 -175.16 3.52 66.13
CA VAL CA 224 -174.23 4.63 66.01
C VAL CA 224 -173.98 4.88 64.53
N THR CA 225 -174.12 6.14 64.12
CA THR CA 225 -173.94 6.51 62.72
C THR CA 225 -172.49 6.89 62.44
N TYR CA 226 -172.16 6.99 61.16
CA TYR CA 226 -170.83 7.37 60.72
C TYR CA 226 -170.94 8.17 59.43
N TYR CA 227 -169.91 8.95 59.15
CA TYR CA 227 -169.86 9.80 57.96
C TYR CA 227 -168.46 9.81 57.40
N ALA CA 228 -168.36 9.95 56.07
CA ALA CA 228 -167.08 9.93 55.38
C ALA CA 228 -166.92 11.19 54.54
N PHE CA 229 -165.66 11.55 54.30
CA PHE CA 229 -165.35 12.76 53.54
C PHE CA 229 -164.07 12.52 52.76
N VAL CA 230 -164.17 12.41 51.44
CA VAL CA 230 -163.02 12.20 50.58
C VAL CA 230 -162.99 13.32 49.54
N ASN CA 231 -161.79 13.75 49.16
CA ASN CA 231 -161.60 14.83 48.20
C ASN CA 231 -160.90 14.37 46.92
N GLN CA 232 -160.78 13.06 46.71
CA GLN CA 232 -160.08 12.55 45.54
C GLN CA 232 -160.47 11.09 45.35
N THR CA 233 -160.91 10.76 44.14
CA THR CA 233 -161.32 9.39 43.85
C THR CA 233 -160.10 8.47 43.78
N PHE CA 234 -160.07 7.47 44.64
CA PHE CA 234 -158.90 6.61 44.78
C PHE CA 234 -159.35 5.23 45.21
N ALA CA 235 -158.37 4.32 45.32
CA ALA CA 235 -158.63 2.92 45.64
C ALA CA 235 -157.69 2.46 46.74
N PHE CA 236 -158.04 1.32 47.34
CA PHE CA 236 -157.23 0.74 48.40
C PHE CA 236 -157.52 -0.75 48.49
N THR CA 237 -156.60 -1.48 49.13
CA THR CA 237 -156.71 -2.92 49.28
C THR CA 237 -156.52 -3.29 50.74
N TYR CA 238 -157.00 -4.48 51.09
CA TYR CA 238 -156.92 -4.97 52.47
C TYR CA 238 -156.98 -6.49 52.43
N PRO CA 239 -156.30 -7.16 53.36
CA PRO CA 239 -156.32 -8.63 53.37
C PRO CA 239 -157.68 -9.15 53.83
N VAL CA 240 -158.22 -10.11 53.10
CA VAL CA 240 -159.55 -10.63 53.37
C VAL CA 240 -159.49 -12.12 53.69
N ALA CA 241 -158.48 -12.81 53.18
CA ALA CA 241 -158.40 -14.25 53.38
C ALA CA 241 -156.94 -14.70 53.33
N GLY CA 242 -156.40 -15.10 54.48
CA GLY CA 242 -155.13 -15.79 54.57
C GLY CA 242 -153.92 -15.04 54.07
N ASP CA 243 -153.55 -13.96 54.76
CA ASP CA 243 -152.32 -13.22 54.45
C ASP CA 243 -151.42 -13.30 55.68
N PRO CA 244 -150.59 -14.33 55.80
CA PRO CA 244 -149.74 -14.43 57.00
C PRO CA 244 -148.60 -13.42 57.00
N LEU CA 245 -147.93 -13.24 55.87
CA LEU CA 245 -146.78 -12.34 55.78
C LEU CA 245 -147.28 -10.89 55.77
N ILE CA 246 -147.43 -10.34 56.97
CA ILE CA 246 -147.86 -8.96 57.14
C ILE CA 246 -146.66 -8.05 57.25
N GLY CA 247 -146.68 -6.96 56.49
CA GLY CA 247 -145.62 -5.97 56.57
C GLY CA 247 -145.08 -5.54 55.23
N SER CA 248 -145.21 -6.41 54.22
CA SER CA 248 -144.65 -6.15 52.90
C SER CA 248 -145.69 -6.12 51.79
N ALA CA 249 -146.96 -6.37 52.11
CA ALA CA 249 -148.05 -6.29 51.14
C ALA CA 249 -147.80 -7.21 49.94
N ILE CA 250 -147.66 -8.50 50.25
CA ILE CA 250 -147.49 -9.54 49.23
C ILE CA 250 -148.61 -10.54 49.41
N ALA CA 251 -149.34 -10.82 48.33
CA ALA CA 251 -150.46 -11.76 48.37
C ALA CA 251 -149.91 -13.17 48.27
N PRO CA 252 -149.95 -13.97 49.32
CA PRO CA 252 -149.43 -15.33 49.24
C PRO CA 252 -150.31 -16.21 48.37
N ALA CA 253 -149.72 -17.29 47.88
CA ALA CA 253 -150.45 -18.22 47.04
C ALA CA 253 -151.60 -18.85 47.81
N GLY CA 254 -152.71 -19.07 47.12
CA GLY CA 254 -153.89 -19.64 47.74
C GLY CA 254 -154.71 -18.67 48.57
N SER CA 255 -154.38 -17.38 48.57
CA SER CA 255 -155.08 -16.40 49.37
C SER CA 255 -156.09 -15.63 48.53
N VAL CA 256 -156.79 -14.69 49.16
CA VAL CA 256 -157.73 -13.80 48.49
C VAL CA 256 -157.45 -12.38 48.95
N ILE CA 257 -157.58 -11.44 48.02
CA ILE CA 257 -157.36 -10.02 48.30
C ILE CA 257 -158.48 -9.22 47.64
N GLY CA 258 -159.16 -8.40 48.44
CA GLY CA 258 -160.22 -7.57 47.92
C GLY CA 258 -159.72 -6.21 47.44
N VAL CA 259 -160.54 -5.57 46.62
CA VAL CA 259 -160.23 -4.25 46.07
C VAL CA 259 -161.46 -3.37 46.21
N MET CA 260 -161.26 -2.16 46.70
CA MET CA 260 -162.34 -1.21 46.91
C MET CA 260 -161.89 0.17 46.46
N ILE CA 261 -162.71 0.83 45.65
CA ILE CA 261 -162.36 2.11 45.04
C ILE CA 261 -163.30 3.17 45.59
N LEU CA 262 -162.72 4.18 46.22
CA LEU CA 262 -163.50 5.30 46.77
C LEU CA 262 -163.64 6.39 45.72
N PHE CA 263 -164.83 6.99 45.66
CA PHE CA 263 -165.16 8.00 44.67
C PHE CA 263 -165.27 9.36 45.34
N GLY CA 264 -164.60 10.35 44.76
CA GLY CA 264 -164.66 11.70 45.27
C GLY CA 264 -165.65 12.55 44.49
N PRO CA 265 -165.60 13.87 44.68
CA PRO CA 265 -166.52 14.74 43.95
C PRO CA 265 -166.27 14.78 42.46
N ASP CA 266 -165.12 14.28 41.99
CA ASP CA 266 -164.83 14.29 40.57
C ASP CA 266 -165.75 13.34 39.81
N LEU CA 267 -166.05 12.18 40.38
CA LEU CA 267 -166.86 11.17 39.73
C LEU CA 267 -168.13 10.84 40.49
N GLY CA 268 -168.13 10.95 41.81
CA GLY CA 268 -169.26 10.60 42.64
C GLY CA 268 -170.55 11.31 42.26
N SER CA 269 -170.43 12.49 41.64
CA SER CA 269 -171.60 13.20 41.15
C SER CA 269 -172.28 12.50 40.00
N HIS CA 270 -171.71 11.40 39.50
CA HIS CA 270 -172.31 10.62 38.43
C HIS CA 270 -172.72 9.25 38.96
N VAL CA 271 -173.63 8.61 38.24
CA VAL CA 271 -174.03 7.24 38.51
C VAL CA 271 -174.07 6.49 37.19
N PHE CA 272 -173.52 5.28 37.19
CA PHE CA 272 -173.34 4.51 35.97
C PHE CA 272 -174.60 3.70 35.68
N GLN CA 273 -175.21 3.96 34.52
CA GLN CA 273 -176.37 3.21 34.06
C GLN CA 273 -176.25 2.99 32.56
N TYR CA 274 -176.39 1.74 32.12
CA TYR CA 274 -176.26 1.37 30.72
C TYR CA 274 -174.90 1.79 30.16
N GLN CA 275 -173.85 1.48 30.91
CA GLN CA 275 -172.50 1.86 30.55
C GLN CA 275 -171.59 0.65 30.65
N THR CA 276 -170.33 0.84 30.25
CA THR CA 276 -169.28 -0.16 30.41
C THR CA 276 -168.23 0.40 31.35
N ILE CA 277 -167.82 -0.41 32.33
CA ILE CA 277 -166.86 0.00 33.34
C ILE CA 277 -165.74 -1.03 33.38
N THR CA 278 -164.50 -0.57 33.24
CA THR CA 278 -163.33 -1.43 33.22
C THR CA 278 -162.33 -0.96 34.26
N ILE CA 279 -161.89 -1.90 35.10
CA ILE CA 279 -160.82 -1.66 36.07
C ILE CA 279 -159.71 -2.66 35.78
N GLN CA 280 -158.48 -2.15 35.68
CA GLN CA 280 -157.32 -2.98 35.36
C GLN CA 280 -156.36 -2.97 36.54
N ILE CA 281 -156.04 -4.15 37.05
CA ILE CA 281 -155.10 -4.33 38.16
C ILE CA 281 -153.80 -4.86 37.56
N THR CA 282 -152.77 -4.03 37.55
CA THR CA 282 -151.49 -4.40 36.95
C THR CA 282 -150.36 -4.36 37.99
N PRO CA 283 -149.72 -5.48 38.27
CA PRO CA 283 -148.53 -5.44 39.12
C PRO CA 283 -147.29 -5.17 38.30
N ASN CA 284 -146.15 -5.04 39.00
CA ASN CA 284 -144.90 -4.85 38.30
C ASN CA 284 -144.47 -6.12 37.57
N ILE CA 285 -144.71 -7.28 38.16
CA ILE CA 285 -144.41 -8.57 37.54
C ILE CA 285 -145.70 -9.37 37.48
N GLY CA 286 -146.05 -9.82 36.28
CA GLY CA 286 -147.25 -10.61 36.10
C GLY CA 286 -148.26 -10.01 35.13
N SER CA 287 -148.98 -10.87 34.42
CA SER CA 287 -149.97 -10.40 33.48
C SER CA 287 -151.13 -9.72 34.22
N PRO CA 288 -151.58 -8.56 33.78
CA PRO CA 288 -152.63 -7.84 34.48
C PRO CA 288 -154.01 -8.41 34.20
N LEU CA 289 -154.92 -8.15 35.13
CA LEU CA 289 -156.32 -8.53 34.98
C LEU CA 289 -157.13 -7.32 34.56
N THR CA 290 -158.04 -7.51 33.62
CA THR CA 290 -158.90 -6.45 33.11
C THR CA 290 -160.35 -6.91 33.20
N ILE CA 291 -161.03 -6.51 34.27
CA ILE CA 291 -162.44 -6.82 34.44
C ILE CA 291 -163.27 -5.76 33.72
N SER CA 292 -164.23 -6.21 32.90
CA SER CA 292 -165.05 -5.31 32.11
C SER CA 292 -166.46 -5.89 32.02
N GLU CA 293 -167.44 -5.16 32.53
CA GLU CA 293 -168.82 -5.60 32.51
C GLU CA 293 -169.71 -4.44 32.08
N TYR CA 294 -170.99 -4.73 31.90
CA TYR CA 294 -171.98 -3.75 31.49
C TYR CA 294 -173.05 -3.69 32.57
N VAL CA 295 -173.10 -2.58 33.30
CA VAL CA 295 -174.10 -2.41 34.35
C VAL CA 295 -175.45 -2.14 33.71
N TYR CA 296 -176.49 -2.82 34.22
CA TYR CA 296 -177.83 -2.64 33.70
C TYR CA 296 -178.62 -1.63 34.53
N GLN CA 297 -178.79 -1.91 35.82
CA GLN CA 297 -179.51 -1.03 36.72
C GLN CA 297 -179.16 -1.36 38.16
N PRO CA 298 -178.76 -0.39 38.97
CA PRO CA 298 -178.40 -0.67 40.36
C PRO CA 298 -179.62 -0.63 41.28
N GLU CA 299 -179.51 -1.38 42.36
CA GLU CA 299 -180.61 -1.46 43.33
C GLU CA 299 -180.05 -1.86 44.69
N GLY CA 300 -180.76 -1.43 45.74
CA GLY CA 300 -180.40 -1.79 47.09
C GLY CA 300 -179.07 -1.29 47.59
N SER CA 301 -178.41 -0.39 46.83
CA SER CA 301 -177.12 0.19 47.17
C SER CA 301 -176.00 -0.85 47.12
N VAL CA 302 -176.36 -2.11 46.87
CA VAL CA 302 -175.40 -3.18 46.65
C VAL CA 302 -175.95 -4.03 45.50
N SER CA 303 -175.16 -4.18 44.44
CA SER CA 303 -175.60 -4.88 43.25
C SER CA 303 -174.60 -5.96 42.87
N VAL CA 304 -175.11 -7.15 42.55
CA VAL CA 304 -174.26 -8.25 42.06
C VAL CA 304 -174.22 -8.11 40.55
N ILE CA 305 -173.36 -7.21 40.09
CA ILE CA 305 -173.21 -6.93 38.66
C ILE CA 305 -171.98 -6.04 38.47
N LEU DA 19 12.51 0.40 2.00
CA LEU DA 19 11.51 0.06 1.01
C LEU DA 19 10.11 0.34 1.54
N ALA DA 20 9.10 -0.03 0.74
CA ALA DA 20 7.71 0.15 1.13
C ALA DA 20 7.07 -1.12 1.68
N GLY DA 21 7.79 -2.23 1.72
CA GLY DA 21 7.22 -3.46 2.22
C GLY DA 21 6.83 -3.39 3.68
N LEU DA 22 7.63 -2.68 4.48
CA LEU DA 22 7.35 -2.59 5.91
C LEU DA 22 6.21 -1.62 6.19
N ASP DA 23 6.12 -0.55 5.40
CA ASP DA 23 5.06 0.44 5.63
C ASP DA 23 3.68 -0.18 5.45
N THR DA 24 3.50 -0.98 4.39
CA THR DA 24 2.22 -1.62 4.19
C THR DA 24 1.93 -2.64 5.27
N ALA DA 25 2.95 -3.06 6.01
CA ALA DA 25 2.74 -4.01 7.10
C ALA DA 25 2.19 -3.31 8.33
N ILE DA 26 2.78 -2.16 8.68
CA ILE DA 26 2.34 -1.44 9.88
C ILE DA 26 0.93 -0.92 9.69
N ILE DA 27 0.61 -0.46 8.49
CA ILE DA 27 -0.71 0.09 8.22
C ILE DA 27 -1.76 -1.01 8.20
N LEU DA 28 -1.39 -2.19 7.69
CA LEU DA 28 -2.35 -3.29 7.61
C LEU DA 28 -2.77 -3.76 9.00
N ILE DA 29 -1.86 -3.72 9.97
CA ILE DA 29 -2.19 -4.18 11.30
C ILE DA 29 -3.22 -3.27 11.95
N ALA DA 30 -3.04 -1.96 11.80
CA ALA DA 30 -3.97 -1.02 12.39
C ALA DA 30 -5.36 -1.16 11.79
N PHE DA 31 -5.42 -1.31 10.46
CA PHE DA 31 -6.71 -1.46 9.80
C PHE DA 31 -7.40 -2.76 10.21
N ILE DA 32 -6.62 -3.78 10.57
CA ILE DA 32 -7.20 -5.02 11.07
C ILE DA 32 -7.83 -4.77 12.43
N ILE DA 33 -7.18 -3.97 13.27
CA ILE DA 33 -7.71 -3.70 14.61
C ILE DA 33 -8.95 -2.81 14.52
N THR DA 34 -8.93 -1.82 13.64
CA THR DA 34 -10.10 -0.95 13.50
C THR DA 34 -11.29 -1.73 12.95
N ALA DA 35 -11.06 -2.52 11.91
CA ALA DA 35 -12.15 -3.31 11.33
C ALA DA 35 -12.69 -4.33 12.33
N SER DA 36 -11.82 -4.80 13.23
CA SER DA 36 -12.26 -5.81 14.20
C SER DA 36 -13.18 -5.20 15.25
N VAL DA 37 -12.78 -4.05 15.81
CA VAL DA 37 -13.58 -3.43 16.86
C VAL DA 37 -14.95 -3.04 16.35
N LEU DA 38 -15.04 -2.61 15.09
CA LEU DA 38 -16.35 -2.33 14.50
C LEU DA 38 -17.20 -3.59 14.50
N ALA DA 39 -16.64 -4.70 14.04
CA ALA DA 39 -17.35 -5.97 14.11
C ALA DA 39 -17.60 -6.37 15.56
N TYR DA 40 -16.71 -5.96 16.47
CA TYR DA 40 -16.86 -6.27 17.89
C TYR DA 40 -18.12 -5.64 18.45
N VAL DA 41 -18.38 -4.38 18.09
CA VAL DA 41 -19.57 -3.71 18.60
C VAL DA 41 -20.78 -4.02 17.74
N ALA DA 42 -20.57 -4.37 16.47
CA ALA DA 42 -21.68 -4.70 15.60
C ALA DA 42 -22.40 -5.95 16.10
N ILE DA 43 -21.65 -6.91 16.62
CA ILE DA 43 -22.26 -8.10 17.21
C ILE DA 43 -22.98 -7.73 18.50
N ASN DA 44 -22.31 -6.96 19.35
CA ASN DA 44 -22.89 -6.64 20.66
C ASN DA 44 -24.19 -5.88 20.52
N MET DA 45 -24.21 -4.83 19.68
CA MET DA 45 -25.43 -4.07 19.49
C MET DA 45 -26.45 -4.84 18.65
N GLY DA 46 -25.97 -5.73 17.78
CA GLY DA 46 -26.89 -6.54 17.00
C GLY DA 46 -27.70 -7.50 17.86
N LEU DA 47 -27.06 -8.07 18.88
CA LEU DA 47 -27.78 -8.95 19.80
C LEU DA 47 -28.70 -8.15 20.71
N PHE DA 48 -28.31 -6.93 21.06
CA PHE DA 48 -29.13 -6.12 21.94
C PHE DA 48 -30.47 -5.79 21.30
N VAL DA 49 -30.44 -5.33 20.05
CA VAL DA 49 -31.68 -4.88 19.42
C VAL DA 49 -32.58 -6.06 19.09
N THR DA 50 -32.01 -7.22 18.76
CA THR DA 50 -32.85 -8.36 18.45
C THR DA 50 -33.37 -9.02 19.72
N GLN DA 51 -32.68 -8.85 20.84
CA GLN DA 51 -33.23 -9.32 22.11
C GLN DA 51 -34.36 -8.41 22.58
N LYS DA 52 -34.24 -7.12 22.31
CA LYS DA 52 -35.34 -6.20 22.61
C LYS DA 52 -36.50 -6.41 21.64
N ALA DA 53 -36.19 -6.72 20.38
CA ALA DA 53 -37.24 -7.07 19.43
C ALA DA 53 -38.02 -8.29 19.91
N LYS DA 54 -37.34 -9.25 20.54
CA LYS DA 54 -38.03 -10.41 21.07
C LYS DA 54 -38.92 -10.03 22.24
N SER DA 55 -38.36 -9.28 23.21
CA SER DA 55 -39.14 -8.92 24.39
C SER DA 55 -40.33 -8.06 24.04
N THR DA 56 -40.26 -7.31 22.93
CA THR DA 56 -41.40 -6.51 22.52
C THR DA 56 -42.53 -7.39 21.97
N ILE DA 57 -42.18 -8.46 21.27
CA ILE DA 57 -43.19 -9.41 20.80
C ILE DA 57 -43.91 -10.03 21.99
N ASN DA 58 -43.16 -10.35 23.04
CA ASN DA 58 -43.75 -10.98 24.21
C ASN DA 58 -44.78 -10.07 24.86
N LYS DA 59 -44.36 -8.85 25.20
CA LYS DA 59 -45.29 -7.91 25.83
C LYS DA 59 -46.42 -7.53 24.89
N GLY DA 60 -46.08 -7.27 23.62
CA GLY DA 60 -47.12 -6.93 22.65
C GLY DA 60 -48.14 -8.04 22.49
N GLU DA 61 -47.72 -9.29 22.71
CA GLU DA 61 -48.67 -10.39 22.60
C GLU DA 61 -49.50 -10.54 23.86
N GLU DA 62 -48.92 -10.22 25.02
CA GLU DA 62 -49.71 -10.25 26.25
C GLU DA 62 -50.77 -9.15 26.24
N THR DA 63 -50.55 -8.08 25.46
CA THR DA 63 -51.57 -7.05 25.32
C THR DA 63 -52.76 -7.58 24.52
N ALA DA 64 -52.49 -8.16 23.36
CA ALA DA 64 -53.54 -8.63 22.47
C ALA DA 64 -54.22 -9.89 22.97
N SER DA 65 -53.73 -10.50 24.06
CA SER DA 65 -54.30 -11.74 24.54
C SER DA 65 -55.11 -11.57 25.82
N THR DA 66 -54.81 -10.57 26.64
CA THR DA 66 -55.51 -10.41 27.90
C THR DA 66 -56.64 -9.40 27.77
N ALA DA 67 -57.62 -9.55 28.65
CA ALA DA 67 -58.78 -8.67 28.69
C ALA DA 67 -59.59 -8.97 29.94
N LEU DA 68 -60.12 -7.93 30.56
CA LEU DA 68 -60.96 -8.06 31.75
C LEU DA 68 -62.41 -7.96 31.29
N THR DA 69 -63.09 -9.10 31.16
CA THR DA 69 -64.48 -9.12 30.76
C THR DA 69 -65.38 -9.05 31.98
N LEU DA 70 -66.65 -8.72 31.74
CA LEU DA 70 -67.63 -8.59 32.80
C LEU DA 70 -68.52 -9.82 32.83
N SER DA 71 -68.67 -10.41 34.01
CA SER DA 71 -69.53 -11.56 34.20
C SER DA 71 -70.41 -11.31 35.42
N GLY DA 72 -71.72 -11.35 35.22
CA GLY DA 72 -72.65 -11.03 36.28
C GLY DA 72 -73.06 -9.57 36.27
N SER DA 73 -74.30 -9.34 36.70
CA SER DA 73 -74.86 -8.00 36.68
C SER DA 73 -74.19 -7.12 37.73
N VAL DA 74 -74.39 -5.81 37.58
CA VAL DA 74 -73.86 -4.82 38.52
C VAL DA 74 -75.00 -4.40 39.44
N LEU DA 75 -74.62 -3.92 40.63
CA LEU DA 75 -75.59 -3.56 41.65
C LEU DA 75 -75.38 -2.13 42.10
N TYR DA 76 -76.46 -1.51 42.57
CA TYR DA 76 -76.45 -0.10 42.95
C TYR DA 76 -77.34 0.08 44.17
N ALA DA 77 -76.75 0.49 45.29
CA ALA DA 77 -77.46 0.63 46.55
C ALA DA 77 -77.71 2.10 46.86
N VAL DA 78 -78.88 2.37 47.43
CA VAL DA 78 -79.31 3.74 47.70
C VAL DA 78 -80.37 3.66 48.80
N ASN DA 79 -80.43 4.69 49.63
CA ASN DA 79 -81.45 4.74 50.68
C ASN DA 79 -82.84 4.79 50.06
N TYR DA 80 -83.56 3.68 50.15
CA TYR DA 80 -84.72 3.42 49.32
C TYR DA 80 -85.96 4.25 49.68
N PRO DA 81 -86.40 4.29 50.94
CA PRO DA 81 -87.63 5.05 51.24
C PRO DA 81 -87.55 6.51 50.85
N SER DA 82 -86.35 7.08 50.74
CA SER DA 82 -86.17 8.46 50.28
C SER DA 82 -84.86 8.49 49.50
N ASN DA 83 -84.98 8.49 48.17
CA ASN DA 83 -83.79 8.46 47.33
C ASN DA 83 -83.06 9.79 47.39
N THR DA 84 -82.08 9.90 48.29
CA THR DA 84 -81.35 11.16 48.43
C THR DA 84 -79.84 10.94 48.41
N ARG DA 85 -79.39 9.77 48.86
CA ARG DA 85 -77.96 9.49 48.92
C ARG DA 85 -77.68 8.09 48.39
N SER DA 86 -76.73 8.00 47.47
CA SER DA 86 -76.25 6.70 46.99
C SER DA 86 -75.32 6.09 48.02
N TYR DA 87 -75.15 4.76 47.94
CA TYR DA 87 -74.36 4.04 48.92
C TYR DA 87 -73.11 3.40 48.32
N TRP DA 88 -73.25 2.53 47.32
CA TRP DA 88 -72.10 1.85 46.74
C TRP DA 88 -72.54 1.14 45.46
N ILE DA 89 -71.57 0.52 44.79
CA ILE DA 89 -71.80 -0.25 43.58
C ILE DA 89 -70.88 -1.46 43.62
N TYR DA 90 -71.38 -2.62 43.19
CA TYR DA 90 -70.66 -3.87 43.26
C TYR DA 90 -70.84 -4.65 41.97
N PHE DA 91 -69.75 -5.21 41.44
CA PHE DA 91 -69.81 -5.99 40.22
C PHE DA 91 -68.61 -6.91 40.16
N THR DA 92 -68.78 -8.03 39.45
CA THR DA 92 -67.76 -9.06 39.37
C THR DA 92 -67.19 -9.13 37.95
N VAL DA 93 -65.86 -9.22 37.87
CA VAL DA 93 -65.16 -9.26 36.60
C VAL DA 93 -64.25 -10.48 36.58
N SER DA 94 -63.94 -10.95 35.37
CA SER DA 94 -63.16 -12.15 35.16
C SER DA 94 -62.22 -11.94 33.98
N PRO DA 95 -61.12 -12.68 33.92
CA PRO DA 95 -60.32 -12.68 32.69
C PRO DA 95 -61.17 -13.12 31.50
N SER DA 96 -60.77 -12.65 30.31
CA SER DA 96 -61.56 -12.88 29.11
C SER DA 96 -61.84 -14.37 28.91
N SER DA 97 -60.79 -15.17 28.85
CA SER DA 97 -60.93 -16.62 28.75
C SER DA 97 -59.67 -17.24 29.35
N GLY DA 98 -59.50 -18.54 29.15
CA GLY DA 98 -58.30 -19.20 29.62
C GLY DA 98 -57.09 -18.82 28.78
N VAL DA 99 -56.80 -17.52 28.72
CA VAL DA 99 -55.76 -16.99 27.85
C VAL DA 99 -54.52 -16.58 28.63
N SER DA 100 -54.67 -15.73 29.64
CA SER DA 100 -53.55 -15.27 30.44
C SER DA 100 -54.09 -14.60 31.69
N SER DA 101 -53.22 -14.43 32.67
CA SER DA 101 -53.60 -13.87 33.96
C SER DA 101 -53.43 -12.36 33.95
N VAL DA 102 -54.23 -11.70 34.78
CA VAL DA 102 -54.22 -10.25 34.90
C VAL DA 102 -53.73 -9.87 36.29
N GLU DA 103 -53.00 -8.77 36.37
CA GLU DA 103 -52.56 -8.22 37.63
C GLU DA 103 -53.44 -7.04 38.01
N LEU DA 104 -53.95 -7.05 39.24
CA LEU DA 104 -54.84 -6.00 39.71
C LEU DA 104 -54.31 -5.36 40.99
N SER DA 105 -53.00 -5.22 41.10
CA SER DA 105 -52.41 -4.62 42.29
C SER DA 105 -52.82 -3.15 42.37
N PRO DA 106 -53.38 -2.69 43.48
CA PRO DA 106 -53.90 -1.32 43.53
C PRO DA 106 -52.84 -0.25 43.41
N SER DA 107 -51.57 -0.61 43.34
CA SER DA 107 -50.53 0.40 43.18
C SER DA 107 -50.32 0.75 41.71
N THR DA 108 -50.58 -0.19 40.80
CA THR DA 108 -50.24 -0.03 39.40
C THR DA 108 -51.43 -0.34 38.50
N THR DA 109 -52.65 -0.15 38.99
CA THR DA 109 -53.84 -0.21 38.15
C THR DA 109 -54.70 1.01 38.44
N ALA DA 110 -55.83 1.11 37.75
CA ALA DA 110 -56.68 2.31 37.87
C ALA DA 110 -58.11 1.96 37.55
N ILE DA 111 -59.02 2.26 38.48
CA ILE DA 111 -60.46 2.18 38.25
C ILE DA 111 -61.00 3.59 38.30
N SER DA 112 -61.52 4.08 37.18
CA SER DA 112 -61.90 5.49 37.03
C SER DA 112 -63.41 5.58 36.91
N PHE DA 113 -64.03 6.29 37.85
CA PHE DA 113 -65.48 6.47 37.86
C PHE DA 113 -65.83 7.89 37.42
N THR DA 114 -66.91 8.01 36.65
CA THR DA 114 -67.31 9.32 36.14
C THR DA 114 -68.80 9.32 35.84
N ALA DA 115 -69.44 10.46 36.04
CA ALA DA 115 -70.83 10.67 35.68
C ALA DA 115 -70.92 11.98 34.90
N SER DA 116 -71.48 11.93 33.70
CA SER DA 116 -71.43 13.07 32.81
C SER DA 116 -72.33 14.20 33.29
N ALA DA 117 -73.57 13.89 33.63
CA ALA DA 117 -74.54 14.94 33.95
C ALA DA 117 -74.13 15.72 35.18
N GLU DA 118 -73.62 15.04 36.21
CA GLU DA 118 -73.24 15.72 37.44
C GLU DA 118 -71.97 16.54 37.30
N GLY DA 119 -71.21 16.36 36.24
CA GLY DA 119 -69.98 17.10 36.07
C GLY DA 119 -68.85 16.65 36.96
N ILE DA 120 -68.76 15.34 37.25
CA ILE DA 120 -67.72 14.80 38.10
C ILE DA 120 -66.95 13.75 37.32
N SER DA 121 -65.69 13.55 37.70
CA SER DA 121 -64.84 12.56 37.03
C SER DA 121 -63.76 12.14 38.02
N TYR DA 122 -63.95 10.97 38.64
CA TYR DA 122 -63.04 10.45 39.64
C TYR DA 122 -62.13 9.42 39.00
N SER DA 123 -60.85 9.78 38.84
CA SER DA 123 -59.89 8.93 38.16
C SER DA 123 -59.08 8.14 39.19
N ASN DA 124 -59.02 6.82 39.00
CA ASN DA 124 -58.18 5.93 39.80
C ASN DA 124 -58.55 6.03 41.29
N ILE DA 125 -59.74 5.52 41.59
CA ILE DA 125 -60.23 5.48 42.96
C ILE DA 125 -59.85 4.16 43.62
N TYR DA 126 -59.04 3.35 42.94
CA TYR DA 126 -58.65 2.04 43.45
C TYR DA 126 -57.56 2.20 44.51
N GLU DA 127 -57.85 1.77 45.74
CA GLU DA 127 -56.90 1.92 46.84
C GLU DA 127 -56.46 0.61 47.45
N TYR DA 128 -57.39 -0.25 47.86
CA TYR DA 128 -57.06 -1.43 48.63
C TYR DA 128 -57.48 -2.70 47.90
N THR DA 129 -57.02 -3.84 48.42
CA THR DA 129 -57.34 -5.14 47.86
C THR DA 129 -57.26 -6.18 48.95
N LEU DA 130 -57.99 -7.27 48.76
CA LEU DA 130 -57.93 -8.42 49.66
C LEU DA 130 -57.36 -9.65 49.00
N LEU DA 131 -56.98 -9.56 47.73
CA LEU DA 131 -56.37 -10.68 47.03
C LEU DA 131 -54.99 -11.03 47.56
N THR DA 132 -54.43 -10.21 48.46
CA THR DA 132 -53.14 -10.50 49.06
C THR DA 132 -53.22 -10.94 50.50
N VAL DA 133 -54.36 -10.72 51.16
CA VAL DA 133 -54.50 -11.13 52.55
C VAL DA 133 -54.70 -12.64 52.63
N SER DA 134 -54.00 -13.28 53.54
CA SER DA 134 -54.12 -14.70 53.82
C SER DA 134 -55.26 -14.96 54.79
N PRO DA 135 -56.00 -16.06 54.62
CA PRO DA 135 -57.15 -16.33 55.49
C PRO DA 135 -56.80 -16.60 56.93
N SER DA 136 -55.50 -16.62 57.29
CA SER DA 136 -55.12 -16.89 58.67
C SER DA 136 -55.61 -15.79 59.60
N GLU DA 137 -55.21 -14.54 59.34
CA GLU DA 137 -55.57 -13.45 60.23
C GLU DA 137 -57.07 -13.21 60.23
N LEU DA 138 -57.75 -13.49 59.11
CA LEU DA 138 -59.17 -13.18 59.03
C LEU DA 138 -60.01 -14.11 59.90
N ALA DA 139 -59.64 -15.39 59.96
CA ALA DA 139 -60.47 -16.36 60.65
C ALA DA 139 -60.44 -16.24 62.16
N ASN DA 140 -59.56 -15.39 62.71
CA ASN DA 140 -59.35 -15.42 64.15
C ASN DA 140 -60.39 -14.61 64.91
N GLN DA 141 -60.44 -13.28 64.70
CA GLN DA 141 -61.27 -12.41 65.55
C GLN DA 141 -62.27 -11.62 64.70
N VAL DA 142 -63.42 -12.24 64.43
CA VAL DA 142 -64.61 -11.54 63.96
C VAL DA 142 -65.81 -12.18 64.63
N TYR DA 143 -66.41 -11.50 65.60
CA TYR DA 143 -67.55 -12.07 66.33
C TYR DA 143 -68.40 -10.95 66.89
N ALA DA 144 -69.72 -11.13 66.81
CA ALA DA 144 -70.68 -10.24 67.44
C ALA DA 144 -71.64 -10.98 68.35
N ASN DA 145 -71.44 -12.29 68.55
CA ASN DA 145 -72.29 -13.11 69.40
C ASN DA 145 -71.47 -14.30 69.85
N GLY DA 146 -72.16 -15.33 70.33
CA GLY DA 146 -71.50 -16.51 70.88
C GLY DA 146 -70.55 -17.23 69.93
N GLN DA 147 -70.64 -16.93 68.63
CA GLN DA 147 -69.84 -17.63 67.62
C GLN DA 147 -68.90 -16.66 66.93
N TYR DA 148 -67.68 -17.12 66.68
CA TYR DA 148 -66.69 -16.37 65.90
C TYR DA 148 -66.90 -16.72 64.44
N LEU DA 149 -67.77 -15.96 63.78
CA LEU DA 149 -68.12 -16.27 62.40
C LEU DA 149 -66.93 -16.06 61.48
N ASP DA 150 -66.75 -16.99 60.54
CA ASP DA 150 -65.65 -16.92 59.59
C ASP DA 150 -66.09 -16.18 58.34
N LEU DA 151 -65.13 -15.49 57.72
CA LEU DA 151 -65.42 -14.64 56.57
C LEU DA 151 -65.01 -15.25 55.24
N VAL DA 152 -64.26 -16.36 55.25
CA VAL DA 152 -63.76 -16.97 54.03
C VAL DA 152 -63.85 -18.47 54.16
N ASN DA 153 -64.40 -19.12 53.14
CA ASN DA 153 -64.42 -20.58 53.04
C ASN DA 153 -63.46 -21.04 51.96
N GLN DA 154 -62.62 -22.00 52.30
CA GLN DA 154 -61.53 -22.44 51.43
C GLN DA 154 -61.66 -23.91 51.10
N GLN DA 155 -61.64 -24.23 49.81
CA GLN DA 155 -61.56 -25.59 49.33
C GLN DA 155 -60.13 -25.86 48.84
N THR DA 156 -59.87 -27.11 48.48
CA THR DA 156 -58.54 -27.48 48.04
C THR DA 156 -58.60 -28.76 47.20
N ASN DA 157 -57.77 -28.81 46.16
CA ASN DA 157 -57.66 -29.99 45.31
C ASN DA 157 -56.44 -29.82 44.41
N ALA DA 158 -55.90 -30.94 43.96
CA ALA DA 158 -54.71 -30.97 43.10
C ALA DA 158 -53.53 -30.23 43.74
N GLY DA 159 -53.44 -30.27 45.06
CA GLY DA 159 -52.34 -29.64 45.76
C GLY DA 159 -52.42 -28.14 45.90
N GLN DA 160 -53.53 -27.53 45.50
CA GLN DA 160 -53.71 -26.09 45.60
C GLN DA 160 -54.88 -25.79 46.53
N THR DA 161 -54.85 -24.61 47.12
CA THR DA 161 -55.89 -24.16 48.05
C THR DA 161 -56.52 -22.89 47.50
N TYR DA 162 -57.85 -22.84 47.46
CA TYR DA 162 -58.58 -21.70 46.95
C TYR DA 162 -59.26 -20.98 48.10
N VAL DA 163 -59.50 -19.68 47.92
CA VAL DA 163 -60.27 -18.89 48.89
C VAL DA 163 -61.22 -17.98 48.14
N TYR DA 164 -62.27 -17.55 48.85
CA TYR DA 164 -63.27 -16.66 48.29
C TYR DA 164 -64.22 -16.22 49.39
N TYR DA 165 -64.84 -15.06 49.20
CA TYR DA 165 -65.81 -14.53 50.13
C TYR DA 165 -67.20 -14.61 49.51
N PRO DA 166 -68.19 -15.16 50.20
CA PRO DA 166 -69.50 -15.33 49.55
C PRO DA 166 -70.26 -14.03 49.38
N ASN DA 167 -70.24 -13.16 50.38
CA ASN DA 167 -71.07 -11.97 50.35
C ASN DA 167 -70.21 -10.71 50.34
N PRO DA 168 -70.67 -9.64 49.70
CA PRO DA 168 -69.98 -8.35 49.83
C PRO DA 168 -69.91 -7.87 51.26
N TYR DA 169 -70.90 -8.21 52.08
CA TYR DA 169 -70.88 -7.76 53.47
C TYR DA 169 -69.74 -8.41 54.25
N TYR DA 170 -69.39 -9.65 53.88
CA TYR DA 170 -68.22 -10.27 54.49
C TYR DA 170 -66.93 -9.62 54.00
N ALA DA 171 -66.92 -9.16 52.75
CA ALA DA 171 -65.76 -8.44 52.25
C ALA DA 171 -65.59 -7.12 52.99
N LEU DA 172 -66.70 -6.41 53.22
CA LEU DA 172 -66.63 -5.17 53.98
C LEU DA 172 -66.08 -5.41 55.38
N LEU DA 173 -66.53 -6.48 56.02
CA LEU DA 173 -66.07 -6.78 57.38
C LEU DA 173 -64.59 -7.12 57.39
N ALA DA 174 -64.16 -8.00 56.49
CA ALA DA 174 -62.75 -8.36 56.43
C ALA DA 174 -61.89 -7.16 56.07
N LEU DA 175 -62.38 -6.30 55.17
CA LEU DA 175 -61.61 -5.13 54.79
C LEU DA 175 -61.48 -4.16 55.94
N ASN DA 176 -62.53 -3.97 56.73
CA ASN DA 176 -62.45 -3.10 57.89
C ASN DA 176 -61.39 -3.61 58.86
N TYR DA 177 -61.29 -4.92 59.03
CA TYR DA 177 -60.28 -5.48 59.90
C TYR DA 177 -58.89 -5.26 59.33
N THR DA 178 -58.66 -5.68 58.09
CA THR DA 178 -57.31 -5.68 57.54
C THR DA 178 -56.73 -4.27 57.45
N LEU DA 179 -57.59 -3.25 57.41
CA LEU DA 179 -57.10 -1.88 57.46
C LEU DA 179 -56.74 -1.48 58.87
N SER DA 180 -57.39 -2.08 59.87
CA SER DA 180 -57.20 -1.64 61.24
C SER DA 180 -56.01 -2.33 61.89
N LYS DA 181 -55.77 -3.59 61.55
CA LYS DA 181 -54.79 -4.40 62.26
C LYS DA 181 -53.62 -4.85 61.39
N ILE DA 182 -53.88 -5.25 60.14
CA ILE DA 182 -52.80 -5.76 59.30
C ILE DA 182 -51.79 -4.67 58.98
N ASP DA 183 -52.25 -3.61 58.31
CA ASP DA 183 -51.41 -2.46 58.00
C ASP DA 183 -51.85 -1.26 58.83
N LYS DA 184 -50.89 -0.60 59.47
CA LYS DA 184 -51.18 0.47 60.41
C LYS DA 184 -51.28 1.81 59.68
N VAL DA 185 -52.41 2.00 59.02
CA VAL DA 185 -52.73 3.28 58.41
C VAL DA 185 -53.33 4.19 59.47
N SER DA 186 -52.89 5.44 59.52
CA SER DA 186 -53.41 6.33 60.55
C SER DA 186 -54.79 6.87 60.14
N PRO DA 187 -55.00 7.30 58.88
CA PRO DA 187 -56.38 7.58 58.46
C PRO DA 187 -57.01 6.35 57.83
N SER DA 188 -58.17 5.94 58.31
CA SER DA 188 -58.87 4.80 57.75
C SER DA 188 -60.08 5.29 56.98
N PRO DA 189 -60.17 5.05 55.69
CA PRO DA 189 -61.33 5.52 54.92
C PRO DA 189 -62.56 4.65 55.12
N LEU DA 190 -62.51 3.73 56.07
CA LEU DA 190 -63.64 2.86 56.37
C LEU DA 190 -63.67 2.59 57.86
N TYR DA 191 -64.88 2.54 58.42
CA TYR DA 191 -65.06 2.26 59.84
C TYR DA 191 -66.43 1.61 60.02
N ILE DA 192 -66.44 0.33 60.36
CA ILE DA 192 -67.67 -0.44 60.50
C ILE DA 192 -67.81 -0.78 61.98
N THR DA 193 -68.63 -0.01 62.69
CA THR DA 193 -68.84 -0.21 64.12
C THR DA 193 -70.28 -0.62 64.36
N THR DA 194 -70.48 -1.39 65.43
CA THR DA 194 -71.79 -1.93 65.78
C THR DA 194 -72.48 -1.14 66.88
N THR DA 195 -72.05 0.09 67.14
CA THR DA 195 -72.69 0.91 68.15
C THR DA 195 -73.79 1.76 67.54
N THR DA 196 -74.55 2.42 68.39
CA THR DA 196 -75.58 3.32 67.92
C THR DA 196 -74.92 4.53 67.25
N PRO DA 197 -75.38 4.93 66.06
CA PRO DA 197 -74.70 6.04 65.36
C PRO DA 197 -74.67 7.32 66.17
N SER DA 198 -75.79 7.70 66.79
CA SER DA 198 -75.80 8.89 67.63
C SER DA 198 -74.82 8.76 68.79
N SER DA 199 -74.64 7.54 69.30
CA SER DA 199 -73.70 7.31 70.37
C SER DA 199 -72.25 7.41 69.90
N ALA DA 200 -72.02 7.21 68.60
CA ALA DA 200 -70.65 7.24 68.09
C ALA DA 200 -70.16 8.65 67.81
N THR DA 201 -71.08 9.59 67.58
CA THR DA 201 -70.67 10.96 67.26
C THR DA 201 -69.94 11.61 68.43
N GLN DA 202 -70.37 11.32 69.66
CA GLN DA 202 -69.74 11.94 70.81
C GLN DA 202 -68.31 11.45 70.99
N ILE DA 203 -68.12 10.12 71.04
CA ILE DA 203 -66.78 9.59 71.22
C ILE DA 203 -65.95 9.76 69.97
N TYR DA 204 -66.58 9.82 68.80
CA TYR DA 204 -65.89 10.02 67.53
C TYR DA 204 -66.54 11.20 66.82
N PRO DA 205 -66.01 12.41 67.00
CA PRO DA 205 -66.62 13.58 66.35
C PRO DA 205 -66.46 13.57 64.84
N PHE DA 206 -65.46 12.88 64.31
CA PHE DA 206 -65.25 12.91 62.86
C PHE DA 206 -66.37 12.20 62.11
N LEU DA 207 -67.07 11.28 62.76
CA LEU DA 207 -68.15 10.54 62.11
C LEU DA 207 -69.35 11.41 61.80
N ALA DA 208 -69.35 12.67 62.20
CA ALA DA 208 -70.44 13.58 61.87
C ALA DA 208 -70.40 14.07 60.44
N HIS DA 209 -69.34 13.75 59.70
CA HIS DA 209 -69.19 14.21 58.33
C HIS DA 209 -69.09 13.10 57.30
N ASP DA 210 -68.96 11.85 57.74
CA ASP DA 210 -68.82 10.76 56.79
C ASP DA 210 -70.17 10.32 56.27
N ASN DA 211 -70.15 9.42 55.29
CA ASN DA 211 -71.36 8.89 54.66
C ASN DA 211 -71.65 7.52 55.25
N MET DA 212 -72.60 7.46 56.17
CA MET DA 212 -72.91 6.23 56.89
C MET DA 212 -73.94 5.41 56.11
N PHE DA 213 -73.67 4.12 55.97
CA PHE DA 213 -74.67 3.18 55.47
C PHE DA 213 -74.64 1.92 56.32
N THR DA 214 -75.80 1.28 56.42
CA THR DA 214 -76.01 0.17 57.34
C THR DA 214 -76.30 -1.11 56.59
N PHE DA 215 -76.11 -2.23 57.27
CA PHE DA 215 -76.45 -3.54 56.74
C PHE DA 215 -76.62 -4.51 57.90
N THR DA 216 -77.63 -5.36 57.80
CA THR DA 216 -78.04 -6.22 58.90
C THR DA 216 -77.80 -7.68 58.57
N LEU DA 217 -77.42 -8.46 59.58
CA LEU DA 217 -77.22 -9.89 59.45
C LEU DA 217 -77.94 -10.60 60.59
N ASN DA 218 -78.59 -11.72 60.26
CA ASN DA 218 -79.32 -12.52 61.22
C ASN DA 218 -78.42 -13.64 61.71
N ILE DA 219 -77.46 -13.28 62.56
CA ILE DA 219 -76.46 -14.21 63.06
C ILE DA 219 -76.94 -14.77 64.40
N SER DA 220 -76.80 -16.08 64.57
CA SER DA 220 -77.21 -16.78 65.79
C SER DA 220 -78.65 -16.45 66.16
N GLY DA 221 -79.54 -16.49 65.17
CA GLY DA 221 -80.96 -16.35 65.40
C GLY DA 221 -81.41 -14.99 65.89
N THR DA 222 -80.48 -14.06 66.06
CA THR DA 222 -80.80 -12.71 66.49
C THR DA 222 -80.24 -11.72 65.47
N LEU DA 223 -81.04 -10.70 65.15
CA LEU DA 223 -80.63 -9.72 64.15
C LEU DA 223 -79.56 -8.82 64.73
N VAL DA 224 -78.43 -8.71 64.03
CA VAL DA 224 -77.29 -7.89 64.45
C VAL DA 224 -77.01 -6.90 63.34
N THR DA 225 -77.35 -5.64 63.58
CA THR DA 225 -77.11 -4.62 62.57
C THR DA 225 -75.66 -4.17 62.58
N TYR DA 226 -75.30 -3.36 61.59
CA TYR DA 226 -73.95 -2.82 61.49
C TYR DA 226 -74.05 -1.42 60.91
N TYR DA 227 -72.96 -0.66 61.05
CA TYR DA 227 -72.90 0.71 60.57
C TYR DA 227 -71.53 0.94 59.95
N ALA DA 228 -71.49 1.17 58.64
CA ALA DA 228 -70.24 1.34 57.91
C ALA DA 228 -70.11 2.80 57.50
N PHE DA 229 -68.97 3.41 57.84
CA PHE DA 229 -68.71 4.80 57.55
C PHE DA 229 -67.56 4.93 56.56
N VAL DA 230 -67.68 5.89 55.65
CA VAL DA 230 -66.68 6.16 54.62
C VAL DA 230 -66.48 7.67 54.52
N ASN DA 231 -65.22 8.11 54.52
CA ASN DA 231 -64.91 9.53 54.46
C ASN DA 231 -64.27 9.94 53.13
N GLN DA 232 -64.16 9.02 52.17
CA GLN DA 232 -63.68 9.35 50.84
C GLN DA 232 -63.99 8.18 49.92
N THR DA 233 -64.36 8.50 48.69
CA THR DA 233 -64.74 7.47 47.72
C THR DA 233 -63.52 6.62 47.37
N PHE DA 234 -63.65 5.30 47.53
CA PHE DA 234 -62.58 4.38 47.21
C PHE DA 234 -63.18 3.05 46.79
N ALA DA 235 -62.36 2.22 46.15
CA ALA DA 235 -62.79 0.94 45.64
C ALA DA 235 -61.76 -0.13 45.95
N PHE DA 236 -62.21 -1.36 46.15
CA PHE DA 236 -61.33 -2.46 46.46
C PHE DA 236 -61.81 -3.71 45.74
N THR DA 237 -61.03 -4.79 45.87
CA THR DA 237 -61.35 -6.06 45.24
C THR DA 237 -61.23 -7.19 46.25
N TYR DA 238 -61.80 -8.33 45.90
CA TYR DA 238 -61.76 -9.53 46.74
C TYR DA 238 -62.13 -10.74 45.89
N PRO DA 239 -61.57 -11.90 46.16
CA PRO DA 239 -61.80 -13.06 45.30
C PRO DA 239 -63.18 -13.67 45.53
N VAL DA 240 -63.72 -14.24 44.46
CA VAL DA 240 -65.07 -14.79 44.52
C VAL DA 240 -65.07 -16.26 44.08
N ALA DA 241 -64.15 -16.64 43.20
CA ALA DA 241 -64.19 -17.99 42.64
C ALA DA 241 -62.88 -18.32 41.95
N GLY DA 242 -62.33 -19.49 42.26
CA GLY DA 242 -61.17 -20.01 41.57
C GLY DA 242 -59.93 -19.15 41.60
N ASP DA 243 -59.38 -18.92 42.80
CA ASP DA 243 -58.20 -18.09 42.96
C ASP DA 243 -57.17 -18.84 43.80
N PRO DA 244 -56.39 -19.71 43.19
CA PRO DA 244 -55.35 -20.44 43.94
C PRO DA 244 -54.29 -19.51 44.52
N LEU DA 245 -53.64 -18.74 43.66
CA LEU DA 245 -52.52 -17.90 44.08
C LEU DA 245 -53.06 -16.70 44.83
N ILE DA 246 -52.69 -16.57 46.10
CA ILE DA 246 -53.14 -15.50 46.96
C ILE DA 246 -51.93 -14.84 47.59
N GLY DA 247 -51.78 -13.54 47.37
CA GLY DA 247 -50.66 -12.82 47.93
C GLY DA 247 -50.11 -11.76 47.00
N SER DA 248 -50.51 -11.78 45.74
CA SER DA 248 -49.98 -10.85 44.76
C SER DA 248 -51.04 -10.25 43.84
N ALA DA 249 -52.32 -10.45 44.14
CA ALA DA 249 -53.41 -9.81 43.41
C ALA DA 249 -53.34 -10.12 41.92
N ILE DA 250 -52.99 -11.35 41.59
CA ILE DA 250 -52.87 -11.81 40.22
C ILE DA 250 -54.07 -12.70 39.93
N ALA DA 251 -55.05 -12.17 39.21
CA ALA DA 251 -56.24 -12.94 38.90
C ALA DA 251 -55.91 -14.05 37.92
N PRO DA 252 -56.03 -15.32 38.29
CA PRO DA 252 -55.74 -16.39 37.34
C PRO DA 252 -56.81 -16.47 36.27
N ALA DA 253 -56.43 -17.04 35.12
CA ALA DA 253 -57.39 -17.20 34.04
C ALA DA 253 -58.53 -18.11 34.49
N GLY DA 254 -59.75 -17.69 34.17
CA GLY DA 254 -60.92 -18.42 34.60
C GLY DA 254 -61.38 -18.14 36.01
N SER DA 255 -60.84 -17.11 36.65
CA SER DA 255 -61.24 -16.74 38.00
C SER DA 255 -62.38 -15.73 37.93
N VAL DA 256 -62.91 -15.35 39.09
CA VAL DA 256 -63.94 -14.34 39.22
C VAL DA 256 -63.55 -13.45 40.40
N ILE DA 257 -63.20 -12.20 40.13
CA ILE DA 257 -62.78 -11.26 41.15
C ILE DA 257 -63.89 -10.25 41.35
N GLY DA 258 -64.29 -10.05 42.60
CA GLY DA 258 -65.31 -9.09 42.93
C GLY DA 258 -64.75 -7.69 43.06
N VAL DA 259 -65.56 -6.71 42.67
CA VAL DA 259 -65.19 -5.30 42.75
C VAL DA 259 -66.29 -4.57 43.48
N MET DA 260 -65.90 -3.59 44.31
CA MET DA 260 -66.87 -2.83 45.07
C MET DA 260 -66.40 -1.39 45.18
N ILE DA 261 -67.23 -0.46 44.73
CA ILE DA 261 -66.96 0.96 44.79
C ILE DA 261 -67.78 1.55 45.93
N LEU DA 262 -67.11 2.18 46.88
CA LEU DA 262 -67.75 2.76 48.05
C LEU DA 262 -67.74 4.28 47.95
N PHE DA 263 -68.91 4.89 48.10
CA PHE DA 263 -69.09 6.32 47.92
C PHE DA 263 -68.91 7.05 49.23
N GLY DA 264 -68.08 8.09 49.23
CA GLY DA 264 -67.87 8.92 50.39
C GLY DA 264 -68.99 9.92 50.54
N PRO DA 265 -68.70 11.06 51.17
CA PRO DA 265 -69.72 12.11 51.30
C PRO DA 265 -69.87 12.93 50.03
N ASP DA 266 -68.75 13.14 49.33
CA ASP DA 266 -68.76 13.97 48.13
C ASP DA 266 -69.65 13.39 47.04
N LEU DA 267 -69.30 12.21 46.53
CA LEU DA 267 -70.05 11.61 45.44
C LEU DA 267 -71.30 10.88 45.92
N GLY DA 268 -71.34 10.45 47.17
CA GLY DA 268 -72.49 9.76 47.69
C GLY DA 268 -73.66 10.64 48.07
N SER DA 269 -73.54 11.95 47.90
CA SER DA 269 -74.62 12.87 48.19
C SER DA 269 -75.59 13.05 47.03
N HIS DA 270 -75.31 12.43 45.89
CA HIS DA 270 -76.19 12.48 44.74
C HIS DA 270 -76.91 11.15 44.58
N VAL DA 271 -77.87 11.13 43.65
CA VAL DA 271 -78.53 9.91 43.21
C VAL DA 271 -78.42 9.87 41.70
N PHE DA 272 -77.66 8.91 41.18
CA PHE DA 272 -77.44 8.84 39.75
C PHE DA 272 -78.69 8.33 39.05
N GLN DA 273 -79.63 9.23 38.79
CA GLN DA 273 -80.89 8.90 38.15
C GLN DA 273 -80.96 9.63 36.81
N TYR DA 274 -81.38 8.92 35.77
CA TYR DA 274 -81.48 9.48 34.43
C TYR DA 274 -80.14 10.02 33.94
N GLN DA 275 -79.07 9.29 34.24
CA GLN DA 275 -77.72 9.67 33.86
C GLN DA 275 -76.99 8.46 33.31
N THR DA 276 -75.73 8.66 32.95
CA THR DA 276 -74.88 7.60 32.41
C THR DA 276 -73.72 7.40 33.37
N ILE DA 277 -73.65 6.21 33.96
CA ILE DA 277 -72.57 5.85 34.89
C ILE DA 277 -71.51 5.10 34.11
N THR DA 278 -70.31 5.66 34.06
CA THR DA 278 -69.21 5.09 33.30
C THR DA 278 -68.07 4.74 34.23
N ILE DA 279 -67.64 3.48 34.21
CA ILE DA 279 -66.50 3.00 34.98
C ILE DA 279 -65.52 2.36 34.01
N GLN DA 280 -64.24 2.43 34.37
CA GLN DA 280 -63.20 1.90 33.49
C GLN DA 280 -62.07 1.35 34.34
N ILE DA 281 -61.72 0.08 34.12
CA ILE DA 281 -60.65 -0.60 34.84
C ILE DA 281 -59.52 -0.84 33.85
N THR DA 282 -58.34 -0.28 34.13
CA THR DA 282 -57.20 -0.40 33.23
C THR DA 282 -55.99 -0.98 33.97
N PRO DA 283 -55.62 -2.22 33.66
CA PRO DA 283 -54.40 -2.79 34.26
C PRO DA 283 -53.16 -2.18 33.61
N ASN DA 284 -52.02 -2.50 34.21
CA ASN DA 284 -50.76 -1.95 33.72
C ASN DA 284 -50.43 -2.46 32.32
N ILE DA 285 -50.78 -3.70 32.01
CA ILE DA 285 -50.58 -4.26 30.68
C ILE DA 285 -51.89 -4.89 30.22
N GLY DA 286 -52.30 -4.58 29.01
CA GLY DA 286 -53.52 -5.12 28.44
C GLY DA 286 -54.58 -4.05 28.24
N SER DA 287 -55.65 -4.46 27.58
CA SER DA 287 -56.74 -3.57 27.25
C SER DA 287 -57.62 -3.30 28.48
N PRO DA 288 -58.15 -2.09 28.61
CA PRO DA 288 -59.00 -1.78 29.76
C PRO DA 288 -60.44 -2.24 29.54
N LEU DA 289 -61.12 -2.49 30.65
CA LEU DA 289 -62.55 -2.75 30.57
C LEU DA 289 -63.33 -1.45 30.70
N THR DA 290 -64.36 -1.30 29.87
CA THR DA 290 -65.18 -0.09 29.87
C THR DA 290 -66.63 -0.48 30.12
N ILE DA 291 -67.25 0.18 31.10
CA ILE DA 291 -68.64 -0.04 31.47
C ILE DA 291 -69.38 1.28 31.36
N SER DA 292 -70.62 1.22 30.88
CA SER DA 292 -71.43 2.43 30.76
C SER DA 292 -72.90 2.00 30.77
N GLU DA 293 -73.61 2.37 31.83
CA GLU DA 293 -75.00 2.02 31.99
C GLU DA 293 -75.85 3.28 32.04
N TYR DA 294 -77.16 3.10 31.87
CA TYR DA 294 -78.14 4.17 32.00
C TYR DA 294 -79.15 3.77 33.07
N VAL DA 295 -79.36 4.64 34.04
CA VAL DA 295 -80.15 4.32 35.22
C VAL DA 295 -81.43 5.15 35.17
N TYR DA 296 -82.58 4.48 35.09
CA TYR DA 296 -83.85 5.19 35.13
C TYR DA 296 -84.22 5.58 36.56
N GLN DA 297 -84.45 4.57 37.41
CA GLN DA 297 -84.95 4.77 38.76
C GLN DA 297 -84.60 3.56 39.62
N PRO DA 298 -84.19 3.76 40.86
CA PRO DA 298 -83.85 2.62 41.72
C PRO DA 298 -85.08 1.90 42.23
N GLU DA 299 -84.88 0.64 42.60
CA GLU DA 299 -85.94 -0.16 43.20
C GLU DA 299 -85.32 -1.22 44.10
N GLY DA 300 -85.98 -1.49 45.23
CA GLY DA 300 -85.56 -2.54 46.13
C GLY DA 300 -84.33 -2.26 46.96
N SER DA 301 -83.76 -1.06 46.86
CA SER DA 301 -82.59 -0.62 47.62
C SER DA 301 -81.33 -1.32 47.13
N VAL DA 302 -81.49 -2.32 46.26
CA VAL DA 302 -80.38 -2.91 45.51
C VAL DA 302 -80.91 -3.16 44.11
N SER DA 303 -80.59 -2.26 43.18
CA SER DA 303 -81.15 -2.30 41.85
C SER DA 303 -80.12 -2.83 40.85
N VAL DA 304 -80.57 -3.71 39.96
CA VAL DA 304 -79.71 -4.17 38.89
C VAL DA 304 -79.45 -3.01 37.94
N ILE DA 305 -78.20 -2.92 37.47
CA ILE DA 305 -77.74 -1.85 36.60
C ILE DA 305 -77.81 -0.50 37.29
N LEU EA 19 -4.31 -3.07 0.82
CA LEU EA 19 -5.46 -3.68 0.18
C LEU EA 19 -6.60 -3.90 1.17
N ALA EA 20 -7.77 -3.36 0.84
CA ALA EA 20 -8.89 -3.33 1.77
C ALA EA 20 -9.65 -4.65 1.86
N GLY EA 21 -9.36 -5.61 1.00
CA GLY EA 21 -10.08 -6.87 1.04
C GLY EA 21 -9.76 -7.70 2.27
N LEU EA 22 -8.53 -7.60 2.78
CA LEU EA 22 -8.17 -8.33 3.98
C LEU EA 22 -8.95 -7.83 5.18
N ASP EA 23 -9.38 -6.57 5.16
CA ASP EA 23 -10.06 -5.97 6.30
C ASP EA 23 -11.56 -6.26 6.29
N THR EA 24 -12.19 -6.29 5.12
CA THR EA 24 -13.64 -6.47 5.05
C THR EA 24 -14.05 -7.89 5.40
N ALA EA 25 -13.11 -8.84 5.37
CA ALA EA 25 -13.46 -10.22 5.69
C ALA EA 25 -13.92 -10.35 7.14
N ILE EA 26 -13.32 -9.60 8.05
CA ILE EA 26 -13.69 -9.71 9.47
C ILE EA 26 -15.10 -9.16 9.68
N ILE EA 27 -15.41 -8.03 9.05
CA ILE EA 27 -16.73 -7.43 9.21
C ILE EA 27 -17.80 -8.30 8.58
N LEU EA 28 -17.44 -9.02 7.52
CA LEU EA 28 -18.41 -9.88 6.85
C LEU EA 28 -18.82 -11.03 7.75
N ILE EA 29 -17.88 -11.62 8.47
CA ILE EA 29 -18.19 -12.75 9.33
C ILE EA 29 -19.11 -12.32 10.47
N ALA EA 30 -18.85 -11.15 11.05
CA ALA EA 30 -19.66 -10.70 12.18
C ALA EA 30 -21.08 -10.39 11.75
N PHE EA 31 -21.23 -9.67 10.64
CA PHE EA 31 -22.56 -9.30 10.18
C PHE EA 31 -23.43 -10.52 9.95
N ILE EA 32 -22.83 -11.62 9.46
CA ILE EA 32 -23.59 -12.84 9.24
C ILE EA 32 -24.07 -13.42 10.55
N ILE EA 33 -23.27 -13.27 11.61
CA ILE EA 33 -23.64 -13.84 12.90
C ILE EA 33 -24.75 -13.01 13.54
N THR EA 34 -24.68 -11.69 13.42
CA THR EA 34 -25.76 -10.85 13.93
C THR EA 34 -27.05 -11.11 13.18
N ALA EA 35 -26.97 -11.34 11.88
CA ALA EA 35 -28.18 -11.57 11.09
C ALA EA 35 -28.79 -12.93 11.40
N SER EA 36 -27.94 -13.95 11.56
CA SER EA 36 -28.45 -15.29 11.82
C SER EA 36 -29.19 -15.34 13.16
N VAL EA 37 -28.62 -14.70 14.18
CA VAL EA 37 -29.25 -14.71 15.50
C VAL EA 37 -30.63 -14.08 15.43
N LEU EA 38 -30.72 -12.90 14.83
CA LEU EA 38 -32.01 -12.25 14.65
C LEU EA 38 -32.95 -13.12 13.82
N ALA EA 39 -32.40 -13.84 12.84
CA ALA EA 39 -33.24 -14.65 11.97
C ALA EA 39 -34.00 -15.71 12.76
N TYR EA 40 -33.30 -16.47 13.61
CA TYR EA 40 -33.99 -17.53 14.34
C TYR EA 40 -34.63 -17.05 15.62
N VAL EA 41 -34.35 -15.82 16.07
CA VAL EA 41 -35.15 -15.25 17.14
C VAL EA 41 -36.56 -14.96 16.65
N ALA EA 42 -36.69 -14.57 15.38
CA ALA EA 42 -38.01 -14.37 14.80
C ALA EA 42 -38.75 -15.70 14.63
N ILE EA 43 -38.03 -16.73 14.16
CA ILE EA 43 -38.65 -18.03 13.98
C ILE EA 43 -39.17 -18.56 15.31
N ASN EA 44 -38.34 -18.47 16.35
CA ASN EA 44 -38.75 -18.97 17.66
C ASN EA 44 -39.97 -18.24 18.17
N MET EA 45 -40.09 -16.95 17.86
CA MET EA 45 -41.24 -16.17 18.32
C MET EA 45 -42.43 -16.31 17.38
N GLY EA 46 -42.18 -16.47 16.09
CA GLY EA 46 -43.28 -16.66 15.15
C GLY EA 46 -44.07 -17.92 15.45
N LEU EA 47 -43.39 -18.98 15.89
CA LEU EA 47 -44.08 -20.19 16.29
C LEU EA 47 -44.93 -19.94 17.52
N PHE EA 48 -44.38 -19.25 18.51
CA PHE EA 48 -45.07 -19.08 19.78
C PHE EA 48 -46.36 -18.30 19.61
N VAL EA 49 -46.33 -17.21 18.85
CA VAL EA 49 -47.50 -16.37 18.71
C VAL EA 49 -48.59 -17.09 17.92
N THR EA 50 -48.19 -17.92 16.96
CA THR EA 50 -49.19 -18.67 16.20
C THR EA 50 -49.79 -19.80 17.03
N GLN EA 51 -48.95 -20.55 17.74
CA GLN EA 51 -49.47 -21.64 18.56
C GLN EA 51 -50.37 -21.11 19.67
N LYS EA 52 -50.00 -19.97 20.25
CA LYS EA 52 -50.89 -19.35 21.23
C LYS EA 52 -52.19 -18.92 20.60
N ALA EA 53 -52.14 -18.43 19.36
CA ALA EA 53 -53.36 -18.01 18.67
C ALA EA 53 -54.28 -19.20 18.41
N LYS EA 54 -53.69 -20.35 18.05
CA LYS EA 54 -54.50 -21.54 17.80
C LYS EA 54 -55.13 -22.04 19.08
N SER EA 55 -54.37 -22.06 20.17
CA SER EA 55 -54.91 -22.54 21.45
C SER EA 55 -56.07 -21.69 21.91
N THR EA 56 -56.02 -20.38 21.65
CA THR EA 56 -57.11 -19.51 22.06
C THR EA 56 -58.38 -19.82 21.28
N ILE EA 57 -58.25 -20.33 20.07
CA ILE EA 57 -59.42 -20.65 19.25
C ILE EA 57 -60.18 -21.82 19.86
N ASN EA 58 -59.46 -22.86 20.29
CA ASN EA 58 -60.11 -24.01 20.91
C ASN EA 58 -60.92 -23.58 22.13
N LYS EA 59 -60.28 -22.91 23.08
CA LYS EA 59 -61.00 -22.38 24.23
C LYS EA 59 -62.07 -21.39 23.81
N GLY EA 60 -61.84 -20.68 22.70
CA GLY EA 60 -62.90 -19.86 22.15
C GLY EA 60 -64.04 -20.68 21.59
N GLU EA 61 -63.72 -21.72 20.83
CA GLU EA 61 -64.75 -22.61 20.34
C GLU EA 61 -65.29 -23.51 21.44
N GLU EA 62 -64.64 -23.54 22.60
CA GLU EA 62 -65.29 -24.09 23.78
C GLU EA 62 -66.11 -23.03 24.50
N THR EA 63 -65.73 -21.76 24.38
CA THR EA 63 -66.56 -20.68 24.90
C THR EA 63 -67.88 -20.61 24.13
N ALA EA 64 -67.82 -20.69 22.81
CA ALA EA 64 -69.02 -20.59 21.99
C ALA EA 64 -69.86 -21.86 22.05
N SER EA 65 -69.25 -23.00 22.39
CA SER EA 65 -69.99 -24.26 22.38
C SER EA 65 -70.47 -24.66 23.76
N THR EA 66 -69.57 -24.71 24.74
CA THR EA 66 -69.92 -25.18 26.08
C THR EA 66 -70.92 -24.20 26.70
N ALA EA 67 -72.15 -24.64 26.87
CA ALA EA 67 -73.20 -23.80 27.43
C ALA EA 67 -74.12 -24.67 28.27
N LEU EA 68 -74.48 -24.17 29.45
CA LEU EA 68 -75.42 -24.86 30.32
C LEU EA 68 -76.83 -24.35 30.04
N THR EA 69 -77.77 -25.27 29.83
CA THR EA 69 -79.15 -24.92 29.59
C THR EA 69 -80.03 -25.65 30.60
N LEU EA 70 -81.00 -24.93 31.16
CA LEU EA 70 -81.87 -25.51 32.18
C LEU EA 70 -82.90 -26.41 31.51
N SER EA 71 -82.87 -27.69 31.86
CA SER EA 71 -83.82 -28.68 31.35
C SER EA 71 -84.55 -29.27 32.55
N GLY EA 72 -85.75 -28.77 32.81
CA GLY EA 72 -86.50 -29.17 33.98
C GLY EA 72 -86.84 -27.99 34.86
N SER EA 73 -88.10 -27.88 35.26
CA SER EA 73 -88.57 -26.72 36.00
C SER EA 73 -87.84 -26.59 37.34
N VAL EA 74 -87.91 -25.39 37.91
CA VAL EA 74 -87.27 -25.06 39.17
C VAL EA 74 -88.25 -25.32 40.30
N LEU EA 75 -87.77 -25.92 41.38
CA LEU EA 75 -88.60 -26.20 42.54
C LEU EA 75 -88.22 -25.29 43.69
N TYR EA 76 -89.15 -25.12 44.63
CA TYR EA 76 -88.96 -24.22 45.76
C TYR EA 76 -89.88 -24.65 46.87
N ALA EA 77 -89.32 -25.07 48.00
CA ALA EA 77 -90.08 -25.61 49.10
C ALA EA 77 -90.11 -24.62 50.26
N VAL EA 78 -91.16 -24.72 51.07
CA VAL EA 78 -91.42 -23.79 52.15
C VAL EA 78 -92.42 -24.41 53.11
N ASN EA 79 -92.32 -24.09 54.39
CA ASN EA 79 -93.32 -24.55 55.35
C ASN EA 79 -94.70 -24.00 55.00
N TYR EA 80 -95.59 -24.89 54.56
CA TYR EA 80 -96.83 -24.50 53.91
C TYR EA 80 -97.88 -23.92 54.86
N PRO EA 81 -98.22 -24.57 55.98
CA PRO EA 81 -99.27 -24.02 56.85
C PRO EA 81 -98.97 -22.61 57.34
N SER EA 82 -97.70 -22.29 57.52
CA SER EA 82 -97.28 -20.94 57.90
C SER EA 82 -96.13 -20.55 56.96
N ASN EA 83 -96.44 -19.81 55.90
CA ASN EA 83 -95.46 -19.46 54.89
C ASN EA 83 -94.53 -18.40 55.48
N THR EA 84 -93.52 -18.89 56.22
CA THR EA 84 -92.58 -18.01 56.88
C THR EA 84 -91.12 -18.40 56.69
N ARG EA 85 -90.81 -19.65 56.33
CA ARG EA 85 -89.43 -20.10 56.24
C ARG EA 85 -89.23 -20.91 54.97
N SER EA 86 -88.35 -20.43 54.09
CA SER EA 86 -87.97 -21.15 52.89
C SER EA 86 -87.01 -22.27 53.26
N TYR EA 87 -87.03 -23.34 52.46
CA TYR EA 87 -86.25 -24.54 52.77
C TYR EA 87 -85.14 -24.80 51.74
N TRP EA 88 -85.48 -24.93 50.46
CA TRP EA 88 -84.47 -25.29 49.47
C TRP EA 88 -85.00 -24.97 48.08
N ILE EA 89 -84.09 -25.07 47.10
CA ILE EA 89 -84.40 -24.85 45.69
C ILE EA 89 -83.57 -25.83 44.87
N TYR EA 90 -84.23 -26.57 43.97
CA TYR EA 90 -83.59 -27.60 43.19
C TYR EA 90 -83.97 -27.46 41.73
N PHE EA 91 -82.99 -27.54 40.84
CA PHE EA 91 -83.25 -27.46 39.41
C PHE EA 91 -82.18 -28.25 38.68
N THR EA 92 -82.57 -28.83 37.54
CA THR EA 92 -81.68 -29.65 36.74
C THR EA 92 -80.95 -28.80 35.72
N VAL EA 93 -79.66 -29.05 35.57
CA VAL EA 93 -78.82 -28.34 34.61
C VAL EA 93 -78.19 -29.37 33.69
N SER EA 94 -78.24 -29.09 32.38
CA SER EA 94 -77.71 -29.99 31.39
C SER EA 94 -76.91 -29.17 30.38
N PRO EA 95 -75.79 -29.69 29.90
CA PRO EA 95 -75.06 -29.00 28.82
C PRO EA 95 -75.96 -28.72 27.64
N SER EA 96 -75.56 -27.73 26.84
CA SER EA 96 -76.40 -27.24 25.75
C SER EA 96 -76.77 -28.37 24.79
N SER EA 97 -75.76 -28.92 24.12
CA SER EA 97 -75.98 -30.00 23.16
C SER EA 97 -74.71 -30.83 23.14
N GLY EA 98 -74.59 -31.72 22.16
CA GLY EA 98 -73.37 -32.49 22.02
C GLY EA 98 -72.27 -31.67 21.39
N VAL EA 99 -71.73 -30.73 22.16
CA VAL EA 99 -70.67 -29.85 21.68
C VAL EA 99 -69.35 -30.16 22.38
N SER EA 100 -69.32 -30.08 23.71
CA SER EA 100 -68.12 -30.37 24.50
C SER EA 100 -68.56 -30.53 25.95
N SER EA 101 -67.59 -30.70 26.84
CA SER EA 101 -67.85 -30.93 28.25
C SER EA 101 -67.74 -29.63 29.03
N VAL EA 102 -68.46 -29.56 30.15
CA VAL EA 102 -68.46 -28.40 31.03
C VAL EA 102 -67.99 -28.85 32.41
N GLU EA 103 -66.94 -28.23 32.91
CA GLU EA 103 -66.39 -28.60 34.21
C GLU EA 103 -67.17 -27.88 35.31
N LEU EA 104 -67.82 -28.66 36.17
CA LEU EA 104 -68.59 -28.12 37.29
C LEU EA 104 -67.91 -28.39 38.62
N SER EA 105 -66.58 -28.37 38.64
CA SER EA 105 -65.87 -28.63 39.88
C SER EA 105 -66.20 -27.56 40.92
N PRO EA 106 -66.48 -27.94 42.16
CA PRO EA 106 -66.91 -26.95 43.17
C PRO EA 106 -65.84 -25.95 43.54
N SER EA 107 -64.65 -26.05 42.96
CA SER EA 107 -63.55 -25.16 43.29
C SER EA 107 -63.31 -24.09 42.25
N THR EA 108 -63.60 -24.37 40.98
CA THR EA 108 -63.29 -23.46 39.88
C THR EA 108 -64.52 -22.90 39.20
N THR EA 109 -65.62 -22.72 39.93
CA THR EA 109 -66.81 -22.08 39.40
C THR EA 109 -67.57 -21.42 40.54
N ALA EA 110 -68.72 -20.84 40.21
CA ALA EA 110 -69.47 -20.07 41.19
C ALA EA 110 -70.95 -20.12 40.86
N ILE EA 111 -71.78 -20.18 41.90
CA ILE EA 111 -73.23 -20.15 41.78
C ILE EA 111 -73.72 -18.98 42.61
N SER EA 112 -74.14 -17.91 41.94
CA SER EA 112 -74.51 -16.67 42.61
C SER EA 112 -76.03 -16.54 42.60
N PHE EA 113 -76.63 -16.65 43.78
CA PHE EA 113 -78.06 -16.46 43.97
C PHE EA 113 -78.31 -15.05 44.49
N THR EA 114 -79.26 -14.35 43.88
CA THR EA 114 -79.52 -12.97 44.26
C THR EA 114 -81.00 -12.66 44.18
N ALA EA 115 -81.47 -11.84 45.13
CA ALA EA 115 -82.86 -11.39 45.19
C ALA EA 115 -82.86 -9.92 45.56
N SER EA 116 -83.37 -9.08 44.66
CA SER EA 116 -83.21 -7.63 44.83
C SER EA 116 -84.11 -7.07 45.92
N ALA EA 117 -85.35 -7.60 46.01
CA ALA EA 117 -86.34 -7.00 46.90
C ALA EA 117 -85.87 -6.99 48.35
N GLU EA 118 -85.44 -8.14 48.86
CA GLU EA 118 -84.97 -8.22 50.24
C GLU EA 118 -83.66 -7.47 50.46
N GLY EA 119 -82.96 -7.08 49.40
CA GLY EA 119 -81.70 -6.40 49.57
C GLY EA 119 -80.54 -7.33 49.88
N ILE EA 120 -80.57 -8.56 49.38
CA ILE EA 120 -79.53 -9.54 49.64
C ILE EA 120 -79.01 -10.05 48.30
N SER EA 121 -77.73 -10.38 48.27
CA SER EA 121 -77.10 -10.84 47.02
C SER EA 121 -75.92 -11.73 47.37
N TYR EA 122 -76.06 -13.02 47.12
CA TYR EA 122 -75.00 -13.98 47.38
C TYR EA 122 -74.17 -14.21 46.13
N SER EA 123 -72.94 -14.66 46.32
CA SER EA 123 -72.03 -14.94 45.22
C SER EA 123 -71.19 -16.15 45.55
N ASN EA 124 -71.19 -17.14 44.66
CA ASN EA 124 -70.38 -18.34 44.78
C ASN EA 124 -70.70 -19.10 46.08
N ILE EA 125 -71.92 -19.62 46.12
CA ILE EA 125 -72.34 -20.48 47.23
C ILE EA 125 -72.14 -21.95 46.88
N TYR EA 126 -71.40 -22.25 45.82
CA TYR EA 126 -71.11 -23.62 45.40
C TYR EA 126 -69.95 -24.13 46.23
N GLU EA 127 -70.21 -25.11 47.10
CA GLU EA 127 -69.19 -25.60 48.02
C GLU EA 127 -68.81 -27.05 47.79
N TYR EA 128 -69.76 -27.97 47.81
CA TYR EA 128 -69.48 -29.40 47.76
C TYR EA 128 -70.11 -30.01 46.50
N THR EA 129 -69.83 -31.30 46.29
CA THR EA 129 -70.34 -31.99 45.12
C THR EA 129 -70.35 -33.49 45.38
N LEU EA 130 -71.08 -34.21 44.55
CA LEU EA 130 -71.13 -35.66 44.60
C LEU EA 130 -70.64 -36.30 43.32
N LEU EA 131 -70.27 -35.51 42.31
CA LEU EA 131 -69.74 -36.08 41.08
C LEU EA 131 -68.36 -36.67 41.27
N THR EA 132 -67.60 -36.15 42.25
CA THR EA 132 -66.25 -36.63 42.50
C THR EA 132 -66.22 -37.84 43.41
N VAL EA 133 -67.31 -38.15 44.11
CA VAL EA 133 -67.35 -39.22 45.09
C VAL EA 133 -67.75 -40.51 44.39
N SER EA 134 -66.99 -41.57 44.64
CA SER EA 134 -67.25 -42.86 44.02
C SER EA 134 -68.51 -43.49 44.59
N PRO EA 135 -69.25 -44.26 43.79
CA PRO EA 135 -70.48 -44.88 44.27
C PRO EA 135 -70.28 -46.14 45.08
N SER EA 136 -69.04 -46.55 45.34
CA SER EA 136 -68.80 -47.78 46.09
C SER EA 136 -69.23 -47.63 47.53
N GLU EA 137 -68.73 -46.58 48.20
CA GLU EA 137 -68.99 -46.42 49.63
C GLU EA 137 -70.43 -46.04 49.91
N LEU EA 138 -71.12 -45.44 48.94
CA LEU EA 138 -72.47 -44.95 49.20
C LEU EA 138 -73.49 -46.07 49.28
N ALA EA 139 -73.13 -47.28 48.85
CA ALA EA 139 -74.09 -48.36 48.72
C ALA EA 139 -74.15 -49.27 49.93
N ASN EA 140 -73.36 -49.02 50.98
CA ASN EA 140 -73.29 -49.92 52.12
C ASN EA 140 -73.77 -49.29 53.41
N GLN EA 141 -73.22 -48.14 53.81
CA GLN EA 141 -73.42 -47.62 55.16
C GLN EA 141 -74.59 -46.65 55.18
N VAL EA 142 -75.80 -47.21 55.05
CA VAL EA 142 -77.03 -46.48 55.36
C VAL EA 142 -78.17 -47.47 55.51
N TYR EA 143 -79.02 -47.25 56.52
CA TYR EA 143 -80.18 -48.10 56.76
C TYR EA 143 -81.05 -47.45 57.82
N ALA EA 144 -82.36 -47.56 57.63
CA ALA EA 144 -83.33 -47.13 58.62
C ALA EA 144 -84.28 -48.23 59.05
N ASN EA 145 -84.24 -49.38 58.40
CA ASN EA 145 -85.07 -50.53 58.74
C ASN EA 145 -84.27 -51.78 58.39
N GLY EA 146 -84.96 -52.92 58.28
CA GLY EA 146 -84.30 -54.17 58.00
C GLY EA 146 -83.49 -54.20 56.72
N GLN EA 147 -83.68 -53.22 55.85
CA GLN EA 147 -83.00 -53.16 54.56
C GLN EA 147 -81.98 -52.04 54.55
N TYR EA 148 -80.86 -52.28 53.87
CA TYR EA 148 -79.82 -51.28 53.65
C TYR EA 148 -80.02 -50.73 52.25
N LEU EA 149 -80.81 -49.65 52.15
CA LEU EA 149 -81.15 -49.10 50.85
C LEU EA 149 -79.92 -48.52 50.17
N ASP EA 150 -79.82 -48.74 48.86
CA ASP EA 150 -78.71 -48.23 48.06
C ASP EA 150 -79.07 -46.83 47.56
N LEU EA 151 -78.22 -45.86 47.87
CA LEU EA 151 -78.51 -44.48 47.52
C LEU EA 151 -78.24 -44.18 46.05
N VAL EA 152 -77.24 -44.83 45.46
CA VAL EA 152 -76.82 -44.57 44.09
C VAL EA 152 -77.21 -45.74 43.22
N ASN EA 153 -77.84 -45.44 42.09
CA ASN EA 153 -78.12 -46.45 41.07
C ASN EA 153 -77.01 -46.43 40.02
N GLN EA 154 -76.94 -47.50 39.23
CA GLN EA 154 -75.90 -47.59 38.21
C GLN EA 154 -76.27 -48.65 37.18
N GLN EA 155 -76.14 -48.29 35.92
CA GLN EA 155 -76.28 -49.22 34.79
C GLN EA 155 -74.98 -49.20 33.99
N THR EA 156 -74.97 -49.98 32.90
CA THR EA 156 -73.77 -50.06 32.09
C THR EA 156 -74.12 -50.57 30.71
N ASN EA 157 -73.33 -50.14 29.72
CA ASN EA 157 -73.44 -50.59 28.34
C ASN EA 157 -72.25 -50.05 27.57
N ALA EA 158 -71.87 -50.77 26.51
CA ALA EA 158 -70.77 -50.37 25.63
C ALA EA 158 -69.48 -50.18 26.42
N GLY EA 159 -69.24 -51.05 27.40
CA GLY EA 159 -68.02 -51.01 28.17
C GLY EA 159 -67.91 -49.87 29.15
N GLN EA 160 -68.97 -49.08 29.33
CA GLN EA 160 -68.98 -47.96 30.26
C GLN EA 160 -70.09 -48.13 31.28
N THR EA 161 -69.81 -47.76 32.52
CA THR EA 161 -70.77 -47.87 33.61
C THR EA 161 -71.22 -46.47 34.01
N TYR EA 162 -72.52 -46.23 33.95
CA TYR EA 162 -73.08 -44.92 34.27
C TYR EA 162 -73.68 -44.97 35.68
N VAL EA 163 -73.60 -43.82 36.36
CA VAL EA 163 -74.18 -43.69 37.70
C VAL EA 163 -75.08 -42.47 37.72
N TYR EA 164 -76.07 -42.51 38.62
CA TYR EA 164 -77.01 -41.41 38.77
C TYR EA 164 -77.70 -41.53 40.11
N TYR EA 165 -78.41 -40.47 40.49
CA TYR EA 165 -79.15 -40.43 41.74
C TYR EA 165 -80.64 -40.27 41.46
N PRO EA 166 -81.49 -41.09 42.07
CA PRO EA 166 -82.92 -41.05 41.73
C PRO EA 166 -83.62 -39.77 42.15
N ASN EA 167 -83.50 -39.37 43.40
CA ASN EA 167 -84.28 -38.26 43.92
C ASN EA 167 -83.38 -37.33 44.72
N PRO EA 168 -83.76 -36.06 44.85
CA PRO EA 168 -82.97 -35.15 45.69
C PRO EA 168 -82.94 -35.57 47.14
N TYR EA 169 -83.99 -36.23 47.63
CA TYR EA 169 -83.99 -36.69 49.01
C TYR EA 169 -82.94 -37.76 49.26
N TYR EA 170 -82.49 -38.46 48.23
CA TYR EA 170 -81.40 -39.40 48.39
C TYR EA 170 -80.05 -38.71 48.41
N ALA EA 171 -79.88 -37.70 47.55
CA ALA EA 171 -78.60 -36.99 47.50
C ALA EA 171 -78.29 -36.32 48.83
N LEU EA 172 -79.32 -35.88 49.56
CA LEU EA 172 -79.09 -35.28 50.86
C LEU EA 172 -78.48 -36.30 51.82
N LEU EA 173 -79.03 -37.52 51.84
CA LEU EA 173 -78.47 -38.57 52.69
C LEU EA 173 -77.07 -38.93 52.25
N ALA EA 174 -76.85 -39.04 50.93
CA ALA EA 174 -75.49 -39.27 50.43
C ALA EA 174 -74.55 -38.15 50.85
N LEU EA 175 -75.04 -36.91 50.79
CA LEU EA 175 -74.22 -35.78 51.20
C LEU EA 175 -74.01 -35.76 52.71
N ASN EA 176 -75.02 -36.20 53.47
CA ASN EA 176 -74.85 -36.28 54.91
C ASN EA 176 -73.77 -37.27 55.28
N TYR EA 177 -73.62 -38.33 54.48
CA TYR EA 177 -72.57 -39.31 54.74
C TYR EA 177 -71.21 -38.80 54.29
N THR EA 178 -71.13 -38.33 53.05
CA THR EA 178 -69.85 -37.91 52.48
C THR EA 178 -69.21 -36.82 53.32
N LEU EA 179 -69.99 -35.82 53.74
CA LEU EA 179 -69.46 -34.74 54.55
C LEU EA 179 -69.01 -35.20 55.92
N SER EA 180 -69.29 -36.44 56.31
CA SER EA 180 -68.95 -36.93 57.64
C SER EA 180 -67.94 -38.07 57.63
N LYS EA 181 -67.80 -38.79 56.52
CA LYS EA 181 -66.86 -39.89 56.45
C LYS EA 181 -65.81 -39.74 55.36
N ILE EA 182 -66.24 -39.40 54.13
CA ILE EA 182 -65.31 -39.39 53.01
C ILE EA 182 -64.27 -38.29 53.18
N ASP EA 183 -64.72 -37.04 53.21
CA ASP EA 183 -63.85 -35.87 53.34
C ASP EA 183 -64.26 -35.10 54.60
N LYS EA 184 -63.60 -35.43 55.71
CA LYS EA 184 -63.93 -34.84 57.00
C LYS EA 184 -63.59 -33.36 57.03
N VAL EA 185 -64.60 -32.53 57.21
CA VAL EA 185 -64.43 -31.13 57.56
C VAL EA 185 -64.88 -30.95 59.00
N SER EA 186 -64.19 -30.08 59.74
CA SER EA 186 -64.49 -29.97 61.17
C SER EA 186 -65.86 -29.36 61.44
N PRO EA 187 -66.23 -28.20 60.86
CA PRO EA 187 -67.61 -27.77 61.00
C PRO EA 187 -68.50 -28.37 59.91
N SER EA 188 -69.42 -29.24 60.30
CA SER EA 188 -70.29 -29.85 59.32
C SER EA 188 -71.41 -28.88 58.94
N PRO EA 189 -71.57 -28.56 57.66
CA PRO EA 189 -72.66 -27.65 57.26
C PRO EA 189 -74.01 -28.31 57.18
N LEU EA 190 -74.08 -29.64 57.26
CA LEU EA 190 -75.32 -30.37 57.15
C LEU EA 190 -75.37 -31.45 58.22
N TYR EA 191 -76.57 -31.68 58.77
CA TYR EA 191 -76.76 -32.69 59.79
C TYR EA 191 -78.17 -33.24 59.63
N ILE EA 192 -78.28 -34.46 59.11
CA ILE EA 192 -79.56 -35.11 58.87
C ILE EA 192 -79.66 -36.28 59.83
N THR EA 193 -80.43 -36.12 60.90
CA THR EA 193 -80.61 -37.15 61.90
C THR EA 193 -81.99 -37.79 61.77
N THR EA 194 -82.30 -38.70 62.69
CA THR EA 194 -83.60 -39.34 62.75
C THR EA 194 -84.28 -39.13 64.09
N THR EA 195 -83.54 -38.72 65.12
CA THR EA 195 -84.12 -38.54 66.44
C THR EA 195 -85.04 -37.33 66.48
N THR EA 196 -85.70 -37.15 67.62
CA THR EA 196 -86.58 -36.01 67.82
C THR EA 196 -85.78 -34.72 67.69
N PRO EA 197 -86.27 -33.72 66.96
CA PRO EA 197 -85.49 -32.48 66.79
C PRO EA 197 -85.17 -31.80 68.11
N SER EA 198 -86.13 -31.74 69.04
CA SER EA 198 -85.85 -31.15 70.34
C SER EA 198 -84.79 -31.94 71.08
N SER EA 199 -84.79 -33.27 70.94
CA SER EA 199 -83.75 -34.08 71.57
C SER EA 199 -82.39 -33.76 71.00
N ALA EA 200 -82.31 -33.52 69.69
CA ALA EA 200 -81.04 -33.16 69.08
C ALA EA 200 -80.53 -31.83 69.64
N THR EA 201 -81.45 -30.88 69.86
CA THR EA 201 -81.05 -29.63 70.50
C THR EA 201 -80.55 -29.86 71.91
N GLN EA 202 -81.13 -30.85 72.60
CA GLN EA 202 -80.67 -31.17 73.95
C GLN EA 202 -79.28 -31.79 73.91
N ILE EA 203 -79.06 -32.75 73.01
CA ILE EA 203 -77.75 -33.39 72.90
C ILE EA 203 -76.77 -32.60 72.05
N TYR EA 204 -77.23 -31.53 71.38
CA TYR EA 204 -76.36 -30.63 70.64
C TYR EA 204 -76.94 -29.23 70.76
N PRO EA 205 -76.34 -28.37 71.58
CA PRO EA 205 -76.91 -27.03 71.76
C PRO EA 205 -76.77 -26.15 70.53
N PHE EA 206 -75.79 -26.40 69.67
CA PHE EA 206 -75.54 -25.51 68.54
C PHE EA 206 -76.58 -25.65 67.44
N LEU EA 207 -77.25 -26.79 67.33
CA LEU EA 207 -78.25 -26.96 66.28
C LEU EA 207 -79.53 -26.18 66.54
N ALA EA 208 -79.59 -25.39 67.61
CA ALA EA 208 -80.75 -24.54 67.83
C ALA EA 208 -80.75 -23.31 66.93
N HIS EA 209 -79.63 -23.05 66.24
CA HIS EA 209 -79.51 -21.89 65.37
C HIS EA 209 -79.64 -22.21 63.90
N ASP EA 210 -79.58 -23.49 63.53
CA ASP EA 210 -79.64 -23.87 62.12
C ASP EA 210 -81.06 -23.74 61.59
N ASN EA 211 -81.22 -24.07 60.31
CA ASN EA 211 -82.51 -24.04 59.65
C ASN EA 211 -83.00 -25.49 59.49
N MET EA 212 -84.13 -25.80 60.14
CA MET EA 212 -84.61 -27.16 60.24
C MET EA 212 -85.68 -27.42 59.19
N PHE EA 213 -85.46 -28.42 58.35
CA PHE EA 213 -86.45 -28.86 57.38
C PHE EA 213 -86.46 -30.38 57.32
N THR EA 214 -87.66 -30.95 57.17
CA THR EA 214 -87.87 -32.39 57.31
C THR EA 214 -88.46 -32.97 56.04
N PHE EA 215 -88.09 -34.21 55.74
CA PHE EA 215 -88.73 -35.00 54.70
C PHE EA 215 -89.00 -36.40 55.25
N THR EA 216 -89.89 -37.11 54.56
CA THR EA 216 -90.34 -38.42 55.02
C THR EA 216 -90.25 -39.42 53.89
N LEU EA 217 -89.89 -40.66 54.24
CA LEU EA 217 -89.79 -41.75 53.29
C LEU EA 217 -90.56 -42.95 53.80
N ASN EA 218 -91.06 -43.76 52.87
CA ASN EA 218 -91.83 -44.96 53.20
C ASN EA 218 -91.03 -46.17 52.72
N ILE EA 219 -90.42 -46.88 53.67
CA ILE EA 219 -89.59 -48.05 53.37
C ILE EA 219 -90.08 -49.22 54.19
N SER EA 220 -90.18 -50.39 53.54
CA SER EA 220 -90.63 -51.62 54.19
C SER EA 220 -91.97 -51.41 54.88
N GLY EA 221 -92.83 -50.61 54.27
CA GLY EA 221 -94.10 -50.27 54.88
C GLY EA 221 -94.02 -49.44 56.13
N THR EA 222 -92.84 -48.90 56.46
CA THR EA 222 -92.64 -48.10 57.65
C THR EA 222 -92.27 -46.68 57.25
N LEU EA 223 -92.84 -45.71 57.96
CA LEU EA 223 -92.61 -44.30 57.69
C LEU EA 223 -91.51 -43.78 58.62
N VAL EA 224 -90.49 -43.18 58.04
CA VAL EA 224 -89.38 -42.59 58.78
C VAL EA 224 -89.34 -41.10 58.49
N THR EA 225 -89.14 -40.31 59.53
CA THR EA 225 -89.08 -38.85 59.40
C THR EA 225 -87.67 -38.39 59.75
N TYR EA 226 -87.02 -37.73 58.81
CA TYR EA 226 -85.68 -37.20 59.03
C TYR EA 226 -85.76 -35.77 59.53
N TYR EA 227 -84.62 -35.25 59.96
CA TYR EA 227 -84.52 -33.87 60.47
C TYR EA 227 -83.17 -33.32 60.07
N ALA EA 228 -83.13 -32.60 58.96
CA ALA EA 228 -81.90 -32.09 58.38
C ALA EA 228 -81.72 -30.63 58.77
N PHE EA 229 -80.58 -30.32 59.38
CA PHE EA 229 -80.24 -28.97 59.78
C PHE EA 229 -79.16 -28.42 58.85
N VAL EA 230 -79.18 -27.10 58.67
CA VAL EA 230 -78.19 -26.41 57.86
C VAL EA 230 -77.85 -25.09 58.55
N ASN EA 231 -76.57 -24.81 58.73
CA ASN EA 231 -76.13 -23.60 59.41
C ASN EA 231 -75.48 -22.59 58.47
N GLN EA 232 -75.52 -22.85 57.16
CA GLN EA 232 -74.86 -21.97 56.20
C GLN EA 232 -75.36 -22.26 54.79
N THR EA 233 -75.75 -21.21 54.07
CA THR EA 233 -76.27 -21.39 52.72
C THR EA 233 -75.18 -21.88 51.79
N PHE EA 234 -75.47 -22.98 51.09
CA PHE EA 234 -74.50 -23.57 50.17
C PHE EA 234 -75.24 -24.31 49.07
N ALA EA 235 -74.49 -24.73 48.07
CA ALA EA 235 -75.06 -25.45 46.92
C ALA EA 235 -74.12 -26.57 46.52
N PHE EA 236 -74.69 -27.67 46.04
CA PHE EA 236 -73.93 -28.83 45.63
C PHE EA 236 -74.53 -29.39 44.35
N THR EA 237 -73.89 -30.44 43.82
CA THR EA 237 -74.34 -31.06 42.58
C THR EA 237 -74.27 -32.58 42.71
N TYR EA 238 -74.88 -33.25 41.75
CA TYR EA 238 -74.88 -34.70 41.65
C TYR EA 238 -75.39 -35.11 40.27
N PRO EA 239 -74.83 -36.15 39.67
CA PRO EA 239 -75.29 -36.55 38.34
C PRO EA 239 -76.73 -37.04 38.37
N VAL EA 240 -77.41 -36.90 37.23
CA VAL EA 240 -78.80 -37.33 37.14
C VAL EA 240 -78.98 -38.30 35.99
N ALA EA 241 -78.16 -38.17 34.95
CA ALA EA 241 -78.31 -39.03 33.79
C ALA EA 241 -77.11 -38.84 32.86
N GLY EA 242 -76.73 -39.92 32.18
CA GLY EA 242 -75.72 -39.85 31.15
C GLY EA 242 -74.39 -39.29 31.60
N ASP EA 243 -73.94 -39.67 32.80
CA ASP EA 243 -72.65 -39.20 33.28
C ASP EA 243 -71.68 -40.36 33.44
N PRO EA 244 -71.04 -40.82 32.35
CA PRO EA 244 -70.00 -41.85 32.49
C PRO EA 244 -68.74 -41.34 33.14
N LEU EA 245 -68.61 -40.03 33.34
CA LEU EA 245 -67.40 -39.44 33.91
C LEU EA 245 -67.63 -39.21 35.40
N ILE EA 246 -67.58 -40.29 36.15
CA ILE EA 246 -67.78 -40.24 37.59
C ILE EA 246 -66.43 -40.08 38.27
N GLY EA 247 -66.39 -39.27 39.33
CA GLY EA 247 -65.19 -39.02 40.08
C GLY EA 247 -64.44 -37.77 39.65
N SER EA 248 -64.83 -37.13 38.55
CA SER EA 248 -64.09 -36.00 38.01
C SER EA 248 -64.91 -34.73 37.88
N ALA EA 249 -66.25 -34.82 37.90
CA ALA EA 249 -67.14 -33.67 37.73
C ALA EA 249 -66.97 -33.00 36.37
N ILE EA 250 -66.46 -33.74 35.39
CA ILE EA 250 -66.36 -33.24 34.01
C ILE EA 250 -67.68 -33.61 33.35
N ALA EA 251 -68.68 -32.75 33.50
CA ALA EA 251 -70.00 -33.02 32.95
C ALA EA 251 -69.91 -33.15 31.44
N PRO EA 252 -70.25 -34.29 30.86
CA PRO EA 252 -70.08 -34.50 29.42
C PRO EA 252 -71.25 -33.92 28.63
N ALA EA 253 -71.04 -33.82 27.32
CA ALA EA 253 -72.06 -33.30 26.43
C ALA EA 253 -73.21 -34.28 26.33
N GLY EA 254 -74.43 -33.79 26.56
CA GLY EA 254 -75.60 -34.63 26.52
C GLY EA 254 -75.98 -35.26 27.85
N SER EA 255 -75.40 -34.79 28.95
CA SER EA 255 -75.69 -35.33 30.27
C SER EA 255 -76.72 -34.45 30.97
N VAL EA 256 -77.03 -34.79 32.21
CA VAL EA 256 -77.91 -33.98 33.05
C VAL EA 256 -77.29 -33.92 34.44
N ILE EA 257 -77.18 -32.71 34.99
CA ILE EA 257 -76.60 -32.51 36.31
C ILE EA 257 -77.65 -31.90 37.21
N GLY EA 258 -77.66 -32.33 38.47
CA GLY EA 258 -78.57 -31.80 39.46
C GLY EA 258 -77.89 -30.72 40.28
N VAL EA 259 -78.66 -29.68 40.63
CA VAL EA 259 -78.17 -28.58 41.44
C VAL EA 259 -79.19 -28.31 42.54
N MET EA 260 -78.71 -28.14 43.76
CA MET EA 260 -79.59 -27.90 44.90
C MET EA 260 -78.99 -26.82 45.78
N ILE EA 261 -79.84 -25.95 46.30
CA ILE EA 261 -79.45 -24.85 47.16
C ILE EA 261 -80.20 -24.99 48.48
N LEU EA 262 -79.46 -24.95 49.59
CA LEU EA 262 -80.03 -25.07 50.92
C LEU EA 262 -79.83 -23.76 51.67
N PHE EA 263 -80.91 -23.22 52.20
CA PHE EA 263 -80.87 -21.93 52.88
C PHE EA 263 -80.54 -22.13 54.36
N GLY EA 264 -79.60 -21.33 54.86
CA GLY EA 264 -79.27 -21.35 56.26
C GLY EA 264 -80.21 -20.46 57.06
N PRO EA 265 -79.75 -20.02 58.23
CA PRO EA 265 -80.59 -19.14 59.06
C PRO EA 265 -80.61 -17.72 58.53
N ASP EA 266 -79.52 -17.32 57.88
CA ASP EA 266 -79.40 -15.96 57.38
C ASP EA 266 -80.43 -15.67 56.29
N LEU EA 267 -80.76 -16.68 55.48
CA LEU EA 267 -81.64 -16.49 54.35
C LEU EA 267 -83.00 -17.15 54.51
N GLY EA 268 -83.10 -18.23 55.27
CA GLY EA 268 -84.37 -18.92 55.43
C GLY EA 268 -85.43 -18.13 56.16
N SER EA 269 -85.05 -17.04 56.84
CA SER EA 269 -86.00 -16.22 57.57
C SER EA 269 -86.85 -15.36 56.64
N HIS EA 270 -86.64 -15.42 55.34
CA HIS EA 270 -87.38 -14.63 54.38
C HIS EA 270 -88.09 -15.54 53.39
N VAL EA 271 -89.23 -15.10 52.90
CA VAL EA 271 -89.99 -15.80 51.88
C VAL EA 271 -90.05 -14.95 50.63
N PHE EA 272 -89.94 -15.58 49.47
CA PHE EA 272 -89.93 -14.88 48.20
C PHE EA 272 -91.36 -14.78 47.68
N GLN EA 273 -91.91 -13.57 47.69
CA GLN EA 273 -93.25 -13.32 47.18
C GLN EA 273 -93.22 -12.00 46.42
N TYR EA 274 -93.69 -12.03 45.17
CA TYR EA 274 -93.69 -10.86 44.30
C TYR EA 274 -92.29 -10.30 44.11
N GLN EA 275 -91.29 -11.17 44.11
CA GLN EA 275 -89.90 -10.79 43.93
C GLN EA 275 -89.39 -11.40 42.62
N THR EA 276 -88.12 -11.12 42.32
CA THR EA 276 -87.48 -11.59 41.10
C THR EA 276 -86.21 -12.34 41.50
N ILE EA 277 -86.35 -13.64 41.74
CA ILE EA 277 -85.20 -14.47 42.06
C ILE EA 277 -84.29 -14.55 40.84
N THR EA 278 -82.98 -14.58 41.09
CA THR EA 278 -82.01 -14.70 40.00
C THR EA 278 -80.83 -15.53 40.45
N ILE EA 279 -80.54 -16.59 39.71
CA ILE EA 279 -79.40 -17.47 39.98
C ILE EA 279 -78.49 -17.47 38.76
N GLN EA 280 -77.19 -17.35 38.99
CA GLN EA 280 -76.20 -17.34 37.92
C GLN EA 280 -75.11 -18.35 38.22
N ILE EA 281 -74.93 -19.30 37.32
CA ILE EA 281 -73.91 -20.35 37.43
C ILE EA 281 -72.82 -20.01 36.44
N THR EA 282 -71.67 -19.55 36.93
CA THR EA 282 -70.60 -19.06 36.07
C THR EA 282 -69.39 -19.99 36.06
N PRO EA 283 -69.25 -20.86 35.07
CA PRO EA 283 -68.07 -21.70 34.99
C PRO EA 283 -66.85 -20.91 34.54
N ASN EA 284 -65.74 -21.61 34.30
CA ASN EA 284 -64.53 -20.94 33.86
C ASN EA 284 -64.52 -20.66 32.36
N ILE EA 285 -65.29 -21.41 31.57
CA ILE EA 285 -65.35 -21.23 30.13
C ILE EA 285 -66.81 -21.27 29.70
N GLY EA 286 -67.17 -20.39 28.76
CA GLY EA 286 -68.49 -20.43 28.17
C GLY EA 286 -69.47 -19.49 28.83
N SER EA 287 -70.64 -19.41 28.22
CA SER EA 287 -71.69 -18.51 28.69
C SER EA 287 -72.21 -18.97 30.04
N PRO EA 288 -72.19 -18.14 31.07
CA PRO EA 288 -72.76 -18.52 32.36
C PRO EA 288 -74.28 -18.59 32.27
N LEU EA 289 -74.84 -19.75 32.64
CA LEU EA 289 -76.28 -19.89 32.75
C LEU EA 289 -76.83 -18.93 33.78
N THR EA 290 -77.93 -18.26 33.44
CA THR EA 290 -78.58 -17.30 34.33
C THR EA 290 -80.07 -17.59 34.36
N ILE EA 291 -80.57 -17.96 35.54
CA ILE EA 291 -82.00 -18.23 35.72
C ILE EA 291 -82.59 -17.11 36.55
N SER EA 292 -83.60 -16.45 36.01
CA SER EA 292 -84.34 -15.41 36.71
C SER EA 292 -85.82 -15.70 36.59
N GLU EA 293 -86.53 -15.71 37.72
CA GLU EA 293 -87.94 -16.02 37.71
C GLU EA 293 -88.68 -15.11 38.66
N TYR EA 294 -90.01 -15.10 38.52
CA TYR EA 294 -90.91 -14.32 39.35
C TYR EA 294 -91.88 -15.26 40.04
N VAL EA 295 -92.12 -15.04 41.33
CA VAL EA 295 -93.00 -15.90 42.12
C VAL EA 295 -94.01 -15.03 42.85
N TYR EA 296 -95.26 -15.49 42.88
CA TYR EA 296 -96.32 -14.79 43.60
C TYR EA 296 -96.52 -15.34 45.01
N GLN EA 297 -96.91 -16.62 45.11
CA GLN EA 297 -97.17 -17.27 46.38
C GLN EA 297 -96.80 -18.74 46.24
N PRO EA 298 -96.43 -19.39 47.33
CA PRO EA 298 -96.18 -20.83 47.28
C PRO EA 298 -97.42 -21.64 47.64
N GLU EA 299 -97.48 -22.84 47.09
CA GLU EA 299 -98.61 -23.74 47.32
C GLU EA 299 -98.12 -25.17 47.51
N GLY EA 300 -98.78 -25.90 48.41
CA GLY EA 300 -98.51 -27.30 48.60
C GLY EA 300 -97.13 -27.64 49.09
N SER EA 301 -96.44 -26.69 49.74
CA SER EA 301 -95.09 -26.84 50.28
C SER EA 301 -94.05 -27.11 49.20
N VAL EA 302 -94.45 -27.17 47.93
CA VAL EA 302 -93.53 -27.31 46.81
C VAL EA 302 -94.10 -26.50 45.66
N SER EA 303 -93.37 -25.49 45.23
CA SER EA 303 -93.84 -24.61 44.17
C SER EA 303 -93.48 -25.20 42.81
N VAL EA 304 -93.72 -24.43 41.75
CA VAL EA 304 -93.42 -24.88 40.39
C VAL EA 304 -92.38 -24.01 39.71
N ILE EA 305 -92.18 -22.77 40.16
CA ILE EA 305 -91.17 -21.91 39.56
C ILE EA 305 -90.66 -20.91 40.59
N LEU FA 19 36.29 3.09 -5.75
CA LEU FA 19 35.31 2.66 -6.75
C LEU FA 19 33.95 2.49 -6.11
N ALA FA 20 32.92 3.06 -6.74
CA ALA FA 20 31.54 2.92 -6.28
C ALA FA 20 30.78 1.90 -7.11
N GLY FA 21 31.48 1.07 -7.88
CA GLY FA 21 30.85 0.09 -8.75
C GLY FA 21 30.70 -1.27 -8.12
N LEU FA 22 31.76 -1.74 -7.46
CA LEU FA 22 31.71 -3.07 -6.83
C LEU FA 22 30.77 -3.08 -5.64
N ASP FA 23 30.94 -2.13 -4.72
CA ASP FA 23 30.13 -2.12 -3.51
C ASP FA 23 28.65 -1.93 -3.84
N THR FA 24 28.35 -1.05 -4.78
CA THR FA 24 26.96 -0.82 -5.15
C THR FA 24 26.31 -2.08 -5.68
N ALA FA 25 27.08 -2.89 -6.43
CA ALA FA 25 26.54 -4.14 -6.93
C ALA FA 25 26.23 -5.10 -5.78
N ILE FA 26 27.08 -5.11 -4.76
CA ILE FA 26 26.81 -5.95 -3.59
C ILE FA 26 25.71 -5.32 -2.73
N ILE FA 27 25.77 -4.00 -2.54
CA ILE FA 27 24.67 -3.30 -1.87
C ILE FA 27 23.36 -3.58 -2.59
N LEU FA 28 23.39 -3.57 -3.92
CA LEU FA 28 22.21 -3.90 -4.70
C LEU FA 28 21.72 -5.31 -4.38
N ILE FA 29 22.58 -6.30 -4.55
CA ILE FA 29 22.14 -7.68 -4.41
C ILE FA 29 21.79 -7.99 -2.95
N ALA FA 30 22.40 -7.27 -2.02
CA ALA FA 30 22.04 -7.45 -0.62
C ALA FA 30 20.60 -7.02 -0.37
N PHE FA 31 20.14 -6.01 -1.11
CA PHE FA 31 18.78 -5.52 -0.91
C PHE FA 31 17.77 -6.21 -1.80
N ILE FA 32 18.16 -6.62 -3.00
CA ILE FA 32 17.25 -7.36 -3.86
C ILE FA 32 16.92 -8.70 -3.22
N ILE FA 33 17.87 -9.28 -2.50
CA ILE FA 33 17.58 -10.47 -1.70
C ILE FA 33 16.55 -10.14 -0.62
N THR FA 34 16.69 -8.99 0.03
CA THR FA 34 15.77 -8.63 1.09
C THR FA 34 14.36 -8.46 0.55
N ALA FA 35 14.21 -7.81 -0.60
CA ALA FA 35 12.90 -7.66 -1.20
C ALA FA 35 12.28 -9.01 -1.54
N SER FA 36 13.12 -9.98 -1.89
CA SER FA 36 12.61 -11.31 -2.20
C SER FA 36 12.04 -11.99 -0.96
N VAL FA 37 12.76 -11.90 0.16
CA VAL FA 37 12.29 -12.55 1.38
C VAL FA 37 11.04 -11.89 1.91
N LEU FA 38 10.95 -10.55 1.82
CA LEU FA 38 9.75 -9.86 2.26
C LEU FA 38 8.56 -10.20 1.37
N ALA FA 39 8.77 -10.19 0.06
CA ALA FA 39 7.71 -10.58 -0.86
C ALA FA 39 7.28 -12.02 -0.60
N TYR FA 40 8.22 -12.88 -0.21
CA TYR FA 40 7.91 -14.28 0.06
C TYR FA 40 6.87 -14.42 1.16
N VAL FA 41 7.14 -13.79 2.31
CA VAL FA 41 6.21 -13.89 3.43
C VAL FA 41 5.01 -12.98 3.25
N ALA FA 42 5.07 -12.04 2.29
CA ALA FA 42 3.93 -11.17 2.05
C ALA FA 42 2.84 -11.90 1.29
N ILE FA 43 3.16 -12.46 0.13
CA ILE FA 43 2.17 -13.17 -0.66
C ILE FA 43 1.67 -14.41 0.09
N ASN FA 44 2.54 -15.01 0.90
CA ASN FA 44 2.12 -16.15 1.71
C ASN FA 44 1.09 -15.72 2.74
N MET FA 45 1.19 -14.48 3.22
CA MET FA 45 0.23 -13.99 4.19
C MET FA 45 -1.16 -13.87 3.59
N GLY FA 46 -1.27 -13.18 2.46
CA GLY FA 46 -2.56 -13.04 1.83
C GLY FA 46 -3.14 -14.36 1.35
N LEU FA 47 -2.31 -15.17 0.70
CA LEU FA 47 -2.77 -16.45 0.17
C LEU FA 47 -3.38 -17.33 1.25
N PHE FA 48 -2.98 -17.11 2.51
CA PHE FA 48 -3.54 -17.90 3.60
C PHE FA 48 -4.85 -17.29 4.11
N VAL FA 49 -4.82 -16.01 4.46
CA VAL FA 49 -5.96 -15.41 5.17
C VAL FA 49 -7.22 -15.45 4.32
N THR FA 50 -7.10 -15.13 3.02
CA THR FA 50 -8.28 -15.17 2.16
C THR FA 50 -8.85 -16.57 2.09
N GLN FA 51 -8.00 -17.58 2.03
CA GLN FA 51 -8.50 -18.95 2.07
C GLN FA 51 -9.07 -19.29 3.44
N LYS FA 52 -8.45 -18.76 4.51
CA LYS FA 52 -8.98 -18.99 5.85
C LYS FA 52 -10.35 -18.34 6.01
N ALA FA 53 -10.49 -17.09 5.57
CA ALA FA 53 -11.77 -16.42 5.66
C ALA FA 53 -12.81 -17.09 4.78
N LYS FA 54 -12.38 -17.60 3.61
CA LYS FA 54 -13.31 -18.27 2.72
C LYS FA 54 -14.03 -19.41 3.42
N SER FA 55 -13.30 -20.20 4.20
CA SER FA 55 -13.92 -21.26 4.97
C SER FA 55 -14.94 -20.70 5.95
N THR FA 56 -14.60 -19.59 6.60
CA THR FA 56 -15.51 -19.01 7.58
C THR FA 56 -16.75 -18.42 6.92
N ILE FA 57 -16.62 -17.86 5.72
CA ILE FA 57 -17.80 -17.38 5.00
C ILE FA 57 -18.73 -18.54 4.69
N ASN FA 58 -18.18 -19.62 4.12
CA ASN FA 58 -18.97 -20.83 3.91
C ASN FA 58 -19.43 -21.39 5.24
N LYS FA 59 -18.66 -21.16 6.30
CA LYS FA 59 -19.02 -21.67 7.62
C LYS FA 59 -20.28 -20.98 8.16
N GLY FA 60 -20.34 -19.66 8.03
CA GLY FA 60 -21.51 -18.94 8.50
C GLY FA 60 -22.73 -19.16 7.63
N GLU FA 61 -22.51 -19.63 6.40
CA GLU FA 61 -23.63 -19.86 5.48
C GLU FA 61 -24.50 -21.03 5.93
N GLU FA 62 -23.88 -22.06 6.55
CA GLU FA 62 -24.66 -23.22 6.97
C GLU FA 62 -25.62 -22.87 8.09
N THR FA 63 -25.22 -21.94 8.97
CA THR FA 63 -26.12 -21.49 10.03
C THR FA 63 -27.38 -20.83 9.46
N ALA FA 64 -27.27 -20.22 8.29
CA ALA FA 64 -28.42 -19.52 7.71
C ALA FA 64 -29.53 -20.51 7.36
N SER FA 65 -29.18 -21.67 6.83
CA SER FA 65 -30.15 -22.64 6.37
C SER FA 65 -30.15 -23.86 7.29
N THR FA 66 -30.93 -23.79 8.37
CA THR FA 66 -31.19 -24.97 9.20
C THR FA 66 -32.67 -25.34 9.23
N ALA FA 67 -33.53 -24.42 9.67
CA ALA FA 67 -34.97 -24.46 9.39
C ALA FA 67 -35.64 -25.75 9.92
N LEU FA 68 -35.68 -25.84 11.24
CA LEU FA 68 -36.42 -26.90 11.92
C LEU FA 68 -37.70 -26.35 12.54
N THR FA 69 -38.81 -27.07 12.36
CA THR FA 69 -40.10 -26.59 12.83
C THR FA 69 -40.80 -27.61 13.71
N LEU FA 70 -42.08 -27.34 14.03
CA LEU FA 70 -42.90 -28.23 14.85
C LEU FA 70 -44.09 -28.69 14.02
N SER FA 71 -44.18 -30.00 13.80
CA SER FA 71 -45.31 -30.59 13.09
C SER FA 71 -46.18 -31.37 14.07
N GLY FA 72 -47.24 -31.97 13.54
CA GLY FA 72 -48.13 -32.75 14.38
C GLY FA 72 -48.81 -31.89 15.43
N SER FA 73 -48.96 -32.46 16.62
CA SER FA 73 -49.57 -31.75 17.73
C SER FA 73 -48.96 -32.25 19.03
N VAL FA 74 -49.35 -31.63 20.13
CA VAL FA 74 -48.88 -32.00 21.46
C VAL FA 74 -49.96 -32.78 22.18
N LEU FA 75 -49.59 -33.93 22.73
CA LEU FA 75 -50.50 -34.78 23.49
C LEU FA 75 -49.93 -34.98 24.88
N TYR FA 76 -50.77 -34.79 25.89
CA TYR FA 76 -50.32 -34.83 27.29
C TYR FA 76 -51.29 -35.71 28.08
N ALA FA 77 -50.87 -36.92 28.40
CA ALA FA 77 -51.70 -37.86 29.13
C ALA FA 77 -51.49 -37.69 30.63
N VAL FA 78 -52.51 -38.05 31.40
CA VAL FA 78 -52.53 -37.80 32.83
C VAL FA 78 -53.62 -38.67 33.43
N ASN FA 79 -53.46 -39.03 34.71
CA ASN FA 79 -54.45 -39.85 35.38
C ASN FA 79 -55.78 -39.11 35.46
N TYR FA 80 -56.82 -39.72 34.88
CA TYR FA 80 -58.09 -39.01 34.73
C TYR FA 80 -58.82 -38.82 36.06
N PRO FA 81 -59.14 -39.87 36.84
CA PRO FA 81 -60.03 -39.67 37.98
C PRO FA 81 -59.46 -38.74 39.03
N SER FA 82 -58.27 -39.05 39.53
CA SER FA 82 -57.58 -38.21 40.51
C SER FA 82 -56.42 -37.54 39.79
N ASN FA 83 -56.64 -36.31 39.33
CA ASN FA 83 -55.64 -35.58 38.55
C ASN FA 83 -54.52 -35.17 39.50
N THR FA 84 -53.64 -36.12 39.78
CA THR FA 84 -52.51 -35.90 40.68
C THR FA 84 -51.15 -36.23 40.08
N ARG FA 85 -51.08 -37.08 39.06
CA ARG FA 85 -49.81 -37.48 38.48
C ARG FA 85 -49.86 -37.37 36.96
N SER FA 86 -48.81 -36.79 36.38
CA SER FA 86 -48.69 -36.65 34.93
C SER FA 86 -47.85 -37.78 34.37
N TYR FA 87 -48.22 -38.26 33.18
CA TYR FA 87 -47.62 -39.46 32.63
C TYR FA 87 -46.55 -39.17 31.58
N TRP FA 88 -46.91 -38.48 30.49
CA TRP FA 88 -45.95 -38.26 29.42
C TRP FA 88 -46.44 -37.15 28.51
N ILE FA 89 -45.56 -36.73 27.60
CA ILE FA 89 -45.85 -35.70 26.61
C ILE FA 89 -45.22 -36.13 25.29
N TYR FA 90 -46.03 -36.20 24.24
CA TYR FA 90 -45.57 -36.66 22.94
C TYR FA 90 -45.94 -35.64 21.88
N PHE FA 91 -44.97 -35.28 21.06
CA PHE FA 91 -45.19 -34.37 19.95
C PHE FA 91 -44.08 -34.58 18.93
N THR FA 92 -44.44 -34.57 17.66
CA THR FA 92 -43.43 -34.78 16.62
C THR FA 92 -42.82 -33.46 16.19
N VAL FA 93 -41.62 -33.54 15.64
CA VAL FA 93 -40.85 -32.38 15.21
C VAL FA 93 -40.16 -32.74 13.91
N SER FA 94 -40.21 -31.83 12.94
CA SER FA 94 -39.66 -32.10 11.62
C SER FA 94 -39.02 -30.83 11.09
N PRO FA 95 -38.11 -30.93 10.13
CA PRO FA 95 -37.64 -29.74 9.44
C PRO FA 95 -38.82 -29.03 8.77
N SER FA 96 -38.63 -27.72 8.54
CA SER FA 96 -39.73 -26.93 7.98
C SER FA 96 -39.93 -27.24 6.51
N SER FA 97 -38.87 -27.16 5.71
CA SER FA 97 -38.98 -27.35 4.28
C SER FA 97 -37.70 -28.00 3.79
N GLY FA 98 -37.51 -28.02 2.48
CA GLY FA 98 -36.35 -28.66 1.89
C GLY FA 98 -35.13 -27.77 1.89
N VAL FA 99 -34.49 -27.63 3.04
CA VAL FA 99 -33.26 -26.85 3.17
C VAL FA 99 -32.02 -27.76 3.26
N SER FA 100 -31.98 -28.64 4.26
CA SER FA 100 -30.85 -29.53 4.50
C SER FA 100 -31.22 -30.41 5.69
N SER FA 101 -30.37 -31.41 5.93
CA SER FA 101 -30.58 -32.29 7.07
C SER FA 101 -30.19 -31.60 8.36
N VAL FA 102 -30.89 -31.94 9.44
CA VAL FA 102 -30.59 -31.43 10.77
C VAL FA 102 -30.17 -32.59 11.65
N GLU FA 103 -29.27 -32.31 12.59
CA GLU FA 103 -28.68 -33.33 13.45
C GLU FA 103 -29.32 -33.28 14.83
N LEU FA 104 -30.02 -34.34 15.19
CA LEU FA 104 -30.72 -34.43 16.48
C LEU FA 104 -30.00 -35.37 17.44
N SER FA 105 -28.68 -35.38 17.41
CA SER FA 105 -27.93 -36.30 18.25
C SER FA 105 -28.19 -35.99 19.73
N PRO FA 106 -28.30 -37.01 20.58
CA PRO FA 106 -28.61 -36.76 21.99
C PRO FA 106 -27.44 -36.20 22.79
N SER FA 107 -26.28 -36.03 22.17
CA SER FA 107 -25.11 -35.51 22.85
C SER FA 107 -24.92 -34.02 22.64
N THR FA 108 -25.31 -33.50 21.49
CA THR FA 108 -25.11 -32.09 21.17
C THR FA 108 -26.36 -31.24 21.34
N THR FA 109 -27.54 -31.84 21.34
CA THR FA 109 -28.79 -31.10 21.42
C THR FA 109 -29.40 -31.25 22.81
N ALA FA 110 -30.05 -30.18 23.27
CA ALA FA 110 -30.66 -30.12 24.58
C ALA FA 110 -32.15 -29.88 24.45
N ILE FA 111 -32.92 -30.50 25.33
CA ILE FA 111 -34.38 -30.36 25.33
C ILE FA 111 -34.77 -29.95 26.74
N SER FA 112 -34.89 -28.66 26.98
CA SER FA 112 -35.22 -28.17 28.31
C SER FA 112 -36.73 -28.24 28.53
N PHE FA 113 -37.12 -28.13 29.80
CA PHE FA 113 -38.53 -28.19 30.19
C PHE FA 113 -38.72 -27.32 31.41
N THR FA 114 -39.59 -26.32 31.31
CA THR FA 114 -39.82 -25.39 32.40
C THR FA 114 -41.32 -25.20 32.63
N ALA FA 115 -41.66 -24.92 33.88
CA ALA FA 115 -43.02 -24.55 34.27
C ALA FA 115 -42.87 -23.50 35.37
N SER FA 116 -42.92 -22.23 34.97
CA SER FA 116 -42.59 -21.15 35.90
C SER FA 116 -43.57 -21.07 37.06
N ALA FA 117 -44.80 -21.53 36.87
CA ALA FA 117 -45.82 -21.39 37.91
C ALA FA 117 -45.45 -22.19 39.16
N GLU FA 118 -44.69 -23.27 39.00
CA GLU FA 118 -44.34 -24.13 40.13
C GLU FA 118 -42.83 -24.18 40.36
N GLY FA 119 -42.09 -23.20 39.86
CA GLY FA 119 -40.66 -23.15 40.10
C GLY FA 119 -39.90 -24.33 39.55
N ILE FA 120 -40.39 -24.94 38.49
CA ILE FA 120 -39.75 -26.10 37.87
C ILE FA 120 -38.99 -25.63 36.64
N SER FA 121 -37.72 -26.03 36.53
CA SER FA 121 -36.91 -25.68 35.37
C SER FA 121 -35.85 -26.75 35.19
N TYR FA 122 -36.01 -27.60 34.19
CA TYR FA 122 -35.06 -28.64 33.86
C TYR FA 122 -34.33 -28.28 32.58
N SER FA 123 -33.18 -28.92 32.39
CA SER FA 123 -32.32 -28.61 31.25
C SER FA 123 -31.71 -29.88 30.72
N ASN FA 124 -31.80 -30.07 29.40
CA ASN FA 124 -31.20 -31.20 28.70
C ASN FA 124 -31.67 -32.53 29.30
N ILE FA 125 -32.97 -32.78 29.13
CA ILE FA 125 -33.55 -34.05 29.54
C ILE FA 125 -33.53 -35.01 28.35
N TYR FA 126 -32.74 -34.67 27.34
CA TYR FA 126 -32.56 -35.51 26.17
C TYR FA 126 -31.41 -36.47 26.42
N GLU FA 127 -31.70 -37.77 26.44
CA GLU FA 127 -30.68 -38.77 26.71
C GLU FA 127 -30.49 -39.76 25.58
N TYR FA 128 -31.56 -40.37 25.10
CA TYR FA 128 -31.48 -41.49 24.17
C TYR FA 128 -32.23 -41.18 22.88
N THR FA 129 -32.02 -42.05 21.89
CA THR FA 129 -32.67 -41.89 20.60
C THR FA 129 -32.61 -43.21 19.86
N LEU FA 130 -33.77 -43.65 19.34
CA LEU FA 130 -33.83 -44.88 18.55
C LEU FA 130 -33.41 -44.66 17.11
N LEU FA 131 -32.98 -43.45 16.76
CA LEU FA 131 -32.53 -43.20 15.39
C LEU FA 131 -31.25 -43.95 15.07
N THR FA 132 -30.49 -44.32 16.10
CA THR FA 132 -29.20 -44.98 15.89
C THR FA 132 -29.31 -46.49 15.76
N VAL FA 133 -30.32 -47.10 16.37
CA VAL FA 133 -30.43 -48.56 16.40
C VAL FA 133 -31.01 -49.05 15.08
N SER FA 134 -30.35 -50.05 14.49
CA SER FA 134 -30.83 -50.62 13.24
C SER FA 134 -32.01 -51.55 13.51
N PRO FA 135 -32.94 -51.67 12.57
CA PRO FA 135 -34.11 -52.53 12.79
C PRO FA 135 -33.78 -54.02 12.87
N SER FA 136 -32.58 -54.42 12.46
CA SER FA 136 -32.24 -55.84 12.45
C SER FA 136 -32.22 -56.40 13.87
N GLU FA 137 -31.40 -55.83 14.73
CA GLU FA 137 -31.21 -56.35 16.08
C GLU FA 137 -32.39 -56.07 17.00
N LEU FA 138 -33.53 -55.65 16.47
CA LEU FA 138 -34.67 -55.29 17.30
C LEU FA 138 -35.95 -56.05 16.94
N ALA FA 139 -36.10 -56.48 15.69
CA ALA FA 139 -37.37 -57.02 15.24
C ALA FA 139 -37.65 -58.39 15.82
N ASN FA 140 -36.62 -59.21 15.97
CA ASN FA 140 -36.84 -60.63 16.27
C ASN FA 140 -37.13 -60.87 17.75
N GLN FA 141 -36.34 -60.29 18.65
CA GLN FA 141 -36.34 -60.68 20.06
C GLN FA 141 -37.33 -59.84 20.85
N VAL FA 142 -38.61 -60.14 20.66
CA VAL FA 142 -39.66 -59.69 21.58
C VAL FA 142 -40.87 -60.59 21.37
N TYR FA 143 -41.45 -61.07 22.47
CA TYR FA 143 -42.48 -62.11 22.42
C TYR FA 143 -43.55 -61.79 23.44
N ALA FA 144 -44.78 -61.55 22.97
CA ALA FA 144 -45.89 -61.22 23.86
C ALA FA 144 -46.71 -62.45 24.22
N ASN FA 145 -47.31 -63.10 23.22
CA ASN FA 145 -48.12 -64.28 23.48
C ASN FA 145 -48.24 -65.08 22.19
N GLY FA 146 -47.57 -66.24 22.14
CA GLY FA 146 -47.66 -67.13 21.01
C GLY FA 146 -46.93 -66.69 19.77
N GLN FA 147 -46.47 -65.44 19.70
CA GLN FA 147 -45.80 -64.96 18.50
C GLN FA 147 -44.90 -63.80 18.84
N TYR FA 148 -43.89 -63.59 18.00
CA TYR FA 148 -42.97 -62.47 18.14
C TYR FA 148 -43.51 -61.29 17.35
N LEU FA 149 -44.00 -60.27 18.05
CA LEU FA 149 -44.61 -59.11 17.42
C LEU FA 149 -43.52 -58.19 16.89
N ASP FA 150 -43.66 -57.77 15.63
CA ASP FA 150 -42.69 -56.88 15.02
C ASP FA 150 -42.98 -55.44 15.44
N LEU FA 151 -41.92 -54.73 15.83
CA LEU FA 151 -42.07 -53.38 16.35
C LEU FA 151 -41.94 -52.32 15.25
N VAL FA 152 -40.91 -52.43 14.42
CA VAL FA 152 -40.58 -51.41 13.44
C VAL FA 152 -40.97 -51.91 12.05
N ASN FA 153 -41.61 -51.05 11.28
CA ASN FA 153 -41.92 -51.31 9.88
C ASN FA 153 -40.92 -50.59 8.98
N GLN FA 154 -40.83 -51.05 7.73
CA GLN FA 154 -39.85 -50.50 6.82
C GLN FA 154 -40.32 -50.70 5.38
N GLN FA 155 -40.33 -49.62 4.61
CA GLN FA 155 -40.65 -49.68 3.19
C GLN FA 155 -39.39 -49.51 2.37
N THR FA 156 -39.42 -50.03 1.15
CA THR FA 156 -38.34 -49.87 0.20
C THR FA 156 -38.83 -49.04 -0.98
N ASN FA 157 -38.04 -48.05 -1.37
CA ASN FA 157 -38.43 -47.15 -2.45
C ASN FA 157 -37.22 -46.35 -2.93
N ALA FA 158 -37.01 -46.33 -4.25
CA ALA FA 158 -35.96 -45.54 -4.89
C ALA FA 158 -34.57 -45.96 -4.43
N GLY FA 159 -34.47 -47.04 -3.67
CA GLY FA 159 -33.19 -47.54 -3.23
C GLY FA 159 -33.01 -47.49 -1.73
N GLN FA 160 -33.45 -46.41 -1.10
CA GLN FA 160 -33.29 -46.24 0.34
C GLN FA 160 -34.44 -46.91 1.08
N THR FA 161 -34.10 -47.78 2.03
CA THR FA 161 -35.12 -48.48 2.80
C THR FA 161 -35.51 -47.62 4.00
N TYR FA 162 -36.65 -46.94 3.88
CA TYR FA 162 -37.12 -46.08 4.96
C TYR FA 162 -37.64 -46.94 6.11
N VAL FA 163 -37.39 -46.48 7.34
CA VAL FA 163 -37.88 -47.15 8.53
C VAL FA 163 -38.61 -46.14 9.39
N TYR FA 164 -39.59 -46.62 10.14
CA TYR FA 164 -40.38 -45.75 11.00
C TYR FA 164 -41.08 -46.61 12.05
N TYR FA 165 -41.66 -45.95 13.04
CA TYR FA 165 -42.33 -46.63 14.14
C TYR FA 165 -43.82 -46.38 14.06
N PRO FA 166 -44.63 -47.39 13.74
CA PRO FA 166 -46.08 -47.15 13.58
C PRO FA 166 -46.82 -46.87 14.87
N ASN FA 167 -46.15 -46.81 16.02
CA ASN FA 167 -46.87 -46.57 17.26
C ASN FA 167 -45.93 -46.04 18.31
N PRO FA 168 -46.36 -45.11 19.16
CA PRO FA 168 -45.50 -44.66 20.26
C PRO FA 168 -45.25 -45.74 21.29
N TYR FA 169 -46.19 -46.67 21.47
CA TYR FA 169 -45.99 -47.76 22.42
C TYR FA 169 -44.96 -48.76 21.90
N TYR FA 170 -44.96 -49.01 20.59
CA TYR FA 170 -43.88 -49.81 20.00
C TYR FA 170 -42.54 -49.11 20.18
N ALA FA 171 -42.55 -47.77 20.10
CA ALA FA 171 -41.33 -47.03 20.38
C ALA FA 171 -40.93 -47.17 21.84
N LEU FA 172 -41.90 -47.31 22.74
CA LEU FA 172 -41.60 -47.52 24.13
C LEU FA 172 -40.96 -48.89 24.34
N LEU FA 173 -41.57 -49.94 23.81
CA LEU FA 173 -41.03 -51.28 23.96
C LEU FA 173 -39.66 -51.39 23.31
N ALA FA 174 -39.45 -50.64 22.22
CA ALA FA 174 -38.13 -50.65 21.58
C ALA FA 174 -37.07 -50.07 22.50
N LEU FA 175 -37.46 -49.16 23.38
CA LEU FA 175 -36.50 -48.57 24.31
C LEU FA 175 -36.25 -49.50 25.49
N ASN FA 176 -37.24 -50.32 25.86
CA ASN FA 176 -37.03 -51.29 26.92
C ASN FA 176 -35.94 -52.28 26.55
N TYR FA 177 -35.95 -52.74 25.30
CA TYR FA 177 -34.94 -53.67 24.85
C TYR FA 177 -33.62 -52.95 24.58
N THR FA 178 -33.70 -51.73 24.08
CA THR FA 178 -32.48 -50.98 23.75
C THR FA 178 -31.62 -50.75 24.98
N LEU FA 179 -32.21 -50.11 26.00
CA LEU FA 179 -31.46 -49.84 27.22
C LEU FA 179 -31.02 -51.10 27.94
N SER FA 180 -31.59 -52.25 27.59
CA SER FA 180 -31.24 -53.50 28.27
C SER FA 180 -30.07 -54.20 27.58
N LYS FA 181 -30.18 -54.42 26.28
CA LYS FA 181 -29.20 -55.21 25.54
C LYS FA 181 -28.40 -54.43 24.51
N ILE FA 182 -28.99 -53.42 23.88
CA ILE FA 182 -28.29 -52.71 22.81
C ILE FA 182 -27.15 -51.90 23.38
N ASP FA 183 -27.45 -50.94 24.26
CA ASP FA 183 -26.43 -50.14 24.93
C ASP FA 183 -26.50 -50.48 26.42
N LYS FA 184 -25.61 -51.36 26.85
CA LYS FA 184 -25.62 -51.83 28.22
C LYS FA 184 -25.34 -50.70 29.19
N VAL FA 185 -26.35 -50.33 29.97
CA VAL FA 185 -26.21 -49.37 31.06
C VAL FA 185 -26.60 -50.05 32.36
N SER FA 186 -25.86 -49.75 33.43
CA SER FA 186 -26.17 -50.40 34.71
C SER FA 186 -27.43 -49.82 35.34
N PRO FA 187 -27.63 -48.50 35.45
CA PRO FA 187 -28.95 -48.02 35.84
C PRO FA 187 -29.83 -47.75 34.62
N SER FA 188 -31.03 -48.32 34.59
CA SER FA 188 -31.91 -48.11 33.46
C SER FA 188 -33.09 -47.25 33.89
N PRO FA 189 -33.33 -46.12 33.21
CA PRO FA 189 -34.45 -45.25 33.60
C PRO FA 189 -35.82 -45.79 33.23
N LEU FA 190 -35.89 -46.90 32.50
CA LEU FA 190 -37.15 -47.46 32.06
C LEU FA 190 -37.17 -48.95 32.36
N TYR FA 191 -38.37 -49.46 32.68
CA TYR FA 191 -38.54 -50.88 32.94
C TYR FA 191 -39.99 -51.23 32.60
N ILE FA 192 -40.20 -51.80 31.42
CA ILE FA 192 -41.52 -52.17 30.95
C ILE FA 192 -41.69 -53.66 31.18
N THR FA 193 -42.46 -54.01 32.21
CA THR FA 193 -42.71 -55.41 32.56
C THR FA 193 -44.18 -55.73 32.38
N THR FA 194 -44.46 -57.02 32.21
CA THR FA 194 -45.82 -57.50 32.04
C THR FA 194 -46.38 -58.15 33.29
N THR FA 195 -45.57 -58.32 34.32
CA THR FA 195 -46.04 -58.94 35.55
C THR FA 195 -46.96 -57.99 36.30
N THR FA 196 -47.62 -58.53 37.33
CA THR FA 196 -48.45 -57.71 38.19
C THR FA 196 -47.59 -56.59 38.80
N PRO FA 197 -48.09 -55.35 38.83
CA PRO FA 197 -47.28 -54.27 39.41
C PRO FA 197 -46.88 -54.53 40.85
N SER FA 198 -47.81 -55.01 41.68
CA SER FA 198 -47.47 -55.34 43.05
C SER FA 198 -46.41 -56.43 43.12
N SER FA 199 -46.45 -57.37 42.17
CA SER FA 199 -45.46 -58.44 42.15
C SER FA 199 -44.08 -57.90 41.83
N ALA FA 200 -43.99 -56.93 40.91
CA ALA FA 200 -42.70 -56.34 40.58
C ALA FA 200 -42.07 -55.66 41.78
N THR FA 201 -42.89 -55.05 42.64
CA THR FA 201 -42.37 -54.45 43.86
C THR FA 201 -41.80 -55.51 44.80
N GLN FA 202 -42.37 -56.71 44.79
CA GLN FA 202 -41.87 -57.77 45.66
C GLN FA 202 -40.51 -58.27 45.19
N ILE FA 203 -40.42 -58.65 43.91
CA ILE FA 203 -39.15 -59.17 43.40
C ILE FA 203 -38.11 -58.06 43.29
N TYR FA 204 -38.54 -56.84 42.98
CA TYR FA 204 -37.63 -55.71 42.85
C TYR FA 204 -38.11 -54.59 43.76
N PRO FA 205 -37.34 -54.20 44.78
CA PRO FA 205 -37.81 -53.17 45.71
C PRO FA 205 -37.93 -51.80 45.08
N PHE FA 206 -36.90 -51.38 44.34
CA PHE FA 206 -36.83 -50.01 43.84
C PHE FA 206 -37.84 -49.71 42.76
N LEU FA 207 -38.56 -50.71 42.24
CA LEU FA 207 -39.60 -50.44 41.27
C LEU FA 207 -40.83 -49.78 41.88
N ALA FA 208 -40.83 -49.49 43.17
CA ALA FA 208 -41.99 -48.89 43.81
C ALA FA 208 -41.95 -47.37 43.81
N HIS FA 209 -40.75 -46.78 43.91
CA HIS FA 209 -40.65 -45.33 43.98
C HIS FA 209 -41.03 -44.68 42.65
N ASP FA 210 -40.76 -45.36 41.54
CA ASP FA 210 -41.04 -44.80 40.23
C ASP FA 210 -42.55 -44.64 40.02
N ASN FA 211 -42.90 -43.79 39.07
CA ASN FA 211 -44.29 -43.62 38.67
C ASN FA 211 -44.57 -44.47 37.44
N MET FA 212 -45.77 -45.02 37.37
CA MET FA 212 -46.13 -45.99 36.36
C MET FA 212 -47.26 -45.48 35.47
N PHE FA 213 -47.29 -45.96 34.23
CA PHE FA 213 -48.42 -45.77 33.35
C PHE FA 213 -48.55 -47.01 32.47
N THR FA 214 -49.76 -47.52 32.35
CA THR FA 214 -50.02 -48.80 31.74
C THR FA 214 -50.61 -48.61 30.34
N PHE FA 215 -50.10 -49.37 29.38
CA PHE FA 215 -50.64 -49.38 28.03
C PHE FA 215 -50.86 -50.83 27.62
N THR FA 216 -52.07 -51.14 27.18
CA THR FA 216 -52.45 -52.50 26.83
C THR FA 216 -52.50 -52.67 25.32
N LEU FA 217 -52.36 -53.92 24.88
CA LEU FA 217 -52.38 -54.23 23.46
C LEU FA 217 -53.32 -55.39 23.18
N ASN FA 218 -53.30 -55.88 21.94
CA ASN FA 218 -54.16 -57.00 21.54
C ASN FA 218 -53.38 -57.83 20.55
N ILE FA 219 -52.88 -58.98 20.99
CA ILE FA 219 -52.13 -59.90 20.14
C ILE FA 219 -52.84 -61.24 20.14
N SER FA 220 -53.22 -61.70 18.95
CA SER FA 220 -53.95 -62.96 18.79
C SER FA 220 -55.21 -62.99 19.67
N GLY FA 221 -55.91 -61.85 19.69
CA GLY FA 221 -57.14 -61.75 20.46
C GLY FA 221 -56.95 -61.74 21.96
N THR FA 222 -55.73 -61.56 22.45
CA THR FA 222 -55.43 -61.56 23.88
C THR FA 222 -55.02 -60.16 24.31
N LEU FA 223 -55.76 -59.59 25.25
CA LEU FA 223 -55.50 -58.22 25.73
C LEU FA 223 -54.31 -58.27 26.67
N VAL FA 224 -53.12 -58.24 26.10
CA VAL FA 224 -51.89 -58.22 26.89
C VAL FA 224 -51.68 -56.83 27.47
N THR FA 225 -51.30 -56.77 28.74
CA THR FA 225 -51.05 -55.51 29.42
C THR FA 225 -49.55 -55.33 29.67
N TYR FA 226 -49.14 -54.07 29.77
CA TYR FA 226 -47.76 -53.72 30.08
C TYR FA 226 -47.75 -52.62 31.12
N TYR FA 227 -46.64 -52.52 31.84
CA TYR FA 227 -46.47 -51.52 32.88
C TYR FA 227 -45.12 -50.84 32.68
N ALA FA 228 -45.13 -49.52 32.59
CA ALA FA 228 -43.93 -48.74 32.32
C ALA FA 228 -43.56 -47.92 33.56
N PHE FA 229 -42.33 -48.10 34.03
CA PHE FA 229 -41.82 -47.39 35.19
C PHE FA 229 -40.69 -46.45 34.77
N VAL FA 230 -40.66 -45.27 35.38
CA VAL FA 230 -39.67 -44.26 35.06
C VAL FA 230 -39.12 -43.68 36.36
N ASN FA 231 -37.80 -43.62 36.49
CA ASN FA 231 -37.17 -43.14 37.71
C ASN FA 231 -36.71 -41.69 37.62
N GLN FA 232 -36.69 -41.10 36.44
CA GLN FA 232 -36.25 -39.72 36.30
C GLN FA 232 -36.80 -39.16 34.99
N THR FA 233 -37.06 -37.86 34.99
CA THR FA 233 -37.65 -37.21 33.82
C THR FA 233 -36.63 -37.15 32.69
N PHE FA 234 -36.91 -37.89 31.61
CA PHE FA 234 -36.04 -37.89 30.45
C PHE FA 234 -36.89 -37.91 29.19
N ALA FA 235 -36.22 -37.79 28.04
CA ALA FA 235 -36.91 -37.73 26.76
C ALA FA 235 -36.05 -38.39 25.70
N PHE FA 236 -36.71 -38.87 24.64
CA PHE FA 236 -36.02 -39.55 23.56
C PHE FA 236 -36.72 -39.24 22.24
N THR FA 237 -36.02 -39.53 21.15
CA THR FA 237 -36.51 -39.27 19.80
C THR FA 237 -36.45 -40.55 18.98
N TYR FA 238 -37.50 -40.79 18.19
CA TYR FA 238 -37.57 -41.96 17.33
C TYR FA 238 -38.15 -41.55 15.99
N PRO FA 239 -37.72 -42.19 14.90
CA PRO FA 239 -38.22 -41.79 13.57
C PRO FA 239 -39.69 -42.15 13.41
N VAL FA 240 -40.37 -41.35 12.60
CA VAL FA 240 -41.79 -41.60 12.32
C VAL FA 240 -42.15 -41.51 10.85
N ALA FA 241 -41.32 -40.92 10.00
CA ALA FA 241 -41.64 -40.82 8.58
C ALA FA 241 -40.40 -40.38 7.81
N GLY FA 242 -40.26 -40.93 6.62
CA GLY FA 242 -39.25 -40.50 5.66
C GLY FA 242 -37.85 -40.33 6.19
N ASP FA 243 -37.37 -41.30 6.99
CA ASP FA 243 -36.03 -41.26 7.57
C ASP FA 243 -35.22 -42.42 7.03
N PRO FA 244 -34.64 -42.28 5.84
CA PRO FA 244 -33.77 -43.34 5.33
C PRO FA 244 -32.41 -43.40 5.99
N LEU FA 245 -32.04 -42.38 6.77
CA LEU FA 245 -30.73 -42.33 7.40
C LEU FA 245 -30.79 -42.92 8.81
N ILE FA 246 -31.26 -44.17 8.88
CA ILE FA 246 -31.31 -44.87 10.15
C ILE FA 246 -29.90 -45.19 10.60
N GLY FA 247 -29.64 -45.07 11.90
CA GLY FA 247 -28.32 -45.27 12.44
C GLY FA 247 -27.42 -44.05 12.38
N SER FA 248 -27.89 -42.93 11.83
CA SER FA 248 -27.08 -41.73 11.71
C SER FA 248 -27.50 -40.62 12.67
N ALA FA 249 -28.72 -40.68 13.22
CA ALA FA 249 -29.21 -39.69 14.16
C ALA FA 249 -29.22 -38.28 13.57
N ILE FA 250 -29.51 -38.16 12.28
CA ILE FA 250 -29.64 -36.87 11.62
C ILE FA 250 -30.91 -36.90 10.79
N ALA FA 251 -31.84 -35.98 11.09
CA ALA FA 251 -33.10 -35.94 10.38
C ALA FA 251 -32.91 -35.27 9.02
N PRO FA 252 -33.16 -35.95 7.91
CA PRO FA 252 -33.01 -35.32 6.60
C PRO FA 252 -34.14 -34.33 6.34
N ALA FA 253 -34.02 -33.64 5.21
CA ALA FA 253 -35.00 -32.64 4.85
C ALA FA 253 -36.33 -33.28 4.49
N GLY FA 254 -37.42 -32.68 4.97
CA GLY FA 254 -38.74 -33.19 4.71
C GLY FA 254 -39.12 -34.35 5.60
N SER FA 255 -38.13 -34.97 6.24
CA SER FA 255 -38.40 -36.07 7.14
C SER FA 255 -39.18 -35.58 8.35
N VAL FA 256 -39.76 -36.52 9.08
CA VAL FA 256 -40.51 -36.23 10.29
C VAL FA 256 -39.95 -37.08 11.42
N ILE FA 257 -39.85 -36.50 12.60
CA ILE FA 257 -39.23 -37.16 13.74
C ILE FA 257 -40.15 -37.02 14.95
N GLY FA 258 -40.26 -38.09 15.74
CA GLY FA 258 -41.05 -38.05 16.95
C GLY FA 258 -40.23 -37.67 18.16
N VAL FA 259 -40.93 -37.19 19.19
CA VAL FA 259 -40.32 -36.80 20.46
C VAL FA 259 -41.27 -37.19 21.57
N MET FA 260 -40.76 -37.86 22.60
CA MET FA 260 -41.57 -38.26 23.75
C MET FA 260 -40.85 -37.89 25.03
N ILE FA 261 -41.59 -37.31 25.96
CA ILE FA 261 -41.06 -36.90 27.27
C ILE FA 261 -41.76 -37.75 28.32
N LEU FA 262 -40.97 -38.43 29.15
CA LEU FA 262 -41.51 -39.28 30.21
C LEU FA 262 -41.27 -38.62 31.56
N PHE FA 263 -42.34 -38.48 32.33
CA PHE FA 263 -42.29 -37.75 33.59
C PHE FA 263 -41.80 -38.67 34.70
N GLY FA 264 -40.72 -38.27 35.36
CA GLY FA 264 -40.20 -39.02 36.48
C GLY FA 264 -41.07 -38.87 37.71
N PRO FA 265 -40.61 -39.40 38.84
CA PRO FA 265 -41.39 -39.27 40.07
C PRO FA 265 -41.27 -37.89 40.69
N ASP FA 266 -40.15 -37.22 40.44
CA ASP FA 266 -39.92 -35.90 41.03
C ASP FA 266 -40.90 -34.89 40.47
N LEU FA 267 -41.05 -34.84 39.15
CA LEU FA 267 -41.89 -33.85 38.48
C LEU FA 267 -43.26 -34.39 38.09
N GLY FA 268 -43.35 -35.67 37.73
CA GLY FA 268 -44.62 -36.23 37.30
C GLY FA 268 -45.69 -36.28 38.37
N SER FA 269 -45.36 -35.90 39.60
CA SER FA 269 -46.34 -35.89 40.69
C SER FA 269 -47.20 -34.63 40.68
N HIS FA 270 -47.14 -33.82 39.63
CA HIS FA 270 -47.91 -32.60 39.54
C HIS FA 270 -48.73 -32.61 38.25
N VAL FA 271 -49.81 -31.82 38.26
CA VAL FA 271 -50.64 -31.61 37.09
C VAL FA 271 -50.69 -30.12 36.79
N PHE FA 272 -50.33 -29.75 35.58
CA PHE FA 272 -50.22 -28.36 35.18
C PHE FA 272 -51.62 -27.79 35.01
N GLN FA 273 -52.04 -26.97 35.97
CA GLN FA 273 -53.35 -26.32 35.95
C GLN FA 273 -53.15 -24.82 35.91
N TYR FA 274 -53.70 -24.18 34.88
CA TYR FA 274 -53.60 -22.73 34.70
C TYR FA 274 -52.15 -22.28 34.63
N GLN FA 275 -51.32 -23.06 33.93
CA GLN FA 275 -49.91 -22.77 33.79
C GLN FA 275 -49.56 -22.68 32.30
N THR FA 276 -48.32 -22.26 32.04
CA THR FA 276 -47.78 -22.18 30.69
C THR FA 276 -46.51 -23.01 30.63
N ILE FA 277 -46.55 -24.10 29.89
CA ILE FA 277 -45.44 -25.05 29.80
C ILE FA 277 -44.55 -24.63 28.65
N THR FA 278 -43.23 -24.77 28.85
CA THR FA 278 -42.25 -24.36 27.85
C THR FA 278 -41.26 -25.49 27.63
N ILE FA 279 -41.14 -25.93 26.39
CA ILE FA 279 -40.12 -26.89 25.98
C ILE FA 279 -39.28 -26.23 24.90
N GLN FA 280 -37.99 -26.54 24.89
CA GLN FA 280 -37.08 -25.83 24.00
C GLN FA 280 -36.02 -26.81 23.49
N ILE FA 281 -36.22 -27.31 22.28
CA ILE FA 281 -35.17 -28.06 21.60
C ILE FA 281 -34.11 -27.09 21.13
N THR FA 282 -32.85 -27.55 21.10
CA THR FA 282 -31.73 -26.69 20.72
C THR FA 282 -30.66 -27.53 20.06
N PRO FA 283 -30.69 -27.64 18.74
CA PRO FA 283 -29.63 -28.36 18.02
C PRO FA 283 -28.29 -27.65 18.17
N ASN FA 284 -27.24 -28.37 17.79
CA ASN FA 284 -25.89 -27.82 17.93
C ASN FA 284 -25.69 -26.61 17.03
N ILE FA 285 -26.43 -26.52 15.93
CA ILE FA 285 -26.31 -25.40 15.00
C ILE FA 285 -27.69 -25.08 14.44
N GLY FA 286 -28.03 -23.80 14.42
CA GLY FA 286 -29.26 -23.35 13.81
C GLY FA 286 -30.28 -22.88 14.84
N SER FA 287 -31.52 -22.85 14.40
CA SER FA 287 -32.58 -22.28 15.21
C SER FA 287 -32.89 -23.18 16.40
N PRO FA 288 -33.13 -22.61 17.57
CA PRO FA 288 -33.82 -23.37 18.62
C PRO FA 288 -35.29 -23.49 18.30
N LEU FA 289 -36.09 -24.01 19.22
CA LEU FA 289 -37.53 -24.17 18.97
C LEU FA 289 -38.24 -24.17 20.32
N THR FA 290 -38.84 -23.04 20.68
CA THR FA 290 -39.57 -22.92 21.93
C THR FA 290 -41.04 -23.24 21.71
N ILE FA 291 -41.56 -24.18 22.50
CA ILE FA 291 -42.95 -24.57 22.44
C ILE FA 291 -43.62 -24.05 23.70
N SER FA 292 -44.42 -23.00 23.56
CA SER FA 292 -45.13 -22.40 24.68
C SER FA 292 -46.63 -22.63 24.48
N GLU FA 293 -47.23 -23.39 25.39
CA GLU FA 293 -48.64 -23.69 25.32
C GLU FA 293 -49.28 -23.46 26.67
N TYR FA 294 -50.57 -23.13 26.65
CA TYR FA 294 -51.34 -22.92 27.88
C TYR FA 294 -52.21 -24.13 28.13
N VAL FA 295 -52.28 -24.55 29.39
CA VAL FA 295 -53.08 -25.70 29.80
C VAL FA 295 -53.98 -25.26 30.96
N TYR FA 296 -55.25 -25.64 30.90
CA TYR FA 296 -56.21 -25.33 31.95
C TYR FA 296 -56.76 -26.58 32.61
N GLN FA 297 -57.28 -27.53 31.83
CA GLN FA 297 -57.89 -28.74 32.38
C GLN FA 297 -57.52 -29.92 31.49
N PRO FA 298 -57.23 -31.09 32.07
CA PRO FA 298 -56.81 -32.23 31.24
C PRO FA 298 -57.91 -32.83 30.39
N GLU FA 299 -59.17 -32.60 30.73
CA GLU FA 299 -60.36 -33.13 30.04
C GLU FA 299 -60.19 -34.62 29.69
N GLY FA 300 -60.14 -35.44 30.74
CA GLY FA 300 -60.13 -36.88 30.60
C GLY FA 300 -58.82 -37.49 31.09
N SER FA 301 -58.42 -38.58 30.44
CA SER FA 301 -57.13 -39.21 30.70
C SER FA 301 -56.07 -38.82 29.68
N VAL FA 302 -56.47 -38.12 28.62
CA VAL FA 302 -55.55 -37.66 27.59
C VAL FA 302 -56.08 -36.32 27.08
N SER FA 303 -55.18 -35.39 26.81
CA SER FA 303 -55.55 -34.08 26.33
C SER FA 303 -55.06 -33.91 24.89
N VAL FA 304 -55.28 -32.71 24.35
CA VAL FA 304 -54.85 -32.37 23.00
C VAL FA 304 -53.90 -31.19 22.98
N ILE FA 305 -53.66 -30.55 24.11
CA ILE FA 305 -52.71 -29.45 24.20
C ILE FA 305 -52.20 -29.33 25.62
N LEU GA 19 218.09 28.35 -32.19
CA LEU GA 19 217.18 29.31 -31.59
C LEU GA 19 215.80 28.70 -31.39
N ALA GA 20 215.07 29.23 -30.41
CA ALA GA 20 213.69 28.81 -30.19
C ALA GA 20 212.70 29.46 -31.15
N GLY GA 21 213.19 30.18 -32.14
CA GLY GA 21 212.31 30.82 -33.11
C GLY GA 21 212.04 29.96 -34.33
N LEU GA 22 213.07 29.27 -34.81
CA LEU GA 22 212.90 28.45 -36.01
C LEU GA 22 211.98 27.26 -35.75
N ASP GA 23 211.98 26.73 -34.52
CA ASP GA 23 211.15 25.58 -34.21
C ASP GA 23 209.77 25.95 -33.67
N THR GA 24 209.63 27.13 -33.06
CA THR GA 24 208.31 27.57 -32.63
C THR GA 24 207.36 27.69 -33.80
N ALA GA 25 207.87 28.05 -34.98
CA ALA GA 25 207.03 28.06 -36.17
C ALA GA 25 206.60 26.64 -36.54
N ILE GA 26 207.49 25.66 -36.35
CA ILE GA 26 207.14 24.28 -36.67
C ILE GA 26 206.07 23.78 -35.72
N ILE GA 27 206.20 24.05 -34.43
CA ILE GA 27 205.20 23.64 -33.47
C ILE GA 27 203.88 24.38 -33.72
N LEU GA 28 203.97 25.65 -34.12
CA LEU GA 28 202.77 26.42 -34.38
C LEU GA 28 201.98 25.82 -35.55
N ILE GA 29 202.68 25.41 -36.61
CA ILE GA 29 202.00 24.80 -37.74
C ILE GA 29 201.30 23.52 -37.32
N ALA GA 30 201.99 22.67 -36.56
CA ALA GA 30 201.40 21.41 -36.13
C ALA GA 30 200.25 21.64 -35.16
N PHE GA 31 200.25 22.78 -34.46
CA PHE GA 31 199.16 23.07 -33.55
C PHE GA 31 197.92 23.56 -34.30
N ILE GA 32 198.11 24.25 -35.43
CA ILE GA 32 196.98 24.69 -36.21
C ILE GA 32 196.31 23.51 -36.91
N ILE GA 33 197.12 22.53 -37.34
CA ILE GA 33 196.57 21.37 -38.03
C ILE GA 33 195.60 20.63 -37.11
N THR GA 34 196.00 20.34 -35.89
CA THR GA 34 195.13 19.59 -34.99
C THR GA 34 193.90 20.40 -34.60
N ALA GA 35 193.97 21.73 -34.73
CA ALA GA 35 192.80 22.55 -34.44
C ALA GA 35 191.83 22.53 -35.61
N SER GA 36 192.35 22.36 -36.83
CA SER GA 36 191.47 22.30 -38.00
C SER GA 36 190.75 20.97 -38.09
N VAL GA 37 191.43 19.88 -37.75
CA VAL GA 37 190.81 18.56 -37.82
C VAL GA 37 189.71 18.45 -36.76
N LEU GA 38 189.86 19.18 -35.65
CA LEU GA 38 188.77 19.23 -34.68
C LEU GA 38 187.59 19.99 -35.23
N ALA GA 39 187.84 21.14 -35.87
CA ALA GA 39 186.77 21.88 -36.51
C ALA GA 39 186.12 21.06 -37.62
N TYR GA 40 186.91 20.22 -38.28
CA TYR GA 40 186.37 19.36 -39.33
C TYR GA 40 185.33 18.40 -38.76
N VAL GA 41 185.67 17.72 -37.67
CA VAL GA 41 184.77 16.71 -37.11
C VAL GA 41 183.67 17.38 -36.30
N ALA GA 42 183.99 18.46 -35.60
CA ALA GA 42 182.97 19.14 -34.79
C ALA GA 42 181.83 19.65 -35.67
N ILE GA 43 182.17 20.33 -36.76
CA ILE GA 43 181.14 20.86 -37.64
C ILE GA 43 180.40 19.73 -38.34
N ASN GA 44 181.12 18.69 -38.74
CA ASN GA 44 180.49 17.57 -39.43
C ASN GA 44 179.51 16.85 -38.52
N MET GA 45 179.94 16.51 -37.30
CA MET GA 45 179.07 15.81 -36.38
C MET GA 45 177.95 16.71 -35.87
N GLY GA 46 178.20 18.02 -35.80
CA GLY GA 46 177.13 18.94 -35.47
C GLY GA 46 176.03 18.95 -36.52
N LEU GA 47 176.41 18.97 -37.79
CA LEU GA 47 175.44 18.97 -38.87
C LEU GA 47 174.66 17.67 -38.90
N PHE GA 48 175.28 16.58 -38.45
CA PHE GA 48 174.62 15.27 -38.53
C PHE GA 48 173.52 15.15 -37.49
N VAL GA 49 173.77 15.64 -36.27
CA VAL GA 49 172.79 15.44 -35.19
C VAL GA 49 171.57 16.34 -35.41
N THR GA 50 171.79 17.61 -35.72
CA THR GA 50 170.66 18.52 -35.90
C THR GA 50 169.75 18.08 -37.03
N GLN GA 51 170.33 17.57 -38.12
CA GLN GA 51 169.51 17.00 -39.18
C GLN GA 51 168.75 15.78 -38.67
N LYS GA 52 169.40 14.95 -37.86
CA LYS GA 52 168.71 13.82 -37.26
C LYS GA 52 167.63 14.28 -36.29
N ALA GA 53 167.89 15.37 -35.58
CA ALA GA 53 166.88 15.92 -34.69
C ALA GA 53 165.66 16.42 -35.46
N LYS GA 54 165.87 16.88 -36.70
CA LYS GA 54 164.75 17.36 -37.49
C LYS GA 54 163.82 16.22 -37.88
N SER GA 55 164.39 15.11 -38.34
CA SER GA 55 163.55 13.98 -38.74
C SER GA 55 162.80 13.42 -37.55
N THR GA 56 163.43 13.39 -36.37
CA THR GA 56 162.75 12.90 -35.18
C THR GA 56 161.58 13.79 -34.80
N ILE GA 57 161.75 15.10 -34.90
CA ILE GA 57 160.64 16.02 -34.63
C ILE GA 57 159.54 15.83 -35.64
N ASN GA 58 159.90 15.69 -36.92
CA ASN GA 58 158.90 15.44 -37.96
C ASN GA 58 158.19 14.12 -37.72
N LYS GA 59 158.93 13.10 -37.30
CA LYS GA 59 158.30 11.81 -37.03
C LYS GA 59 157.43 11.86 -35.79
N GLY GA 60 157.86 12.61 -34.77
CA GLY GA 60 157.06 12.72 -33.56
C GLY GA 60 155.76 13.47 -33.81
N GLU GA 61 155.79 14.45 -34.72
CA GLU GA 61 154.57 15.18 -35.02
C GLU GA 61 153.55 14.30 -35.71
N GLU GA 62 154.00 13.42 -36.60
CA GLU GA 62 153.07 12.49 -37.25
C GLU GA 62 152.48 11.51 -36.24
N THR GA 63 153.28 11.11 -35.25
CA THR GA 63 152.76 10.22 -34.21
C THR GA 63 151.63 10.88 -33.43
N ALA GA 64 151.70 12.20 -33.26
CA ALA GA 64 150.68 12.90 -32.51
C ALA GA 64 149.48 13.31 -33.37
N SER GA 65 149.61 13.23 -34.69
CA SER GA 65 148.56 13.70 -35.58
C SER GA 65 147.68 12.57 -36.12
N THR GA 66 148.25 11.40 -36.37
CA THR GA 66 147.49 10.30 -36.96
C THR GA 66 146.79 9.49 -35.88
N ALA GA 67 145.49 9.28 -36.07
CA ALA GA 67 144.69 8.49 -35.15
C ALA GA 67 143.38 8.08 -35.81
N LEU GA 68 143.07 6.79 -35.82
CA LEU GA 68 141.83 6.32 -36.40
C LEU GA 68 140.68 6.49 -35.43
N THR GA 69 139.46 6.37 -35.95
CA THR GA 69 138.27 6.43 -35.10
C THR GA 69 137.18 5.58 -35.74
N LEU GA 70 136.38 4.95 -34.90
CA LEU GA 70 135.34 4.04 -35.39
C LEU GA 70 134.13 4.84 -35.84
N SER GA 71 133.80 4.74 -37.13
CA SER GA 71 132.64 5.39 -37.71
C SER GA 71 131.67 4.32 -38.17
N GLY GA 72 130.47 4.30 -37.60
CA GLY GA 72 129.50 3.29 -37.94
C GLY GA 72 129.48 2.14 -36.96
N SER GA 73 128.29 1.66 -36.62
CA SER GA 73 128.16 0.60 -35.64
C SER GA 73 128.76 -0.71 -36.16
N VAL GA 74 129.21 -1.54 -35.24
CA VAL GA 74 129.83 -2.81 -35.56
C VAL GA 74 128.75 -3.85 -35.81
N LEU GA 75 128.92 -4.65 -36.86
CA LEU GA 75 127.95 -5.67 -37.22
C LEU GA 75 128.49 -7.05 -36.84
N TYR GA 76 127.60 -7.92 -36.39
CA TYR GA 76 127.94 -9.28 -35.99
C TYR GA 76 127.05 -10.24 -36.75
N ALA GA 77 127.66 -11.08 -37.58
CA ALA GA 77 126.92 -12.05 -38.38
C ALA GA 77 126.83 -13.37 -37.63
N VAL GA 78 125.63 -13.93 -37.56
CA VAL GA 78 125.40 -15.18 -36.84
C VAL GA 78 124.05 -15.76 -37.27
N ASN GA 79 123.97 -17.09 -37.36
CA ASN GA 79 122.72 -17.75 -37.67
C ASN GA 79 121.74 -17.57 -36.52
N TYR GA 80 120.68 -16.80 -36.75
CA TYR GA 80 119.80 -16.37 -35.67
C TYR GA 80 119.12 -17.53 -34.95
N PRO GA 81 118.41 -18.44 -35.64
CA PRO GA 81 117.69 -19.48 -34.89
C PRO GA 81 118.61 -20.39 -34.08
N SER GA 82 119.59 -21.01 -34.74
CA SER GA 82 120.51 -21.92 -34.06
C SER GA 82 121.83 -21.19 -33.85
N ASN GA 83 121.90 -20.40 -32.78
CA ASN GA 83 123.08 -19.60 -32.48
C ASN GA 83 124.20 -20.54 -32.03
N THR GA 84 124.85 -21.16 -33.00
CA THR GA 84 125.91 -22.11 -32.73
C THR GA 84 127.22 -21.73 -33.40
N ARG GA 85 127.17 -21.21 -34.62
CA ARG GA 85 128.36 -20.81 -35.36
C ARG GA 85 128.45 -19.30 -35.42
N SER GA 86 129.65 -18.81 -35.76
CA SER GA 86 129.89 -17.39 -35.95
C SER GA 86 130.39 -17.18 -37.37
N TYR GA 87 129.81 -16.22 -38.07
CA TYR GA 87 130.11 -16.03 -39.48
C TYR GA 87 131.21 -14.98 -39.70
N TRP GA 88 130.95 -13.73 -39.33
CA TRP GA 88 131.93 -12.67 -39.50
C TRP GA 88 131.51 -11.44 -38.72
N ILE GA 89 132.40 -10.46 -38.69
CA ILE GA 89 132.16 -9.18 -38.04
C ILE GA 89 132.59 -8.08 -39.00
N TYR GA 90 131.77 -7.04 -39.13
CA TYR GA 90 132.03 -5.95 -40.06
C TYR GA 90 131.89 -4.62 -39.34
N PHE GA 91 132.83 -3.72 -39.62
CA PHE GA 91 132.82 -2.39 -39.02
C PHE GA 91 133.77 -1.49 -39.81
N THR GA 92 133.37 -0.24 -40.00
CA THR GA 92 134.14 0.70 -40.80
C THR GA 92 134.99 1.58 -39.90
N VAL GA 93 136.13 2.02 -40.45
CA VAL GA 93 137.09 2.82 -39.72
C VAL GA 93 137.46 4.03 -40.58
N SER GA 94 137.53 5.19 -39.93
CA SER GA 94 137.85 6.44 -40.60
C SER GA 94 138.88 7.19 -39.77
N PRO GA 95 139.74 7.99 -40.40
CA PRO GA 95 140.65 8.84 -39.64
C PRO GA 95 139.90 9.80 -38.74
N SER GA 96 140.62 10.32 -37.73
CA SER GA 96 139.98 11.18 -36.74
C SER GA 96 139.37 12.42 -37.39
N SER GA 97 140.10 13.02 -38.32
CA SER GA 97 139.65 14.20 -39.06
C SER GA 97 140.64 14.39 -40.21
N GLY GA 98 140.46 15.46 -40.97
CA GLY GA 98 141.38 15.73 -42.06
C GLY GA 98 142.72 16.22 -41.57
N VAL GA 99 143.37 15.42 -40.73
CA VAL GA 99 144.64 15.81 -40.10
C VAL GA 99 145.79 15.15 -40.83
N SER GA 100 145.72 13.83 -41.01
CA SER GA 100 146.81 13.10 -41.65
C SER GA 100 146.30 11.73 -42.04
N SER GA 101 146.93 11.16 -43.06
CA SER GA 101 146.55 9.84 -43.55
C SER GA 101 147.28 8.75 -42.76
N VAL GA 102 146.67 7.57 -42.71
CA VAL GA 102 147.26 6.42 -42.06
C VAL GA 102 147.54 5.36 -43.11
N GLU GA 103 148.47 4.46 -42.79
CA GLU GA 103 148.90 3.41 -43.71
C GLU GA 103 148.35 2.09 -43.23
N LEU GA 104 147.46 1.49 -44.03
CA LEU GA 104 146.83 0.23 -43.70
C LEU GA 104 147.37 -0.93 -44.55
N SER GA 105 148.66 -0.88 -44.90
CA SER GA 105 149.25 -1.94 -45.68
C SER GA 105 149.31 -3.22 -44.85
N PRO GA 106 148.79 -4.34 -45.35
CA PRO GA 106 148.67 -5.54 -44.51
C PRO GA 106 149.99 -6.16 -44.13
N SER GA 107 151.10 -5.70 -44.69
CA SER GA 107 152.40 -6.24 -44.33
C SER GA 107 153.04 -5.49 -43.17
N THR GA 108 152.54 -4.31 -42.83
CA THR GA 108 153.15 -3.48 -41.81
C THR GA 108 152.10 -2.96 -40.82
N THR GA 109 151.14 -3.81 -40.47
CA THR GA 109 150.17 -3.47 -39.44
C THR GA 109 149.60 -4.75 -38.88
N ALA GA 110 148.85 -4.62 -37.78
CA ALA GA 110 148.34 -5.78 -37.07
C ALA GA 110 146.89 -5.51 -36.63
N ILE GA 111 146.12 -6.59 -36.53
CA ILE GA 111 144.73 -6.54 -36.08
C ILE GA 111 144.51 -7.70 -35.12
N SER GA 112 144.23 -7.37 -33.86
CA SER GA 112 144.06 -8.37 -32.83
C SER GA 112 142.58 -8.60 -32.53
N PHE GA 113 142.31 -9.70 -31.84
CA PHE GA 113 140.93 -10.05 -31.48
C PHE GA 113 140.99 -11.03 -30.31
N THR GA 114 140.54 -10.60 -29.14
CA THR GA 114 140.58 -11.42 -27.93
C THR GA 114 139.21 -11.42 -27.27
N ALA GA 115 138.66 -12.61 -27.06
CA ALA GA 115 137.40 -12.78 -26.34
C ALA GA 115 137.70 -13.30 -24.94
N SER GA 116 136.97 -12.78 -23.96
CA SER GA 116 137.33 -13.06 -22.56
C SER GA 116 137.02 -14.49 -22.15
N ALA GA 117 135.74 -14.86 -22.12
CA ALA GA 117 135.35 -16.11 -21.48
C ALA GA 117 135.99 -17.31 -22.15
N GLU GA 118 136.04 -17.32 -23.48
CA GLU GA 118 136.71 -18.40 -24.20
C GLU GA 118 138.22 -18.35 -24.06
N GLY GA 119 138.76 -17.26 -23.51
CA GLY GA 119 140.20 -17.14 -23.36
C GLY GA 119 140.97 -17.11 -24.65
N ILE GA 120 140.30 -16.97 -25.79
CA ILE GA 120 141.00 -16.96 -27.07
C ILE GA 120 141.73 -15.63 -27.24
N SER GA 121 142.86 -15.67 -27.92
CA SER GA 121 143.64 -14.48 -28.18
C SER GA 121 144.30 -14.61 -29.54
N TYR GA 122 144.27 -13.52 -30.31
CA TYR GA 122 144.82 -13.50 -31.65
C TYR GA 122 145.84 -12.38 -31.77
N SER GA 123 146.53 -12.35 -32.90
CA SER GA 123 147.51 -11.31 -33.19
C SER GA 123 147.73 -11.26 -34.69
N ASN GA 124 147.51 -10.09 -35.28
CA ASN GA 124 147.74 -9.88 -36.71
C ASN GA 124 146.90 -10.84 -37.54
N ILE GA 125 145.58 -10.67 -37.43
CA ILE GA 125 144.64 -11.42 -38.25
C ILE GA 125 144.40 -10.66 -39.54
N TYR GA 126 145.19 -9.61 -39.77
CA TYR GA 126 145.09 -8.81 -40.98
C TYR GA 126 146.06 -9.38 -42.01
N GLU GA 127 145.53 -9.92 -43.09
CA GLU GA 127 146.34 -10.61 -44.09
C GLU GA 127 146.33 -9.92 -45.45
N TYR GA 128 145.17 -9.63 -46.01
CA TYR GA 128 145.07 -9.08 -47.35
C TYR GA 128 144.28 -7.78 -47.33
N THR GA 129 144.22 -7.14 -48.51
CA THR GA 129 143.54 -5.86 -48.65
C THR GA 129 143.06 -5.70 -50.08
N LEU GA 130 142.02 -4.88 -50.25
CA LEU GA 130 141.48 -4.57 -51.56
C LEU GA 130 141.79 -3.15 -52.00
N LEU GA 131 142.53 -2.38 -51.19
CA LEU GA 131 142.83 -1.01 -51.56
C LEU GA 131 143.85 -0.91 -52.69
N THR GA 132 144.62 -1.96 -52.92
CA THR GA 132 145.68 -1.92 -53.92
C THR GA 132 145.24 -2.42 -55.29
N VAL GA 133 144.09 -3.08 -55.39
CA VAL GA 133 143.64 -3.60 -56.67
C VAL GA 133 143.11 -2.46 -57.53
N SER GA 134 143.26 -2.61 -58.84
CA SER GA 134 142.77 -1.55 -59.70
C SER GA 134 141.39 -1.90 -60.25
N PRO GA 135 140.49 -0.91 -60.32
CA PRO GA 135 139.12 -1.20 -60.75
C PRO GA 135 139.01 -1.68 -62.18
N SER GA 136 140.05 -1.50 -63.00
CA SER GA 136 139.97 -1.95 -64.38
C SER GA 136 139.98 -3.47 -64.48
N GLU GA 137 140.44 -4.16 -63.44
CA GLU GA 137 140.55 -5.61 -63.50
C GLU GA 137 139.25 -6.29 -63.12
N LEU GA 138 138.74 -6.00 -61.92
CA LEU GA 138 137.61 -6.75 -61.39
C LEU GA 138 136.35 -6.51 -62.22
N ALA GA 139 136.21 -5.32 -62.78
CA ALA GA 139 134.98 -4.96 -63.47
C ALA GA 139 134.82 -5.64 -64.83
N ASN GA 140 135.65 -6.61 -65.17
CA ASN GA 140 135.59 -7.19 -66.50
C ASN GA 140 135.24 -8.67 -66.52
N GLN GA 141 135.73 -9.48 -65.57
CA GLN GA 141 135.50 -10.92 -65.60
C GLN GA 141 134.82 -11.40 -64.32
N VAL GA 142 133.49 -11.31 -64.30
CA VAL GA 142 132.65 -12.05 -63.36
C VAL GA 142 131.22 -11.97 -63.87
N TYR GA 143 130.52 -13.11 -63.82
CA TYR GA 143 129.13 -13.15 -64.30
C TYR GA 143 128.44 -14.44 -63.91
N ALA GA 144 127.19 -14.33 -63.46
CA ALA GA 144 126.36 -15.49 -63.13
C ALA GA 144 125.18 -15.66 -64.07
N ASN GA 145 124.90 -14.67 -64.90
CA ASN GA 145 123.82 -14.75 -65.88
C ASN GA 145 124.27 -13.96 -67.11
N GLY GA 146 123.32 -13.60 -67.96
CA GLY GA 146 123.62 -12.93 -69.21
C GLY GA 146 124.38 -11.62 -69.09
N GLN GA 147 124.61 -11.14 -67.87
CA GLN GA 147 125.29 -9.88 -67.64
C GLN GA 147 126.53 -10.09 -66.80
N TYR GA 148 127.60 -9.38 -67.15
CA TYR GA 148 128.83 -9.38 -66.37
C TYR GA 148 128.71 -8.29 -65.32
N LEU GA 149 128.39 -8.68 -64.08
CA LEU GA 149 128.15 -7.71 -63.02
C LEU GA 149 129.44 -7.00 -62.63
N ASP GA 150 129.30 -5.73 -62.28
CA ASP GA 150 130.44 -4.92 -61.83
C ASP GA 150 130.48 -4.92 -60.31
N LEU GA 151 131.70 -4.92 -59.77
CA LEU GA 151 131.91 -5.02 -58.33
C LEU GA 151 132.25 -3.69 -57.67
N VAL GA 152 132.84 -2.76 -58.41
CA VAL GA 152 133.27 -1.48 -57.85
C VAL GA 152 132.55 -0.36 -58.58
N ASN GA 153 132.23 0.69 -57.84
CA ASN GA 153 131.65 1.91 -58.40
C ASN GA 153 132.69 3.03 -58.33
N GLN GA 154 132.69 3.90 -59.33
CA GLN GA 154 133.68 4.96 -59.43
C GLN GA 154 133.04 6.23 -59.95
N GLN GA 155 133.37 7.34 -59.29
CA GLN GA 155 132.88 8.66 -59.67
C GLN GA 155 134.05 9.63 -59.76
N THR GA 156 134.02 10.51 -60.74
CA THR GA 156 135.08 11.48 -60.92
C THR GA 156 134.67 12.84 -60.38
N ASN GA 157 135.64 13.58 -59.86
CA ASN GA 157 135.41 14.91 -59.31
C ASN GA 157 136.71 15.65 -59.15
N ALA GA 158 136.79 16.87 -59.70
CA ALA GA 158 137.99 17.69 -59.65
C ALA GA 158 139.20 17.00 -60.26
N GLY GA 159 138.96 16.15 -61.26
CA GLY GA 159 140.03 15.48 -61.96
C GLY GA 159 140.53 14.20 -61.33
N GLN GA 160 139.91 13.75 -60.23
CA GLN GA 160 140.32 12.54 -59.55
C GLN GA 160 139.18 11.53 -59.56
N THR GA 161 139.53 10.27 -59.34
CA THR GA 161 138.57 9.17 -59.36
C THR GA 161 138.40 8.62 -57.95
N TYR GA 162 137.16 8.53 -57.51
CA TYR GA 162 136.82 8.03 -56.18
C TYR GA 162 136.10 6.69 -56.34
N VAL GA 163 136.73 5.62 -55.85
CA VAL GA 163 136.16 4.29 -55.95
C VAL GA 163 135.67 3.85 -54.57
N TYR GA 164 134.74 2.90 -54.57
CA TYR GA 164 134.17 2.37 -53.33
C TYR GA 164 133.39 1.11 -53.65
N TYR GA 165 133.32 0.22 -52.67
CA TYR GA 165 132.60 -1.03 -52.83
C TYR GA 165 131.28 -0.94 -52.08
N PRO GA 166 130.14 -0.92 -52.77
CA PRO GA 166 128.87 -0.70 -52.08
C PRO GA 166 128.51 -1.81 -51.10
N ASN GA 167 128.43 -3.01 -51.59
CA ASN GA 167 127.93 -4.12 -50.80
C ASN GA 167 129.09 -4.95 -50.29
N PRO GA 168 129.12 -5.29 -49.00
CA PRO GA 168 130.17 -6.20 -48.51
C PRO GA 168 130.26 -7.48 -49.30
N TYR GA 169 129.14 -8.01 -49.78
CA TYR GA 169 129.17 -9.22 -50.59
C TYR GA 169 129.91 -8.98 -51.90
N TYR GA 170 129.73 -7.80 -52.50
CA TYR GA 170 130.48 -7.48 -53.70
C TYR GA 170 131.97 -7.45 -53.40
N ALA GA 171 132.35 -7.00 -52.20
CA ALA GA 171 133.75 -6.99 -51.82
C ALA GA 171 134.30 -8.41 -51.72
N LEU GA 172 133.50 -9.34 -51.21
CA LEU GA 172 133.94 -10.74 -51.17
C LEU GA 172 134.10 -11.29 -52.58
N LEU GA 173 133.16 -10.99 -53.48
CA LEU GA 173 133.27 -11.48 -54.85
C LEU GA 173 134.50 -10.90 -55.53
N ALA GA 174 134.89 -9.67 -55.17
CA ALA GA 174 136.14 -9.13 -55.70
C ALA GA 174 137.34 -9.83 -55.08
N LEU GA 175 137.22 -10.22 -53.81
CA LEU GA 175 138.34 -10.89 -53.14
C LEU GA 175 138.57 -12.27 -53.72
N ASN GA 176 137.49 -13.00 -53.99
CA ASN GA 176 137.61 -14.34 -54.54
C ASN GA 176 138.44 -14.34 -55.82
N TYR GA 177 138.24 -13.31 -56.65
CA TYR GA 177 138.95 -13.27 -57.92
C TYR GA 177 140.38 -12.75 -57.75
N THR GA 178 140.57 -11.71 -56.94
CA THR GA 178 141.89 -11.09 -56.85
C THR GA 178 142.91 -12.04 -56.22
N LEU GA 179 142.47 -12.87 -55.27
CA LEU GA 179 143.38 -13.86 -54.71
C LEU GA 179 143.65 -14.97 -55.70
N SER GA 180 142.83 -15.08 -56.75
CA SER GA 180 142.99 -16.16 -57.72
C SER GA 180 143.97 -15.78 -58.81
N LYS GA 181 143.74 -14.64 -59.48
CA LYS GA 181 144.46 -14.31 -60.69
C LYS GA 181 145.45 -13.16 -60.57
N ILE GA 182 145.28 -12.27 -59.59
CA ILE GA 182 146.21 -11.15 -59.44
C ILE GA 182 147.49 -11.60 -58.76
N ASP GA 183 147.39 -12.05 -57.51
CA ASP GA 183 148.52 -12.57 -56.76
C ASP GA 183 148.25 -14.04 -56.48
N LYS GA 184 148.88 -14.92 -57.25
CA LYS GA 184 148.59 -16.36 -57.21
C LYS GA 184 149.19 -16.96 -55.95
N VAL GA 185 148.47 -16.80 -54.84
CA VAL GA 185 148.85 -17.45 -53.59
C VAL GA 185 148.52 -18.93 -53.68
N SER GA 186 149.41 -19.77 -53.16
CA SER GA 186 149.17 -21.20 -53.26
C SER GA 186 148.11 -21.66 -52.26
N PRO GA 187 148.08 -21.13 -51.01
CA PRO GA 187 146.87 -21.35 -50.21
C PRO GA 187 145.88 -20.20 -50.39
N SER GA 188 144.63 -20.51 -50.74
CA SER GA 188 143.61 -19.49 -50.93
C SER GA 188 142.60 -19.59 -49.79
N PRO GA 189 142.66 -18.69 -48.80
CA PRO GA 189 141.74 -18.81 -47.66
C PRO GA 189 140.28 -18.65 -48.04
N LEU GA 190 139.98 -18.01 -49.17
CA LEU GA 190 138.61 -17.78 -49.58
C LEU GA 190 138.39 -18.38 -50.96
N TYR GA 191 137.26 -19.07 -51.11
CA TYR GA 191 136.88 -19.67 -52.38
C TYR GA 191 135.37 -19.60 -52.47
N ILE GA 192 134.86 -18.65 -53.24
CA ILE GA 192 133.43 -18.42 -53.37
C ILE GA 192 132.95 -19.05 -54.66
N THR GA 193 132.09 -20.04 -54.54
CA THR GA 193 131.54 -20.74 -55.71
C THR GA 193 130.02 -20.81 -55.59
N THR GA 194 129.37 -20.98 -56.73
CA THR GA 194 127.92 -21.02 -56.78
C THR GA 194 127.35 -22.44 -56.73
N THR GA 195 128.21 -23.46 -56.82
CA THR GA 195 127.72 -24.82 -56.86
C THR GA 195 127.10 -25.21 -55.51
N THR GA 196 126.37 -26.32 -55.53
CA THR GA 196 125.77 -26.83 -54.31
C THR GA 196 126.88 -27.21 -53.32
N PRO GA 197 126.75 -26.86 -52.05
CA PRO GA 197 127.83 -27.17 -51.09
C PRO GA 197 128.15 -28.64 -51.01
N SER GA 198 127.14 -29.51 -51.03
CA SER GA 198 127.38 -30.95 -50.98
C SER GA 198 128.24 -31.39 -52.15
N SER GA 199 127.82 -31.05 -53.38
CA SER GA 199 128.61 -31.40 -54.55
C SER GA 199 129.98 -30.76 -54.52
N ALA GA 200 130.10 -29.57 -53.90
CA ALA GA 200 131.40 -28.93 -53.79
C ALA GA 200 132.36 -29.78 -52.97
N THR GA 201 131.86 -30.36 -51.87
CA THR GA 201 132.70 -31.22 -51.05
C THR GA 201 133.15 -32.47 -51.81
N GLN GA 202 132.33 -32.93 -52.76
CA GLN GA 202 132.69 -34.11 -53.54
C GLN GA 202 133.82 -33.78 -54.52
N ILE GA 203 133.59 -32.81 -55.39
CA ILE GA 203 134.61 -32.45 -56.38
C ILE GA 203 135.79 -31.73 -55.74
N TYR GA 204 135.64 -31.22 -54.54
CA TYR GA 204 136.74 -30.58 -53.81
C TYR GA 204 136.79 -31.15 -52.40
N PRO GA 205 137.78 -31.97 -52.06
CA PRO GA 205 137.77 -32.65 -50.76
C PRO GA 205 137.95 -31.72 -49.58
N PHE GA 206 138.91 -30.81 -49.65
CA PHE GA 206 139.34 -30.04 -48.50
C PHE GA 206 138.36 -28.94 -48.10
N LEU GA 207 137.19 -28.87 -48.72
CA LEU GA 207 136.19 -27.89 -48.29
C LEU GA 207 135.33 -28.38 -47.13
N ALA GA 208 135.51 -29.62 -46.69
CA ALA GA 208 134.72 -30.12 -45.57
C ALA GA 208 135.18 -29.54 -44.24
N HIS GA 209 136.41 -29.04 -44.17
CA HIS GA 209 136.98 -28.51 -42.93
C HIS GA 209 136.97 -26.99 -42.86
N ASP GA 210 136.23 -26.33 -43.74
CA ASP GA 210 136.21 -24.87 -43.80
C ASP GA 210 134.87 -24.33 -43.29
N ASN GA 211 134.91 -23.12 -42.75
CA ASN GA 211 133.69 -22.45 -42.33
C ASN GA 211 132.96 -21.91 -43.56
N MET GA 212 131.64 -21.98 -43.53
CA MET GA 212 130.84 -21.60 -44.68
C MET GA 212 129.63 -20.78 -44.26
N PHE GA 213 129.39 -19.71 -45.01
CA PHE GA 213 128.16 -18.92 -44.89
C PHE GA 213 127.60 -18.70 -46.28
N THR GA 214 126.44 -18.04 -46.36
CA THR GA 214 125.74 -17.87 -47.62
C THR GA 214 125.30 -16.43 -47.78
N PHE GA 215 125.22 -15.99 -49.03
CA PHE GA 215 124.66 -14.70 -49.37
C PHE GA 215 124.07 -14.79 -50.77
N THR GA 216 122.89 -14.21 -50.93
CA THR GA 216 122.10 -14.37 -52.15
C THR GA 216 122.04 -13.05 -52.91
N LEU GA 217 121.90 -13.14 -54.23
CA LEU GA 217 121.79 -11.99 -55.09
C LEU GA 217 120.80 -12.28 -56.21
N ASN GA 218 120.13 -11.24 -56.69
CA ASN GA 218 119.20 -11.33 -57.80
C ASN GA 218 119.86 -10.69 -59.02
N ILE GA 219 120.19 -11.52 -60.00
CA ILE GA 219 120.84 -11.07 -61.23
C ILE GA 219 119.97 -11.47 -62.41
N SER GA 220 119.57 -10.49 -63.22
CA SER GA 220 118.74 -10.72 -64.40
C SER GA 220 117.45 -11.46 -64.04
N GLY GA 221 116.89 -11.15 -62.86
CA GLY GA 221 115.65 -11.74 -62.45
C GLY GA 221 115.74 -13.19 -61.99
N THR GA 222 116.92 -13.78 -62.02
CA THR GA 222 117.12 -15.16 -61.58
C THR GA 222 117.92 -15.16 -60.29
N LEU GA 223 117.28 -15.58 -59.20
CA LEU GA 223 117.95 -15.59 -57.91
C LEU GA 223 119.13 -16.55 -57.93
N VAL GA 224 120.28 -16.06 -57.46
CA VAL GA 224 121.51 -16.84 -57.45
C VAL GA 224 122.05 -16.84 -56.03
N THR GA 225 122.36 -18.03 -55.51
CA THR GA 225 122.89 -18.20 -54.17
C THR GA 225 124.38 -18.53 -54.25
N TYR GA 226 125.17 -17.88 -53.42
CA TYR GA 226 126.61 -18.06 -53.40
C TYR GA 226 127.04 -18.73 -52.11
N TYR GA 227 128.26 -19.27 -52.12
CA TYR GA 227 128.79 -20.02 -51.00
C TYR GA 227 130.26 -19.68 -50.81
N ALA GA 228 130.60 -19.20 -49.61
CA ALA GA 228 131.97 -18.78 -49.29
C ALA GA 228 132.56 -19.74 -48.27
N PHE GA 229 133.82 -20.13 -48.49
CA PHE GA 229 134.51 -21.07 -47.64
C PHE GA 229 135.79 -20.43 -47.11
N VAL GA 230 135.97 -20.47 -45.78
CA VAL GA 230 137.12 -19.88 -45.12
C VAL GA 230 137.80 -20.97 -44.30
N ASN GA 231 139.10 -21.16 -44.50
CA ASN GA 231 139.86 -22.14 -43.76
C ASN GA 231 140.76 -21.52 -42.70
N GLN GA 232 140.67 -20.20 -42.49
CA GLN GA 232 141.50 -19.50 -41.52
C GLN GA 232 140.88 -18.17 -41.14
N THR GA 233 140.80 -17.87 -39.84
CA THR GA 233 140.30 -16.58 -39.41
C THR GA 233 141.26 -15.48 -39.84
N PHE GA 234 140.75 -14.50 -40.58
CA PHE GA 234 141.58 -13.39 -41.02
C PHE GA 234 140.67 -12.18 -41.24
N ALA GA 235 141.27 -11.09 -41.72
CA ALA GA 235 140.51 -9.88 -42.00
C ALA GA 235 141.11 -9.19 -43.21
N PHE GA 236 140.33 -8.27 -43.77
CA PHE GA 236 140.78 -7.48 -44.91
C PHE GA 236 140.03 -6.16 -44.91
N THR GA 237 140.43 -5.27 -45.82
CA THR GA 237 139.85 -3.94 -45.91
C THR GA 237 139.53 -3.62 -47.36
N TYR GA 238 138.59 -2.69 -47.53
CA TYR GA 238 138.18 -2.23 -48.85
C TYR GA 238 137.62 -0.81 -48.73
N PRO GA 239 137.85 0.05 -49.71
CA PRO GA 239 137.41 1.44 -49.58
C PRO GA 239 135.90 1.56 -49.65
N VAL GA 240 135.35 2.41 -48.79
CA VAL GA 240 133.91 2.54 -48.68
C VAL GA 240 133.45 3.93 -49.10
N ALA GA 241 134.30 4.95 -48.89
CA ALA GA 241 133.88 6.32 -49.18
C ALA GA 241 135.10 7.22 -49.26
N GLY GA 242 135.16 8.03 -50.32
CA GLY GA 242 136.14 9.09 -50.41
C GLY GA 242 137.58 8.66 -50.47
N ASP GA 243 137.89 7.70 -51.34
CA ASP GA 243 139.25 7.18 -51.51
C ASP GA 243 139.72 7.50 -52.92
N PRO GA 244 140.33 8.67 -53.14
CA PRO GA 244 140.84 8.98 -54.49
C PRO GA 244 142.10 8.22 -54.84
N LEU GA 245 142.87 7.76 -53.86
CA LEU GA 245 144.14 7.09 -54.11
C LEU GA 245 143.90 5.58 -54.14
N ILE GA 246 143.48 5.10 -55.30
CA ILE GA 246 143.33 3.66 -55.50
C ILE GA 246 144.69 3.06 -55.81
N GLY GA 247 144.90 1.83 -55.35
CA GLY GA 247 146.17 1.18 -55.58
C GLY GA 247 147.31 1.71 -54.75
N SER GA 248 147.02 2.37 -53.63
CA SER GA 248 148.05 2.92 -52.76
C SER GA 248 148.09 2.30 -51.37
N ALA GA 249 147.03 1.60 -50.94
CA ALA GA 249 146.97 0.98 -49.63
C ALA GA 249 147.19 2.00 -48.52
N ILE GA 250 146.51 3.13 -48.64
CA ILE GA 250 146.59 4.23 -47.67
C ILE GA 250 145.20 4.81 -47.50
N ALA GA 251 144.83 5.08 -46.25
CA ALA GA 251 143.53 5.68 -45.94
C ALA GA 251 143.67 7.19 -46.05
N PRO GA 252 143.12 7.83 -47.06
CA PRO GA 252 143.26 9.29 -47.17
C PRO GA 252 142.43 10.00 -46.12
N ALA GA 253 142.88 11.20 -45.76
CA ALA GA 253 142.18 11.99 -44.76
C ALA GA 253 140.76 12.31 -45.24
N GLY GA 254 139.78 12.05 -44.38
CA GLY GA 254 138.40 12.24 -44.75
C GLY GA 254 137.88 11.12 -45.62
N SER GA 255 138.14 9.88 -45.21
CA SER GA 255 137.68 8.70 -45.93
C SER GA 255 137.19 7.68 -44.93
N VAL GA 256 136.43 6.72 -45.41
CA VAL GA 256 135.87 5.66 -44.58
C VAL GA 256 136.34 4.33 -45.15
N ILE GA 257 137.10 3.59 -44.35
CA ILE GA 257 137.62 2.29 -44.72
C ILE GA 257 136.84 1.23 -43.95
N GLY GA 258 136.47 0.16 -44.63
CA GLY GA 258 135.69 -0.88 -44.01
C GLY GA 258 136.51 -2.13 -43.70
N VAL GA 259 136.55 -2.52 -42.44
CA VAL GA 259 137.25 -3.73 -42.01
C VAL GA 259 136.22 -4.85 -41.87
N MET GA 260 136.57 -6.04 -42.36
CA MET GA 260 135.66 -7.18 -42.29
C MET GA 260 136.47 -8.39 -41.84
N ILE GA 261 136.23 -8.85 -40.61
CA ILE GA 261 136.91 -10.00 -40.05
C ILE GA 261 136.10 -11.25 -40.37
N LEU GA 262 136.75 -12.22 -41.01
CA LEU GA 262 136.11 -13.47 -41.40
C LEU GA 262 136.55 -14.57 -40.43
N PHE GA 263 135.59 -15.17 -39.75
CA PHE GA 263 135.89 -16.14 -38.70
C PHE GA 263 136.11 -17.52 -39.29
N GLY GA 264 137.25 -18.13 -38.95
CA GLY GA 264 137.56 -19.46 -39.39
C GLY GA 264 136.93 -20.51 -38.50
N PRO GA 265 137.40 -21.75 -38.60
CA PRO GA 265 136.79 -22.83 -37.80
C PRO GA 265 137.08 -22.71 -36.33
N ASP GA 266 138.30 -22.31 -35.95
CA ASP GA 266 138.66 -22.22 -34.55
C ASP GA 266 137.87 -21.12 -33.85
N LEU GA 267 137.82 -19.94 -34.45
CA LEU GA 267 137.17 -18.79 -33.84
C LEU GA 267 135.68 -18.71 -34.15
N GLY GA 268 135.22 -19.31 -35.23
CA GLY GA 268 133.83 -19.25 -35.61
C GLY GA 268 132.95 -20.33 -35.01
N SER GA 269 133.55 -21.35 -34.41
CA SER GA 269 132.77 -22.43 -33.81
C SER GA 269 132.01 -21.98 -32.58
N HIS GA 270 132.40 -20.85 -31.98
CA HIS GA 270 131.73 -20.32 -30.80
C HIS GA 270 130.80 -19.18 -31.17
N VAL GA 271 130.01 -18.76 -30.20
CA VAL GA 271 129.17 -17.57 -30.32
C VAL GA 271 129.34 -16.75 -29.06
N PHE GA 272 130.08 -15.65 -29.16
CA PHE GA 272 130.41 -14.86 -27.98
C PHE GA 272 129.16 -14.33 -27.31
N GLN GA 273 129.06 -14.54 -26.00
CA GLN GA 273 127.83 -14.29 -25.28
C GLN GA 273 128.18 -13.88 -23.85
N TYR GA 274 127.75 -12.68 -23.46
CA TYR GA 274 128.02 -12.12 -22.13
C TYR GA 274 129.51 -11.89 -21.89
N GLN GA 275 130.26 -11.57 -22.93
CA GLN GA 275 131.70 -11.41 -22.84
C GLN GA 275 132.11 -10.06 -23.40
N THR GA 276 133.36 -9.69 -23.16
CA THR GA 276 133.95 -8.47 -23.70
C THR GA 276 134.77 -8.82 -24.93
N ILE GA 277 134.42 -8.24 -26.07
CA ILE GA 277 135.13 -8.45 -27.31
C ILE GA 277 136.04 -7.25 -27.55
N THR GA 278 137.34 -7.52 -27.69
CA THR GA 278 138.34 -6.47 -27.84
C THR GA 278 139.07 -6.65 -29.16
N ILE GA 279 139.02 -5.63 -30.00
CA ILE GA 279 139.74 -5.58 -31.27
C ILE GA 279 140.68 -4.40 -31.23
N GLN GA 280 141.91 -4.59 -31.71
CA GLN GA 280 142.90 -3.54 -31.71
C GLN GA 280 143.60 -3.50 -33.05
N ILE GA 281 143.54 -2.35 -33.71
CA ILE GA 281 144.20 -2.12 -35.00
C ILE GA 281 145.39 -1.21 -34.76
N THR GA 282 146.59 -1.76 -34.85
CA THR GA 282 147.81 -1.00 -34.59
C THR GA 282 148.47 -0.64 -35.91
N PRO GA 283 148.35 0.60 -36.37
CA PRO GA 283 149.03 0.99 -37.62
C PRO GA 283 150.53 1.14 -37.38
N ASN GA 284 151.27 1.22 -38.48
CA ASN GA 284 152.71 1.34 -38.38
C ASN GA 284 153.16 2.67 -37.79
N ILE GA 285 152.32 3.69 -37.84
CA ILE GA 285 152.62 4.99 -37.24
C ILE GA 285 151.35 5.53 -36.61
N GLY GA 286 151.46 5.96 -35.36
CA GLY GA 286 150.33 6.52 -34.65
C GLY GA 286 149.76 5.58 -33.62
N SER GA 287 148.78 6.09 -32.89
CA SER GA 287 148.15 5.35 -31.83
C SER GA 287 147.25 4.25 -32.38
N PRO GA 288 147.09 3.15 -31.65
CA PRO GA 288 146.17 2.10 -32.10
C PRO GA 288 144.72 2.52 -31.95
N LEU GA 289 143.84 1.59 -32.27
CA LEU GA 289 142.40 1.80 -32.14
C LEU GA 289 141.83 0.60 -31.39
N THR GA 290 141.51 0.80 -30.12
CA THR GA 290 140.97 -0.27 -29.28
C THR GA 290 139.46 -0.20 -29.30
N ILE GA 291 138.81 -1.34 -29.47
CA ILE GA 291 137.37 -1.45 -29.50
C ILE GA 291 136.97 -2.57 -28.55
N SER GA 292 136.57 -2.20 -27.34
CA SER GA 292 136.13 -3.16 -26.33
C SER GA 292 134.61 -3.12 -26.27
N GLU GA 293 133.98 -4.24 -26.58
CA GLU GA 293 132.53 -4.30 -26.66
C GLU GA 293 132.00 -5.51 -25.91
N TYR GA 294 130.86 -5.34 -25.26
CA TYR GA 294 130.22 -6.40 -24.49
C TYR GA 294 128.98 -6.86 -25.24
N VAL GA 295 128.98 -8.13 -25.67
CA VAL GA 295 127.88 -8.71 -26.43
C VAL GA 295 127.03 -9.54 -25.49
N TYR GA 296 125.71 -9.36 -25.57
CA TYR GA 296 124.77 -10.05 -24.69
C TYR GA 296 124.05 -11.20 -25.38
N GLN GA 297 123.32 -10.90 -26.45
CA GLN GA 297 122.48 -11.87 -27.13
C GLN GA 297 122.39 -11.53 -28.61
N PRO GA 298 122.79 -12.42 -29.49
CA PRO GA 298 122.68 -12.12 -30.92
C PRO GA 298 121.24 -12.13 -31.40
N GLU GA 299 120.75 -10.98 -31.86
CA GLU GA 299 119.38 -10.86 -32.31
C GLU GA 299 119.35 -10.38 -33.76
N GLY GA 300 118.34 -10.83 -34.50
CA GLY GA 300 118.15 -10.42 -35.88
C GLY GA 300 119.14 -10.98 -36.88
N SER GA 301 120.03 -11.87 -36.45
CA SER GA 301 121.03 -12.53 -37.29
C SER GA 301 122.14 -11.55 -37.70
N VAL GA 302 121.94 -10.26 -37.43
CA VAL GA 302 122.99 -9.26 -37.55
C VAL GA 302 122.86 -8.31 -36.36
N SER GA 303 123.70 -8.51 -35.36
CA SER GA 303 123.62 -7.68 -34.18
C SER GA 303 124.23 -6.31 -34.45
N VAL GA 304 123.80 -5.32 -33.68
CA VAL GA 304 124.28 -3.97 -33.81
C VAL GA 304 125.52 -3.76 -32.94
N ILE GA 305 125.88 -4.73 -32.12
CA ILE GA 305 127.06 -4.61 -31.27
C ILE GA 305 127.96 -5.83 -31.43
N LEU HA 19 201.43 29.38 -30.16
CA LEU HA 19 200.52 29.68 -29.06
C LEU HA 19 199.18 29.01 -29.29
N ALA HA 20 198.25 29.24 -28.35
CA ALA HA 20 196.89 28.74 -28.46
C ALA HA 20 195.89 29.83 -28.83
N GLY HA 21 196.38 31.04 -29.15
CA GLY HA 21 195.47 32.10 -29.53
C GLY HA 21 194.80 31.86 -30.87
N LEU HA 22 195.57 31.36 -31.84
CA LEU HA 22 194.99 31.07 -33.15
C LEU HA 22 194.08 29.86 -33.09
N ASP HA 23 194.44 28.85 -32.29
CA ASP HA 23 193.62 27.66 -32.19
C ASP HA 23 192.28 27.96 -31.51
N THR HA 24 192.33 28.67 -30.39
CA THR HA 24 191.09 29.06 -29.71
C THR HA 24 190.17 29.83 -30.65
N ALA HA 25 190.75 30.56 -31.60
CA ALA HA 25 189.93 31.23 -32.60
C ALA HA 25 189.30 30.22 -33.55
N ILE HA 26 190.10 29.30 -34.08
CA ILE HA 26 189.56 28.29 -35.00
C ILE HA 26 188.48 27.46 -34.33
N ILE HA 27 188.67 27.17 -33.04
CA ILE HA 27 187.66 26.41 -32.31
C ILE HA 27 186.43 27.28 -32.05
N LEU HA 28 186.64 28.57 -31.78
CA LEU HA 28 185.51 29.46 -31.53
C LEU HA 28 184.69 29.68 -32.79
N ILE HA 29 185.36 29.82 -33.93
CA ILE HA 29 184.64 30.01 -35.19
C ILE HA 29 183.85 28.76 -35.54
N ALA HA 30 184.43 27.59 -35.30
CA ALA HA 30 183.76 26.34 -35.63
C ALA HA 30 182.51 26.13 -34.77
N PHE HA 31 182.65 26.32 -33.46
CA PHE HA 31 181.52 26.06 -32.58
C PHE HA 31 180.38 27.06 -32.79
N ILE HA 32 180.69 28.25 -33.28
CA ILE HA 32 179.63 29.22 -33.56
C ILE HA 32 178.81 28.78 -34.75
N ILE HA 33 179.45 28.17 -35.75
CA ILE HA 33 178.71 27.65 -36.90
C ILE HA 33 177.80 26.52 -36.46
N THR HA 34 178.33 25.58 -35.67
CA THR HA 34 177.51 24.45 -35.22
C THR HA 34 176.38 24.91 -34.32
N ALA HA 35 176.64 25.91 -33.48
CA ALA HA 35 175.58 26.42 -32.62
C ALA HA 35 174.51 27.13 -33.44
N SER HA 36 174.89 27.72 -34.56
CA SER HA 36 173.94 28.47 -35.37
C SER HA 36 173.03 27.55 -36.16
N VAL HA 37 173.58 26.49 -36.77
CA VAL HA 37 172.77 25.61 -37.59
C VAL HA 37 171.74 24.89 -36.73
N LEU HA 38 172.05 24.62 -35.47
CA LEU HA 38 171.05 24.08 -34.57
C LEU HA 38 169.91 25.08 -34.38
N ALA HA 39 170.23 26.37 -34.36
CA ALA HA 39 169.18 27.39 -34.30
C ALA HA 39 168.44 27.49 -35.61
N TYR HA 40 169.14 27.30 -36.74
CA TYR HA 40 168.51 27.32 -38.04
C TYR HA 40 167.42 26.25 -38.14
N VAL HA 41 167.71 25.05 -37.62
CA VAL HA 41 166.74 23.96 -37.70
C VAL HA 41 165.65 24.15 -36.65
N ALA HA 42 166.02 24.61 -35.45
CA ALA HA 42 165.06 24.71 -34.36
C ALA HA 42 163.95 25.70 -34.70
N ILE HA 43 164.32 26.88 -35.20
CA ILE HA 43 163.32 27.87 -35.57
C ILE HA 43 162.48 27.36 -36.73
N ASN HA 44 163.11 26.71 -37.70
CA ASN HA 44 162.38 26.20 -38.86
C ASN HA 44 161.33 25.18 -38.45
N MET HA 45 161.75 24.11 -37.78
CA MET HA 45 160.81 23.10 -37.36
C MET HA 45 159.87 23.61 -36.26
N GLY HA 46 160.30 24.64 -35.53
CA GLY HA 46 159.43 25.19 -34.51
C GLY HA 46 158.18 25.82 -35.09
N LEU HA 47 158.33 26.53 -36.21
CA LEU HA 47 157.16 27.15 -36.84
C LEU HA 47 156.31 26.11 -37.54
N PHE HA 48 156.94 25.09 -38.13
CA PHE HA 48 156.21 24.09 -38.87
C PHE HA 48 155.29 23.29 -37.96
N VAL HA 49 155.81 22.80 -36.85
CA VAL HA 49 154.97 22.07 -35.89
C VAL HA 49 153.91 23.01 -35.31
N THR HA 50 154.28 24.26 -35.08
CA THR HA 50 153.32 25.21 -34.53
C THR HA 50 152.18 25.48 -35.49
N GLN HA 51 152.52 25.76 -36.76
CA GLN HA 51 151.47 26.03 -37.75
C GLN HA 51 150.63 24.79 -38.02
N LYS HA 52 151.24 23.61 -37.95
CA LYS HA 52 150.47 22.38 -38.08
C LYS HA 52 149.50 22.23 -36.91
N ALA HA 53 149.90 22.68 -35.72
CA ALA HA 53 149.01 22.63 -34.57
C ALA HA 53 147.82 23.54 -34.76
N LYS HA 54 148.01 24.67 -35.45
CA LYS HA 54 146.90 25.57 -35.73
C LYS HA 54 145.86 24.91 -36.62
N SER HA 55 146.32 24.16 -37.63
CA SER HA 55 145.38 23.49 -38.52
C SER HA 55 144.57 22.44 -37.79
N THR HA 56 145.16 21.77 -36.81
CA THR HA 56 144.42 20.75 -36.07
C THR HA 56 143.38 21.38 -35.15
N ILE HA 57 143.58 22.63 -34.74
CA ILE HA 57 142.58 23.31 -33.94
C ILE HA 57 141.37 23.63 -34.79
N ASN HA 58 141.59 24.03 -36.03
CA ASN HA 58 140.49 24.34 -36.93
C ASN HA 58 139.69 23.09 -37.24
N LYS HA 59 140.35 22.05 -37.73
CA LYS HA 59 139.66 20.80 -38.06
C LYS HA 59 139.00 20.20 -36.83
N GLY HA 60 139.58 20.42 -35.65
CA GLY HA 60 138.97 19.91 -34.43
C GLY HA 60 137.64 20.58 -34.15
N GLU HA 61 137.57 21.90 -34.29
CA GLU HA 61 136.33 22.61 -34.04
C GLU HA 61 135.29 22.30 -35.11
N GLU HA 62 135.73 22.15 -36.36
CA GLU HA 62 134.79 21.84 -37.43
C GLU HA 62 134.14 20.48 -37.21
N THR HA 63 134.88 19.53 -36.64
CA THR HA 63 134.31 18.23 -36.32
C THR HA 63 133.26 18.35 -35.23
N ALA HA 64 133.49 19.23 -34.26
CA ALA HA 64 132.57 19.36 -33.14
C ALA HA 64 131.39 20.27 -33.45
N SER HA 65 131.48 21.08 -34.49
CA SER HA 65 130.43 22.07 -34.75
C SER HA 65 129.42 21.58 -35.79
N THR HA 66 129.86 20.87 -36.82
CA THR HA 66 128.97 20.49 -37.91
C THR HA 66 128.35 19.13 -37.66
N ALA HA 67 127.04 19.03 -37.90
CA ALA HA 67 126.31 17.78 -37.79
C ALA HA 67 124.98 17.95 -38.51
N LEU HA 68 124.36 16.82 -38.82
CA LEU HA 68 123.06 16.80 -39.48
C LEU HA 68 121.97 16.43 -38.49
N THR HA 69 120.72 16.58 -38.92
CA THR HA 69 119.60 16.23 -38.06
C THR HA 69 118.39 15.93 -38.94
N LEU HA 70 117.56 15.00 -38.48
CA LEU HA 70 116.38 14.61 -39.22
C LEU HA 70 115.24 15.56 -38.89
N SER HA 71 114.87 16.40 -39.84
CA SER HA 71 113.81 17.39 -39.67
C SER HA 71 112.67 17.01 -40.60
N GLY HA 72 111.67 16.33 -40.05
CA GLY HA 72 110.55 15.88 -40.84
C GLY HA 72 110.46 14.37 -40.85
N SER HA 73 109.22 13.87 -40.83
CA SER HA 73 108.98 12.44 -40.78
C SER HA 73 109.53 11.76 -42.03
N VAL HA 74 109.84 10.48 -41.88
CA VAL HA 74 110.38 9.67 -42.97
C VAL HA 74 109.25 8.86 -43.58
N LEU HA 75 109.23 8.79 -44.91
CA LEU HA 75 108.17 8.10 -45.63
C LEU HA 75 108.69 6.78 -46.18
N TYR HA 76 107.75 5.89 -46.48
CA TYR HA 76 108.06 4.56 -47.02
C TYR HA 76 106.97 4.20 -48.02
N ALA HA 77 107.38 3.90 -49.25
CA ALA HA 77 106.45 3.59 -50.33
C ALA HA 77 106.40 2.09 -50.55
N VAL HA 78 105.21 1.59 -50.86
CA VAL HA 78 104.98 0.16 -51.06
C VAL HA 78 103.65 -0.01 -51.78
N ASN HA 79 103.53 -1.09 -52.55
CA ASN HA 79 102.23 -1.41 -53.15
C ASN HA 79 101.24 -1.75 -52.05
N TYR HA 80 100.27 -0.86 -51.83
CA TYR HA 80 99.45 -0.95 -50.61
C TYR HA 80 98.57 -2.20 -50.57
N PRO HA 81 97.81 -2.54 -51.62
CA PRO HA 81 96.93 -3.72 -51.51
C PRO HA 81 97.68 -4.99 -51.18
N SER HA 82 98.67 -5.34 -51.98
CA SER HA 82 99.48 -6.53 -51.78
C SER HA 82 100.91 -6.08 -51.45
N ASN HA 83 101.24 -6.07 -50.16
CA ASN HA 83 102.55 -5.59 -49.71
C ASN HA 83 103.60 -6.64 -50.07
N THR HA 84 104.06 -6.57 -51.31
CA THR HA 84 105.05 -7.50 -51.81
C THR HA 84 106.35 -6.83 -52.22
N ARG HA 85 106.27 -5.68 -52.87
CA ARG HA 85 107.44 -4.99 -53.38
C ARG HA 85 107.83 -3.84 -52.46
N SER HA 86 108.80 -3.04 -52.89
CA SER HA 86 109.21 -1.84 -52.19
C SER HA 86 109.70 -0.83 -53.22
N TYR HA 87 109.38 0.44 -53.01
CA TYR HA 87 109.59 1.44 -54.04
C TYR HA 87 110.66 2.46 -53.67
N TRP HA 88 110.50 3.18 -52.56
CA TRP HA 88 111.48 4.19 -52.18
C TRP HA 88 111.27 4.58 -50.73
N ILE HA 89 112.24 5.33 -50.20
CA ILE HA 89 112.19 5.88 -48.85
C ILE HA 89 112.70 7.31 -48.92
N TYR HA 90 111.90 8.25 -48.45
CA TYR HA 90 112.21 9.67 -48.57
C TYR HA 90 112.14 10.33 -47.20
N PHE HA 91 113.12 11.20 -46.93
CA PHE HA 91 113.14 11.97 -45.69
C PHE HA 91 114.02 13.18 -45.89
N THR HA 92 113.74 14.22 -45.10
CA THR HA 92 114.47 15.47 -45.18
C THR HA 92 115.57 15.52 -44.12
N VAL HA 93 116.61 16.28 -44.42
CA VAL HA 93 117.77 16.40 -43.54
C VAL HA 93 118.25 17.84 -43.59
N SER HA 94 118.56 18.38 -42.42
CA SER HA 94 119.06 19.76 -42.31
C SER HA 94 120.27 19.75 -41.40
N PRO HA 95 121.10 20.79 -41.47
CA PRO HA 95 122.21 20.91 -40.51
C PRO HA 95 121.70 20.85 -39.08
N SER HA 96 122.58 20.38 -38.18
CA SER HA 96 122.16 20.11 -36.80
C SER HA 96 121.44 21.29 -36.18
N SER HA 97 121.98 22.49 -36.35
CA SER HA 97 121.33 23.71 -35.91
C SER HA 97 121.92 24.85 -36.72
N GLY HA 98 121.62 26.08 -36.31
CA GLY HA 98 122.21 27.21 -36.99
C GLY HA 98 123.67 27.39 -36.61
N VAL HA 99 124.54 26.48 -37.07
CA VAL HA 99 125.93 26.49 -36.62
C VAL HA 99 126.90 26.61 -37.80
N SER HA 100 126.83 25.69 -38.76
CA SER HA 100 127.81 25.67 -39.84
C SER HA 100 127.31 24.76 -40.94
N SER HA 101 127.83 24.99 -42.14
CA SER HA 101 127.42 24.23 -43.32
C SER HA 101 128.05 22.85 -43.32
N VAL HA 102 127.33 21.90 -43.92
CA VAL HA 102 127.78 20.53 -44.03
C VAL HA 102 127.88 20.16 -45.50
N GLU HA 103 128.89 19.38 -45.84
CA GLU HA 103 129.14 18.97 -47.20
C GLU HA 103 128.46 17.64 -47.50
N LEU HA 104 127.87 17.53 -48.69
CA LEU HA 104 127.13 16.35 -49.09
C LEU HA 104 127.51 15.89 -50.49
N SER HA 105 128.75 16.11 -50.87
CA SER HA 105 129.19 15.67 -52.20
C SER HA 105 129.21 14.15 -52.25
N PRO HA 106 128.60 13.55 -53.28
CA PRO HA 106 128.50 12.08 -53.31
C PRO HA 106 129.82 11.37 -53.44
N SER HA 107 130.90 12.08 -53.78
CA SER HA 107 132.19 11.43 -53.90
C SER HA 107 132.85 11.22 -52.54
N THR HA 108 132.55 12.09 -51.56
CA THR HA 108 133.22 12.09 -50.27
C THR HA 108 132.23 11.97 -49.13
N THR HA 109 131.24 11.08 -49.25
CA THR HA 109 130.33 10.80 -48.17
C THR HA 109 129.66 9.45 -48.45
N ALA HA 110 129.12 8.85 -47.39
CA ALA HA 110 128.53 7.53 -47.47
C ALA HA 110 127.16 7.52 -46.84
N ILE HA 111 126.27 6.70 -47.38
CA ILE HA 111 124.92 6.49 -46.85
C ILE HA 111 124.69 5.00 -46.79
N SER HA 112 124.80 4.42 -45.60
CA SER HA 112 124.70 2.99 -45.42
C SER HA 112 123.27 2.59 -45.10
N PHE HA 113 122.91 1.38 -45.49
CA PHE HA 113 121.57 0.85 -45.27
C PHE HA 113 121.69 -0.58 -44.76
N THR HA 114 121.14 -0.84 -43.59
CA THR HA 114 121.23 -2.16 -42.97
C THR HA 114 119.87 -2.54 -42.39
N ALA HA 115 119.22 -3.52 -43.01
CA ALA HA 115 117.99 -4.10 -42.49
C ALA HA 115 118.34 -5.27 -41.58
N SER HA 116 117.79 -5.27 -40.38
CA SER HA 116 118.21 -6.25 -39.38
C SER HA 116 117.71 -7.65 -39.71
N ALA HA 117 116.39 -7.81 -39.84
CA ALA HA 117 115.81 -9.15 -39.91
C ALA HA 117 116.35 -9.94 -41.09
N GLU HA 118 116.17 -9.44 -42.30
CA GLU HA 118 116.58 -10.19 -43.49
C GLU HA 118 118.09 -10.30 -43.63
N GLY HA 119 118.86 -9.70 -42.73
CA GLY HA 119 120.30 -9.81 -42.77
C GLY HA 119 120.98 -9.09 -43.90
N ILE HA 120 120.26 -8.33 -44.71
CA ILE HA 120 120.88 -7.56 -45.78
C ILE HA 120 121.55 -6.32 -45.18
N SER HA 121 122.63 -5.89 -45.82
CA SER HA 121 123.37 -4.74 -45.34
C SER HA 121 124.18 -4.16 -46.48
N TYR HA 122 124.23 -2.83 -46.55
CA TYR HA 122 124.91 -2.12 -47.62
C TYR HA 122 125.94 -1.18 -47.01
N SER HA 123 126.64 -0.44 -47.87
CA SER HA 123 127.57 0.58 -47.44
C SER HA 123 127.78 1.55 -48.58
N ASN HA 124 127.54 2.83 -48.33
CA ASN HA 124 127.74 3.90 -49.30
C ASN HA 124 126.92 3.64 -50.57
N ILE HA 125 125.59 3.65 -50.39
CA ILE HA 125 124.69 3.58 -51.54
C ILE HA 125 124.50 4.94 -52.20
N TYR HA 126 125.08 6.00 -51.64
CA TYR HA 126 124.95 7.33 -52.19
C TYR HA 126 125.69 7.42 -53.52
N GLU HA 127 124.97 7.75 -54.58
CA GLU HA 127 125.58 7.82 -55.90
C GLU HA 127 125.55 9.21 -56.52
N TYR HA 128 124.38 9.85 -56.61
CA TYR HA 128 124.24 11.08 -57.35
C TYR HA 128 123.59 12.15 -56.48
N THR HA 129 123.49 13.36 -57.02
CA THR HA 129 122.90 14.47 -56.30
C THR HA 129 122.40 15.50 -57.31
N LEU HA 130 121.37 16.24 -56.91
CA LEU HA 130 120.84 17.34 -57.70
C LEU HA 130 121.23 18.70 -57.14
N LEU HA 131 122.06 18.73 -56.10
CA LEU HA 131 122.49 19.99 -55.51
C LEU HA 131 123.45 20.75 -56.40
N THR HA 132 123.93 20.15 -57.49
CA THR HA 132 124.89 20.80 -58.38
C THR HA 132 124.29 21.22 -59.70
N VAL HA 133 123.12 20.70 -60.07
CA VAL HA 133 122.53 20.97 -61.37
C VAL HA 133 121.90 22.36 -61.34
N SER HA 134 122.36 23.25 -62.23
CA SER HA 134 121.81 24.58 -62.32
C SER HA 134 120.42 24.52 -62.96
N PRO HA 135 119.51 25.41 -62.54
CA PRO HA 135 118.15 25.37 -63.10
C PRO HA 135 118.07 25.75 -64.57
N SER HA 136 119.17 26.21 -65.17
CA SER HA 136 119.12 26.59 -66.58
C SER HA 136 118.96 25.37 -67.47
N GLU HA 137 119.71 24.30 -67.20
CA GLU HA 137 119.61 23.11 -68.02
C GLU HA 137 118.27 22.42 -67.86
N LEU HA 138 117.77 22.36 -66.62
CA LEU HA 138 116.54 21.63 -66.36
C LEU HA 138 115.34 22.26 -67.05
N ALA HA 139 115.15 23.57 -66.86
CA ALA HA 139 113.99 24.25 -67.41
C ALA HA 139 114.00 24.31 -68.93
N ASN HA 140 115.03 23.77 -69.57
CA ASN HA 140 115.13 23.87 -71.03
C ASN HA 140 114.06 23.02 -71.72
N GLN HA 141 114.13 21.70 -71.54
CA GLN HA 141 113.21 20.83 -72.28
C GLN HA 141 112.84 19.62 -71.43
N VAL HA 142 111.56 19.54 -71.08
CA VAL HA 142 110.89 18.30 -70.69
C VAL HA 142 109.39 18.57 -70.80
N TYR HA 143 108.66 17.66 -71.42
CA TYR HA 143 107.24 17.90 -71.65
C TYR HA 143 106.56 16.61 -72.09
N ALA HA 144 105.26 16.54 -71.81
CA ALA HA 144 104.45 15.40 -72.23
C ALA HA 144 103.08 15.84 -72.74
N ASN HA 145 102.82 17.13 -72.84
CA ASN HA 145 101.56 17.65 -73.34
C ASN HA 145 101.84 18.97 -74.06
N GLY HA 146 100.80 19.77 -74.25
CA GLY HA 146 100.92 21.00 -75.02
C GLY HA 146 101.83 22.07 -74.45
N GLN HA 147 102.56 21.77 -73.38
CA GLN HA 147 103.41 22.78 -72.77
C GLN HA 147 104.49 22.12 -71.93
N TYR HA 148 105.66 22.77 -71.88
CA TYR HA 148 106.75 22.32 -71.02
C TYR HA 148 106.47 22.72 -69.57
N LEU HA 149 107.02 21.94 -68.65
CA LEU HA 149 106.83 22.16 -67.22
C LEU HA 149 108.15 22.53 -66.56
N ASP HA 150 108.06 23.43 -65.58
CA ASP HA 150 109.23 23.86 -64.83
C ASP HA 150 109.44 22.95 -63.62
N LEU HA 151 110.54 22.21 -63.62
CA LEU HA 151 110.78 21.23 -62.58
C LEU HA 151 111.20 21.87 -61.27
N VAL HA 152 111.85 23.04 -61.32
CA VAL HA 152 112.39 23.69 -60.14
C VAL HA 152 111.79 25.09 -60.04
N ASN HA 153 111.42 25.49 -58.83
CA ASN HA 153 110.94 26.84 -58.55
C ASN HA 153 112.05 27.63 -57.89
N GLN HA 154 112.25 28.87 -58.35
CA GLN HA 154 113.37 29.67 -57.90
C GLN HA 154 112.91 31.07 -57.51
N GLN HA 155 113.50 31.59 -56.43
CA GLN HA 155 113.18 32.90 -55.90
C GLN HA 155 114.47 33.65 -55.61
N THR HA 156 114.39 34.98 -55.65
CA THR HA 156 115.55 35.83 -55.47
C THR HA 156 115.26 36.94 -54.48
N ASN HA 157 116.20 37.16 -53.56
CA ASN HA 157 116.16 38.30 -52.66
C ASN HA 157 117.54 38.50 -52.06
N ALA HA 158 117.85 39.76 -51.72
CA ALA HA 158 119.13 40.12 -51.14
C ALA HA 158 120.29 39.75 -52.07
N GLY HA 159 120.08 39.89 -53.36
CA GLY HA 159 121.11 39.64 -54.35
C GLY HA 159 121.42 38.19 -54.61
N GLN HA 160 120.79 37.26 -53.91
CA GLN HA 160 121.01 35.84 -54.09
C GLN HA 160 119.77 35.19 -54.68
N THR HA 161 119.94 33.99 -55.22
CA THR HA 161 118.84 33.23 -55.78
C THR HA 161 118.75 31.88 -55.07
N TYR HA 162 117.53 31.44 -54.81
CA TYR HA 162 117.26 30.18 -54.15
C TYR HA 162 116.47 29.27 -55.09
N VAL HA 163 116.78 27.98 -55.08
CA VAL HA 163 116.02 27.00 -55.86
C VAL HA 163 115.60 25.88 -54.92
N TYR HA 164 114.53 25.20 -55.31
CA TYR HA 164 114.03 24.04 -54.57
C TYR HA 164 113.03 23.30 -55.43
N TYR HA 165 112.98 21.99 -55.25
CA TYR HA 165 112.06 21.15 -56.01
C TYR HA 165 110.82 20.89 -55.18
N PRO HA 166 109.65 21.36 -55.59
CA PRO HA 166 108.47 21.30 -54.73
C PRO HA 166 107.83 19.92 -54.63
N ASN HA 167 108.48 18.88 -55.14
CA ASN HA 167 107.85 17.56 -55.19
C ASN HA 167 108.91 16.51 -55.46
N PRO HA 168 108.88 15.37 -54.75
CA PRO HA 168 109.82 14.30 -55.09
C PRO HA 168 109.68 13.81 -56.51
N TYR HA 169 108.49 13.89 -57.08
CA TYR HA 169 108.29 13.42 -58.45
C TYR HA 169 108.95 14.33 -59.46
N TYR HA 170 108.98 15.64 -59.18
CA TYR HA 170 109.67 16.56 -60.08
C TYR HA 170 111.17 16.32 -60.04
N ALA HA 171 111.71 15.92 -58.89
CA ALA HA 171 113.13 15.62 -58.80
C ALA HA 171 113.47 14.34 -59.53
N LEU HA 172 112.59 13.34 -59.47
CA LEU HA 172 112.82 12.11 -60.21
C LEU HA 172 112.85 12.37 -61.71
N LEU HA 173 111.92 13.20 -62.20
CA LEU HA 173 111.95 13.58 -63.60
C LEU HA 173 113.18 14.44 -63.91
N ALA HA 174 113.59 15.27 -62.96
CA ALA HA 174 114.79 16.07 -63.16
C ALA HA 174 116.03 15.20 -63.11
N LEU HA 175 116.04 14.20 -62.25
CA LEU HA 175 117.20 13.31 -62.18
C LEU HA 175 117.35 12.50 -63.45
N ASN HA 176 116.23 12.09 -64.05
CA ASN HA 176 116.29 11.31 -65.28
C ASN HA 176 116.98 12.09 -66.38
N TYR HA 177 116.64 13.37 -66.52
CA TYR HA 177 117.26 14.18 -67.56
C TYR HA 177 118.74 14.40 -67.30
N THR HA 178 119.11 14.61 -66.05
CA THR HA 178 120.51 14.87 -65.72
C THR HA 178 121.40 13.68 -66.07
N LEU HA 179 120.96 12.48 -65.71
CA LEU HA 179 121.72 11.29 -66.06
C LEU HA 179 121.74 11.06 -67.57
N SER HA 180 120.79 11.66 -68.28
CA SER HA 180 120.74 11.48 -69.74
C SER HA 180 121.70 12.43 -70.42
N LYS HA 181 121.50 13.73 -70.24
CA LYS HA 181 122.24 14.74 -70.99
C LYS HA 181 123.37 15.39 -70.21
N ILE HA 182 123.16 15.71 -68.93
CA ILE HA 182 124.20 16.40 -68.17
C ILE HA 182 125.35 15.46 -67.83
N ASP HA 183 125.05 14.40 -67.07
CA ASP HA 183 126.07 13.42 -66.73
C ASP HA 183 126.09 12.34 -67.79
N LYS HA 184 127.27 12.09 -68.37
CA LYS HA 184 127.40 11.13 -69.47
C LYS HA 184 127.78 9.75 -68.93
N VAL HA 185 126.90 9.21 -68.08
CA VAL HA 185 127.06 7.87 -67.54
C VAL HA 185 126.40 6.88 -68.49
N SER HA 186 127.14 5.83 -68.87
CA SER HA 186 126.62 4.92 -69.88
C SER HA 186 125.58 3.95 -69.29
N PRO HA 187 125.83 3.28 -68.14
CA PRO HA 187 124.72 2.55 -67.50
C PRO HA 187 123.92 3.49 -66.61
N SER HA 188 122.72 3.84 -67.07
CA SER HA 188 121.87 4.75 -66.32
C SER HA 188 120.93 3.95 -65.44
N PRO HA 189 121.04 4.08 -64.11
CA PRO HA 189 120.18 3.24 -63.25
C PRO HA 189 118.71 3.59 -63.35
N LEU HA 190 118.37 4.88 -63.33
CA LEU HA 190 116.98 5.31 -63.38
C LEU HA 190 116.60 5.61 -64.82
N TYR HA 191 115.45 5.12 -65.24
CA TYR HA 191 114.93 5.37 -66.58
C TYR HA 191 113.42 5.51 -66.48
N ILE HA 192 112.94 6.76 -66.52
CA ILE HA 192 111.52 7.05 -66.42
C ILE HA 192 110.97 7.22 -67.83
N THR HA 193 109.98 6.42 -68.18
CA THR HA 193 109.38 6.46 -69.50
C THR HA 193 107.87 6.38 -69.37
N THR HA 194 107.18 7.04 -70.31
CA THR HA 194 105.72 7.06 -70.30
C THR HA 194 105.12 5.87 -71.03
N THR HA 195 105.90 5.16 -71.84
CA THR HA 195 105.36 4.05 -72.61
C THR HA 195 104.91 2.93 -71.68
N THR HA 196 103.95 2.14 -72.17
CA THR HA 196 103.46 1.01 -71.41
C THR HA 196 104.60 0.05 -71.11
N PRO HA 197 104.71 -0.46 -69.88
CA PRO HA 197 105.81 -1.38 -69.56
C PRO HA 197 105.84 -2.61 -70.44
N SER HA 198 104.70 -3.00 -71.01
CA SER HA 198 104.68 -4.12 -71.95
C SER HA 198 105.51 -3.80 -73.18
N SER HA 199 105.23 -2.66 -73.82
CA SER HA 199 106.00 -2.26 -74.98
C SER HA 199 107.41 -1.84 -74.59
N ALA HA 200 107.57 -1.22 -73.42
CA ALA HA 200 108.89 -0.81 -72.98
C ALA HA 200 109.81 -2.01 -72.79
N THR HA 201 109.30 -3.06 -72.15
CA THR HA 201 110.07 -4.30 -72.02
C THR HA 201 110.31 -4.94 -73.38
N GLN HA 202 109.41 -4.72 -74.33
CA GLN HA 202 109.58 -5.31 -75.65
C GLN HA 202 110.72 -4.64 -76.42
N ILE HA 203 110.77 -3.30 -76.38
CA ILE HA 203 111.82 -2.59 -77.08
C ILE HA 203 113.14 -2.72 -76.32
N TYR HA 204 113.14 -2.38 -75.03
CA TYR HA 204 114.32 -2.48 -74.20
C TYR HA 204 114.22 -3.74 -73.35
N PRO HA 205 114.87 -4.84 -73.71
CA PRO HA 205 114.71 -6.07 -72.93
C PRO HA 205 115.35 -6.01 -71.56
N PHE HA 206 116.31 -5.13 -71.34
CA PHE HA 206 116.97 -5.02 -70.04
C PHE HA 206 116.11 -4.36 -68.99
N LEU HA 207 114.84 -4.11 -69.28
CA LEU HA 207 113.92 -3.55 -68.30
C LEU HA 207 113.12 -4.61 -67.57
N ALA HA 208 113.19 -5.87 -68.00
CA ALA HA 208 112.49 -6.94 -67.32
C ALA HA 208 113.16 -7.36 -66.01
N HIS HA 209 114.30 -6.76 -65.68
CA HIS HA 209 115.04 -7.10 -64.47
C HIS HA 209 115.17 -5.91 -63.53
N ASP HA 210 114.28 -4.93 -63.64
CA ASP HA 210 114.33 -3.72 -62.84
C ASP HA 210 113.12 -3.63 -61.93
N ASN HA 211 113.24 -2.82 -60.89
CA ASN HA 211 112.13 -2.54 -60.00
C ASN HA 211 111.35 -1.36 -60.56
N MET HA 212 110.05 -1.55 -60.78
CA MET HA 212 109.22 -0.55 -61.44
C MET HA 212 108.10 -0.10 -60.52
N PHE HA 213 107.95 1.22 -60.39
CA PHE HA 213 106.81 1.82 -59.73
C PHE HA 213 106.31 2.97 -60.59
N THR HA 214 105.09 3.42 -60.30
CA THR HA 214 104.41 4.39 -61.15
C THR HA 214 104.00 5.61 -60.35
N PHE HA 215 103.89 6.74 -61.05
CA PHE HA 215 103.33 7.96 -60.48
C PHE HA 215 102.67 8.75 -61.61
N THR HA 216 101.55 9.38 -61.29
CA THR HA 216 100.73 10.04 -62.28
C THR HA 216 100.67 11.54 -62.02
N LEU HA 217 100.41 12.29 -63.09
CA LEU HA 217 100.29 13.74 -63.03
C LEU HA 217 99.09 14.18 -63.85
N ASN HA 218 98.57 15.36 -63.52
CA ASN HA 218 97.46 15.97 -64.24
C ASN HA 218 98.02 17.17 -64.98
N ILE HA 219 98.55 16.94 -66.17
CA ILE HA 219 99.20 17.97 -66.96
C ILE HA 219 98.27 18.37 -68.09
N SER HA 220 97.93 19.67 -68.13
CA SER HA 220 97.05 20.22 -69.16
C SER HA 220 95.71 19.48 -69.21
N GLY HA 221 95.18 19.17 -68.02
CA GLY HA 221 93.91 18.49 -67.91
C GLY HA 221 93.93 17.02 -68.27
N THR HA 222 95.01 16.52 -68.83
CA THR HA 222 95.12 15.12 -69.23
C THR HA 222 96.03 14.39 -68.25
N LEU HA 223 95.57 13.25 -67.76
CA LEU HA 223 96.36 12.46 -66.83
C LEU HA 223 97.52 11.80 -67.58
N VAL HA 224 98.73 11.96 -67.05
CA VAL HA 224 99.93 11.38 -67.63
C VAL HA 224 100.53 10.43 -66.61
N THR HA 225 100.85 9.22 -67.05
CA THR HA 225 101.38 8.17 -66.19
C THR HA 225 102.85 7.95 -66.53
N TYR HA 226 103.66 7.73 -65.50
CA TYR HA 226 105.08 7.47 -65.68
C TYR HA 226 105.45 6.13 -65.07
N TYR HA 227 106.54 5.56 -65.57
CA TYR HA 227 107.05 4.27 -65.09
C TYR HA 227 108.54 4.42 -64.81
N ALA HA 228 108.94 4.15 -63.58
CA ALA HA 228 110.33 4.35 -63.14
C ALA HA 228 111.01 3.00 -62.99
N PHE HA 229 112.06 2.77 -63.78
CA PHE HA 229 112.79 1.52 -63.78
C PHE HA 229 114.14 1.74 -63.10
N VAL HA 230 114.36 1.05 -61.99
CA VAL HA 230 115.61 1.15 -61.23
C VAL HA 230 116.24 -0.24 -61.18
N ASN HA 231 117.57 -0.29 -61.32
CA ASN HA 231 118.29 -1.56 -61.31
C ASN HA 231 119.36 -1.60 -60.24
N GLN HA 232 119.29 -0.72 -59.24
CA GLN HA 232 120.33 -0.63 -58.23
C GLN HA 232 119.82 0.21 -57.08
N THR HA 233 120.08 -0.23 -55.86
CA THR HA 233 119.70 0.52 -54.67
C THR HA 233 120.66 1.69 -54.50
N PHE HA 234 120.20 2.90 -54.80
CA PHE HA 234 121.02 4.08 -54.66
C PHE HA 234 120.16 5.21 -54.13
N ALA HA 235 120.83 6.24 -53.62
CA ALA HA 235 120.16 7.38 -53.01
C ALA HA 235 120.77 8.66 -53.53
N PHE HA 236 119.94 9.70 -53.63
CA PHE HA 236 120.38 11.02 -54.08
C PHE HA 236 119.75 12.08 -53.20
N THR HA 237 120.17 13.32 -53.39
CA THR HA 237 119.68 14.44 -52.62
C THR HA 237 119.33 15.59 -53.55
N TYR HA 238 118.52 16.51 -53.04
CA TYR HA 238 118.10 17.69 -53.79
C TYR HA 238 117.59 18.72 -52.79
N PRO HA 239 117.78 20.01 -53.07
CA PRO HA 239 117.34 21.03 -52.12
C PRO HA 239 115.84 21.10 -52.03
N VAL HA 240 115.34 21.49 -50.85
CA VAL HA 240 113.90 21.62 -50.66
C VAL HA 240 113.57 22.95 -49.99
N ALA HA 241 114.57 23.61 -49.41
CA ALA HA 241 114.30 24.88 -48.75
C ALA HA 241 115.59 25.65 -48.53
N GLY HA 242 115.59 26.91 -48.96
CA GLY HA 242 116.65 27.85 -48.63
C GLY HA 242 118.06 27.42 -48.99
N ASP HA 243 118.30 27.17 -50.28
CA ASP HA 243 119.60 26.72 -50.77
C ASP HA 243 120.14 27.73 -51.77
N PRO HA 244 120.83 28.77 -51.29
CA PRO HA 244 121.39 29.75 -52.23
C PRO HA 244 122.54 29.20 -53.04
N LEU HA 245 123.46 28.48 -52.41
CA LEU HA 245 124.63 27.92 -53.10
C LEU HA 245 124.18 26.74 -53.96
N ILE HA 246 124.04 26.97 -55.25
CA ILE HA 246 123.64 25.93 -56.20
C ILE HA 246 124.83 25.65 -57.12
N GLY HA 247 125.20 24.38 -57.22
CA GLY HA 247 126.41 23.99 -57.90
C GLY HA 247 127.58 23.69 -57.00
N SER HA 248 127.38 23.69 -55.68
CA SER HA 248 128.45 23.47 -54.73
C SER HA 248 128.27 22.23 -53.87
N ALA HA 249 127.09 21.62 -53.86
CA ALA HA 249 126.82 20.41 -53.09
C ALA HA 249 127.10 20.62 -51.61
N ILE HA 250 126.76 21.81 -51.12
CA ILE HA 250 126.95 22.18 -49.72
C ILE HA 250 125.60 22.55 -49.14
N ALA HA 251 125.30 22.03 -47.96
CA ALA HA 251 124.06 22.37 -47.28
C ALA HA 251 124.29 23.60 -46.40
N PRO HA 252 123.83 24.77 -46.80
CA PRO HA 252 124.11 25.97 -46.03
C PRO HA 252 123.35 25.97 -44.72
N ALA HA 253 123.96 26.55 -43.69
CA ALA HA 253 123.35 26.58 -42.37
C ALA HA 253 122.01 27.30 -42.44
N GLY HA 254 120.93 26.56 -42.20
CA GLY HA 254 119.60 27.07 -42.33
C GLY HA 254 118.81 26.47 -43.47
N SER HA 255 119.41 25.57 -44.23
CA SER HA 255 118.75 24.94 -45.37
C SER HA 255 118.13 23.61 -44.95
N VAL HA 256 117.35 23.04 -45.88
CA VAL HA 256 116.78 21.72 -45.71
C VAL HA 256 117.09 20.93 -46.97
N ILE HA 257 117.59 19.72 -46.80
CA ILE HA 257 117.94 18.84 -47.91
C ILE HA 257 117.05 17.61 -47.84
N GLY HA 258 116.61 17.13 -49.00
CA GLY HA 258 115.78 15.96 -49.09
C GLY HA 258 116.55 14.78 -49.62
N VAL HA 259 116.47 13.66 -48.91
CA VAL HA 259 117.15 12.43 -49.28
C VAL HA 259 116.10 11.42 -49.72
N MET HA 260 116.39 10.71 -50.82
CA MET HA 260 115.47 9.71 -51.35
C MET HA 260 116.27 8.49 -51.77
N ILE HA 261 115.93 7.33 -51.21
CA ILE HA 261 116.58 6.07 -51.52
C ILE HA 261 115.66 5.27 -52.42
N LEU HA 262 116.16 4.86 -53.58
CA LEU HA 262 115.40 4.03 -54.52
C LEU HA 262 115.86 2.58 -54.38
N PHE HA 263 114.89 1.68 -54.32
CA PHE HA 263 115.15 0.27 -54.03
C PHE HA 263 115.25 -0.53 -55.32
N GLY HA 264 116.41 -1.12 -55.54
CA GLY HA 264 116.63 -1.94 -56.71
C GLY HA 264 116.04 -3.33 -56.55
N PRO HA 265 116.28 -4.20 -57.53
CA PRO HA 265 115.69 -5.54 -57.46
C PRO HA 265 116.32 -6.42 -56.42
N ASP HA 266 117.59 -6.19 -56.08
CA ASP HA 266 118.25 -6.99 -55.06
C ASP HA 266 117.58 -6.84 -53.70
N LEU HA 267 116.94 -5.69 -53.46
CA LEU HA 267 116.36 -5.37 -52.17
C LEU HA 267 114.87 -5.06 -52.23
N GLY HA 268 114.38 -4.54 -53.35
CA GLY HA 268 113.00 -4.12 -53.43
C GLY HA 268 112.00 -5.26 -53.29
N SER HA 269 112.45 -6.50 -53.50
CA SER HA 269 111.54 -7.64 -53.40
C SER HA 269 111.04 -7.86 -51.98
N HIS HA 270 111.78 -7.41 -50.98
CA HIS HA 270 111.39 -7.61 -49.59
C HIS HA 270 110.50 -6.47 -49.12
N VAL HA 271 109.79 -6.72 -48.02
CA VAL HA 271 109.01 -5.71 -47.33
C VAL HA 271 109.42 -5.72 -45.87
N PHE HA 272 109.63 -4.53 -45.31
CA PHE HA 272 110.14 -4.38 -43.95
C PHE HA 272 108.96 -4.30 -43.00
N GLN HA 273 108.65 -5.41 -42.34
CA GLN HA 273 107.60 -5.47 -41.34
C GLN HA 273 108.15 -6.12 -40.09
N TYR HA 274 107.94 -5.47 -38.95
CA TYR HA 274 108.48 -5.92 -37.67
C TYR HA 274 109.99 -6.07 -37.71
N GLN HA 275 110.64 -5.16 -38.43
CA GLN HA 275 112.08 -5.11 -38.53
C GLN HA 275 112.58 -3.75 -38.07
N THR HA 276 113.89 -3.65 -37.84
CA THR HA 276 114.54 -2.42 -37.42
C THR HA 276 115.47 -1.95 -38.54
N ILE HA 277 115.05 -0.93 -39.26
CA ILE HA 277 115.82 -0.38 -40.37
C ILE HA 277 116.75 0.68 -39.82
N THR HA 278 117.95 0.77 -40.40
CA THR HA 278 118.96 1.72 -39.94
C THR HA 278 119.67 2.32 -41.14
N ILE HA 279 119.68 3.65 -41.20
CA ILE HA 279 120.37 4.39 -42.25
C ILE HA 279 121.35 5.33 -41.58
N GLN HA 280 122.56 5.44 -42.15
CA GLN HA 280 123.61 6.24 -41.56
C GLN HA 280 124.25 7.13 -42.61
N ILE HA 281 124.32 8.43 -42.32
CA ILE HA 281 124.92 9.41 -43.22
C ILE HA 281 126.16 9.98 -42.52
N THR HA 282 127.33 9.75 -43.09
CA THR HA 282 128.59 10.21 -42.51
C THR HA 282 129.29 11.15 -43.48
N PRO HA 283 129.26 12.46 -43.23
CA PRO HA 283 130.00 13.39 -44.09
C PRO HA 283 131.49 13.28 -43.85
N ASN HA 284 132.25 13.88 -44.77
CA ASN HA 284 133.70 13.84 -44.67
C ASN HA 284 134.22 14.64 -43.48
N ILE HA 285 133.43 15.58 -42.98
CA ILE HA 285 133.79 16.35 -41.79
C ILE HA 285 132.55 16.51 -40.93
N GLY HA 286 132.62 16.04 -39.70
CA GLY HA 286 131.52 16.16 -38.76
C GLY HA 286 131.04 14.81 -38.27
N SER HA 287 130.14 14.87 -37.31
CA SER HA 287 129.58 13.66 -36.74
C SER HA 287 128.58 13.02 -37.70
N PRO HA 288 128.46 11.71 -37.69
CA PRO HA 288 127.48 11.04 -38.56
C PRO HA 288 126.05 11.30 -38.09
N LEU HA 289 125.09 10.68 -38.78
CA LEU HA 289 123.69 10.74 -38.40
C LEU HA 289 123.09 9.35 -38.55
N THR HA 290 122.57 8.81 -37.45
CA THR HA 290 121.97 7.49 -37.44
C THR HA 290 120.50 7.59 -37.12
N ILE HA 291 119.69 6.88 -37.91
CA ILE HA 291 118.24 6.85 -37.71
C ILE HA 291 117.80 5.39 -37.74
N SER HA 292 117.44 4.85 -36.59
CA SER HA 292 117.00 3.46 -36.46
C SER HA 292 115.54 3.46 -36.05
N GLU HA 293 114.67 3.07 -36.96
CA GLU HA 293 113.24 3.02 -36.71
C GLU HA 293 112.78 1.57 -36.63
N TYR HA 294 111.55 1.40 -36.16
CA TYR HA 294 110.93 0.08 -36.01
C TYR HA 294 109.55 0.15 -36.66
N VAL HA 295 109.41 -0.47 -37.83
CA VAL HA 295 108.18 -0.39 -38.61
C VAL HA 295 107.37 -1.66 -38.41
N TYR HA 296 106.09 -1.50 -38.07
CA TYR HA 296 105.21 -2.65 -37.89
C TYR HA 296 104.62 -3.11 -39.23
N GLN HA 297 103.80 -2.25 -39.84
CA GLN HA 297 103.01 -2.61 -41.01
C GLN HA 297 102.82 -1.36 -41.84
N PRO HA 298 102.92 -1.45 -43.16
CA PRO HA 298 102.65 -0.28 -44.00
C PRO HA 298 101.16 -0.10 -44.26
N GLU HA 299 100.77 1.15 -44.40
CA GLU HA 299 99.37 1.47 -44.70
C GLU HA 299 99.31 2.75 -45.53
N GLY HA 300 98.45 2.74 -46.55
CA GLY HA 300 98.21 3.91 -47.37
C GLY HA 300 99.16 4.10 -48.55
N SER HA 301 100.07 3.16 -48.78
CA SER HA 301 101.03 3.18 -49.88
C SER HA 301 102.10 4.25 -49.67
N VAL HA 302 101.93 5.09 -48.66
CA VAL HA 302 102.98 5.99 -48.20
C VAL HA 302 102.96 5.98 -46.68
N SER HA 303 103.85 5.20 -46.07
CA SER HA 303 103.85 5.01 -44.63
C SER HA 303 104.69 6.08 -43.95
N VAL HA 304 104.10 6.77 -42.99
CA VAL HA 304 104.80 7.83 -42.25
C VAL HA 304 105.50 7.15 -41.08
N ILE HA 305 106.64 6.54 -41.37
CA ILE HA 305 107.47 5.86 -40.38
C ILE HA 305 108.70 5.28 -41.06
N LEU IA 19 130.49 23.29 -19.83
CA LEU IA 19 129.76 22.93 -18.62
C LEU IA 19 128.34 22.52 -18.96
N ALA IA 20 127.70 21.84 -18.02
CA ALA IA 20 126.29 21.47 -18.13
C ALA IA 20 125.36 22.58 -17.67
N GLY IA 21 125.92 23.68 -17.16
CA GLY IA 21 125.08 24.80 -16.78
C GLY IA 21 124.39 25.43 -17.96
N LEU IA 22 125.10 25.52 -19.09
CA LEU IA 22 124.50 26.07 -20.30
C LEU IA 22 123.52 25.07 -20.92
N ASP IA 23 123.83 23.77 -20.82
CA ASP IA 23 122.91 22.77 -21.36
C ASP IA 23 121.65 22.69 -20.51
N THR IA 24 121.79 22.75 -19.19
CA THR IA 24 120.63 22.73 -18.31
C THR IA 24 119.75 23.95 -18.55
N ALA IA 25 120.37 25.10 -18.81
CA ALA IA 25 119.60 26.31 -19.05
C ALA IA 25 118.80 26.22 -20.34
N ILE IA 26 119.36 25.57 -21.36
CA ILE IA 26 118.67 25.47 -22.64
C ILE IA 26 117.51 24.48 -22.55
N ILE IA 27 117.72 23.37 -21.85
CA ILE IA 27 116.63 22.41 -21.67
C ILE IA 27 115.57 22.99 -20.75
N LEU IA 28 115.96 23.83 -19.81
CA LEU IA 28 114.99 24.49 -18.94
C LEU IA 28 114.08 25.39 -19.75
N ILE IA 29 114.58 25.93 -20.87
CA ILE IA 29 113.77 26.80 -21.70
C ILE IA 29 112.77 25.99 -22.50
N ALA IA 30 113.22 24.89 -23.12
CA ALA IA 30 112.35 24.15 -24.02
C ALA IA 30 111.26 23.40 -23.27
N PHE IA 31 111.58 22.86 -22.11
CA PHE IA 31 110.58 22.10 -21.36
C PHE IA 31 109.48 23.01 -20.83
N ILE IA 32 109.72 24.32 -20.77
CA ILE IA 32 108.68 25.24 -20.35
C ILE IA 32 107.89 25.75 -21.55
N ILE IA 33 108.55 25.88 -22.71
CA ILE IA 33 107.81 26.18 -23.93
C ILE IA 33 106.82 25.07 -24.23
N THR IA 34 107.24 23.82 -24.04
CA THR IA 34 106.35 22.68 -24.25
C THR IA 34 105.24 22.67 -23.21
N ALA IA 35 105.57 22.97 -21.96
CA ALA IA 35 104.57 22.90 -20.89
C ALA IA 35 103.60 24.06 -20.98
N SER IA 36 104.02 25.18 -21.58
CA SER IA 36 103.12 26.32 -21.70
C SER IA 36 102.06 26.08 -22.76
N VAL IA 37 102.45 25.48 -23.88
CA VAL IA 37 101.49 25.22 -24.96
C VAL IA 37 100.41 24.27 -24.49
N LEU IA 38 100.77 23.25 -23.70
CA LEU IA 38 99.77 22.36 -23.15
C LEU IA 38 98.76 23.12 -22.30
N ALA IA 39 99.24 24.12 -21.56
CA ALA IA 39 98.34 24.99 -20.82
C ALA IA 39 97.50 25.84 -21.76
N TYR IA 40 98.05 26.15 -22.93
CA TYR IA 40 97.35 27.00 -23.89
C TYR IA 40 96.17 26.26 -24.52
N VAL IA 41 96.37 24.98 -24.85
CA VAL IA 41 95.31 24.21 -25.49
C VAL IA 41 94.32 23.71 -24.45
N ALA IA 42 94.80 23.37 -23.25
CA ALA IA 42 93.93 22.83 -22.22
C ALA IA 42 92.87 23.84 -21.81
N ILE IA 43 93.28 25.10 -21.61
CA ILE IA 43 92.32 26.13 -21.26
C ILE IA 43 91.32 26.34 -22.38
N ASN IA 44 91.83 26.49 -23.61
CA ASN IA 44 90.97 26.77 -24.75
C ASN IA 44 89.91 25.69 -24.92
N MET IA 45 90.34 24.43 -25.03
CA MET IA 45 89.38 23.34 -25.14
C MET IA 45 88.58 23.16 -23.87
N GLY IA 46 89.10 23.64 -22.74
CA GLY IA 46 88.33 23.56 -21.51
C GLY IA 46 87.12 24.47 -21.53
N LEU IA 47 87.32 25.73 -21.93
CA LEU IA 47 86.20 26.67 -22.00
C LEU IA 47 85.21 26.25 -23.07
N PHE IA 48 85.69 25.62 -24.14
CA PHE IA 48 84.81 25.23 -25.22
C PHE IA 48 83.81 24.18 -24.77
N VAL IA 49 84.30 23.05 -24.26
CA VAL IA 49 83.40 21.98 -23.84
C VAL IA 49 82.51 22.45 -22.70
N THR IA 50 83.01 23.37 -21.89
CA THR IA 50 82.20 23.94 -20.81
C THR IA 50 81.01 24.71 -21.36
N GLN IA 51 81.25 25.54 -22.37
CA GLN IA 51 80.14 26.30 -22.96
C GLN IA 51 79.20 25.38 -23.72
N LYS IA 52 79.75 24.38 -24.41
CA LYS IA 52 78.90 23.42 -25.11
C LYS IA 52 78.02 22.66 -24.13
N ALA IA 53 78.46 22.55 -22.87
CA ALA IA 53 77.61 21.95 -21.85
C ALA IA 53 76.48 22.90 -21.45
N LYS IA 54 76.77 24.20 -21.40
CA LYS IA 54 75.72 25.16 -21.08
C LYS IA 54 74.66 25.18 -22.17
N SER IA 55 75.07 24.99 -23.42
CA SER IA 55 74.11 25.01 -24.52
C SER IA 55 73.20 23.78 -24.50
N THR IA 56 73.73 22.64 -24.05
CA THR IA 56 72.91 21.43 -24.03
C THR IA 56 72.07 21.35 -22.77
N ILE IA 57 72.40 22.13 -21.74
CA ILE IA 57 71.52 22.21 -20.58
C ILE IA 57 70.26 22.97 -20.93
N ASN IA 58 70.40 24.05 -21.70
CA ASN IA 58 69.25 24.87 -22.07
C ASN IA 58 68.33 24.12 -23.02
N LYS IA 59 68.90 23.45 -24.03
CA LYS IA 59 68.08 22.70 -24.96
C LYS IA 59 67.42 21.51 -24.27
N GLY IA 60 68.07 20.96 -23.25
CA GLY IA 60 67.45 19.88 -22.50
C GLY IA 60 66.27 20.35 -21.69
N GLU IA 61 66.35 21.54 -21.11
CA GLU IA 61 65.26 22.06 -20.30
C GLU IA 61 64.08 22.48 -21.16
N GLU IA 62 64.35 23.09 -22.31
CA GLU IA 62 63.26 23.49 -23.20
C GLU IA 62 62.49 22.27 -23.70
N THR IA 63 63.21 21.20 -24.05
CA THR IA 63 62.55 19.98 -24.50
C THR IA 63 61.68 19.39 -23.39
N ALA IA 64 62.09 19.55 -22.14
CA ALA IA 64 61.33 19.01 -21.02
C ALA IA 64 60.22 19.95 -20.56
N SER IA 65 60.17 21.17 -21.09
CA SER IA 65 59.16 22.13 -20.68
C SER IA 65 58.05 22.29 -21.71
N THR IA 66 58.41 22.47 -22.97
CA THR IA 66 57.42 22.71 -24.01
C THR IA 66 56.60 21.46 -24.27
N ALA IA 67 55.29 21.65 -24.42
CA ALA IA 67 54.37 20.57 -24.74
C ALA IA 67 53.02 21.15 -25.11
N LEU IA 68 52.36 20.51 -26.07
CA LEU IA 68 51.02 20.90 -26.49
C LEU IA 68 49.99 19.98 -25.85
N THR IA 69 48.78 20.52 -25.71
CA THR IA 69 47.66 19.75 -25.17
C THR IA 69 46.44 19.94 -26.06
N LEU IA 70 45.65 18.89 -26.20
CA LEU IA 70 44.41 18.95 -26.96
C LEU IA 70 43.36 19.62 -26.09
N SER IA 71 43.36 20.95 -26.12
CA SER IA 71 42.38 21.73 -25.38
C SER IA 71 41.18 21.99 -26.30
N GLY IA 72 40.12 21.25 -26.08
CA GLY IA 72 38.93 21.41 -26.91
C GLY IA 72 38.63 20.15 -27.70
N SER IA 73 37.36 20.00 -28.06
CA SER IA 73 36.92 18.82 -28.78
C SER IA 73 37.42 18.84 -30.22
N VAL IA 74 37.17 17.75 -30.93
CA VAL IA 74 37.57 17.59 -32.32
C VAL IA 74 36.32 17.32 -33.15
N LEU IA 75 36.21 18.00 -34.29
CA LEU IA 75 35.07 17.88 -35.18
C LEU IA 75 35.49 17.16 -36.47
N TYR IA 76 34.49 16.66 -37.18
CA TYR IA 76 34.75 15.86 -38.37
C TYR IA 76 33.60 16.09 -39.35
N ALA IA 77 33.91 16.69 -40.49
CA ALA IA 77 32.89 17.07 -41.46
C ALA IA 77 32.65 15.95 -42.46
N VAL IA 78 31.40 15.84 -42.91
CA VAL IA 78 30.98 14.76 -43.79
C VAL IA 78 29.62 15.14 -44.37
N ASN IA 79 29.30 14.64 -45.56
CA ASN IA 79 27.98 14.85 -46.13
C ASN IA 79 26.96 14.03 -45.34
N TYR IA 80 26.31 14.68 -44.36
CA TYR IA 80 25.56 13.93 -43.35
C TYR IA 80 24.42 13.09 -43.89
N PRO IA 81 23.53 13.59 -44.75
CA PRO IA 81 22.41 12.74 -45.19
C PRO IA 81 22.84 11.42 -45.79
N SER IA 82 23.96 11.40 -46.50
CA SER IA 82 24.52 10.17 -47.07
C SER IA 82 26.03 10.23 -46.92
N ASN IA 83 26.56 9.54 -45.93
CA ASN IA 83 27.99 9.58 -45.63
C ASN IA 83 28.76 8.88 -46.73
N THR IA 84 29.32 9.65 -47.64
CA THR IA 84 30.12 9.10 -48.72
C THR IA 84 31.48 9.76 -48.83
N ARG IA 85 31.57 11.07 -48.60
CA ARG IA 85 32.81 11.81 -48.70
C ARG IA 85 33.22 12.33 -47.34
N SER IA 86 34.47 12.79 -47.24
CA SER IA 86 34.98 13.40 -46.04
C SER IA 86 35.51 14.78 -46.38
N TYR IA 87 35.07 15.80 -45.63
CA TYR IA 87 35.38 17.18 -45.96
C TYR IA 87 36.60 17.71 -45.21
N TRP IA 88 36.56 17.72 -43.88
CA TRP IA 88 37.68 18.27 -43.12
C TRP IA 88 37.61 17.77 -41.68
N ILE IA 89 38.56 18.22 -40.88
CA ILE IA 89 38.68 17.87 -39.47
C ILE IA 89 39.26 19.09 -38.76
N TYR IA 90 38.64 19.50 -37.66
CA TYR IA 90 39.02 20.73 -36.98
C TYR IA 90 39.14 20.47 -35.49
N PHE IA 91 40.28 20.87 -34.92
CA PHE IA 91 40.53 20.69 -33.49
C PHE IA 91 41.51 21.76 -33.03
N THR IA 92 41.40 22.15 -31.77
CA THR IA 92 42.24 23.21 -31.24
C THR IA 92 43.33 22.63 -30.34
N VAL IA 93 44.40 23.40 -30.17
CA VAL IA 93 45.53 22.99 -29.34
C VAL IA 93 46.02 24.23 -28.59
N SER IA 94 46.90 24.00 -27.61
CA SER IA 94 47.44 25.07 -26.80
C SER IA 94 48.64 24.54 -26.04
N PRO IA 95 49.59 25.40 -25.66
CA PRO IA 95 50.69 24.94 -24.82
C PRO IA 95 50.20 24.33 -23.52
N SER IA 96 51.06 23.51 -22.91
CA SER IA 96 50.65 22.69 -21.78
C SER IA 96 50.13 23.53 -20.63
N SER IA 97 50.91 24.51 -20.20
CA SER IA 97 50.48 25.41 -19.13
C SER IA 97 51.15 26.76 -19.39
N GLY IA 98 51.14 27.62 -18.38
CA GLY IA 98 51.85 28.88 -18.47
C GLY IA 98 53.34 28.70 -18.28
N VAL IA 99 53.91 27.72 -18.99
CA VAL IA 99 55.31 27.35 -18.79
C VAL IA 99 56.19 27.99 -19.86
N SER IA 100 55.90 27.74 -21.13
CA SER IA 100 56.77 28.18 -22.21
C SER IA 100 56.07 27.99 -23.53
N SER IA 101 56.45 28.81 -24.50
CA SER IA 101 55.83 28.82 -25.83
C SER IA 101 56.42 27.71 -26.70
N VAL IA 102 55.72 27.42 -27.79
CA VAL IA 102 56.16 26.42 -28.77
C VAL IA 102 56.12 27.05 -30.15
N GLU IA 103 56.95 26.51 -31.05
CA GLU IA 103 57.06 27.02 -32.41
C GLU IA 103 56.30 26.10 -33.35
N LEU IA 104 55.42 26.67 -34.15
CA LEU IA 104 54.56 25.91 -35.06
C LEU IA 104 54.82 26.28 -36.52
N SER IA 105 56.04 26.69 -36.84
CA SER IA 105 56.35 27.09 -38.20
C SER IA 105 56.20 25.90 -39.14
N PRO IA 106 55.41 26.01 -40.19
CA PRO IA 106 55.17 24.84 -41.06
C PRO IA 106 56.42 24.27 -41.68
N SER IA 107 57.52 25.01 -41.71
CA SER IA 107 58.73 24.51 -42.33
C SER IA 107 59.50 23.56 -41.42
N THR IA 108 59.27 23.62 -40.11
CA THR IA 108 60.01 22.83 -39.14
C THR IA 108 59.07 22.16 -38.14
N THR IA 109 57.99 21.57 -38.65
CA THR IA 109 57.12 20.75 -37.82
C THR IA 109 56.35 19.82 -38.73
N ALA IA 110 55.82 18.74 -38.15
CA ALA IA 110 55.20 17.67 -38.92
C ALA IA 110 53.89 17.26 -38.26
N ILE IA 111 52.80 17.41 -38.99
CA ILE IA 111 51.50 16.90 -38.57
C ILE IA 111 51.19 15.68 -39.43
N SER IA 112 51.16 14.51 -38.82
CA SER IA 112 51.00 13.25 -39.53
C SER IA 112 49.58 12.73 -39.36
N PHE IA 113 49.06 12.12 -40.41
CA PHE IA 113 47.73 11.53 -40.40
C PHE IA 113 47.82 10.07 -40.81
N THR IA 114 47.10 9.20 -40.12
CA THR IA 114 47.09 7.79 -40.46
C THR IA 114 45.79 7.14 -40.03
N ALA IA 115 45.21 6.34 -40.92
CA ALA IA 115 44.00 5.58 -40.66
C ALA IA 115 44.32 4.11 -40.88
N SER IA 116 44.02 3.28 -39.88
CA SER IA 116 44.44 1.89 -39.93
C SER IA 116 43.63 1.09 -40.94
N ALA IA 117 42.32 1.26 -40.94
CA ALA IA 117 41.46 0.45 -41.80
C ALA IA 117 41.81 0.63 -43.27
N GLU IA 118 41.69 1.84 -43.78
CA GLU IA 118 41.99 2.11 -45.18
C GLU IA 118 43.46 1.87 -45.53
N GLY IA 119 44.32 1.68 -44.53
CA GLY IA 119 45.72 1.48 -44.78
C GLY IA 119 46.48 2.70 -45.22
N ILE IA 120 45.84 3.86 -45.28
CA ILE IA 120 46.51 5.08 -45.69
C ILE IA 120 47.37 5.59 -44.53
N SER IA 121 48.46 6.26 -44.87
CA SER IA 121 49.35 6.83 -43.86
C SER IA 121 50.12 7.98 -44.48
N TYR IA 122 50.06 9.13 -43.82
CA TYR IA 122 50.72 10.35 -44.29
C TYR IA 122 51.83 10.72 -43.33
N SER IA 123 52.58 11.75 -43.70
CA SER IA 123 53.66 12.26 -42.86
C SER IA 123 53.88 13.73 -43.21
N ASN IA 124 53.65 14.61 -42.24
CA ASN IA 124 53.86 16.05 -42.42
C ASN IA 124 53.01 16.59 -43.57
N ILE IA 125 51.69 16.54 -43.36
CA ILE IA 125 50.78 17.21 -44.28
C ILE IA 125 50.72 18.71 -44.04
N TYR IA 126 51.32 19.21 -42.98
CA TYR IA 126 51.25 20.62 -42.62
C TYR IA 126 52.00 21.46 -43.63
N GLU IA 127 51.29 22.38 -44.28
CA GLU IA 127 51.88 23.20 -45.34
C GLU IA 127 51.86 24.69 -45.04
N TYR IA 128 50.71 25.25 -44.69
CA TYR IA 128 50.55 26.69 -44.54
C TYR IA 128 50.07 27.03 -43.13
N THR IA 129 49.99 28.33 -42.86
CA THR IA 129 49.55 28.82 -41.56
C THR IA 129 49.11 30.27 -41.71
N LEU IA 130 48.33 30.73 -40.72
CA LEU IA 130 47.81 32.09 -40.71
C LEU IA 130 48.39 32.92 -39.57
N LEU IA 131 49.30 32.37 -38.77
CA LEU IA 131 49.92 33.16 -37.73
C LEU IA 131 50.83 34.24 -38.30
N THR IA 132 51.24 34.12 -39.56
CA THR IA 132 52.17 35.06 -40.16
C THR IA 132 51.48 36.21 -40.88
N VAL IA 133 50.26 36.01 -41.37
CA VAL IA 133 49.57 37.06 -42.09
C VAL IA 133 49.11 38.14 -41.10
N SER IA 134 49.19 39.38 -41.52
CA SER IA 134 48.80 40.51 -40.71
C SER IA 134 47.38 40.93 -41.04
N PRO IA 135 46.66 41.54 -40.09
CA PRO IA 135 45.30 41.97 -40.38
C PRO IA 135 45.22 43.10 -41.38
N SER IA 136 46.29 43.89 -41.51
CA SER IA 136 46.26 45.00 -42.45
C SER IA 136 46.21 44.54 -43.89
N GLU IA 137 46.77 43.36 -44.18
CA GLU IA 137 46.76 42.86 -45.55
C GLU IA 137 45.41 42.28 -45.92
N LEU IA 138 44.68 41.73 -44.97
CA LEU IA 138 43.34 41.17 -45.19
C LEU IA 138 42.23 42.17 -44.89
N ALA IA 139 42.57 43.45 -44.73
CA ALA IA 139 41.61 44.39 -44.16
C ALA IA 139 40.50 44.74 -45.14
N ASN IA 140 40.84 44.98 -46.40
CA ASN IA 140 39.92 45.66 -47.30
C ASN IA 140 39.42 44.83 -48.47
N GLN IA 141 40.18 43.84 -48.94
CA GLN IA 141 39.83 43.15 -50.18
C GLN IA 141 39.22 41.78 -49.91
N VAL IA 142 37.93 41.80 -49.58
CA VAL IA 142 37.04 40.64 -49.69
C VAL IA 142 35.62 41.15 -49.49
N TYR IA 143 34.68 40.68 -50.31
CA TYR IA 143 33.29 41.09 -50.17
C TYR IA 143 32.42 40.27 -51.09
N ALA IA 144 31.16 40.10 -50.68
CA ALA IA 144 30.17 39.39 -51.48
C ALA IA 144 28.88 40.18 -51.67
N ASN IA 145 28.74 41.34 -51.03
CA ASN IA 145 27.56 42.18 -51.16
C ASN IA 145 28.04 43.63 -51.03
N GLY IA 146 27.12 44.53 -50.74
CA GLY IA 146 27.44 45.94 -50.65
C GLY IA 146 28.50 46.33 -49.64
N GLN IA 147 28.98 45.36 -48.85
CA GLN IA 147 29.95 45.65 -47.80
C GLN IA 147 31.14 44.71 -47.88
N TYR IA 148 32.31 45.24 -47.56
CA TYR IA 148 33.52 44.44 -47.42
C TYR IA 148 33.53 43.82 -46.02
N LEU IA 149 33.41 42.50 -45.95
CA LEU IA 149 33.38 41.83 -44.65
C LEU IA 149 34.78 41.71 -44.09
N ASP IA 150 34.90 41.84 -42.77
CA ASP IA 150 36.16 41.72 -42.07
C ASP IA 150 36.29 40.31 -41.49
N LEU IA 151 37.48 39.75 -41.59
CA LEU IA 151 37.73 38.36 -41.23
C LEU IA 151 38.55 38.20 -39.96
N VAL IA 152 38.75 39.27 -39.20
CA VAL IA 152 39.59 39.23 -38.01
C VAL IA 152 39.03 40.19 -36.97
N ASN IA 153 39.07 39.77 -35.70
CA ASN IA 153 38.73 40.62 -34.58
C ASN IA 153 39.99 40.84 -33.75
N GLN IA 154 40.22 42.09 -33.33
CA GLN IA 154 41.48 42.43 -32.68
C GLN IA 154 41.22 43.38 -31.52
N GLN IA 155 41.57 42.93 -30.32
CA GLN IA 155 41.51 43.76 -29.13
C GLN IA 155 42.89 44.28 -28.79
N THR IA 156 42.95 45.49 -28.25
CA THR IA 156 44.21 46.15 -27.92
C THR IA 156 44.18 46.58 -26.47
N ASN IA 157 44.88 45.84 -25.61
CA ASN IA 157 45.06 46.19 -24.21
C ASN IA 157 46.50 45.97 -23.81
N ALA IA 158 46.96 46.76 -22.83
CA ALA IA 158 48.33 46.71 -22.33
C ALA IA 158 49.35 47.00 -23.41
N GLY IA 159 48.94 47.59 -24.53
CA GLY IA 159 49.86 47.94 -25.59
C GLY IA 159 50.14 46.85 -26.59
N GLN IA 160 49.32 45.81 -26.65
CA GLN IA 160 49.52 44.71 -27.58
C GLN IA 160 48.21 44.37 -28.26
N THR IA 161 48.29 44.04 -29.55
CA THR IA 161 47.11 43.76 -30.37
C THR IA 161 46.90 42.25 -30.40
N TYR IA 162 45.83 41.78 -29.75
CA TYR IA 162 45.47 40.38 -29.77
C TYR IA 162 44.46 40.16 -30.91
N VAL IA 163 44.89 39.48 -31.95
CA VAL IA 163 44.02 39.19 -33.09
C VAL IA 163 43.68 37.71 -33.08
N TYR IA 164 42.57 37.38 -33.74
CA TYR IA 164 42.12 36.00 -33.86
C TYR IA 164 41.07 35.94 -34.97
N TYR IA 165 40.62 34.72 -35.24
CA TYR IA 165 39.61 34.47 -36.25
C TYR IA 165 38.39 33.84 -35.60
N PRO IA 166 37.20 34.41 -35.79
CA PRO IA 166 36.02 33.96 -35.04
C PRO IA 166 35.25 32.80 -35.67
N ASN IA 167 35.78 32.15 -36.69
CA ASN IA 167 35.05 31.13 -37.41
C ASN IA 167 35.99 30.37 -38.33
N PRO IA 168 35.87 29.04 -38.41
CA PRO IA 168 36.68 28.32 -39.40
C PRO IA 168 36.42 28.76 -40.82
N TYR IA 169 35.19 29.20 -41.14
CA TYR IA 169 34.90 29.66 -42.48
C TYR IA 169 35.52 31.01 -42.75
N TYR IA 170 35.51 31.89 -41.76
CA TYR IA 170 36.19 33.18 -41.90
C TYR IA 170 37.68 32.98 -42.11
N ALA IA 171 38.26 31.95 -41.49
CA ALA IA 171 39.67 31.69 -41.67
C ALA IA 171 39.94 31.07 -43.04
N LEU IA 172 39.02 30.26 -43.55
CA LEU IA 172 39.19 29.66 -44.86
C LEU IA 172 39.21 30.72 -45.95
N LEU IA 173 38.34 31.73 -45.84
CA LEU IA 173 38.33 32.80 -46.83
C LEU IA 173 39.61 33.60 -46.77
N ALA IA 174 40.14 33.84 -45.58
CA ALA IA 174 41.40 34.58 -45.44
C ALA IA 174 42.55 33.79 -46.04
N LEU IA 175 42.50 32.47 -45.94
CA LEU IA 175 43.56 31.65 -46.53
C LEU IA 175 43.45 31.64 -48.05
N ASN IA 176 42.24 31.76 -48.58
CA ASN IA 176 42.07 31.76 -50.03
C ASN IA 176 42.77 32.96 -50.65
N TYR IA 177 42.65 34.13 -50.03
CA TYR IA 177 43.31 35.33 -50.55
C TYR IA 177 44.79 35.31 -50.24
N THR IA 178 45.17 34.76 -49.09
CA THR IA 178 46.58 34.73 -48.72
C THR IA 178 47.39 33.92 -49.71
N LEU IA 179 46.99 32.66 -49.94
CA LEU IA 179 47.71 31.81 -50.89
C LEU IA 179 47.74 32.44 -52.28
N SER IA 180 46.69 33.16 -52.65
CA SER IA 180 46.56 33.61 -54.04
C SER IA 180 47.33 34.91 -54.28
N LYS IA 181 47.33 35.82 -53.32
CA LYS IA 181 47.96 37.13 -53.53
C LYS IA 181 49.06 37.48 -52.55
N ILE IA 182 49.04 36.98 -51.31
CA ILE IA 182 50.06 37.36 -50.35
C ILE IA 182 51.39 36.68 -50.69
N ASP IA 183 51.41 35.34 -50.65
CA ASP IA 183 52.56 34.57 -51.08
C ASP IA 183 52.24 33.92 -52.42
N LYS IA 184 52.91 34.39 -53.48
CA LYS IA 184 52.57 34.05 -54.85
C LYS IA 184 52.98 32.61 -55.13
N VAL IA 185 52.14 31.68 -54.70
CA VAL IA 185 52.32 30.28 -55.06
C VAL IA 185 51.60 30.02 -56.38
N SER IA 186 52.27 29.34 -57.30
CA SER IA 186 51.66 29.10 -58.60
C SER IA 186 50.65 27.95 -58.52
N PRO IA 187 50.97 26.78 -57.94
CA PRO IA 187 49.91 25.81 -57.69
C PRO IA 187 49.24 26.05 -56.36
N SER IA 188 47.97 26.40 -56.37
CA SER IA 188 47.33 26.62 -55.10
C SER IA 188 46.38 25.47 -54.77
N PRO IA 189 46.43 24.95 -53.55
CA PRO IA 189 45.56 23.81 -53.22
C PRO IA 189 44.11 24.21 -52.99
N LEU IA 190 43.85 25.42 -52.49
CA LEU IA 190 42.50 25.87 -52.17
C LEU IA 190 42.07 26.96 -53.14
N TYR IA 191 40.85 26.84 -53.64
CA TYR IA 191 40.28 27.86 -54.51
C TYR IA 191 38.79 27.97 -54.18
N ILE IA 192 38.44 28.97 -53.39
CA ILE IA 192 37.05 29.19 -52.95
C ILE IA 192 36.39 30.15 -53.94
N THR IA 193 35.38 29.67 -54.64
CA THR IA 193 34.67 30.47 -55.61
C THR IA 193 33.19 30.52 -55.25
N THR IA 194 32.54 31.60 -55.65
CA THR IA 194 31.12 31.79 -55.38
C THR IA 194 30.24 31.39 -56.56
N THR IA 195 30.81 31.13 -57.73
CA THR IA 195 30.01 30.77 -58.89
C THR IA 195 29.56 29.33 -58.79
N THR IA 196 28.57 28.99 -59.63
CA THR IA 196 28.01 27.66 -59.63
C THR IA 196 29.10 26.66 -60.05
N PRO IA 197 29.22 25.52 -59.36
CA PRO IA 197 30.26 24.55 -59.73
C PRO IA 197 30.16 24.07 -61.16
N SER IA 198 28.98 24.13 -61.76
CA SER IA 198 28.86 23.74 -63.17
C SER IA 198 29.60 24.72 -64.07
N SER IA 199 29.40 26.03 -63.84
CA SER IA 199 30.11 27.01 -64.64
C SER IA 199 31.59 27.04 -64.30
N ALA IA 200 31.94 26.78 -63.04
CA ALA IA 200 33.35 26.76 -62.66
C ALA IA 200 34.08 25.60 -63.30
N THR IA 201 33.44 24.43 -63.38
CA THR IA 201 34.06 23.28 -64.02
C THR IA 201 34.26 23.53 -65.52
N GLN IA 202 33.40 24.33 -66.12
CA GLN IA 202 33.54 24.63 -67.54
C GLN IA 202 34.62 25.69 -67.79
N ILE IA 203 34.68 26.71 -66.94
CA ILE IA 203 35.70 27.74 -67.10
C ILE IA 203 37.06 27.20 -66.69
N TYR IA 204 37.18 26.74 -65.44
CA TYR IA 204 38.41 26.12 -64.97
C TYR IA 204 38.24 24.62 -65.08
N PRO IA 205 38.82 23.95 -66.07
CA PRO IA 205 38.58 22.51 -66.24
C PRO IA 205 39.23 21.67 -65.17
N PHE IA 206 40.29 22.14 -64.53
CA PHE IA 206 41.00 21.33 -63.55
C PHE IA 206 40.21 21.15 -62.27
N LEU IA 207 39.23 22.02 -62.00
CA LEU IA 207 38.49 21.94 -60.75
C LEU IA 207 37.59 20.71 -60.67
N ALA IA 208 37.53 19.88 -61.70
CA ALA IA 208 36.69 18.69 -61.65
C ALA IA 208 37.33 17.56 -60.87
N HIS IA 209 38.61 17.67 -60.53
CA HIS IA 209 39.33 16.60 -59.85
C HIS IA 209 39.51 16.85 -58.37
N ASP IA 210 39.25 18.06 -57.89
CA ASP IA 210 39.45 18.39 -56.49
C ASP IA 210 38.27 17.92 -55.65
N ASN IA 211 38.44 17.98 -54.33
CA ASN IA 211 37.38 17.66 -53.39
C ASN IA 211 36.64 18.94 -53.02
N MET IA 212 35.33 18.94 -53.18
CA MET IA 212 34.53 20.15 -53.04
C MET IA 212 33.56 20.02 -51.88
N PHE IA 213 33.52 21.05 -51.03
CA PHE IA 213 32.49 21.22 -50.02
C PHE IA 213 32.02 22.67 -50.08
N THR IA 214 30.96 22.97 -49.33
CA THR IA 214 30.33 24.27 -49.44
C THR IA 214 29.98 24.81 -48.06
N PHE IA 215 29.70 26.11 -48.02
CA PHE IA 215 29.28 26.80 -46.80
C PHE IA 215 28.74 28.16 -47.19
N THR IA 216 27.67 28.59 -46.53
CA THR IA 216 26.97 29.82 -46.88
C THR IA 216 27.03 30.80 -45.72
N LEU IA 217 26.81 32.07 -46.04
CA LEU IA 217 26.78 33.14 -45.06
C LEU IA 217 25.66 34.11 -45.40
N ASN IA 218 25.13 34.77 -44.37
CA ASN IA 218 24.06 35.75 -44.54
C ASN IA 218 24.69 37.13 -44.50
N ILE IA 219 25.24 37.56 -45.63
CA ILE IA 219 25.91 38.84 -45.74
C ILE IA 219 24.94 39.84 -46.36
N SER IA 220 24.54 40.84 -45.57
CA SER IA 220 23.66 41.92 -46.02
C SER IA 220 22.31 41.38 -46.48
N GLY IA 221 21.72 40.52 -45.66
CA GLY IA 221 20.36 40.08 -45.88
C GLY IA 221 20.22 38.91 -46.84
N THR IA 222 21.01 38.89 -47.90
CA THR IA 222 20.92 37.84 -48.91
C THR IA 222 21.93 36.74 -48.63
N LEU IA 223 21.55 35.52 -48.99
CA LEU IA 223 22.34 34.32 -48.66
C LEU IA 223 23.36 34.08 -49.77
N VAL IA 224 24.63 34.34 -49.48
CA VAL IA 224 25.72 34.07 -50.41
C VAL IA 224 26.30 32.71 -50.07
N THR IA 225 26.70 31.97 -51.09
CA THR IA 225 27.26 30.64 -50.92
C THR IA 225 28.69 30.61 -51.41
N TYR IA 226 29.40 29.53 -51.08
CA TYR IA 226 30.79 29.37 -51.46
C TYR IA 226 31.05 27.90 -51.75
N TYR IA 227 32.04 27.65 -52.61
CA TYR IA 227 32.41 26.30 -53.00
C TYR IA 227 33.93 26.17 -52.92
N ALA IA 228 34.41 25.38 -51.97
CA ALA IA 228 35.83 25.24 -51.71
C ALA IA 228 36.35 23.98 -52.39
N PHE IA 229 37.35 24.15 -53.25
CA PHE IA 229 37.98 23.04 -53.97
C PHE IA 229 39.37 22.82 -53.42
N VAL IA 230 39.65 21.58 -52.99
CA VAL IA 230 40.95 21.20 -52.45
C VAL IA 230 41.47 20.03 -53.25
N ASN IA 231 42.70 20.14 -53.75
CA ASN IA 231 43.31 19.10 -54.57
C ASN IA 231 44.35 18.28 -53.83
N GLN IA 232 44.68 18.63 -52.59
CA GLN IA 232 45.73 17.94 -51.87
C GLN IA 232 45.47 18.06 -50.38
N THR IA 233 45.54 16.93 -49.68
CA THR IA 233 45.32 16.94 -48.24
C THR IA 233 46.40 17.76 -47.55
N PHE IA 234 45.99 18.80 -46.83
CA PHE IA 234 46.92 19.64 -46.11
C PHE IA 234 46.23 20.17 -44.87
N ALA IA 235 46.96 20.99 -44.10
CA ALA IA 235 46.43 21.55 -42.87
C ALA IA 235 47.04 22.92 -42.64
N PHE IA 236 46.38 23.71 -41.80
CA PHE IA 236 46.87 25.04 -41.47
C PHE IA 236 46.40 25.41 -40.08
N THR IA 237 47.08 26.40 -39.51
CA THR IA 237 46.80 26.85 -38.15
C THR IA 237 46.55 28.34 -38.14
N TYR IA 238 45.52 28.76 -37.42
CA TYR IA 238 45.19 30.17 -37.27
C TYR IA 238 44.89 30.48 -35.82
N PRO IA 239 45.20 31.70 -35.37
CA PRO IA 239 45.03 32.01 -33.95
C PRO IA 239 43.57 32.06 -33.56
N VAL IA 240 43.27 31.57 -32.36
CA VAL IA 240 41.90 31.54 -31.87
C VAL IA 240 41.74 32.42 -30.64
N ALA IA 241 42.79 32.56 -29.84
CA ALA IA 241 42.66 33.33 -28.61
C ALA IA 241 44.04 33.68 -28.06
N GLY IA 242 44.26 34.96 -27.81
CA GLY IA 242 45.43 35.43 -27.10
C GLY IA 242 46.76 35.16 -27.81
N ASP IA 243 46.93 35.72 -29.00
CA ASP IA 243 48.15 35.56 -29.78
C ASP IA 243 48.66 36.92 -30.20
N PRO IA 244 49.28 37.67 -29.29
CA PRO IA 244 49.82 38.98 -29.65
C PRO IA 244 51.02 38.90 -30.58
N LEU IA 245 51.64 37.73 -30.72
CA LEU IA 245 52.82 37.55 -31.57
C LEU IA 245 52.37 37.06 -32.93
N ILE IA 246 51.96 38.01 -33.77
CA ILE IA 246 51.52 37.73 -35.13
C ILE IA 246 52.63 38.08 -36.10
N GLY IA 247 52.85 37.21 -37.08
CA GLY IA 247 53.97 37.36 -37.98
C GLY IA 247 55.19 36.56 -37.59
N SER IA 248 55.07 35.64 -36.63
CA SER IA 248 56.20 34.87 -36.15
C SER IA 248 55.95 33.38 -36.08
N ALA IA 249 54.71 32.92 -36.24
CA ALA IA 249 54.38 31.49 -36.24
C ALA IA 249 54.82 30.81 -34.95
N ILE IA 250 54.65 31.51 -33.83
CA ILE IA 250 54.94 30.96 -32.51
C ILE IA 250 53.67 31.05 -31.67
N ALA IA 251 53.41 30.00 -30.88
CA ALA IA 251 52.23 29.97 -30.04
C ALA IA 251 52.64 30.31 -28.62
N PRO IA 252 52.34 31.51 -28.12
CA PRO IA 252 52.78 31.89 -26.78
C PRO IA 252 52.04 31.10 -25.71
N ALA IA 253 52.67 31.02 -24.55
CA ALA IA 253 52.04 30.36 -23.41
C ALA IA 253 50.75 31.08 -23.05
N GLY IA 254 49.69 30.32 -22.87
CA GLY IA 254 48.39 30.90 -22.60
C GLY IA 254 47.61 31.27 -23.83
N SER IA 255 47.95 30.72 -24.99
CA SER IA 255 47.25 30.97 -26.23
C SER IA 255 46.52 29.72 -26.67
N VAL IA 256 45.54 29.91 -27.54
CA VAL IA 256 44.77 28.81 -28.11
C VAL IA 256 44.89 28.89 -29.63
N ILE IA 257 45.43 27.85 -30.23
CA ILE IA 257 45.61 27.77 -31.68
C ILE IA 257 44.64 26.75 -32.23
N GLY IA 258 44.12 27.03 -33.43
CA GLY IA 258 43.17 26.15 -34.08
C GLY IA 258 43.80 25.48 -35.29
N VAL IA 259 43.67 24.16 -35.34
CA VAL IA 259 44.22 23.35 -36.42
C VAL IA 259 43.07 22.81 -37.25
N MET IA 260 43.17 22.93 -38.57
CA MET IA 260 42.16 22.40 -39.47
C MET IA 260 42.84 21.59 -40.56
N ILE IA 261 42.38 20.37 -40.76
CA ILE IA 261 42.89 19.48 -41.80
C ILE IA 261 41.86 19.41 -42.92
N LEU IA 262 42.27 19.79 -44.12
CA LEU IA 262 41.39 19.79 -45.28
C LEU IA 262 41.71 18.59 -46.15
N PHE IA 263 40.76 17.66 -46.26
CA PHE IA 263 40.98 16.47 -47.05
C PHE IA 263 40.89 16.78 -48.53
N GLY IA 264 41.53 15.94 -49.34
CA GLY IA 264 41.54 16.13 -50.77
C GLY IA 264 40.81 15.00 -51.48
N PRO IA 265 41.16 14.77 -52.74
CA PRO IA 265 40.51 13.70 -53.50
C PRO IA 265 41.02 12.33 -53.08
N ASP IA 266 42.30 12.26 -52.72
CA ASP IA 266 42.90 10.97 -52.39
C ASP IA 266 42.27 10.35 -51.16
N LEU IA 267 41.97 11.16 -50.14
CA LEU IA 267 41.48 10.68 -48.87
C LEU IA 267 40.03 11.02 -48.61
N GLY IA 268 39.52 12.12 -49.16
CA GLY IA 268 38.15 12.51 -48.92
C GLY IA 268 37.13 11.50 -49.38
N SER IA 269 37.49 10.65 -50.33
CA SER IA 269 36.56 9.65 -50.84
C SER IA 269 36.23 8.57 -49.82
N HIS IA 270 36.90 8.55 -48.67
CA HIS IA 270 36.64 7.56 -47.63
C HIS IA 270 36.00 8.24 -46.44
N VAL IA 271 35.09 7.52 -45.78
CA VAL IA 271 34.45 7.98 -44.55
C VAL IA 271 34.88 7.07 -43.43
N PHE IA 272 35.48 7.64 -42.40
CA PHE IA 272 35.98 6.87 -41.27
C PHE IA 272 34.80 6.36 -40.45
N GLN IA 273 34.65 5.04 -40.38
CA GLN IA 273 33.52 4.43 -39.70
C GLN IA 273 33.98 3.11 -39.12
N TYR IA 274 33.91 2.99 -37.79
CA TYR IA 274 34.42 1.82 -37.07
C TYR IA 274 35.91 1.64 -37.34
N GLN IA 275 36.66 2.72 -37.20
CA GLN IA 275 38.09 2.73 -37.46
C GLN IA 275 38.79 3.54 -36.39
N THR IA 276 40.09 3.74 -36.57
CA THR IA 276 40.91 4.52 -35.66
C THR IA 276 41.65 5.59 -36.43
N ILE IA 277 41.72 6.79 -35.85
CA ILE IA 277 42.38 7.93 -36.47
C ILE IA 277 43.48 8.39 -35.55
N THR IA 278 44.69 8.58 -36.10
CA THR IA 278 45.84 9.00 -35.32
C THR IA 278 46.45 10.24 -35.97
N ILE IA 279 46.67 11.28 -35.18
CA ILE IA 279 47.26 12.52 -35.64
C ILE IA 279 48.31 12.96 -34.64
N GLN IA 280 49.53 13.18 -35.11
CA GLN IA 280 50.65 13.55 -34.25
C GLN IA 280 51.25 14.86 -34.72
N ILE IA 281 51.37 15.81 -33.80
CA ILE IA 281 51.95 17.12 -34.09
C ILE IA 281 53.27 17.18 -33.34
N THR IA 282 54.38 17.02 -34.06
CA THR IA 282 55.71 16.98 -33.45
C THR IA 282 56.49 18.25 -33.79
N PRO IA 283 56.56 19.21 -32.88
CA PRO IA 283 57.33 20.43 -33.14
C PRO IA 283 58.82 20.15 -33.14
N ASN IA 284 59.58 21.11 -33.65
CA ASN IA 284 61.02 20.92 -33.80
C ASN IA 284 61.70 20.76 -32.45
N ILE IA 285 61.15 21.36 -31.40
CA ILE IA 285 61.70 21.25 -30.05
C ILE IA 285 60.55 21.03 -29.08
N GLY IA 286 60.55 19.89 -28.41
CA GLY IA 286 59.53 19.55 -27.45
C GLY IA 286 58.84 18.24 -27.78
N SER IA 287 58.02 17.80 -26.83
CA SER IA 287 57.31 16.54 -26.95
C SER IA 287 56.15 16.67 -27.92
N PRO IA 288 55.86 15.62 -28.68
CA PRO IA 288 54.76 15.67 -29.65
C PRO IA 288 53.39 15.64 -29.01
N LEU IA 289 52.35 15.55 -29.83
CA LEU IA 289 50.98 15.46 -29.36
C LEU IA 289 50.25 14.43 -30.20
N THR IA 290 49.86 13.31 -29.59
CA THR IA 290 49.21 12.21 -30.28
C THR IA 290 47.72 12.21 -29.96
N ILE IA 291 46.90 12.04 -30.99
CA ILE IA 291 45.45 12.03 -30.85
C ILE IA 291 44.95 10.75 -31.51
N SER IA 292 44.46 9.81 -30.71
CA SER IA 292 43.92 8.56 -31.21
C SER IA 292 42.43 8.52 -30.88
N GLU IA 293 41.60 8.35 -31.90
CA GLU IA 293 40.16 8.34 -31.73
C GLU IA 293 39.55 7.17 -32.48
N TYR IA 294 38.43 6.68 -31.95
CA TYR IA 294 37.66 5.59 -32.55
C TYR IA 294 36.30 6.13 -32.93
N VAL IA 295 36.02 6.21 -34.22
CA VAL IA 295 34.78 6.81 -34.72
C VAL IA 295 33.81 5.70 -35.09
N TYR IA 296 32.55 5.87 -34.68
CA TYR IA 296 31.51 4.86 -34.91
C TYR IA 296 30.64 5.20 -36.11
N GLN IA 297 30.02 6.37 -36.10
CA GLN IA 297 29.07 6.74 -37.13
C GLN IA 297 28.86 8.25 -37.10
N PRO IA 298 29.00 8.94 -38.23
CA PRO IA 298 28.84 10.39 -38.22
C PRO IA 298 27.37 10.81 -38.21
N GLU IA 299 27.14 12.01 -37.69
CA GLU IA 299 25.81 12.58 -37.67
C GLU IA 299 25.91 14.09 -37.53
N GLY IA 300 24.95 14.81 -38.14
CA GLY IA 300 24.92 16.25 -38.08
C GLY IA 300 25.91 16.97 -38.98
N SER IA 301 26.73 16.23 -39.72
CA SER IA 301 27.73 16.76 -40.64
C SER IA 301 28.89 17.40 -39.90
N VAL IA 302 28.77 17.54 -38.58
CA VAL IA 302 29.89 17.91 -37.72
C VAL IA 302 29.86 17.00 -36.50
N SER IA 303 30.60 15.90 -36.55
CA SER IA 303 30.59 14.92 -35.48
C SER IA 303 31.69 15.25 -34.49
N VAL IA 304 31.34 15.29 -33.21
CA VAL IA 304 32.30 15.67 -32.16
C VAL IA 304 32.99 14.37 -31.74
N ILE IA 305 33.97 13.97 -32.53
CA ILE IA 305 34.82 12.80 -32.28
C ILE IA 305 35.78 12.60 -33.43
N LEU JA 19 222.34 34.16 -28.88
CA LEU JA 19 221.62 33.32 -27.93
C LEU JA 19 220.16 33.20 -28.30
N ALA JA 20 219.40 32.46 -27.49
CA ALA JA 20 217.96 32.33 -27.66
C ALA JA 20 217.19 33.12 -26.62
N GLY JA 21 217.86 33.74 -25.66
CA GLY JA 21 217.15 34.50 -24.64
C GLY JA 21 216.42 35.70 -25.22
N LEU JA 22 217.08 36.44 -26.12
CA LEU JA 22 216.42 37.58 -26.75
C LEU JA 22 215.34 37.12 -27.71
N ASP JA 23 215.52 35.94 -28.33
CA ASP JA 23 214.53 35.43 -29.26
C ASP JA 23 213.21 35.15 -28.56
N THR JA 24 213.24 34.31 -27.53
CA THR JA 24 212.02 34.01 -26.79
C THR JA 24 211.46 35.26 -26.12
N ALA JA 25 212.30 36.25 -25.84
CA ALA JA 25 211.80 37.51 -25.32
C ALA JA 25 210.92 38.22 -26.34
N ILE JA 26 211.34 38.20 -27.61
CA ILE JA 26 210.56 38.84 -28.67
C ILE JA 26 209.29 38.05 -28.93
N ILE JA 27 209.41 36.72 -29.03
CA ILE JA 27 208.25 35.88 -29.33
C ILE JA 27 207.23 35.96 -28.21
N LEU JA 28 207.69 36.21 -26.98
CA LEU JA 28 206.75 36.34 -25.87
C LEU JA 28 205.89 37.59 -26.04
N ILE JA 29 206.51 38.73 -26.35
CA ILE JA 29 205.74 39.96 -26.53
C ILE JA 29 204.82 39.83 -27.73
N ALA JA 30 205.28 39.17 -28.79
CA ALA JA 30 204.47 39.02 -29.98
C ALA JA 30 203.26 38.13 -29.71
N PHE JA 31 203.39 37.18 -28.79
CA PHE JA 31 202.29 36.26 -28.53
C PHE JA 31 201.29 36.84 -27.54
N ILE JA 32 201.77 37.54 -26.51
CA ILE JA 32 200.86 38.09 -25.52
C ILE JA 32 200.02 39.21 -26.13
N ILE JA 33 200.56 39.91 -27.13
CA ILE JA 33 199.78 40.94 -27.80
C ILE JA 33 198.61 40.31 -28.55
N THR JA 34 198.87 39.22 -29.26
CA THR JA 34 197.82 38.55 -30.00
C THR JA 34 196.72 38.04 -29.06
N ALA JA 35 197.11 37.53 -27.90
CA ALA JA 35 196.12 37.04 -26.94
C ALA JA 35 195.19 38.17 -26.50
N SER JA 36 195.74 39.38 -26.31
CA SER JA 36 194.91 40.50 -25.92
C SER JA 36 193.95 40.90 -27.03
N VAL JA 37 194.41 40.81 -28.28
CA VAL JA 37 193.55 41.15 -29.41
C VAL JA 37 192.34 40.23 -29.44
N LEU JA 38 192.57 38.93 -29.26
CA LEU JA 38 191.44 38.00 -29.18
C LEU JA 38 190.58 38.30 -27.96
N ALA JA 39 191.21 38.64 -26.83
CA ALA JA 39 190.44 39.00 -25.64
C ALA JA 39 189.66 40.29 -25.88
N TYR JA 40 190.19 41.17 -26.74
CA TYR JA 40 189.49 42.41 -27.05
C TYR JA 40 188.20 42.14 -27.80
N VAL JA 41 188.29 41.40 -28.91
CA VAL JA 41 187.13 41.20 -29.76
C VAL JA 41 186.12 40.26 -29.11
N ALA JA 42 186.60 39.29 -28.33
CA ALA JA 42 185.69 38.33 -27.73
C ALA JA 42 184.78 38.99 -26.71
N ILE JA 43 185.33 39.85 -25.86
CA ILE JA 43 184.53 40.52 -24.86
C ILE JA 43 183.55 41.48 -25.51
N ASN JA 44 183.97 42.11 -26.62
CA ASN JA 44 183.09 43.05 -27.29
C ASN JA 44 181.87 42.35 -27.88
N MET JA 45 182.09 41.33 -28.71
CA MET JA 45 180.97 40.57 -29.26
C MET JA 45 180.24 39.80 -28.17
N GLY JA 46 180.94 39.43 -27.10
CA GLY JA 46 180.26 38.78 -25.99
C GLY JA 46 179.24 39.68 -25.34
N LEU JA 47 179.66 40.88 -24.95
CA LEU JA 47 178.74 41.84 -24.35
C LEU JA 47 177.63 42.22 -25.31
N PHE JA 48 177.90 42.18 -26.61
CA PHE JA 48 176.91 42.61 -27.58
C PHE JA 48 175.79 41.59 -27.70
N VAL JA 49 176.13 40.32 -27.92
CA VAL JA 49 175.11 39.32 -28.16
C VAL JA 49 174.24 39.12 -26.93
N THR JA 50 174.82 39.11 -25.73
CA THR JA 50 174.02 38.90 -24.53
C THR JA 50 173.04 40.05 -24.32
N GLN JA 51 173.44 41.27 -24.68
CA GLN JA 51 172.51 42.39 -24.60
C GLN JA 51 171.43 42.27 -25.67
N LYS JA 52 171.79 41.71 -26.82
CA LYS JA 52 170.78 41.44 -27.85
C LYS JA 52 169.79 40.41 -27.36
N ALA JA 53 170.24 39.44 -26.55
CA ALA JA 53 169.34 38.44 -26.00
C ALA JA 53 168.36 39.06 -25.03
N LYS JA 54 168.80 40.07 -24.28
CA LYS JA 54 167.88 40.74 -23.35
C LYS JA 54 166.74 41.41 -24.11
N SER JA 55 167.01 41.86 -25.33
CA SER JA 55 165.98 42.52 -26.12
C SER JA 55 164.97 41.51 -26.65
N THR JA 56 165.45 40.41 -27.25
CA THR JA 56 164.52 39.43 -27.82
C THR JA 56 163.74 38.71 -26.74
N ILE JA 57 164.28 38.64 -25.52
CA ILE JA 57 163.50 38.10 -24.41
C ILE JA 57 162.38 39.06 -24.05
N ASN JA 58 162.67 40.37 -24.10
CA ASN JA 58 161.64 41.36 -23.80
C ASN JA 58 160.60 41.42 -24.91
N LYS JA 59 161.04 41.60 -26.16
CA LYS JA 59 160.10 41.64 -27.27
C LYS JA 59 159.34 40.33 -27.40
N GLY JA 60 160.01 39.20 -27.13
CA GLY JA 60 159.32 37.93 -27.15
C GLY JA 60 158.28 37.81 -26.05
N GLU JA 61 158.48 38.55 -24.96
CA GLU JA 61 157.53 38.51 -23.85
C GLU JA 61 156.30 39.35 -24.16
N GLU JA 62 156.48 40.50 -24.81
CA GLU JA 62 155.33 41.33 -25.16
C GLU JA 62 154.40 40.59 -26.11
N THR JA 63 154.94 39.72 -26.96
CA THR JA 63 154.10 38.94 -27.86
C THR JA 63 153.15 38.04 -27.08
N ALA JA 64 153.60 37.51 -25.96
CA ALA JA 64 152.76 36.61 -25.17
C ALA JA 64 151.74 37.40 -24.36
N SER JA 65 152.16 38.48 -23.72
CA SER JA 65 151.28 39.19 -22.80
C SER JA 65 150.19 39.95 -23.54
N THR JA 66 150.55 40.71 -24.58
CA THR JA 66 149.58 41.56 -25.24
C THR JA 66 148.68 40.74 -26.17
N ALA JA 67 147.42 41.15 -26.23
CA ALA JA 67 146.39 40.53 -27.06
C ALA JA 67 145.17 41.42 -27.03
N LEU JA 68 144.13 41.00 -27.73
CA LEU JA 68 142.86 41.72 -27.79
C LEU JA 68 141.72 40.78 -27.42
N THR JA 69 140.52 41.35 -27.32
CA THR JA 69 139.33 40.54 -27.11
C THR JA 69 138.12 41.32 -27.61
N LEU JA 70 137.10 40.59 -28.02
CA LEU JA 70 135.90 41.18 -28.62
C LEU JA 70 134.85 41.34 -27.53
N SER JA 71 134.84 42.51 -26.91
CA SER JA 71 133.81 42.85 -25.94
C SER JA 71 132.65 43.53 -26.64
N GLY JA 72 131.43 43.11 -26.31
CA GLY JA 72 130.26 43.69 -26.93
C GLY JA 72 129.98 43.12 -28.31
N SER JA 73 128.70 42.94 -28.62
CA SER JA 73 128.32 42.32 -29.88
C SER JA 73 128.63 43.24 -31.06
N VAL JA 74 128.47 42.69 -32.26
CA VAL JA 74 128.72 43.41 -33.50
C VAL JA 74 127.39 43.88 -34.06
N LEU JA 75 127.42 45.00 -34.75
CA LEU JA 75 126.23 45.57 -35.39
C LEU JA 75 126.43 45.61 -36.90
N TYR JA 76 125.32 45.66 -37.62
CA TYR JA 76 125.35 45.61 -39.07
C TYR JA 76 124.13 46.35 -39.61
N ALA JA 77 124.38 47.48 -40.28
CA ALA JA 77 123.31 48.33 -40.78
C ALA JA 77 122.94 47.95 -42.21
N VAL JA 78 121.68 48.18 -42.56
CA VAL JA 78 121.14 47.81 -43.85
C VAL JA 78 119.80 48.51 -44.01
N ASN JA 79 119.41 48.84 -45.24
CA ASN JA 79 118.09 49.39 -45.48
C ASN JA 79 117.05 48.31 -45.19
N TYR JA 80 116.39 48.42 -44.05
CA TYR JA 80 115.59 47.35 -43.49
C TYR JA 80 114.31 47.05 -44.28
N PRO JA 81 113.50 48.05 -44.65
CA PRO JA 81 112.29 47.74 -45.41
C PRO JA 81 112.56 47.00 -46.71
N SER JA 82 113.77 47.12 -47.25
CA SER JA 82 114.15 46.39 -48.47
C SER JA 82 115.65 46.18 -48.41
N ASN JA 83 116.07 44.98 -48.01
CA ASN JA 83 117.48 44.72 -47.78
C ASN JA 83 118.25 44.64 -49.09
N THR JA 84 118.84 45.76 -49.50
CA THR JA 84 119.57 45.80 -50.76
C THR JA 84 120.94 46.46 -50.62
N ARG JA 85 121.10 47.35 -49.64
CA ARG JA 85 122.32 48.10 -49.47
C ARG JA 85 122.87 47.92 -48.06
N SER JA 86 124.19 47.79 -47.95
CA SER JA 86 124.88 47.64 -46.69
C SER JA 86 125.57 48.96 -46.35
N TYR JA 87 125.29 49.49 -45.16
CA TYR JA 87 125.81 50.80 -44.79
C TYR JA 87 127.11 50.71 -43.99
N TRP JA 88 127.09 50.03 -42.83
CA TRP JA 88 128.27 50.00 -41.98
C TRP JA 88 128.20 48.81 -41.03
N ILE JA 89 129.33 48.56 -40.37
CA ILE JA 89 129.45 47.54 -39.33
C ILE JA 89 130.26 48.13 -38.18
N TYR JA 90 129.79 47.92 -36.95
CA TYR JA 90 130.41 48.49 -35.77
C TYR JA 90 130.59 47.44 -34.70
N PHE JA 91 131.77 47.42 -34.07
CA PHE JA 91 132.02 46.55 -32.94
C PHE JA 91 133.09 47.16 -32.06
N THR JA 92 133.05 46.82 -30.77
CA THR JA 92 133.99 47.32 -29.78
C THR JA 92 135.06 46.27 -29.50
N VAL JA 93 136.24 46.74 -29.12
CA VAL JA 93 137.40 45.89 -28.90
C VAL JA 93 138.12 46.38 -27.65
N SER JA 94 138.61 45.44 -26.85
CA SER JA 94 139.36 45.75 -25.64
C SER JA 94 140.51 44.77 -25.52
N PRO JA 95 141.55 45.11 -24.74
CA PRO JA 95 142.62 44.14 -24.51
C PRO JA 95 142.10 42.91 -23.77
N SER JA 96 142.86 41.83 -23.88
CA SER JA 96 142.43 40.53 -23.36
C SER JA 96 142.06 40.61 -21.89
N SER JA 97 143.02 41.00 -21.05
CA SER JA 97 142.77 41.26 -19.64
C SER JA 97 143.64 42.44 -19.24
N GLY JA 98 143.58 42.81 -17.97
CA GLY JA 98 144.39 43.93 -17.50
C GLY JA 98 145.85 43.56 -17.40
N VAL JA 99 146.45 43.19 -18.52
CA VAL JA 99 147.82 42.68 -18.57
C VAL JA 99 148.75 43.66 -19.26
N SER JA 100 148.36 44.18 -20.43
CA SER JA 100 149.22 45.05 -21.20
C SER JA 100 148.39 45.75 -22.27
N SER JA 101 148.96 46.82 -22.81
CA SER JA 101 148.30 47.65 -23.81
C SER JA 101 148.83 47.32 -25.20
N VAL JA 102 148.02 47.65 -26.21
CA VAL JA 102 148.34 47.41 -27.61
C VAL JA 102 148.39 48.73 -28.33
N GLU JA 103 149.24 48.81 -29.35
CA GLU JA 103 149.37 50.03 -30.15
C GLU JA 103 148.49 49.90 -31.40
N LEU JA 104 147.49 50.77 -31.50
CA LEU JA 104 146.52 50.73 -32.58
C LEU JA 104 146.69 51.90 -33.54
N SER JA 105 147.93 52.30 -33.80
CA SER JA 105 148.18 53.39 -34.73
C SER JA 105 147.90 52.90 -36.16
N PRO JA 106 147.16 53.66 -36.95
CA PRO JA 106 146.74 53.15 -38.27
C PRO JA 106 147.87 52.94 -39.25
N SER JA 107 149.09 53.28 -38.86
CA SER JA 107 150.24 53.09 -39.73
C SER JA 107 150.97 51.76 -39.47
N THR JA 108 150.69 51.10 -38.36
CA THR JA 108 151.32 49.83 -38.04
C THR JA 108 150.36 48.64 -38.05
N THR JA 109 149.12 48.83 -37.63
CA THR JA 109 148.16 47.74 -37.63
C THR JA 109 147.50 47.61 -39.00
N ALA JA 110 146.72 46.55 -39.16
CA ALA JA 110 146.09 46.27 -40.45
C ALA JA 110 144.80 45.49 -40.20
N ILE JA 111 143.68 46.19 -40.21
CA ILE JA 111 142.37 45.56 -40.07
C ILE JA 111 141.95 45.05 -41.43
N SER JA 112 141.86 43.73 -41.57
CA SER JA 112 141.50 43.11 -42.84
C SER JA 112 140.03 42.69 -42.81
N PHE JA 113 139.46 42.56 -44.01
CA PHE JA 113 138.06 42.18 -44.18
C PHE JA 113 137.94 41.26 -45.38
N THR JA 114 137.12 40.22 -45.24
CA THR JA 114 136.91 39.30 -46.36
C THR JA 114 135.61 38.55 -46.16
N ALA JA 115 134.98 38.20 -47.28
CA ALA JA 115 133.76 37.42 -47.29
C ALA JA 115 133.90 36.29 -48.30
N SER JA 116 133.19 35.19 -48.03
CA SER JA 116 133.39 33.99 -48.84
C SER JA 116 132.56 34.01 -50.11
N ALA JA 117 131.25 34.27 -49.99
CA ALA JA 117 130.35 34.13 -51.13
C ALA JA 117 130.72 35.09 -52.24
N GLU JA 118 130.61 36.39 -51.98
CA GLU JA 118 130.77 37.38 -53.03
C GLU JA 118 132.20 37.47 -53.58
N GLY JA 119 133.12 36.66 -53.07
CA GLY JA 119 134.48 36.68 -53.58
C GLY JA 119 135.24 37.94 -53.31
N ILE JA 120 134.80 38.75 -52.37
CA ILE JA 120 135.46 40.01 -52.04
C ILE JA 120 136.53 39.75 -51.00
N SER JA 121 137.66 40.43 -51.15
CA SER JA 121 138.76 40.34 -50.21
C SER JA 121 139.40 41.70 -50.06
N TYR JA 122 139.93 41.97 -48.87
CA TYR JA 122 140.54 43.25 -48.56
C TYR JA 122 141.75 43.03 -47.68
N SER JA 123 142.49 44.11 -47.44
CA SER JA 123 143.65 44.07 -46.55
C SER JA 123 143.96 45.50 -46.11
N ASN JA 124 144.03 45.72 -44.80
CA ASN JA 124 144.33 47.02 -44.23
C ASN JA 124 143.36 48.09 -44.74
N ILE JA 125 142.09 47.90 -44.37
CA ILE JA 125 141.06 48.89 -44.64
C ILE JA 125 141.05 49.91 -43.51
N TYR JA 126 142.02 49.81 -42.62
CA TYR JA 126 142.15 50.73 -41.50
C TYR JA 126 142.92 51.96 -41.96
N GLU JA 127 142.25 53.10 -42.00
CA GLU JA 127 142.84 54.32 -42.55
C GLU JA 127 143.09 55.40 -41.51
N TYR JA 128 142.09 55.77 -40.72
CA TYR JA 128 142.21 56.87 -39.79
C TYR JA 128 141.85 56.40 -38.39
N THR JA 129 141.98 57.31 -37.42
CA THR JA 129 141.62 57.03 -36.04
C THR JA 129 141.31 58.34 -35.33
N LEU JA 130 140.35 58.29 -34.42
CA LEU JA 130 140.01 59.43 -33.59
C LEU JA 130 140.75 59.42 -32.26
N LEU JA 131 141.54 58.38 -31.99
CA LEU JA 131 142.30 58.32 -30.75
C LEU JA 131 143.36 59.40 -30.64
N THR JA 132 143.63 60.13 -31.73
CA THR JA 132 144.68 61.13 -31.74
C THR JA 132 144.17 62.55 -31.66
N VAL JA 133 142.95 62.83 -32.13
CA VAL JA 133 142.40 64.17 -32.07
C VAL JA 133 141.98 64.46 -30.63
N SER JA 134 142.39 65.62 -30.13
CA SER JA 134 142.05 66.01 -28.78
C SER JA 134 140.68 66.66 -28.73
N PRO JA 135 140.00 66.61 -27.59
CA PRO JA 135 138.66 67.23 -27.49
C PRO JA 135 138.70 68.74 -27.58
N SER JA 136 139.88 69.36 -27.50
CA SER JA 136 139.95 70.81 -27.60
C SER JA 136 139.60 71.29 -29.00
N GLU JA 137 139.89 70.49 -30.01
CA GLU JA 137 139.61 70.90 -31.39
C GLU JA 137 138.13 70.83 -31.70
N LEU JA 138 137.51 69.68 -31.43
CA LEU JA 138 136.12 69.46 -31.84
C LEU JA 138 135.12 70.22 -30.99
N ALA JA 139 135.56 70.82 -29.88
CA ALA JA 139 134.62 71.34 -28.89
C ALA JA 139 133.88 72.58 -29.36
N ASN JA 140 134.35 73.27 -30.40
CA ASN JA 140 133.81 74.58 -30.74
C ASN JA 140 133.06 74.59 -32.07
N GLN JA 141 133.69 74.15 -33.15
CA GLN JA 141 133.19 74.43 -34.49
C GLN JA 141 132.39 73.25 -35.04
N VAL JA 142 131.14 73.14 -34.61
CA VAL JA 142 130.12 72.34 -35.28
C VAL JA 142 128.77 72.73 -34.73
N TYR JA 143 127.77 72.87 -35.59
CA TYR JA 143 126.42 73.20 -35.14
C TYR JA 143 125.45 73.03 -36.29
N ALA JA 144 124.17 72.88 -35.93
CA ALA JA 144 123.11 72.79 -36.92
C ALA JA 144 121.87 73.58 -36.48
N ASN JA 145 121.95 74.29 -35.37
CA ASN JA 145 120.85 75.12 -34.88
C ASN JA 145 121.45 76.18 -33.97
N GLY JA 146 120.61 76.81 -33.15
CA GLY JA 146 121.08 77.87 -32.26
C GLY JA 146 122.16 77.45 -31.29
N GLN JA 147 122.51 76.16 -31.23
CA GLN JA 147 123.47 75.65 -30.27
C GLN JA 147 124.56 74.86 -30.99
N TYR JA 148 125.80 75.08 -30.58
CA TYR JA 148 126.91 74.23 -31.01
C TYR JA 148 126.88 72.94 -30.21
N LEU JA 149 126.77 71.81 -30.88
CA LEU JA 149 126.66 70.53 -30.22
C LEU JA 149 128.05 69.96 -29.92
N ASP JA 150 128.20 69.37 -28.74
CA ASP JA 150 129.44 68.72 -28.34
C ASP JA 150 129.36 67.24 -28.65
N LEU JA 151 130.47 66.68 -29.13
CA LEU JA 151 130.49 65.30 -29.59
C LEU JA 151 131.24 64.35 -28.67
N VAL JA 152 132.05 64.87 -27.76
CA VAL JA 152 132.90 64.05 -26.90
C VAL JA 152 132.60 64.37 -25.45
N ASN JA 153 132.54 63.33 -24.63
CA ASN JA 153 132.40 63.47 -23.19
C ASN JA 153 133.77 63.28 -22.53
N GLN JA 154 133.93 63.87 -21.35
CA GLN JA 154 135.23 63.80 -20.67
C GLN JA 154 135.05 63.99 -19.18
N GLN JA 155 135.60 63.06 -18.41
CA GLN JA 155 135.65 63.16 -16.95
C GLN JA 155 137.09 63.36 -16.50
N THR JA 156 137.23 63.98 -15.33
CA THR JA 156 138.53 64.28 -14.75
C THR JA 156 138.60 63.70 -13.34
N ASN JA 157 139.13 62.49 -13.22
CA ASN JA 157 139.36 61.89 -11.91
C ASN JA 157 140.74 61.27 -11.91
N ALA JA 158 141.35 61.22 -10.72
CA ALA JA 158 142.70 60.70 -10.51
C ALA JA 158 143.75 61.48 -11.28
N GLY JA 159 143.45 62.73 -11.65
CA GLY JA 159 144.40 63.57 -12.33
C GLY JA 159 144.52 63.37 -13.82
N GLN JA 160 143.59 62.66 -14.44
CA GLN JA 160 143.63 62.42 -15.88
C GLN JA 160 142.26 62.68 -16.47
N THR JA 161 142.25 63.05 -17.75
CA THR JA 161 141.03 63.36 -18.48
C THR JA 161 140.67 62.17 -19.36
N TYR JA 162 139.59 61.48 -19.03
CA TYR JA 162 139.13 60.30 -19.75
C TYR JA 162 138.03 60.73 -20.69
N VAL JA 163 138.30 60.74 -21.99
CA VAL JA 163 137.32 61.14 -22.98
C VAL JA 163 136.80 59.91 -23.70
N TYR JA 164 135.65 60.07 -24.35
CA TYR JA 164 135.01 59.00 -25.10
C TYR JA 164 133.86 59.59 -25.89
N TYR JA 165 133.54 58.95 -27.01
CA TYR JA 165 132.43 59.37 -27.84
C TYR JA 165 131.21 58.52 -27.53
N PRO JA 166 130.07 59.13 -27.19
CA PRO JA 166 128.93 58.36 -26.71
C PRO JA 166 128.05 57.76 -27.79
N ASN JA 167 128.44 57.82 -29.06
CA ASN JA 167 127.55 57.37 -30.12
C ASN JA 167 128.33 57.17 -31.42
N PRO JA 168 127.98 56.18 -32.23
CA PRO JA 168 128.65 56.05 -33.53
C PRO JA 168 128.37 57.20 -34.47
N TYR JA 169 127.23 57.89 -34.30
CA TYR JA 169 126.93 59.02 -35.17
C TYR JA 169 127.72 60.25 -34.77
N TYR JA 170 127.90 60.48 -33.47
CA TYR JA 170 128.76 61.58 -33.03
C TYR JA 170 130.18 61.39 -33.51
N ALA JA 171 130.64 60.15 -33.60
CA ALA JA 171 131.98 59.88 -34.10
C ALA JA 171 132.06 60.18 -35.59
N LEU JA 172 130.98 59.96 -36.33
CA LEU JA 172 130.98 60.27 -37.76
C LEU JA 172 131.07 61.77 -37.98
N LEU JA 173 130.35 62.55 -37.19
CA LEU JA 173 130.47 64.01 -37.29
C LEU JA 173 131.83 64.48 -36.81
N ALA JA 174 132.37 63.83 -35.78
CA ALA JA 174 133.70 64.19 -35.29
C ALA JA 174 134.76 63.81 -36.30
N LEU JA 175 134.48 62.83 -37.15
CA LEU JA 175 135.43 62.47 -38.20
C LEU JA 175 135.32 63.41 -39.39
N ASN JA 176 134.11 63.88 -39.67
CA ASN JA 176 133.90 64.77 -40.81
C ASN JA 176 134.76 66.02 -40.69
N TYR JA 177 134.69 66.68 -39.53
CA TYR JA 177 135.49 67.89 -39.33
C TYR JA 177 136.97 67.55 -39.29
N THR JA 178 137.32 66.41 -38.71
CA THR JA 178 138.73 66.05 -38.57
C THR JA 178 139.37 65.83 -39.94
N LEU JA 179 138.72 65.06 -40.81
CA LEU JA 179 139.28 64.78 -42.12
C LEU JA 179 139.43 66.04 -42.95
N SER JA 180 138.58 67.04 -42.71
CA SER JA 180 138.59 68.23 -43.55
C SER JA 180 139.60 69.25 -43.05
N LYS JA 181 139.59 69.55 -41.75
CA LYS JA 181 140.36 70.65 -41.21
C LYS JA 181 141.59 70.26 -40.43
N ILE JA 182 141.59 69.09 -39.79
CA ILE JA 182 142.77 68.71 -38.99
C ILE JA 182 143.93 68.33 -39.90
N ASP JA 183 143.72 67.33 -40.75
CA ASP JA 183 144.74 66.87 -41.69
C ASP JA 183 144.28 67.16 -43.10
N LYS JA 184 145.14 67.82 -43.89
CA LYS JA 184 144.78 68.26 -45.23
C LYS JA 184 144.82 67.11 -46.23
N VAL JA 185 143.92 66.13 -46.06
CA VAL JA 185 143.81 65.06 -47.05
C VAL JA 185 143.04 65.59 -48.26
N SER JA 186 143.62 65.40 -49.45
CA SER JA 186 142.95 65.92 -50.65
C SER JA 186 141.73 65.09 -51.03
N PRO JA 187 141.78 63.75 -51.06
CA PRO JA 187 140.51 63.01 -51.17
C PRO JA 187 139.94 62.71 -49.79
N SER JA 188 138.73 63.17 -49.53
CA SER JA 188 138.10 62.92 -48.24
C SER JA 188 137.08 61.80 -48.41
N PRO JA 189 137.35 60.59 -47.91
CA PRO JA 189 136.42 59.48 -48.14
C PRO JA 189 135.08 59.64 -47.46
N LEU JA 190 134.92 60.65 -46.61
CA LEU JA 190 133.67 60.90 -45.91
C LEU JA 190 133.23 62.33 -46.17
N TYR JA 191 131.91 62.52 -46.26
CA TYR JA 191 131.35 63.85 -46.49
C TYR JA 191 129.92 63.83 -45.97
N ILE JA 192 129.70 64.49 -44.84
CA ILE JA 192 128.38 64.59 -44.22
C ILE JA 192 127.85 66.00 -44.44
N THR JA 193 126.64 66.10 -44.97
CA THR JA 193 126.05 67.40 -45.24
C THR JA 193 124.56 67.35 -44.95
N THR JA 194 123.99 68.51 -44.65
CA THR JA 194 122.59 68.62 -44.31
C THR JA 194 121.69 68.89 -45.50
N THR JA 195 122.26 69.33 -46.62
CA THR JA 195 121.45 69.63 -47.79
C THR JA 195 120.86 68.36 -48.40
N THR JA 196 119.75 68.52 -49.10
CA THR JA 196 119.10 67.39 -49.74
C THR JA 196 120.03 66.80 -50.79
N PRO JA 197 120.13 65.46 -50.86
CA PRO JA 197 121.10 64.86 -51.81
C PRO JA 197 120.87 65.25 -53.25
N SER JA 198 119.66 65.66 -53.63
CA SER JA 198 119.43 66.13 -54.98
C SER JA 198 120.24 67.39 -55.25
N SER JA 199 120.09 68.39 -54.38
CA SER JA 199 120.90 69.60 -54.50
C SER JA 199 122.36 69.33 -54.21
N ALA JA 200 122.64 68.38 -53.32
CA ALA JA 200 124.03 68.03 -53.02
C ALA JA 200 124.72 67.48 -54.26
N THR JA 201 124.08 66.51 -54.93
CA THR JA 201 124.65 66.00 -56.16
C THR JA 201 124.69 67.07 -57.25
N GLN JA 202 123.84 68.08 -57.14
CA GLN JA 202 123.85 69.16 -58.12
C GLN JA 202 125.10 70.02 -57.98
N ILE JA 203 125.42 70.43 -56.76
CA ILE JA 203 126.58 71.29 -56.56
C ILE JA 203 127.88 70.50 -56.67
N TYR JA 204 127.89 69.25 -56.23
CA TYR JA 204 129.06 68.39 -56.37
C TYR JA 204 128.69 67.19 -57.22
N PRO JA 205 129.22 67.07 -58.44
CA PRO JA 205 128.80 65.97 -59.32
C PRO JA 205 129.38 64.62 -58.93
N PHE JA 206 130.47 64.60 -58.16
CA PHE JA 206 131.12 63.33 -57.84
C PHE JA 206 130.40 62.56 -56.75
N LEU JA 207 129.52 63.22 -55.98
CA LEU JA 207 128.82 62.53 -54.92
C LEU JA 207 127.82 61.51 -55.44
N ALA JA 208 127.46 61.59 -56.72
CA ALA JA 208 126.52 60.65 -57.32
C ALA JA 208 127.12 59.29 -57.59
N HIS JA 209 128.34 59.02 -57.11
CA HIS JA 209 128.98 57.73 -57.27
C HIS JA 209 129.30 57.06 -55.95
N ASP JA 210 128.98 57.70 -54.82
CA ASP JA 210 129.31 57.19 -53.51
C ASP JA 210 128.08 56.60 -52.83
N ASN JA 211 128.33 55.68 -51.91
CA ASN JA 211 127.26 55.13 -51.10
C ASN JA 211 126.74 56.18 -50.13
N MET JA 212 125.45 56.08 -49.80
CA MET JA 212 124.81 57.10 -48.98
C MET JA 212 123.93 56.43 -47.93
N PHE JA 213 124.04 56.92 -46.69
CA PHE JA 213 123.11 56.55 -45.65
C PHE JA 213 122.80 57.79 -44.82
N THR JA 214 121.64 57.76 -44.15
CA THR JA 214 121.15 58.91 -43.41
C THR JA 214 121.04 58.59 -41.93
N PHE JA 215 121.19 59.62 -41.11
CA PHE JA 215 120.92 59.51 -39.69
C PHE JA 215 120.41 60.85 -39.20
N THR JA 216 119.31 60.83 -38.45
CA THR JA 216 118.61 62.03 -38.04
C THR JA 216 118.84 62.30 -36.56
N LEU JA 217 119.04 63.57 -36.20
CA LEU JA 217 119.24 63.99 -34.83
C LEU JA 217 118.20 65.04 -34.48
N ASN JA 218 117.56 64.89 -33.32
CA ASN JA 218 116.54 65.82 -32.86
C ASN JA 218 117.23 66.88 -32.00
N ILE JA 219 117.65 67.96 -32.64
CA ILE JA 219 118.47 68.99 -31.99
C ILE JA 219 117.60 70.21 -31.70
N SER JA 220 117.69 70.71 -30.46
CA SER JA 220 117.03 71.95 -30.04
C SER JA 220 115.53 71.93 -30.37
N GLY JA 221 114.92 70.77 -30.22
CA GLY JA 221 113.50 70.63 -30.42
C GLY JA 221 113.06 70.40 -31.85
N THR JA 222 113.98 70.39 -32.81
CA THR JA 222 113.65 70.11 -34.19
C THR JA 222 114.53 68.99 -34.71
N LEU JA 223 114.08 68.36 -35.80
CA LEU JA 223 114.73 67.19 -36.37
C LEU JA 223 115.67 67.63 -37.48
N VAL JA 224 116.93 67.24 -37.36
CA VAL JA 224 117.95 67.52 -38.37
C VAL JA 224 118.38 66.20 -38.99
N THR JA 225 118.41 66.15 -40.32
CA THR JA 225 118.76 64.94 -41.06
C THR JA 225 120.10 65.14 -41.75
N TYR JA 226 121.01 64.19 -41.56
CA TYR JA 226 122.32 64.22 -42.18
C TYR JA 226 122.41 63.16 -43.26
N TYR JA 227 123.39 63.34 -44.14
CA TYR JA 227 123.62 62.45 -45.28
C TYR JA 227 125.11 62.18 -45.38
N ALA JA 228 125.49 60.90 -45.32
CA ALA JA 228 126.89 60.51 -45.29
C ALA JA 228 127.25 59.84 -46.59
N PHE JA 229 128.27 60.36 -47.26
CA PHE JA 229 128.75 59.84 -48.54
C PHE JA 229 130.11 59.19 -48.34
N VAL JA 230 130.28 57.99 -48.88
CA VAL JA 230 131.49 57.21 -48.74
C VAL JA 230 131.88 56.67 -50.11
N ASN JA 231 133.13 56.89 -50.51
CA ASN JA 231 133.61 56.44 -51.80
C ASN JA 231 134.60 55.29 -51.70
N GLN JA 232 134.82 54.75 -50.51
CA GLN JA 232 135.82 53.72 -50.33
C GLN JA 232 135.60 53.04 -49.00
N THR JA 233 135.66 51.70 -49.00
CA THR JA 233 135.48 50.92 -47.78
C THR JA 233 136.69 51.13 -46.88
N PHE JA 234 136.50 51.90 -45.81
CA PHE JA 234 137.58 52.16 -44.86
C PHE JA 234 137.03 52.01 -43.45
N ALA JA 235 137.95 51.86 -42.50
CA ALA JA 235 137.60 51.64 -41.10
C ALA JA 235 138.40 52.58 -40.22
N PHE JA 236 137.81 52.93 -39.08
CA PHE JA 236 138.47 53.82 -38.13
C PHE JA 236 138.09 53.40 -36.72
N THR JA 237 138.80 53.95 -35.75
CA THR JA 237 138.62 53.61 -34.35
C THR JA 237 138.46 54.88 -33.53
N TYR JA 238 137.72 54.77 -32.41
CA TYR JA 238 137.56 55.89 -31.51
C TYR JA 238 137.40 55.39 -30.09
N PRO JA 239 137.88 56.13 -29.09
CA PRO JA 239 137.77 55.66 -27.71
C PRO JA 239 136.33 55.71 -27.21
N VAL JA 240 135.92 54.66 -26.51
CA VAL JA 240 134.56 54.57 -26.02
C VAL JA 240 134.48 54.35 -24.51
N ALA JA 241 135.53 53.86 -23.87
CA ALA JA 241 135.47 53.66 -22.42
C ALA JA 241 136.87 53.66 -21.84
N GLY JA 242 137.17 54.67 -21.01
CA GLY JA 242 138.36 54.67 -20.19
C GLY JA 242 139.69 54.72 -20.91
N ASP JA 243 139.91 55.77 -21.70
CA ASP JA 243 141.16 55.96 -22.43
C ASP JA 243 141.76 57.30 -22.02
N PRO JA 244 142.60 57.33 -20.98
CA PRO JA 244 143.22 58.60 -20.61
C PRO JA 244 144.31 59.05 -21.57
N LEU JA 245 145.10 58.11 -22.10
CA LEU JA 245 146.19 58.46 -23.01
C LEU JA 245 145.60 58.81 -24.37
N ILE JA 246 145.07 60.03 -24.46
CA ILE JA 246 144.46 60.51 -25.69
C ILE JA 246 145.53 61.21 -26.53
N GLY JA 247 145.61 60.84 -27.80
CA GLY JA 247 146.62 61.37 -28.69
C GLY JA 247 147.82 60.47 -28.88
N SER JA 248 147.81 59.26 -28.32
CA SER JA 248 148.93 58.34 -28.44
C SER JA 248 148.63 57.12 -29.31
N ALA JA 249 147.37 56.94 -29.72
CA ALA JA 249 146.96 55.79 -30.53
C ALA JA 249 147.31 54.47 -29.84
N ILE JA 250 147.07 54.42 -28.52
CA ILE JA 250 147.37 53.26 -27.71
C ILE JA 250 146.14 52.96 -26.86
N ALA JA 251 145.71 51.70 -26.86
CA ALA JA 251 144.58 51.27 -26.05
C ALA JA 251 145.09 50.75 -24.72
N PRO JA 252 144.96 51.51 -23.63
CA PRO JA 252 145.52 51.06 -22.35
C PRO JA 252 144.80 49.84 -21.82
N ALA JA 253 145.51 49.07 -21.02
CA ALA JA 253 144.94 47.88 -20.38
C ALA JA 253 143.76 48.29 -19.52
N GLY JA 254 142.57 47.83 -19.90
CA GLY JA 254 141.35 48.22 -19.25
C GLY JA 254 140.56 49.28 -19.96
N SER JA 255 140.56 49.29 -21.30
CA SER JA 255 139.88 50.30 -22.08
C SER JA 255 139.15 49.64 -23.23
N VAL JA 256 137.91 50.04 -23.45
CA VAL JA 256 137.12 49.56 -24.58
C VAL JA 256 137.32 50.53 -25.73
N ILE JA 257 137.55 49.99 -26.92
CA ILE JA 257 137.80 50.79 -28.11
C ILE JA 257 136.81 50.38 -29.19
N GLY JA 258 136.19 51.37 -29.82
CA GLY JA 258 135.24 51.10 -30.88
C GLY JA 258 135.90 50.99 -32.24
N VAL JA 259 135.33 50.14 -33.08
CA VAL JA 259 135.79 49.94 -34.45
C VAL JA 259 134.58 50.04 -35.36
N MET JA 260 134.62 50.97 -36.30
CA MET JA 260 133.54 51.15 -37.26
C MET JA 260 134.08 50.94 -38.67
N ILE JA 261 133.27 50.30 -39.51
CA ILE JA 261 133.63 50.01 -40.89
C ILE JA 261 132.52 50.58 -41.77
N LEU JA 262 132.89 51.48 -42.68
CA LEU JA 262 131.94 52.12 -43.58
C LEU JA 262 132.14 51.54 -44.97
N PHE JA 263 131.08 50.96 -45.53
CA PHE JA 263 131.17 50.26 -46.80
C PHE JA 263 131.26 51.24 -47.95
N GLY JA 264 132.22 51.04 -48.84
CA GLY JA 264 132.32 51.82 -50.04
C GLY JA 264 131.30 51.38 -51.07
N PRO JA 265 131.32 52.03 -52.23
CA PRO JA 265 130.36 51.67 -53.28
C PRO JA 265 130.64 50.29 -53.87
N ASP JA 266 131.90 49.89 -53.95
CA ASP JA 266 132.22 48.59 -54.52
C ASP JA 266 131.65 47.46 -53.67
N LEU JA 267 131.59 47.66 -52.36
CA LEU JA 267 131.11 46.65 -51.43
C LEU JA 267 129.72 46.92 -50.90
N GLY JA 268 129.33 48.19 -50.77
CA GLY JA 268 128.02 48.51 -50.25
C GLY JA 268 126.86 48.13 -51.13
N SER JA 269 127.12 47.58 -52.32
CA SER JA 269 126.07 47.15 -53.21
C SER JA 269 125.60 45.73 -52.94
N HIS JA 270 126.15 45.07 -51.92
CA HIS JA 270 125.79 43.71 -51.60
C HIS JA 270 125.26 43.64 -50.16
N VAL JA 271 124.47 42.60 -49.89
CA VAL JA 271 123.97 42.30 -48.57
C VAL JA 271 124.48 40.94 -48.16
N PHE JA 272 125.17 40.88 -47.03
CA PHE JA 272 125.73 39.62 -46.53
C PHE JA 272 124.62 38.82 -45.85
N GLN JA 273 123.90 38.06 -46.67
CA GLN JA 273 122.89 37.13 -46.17
C GLN JA 273 123.32 35.72 -46.53
N TYR JA 274 123.28 34.83 -45.54
CA TYR JA 274 123.72 33.44 -45.73
C TYR JA 274 125.17 33.39 -46.20
N GLN JA 275 126.01 34.21 -45.57
CA GLN JA 275 127.42 34.28 -45.89
C GLN JA 275 128.22 34.29 -44.59
N THR JA 276 129.54 34.18 -44.74
CA THR JA 276 130.46 34.25 -43.61
C THR JA 276 131.32 35.51 -43.74
N ILE JA 277 131.46 36.22 -42.64
CA ILE JA 277 132.26 37.43 -42.58
C ILE JA 277 133.48 37.15 -41.72
N THR JA 278 134.63 37.68 -42.13
CA THR JA 278 135.87 37.48 -41.39
C THR JA 278 136.62 38.80 -41.31
N ILE JA 279 136.88 39.25 -40.10
CA ILE JA 279 137.63 40.47 -39.84
C ILE JA 279 138.82 40.12 -38.96
N GLN JA 280 140.01 40.62 -39.31
CA GLN JA 280 141.23 40.31 -38.60
C GLN JA 280 141.97 41.59 -38.29
N ILE JA 281 142.17 41.85 -36.99
CA ILE JA 281 142.88 43.03 -36.51
C ILE JA 281 144.21 42.56 -35.95
N THR JA 282 145.30 42.86 -36.66
CA THR JA 282 146.63 42.38 -36.30
C THR JA 282 147.54 43.56 -35.98
N PRO JA 283 147.74 43.87 -34.70
CA PRO JA 283 148.64 44.98 -34.33
C PRO JA 283 150.08 44.64 -34.68
N ASN JA 284 150.94 45.65 -34.51
CA ASN JA 284 152.34 45.48 -34.89
C ASN JA 284 153.06 44.50 -33.97
N ILE JA 285 152.68 44.46 -32.70
CA ILE JA 285 153.26 43.54 -31.74
C ILE JA 285 152.11 42.87 -30.98
N GLY JA 286 152.25 41.57 -30.74
CA GLY JA 286 151.23 40.82 -30.04
C GLY JA 286 150.48 39.88 -30.98
N SER JA 287 149.47 39.24 -30.43
CA SER JA 287 148.69 38.29 -31.19
C SER JA 287 147.50 38.98 -31.85
N PRO JA 288 147.15 38.57 -33.05
CA PRO JA 288 146.02 39.19 -33.75
C PRO JA 288 144.68 38.82 -33.13
N LEU JA 289 143.60 39.33 -33.73
CA LEU JA 289 142.25 39.01 -33.32
C LEU JA 289 141.46 38.60 -34.55
N THR JA 290 140.69 37.52 -34.43
CA THR JA 290 139.94 36.98 -35.55
C THR JA 290 138.46 36.97 -35.22
N ILE JA 291 137.67 37.66 -36.02
CA ILE JA 291 136.22 37.66 -35.90
C ILE JA 291 135.66 36.83 -37.05
N SER JA 292 134.58 36.10 -36.77
CA SER JA 292 133.94 35.27 -37.79
C SER JA 292 132.47 35.11 -37.42
N GLU JA 293 131.59 35.42 -38.36
CA GLU JA 293 130.15 35.34 -38.13
C GLU JA 293 129.47 34.67 -39.31
N TYR JA 294 128.16 34.48 -39.19
CA TYR JA 294 127.33 33.92 -40.24
C TYR JA 294 125.98 34.61 -40.17
N VAL JA 295 125.73 35.55 -41.09
CA VAL JA 295 124.54 36.38 -41.06
C VAL JA 295 123.43 35.66 -41.81
N TYR JA 296 122.31 35.40 -41.13
CA TYR JA 296 121.19 34.71 -41.76
C TYR JA 296 120.31 35.68 -42.55
N GLN JA 297 119.67 36.61 -41.85
CA GLN JA 297 118.72 37.51 -42.46
C GLN JA 297 118.59 38.76 -41.60
N PRO JA 298 118.99 39.92 -42.10
CA PRO JA 298 118.98 41.13 -41.27
C PRO JA 298 117.55 41.55 -40.94
N GLU JA 299 117.43 42.34 -39.88
CA GLU JA 299 116.14 42.90 -39.48
C GLU JA 299 116.38 44.07 -38.53
N GLY JA 300 115.48 45.06 -38.59
CA GLY JA 300 115.53 46.20 -37.71
C GLY JA 300 116.45 47.32 -38.15
N SER JA 301 117.12 47.18 -39.29
CA SER JA 301 118.04 48.16 -39.85
C SER JA 301 119.33 48.22 -39.04
N VAL JA 302 119.36 47.56 -37.89
CA VAL JA 302 120.59 47.31 -37.14
C VAL JA 302 120.53 45.87 -36.65
N SER JA 303 121.14 44.97 -37.39
CA SER JA 303 121.10 43.55 -37.06
C SER JA 303 122.33 43.20 -36.22
N VAL JA 304 122.10 42.52 -35.11
CA VAL JA 304 123.18 42.23 -34.15
C VAL JA 304 123.78 40.89 -34.59
N ILE JA 305 124.67 40.96 -35.58
CA ILE JA 305 125.43 39.82 -36.06
C ILE JA 305 126.39 40.25 -37.16
N LEU KA 19 205.86 31.18 -24.48
CA LEU KA 19 205.08 30.00 -24.12
C LEU KA 19 203.60 30.32 -24.09
N ALA KA 20 202.77 29.29 -24.18
CA ALA KA 20 201.33 29.44 -24.05
C ALA KA 20 200.87 29.51 -22.60
N GLY KA 21 201.81 29.47 -21.65
CA GLY KA 21 201.45 29.57 -20.25
C GLY KA 21 200.90 30.91 -19.85
N LEU KA 22 201.13 31.94 -20.66
CA LEU KA 22 200.57 33.26 -20.43
C LEU KA 22 199.41 33.57 -21.37
N ASP KA 23 199.45 33.07 -22.61
CA ASP KA 23 198.33 33.26 -23.51
C ASP KA 23 197.08 32.53 -23.01
N THR KA 24 197.25 31.27 -22.57
CA THR KA 24 196.11 30.52 -22.04
C THR KA 24 195.57 31.18 -20.77
N ALA KA 25 196.41 31.94 -20.07
CA ALA KA 25 195.94 32.65 -18.88
C ALA KA 25 194.98 33.77 -19.27
N ILE KA 26 195.43 34.67 -20.16
CA ILE KA 26 194.60 35.80 -20.54
C ILE KA 26 193.31 35.34 -21.22
N ILE KA 27 193.40 34.30 -22.05
CA ILE KA 27 192.20 33.74 -22.67
C ILE KA 27 191.27 33.19 -21.60
N LEU KA 28 191.82 32.70 -20.49
CA LEU KA 28 190.99 32.19 -19.41
C LEU KA 28 190.25 33.32 -18.71
N ILE KA 29 190.92 34.46 -18.50
CA ILE KA 29 190.29 35.57 -17.81
C ILE KA 29 189.21 36.19 -18.67
N ALA KA 30 189.48 36.35 -19.97
CA ALA KA 30 188.52 37.00 -20.86
C ALA KA 30 187.25 36.19 -20.97
N PHE KA 31 187.38 34.87 -21.14
CA PHE KA 31 186.20 34.03 -21.32
C PHE KA 31 185.36 33.98 -20.04
N ILE KA 32 185.98 34.24 -18.89
CA ILE KA 32 185.22 34.28 -17.65
C ILE KA 32 184.37 35.53 -17.57
N ILE KA 33 184.91 36.66 -18.03
CA ILE KA 33 184.16 37.91 -17.99
C ILE KA 33 182.94 37.85 -18.89
N THR KA 34 183.08 37.18 -20.04
CA THR KA 34 181.93 37.02 -20.93
C THR KA 34 180.92 36.05 -20.34
N ALA KA 35 181.39 34.98 -19.70
CA ALA KA 35 180.47 34.05 -19.06
C ALA KA 35 179.77 34.70 -17.88
N SER KA 36 180.49 35.52 -17.12
CA SER KA 36 179.89 36.14 -15.94
C SER KA 36 178.79 37.12 -16.33
N VAL KA 37 178.98 37.85 -17.42
CA VAL KA 37 177.98 38.85 -17.81
C VAL KA 37 176.75 38.18 -18.38
N LEU KA 38 176.94 37.07 -19.10
CA LEU KA 38 175.78 36.32 -19.59
C LEU KA 38 174.94 35.80 -18.44
N ALA KA 39 175.60 35.33 -17.38
CA ALA KA 39 174.86 34.88 -16.21
C ALA KA 39 174.10 36.02 -15.55
N TYR KA 40 174.67 37.23 -15.59
CA TYR KA 40 174.03 38.38 -14.97
C TYR KA 40 172.74 38.74 -15.69
N VAL KA 41 172.75 38.68 -17.02
CA VAL KA 41 171.56 39.01 -17.79
C VAL KA 41 170.51 37.92 -17.64
N ALA KA 42 170.94 36.66 -17.72
CA ALA KA 42 170.00 35.55 -17.62
C ALA KA 42 169.27 35.55 -16.29
N ILE KA 43 169.98 35.89 -15.21
CA ILE KA 43 169.33 35.96 -13.91
C ILE KA 43 168.38 37.14 -13.84
N ASN KA 44 168.82 38.30 -14.34
CA ASN KA 44 167.99 39.50 -14.27
C ASN KA 44 166.75 39.38 -15.12
N MET KA 45 166.91 38.95 -16.38
CA MET KA 45 165.75 38.85 -17.25
C MET KA 45 164.90 37.64 -16.90
N GLY KA 46 165.51 36.56 -16.41
CA GLY KA 46 164.73 35.44 -15.95
C GLY KA 46 163.84 35.79 -14.78
N LEU KA 47 164.34 36.66 -13.89
CA LEU KA 47 163.53 37.13 -12.78
C LEU KA 47 162.43 38.07 -13.25
N PHE KA 48 162.74 38.95 -14.20
CA PHE KA 48 161.76 39.92 -14.67
C PHE KA 48 160.57 39.23 -15.31
N VAL KA 49 160.81 38.32 -16.26
CA VAL KA 49 159.71 37.62 -16.90
C VAL KA 49 158.98 36.74 -15.90
N THR KA 50 159.68 36.33 -14.83
CA THR KA 50 159.04 35.52 -13.80
C THR KA 50 158.06 36.35 -12.98
N GLN KA 51 158.48 37.55 -12.56
CA GLN KA 51 157.57 38.41 -11.80
C GLN KA 51 156.37 38.81 -12.64
N LYS KA 52 156.60 39.12 -13.93
CA LYS KA 52 155.48 39.47 -14.80
C LYS KA 52 154.56 38.29 -15.02
N ALA KA 53 155.10 37.08 -15.05
CA ALA KA 53 154.25 35.90 -15.18
C ALA KA 53 153.37 35.73 -13.95
N LYS KA 54 153.84 36.20 -12.79
CA LYS KA 54 153.01 36.14 -11.60
C LYS KA 54 151.85 37.13 -11.69
N SER KA 55 152.09 38.28 -12.31
CA SER KA 55 151.05 39.30 -12.40
C SER KA 55 149.91 38.83 -13.29
N THR KA 56 150.22 38.15 -14.39
CA THR KA 56 149.17 37.69 -15.30
C THR KA 56 148.37 36.56 -14.70
N ILE KA 57 148.89 35.91 -13.66
CA ILE KA 57 148.12 34.87 -12.96
C ILE KA 57 147.06 35.53 -12.09
N ASN KA 58 147.41 36.63 -11.43
CA ASN KA 58 146.46 37.33 -10.58
C ASN KA 58 145.35 37.96 -11.40
N LYS KA 59 145.71 38.58 -12.54
CA LYS KA 59 144.70 39.20 -13.38
C LYS KA 59 143.77 38.16 -13.97
N GLY KA 60 144.33 37.04 -14.46
CA GLY KA 60 143.49 35.99 -15.01
C GLY KA 60 142.53 35.42 -13.98
N GLU KA 61 142.99 35.25 -12.75
CA GLU KA 61 142.10 34.78 -11.69
C GLU KA 61 141.03 35.82 -11.39
N GLU KA 62 141.41 37.09 -11.35
CA GLU KA 62 140.45 38.15 -11.06
C GLU KA 62 139.42 38.30 -12.16
N THR KA 63 139.82 38.05 -13.41
CA THR KA 63 138.88 38.12 -14.52
C THR KA 63 137.82 37.04 -14.40
N ALA KA 64 138.24 35.79 -14.17
CA ALA KA 64 137.30 34.68 -14.06
C ALA KA 64 136.48 34.74 -12.78
N SER KA 65 136.86 35.58 -11.82
CA SER KA 65 136.15 35.63 -10.55
C SER KA 65 135.09 36.71 -10.51
N THR KA 66 135.41 37.93 -10.94
CA THR KA 66 134.47 39.03 -10.86
C THR KA 66 133.37 38.87 -11.91
N ALA KA 67 132.19 39.38 -11.59
CA ALA KA 67 131.04 39.36 -12.47
C ALA KA 67 129.95 40.23 -11.86
N LEU KA 68 128.87 40.42 -12.60
CA LEU KA 68 127.71 41.16 -12.14
C LEU KA 68 126.45 40.39 -12.50
N THR KA 69 125.50 40.38 -11.58
CA THR KA 69 124.24 39.69 -11.80
C THR KA 69 123.08 40.64 -11.58
N LEU KA 70 121.97 40.36 -12.24
CA LEU KA 70 120.78 41.21 -12.18
C LEU KA 70 119.92 40.73 -11.02
N SER KA 71 120.06 41.39 -9.88
CA SER KA 71 119.31 41.06 -8.67
C SER KA 71 118.15 42.02 -8.55
N GLY KA 72 117.03 41.67 -9.15
CA GLY KA 72 115.86 42.54 -9.12
C GLY KA 72 115.37 42.85 -10.52
N SER KA 73 114.07 43.05 -10.65
CA SER KA 73 113.46 43.29 -11.94
C SER KA 73 113.87 44.66 -12.48
N VAL KA 74 113.53 44.90 -13.74
CA VAL KA 74 113.87 46.13 -14.44
C VAL KA 74 112.55 46.85 -14.75
N LEU KA 75 112.40 48.06 -14.23
CA LEU KA 75 111.19 48.83 -14.43
C LEU KA 75 111.33 49.74 -15.65
N TYR KA 76 110.26 50.44 -15.97
CA TYR KA 76 110.19 51.25 -17.18
C TYR KA 76 109.02 52.22 -17.08
N ALA KA 77 109.28 53.52 -17.27
CA ALA KA 77 108.28 54.55 -17.04
C ALA KA 77 107.93 55.25 -18.33
N VAL KA 78 106.63 55.42 -18.56
CA VAL KA 78 106.09 56.19 -19.68
C VAL KA 78 104.88 56.97 -19.19
N ASN KA 79 104.32 57.79 -20.06
CA ASN KA 79 103.09 58.51 -19.78
C ASN KA 79 101.93 57.55 -20.01
N TYR KA 80 101.41 56.97 -18.93
CA TYR KA 80 100.45 55.87 -18.95
C TYR KA 80 99.27 56.08 -19.89
N PRO KA 81 98.47 57.16 -19.75
CA PRO KA 81 97.24 57.24 -20.54
C PRO KA 81 97.47 57.15 -22.03
N SER KA 82 98.30 58.04 -22.58
CA SER KA 82 98.65 58.04 -23.99
C SER KA 82 100.15 57.81 -24.08
N ASN KA 83 100.55 56.59 -24.42
CA ASN KA 83 101.96 56.24 -24.47
C ASN KA 83 102.60 56.94 -25.65
N THR KA 84 103.26 58.05 -25.39
CA THR KA 84 103.96 58.80 -26.41
C THR KA 84 105.40 59.08 -26.05
N ARG KA 85 105.70 59.34 -24.78
CA ARG KA 85 107.03 59.66 -24.32
C ARG KA 85 107.57 58.56 -23.42
N SER KA 86 108.90 58.51 -23.29
CA SER KA 86 109.59 57.58 -22.43
C SER KA 86 110.40 58.35 -21.41
N TYR KA 87 110.24 58.02 -20.13
CA TYR KA 87 110.84 58.81 -19.06
C TYR KA 87 112.18 58.27 -18.59
N TRP KA 88 112.21 57.05 -18.07
CA TRP KA 88 113.44 56.51 -17.50
C TRP KA 88 113.34 54.99 -17.39
N ILE KA 89 114.44 54.38 -16.98
CA ILE KA 89 114.56 52.93 -16.75
C ILE KA 89 115.45 52.71 -15.54
N TYR KA 90 114.98 51.93 -14.58
CA TYR KA 90 115.72 51.68 -13.34
C TYR KA 90 115.78 50.18 -13.09
N PHE KA 91 116.99 49.66 -12.90
CA PHE KA 91 117.19 48.28 -12.53
C PHE KA 91 118.34 48.21 -11.53
N THR KA 92 118.46 47.08 -10.86
CA THR KA 92 119.51 46.88 -9.87
C THR KA 92 120.57 45.94 -10.42
N VAL KA 93 121.64 45.77 -9.64
CA VAL KA 93 122.75 44.90 -10.02
C VAL KA 93 123.52 44.57 -8.76
N SER KA 94 124.24 43.46 -8.78
CA SER KA 94 125.00 42.99 -7.64
C SER KA 94 126.03 41.99 -8.13
N PRO KA 95 127.14 41.82 -7.41
CA PRO KA 95 128.09 40.77 -7.78
C PRO KA 95 127.41 39.41 -7.83
N SER KA 96 127.86 38.58 -8.78
CA SER KA 96 127.18 37.31 -9.05
C SER KA 96 127.06 36.47 -7.79
N SER KA 97 128.19 36.10 -7.20
CA SER KA 97 128.24 35.55 -5.87
C SER KA 97 129.19 36.40 -5.04
N GLY KA 98 129.17 36.18 -3.73
CA GLY KA 98 130.04 36.96 -2.86
C GLY KA 98 131.49 36.55 -3.02
N VAL KA 99 131.99 36.61 -4.25
CA VAL KA 99 133.33 36.11 -4.53
C VAL KA 99 134.38 37.22 -4.46
N SER KA 100 134.08 38.40 -5.01
CA SER KA 100 135.03 39.48 -5.05
C SER KA 100 134.31 40.74 -5.50
N SER KA 101 134.87 41.89 -5.11
CA SER KA 101 134.28 43.18 -5.44
C SER KA 101 134.54 43.54 -6.89
N VAL KA 102 133.67 44.37 -7.44
CA VAL KA 102 133.81 44.87 -8.81
C VAL KA 102 133.85 46.38 -8.78
N GLU KA 103 134.62 46.96 -9.70
CA GLU KA 103 134.80 48.40 -9.76
C GLU KA 103 133.83 49.00 -10.77
N LEU KA 104 133.08 50.02 -10.35
CA LEU KA 104 132.07 50.65 -11.18
C LEU KA 104 132.34 52.15 -11.31
N SER KA 105 133.60 52.51 -11.50
CA SER KA 105 133.94 53.91 -11.69
C SER KA 105 133.36 54.42 -13.01
N PRO KA 106 132.83 55.63 -13.04
CA PRO KA 106 132.21 56.12 -14.29
C PRO KA 106 133.18 56.32 -15.42
N SER KA 107 134.47 56.47 -15.13
CA SER KA 107 135.44 56.75 -16.18
C SER KA 107 135.91 55.50 -16.89
N THR KA 108 135.91 54.36 -16.22
CA THR KA 108 136.44 53.13 -16.78
C THR KA 108 135.37 52.12 -17.17
N THR KA 109 134.13 52.29 -16.71
CA THR KA 109 133.06 51.34 -16.98
C THR KA 109 132.15 51.92 -18.06
N ALA KA 110 131.61 51.02 -18.88
CA ALA KA 110 130.78 51.42 -20.01
C ALA KA 110 129.42 50.75 -19.91
N ILE KA 111 128.38 51.50 -20.24
CA ILE KA 111 127.00 51.02 -20.24
C ILE KA 111 126.40 51.39 -21.58
N SER KA 112 126.29 50.43 -22.48
CA SER KA 112 125.86 50.66 -23.85
C SER KA 112 124.39 50.30 -23.98
N PHE KA 113 123.54 51.30 -24.23
CA PHE KA 113 122.13 51.09 -24.45
C PHE KA 113 121.87 50.99 -25.95
N THR KA 114 121.07 50.00 -26.34
CA THR KA 114 120.81 49.75 -27.76
C THR KA 114 119.40 49.23 -27.94
N ALA KA 115 118.67 49.84 -28.88
CA ALA KA 115 117.39 49.35 -29.31
C ALA KA 115 117.50 48.83 -30.74
N SER KA 116 116.53 48.00 -31.14
CA SER KA 116 116.59 47.31 -32.42
C SER KA 116 115.76 47.97 -33.49
N ALA KA 117 114.47 48.20 -33.25
CA ALA KA 117 113.57 48.66 -34.30
C ALA KA 117 113.89 50.08 -34.73
N GLU KA 118 114.05 50.99 -33.76
CA GLU KA 118 114.22 52.40 -34.09
C GLU KA 118 115.56 52.70 -34.74
N GLY KA 119 116.45 51.73 -34.85
CA GLY KA 119 117.76 51.99 -35.43
C GLY KA 119 118.67 52.83 -34.58
N ILE KA 120 118.32 53.07 -33.33
CA ILE KA 120 119.13 53.88 -32.43
C ILE KA 120 120.13 52.97 -31.72
N SER KA 121 121.33 53.49 -31.50
CA SER KA 121 122.37 52.74 -30.80
C SER KA 121 123.28 53.72 -30.08
N TYR KA 122 123.58 53.42 -28.83
CA TYR KA 122 124.41 54.26 -27.99
C TYR KA 122 125.64 53.49 -27.56
N SER KA 123 126.49 54.16 -26.76
CA SER KA 123 127.69 53.54 -26.24
C SER KA 123 128.16 54.36 -25.05
N ASN KA 124 128.21 53.74 -23.88
CA ASN KA 124 128.70 54.38 -22.66
C ASN KA 124 127.89 55.63 -22.33
N ILE KA 125 126.62 55.40 -22.00
CA ILE KA 125 125.75 56.47 -21.51
C ILE KA 125 126.01 56.66 -20.03
N TYR KA 126 127.05 56.01 -19.52
CA TYR KA 126 127.41 56.07 -18.11
C TYR KA 126 128.25 57.33 -17.88
N GLU KA 127 127.70 58.29 -17.15
CA GLU KA 127 128.39 59.54 -16.91
C GLU KA 127 128.69 59.79 -15.44
N TYR KA 128 127.69 59.74 -14.58
CA TYR KA 128 127.86 60.11 -13.19
C TYR KA 128 127.54 58.93 -12.27
N THR KA 129 128.00 59.03 -11.03
CA THR KA 129 127.70 58.07 -9.98
C THR KA 129 127.44 58.82 -8.69
N LEU KA 130 126.59 58.24 -7.85
CA LEU KA 130 126.38 58.73 -6.50
C LEU KA 130 127.16 57.92 -5.46
N LEU KA 131 127.93 56.92 -5.90
CA LEU KA 131 128.72 56.13 -4.98
C LEU KA 131 129.87 56.90 -4.38
N THR KA 132 130.23 58.05 -4.95
CA THR KA 132 131.39 58.79 -4.50
C THR KA 132 131.05 59.93 -3.55
N VAL KA 133 129.81 60.39 -3.54
CA VAL KA 133 129.43 61.55 -2.74
C VAL KA 133 129.14 61.10 -1.31
N SER KA 134 129.77 61.78 -0.36
CA SER KA 134 129.57 61.48 1.05
C SER KA 134 128.26 62.09 1.54
N PRO KA 135 127.57 61.43 2.48
CA PRO KA 135 126.29 61.97 2.96
C PRO KA 135 126.43 63.27 3.73
N SER KA 136 127.64 63.65 4.14
CA SER KA 136 127.80 64.89 4.90
C SER KA 136 127.43 66.09 4.05
N GLU KA 137 127.67 66.03 2.75
CA GLU KA 137 127.36 67.18 1.89
C GLU KA 137 125.90 67.23 1.51
N LEU KA 138 125.20 66.09 1.54
CA LEU KA 138 123.87 66.02 0.96
C LEU KA 138 122.78 66.30 1.97
N ALA KA 139 122.85 65.65 3.14
CA ALA KA 139 121.72 65.62 4.06
C ALA KA 139 121.39 66.97 4.67
N ASN KA 140 122.05 68.04 4.27
CA ASN KA 140 121.84 69.34 4.89
C ASN KA 140 121.12 70.34 4.00
N GLN KA 141 121.44 70.41 2.72
CA GLN KA 141 120.92 71.47 1.85
C GLN KA 141 120.02 70.88 0.77
N VAL KA 142 118.77 70.64 1.14
CA VAL KA 142 117.66 70.43 0.20
C VAL KA 142 116.36 70.60 0.96
N TYR KA 143 115.42 71.36 0.40
CA TYR KA 143 114.13 71.55 1.06
C TYR KA 143 113.16 72.17 0.09
N ALA KA 144 111.87 71.87 0.30
CA ALA KA 144 110.80 72.49 -0.46
C ALA KA 144 109.62 72.86 0.44
N ASN KA 145 109.79 72.79 1.75
CA ASN KA 145 108.72 73.07 2.70
C ASN KA 145 109.36 73.46 4.02
N GLY KA 146 108.57 73.40 5.09
CA GLY KA 146 109.05 73.77 6.41
C GLY KA 146 110.15 72.89 6.97
N GLN KA 147 110.58 71.89 6.21
CA GLN KA 147 111.58 70.94 6.70
C GLN KA 147 112.60 70.64 5.61
N TYR KA 148 113.87 70.53 6.02
CA TYR KA 148 114.95 70.12 5.13
C TYR KA 148 114.98 68.61 5.11
N LEU KA 149 114.42 68.01 4.05
CA LEU KA 149 114.29 66.56 3.99
C LEU KA 149 115.66 65.91 3.86
N ASP KA 150 115.81 64.76 4.51
CA ASP KA 150 117.03 63.97 4.43
C ASP KA 150 116.86 62.89 3.38
N LEU KA 151 117.84 62.78 2.49
CA LEU KA 151 117.72 61.89 1.34
C LEU KA 151 118.30 60.51 1.60
N VAL KA 152 119.40 60.42 2.32
CA VAL KA 152 120.15 59.18 2.48
C VAL KA 152 119.95 58.65 3.89
N ASN KA 153 119.86 57.34 4.01
CA ASN KA 153 119.83 56.65 5.29
C ASN KA 153 121.19 56.02 5.56
N GLN KA 154 121.61 56.06 6.82
CA GLN KA 154 122.91 55.52 7.20
C GLN KA 154 122.79 54.73 8.50
N GLN KA 155 123.32 53.52 8.49
CA GLN KA 155 123.34 52.64 9.64
C GLN KA 155 124.77 52.15 9.87
N THR KA 156 125.14 52.04 11.15
CA THR KA 156 126.49 51.68 11.53
C THR KA 156 126.50 50.41 12.37
N ASN KA 157 127.52 49.59 12.17
CA ASN KA 157 127.74 48.38 12.96
C ASN KA 157 129.14 47.86 12.67
N ALA KA 158 129.76 47.27 13.69
CA ALA KA 158 131.07 46.65 13.60
C ALA KA 158 132.15 47.63 13.16
N GLY KA 159 131.97 48.92 13.42
CA GLY KA 159 132.97 49.91 13.10
C GLY KA 159 132.90 50.46 11.69
N GLN KA 160 131.78 50.31 11.00
CA GLN KA 160 131.61 50.82 9.65
C GLN KA 160 130.26 51.52 9.55
N THR KA 161 130.07 52.25 8.46
CA THR KA 161 128.84 52.97 8.20
C THR KA 161 128.28 52.54 6.86
N TYR KA 162 127.08 51.96 6.87
CA TYR KA 162 126.41 51.51 5.67
C TYR KA 162 125.38 52.54 5.26
N VAL KA 163 125.43 52.99 4.00
CA VAL KA 163 124.55 54.02 3.49
C VAL KA 163 123.86 53.52 2.22
N TYR KA 164 122.74 54.16 1.90
CA TYR KA 164 121.99 53.87 0.69
C TYR KA 164 120.88 54.89 0.54
N TYR KA 165 120.41 55.06 -0.71
CA TYR KA 165 119.26 55.89 -1.04
C TYR KA 165 118.02 55.04 -1.13
N PRO KA 166 116.94 55.38 -0.44
CA PRO KA 166 115.80 54.47 -0.37
C PRO KA 166 114.79 54.65 -1.49
N ASN KA 167 115.14 55.40 -2.52
CA ASN KA 167 114.15 55.75 -3.53
C ASN KA 167 114.84 56.26 -4.79
N PRO KA 168 114.38 55.86 -5.98
CA PRO KA 168 114.94 56.46 -7.20
C PRO KA 168 114.75 57.96 -7.27
N TYR KA 169 113.63 58.47 -6.72
CA TYR KA 169 113.40 59.90 -6.75
C TYR KA 169 114.34 60.63 -5.79
N TYR KA 170 114.52 60.10 -4.59
CA TYR KA 170 115.49 60.70 -3.67
C TYR KA 170 116.88 60.65 -4.25
N ALA KA 171 117.16 59.66 -5.10
CA ALA KA 171 118.46 59.61 -5.76
C ALA KA 171 118.60 60.71 -6.79
N LEU KA 172 117.49 61.13 -7.39
CA LEU KA 172 117.55 62.17 -8.41
C LEU KA 172 117.84 63.54 -7.79
N LEU KA 173 117.14 63.89 -6.71
CA LEU KA 173 117.37 65.17 -6.07
C LEU KA 173 118.80 65.28 -5.57
N ALA KA 174 119.37 64.18 -5.07
CA ALA KA 174 120.76 64.20 -4.64
C ALA KA 174 121.70 64.36 -5.81
N LEU KA 175 121.30 63.89 -6.99
CA LEU KA 175 122.15 64.06 -8.17
C LEU KA 175 122.07 65.49 -8.70
N ASN KA 176 120.89 66.10 -8.61
CA ASN KA 176 120.74 67.48 -9.06
C ASN KA 176 121.63 68.42 -8.24
N TYR KA 177 121.70 68.19 -6.93
CA TYR KA 177 122.52 69.04 -6.09
C TYR KA 177 124.00 68.81 -6.36
N THR KA 178 124.41 67.55 -6.49
CA THR KA 178 125.83 67.25 -6.67
C THR KA 178 126.34 67.85 -7.97
N LEU KA 179 125.61 67.63 -9.07
CA LEU KA 179 126.02 68.20 -10.34
C LEU KA 179 126.07 69.72 -10.30
N SER KA 180 125.26 70.34 -9.43
CA SER KA 180 125.24 71.79 -9.36
C SER KA 180 126.39 72.33 -8.53
N LYS KA 181 126.62 71.73 -7.35
CA LYS KA 181 127.54 72.31 -6.38
C LYS KA 181 128.77 71.45 -6.09
N ILE KA 182 128.65 70.13 -6.10
CA ILE KA 182 129.79 69.28 -5.76
C ILE KA 182 130.86 69.40 -6.83
N ASP KA 183 130.53 69.05 -8.07
CA ASP KA 183 131.43 69.18 -9.20
C ASP KA 183 130.92 70.28 -10.13
N LYS KA 184 131.73 71.32 -10.31
CA LYS KA 184 131.30 72.52 -11.02
C LYS KA 184 131.25 72.23 -12.51
N VAL KA 185 130.12 71.68 -12.95
CA VAL KA 185 129.89 71.45 -14.37
C VAL KA 185 128.98 72.53 -14.90
N SER KA 186 129.33 73.11 -16.05
CA SER KA 186 128.48 74.12 -16.66
C SER KA 186 127.33 73.45 -17.43
N PRO KA 187 127.58 72.40 -18.25
CA PRO KA 187 126.43 71.68 -18.81
C PRO KA 187 125.96 70.57 -17.86
N SER KA 188 124.78 70.74 -17.29
CA SER KA 188 124.22 69.70 -16.42
C SER KA 188 123.08 69.02 -17.14
N PRO KA 189 123.21 67.74 -17.51
CA PRO KA 189 122.13 67.08 -18.26
C PRO KA 189 120.83 66.95 -17.49
N LEU KA 190 120.82 67.24 -16.20
CA LEU KA 190 119.62 67.15 -15.38
C LEU KA 190 119.32 68.51 -14.77
N TYR KA 191 118.03 68.87 -14.76
CA TYR KA 191 117.58 70.10 -14.11
C TYR KA 191 116.22 69.84 -13.50
N ILE KA 192 116.12 69.97 -12.18
CA ILE KA 192 114.88 69.75 -11.44
C ILE KA 192 114.54 71.04 -10.71
N THR KA 193 113.29 71.47 -10.82
CA THR KA 193 112.86 72.71 -10.19
C THR KA 193 111.40 72.60 -9.78
N THR KA 194 111.04 73.34 -8.74
CA THR KA 194 109.68 73.27 -8.21
C THR KA 194 108.71 74.16 -8.98
N THR KA 195 109.21 75.21 -9.61
CA THR KA 195 108.33 76.12 -10.35
C THR KA 195 107.72 75.43 -11.55
N THR KA 196 106.58 75.95 -11.99
CA THR KA 196 105.84 75.36 -13.10
C THR KA 196 106.70 75.35 -14.36
N PRO KA 197 106.50 74.36 -15.24
CA PRO KA 197 107.28 74.34 -16.48
C PRO KA 197 106.99 75.50 -17.40
N SER KA 198 105.81 76.11 -17.31
CA SER KA 198 105.50 77.28 -18.12
C SER KA 198 106.48 78.42 -17.82
N SER KA 199 106.58 78.80 -16.56
CA SER KA 199 107.51 79.87 -16.19
C SER KA 199 108.95 79.46 -16.43
N ALA KA 200 109.24 78.16 -16.41
CA ALA KA 200 110.60 77.71 -16.65
C ALA KA 200 111.06 78.05 -18.06
N THR KA 201 110.18 77.89 -19.05
CA THR KA 201 110.54 78.22 -20.41
C THR KA 201 110.71 79.73 -20.61
N GLN KA 202 110.00 80.54 -19.83
CA GLN KA 202 110.09 81.99 -20.00
C GLN KA 202 111.41 82.52 -19.47
N ILE KA 203 111.85 82.04 -18.31
CA ILE KA 203 113.10 82.51 -17.74
C ILE KA 203 114.30 81.75 -18.29
N TYR KA 204 114.13 80.48 -18.67
CA TYR KA 204 115.20 79.69 -19.26
C TYR KA 204 114.70 79.13 -20.59
N PRO KA 205 115.28 79.54 -21.72
CA PRO KA 205 114.73 79.12 -23.02
C PRO KA 205 115.08 77.68 -23.37
N PHE KA 206 116.27 77.23 -22.97
CA PHE KA 206 116.73 75.91 -23.36
C PHE KA 206 115.87 74.79 -22.79
N LEU KA 207 115.15 75.05 -21.71
CA LEU KA 207 114.30 74.04 -21.10
C LEU KA 207 113.06 73.73 -21.92
N ALA KA 208 112.90 74.30 -23.11
CA ALA KA 208 111.78 73.96 -23.97
C ALA KA 208 112.10 72.85 -24.96
N HIS KA 209 113.38 72.60 -25.21
CA HIS KA 209 113.80 71.53 -26.10
C HIS KA 209 114.20 70.26 -25.36
N ASP KA 210 113.95 70.19 -24.06
CA ASP KA 210 114.39 69.06 -23.25
C ASP KA 210 113.22 68.17 -22.85
N ASN KA 211 113.52 66.90 -22.63
CA ASN KA 211 112.50 65.96 -22.18
C ASN KA 211 112.17 66.21 -20.72
N MET KA 212 110.90 66.04 -20.36
CA MET KA 212 110.42 66.36 -19.02
C MET KA 212 109.61 65.20 -18.46
N PHE KA 213 109.90 64.84 -17.21
CA PHE KA 213 109.06 63.93 -16.45
C PHE KA 213 108.92 64.48 -15.04
N THR KA 214 107.85 64.08 -14.36
CA THR KA 214 107.49 64.66 -13.08
C THR KA 214 107.30 63.57 -12.04
N PHE KA 215 107.33 63.99 -10.77
CA PHE KA 215 107.08 63.09 -9.65
C PHE KA 215 106.71 63.93 -8.45
N THR KA 216 105.81 63.40 -7.62
CA THR KA 216 105.22 64.14 -6.52
C THR KA 216 105.67 63.57 -5.18
N LEU KA 217 105.71 64.45 -4.18
CA LEU KA 217 106.05 64.08 -2.82
C LEU KA 217 105.05 64.70 -1.86
N ASN KA 218 104.83 64.04 -0.74
CA ASN KA 218 103.92 64.52 0.30
C ASN KA 218 104.76 64.85 1.54
N ILE KA 219 105.26 66.08 1.59
CA ILE KA 219 106.12 66.54 2.67
C ILE KA 219 105.34 67.56 3.49
N SER KA 220 105.40 67.41 4.81
CA SER KA 220 104.70 68.29 5.76
C SER KA 220 103.24 68.46 5.36
N GLY KA 221 102.58 67.34 5.08
CA GLY KA 221 101.16 67.32 4.79
C GLY KA 221 100.75 67.95 3.47
N THR KA 222 101.66 68.61 2.75
CA THR KA 222 101.33 69.24 1.49
C THR KA 222 102.06 68.52 0.36
N LEU KA 223 101.52 68.67 -0.85
CA LEU KA 223 102.01 67.97 -2.03
C LEU KA 223 102.93 68.89 -2.82
N VAL KA 224 104.07 68.36 -3.22
CA VAL KA 224 105.04 69.08 -4.04
C VAL KA 224 105.22 68.32 -5.34
N THR KA 225 105.38 69.06 -6.44
CA THR KA 225 105.53 68.48 -7.77
C THR KA 225 106.82 69.00 -8.39
N TYR KA 226 107.71 68.09 -8.73
CA TYR KA 226 108.99 68.42 -9.33
C TYR KA 226 108.96 68.15 -10.83
N TYR KA 227 109.77 68.89 -11.58
CA TYR KA 227 109.84 68.76 -13.03
C TYR KA 227 111.30 68.56 -13.41
N ALA KA 228 111.61 67.41 -14.00
CA ALA KA 228 112.98 67.04 -14.34
C ALA KA 228 113.18 67.18 -15.83
N PHE KA 229 114.09 68.05 -16.23
CA PHE KA 229 114.41 68.29 -17.63
C PHE KA 229 115.74 67.64 -17.98
N VAL KA 230 115.76 66.87 -19.06
CA VAL KA 230 116.95 66.17 -19.52
C VAL KA 230 117.22 66.59 -20.96
N ASN KA 231 118.48 66.90 -21.25
CA ASN KA 231 118.87 67.25 -22.62
C ASN KA 231 119.84 66.24 -23.20
N GLN KA 232 120.08 65.11 -22.54
CA GLN KA 232 121.02 64.12 -23.02
C GLN KA 232 120.81 62.80 -22.28
N THR KA 233 120.60 61.72 -23.03
CA THR KA 233 120.39 60.41 -22.41
C THR KA 233 121.66 59.98 -21.69
N PHE KA 234 121.56 59.83 -20.37
CA PHE KA 234 122.69 59.43 -19.56
C PHE KA 234 122.19 58.54 -18.43
N ALA KA 235 123.08 57.73 -17.89
CA ALA KA 235 122.75 56.78 -16.84
C ALA KA 235 123.71 56.94 -15.66
N PHE KA 236 123.16 56.85 -14.46
CA PHE KA 236 123.95 56.95 -13.25
C PHE KA 236 123.63 55.78 -12.32
N THR KA 237 124.51 55.58 -11.34
CA THR KA 237 124.37 54.52 -10.36
C THR KA 237 124.38 55.10 -8.96
N TYR KA 238 123.73 54.40 -8.04
CA TYR KA 238 123.69 54.83 -6.65
C TYR KA 238 123.55 53.60 -5.77
N PRO KA 239 124.13 53.62 -4.57
CA PRO KA 239 124.03 52.44 -3.70
C PRO KA 239 122.63 52.27 -3.16
N VAL KA 240 122.24 51.01 -3.01
CA VAL KA 240 120.89 50.71 -2.51
C VAL KA 240 120.88 49.75 -1.33
N ALA KA 241 121.92 48.96 -1.10
CA ALA KA 241 121.92 48.05 0.05
C ALA KA 241 123.33 47.59 0.35
N GLY KA 242 123.78 47.80 1.58
CA GLY KA 242 124.98 47.15 2.06
C GLY KA 242 126.28 47.59 1.43
N ASP KA 243 126.39 48.87 1.06
CA ASP KA 243 127.64 49.38 0.52
C ASP KA 243 128.38 50.13 1.62
N PRO KA 244 129.33 49.51 2.31
CA PRO KA 244 129.96 50.21 3.44
C PRO KA 244 130.89 51.32 3.02
N LEU KA 245 131.71 51.10 1.99
CA LEU KA 245 132.72 52.06 1.58
C LEU KA 245 132.15 52.99 0.50
N ILE KA 246 131.44 54.02 0.97
CA ILE KA 246 130.96 55.04 0.06
C ILE KA 246 132.08 56.04 -0.22
N GLY KA 247 132.22 56.41 -1.49
CA GLY KA 247 133.29 57.30 -1.90
C GLY KA 247 134.44 56.63 -2.61
N SER KA 248 134.30 55.37 -3.01
CA SER KA 248 135.38 54.64 -3.63
C SER KA 248 135.01 54.06 -4.99
N ALA KA 249 133.76 54.22 -5.43
CA ALA KA 249 133.31 53.69 -6.72
C ALA KA 249 133.53 52.19 -6.82
N ILE KA 250 133.43 51.50 -5.69
CA ILE KA 250 133.64 50.06 -5.61
C ILE KA 250 132.35 49.41 -5.16
N ALA KA 251 131.98 48.32 -5.82
CA ALA KA 251 130.82 47.54 -5.42
C ALA KA 251 131.28 46.30 -4.68
N PRO KA 252 131.33 46.33 -3.36
CA PRO KA 252 131.82 45.16 -2.61
C PRO KA 252 130.84 44.01 -2.71
N ALA KA 253 131.37 42.81 -2.48
CA ALA KA 253 130.55 41.61 -2.58
C ALA KA 253 129.43 41.66 -1.55
N GLY KA 254 128.23 41.23 -1.97
CA GLY KA 254 127.07 41.22 -1.12
C GLY KA 254 126.26 42.50 -1.16
N SER KA 255 126.78 43.56 -1.76
CA SER KA 255 126.10 44.84 -1.84
C SER KA 255 125.31 44.93 -3.13
N VAL KA 256 124.11 45.48 -3.03
CA VAL KA 256 123.25 45.71 -4.18
C VAL KA 256 123.44 47.14 -4.63
N ILE KA 257 123.52 47.34 -5.94
CA ILE KA 257 123.80 48.65 -6.53
C ILE KA 257 122.69 48.98 -7.51
N GLY KA 258 122.11 50.17 -7.37
CA GLY KA 258 121.07 50.60 -8.27
C GLY KA 258 121.62 51.32 -9.48
N VAL KA 259 120.91 51.19 -10.59
CA VAL KA 259 121.26 51.85 -11.84
C VAL KA 259 120.00 52.51 -12.40
N MET KA 260 120.16 53.71 -12.95
CA MET KA 260 119.03 54.44 -13.52
C MET KA 260 119.44 55.05 -14.85
N ILE KA 261 118.60 54.86 -15.86
CA ILE KA 261 118.83 55.39 -17.21
C ILE KA 261 117.78 56.46 -17.47
N LEU KA 262 118.24 57.68 -17.74
CA LEU KA 262 117.35 58.80 -18.03
C LEU KA 262 117.34 59.05 -19.52
N PHE KA 263 116.15 59.14 -20.10
CA PHE KA 263 115.99 59.29 -21.53
C PHE KA 263 115.99 60.76 -21.91
N GLY KA 264 116.94 61.16 -22.75
CA GLY KA 264 116.99 62.50 -23.24
C GLY KA 264 115.93 62.76 -24.29
N PRO KA 265 115.93 63.98 -24.85
CA PRO KA 265 114.94 64.30 -25.87
C PRO KA 265 115.18 63.60 -27.19
N ASP KA 266 116.42 63.23 -27.48
CA ASP KA 266 116.73 62.52 -28.71
C ASP KA 266 116.08 61.15 -28.75
N LEU KA 267 115.74 60.58 -27.59
CA LEU KA 267 115.20 59.24 -27.51
C LEU KA 267 113.92 59.13 -26.70
N GLY KA 268 113.65 60.06 -25.79
CA GLY KA 268 112.48 59.98 -24.94
C GLY KA 268 111.16 60.06 -25.67
N SER KA 269 111.20 60.30 -26.98
CA SER KA 269 109.99 60.42 -27.78
C SER KA 269 109.47 59.09 -28.29
N HIS KA 270 110.22 58.00 -28.10
CA HIS KA 270 109.83 56.69 -28.59
C HIS KA 270 109.39 55.80 -27.43
N VAL KA 271 108.26 55.14 -27.59
CA VAL KA 271 107.77 54.17 -26.63
C VAL KA 271 108.15 52.78 -27.12
N PHE KA 272 109.01 52.11 -26.38
CA PHE KA 272 109.45 50.76 -26.75
C PHE KA 272 108.25 49.83 -26.70
N GLN KA 273 107.79 49.40 -27.87
CA GLN KA 273 106.64 48.52 -27.99
C GLN KA 273 106.92 47.54 -29.11
N TYR KA 274 106.84 46.25 -28.81
CA TYR KA 274 107.18 45.21 -29.77
C TYR KA 274 108.61 45.35 -30.27
N GLN KA 275 109.51 45.69 -29.36
CA GLN KA 275 110.92 45.88 -29.66
C GLN KA 275 111.77 45.14 -28.64
N THR KA 276 113.05 44.97 -28.97
CA THR KA 276 114.00 44.29 -28.11
C THR KA 276 115.07 45.27 -27.66
N ILE KA 277 115.28 45.35 -26.35
CA ILE KA 277 116.20 46.30 -25.76
C ILE KA 277 117.46 45.55 -25.34
N THR KA 278 118.55 46.30 -25.13
CA THR KA 278 119.81 45.69 -24.73
C THR KA 278 120.65 46.71 -23.98
N ILE KA 279 121.10 46.33 -22.79
CA ILE KA 279 121.99 47.15 -21.97
C ILE KA 279 123.16 46.27 -21.53
N GLN KA 280 124.38 46.76 -21.70
CA GLN KA 280 125.57 45.98 -21.41
C GLN KA 280 126.54 46.80 -20.58
N ILE KA 281 126.84 46.31 -19.37
CA ILE KA 281 127.77 46.97 -18.47
C ILE KA 281 129.08 46.21 -18.49
N THR KA 282 130.15 46.87 -18.92
CA THR KA 282 131.46 46.23 -19.04
C THR KA 282 132.47 46.90 -18.12
N PRO KA 283 132.75 46.32 -16.95
CA PRO KA 283 133.74 46.90 -16.06
C PRO KA 283 135.14 46.77 -16.65
N ASN KA 284 136.09 47.47 -16.01
CA ASN KA 284 137.45 47.48 -16.53
C ASN KA 284 138.07 46.09 -16.50
N ILE KA 285 137.79 45.32 -15.46
CA ILE KA 285 138.24 43.94 -15.37
C ILE KA 285 137.06 43.07 -14.96
N GLY KA 286 136.88 41.96 -15.65
CA GLY KA 286 135.76 41.07 -15.42
C GLY KA 286 134.88 40.93 -16.65
N SER KA 287 133.82 40.16 -16.49
CA SER KA 287 132.91 39.83 -17.56
C SER KA 287 131.78 40.85 -17.65
N PRO KA 288 131.26 41.10 -18.86
CA PRO KA 288 130.17 42.05 -19.01
C PRO KA 288 128.83 41.42 -18.64
N LEU KA 289 127.87 42.30 -18.36
CA LEU KA 289 126.50 41.90 -18.03
C LEU KA 289 125.58 42.36 -19.15
N THR KA 290 125.01 41.41 -19.88
CA THR KA 290 124.10 41.71 -20.98
C THR KA 290 122.67 41.44 -20.55
N ILE KA 291 121.80 42.41 -20.79
CA ILE KA 291 120.39 42.31 -20.42
C ILE KA 291 119.59 42.61 -21.68
N SER KA 292 118.84 41.61 -22.15
CA SER KA 292 118.00 41.76 -23.33
C SER KA 292 116.56 41.42 -22.95
N GLU KA 293 115.64 42.35 -23.18
CA GLU KA 293 114.25 42.18 -22.85
C GLU KA 293 113.39 42.50 -24.07
N TYR KA 294 112.12 42.11 -23.98
CA TYR KA 294 111.16 42.31 -25.08
C TYR KA 294 109.87 42.86 -24.47
N VAL KA 295 109.54 44.10 -24.83
CA VAL KA 295 108.41 44.80 -24.23
C VAL KA 295 107.21 44.74 -25.16
N TYR KA 296 106.03 44.48 -24.60
CA TYR KA 296 104.80 44.35 -25.40
C TYR KA 296 104.02 45.66 -25.48
N GLN KA 297 103.53 46.12 -24.34
CA GLN KA 297 102.56 47.20 -24.29
C GLN KA 297 102.55 47.79 -22.89
N PRO KA 298 103.36 48.80 -22.63
CA PRO KA 298 103.50 49.29 -21.26
C PRO KA 298 102.18 49.70 -20.65
N GLU KA 299 102.08 49.53 -19.34
CA GLU KA 299 100.87 49.87 -18.61
C GLU KA 299 101.23 50.20 -17.17
N GLY KA 300 100.42 51.05 -16.55
CA GLY KA 300 100.62 51.46 -15.17
C GLY KA 300 101.60 52.59 -14.97
N SER KA 301 102.23 53.07 -16.04
CA SER KA 301 103.22 54.15 -15.99
C SER KA 301 104.51 53.67 -15.36
N VAL KA 302 104.50 52.46 -14.81
CA VAL KA 302 105.71 51.76 -14.38
C VAL KA 302 105.56 50.30 -14.78
N SER KA 303 106.15 49.93 -15.92
CA SER KA 303 106.00 48.59 -16.45
C SER KA 303 107.19 47.74 -16.05
N VAL KA 304 106.92 46.59 -15.45
CA VAL KA 304 108.00 45.72 -14.92
C VAL KA 304 108.39 44.79 -16.06
N ILE KA 305 109.23 45.30 -16.96
CA ILE KA 305 109.80 44.54 -18.06
C ILE KA 305 110.76 45.42 -18.84
N LEU LA 19 135.84 21.09 -13.78
CA LEU LA 19 135.03 20.02 -14.35
C LEU LA 19 133.55 20.30 -14.17
N ALA LA 20 132.72 19.49 -14.83
CA ALA LA 20 131.27 19.58 -14.70
C ALA LA 20 130.75 18.72 -13.56
N GLY LA 21 131.62 18.04 -12.83
CA GLY LA 21 131.16 17.27 -11.68
C GLY LA 21 130.62 18.16 -10.58
N LEU LA 22 131.35 19.23 -10.26
CA LEU LA 22 130.88 20.15 -9.23
C LEU LA 22 129.66 20.93 -9.71
N ASP LA 23 129.59 21.22 -11.01
CA ASP LA 23 128.46 21.97 -11.54
C ASP LA 23 127.17 21.19 -11.39
N THR LA 24 127.18 19.93 -11.82
CA THR LA 24 125.98 19.09 -11.69
C THR LA 24 125.57 18.95 -10.23
N ALA LA 25 126.54 19.01 -9.32
CA ALA LA 25 126.21 18.90 -7.90
C ALA LA 25 125.48 20.15 -7.41
N ILE LA 26 125.96 21.33 -7.80
CA ILE LA 26 125.34 22.56 -7.34
C ILE LA 26 123.97 22.74 -7.97
N ILE LA 27 123.86 22.43 -9.26
CA ILE LA 27 122.58 22.56 -9.95
C ILE LA 27 121.57 21.57 -9.37
N LEU LA 28 122.05 20.42 -8.92
CA LEU LA 28 121.14 19.43 -8.33
C LEU LA 28 120.52 19.96 -7.05
N ILE LA 29 121.33 20.54 -6.17
CA ILE LA 29 120.83 21.05 -4.90
C ILE LA 29 119.76 22.10 -5.12
N ALA LA 30 119.90 22.90 -6.18
CA ALA LA 30 118.90 23.92 -6.48
C ALA LA 30 117.57 23.28 -6.85
N PHE LA 31 117.60 22.32 -7.77
CA PHE LA 31 116.35 21.72 -8.25
C PHE LA 31 115.68 20.87 -7.18
N ILE LA 32 116.34 20.68 -6.03
CA ILE LA 32 115.68 20.02 -4.91
C ILE LA 32 114.94 21.03 -4.05
N ILE LA 33 115.54 22.20 -3.84
CA ILE LA 33 114.89 23.23 -3.03
C ILE LA 33 113.63 23.71 -3.71
N THR LA 34 113.68 23.90 -5.03
CA THR LA 34 112.49 24.33 -5.76
C THR LA 34 111.41 23.26 -5.72
N ALA LA 35 111.81 22.00 -5.87
CA ALA LA 35 110.83 20.92 -5.78
C ALA LA 35 110.31 20.77 -4.36
N SER LA 36 111.13 21.12 -3.37
CA SER LA 36 110.70 21.03 -1.98
C SER LA 36 109.61 22.04 -1.68
N VAL LA 37 109.84 23.31 -2.01
CA VAL LA 37 108.86 24.34 -1.70
C VAL LA 37 107.60 24.13 -2.52
N LEU LA 38 107.71 23.57 -3.73
CA LEU LA 38 106.52 23.25 -4.50
C LEU LA 38 105.68 22.22 -3.76
N ALA LA 39 106.32 21.16 -3.26
CA ALA LA 39 105.60 20.18 -2.47
C ALA LA 39 105.14 20.78 -1.14
N TYR LA 40 105.86 21.79 -0.65
CA TYR LA 40 105.51 22.44 0.60
C TYR LA 40 104.12 23.08 0.52
N VAL LA 41 103.87 23.84 -0.55
CA VAL LA 41 102.60 24.54 -0.67
C VAL LA 41 101.53 23.62 -1.20
N ALA LA 42 101.90 22.59 -1.96
CA ALA LA 42 100.90 21.69 -2.54
C ALA LA 42 100.21 20.90 -1.44
N ILE LA 43 100.93 20.59 -0.37
CA ILE LA 43 100.32 19.90 0.76
C ILE LA 43 99.44 20.86 1.55
N ASN LA 44 99.97 22.05 1.84
CA ASN LA 44 99.22 23.02 2.64
C ASN LA 44 97.91 23.39 1.97
N MET LA 45 97.97 23.77 0.69
CA MET LA 45 96.73 24.10 -0.02
C MET LA 45 95.88 22.87 -0.26
N GLY LA 46 96.51 21.71 -0.50
CA GLY LA 46 95.74 20.49 -0.68
C GLY LA 46 94.92 20.15 0.54
N LEU LA 47 95.48 20.35 1.72
CA LEU LA 47 94.73 20.12 2.95
C LEU LA 47 93.67 21.19 3.16
N PHE LA 48 94.00 22.44 2.87
CA PHE LA 48 93.07 23.54 3.11
C PHE LA 48 91.82 23.41 2.24
N VAL LA 49 92.01 23.00 0.99
CA VAL LA 49 90.86 22.85 0.10
C VAL LA 49 89.96 21.73 0.57
N THR LA 50 90.54 20.64 1.09
CA THR LA 50 89.71 19.54 1.58
C THR LA 50 88.92 19.95 2.81
N GLN LA 51 89.54 20.67 3.74
CA GLN LA 51 88.82 21.13 4.91
C GLN LA 51 87.72 22.09 4.51
N LYS LA 52 87.89 22.81 3.39
CA LYS LA 52 86.83 23.66 2.88
C LYS LA 52 85.72 22.82 2.26
N ALA LA 53 86.09 21.77 1.54
CA ALA LA 53 85.09 20.89 0.95
C ALA LA 53 84.32 20.14 2.02
N LYS LA 54 85.02 19.65 3.05
CA LYS LA 54 84.36 18.96 4.14
C LYS LA 54 83.36 19.87 4.85
N SER LA 55 83.75 21.12 5.09
CA SER LA 55 82.84 22.07 5.71
C SER LA 55 81.68 22.43 4.78
N THR LA 56 81.85 22.22 3.48
CA THR LA 56 80.77 22.52 2.54
C THR LA 56 79.70 21.44 2.58
N ILE LA 57 80.11 20.16 2.62
CA ILE LA 57 79.13 19.08 2.72
C ILE LA 57 78.33 19.20 3.99
N ASN LA 58 78.97 19.65 5.07
CA ASN LA 58 78.27 19.82 6.34
C ASN LA 58 77.16 20.86 6.20
N LYS LA 59 77.46 21.99 5.55
CA LYS LA 59 76.44 22.99 5.33
C LYS LA 59 75.37 22.50 4.37
N GLY LA 60 75.78 21.76 3.34
CA GLY LA 60 74.81 21.23 2.40
C GLY LA 60 73.83 20.27 3.05
N GLU LA 61 74.33 19.42 3.95
CA GLU LA 61 73.46 18.48 4.64
C GLU LA 61 72.49 19.22 5.56
N GLU LA 62 72.93 20.32 6.16
CA GLU LA 62 72.03 21.11 7.00
C GLU LA 62 70.99 21.82 6.17
N THR LA 63 71.26 22.04 4.88
CA THR LA 63 70.28 22.72 4.03
C THR LA 63 69.13 21.77 3.67
N ALA LA 64 69.46 20.58 3.20
CA ALA LA 64 68.43 19.62 2.81
C ALA LA 64 67.69 19.03 4.00
N SER LA 65 68.17 19.27 5.22
CA SER LA 65 67.55 18.68 6.40
C SER LA 65 66.76 19.69 7.24
N THR LA 66 67.11 20.97 7.20
CA THR LA 66 66.45 21.97 8.03
C THR LA 66 65.28 22.57 7.30
N ALA LA 67 64.11 22.57 7.94
CA ALA LA 67 62.90 23.12 7.35
C ALA LA 67 61.87 23.29 8.46
N LEU LA 68 60.92 24.18 8.22
CA LEU LA 68 59.82 24.40 9.14
C LEU LA 68 58.55 23.76 8.61
N THR LA 69 57.51 23.77 9.45
CA THR LA 69 56.20 23.31 9.04
C THR LA 69 55.16 24.04 9.86
N LEU LA 70 53.96 24.14 9.30
CA LEU LA 70 52.85 24.83 9.96
C LEU LA 70 51.93 23.78 10.56
N SER LA 71 51.98 23.64 11.87
CA SER LA 71 51.16 22.69 12.61
C SER LA 71 50.24 23.48 13.52
N GLY LA 72 49.04 23.79 13.03
CA GLY LA 72 48.11 24.60 13.80
C GLY LA 72 47.57 25.70 12.90
N SER LA 73 46.24 25.82 12.90
CA SER LA 73 45.58 26.77 12.03
C SER LA 73 45.96 28.20 12.40
N VAL LA 74 45.76 29.11 11.45
CA VAL LA 74 46.10 30.51 11.59
C VAL LA 74 44.87 31.27 12.04
N LEU LA 75 45.05 32.21 12.96
CA LEU LA 75 43.96 33.02 13.48
C LEU LA 75 44.12 34.46 13.04
N TYR LA 76 42.99 35.09 12.73
CA TYR LA 76 42.96 36.47 12.24
C TYR LA 76 41.93 37.23 13.06
N ALA LA 77 42.37 38.29 13.74
CA ALA LA 77 41.53 39.05 14.65
C ALA LA 77 41.16 40.39 14.04
N VAL LA 78 39.95 40.85 14.37
CA VAL LA 78 39.37 42.03 13.76
C VAL LA 78 38.20 42.46 14.63
N ASN LA 79 37.84 43.74 14.56
CA ASN LA 79 36.62 44.20 15.21
C ASN LA 79 35.42 43.57 14.48
N TYR LA 80 34.80 42.59 15.12
CA TYR LA 80 33.82 41.71 14.48
C TYR LA 80 32.50 42.38 14.14
N PRO LA 81 31.89 43.15 15.04
CA PRO LA 81 30.60 43.76 14.68
C PRO LA 81 30.69 44.68 13.46
N SER LA 82 31.79 45.41 13.33
CA SER LA 82 32.00 46.30 12.18
C SER LA 82 33.39 46.01 11.62
N ASN LA 83 33.44 45.28 10.51
CA ASN LA 83 34.72 44.89 9.94
C ASN LA 83 35.42 46.09 9.32
N THR LA 84 36.25 46.75 10.10
CA THR LA 84 36.93 47.95 9.65
C THR LA 84 38.43 47.92 9.88
N ARG LA 85 38.89 47.34 10.99
CA ARG LA 85 40.30 47.39 11.36
C ARG LA 85 40.77 46.02 11.81
N SER LA 86 41.90 45.57 11.26
CA SER LA 86 42.52 44.32 11.65
C SER LA 86 43.39 44.52 12.88
N TYR LA 87 43.59 43.45 13.65
CA TYR LA 87 44.30 43.57 14.91
C TYR LA 87 45.59 42.75 14.97
N TRP LA 88 45.56 41.48 14.62
CA TRP LA 88 46.77 40.67 14.67
C TRP LA 88 46.53 39.36 13.93
N ILE LA 89 47.57 38.51 13.93
CA ILE LA 89 47.53 37.18 13.33
C ILE LA 89 48.46 36.28 14.14
N TYR LA 90 48.04 35.04 14.39
CA TYR LA 90 48.81 34.12 15.20
C TYR LA 90 48.80 32.73 14.58
N PHE LA 91 49.92 32.02 14.69
CA PHE LA 91 50.02 30.65 14.19
C PHE LA 91 51.28 30.03 14.75
N THR LA 92 51.32 28.70 14.72
CA THR LA 92 52.41 27.91 15.28
C THR LA 92 53.26 27.29 14.18
N VAL LA 93 54.54 27.16 14.44
CA VAL LA 93 55.47 26.55 13.49
C VAL LA 93 56.35 25.56 14.23
N SER LA 94 56.75 24.51 13.54
CA SER LA 94 57.59 23.45 14.09
C SER LA 94 58.52 22.96 13.00
N PRO LA 95 59.64 22.34 13.37
CA PRO LA 95 60.49 21.72 12.36
C PRO LA 95 59.72 20.69 11.55
N SER LA 96 60.15 20.49 10.30
CA SER LA 96 59.38 19.68 9.36
C SER LA 96 59.15 18.28 9.92
N SER LA 97 60.20 17.53 10.14
CA SER LA 97 60.17 16.30 10.89
C SER LA 97 61.15 16.40 12.05
N GLY LA 98 61.27 15.34 12.83
CA GLY LA 98 62.28 15.33 13.87
C GLY LA 98 63.66 15.14 13.30
N VAL LA 99 64.05 16.00 12.36
CA VAL LA 99 65.28 15.84 11.60
C VAL LA 99 66.41 16.68 12.17
N SER LA 100 66.17 17.97 12.40
CA SER LA 100 67.21 18.85 12.93
C SER LA 100 66.55 20.11 13.46
N SER LA 101 67.28 20.78 14.35
CA SER LA 101 66.81 22.04 14.91
C SER LA 101 66.83 23.13 13.84
N VAL LA 102 66.37 24.31 14.22
CA VAL LA 102 66.33 25.46 13.32
C VAL LA 102 66.46 26.73 14.15
N GLU LA 103 67.25 27.67 13.66
CA GLU LA 103 67.49 28.92 14.38
C GLU LA 103 66.40 29.93 14.09
N LEU LA 104 66.02 30.68 15.12
CA LEU LA 104 64.97 31.69 14.99
C LEU LA 104 65.38 32.99 15.69
N SER LA 105 66.66 33.28 15.71
CA SER LA 105 67.14 34.51 16.34
C SER LA 105 66.65 35.72 15.56
N PRO LA 106 66.05 36.71 16.21
CA PRO LA 106 65.46 37.83 15.48
C PRO LA 106 66.48 38.74 14.80
N SER LA 107 67.77 38.42 14.90
CA SER LA 107 68.80 39.23 14.28
C SER LA 107 69.28 38.67 12.95
N THR LA 108 68.96 37.42 12.63
CA THR LA 108 69.41 36.81 11.39
C THR LA 108 68.30 36.26 10.52
N THR LA 109 67.16 35.89 11.07
CA THR LA 109 66.06 35.36 10.28
C THR LA 109 65.13 36.49 9.86
N ALA LA 110 64.25 36.18 8.91
CA ALA LA 110 63.39 37.18 8.32
C ALA LA 110 61.97 36.66 8.22
N ILE LA 111 61.01 37.46 8.67
CA ILE LA 111 59.59 37.18 8.51
C ILE LA 111 59.00 38.29 7.66
N SER LA 112 58.62 37.96 6.43
CA SER LA 112 58.10 38.93 5.49
C SER LA 112 56.59 38.78 5.36
N PHE LA 113 55.89 39.90 5.32
CA PHE LA 113 54.44 39.94 5.20
C PHE LA 113 54.06 40.76 3.98
N THR LA 114 53.04 40.31 3.25
CA THR LA 114 52.64 41.01 2.03
C THR LA 114 51.20 40.70 1.71
N ALA LA 115 50.55 41.66 1.05
CA ALA LA 115 49.19 41.52 0.55
C ALA LA 115 49.15 42.07 -0.87
N SER LA 116 48.06 41.78 -1.57
CA SER LA 116 47.95 42.12 -2.99
C SER LA 116 47.06 43.32 -3.25
N ALA LA 117 45.81 43.29 -2.78
CA ALA LA 117 44.85 44.33 -3.15
C ALA LA 117 45.29 45.69 -2.65
N GLU LA 118 45.69 45.78 -1.38
CA GLU LA 118 46.16 47.05 -0.83
C GLU LA 118 47.44 47.54 -1.48
N GLY LA 119 48.10 46.72 -2.28
CA GLY LA 119 49.34 47.12 -2.90
C GLY LA 119 50.48 47.34 -1.93
N ILE LA 120 50.34 46.87 -0.70
CA ILE LA 120 51.36 47.03 0.33
C ILE LA 120 52.14 45.73 0.45
N SER LA 121 53.43 45.85 0.73
CA SER LA 121 54.29 44.68 0.88
C SER LA 121 55.42 45.03 1.83
N TYR LA 122 55.49 44.34 2.96
CA TYR LA 122 56.55 44.54 3.93
C TYR LA 122 57.64 43.50 3.71
N SER LA 123 58.64 43.55 4.58
CA SER LA 123 59.77 42.62 4.53
C SER LA 123 60.50 42.69 5.86
N ASN LA 124 60.66 41.54 6.50
CA ASN LA 124 61.37 41.42 7.77
C ASN LA 124 60.74 42.31 8.85
N ILE LA 125 59.53 41.92 9.25
CA ILE LA 125 58.83 42.60 10.32
C ILE LA 125 59.12 41.91 11.65
N TYR LA 126 60.18 41.11 11.68
CA TYR LA 126 60.54 40.34 12.88
C TYR LA 126 61.49 41.16 13.73
N GLU LA 127 61.09 41.44 14.98
CA GLU LA 127 61.89 42.26 15.87
C GLU LA 127 62.32 41.54 17.14
N TYR LA 128 61.37 40.97 17.88
CA TYR LA 128 61.64 40.45 19.21
C TYR LA 128 61.26 38.98 19.32
N THR LA 129 61.68 38.37 20.42
CA THR LA 129 61.38 36.97 20.69
C THR LA 129 61.41 36.74 22.18
N LEU LA 130 60.66 35.74 22.63
CA LEU LA 130 60.66 35.34 24.02
C LEU LA 130 61.34 34.00 24.24
N LEU LA 131 61.94 33.43 23.18
CA LEU LA 131 62.70 32.21 23.35
C LEU LA 131 63.92 32.44 24.22
N THR LA 132 64.42 33.67 24.27
CA THR LA 132 65.62 33.98 25.02
C THR LA 132 65.34 34.43 26.44
N VAL LA 133 64.16 34.96 26.71
CA VAL LA 133 63.85 35.49 28.03
C VAL LA 133 63.71 34.34 29.02
N SER LA 134 64.55 34.35 30.06
CA SER LA 134 64.49 33.32 31.07
C SER LA 134 63.23 33.49 31.91
N PRO LA 135 62.62 32.38 32.35
CA PRO LA 135 61.39 32.48 33.14
C PRO LA 135 61.58 33.07 34.52
N SER LA 136 62.83 33.26 34.97
CA SER LA 136 63.05 33.79 36.31
C SER LA 136 62.58 35.25 36.41
N GLU LA 137 62.86 36.05 35.39
CA GLU LA 137 62.47 37.46 35.44
C GLU LA 137 60.96 37.60 35.38
N LEU LA 138 60.31 36.90 34.45
CA LEU LA 138 58.87 37.04 34.28
C LEU LA 138 58.07 36.45 35.42
N ALA LA 139 58.73 36.00 36.49
CA ALA LA 139 58.04 35.23 37.53
C ALA LA 139 57.09 36.10 38.34
N ASN LA 140 57.49 37.32 38.67
CA ASN LA 140 56.78 38.11 39.68
C ASN LA 140 56.12 39.37 39.13
N GLN LA 141 56.89 40.23 38.46
CA GLN LA 141 56.50 41.62 38.27
C GLN LA 141 55.42 41.76 37.20
N VAL LA 142 54.25 41.21 37.51
CA VAL LA 142 53.02 41.51 36.77
C VAL LA 142 51.83 41.09 37.63
N TYR LA 143 50.84 41.98 37.76
CA TYR LA 143 49.67 41.66 38.56
C TYR LA 143 48.58 42.69 38.33
N ALA LA 144 47.34 42.22 38.37
CA ALA LA 144 46.17 43.08 38.29
C ALA LA 144 45.28 43.01 39.52
N ASN LA 145 45.48 42.01 40.37
CA ASN LA 145 44.71 41.86 41.60
C ASN LA 145 45.61 41.22 42.65
N GLY LA 146 45.02 40.68 43.71
CA GLY LA 146 45.76 40.15 44.82
C GLY LA 146 46.86 39.15 44.50
N GLN LA 147 46.87 38.64 43.27
CA GLN LA 147 47.84 37.63 42.85
C GLN LA 147 48.78 38.19 41.81
N TYR LA 148 50.08 38.01 42.03
CA TYR LA 148 51.10 38.30 41.03
C TYR LA 148 51.11 37.12 40.07
N LEU LA 149 50.25 37.17 39.05
CA LEU LA 149 50.04 36.02 38.19
C LEU LA 149 51.32 35.64 37.47
N ASP LA 150 51.50 34.33 37.27
CA ASP LA 150 52.66 33.80 36.57
C ASP LA 150 52.30 33.51 35.12
N LEU LA 151 53.06 34.11 34.20
CA LEU LA 151 52.71 34.00 32.79
C LEU LA 151 53.19 32.69 32.20
N VAL LA 152 54.37 32.23 32.56
CA VAL LA 152 54.95 31.03 31.99
C VAL LA 152 54.62 29.85 32.90
N ASN LA 153 54.49 28.67 32.29
CA ASN LA 153 54.24 27.42 33.00
C ASN LA 153 55.37 26.46 32.65
N GLN LA 154 56.21 26.14 33.63
CA GLN LA 154 57.41 25.37 33.39
C GLN LA 154 57.35 24.04 34.14
N GLN LA 155 57.66 22.96 33.42
CA GLN LA 155 57.71 21.62 33.99
C GLN LA 155 59.07 21.00 33.67
N THR LA 156 59.53 20.12 34.55
CA THR LA 156 60.86 19.55 34.43
C THR LA 156 60.81 18.03 34.46
N ASN LA 157 61.72 17.42 33.72
CA ASN LA 157 61.90 15.97 33.73
C ASN LA 157 63.23 15.64 33.09
N ALA LA 158 63.82 14.52 33.54
CA ALA LA 158 65.09 14.03 33.01
C ALA LA 158 66.20 15.06 33.12
N GLY LA 159 66.18 15.86 34.19
CA GLY LA 159 67.23 16.83 34.40
C GLY LA 159 67.17 18.06 33.53
N GLN LA 160 66.05 18.27 32.82
CA GLN LA 160 65.88 19.43 31.96
C GLN LA 160 64.58 20.12 32.33
N THR LA 161 64.45 21.36 31.87
CA THR LA 161 63.27 22.17 32.14
C THR LA 161 62.62 22.57 30.83
N TYR LA 162 61.30 22.44 30.76
CA TYR LA 162 60.53 22.81 29.59
C TYR LA 162 59.56 23.93 29.98
N VAL LA 163 59.68 25.06 29.29
CA VAL LA 163 58.79 26.19 29.54
C VAL LA 163 57.93 26.42 28.32
N TYR LA 164 56.79 27.08 28.54
CA TYR LA 164 55.88 27.41 27.45
C TYR LA 164 54.87 28.43 27.96
N TYR LA 165 54.36 29.25 27.05
CA TYR LA 165 53.30 30.19 27.35
C TYR LA 165 51.97 29.60 26.89
N PRO LA 166 50.99 29.42 27.77
CA PRO LA 166 49.75 28.78 27.34
C PRO LA 166 48.90 29.68 26.47
N ASN LA 167 48.72 30.94 26.86
CA ASN LA 167 47.79 31.85 26.23
C ASN LA 167 48.54 32.87 25.41
N PRO LA 168 48.11 33.14 24.17
CA PRO LA 168 48.76 34.22 23.41
C PRO LA 168 48.76 35.55 24.14
N TYR LA 169 47.70 35.83 24.90
CA TYR LA 169 47.67 37.06 25.69
C TYR LA 169 48.75 37.06 26.75
N TYR LA 170 49.12 35.88 27.26
CA TYR LA 170 50.18 35.82 28.27
C TYR LA 170 51.52 36.16 27.66
N ALA LA 171 51.70 35.87 26.37
CA ALA LA 171 52.93 36.29 25.70
C ALA LA 171 52.97 37.79 25.54
N LEU LA 172 51.81 38.42 25.28
CA LEU LA 172 51.78 39.86 25.13
C LEU LA 172 52.12 40.55 26.44
N LEU LA 173 51.64 40.01 27.57
CA LEU LA 173 51.97 40.60 28.85
C LEU LA 173 53.45 40.47 29.15
N ALA LA 174 54.05 39.33 28.80
CA ALA LA 174 55.47 39.15 29.00
C ALA LA 174 56.27 39.99 28.01
N LEU LA 175 55.76 40.14 26.79
CA LEU LA 175 56.49 40.91 25.79
C LEU LA 175 56.54 42.39 26.17
N ASN LA 176 55.41 42.94 26.63
CA ASN LA 176 55.39 44.34 27.05
C ASN LA 176 56.41 44.59 28.15
N TYR LA 177 56.50 43.67 29.11
CA TYR LA 177 57.42 43.88 30.21
C TYR LA 177 58.86 43.76 29.76
N THR LA 178 59.16 42.80 28.87
CA THR LA 178 60.53 42.59 28.44
C THR LA 178 61.09 43.82 27.75
N LEU LA 179 60.34 44.38 26.80
CA LEU LA 179 60.80 45.57 26.10
C LEU LA 179 60.98 46.75 27.04
N SER LA 180 60.31 46.72 28.20
CA SER LA 180 60.39 47.84 29.12
C SER LA 180 61.60 47.72 30.05
N LYS LA 181 61.83 46.53 30.60
CA LYS LA 181 62.85 46.36 31.63
C LYS LA 181 63.99 45.45 31.21
N ILE LA 182 63.72 44.36 30.50
CA ILE LA 182 64.77 43.40 30.15
C ILE LA 182 65.81 44.05 29.25
N ASP LA 183 65.38 44.49 28.07
CA ASP LA 183 66.23 45.22 27.13
C ASP LA 183 65.64 46.61 26.98
N LYS LA 184 66.25 47.59 27.65
CA LYS LA 184 65.69 48.93 27.73
C LYS LA 184 65.85 49.65 26.41
N VAL LA 185 64.87 49.51 25.53
CA VAL LA 185 64.86 50.25 24.27
C VAL LA 185 64.14 51.57 24.50
N SER LA 186 64.59 52.63 23.83
CA SER LA 186 63.98 53.94 24.05
C SER LA 186 62.60 54.03 23.41
N PRO LA 187 62.38 53.59 22.16
CA PRO LA 187 60.99 53.47 21.69
C PRO LA 187 60.43 52.08 21.96
N SER LA 188 59.29 52.00 22.64
CA SER LA 188 58.64 50.72 22.84
C SER LA 188 57.53 50.57 21.82
N PRO LA 189 57.65 49.67 20.85
CA PRO LA 189 56.59 49.57 19.82
C PRO LA 189 55.27 49.08 20.36
N LEU LA 190 55.28 48.34 21.47
CA LEU LA 190 54.07 47.83 22.09
C LEU LA 190 53.89 48.46 23.46
N TYR LA 191 52.66 48.87 23.76
CA TYR LA 191 52.35 49.47 25.06
C TYR LA 191 51.00 48.93 25.51
N ILE LA 192 51.00 48.13 26.57
CA ILE LA 192 49.80 47.54 27.13
C ILE LA 192 49.53 48.21 28.46
N THR LA 193 48.43 48.94 28.55
CA THR LA 193 48.06 49.65 29.76
C THR LA 193 46.69 49.16 30.24
N THR LA 194 46.37 49.51 31.49
CA THR LA 194 45.12 49.10 32.11
C THR LA 194 44.18 50.26 32.40
N THR LA 195 44.57 51.48 32.04
CA THR LA 195 43.71 52.64 32.24
C THR LA 195 42.83 52.88 31.02
N THR LA 196 41.79 53.68 31.22
CA THR LA 196 40.88 54.00 30.13
C THR LA 196 41.62 54.78 29.06
N PRO LA 197 41.46 54.43 27.77
CA PRO LA 197 42.18 55.16 26.72
C PRO LA 197 41.78 56.63 26.63
N SER LA 198 40.57 56.99 27.06
CA SER LA 198 40.17 58.39 27.05
C SER LA 198 41.05 59.24 27.96
N SER LA 199 41.68 58.64 28.96
CA SER LA 199 42.61 59.35 29.82
C SER LA 199 44.06 59.03 29.50
N ALA LA 200 44.34 57.82 29.00
CA ALA LA 200 45.72 57.47 28.66
C ALA LA 200 46.24 58.33 27.52
N THR LA 201 45.39 58.62 26.54
CA THR LA 201 45.81 59.50 25.45
C THR LA 201 46.05 60.93 25.94
N GLN LA 202 45.36 61.33 27.01
CA GLN LA 202 45.63 62.64 27.58
C GLN LA 202 46.96 62.67 28.32
N ILE LA 203 47.24 61.63 29.11
CA ILE LA 203 48.51 61.55 29.82
C ILE LA 203 49.65 61.44 28.81
N TYR LA 204 49.52 60.54 27.85
CA TYR LA 204 50.53 60.36 26.80
C TYR LA 204 49.90 60.70 25.46
N PRO LA 205 50.26 61.83 24.85
CA PRO LA 205 49.60 62.22 23.59
C PRO LA 205 49.97 61.32 22.43
N PHE LA 206 51.13 60.67 22.45
CA PHE LA 206 51.54 59.86 21.30
C PHE LA 206 50.66 58.63 21.12
N LEU LA 207 50.00 58.17 22.18
CA LEU LA 207 49.19 56.96 22.08
C LEU LA 207 47.94 57.18 21.23
N ALA LA 208 47.56 58.43 20.98
CA ALA LA 208 46.36 58.69 20.19
C ALA LA 208 46.53 58.31 18.73
N HIS LA 209 47.75 58.01 18.28
CA HIS LA 209 48.02 57.72 16.89
C HIS LA 209 48.30 56.25 16.63
N ASP LA 210 48.13 55.39 17.62
CA ASP LA 210 48.47 53.98 17.50
C ASP LA 210 47.22 53.13 17.36
N ASN LA 211 47.44 51.88 16.93
CA ASN LA 211 46.36 50.92 16.75
C ASN LA 211 46.11 50.21 18.08
N MET LA 212 44.90 50.33 18.60
CA MET LA 212 44.55 49.81 19.91
C MET LA 212 43.66 48.59 19.76
N PHE LA 213 44.01 47.51 20.45
CA PHE LA 213 43.17 46.33 20.54
C PHE LA 213 43.10 45.89 21.99
N THR LA 214 41.98 45.28 22.36
CA THR LA 214 41.66 44.98 23.73
C THR LA 214 41.50 43.48 23.94
N PHE LA 215 41.86 43.01 25.13
CA PHE LA 215 41.60 41.63 25.53
C PHE LA 215 41.32 41.62 27.02
N THR LA 216 40.35 40.79 27.42
CA THR LA 216 39.88 40.75 28.79
C THR LA 216 40.30 39.44 29.45
N LEU LA 217 40.64 39.52 30.74
CA LEU LA 217 41.02 38.37 31.54
C LEU LA 217 40.14 38.31 32.79
N ASN LA 218 40.20 37.17 33.48
CA ASN LA 218 39.44 36.94 34.70
C ASN LA 218 40.43 36.52 35.79
N ILE LA 219 40.96 37.50 36.50
CA ILE LA 219 41.95 37.26 37.54
C ILE LA 219 41.30 37.55 38.90
N SER LA 220 41.33 36.56 39.78
CA SER LA 220 40.77 36.67 41.13
C SER LA 220 39.30 37.10 41.08
N GLY LA 221 38.54 36.51 40.16
CA GLY LA 221 37.12 36.78 40.05
C GLY LA 221 36.76 38.17 39.58
N THR LA 222 37.75 39.01 39.27
CA THR LA 222 37.51 40.38 38.82
C THR LA 222 37.88 40.49 37.34
N LEU LA 223 36.95 41.01 36.54
CA LEU LA 223 37.22 41.24 35.13
C LEU LA 223 38.26 42.33 34.97
N VAL LA 224 39.29 42.05 34.19
CA VAL LA 224 40.38 42.99 33.96
C VAL LA 224 40.50 43.23 32.46
N THR LA 225 40.60 44.49 32.07
CA THR LA 225 40.61 44.91 30.68
C THR LA 225 41.93 45.59 30.36
N TYR LA 226 42.68 45.02 29.42
CA TYR LA 226 43.96 45.55 29.01
C TYR LA 226 43.85 46.18 27.63
N TYR LA 227 44.49 47.33 27.47
CA TYR LA 227 44.52 48.04 26.20
C TYR LA 227 45.93 48.00 25.63
N ALA LA 228 46.06 47.57 24.38
CA ALA LA 228 47.37 47.34 23.77
C ALA LA 228 47.50 48.24 22.54
N PHE LA 229 48.44 49.19 22.60
CA PHE LA 229 48.73 50.08 21.49
C PHE LA 229 49.99 49.64 20.78
N VAL LA 230 50.01 49.84 19.46
CA VAL LA 230 51.12 49.43 18.61
C VAL LA 230 51.36 50.54 17.59
N ASN LA 231 52.62 50.91 17.38
CA ASN LA 231 52.95 51.99 16.47
C ASN LA 231 53.66 51.52 15.21
N GLN LA 232 53.89 50.22 15.05
CA GLN LA 232 54.50 49.69 13.84
C GLN LA 232 54.28 48.19 13.79
N THR LA 233 54.02 47.68 12.61
CA THR LA 233 53.71 46.26 12.44
C THR LA 233 54.96 45.43 12.71
N PHE LA 234 54.90 44.59 13.74
CA PHE LA 234 56.02 43.74 14.10
C PHE LA 234 55.50 42.38 14.57
N ALA LA 235 56.39 41.39 14.51
CA ALA LA 235 56.06 40.03 14.89
C ALA LA 235 57.06 39.53 15.91
N PHE LA 236 56.64 38.56 16.72
CA PHE LA 236 57.50 37.97 17.74
C PHE LA 236 57.19 36.49 17.88
N THR LA 237 58.16 35.76 18.42
CA THR LA 237 58.04 34.31 18.57
C THR LA 237 58.27 33.94 20.03
N TYR LA 238 57.42 33.05 20.55
CA TYR LA 238 57.56 32.54 21.90
C TYR LA 238 57.34 31.04 21.89
N PRO LA 239 57.93 30.32 22.84
CA PRO LA 239 57.77 28.87 22.85
C PRO LA 239 56.38 28.46 23.32
N VAL LA 240 55.89 27.36 22.77
CA VAL LA 240 54.57 26.87 23.14
C VAL LA 240 54.55 25.39 23.51
N ALA LA 241 55.51 24.57 23.11
CA ALA LA 241 55.48 23.16 23.46
C ALA LA 241 56.85 22.55 23.26
N GLY LA 242 57.41 21.98 24.32
CA GLY LA 242 58.59 21.15 24.21
C GLY LA 242 59.87 21.85 23.83
N ASP LA 243 60.13 23.04 24.40
CA ASP LA 243 61.38 23.73 24.16
C ASP LA 243 62.25 23.62 25.39
N PRO LA 244 63.18 22.67 25.46
CA PRO LA 244 64.02 22.57 26.66
C PRO LA 244 65.06 23.67 26.74
N LEU LA 245 65.74 23.97 25.65
CA LEU LA 245 66.81 24.97 25.65
C LEU LA 245 66.19 26.35 25.53
N ILE LA 246 66.21 27.10 26.62
CA ILE LA 246 65.68 28.46 26.67
C ILE LA 246 66.86 29.41 26.89
N GLY LA 247 66.73 30.61 26.35
CA GLY LA 247 67.82 31.55 26.31
C GLY LA 247 68.70 31.42 25.09
N SER LA 248 68.28 30.66 24.09
CA SER LA 248 69.10 30.36 22.92
C SER LA 248 68.47 30.74 21.60
N ALA LA 249 67.16 31.00 21.55
CA ALA LA 249 66.46 31.34 20.33
C ALA LA 249 66.58 30.24 19.28
N ILE LA 250 66.69 28.99 19.73
CA ILE LA 250 66.79 27.84 18.85
C ILE LA 250 65.55 26.98 19.05
N ALA LA 251 64.95 26.54 17.95
CA ALA LA 251 63.79 25.67 18.02
C ALA LA 251 64.26 24.23 17.90
N PRO LA 252 64.23 23.45 18.96
CA PRO LA 252 64.70 22.07 18.87
C PRO LA 252 63.74 21.21 18.09
N ALA LA 253 64.30 20.22 17.40
CA ALA LA 253 63.48 19.29 16.63
C ALA LA 253 62.54 18.55 17.57
N GLY LA 254 61.24 18.65 17.30
CA GLY LA 254 60.23 18.09 18.16
C GLY LA 254 59.49 19.12 18.99
N SER LA 255 59.87 20.38 18.90
CA SER LA 255 59.22 21.45 19.62
C SER LA 255 58.20 22.16 18.74
N VAL LA 256 57.41 23.02 19.37
CA VAL LA 256 56.46 23.88 18.66
C VAL LA 256 56.70 25.31 19.12
N ILE LA 257 56.69 26.23 18.16
CA ILE LA 257 56.98 27.64 18.42
C ILE LA 257 55.79 28.47 17.96
N GLY LA 258 55.41 29.43 18.78
CA GLY LA 258 54.29 30.31 18.47
C GLY LA 258 54.78 31.57 17.78
N VAL LA 259 53.98 32.07 16.85
CA VAL LA 259 54.27 33.30 16.12
C VAL LA 259 53.03 34.18 16.16
N MET LA 260 53.22 35.46 16.43
CA MET LA 260 52.12 36.41 16.47
C MET LA 260 52.54 37.69 15.79
N ILE LA 261 51.77 38.12 14.80
CA ILE LA 261 52.04 39.33 14.03
C ILE LA 261 51.07 40.41 14.49
N LEU LA 262 51.57 41.41 15.20
CA LEU LA 262 50.74 42.52 15.63
C LEU LA 262 50.73 43.60 14.56
N PHE LA 263 49.56 44.17 14.31
CA PHE LA 263 49.40 45.21 13.30
C PHE LA 263 49.51 46.59 13.93
N GLY LA 264 50.01 47.53 13.14
CA GLY LA 264 50.17 48.88 13.60
C GLY LA 264 49.12 49.79 13.00
N PRO LA 265 49.30 51.11 13.12
CA PRO LA 265 48.34 52.04 12.52
C PRO LA 265 48.41 52.07 11.01
N ASP LA 266 49.59 51.80 10.44
CA ASP LA 266 49.75 51.90 8.99
C ASP LA 266 48.94 50.84 8.26
N LEU LA 267 48.94 49.61 8.78
CA LEU LA 267 48.26 48.49 8.14
C LEU LA 267 46.96 48.10 8.81
N GLY LA 268 46.79 48.40 10.09
CA GLY LA 268 45.60 48.02 10.81
C GLY LA 268 44.32 48.70 10.34
N SER LA 269 44.42 49.65 9.42
CA SER LA 269 43.25 50.33 8.88
C SER LA 269 42.66 49.62 7.67
N HIS LA 270 43.17 48.45 7.33
CA HIS LA 270 42.65 47.66 6.21
C HIS LA 270 42.22 46.29 6.70
N VAL LA 271 41.22 45.73 6.03
CA VAL LA 271 40.70 44.41 6.37
C VAL LA 271 40.89 43.51 5.16
N PHE LA 272 41.56 42.38 5.36
CA PHE LA 272 41.87 41.44 4.29
C PHE LA 272 40.65 40.58 4.02
N GLN LA 273 39.71 41.14 3.28
CA GLN LA 273 38.51 40.45 2.85
C GLN LA 273 38.54 40.32 1.33
N TYR LA 274 38.28 39.11 0.84
CA TYR LA 274 38.41 38.79 -0.58
C TYR LA 274 39.77 39.21 -1.12
N GLN LA 275 40.81 38.82 -0.38
CA GLN LA 275 42.19 39.12 -0.77
C GLN LA 275 43.05 37.90 -0.47
N THR LA 276 44.31 37.98 -0.89
CA THR LA 276 45.28 36.93 -0.66
C THR LA 276 46.39 37.45 0.24
N ILE LA 277 46.70 36.70 1.29
CA ILE LA 277 47.75 37.05 2.22
C ILE LA 277 48.89 36.06 2.06
N THR LA 278 50.13 36.55 2.20
CA THR LA 278 51.30 35.69 2.08
C THR LA 278 52.32 36.09 3.14
N ILE LA 279 52.80 35.10 3.88
CA ILE LA 279 53.85 35.30 4.87
C ILE LA 279 54.95 34.32 4.59
N GLN LA 280 56.19 34.72 4.89
CA GLN LA 280 57.35 33.88 4.61
C GLN LA 280 58.34 33.98 5.76
N ILE LA 281 58.81 32.82 6.23
CA ILE LA 281 59.80 32.74 7.29
C ILE LA 281 61.04 32.08 6.71
N THR LA 282 62.16 32.81 6.71
CA THR LA 282 63.39 32.34 6.10
C THR LA 282 64.55 32.45 7.09
N PRO LA 283 64.91 31.36 7.74
CA PRO LA 283 66.06 31.40 8.66
C PRO LA 283 67.37 31.52 7.90
N ASN LA 284 68.45 31.67 8.66
CA ASN LA 284 69.76 31.86 8.05
C ASN LA 284 70.18 30.64 7.24
N ILE LA 285 70.10 29.46 7.84
CA ILE LA 285 70.41 28.21 7.15
C ILE LA 285 69.17 27.35 7.17
N GLY LA 286 68.75 26.89 5.99
CA GLY LA 286 67.55 26.10 5.84
C GLY LA 286 66.57 26.72 4.86
N SER LA 287 65.61 25.89 4.44
CA SER LA 287 64.62 26.31 3.46
C SER LA 287 63.54 27.17 4.12
N PRO LA 288 63.02 28.15 3.39
CA PRO LA 288 61.98 29.03 3.97
C PRO LA 288 60.59 28.45 3.80
N LEU LA 289 59.69 28.92 4.66
CA LEU LA 289 58.30 28.48 4.69
C LEU LA 289 57.41 29.63 4.25
N THR LA 290 56.68 29.41 3.16
CA THR LA 290 55.72 30.38 2.66
C THR LA 290 54.31 29.90 2.96
N ILE LA 291 53.48 30.80 3.46
CA ILE LA 291 52.09 30.49 3.79
C ILE LA 291 51.20 31.50 3.09
N SER LA 292 50.38 31.02 2.14
CA SER LA 292 49.51 31.87 1.35
C SER LA 292 48.09 31.36 1.49
N GLU LA 293 47.18 32.23 1.94
CA GLU LA 293 45.79 31.88 2.16
C GLU LA 293 44.89 32.87 1.44
N TYR LA 294 43.60 32.54 1.40
CA TYR LA 294 42.57 33.40 0.85
C TYR LA 294 41.48 33.57 1.90
N VAL LA 295 41.07 34.80 2.16
CA VAL LA 295 40.10 35.13 3.20
C VAL LA 295 38.84 35.63 2.52
N TYR LA 296 37.71 34.98 2.80
CA TYR LA 296 36.44 35.45 2.24
C TYR LA 296 35.88 36.61 3.05
N GLN LA 297 35.54 36.33 4.31
CA GLN LA 297 34.89 37.29 5.19
C GLN LA 297 35.25 36.97 6.63
N PRO LA 298 35.68 37.96 7.43
CA PRO LA 298 36.02 37.67 8.82
C PRO LA 298 34.76 37.46 9.66
N GLU LA 299 34.78 36.43 10.50
CA GLU LA 299 33.66 36.14 11.37
C GLU LA 299 34.17 35.58 12.69
N GLY LA 300 33.41 35.84 13.76
CA GLY LA 300 33.73 35.33 15.07
C GLY LA 300 34.72 36.16 15.86
N SER LA 301 35.32 37.18 15.24
CA SER LA 301 36.34 38.04 15.84
C SER LA 301 37.66 37.30 16.00
N VAL LA 302 37.65 35.99 15.77
CA VAL LA 302 38.87 35.21 15.55
C VAL LA 302 38.61 34.28 14.38
N SER LA 303 38.94 34.72 13.18
CA SER LA 303 38.67 33.92 11.99
C SER LA 303 39.77 32.89 11.80
N VAL LA 304 39.37 31.65 11.55
CA VAL LA 304 40.35 30.56 11.35
C VAL LA 304 40.65 30.50 9.85
N ILE LA 305 41.51 31.41 9.42
CA ILE LA 305 42.02 31.48 8.04
C ILE LA 305 42.90 32.72 7.91
N LEU MA 19 227.31 28.45 -24.69
CA LEU MA 19 226.68 27.91 -25.87
C LEU MA 19 225.17 27.72 -25.66
N ALA MA 20 224.45 27.48 -26.76
CA ALA MA 20 223.00 27.56 -26.72
C ALA MA 20 222.37 26.51 -25.82
N GLY MA 21 223.12 25.46 -25.48
CA GLY MA 21 222.55 24.40 -24.66
C GLY MA 21 222.19 24.87 -23.26
N LEU MA 22 223.03 25.74 -22.68
CA LEU MA 22 222.83 26.16 -21.29
C LEU MA 22 221.60 27.04 -21.15
N ASP MA 23 221.56 28.16 -21.87
CA ASP MA 23 220.51 29.14 -21.63
C ASP MA 23 219.12 28.60 -21.93
N THR MA 24 218.97 27.78 -22.98
CA THR MA 24 217.65 27.23 -23.30
C THR MA 24 217.16 26.33 -22.18
N ALA MA 25 218.08 25.72 -21.44
CA ALA MA 25 217.68 24.90 -20.30
C ALA MA 25 217.17 25.77 -19.16
N ILE MA 26 217.87 26.87 -18.88
CA ILE MA 26 217.47 27.75 -17.78
C ILE MA 26 216.07 28.31 -18.04
N ILE MA 27 215.83 28.76 -19.27
CA ILE MA 27 214.50 29.25 -19.62
C ILE MA 27 213.48 28.12 -19.52
N LEU MA 28 213.89 26.90 -19.87
CA LEU MA 28 212.98 25.76 -19.78
C LEU MA 28 212.55 25.52 -18.34
N ILE MA 29 213.50 25.54 -17.41
CA ILE MA 29 213.15 25.42 -15.99
C ILE MA 29 212.24 26.57 -15.58
N ALA MA 30 212.46 27.75 -16.16
CA ALA MA 30 211.60 28.89 -15.86
C ALA MA 30 210.20 28.67 -16.42
N PHE MA 31 210.10 28.11 -17.62
CA PHE MA 31 208.79 27.94 -18.25
C PHE MA 31 208.10 26.68 -17.74
N ILE MA 32 208.85 25.72 -17.23
CA ILE MA 32 208.23 24.48 -16.77
C ILE MA 32 207.53 24.70 -15.43
N ILE MA 33 208.00 25.67 -14.65
CA ILE MA 33 207.40 25.89 -13.33
C ILE MA 33 206.18 26.78 -13.44
N THR MA 34 206.25 27.82 -14.28
CA THR MA 34 205.11 28.73 -14.39
C THR MA 34 203.92 28.03 -15.03
N ALA MA 35 204.16 27.04 -15.88
CA ALA MA 35 203.06 26.28 -16.45
C ALA MA 35 202.43 25.37 -15.42
N SER MA 36 203.23 24.93 -14.43
CA SER MA 36 202.70 24.04 -13.41
C SER MA 36 201.87 24.80 -12.38
N VAL MA 37 202.35 25.96 -11.93
CA VAL MA 37 201.59 26.73 -10.95
C VAL MA 37 200.28 27.20 -11.54
N LEU MA 38 200.28 27.53 -12.84
CA LEU MA 38 199.03 27.81 -13.53
C LEU MA 38 198.13 26.59 -13.54
N ALA MA 39 198.72 25.41 -13.71
CA ALA MA 39 197.95 24.18 -13.67
C ALA MA 39 197.41 23.92 -12.28
N TYR MA 40 198.21 24.22 -11.25
CA TYR MA 40 197.81 23.95 -9.87
C TYR MA 40 196.61 24.81 -9.46
N VAL MA 41 196.67 26.10 -9.75
CA VAL MA 41 195.55 26.97 -9.42
C VAL MA 41 194.35 26.64 -10.30
N ALA MA 42 194.60 26.07 -11.48
CA ALA MA 42 193.49 25.66 -12.35
C ALA MA 42 192.70 24.53 -11.74
N ILE MA 43 193.39 23.53 -11.17
CA ILE MA 43 192.70 22.42 -10.53
C ILE MA 43 192.01 22.89 -9.26
N ASN MA 44 192.68 23.72 -8.47
CA ASN MA 44 192.12 24.18 -7.21
C ASN MA 44 190.84 24.98 -7.43
N MET MA 45 190.93 26.01 -8.28
CA MET MA 45 189.74 26.81 -8.56
C MET MA 45 188.71 26.03 -9.36
N GLY MA 46 189.17 25.09 -10.19
CA GLY MA 46 188.23 24.28 -10.95
C GLY MA 46 187.37 23.42 -10.07
N LEU MA 47 187.99 22.70 -9.13
CA LEU MA 47 187.22 21.85 -8.22
C LEU MA 47 186.32 22.68 -7.32
N PHE MA 48 186.78 23.86 -6.90
CA PHE MA 48 185.96 24.69 -6.04
C PHE MA 48 184.71 25.16 -6.75
N VAL MA 49 184.83 25.55 -8.02
CA VAL MA 49 183.68 26.05 -8.76
C VAL MA 49 182.65 24.95 -8.95
N THR MA 50 183.07 23.76 -9.37
CA THR MA 50 182.12 22.67 -9.55
C THR MA 50 181.59 22.17 -8.22
N GLN MA 51 182.36 22.31 -7.14
CA GLN MA 51 181.84 21.96 -5.83
C GLN MA 51 180.68 22.87 -5.45
N LYS MA 52 180.81 24.16 -5.75
CA LYS MA 52 179.68 25.07 -5.54
C LYS MA 52 178.49 24.65 -6.38
N ALA MA 53 178.74 24.29 -7.64
CA ALA MA 53 177.65 23.84 -8.51
C ALA MA 53 176.94 22.62 -7.92
N LYS MA 54 177.67 21.79 -7.18
CA LYS MA 54 177.04 20.67 -6.50
C LYS MA 54 176.09 21.16 -5.42
N SER MA 55 176.49 22.20 -4.68
CA SER MA 55 175.70 22.65 -3.55
C SER MA 55 174.44 23.40 -4.01
N THR MA 56 174.54 24.16 -5.11
CA THR MA 56 173.37 24.89 -5.58
C THR MA 56 172.27 23.97 -6.05
N ILE MA 57 172.62 22.86 -6.71
CA ILE MA 57 171.60 21.89 -7.10
C ILE MA 57 170.86 21.39 -5.88
N ASN MA 58 171.58 21.13 -4.80
CA ASN MA 58 170.93 20.69 -3.55
C ASN MA 58 169.97 21.75 -3.04
N LYS MA 59 170.43 23.00 -3.00
CA LYS MA 59 169.55 24.09 -2.58
C LYS MA 59 168.49 24.39 -3.62
N GLY MA 60 168.88 24.33 -4.90
CA GLY MA 60 167.89 24.54 -5.96
C GLY MA 60 166.83 23.46 -5.97
N GLU MA 61 167.22 22.20 -5.81
CA GLU MA 61 166.24 21.13 -5.69
C GLU MA 61 165.42 21.28 -4.42
N GLU MA 62 166.04 21.75 -3.35
CA GLU MA 62 165.31 21.94 -2.09
C GLU MA 62 164.25 23.03 -2.23
N THR MA 63 164.59 24.11 -2.94
CA THR MA 63 163.65 25.22 -3.07
C THR MA 63 162.43 24.82 -3.90
N ALA MA 64 162.62 23.97 -4.90
CA ALA MA 64 161.52 23.55 -5.76
C ALA MA 64 160.79 22.33 -5.25
N SER MA 65 161.20 21.76 -4.12
CA SER MA 65 160.59 20.53 -3.63
C SER MA 65 159.78 20.71 -2.35
N THR MA 66 160.07 21.73 -1.54
CA THR MA 66 159.36 21.93 -0.29
C THR MA 66 158.43 23.14 -0.39
N ALA MA 67 157.29 23.03 0.29
CA ALA MA 67 156.31 24.11 0.37
C ALA MA 67 155.24 23.70 1.37
N LEU MA 68 154.73 24.68 2.10
CA LEU MA 68 153.63 24.41 3.01
C LEU MA 68 152.31 24.37 2.25
N THR MA 69 151.27 23.90 2.93
CA THR MA 69 149.93 23.91 2.36
C THR MA 69 148.92 23.94 3.50
N LEU MA 70 147.82 24.64 3.26
CA LEU MA 70 146.79 24.75 4.27
C LEU MA 70 145.93 23.50 4.30
N SER MA 71 145.52 23.12 5.51
CA SER MA 71 144.64 21.98 5.70
C SER MA 71 143.66 22.32 6.81
N GLY MA 72 142.38 22.16 6.52
CA GLY MA 72 141.39 22.55 7.52
C GLY MA 72 141.02 24.01 7.42
N SER MA 73 139.79 24.31 7.83
CA SER MA 73 139.26 25.66 7.70
C SER MA 73 139.97 26.62 8.66
N VAL MA 74 139.79 27.92 8.40
CA VAL MA 74 140.32 28.97 9.24
C VAL MA 74 139.22 29.45 10.17
N LEU MA 75 139.56 29.67 11.44
CA LEU MA 75 138.59 30.06 12.46
C LEU MA 75 138.93 31.45 12.97
N TYR MA 76 137.92 32.31 13.02
CA TYR MA 76 138.07 33.68 13.48
C TYR MA 76 137.26 33.87 14.76
N ALA MA 77 137.84 34.56 15.73
CA ALA MA 77 137.24 34.77 17.04
C ALA MA 77 136.89 36.24 17.21
N VAL MA 78 135.73 36.49 17.81
CA VAL MA 78 135.19 37.83 17.94
C VAL MA 78 134.07 37.80 18.96
N ASN MA 79 133.88 38.89 19.70
CA ASN MA 79 132.78 38.95 20.66
C ASN MA 79 131.45 38.84 19.94
N TYR MA 80 130.78 37.70 20.10
CA TYR MA 80 129.66 37.35 19.22
C TYR MA 80 128.45 38.26 19.40
N PRO MA 81 127.96 38.54 20.62
CA PRO MA 81 126.75 39.38 20.72
C PRO MA 81 126.91 40.75 20.09
N SER MA 82 128.03 41.43 20.35
CA SER MA 82 128.31 42.73 19.76
C SER MA 82 129.69 42.66 19.12
N ASN MA 83 129.73 42.53 17.80
CA ASN MA 83 131.00 42.35 17.10
C ASN MA 83 131.80 43.65 17.13
N THR MA 84 132.67 43.79 18.12
CA THR MA 84 133.46 45.01 18.27
C THR MA 84 134.95 44.76 18.51
N ARG MA 85 135.33 43.59 19.04
CA ARG MA 85 136.72 43.31 19.35
C ARG MA 85 137.15 42.01 18.67
N SER MA 86 138.43 41.94 18.33
CA SER MA 86 139.03 40.75 17.73
C SER MA 86 139.83 40.00 18.78
N TYR MA 87 139.77 38.67 18.74
CA TYR MA 87 140.37 37.84 19.76
C TYR MA 87 141.55 37.02 19.24
N TRP MA 88 141.34 36.19 18.23
CA TRP MA 88 142.41 35.35 17.70
C TRP MA 88 141.98 34.75 16.38
N ILE MA 89 142.92 34.08 15.72
CA ILE MA 89 142.70 33.39 14.44
C ILE MA 89 143.55 32.13 14.45
N TYR MA 90 142.96 31.00 14.07
CA TYR MA 90 143.64 29.73 14.16
C TYR MA 90 143.44 28.93 12.88
N PHE MA 91 144.51 28.27 12.43
CA PHE MA 91 144.45 27.37 11.29
C PHE MA 91 145.63 26.42 11.36
N THR MA 92 145.53 25.33 10.61
CA THR MA 92 146.53 24.26 10.63
C THR MA 92 147.30 24.24 9.32
N VAL MA 93 148.62 24.09 9.42
CA VAL MA 93 149.51 24.10 8.27
C VAL MA 93 150.27 22.79 8.22
N SER MA 94 150.34 22.19 7.04
CA SER MA 94 151.05 20.93 6.85
C SER MA 94 151.96 21.03 5.65
N PRO MA 95 153.04 20.25 5.61
CA PRO MA 95 153.88 20.21 4.42
C PRO MA 95 153.10 19.70 3.22
N SER MA 96 153.66 19.94 2.03
CA SER MA 96 152.94 19.69 0.79
C SER MA 96 152.59 18.21 0.65
N SER MA 97 153.60 17.36 0.53
CA SER MA 97 153.40 15.93 0.34
C SER MA 97 154.66 15.21 0.80
N GLY MA 98 154.78 13.95 0.45
CA GLY MA 98 155.98 13.19 0.77
C GLY MA 98 157.15 13.61 -0.08
N VAL MA 99 157.62 14.83 0.11
CA VAL MA 99 158.72 15.37 -0.68
C VAL MA 99 159.92 15.64 0.22
N SER MA 100 159.73 16.48 1.25
CA SER MA 100 160.80 16.83 2.17
C SER MA 100 160.19 17.60 3.33
N SER MA 101 160.99 17.76 4.38
CA SER MA 101 160.57 18.52 5.55
C SER MA 101 160.72 20.02 5.28
N VAL MA 102 160.45 20.82 6.29
CA VAL MA 102 160.53 22.28 6.16
C VAL MA 102 160.82 22.86 7.54
N GLU MA 103 161.71 23.85 7.56
CA GLU MA 103 162.14 24.48 8.80
C GLU MA 103 161.19 25.60 9.18
N LEU MA 104 160.66 25.54 10.40
CA LEU MA 104 159.72 26.52 10.91
C LEU MA 104 160.22 27.16 12.20
N SER MA 105 161.52 27.37 12.31
CA SER MA 105 162.07 28.01 13.49
C SER MA 105 161.68 29.49 13.52
N PRO MA 106 161.20 30.02 14.64
CA PRO MA 106 160.68 31.38 14.67
C PRO MA 106 161.75 32.46 14.49
N SER MA 107 163.01 32.09 14.31
CA SER MA 107 164.05 33.07 14.05
C SER MA 107 164.40 33.17 12.58
N THR MA 108 164.12 32.13 11.80
CA THR MA 108 164.42 32.14 10.37
C THR MA 108 163.16 31.98 9.54
N THR MA 109 162.06 32.59 9.96
CA THR MA 109 160.84 32.63 9.17
C THR MA 109 159.95 33.73 9.71
N ALA MA 110 159.03 34.19 8.87
CA ALA MA 110 158.21 35.35 9.21
C ALA MA 110 156.77 35.12 8.78
N ILE MA 111 155.85 35.61 9.59
CA ILE MA 111 154.42 35.59 9.30
C ILE MA 111 153.93 37.02 9.25
N SER MA 112 153.28 37.39 8.16
CA SER MA 112 152.85 38.77 7.92
C SER MA 112 151.34 38.81 7.84
N PHE MA 113 150.73 39.72 8.59
CA PHE MA 113 149.27 39.86 8.64
C PHE MA 113 148.91 41.28 8.22
N THR MA 114 148.31 41.42 7.03
CA THR MA 114 147.96 42.72 6.48
C THR MA 114 146.49 42.73 6.13
N ALA MA 115 145.75 43.69 6.70
CA ALA MA 115 144.36 43.94 6.34
C ALA MA 115 144.31 45.18 5.47
N SER MA 116 143.80 45.04 4.24
CA SER MA 116 143.87 46.12 3.27
C SER MA 116 142.93 47.26 3.64
N ALA MA 117 141.67 46.94 3.95
CA ALA MA 117 140.67 47.98 4.14
C ALA MA 117 141.01 48.86 5.35
N GLU MA 118 141.39 48.24 6.46
CA GLU MA 118 141.63 48.99 7.69
C GLU MA 118 142.91 49.82 7.65
N GLY MA 119 143.69 49.75 6.57
CA GLY MA 119 144.93 50.49 6.52
C GLY MA 119 145.97 50.03 7.50
N ILE MA 120 145.92 48.78 7.93
CA ILE MA 120 146.88 48.24 8.89
C ILE MA 120 147.81 47.29 8.15
N SER MA 121 148.98 47.07 8.73
CA SER MA 121 149.96 46.18 8.15
C SER MA 121 150.90 45.69 9.24
N TYR MA 122 151.49 44.52 9.03
CA TYR MA 122 152.41 43.93 9.97
C TYR MA 122 153.46 43.14 9.21
N SER MA 123 154.47 42.68 9.95
CA SER MA 123 155.53 41.88 9.37
C SER MA 123 156.23 41.13 10.50
N ASN MA 124 156.37 39.82 10.32
CA ASN MA 124 157.08 38.96 11.28
C ASN MA 124 156.46 39.06 12.67
N ILE MA 125 155.22 38.59 12.76
CA ILE MA 125 154.52 38.51 14.03
C ILE MA 125 154.73 37.13 14.63
N TYR MA 126 155.75 36.42 14.13
CA TYR MA 126 156.09 35.09 14.60
C TYR MA 126 157.20 35.22 15.63
N GLU MA 127 156.89 34.87 16.88
CA GLU MA 127 157.86 34.99 17.96
C GLU MA 127 158.22 33.65 18.59
N TYR MA 128 157.23 32.88 19.03
CA TYR MA 128 157.47 31.69 19.82
C TYR MA 128 156.91 30.45 19.13
N THR MA 129 157.28 29.30 19.66
CA THR MA 129 156.80 28.01 19.18
C THR MA 129 156.97 27.00 20.30
N LEU MA 130 156.19 25.92 20.20
CA LEU MA 130 156.25 24.84 21.17
C LEU MA 130 156.94 23.61 20.63
N LEU MA 131 157.37 23.63 19.37
CA LEU MA 131 158.09 22.49 18.80
C LEU MA 131 159.42 22.23 19.51
N THR MA 132 160.00 23.26 20.13
CA THR MA 132 161.30 23.08 20.76
C THR MA 132 161.19 22.51 22.16
N VAL MA 133 160.12 22.84 22.88
CA VAL MA 133 160.00 22.37 24.26
C VAL MA 133 159.79 20.86 24.28
N SER MA 134 160.24 20.24 25.38
CA SER MA 134 160.09 18.82 25.61
C SER MA 134 158.81 18.54 26.40
N PRO MA 135 158.11 17.44 26.10
CA PRO MA 135 156.87 17.14 26.83
C PRO MA 135 157.08 16.81 28.29
N SER MA 136 158.32 16.65 28.74
CA SER MA 136 158.57 16.27 30.12
C SER MA 136 158.15 17.37 31.08
N GLU MA 137 158.74 18.57 30.93
CA GLU MA 137 158.53 19.63 31.90
C GLU MA 137 157.11 20.18 31.85
N LEU MA 138 156.38 19.94 30.77
CA LEU MA 138 155.09 20.59 30.61
C LEU MA 138 154.03 19.97 31.52
N ALA MA 139 153.92 18.64 31.53
CA ALA MA 139 152.77 17.98 32.13
C ALA MA 139 152.80 17.94 33.65
N ASN MA 140 153.77 18.59 34.30
CA ASN MA 140 153.87 18.46 35.75
C ASN MA 140 152.90 19.41 36.48
N GLN MA 141 153.09 20.72 36.31
CA GLN MA 141 152.43 21.68 37.19
C GLN MA 141 151.54 22.63 36.38
N VAL MA 142 150.34 22.17 36.08
CA VAL MA 142 149.23 23.01 35.61
C VAL MA 142 147.97 22.38 36.20
N TYR MA 143 147.33 23.06 37.14
CA TYR MA 143 146.14 22.51 37.78
C TYR MA 143 145.23 23.63 38.25
N ALA MA 144 143.92 23.46 37.99
CA ALA MA 144 142.90 24.35 38.49
C ALA MA 144 142.02 23.71 39.55
N ASN MA 145 142.17 22.42 39.78
CA ASN MA 145 141.40 21.70 40.80
C ASN MA 145 142.28 20.60 41.36
N GLY MA 146 141.67 19.64 42.04
CA GLY MA 146 142.40 18.56 42.69
C GLY MA 146 143.28 17.72 41.78
N GLN MA 147 143.19 17.95 40.47
CA GLN MA 147 143.95 17.16 39.49
C GLN MA 147 144.85 18.06 38.67
N TYR MA 148 146.05 17.58 38.39
CA TYR MA 148 147.01 18.25 37.51
C TYR MA 148 146.72 17.80 36.08
N LEU MA 149 145.88 18.56 35.39
CA LEU MA 149 145.50 18.17 34.04
C LEU MA 149 146.69 18.21 33.10
N ASP MA 150 146.74 17.26 32.18
CA ASP MA 150 147.82 17.19 31.21
C ASP MA 150 147.43 17.91 29.93
N LEU MA 151 148.44 18.42 29.23
CA LEU MA 151 148.23 19.12 27.98
C LEU MA 151 148.69 18.30 26.79
N VAL MA 152 149.96 17.88 26.77
CA VAL MA 152 150.52 17.15 25.64
C VAL MA 152 150.25 15.67 25.83
N ASN MA 153 149.79 15.02 24.77
CA ASN MA 153 149.45 13.60 24.79
C ASN MA 153 150.39 12.87 23.83
N GLN MA 154 151.34 12.13 24.39
CA GLN MA 154 152.41 11.52 23.61
C GLN MA 154 152.14 10.04 23.39
N GLN MA 155 152.49 9.56 22.20
CA GLN MA 155 152.48 8.15 21.86
C GLN MA 155 153.77 7.80 21.14
N THR MA 156 154.03 6.51 20.99
CA THR MA 156 155.30 6.07 20.41
C THR MA 156 155.12 4.77 19.66
N ASN MA 157 155.97 4.57 18.66
CA ASN MA 157 156.07 3.32 17.92
C ASN MA 157 157.31 3.39 17.05
N ALA MA 158 157.81 2.22 16.66
CA ALA MA 158 159.00 2.07 15.82
C ALA MA 158 160.23 2.74 16.43
N GLY MA 159 160.24 2.94 17.75
CA GLY MA 159 161.38 3.54 18.42
C GLY MA 159 161.39 5.06 18.40
N GLN MA 160 160.25 5.69 18.12
CA GLN MA 160 160.18 7.14 18.09
C GLN MA 160 158.91 7.59 18.80
N THR MA 161 159.02 8.62 19.62
CA THR MA 161 157.90 9.17 20.36
C THR MA 161 157.27 10.29 19.56
N TYR MA 162 155.95 10.42 19.66
CA TYR MA 162 155.17 11.42 18.93
C TYR MA 162 154.33 12.20 19.92
N VAL MA 163 154.59 13.49 20.02
CA VAL MA 163 153.86 14.36 20.94
C VAL MA 163 153.04 15.35 20.12
N TYR MA 164 151.95 15.83 20.71
CA TYR MA 164 151.06 16.78 20.06
C TYR MA 164 150.13 17.35 21.12
N TYR MA 165 149.31 18.32 20.70
CA TYR MA 165 148.35 18.95 21.58
C TYR MA 165 146.95 18.79 21.02
N PRO MA 166 145.97 18.43 21.86
CA PRO MA 166 144.61 18.20 21.38
C PRO MA 166 143.70 19.42 21.34
N ASN MA 167 144.18 20.59 21.74
CA ASN MA 167 143.35 21.78 21.78
C ASN MA 167 144.23 23.01 21.74
N PRO MA 168 143.80 24.07 21.07
CA PRO MA 168 144.57 25.31 21.12
C PRO MA 168 144.62 25.94 22.49
N TYR MA 169 143.58 25.75 23.32
CA TYR MA 169 143.63 26.24 24.69
C TYR MA 169 144.73 25.54 25.48
N TYR MA 170 144.81 24.22 25.37
CA TYR MA 170 145.94 23.50 25.96
C TYR MA 170 147.25 24.00 25.38
N ALA MA 171 147.24 24.43 24.13
CA ALA MA 171 148.44 25.03 23.55
C ALA MA 171 148.71 26.39 24.15
N LEU MA 172 147.66 27.12 24.51
CA LEU MA 172 147.86 28.43 25.14
C LEU MA 172 148.42 28.28 26.55
N LEU MA 173 147.77 27.45 27.37
CA LEU MA 173 148.27 27.22 28.72
C LEU MA 173 149.71 26.70 28.68
N ALA MA 174 150.05 25.93 27.66
CA ALA MA 174 151.42 25.47 27.50
C ALA MA 174 152.35 26.63 27.16
N LEU MA 175 151.81 27.66 26.48
CA LEU MA 175 152.65 28.80 26.13
C LEU MA 175 152.83 29.73 27.31
N ASN MA 176 151.79 29.91 28.12
CA ASN MA 176 151.89 30.80 29.27
C ASN MA 176 152.99 30.35 30.22
N TYR MA 177 153.06 29.05 30.49
CA TYR MA 177 154.07 28.55 31.42
C TYR MA 177 155.46 28.61 30.81
N THR MA 178 155.58 28.29 29.52
CA THR MA 178 156.90 28.28 28.90
C THR MA 178 157.51 29.66 28.91
N LEU MA 179 156.70 30.68 28.61
CA LEU MA 179 157.22 32.05 28.62
C LEU MA 179 157.58 32.49 30.03
N SER MA 180 157.01 31.85 31.05
CA SER MA 180 157.27 32.27 32.42
C SER MA 180 158.51 31.59 33.00
N LYS MA 181 158.68 30.29 32.75
CA LYS MA 181 159.76 29.55 33.38
C LYS MA 181 160.71 28.88 32.39
N ILE MA 182 160.20 28.28 31.32
CA ILE MA 182 161.08 27.58 30.39
C ILE MA 182 161.99 28.57 29.67
N ASP MA 183 161.49 29.77 29.37
CA ASP MA 183 162.33 30.85 28.88
C ASP MA 183 162.19 32.03 29.83
N LYS MA 184 163.31 32.50 30.36
CA LYS MA 184 163.31 33.55 31.37
C LYS MA 184 163.36 34.91 30.69
N VAL MA 185 162.21 35.32 30.19
CA VAL MA 185 162.06 36.65 29.61
C VAL MA 185 161.47 37.59 30.66
N SER MA 186 161.94 38.82 30.69
CA SER MA 186 161.41 39.77 31.65
C SER MA 186 160.04 40.30 31.18
N PRO MA 187 159.84 40.62 29.88
CA PRO MA 187 158.46 40.92 29.46
C PRO MA 187 157.74 39.69 28.95
N SER MA 188 156.56 39.42 29.50
CA SER MA 188 155.75 38.31 29.01
C SER MA 188 154.61 38.85 28.18
N PRO MA 189 154.60 38.61 26.86
CA PRO MA 189 153.53 39.19 26.03
C PRO MA 189 152.15 38.66 26.40
N LEU MA 190 152.06 37.42 26.84
CA LEU MA 190 150.81 36.80 27.23
C LEU MA 190 150.82 36.53 28.73
N TYR MA 191 149.69 36.76 29.39
CA TYR MA 191 149.58 36.50 30.82
C TYR MA 191 148.16 36.02 31.09
N ILE MA 192 147.98 34.72 31.17
CA ILE MA 192 146.68 34.13 31.49
C ILE MA 192 146.55 34.02 33.00
N THR MA 193 145.47 34.56 33.54
CA THR MA 193 145.18 34.49 34.96
C THR MA 193 143.76 34.00 35.17
N THR MA 194 143.47 33.55 36.39
CA THR MA 194 142.17 33.00 36.71
C THR MA 194 141.36 33.85 37.68
N THR MA 195 141.96 34.91 38.23
CA THR MA 195 141.19 35.82 39.06
C THR MA 195 140.27 36.66 38.19
N THR MA 196 139.27 37.25 38.82
CA THR MA 196 138.35 38.11 38.10
C THR MA 196 139.11 39.29 37.50
N PRO MA 197 138.78 39.73 36.29
CA PRO MA 197 139.55 40.82 35.68
C PRO MA 197 139.52 42.10 36.51
N SER MA 198 138.38 42.42 37.13
CA SER MA 198 138.31 43.60 37.98
C SER MA 198 139.30 43.51 39.13
N SER MA 199 139.45 42.31 39.71
CA SER MA 199 140.41 42.14 40.79
C SER MA 199 141.84 42.30 40.29
N ALA MA 200 142.10 41.92 39.04
CA ALA MA 200 143.44 41.97 38.51
C ALA MA 200 143.92 43.40 38.28
N THR MA 201 143.02 44.39 38.31
CA THR MA 201 143.41 45.76 38.00
C THR MA 201 144.27 46.35 39.10
N GLN MA 202 143.75 46.42 40.33
CA GLN MA 202 144.46 47.12 41.39
C GLN MA 202 145.75 46.39 41.76
N ILE MA 203 145.76 45.06 41.68
CA ILE MA 203 146.96 44.32 42.03
C ILE MA 203 148.00 44.44 40.93
N TYR MA 204 147.56 44.50 39.67
CA TYR MA 204 148.47 44.63 38.53
C TYR MA 204 147.87 45.66 37.58
N PRO MA 205 148.35 46.91 37.61
CA PRO MA 205 147.72 47.97 36.81
C PRO MA 205 148.07 47.86 35.33
N PHE MA 206 149.26 47.35 35.02
CA PHE MA 206 149.74 47.31 33.65
C PHE MA 206 148.94 46.36 32.76
N LEU MA 207 147.95 45.65 33.31
CA LEU MA 207 147.10 44.78 32.52
C LEU MA 207 145.87 45.50 31.97
N ALA MA 208 145.79 46.82 32.14
CA ALA MA 208 144.66 47.56 31.60
C ALA MA 208 144.83 47.88 30.12
N HIS MA 209 146.07 48.02 29.66
CA HIS MA 209 146.34 48.32 28.26
C HIS MA 209 146.30 47.09 27.37
N ASP MA 210 146.22 45.90 27.93
CA ASP MA 210 146.30 44.67 27.15
C ASP MA 210 144.91 44.18 26.74
N ASN MA 211 144.85 43.51 25.61
CA ASN MA 211 143.62 42.94 25.11
C ASN MA 211 143.28 41.68 25.89
N MET MA 212 141.98 41.48 26.13
CA MET MA 212 141.51 40.41 26.99
C MET MA 212 140.44 39.59 26.28
N PHE MA 213 140.72 38.32 26.05
CA PHE MA 213 139.74 37.37 25.58
C PHE MA 213 139.66 36.21 26.57
N THR MA 214 138.44 35.71 26.79
CA THR MA 214 138.19 34.70 27.79
C THR MA 214 137.86 33.37 27.13
N PHE MA 215 138.15 32.28 27.85
CA PHE MA 215 137.75 30.95 27.42
C PHE MA 215 137.52 30.09 28.65
N THR MA 216 136.30 29.58 28.78
CA THR MA 216 135.95 28.77 29.94
C THR MA 216 136.47 27.35 29.77
N LEU MA 217 136.58 26.65 30.89
CA LEU MA 217 137.08 25.28 30.89
C LEU MA 217 136.37 24.50 31.98
N ASN MA 218 136.02 23.26 31.68
CA ASN MA 218 135.28 22.38 32.59
C ASN MA 218 136.24 21.30 33.09
N ILE MA 219 136.70 21.45 34.32
CA ILE MA 219 137.61 20.51 34.96
C ILE MA 219 136.92 19.93 36.17
N SER MA 220 136.94 18.60 36.29
CA SER MA 220 136.34 17.89 37.42
C SER MA 220 134.86 18.24 37.56
N GLY MA 221 134.15 18.31 36.43
CA GLY MA 221 132.73 18.58 36.42
C GLY MA 221 132.33 20.00 36.72
N THR MA 222 133.23 20.83 37.25
CA THR MA 222 132.92 22.22 37.56
C THR MA 222 133.64 23.14 36.59
N LEU MA 223 132.97 24.22 36.21
CA LEU MA 223 133.50 25.14 35.21
C LEU MA 223 134.54 26.07 35.81
N VAL MA 224 135.58 26.37 35.03
CA VAL MA 224 136.62 27.30 35.44
C VAL MA 224 136.84 28.29 34.30
N THR MA 225 136.86 29.58 34.62
CA THR MA 225 137.03 30.63 33.64
C THR MA 225 138.47 31.14 33.65
N TYR MA 226 139.03 31.31 32.45
CA TYR MA 226 140.38 31.84 32.29
C TYR MA 226 140.31 33.13 31.50
N TYR MA 227 141.06 34.14 31.95
CA TYR MA 227 141.15 35.42 31.28
C TYR MA 227 142.55 35.61 30.74
N ALA MA 228 142.65 35.97 29.48
CA ALA MA 228 143.94 36.20 28.83
C ALA MA 228 144.22 37.68 28.72
N PHE MA 229 145.48 38.02 28.49
CA PHE MA 229 145.92 39.40 28.39
C PHE MA 229 147.09 39.46 27.42
N VAL MA 230 146.87 40.02 26.25
CA VAL MA 230 147.89 40.16 25.21
C VAL MA 230 148.20 41.64 25.04
N ASN MA 231 149.48 41.99 25.06
CA ASN MA 231 149.91 43.37 24.89
C ASN MA 231 150.44 43.68 23.51
N GLN MA 232 150.79 42.67 22.72
CA GLN MA 232 151.23 42.89 21.35
C GLN MA 232 150.82 41.68 20.51
N THR MA 233 150.38 41.96 19.29
CA THR MA 233 149.87 40.90 18.43
C THR MA 233 151.01 40.00 17.97
N PHE MA 234 150.97 38.73 18.39
CA PHE MA 234 151.97 37.75 17.99
C PHE MA 234 151.27 36.44 17.68
N ALA MA 235 152.06 35.47 17.21
CA ALA MA 235 151.51 34.18 16.80
C ALA MA 235 152.52 33.09 17.07
N PHE MA 236 152.03 31.90 17.43
CA PHE MA 236 152.88 30.76 17.75
C PHE MA 236 152.42 29.55 16.96
N THR MA 237 153.31 28.57 16.86
CA THR MA 237 153.03 27.31 16.17
C THR MA 237 153.35 26.15 17.10
N TYR MA 238 152.49 25.14 17.09
CA TYR MA 238 152.63 23.97 17.94
C TYR MA 238 152.24 22.73 17.15
N PRO MA 239 152.83 21.58 17.47
CA PRO MA 239 152.54 20.37 16.69
C PRO MA 239 151.13 19.88 16.93
N VAL MA 240 150.57 19.23 15.91
CA VAL MA 240 149.23 18.67 16.00
C VAL MA 240 149.25 17.19 15.67
N ALA MA 241 150.22 16.77 14.84
CA ALA MA 241 150.27 15.37 14.45
C ALA MA 241 151.58 15.08 13.74
N GLY MA 242 152.04 13.83 13.88
CA GLY MA 242 153.13 13.31 13.09
C GLY MA 242 154.44 14.05 13.21
N ASP MA 243 154.86 14.34 14.44
CA ASP MA 243 156.11 15.06 14.68
C ASP MA 243 156.97 14.25 15.65
N PRO MA 244 157.74 13.29 15.13
CA PRO MA 244 158.60 12.50 16.01
C PRO MA 244 159.77 13.31 16.55
N LEU MA 245 160.42 14.09 15.69
CA LEU MA 245 161.57 14.88 16.09
C LEU MA 245 161.09 16.16 16.78
N ILE MA 246 161.10 16.12 18.10
CA ILE MA 246 160.67 17.24 18.93
C ILE MA 246 161.88 17.85 19.61
N GLY MA 247 162.01 19.16 19.53
CA GLY MA 247 163.14 19.88 20.09
C GLY MA 247 164.01 20.58 19.06
N SER MA 248 163.76 20.38 17.77
CA SER MA 248 164.54 21.02 16.72
C SER MA 248 163.76 22.00 15.88
N ALA MA 249 162.44 22.11 16.09
CA ALA MA 249 161.59 23.02 15.34
C ALA MA 249 161.65 22.75 13.84
N ILE MA 250 161.70 21.46 13.49
CA ILE MA 250 161.75 21.01 12.11
C ILE MA 250 160.45 20.27 11.84
N ALA MA 251 159.53 20.89 11.11
CA ALA MA 251 158.27 20.25 10.76
C ALA MA 251 158.53 19.17 9.72
N PRO MA 252 158.36 17.89 10.05
CA PRO MA 252 158.69 16.83 9.10
C PRO MA 252 157.59 16.65 8.06
N ALA MA 253 157.94 15.92 7.00
CA ALA MA 253 156.99 15.63 5.95
C ALA MA 253 155.84 14.78 6.50
N GLY MA 254 154.61 15.15 6.12
CA GLY MA 254 153.44 14.46 6.59
C GLY MA 254 152.91 14.92 7.93
N SER MA 255 153.59 15.85 8.59
CA SER MA 255 153.13 16.35 9.87
C SER MA 255 152.00 17.36 9.66
N VAL MA 256 151.46 17.85 10.78
CA VAL MA 256 150.42 18.88 10.75
C VAL MA 256 150.74 19.86 11.88
N ILE MA 257 151.14 21.07 11.52
CA ILE MA 257 151.48 22.10 12.48
C ILE MA 257 150.28 23.01 12.66
N GLY MA 258 150.01 23.39 13.90
CA GLY MA 258 148.90 24.29 14.22
C GLY MA 258 149.42 25.69 14.42
N VAL MA 259 148.71 26.66 13.84
CA VAL MA 259 149.10 28.07 13.91
C VAL MA 259 147.95 28.85 14.53
N MET MA 260 148.28 29.73 15.47
CA MET MA 260 147.28 30.57 16.12
C MET MA 260 147.85 31.98 16.28
N ILE MA 261 147.10 32.97 15.82
CA ILE MA 261 147.49 34.37 15.94
C ILE MA 261 146.70 35.00 17.07
N LEU MA 262 147.40 35.69 17.97
CA LEU MA 262 146.79 36.34 19.12
C LEU MA 262 146.78 37.84 18.89
N PHE MA 263 145.59 38.41 18.77
CA PHE MA 263 145.45 39.82 18.43
C PHE MA 263 145.61 40.68 19.68
N GLY MA 264 146.50 41.66 19.61
CA GLY MA 264 146.78 42.52 20.73
C GLY MA 264 145.74 43.61 20.91
N PRO MA 265 146.13 44.70 21.56
CA PRO MA 265 145.22 45.84 21.72
C PRO MA 265 145.26 46.76 20.52
N ASP MA 266 146.38 46.76 19.80
CA ASP MA 266 146.52 47.63 18.64
C ASP MA 266 145.58 47.20 17.52
N LEU MA 267 145.50 45.91 17.25
CA LEU MA 267 144.68 45.39 16.17
C LEU MA 267 143.35 44.83 16.65
N GLY MA 268 143.22 44.50 17.93
CA GLY MA 268 141.99 43.93 18.43
C GLY MA 268 140.81 44.86 18.49
N SER MA 269 141.01 46.14 18.19
CA SER MA 269 139.91 47.10 18.21
C SER MA 269 139.05 47.03 16.96
N HIS MA 270 139.53 46.38 15.90
CA HIS MA 270 138.80 46.28 14.65
C HIS MA 270 138.21 44.89 14.47
N VAL MA 271 137.10 44.83 13.74
CA VAL MA 271 136.47 43.57 13.36
C VAL MA 271 136.46 43.50 11.85
N PHE MA 272 137.16 42.51 11.30
CA PHE MA 272 137.26 42.40 9.85
C PHE MA 272 135.94 41.94 9.26
N GLN MA 273 135.12 42.89 8.84
CA GLN MA 273 133.81 42.63 8.27
C GLN MA 273 133.73 43.29 6.90
N TYR MA 274 133.37 42.52 5.88
CA TYR MA 274 133.34 42.97 4.50
C TYR MA 274 134.71 43.39 4.00
N GLN MA 275 135.78 42.92 4.64
CA GLN MA 275 137.14 43.28 4.27
C GLN MA 275 137.87 42.06 3.71
N THR MA 276 139.16 42.26 3.43
CA THR MA 276 140.03 41.20 2.95
C THR MA 276 141.20 41.04 3.91
N ILE MA 277 141.50 39.79 4.25
CA ILE MA 277 142.54 39.46 5.21
C ILE MA 277 143.61 38.64 4.52
N THR MA 278 144.87 39.01 4.72
CA THR MA 278 145.99 38.35 4.07
C THR MA 278 147.03 37.94 5.09
N ILE MA 279 147.35 36.65 5.12
CA ILE MA 279 148.40 36.10 5.96
C ILE MA 279 149.40 35.36 5.08
N GLN MA 280 150.68 35.58 5.33
CA GLN MA 280 151.72 34.94 4.54
C GLN MA 280 152.79 34.38 5.48
N ILE MA 281 153.07 33.09 5.33
CA ILE MA 281 154.05 32.39 6.16
C ILE MA 281 155.17 31.96 5.24
N THR MA 282 156.31 32.65 5.32
CA THR MA 282 157.43 32.38 4.43
C THR MA 282 158.57 31.72 5.21
N PRO MA 283 158.96 30.49 4.88
CA PRO MA 283 160.13 29.88 5.52
C PRO MA 283 161.42 30.39 4.89
N ASN MA 284 162.53 29.98 5.50
CA ASN MA 284 163.84 30.40 5.01
C ASN MA 284 164.22 29.73 3.71
N ILE MA 285 163.57 28.61 3.36
CA ILE MA 285 163.81 27.93 2.10
C ILE MA 285 162.50 27.36 1.59
N GLY MA 286 162.36 27.31 0.27
CA GLY MA 286 161.14 26.83 -0.33
C GLY MA 286 160.19 27.97 -0.69
N SER MA 287 158.95 27.60 -0.92
CA SER MA 287 157.94 28.54 -1.36
C SER MA 287 157.14 29.08 -0.18
N PRO MA 288 156.68 30.34 -0.26
CA PRO MA 288 155.90 30.92 0.83
C PRO MA 288 154.41 30.68 0.69
N LEU MA 289 153.78 30.34 1.81
CA LEU MA 289 152.34 30.16 1.84
C LEU MA 289 151.65 31.50 2.02
N THR MA 290 150.52 31.67 1.35
CA THR MA 290 149.73 32.90 1.45
C THR MA 290 148.26 32.56 1.55
N ILE MA 291 147.57 33.22 2.47
CA ILE MA 291 146.15 33.03 2.70
C ILE MA 291 145.44 34.35 2.43
N SER MA 292 144.27 34.27 1.78
CA SER MA 292 143.49 35.45 1.49
C SER MA 292 142.02 35.08 1.53
N GLU MA 293 141.26 35.78 2.37
CA GLU MA 293 139.85 35.47 2.56
C GLU MA 293 139.06 36.77 2.67
N TYR MA 294 137.76 36.66 2.41
CA TYR MA 294 136.82 37.77 2.50
C TYR MA 294 135.76 37.39 3.52
N VAL MA 295 135.65 38.17 4.60
CA VAL MA 295 134.75 37.86 5.70
C VAL MA 295 133.55 38.79 5.61
N TYR MA 296 132.35 38.23 5.44
CA TYR MA 296 131.15 39.05 5.41
C TYR MA 296 130.73 39.44 6.82
N GLN MA 297 130.34 38.45 7.62
CA GLN MA 297 129.80 38.67 8.95
C GLN MA 297 130.23 37.48 9.78
N PRO MA 298 130.71 37.69 11.00
CA PRO MA 298 131.06 36.56 11.87
C PRO MA 298 129.83 35.98 12.55
N GLU MA 299 129.99 34.76 13.04
CA GLU MA 299 128.92 34.10 13.77
C GLU MA 299 129.50 33.05 14.70
N GLY MA 300 128.85 32.85 15.85
CA GLY MA 300 129.21 31.82 16.79
C GLY MA 300 130.41 32.11 17.66
N SER MA 301 131.05 33.26 17.49
CA SER MA 301 132.22 33.69 18.26
C SER MA 301 133.45 32.87 17.87
N VAL MA 302 133.24 31.81 17.09
CA VAL MA 302 134.32 31.12 16.39
C VAL MA 302 133.78 30.90 14.97
N SER MA 303 134.10 31.81 14.07
CA SER MA 303 133.51 31.81 12.74
C SER MA 303 134.43 31.14 11.74
N VAL MA 304 133.85 30.37 10.83
CA VAL MA 304 134.62 29.73 9.78
C VAL MA 304 135.07 30.79 8.78
N ILE MA 305 136.33 30.73 8.38
CA ILE MA 305 136.94 31.69 7.47
C ILE MA 305 136.91 33.10 8.06
N LEU NA 19 211.33 26.24 -26.92
CA LEU NA 19 210.20 25.47 -27.40
C LEU NA 19 208.99 25.63 -26.48
N ALA NA 20 207.80 25.42 -27.03
CA ALA NA 20 206.56 25.57 -26.30
C ALA NA 20 205.77 24.28 -26.17
N GLY NA 21 206.36 23.14 -26.54
CA GLY NA 21 205.63 21.89 -26.51
C GLY NA 21 205.48 21.29 -25.13
N LEU NA 22 206.60 21.11 -24.43
CA LEU NA 22 206.55 20.46 -23.13
C LEU NA 22 205.81 21.29 -22.10
N ASP NA 23 205.76 22.61 -22.30
CA ASP NA 23 205.11 23.49 -21.33
C ASP NA 23 203.61 23.33 -21.29
N THR NA 24 203.00 22.77 -22.33
CA THR NA 24 201.56 22.60 -22.39
C THR NA 24 201.08 21.24 -21.91
N ALA NA 25 201.96 20.23 -21.86
CA ALA NA 25 201.55 18.91 -21.42
C ALA NA 25 200.97 18.96 -20.01
N ILE NA 26 201.54 19.80 -19.15
CA ILE NA 26 201.02 19.93 -17.79
C ILE NA 26 199.65 20.59 -17.81
N ILE NA 27 199.44 21.53 -18.72
CA ILE NA 27 198.15 22.22 -18.79
C ILE NA 27 197.07 21.26 -19.28
N LEU NA 28 197.36 20.49 -20.33
CA LEU NA 28 196.39 19.54 -20.85
C LEU NA 28 195.99 18.52 -19.79
N ILE NA 29 196.96 18.08 -18.99
CA ILE NA 29 196.66 17.11 -17.94
C ILE NA 29 195.85 17.75 -16.83
N ALA NA 30 196.11 19.03 -16.54
CA ALA NA 30 195.39 19.69 -15.45
C ALA NA 30 193.94 19.97 -15.83
N PHE NA 31 193.71 20.31 -17.10
CA PHE NA 31 192.35 20.69 -17.50
C PHE NA 31 191.45 19.48 -17.66
N ILE NA 32 192.01 18.32 -18.03
CA ILE NA 32 191.18 17.13 -18.13
C ILE NA 32 190.78 16.63 -16.75
N ILE NA 33 191.63 16.86 -15.74
CA ILE NA 33 191.27 16.47 -14.39
C ILE NA 33 190.06 17.26 -13.91
N THR NA 34 190.10 18.59 -14.05
CA THR NA 34 188.99 19.40 -13.59
C THR NA 34 187.77 19.23 -14.48
N ALA NA 35 187.97 18.96 -15.77
CA ALA NA 35 186.82 18.73 -16.65
C ALA NA 35 186.15 17.41 -16.35
N SER NA 36 186.95 16.36 -16.13
CA SER NA 36 186.38 15.07 -15.75
C SER NA 36 185.66 15.18 -14.41
N VAL NA 37 186.22 15.93 -13.47
CA VAL NA 37 185.55 16.14 -12.19
C VAL NA 37 184.19 16.79 -12.42
N LEU NA 38 184.15 17.82 -13.27
CA LEU NA 38 182.88 18.47 -13.58
C LEU NA 38 181.96 17.53 -14.35
N ALA NA 39 182.53 16.55 -15.04
CA ALA NA 39 181.71 15.65 -15.84
C ALA NA 39 180.83 14.78 -14.96
N TYR NA 40 181.44 14.02 -14.04
CA TYR NA 40 180.66 13.04 -13.30
C TYR NA 40 179.82 13.66 -12.20
N VAL NA 41 180.20 14.86 -11.71
CA VAL NA 41 179.37 15.50 -10.70
C VAL NA 41 178.02 15.87 -11.29
N ALA NA 42 177.98 16.13 -12.60
CA ALA NA 42 176.69 16.34 -13.25
C ALA NA 42 175.93 15.02 -13.36
N ILE NA 43 176.64 13.93 -13.61
CA ILE NA 43 176.00 12.61 -13.60
C ILE NA 43 175.50 12.27 -12.21
N ASN NA 44 176.33 12.53 -11.20
CA ASN NA 44 175.94 12.23 -9.83
C ASN NA 44 174.71 13.02 -9.42
N MET NA 45 174.66 14.30 -9.78
CA MET NA 45 173.51 15.12 -9.42
C MET NA 45 172.36 14.93 -10.40
N GLY NA 46 172.66 14.65 -11.67
CA GLY NA 46 171.59 14.44 -12.64
C GLY NA 46 170.74 13.25 -12.31
N LEU NA 47 171.33 12.21 -11.71
CA LEU NA 47 170.55 11.08 -11.25
C LEU NA 47 169.60 11.50 -10.13
N PHE NA 48 170.12 12.24 -9.15
CA PHE NA 48 169.32 12.58 -7.97
C PHE NA 48 168.14 13.45 -8.35
N VAL NA 49 168.35 14.46 -9.19
CA VAL NA 49 167.26 15.36 -9.56
C VAL NA 49 166.19 14.60 -10.35
N THR NA 50 166.60 13.57 -11.09
CA THR NA 50 165.62 12.77 -11.82
C THR NA 50 164.94 11.77 -10.89
N GLN NA 51 165.73 11.07 -10.07
CA GLN NA 51 165.14 10.13 -9.13
C GLN NA 51 164.19 10.85 -8.17
N LYS NA 52 164.53 12.08 -7.80
CA LYS NA 52 163.60 12.86 -7.00
C LYS NA 52 162.34 13.17 -7.79
N ALA NA 53 162.49 13.58 -9.05
CA ALA NA 53 161.32 13.81 -9.89
C ALA NA 53 160.52 12.54 -10.09
N LYS NA 54 161.16 11.39 -9.90
CA LYS NA 54 160.46 10.12 -10.01
C LYS NA 54 159.56 9.88 -8.81
N SER NA 55 160.10 10.09 -7.59
CA SER NA 55 159.35 9.75 -6.40
C SER NA 55 158.14 10.65 -6.21
N THR NA 56 158.30 11.95 -6.43
CA THR NA 56 157.21 12.88 -6.21
C THR NA 56 156.01 12.57 -7.11
N ILE NA 57 156.27 12.04 -8.31
CA ILE NA 57 155.17 11.61 -9.16
C ILE NA 57 154.47 10.40 -8.56
N ASN NA 58 155.25 9.39 -8.16
CA ASN NA 58 154.67 8.20 -7.56
C ASN NA 58 153.81 8.55 -6.36
N LYS NA 59 154.37 9.27 -5.39
CA LYS NA 59 153.58 9.73 -4.26
C LYS NA 59 152.49 10.70 -4.68
N GLY NA 60 152.75 11.54 -5.69
CA GLY NA 60 151.73 12.47 -6.15
C GLY NA 60 150.49 11.75 -6.64
N GLU NA 61 150.67 10.61 -7.32
CA GLU NA 61 149.51 9.82 -7.72
C GLU NA 61 148.94 9.02 -6.57
N GLU NA 62 149.64 8.94 -5.44
CA GLU NA 62 149.04 8.33 -4.26
C GLU NA 62 148.17 9.34 -3.51
N THR NA 63 148.60 10.61 -3.47
CA THR NA 63 147.73 11.65 -2.93
C THR NA 63 146.45 11.76 -3.75
N ALA NA 64 146.59 11.69 -5.07
CA ALA NA 64 145.42 11.80 -5.95
C ALA NA 64 144.54 10.56 -5.84
N SER NA 65 145.16 9.37 -5.81
CA SER NA 65 144.37 8.14 -5.83
C SER NA 65 143.75 7.87 -4.46
N THR NA 66 144.57 7.76 -3.43
CA THR NA 66 144.05 7.47 -2.10
C THR NA 66 143.18 8.62 -1.60
N ALA NA 67 141.95 8.29 -1.22
CA ALA NA 67 141.00 9.28 -0.73
C ALA NA 67 139.91 8.55 0.03
N LEU NA 68 139.60 9.05 1.22
CA LEU NA 68 138.60 8.45 2.08
C LEU NA 68 137.22 9.02 1.74
N THR NA 69 136.24 8.13 1.60
CA THR NA 69 134.86 8.53 1.30
C THR NA 69 133.96 7.97 2.38
N LEU NA 70 133.20 8.86 3.02
CA LEU NA 70 132.23 8.42 4.03
C LEU NA 70 131.17 7.55 3.37
N SER NA 71 131.16 6.27 3.70
CA SER NA 71 130.22 5.31 3.13
C SER NA 71 129.37 4.75 4.27
N GLY NA 72 128.20 5.35 4.47
CA GLY NA 72 127.35 4.93 5.58
C GLY NA 72 126.95 6.16 6.38
N SER NA 73 125.65 6.24 6.68
CA SER NA 73 125.14 7.40 7.40
C SER NA 73 125.79 7.53 8.77
N VAL NA 74 126.05 8.76 9.17
CA VAL NA 74 126.68 9.04 10.46
C VAL NA 74 125.59 9.08 11.51
N LEU NA 75 125.87 8.50 12.67
CA LEU NA 75 124.90 8.41 13.75
C LEU NA 75 125.37 9.24 14.95
N TYR NA 76 124.40 9.80 15.66
CA TYR NA 76 124.66 10.62 16.84
C TYR NA 76 124.02 9.97 18.07
N ALA NA 77 124.66 10.17 19.22
CA ALA NA 77 124.22 9.55 20.46
C ALA NA 77 124.08 10.59 21.55
N VAL NA 78 122.99 10.52 22.30
CA VAL NA 78 122.69 11.48 23.36
C VAL NA 78 121.59 10.89 24.22
N ASN NA 79 121.64 11.17 25.52
CA ASN NA 79 120.61 10.70 26.42
C ASN NA 79 119.24 11.21 25.99
N TYR NA 80 118.32 10.27 25.73
CA TYR NA 80 117.09 10.63 25.02
C TYR NA 80 116.13 11.47 25.85
N PRO NA 81 115.76 11.09 27.08
CA PRO NA 81 114.74 11.89 27.79
C PRO NA 81 115.20 13.31 28.07
N SER NA 82 116.33 13.48 28.74
CA SER NA 82 116.86 14.79 29.09
C SER NA 82 118.15 14.99 28.30
N ASN NA 83 118.06 15.72 27.20
CA ASN NA 83 119.20 15.94 26.32
C ASN NA 83 120.16 16.91 26.98
N THR NA 84 121.02 16.37 27.84
CA THR NA 84 122.02 17.17 28.53
C THR NA 84 123.45 16.67 28.34
N ARG NA 85 123.66 15.43 27.91
CA ARG NA 85 124.99 14.86 27.76
C ARG NA 85 125.13 14.25 26.38
N SER NA 86 126.23 14.55 25.71
CA SER NA 86 126.54 13.98 24.40
C SER NA 86 127.41 12.73 24.59
N TYR NA 87 126.98 11.61 23.99
CA TYR NA 87 127.58 10.32 24.26
C TYR NA 87 128.66 9.94 23.25
N TRP NA 88 128.31 9.80 21.97
CA TRP NA 88 129.27 9.39 20.97
C TRP NA 88 128.74 9.67 19.58
N ILE NA 89 129.63 9.54 18.59
CA ILE NA 89 129.31 9.71 17.18
C ILE NA 89 130.02 8.61 16.41
N TYR NA 90 129.28 7.83 15.65
CA TYR NA 90 129.83 6.71 14.90
C TYR NA 90 129.56 6.88 13.42
N PHE NA 91 130.54 6.53 12.60
CA PHE NA 91 130.36 6.48 11.15
C PHE NA 91 131.45 5.57 10.59
N THR NA 92 131.41 5.39 9.28
CA THR NA 92 132.37 4.53 8.59
C THR NA 92 133.19 5.36 7.61
N VAL NA 93 134.33 4.81 7.21
CA VAL NA 93 135.22 5.46 6.26
C VAL NA 93 135.87 4.38 5.41
N SER NA 94 135.80 4.55 4.10
CA SER NA 94 136.36 3.56 3.19
C SER NA 94 137.19 4.25 2.11
N PRO NA 95 138.26 3.62 1.66
CA PRO NA 95 139.02 4.18 0.53
C PRO NA 95 138.13 4.37 -0.69
N SER NA 96 138.55 5.31 -1.55
CA SER NA 96 137.72 5.69 -2.69
C SER NA 96 137.36 4.50 -3.55
N SER NA 97 138.37 3.88 -4.15
CA SER NA 97 138.16 2.68 -4.96
C SER NA 97 139.42 1.84 -4.84
N GLY NA 98 139.61 0.91 -5.77
CA GLY NA 98 140.78 0.08 -5.75
C GLY NA 98 142.03 0.83 -6.18
N VAL NA 99 142.25 2.00 -5.57
CA VAL NA 99 143.36 2.87 -5.93
C VAL NA 99 144.66 2.45 -5.24
N SER NA 100 144.67 2.46 -3.91
CA SER NA 100 145.87 2.15 -3.13
C SER NA 100 145.50 2.18 -1.66
N SER NA 101 146.44 1.74 -0.83
CA SER NA 101 146.25 1.71 0.60
C SER NA 101 146.45 3.11 1.19
N VAL NA 102 145.97 3.29 2.42
CA VAL NA 102 146.14 4.54 3.16
C VAL NA 102 146.55 4.20 4.58
N GLU NA 103 147.63 4.81 5.05
CA GLU NA 103 148.18 4.51 6.37
C GLU NA 103 147.41 5.31 7.41
N LEU NA 104 146.57 4.61 8.19
CA LEU NA 104 145.75 5.24 9.21
C LEU NA 104 146.29 4.98 10.62
N SER NA 105 147.60 4.94 10.76
CA SER NA 105 148.18 4.79 12.08
C SER NA 105 147.99 6.07 12.88
N PRO NA 106 147.50 5.98 14.12
CA PRO NA 106 147.22 7.22 14.89
C PRO NA 106 148.44 8.06 15.14
N SER NA 107 149.64 7.56 14.83
CA SER NA 107 150.84 8.37 15.01
C SER NA 107 150.92 9.48 13.97
N THR NA 108 150.38 9.25 12.78
CA THR NA 108 150.55 10.18 11.66
C THR NA 108 149.30 10.98 11.36
N THR NA 109 148.13 10.33 11.29
CA THR NA 109 146.91 11.04 10.94
C THR NA 109 146.41 11.85 12.14
N ALA NA 110 145.34 12.63 11.91
CA ALA NA 110 144.81 13.49 12.96
C ALA NA 110 143.36 13.80 12.66
N ILE NA 111 142.45 13.31 13.47
CA ILE NA 111 141.03 13.59 13.34
C ILE NA 111 140.70 14.79 14.22
N SER NA 112 140.14 15.83 13.62
CA SER NA 112 139.80 17.05 14.33
C SER NA 112 138.29 17.16 14.48
N PHE NA 113 137.87 17.93 15.48
CA PHE NA 113 136.47 18.11 15.79
C PHE NA 113 136.25 19.56 16.22
N THR NA 114 135.40 20.28 15.50
CA THR NA 114 135.09 21.66 15.82
C THR NA 114 133.59 21.86 15.86
N ALA NA 115 133.14 22.67 16.82
CA ALA NA 115 131.74 23.06 16.95
C ALA NA 115 131.72 24.59 17.02
N SER NA 116 131.51 25.22 15.87
CA SER NA 116 131.61 26.68 15.80
C SER NA 116 130.56 27.37 16.67
N ALA NA 117 129.42 26.72 16.90
CA ALA NA 117 128.38 27.32 17.71
C ALA NA 117 128.83 27.50 19.15
N GLU NA 118 129.17 26.40 19.82
CA GLU NA 118 129.61 26.49 21.21
C GLU NA 118 130.93 27.23 21.32
N GLY NA 119 131.77 27.17 20.29
CA GLY NA 119 133.04 27.84 20.30
C GLY NA 119 134.24 26.97 20.59
N ILE NA 120 134.09 25.65 20.57
CA ILE NA 120 135.19 24.73 20.82
C ILE NA 120 135.77 24.29 19.49
N SER NA 121 137.06 23.95 19.50
CA SER NA 121 137.74 23.49 18.31
C SER NA 121 138.89 22.60 18.75
N TYR NA 122 138.79 21.30 18.49
CA TYR NA 122 139.81 20.35 18.88
C TYR NA 122 140.76 20.12 17.71
N SER NA 123 141.73 19.23 17.94
CA SER NA 123 142.68 18.86 16.90
C SER NA 123 143.34 17.56 17.33
N ASN NA 124 143.25 16.54 16.48
CA ASN NA 124 143.88 15.25 16.72
C ASN NA 124 143.40 14.64 18.03
N ILE NA 125 142.10 14.30 18.04
CA ILE NA 125 141.52 13.56 19.14
C ILE NA 125 141.64 12.07 18.80
N TYR NA 126 142.49 11.75 17.83
CA TYR NA 126 142.73 10.38 17.41
C TYR NA 126 143.89 9.83 18.22
N GLU NA 127 143.60 8.83 19.06
CA GLU NA 127 144.61 8.30 19.97
C GLU NA 127 144.93 6.84 19.72
N TYR NA 128 143.92 5.97 19.69
CA TYR NA 128 144.13 4.53 19.61
C TYR NA 128 143.44 3.94 18.39
N THR NA 129 143.73 2.67 18.13
CA THR NA 129 143.14 1.96 17.01
C THR NA 129 143.18 0.46 17.32
N LEU NA 130 142.34 -0.28 16.61
CA LEU NA 130 142.31 -1.73 16.72
C LEU NA 130 142.91 -2.44 15.51
N LEU NA 131 143.29 -1.70 14.46
CA LEU NA 131 143.90 -2.32 13.30
C LEU NA 131 145.24 -2.93 13.62
N THR NA 132 145.82 -2.61 14.78
CA THR NA 132 147.16 -3.04 15.14
C THR NA 132 147.17 -4.28 16.02
N VAL NA 133 146.12 -4.51 16.80
CA VAL NA 133 146.07 -5.65 17.70
C VAL NA 133 145.70 -6.89 16.91
N SER NA 134 146.24 -8.03 17.33
CA SER NA 134 146.00 -9.33 16.69
C SER NA 134 144.73 -9.97 17.25
N PRO NA 135 144.00 -10.73 16.43
CA PRO NA 135 142.72 -11.29 16.89
C PRO NA 135 142.86 -12.40 17.92
N SER NA 136 144.07 -12.84 18.23
CA SER NA 136 144.24 -13.96 19.15
C SER NA 136 143.91 -13.54 20.58
N GLU NA 137 144.56 -12.49 21.07
CA GLU NA 137 144.46 -12.13 22.48
C GLU NA 137 143.07 -11.63 22.86
N LEU NA 138 142.25 -11.23 21.90
CA LEU NA 138 140.96 -10.64 22.23
C LEU NA 138 139.89 -11.69 22.48
N ALA NA 139 139.78 -12.68 21.59
CA ALA NA 139 138.63 -13.56 21.57
C ALA NA 139 138.63 -14.59 22.69
N ASN NA 140 139.49 -14.45 23.71
CA ASN NA 140 139.57 -15.46 24.76
C ASN NA 140 139.12 -14.94 26.12
N GLN NA 141 139.67 -13.81 26.57
CA GLN NA 141 139.46 -13.37 27.95
C GLN NA 141 138.49 -12.18 28.01
N VAL NA 142 137.20 -12.48 27.98
CA VAL NA 142 136.14 -11.54 28.36
C VAL NA 142 134.85 -12.33 28.52
N TYR NA 143 134.06 -12.01 29.55
CA TYR NA 143 132.80 -12.72 29.74
C TYR NA 143 131.96 -11.98 30.77
N ALA NA 144 130.64 -12.06 30.58
CA ALA NA 144 129.68 -11.52 31.52
C ALA NA 144 128.59 -12.51 31.87
N ASN NA 145 128.62 -13.72 31.29
CA ASN NA 145 127.65 -14.76 31.58
C ASN NA 145 128.36 -16.10 31.46
N GLY NA 146 127.60 -17.18 31.34
CA GLY NA 146 128.16 -18.52 31.28
C GLY NA 146 129.18 -18.74 30.18
N GLN NA 147 129.18 -17.90 29.15
CA GLN NA 147 130.04 -18.08 27.99
C GLN NA 147 131.03 -16.93 27.88
N TYR NA 148 132.26 -17.26 27.50
CA TYR NA 148 133.28 -16.26 27.18
C TYR NA 148 132.97 -15.73 25.79
N LEU NA 149 132.25 -14.61 25.72
CA LEU NA 149 131.79 -14.12 24.43
C LEU NA 149 132.97 -13.64 23.59
N ASP NA 150 132.87 -13.88 22.28
CA ASP NA 150 133.89 -13.47 21.32
C ASP NA 150 133.53 -12.13 20.71
N LEU NA 151 134.55 -11.44 20.20
CA LEU NA 151 134.37 -10.10 19.65
C LEU NA 151 134.71 -10.04 18.17
N VAL NA 152 135.87 -10.53 17.78
CA VAL NA 152 136.35 -10.41 16.41
C VAL NA 152 136.02 -11.70 15.65
N ASN NA 153 135.62 -11.56 14.40
CA ASN NA 153 135.39 -12.68 13.49
C ASN NA 153 136.52 -12.74 12.47
N GLN NA 154 136.52 -13.79 11.66
CA GLN NA 154 137.56 -13.93 10.66
C GLN NA 154 137.13 -14.94 9.61
N GLN NA 155 137.53 -14.69 8.37
CA GLN NA 155 137.35 -15.59 7.25
C GLN NA 155 138.70 -15.89 6.63
N THR NA 156 138.76 -16.96 5.84
CA THR NA 156 139.99 -17.38 5.18
C THR NA 156 139.69 -17.73 3.74
N ASN NA 157 140.40 -17.10 2.81
CA ASN NA 157 140.30 -17.44 1.39
C ASN NA 157 141.48 -16.81 0.65
N ALA NA 158 141.79 -17.38 -0.51
CA ALA NA 158 142.84 -16.89 -1.40
C ALA NA 158 144.20 -16.78 -0.71
N GLY NA 159 144.40 -17.53 0.38
CA GLY NA 159 145.66 -17.49 1.10
C GLY NA 159 145.81 -16.33 2.05
N GLN NA 160 144.71 -15.73 2.52
CA GLN NA 160 144.78 -14.63 3.47
C GLN NA 160 143.63 -14.76 4.46
N THR NA 161 143.73 -14.00 5.54
CA THR NA 161 142.70 -13.95 6.57
C THR NA 161 142.19 -12.53 6.71
N TYR NA 162 140.88 -12.40 6.89
CA TYR NA 162 140.22 -11.10 6.99
C TYR NA 162 139.48 -11.02 8.32
N VAL NA 163 139.87 -10.07 9.15
CA VAL NA 163 139.26 -9.88 10.47
C VAL NA 163 138.39 -8.64 10.43
N TYR NA 164 137.37 -8.64 11.29
CA TYR NA 164 136.48 -7.49 11.42
C TYR NA 164 135.75 -7.59 12.75
N TYR NA 165 134.93 -6.58 13.02
CA TYR NA 165 134.09 -6.57 14.20
C TYR NA 165 132.65 -6.30 13.79
N PRO NA 166 131.66 -6.96 14.41
CA PRO NA 166 130.29 -6.87 13.91
C PRO NA 166 129.53 -5.64 14.38
N ASN NA 167 129.93 -4.99 15.46
CA ASN NA 167 129.21 -3.83 15.96
C ASN NA 167 130.16 -2.99 16.78
N PRO NA 168 129.90 -1.68 16.90
CA PRO NA 168 130.83 -0.81 17.64
C PRO NA 168 130.94 -1.14 19.12
N TYR NA 169 129.85 -1.60 19.74
CA TYR NA 169 129.91 -1.96 21.15
C TYR NA 169 130.98 -3.01 21.42
N TYR NA 170 131.09 -4.00 20.52
CA TYR NA 170 132.13 -5.00 20.67
C TYR NA 170 133.50 -4.36 20.65
N ALA NA 171 133.71 -3.37 19.76
CA ALA NA 171 134.99 -2.69 19.71
C ALA NA 171 135.28 -1.95 20.99
N LEU NA 172 134.24 -1.43 21.66
CA LEU NA 172 134.45 -0.70 22.89
C LEU NA 172 135.04 -1.60 23.97
N LEU NA 173 134.41 -2.76 24.21
CA LEU NA 173 134.97 -3.71 25.15
C LEU NA 173 136.35 -4.16 24.72
N ALA NA 174 136.51 -4.46 23.43
CA ALA NA 174 137.82 -4.85 22.91
C ALA NA 174 138.85 -3.75 23.12
N LEU NA 175 138.39 -2.49 23.10
CA LEU NA 175 139.31 -1.40 23.39
C LEU NA 175 139.61 -1.32 24.88
N ASN NA 176 138.65 -1.70 25.73
CA ASN NA 176 138.88 -1.67 27.17
C ASN NA 176 139.99 -2.63 27.57
N TYR NA 177 139.95 -3.85 27.05
CA TYR NA 177 140.93 -4.85 27.44
C TYR NA 177 142.32 -4.51 26.90
N THR NA 178 142.37 -3.97 25.67
CA THR NA 178 143.66 -3.64 25.08
C THR NA 178 144.42 -2.63 25.92
N LEU NA 179 143.80 -1.47 26.17
CA LEU NA 179 144.46 -0.44 26.97
C LEU NA 179 144.84 -0.97 28.35
N SER NA 180 144.02 -1.84 28.92
CA SER NA 180 144.29 -2.35 30.26
C SER NA 180 145.57 -3.17 30.30
N LYS NA 181 145.67 -4.19 29.44
CA LYS NA 181 146.72 -5.18 29.55
C LYS NA 181 147.61 -5.25 28.31
N ILE NA 182 147.04 -5.08 27.12
CA ILE NA 182 147.81 -5.34 25.90
C ILE NA 182 148.93 -4.32 25.72
N ASP NA 183 148.57 -3.05 25.56
CA ASP NA 183 149.55 -1.98 25.50
C ASP NA 183 149.63 -1.30 26.86
N LYS NA 184 150.84 -1.22 27.40
CA LYS NA 184 151.06 -0.79 28.78
C LYS NA 184 150.84 0.71 28.87
N VAL NA 185 149.65 1.12 29.30
CA VAL NA 185 149.34 2.52 29.57
C VAL NA 185 148.71 2.62 30.95
N SER NA 186 149.33 3.45 31.82
CA SER NA 186 148.81 3.57 33.18
C SER NA 186 147.48 4.31 33.21
N PRO NA 187 147.39 5.56 32.74
CA PRO NA 187 146.09 6.25 32.75
C PRO NA 187 145.25 5.82 31.56
N SER NA 188 144.21 5.02 31.82
CA SER NA 188 143.34 4.55 30.76
C SER NA 188 142.20 5.52 30.55
N PRO NA 189 142.10 6.16 29.38
CA PRO NA 189 140.96 7.06 29.13
C PRO NA 189 139.63 6.35 29.04
N LEU NA 190 139.61 5.03 28.95
CA LEU NA 190 138.38 4.26 28.86
C LEU NA 190 138.34 3.25 29.99
N TYR NA 191 137.15 3.03 30.54
CA TYR NA 191 136.97 2.06 31.62
C TYR NA 191 135.53 1.56 31.57
N ILE NA 192 135.36 0.30 31.17
CA ILE NA 192 134.05 -0.33 31.08
C ILE NA 192 133.92 -1.31 32.23
N THR NA 193 132.87 -1.14 33.03
CA THR NA 193 132.61 -2.01 34.17
C THR NA 193 131.14 -2.39 34.19
N THR NA 194 130.85 -3.52 34.81
CA THR NA 194 129.50 -4.06 34.86
C THR NA 194 128.83 -3.82 36.22
N THR NA 195 129.58 -3.38 37.22
CA THR NA 195 129.02 -3.16 38.54
C THR NA 195 128.07 -1.95 38.51
N THR NA 196 127.49 -1.66 39.67
CA THR NA 196 126.66 -0.48 39.80
C THR NA 196 127.54 0.78 39.74
N PRO NA 197 127.12 1.80 38.98
CA PRO NA 197 127.92 3.03 38.93
C PRO NA 197 128.17 3.64 40.30
N SER NA 198 127.16 3.60 41.18
CA SER NA 198 127.38 4.07 42.54
C SER NA 198 128.42 3.23 43.26
N SER NA 199 128.38 1.90 43.05
CA SER NA 199 129.36 1.04 43.68
C SER NA 199 130.76 1.33 43.17
N ALA NA 200 130.90 1.61 41.87
CA ALA NA 200 132.20 1.91 41.30
C ALA NA 200 132.75 3.22 41.85
N THR NA 201 131.88 4.21 42.05
CA THR NA 201 132.33 5.51 42.49
C THR NA 201 132.91 5.45 43.90
N GLN NA 202 132.23 4.76 44.82
CA GLN NA 202 132.72 4.70 46.19
C GLN NA 202 133.99 3.89 46.30
N ILE NA 203 134.22 2.97 45.36
CA ILE NA 203 135.45 2.18 45.38
C ILE NA 203 136.52 2.75 44.46
N TYR NA 204 136.16 3.67 43.56
CA TYR NA 204 137.14 4.31 42.68
C TYR NA 204 136.96 5.82 42.81
N PRO NA 205 137.90 6.53 43.45
CA PRO NA 205 137.73 7.97 43.66
C PRO NA 205 137.68 8.77 42.36
N PHE NA 206 138.71 8.62 41.52
CA PHE NA 206 138.82 9.42 40.31
C PHE NA 206 137.96 8.90 39.17
N LEU NA 207 136.98 8.04 39.46
CA LEU NA 207 136.06 7.55 38.45
C LEU NA 207 134.72 8.28 38.48
N ALA NA 208 134.56 9.28 39.34
CA ALA NA 208 133.29 9.99 39.46
C ALA NA 208 133.19 11.19 38.54
N HIS NA 209 134.32 11.82 38.22
CA HIS NA 209 134.34 13.02 37.39
C HIS NA 209 134.38 12.70 35.90
N ASP NA 210 134.14 11.45 35.51
CA ASP NA 210 134.23 11.05 34.12
C ASP NA 210 132.85 10.81 33.54
N ASN NA 211 132.72 11.10 32.25
CA ASN NA 211 131.45 10.91 31.56
C ASN NA 211 131.12 9.43 31.45
N MET NA 212 129.83 9.12 31.43
CA MET NA 212 129.37 7.74 31.46
C MET NA 212 128.19 7.57 30.51
N PHE NA 213 128.25 6.53 29.69
CA PHE NA 213 127.12 6.13 28.87
C PHE NA 213 126.96 4.62 28.94
N THR NA 214 125.75 4.16 28.69
CA THR NA 214 125.41 2.74 28.85
C THR NA 214 124.98 2.15 27.52
N PHE NA 215 125.33 0.88 27.32
CA PHE NA 215 124.86 0.10 26.19
C PHE NA 215 124.57 -1.31 26.66
N THR NA 216 123.46 -1.86 26.19
CA THR NA 216 122.93 -3.12 26.71
C THR NA 216 123.04 -4.20 25.65
N LEU NA 217 123.38 -5.41 26.10
CA LEU NA 217 123.41 -6.60 25.26
C LEU NA 217 122.45 -7.63 25.82
N ASN NA 218 122.28 -8.72 25.07
CA ASN NA 218 121.43 -9.83 25.48
C ASN NA 218 122.23 -11.12 25.29
N ILE NA 219 122.78 -11.63 26.39
CA ILE NA 219 123.66 -12.79 26.36
C ILE NA 219 122.94 -13.96 27.02
N SER NA 220 122.84 -15.07 26.28
CA SER NA 220 122.22 -16.30 26.77
C SER NA 220 120.84 -16.04 27.36
N GLY NA 221 120.02 -15.31 26.61
CA GLY NA 221 118.70 -14.96 27.08
C GLY NA 221 118.67 -14.02 28.26
N THR NA 222 119.83 -13.53 28.71
CA THR NA 222 119.92 -12.62 29.83
C THR NA 222 120.52 -11.29 29.38
N LEU NA 223 120.13 -10.23 30.06
CA LEU NA 223 120.58 -8.88 29.74
C LEU NA 223 121.79 -8.51 30.56
N VAL NA 224 122.66 -7.68 29.99
CA VAL NA 224 123.83 -7.16 30.67
C VAL NA 224 123.94 -5.67 30.35
N THR NA 225 124.23 -4.87 31.37
CA THR NA 225 124.39 -3.44 31.22
C THR NA 225 125.82 -3.05 31.54
N TYR NA 226 126.45 -2.31 30.64
CA TYR NA 226 127.81 -1.84 30.82
C TYR NA 226 127.82 -0.36 31.17
N TYR NA 227 128.90 0.07 31.80
CA TYR NA 227 129.06 1.46 32.24
C TYR NA 227 130.44 1.94 31.77
N ALA NA 228 130.49 2.44 30.53
CA ALA NA 228 131.73 2.95 29.98
C ALA NA 228 132.01 4.32 30.56
N PHE NA 229 133.16 4.45 31.22
CA PHE NA 229 133.58 5.71 31.84
C PHE NA 229 134.77 6.27 31.07
N VAL NA 230 134.59 7.46 30.48
CA VAL NA 230 135.61 8.11 29.68
C VAL NA 230 135.97 9.43 30.35
N ASN NA 231 137.26 9.70 30.47
CA ASN NA 231 137.74 10.93 31.10
C ASN NA 231 138.45 11.85 30.12
N GLN NA 232 138.35 11.57 28.82
CA GLN NA 232 139.06 12.35 27.81
C GLN NA 232 138.41 12.07 26.47
N THR NA 233 138.01 13.13 25.78
CA THR NA 233 137.36 12.99 24.48
C THR NA 233 138.35 12.48 23.45
N PHE NA 234 138.22 11.21 23.06
CA PHE NA 234 139.12 10.62 22.07
C PHE NA 234 138.29 9.84 21.08
N ALA NA 235 138.96 9.30 20.06
CA ALA NA 235 138.29 8.54 19.01
C ALA NA 235 139.21 7.43 18.53
N PHE NA 236 138.61 6.34 18.09
CA PHE NA 236 139.37 5.18 17.64
C PHE NA 236 138.76 4.63 16.37
N THR NA 237 139.55 3.86 15.63
CA THR NA 237 139.12 3.22 14.41
C THR NA 237 139.41 1.72 14.50
N TYR NA 238 138.58 0.94 13.83
CA TYR NA 238 138.71 -0.51 13.83
C TYR NA 238 138.26 -1.04 12.48
N PRO NA 239 138.80 -2.18 12.03
CA PRO NA 239 138.36 -2.73 10.74
C PRO NA 239 136.95 -3.28 10.83
N VAL NA 240 136.21 -3.16 9.73
CA VAL NA 240 134.84 -3.65 9.71
C VAL NA 240 134.58 -4.47 8.45
N ALA NA 241 135.49 -4.40 7.49
CA ALA NA 241 135.33 -5.20 6.27
C ALA NA 241 136.63 -5.21 5.49
N GLY NA 242 137.00 -6.39 4.99
CA GLY NA 242 138.10 -6.53 4.05
C GLY NA 242 139.42 -5.96 4.51
N ASP NA 243 139.92 -6.44 5.65
CA ASP NA 243 141.20 -5.98 6.21
C ASP NA 243 142.11 -7.19 6.36
N PRO NA 244 142.85 -7.56 5.33
CA PRO NA 244 143.79 -8.67 5.47
C PRO NA 244 145.04 -8.26 6.23
N LEU NA 245 145.49 -7.02 6.02
CA LEU NA 245 146.66 -6.49 6.70
C LEU NA 245 146.26 -6.11 8.12
N ILE NA 246 146.20 -7.12 8.98
CA ILE NA 246 145.89 -6.92 10.39
C ILE NA 246 147.20 -6.76 11.15
N GLY NA 247 147.25 -5.79 12.05
CA GLY NA 247 148.45 -5.48 12.79
C GLY NA 247 149.39 -4.52 12.10
N SER NA 248 149.03 -4.00 10.93
CA SER NA 248 149.88 -3.09 10.18
C SER NA 248 149.40 -1.64 10.20
N ALA NA 249 148.22 -1.38 10.75
CA ALA NA 249 147.65 -0.02 10.79
C ALA NA 249 147.60 0.59 9.39
N ILE NA 250 147.05 -0.18 8.45
CA ILE NA 250 146.97 0.22 7.05
C ILE NA 250 145.63 -0.24 6.51
N ALA NA 251 144.89 0.67 5.87
CA ALA NA 251 143.61 0.33 5.27
C ALA NA 251 143.83 0.01 3.79
N PRO NA 252 143.72 -1.23 3.37
CA PRO NA 252 143.92 -1.55 1.96
C PRO NA 252 142.80 -1.01 1.09
N ALA NA 253 143.07 -0.94 -0.21
CA ALA NA 253 142.10 -0.39 -1.15
C ALA NA 253 140.85 -1.27 -1.18
N GLY NA 254 139.69 -0.63 -1.04
CA GLY NA 254 138.43 -1.32 -1.01
C GLY NA 254 137.94 -1.71 0.37
N SER NA 255 138.75 -1.51 1.40
CA SER NA 255 138.33 -1.87 2.75
C SER NA 255 137.28 -0.89 3.26
N VAL NA 256 136.78 -1.17 4.45
CA VAL NA 256 135.87 -0.29 5.17
C VAL NA 256 136.36 -0.18 6.61
N ILE NA 257 136.44 1.03 7.11
CA ILE NA 257 136.94 1.30 8.46
C ILE NA 257 135.83 1.97 9.25
N GLY NA 258 135.49 1.40 10.39
CA GLY NA 258 134.54 2.04 11.28
C GLY NA 258 135.24 2.98 12.23
N VAL NA 259 134.65 4.16 12.41
CA VAL NA 259 135.21 5.20 13.27
C VAL NA 259 134.18 5.58 14.30
N MET NA 260 134.61 5.70 15.55
CA MET NA 260 133.72 6.09 16.64
C MET NA 260 134.41 7.14 17.50
N ILE NA 261 133.73 8.25 17.72
CA ILE NA 261 134.24 9.34 18.56
C ILE NA 261 133.51 9.29 19.88
N LEU NA 262 134.27 9.28 20.98
CA LEU NA 262 133.72 9.22 22.32
C LEU NA 262 133.91 10.55 23.01
N PHE NA 263 132.84 11.04 23.64
CA PHE NA 263 132.84 12.34 24.30
C PHE NA 263 133.08 12.17 25.79
N GLY NA 264 134.04 12.91 26.32
CA GLY NA 264 134.38 12.82 27.72
C GLY NA 264 133.54 13.76 28.57
N PRO NA 265 134.10 14.23 29.67
CA PRO NA 265 133.37 15.18 30.51
C PRO NA 265 133.45 16.61 30.00
N ASP NA 266 134.55 16.93 29.31
CA ASP NA 266 134.77 18.30 28.87
C ASP NA 266 133.76 18.69 27.80
N LEU NA 267 133.66 17.90 26.74
CA LEU NA 267 132.79 18.20 25.60
C LEU NA 267 131.43 17.54 25.69
N GLY NA 268 131.35 16.36 26.30
CA GLY NA 268 130.10 15.61 26.33
C GLY NA 268 128.98 16.32 27.05
N SER NA 269 129.29 17.34 27.84
CA SER NA 269 128.27 18.05 28.61
C SER NA 269 127.46 19.03 27.76
N HIS NA 270 127.53 18.94 26.43
CA HIS NA 270 126.80 19.83 25.55
C HIS NA 270 126.15 19.02 24.44
N VAL NA 271 124.87 19.25 24.21
CA VAL NA 271 124.12 18.60 23.15
C VAL NA 271 124.00 19.57 21.99
N PHE NA 272 124.28 19.08 20.78
CA PHE NA 272 124.27 19.92 19.59
C PHE NA 272 122.86 20.00 19.03
N GLN NA 273 122.27 21.18 19.10
CA GLN NA 273 120.97 21.45 18.52
C GLN NA 273 121.03 22.78 17.78
N TYR NA 274 120.61 22.78 16.52
CA TYR NA 274 120.70 23.96 15.66
C TYR NA 274 122.14 24.43 15.53
N GLN NA 275 123.06 23.48 15.39
CA GLN NA 275 124.48 23.79 15.22
C GLN NA 275 125.03 23.13 13.97
N THR NA 276 126.35 23.19 13.80
CA THR NA 276 127.02 22.54 12.68
C THR NA 276 128.32 21.93 13.18
N ILE NA 277 128.47 20.62 12.97
CA ILE NA 277 129.61 19.86 13.46
C ILE NA 277 130.56 19.61 12.29
N THR NA 278 131.85 19.70 12.55
CA THR NA 278 132.88 19.49 11.54
C THR NA 278 133.88 18.45 12.04
N ILE NA 279 134.11 17.43 11.23
CA ILE NA 279 135.03 16.35 11.57
C ILE NA 279 135.90 16.08 10.36
N GLN NA 280 137.18 16.36 10.47
CA GLN NA 280 138.13 16.18 9.37
C GLN NA 280 139.10 15.06 9.71
N ILE NA 281 139.41 14.23 8.71
CA ILE NA 281 140.36 13.13 8.85
C ILE NA 281 141.46 13.37 7.83
N THR NA 282 142.64 13.78 8.30
CA THR NA 282 143.74 14.17 7.43
C THR NA 282 144.88 13.18 7.54
N PRO NA 283 145.03 12.26 6.59
CA PRO NA 283 146.18 11.34 6.63
C PRO NA 283 147.50 12.04 6.38
N ASN NA 284 148.60 11.28 6.40
CA ASN NA 284 149.91 11.89 6.17
C ASN NA 284 150.07 12.29 4.71
N ILE NA 285 149.59 11.47 3.79
CA ILE NA 285 149.59 11.81 2.37
C ILE NA 285 148.21 11.48 1.81
N GLY NA 286 147.71 12.34 0.94
CA GLY NA 286 146.38 12.20 0.40
C GLY NA 286 145.43 13.22 0.96
N SER NA 287 144.30 13.38 0.28
CA SER NA 287 143.36 14.42 0.63
C SER NA 287 142.63 14.08 1.91
N PRO NA 288 142.18 15.09 2.66
CA PRO NA 288 141.42 14.83 3.88
C PRO NA 288 139.98 14.47 3.59
N LEU NA 289 139.18 14.34 4.65
CA LEU NA 289 137.75 14.05 4.51
C LEU NA 289 137.02 14.91 5.52
N THR NA 290 136.36 15.96 5.06
CA THR NA 290 135.61 16.87 5.93
C THR NA 290 134.15 16.45 5.99
N ILE NA 291 133.61 16.41 7.19
CA ILE NA 291 132.23 15.99 7.42
C ILE NA 291 131.51 17.12 8.14
N SER NA 292 130.61 17.80 7.43
CA SER NA 292 129.83 18.90 7.97
C SER NA 292 128.35 18.55 7.90
N GLU NA 293 127.63 18.83 8.98
CA GLU NA 293 126.21 18.51 9.04
C GLU NA 293 125.50 19.55 9.90
N TYR NA 294 124.22 19.28 10.20
CA TYR NA 294 123.38 20.17 10.98
C TYR NA 294 122.43 19.31 11.80
N VAL NA 295 122.61 19.32 13.12
CA VAL NA 295 121.86 18.45 14.01
C VAL NA 295 120.65 19.22 14.53
N TYR NA 296 119.46 18.74 14.19
CA TYR NA 296 118.24 19.42 14.62
C TYR NA 296 117.82 19.02 16.02
N GLN NA 297 117.46 17.76 16.20
CA GLN NA 297 116.95 17.25 17.46
C GLN NA 297 117.26 15.77 17.56
N PRO NA 298 117.25 15.19 18.75
CA PRO NA 298 117.45 13.75 18.89
C PRO NA 298 116.15 12.97 18.86
N GLU NA 299 116.27 11.72 18.44
CA GLU NA 299 115.14 10.79 18.42
C GLU NA 299 115.67 9.38 18.70
N GLY NA 300 115.12 8.74 19.73
CA GLY NA 300 115.52 7.39 20.08
C GLY NA 300 116.91 7.25 20.65
N SER NA 301 117.53 8.36 21.09
CA SER NA 301 118.86 8.36 21.69
C SER NA 301 119.93 8.01 20.66
N VAL NA 302 119.52 7.66 19.44
CA VAL NA 302 120.44 7.40 18.35
C VAL NA 302 119.88 8.02 17.08
N SER NA 303 120.41 9.18 16.69
CA SER NA 303 119.95 9.86 15.50
C SER NA 303 120.69 9.35 14.27
N VAL NA 304 120.25 9.82 13.10
CA VAL NA 304 120.80 9.34 11.83
C VAL NA 304 121.49 10.52 11.13
N ILE NA 305 122.03 11.44 11.91
CA ILE NA 305 122.80 12.54 11.35
C ILE NA 305 123.68 13.17 12.44
N LEU OA 19 -17.79 -5.41 1.73
CA LEU OA 19 -18.79 -5.68 0.69
C LEU OA 19 -20.13 -6.07 1.29
N ALA OA 20 -21.16 -5.29 0.99
CA ALA OA 20 -22.51 -5.62 1.44
C ALA OA 20 -23.18 -6.65 0.53
N GLY OA 21 -22.53 -7.04 -0.56
CA GLY OA 21 -23.08 -8.03 -1.47
C GLY OA 21 -23.22 -9.40 -0.85
N LEU OA 22 -22.09 -9.98 -0.44
CA LEU OA 22 -22.12 -11.28 0.23
C LEU OA 22 -22.86 -11.19 1.55
N ASP OA 23 -22.75 -10.05 2.23
CA ASP OA 23 -23.45 -9.87 3.50
C ASP OA 23 -24.95 -9.99 3.33
N THR OA 24 -25.54 -9.10 2.52
CA THR OA 24 -26.98 -9.12 2.32
C THR OA 24 -27.43 -10.41 1.67
N ALA OA 25 -26.52 -11.16 1.05
CA ALA OA 25 -26.87 -12.44 0.46
C ALA OA 25 -27.32 -13.41 1.56
N ILE OA 26 -26.55 -13.49 2.64
CA ILE OA 26 -26.94 -14.37 3.74
C ILE OA 26 -28.14 -13.80 4.48
N ILE OA 27 -28.13 -12.49 4.74
CA ILE OA 27 -29.26 -11.86 5.40
C ILE OA 27 -30.54 -12.10 4.62
N LEU OA 28 -30.40 -12.24 3.29
CA LEU OA 28 -31.56 -12.57 2.47
C LEU OA 28 -32.02 -14.00 2.74
N ILE OA 29 -31.14 -14.98 2.52
CA ILE OA 29 -31.52 -16.38 2.65
C ILE OA 29 -31.91 -16.70 4.08
N ALA OA 30 -31.26 -16.04 5.06
CA ALA OA 30 -31.60 -16.28 6.45
C ALA OA 30 -33.00 -15.79 6.77
N PHE OA 31 -33.40 -14.64 6.20
CA PHE OA 31 -34.72 -14.12 6.46
C PHE OA 31 -35.79 -14.88 5.71
N ILE OA 32 -35.50 -15.31 4.47
CA ILE OA 32 -36.47 -16.11 3.73
C ILE OA 32 -36.78 -17.41 4.48
N ILE OA 33 -35.78 -17.94 5.19
CA ILE OA 33 -36.03 -19.10 6.05
C ILE OA 33 -37.06 -18.75 7.12
N THR OA 34 -36.91 -17.57 7.74
CA THR OA 34 -37.87 -17.14 8.75
C THR OA 34 -39.25 -16.99 8.14
N ALA OA 35 -39.34 -16.33 6.99
CA ALA OA 35 -40.65 -16.13 6.36
C ALA OA 35 -41.23 -17.45 5.89
N SER OA 36 -40.39 -18.38 5.43
CA SER OA 36 -40.90 -19.68 5.00
C SER OA 36 -41.53 -20.43 6.16
N VAL OA 37 -40.93 -20.36 7.35
CA VAL OA 37 -41.49 -21.05 8.50
C VAL OA 37 -42.77 -20.37 8.96
N LEU OA 38 -42.77 -19.03 9.01
CA LEU OA 38 -43.97 -18.30 9.38
C LEU OA 38 -45.12 -18.57 8.41
N ALA OA 39 -44.80 -18.76 7.13
CA ALA OA 39 -45.83 -19.15 6.17
C ALA OA 39 -46.33 -20.56 6.45
N TYR OA 40 -45.41 -21.49 6.71
CA TYR OA 40 -45.76 -22.88 6.95
C TYR OA 40 -46.67 -23.02 8.17
N VAL OA 41 -46.28 -22.42 9.30
CA VAL OA 41 -47.02 -22.62 10.53
C VAL OA 41 -48.31 -21.80 10.52
N ALA OA 42 -48.41 -20.78 9.67
CA ALA OA 42 -49.64 -19.99 9.61
C ALA OA 42 -50.75 -20.76 8.91
N ILE OA 43 -50.46 -21.29 7.72
CA ILE OA 43 -51.48 -22.03 6.99
C ILE OA 43 -51.84 -23.31 7.73
N ASN OA 44 -50.87 -23.91 8.43
CA ASN OA 44 -51.15 -25.13 9.18
C ASN OA 44 -52.18 -24.87 10.27
N MET OA 45 -52.11 -23.70 10.90
CA MET OA 45 -53.12 -23.33 11.87
C MET OA 45 -54.46 -23.09 11.20
N GLY OA 46 -54.46 -22.37 10.07
CA GLY OA 46 -55.72 -22.03 9.43
C GLY OA 46 -56.48 -23.26 8.95
N LEU OA 47 -55.78 -24.21 8.35
CA LEU OA 47 -56.45 -25.39 7.81
C LEU OA 47 -57.10 -26.20 8.92
N PHE OA 48 -56.54 -26.15 10.13
CA PHE OA 48 -57.12 -26.89 11.24
C PHE OA 48 -58.41 -26.23 11.72
N VAL OA 49 -58.40 -24.91 11.89
CA VAL OA 49 -59.55 -24.22 12.48
C VAL OA 49 -60.78 -24.41 11.61
N THR OA 50 -60.63 -24.21 10.30
CA THR OA 50 -61.78 -24.36 9.40
C THR OA 50 -62.34 -25.77 9.46
N GLN OA 51 -61.47 -26.78 9.52
CA GLN OA 51 -61.96 -28.14 9.66
C GLN OA 51 -62.58 -28.35 11.03
N LYS OA 52 -61.96 -27.80 12.08
CA LYS OA 52 -62.53 -27.91 13.42
C LYS OA 52 -63.87 -27.19 13.50
N ALA OA 53 -63.99 -26.04 12.85
CA ALA OA 53 -65.26 -25.32 12.83
C ALA OA 53 -66.33 -26.11 12.10
N LYS OA 54 -65.97 -26.73 10.97
CA LYS OA 54 -66.96 -27.40 10.13
C LYS OA 54 -67.68 -28.50 10.89
N SER OA 55 -66.93 -29.38 11.54
CA SER OA 55 -67.55 -30.47 12.27
C SER OA 55 -68.45 -29.94 13.39
N THR OA 56 -68.01 -28.88 14.06
CA THR OA 56 -68.80 -28.34 15.16
C THR OA 56 -70.06 -27.66 14.67
N ILE OA 57 -70.03 -27.04 13.49
CA ILE OA 57 -71.26 -26.50 12.92
C ILE OA 57 -72.13 -27.62 12.38
N ASN OA 58 -71.52 -28.65 11.79
CA ASN OA 58 -72.27 -29.81 11.33
C ASN OA 58 -72.97 -30.49 12.51
N LYS OA 59 -72.25 -30.66 13.63
CA LYS OA 59 -72.86 -31.29 14.78
C LYS OA 59 -73.95 -30.40 15.38
N GLY OA 60 -73.75 -29.08 15.37
CA GLY OA 60 -74.79 -28.19 15.84
C GLY OA 60 -76.03 -28.25 14.97
N GLU OA 61 -75.89 -28.65 13.72
CA GLU OA 61 -77.06 -28.79 12.85
C GLU OA 61 -77.88 -30.02 13.22
N GLU OA 62 -77.20 -31.13 13.53
CA GLU OA 62 -77.91 -32.36 13.86
C GLU OA 62 -78.72 -32.22 15.14
N THR OA 63 -78.30 -31.34 16.04
CA THR OA 63 -79.01 -31.16 17.30
C THR OA 63 -80.44 -30.68 17.08
N ALA OA 64 -80.64 -29.75 16.14
CA ALA OA 64 -81.95 -29.16 15.93
C ALA OA 64 -82.94 -30.10 15.25
N SER OA 65 -82.54 -31.32 14.91
CA SER OA 65 -83.38 -32.23 14.15
C SER OA 65 -83.72 -33.50 14.92
N THR OA 66 -84.05 -33.38 16.20
CA THR OA 66 -84.46 -34.55 16.98
C THR OA 66 -85.98 -34.71 17.00
N ALA OA 67 -86.68 -33.73 17.57
CA ALA OA 67 -88.12 -33.56 17.37
C ALA OA 67 -88.92 -34.81 17.78
N LEU OA 68 -88.92 -35.07 19.08
CA LEU OA 68 -89.73 -36.13 19.67
C LEU OA 68 -91.06 -35.57 20.18
N THR OA 69 -92.13 -36.35 19.99
CA THR OA 69 -93.48 -35.89 20.35
C THR OA 69 -94.20 -36.98 21.12
N LEU OA 70 -95.48 -36.72 21.42
CA LEU OA 70 -96.35 -37.64 22.14
C LEU OA 70 -97.46 -38.11 21.21
N SER OA 71 -97.76 -39.41 21.25
CA SER OA 71 -98.83 -40.01 20.48
C SER OA 71 -99.77 -40.78 21.41
N GLY OA 72 -100.85 -41.30 20.83
CA GLY OA 72 -101.78 -42.11 21.60
C GLY OA 72 -102.46 -41.30 22.67
N SER OA 73 -102.40 -41.81 23.91
CA SER OA 73 -103.01 -41.14 25.05
C SER OA 73 -102.17 -41.47 26.29
N VAL OA 74 -102.62 -40.96 27.42
CA VAL OA 74 -101.95 -41.19 28.71
C VAL OA 74 -102.96 -41.93 29.58
N LEU OA 75 -102.88 -43.25 29.59
CA LEU OA 75 -103.76 -44.05 30.42
C LEU OA 75 -103.29 -44.04 31.86
N TYR OA 76 -104.17 -44.48 32.76
CA TYR OA 76 -103.87 -44.49 34.18
C TYR OA 76 -104.85 -45.42 34.87
N ALA OA 77 -104.34 -46.44 35.56
CA ALA OA 77 -105.17 -47.46 36.17
C ALA OA 77 -104.85 -47.57 37.65
N VAL OA 78 -105.90 -47.67 38.47
CA VAL OA 78 -105.78 -47.82 39.91
C VAL OA 78 -106.88 -48.76 40.38
N ASN OA 79 -106.79 -49.14 41.65
CA ASN OA 79 -107.84 -49.94 42.27
C ASN OA 79 -109.13 -49.12 42.33
N TYR OA 80 -110.11 -49.49 41.50
CA TYR OA 80 -111.28 -48.63 41.35
C TYR OA 80 -112.15 -48.56 42.60
N PRO OA 81 -112.59 -49.68 43.21
CA PRO OA 81 -113.51 -49.56 44.35
C PRO OA 81 -112.96 -48.71 45.48
N SER OA 82 -111.78 -49.07 45.98
CA SER OA 82 -111.09 -48.30 47.01
C SER OA 82 -109.91 -47.61 46.35
N ASN OA 83 -110.11 -46.35 45.96
CA ASN OA 83 -109.06 -45.61 45.27
C ASN OA 83 -107.95 -45.23 46.25
N THR OA 84 -107.13 -46.21 46.61
CA THR OA 84 -106.08 -46.01 47.59
C THR OA 84 -104.67 -46.27 47.06
N ARG OA 85 -104.53 -47.11 46.03
CA ARG OA 85 -103.22 -47.49 45.52
C ARG OA 85 -103.11 -47.16 44.04
N SER OA 86 -101.92 -46.74 43.63
CA SER OA 86 -101.63 -46.43 42.23
C SER OA 86 -100.73 -47.51 41.67
N TYR OA 87 -101.10 -48.04 40.51
CA TYR OA 87 -100.43 -49.22 39.95
C TYR OA 87 -99.43 -48.85 38.85
N TRP OA 88 -99.90 -48.23 37.77
CA TRP OA 88 -99.01 -48.01 36.63
C TRP OA 88 -99.54 -46.89 35.75
N ILE OA 89 -98.63 -46.36 34.93
CA ILE OA 89 -98.92 -45.33 33.94
C ILE OA 89 -98.26 -45.75 32.64
N TYR OA 90 -99.02 -45.75 31.55
CA TYR OA 90 -98.51 -46.20 30.25
C TYR OA 90 -98.98 -45.24 29.17
N PHE OA 91 -98.04 -44.68 28.45
CA PHE OA 91 -98.33 -43.80 27.32
C PHE OA 91 -97.31 -44.05 26.23
N THR OA 92 -97.77 -44.02 24.98
CA THR OA 92 -96.87 -44.23 23.85
C THR OA 92 -96.27 -42.91 23.41
N VAL OA 93 -95.04 -42.98 22.88
CA VAL OA 93 -94.27 -41.81 22.50
C VAL OA 93 -93.61 -42.10 21.17
N SER OA 94 -93.82 -41.22 20.20
CA SER OA 94 -93.32 -41.39 18.85
C SER OA 94 -92.50 -40.19 18.43
N PRO OA 95 -91.61 -40.35 17.44
CA PRO OA 95 -91.03 -39.19 16.80
C PRO OA 95 -92.10 -38.34 16.13
N SER OA 96 -91.76 -37.07 15.91
CA SER OA 96 -92.74 -36.13 15.38
C SER OA 96 -93.09 -36.45 13.94
N SER OA 97 -92.08 -36.47 13.07
CA SER OA 97 -92.29 -36.71 11.66
C SER OA 97 -91.00 -37.33 11.10
N GLY OA 98 -90.93 -37.43 9.78
CA GLY OA 98 -89.77 -38.02 9.15
C GLY OA 98 -88.58 -37.09 9.10
N VAL OA 99 -87.95 -36.87 10.25
CA VAL OA 99 -86.79 -35.99 10.36
C VAL OA 99 -85.50 -36.79 10.58
N SER OA 100 -85.50 -37.70 11.55
CA SER OA 100 -84.32 -38.49 11.89
C SER OA 100 -84.73 -39.48 12.98
N SER OA 101 -83.78 -40.34 13.33
CA SER OA 101 -83.98 -41.29 14.42
C SER OA 101 -83.59 -40.66 15.74
N VAL OA 102 -84.38 -40.92 16.77
CA VAL OA 102 -84.14 -40.37 18.09
C VAL OA 102 -83.66 -41.49 19.01
N GLU OA 103 -82.85 -41.14 19.98
CA GLU OA 103 -82.26 -42.09 20.92
C GLU OA 103 -83.14 -42.23 22.15
N LEU OA 104 -83.41 -43.48 22.52
CA LEU OA 104 -84.19 -43.78 23.72
C LEU OA 104 -83.48 -44.73 24.66
N SER OA 105 -82.16 -44.87 24.56
CA SER OA 105 -81.44 -45.80 25.40
C SER OA 105 -81.59 -45.42 26.88
N PRO OA 106 -81.81 -46.39 27.77
CA PRO OA 106 -82.01 -46.04 29.18
C PRO OA 106 -80.74 -45.59 29.87
N SER OA 107 -79.60 -45.66 29.20
CA SER OA 107 -78.35 -45.20 29.79
C SER OA 107 -78.14 -43.71 29.57
N THR OA 108 -78.68 -43.17 28.49
CA THR OA 108 -78.51 -41.76 28.17
C THR OA 108 -79.86 -41.07 27.99
N THR OA 109 -80.78 -41.32 28.91
CA THR OA 109 -82.08 -40.67 28.88
C THR OA 109 -82.62 -40.61 30.30
N ALA OA 110 -83.35 -39.54 30.61
CA ALA OA 110 -83.88 -39.31 31.95
C ALA OA 110 -85.39 -39.13 31.86
N ILE OA 111 -86.11 -39.87 32.69
CA ILE OA 111 -87.56 -39.72 32.84
C ILE OA 111 -87.82 -39.29 34.26
N SER OA 112 -88.34 -38.08 34.44
CA SER OA 112 -88.55 -37.49 35.75
C SER OA 112 -90.04 -37.40 36.03
N PHE OA 113 -90.46 -37.99 37.14
CA PHE OA 113 -91.84 -37.95 37.59
C PHE OA 113 -91.92 -37.10 38.85
N THR OA 114 -92.89 -36.19 38.90
CA THR OA 114 -93.04 -35.32 40.05
C THR OA 114 -94.49 -34.85 40.17
N ALA OA 115 -94.92 -34.63 41.41
CA ALA OA 115 -96.24 -34.11 41.71
C ALA OA 115 -96.08 -33.01 42.75
N SER OA 116 -96.32 -31.77 42.35
CA SER OA 116 -96.05 -30.63 43.23
C SER OA 116 -96.98 -30.62 44.43
N ALA OA 117 -98.22 -31.10 44.26
CA ALA OA 117 -99.22 -31.00 45.30
C ALA OA 117 -98.90 -31.87 46.52
N GLU OA 118 -97.91 -32.75 46.43
CA GLU OA 118 -97.56 -33.62 47.55
C GLU OA 118 -96.06 -33.70 47.81
N GLY OA 119 -95.26 -32.88 47.12
CA GLY OA 119 -93.85 -32.81 47.43
C GLY OA 119 -93.03 -34.01 47.05
N ILE OA 120 -93.24 -34.56 45.85
CA ILE OA 120 -92.44 -35.66 45.34
C ILE OA 120 -91.76 -35.21 44.07
N SER OA 121 -90.52 -35.66 43.86
CA SER OA 121 -89.76 -35.29 42.68
C SER OA 121 -88.73 -36.38 42.42
N TYR OA 122 -89.02 -37.23 41.45
CA TYR OA 122 -88.09 -38.29 41.06
C TYR OA 122 -87.37 -37.91 39.79
N SER OA 123 -86.13 -38.38 39.66
CA SER OA 123 -85.31 -38.12 38.49
C SER OA 123 -84.71 -39.43 38.00
N ASN OA 124 -84.78 -39.66 36.70
CA ASN OA 124 -84.16 -40.83 36.05
C ASN OA 124 -84.70 -42.14 36.64
N ILE OA 125 -85.99 -42.35 36.42
CA ILE OA 125 -86.63 -43.60 36.78
C ILE OA 125 -86.62 -44.52 35.56
N TYR OA 126 -85.79 -44.18 34.59
CA TYR OA 126 -85.69 -44.92 33.33
C TYR OA 126 -84.57 -45.95 33.49
N GLU OA 127 -84.93 -47.22 33.57
CA GLU OA 127 -83.96 -48.27 33.85
C GLU OA 127 -83.80 -49.27 32.71
N TYR OA 128 -84.89 -49.89 32.27
CA TYR OA 128 -84.80 -51.00 31.33
C TYR OA 128 -85.57 -50.69 30.05
N THR OA 129 -85.24 -51.43 29.00
CA THR OA 129 -86.00 -51.41 27.76
C THR OA 129 -86.12 -52.82 27.23
N LEU OA 130 -87.11 -53.03 26.36
CA LEU OA 130 -87.26 -54.29 25.63
C LEU OA 130 -86.84 -54.16 24.17
N LEU OA 131 -86.32 -52.99 23.76
CA LEU OA 131 -85.83 -52.84 22.41
C LEU OA 131 -84.57 -53.64 22.16
N THR OA 132 -83.74 -53.83 23.20
CA THR OA 132 -82.46 -54.48 23.02
C THR OA 132 -82.58 -55.98 22.85
N VAL OA 133 -83.59 -56.60 23.44
CA VAL OA 133 -83.72 -58.05 23.42
C VAL OA 133 -84.21 -58.50 22.05
N SER OA 134 -83.61 -59.58 21.54
CA SER OA 134 -84.03 -60.13 20.26
C SER OA 134 -85.18 -61.13 20.47
N PRO OA 135 -86.13 -61.18 19.55
CA PRO OA 135 -87.28 -62.09 19.73
C PRO OA 135 -86.92 -63.56 19.63
N SER OA 136 -85.72 -63.89 19.18
CA SER OA 136 -85.34 -65.30 19.05
C SER OA 136 -85.28 -65.99 20.40
N GLU OA 137 -84.48 -65.45 21.32
CA GLU OA 137 -84.33 -66.09 22.63
C GLU OA 137 -85.60 -66.03 23.44
N LEU OA 138 -86.44 -65.02 23.22
CA LEU OA 138 -87.66 -64.86 23.98
C LEU OA 138 -88.80 -65.74 23.46
N ALA OA 139 -88.60 -66.39 22.31
CA ALA OA 139 -89.71 -67.01 21.59
C ALA OA 139 -90.36 -68.13 22.40
N ASN OA 140 -89.55 -68.99 23.01
CA ASN OA 140 -90.07 -70.26 23.53
C ASN OA 140 -90.33 -70.25 25.04
N GLN OA 141 -89.38 -69.79 25.84
CA GLN OA 141 -89.45 -70.04 27.27
C GLN OA 141 -90.50 -69.22 27.99
N VAL OA 142 -91.77 -69.52 27.73
CA VAL OA 142 -92.87 -69.08 28.59
C VAL OA 142 -94.01 -70.08 28.42
N TYR OA 143 -94.49 -70.64 29.51
CA TYR OA 143 -95.45 -71.75 29.48
C TYR OA 143 -96.69 -71.36 30.28
N ALA OA 144 -97.80 -71.13 29.58
CA ALA OA 144 -99.06 -70.84 30.27
C ALA OA 144 -99.76 -72.14 30.65
N ASN OA 145 -100.15 -72.93 29.68
CA ASN OA 145 -100.82 -74.21 29.93
C ASN OA 145 -100.77 -75.03 28.66
N GLY OA 146 -100.17 -76.22 28.73
CA GLY OA 146 -100.12 -77.11 27.58
C GLY OA 146 -99.13 -76.66 26.52
N GLN OA 147 -99.27 -75.41 26.07
CA GLN OA 147 -98.47 -74.88 24.98
C GLN OA 147 -97.85 -73.55 25.39
N TYR OA 148 -96.71 -73.24 24.78
CA TYR OA 148 -96.02 -71.99 25.04
C TYR OA 148 -96.64 -70.87 24.21
N LEU OA 149 -97.17 -69.86 24.89
CA LEU OA 149 -97.77 -68.73 24.20
C LEU OA 149 -96.69 -67.76 23.75
N ASP OA 150 -96.89 -67.17 22.58
CA ASP OA 150 -95.91 -66.28 21.98
C ASP OA 150 -96.30 -64.84 22.26
N LEU OA 151 -95.40 -64.10 22.91
CA LEU OA 151 -95.68 -62.71 23.25
C LEU OA 151 -95.28 -61.77 22.11
N VAL OA 152 -94.09 -61.95 21.57
CA VAL OA 152 -93.58 -61.04 20.55
C VAL OA 152 -94.21 -61.36 19.21
N ASN OA 153 -94.51 -60.31 18.44
CA ASN OA 153 -94.98 -60.46 17.07
C ASN OA 153 -93.92 -59.90 16.13
N GLN OA 154 -94.04 -60.25 14.85
CA GLN OA 154 -93.05 -59.81 13.87
C GLN OA 154 -93.65 -59.90 12.48
N GLN OA 155 -93.13 -59.06 11.58
CA GLN OA 155 -93.51 -59.03 10.18
C GLN OA 155 -92.25 -58.98 9.33
N THR OA 156 -92.46 -58.89 8.01
CA THR OA 156 -91.36 -58.72 7.07
C THR OA 156 -91.88 -57.99 5.85
N ASN OA 157 -91.11 -57.01 5.38
CA ASN OA 157 -91.49 -56.19 4.24
C ASN OA 157 -90.28 -55.40 3.76
N ALA OA 158 -90.16 -55.27 2.44
CA ALA OA 158 -89.07 -54.51 1.83
C ALA OA 158 -87.70 -55.00 2.27
N GLY OA 159 -87.59 -56.30 2.55
CA GLY OA 159 -86.33 -56.89 2.96
C GLY OA 159 -85.97 -56.68 4.42
N GLN OA 160 -86.77 -55.96 5.18
CA GLN OA 160 -86.49 -55.69 6.59
C GLN OA 160 -87.61 -56.27 7.44
N THR OA 161 -87.25 -56.95 8.52
CA THR OA 161 -88.21 -57.51 9.45
C THR OA 161 -88.61 -56.47 10.48
N TYR OA 162 -89.81 -56.63 11.04
CA TYR OA 162 -90.34 -55.72 12.03
C TYR OA 162 -90.63 -56.47 13.32
N VAL OA 163 -90.72 -55.71 14.42
CA VAL OA 163 -90.99 -56.28 15.74
C VAL OA 163 -91.88 -55.32 16.50
N TYR OA 164 -92.94 -55.86 17.12
CA TYR OA 164 -93.82 -55.07 17.95
C TYR OA 164 -94.42 -55.98 19.01
N TYR OA 165 -95.07 -55.36 20.00
CA TYR OA 165 -95.71 -56.08 21.07
C TYR OA 165 -97.20 -55.77 21.10
N PRO OA 166 -98.05 -56.77 21.29
CA PRO OA 166 -99.50 -56.52 21.19
C PRO OA 166 -100.12 -55.96 22.45
N ASN OA 167 -99.54 -56.21 23.62
CA ASN OA 167 -100.17 -55.82 24.87
C ASN OA 167 -99.12 -55.36 25.86
N PRO OA 168 -99.46 -54.42 26.74
CA PRO OA 168 -98.59 -54.15 27.88
C PRO OA 168 -98.45 -55.35 28.80
N TYR OA 169 -99.43 -56.26 28.78
CA TYR OA 169 -99.34 -57.46 29.60
C TYR OA 169 -98.34 -58.45 29.01
N TYR OA 170 -98.48 -58.76 27.71
CA TYR OA 170 -97.49 -59.60 27.06
C TYR OA 170 -96.12 -58.95 27.11
N ALA OA 171 -96.06 -57.62 27.04
CA ALA OA 171 -94.79 -56.92 27.19
C ALA OA 171 -94.30 -57.01 28.63
N LEU OA 172 -95.22 -57.06 29.60
CA LEU OA 172 -94.82 -57.22 30.99
C LEU OA 172 -94.21 -58.60 31.22
N LEU OA 173 -94.90 -59.64 30.77
CA LEU OA 173 -94.37 -60.99 30.95
C LEU OA 173 -93.03 -61.16 30.26
N ALA OA 174 -92.89 -60.62 29.05
CA ALA OA 174 -91.60 -60.64 28.38
C ALA OA 174 -90.55 -59.92 29.21
N LEU OA 175 -90.97 -58.90 29.97
CA LEU OA 175 -90.03 -58.20 30.83
C LEU OA 175 -89.70 -59.03 32.06
N ASN OA 176 -90.65 -59.84 32.53
CA ASN OA 176 -90.40 -60.69 33.68
C ASN OA 176 -89.30 -61.70 33.39
N TYR OA 177 -89.33 -62.30 32.20
CA TYR OA 177 -88.34 -63.31 31.87
C TYR OA 177 -86.98 -62.69 31.60
N THR OA 178 -86.94 -61.59 30.86
CA THR OA 178 -85.66 -61.05 30.43
C THR OA 178 -84.83 -60.56 31.60
N LEU OA 179 -85.47 -60.05 32.66
CA LEU OA 179 -84.71 -59.66 33.83
C LEU OA 179 -84.20 -60.86 34.62
N SER OA 180 -84.87 -62.01 34.48
CA SER OA 180 -84.48 -63.18 35.24
C SER OA 180 -83.26 -63.87 34.61
N LYS OA 181 -83.19 -63.89 33.28
CA LYS OA 181 -82.17 -64.68 32.61
C LYS OA 181 -81.26 -63.89 31.69
N ILE OA 182 -81.79 -62.93 30.93
CA ILE OA 182 -80.98 -62.28 29.91
C ILE OA 182 -79.93 -61.37 30.54
N ASP OA 183 -80.37 -60.35 31.27
CA ASP OA 183 -79.45 -59.41 31.91
C ASP OA 183 -79.40 -59.74 33.40
N LYS OA 184 -78.34 -60.44 33.80
CA LYS OA 184 -78.19 -60.88 35.18
C LYS OA 184 -78.16 -59.70 36.13
N VAL OA 185 -79.16 -59.63 37.01
CA VAL OA 185 -79.20 -58.64 38.08
C VAL OA 185 -79.54 -59.36 39.37
N SER OA 186 -78.92 -58.94 40.47
CA SER OA 186 -79.19 -59.59 41.74
C SER OA 186 -80.53 -59.13 42.31
N PRO OA 187 -80.90 -57.83 42.27
CA PRO OA 187 -82.25 -57.46 42.67
C PRO OA 187 -83.21 -57.47 41.50
N SER OA 188 -84.32 -58.19 41.61
CA SER OA 188 -85.33 -58.21 40.58
C SER OA 188 -86.38 -57.17 40.90
N PRO OA 189 -86.42 -56.03 40.19
CA PRO OA 189 -87.42 -55.00 40.52
C PRO OA 189 -88.85 -55.43 40.26
N LEU OA 190 -89.05 -56.45 39.42
CA LEU OA 190 -90.38 -56.96 39.14
C LEU OA 190 -90.35 -58.48 39.20
N TYR OA 191 -91.41 -59.06 39.75
CA TYR OA 191 -91.52 -60.51 39.86
C TYR OA 191 -92.99 -60.88 39.65
N ILE OA 192 -93.32 -61.32 38.44
CA ILE OA 192 -94.67 -61.69 38.09
C ILE OA 192 -94.81 -63.19 38.21
N THR OA 193 -95.70 -63.64 39.09
CA THR OA 193 -95.89 -65.06 39.36
C THR OA 193 -97.36 -65.39 39.33
N THR OA 194 -97.65 -66.69 39.19
CA THR OA 194 -99.01 -67.19 39.16
C THR OA 194 -99.48 -67.74 40.49
N THR OA 195 -98.59 -67.87 41.48
CA THR OA 195 -98.99 -68.36 42.79
C THR OA 195 -99.83 -67.31 43.50
N THR OA 196 -100.69 -67.78 44.40
CA THR OA 196 -101.54 -66.88 45.15
C THR OA 196 -100.68 -65.90 45.95
N PRO OA 197 -101.08 -64.65 46.08
CA PRO OA 197 -100.25 -63.67 46.80
C PRO OA 197 -99.91 -64.10 48.21
N SER OA 198 -100.83 -64.78 48.90
CA SER OA 198 -100.52 -65.33 50.21
C SER OA 198 -99.41 -66.36 50.13
N SER OA 199 -99.47 -67.24 49.14
CA SER OA 199 -98.43 -68.24 48.96
C SER OA 199 -97.09 -67.59 48.63
N ALA OA 200 -97.12 -66.51 47.85
CA ALA OA 200 -95.89 -65.81 47.52
C ALA OA 200 -95.22 -65.25 48.77
N THR OA 201 -96.02 -64.78 49.73
CA THR OA 201 -95.46 -64.29 50.99
C THR OA 201 -94.80 -65.42 51.77
N GLN OA 202 -95.33 -66.63 51.66
CA GLN OA 202 -94.78 -67.75 52.40
C GLN OA 202 -93.47 -68.22 51.80
N ILE OA 203 -93.40 -68.32 50.47
CA ILE OA 203 -92.19 -68.83 49.84
C ILE OA 203 -91.09 -67.78 49.86
N TYR OA 204 -91.45 -66.50 49.78
CA TYR OA 204 -90.49 -65.41 49.82
C TYR OA 204 -90.99 -64.36 50.79
N PRO OA 205 -90.24 -64.06 51.86
CA PRO OA 205 -90.73 -63.10 52.86
C PRO OA 205 -90.81 -61.68 52.34
N PHE OA 206 -89.76 -61.20 51.69
CA PHE OA 206 -89.64 -59.80 51.32
C PHE OA 206 -90.54 -59.42 50.15
N LEU OA 207 -91.44 -60.31 49.71
CA LEU OA 207 -92.39 -59.98 48.66
C LEU OA 207 -93.67 -59.36 49.20
N ALA OA 208 -93.66 -58.88 50.43
CA ALA OA 208 -94.85 -58.31 51.05
C ALA OA 208 -94.85 -56.78 51.07
N HIS OA 209 -93.68 -56.16 51.01
CA HIS OA 209 -93.62 -54.70 51.03
C HIS OA 209 -94.03 -54.10 49.70
N ASP OA 210 -93.83 -54.82 48.60
CA ASP OA 210 -94.14 -54.30 47.28
C ASP OA 210 -95.65 -54.18 47.10
N ASN OA 211 -96.04 -53.43 46.07
CA ASN OA 211 -97.45 -53.25 45.73
C ASN OA 211 -97.84 -54.25 44.66
N MET OA 212 -98.99 -54.90 44.86
CA MET OA 212 -99.45 -55.97 44.00
C MET OA 212 -100.60 -55.50 43.13
N PHE OA 213 -100.56 -55.86 41.86
CA PHE OA 213 -101.68 -55.65 40.96
C PHE OA 213 -101.71 -56.79 39.96
N THR OA 214 -102.92 -57.25 39.65
CA THR OA 214 -103.12 -58.47 38.88
C THR OA 214 -103.63 -58.16 37.48
N PHE OA 215 -103.36 -59.07 36.56
CA PHE OA 215 -103.91 -59.02 35.20
C PHE OA 215 -104.22 -60.44 34.77
N THR OA 216 -105.49 -60.75 34.58
CA THR OA 216 -105.93 -62.08 34.23
C THR OA 216 -105.97 -62.24 32.71
N LEU OA 217 -105.76 -63.47 32.26
CA LEU OA 217 -105.72 -63.77 30.83
C LEU OA 217 -106.58 -64.99 30.51
N ASN OA 218 -106.49 -65.48 29.27
CA ASN OA 218 -107.26 -66.64 28.85
C ASN OA 218 -106.43 -67.39 27.81
N ILE OA 219 -105.78 -68.47 28.23
CA ILE OA 219 -104.94 -69.29 27.37
C ILE OA 219 -105.47 -70.72 27.42
N SER OA 220 -105.58 -71.35 26.25
CA SER OA 220 -105.99 -72.75 26.13
C SER OA 220 -107.35 -73.00 26.76
N GLY OA 221 -108.17 -71.95 26.87
CA GLY OA 221 -109.52 -72.10 27.37
C GLY OA 221 -109.67 -72.09 28.87
N THR OA 222 -108.59 -71.89 29.63
CA THR OA 222 -108.66 -71.82 31.08
C THR OA 222 -108.27 -70.41 31.52
N LEU OA 223 -109.04 -69.86 32.46
CA LEU OA 223 -108.80 -68.51 32.95
C LEU OA 223 -107.59 -68.52 33.87
N VAL OA 224 -106.47 -67.98 33.39
CA VAL OA 224 -105.22 -67.94 34.14
C VAL OA 224 -105.03 -66.53 34.68
N THR OA 225 -104.65 -66.44 35.94
CA THR OA 225 -104.39 -65.17 36.60
C THR OA 225 -102.90 -64.97 36.81
N TYR OA 226 -102.52 -63.73 37.08
CA TYR OA 226 -101.12 -63.37 37.29
C TYR OA 226 -101.06 -62.29 38.35
N TYR OA 227 -99.92 -62.19 39.02
CA TYR OA 227 -99.70 -61.20 40.05
C TYR OA 227 -98.34 -60.56 39.84
N ALA OA 228 -98.27 -59.25 40.08
CA ALA OA 228 -97.05 -58.48 39.84
C ALA OA 228 -96.68 -57.72 41.09
N PHE OA 229 -95.37 -57.68 41.38
CA PHE OA 229 -94.85 -57.03 42.58
C PHE OA 229 -93.70 -56.11 42.17
N VAL OA 230 -93.84 -54.83 42.48
CA VAL OA 230 -92.85 -53.82 42.13
C VAL OA 230 -92.30 -53.22 43.42
N ASN OA 231 -90.97 -53.25 43.56
CA ASN OA 231 -90.33 -52.76 44.77
C ASN OA 231 -89.76 -51.36 44.62
N GLN OA 232 -89.68 -50.82 43.40
CA GLN OA 232 -89.15 -49.49 43.18
C GLN OA 232 -89.74 -48.93 41.89
N THR OA 233 -90.09 -47.65 41.92
CA THR OA 233 -90.70 -47.01 40.76
C THR OA 233 -89.69 -46.93 39.63
N PHE OA 234 -89.98 -47.60 38.51
CA PHE OA 234 -89.11 -47.59 37.35
C PHE OA 234 -89.98 -47.52 36.10
N ALA OA 235 -89.32 -47.44 34.94
CA ALA OA 235 -90.03 -47.28 33.68
C ALA OA 235 -89.26 -48.02 32.59
N PHE OA 236 -89.99 -48.57 31.64
CA PHE OA 236 -89.40 -49.32 30.55
C PHE OA 236 -90.10 -48.97 29.24
N THR OA 237 -89.50 -49.41 28.14
CA THR OA 237 -90.03 -49.17 26.81
C THR OA 237 -90.04 -50.47 26.02
N TYR OA 238 -90.93 -50.52 25.03
CA TYR OA 238 -91.06 -51.68 24.16
C TYR OA 238 -91.63 -51.21 22.83
N PRO OA 239 -91.15 -51.74 21.71
CA PRO OA 239 -91.62 -51.26 20.41
C PRO OA 239 -93.09 -51.60 20.21
N VAL OA 240 -93.81 -50.69 19.57
CA VAL OA 240 -95.25 -50.88 19.36
C VAL OA 240 -95.57 -50.89 17.88
N ALA OA 241 -94.78 -50.19 17.07
CA ALA OA 241 -95.05 -50.13 15.65
C ALA OA 241 -93.81 -49.66 14.90
N GLY OA 242 -93.67 -50.16 13.67
CA GLY OA 242 -92.66 -49.69 12.75
C GLY OA 242 -91.27 -49.53 13.31
N ASP OA 243 -90.78 -50.56 14.02
CA ASP OA 243 -89.46 -50.55 14.63
C ASP OA 243 -88.65 -51.70 14.04
N PRO OA 244 -88.13 -51.55 12.82
CA PRO OA 244 -87.26 -52.58 12.26
C PRO OA 244 -85.91 -52.68 12.95
N LEU OA 245 -85.62 -51.79 13.88
CA LEU OA 245 -84.31 -51.76 14.55
C LEU OA 245 -84.44 -52.42 15.92
N ILE OA 246 -84.47 -53.74 15.90
CA ILE OA 246 -84.47 -54.50 17.15
C ILE OA 246 -83.04 -54.62 17.66
N GLY OA 247 -82.88 -54.48 18.97
CA GLY OA 247 -81.57 -54.53 19.60
C GLY OA 247 -80.80 -53.22 19.58
N SER OA 248 -81.22 -52.27 18.77
CA SER OA 248 -80.49 -51.01 18.63
C SER OA 248 -80.95 -49.93 19.60
N ALA OA 249 -82.22 -49.97 20.01
CA ALA OA 249 -82.78 -48.99 20.95
C ALA OA 249 -82.65 -47.57 20.42
N ILE OA 250 -82.99 -47.39 19.15
CA ILE OA 250 -83.01 -46.08 18.50
C ILE OA 250 -84.30 -46.00 17.70
N ALA OA 251 -85.25 -45.21 18.17
CA ALA OA 251 -86.53 -45.11 17.51
C ALA OA 251 -86.36 -44.47 16.14
N PRO OA 252 -86.68 -45.16 15.06
CA PRO OA 252 -86.54 -44.58 13.72
C PRO OA 252 -87.63 -43.57 13.45
N ALA OA 253 -87.53 -42.92 12.29
CA ALA OA 253 -88.46 -41.86 11.94
C ALA OA 253 -89.87 -42.42 11.78
N GLY OA 254 -90.84 -41.72 12.38
CA GLY OA 254 -92.23 -42.11 12.28
C GLY OA 254 -92.62 -43.35 13.05
N SER OA 255 -91.68 -44.01 13.73
CA SER OA 255 -92.00 -45.18 14.52
C SER OA 255 -92.88 -44.81 15.69
N VAL OA 256 -93.34 -45.83 16.42
CA VAL OA 256 -94.17 -45.65 17.60
C VAL OA 256 -93.59 -46.53 18.71
N ILE OA 257 -93.28 -45.90 19.84
CA ILE OA 257 -92.66 -46.59 20.97
C ILE OA 257 -93.56 -46.43 22.18
N GLY OA 258 -93.63 -47.46 23.01
CA GLY OA 258 -94.38 -47.42 24.24
C GLY OA 258 -93.50 -47.09 25.42
N VAL OA 259 -94.12 -46.50 26.44
CA VAL OA 259 -93.44 -46.13 27.67
C VAL OA 259 -94.38 -46.42 28.83
N MET OA 260 -93.98 -47.33 29.71
CA MET OA 260 -94.79 -47.74 30.84
C MET OA 260 -94.05 -47.44 32.13
N ILE OA 261 -94.73 -46.79 33.06
CA ILE OA 261 -94.16 -46.45 34.35
C ILE OA 261 -94.91 -47.26 35.40
N LEU OA 262 -94.19 -48.11 36.12
CA LEU OA 262 -94.77 -48.95 37.15
C LEU OA 262 -94.52 -48.31 38.51
N PHE OA 263 -95.59 -48.05 39.25
CA PHE OA 263 -95.47 -47.42 40.55
C PHE OA 263 -94.87 -48.39 41.57
N GLY OA 264 -94.02 -47.86 42.44
CA GLY OA 264 -93.45 -48.64 43.50
C GLY OA 264 -94.30 -48.59 44.74
N PRO OA 265 -93.77 -49.10 45.86
CA PRO OA 265 -94.55 -49.02 47.12
C PRO OA 265 -94.59 -47.63 47.70
N ASP OA 266 -93.47 -46.89 47.66
CA ASP OA 266 -93.41 -45.58 48.30
C ASP OA 266 -94.38 -44.61 47.65
N LEU OA 267 -94.48 -44.62 46.32
CA LEU OA 267 -95.36 -43.71 45.60
C LEU OA 267 -96.72 -44.30 45.31
N GLY OA 268 -96.81 -45.61 45.11
CA GLY OA 268 -98.08 -46.23 44.77
C GLY OA 268 -99.16 -46.07 45.82
N SER OA 269 -98.77 -45.78 47.06
CA SER OA 269 -99.73 -45.62 48.13
C SER OA 269 -100.51 -44.31 48.06
N HIS OA 270 -100.16 -43.42 47.14
CA HIS OA 270 -100.83 -42.15 46.99
C HIS OA 270 -101.59 -42.11 45.68
N VAL OA 271 -102.78 -41.52 45.71
CA VAL OA 271 -103.63 -41.35 44.54
C VAL OA 271 -103.68 -39.86 44.20
N PHE OA 272 -103.67 -39.55 42.92
CA PHE OA 272 -103.64 -38.17 42.44
C PHE OA 272 -105.07 -37.66 42.32
N GLN OA 273 -105.44 -36.72 43.19
CA GLN OA 273 -106.76 -36.09 43.15
C GLN OA 273 -106.56 -34.58 43.17
N TYR OA 274 -107.03 -33.91 42.12
CA TYR OA 274 -106.90 -32.46 41.97
C TYR OA 274 -105.43 -32.03 41.97
N GLN OA 275 -104.56 -32.88 41.43
CA GLN OA 275 -103.15 -32.62 41.35
C GLN OA 275 -102.70 -32.57 39.90
N THR OA 276 -101.50 -32.06 39.68
CA THR OA 276 -100.90 -31.99 38.36
C THR OA 276 -99.72 -32.94 38.28
N ILE OA 277 -99.59 -33.60 37.14
CA ILE OA 277 -98.52 -34.57 36.92
C ILE OA 277 -97.56 -34.01 35.88
N THR OA 278 -96.27 -34.31 36.07
CA THR OA 278 -95.22 -33.84 35.17
C THR OA 278 -94.27 -34.99 34.89
N ILE OA 279 -94.30 -35.49 33.66
CA ILE OA 279 -93.40 -36.55 33.20
C ILE OA 279 -92.54 -35.97 32.09
N GLN OA 280 -91.22 -36.01 32.28
CA GLN OA 280 -90.28 -35.37 31.35
C GLN OA 280 -89.32 -36.41 30.82
N ILE OA 281 -89.44 -36.74 29.55
CA ILE OA 281 -88.54 -37.67 28.87
C ILE OA 281 -87.46 -36.85 28.21
N THR OA 282 -86.26 -36.86 28.80
CA THR OA 282 -85.17 -36.00 28.35
C THR OA 282 -84.11 -36.83 27.64
N PRO OA 283 -84.09 -36.88 26.32
CA PRO OA 283 -83.03 -37.60 25.62
C PRO OA 283 -81.70 -36.88 25.75
N ASN OA 284 -80.67 -37.49 25.18
CA ASN OA 284 -79.33 -36.92 25.29
C ASN OA 284 -79.20 -35.66 24.45
N ILE OA 285 -79.74 -35.67 23.24
CA ILE OA 285 -79.65 -34.55 22.31
C ILE OA 285 -81.04 -34.11 21.91
N GLY OA 286 -81.28 -32.81 21.94
CA GLY OA 286 -82.49 -32.27 21.36
C GLY OA 286 -83.62 -31.98 22.32
N SER OA 287 -84.83 -32.26 21.88
CA SER OA 287 -86.02 -31.74 22.56
C SER OA 287 -86.44 -32.64 23.71
N PRO OA 288 -86.58 -32.10 24.91
CA PRO OA 288 -87.27 -32.84 25.96
C PRO OA 288 -88.77 -32.91 25.69
N LEU OA 289 -89.49 -33.68 26.48
CA LEU OA 289 -90.94 -33.81 26.33
C LEU OA 289 -91.56 -33.84 27.71
N THR OA 290 -92.33 -32.82 28.04
CA THR OA 290 -92.91 -32.65 29.37
C THR OA 290 -94.40 -32.97 29.31
N ILE OA 291 -94.75 -34.20 29.68
CA ILE OA 291 -96.15 -34.60 29.76
C ILE OA 291 -96.74 -33.94 31.00
N SER OA 292 -97.70 -33.03 30.80
CA SER OA 292 -98.35 -32.35 31.91
C SER OA 292 -99.86 -32.53 31.78
N GLU OA 293 -100.48 -33.04 32.85
CA GLU OA 293 -101.91 -33.27 32.87
C GLU OA 293 -102.45 -32.87 34.23
N TYR OA 294 -103.77 -32.72 34.29
CA TYR OA 294 -104.47 -32.39 35.53
C TYR OA 294 -105.66 -33.32 35.67
N VAL OA 295 -105.60 -34.22 36.65
CA VAL OA 295 -106.66 -35.20 36.87
C VAL OA 295 -107.02 -35.22 38.35
N TYR OA 296 -108.23 -35.67 38.65
CA TYR OA 296 -108.65 -35.81 40.04
C TYR OA 296 -109.32 -37.14 40.37
N GLN OA 297 -109.92 -37.84 39.40
CA GLN OA 297 -110.63 -39.07 39.70
C GLN OA 297 -110.24 -40.13 38.69
N PRO OA 298 -110.45 -41.42 39.01
CA PRO OA 298 -110.07 -42.47 38.05
C PRO OA 298 -111.10 -42.69 36.96
N GLU OA 299 -112.39 -42.51 37.25
CA GLU OA 299 -113.48 -42.86 36.33
C GLU OA 299 -113.37 -44.31 35.87
N GLY OA 300 -113.51 -45.23 36.82
CA GLY OA 300 -113.52 -46.65 36.53
C GLY OA 300 -112.22 -47.32 36.93
N SER OA 301 -112.05 -48.54 36.40
CA SER OA 301 -110.83 -49.28 36.67
C SER OA 301 -109.60 -48.59 36.09
N VAL OA 302 -109.72 -48.02 34.90
CA VAL OA 302 -108.65 -47.27 34.28
C VAL OA 302 -109.17 -45.89 33.92
N SER OA 303 -108.25 -44.94 33.78
CA SER OA 303 -108.60 -43.60 33.34
C SER OA 303 -108.29 -43.45 31.85
N VAL OA 304 -108.54 -42.25 31.33
CA VAL OA 304 -108.22 -41.95 29.94
C VAL OA 304 -107.16 -40.88 29.80
N ILE OA 305 -107.05 -39.95 30.75
CA ILE OA 305 -106.07 -38.88 30.67
C ILE OA 305 -105.46 -38.65 32.04
N LEU PA 19 -50.81 -8.64 2.89
CA LEU PA 19 -51.88 -7.85 3.49
C LEU PA 19 -53.14 -8.69 3.68
N ALA PA 20 -54.11 -8.13 4.40
CA ALA PA 20 -55.40 -8.78 4.61
C ALA PA 20 -56.50 -8.21 3.73
N GLY PA 21 -56.18 -7.22 2.91
CA GLY PA 21 -57.20 -6.65 2.03
C GLY PA 21 -57.67 -7.63 0.97
N LEU PA 22 -56.76 -8.42 0.41
CA LEU PA 22 -57.15 -9.41 -0.58
C LEU PA 22 -57.91 -10.56 0.08
N ASP PA 23 -57.49 -10.97 1.28
CA ASP PA 23 -58.22 -12.02 1.98
C ASP PA 23 -59.64 -11.57 2.29
N THR PA 24 -59.80 -10.35 2.80
CA THR PA 24 -61.14 -9.82 3.07
C THR PA 24 -61.94 -9.72 1.78
N ALA PA 25 -61.26 -9.44 0.66
CA ALA PA 25 -61.96 -9.37 -0.62
C ALA PA 25 -62.41 -10.75 -1.07
N ILE PA 26 -61.56 -11.76 -0.86
CA ILE PA 26 -61.89 -13.11 -1.29
C ILE PA 26 -63.02 -13.67 -0.44
N ILE PA 27 -62.92 -13.50 0.88
CA ILE PA 27 -63.97 -14.01 1.77
C ILE PA 27 -65.29 -13.31 1.51
N LEU PA 28 -65.25 -12.04 1.13
CA LEU PA 28 -66.49 -11.31 0.86
C LEU PA 28 -67.23 -11.90 -0.31
N ILE PA 29 -66.51 -12.39 -1.31
CA ILE PA 29 -67.15 -13.05 -2.45
C ILE PA 29 -67.77 -14.37 -2.02
N ALA PA 30 -67.11 -15.06 -1.09
CA ALA PA 30 -67.59 -16.38 -0.67
C ALA PA 30 -68.86 -16.26 0.17
N PHE PA 31 -68.86 -15.32 1.12
CA PHE PA 31 -70.00 -15.22 2.03
C PHE PA 31 -71.25 -14.74 1.30
N ILE PA 32 -71.08 -13.95 0.24
CA ILE PA 32 -72.23 -13.47 -0.52
C ILE PA 32 -72.92 -14.63 -1.23
N ILE PA 33 -72.14 -15.57 -1.77
CA ILE PA 33 -72.73 -16.65 -2.54
C ILE PA 33 -73.58 -17.54 -1.65
N THR PA 34 -73.11 -17.82 -0.44
CA THR PA 34 -73.90 -18.64 0.47
C THR PA 34 -75.18 -17.94 0.88
N ALA PA 35 -75.10 -16.63 1.16
CA ALA PA 35 -76.32 -15.88 1.48
C ALA PA 35 -77.19 -15.73 0.24
N SER PA 36 -76.61 -15.79 -0.94
CA SER PA 36 -77.40 -15.75 -2.16
C SER PA 36 -78.15 -17.04 -2.38
N VAL PA 37 -77.43 -18.17 -2.30
CA VAL PA 37 -78.06 -19.46 -2.54
C VAL PA 37 -79.09 -19.78 -1.46
N LEU PA 38 -78.92 -19.21 -0.26
CA LEU PA 38 -79.96 -19.35 0.76
C LEU PA 38 -81.24 -18.64 0.33
N ALA PA 39 -81.10 -17.49 -0.33
CA ALA PA 39 -82.26 -16.80 -0.86
C ALA PA 39 -82.88 -17.58 -2.00
N TYR PA 40 -82.05 -18.29 -2.78
CA TYR PA 40 -82.54 -19.11 -3.87
C TYR PA 40 -83.54 -20.15 -3.38
N VAL PA 41 -83.18 -20.83 -2.29
CA VAL PA 41 -84.02 -21.91 -1.78
C VAL PA 41 -85.14 -21.34 -0.91
N ALA PA 42 -84.89 -20.21 -0.27
CA ALA PA 42 -85.90 -19.64 0.62
C ALA PA 42 -87.14 -19.20 -0.15
N ILE PA 43 -86.94 -18.61 -1.33
CA ILE PA 43 -88.08 -18.16 -2.11
C ILE PA 43 -88.79 -19.34 -2.75
N ASN PA 44 -88.02 -20.33 -3.21
CA ASN PA 44 -88.62 -21.49 -3.86
C ASN PA 44 -89.57 -22.22 -2.92
N MET PA 45 -89.09 -22.56 -1.72
CA MET PA 45 -89.95 -23.26 -0.77
C MET PA 45 -91.05 -22.37 -0.24
N GLY PA 46 -90.84 -21.06 -0.23
CA GLY PA 46 -91.93 -20.15 0.12
C GLY PA 46 -93.04 -20.16 -0.92
N LEU PA 47 -92.67 -20.24 -2.19
CA LEU PA 47 -93.68 -20.33 -3.25
C LEU PA 47 -94.41 -21.65 -3.20
N PHE PA 48 -93.66 -22.76 -3.17
CA PHE PA 48 -94.28 -24.08 -3.22
C PHE PA 48 -95.22 -24.30 -2.05
N VAL PA 49 -94.81 -23.88 -0.85
CA VAL PA 49 -95.66 -24.09 0.32
C VAL PA 49 -96.91 -23.23 0.24
N THR PA 50 -96.74 -21.96 -0.11
CA THR PA 50 -97.89 -21.05 -0.16
C THR PA 50 -98.88 -21.46 -1.22
N GLN PA 51 -98.40 -21.88 -2.40
CA GLN PA 51 -99.31 -22.36 -3.43
C GLN PA 51 -100.04 -23.62 -2.97
N LYS PA 52 -99.37 -24.48 -2.22
CA LYS PA 52 -100.03 -25.65 -1.65
C LYS PA 52 -101.10 -25.23 -0.65
N ALA PA 53 -100.82 -24.17 0.13
CA ALA PA 53 -101.81 -23.67 1.06
C ALA PA 53 -103.01 -23.09 0.32
N LYS PA 54 -102.80 -22.66 -0.92
CA LYS PA 54 -103.93 -22.19 -1.73
C LYS PA 54 -104.83 -23.35 -2.13
N SER PA 55 -104.23 -24.42 -2.65
CA SER PA 55 -105.03 -25.58 -3.04
C SER PA 55 -105.69 -26.23 -1.84
N THR PA 56 -105.04 -26.15 -0.67
CA THR PA 56 -105.61 -26.78 0.52
C THR PA 56 -106.89 -26.07 0.96
N ILE PA 57 -106.90 -24.74 0.93
CA ILE PA 57 -108.10 -24.00 1.32
C ILE PA 57 -109.19 -24.18 0.28
N ASN PA 58 -108.81 -24.27 -0.99
CA ASN PA 58 -109.81 -24.47 -2.05
C ASN PA 58 -110.52 -25.80 -1.87
N LYS PA 59 -109.76 -26.88 -1.68
CA LYS PA 59 -110.38 -28.16 -1.39
C LYS PA 59 -111.06 -28.16 -0.03
N GLY PA 60 -110.56 -27.35 0.91
CA GLY PA 60 -111.21 -27.25 2.21
C GLY PA 60 -112.62 -26.70 2.11
N GLU PA 61 -112.86 -25.83 1.13
CA GLU PA 61 -114.21 -25.34 0.91
C GLU PA 61 -115.07 -26.39 0.20
N GLU PA 62 -114.48 -27.11 -0.76
CA GLU PA 62 -115.23 -28.10 -1.51
C GLU PA 62 -115.78 -29.18 -0.60
N THR PA 63 -114.94 -29.69 0.32
CA THR PA 63 -115.38 -30.71 1.26
C THR PA 63 -116.52 -30.20 2.12
N ALA PA 64 -116.42 -28.96 2.59
CA ALA PA 64 -117.42 -28.38 3.48
C ALA PA 64 -118.66 -27.89 2.75
N SER PA 65 -118.78 -28.15 1.45
CA SER PA 65 -119.92 -27.69 0.67
C SER PA 65 -120.74 -28.82 0.09
N THR PA 66 -120.10 -29.81 -0.51
CA THR PA 66 -120.82 -30.90 -1.16
C THR PA 66 -121.54 -31.76 -0.12
N ALA PA 67 -122.84 -31.95 -0.31
CA ALA PA 67 -123.64 -32.74 0.61
C ALA PA 67 -124.91 -33.23 -0.06
N LEU PA 68 -125.15 -34.55 -0.02
CA LEU PA 68 -126.33 -35.13 -0.62
C LEU PA 68 -127.52 -35.04 0.33
N THR PA 69 -128.70 -35.36 -0.20
CA THR PA 69 -129.91 -35.44 0.60
C THR PA 69 -130.93 -36.27 -0.14
N LEU PA 70 -131.73 -37.01 0.62
CA LEU PA 70 -132.77 -37.88 0.07
C LEU PA 70 -134.10 -37.14 0.17
N SER PA 71 -134.54 -36.59 -0.96
CA SER PA 71 -135.80 -35.87 -1.05
C SER PA 71 -136.80 -36.77 -1.76
N GLY PA 72 -137.77 -37.30 -1.02
CA GLY PA 72 -138.75 -38.20 -1.59
C GLY PA 72 -138.85 -39.48 -0.81
N SER PA 73 -139.98 -40.18 -0.93
CA SER PA 73 -140.17 -41.41 -0.18
C SER PA 73 -139.30 -42.53 -0.75
N VAL PA 74 -139.25 -43.63 -0.02
CA VAL PA 74 -138.55 -44.84 -0.45
C VAL PA 74 -139.58 -45.91 -0.74
N LEU PA 75 -139.26 -46.79 -1.69
CA LEU PA 75 -140.18 -47.81 -2.16
C LEU PA 75 -139.60 -49.18 -1.89
N TYR PA 76 -140.34 -50.02 -1.16
CA TYR PA 76 -139.93 -51.37 -0.83
C TYR PA 76 -140.88 -52.35 -1.50
N ALA PA 77 -140.34 -53.18 -2.39
CA ALA PA 77 -141.14 -54.09 -3.21
C ALA PA 77 -141.08 -55.50 -2.63
N VAL PA 78 -142.24 -56.05 -2.32
CA VAL PA 78 -142.37 -57.39 -1.77
C VAL PA 78 -143.61 -58.04 -2.39
N ASN PA 79 -143.87 -59.29 -2.03
CA ASN PA 79 -145.06 -60.01 -2.47
C ASN PA 79 -146.16 -59.87 -1.42
N TYR PA 80 -147.31 -59.31 -1.84
CA TYR PA 80 -148.33 -58.94 -0.85
C TYR PA 80 -149.08 -60.14 -0.28
N PRO PA 81 -149.57 -61.09 -1.08
CA PRO PA 81 -150.39 -62.16 -0.48
C PRO PA 81 -149.66 -63.00 0.55
N SER PA 82 -148.35 -63.20 0.38
CA SER PA 82 -147.56 -64.00 1.32
C SER PA 82 -146.19 -63.36 1.40
N ASN PA 83 -145.98 -62.56 2.45
CA ASN PA 83 -144.78 -61.72 2.58
C ASN PA 83 -143.58 -62.61 2.91
N THR PA 84 -142.98 -63.16 1.86
CA THR PA 84 -141.76 -63.97 2.02
C THR PA 84 -140.60 -63.52 1.14
N ARG PA 85 -140.83 -62.75 0.08
CA ARG PA 85 -139.78 -62.38 -0.84
C ARG PA 85 -139.65 -60.86 -0.92
N SER PA 86 -138.40 -60.41 -1.12
CA SER PA 86 -138.10 -59.00 -1.32
C SER PA 86 -137.39 -58.83 -2.65
N TYR PA 87 -137.83 -57.85 -3.44
CA TYR PA 87 -137.35 -57.70 -4.80
C TYR PA 87 -136.38 -56.54 -4.98
N TRP PA 88 -136.77 -55.32 -4.62
CA TRP PA 88 -135.90 -54.18 -4.86
C TRP PA 88 -136.32 -53.01 -3.98
N ILE PA 89 -135.45 -52.01 -3.92
CA ILE PA 89 -135.68 -50.78 -3.16
C ILE PA 89 -135.21 -49.61 -4.00
N TYR PA 90 -136.05 -48.58 -4.10
CA TYR PA 90 -135.77 -47.42 -4.94
C TYR PA 90 -136.03 -46.14 -4.16
N PHE PA 91 -135.20 -45.13 -4.38
CA PHE PA 91 -135.34 -43.84 -3.73
C PHE PA 91 -134.72 -42.77 -4.61
N THR PA 92 -134.84 -41.53 -4.17
CA THR PA 92 -134.32 -40.39 -4.90
C THR PA 92 -133.10 -39.81 -4.20
N VAL PA 93 -132.24 -39.17 -4.99
CA VAL PA 93 -131.00 -38.59 -4.50
C VAL PA 93 -130.81 -37.22 -5.15
N SER PA 94 -130.48 -36.22 -4.33
CA SER PA 94 -130.31 -34.86 -4.80
C SER PA 94 -129.30 -34.16 -3.91
N PRO PA 95 -128.56 -33.19 -4.45
CA PRO PA 95 -127.68 -32.38 -3.58
C PRO PA 95 -128.49 -31.59 -2.57
N SER PA 96 -127.80 -31.11 -1.55
CA SER PA 96 -128.46 -30.37 -0.47
C SER PA 96 -129.18 -29.14 -1.01
N SER PA 97 -128.42 -28.21 -1.58
CA SER PA 97 -128.98 -27.03 -2.22
C SER PA 97 -128.13 -26.72 -3.45
N GLY PA 98 -128.42 -25.60 -4.09
CA GLY PA 98 -127.65 -25.21 -5.26
C GLY PA 98 -126.27 -24.72 -4.87
N VAL PA 99 -125.47 -25.59 -4.26
CA VAL PA 99 -124.17 -25.23 -3.74
C VAL PA 99 -123.04 -25.90 -4.50
N SER PA 100 -123.25 -27.11 -5.00
CA SER PA 100 -122.17 -27.86 -5.62
C SER PA 100 -122.73 -28.99 -6.46
N SER PA 101 -121.92 -29.45 -7.41
CA SER PA 101 -122.27 -30.59 -8.26
C SER PA 101 -121.50 -31.81 -7.78
N VAL PA 102 -122.09 -32.57 -6.87
CA VAL PA 102 -121.42 -33.74 -6.31
C VAL PA 102 -121.30 -34.84 -7.37
N GLU PA 103 -120.23 -35.62 -7.27
CA GLU PA 103 -119.95 -36.68 -8.22
C GLU PA 103 -120.48 -38.01 -7.69
N LEU PA 104 -121.17 -38.74 -8.58
CA LEU PA 104 -121.74 -40.03 -8.20
C LEU PA 104 -121.21 -41.17 -9.07
N SER PA 105 -119.98 -41.08 -9.54
CA SER PA 105 -119.45 -42.13 -10.39
C SER PA 105 -119.31 -43.43 -9.60
N PRO PA 106 -119.90 -44.53 -10.07
CA PRO PA 106 -119.80 -45.79 -9.32
C PRO PA 106 -118.38 -46.29 -9.20
N SER PA 107 -117.47 -45.86 -10.08
CA SER PA 107 -116.08 -46.27 -9.98
C SER PA 107 -115.40 -45.67 -8.75
N THR PA 108 -115.94 -44.58 -8.21
CA THR PA 108 -115.34 -43.94 -7.05
C THR PA 108 -116.31 -43.71 -5.90
N THR PA 109 -117.59 -44.02 -6.08
CA THR PA 109 -118.58 -43.89 -5.02
C THR PA 109 -118.89 -45.27 -4.43
N ALA PA 110 -119.39 -45.26 -3.20
CA ALA PA 110 -119.71 -46.50 -2.50
C ALA PA 110 -121.02 -46.34 -1.75
N ILE PA 111 -121.91 -47.31 -1.93
CA ILE PA 111 -123.20 -47.32 -1.25
C ILE PA 111 -123.26 -48.58 -0.39
N SER PA 112 -123.49 -48.39 0.91
CA SER PA 112 -123.52 -49.49 1.86
C SER PA 112 -124.95 -49.73 2.33
N PHE PA 113 -125.33 -51.01 2.38
CA PHE PA 113 -126.64 -51.44 2.84
C PHE PA 113 -126.47 -52.46 3.95
N THR PA 114 -127.35 -52.40 4.94
CA THR PA 114 -127.26 -53.32 6.07
C THR PA 114 -128.61 -53.37 6.78
N ALA PA 115 -128.88 -54.53 7.39
CA ALA PA 115 -130.06 -54.73 8.21
C ALA PA 115 -129.62 -55.01 9.63
N SER PA 116 -130.17 -54.26 10.58
CA SER PA 116 -129.71 -54.36 11.96
C SER PA 116 -130.03 -55.72 12.57
N ALA PA 117 -131.29 -56.15 12.42
CA ALA PA 117 -131.73 -57.37 13.09
C ALA PA 117 -131.28 -58.62 12.34
N GLU PA 118 -131.48 -58.65 11.01
CA GLU PA 118 -131.15 -59.84 10.24
C GLU PA 118 -129.66 -60.14 10.24
N GLY PA 119 -128.83 -59.18 10.63
CA GLY PA 119 -127.40 -59.43 10.73
C GLY PA 119 -126.66 -59.52 9.41
N ILE PA 120 -127.20 -58.92 8.36
CA ILE PA 120 -126.55 -58.91 7.05
C ILE PA 120 -125.91 -57.54 6.84
N SER PA 121 -124.66 -57.55 6.39
CA SER PA 121 -123.92 -56.32 6.12
C SER PA 121 -123.41 -56.33 4.69
N TYR PA 122 -123.15 -55.14 4.17
CA TYR PA 122 -122.65 -54.99 2.81
C TYR PA 122 -121.92 -53.66 2.71
N SER PA 123 -121.23 -53.47 1.58
CA SER PA 123 -120.50 -52.24 1.32
C SER PA 123 -120.26 -52.10 -0.17
N ASN PA 124 -120.56 -50.94 -0.72
CA ASN PA 124 -120.32 -50.60 -2.12
C ASN PA 124 -121.04 -51.59 -3.06
N ILE PA 125 -122.37 -51.53 -2.98
CA ILE PA 125 -123.21 -52.31 -3.89
C ILE PA 125 -123.48 -51.50 -5.15
N TYR PA 126 -122.78 -50.38 -5.29
CA TYR PA 126 -122.91 -49.50 -6.45
C TYR PA 126 -121.95 -49.97 -7.53
N GLU PA 127 -122.50 -50.44 -8.65
CA GLU PA 127 -121.70 -51.04 -9.70
C GLU PA 127 -121.80 -50.31 -11.03
N TYR PA 128 -123.01 -50.02 -11.49
CA TYR PA 128 -123.22 -49.46 -12.81
C TYR PA 128 -124.12 -48.23 -12.73
N THR PA 129 -124.17 -47.49 -13.82
CA THR PA 129 -124.97 -46.27 -13.89
C THR PA 129 -125.38 -46.03 -15.34
N LEU PA 130 -126.35 -45.14 -15.51
CA LEU PA 130 -126.82 -44.75 -16.83
C LEU PA 130 -126.51 -43.30 -17.17
N LEU PA 131 -125.82 -42.59 -16.29
CA LEU PA 131 -125.46 -41.21 -16.58
C LEU PA 131 -124.42 -41.10 -17.68
N THR PA 132 -123.70 -42.19 -17.97
CA THR PA 132 -122.59 -42.14 -18.92
C THR PA 132 -123.02 -42.48 -20.34
N VAL PA 133 -124.10 -43.24 -20.51
CA VAL PA 133 -124.50 -43.70 -21.83
C VAL PA 133 -125.17 -42.56 -22.58
N SER PA 134 -124.81 -42.38 -23.84
CA SER PA 134 -125.41 -41.33 -24.65
C SER PA 134 -126.86 -41.69 -24.96
N PRO PA 135 -127.76 -40.71 -24.98
CA PRO PA 135 -129.19 -41.03 -25.16
C PRO PA 135 -129.53 -41.53 -26.55
N SER PA 136 -128.71 -41.22 -27.55
CA SER PA 136 -129.04 -41.62 -28.92
C SER PA 136 -128.93 -43.11 -29.12
N GLU PA 137 -128.17 -43.80 -28.27
CA GLU PA 137 -127.92 -45.23 -28.47
C GLU PA 137 -128.99 -46.12 -27.87
N LEU PA 138 -129.97 -45.56 -27.15
CA LEU PA 138 -130.92 -46.40 -26.44
C LEU PA 138 -132.07 -46.85 -27.33
N ALA PA 139 -132.84 -45.91 -27.86
CA ALA PA 139 -134.13 -46.21 -28.48
C ALA PA 139 -134.01 -46.85 -29.85
N ASN PA 140 -132.83 -47.26 -30.28
CA ASN PA 140 -132.70 -47.77 -31.65
C ASN PA 140 -133.05 -49.25 -31.74
N GLN PA 141 -132.76 -50.05 -30.71
CA GLN PA 141 -133.09 -51.48 -30.80
C GLN PA 141 -133.73 -51.94 -29.48
N VAL PA 142 -135.05 -51.81 -29.41
CA VAL PA 142 -135.86 -52.46 -28.38
C VAL PA 142 -137.32 -52.39 -28.81
N TYR PA 143 -138.05 -53.49 -28.63
CA TYR PA 143 -139.49 -53.53 -28.93
C TYR PA 143 -140.05 -54.85 -28.47
N ALA PA 144 -141.32 -54.82 -28.05
CA ALA PA 144 -142.11 -56.01 -27.83
C ALA PA 144 -143.13 -56.25 -28.93
N ASN PA 145 -143.30 -55.29 -29.84
CA ASN PA 145 -144.22 -55.39 -30.95
C ASN PA 145 -143.63 -54.60 -32.11
N GLY PA 146 -144.46 -54.27 -33.10
CA GLY PA 146 -143.96 -53.57 -34.27
C GLY PA 146 -143.28 -52.25 -33.95
N GLN PA 147 -143.82 -51.52 -32.97
CA GLN PA 147 -143.29 -50.21 -32.63
C GLN PA 147 -142.10 -50.34 -31.69
N TYR PA 148 -141.07 -49.52 -31.94
CA TYR PA 148 -139.90 -49.45 -31.08
C TYR PA 148 -140.19 -48.50 -29.94
N LEU PA 149 -140.45 -49.03 -28.76
CA LEU PA 149 -140.74 -48.18 -27.61
C LEU PA 149 -139.51 -47.35 -27.24
N ASP PA 150 -139.75 -46.10 -26.88
CA ASP PA 150 -138.67 -45.16 -26.58
C ASP PA 150 -138.41 -45.16 -25.09
N LEU PA 151 -137.24 -45.66 -24.69
CA LEU PA 151 -136.88 -45.66 -23.27
C LEU PA 151 -136.43 -44.28 -22.82
N VAL PA 152 -135.61 -43.61 -23.63
CA VAL PA 152 -135.01 -42.33 -23.24
C VAL PA 152 -136.02 -41.21 -23.49
N ASN PA 153 -136.13 -40.32 -22.51
CA ASN PA 153 -136.91 -39.09 -22.63
C ASN PA 153 -135.96 -37.91 -22.58
N GLN PA 154 -136.25 -36.89 -23.40
CA GLN PA 154 -135.35 -35.75 -23.47
C GLN PA 154 -136.13 -34.50 -23.82
N GLN PA 155 -135.63 -33.36 -23.34
CA GLN PA 155 -136.16 -32.05 -23.67
C GLN PA 155 -135.01 -31.11 -24.03
N THR PA 156 -135.32 -29.83 -24.26
CA THR PA 156 -134.28 -28.87 -24.60
C THR PA 156 -134.79 -27.47 -24.33
N ASN PA 157 -133.90 -26.61 -23.81
CA ASN PA 157 -134.18 -25.21 -23.57
C ASN PA 157 -132.89 -24.51 -23.18
N ALA PA 158 -132.89 -23.20 -23.32
CA ALA PA 158 -131.75 -22.35 -22.93
C ALA PA 158 -130.46 -22.79 -23.61
N GLY PA 159 -130.56 -23.08 -24.91
CA GLY PA 159 -129.37 -23.47 -25.66
C GLY PA 159 -128.78 -24.80 -25.26
N GLN PA 160 -129.49 -25.59 -24.47
CA GLN PA 160 -129.02 -26.90 -24.03
C GLN PA 160 -130.12 -27.93 -24.28
N THR PA 161 -129.83 -29.18 -23.92
CA THR PA 161 -130.80 -30.25 -24.02
C THR PA 161 -130.69 -31.12 -22.78
N TYR PA 162 -131.83 -31.40 -22.15
CA TYR PA 162 -131.89 -32.17 -20.93
C TYR PA 162 -132.48 -33.54 -21.22
N VAL PA 163 -132.08 -34.53 -20.43
CA VAL PA 163 -132.48 -35.92 -20.63
C VAL PA 163 -132.85 -36.53 -19.29
N TYR PA 164 -133.89 -37.37 -19.28
CA TYR PA 164 -134.30 -38.06 -18.08
C TYR PA 164 -134.99 -39.36 -18.45
N TYR PA 165 -135.08 -40.26 -17.47
CA TYR PA 165 -135.74 -41.54 -17.67
C TYR PA 165 -137.13 -41.48 -17.07
N PRO PA 166 -138.19 -41.66 -17.87
CA PRO PA 166 -139.55 -41.43 -17.35
C PRO PA 166 -140.05 -42.53 -16.43
N ASN PA 167 -139.38 -43.68 -16.36
CA ASN PA 167 -139.89 -44.76 -15.54
C ASN PA 167 -138.76 -45.71 -15.18
N PRO PA 168 -138.75 -46.24 -13.95
CA PRO PA 168 -137.68 -47.18 -13.58
C PRO PA 168 -137.61 -48.40 -14.48
N TYR PA 169 -138.75 -48.96 -14.86
CA TYR PA 169 -138.74 -50.09 -15.81
C TYR PA 169 -138.08 -49.70 -17.12
N TYR PA 170 -138.38 -48.49 -17.61
CA TYR PA 170 -137.71 -48.01 -18.81
C TYR PA 170 -136.21 -47.94 -18.60
N ALA PA 171 -135.78 -47.56 -17.40
CA ALA PA 171 -134.36 -47.61 -17.08
C ALA PA 171 -133.88 -49.05 -17.00
N LEU PA 172 -134.74 -49.95 -16.51
CA LEU PA 172 -134.34 -51.35 -16.38
C LEU PA 172 -134.07 -51.97 -17.74
N LEU PA 173 -135.02 -51.82 -18.67
CA LEU PA 173 -134.79 -52.31 -20.03
C LEU PA 173 -133.59 -51.60 -20.66
N ALA PA 174 -133.40 -50.32 -20.34
CA ALA PA 174 -132.19 -49.64 -20.75
C ALA PA 174 -130.96 -50.25 -20.10
N LEU PA 175 -131.08 -50.65 -18.84
CA LEU PA 175 -129.96 -51.29 -18.15
C LEU PA 175 -129.67 -52.66 -18.76
N ASN PA 176 -130.73 -53.40 -19.15
CA ASN PA 176 -130.53 -54.70 -19.77
C ASN PA 176 -129.71 -54.57 -21.05
N TYR PA 177 -129.97 -53.52 -21.82
CA TYR PA 177 -129.28 -53.37 -23.11
C TYR PA 177 -127.83 -52.94 -22.91
N THR PA 178 -127.58 -51.95 -22.06
CA THR PA 178 -126.22 -51.44 -21.92
C THR PA 178 -125.30 -52.48 -21.30
N LEU PA 179 -125.80 -53.23 -20.31
CA LEU PA 179 -124.96 -54.27 -19.70
C LEU PA 179 -124.72 -55.43 -20.67
N SER PA 180 -125.58 -55.58 -21.66
CA SER PA 180 -125.44 -56.69 -22.59
C SER PA 180 -124.49 -56.36 -23.73
N LYS PA 181 -124.60 -55.16 -24.30
CA LYS PA 181 -123.92 -54.83 -25.54
C LYS PA 181 -122.85 -53.77 -25.40
N ILE PA 182 -123.16 -52.62 -24.76
CA ILE PA 182 -122.25 -51.48 -24.79
C ILE PA 182 -120.96 -51.80 -24.03
N ASP PA 183 -121.08 -52.30 -22.81
CA ASP PA 183 -119.91 -52.68 -22.03
C ASP PA 183 -119.59 -54.15 -22.31
N LYS PA 184 -118.33 -54.43 -22.63
CA LYS PA 184 -117.89 -55.77 -23.00
C LYS PA 184 -117.66 -56.59 -21.74
N VAL PA 185 -118.76 -56.99 -21.11
CA VAL PA 185 -118.73 -57.81 -19.91
C VAL PA 185 -119.16 -59.23 -20.27
N SER PA 186 -118.45 -60.21 -19.72
CA SER PA 186 -118.80 -61.60 -19.93
C SER PA 186 -119.95 -62.08 -19.04
N PRO PA 187 -119.99 -61.72 -17.74
CA PRO PA 187 -121.13 -62.16 -16.94
C PRO PA 187 -122.31 -61.21 -17.05
N SER PA 188 -123.51 -61.77 -16.93
CA SER PA 188 -124.73 -60.99 -16.99
C SER PA 188 -125.27 -60.80 -15.58
N PRO PA 189 -125.07 -59.63 -14.95
CA PRO PA 189 -125.62 -59.43 -13.61
C PRO PA 189 -127.14 -59.29 -13.59
N LEU PA 190 -127.76 -59.04 -14.74
CA LEU PA 190 -129.21 -58.90 -14.83
C LEU PA 190 -129.65 -59.38 -16.21
N TYR PA 191 -130.68 -60.21 -16.23
CA TYR PA 191 -131.21 -60.75 -17.47
C TYR PA 191 -132.70 -60.45 -17.56
N ILE PA 192 -133.11 -59.87 -18.68
CA ILE PA 192 -134.50 -59.55 -18.95
C ILE PA 192 -134.95 -60.34 -20.17
N THR PA 193 -136.02 -61.11 -20.01
CA THR PA 193 -136.55 -61.92 -21.11
C THR PA 193 -138.07 -61.86 -21.08
N THR PA 194 -138.67 -62.17 -22.23
CA THR PA 194 -140.12 -62.16 -22.37
C THR PA 194 -140.74 -63.54 -22.23
N THR PA 195 -139.95 -64.60 -22.39
CA THR PA 195 -140.49 -65.95 -22.29
C THR PA 195 -140.82 -66.29 -20.85
N THR PA 196 -141.66 -67.31 -20.68
CA THR PA 196 -142.03 -67.75 -19.35
C THR PA 196 -140.80 -68.26 -18.60
N PRO PA 197 -140.71 -68.01 -17.29
CA PRO PA 197 -139.51 -68.43 -16.55
C PRO PA 197 -139.25 -69.92 -16.62
N SER PA 198 -140.28 -70.73 -16.80
CA SER PA 198 -140.07 -72.16 -17.00
C SER PA 198 -139.22 -72.42 -18.24
N SER PA 199 -139.59 -71.79 -19.36
CA SER PA 199 -138.82 -71.97 -20.60
C SER PA 199 -137.39 -71.50 -20.43
N ALA PA 200 -137.19 -70.36 -19.77
CA ALA PA 200 -135.85 -69.84 -19.59
C ALA PA 200 -134.98 -70.80 -18.79
N THR PA 201 -135.59 -71.58 -17.90
CA THR PA 201 -134.81 -72.51 -17.09
C THR PA 201 -134.31 -73.68 -17.92
N GLN PA 202 -135.13 -74.18 -18.85
CA GLN PA 202 -134.70 -75.31 -19.68
C GLN PA 202 -133.60 -74.90 -20.65
N ILE PA 203 -133.73 -73.74 -21.28
CA ILE PA 203 -132.72 -73.31 -22.23
C ILE PA 203 -131.44 -72.88 -21.50
N TYR PA 204 -131.57 -72.29 -20.32
CA TYR PA 204 -130.43 -71.87 -19.52
C TYR PA 204 -130.63 -72.33 -18.09
N PRO PA 205 -129.88 -73.31 -17.60
CA PRO PA 205 -130.11 -73.81 -16.23
C PRO PA 205 -129.76 -72.79 -15.17
N PHE PA 206 -128.70 -71.99 -15.38
CA PHE PA 206 -128.24 -71.08 -14.34
C PHE PA 206 -129.17 -69.90 -14.13
N LEU PA 207 -130.18 -69.71 -14.99
CA LEU PA 207 -131.17 -68.67 -14.74
C LEU PA 207 -132.16 -69.04 -13.65
N ALA PA 208 -132.13 -70.29 -13.16
CA ALA PA 208 -133.03 -70.70 -12.09
C ALA PA 208 -132.55 -70.26 -10.72
N HIS PA 209 -131.29 -69.83 -10.59
CA HIS PA 209 -130.76 -69.46 -9.30
C HIS PA 209 -131.12 -68.02 -8.93
N ASP PA 210 -131.25 -67.15 -9.92
CA ASP PA 210 -131.46 -65.74 -9.64
C ASP PA 210 -132.86 -65.50 -9.07
N ASN PA 211 -133.00 -64.40 -8.33
CA ASN PA 211 -134.29 -64.02 -7.79
C ASN PA 211 -135.15 -63.41 -8.90
N MET PA 212 -136.42 -63.82 -8.94
CA MET PA 212 -137.31 -63.49 -10.04
C MET PA 212 -138.38 -62.51 -9.58
N PHE PA 213 -138.59 -61.46 -10.37
CA PHE PA 213 -139.72 -60.57 -10.20
C PHE PA 213 -140.13 -60.06 -11.57
N THR PA 214 -141.43 -59.99 -11.82
CA THR PA 214 -141.96 -59.66 -13.13
C THR PA 214 -142.78 -58.38 -13.06
N PHE PA 215 -142.95 -57.76 -14.23
CA PHE PA 215 -143.77 -56.56 -14.37
C PHE PA 215 -144.29 -56.51 -15.80
N THR PA 216 -145.45 -55.90 -15.97
CA THR PA 216 -146.12 -55.86 -17.26
C THR PA 216 -146.42 -54.42 -17.66
N LEU PA 217 -146.35 -54.16 -18.96
CA LEU PA 217 -146.71 -52.87 -19.53
C LEU PA 217 -147.79 -53.05 -20.58
N ASN PA 218 -148.10 -51.99 -21.32
CA ASN PA 218 -149.08 -52.06 -22.41
C ASN PA 218 -148.48 -51.39 -23.63
N ILE PA 219 -148.12 -52.19 -24.63
CA ILE PA 219 -147.50 -51.72 -25.86
C ILE PA 219 -148.38 -52.10 -27.03
N SER PA 220 -148.70 -51.11 -27.88
CA SER PA 220 -149.56 -51.29 -29.05
C SER PA 220 -150.87 -52.00 -28.68
N GLY PA 221 -151.43 -51.66 -27.53
CA GLY PA 221 -152.62 -52.31 -27.05
C GLY PA 221 -152.42 -53.76 -26.62
N THR PA 222 -151.23 -54.31 -26.78
CA THR PA 222 -150.94 -55.70 -26.44
C THR PA 222 -150.23 -55.73 -25.09
N LEU PA 223 -150.87 -56.38 -24.12
CA LEU PA 223 -150.29 -56.49 -22.78
C LEU PA 223 -149.12 -57.48 -22.81
N VAL PA 224 -147.94 -57.01 -22.44
CA VAL PA 224 -146.72 -57.82 -22.48
C VAL PA 224 -146.09 -57.81 -21.10
N THR PA 225 -145.65 -58.98 -20.65
CA THR PA 225 -144.99 -59.13 -19.35
C THR PA 225 -143.50 -59.33 -19.56
N TYR PA 226 -142.71 -58.82 -18.60
CA TYR PA 226 -141.26 -58.95 -18.63
C TYR PA 226 -140.78 -59.55 -17.31
N TYR PA 227 -139.82 -60.45 -17.41
CA TYR PA 227 -139.27 -61.14 -16.24
C TYR PA 227 -137.85 -60.67 -15.97
N ALA PA 228 -137.49 -60.63 -14.69
CA ALA PA 228 -136.21 -60.11 -14.25
C ALA PA 228 -135.52 -61.13 -13.36
N PHE PA 229 -134.23 -61.38 -13.63
CA PHE PA 229 -133.41 -62.30 -12.86
C PHE PA 229 -132.17 -61.57 -12.38
N VAL PA 230 -131.93 -61.57 -11.07
CA VAL PA 230 -130.79 -60.88 -10.47
C VAL PA 230 -129.97 -61.89 -9.69
N ASN PA 231 -128.66 -61.93 -9.96
CA ASN PA 231 -127.78 -62.90 -9.33
C ASN PA 231 -127.01 -62.33 -8.14
N GLN PA 232 -126.99 -61.01 -7.96
CA GLN PA 232 -126.31 -60.42 -6.82
C GLN PA 232 -126.89 -59.03 -6.58
N THR PA 233 -126.95 -58.65 -5.30
CA THR PA 233 -127.56 -57.38 -4.92
C THR PA 233 -126.68 -56.23 -5.38
N PHE PA 234 -127.18 -55.43 -6.32
CA PHE PA 234 -126.47 -54.27 -6.83
C PHE PA 234 -127.44 -53.12 -6.99
N ALA PA 235 -126.89 -51.93 -7.23
CA ALA PA 235 -127.68 -50.71 -7.38
C ALA PA 235 -127.09 -49.87 -8.50
N PHE PA 236 -127.96 -49.14 -9.20
CA PHE PA 236 -127.55 -48.31 -10.32
C PHE PA 236 -128.23 -46.96 -10.23
N THR PA 237 -127.71 -46.01 -11.00
CA THR PA 237 -128.19 -44.63 -11.01
C THR PA 237 -128.46 -44.19 -12.43
N TYR PA 238 -129.60 -43.52 -12.63
CA TYR PA 238 -130.02 -43.01 -13.92
C TYR PA 238 -130.50 -41.58 -13.75
N PRO PA 239 -130.33 -40.75 -14.77
CA PRO PA 239 -130.82 -39.36 -14.66
C PRO PA 239 -132.34 -39.32 -14.67
N VAL PA 240 -132.89 -38.49 -13.79
CA VAL PA 240 -134.34 -38.38 -13.66
C VAL PA 240 -134.86 -36.95 -13.76
N ALA PA 241 -134.07 -35.93 -13.46
CA ALA PA 241 -134.56 -34.57 -13.51
C ALA PA 241 -133.41 -33.60 -13.67
N GLY PA 242 -133.44 -32.83 -14.77
CA GLY PA 242 -132.49 -31.77 -15.00
C GLY PA 242 -131.03 -32.17 -14.94
N ASP PA 243 -130.59 -32.98 -15.89
CA ASP PA 243 -129.19 -33.44 -15.97
C ASP PA 243 -128.63 -33.06 -17.33
N PRO PA 244 -128.23 -31.80 -17.51
CA PRO PA 244 -127.54 -31.43 -18.76
C PRO PA 244 -126.18 -32.07 -18.91
N LEU PA 245 -125.62 -32.60 -17.82
CA LEU PA 245 -124.30 -33.24 -17.85
C LEU PA 245 -124.41 -34.75 -18.06
N ILE PA 246 -125.10 -35.14 -19.12
CA ILE PA 246 -125.23 -36.55 -19.45
C ILE PA 246 -123.96 -37.02 -20.16
N GLY PA 247 -123.49 -38.21 -19.79
CA GLY PA 247 -122.28 -38.76 -20.35
C GLY PA 247 -121.03 -38.56 -19.50
N SER PA 248 -121.16 -37.92 -18.34
CA SER PA 248 -120.01 -37.72 -17.45
C SER PA 248 -120.29 -38.06 -15.99
N ALA PA 249 -121.53 -38.38 -15.63
CA ALA PA 249 -121.87 -38.82 -14.28
C ALA PA 249 -121.50 -37.76 -13.24
N ILE PA 250 -121.82 -36.51 -13.54
CA ILE PA 250 -121.60 -35.39 -12.63
C ILE PA 250 -122.98 -34.86 -12.24
N ALA PA 251 -123.49 -35.33 -11.12
CA ALA PA 251 -124.80 -34.88 -10.66
C ALA PA 251 -124.75 -33.40 -10.31
N PRO PA 252 -125.51 -32.56 -10.99
CA PRO PA 252 -125.43 -31.11 -10.75
C PRO PA 252 -126.28 -30.69 -9.55
N ALA PA 253 -126.10 -29.43 -9.18
CA ALA PA 253 -126.86 -28.88 -8.06
C ALA PA 253 -128.30 -28.63 -8.46
N GLY PA 254 -129.19 -28.73 -7.48
CA GLY PA 254 -130.60 -28.53 -7.71
C GLY PA 254 -131.27 -29.60 -8.56
N SER PA 255 -130.55 -30.65 -8.92
CA SER PA 255 -131.09 -31.73 -9.75
C SER PA 255 -131.36 -32.95 -8.88
N VAL PA 256 -132.02 -33.93 -9.49
CA VAL PA 256 -132.39 -35.17 -8.81
C VAL PA 256 -131.81 -36.34 -9.59
N ILE PA 257 -131.31 -37.34 -8.87
CA ILE PA 257 -130.75 -38.55 -9.44
C ILE PA 257 -131.45 -39.75 -8.83
N GLY PA 258 -131.84 -40.69 -9.68
CA GLY PA 258 -132.55 -41.87 -9.21
C GLY PA 258 -131.61 -43.00 -8.84
N VAL PA 259 -131.97 -43.73 -7.79
CA VAL PA 259 -131.21 -44.88 -7.32
C VAL PA 259 -132.18 -46.00 -6.99
N MET PA 260 -131.90 -47.20 -7.50
CA MET PA 260 -132.73 -48.36 -7.20
C MET PA 260 -131.83 -49.57 -7.01
N ILE PA 261 -131.88 -50.15 -5.81
CA ILE PA 261 -131.13 -51.35 -5.48
C ILE PA 261 -131.93 -52.56 -5.95
N LEU PA 262 -131.25 -53.53 -6.54
CA LEU PA 262 -131.89 -54.76 -7.04
C LEU PA 262 -131.37 -55.93 -6.23
N PHE PA 263 -132.22 -56.44 -5.33
CA PHE PA 263 -131.83 -57.57 -4.49
C PHE PA 263 -131.61 -58.82 -5.34
N GLY PA 264 -130.79 -59.73 -4.81
CA GLY PA 264 -130.50 -60.96 -5.49
C GLY PA 264 -131.08 -62.16 -4.75
N PRO PA 265 -130.40 -63.30 -4.86
CA PRO PA 265 -130.87 -64.50 -4.18
C PRO PA 265 -130.50 -64.53 -2.70
N ASP PA 266 -129.35 -63.96 -2.35
CA ASP PA 266 -128.86 -64.06 -0.98
C ASP PA 266 -129.74 -63.27 -0.01
N LEU PA 267 -130.02 -62.01 -0.34
CA LEU PA 267 -130.79 -61.15 0.54
C LEU PA 267 -132.28 -61.15 0.23
N GLY PA 268 -132.66 -61.42 -1.02
CA GLY PA 268 -134.07 -61.43 -1.37
C GLY PA 268 -134.90 -62.47 -0.66
N SER PA 269 -134.24 -63.52 -0.12
CA SER PA 269 -134.97 -64.55 0.59
C SER PA 269 -135.58 -64.01 1.89
N HIS PA 270 -134.82 -63.20 2.62
CA HIS PA 270 -135.29 -62.66 3.88
C HIS PA 270 -136.23 -61.49 3.65
N VAL PA 271 -136.90 -61.07 4.72
CA VAL PA 271 -137.75 -59.90 4.72
C VAL PA 271 -137.44 -59.07 5.97
N PHE PA 272 -137.68 -57.77 5.87
CA PHE PA 272 -137.45 -56.86 6.98
C PHE PA 272 -138.75 -56.65 7.76
N GLN PA 273 -138.74 -57.00 9.04
CA GLN PA 273 -139.95 -56.94 9.86
C GLN PA 273 -139.55 -56.48 11.25
N TYR PA 274 -139.99 -55.27 11.62
CA TYR PA 274 -139.64 -54.67 12.91
C TYR PA 274 -138.13 -54.55 13.06
N GLN PA 275 -137.47 -54.05 12.01
CA GLN PA 275 -136.04 -53.86 11.99
C GLN PA 275 -135.71 -52.45 11.54
N THR PA 276 -134.48 -52.03 11.80
CA THR PA 276 -133.97 -50.73 11.39
C THR PA 276 -132.99 -50.93 10.23
N ILE PA 277 -133.35 -50.41 9.07
CA ILE PA 277 -132.55 -50.58 7.85
C ILE PA 277 -131.74 -49.32 7.63
N THR PA 278 -130.43 -49.49 7.50
CA THR PA 278 -129.50 -48.37 7.33
C THR PA 278 -128.87 -48.42 5.95
N ILE PA 279 -129.00 -47.32 5.21
CA ILE PA 279 -128.39 -47.17 3.90
C ILE PA 279 -127.50 -45.94 3.94
N GLN PA 280 -126.32 -46.04 3.33
CA GLN PA 280 -125.37 -44.94 3.33
C GLN PA 280 -124.75 -44.77 1.95
N ILE PA 281 -124.65 -43.52 1.52
CA ILE PA 281 -124.00 -43.15 0.26
C ILE PA 281 -122.89 -42.17 0.59
N THR PA 282 -121.74 -42.34 -0.05
CA THR PA 282 -120.57 -41.50 0.22
C THR PA 282 -119.75 -41.31 -1.05
N PRO PA 283 -119.79 -40.11 -1.64
CA PRO PA 283 -119.00 -39.86 -2.84
C PRO PA 283 -117.51 -39.79 -2.53
N ASN PA 284 -116.73 -39.52 -3.56
CA ASN PA 284 -115.28 -39.41 -3.38
C ASN PA 284 -114.92 -38.22 -2.51
N ILE PA 285 -115.73 -37.18 -2.52
CA ILE PA 285 -115.47 -35.98 -1.75
C ILE PA 285 -116.76 -35.49 -1.13
N GLY PA 286 -116.68 -35.06 0.13
CA GLY PA 286 -117.82 -34.48 0.81
C GLY PA 286 -118.47 -35.42 1.81
N SER PA 287 -119.50 -34.88 2.45
CA SER PA 287 -120.18 -35.60 3.51
C SER PA 287 -121.02 -36.73 2.93
N PRO PA 288 -121.13 -37.85 3.65
CA PRO PA 288 -122.01 -38.94 3.22
C PRO PA 288 -123.46 -38.65 3.59
N LEU PA 289 -124.31 -39.63 3.32
CA LEU PA 289 -125.73 -39.55 3.65
C LEU PA 289 -126.12 -40.81 4.41
N THR PA 290 -126.41 -40.68 5.69
CA THR PA 290 -126.71 -41.82 6.57
C THR PA 290 -128.21 -41.90 6.76
N ILE PA 291 -128.81 -42.93 6.18
CA ILE PA 291 -130.24 -43.19 6.35
C ILE PA 291 -130.40 -44.26 7.44
N SER PA 292 -131.50 -44.15 8.18
CA SER PA 292 -131.83 -45.14 9.22
C SER PA 292 -133.35 -45.24 9.28
N GLU PA 293 -133.90 -46.22 8.57
CA GLU PA 293 -135.34 -46.39 8.45
C GLU PA 293 -135.80 -47.63 9.19
N TYR PA 294 -136.86 -47.48 9.97
CA TYR PA 294 -137.50 -48.59 10.68
C TYR PA 294 -138.80 -48.96 9.96
N VAL PA 295 -139.18 -50.23 10.06
CA VAL PA 295 -140.34 -50.75 9.36
C VAL PA 295 -141.34 -51.27 10.38
N TYR PA 296 -142.61 -50.87 10.22
CA TYR PA 296 -143.68 -51.44 11.03
C TYR PA 296 -144.12 -52.78 10.47
N GLN PA 297 -144.66 -52.76 9.24
CA GLN PA 297 -145.06 -53.95 8.51
C GLN PA 297 -145.28 -53.58 7.05
N PRO PA 298 -144.69 -54.32 6.12
CA PRO PA 298 -144.85 -53.97 4.70
C PRO PA 298 -146.15 -54.48 4.13
N GLU PA 299 -146.71 -53.71 3.21
CA GLU PA 299 -147.97 -54.06 2.57
C GLU PA 299 -148.07 -53.35 1.23
N GLY PA 300 -149.02 -53.80 0.42
CA GLY PA 300 -149.27 -53.20 -0.88
C GLY PA 300 -148.31 -53.59 -1.97
N SER PA 301 -147.28 -54.38 -1.66
CA SER PA 301 -146.25 -54.80 -2.60
C SER PA 301 -145.33 -53.64 -2.99
N VAL PA 302 -145.68 -52.43 -2.55
CA VAL PA 302 -144.79 -51.28 -2.61
C VAL PA 302 -144.94 -50.50 -1.29
N SER PA 303 -144.03 -50.75 -0.36
CA SER PA 303 -144.12 -50.12 0.94
C SER PA 303 -143.64 -48.68 0.90
N VAL PA 304 -144.34 -47.82 1.63
CA VAL PA 304 -143.98 -46.41 1.66
C VAL PA 304 -142.70 -46.16 2.44
N ILE PA 305 -142.29 -47.09 3.31
CA ILE PA 305 -141.10 -46.90 4.11
C ILE PA 305 -140.26 -48.16 4.09
N LEU QA 19 -14.57 -0.10 -2.31
CA LEU QA 19 -15.39 0.10 -1.13
C LEU QA 19 -16.82 -0.37 -1.35
N ALA QA 20 -17.58 -0.48 -0.26
CA ALA QA 20 -18.98 -0.83 -0.32
C ALA QA 20 -19.86 0.37 -0.64
N GLY QA 21 -19.28 1.56 -0.76
CA GLY QA 21 -20.06 2.73 -1.14
C GLY QA 21 -20.67 2.59 -2.52
N LEU QA 22 -19.91 2.03 -3.46
CA LEU QA 22 -20.47 1.74 -4.77
C LEU QA 22 -21.36 0.51 -4.73
N ASP QA 23 -20.97 -0.49 -3.93
CA ASP QA 23 -21.75 -1.73 -3.87
C ASP QA 23 -23.09 -1.51 -3.19
N THR QA 24 -23.13 -0.64 -2.18
CA THR QA 24 -24.39 -0.37 -1.51
C THR QA 24 -25.36 0.35 -2.44
N ALA QA 25 -24.84 1.22 -3.31
CA ALA QA 25 -25.71 1.93 -4.23
C ALA QA 25 -26.29 1.00 -5.28
N ILE QA 26 -25.48 0.05 -5.77
CA ILE QA 26 -25.98 -0.90 -6.75
C ILE QA 26 -27.05 -1.79 -6.14
N ILE QA 27 -26.84 -2.25 -4.91
CA ILE QA 27 -27.84 -3.08 -4.25
C ILE QA 27 -29.09 -2.26 -3.95
N LEU QA 28 -28.92 -1.02 -3.47
CA LEU QA 28 -30.07 -0.20 -3.14
C LEU QA 28 -30.91 0.09 -4.38
N ILE QA 29 -30.28 0.12 -5.56
CA ILE QA 29 -31.03 0.29 -6.80
C ILE QA 29 -31.84 -0.96 -7.10
N ALA QA 30 -31.22 -2.13 -6.95
CA ALA QA 30 -31.87 -3.37 -7.34
C ALA QA 30 -33.04 -3.69 -6.43
N PHE QA 31 -32.88 -3.47 -5.12
CA PHE QA 31 -33.92 -3.87 -4.19
C PHE QA 31 -35.17 -3.03 -4.33
N ILE QA 32 -35.05 -1.81 -4.87
CA ILE QA 32 -36.23 -0.99 -5.06
C ILE QA 32 -36.95 -1.38 -6.34
N ILE QA 33 -36.21 -1.82 -7.36
CA ILE QA 33 -36.85 -2.33 -8.56
C ILE QA 33 -37.74 -3.52 -8.21
N THR QA 34 -37.22 -4.46 -7.44
CA THR QA 34 -38.00 -5.64 -7.07
C THR QA 34 -39.16 -5.26 -6.17
N ALA QA 35 -38.96 -4.28 -5.28
CA ALA QA 35 -40.03 -3.88 -4.39
C ALA QA 35 -41.13 -3.13 -5.14
N SER QA 36 -40.75 -2.41 -6.20
CA SER QA 36 -41.76 -1.69 -6.98
C SER QA 36 -42.62 -2.66 -7.79
N VAL QA 37 -41.99 -3.67 -8.38
CA VAL QA 37 -42.76 -4.64 -9.17
C VAL QA 37 -43.77 -5.35 -8.30
N LEU QA 38 -43.41 -5.63 -7.05
CA LEU QA 38 -44.39 -6.20 -6.13
C LEU QA 38 -45.56 -5.25 -5.92
N ALA QA 39 -45.29 -3.96 -5.77
CA ALA QA 39 -46.36 -2.98 -5.67
C ALA QA 39 -47.13 -2.86 -6.97
N TYR QA 40 -46.44 -3.07 -8.11
CA TYR QA 40 -47.09 -3.03 -9.40
C TYR QA 40 -48.19 -4.08 -9.50
N VAL QA 41 -47.89 -5.29 -9.03
CA VAL QA 41 -48.87 -6.38 -9.13
C VAL QA 41 -49.84 -6.34 -7.96
N ALA QA 42 -49.37 -5.92 -6.78
CA ALA QA 42 -50.24 -5.90 -5.62
C ALA QA 42 -51.39 -4.91 -5.79
N ILE QA 43 -51.17 -3.86 -6.57
CA ILE QA 43 -52.25 -2.92 -6.84
C ILE QA 43 -53.15 -3.43 -7.96
N ASN QA 44 -52.56 -3.95 -9.02
CA ASN QA 44 -53.34 -4.41 -10.17
C ASN QA 44 -54.28 -5.54 -9.76
N MET QA 45 -53.78 -6.53 -9.03
CA MET QA 45 -54.63 -7.61 -8.57
C MET QA 45 -55.61 -7.14 -7.51
N GLY QA 46 -55.23 -6.10 -6.76
CA GLY QA 46 -56.15 -5.57 -5.76
C GLY QA 46 -57.37 -4.95 -6.37
N LEU QA 47 -57.19 -4.21 -7.47
CA LEU QA 47 -58.34 -3.61 -8.15
C LEU QA 47 -59.19 -4.67 -8.82
N PHE QA 48 -58.56 -5.70 -9.40
CA PHE QA 48 -59.30 -6.72 -10.12
C PHE QA 48 -60.21 -7.50 -9.19
N VAL QA 49 -59.66 -8.03 -8.09
CA VAL QA 49 -60.46 -8.80 -7.15
C VAL QA 49 -61.57 -7.95 -6.57
N THR QA 50 -61.27 -6.68 -6.29
CA THR QA 50 -62.29 -5.80 -5.71
C THR QA 50 -63.40 -5.54 -6.70
N GLN QA 51 -63.07 -5.23 -7.96
CA GLN QA 51 -64.10 -5.03 -8.95
C GLN QA 51 -64.86 -6.32 -9.22
N LYS QA 52 -64.18 -7.46 -9.08
CA LYS QA 52 -64.88 -8.74 -9.20
C LYS QA 52 -65.85 -8.95 -8.04
N ALA QA 53 -65.46 -8.50 -6.84
CA ALA QA 53 -66.37 -8.59 -5.71
C ALA QA 53 -67.54 -7.64 -5.86
N LYS QA 54 -67.37 -6.61 -6.68
CA LYS QA 54 -68.47 -5.68 -6.93
C LYS QA 54 -69.54 -6.35 -7.78
N SER QA 55 -69.13 -7.14 -8.78
CA SER QA 55 -70.09 -7.79 -9.65
C SER QA 55 -70.81 -8.94 -8.94
N THR QA 56 -70.10 -9.66 -8.09
CA THR QA 56 -70.72 -10.78 -7.38
C THR QA 56 -71.79 -10.29 -6.42
N ILE QA 57 -71.56 -9.17 -5.76
CA ILE QA 57 -72.59 -8.57 -4.91
C ILE QA 57 -73.80 -8.21 -5.74
N ASN QA 58 -73.57 -7.60 -6.89
CA ASN QA 58 -74.69 -7.16 -7.74
C ASN QA 58 -75.52 -8.34 -8.21
N LYS QA 59 -74.87 -9.36 -8.77
CA LYS QA 59 -75.60 -10.54 -9.21
C LYS QA 59 -76.22 -11.28 -8.04
N GLY QA 60 -75.62 -11.18 -6.86
CA GLY QA 60 -76.20 -11.81 -5.69
C GLY QA 60 -77.52 -11.17 -5.27
N GLU QA 61 -77.60 -9.85 -5.39
CA GLU QA 61 -78.84 -9.16 -5.03
C GLU QA 61 -79.93 -9.43 -6.05
N GLU QA 62 -79.57 -9.52 -7.33
CA GLU QA 62 -80.57 -9.84 -8.35
C GLU QA 62 -81.12 -11.25 -8.15
N THR QA 63 -80.25 -12.20 -7.81
CA THR QA 63 -80.70 -13.56 -7.56
C THR QA 63 -81.70 -13.59 -6.42
N ALA QA 64 -81.51 -12.75 -5.41
CA ALA QA 64 -82.40 -12.73 -4.26
C ALA QA 64 -83.65 -11.89 -4.50
N SER QA 65 -83.70 -11.13 -5.59
CA SER QA 65 -84.81 -10.22 -5.83
C SER QA 65 -85.80 -10.71 -6.87
N THR QA 66 -85.34 -11.30 -7.97
CA THR QA 66 -86.22 -11.75 -9.03
C THR QA 66 -86.86 -13.08 -8.67
N ALA QA 67 -88.18 -13.15 -8.81
CA ALA QA 67 -88.94 -14.35 -8.52
C ALA QA 67 -90.32 -14.22 -9.14
N LEU QA 68 -90.93 -15.35 -9.46
CA LEU QA 68 -92.26 -15.39 -10.05
C LEU QA 68 -93.26 -15.97 -9.06
N THR QA 69 -94.52 -15.57 -9.23
CA THR QA 69 -95.62 -16.17 -8.48
C THR QA 69 -96.74 -16.51 -9.44
N LEU QA 70 -97.52 -17.51 -9.06
CA LEU QA 70 -98.65 -17.97 -9.87
C LEU QA 70 -99.83 -17.05 -9.59
N SER QA 71 -100.21 -16.23 -10.57
CA SER QA 71 -101.31 -15.29 -10.45
C SER QA 71 -102.45 -15.79 -11.32
N GLY QA 72 -103.53 -16.22 -10.69
CA GLY QA 72 -104.69 -16.71 -11.40
C GLY QA 72 -104.78 -18.23 -11.35
N SER QA 73 -106.00 -18.72 -11.51
CA SER QA 73 -106.26 -20.15 -11.47
C SER QA 73 -105.62 -20.84 -12.67
N VAL QA 74 -105.50 -22.16 -12.57
CA VAL QA 74 -104.92 -22.99 -13.62
C VAL QA 74 -106.04 -23.81 -14.25
N LEU QA 75 -106.02 -23.89 -15.58
CA LEU QA 75 -107.05 -24.57 -16.34
C LEU QA 75 -106.55 -25.92 -16.84
N TYR QA 76 -107.45 -26.69 -17.44
CA TYR QA 76 -107.13 -28.00 -17.96
C TYR QA 76 -108.12 -28.36 -19.06
N ALA QA 77 -107.62 -28.60 -20.26
CA ALA QA 77 -108.46 -28.89 -21.42
C ALA QA 77 -108.48 -30.39 -21.68
N VAL QA 78 -109.67 -30.94 -21.91
CA VAL QA 78 -109.86 -32.37 -22.09
C VAL QA 78 -111.24 -32.60 -22.70
N ASN QA 79 -111.38 -33.65 -23.51
CA ASN QA 79 -112.69 -33.99 -24.05
C ASN QA 79 -113.64 -34.33 -22.92
N TYR QA 80 -114.63 -33.46 -22.70
CA TYR QA 80 -115.43 -33.55 -21.47
C TYR QA 80 -116.32 -34.79 -21.41
N PRO QA 81 -117.10 -35.14 -22.45
CA PRO QA 81 -117.98 -36.31 -22.31
C PRO QA 81 -117.22 -37.61 -22.05
N SER QA 82 -116.23 -37.91 -22.88
CA SER QA 82 -115.45 -39.15 -22.74
C SER QA 82 -113.99 -38.75 -22.58
N ASN QA 83 -113.50 -38.78 -21.34
CA ASN QA 83 -112.15 -38.33 -21.05
C ASN QA 83 -111.12 -39.34 -21.55
N THR QA 84 -110.64 -39.15 -22.78
CA THR QA 84 -109.68 -40.07 -23.37
C THR QA 84 -108.42 -39.35 -23.83
N ARG QA 85 -108.57 -38.09 -24.21
CA ARG QA 85 -107.46 -37.28 -24.71
C ARG QA 85 -107.10 -36.20 -23.71
N SER QA 86 -106.19 -35.32 -24.11
CA SER QA 86 -105.85 -34.13 -23.35
C SER QA 86 -105.37 -33.06 -24.32
N TYR QA 87 -105.99 -31.88 -24.27
CA TYR QA 87 -105.79 -30.86 -25.28
C TYR QA 87 -104.71 -29.86 -24.89
N TRP QA 88 -104.88 -29.16 -23.77
CA TRP QA 88 -103.88 -28.18 -23.35
C TRP QA 88 -104.10 -27.82 -21.89
N ILE QA 89 -103.08 -27.17 -21.31
CA ILE QA 89 -103.12 -26.63 -19.97
C ILE QA 89 -102.74 -25.15 -20.05
N TYR QA 90 -103.48 -24.32 -19.32
CA TYR QA 90 -103.25 -22.87 -19.38
C TYR QA 90 -103.31 -22.28 -17.98
N PHE QA 91 -102.39 -21.35 -17.71
CA PHE QA 91 -102.37 -20.58 -16.48
C PHE QA 91 -101.57 -19.32 -16.73
N THR QA 92 -101.54 -18.43 -15.74
CA THR QA 92 -100.83 -17.17 -15.85
C THR QA 92 -99.75 -17.08 -14.78
N VAL QA 93 -98.83 -16.13 -14.98
CA VAL QA 93 -97.69 -15.97 -14.09
C VAL QA 93 -97.29 -14.50 -14.13
N SER QA 94 -96.63 -14.04 -13.06
CA SER QA 94 -96.22 -12.66 -12.95
C SER QA 94 -95.02 -12.58 -12.03
N PRO QA 95 -94.19 -11.55 -12.15
CA PRO QA 95 -93.10 -11.36 -11.19
C PRO QA 95 -93.62 -11.26 -9.75
N SER QA 96 -92.76 -11.63 -8.80
CA SER QA 96 -93.17 -11.75 -7.42
C SER QA 96 -93.80 -10.47 -6.90
N SER QA 97 -93.18 -9.33 -7.19
CA SER QA 97 -93.76 -8.03 -6.89
C SER QA 97 -93.22 -7.05 -7.92
N GLY QA 98 -93.38 -5.76 -7.64
CA GLY QA 98 -92.79 -4.76 -8.50
C GLY QA 98 -91.34 -4.51 -8.15
N VAL QA 99 -90.62 -5.57 -7.77
CA VAL QA 99 -89.26 -5.39 -7.27
C VAL QA 99 -88.26 -5.37 -8.43
N SER QA 100 -88.50 -6.16 -9.48
CA SER QA 100 -87.56 -6.28 -10.58
C SER QA 100 -88.20 -7.07 -11.69
N SER QA 101 -87.59 -6.97 -12.87
CA SER QA 101 -88.06 -7.71 -14.03
C SER QA 101 -87.32 -9.03 -14.17
N VAL QA 102 -87.97 -10.00 -14.80
CA VAL QA 102 -87.37 -11.29 -15.09
C VAL QA 102 -87.28 -11.44 -16.60
N GLU QA 103 -86.48 -12.41 -17.03
CA GLU QA 103 -86.30 -12.71 -18.45
C GLU QA 103 -86.85 -14.10 -18.73
N LEU QA 104 -87.79 -14.18 -19.68
CA LEU QA 104 -88.44 -15.43 -20.04
C LEU QA 104 -88.08 -15.88 -21.45
N SER QA 105 -86.85 -15.62 -21.86
CA SER QA 105 -86.42 -16.03 -23.19
C SER QA 105 -86.38 -17.55 -23.25
N PRO QA 106 -86.92 -18.15 -24.33
CA PRO QA 106 -86.88 -19.61 -24.45
C PRO QA 106 -85.47 -20.14 -24.60
N SER QA 107 -84.53 -19.30 -24.99
CA SER QA 107 -83.15 -19.76 -25.16
C SER QA 107 -82.49 -20.08 -23.84
N THR QA 108 -82.94 -19.47 -22.74
CA THR QA 108 -82.30 -19.64 -21.45
C THR QA 108 -83.20 -20.19 -20.37
N THR QA 109 -84.52 -20.11 -20.52
CA THR QA 109 -85.45 -20.58 -19.50
C THR QA 109 -86.01 -21.94 -19.88
N ALA QA 110 -86.14 -22.81 -18.88
CA ALA QA 110 -86.57 -24.18 -19.09
C ALA QA 110 -87.87 -24.44 -18.34
N ILE QA 111 -88.77 -25.18 -18.99
CA ILE QA 111 -89.98 -25.69 -18.36
C ILE QA 111 -89.90 -27.21 -18.34
N SER QA 112 -90.05 -27.80 -17.16
CA SER QA 112 -89.91 -29.24 -16.98
C SER QA 112 -91.23 -29.79 -16.45
N PHE QA 113 -91.96 -30.49 -17.30
CA PHE QA 113 -93.21 -31.14 -16.93
C PHE QA 113 -92.95 -32.57 -16.53
N THR QA 114 -93.74 -33.08 -15.59
CA THR QA 114 -93.64 -34.47 -15.17
C THR QA 114 -95.00 -34.95 -14.68
N ALA QA 115 -95.30 -36.22 -14.95
CA ALA QA 115 -96.53 -36.86 -14.50
C ALA QA 115 -96.14 -38.06 -13.65
N SER QA 116 -96.36 -37.97 -12.35
CA SER QA 116 -95.91 -39.01 -11.44
C SER QA 116 -96.61 -40.33 -11.70
N ALA QA 117 -97.93 -40.36 -11.53
CA ALA QA 117 -98.67 -41.61 -11.59
C ALA QA 117 -98.54 -42.28 -12.95
N GLU QA 118 -98.39 -41.49 -14.01
CA GLU QA 118 -98.22 -42.10 -15.33
C GLU QA 118 -96.80 -42.65 -15.49
N GLY QA 119 -95.81 -41.84 -15.14
CA GLY QA 119 -94.42 -42.26 -15.24
C GLY QA 119 -93.61 -41.54 -16.29
N ILE QA 120 -94.09 -40.44 -16.84
CA ILE QA 120 -93.40 -39.71 -17.89
C ILE QA 120 -92.84 -38.42 -17.31
N SER QA 121 -91.64 -38.05 -17.76
CA SER QA 121 -91.00 -36.81 -17.36
C SER QA 121 -90.60 -36.03 -18.60
N TYR QA 122 -90.13 -34.81 -18.38
CA TYR QA 122 -89.74 -33.92 -19.47
C TYR QA 122 -88.71 -32.93 -18.94
N SER QA 123 -88.14 -32.16 -19.85
CA SER QA 123 -87.25 -31.06 -19.48
C SER QA 123 -87.17 -30.09 -20.65
N ASN QA 124 -87.39 -28.81 -20.37
CA ASN QA 124 -87.28 -27.76 -21.37
C ASN QA 124 -88.18 -28.03 -22.57
N ILE QA 125 -89.48 -28.03 -22.30
CA ILE QA 125 -90.48 -28.08 -23.35
C ILE QA 125 -90.82 -26.64 -23.73
N TYR QA 126 -89.99 -25.71 -23.31
CA TYR QA 126 -90.16 -24.29 -23.58
C TYR QA 126 -89.40 -23.97 -24.86
N GLU QA 127 -90.14 -23.67 -25.93
CA GLU QA 127 -89.53 -23.48 -27.25
C GLU QA 127 -89.73 -22.09 -27.81
N TYR QA 128 -90.95 -21.55 -27.75
CA TYR QA 128 -91.25 -20.27 -28.38
C TYR QA 128 -91.98 -19.36 -27.41
N THR QA 129 -92.00 -18.08 -27.75
CA THR QA 129 -92.75 -17.09 -26.98
C THR QA 129 -93.13 -15.94 -27.90
N LEU QA 130 -94.11 -15.16 -27.47
CA LEU QA 130 -94.59 -14.02 -28.24
C LEU QA 130 -94.22 -12.69 -27.59
N LEU QA 131 -93.44 -12.71 -26.51
CA LEU QA 131 -93.02 -11.45 -25.90
C LEU QA 131 -92.10 -10.66 -26.81
N THR QA 132 -91.44 -11.33 -27.75
CA THR QA 132 -90.45 -10.68 -28.61
C THR QA 132 -90.97 -10.34 -29.99
N VAL QA 133 -92.14 -10.84 -30.38
CA VAL QA 133 -92.68 -10.54 -31.70
C VAL QA 133 -93.29 -9.16 -31.69
N SER QA 134 -93.10 -8.42 -32.78
CA SER QA 134 -93.61 -7.06 -32.85
C SER QA 134 -95.09 -7.07 -33.22
N PRO QA 135 -95.88 -6.15 -32.65
CA PRO QA 135 -97.33 -6.15 -32.93
C PRO QA 135 -97.67 -5.67 -34.33
N SER QA 136 -96.72 -5.12 -35.08
CA SER QA 136 -97.03 -4.61 -36.40
C SER QA 136 -97.30 -5.74 -37.39
N GLU QA 137 -96.47 -6.78 -37.37
CA GLU QA 137 -96.59 -7.85 -38.36
C GLU QA 137 -97.85 -8.68 -38.14
N LEU QA 138 -98.23 -8.91 -36.88
CA LEU QA 138 -99.36 -9.79 -36.61
C LEU QA 138 -100.66 -9.21 -37.12
N ALA QA 139 -100.89 -7.92 -36.90
CA ALA QA 139 -102.13 -7.29 -37.33
C ALA QA 139 -102.21 -7.11 -38.84
N ASN QA 140 -101.24 -7.61 -39.61
CA ASN QA 140 -101.20 -7.32 -41.03
C ASN QA 140 -102.20 -8.18 -41.81
N GLN QA 141 -102.01 -9.50 -41.80
CA GLN QA 141 -102.86 -10.36 -42.60
C GLN QA 141 -103.08 -11.70 -41.89
N VAL QA 142 -104.30 -11.90 -41.41
CA VAL QA 142 -104.84 -13.22 -41.08
C VAL QA 142 -106.35 -13.07 -40.97
N TYR QA 143 -107.10 -13.97 -41.60
CA TYR QA 143 -108.56 -13.92 -41.53
C TYR QA 143 -109.13 -15.18 -42.19
N ALA QA 144 -110.45 -15.32 -42.09
CA ALA QA 144 -111.16 -16.38 -42.81
C ALA QA 144 -112.49 -15.89 -43.36
N ASN QA 145 -112.74 -14.58 -43.38
CA ASN QA 145 -114.01 -14.03 -43.84
C ASN QA 145 -113.73 -12.68 -44.47
N GLY QA 146 -114.78 -11.86 -44.61
CA GLY QA 146 -114.65 -10.63 -45.36
C GLY QA 146 -113.63 -9.66 -44.80
N GLN QA 147 -113.40 -9.70 -43.49
CA GLN QA 147 -112.57 -8.70 -42.81
C GLN QA 147 -111.37 -9.35 -42.12
N TYR QA 148 -110.24 -8.66 -42.17
CA TYR QA 148 -109.04 -9.10 -41.47
C TYR QA 148 -109.29 -9.04 -39.96
N LEU QA 149 -109.11 -10.16 -39.28
CA LEU QA 149 -109.25 -10.19 -37.84
C LEU QA 149 -107.98 -9.69 -37.17
N ASP QA 150 -108.16 -8.98 -36.06
CA ASP QA 150 -107.07 -8.38 -35.30
C ASP QA 150 -106.91 -9.10 -33.97
N LEU QA 151 -105.68 -9.50 -33.66
CA LEU QA 151 -105.40 -10.24 -32.43
C LEU QA 151 -104.96 -9.31 -31.30
N VAL QA 152 -103.87 -8.58 -31.50
CA VAL QA 152 -103.27 -7.78 -30.43
C VAL QA 152 -104.13 -6.54 -30.20
N ASN QA 153 -104.31 -6.20 -28.93
CA ASN QA 153 -105.07 -5.02 -28.52
C ASN QA 153 -104.10 -4.07 -27.83
N GLN QA 154 -103.74 -2.98 -28.51
CA GLN QA 154 -102.72 -2.07 -28.03
C GLN QA 154 -103.31 -0.71 -27.71
N GLN QA 155 -103.05 -0.23 -26.50
CA GLN QA 155 -103.38 1.13 -26.10
C GLN QA 155 -102.15 1.76 -25.48
N THR QA 156 -101.94 3.05 -25.75
CA THR QA 156 -100.73 3.74 -25.34
C THR QA 156 -101.05 4.87 -24.39
N ASN QA 157 -100.04 5.22 -23.58
CA ASN QA 157 -100.13 6.34 -22.65
C ASN QA 157 -98.73 6.63 -22.13
N ALA QA 158 -98.50 7.89 -21.76
CA ALA QA 158 -97.23 8.35 -21.22
C ALA QA 158 -96.07 8.04 -22.18
N GLY QA 159 -96.33 8.08 -23.48
CA GLY QA 159 -95.28 7.85 -24.45
C GLY QA 159 -94.82 6.42 -24.57
N GLN QA 160 -95.65 5.45 -24.16
CA GLN QA 160 -95.30 4.05 -24.26
C GLN QA 160 -96.52 3.26 -24.73
N THR QA 161 -96.27 2.23 -25.53
CA THR QA 161 -97.31 1.42 -26.12
C THR QA 161 -97.41 0.09 -25.36
N TYR QA 162 -98.59 -0.18 -24.81
CA TYR QA 162 -98.82 -1.39 -24.03
C TYR QA 162 -99.66 -2.35 -24.87
N VAL QA 163 -99.03 -3.41 -25.37
CA VAL QA 163 -99.71 -4.39 -26.20
C VAL QA 163 -99.94 -5.65 -25.38
N TYR QA 164 -100.89 -6.45 -25.82
CA TYR QA 164 -101.21 -7.73 -25.18
C TYR QA 164 -102.14 -8.51 -26.09
N TYR QA 165 -102.40 -9.76 -25.70
CA TYR QA 165 -103.30 -10.64 -26.42
C TYR QA 165 -104.48 -11.00 -25.55
N PRO QA 166 -105.72 -10.79 -26.01
CA PRO QA 166 -106.88 -10.96 -25.14
C PRO QA 166 -107.43 -12.37 -25.05
N ASN QA 167 -106.91 -13.32 -25.81
CA ASN QA 167 -107.48 -14.65 -25.82
C ASN QA 167 -106.42 -15.67 -26.20
N PRO QA 168 -106.44 -16.86 -25.60
CA PRO QA 168 -105.46 -17.89 -25.99
C PRO QA 168 -105.59 -18.32 -27.44
N TYR QA 169 -106.81 -18.34 -27.98
CA TYR QA 169 -106.98 -18.70 -29.39
C TYR QA 169 -106.32 -17.67 -30.30
N TYR QA 170 -106.53 -16.39 -30.03
CA TYR QA 170 -105.81 -15.36 -30.76
C TYR QA 170 -104.31 -15.53 -30.61
N ALA QA 171 -103.88 -15.98 -29.43
CA ALA QA 171 -102.45 -16.22 -29.23
C ALA QA 171 -101.97 -17.38 -30.10
N LEU QA 172 -102.79 -18.41 -30.23
CA LEU QA 172 -102.41 -19.54 -31.08
C LEU QA 172 -102.33 -19.13 -32.54
N LEU QA 173 -103.38 -18.49 -33.06
CA LEU QA 173 -103.34 -18.02 -34.43
C LEU QA 173 -102.15 -17.09 -34.66
N ALA QA 174 -101.78 -16.33 -33.64
CA ALA QA 174 -100.57 -15.52 -33.74
C ALA QA 174 -99.34 -16.40 -33.85
N LEU QA 175 -99.33 -17.53 -33.15
CA LEU QA 175 -98.14 -18.39 -33.16
C LEU QA 175 -98.02 -19.15 -34.47
N ASN QA 176 -99.15 -19.51 -35.09
CA ASN QA 176 -99.10 -20.22 -36.36
C ASN QA 176 -98.45 -19.36 -37.44
N TYR QA 177 -98.89 -18.10 -37.56
CA TYR QA 177 -98.34 -17.23 -38.59
C TYR QA 177 -96.88 -16.88 -38.30
N THR QA 178 -96.54 -16.68 -37.03
CA THR QA 178 -95.18 -16.29 -36.69
C THR QA 178 -94.21 -17.45 -36.91
N LEU QA 179 -94.60 -18.65 -36.49
CA LEU QA 179 -93.73 -19.80 -36.68
C LEU QA 179 -93.53 -20.13 -38.15
N SER QA 180 -94.46 -19.71 -39.01
CA SER QA 180 -94.37 -20.06 -40.42
C SER QA 180 -93.58 -19.01 -41.20
N LYS QA 181 -93.87 -17.74 -40.98
CA LYS QA 181 -93.30 -16.66 -41.78
C LYS QA 181 -92.26 -15.84 -41.04
N ILE QA 182 -92.55 -15.42 -39.81
CA ILE QA 182 -91.59 -14.60 -39.07
C ILE QA 182 -90.41 -15.45 -38.61
N ASP QA 183 -90.67 -16.45 -37.78
CA ASP QA 183 -89.61 -17.32 -37.29
C ASP QA 183 -89.35 -18.40 -38.34
N LYS QA 184 -88.20 -18.31 -39.01
CA LYS QA 184 -87.87 -19.20 -40.12
C LYS QA 184 -87.50 -20.57 -39.55
N VAL QA 185 -88.50 -21.44 -39.44
CA VAL QA 185 -88.30 -22.83 -39.06
C VAL QA 185 -89.03 -23.70 -40.06
N SER QA 186 -88.32 -24.68 -40.63
CA SER QA 186 -88.96 -25.58 -41.59
C SER QA 186 -89.88 -26.56 -40.86
N PRO QA 187 -89.48 -27.19 -39.74
CA PRO QA 187 -90.47 -27.96 -38.98
C PRO QA 187 -91.20 -27.08 -37.98
N SER QA 188 -92.50 -26.86 -38.20
CA SER QA 188 -93.30 -26.08 -37.27
C SER QA 188 -94.13 -27.02 -36.43
N PRO QA 189 -93.98 -27.00 -35.10
CA PRO QA 189 -94.74 -27.95 -34.27
C PRO QA 189 -96.24 -27.75 -34.34
N LEU QA 190 -96.71 -26.58 -34.77
CA LEU QA 190 -98.13 -26.26 -34.82
C LEU QA 190 -98.56 -26.01 -36.26
N TYR QA 191 -99.77 -26.44 -36.58
CA TYR QA 191 -100.30 -26.26 -37.93
C TYR QA 191 -101.82 -26.19 -37.83
N ILE QA 192 -102.38 -25.00 -37.99
CA ILE QA 192 -103.81 -24.77 -37.84
C ILE QA 192 -104.40 -24.46 -39.20
N THR QA 193 -105.41 -25.24 -39.60
CA THR QA 193 -106.14 -25.00 -40.83
C THR QA 193 -107.62 -25.23 -40.59
N THR QA 194 -108.44 -24.45 -41.29
CA THR QA 194 -109.89 -24.52 -41.15
C THR QA 194 -110.54 -25.56 -42.04
N THR QA 195 -109.74 -26.34 -42.78
CA THR QA 195 -110.30 -27.35 -43.66
C THR QA 195 -110.84 -28.53 -42.86
N THR QA 196 -111.53 -29.41 -43.57
CA THR QA 196 -112.05 -30.61 -42.93
C THR QA 196 -110.89 -31.50 -42.49
N PRO QA 197 -110.92 -32.01 -41.25
CA PRO QA 197 -109.81 -32.87 -40.79
C PRO QA 197 -109.60 -34.08 -41.68
N SER QA 198 -110.68 -34.69 -42.15
CA SER QA 198 -110.55 -35.79 -43.09
C SER QA 198 -109.80 -35.34 -44.34
N SER QA 199 -110.23 -34.22 -44.92
CA SER QA 199 -109.53 -33.69 -46.10
C SER QA 199 -108.10 -33.33 -45.77
N ALA QA 200 -107.84 -32.88 -44.54
CA ALA QA 200 -106.49 -32.51 -44.15
C ALA QA 200 -105.55 -33.72 -44.24
N THR QA 201 -106.04 -34.90 -43.87
CA THR QA 201 -105.23 -36.10 -43.99
C THR QA 201 -104.97 -36.46 -45.44
N GLN QA 202 -105.90 -36.15 -46.34
CA GLN QA 202 -105.71 -36.49 -47.74
C GLN QA 202 -104.63 -35.61 -48.37
N ILE QA 203 -104.69 -34.31 -48.13
CA ILE QA 203 -103.70 -33.41 -48.73
C ILE QA 203 -102.35 -33.58 -48.06
N TYR QA 204 -102.35 -33.86 -46.76
CA TYR QA 204 -101.11 -34.02 -46.00
C TYR QA 204 -101.18 -35.32 -45.21
N PRO QA 205 -100.33 -36.30 -45.50
CA PRO QA 205 -100.42 -37.57 -44.75
C PRO QA 205 -99.89 -37.48 -43.34
N PHE QA 206 -98.82 -36.71 -43.12
CA PHE QA 206 -98.19 -36.67 -41.81
C PHE QA 206 -99.08 -36.08 -40.74
N LEU QA 207 -100.12 -35.33 -41.12
CA LEU QA 207 -100.99 -34.69 -40.14
C LEU QA 207 -101.84 -35.68 -39.37
N ALA QA 208 -101.89 -36.95 -39.79
CA ALA QA 208 -102.73 -37.92 -39.10
C ALA QA 208 -102.17 -38.32 -37.75
N HIS QA 209 -100.84 -38.34 -37.62
CA HIS QA 209 -100.21 -38.79 -36.37
C HIS QA 209 -100.19 -37.71 -35.30
N ASP QA 210 -100.48 -36.46 -35.64
CA ASP QA 210 -100.35 -35.38 -34.70
C ASP QA 210 -101.56 -35.35 -33.75
N ASN QA 211 -101.47 -34.49 -32.74
CA ASN QA 211 -102.57 -34.28 -31.82
C ASN QA 211 -103.60 -33.35 -32.44
N MET QA 212 -104.74 -33.19 -31.77
CA MET QA 212 -105.80 -32.38 -32.32
C MET QA 212 -106.74 -31.90 -31.22
N PHE QA 213 -107.15 -30.64 -31.31
CA PHE QA 213 -108.19 -30.08 -30.46
C PHE QA 213 -108.86 -28.95 -31.22
N THR QA 214 -110.18 -28.87 -31.12
CA THR QA 214 -110.96 -27.96 -31.94
C THR QA 214 -111.32 -26.69 -31.19
N PHE QA 215 -111.49 -25.62 -31.94
CA PHE QA 215 -111.97 -24.34 -31.40
C PHE QA 215 -112.46 -23.49 -32.55
N THR QA 216 -113.64 -22.89 -32.38
CA THR QA 216 -114.29 -22.13 -33.43
C THR QA 216 -114.48 -20.68 -33.01
N LEU QA 217 -114.78 -19.83 -33.99
CA LEU QA 217 -115.00 -18.42 -33.76
C LEU QA 217 -116.25 -17.97 -34.51
N ASN QA 218 -116.68 -16.75 -34.20
CA ASN QA 218 -117.81 -16.12 -34.88
C ASN QA 218 -117.28 -14.86 -35.56
N ILE QA 219 -116.97 -14.98 -36.85
CA ILE QA 219 -116.36 -13.90 -37.62
C ILE QA 219 -117.28 -13.57 -38.79
N SER QA 220 -117.66 -12.29 -38.90
CA SER QA 220 -118.48 -11.80 -40.00
C SER QA 220 -119.78 -12.58 -40.13
N GLY QA 221 -120.38 -12.90 -38.98
CA GLY QA 221 -121.64 -13.61 -38.99
C GLY QA 221 -121.56 -15.03 -39.53
N THR QA 222 -120.42 -15.68 -39.39
CA THR QA 222 -120.25 -17.04 -39.86
C THR QA 222 -119.35 -17.79 -38.90
N LEU QA 223 -119.83 -18.90 -38.35
CA LEU QA 223 -119.07 -19.67 -37.38
C LEU QA 223 -117.93 -20.37 -38.10
N VAL QA 224 -116.75 -19.77 -38.04
CA VAL QA 224 -115.55 -20.36 -38.63
C VAL QA 224 -114.92 -21.30 -37.61
N THR QA 225 -114.52 -22.48 -38.08
CA THR QA 225 -113.94 -23.50 -37.21
C THR QA 225 -112.48 -23.72 -37.60
N TYR QA 226 -111.60 -23.65 -36.61
CA TYR QA 226 -110.18 -23.93 -36.79
C TYR QA 226 -109.83 -25.23 -36.08
N TYR QA 227 -108.86 -25.95 -36.64
CA TYR QA 227 -108.40 -27.21 -36.09
C TYR QA 227 -106.89 -27.15 -35.88
N ALA QA 228 -106.43 -27.66 -34.74
CA ALA QA 228 -105.03 -27.62 -34.37
C ALA QA 228 -104.42 -29.00 -34.54
N PHE QA 229 -103.15 -29.04 -34.96
CA PHE QA 229 -102.42 -30.29 -35.18
C PHE QA 229 -101.05 -30.16 -34.50
N VAL QA 230 -100.96 -30.67 -33.28
CA VAL QA 230 -99.73 -30.62 -32.49
C VAL QA 230 -99.01 -31.96 -32.66
N ASN QA 231 -97.72 -31.89 -33.01
CA ASN QA 231 -96.91 -33.10 -33.18
C ASN QA 231 -95.86 -33.25 -32.09
N GLN QA 232 -95.85 -32.37 -31.10
CA GLN QA 232 -94.82 -32.37 -30.07
C GLN QA 232 -95.27 -31.51 -28.91
N THR QA 233 -95.08 -32.02 -27.69
CA THR QA 233 -95.47 -31.28 -26.50
C THR QA 233 -94.51 -30.11 -26.28
N PHE QA 234 -95.06 -28.91 -26.25
CA PHE QA 234 -94.25 -27.72 -26.02
C PHE QA 234 -95.14 -26.61 -25.48
N ALA QA 235 -94.52 -25.62 -24.85
CA ALA QA 235 -95.22 -24.53 -24.20
C ALA QA 235 -94.70 -23.20 -24.71
N PHE QA 236 -95.56 -22.19 -24.65
CA PHE QA 236 -95.22 -20.83 -25.07
C PHE QA 236 -95.82 -19.83 -24.11
N THR QA 237 -95.33 -18.59 -24.18
CA THR QA 237 -95.73 -17.54 -23.26
C THR QA 237 -95.97 -16.25 -24.04
N TYR QA 238 -97.16 -15.68 -23.88
CA TYR QA 238 -97.54 -14.44 -24.52
C TYR QA 238 -97.90 -13.40 -23.46
N PRO QA 239 -97.81 -12.11 -23.78
CA PRO QA 239 -98.14 -11.08 -22.80
C PRO QA 239 -99.64 -11.00 -22.56
N VAL QA 240 -100.00 -10.67 -21.33
CA VAL QA 240 -101.41 -10.59 -20.97
C VAL QA 240 -101.76 -9.18 -20.50
N ALA QA 241 -100.79 -8.48 -19.91
CA ALA QA 241 -101.05 -7.14 -19.41
C ALA QA 241 -99.74 -6.45 -19.06
N GLY QA 242 -99.73 -5.13 -19.25
CA GLY QA 242 -98.64 -4.28 -18.82
C GLY QA 242 -97.26 -4.66 -19.31
N ASP QA 243 -97.08 -4.71 -20.63
CA ASP QA 243 -95.81 -5.12 -21.24
C ASP QA 243 -95.41 -4.11 -22.30
N PRO QA 244 -94.75 -3.02 -21.90
CA PRO QA 244 -94.24 -2.08 -22.91
C PRO QA 244 -92.97 -2.58 -23.57
N LEU QA 245 -92.10 -3.28 -22.83
CA LEU QA 245 -90.84 -3.78 -23.37
C LEU QA 245 -91.08 -5.00 -24.26
N ILE QA 246 -91.68 -4.74 -25.42
CA ILE QA 246 -91.96 -5.78 -26.39
C ILE QA 246 -90.83 -5.80 -27.42
N GLY QA 247 -90.18 -6.94 -27.56
CA GLY QA 247 -89.05 -7.05 -28.45
C GLY QA 247 -87.79 -7.47 -27.71
N SER QA 248 -87.94 -7.81 -26.43
CA SER QA 248 -86.80 -8.22 -25.62
C SER QA 248 -87.06 -9.45 -24.76
N ALA QA 249 -88.32 -9.90 -24.64
CA ALA QA 249 -88.67 -11.06 -23.82
C ALA QA 249 -88.21 -10.87 -22.38
N ILE QA 250 -88.57 -9.72 -21.80
CA ILE QA 250 -88.26 -9.38 -20.42
C ILE QA 250 -89.56 -8.96 -19.75
N ALA QA 251 -90.09 -9.82 -18.90
CA ALA QA 251 -91.34 -9.51 -18.20
C ALA QA 251 -91.11 -8.42 -17.18
N PRO QA 252 -91.64 -7.22 -17.38
CA PRO QA 252 -91.36 -6.12 -16.44
C PRO QA 252 -92.11 -6.31 -15.13
N ALA QA 253 -91.78 -5.45 -14.18
CA ALA QA 253 -92.43 -5.49 -12.89
C ALA QA 253 -93.90 -5.14 -13.02
N GLY QA 254 -94.74 -5.80 -12.21
CA GLY QA 254 -96.16 -5.59 -12.24
C GLY QA 254 -96.88 -6.15 -13.45
N SER QA 255 -96.15 -6.72 -14.41
CA SER QA 255 -96.76 -7.26 -15.61
C SER QA 255 -97.43 -8.60 -15.31
N VAL QA 256 -98.16 -9.11 -16.29
CA VAL QA 256 -98.78 -10.44 -16.20
C VAL QA 256 -98.45 -11.19 -17.48
N ILE QA 257 -98.11 -12.46 -17.32
CA ILE QA 257 -97.76 -13.33 -18.43
C ILE QA 257 -98.62 -14.59 -18.34
N GLY QA 258 -99.03 -15.09 -19.50
CA GLY QA 258 -99.81 -16.31 -19.58
C GLY QA 258 -98.96 -17.44 -20.12
N VAL QA 259 -99.19 -18.64 -19.60
CA VAL QA 259 -98.43 -19.83 -19.99
C VAL QA 259 -99.42 -20.89 -20.48
N MET QA 260 -99.08 -21.56 -21.57
CA MET QA 260 -99.96 -22.57 -22.14
C MET QA 260 -99.11 -23.70 -22.72
N ILE QA 261 -99.45 -24.93 -22.38
CA ILE QA 261 -98.76 -26.12 -22.86
C ILE QA 261 -99.66 -26.83 -23.86
N LEU QA 262 -99.08 -27.25 -24.98
CA LEU QA 262 -99.80 -27.95 -26.04
C LEU QA 262 -99.40 -29.42 -25.99
N PHE QA 263 -100.26 -30.24 -25.41
CA PHE QA 263 -99.96 -31.65 -25.22
C PHE QA 263 -99.87 -32.37 -26.55
N GLY QA 264 -98.73 -32.98 -26.83
CA GLY QA 264 -98.52 -33.69 -28.07
C GLY QA 264 -99.21 -35.04 -28.08
N PRO QA 265 -98.79 -35.90 -29.01
CA PRO QA 265 -99.39 -37.24 -29.07
C PRO QA 265 -98.76 -38.19 -28.07
N ASP QA 266 -97.50 -37.92 -27.71
CA ASP QA 266 -96.81 -38.78 -26.75
C ASP QA 266 -97.44 -38.70 -25.37
N LEU QA 267 -98.04 -37.56 -25.02
CA LEU QA 267 -98.68 -37.39 -23.73
C LEU QA 267 -100.18 -37.23 -23.81
N GLY QA 268 -100.70 -36.75 -24.94
CA GLY QA 268 -102.14 -36.54 -25.08
C GLY QA 268 -102.97 -37.78 -24.91
N SER QA 269 -102.39 -38.96 -25.18
CA SER QA 269 -103.15 -40.20 -25.05
C SER QA 269 -103.63 -40.42 -23.63
N HIS QA 270 -102.88 -39.95 -22.64
CA HIS QA 270 -103.26 -40.09 -21.24
C HIS QA 270 -104.02 -38.86 -20.76
N VAL QA 271 -105.01 -39.10 -19.92
CA VAL QA 271 -105.74 -38.04 -19.24
C VAL QA 271 -105.49 -38.19 -17.75
N PHE QA 272 -105.04 -37.11 -17.12
CA PHE QA 272 -104.62 -37.19 -15.73
C PHE QA 272 -105.83 -37.21 -14.81
N GLN QA 273 -105.92 -38.25 -13.98
CA GLN QA 273 -107.04 -38.43 -13.07
C GLN QA 273 -106.52 -39.09 -11.80
N TYR QA 274 -106.72 -38.45 -10.65
CA TYR QA 274 -106.20 -38.92 -9.38
C TYR QA 274 -104.68 -39.06 -9.41
N GLN QA 275 -104.02 -38.09 -10.05
CA GLN QA 275 -102.56 -38.12 -10.18
C GLN QA 275 -101.96 -36.82 -9.65
N THR QA 276 -100.65 -36.66 -9.83
CA THR QA 276 -99.95 -35.44 -9.46
C THR QA 276 -99.25 -34.88 -10.68
N ILE QA 277 -99.29 -33.55 -10.82
CA ILE QA 277 -98.76 -32.86 -11.99
C ILE QA 277 -97.85 -31.75 -11.50
N THR QA 278 -96.63 -31.68 -12.04
CA THR QA 278 -95.65 -30.71 -11.60
C THR QA 278 -95.03 -30.00 -12.79
N ILE QA 279 -94.97 -28.67 -12.72
CA ILE QA 279 -94.36 -27.83 -13.74
C ILE QA 279 -93.36 -26.91 -13.05
N GLN QA 280 -92.21 -26.71 -13.68
CA GLN QA 280 -91.15 -25.89 -13.09
C GLN QA 280 -90.56 -24.97 -14.14
N ILE QA 281 -90.81 -23.67 -14.01
CA ILE QA 281 -90.24 -22.66 -14.89
C ILE QA 281 -89.06 -22.04 -14.16
N THR QA 282 -87.86 -22.20 -14.73
CA THR QA 282 -86.63 -21.72 -14.10
C THR QA 282 -85.91 -20.73 -15.00
N PRO QA 283 -85.88 -19.45 -14.66
CA PRO QA 283 -85.10 -18.49 -15.44
C PRO QA 283 -83.62 -18.68 -15.20
N ASN QA 284 -82.83 -17.85 -15.90
CA ASN QA 284 -81.39 -17.91 -15.74
C ASN QA 284 -80.90 -17.20 -14.49
N ILE QA 285 -81.70 -16.28 -13.94
CA ILE QA 285 -81.35 -15.56 -12.72
C ILE QA 285 -82.60 -15.46 -11.85
N GLY QA 286 -82.56 -16.12 -10.69
CA GLY QA 286 -83.67 -16.02 -9.76
C GLY QA 286 -84.20 -17.37 -9.32
N SER QA 287 -84.99 -17.37 -8.25
CA SER QA 287 -85.55 -18.60 -7.73
C SER QA 287 -86.59 -19.15 -8.71
N PRO QA 288 -86.62 -20.47 -8.90
CA PRO QA 288 -87.57 -21.04 -9.86
C PRO QA 288 -89.00 -20.99 -9.36
N LEU QA 289 -89.93 -21.51 -10.17
CA LEU QA 289 -91.34 -21.57 -9.81
C LEU QA 289 -91.83 -22.98 -10.01
N THR QA 290 -92.16 -23.66 -8.92
CA THR QA 290 -92.64 -25.03 -8.95
C THR QA 290 -94.06 -25.08 -8.45
N ILE QA 291 -94.91 -25.79 -9.19
CA ILE QA 291 -96.33 -25.90 -8.87
C ILE QA 291 -96.74 -27.37 -9.03
N SER QA 292 -97.44 -27.89 -8.02
CA SER QA 292 -97.90 -29.27 -8.02
C SER QA 292 -99.38 -29.31 -7.72
N GLU QA 293 -100.14 -29.95 -8.59
CA GLU QA 293 -101.59 -30.03 -8.44
C GLU QA 293 -102.06 -31.47 -8.57
N TYR QA 294 -103.09 -31.81 -7.82
CA TYR QA 294 -103.71 -33.13 -7.83
C TYR QA 294 -105.07 -33.01 -8.49
N VAL QA 295 -105.21 -33.62 -9.66
CA VAL QA 295 -106.45 -33.53 -10.43
C VAL QA 295 -107.31 -34.76 -10.13
N TYR QA 296 -108.52 -34.52 -9.64
CA TYR QA 296 -109.42 -35.61 -9.28
C TYR QA 296 -110.22 -36.12 -10.48
N GLN QA 297 -111.07 -35.26 -11.04
CA GLN QA 297 -111.98 -35.63 -12.13
C GLN QA 297 -112.20 -34.42 -13.02
N PRO QA 298 -111.91 -34.51 -14.31
CA PRO QA 298 -112.12 -33.37 -15.20
C PRO QA 298 -113.58 -33.22 -15.57
N GLU QA 299 -113.99 -31.97 -15.79
CA GLU QA 299 -115.36 -31.68 -16.21
C GLU QA 299 -115.40 -30.30 -16.86
N GLY QA 300 -116.39 -30.10 -17.71
CA GLY QA 300 -116.59 -28.83 -18.38
C GLY QA 300 -115.64 -28.55 -19.53
N SER QA 301 -114.69 -29.44 -19.81
CA SER QA 301 -113.70 -29.32 -20.87
C SER QA 301 -112.66 -28.26 -20.54
N VAL QA 302 -112.91 -27.49 -19.49
CA VAL QA 302 -111.92 -26.58 -18.90
C VAL QA 302 -112.03 -26.72 -17.40
N SER QA 303 -111.16 -27.53 -16.81
CA SER QA 303 -111.19 -27.78 -15.38
C SER QA 303 -110.28 -26.79 -14.68
N VAL QA 304 -110.79 -26.16 -13.61
CA VAL QA 304 -110.00 -25.17 -12.87
C VAL QA 304 -109.24 -25.95 -11.79
N ILE QA 305 -108.12 -26.54 -12.21
CA ILE QA 305 -107.27 -27.33 -11.33
C ILE QA 305 -106.00 -27.70 -12.08
N LEU RA 19 -31.19 -0.90 1.52
CA LEU RA 19 -31.65 -1.28 2.86
C LEU RA 19 -33.09 -1.77 2.82
N ALA RA 20 -33.58 -2.21 3.98
CA ALA RA 20 -34.97 -2.62 4.13
C ALA RA 20 -35.88 -1.50 4.60
N GLY RA 21 -35.34 -0.29 4.78
CA GLY RA 21 -36.17 0.82 5.25
C GLY RA 21 -36.93 1.48 4.11
N LEU RA 22 -36.27 1.66 2.97
CA LEU RA 22 -36.95 2.26 1.82
C LEU RA 22 -38.04 1.35 1.28
N ASP RA 23 -37.66 0.12 0.87
CA ASP RA 23 -38.62 -0.76 0.21
C ASP RA 23 -39.76 -1.16 1.13
N THR RA 24 -39.61 -0.96 2.44
CA THR RA 24 -40.74 -1.16 3.34
C THR RA 24 -41.74 -0.02 3.20
N ALA RA 25 -41.25 1.20 3.02
CA ALA RA 25 -42.15 2.33 2.82
C ALA RA 25 -42.89 2.22 1.50
N ILE RA 26 -42.21 1.71 0.47
CA ILE RA 26 -42.85 1.59 -0.85
C ILE RA 26 -44.01 0.61 -0.78
N ILE RA 27 -43.83 -0.48 -0.05
CA ILE RA 27 -44.93 -1.42 0.13
C ILE RA 27 -45.99 -0.83 1.06
N LEU RA 28 -45.58 -0.04 2.04
CA LEU RA 28 -46.54 0.61 2.91
C LEU RA 28 -47.39 1.61 2.14
N ILE RA 29 -46.88 2.10 1.01
CA ILE RA 29 -47.66 3.01 0.17
C ILE RA 29 -48.66 2.21 -0.67
N ALA RA 30 -48.22 1.07 -1.20
CA ALA RA 30 -49.08 0.30 -2.10
C ALA RA 30 -50.22 -0.36 -1.34
N PHE RA 31 -49.93 -0.90 -0.15
CA PHE RA 31 -50.96 -1.62 0.59
C PHE RA 31 -52.02 -0.68 1.14
N ILE RA 32 -51.65 0.56 1.43
CA ILE RA 32 -52.65 1.53 1.86
C ILE RA 32 -53.57 1.90 0.70
N ILE RA 33 -53.02 1.95 -0.51
CA ILE RA 33 -53.84 2.24 -1.68
C ILE RA 33 -54.83 1.10 -1.94
N THR RA 34 -54.32 -0.14 -1.95
CA THR RA 34 -55.19 -1.28 -2.21
C THR RA 34 -56.28 -1.40 -1.15
N ALA RA 35 -55.96 -1.05 0.10
CA ALA RA 35 -56.96 -1.15 1.16
C ALA RA 35 -58.04 -0.10 0.99
N SER RA 36 -57.66 1.10 0.52
CA SER RA 36 -58.65 2.15 0.33
C SER RA 36 -59.60 1.80 -0.80
N VAL RA 37 -59.07 1.23 -1.89
CA VAL RA 37 -59.91 0.87 -3.03
C VAL RA 37 -60.98 -0.12 -2.61
N LEU RA 38 -60.59 -1.15 -1.86
CA LEU RA 38 -61.57 -2.11 -1.36
C LEU RA 38 -62.57 -1.42 -0.45
N ALA RA 39 -62.10 -0.52 0.41
CA ALA RA 39 -63.01 0.25 1.25
C ALA RA 39 -63.86 1.19 0.41
N TYR RA 40 -63.30 1.71 -0.68
CA TYR RA 40 -64.05 2.57 -1.57
C TYR RA 40 -65.23 1.83 -2.20
N VAL RA 41 -64.98 0.60 -2.67
CA VAL RA 41 -66.03 -0.16 -3.31
C VAL RA 41 -66.98 -0.75 -2.28
N ALA RA 42 -66.47 -1.07 -1.10
CA ALA RA 42 -67.31 -1.70 -0.08
C ALA RA 42 -68.43 -0.77 0.36
N ILE RA 43 -68.10 0.50 0.59
CA ILE RA 43 -69.11 1.46 1.01
C ILE RA 43 -70.07 1.75 -0.14
N ASN RA 44 -69.55 1.84 -1.37
CA ASN RA 44 -70.41 2.13 -2.51
C ASN RA 44 -71.48 1.07 -2.69
N MET RA 45 -71.07 -0.20 -2.75
CA MET RA 45 -72.04 -1.28 -2.90
C MET RA 45 -72.86 -1.48 -1.64
N GLY RA 46 -72.31 -1.13 -0.48
CA GLY RA 46 -73.06 -1.26 0.75
C GLY RA 46 -74.26 -0.33 0.80
N LEU RA 47 -74.07 0.91 0.36
CA LEU RA 47 -75.19 1.85 0.31
C LEU RA 47 -76.20 1.44 -0.74
N PHE RA 48 -75.73 0.86 -1.86
CA PHE RA 48 -76.63 0.52 -2.94
C PHE RA 48 -77.55 -0.65 -2.57
N VAL RA 49 -76.97 -1.72 -2.03
CA VAL RA 49 -77.78 -2.86 -1.62
C VAL RA 49 -78.75 -2.46 -0.53
N THR RA 50 -78.29 -1.65 0.42
CA THR RA 50 -79.15 -1.21 1.51
C THR RA 50 -80.33 -0.40 1.00
N GLN RA 51 -80.08 0.52 0.07
CA GLN RA 51 -81.17 1.28 -0.51
C GLN RA 51 -82.12 0.38 -1.29
N LYS RA 52 -81.59 -0.70 -1.87
CA LYS RA 52 -82.44 -1.63 -2.59
C LYS RA 52 -83.35 -2.39 -1.64
N ALA RA 53 -82.88 -2.65 -0.42
CA ALA RA 53 -83.75 -3.27 0.58
C ALA RA 53 -84.87 -2.32 0.98
N LYS RA 54 -84.59 -1.02 1.01
CA LYS RA 54 -85.60 -0.04 1.37
C LYS RA 54 -86.74 -0.05 0.36
N SER RA 55 -86.41 -0.18 -0.92
CA SER RA 55 -87.45 -0.22 -1.94
C SER RA 55 -88.27 -1.50 -1.83
N THR RA 56 -87.62 -2.61 -1.53
CA THR RA 56 -88.34 -3.89 -1.43
C THR RA 56 -89.29 -3.90 -0.24
N ILE RA 57 -88.86 -3.32 0.89
CA ILE RA 57 -89.72 -3.26 2.06
C ILE RA 57 -90.96 -2.44 1.76
N ASN RA 58 -90.82 -1.39 0.95
CA ASN RA 58 -91.97 -0.56 0.62
C ASN RA 58 -92.96 -1.31 -0.25
N LYS RA 59 -92.48 -1.90 -1.35
CA LYS RA 59 -93.38 -2.65 -2.22
C LYS RA 59 -93.98 -3.86 -1.49
N GLY RA 60 -93.23 -4.45 -0.57
CA GLY RA 60 -93.78 -5.54 0.22
C GLY RA 60 -94.94 -5.10 1.07
N GLU RA 61 -94.91 -3.86 1.56
CA GLU RA 61 -96.01 -3.36 2.38
C GLU RA 61 -97.21 -3.03 1.51
N GLU RA 62 -96.99 -2.40 0.35
CA GLU RA 62 -98.11 -2.07 -0.51
C GLU RA 62 -98.80 -3.31 -1.05
N THR RA 63 -98.04 -4.39 -1.24
CA THR RA 63 -98.65 -5.64 -1.70
C THR RA 63 -99.61 -6.19 -0.66
N ALA RA 64 -99.29 -6.03 0.62
CA ALA RA 64 -100.14 -6.56 1.67
C ALA RA 64 -101.37 -5.70 1.87
N SER RA 65 -101.26 -4.40 1.62
CA SER RA 65 -102.36 -3.49 1.96
C SER RA 65 -103.41 -3.45 0.85
N THR RA 66 -103.00 -3.22 -0.39
CA THR RA 66 -103.95 -3.00 -1.47
C THR RA 66 -104.64 -4.30 -1.85
N ALA RA 67 -105.97 -4.24 -1.92
CA ALA RA 67 -106.81 -5.36 -2.33
C ALA RA 67 -108.20 -4.83 -2.61
N LEU RA 68 -108.90 -5.49 -3.53
CA LEU RA 68 -110.21 -5.05 -3.99
C LEU RA 68 -111.29 -6.02 -3.51
N THR RA 69 -112.36 -5.48 -2.93
CA THR RA 69 -113.47 -6.27 -2.44
C THR RA 69 -114.69 -6.08 -3.31
N LEU RA 70 -115.62 -7.02 -3.21
CA LEU RA 70 -116.85 -7.02 -4.02
C LEU RA 70 -117.95 -6.36 -3.20
N SER RA 71 -118.06 -5.04 -3.31
CA SER RA 71 -119.06 -4.28 -2.58
C SER RA 71 -120.26 -4.06 -3.50
N GLY RA 72 -121.22 -4.97 -3.43
CA GLY RA 72 -122.43 -4.88 -4.24
C GLY RA 72 -122.76 -6.20 -4.89
N SER RA 73 -123.98 -6.25 -5.44
CA SER RA 73 -124.47 -7.44 -6.09
C SER RA 73 -123.88 -7.54 -7.50
N VAL RA 74 -124.28 -8.60 -8.22
CA VAL RA 74 -123.83 -8.85 -9.59
C VAL RA 74 -125.07 -9.00 -10.46
N LEU RA 75 -125.25 -8.08 -11.39
CA LEU RA 75 -126.41 -8.07 -12.26
C LEU RA 75 -126.07 -8.72 -13.60
N TYR RA 76 -127.03 -9.46 -14.14
CA TYR RA 76 -126.83 -10.26 -15.34
C TYR RA 76 -127.89 -9.86 -16.37
N ALA RA 77 -127.43 -9.40 -17.53
CA ALA RA 77 -128.32 -8.91 -18.58
C ALA RA 77 -128.55 -10.00 -19.61
N VAL RA 78 -129.80 -10.19 -20.00
CA VAL RA 78 -130.19 -11.24 -20.94
C VAL RA 78 -131.59 -10.92 -21.45
N ASN RA 79 -131.86 -11.29 -22.69
CA ASN RA 79 -133.20 -11.15 -23.24
C ASN RA 79 -134.16 -12.02 -22.45
N TYR RA 80 -135.04 -11.39 -21.66
CA TYR RA 80 -135.77 -12.14 -20.64
C TYR RA 80 -136.82 -13.09 -21.20
N PRO RA 81 -137.77 -12.65 -22.05
CA PRO RA 81 -138.82 -13.59 -22.48
C PRO RA 81 -138.28 -14.81 -23.22
N SER RA 82 -137.19 -14.65 -23.96
CA SER RA 82 -136.55 -15.76 -24.66
C SER RA 82 -135.06 -15.68 -24.37
N ASN RA 83 -134.62 -16.41 -23.34
CA ASN RA 83 -133.23 -16.35 -22.89
C ASN RA 83 -132.35 -17.03 -23.94
N THR RA 84 -131.80 -16.24 -24.86
CA THR RA 84 -130.96 -16.76 -25.92
C THR RA 84 -129.65 -16.01 -26.10
N ARG RA 85 -129.59 -14.71 -25.79
CA ARG RA 85 -128.39 -13.91 -25.99
C ARG RA 85 -128.01 -13.24 -24.68
N SER RA 86 -126.70 -13.12 -24.46
CA SER RA 86 -126.16 -12.46 -23.28
C SER RA 86 -125.73 -11.05 -23.65
N TYR RA 87 -126.16 -10.07 -22.85
CA TYR RA 87 -125.92 -8.66 -23.15
C TYR RA 87 -124.73 -8.09 -22.39
N TRP RA 88 -124.79 -8.11 -21.05
CA TRP RA 88 -123.69 -7.57 -20.26
C TRP RA 88 -123.82 -8.08 -18.83
N ILE RA 89 -122.79 -7.77 -18.04
CA ILE RA 89 -122.74 -8.15 -16.62
C ILE RA 89 -122.20 -6.96 -15.84
N TYR RA 90 -122.87 -6.61 -14.74
CA TYR RA 90 -122.54 -5.43 -13.97
C TYR RA 90 -122.34 -5.78 -12.51
N PHE RA 91 -121.27 -5.24 -11.93
CA PHE RA 91 -120.98 -5.42 -10.52
C PHE RA 91 -120.05 -4.31 -10.08
N THR RA 92 -119.99 -4.08 -8.77
CA THR RA 92 -119.18 -3.01 -8.22
C THR RA 92 -118.05 -3.56 -7.37
N VAL RA 93 -117.00 -2.76 -7.21
CA VAL RA 93 -115.84 -3.10 -6.41
C VAL RA 93 -115.45 -1.87 -5.58
N SER RA 94 -114.44 -2.06 -4.74
CA SER RA 94 -113.90 -1.00 -3.90
C SER RA 94 -112.65 -1.54 -3.21
N PRO RA 95 -111.78 -0.68 -2.70
CA PRO RA 95 -110.65 -1.15 -1.90
C PRO RA 95 -111.13 -2.05 -0.77
N SER RA 96 -110.35 -3.10 -0.49
CA SER RA 96 -110.76 -4.12 0.47
C SER RA 96 -111.20 -3.50 1.78
N SER RA 97 -110.29 -2.79 2.43
CA SER RA 97 -110.61 -1.94 3.56
C SER RA 97 -110.00 -0.57 3.30
N GLY RA 98 -110.40 0.41 4.10
CA GLY RA 98 -109.90 1.74 3.88
C GLY RA 98 -108.45 1.86 4.31
N VAL RA 99 -107.57 1.18 3.60
CA VAL RA 99 -106.17 1.08 3.98
C VAL RA 99 -105.26 1.86 3.03
N SER RA 100 -105.56 1.84 1.73
CA SER RA 100 -104.75 2.52 0.74
C SER RA 100 -105.46 2.48 -0.60
N SER RA 101 -105.05 3.39 -1.48
CA SER RA 101 -105.62 3.44 -2.82
C SER RA 101 -105.09 2.29 -3.67
N VAL RA 102 -105.74 2.07 -4.81
CA VAL RA 102 -105.37 1.04 -5.76
C VAL RA 102 -105.50 1.60 -7.17
N GLU RA 103 -104.50 1.34 -8.00
CA GLU RA 103 -104.46 1.89 -9.36
C GLU RA 103 -105.13 0.94 -10.33
N LEU RA 104 -106.11 1.45 -11.07
CA LEU RA 104 -106.86 0.67 -12.05
C LEU RA 104 -106.63 1.20 -13.47
N SER RA 105 -105.38 1.50 -13.80
CA SER RA 105 -105.06 1.95 -15.15
C SER RA 105 -105.33 0.81 -16.13
N PRO RA 106 -106.10 1.06 -17.20
CA PRO RA 106 -106.44 -0.04 -18.11
C PRO RA 106 -105.25 -0.61 -18.86
N SER RA 107 -104.19 0.15 -19.01
CA SER RA 107 -103.03 -0.34 -19.74
C SER RA 107 -102.28 -1.41 -18.96
N THR RA 108 -102.41 -1.42 -17.63
CA THR RA 108 -101.66 -2.34 -16.80
C THR RA 108 -102.52 -3.27 -15.96
N THR RA 109 -103.79 -2.95 -15.73
CA THR RA 109 -104.67 -3.80 -14.95
C THR RA 109 -105.29 -4.86 -15.84
N ALA RA 110 -105.36 -6.09 -15.33
CA ALA RA 110 -105.87 -7.23 -16.08
C ALA RA 110 -107.19 -7.69 -15.47
N ILE RA 111 -108.16 -7.98 -16.34
CA ILE RA 111 -109.44 -8.55 -15.94
C ILE RA 111 -109.73 -9.72 -16.86
N SER RA 112 -109.77 -10.92 -16.30
CA SER RA 112 -109.99 -12.15 -17.05
C SER RA 112 -111.43 -12.61 -16.91
N PHE RA 113 -111.84 -13.45 -17.85
CA PHE RA 113 -113.20 -13.99 -17.85
C PHE RA 113 -113.17 -15.38 -18.47
N THR RA 114 -113.56 -16.38 -17.69
CA THR RA 114 -113.56 -17.76 -18.14
C THR RA 114 -114.92 -18.38 -17.86
N ALA RA 115 -115.51 -18.99 -18.89
CA ALA RA 115 -116.76 -19.74 -18.76
C ALA RA 115 -116.41 -21.22 -18.91
N SER RA 116 -116.13 -21.87 -17.79
CA SER RA 116 -115.62 -23.24 -17.81
C SER RA 116 -116.66 -24.26 -18.25
N ALA RA 117 -117.88 -23.84 -18.56
CA ALA RA 117 -118.89 -24.79 -19.01
C ALA RA 117 -118.76 -25.10 -20.49
N GLU RA 118 -118.90 -24.08 -21.34
CA GLU RA 118 -118.79 -24.30 -22.78
C GLU RA 118 -117.34 -24.54 -23.18
N GLY RA 119 -116.41 -23.80 -22.59
CA GLY RA 119 -115.00 -23.99 -22.89
C GLY RA 119 -114.31 -22.74 -23.37
N ILE RA 120 -114.96 -21.59 -23.22
CA ILE RA 120 -114.41 -20.32 -23.68
C ILE RA 120 -113.71 -19.62 -22.52
N SER RA 121 -112.50 -19.14 -22.78
CA SER RA 121 -111.73 -18.39 -21.78
C SER RA 121 -111.23 -17.10 -22.41
N TYR RA 122 -110.84 -16.16 -21.55
CA TYR RA 122 -110.35 -14.86 -21.98
C TYR RA 122 -109.21 -14.43 -21.06
N SER RA 123 -108.60 -13.30 -21.41
CA SER RA 123 -107.56 -12.71 -20.57
C SER RA 123 -107.49 -11.23 -20.91
N ASN RA 124 -107.66 -10.38 -19.91
CA ASN RA 124 -107.57 -8.93 -20.06
C ASN RA 124 -108.57 -8.42 -21.10
N ILE RA 125 -109.85 -8.55 -20.73
CA ILE RA 125 -110.94 -7.98 -21.51
C ILE RA 125 -111.11 -6.53 -21.09
N TYR RA 126 -110.17 -6.02 -20.31
CA TYR RA 126 -110.21 -4.65 -19.80
C TYR RA 126 -109.45 -3.74 -20.76
N GLU RA 127 -110.16 -2.82 -21.39
CA GLU RA 127 -109.59 -1.96 -22.42
C GLU RA 127 -109.68 -0.48 -22.08
N TYR RA 128 -110.85 0.00 -21.67
CA TYR RA 128 -111.07 1.43 -21.47
C TYR RA 128 -111.62 1.68 -20.08
N THR RA 129 -111.63 2.96 -19.69
CA THR RA 129 -112.14 3.39 -18.40
C THR RA 129 -112.54 4.85 -18.50
N LEU RA 130 -113.38 5.27 -17.57
CA LEU RA 130 -113.87 6.64 -17.54
C LEU RA 130 -113.26 7.45 -16.40
N LEU RA 131 -112.25 6.91 -15.72
CA LEU RA 131 -111.67 7.59 -14.58
C LEU RA 131 -110.75 8.73 -14.98
N THR RA 132 -110.33 8.78 -16.24
CA THR RA 132 -109.30 9.71 -16.67
C THR RA 132 -109.84 10.96 -17.35
N VAL RA 133 -111.12 11.01 -17.66
CA VAL RA 133 -111.69 12.11 -18.41
C VAL RA 133 -112.30 13.13 -17.45
N SER RA 134 -112.12 14.40 -17.77
CA SER RA 134 -112.66 15.47 -16.94
C SER RA 134 -114.18 15.55 -17.12
N PRO RA 135 -114.90 15.95 -16.07
CA PRO RA 135 -116.35 16.12 -16.22
C PRO RA 135 -116.74 17.31 -17.07
N SER RA 136 -115.79 18.12 -17.51
CA SER RA 136 -116.12 19.31 -18.28
C SER RA 136 -116.57 18.95 -19.69
N GLU RA 137 -115.78 18.15 -20.40
CA GLU RA 137 -116.07 17.85 -21.80
C GLU RA 137 -117.37 17.07 -21.94
N LEU RA 138 -117.49 15.95 -21.24
CA LEU RA 138 -118.64 15.07 -21.41
C LEU RA 138 -119.94 15.72 -20.96
N ALA RA 139 -119.90 16.87 -20.32
CA ALA RA 139 -121.10 17.49 -19.79
C ALA RA 139 -121.81 18.40 -20.78
N ASN RA 140 -121.27 18.58 -21.99
CA ASN RA 140 -121.82 19.53 -22.93
C ASN RA 140 -122.37 18.88 -24.20
N GLN RA 141 -121.55 18.10 -24.92
CA GLN RA 141 -121.88 17.69 -26.29
C GLN RA 141 -122.54 16.32 -26.30
N VAL RA 142 -123.79 16.28 -25.86
CA VAL RA 142 -124.66 15.12 -26.11
C VAL RA 142 -126.09 15.57 -25.87
N TYR RA 143 -126.99 15.18 -26.77
CA TYR RA 143 -128.41 15.51 -26.63
C TYR RA 143 -129.20 14.79 -27.70
N ALA RA 144 -130.45 14.46 -27.35
CA ALA RA 144 -131.43 13.92 -28.29
C ALA RA 144 -132.72 14.71 -28.28
N ASN RA 145 -132.77 15.81 -27.54
CA ASN RA 145 -133.95 16.67 -27.48
C ASN RA 145 -133.47 18.10 -27.22
N GLY RA 146 -134.38 18.97 -26.79
CA GLY RA 146 -134.03 20.37 -26.62
C GLY RA 146 -132.96 20.61 -25.58
N GLN RA 147 -132.77 19.67 -24.65
CA GLN RA 147 -131.84 19.84 -23.55
C GLN RA 147 -130.60 18.99 -23.77
N TYR RA 148 -129.42 19.62 -23.66
CA TYR RA 148 -128.16 18.90 -23.68
C TYR RA 148 -127.98 18.25 -22.32
N LEU RA 149 -128.33 16.96 -22.24
CA LEU RA 149 -128.38 16.28 -20.96
C LEU RA 149 -126.99 16.21 -20.32
N ASP RA 150 -126.96 16.31 -19.00
CA ASP RA 150 -125.73 16.22 -18.22
C ASP RA 150 -125.59 14.79 -17.69
N LEU RA 151 -124.44 14.18 -17.97
CA LEU RA 151 -124.25 12.77 -17.65
C LEU RA 151 -123.63 12.55 -16.28
N VAL RA 152 -122.86 13.51 -15.77
CA VAL RA 152 -122.11 13.34 -14.54
C VAL RA 152 -122.64 14.32 -13.50
N ASN RA 153 -122.83 13.82 -12.28
CA ASN RA 153 -123.09 14.68 -11.13
C ASN RA 153 -121.76 14.99 -10.45
N GLN RA 154 -121.62 16.22 -9.97
CA GLN RA 154 -120.39 16.63 -9.32
C GLN RA 154 -120.68 17.62 -8.20
N GLN RA 155 -120.38 17.22 -6.98
CA GLN RA 155 -120.42 18.10 -5.82
C GLN RA 155 -119.00 18.45 -5.42
N THR RA 156 -118.84 19.62 -4.80
CA THR RA 156 -117.53 20.07 -4.35
C THR RA 156 -117.58 20.37 -2.86
N ASN RA 157 -116.51 20.04 -2.16
CA ASN RA 157 -116.39 20.31 -0.73
C ASN RA 157 -114.93 20.14 -0.32
N ALA RA 158 -114.53 20.89 0.70
CA ALA RA 158 -113.18 20.83 1.25
C ALA RA 158 -112.13 21.12 0.18
N GLY RA 159 -112.47 21.95 -0.80
CA GLY RA 159 -111.53 22.32 -1.84
C GLY RA 159 -111.29 21.26 -2.89
N GLN RA 160 -112.17 20.27 -3.00
CA GLN RA 160 -112.04 19.23 -4.00
C GLN RA 160 -113.40 18.97 -4.62
N THR RA 161 -113.38 18.36 -5.81
CA THR RA 161 -114.58 18.05 -6.56
C THR RA 161 -114.74 16.54 -6.66
N TYR RA 162 -115.93 16.04 -6.35
CA TYR RA 162 -116.25 14.63 -6.42
C TYR RA 162 -117.30 14.40 -7.48
N VAL RA 163 -116.97 13.60 -8.49
CA VAL RA 163 -117.86 13.36 -9.62
C VAL RA 163 -118.09 11.86 -9.75
N TYR RA 164 -119.30 11.51 -10.19
CA TYR RA 164 -119.67 10.10 -10.35
C TYR RA 164 -120.69 10.00 -11.49
N TYR RA 165 -121.13 8.77 -11.76
CA TYR RA 165 -122.10 8.49 -12.80
C TYR RA 165 -123.30 7.77 -12.20
N PRO RA 166 -124.52 8.28 -12.37
CA PRO RA 166 -125.67 7.65 -11.70
C PRO RA 166 -126.04 6.28 -12.24
N ASN RA 167 -126.21 6.13 -13.54
CA ASN RA 167 -126.64 4.87 -14.13
C ASN RA 167 -125.63 4.40 -15.17
N PRO RA 168 -125.55 3.10 -15.42
CA PRO RA 168 -124.58 2.61 -16.41
C PRO RA 168 -124.85 3.11 -17.81
N TYR RA 169 -126.11 3.34 -18.17
CA TYR RA 169 -126.41 3.89 -19.49
C TYR RA 169 -125.80 5.27 -19.65
N TYR RA 170 -125.85 6.09 -18.61
CA TYR RA 170 -125.14 7.36 -18.64
C TYR RA 170 -123.65 7.16 -18.86
N ALA RA 171 -123.10 6.08 -18.29
CA ALA RA 171 -121.70 5.77 -18.50
C ALA RA 171 -121.45 5.27 -19.92
N LEU RA 172 -122.37 4.49 -20.46
CA LEU RA 172 -122.23 3.99 -21.83
C LEU RA 172 -122.23 5.14 -22.83
N LEU RA 173 -123.20 6.06 -22.69
CA LEU RA 173 -123.24 7.22 -23.58
C LEU RA 173 -121.99 8.07 -23.43
N ALA RA 174 -121.53 8.25 -22.19
CA ALA RA 174 -120.31 9.00 -21.97
C ALA RA 174 -119.11 8.30 -22.59
N LEU RA 175 -119.11 6.97 -22.56
CA LEU RA 175 -118.01 6.23 -23.17
C LEU RA 175 -118.04 6.35 -24.69
N ASN RA 176 -119.24 6.38 -25.28
CA ASN RA 176 -119.36 6.40 -26.73
C ASN RA 176 -118.72 7.65 -27.32
N TYR RA 177 -119.06 8.82 -26.79
CA TYR RA 177 -118.45 10.05 -27.26
C TYR RA 177 -116.96 10.07 -26.95
N THR RA 178 -116.56 9.43 -25.86
CA THR RA 178 -115.15 9.42 -25.47
C THR RA 178 -114.31 8.73 -26.53
N LEU RA 179 -114.63 7.45 -26.81
CA LEU RA 179 -113.86 6.70 -27.81
C LEU RA 179 -113.87 7.39 -29.16
N SER RA 180 -114.99 7.99 -29.53
CA SER RA 180 -115.11 8.57 -30.86
C SER RA 180 -114.25 9.82 -31.00
N LYS RA 181 -114.32 10.72 -30.02
CA LYS RA 181 -113.71 12.04 -30.16
C LYS RA 181 -112.61 12.34 -29.15
N ILE RA 182 -112.77 11.92 -27.89
CA ILE RA 182 -111.81 12.29 -26.86
C ILE RA 182 -110.44 11.68 -27.18
N ASP RA 183 -110.39 10.36 -27.26
CA ASP RA 183 -109.17 9.65 -27.65
C ASP RA 183 -109.36 9.06 -29.05
N LYS RA 184 -108.51 9.49 -29.98
CA LYS RA 184 -108.67 9.18 -31.40
C LYS RA 184 -108.29 7.73 -31.65
N VAL RA 185 -109.22 6.83 -31.35
CA VAL RA 185 -109.07 5.42 -31.69
C VAL RA 185 -109.93 5.13 -32.91
N SER RA 186 -109.27 4.77 -34.02
CA SER RA 186 -110.01 4.52 -35.26
C SER RA 186 -110.98 3.36 -35.14
N PRO RA 187 -110.67 2.22 -34.50
CA PRO RA 187 -111.71 1.22 -34.28
C PRO RA 187 -112.45 1.47 -32.98
N SER RA 188 -113.76 1.62 -33.05
CA SER RA 188 -114.57 1.83 -31.85
C SER RA 188 -115.28 0.52 -31.50
N PRO RA 189 -115.00 -0.09 -30.36
CA PRO RA 189 -115.73 -1.31 -30.00
C PRO RA 189 -117.20 -1.07 -29.74
N LEU RA 190 -117.53 0.03 -29.08
CA LEU RA 190 -118.91 0.40 -28.81
C LEU RA 190 -119.38 1.43 -29.83
N TYR RA 191 -120.61 1.27 -30.31
CA TYR RA 191 -121.23 2.26 -31.18
C TYR RA 191 -122.69 2.39 -30.79
N ILE RA 192 -123.06 3.54 -30.22
CA ILE RA 192 -124.42 3.81 -29.79
C ILE RA 192 -125.04 4.79 -30.77
N THR RA 193 -126.22 4.44 -31.29
CA THR RA 193 -126.92 5.30 -32.23
C THR RA 193 -128.41 5.22 -31.96
N THR RA 194 -129.10 6.33 -32.18
CA THR RA 194 -130.51 6.43 -31.85
C THR RA 194 -131.43 6.02 -33.00
N THR RA 195 -130.89 5.87 -34.22
CA THR RA 195 -131.73 5.47 -35.33
C THR RA 195 -132.19 4.03 -35.17
N THR RA 196 -133.16 3.64 -35.99
CA THR RA 196 -133.63 2.27 -35.96
C THR RA 196 -132.58 1.33 -36.52
N PRO RA 197 -132.46 0.12 -35.98
CA PRO RA 197 -131.44 -0.81 -36.48
C PRO RA 197 -131.72 -1.29 -37.90
N SER RA 198 -132.97 -1.30 -38.32
CA SER RA 198 -133.29 -1.75 -39.68
C SER RA 198 -132.63 -0.86 -40.72
N SER RA 199 -132.66 0.46 -40.52
CA SER RA 199 -131.95 1.36 -41.41
C SER RA 199 -130.47 1.46 -41.06
N ALA RA 200 -130.12 1.21 -39.80
CA ALA RA 200 -128.72 1.33 -39.38
C ALA RA 200 -127.85 0.34 -40.12
N THR RA 201 -128.28 -0.92 -40.19
CA THR RA 201 -127.50 -1.93 -40.91
C THR RA 201 -127.44 -1.61 -42.41
N GLN RA 202 -128.42 -0.88 -42.92
CA GLN RA 202 -128.40 -0.51 -44.33
C GLN RA 202 -127.39 0.59 -44.59
N ILE RA 203 -127.32 1.58 -43.71
CA ILE RA 203 -126.33 2.65 -43.88
C ILE RA 203 -124.96 2.21 -43.38
N TYR RA 204 -124.90 1.28 -42.45
CA TYR RA 204 -123.63 0.74 -41.94
C TYR RA 204 -123.62 -0.76 -42.16
N PRO RA 205 -122.91 -1.26 -43.19
CA PRO RA 205 -122.97 -2.69 -43.47
C PRO RA 205 -122.29 -3.55 -42.43
N PHE RA 206 -121.32 -3.01 -41.68
CA PHE RA 206 -120.58 -3.81 -40.73
C PHE RA 206 -121.39 -4.16 -39.49
N LEU RA 207 -122.46 -3.41 -39.19
CA LEU RA 207 -123.25 -3.67 -37.99
C LEU RA 207 -124.11 -4.92 -38.11
N ALA RA 208 -124.05 -5.64 -39.23
CA ALA RA 208 -124.85 -6.85 -39.36
C ALA RA 208 -124.29 -8.00 -38.52
N HIS RA 209 -123.03 -7.93 -38.13
CA HIS RA 209 -122.39 -9.00 -37.36
C HIS RA 209 -122.22 -8.65 -35.88
N ASP RA 210 -122.08 -7.36 -35.57
CA ASP RA 210 -121.83 -6.96 -34.20
C ASP RA 210 -123.04 -7.25 -33.31
N ASN RA 211 -122.80 -7.22 -32.00
CA ASN RA 211 -123.84 -7.48 -31.03
C ASN RA 211 -124.69 -6.22 -30.81
N MET RA 212 -125.77 -6.38 -30.05
CA MET RA 212 -126.68 -5.27 -29.86
C MET RA 212 -127.55 -5.52 -28.63
N PHE RA 213 -127.66 -4.49 -27.79
CA PHE RA 213 -128.63 -4.47 -26.72
C PHE RA 213 -129.25 -3.08 -26.66
N THR RA 214 -130.44 -2.99 -26.07
CA THR RA 214 -131.22 -1.76 -26.08
C THR RA 214 -131.49 -1.29 -24.66
N PHE RA 215 -131.78 0.01 -24.56
CA PHE RA 215 -132.16 0.62 -23.30
C PHE RA 215 -132.87 1.93 -23.59
N THR RA 216 -133.95 2.18 -22.86
CA THR RA 216 -134.79 3.34 -23.10
C THR RA 216 -134.58 4.39 -22.02
N LEU RA 217 -134.87 5.64 -22.38
CA LEU RA 217 -134.80 6.77 -21.48
C LEU RA 217 -136.01 7.67 -21.69
N ASN RA 218 -136.18 8.64 -20.80
CA ASN RA 218 -137.27 9.61 -20.88
C ASN RA 218 -136.65 11.00 -20.82
N ILE RA 219 -136.54 11.65 -21.97
CA ILE RA 219 -135.96 12.98 -22.08
C ILE RA 219 -137.02 13.92 -22.63
N SER RA 220 -137.22 15.05 -21.94
CA SER RA 220 -138.17 16.09 -22.36
C SER RA 220 -139.59 15.55 -22.50
N GLY RA 221 -139.92 14.50 -21.74
CA GLY RA 221 -141.26 13.98 -21.71
C GLY RA 221 -141.56 12.87 -22.70
N THR RA 222 -140.74 12.70 -23.73
CA THR RA 222 -140.95 11.67 -24.74
C THR RA 222 -139.99 10.52 -24.53
N LEU RA 223 -140.48 9.31 -24.77
CA LEU RA 223 -139.65 8.12 -24.61
C LEU RA 223 -138.64 8.02 -25.75
N VAL RA 224 -137.39 7.77 -25.39
CA VAL RA 224 -136.30 7.66 -26.35
C VAL RA 224 -135.60 6.34 -26.15
N THR RA 225 -135.46 5.56 -27.21
CA THR RA 225 -134.74 4.31 -27.19
C THR RA 225 -133.34 4.50 -27.75
N TYR RA 226 -132.45 3.56 -27.43
CA TYR RA 226 -131.08 3.60 -27.91
C TYR RA 226 -130.66 2.20 -28.33
N TYR RA 227 -129.54 2.12 -29.04
CA TYR RA 227 -129.04 0.85 -29.55
C TYR RA 227 -127.52 0.89 -29.46
N ALA RA 228 -126.96 0.01 -28.64
CA ALA RA 228 -125.52 -0.10 -28.48
C ALA RA 228 -125.04 -1.30 -29.27
N PHE RA 229 -124.05 -1.09 -30.14
CA PHE RA 229 -123.49 -2.14 -30.97
C PHE RA 229 -122.05 -2.39 -30.56
N VAL RA 230 -121.77 -3.60 -30.09
CA VAL RA 230 -120.46 -3.98 -29.59
C VAL RA 230 -119.88 -5.03 -30.54
N ASN RA 231 -118.65 -4.81 -31.00
CA ASN RA 231 -117.99 -5.74 -31.91
C ASN RA 231 -116.83 -6.47 -31.25
N GLN RA 232 -116.71 -6.40 -29.93
CA GLN RA 232 -115.65 -7.08 -29.20
C GLN RA 232 -115.97 -7.18 -27.72
N THR RA 233 -115.95 -8.39 -27.17
CA THR RA 233 -116.26 -8.59 -25.76
C THR RA 233 -115.22 -7.88 -24.90
N PHE RA 234 -115.65 -6.83 -24.19
CA PHE RA 234 -114.75 -6.04 -23.38
C PHE RA 234 -115.47 -5.54 -22.15
N ALA RA 235 -114.72 -4.88 -21.27
CA ALA RA 235 -115.25 -4.40 -20.00
C ALA RA 235 -114.57 -3.09 -19.64
N PHE RA 236 -115.32 -2.19 -19.01
CA PHE RA 236 -114.80 -0.90 -18.59
C PHE RA 236 -115.30 -0.58 -17.18
N THR RA 237 -114.69 0.43 -16.58
CA THR RA 237 -115.06 0.90 -15.25
C THR RA 237 -115.29 2.41 -15.29
N TYR RA 238 -116.00 2.90 -14.27
CA TYR RA 238 -116.33 4.31 -14.18
C TYR RA 238 -116.58 4.65 -12.72
N PRO RA 239 -116.27 5.87 -12.30
CA PRO RA 239 -116.44 6.23 -10.88
C PRO RA 239 -117.91 6.29 -10.51
N VAL RA 240 -118.21 5.83 -9.30
CA VAL RA 240 -119.60 5.82 -8.82
C VAL RA 240 -119.77 6.50 -7.47
N ALA RA 241 -118.76 6.63 -6.63
CA ALA RA 241 -118.93 7.32 -5.37
C ALA RA 241 -117.58 7.84 -4.87
N GLY RA 242 -117.49 9.14 -4.69
CA GLY RA 242 -116.34 9.76 -4.04
C GLY RA 242 -114.99 9.50 -4.70
N ASP RA 243 -114.78 10.06 -5.89
CA ASP RA 243 -113.52 9.92 -6.61
C ASP RA 243 -113.00 11.30 -6.93
N PRO RA 244 -112.25 11.92 -6.01
CA PRO RA 244 -111.68 13.25 -6.28
C PRO RA 244 -110.46 13.21 -7.18
N LEU RA 245 -109.87 12.05 -7.41
CA LEU RA 245 -108.66 11.93 -8.22
C LEU RA 245 -109.04 11.58 -9.66
N ILE RA 246 -109.64 12.56 -10.33
CA ILE RA 246 -110.10 12.38 -11.70
C ILE RA 246 -108.97 12.76 -12.65
N GLY RA 247 -108.74 11.90 -13.64
CA GLY RA 247 -107.60 12.05 -14.52
C GLY RA 247 -106.38 11.28 -14.10
N SER RA 248 -106.55 10.22 -13.31
CA SER RA 248 -105.42 9.51 -12.75
C SER RA 248 -105.59 8.00 -12.89
N ALA RA 249 -106.80 7.56 -13.22
CA ALA RA 249 -107.14 6.14 -13.36
C ALA RA 249 -106.86 5.34 -12.09
N ILE RA 250 -106.89 6.00 -10.93
CA ILE RA 250 -106.62 5.35 -9.66
C ILE RA 250 -107.85 5.48 -8.78
N ALA RA 251 -108.16 4.40 -8.06
CA ALA RA 251 -109.32 4.40 -7.18
C ALA RA 251 -108.86 4.68 -5.76
N PRO RA 252 -109.14 5.87 -5.23
CA PRO RA 252 -108.65 6.21 -3.89
C PRO RA 252 -109.32 5.37 -2.82
N ALA RA 253 -108.69 5.36 -1.65
CA ALA RA 253 -109.24 4.62 -0.52
C ALA RA 253 -110.61 5.17 -0.13
N GLY RA 254 -111.52 4.28 0.23
CA GLY RA 254 -112.85 4.69 0.59
C GLY RA 254 -113.72 5.10 -0.57
N SER RA 255 -113.32 4.79 -1.79
CA SER RA 255 -114.09 5.10 -2.98
C SER RA 255 -114.71 3.82 -3.54
N VAL RA 256 -115.78 3.99 -4.29
CA VAL RA 256 -116.45 2.88 -4.96
C VAL RA 256 -116.27 3.04 -6.45
N ILE RA 257 -116.10 1.93 -7.15
CA ILE RA 257 -115.90 1.92 -8.59
C ILE RA 257 -116.78 0.84 -9.19
N GLY RA 258 -117.65 1.23 -10.11
CA GLY RA 258 -118.49 0.25 -10.78
C GLY RA 258 -117.76 -0.39 -11.94
N VAL RA 259 -118.03 -1.67 -12.16
CA VAL RA 259 -117.44 -2.44 -13.24
C VAL RA 259 -118.56 -2.95 -14.13
N MET RA 260 -118.38 -2.86 -15.44
CA MET RA 260 -119.38 -3.30 -16.40
C MET RA 260 -118.70 -4.10 -17.49
N ILE RA 261 -119.11 -5.35 -17.65
CA ILE RA 261 -118.57 -6.25 -18.66
C ILE RA 261 -119.58 -6.33 -19.80
N LEU RA 262 -119.14 -5.95 -21.00
CA LEU RA 262 -119.98 -5.99 -22.18
C LEU RA 262 -119.64 -7.22 -23.02
N PHE RA 263 -120.67 -7.79 -23.64
CA PHE RA 263 -120.52 -9.02 -24.42
C PHE RA 263 -120.70 -8.74 -25.90
N GLY RA 264 -119.96 -9.46 -26.73
CA GLY RA 264 -119.95 -9.23 -28.15
C GLY RA 264 -120.58 -10.36 -28.93
N PRO RA 265 -120.15 -10.53 -30.19
CA PRO RA 265 -120.77 -11.58 -31.03
C PRO RA 265 -120.31 -12.98 -30.65
N ASP RA 266 -119.03 -13.15 -30.31
CA ASP RA 266 -118.51 -14.49 -30.04
C ASP RA 266 -119.09 -15.06 -28.76
N LEU RA 267 -119.09 -14.27 -27.68
CA LEU RA 267 -119.53 -14.76 -26.39
C LEU RA 267 -121.02 -14.55 -26.16
N GLY RA 268 -121.61 -13.50 -26.74
CA GLY RA 268 -123.01 -13.21 -26.52
C GLY RA 268 -123.96 -14.28 -27.04
N SER RA 269 -123.46 -15.23 -27.83
CA SER RA 269 -124.30 -16.29 -28.37
C SER RA 269 -124.63 -17.37 -27.34
N HIS RA 270 -124.14 -17.25 -26.11
CA HIS RA 270 -124.37 -18.24 -25.08
C HIS RA 270 -124.94 -17.57 -23.84
N VAL RA 271 -126.06 -18.07 -23.35
CA VAL RA 271 -126.60 -17.68 -22.07
C VAL RA 271 -126.08 -18.63 -21.00
N PHE RA 272 -125.64 -18.09 -19.88
CA PHE RA 272 -125.03 -18.90 -18.83
C PHE RA 272 -126.13 -19.49 -17.96
N GLN RA 273 -126.42 -20.77 -18.18
CA GLN RA 273 -127.46 -21.48 -17.44
C GLN RA 273 -126.88 -22.81 -16.99
N TYR RA 274 -126.95 -23.06 -15.68
CA TYR RA 274 -126.35 -24.27 -15.08
C TYR RA 274 -124.86 -24.35 -15.38
N GLN RA 275 -124.19 -23.21 -15.33
CA GLN RA 275 -122.77 -23.11 -15.63
C GLN RA 275 -122.02 -22.53 -14.43
N THR RA 276 -120.72 -22.32 -14.63
CA THR RA 276 -119.87 -21.63 -13.67
C THR RA 276 -119.18 -20.47 -14.37
N ILE RA 277 -119.04 -19.37 -13.65
CA ILE RA 277 -118.48 -18.15 -14.21
C ILE RA 277 -117.30 -17.72 -13.34
N THR RA 278 -116.38 -16.96 -13.92
CA THR RA 278 -115.19 -16.55 -13.21
C THR RA 278 -114.67 -15.24 -13.79
N ILE RA 279 -114.49 -14.24 -12.93
CA ILE RA 279 -113.87 -12.98 -13.28
C ILE RA 279 -112.79 -12.69 -12.25
N GLN RA 280 -111.58 -12.37 -12.71
CA GLN RA 280 -110.44 -12.13 -11.83
C GLN RA 280 -109.85 -10.78 -12.15
N ILE RA 281 -109.95 -9.86 -11.20
CA ILE RA 281 -109.44 -8.50 -11.36
C ILE RA 281 -108.08 -8.44 -10.66
N THR RA 282 -107.01 -8.57 -11.42
CA THR RA 282 -105.65 -8.57 -10.87
C THR RA 282 -104.90 -7.30 -11.26
N PRO RA 283 -104.79 -6.31 -10.38
CA PRO RA 283 -104.07 -5.08 -10.72
C PRO RA 283 -102.57 -5.30 -10.86
N ASN RA 284 -101.83 -4.25 -11.22
CA ASN RA 284 -100.40 -4.38 -11.37
C ASN RA 284 -99.71 -4.60 -10.03
N ILE RA 285 -100.32 -4.14 -8.95
CA ILE RA 285 -99.78 -4.32 -7.60
C ILE RA 285 -100.92 -4.71 -6.68
N GLY RA 286 -100.65 -5.62 -5.76
CA GLY RA 286 -101.65 -6.08 -4.81
C GLY RA 286 -102.24 -7.41 -5.20
N SER RA 287 -103.15 -7.86 -4.35
CA SER RA 287 -103.78 -9.17 -4.51
C SER RA 287 -104.96 -9.08 -5.45
N PRO RA 288 -105.19 -10.12 -6.25
CA PRO RA 288 -106.32 -10.11 -7.18
C PRO RA 288 -107.65 -10.32 -6.48
N LEU RA 289 -108.72 -10.42 -7.27
CA LEU RA 289 -110.05 -10.66 -6.72
C LEU RA 289 -110.78 -11.59 -7.67
N THR RA 290 -111.02 -12.83 -7.24
CA THR RA 290 -111.70 -13.83 -8.05
C THR RA 290 -113.13 -13.98 -7.56
N ILE RA 291 -114.09 -13.86 -8.48
CA ILE RA 291 -115.51 -13.97 -8.16
C ILE RA 291 -116.07 -15.11 -9.01
N SER RA 292 -116.30 -16.25 -8.39
CA SER RA 292 -116.85 -17.42 -9.06
C SER RA 292 -118.26 -17.66 -8.55
N GLU RA 293 -119.24 -17.50 -9.43
CA GLU RA 293 -120.64 -17.66 -9.09
C GLU RA 293 -121.21 -18.88 -9.80
N TYR RA 294 -122.45 -19.21 -9.45
CA TYR RA 294 -123.16 -20.33 -10.05
C TYR RA 294 -124.55 -19.86 -10.42
N VAL RA 295 -124.78 -19.62 -11.71
CA VAL RA 295 -126.03 -19.10 -12.22
C VAL RA 295 -126.95 -20.26 -12.59
N TYR RA 296 -128.19 -20.22 -12.10
CA TYR RA 296 -129.17 -21.26 -12.40
C TYR RA 296 -130.08 -20.87 -13.56
N GLN RA 297 -130.86 -19.81 -13.40
CA GLN RA 297 -131.87 -19.40 -14.36
C GLN RA 297 -132.02 -17.89 -14.34
N PRO RA 298 -131.92 -17.21 -15.48
CA PRO RA 298 -132.12 -15.76 -15.50
C PRO RA 298 -133.59 -15.41 -15.35
N GLU RA 299 -133.83 -14.17 -14.90
CA GLU RA 299 -135.18 -13.66 -14.78
C GLU RA 299 -135.14 -12.14 -14.74
N GLY RA 300 -136.20 -11.51 -15.25
CA GLY RA 300 -136.34 -10.07 -15.25
C GLY RA 300 -135.38 -9.31 -16.15
N SER RA 301 -134.53 -10.02 -16.90
CA SER RA 301 -133.53 -9.45 -17.80
C SER RA 301 -132.40 -8.80 -17.02
N VAL RA 302 -132.56 -8.68 -15.70
CA VAL RA 302 -131.49 -8.29 -14.80
C VAL RA 302 -131.54 -9.19 -13.56
N SER RA 303 -130.72 -10.23 -13.57
CA SER RA 303 -130.72 -11.20 -12.48
C SER RA 303 -129.62 -10.85 -11.48
N VAL RA 304 -129.96 -10.92 -10.20
CA VAL RA 304 -129.00 -10.60 -9.13
C VAL RA 304 -128.25 -11.89 -8.83
N ILE RA 305 -127.29 -12.20 -9.69
CA ILE RA 305 -126.50 -13.43 -9.58
C ILE RA 305 -125.37 -13.38 -10.60
N LEU SA 19 -47.28 -3.05 6.08
CA LEU SA 19 -47.91 -4.00 6.97
C LEU SA 19 -49.41 -4.10 6.71
N ALA SA 20 -50.06 -5.02 7.42
CA ALA SA 20 -51.51 -5.13 7.39
C ALA SA 20 -52.17 -4.58 8.65
N GLY SA 21 -51.39 -4.00 9.56
CA GLY SA 21 -51.98 -3.39 10.74
C GLY SA 21 -52.75 -2.14 10.39
N LEU SA 22 -52.17 -1.28 9.55
CA LEU SA 22 -52.91 -0.16 9.01
C LEU SA 22 -54.04 -0.63 8.12
N ASP SA 23 -53.79 -1.68 7.32
CA ASP SA 23 -54.82 -2.20 6.42
C ASP SA 23 -56.01 -2.72 7.21
N THR SA 24 -55.77 -3.31 8.37
CA THR SA 24 -56.88 -3.77 9.20
C THR SA 24 -57.66 -2.60 9.76
N ALA SA 25 -56.98 -1.50 10.08
CA ALA SA 25 -57.66 -0.33 10.62
C ALA SA 25 -58.54 0.33 9.56
N ILE SA 26 -58.05 0.40 8.33
CA ILE SA 26 -58.83 1.03 7.26
C ILE SA 26 -60.06 0.20 6.94
N ILE SA 27 -59.89 -1.10 6.78
CA ILE SA 27 -61.02 -1.97 6.47
C ILE SA 27 -62.03 -1.96 7.61
N LEU SA 28 -61.54 -1.86 8.85
CA LEU SA 28 -62.46 -1.82 9.99
C LEU SA 28 -63.29 -0.55 9.98
N ILE SA 29 -62.70 0.56 9.56
CA ILE SA 29 -63.43 1.83 9.52
C ILE SA 29 -64.54 1.77 8.48
N ALA SA 30 -64.24 1.17 7.32
CA ALA SA 30 -65.24 1.12 6.26
C ALA SA 30 -66.38 0.18 6.63
N PHE SA 31 -66.05 -0.99 7.20
CA PHE SA 31 -67.09 -1.98 7.49
C PHE SA 31 -68.01 -1.50 8.60
N ILE SA 32 -67.51 -0.67 9.51
CA ILE SA 32 -68.36 -0.11 10.56
C ILE SA 32 -69.36 0.86 9.96
N ILE SA 33 -68.93 1.63 8.96
CA ILE SA 33 -69.82 2.60 8.34
C ILE SA 33 -70.90 1.90 7.54
N THR SA 34 -70.52 0.88 6.76
CA THR SA 34 -71.52 0.16 5.97
C THR SA 34 -72.51 -0.57 6.87
N ALA SA 35 -72.03 -1.17 7.95
CA ALA SA 35 -72.93 -1.89 8.85
C ALA SA 35 -73.87 -0.95 9.56
N SER SA 36 -73.41 0.28 9.85
CA SER SA 36 -74.27 1.24 10.53
C SER SA 36 -75.31 1.82 9.58
N VAL SA 37 -74.98 1.90 8.29
CA VAL SA 37 -75.95 2.39 7.30
C VAL SA 37 -77.12 1.43 7.20
N LEU SA 38 -76.85 0.12 7.24
CA LEU SA 38 -77.93 -0.86 7.25
C LEU SA 38 -78.83 -0.65 8.47
N ALA SA 39 -78.23 -0.38 9.63
CA ALA SA 39 -79.02 -0.07 10.81
C ALA SA 39 -79.79 1.22 10.62
N TYR SA 40 -79.20 2.19 9.92
CA TYR SA 40 -79.87 3.46 9.68
C TYR SA 40 -81.15 3.27 8.88
N VAL SA 41 -81.15 2.33 7.94
CA VAL SA 41 -82.30 2.13 7.07
C VAL SA 41 -83.24 1.09 7.64
N ALA SA 42 -82.70 0.02 8.21
CA ALA SA 42 -83.57 -1.04 8.75
C ALA SA 42 -84.43 -0.52 9.88
N ILE SA 43 -83.91 0.41 10.68
CA ILE SA 43 -84.71 1.00 11.75
C ILE SA 43 -85.77 1.92 11.16
N ASN SA 44 -85.39 2.74 10.18
CA ASN SA 44 -86.33 3.70 9.61
C ASN SA 44 -87.52 2.99 8.98
N MET SA 45 -87.27 2.06 8.06
CA MET SA 45 -88.36 1.31 7.47
C MET SA 45 -89.04 0.40 8.48
N GLY SA 46 -88.32 0.03 9.54
CA GLY SA 46 -88.95 -0.76 10.58
C GLY SA 46 -90.01 0.01 11.34
N LEU SA 47 -89.71 1.25 11.70
CA LEU SA 47 -90.70 2.07 12.40
C LEU SA 47 -91.84 2.45 11.48
N PHE SA 48 -91.55 2.64 10.19
CA PHE SA 48 -92.59 3.07 9.25
C PHE SA 48 -93.64 1.99 9.07
N VAL SA 49 -93.22 0.78 8.71
CA VAL SA 49 -94.18 -0.29 8.50
C VAL SA 49 -94.89 -0.63 9.81
N THR SA 50 -94.23 -0.39 10.94
CA THR SA 50 -94.88 -0.60 12.23
C THR SA 50 -96.07 0.32 12.40
N GLN SA 51 -95.91 1.60 12.04
CA GLN SA 51 -97.03 2.53 12.11
C GLN SA 51 -98.10 2.17 11.09
N LYS SA 52 -97.69 1.74 9.89
CA LYS SA 52 -98.65 1.34 8.88
C LYS SA 52 -99.46 0.14 9.35
N ALA SA 53 -98.83 -0.78 10.08
CA ALA SA 53 -99.56 -1.90 10.64
C ALA SA 53 -100.53 -1.43 11.71
N LYS SA 54 -100.20 -0.34 12.41
CA LYS SA 54 -101.13 0.22 13.39
C LYS SA 54 -102.31 0.89 12.70
N SER SA 55 -102.06 1.52 11.56
CA SER SA 55 -103.15 2.21 10.85
C SER SA 55 -104.16 1.20 10.30
N THR SA 56 -103.68 0.13 9.66
CA THR SA 56 -104.59 -0.84 9.08
C THR SA 56 -105.34 -1.61 10.15
N ILE SA 57 -104.77 -1.75 11.34
CA ILE SA 57 -105.48 -2.40 12.44
C ILE SA 57 -106.66 -1.55 12.86
N ASN SA 58 -106.48 -0.24 12.92
CA ASN SA 58 -107.58 0.64 13.26
C ASN SA 58 -108.66 0.62 12.19
N LYS SA 59 -108.26 0.76 10.92
CA LYS SA 59 -109.23 0.75 9.83
C LYS SA 59 -109.97 -0.57 9.76
N GLY SA 60 -109.25 -1.69 9.91
CA GLY SA 60 -109.90 -2.98 9.95
C GLY SA 60 -110.85 -3.10 11.13
N GLU SA 61 -110.62 -2.31 12.18
CA GLU SA 61 -111.50 -2.33 13.33
C GLU SA 61 -112.75 -1.50 13.09
N GLU SA 62 -112.61 -0.36 12.39
CA GLU SA 62 -113.79 0.43 12.05
C GLU SA 62 -114.70 -0.32 11.08
N THR SA 63 -114.11 -1.08 10.16
CA THR SA 63 -114.92 -1.78 9.17
C THR SA 63 -115.80 -2.82 9.84
N ALA SA 64 -115.28 -3.52 10.83
CA ALA SA 64 -116.06 -4.57 11.49
C ALA SA 64 -117.01 -4.02 12.55
N SER SA 65 -116.95 -2.73 12.86
CA SER SA 65 -117.81 -2.16 13.90
C SER SA 65 -118.94 -1.33 13.32
N THR SA 66 -118.63 -0.41 12.41
CA THR SA 66 -119.64 0.51 11.90
C THR SA 66 -120.49 -0.17 10.84
N ALA SA 67 -121.82 -0.09 11.02
CA ALA SA 67 -122.77 -0.65 10.08
C ALA SA 67 -124.14 -0.04 10.37
N LEU SA 68 -124.99 -0.04 9.36
CA LEU SA 68 -126.33 0.55 9.47
C LEU SA 68 -127.38 -0.55 9.51
N THR SA 69 -128.56 -0.18 10.00
CA THR SA 69 -129.69 -1.10 10.04
C THR SA 69 -130.95 -0.32 9.73
N LEU SA 70 -132.01 -1.06 9.40
CA LEU SA 70 -133.31 -0.49 9.12
C LEU SA 70 -134.12 -0.48 10.41
N SER SA 71 -134.35 0.71 10.95
CA SER SA 71 -135.14 0.90 12.16
C SER SA 71 -136.48 1.49 11.76
N GLY SA 72 -137.54 0.69 11.88
CA GLY SA 72 -138.86 1.13 11.50
C GLY SA 72 -139.40 0.39 10.29
N SER SA 73 -140.20 1.11 9.52
CA SER SA 73 -140.82 0.58 8.32
C SER SA 73 -140.45 1.45 7.12
N VAL SA 74 -140.88 1.01 5.94
CA VAL SA 74 -140.63 1.72 4.69
C VAL SA 74 -141.98 2.08 4.07
N LEU SA 75 -142.07 3.30 3.56
CA LEU SA 75 -143.31 3.82 3.01
C LEU SA 75 -143.17 4.04 1.51
N TYR SA 76 -144.28 3.91 0.80
CA TYR SA 76 -144.30 3.98 -0.67
C TYR SA 76 -145.48 4.85 -1.09
N ALA SA 77 -145.21 5.92 -1.82
CA ALA SA 77 -146.23 6.88 -2.21
C ALA SA 77 -146.63 6.65 -3.66
N VAL SA 78 -147.88 6.24 -3.86
CA VAL SA 78 -148.44 6.04 -5.18
C VAL SA 78 -149.78 6.77 -5.25
N ASN SA 79 -150.13 7.24 -6.44
CA ASN SA 79 -151.45 7.84 -6.63
C ASN SA 79 -152.54 6.80 -6.44
N TYR SA 80 -153.31 6.95 -5.35
CA TYR SA 80 -154.14 5.86 -4.87
C TYR SA 80 -155.27 5.48 -5.82
N PRO SA 81 -156.11 6.41 -6.32
CA PRO SA 81 -157.26 5.97 -7.12
C PRO SA 81 -156.86 5.25 -8.41
N SER SA 82 -155.75 5.64 -9.03
CA SER SA 82 -155.28 4.99 -10.25
C SER SA 82 -153.77 4.89 -10.17
N ASN SA 83 -153.26 3.70 -9.90
CA ASN SA 83 -151.83 3.49 -9.73
C ASN SA 83 -151.14 3.54 -11.08
N THR SA 84 -150.64 4.71 -11.45
CA THR SA 84 -149.85 4.86 -12.67
C THR SA 84 -148.56 5.63 -12.49
N ARG SA 85 -148.41 6.39 -11.42
CA ARG SA 85 -147.19 7.15 -11.15
C ARG SA 85 -146.74 6.91 -9.71
N SER SA 86 -145.43 6.80 -9.52
CA SER SA 86 -144.83 6.59 -8.22
C SER SA 86 -144.19 7.90 -7.76
N TYR SA 87 -144.51 8.32 -6.53
CA TYR SA 87 -144.08 9.62 -6.05
C TYR SA 87 -142.72 9.55 -5.36
N TRP SA 88 -142.61 8.77 -4.29
CA TRP SA 88 -141.37 8.70 -3.52
C TRP SA 88 -141.41 7.47 -2.63
N ILE SA 89 -140.26 7.20 -2.00
CA ILE SA 89 -140.13 6.14 -1.01
C ILE SA 89 -139.43 6.73 0.21
N TYR SA 90 -139.97 6.46 1.39
CA TYR SA 90 -139.43 6.99 2.64
C TYR SA 90 -139.13 5.83 3.59
N PHE SA 91 -137.98 5.91 4.24
CA PHE SA 91 -137.58 4.90 5.20
C PHE SA 91 -136.43 5.45 6.04
N THR SA 92 -136.41 5.11 7.32
CA THR SA 92 -135.37 5.57 8.21
C THR SA 92 -134.19 4.59 8.22
N VAL SA 93 -133.10 5.01 8.85
CA VAL SA 93 -131.91 4.18 8.97
C VAL SA 93 -131.18 4.63 10.22
N SER SA 94 -130.40 3.72 10.80
CA SER SA 94 -129.73 3.98 12.07
C SER SA 94 -128.52 3.05 12.15
N PRO SA 95 -127.50 3.41 12.93
CA PRO SA 95 -126.37 2.51 13.14
C PRO SA 95 -126.84 1.13 13.60
N SER SA 96 -126.05 0.12 13.24
CA SER SA 96 -126.44 -1.27 13.49
C SER SA 96 -126.85 -1.48 14.94
N SER SA 97 -125.94 -1.17 15.86
CA SER SA 97 -126.26 -1.13 17.28
C SER SA 97 -125.59 0.11 17.85
N GLY SA 98 -125.69 0.29 19.16
CA GLY SA 98 -125.03 1.41 19.80
C GLY SA 98 -123.53 1.20 19.86
N VAL SA 99 -122.88 1.03 18.71
CA VAL SA 99 -121.47 0.66 18.67
C VAL SA 99 -120.59 1.87 18.38
N SER SA 100 -120.96 2.67 17.38
CA SER SA 100 -120.15 3.81 16.98
C SER SA 100 -120.92 4.64 15.97
N SER SA 101 -120.42 5.84 15.73
CA SER SA 101 -121.02 6.72 14.74
C SER SA 101 -120.81 6.17 13.34
N VAL SA 102 -121.58 6.71 12.40
CA VAL SA 102 -121.50 6.31 11.00
C VAL SA 102 -121.54 7.56 10.13
N GLU SA 103 -120.72 7.57 9.08
CA GLU SA 103 -120.61 8.72 8.20
C GLU SA 103 -121.60 8.62 7.05
N LEU SA 104 -122.29 9.72 6.77
CA LEU SA 104 -123.31 9.76 5.73
C LEU SA 104 -123.15 11.01 4.87
N SER SA 105 -121.92 11.35 4.54
CA SER SA 105 -121.68 12.51 3.69
C SER SA 105 -122.26 12.27 2.31
N PRO SA 106 -122.90 13.28 1.69
CA PRO SA 106 -123.53 13.08 0.38
C PRO SA 106 -122.52 12.87 -0.75
N SER SA 107 -121.23 12.86 -0.46
CA SER SA 107 -120.22 12.77 -1.51
C SER SA 107 -119.54 11.41 -1.57
N THR SA 108 -119.30 10.78 -0.42
CA THR SA 108 -118.49 9.57 -0.35
C THR SA 108 -119.30 8.33 -0.03
N THR SA 109 -120.62 8.38 -0.19
CA THR SA 109 -121.47 7.21 -0.03
C THR SA 109 -122.18 6.92 -1.36
N ALA SA 110 -123.05 5.91 -1.34
CA ALA SA 110 -123.74 5.52 -2.55
C ALA SA 110 -125.02 4.78 -2.18
N ILE SA 111 -126.14 5.25 -2.71
CA ILE SA 111 -127.44 4.62 -2.52
C ILE SA 111 -127.91 4.13 -3.87
N SER SA 112 -128.14 2.83 -3.99
CA SER SA 112 -128.56 2.23 -5.25
C SER SA 112 -130.03 1.80 -5.16
N PHE SA 113 -130.63 1.62 -6.33
CA PHE SA 113 -132.04 1.25 -6.43
C PHE SA 113 -132.21 0.38 -7.66
N THR SA 114 -132.70 -0.84 -7.47
CA THR SA 114 -132.86 -1.78 -8.56
C THR SA 114 -134.16 -2.54 -8.42
N ALA SA 115 -134.88 -2.67 -9.53
CA ALA SA 115 -136.07 -3.49 -9.62
C ALA SA 115 -135.85 -4.52 -10.72
N SER SA 116 -135.94 -5.80 -10.36
CA SER SA 116 -135.55 -6.86 -11.29
C SER SA 116 -136.51 -6.98 -12.46
N ALA SA 117 -137.80 -6.77 -12.22
CA ALA SA 117 -138.80 -6.99 -13.26
C ALA SA 117 -138.63 -6.02 -14.41
N GLU SA 118 -138.77 -4.72 -14.13
CA GLU SA 118 -138.72 -3.72 -15.20
C GLU SA 118 -137.33 -3.59 -15.81
N GLY SA 119 -136.29 -3.92 -15.05
CA GLY SA 119 -134.94 -3.84 -15.58
C GLY SA 119 -134.25 -2.51 -15.40
N ILE SA 120 -134.64 -1.73 -14.43
CA ILE SA 120 -134.03 -0.44 -14.16
C ILE SA 120 -132.94 -0.61 -13.10
N SER SA 121 -131.78 -0.01 -13.34
CA SER SA 121 -130.66 -0.10 -12.43
C SER SA 121 -130.07 1.29 -12.21
N TYR SA 122 -129.65 1.53 -10.97
CA TYR SA 122 -129.10 2.82 -10.59
C TYR SA 122 -127.82 2.59 -9.81
N SER SA 123 -127.11 3.68 -9.51
CA SER SA 123 -125.91 3.60 -8.69
C SER SA 123 -125.65 4.99 -8.11
N ASN SA 124 -125.73 5.11 -6.78
CA ASN SA 124 -125.43 6.35 -6.07
C ASN SA 124 -126.34 7.49 -6.54
N ILE SA 125 -127.62 7.33 -6.23
CA ILE SA 125 -128.60 8.37 -6.50
C ILE SA 125 -128.60 9.37 -5.36
N TYR SA 126 -127.63 9.25 -4.46
CA TYR SA 126 -127.53 10.14 -3.31
C TYR SA 126 -126.80 11.42 -3.71
N GLU SA 127 -127.52 12.53 -3.70
CA GLU SA 127 -126.97 13.80 -4.18
C GLU SA 127 -126.81 14.84 -3.07
N TYR SA 128 -127.88 15.18 -2.36
CA TYR SA 128 -127.85 16.22 -1.35
C TYR SA 128 -128.25 15.65 0.00
N THR SA 129 -128.14 16.50 1.03
CA THR SA 129 -128.53 16.13 2.38
C THR SA 129 -128.94 17.39 3.13
N LEU SA 130 -129.38 17.19 4.37
CA LEU SA 130 -129.74 18.30 5.25
C LEU SA 130 -129.00 18.27 6.57
N LEU SA 131 -128.06 17.34 6.76
CA LEU SA 131 -127.33 17.25 8.01
C LEU SA 131 -126.30 18.37 8.14
N THR SA 132 -125.95 19.03 7.05
CA THR SA 132 -124.87 20.02 7.07
C THR SA 132 -125.37 21.45 7.23
N VAL SA 133 -126.66 21.71 7.04
CA VAL SA 133 -127.19 23.06 7.12
C VAL SA 133 -127.56 23.37 8.57
N SER SA 134 -127.25 24.58 9.01
CA SER SA 134 -127.59 24.98 10.36
C SER SA 134 -129.04 25.44 10.42
N PRO SA 135 -129.72 25.22 11.56
CA PRO SA 135 -131.12 25.64 11.65
C PRO SA 135 -131.32 27.14 11.63
N SER SA 136 -130.25 27.92 11.72
CA SER SA 136 -130.39 29.38 11.67
C SER SA 136 -130.85 29.84 10.29
N GLU SA 137 -130.38 29.17 9.24
CA GLU SA 137 -130.70 29.62 7.89
C GLU SA 137 -132.14 29.31 7.52
N LEU SA 138 -132.63 28.12 7.89
CA LEU SA 138 -133.96 27.72 7.47
C LEU SA 138 -135.06 28.41 8.27
N ALA SA 139 -134.83 28.64 9.57
CA ALA SA 139 -135.88 29.17 10.42
C ALA SA 139 -136.19 30.64 10.14
N ASN SA 140 -135.40 31.31 9.30
CA ASN SA 140 -135.58 32.75 9.12
C ASN SA 140 -136.68 33.06 8.11
N GLN SA 141 -136.50 32.65 6.85
CA GLN SA 141 -137.41 33.08 5.79
C GLN SA 141 -138.03 31.87 5.08
N VAL SA 142 -139.29 31.60 5.43
CA VAL SA 142 -140.21 30.81 4.61
C VAL SA 142 -141.61 31.03 5.16
N TYR SA 143 -142.60 31.21 4.28
CA TYR SA 143 -143.94 31.52 4.73
C TYR SA 143 -144.92 31.42 3.56
N ALA SA 144 -146.15 31.02 3.89
CA ALA SA 144 -147.25 31.02 2.95
C ALA SA 144 -148.46 31.76 3.49
N ASN SA 145 -148.34 32.37 4.66
CA ASN SA 145 -149.42 33.15 5.26
C ASN SA 145 -148.77 34.26 6.09
N GLY SA 146 -149.55 34.87 6.98
CA GLY SA 146 -149.03 35.97 7.77
C GLY SA 146 -147.85 35.60 8.65
N GLN SA 147 -147.68 34.31 8.94
CA GLN SA 147 -146.63 33.84 9.84
C GLN SA 147 -145.57 33.07 9.06
N TYR SA 148 -144.32 33.18 9.51
CA TYR SA 148 -143.24 32.39 8.95
C TYR SA 148 -143.18 31.06 9.68
N LEU SA 149 -143.49 29.98 8.97
CA LEU SA 149 -143.56 28.66 9.60
C LEU SA 149 -142.16 28.15 9.94
N ASP SA 150 -142.05 27.52 11.11
CA ASP SA 150 -140.78 26.96 11.56
C ASP SA 150 -140.71 25.51 11.11
N LEU SA 151 -139.67 25.19 10.33
CA LEU SA 151 -139.54 23.84 9.78
C LEU SA 151 -138.92 22.87 10.78
N VAL SA 152 -137.70 23.16 11.20
CA VAL SA 152 -136.93 22.23 12.02
C VAL SA 152 -137.20 22.49 13.49
N ASN SA 153 -137.45 21.43 14.25
CA ASN SA 153 -137.58 21.51 15.70
C ASN SA 153 -136.23 21.32 16.34
N GLN SA 154 -135.98 22.04 17.43
CA GLN SA 154 -134.68 21.99 18.08
C GLN SA 154 -134.85 22.00 19.59
N GLN SA 155 -134.15 21.09 20.26
CA GLN SA 155 -134.02 21.05 21.70
C GLN SA 155 -132.57 21.29 22.08
N THR SA 156 -132.34 21.50 23.38
CA THR SA 156 -130.98 21.68 23.87
C THR SA 156 -130.87 21.13 25.29
N ASN SA 157 -129.76 20.47 25.57
CA ASN SA 157 -129.47 19.91 26.88
C ASN SA 157 -128.05 19.39 26.87
N ALA SA 158 -127.48 19.29 28.08
CA ALA SA 158 -126.11 18.79 28.27
C ALA SA 158 -125.10 19.58 27.46
N GLY SA 159 -125.34 20.89 27.29
CA GLY SA 159 -124.42 21.73 26.56
C GLY SA 159 -124.41 21.51 25.06
N GLN SA 160 -125.41 20.81 24.52
CA GLN SA 160 -125.49 20.57 23.09
C GLN SA 160 -126.92 20.82 22.64
N THR SA 161 -127.11 20.95 21.32
CA THR SA 161 -128.39 21.26 20.73
C THR SA 161 -128.73 20.19 19.69
N TYR SA 162 -129.87 19.54 19.85
CA TYR SA 162 -130.36 18.56 18.90
C TYR SA 162 -131.40 19.19 17.98
N VAL SA 163 -131.41 18.76 16.72
CA VAL SA 163 -132.39 19.22 15.75
C VAL SA 163 -132.93 18.01 15.00
N TYR SA 164 -134.14 18.17 14.47
CA TYR SA 164 -134.79 17.10 13.71
C TYR SA 164 -135.97 17.69 12.97
N TYR SA 165 -136.28 17.11 11.81
CA TYR SA 165 -137.39 17.55 10.99
C TYR SA 165 -138.57 16.63 11.21
N PRO SA 166 -139.66 17.11 11.80
CA PRO SA 166 -140.77 16.21 12.15
C PRO SA 166 -141.48 15.62 10.94
N ASN SA 167 -141.89 16.48 10.02
CA ASN SA 167 -142.61 15.89 8.90
C ASN SA 167 -141.70 15.77 7.69
N PRO SA 168 -141.83 14.71 6.90
CA PRO SA 168 -141.04 14.62 5.67
C PRO SA 168 -141.25 15.80 4.75
N TYR SA 169 -142.46 16.37 4.72
CA TYR SA 169 -142.69 17.55 3.90
C TYR SA 169 -141.93 18.75 4.43
N TYR SA 170 -141.83 18.89 5.75
CA TYR SA 170 -141.06 19.98 6.33
C TYR SA 170 -139.63 19.96 5.84
N ALA SA 171 -139.06 18.76 5.65
CA ALA SA 171 -137.73 18.67 5.10
C ALA SA 171 -137.72 18.99 3.61
N LEU SA 172 -138.79 18.62 2.90
CA LEU SA 172 -138.87 18.90 1.47
C LEU SA 172 -138.82 20.40 1.21
N LEU SA 173 -139.64 21.16 1.93
CA LEU SA 173 -139.58 22.61 1.80
C LEU SA 173 -138.23 23.15 2.24
N ALA SA 174 -137.66 22.58 3.30
CA ALA SA 174 -136.33 22.98 3.73
C ALA SA 174 -135.30 22.65 2.66
N LEU SA 175 -135.49 21.53 1.95
CA LEU SA 175 -134.57 21.18 0.88
C LEU SA 175 -134.67 22.17 -0.27
N ASN SA 176 -135.88 22.66 -0.55
CA ASN SA 176 -136.08 23.58 -1.67
C ASN SA 176 -135.27 24.85 -1.48
N TYR SA 177 -135.37 25.47 -0.30
CA TYR SA 177 -134.68 26.73 -0.08
C TYR SA 177 -133.17 26.55 -0.05
N THR SA 178 -132.69 25.41 0.46
CA THR SA 178 -131.26 25.17 0.52
C THR SA 178 -130.65 25.12 -0.87
N LEU SA 179 -131.20 24.26 -1.73
CA LEU SA 179 -130.72 24.20 -3.10
C LEU SA 179 -130.95 25.51 -3.84
N SER SA 180 -131.86 26.35 -3.35
CA SER SA 180 -132.18 27.59 -4.04
C SER SA 180 -131.09 28.63 -3.82
N LYS SA 181 -130.88 29.04 -2.57
CA LYS SA 181 -129.97 30.13 -2.26
C LYS SA 181 -128.80 29.75 -1.38
N ILE SA 182 -128.92 28.71 -0.55
CA ILE SA 182 -127.82 28.31 0.32
C ILE SA 182 -126.62 27.90 -0.52
N ASP SA 183 -126.85 27.15 -1.58
CA ASP SA 183 -125.81 26.79 -2.52
C ASP SA 183 -126.04 27.50 -3.85
N LYS SA 184 -124.95 27.78 -4.55
CA LYS SA 184 -125.01 28.49 -5.83
C LYS SA 184 -124.96 27.50 -7.00
N VAL SA 185 -125.99 26.67 -7.07
CA VAL SA 185 -126.12 25.72 -8.17
C VAL SA 185 -127.02 26.32 -9.25
N SER SA 186 -126.61 26.18 -10.50
CA SER SA 186 -127.44 26.67 -11.60
C SER SA 186 -128.57 25.68 -11.93
N PRO SA 187 -128.33 24.35 -11.99
CA PRO SA 187 -129.47 23.45 -12.15
C PRO SA 187 -130.03 23.02 -10.80
N SER SA 188 -131.30 23.24 -10.58
CA SER SA 188 -131.88 22.77 -9.33
C SER SA 188 -132.83 21.62 -9.61
N PRO SA 189 -132.61 20.45 -9.01
CA PRO SA 189 -133.49 19.31 -9.29
C PRO SA 189 -134.86 19.42 -8.65
N LEU SA 190 -135.01 20.19 -7.57
CA LEU SA 190 -136.27 20.32 -6.87
C LEU SA 190 -136.77 21.74 -6.98
N TYR SA 191 -138.07 21.89 -7.25
CA TYR SA 191 -138.72 23.19 -7.33
C TYR SA 191 -140.09 23.11 -6.66
N ILE SA 192 -140.37 24.06 -5.77
CA ILE SA 192 -141.62 24.10 -5.04
C ILE SA 192 -142.28 25.45 -5.30
N THR SA 193 -143.57 25.42 -5.58
CA THR SA 193 -144.33 26.64 -5.81
C THR SA 193 -145.77 26.42 -5.35
N THR SA 194 -146.42 27.51 -4.96
CA THR SA 194 -147.79 27.48 -4.49
C THR SA 194 -148.79 27.95 -5.55
N THR SA 195 -148.35 28.14 -6.78
CA THR SA 195 -149.23 28.60 -7.85
C THR SA 195 -149.91 27.42 -8.52
N THR SA 196 -150.81 27.75 -9.45
CA THR SA 196 -151.51 26.72 -10.21
C THR SA 196 -150.49 25.90 -11.00
N PRO SA 197 -150.62 24.57 -10.99
CA PRO SA 197 -149.66 23.74 -11.74
C PRO SA 197 -149.61 24.09 -13.22
N SER SA 198 -150.77 24.30 -13.85
CA SER SA 198 -150.79 24.73 -15.23
C SER SA 198 -150.11 26.09 -15.38
N SER SA 199 -150.37 27.00 -14.44
CA SER SA 199 -149.76 28.33 -14.51
C SER SA 199 -148.24 28.23 -14.46
N ALA SA 200 -147.71 27.28 -13.69
CA ALA SA 200 -146.27 27.07 -13.66
C ALA SA 200 -145.74 26.70 -15.05
N THR SA 201 -146.54 25.95 -15.83
CA THR SA 201 -146.11 25.59 -17.17
C THR SA 201 -145.99 26.81 -18.07
N GLN SA 202 -146.91 27.77 -17.92
CA GLN SA 202 -146.85 28.97 -18.75
C GLN SA 202 -145.61 29.78 -18.44
N ILE SA 203 -145.35 30.06 -17.15
CA ILE SA 203 -144.20 30.86 -16.78
C ILE SA 203 -142.92 30.07 -16.96
N TYR SA 204 -142.96 28.76 -16.72
CA TYR SA 204 -141.79 27.90 -16.84
C TYR SA 204 -142.10 26.75 -17.77
N PRO SA 205 -141.57 26.75 -18.99
CA PRO SA 205 -141.87 25.63 -19.91
C PRO SA 205 -141.21 24.33 -19.51
N PHE SA 206 -140.03 24.38 -18.90
CA PHE SA 206 -139.31 23.16 -18.55
C PHE SA 206 -140.05 22.33 -17.51
N LEU SA 207 -140.94 22.94 -16.73
CA LEU SA 207 -141.64 22.24 -15.67
C LEU SA 207 -142.71 21.30 -16.19
N ALA SA 208 -142.77 21.05 -17.50
CA ALA SA 208 -143.78 20.14 -18.03
C ALA SA 208 -143.26 18.72 -18.18
N HIS SA 209 -141.95 18.55 -18.29
CA HIS SA 209 -141.37 17.24 -18.53
C HIS SA 209 -141.04 16.47 -17.26
N ASP SA 210 -141.06 17.13 -16.10
CA ASP SA 210 -140.63 16.50 -14.87
C ASP SA 210 -141.81 15.89 -14.12
N ASN SA 211 -141.49 15.28 -12.97
CA ASN SA 211 -142.49 14.60 -12.17
C ASN SA 211 -143.34 15.59 -11.39
N MET SA 212 -144.38 15.08 -10.73
CA MET SA 212 -145.33 15.92 -10.01
C MET SA 212 -145.94 15.13 -8.85
N PHE SA 213 -145.95 15.74 -7.67
CA PHE SA 213 -146.72 15.21 -6.55
C PHE SA 213 -147.05 16.36 -5.60
N THR SA 214 -148.18 16.21 -4.91
CA THR SA 214 -148.74 17.28 -4.10
C THR SA 214 -148.82 16.87 -2.65
N PHE SA 215 -148.83 17.87 -1.77
CA PHE SA 215 -149.06 17.67 -0.35
C PHE SA 215 -149.62 18.95 0.24
N THR SA 216 -150.68 18.83 1.03
CA THR SA 216 -151.39 19.97 1.57
C THR SA 216 -151.14 20.10 3.07
N LEU SA 217 -151.09 21.34 3.54
CA LEU SA 217 -150.91 21.65 4.95
C LEU SA 217 -151.97 22.64 5.38
N ASN SA 218 -152.31 22.62 6.66
CA ASN SA 218 -153.29 23.52 7.25
C ASN SA 218 -152.54 24.61 8.00
N ILE SA 219 -152.52 25.82 7.45
CA ILE SA 219 -151.81 26.95 8.03
C ILE SA 219 -152.83 28.03 8.38
N SER SA 220 -152.75 28.52 9.62
CA SER SA 220 -153.65 29.56 10.12
C SER SA 220 -155.11 29.22 9.87
N GLY SA 221 -155.46 27.95 10.13
CA GLY SA 221 -156.80 27.48 9.89
C GLY SA 221 -157.19 27.37 8.43
N THR SA 222 -156.29 27.69 7.50
CA THR SA 222 -156.57 27.64 6.08
C THR SA 222 -155.67 26.60 5.42
N LEU SA 223 -156.07 26.16 4.24
CA LEU SA 223 -155.33 25.16 3.48
C LEU SA 223 -154.48 25.83 2.41
N VAL SA 224 -153.22 25.43 2.33
CA VAL SA 224 -152.31 25.93 1.32
C VAL SA 224 -151.63 24.76 0.63
N THR SA 225 -152.07 24.43 -0.57
CA THR SA 225 -151.50 23.31 -1.29
C THR SA 225 -150.11 23.65 -1.80
N TYR SA 226 -149.38 22.61 -2.20
CA TYR SA 226 -148.03 22.76 -2.74
C TYR SA 226 -147.87 21.81 -3.91
N TYR SA 227 -147.10 22.24 -4.90
CA TYR SA 227 -146.85 21.46 -6.10
C TYR SA 227 -145.35 21.24 -6.25
N ALA SA 228 -144.93 19.99 -6.14
CA ALA SA 228 -143.52 19.64 -6.16
C ALA SA 228 -143.06 19.31 -7.57
N PHE SA 229 -141.81 19.64 -7.86
CA PHE SA 229 -141.23 19.46 -9.19
C PHE SA 229 -139.85 18.82 -9.04
N VAL SA 230 -139.72 17.58 -9.49
CA VAL SA 230 -138.43 16.89 -9.50
C VAL SA 230 -138.20 16.33 -10.91
N ASN SA 231 -136.99 16.54 -11.43
CA ASN SA 231 -136.66 16.12 -12.79
C ASN SA 231 -135.57 15.07 -12.82
N GLN SA 232 -134.95 14.75 -11.69
CA GLN SA 232 -133.93 13.73 -11.62
C GLN SA 232 -134.11 12.94 -10.33
N THR SA 233 -134.12 11.61 -10.45
CA THR SA 233 -134.25 10.77 -9.27
C THR SA 233 -133.04 10.95 -8.36
N PHE SA 234 -133.29 11.33 -7.11
CA PHE SA 234 -132.22 11.61 -6.19
C PHE SA 234 -132.69 11.33 -4.77
N ALA SA 235 -131.73 11.12 -3.88
CA ALA SA 235 -131.97 10.79 -2.49
C ALA SA 235 -131.35 11.85 -1.59
N PHE SA 236 -131.99 12.11 -0.46
CA PHE SA 236 -131.48 13.07 0.51
C PHE SA 236 -131.80 12.58 1.91
N THR SA 237 -130.90 12.88 2.85
CA THR SA 237 -131.05 12.48 4.24
C THR SA 237 -131.23 13.71 5.11
N TYR SA 238 -131.98 13.55 6.19
CA TYR SA 238 -132.25 14.65 7.10
C TYR SA 238 -132.42 14.12 8.50
N PRO SA 239 -131.96 14.84 9.52
CA PRO SA 239 -132.02 14.32 10.89
C PRO SA 239 -133.46 14.17 11.35
N VAL SA 240 -133.74 13.05 12.02
CA VAL SA 240 -135.09 12.74 12.45
C VAL SA 240 -135.12 12.36 13.93
N ALA SA 241 -133.96 12.01 14.49
CA ALA SA 241 -133.92 11.66 15.91
C ALA SA 241 -132.49 11.81 16.44
N GLY SA 242 -132.32 12.70 17.42
CA GLY SA 242 -131.11 12.79 18.21
C GLY SA 242 -129.81 13.01 17.45
N ASP SA 243 -129.66 14.17 16.83
CA ASP SA 243 -128.47 14.51 16.05
C ASP SA 243 -127.90 15.82 16.55
N PRO SA 244 -126.99 15.78 17.51
CA PRO SA 244 -126.38 17.02 18.00
C PRO SA 244 -125.32 17.57 17.05
N LEU SA 245 -124.55 16.68 16.43
CA LEU SA 245 -123.46 17.08 15.55
C LEU SA 245 -124.06 17.49 14.20
N ILE SA 246 -124.24 18.80 14.03
CA ILE SA 246 -124.81 19.35 12.80
C ILE SA 246 -123.71 20.12 12.07
N GLY SA 247 -123.58 19.86 10.78
CA GLY SA 247 -122.54 20.45 9.97
C GLY SA 247 -121.47 19.50 9.49
N SER SA 248 -121.64 18.19 9.72
CA SER SA 248 -120.66 17.22 9.27
C SER SA 248 -121.26 15.99 8.59
N ALA SA 249 -122.58 15.83 8.59
CA ALA SA 249 -123.24 14.70 7.94
C ALA SA 249 -122.73 13.37 8.49
N ILE SA 250 -122.56 13.31 9.81
CA ILE SA 250 -122.09 12.11 10.49
C ILE SA 250 -123.18 11.69 11.47
N ALA SA 251 -123.90 10.62 11.15
CA ALA SA 251 -124.94 10.13 12.02
C ALA SA 251 -124.33 9.50 13.25
N PRO SA 252 -124.51 10.06 14.44
CA PRO SA 252 -123.87 9.50 15.63
C PRO SA 252 -124.59 8.24 16.12
N ALA SA 253 -123.85 7.44 16.88
CA ALA SA 253 -124.42 6.25 17.47
C ALA SA 253 -125.56 6.62 18.42
N GLY SA 254 -126.69 5.95 18.26
CA GLY SA 254 -127.86 6.29 19.02
C GLY SA 254 -128.76 7.31 18.36
N SER SA 255 -128.73 7.42 17.04
CA SER SA 255 -129.52 8.39 16.31
C SER SA 255 -130.25 7.67 15.17
N VAL SA 256 -131.23 8.37 14.60
CA VAL SA 256 -131.97 7.86 13.45
C VAL SA 256 -131.86 8.90 12.35
N ILE SA 257 -131.78 8.41 11.10
CA ILE SA 257 -131.65 9.27 9.94
C ILE SA 257 -132.68 8.83 8.91
N GLY SA 258 -133.51 9.76 8.45
CA GLY SA 258 -134.53 9.45 7.47
C GLY SA 258 -134.00 9.61 6.06
N VAL SA 259 -134.29 8.63 5.21
CA VAL SA 259 -133.86 8.62 3.82
C VAL SA 259 -135.09 8.65 2.93
N MET SA 260 -135.11 9.55 1.96
CA MET SA 260 -136.25 9.70 1.06
C MET SA 260 -135.73 9.88 -0.35
N ILE SA 261 -136.14 9.00 -1.26
CA ILE SA 261 -135.80 9.09 -2.67
C ILE SA 261 -136.99 9.66 -3.42
N LEU SA 262 -136.72 10.60 -4.32
CA LEU SA 262 -137.76 11.23 -5.13
C LEU SA 262 -137.66 10.72 -6.55
N PHE SA 263 -138.80 10.25 -7.08
CA PHE SA 263 -138.82 9.60 -8.38
C PHE SA 263 -139.01 10.65 -9.48
N GLY SA 264 -138.02 10.76 -10.35
CA GLY SA 264 -138.10 11.67 -11.47
C GLY SA 264 -138.88 11.07 -12.62
N PRO SA 265 -138.89 11.75 -13.77
CA PRO SA 265 -139.64 11.23 -14.92
C PRO SA 265 -139.09 9.93 -15.45
N ASP SA 266 -137.81 9.65 -15.24
CA ASP SA 266 -137.19 8.46 -15.83
C ASP SA 266 -137.75 7.18 -15.23
N LEU SA 267 -138.14 7.20 -13.96
CA LEU SA 267 -138.60 5.97 -13.31
C LEU SA 267 -139.96 6.17 -12.67
N GLY SA 268 -140.27 7.42 -12.30
CA GLY SA 268 -141.54 7.70 -11.64
C GLY SA 268 -142.77 7.42 -12.49
N SER SA 269 -142.60 7.12 -13.78
CA SER SA 269 -143.70 6.80 -14.66
C SER SA 269 -144.15 5.36 -14.55
N HIS SA 270 -143.73 4.64 -13.51
CA HIS SA 270 -144.06 3.23 -13.37
C HIS SA 270 -144.43 2.94 -11.92
N VAL SA 271 -145.29 1.94 -11.73
CA VAL SA 271 -145.64 1.46 -10.41
C VAL SA 271 -145.09 0.05 -10.25
N PHE SA 272 -144.74 -0.30 -9.02
CA PHE SA 272 -144.10 -1.57 -8.72
C PHE SA 272 -145.16 -2.57 -8.26
N GLN SA 273 -145.41 -3.58 -9.08
CA GLN SA 273 -146.39 -4.61 -8.78
C GLN SA 273 -145.78 -5.97 -9.06
N TYR SA 274 -145.78 -6.84 -8.06
CA TYR SA 274 -145.20 -8.18 -8.16
C TYR SA 274 -143.71 -8.12 -8.51
N GLN SA 275 -143.05 -7.03 -8.14
CA GLN SA 275 -141.62 -6.85 -8.36
C GLN SA 275 -140.90 -6.85 -7.02
N THR SA 276 -139.58 -6.67 -7.08
CA THR SA 276 -138.75 -6.58 -5.88
C THR SA 276 -138.02 -5.26 -5.85
N ILE SA 277 -137.92 -4.68 -4.66
CA ILE SA 277 -137.21 -3.43 -4.43
C ILE SA 277 -135.94 -3.73 -3.64
N THR SA 278 -134.81 -3.27 -4.14
CA THR SA 278 -133.52 -3.56 -3.52
C THR SA 278 -132.73 -2.26 -3.38
N ILE SA 279 -132.70 -1.72 -2.17
CA ILE SA 279 -131.89 -0.55 -1.85
C ILE SA 279 -130.59 -1.04 -1.22
N GLN SA 280 -129.51 -0.30 -1.43
CA GLN SA 280 -128.21 -0.69 -0.89
C GLN SA 280 -127.42 0.58 -0.59
N ILE SA 281 -127.34 0.93 0.69
CA ILE SA 281 -126.54 2.06 1.14
C ILE SA 281 -125.17 1.55 1.51
N THR SA 282 -124.12 2.23 1.03
CA THR SA 282 -122.74 1.81 1.27
C THR SA 282 -121.85 3.01 1.54
N PRO SA 283 -121.60 3.31 2.81
CA PRO SA 283 -120.72 4.44 3.14
C PRO SA 283 -119.27 4.16 2.79
N ASN SA 284 -118.40 5.15 3.02
CA ASN SA 284 -117.00 5.00 2.63
C ASN SA 284 -116.27 4.04 3.56
N ILE SA 285 -116.66 3.97 4.83
CA ILE SA 285 -116.06 3.06 5.79
C ILE SA 285 -117.18 2.30 6.49
N GLY SA 286 -117.03 0.99 6.58
CA GLY SA 286 -118.03 0.13 7.20
C GLY SA 286 -118.74 -0.75 6.20
N SER SA 287 -119.44 -1.75 6.73
CA SER SA 287 -120.17 -2.69 5.91
C SER SA 287 -121.47 -2.07 5.39
N PRO SA 288 -121.86 -2.42 4.17
CA PRO SA 288 -123.04 -1.78 3.58
C PRO SA 288 -124.34 -2.23 4.22
N LEU SA 289 -125.45 -1.75 3.67
CA LEU SA 289 -126.79 -2.15 4.07
C LEU SA 289 -127.54 -2.62 2.85
N THR SA 290 -128.43 -3.59 3.04
CA THR SA 290 -129.20 -4.15 1.93
C THR SA 290 -130.62 -4.40 2.37
N ILE SA 291 -131.58 -3.91 1.59
CA ILE SA 291 -133.00 -4.11 1.85
C ILE SA 291 -133.60 -4.86 0.66
N SER SA 292 -134.45 -5.83 0.94
CA SER SA 292 -135.17 -6.57 -0.09
C SER SA 292 -136.63 -6.66 0.32
N GLU SA 293 -137.52 -6.30 -0.61
CA GLU SA 293 -138.94 -6.30 -0.35
C GLU SA 293 -139.68 -6.80 -1.59
N TYR SA 294 -140.93 -7.23 -1.37
CA TYR SA 294 -141.79 -7.69 -2.45
C TYR SA 294 -143.13 -6.97 -2.33
N VAL SA 295 -143.47 -6.20 -3.36
CA VAL SA 295 -144.68 -5.37 -3.35
C VAL SA 295 -145.78 -6.10 -4.10
N TYR SA 296 -146.94 -6.22 -3.45
CA TYR SA 296 -148.09 -6.88 -4.06
C TYR SA 296 -149.05 -5.89 -4.70
N GLN SA 297 -149.63 -4.99 -3.90
CA GLN SA 297 -150.61 -4.02 -4.38
C GLN SA 297 -150.48 -2.77 -3.52
N PRO SA 298 -150.61 -1.58 -4.11
CA PRO SA 298 -150.60 -0.36 -3.31
C PRO SA 298 -151.96 -0.07 -2.72
N GLU SA 299 -151.96 0.72 -1.65
CA GLU SA 299 -153.19 1.07 -0.97
C GLU SA 299 -152.96 2.30 -0.10
N GLY SA 300 -154.01 3.10 0.05
CA GLY SA 300 -153.97 4.28 0.90
C GLY SA 300 -153.01 5.35 0.46
N SER SA 301 -152.42 5.18 -0.72
CA SER SA 301 -151.45 6.10 -1.30
C SER SA 301 -150.14 6.10 -0.51
N VAL SA 302 -150.11 5.39 0.61
CA VAL SA 302 -148.89 5.19 1.38
C VAL SA 302 -148.83 3.72 1.81
N SER SA 303 -148.06 2.93 1.06
CA SER SA 303 -147.97 1.49 1.33
C SER SA 303 -146.78 1.22 2.23
N VAL SA 304 -147.03 0.56 3.36
CA VAL SA 304 -145.96 0.21 4.30
C VAL SA 304 -145.47 -1.17 3.88
N ILE SA 305 -144.56 -1.17 2.90
CA ILE SA 305 -144.00 -2.41 2.36
C ILE SA 305 -142.82 -2.07 1.45
N LEU TA 19 -63.44 -6.47 11.51
CA LEU TA 19 -64.00 -7.80 11.74
C LEU TA 19 -65.51 -7.76 11.82
N ALA TA 20 -66.13 -8.93 11.74
CA ALA TA 20 -67.58 -9.05 11.87
C ALA TA 20 -68.03 -9.09 13.32
N GLY TA 21 -67.10 -9.13 14.28
CA GLY TA 21 -67.45 -9.07 15.68
C GLY TA 21 -68.07 -7.76 16.11
N LEU TA 22 -67.94 -6.72 15.28
CA LEU TA 22 -68.59 -5.43 15.52
C LEU TA 22 -69.79 -5.19 14.64
N ASP TA 23 -69.74 -5.65 13.37
CA ASP TA 23 -70.89 -5.50 12.49
C ASP TA 23 -72.05 -6.35 12.95
N THR TA 24 -71.77 -7.58 13.39
CA THR TA 24 -72.82 -8.45 13.90
C THR TA 24 -73.41 -7.89 15.18
N ALA TA 25 -72.57 -7.27 16.02
CA ALA TA 25 -73.07 -6.69 17.25
C ALA TA 25 -73.90 -5.43 16.98
N ILE TA 26 -73.43 -4.59 16.06
CA ILE TA 26 -74.16 -3.35 15.75
C ILE TA 26 -75.53 -3.68 15.18
N ILE TA 27 -75.57 -4.58 14.19
CA ILE TA 27 -76.85 -4.97 13.60
C ILE TA 27 -77.75 -5.62 14.62
N LEU TA 28 -77.17 -6.35 15.58
CA LEU TA 28 -77.97 -6.97 16.63
C LEU TA 28 -78.64 -5.91 17.50
N ILE TA 29 -77.95 -4.80 17.76
CA ILE TA 29 -78.55 -3.73 18.53
C ILE TA 29 -79.71 -3.11 17.76
N ALA TA 30 -79.55 -2.95 16.45
CA ALA TA 30 -80.60 -2.34 15.64
C ALA TA 30 -81.82 -3.23 15.57
N PHE TA 31 -81.63 -4.50 15.20
CA PHE TA 31 -82.77 -5.39 15.02
C PHE TA 31 -83.53 -5.60 16.32
N ILE TA 32 -82.86 -5.51 17.46
CA ILE TA 32 -83.55 -5.60 18.74
C ILE TA 32 -84.40 -4.36 18.95
N ILE TA 33 -83.91 -3.20 18.51
CA ILE TA 33 -84.66 -1.96 18.68
C ILE TA 33 -85.95 -2.01 17.86
N THR TA 34 -85.83 -2.38 16.58
CA THR TA 34 -87.02 -2.39 15.72
C THR TA 34 -87.98 -3.51 16.10
N ALA TA 35 -87.46 -4.61 16.63
CA ALA TA 35 -88.36 -5.68 17.09
C ALA TA 35 -89.11 -5.25 18.33
N SER TA 36 -88.48 -4.47 19.21
CA SER TA 36 -89.16 -4.00 20.40
C SER TA 36 -90.25 -3.00 20.06
N VAL TA 37 -90.11 -2.30 18.95
CA VAL TA 37 -91.10 -1.29 18.57
C VAL TA 37 -92.38 -1.95 18.09
N LEU TA 38 -92.25 -2.98 17.25
CA LEU TA 38 -93.43 -3.72 16.80
C LEU TA 38 -94.19 -4.28 18.00
N ALA TA 39 -93.47 -4.87 18.95
CA ALA TA 39 -94.13 -5.37 20.16
C ALA TA 39 -94.73 -4.24 20.98
N TYR TA 40 -94.05 -3.10 21.02
CA TYR TA 40 -94.52 -1.96 21.81
C TYR TA 40 -95.89 -1.50 21.34
N VAL TA 41 -96.14 -1.54 20.03
CA VAL TA 41 -97.43 -1.12 19.52
C VAL TA 41 -98.39 -2.29 19.39
N ALA TA 42 -97.86 -3.51 19.29
CA ALA TA 42 -98.73 -4.68 19.17
C ALA TA 42 -99.59 -4.84 20.41
N ILE TA 43 -98.98 -4.62 21.59
CA ILE TA 43 -99.74 -4.72 22.83
C ILE TA 43 -100.72 -3.55 22.93
N ASN TA 44 -100.31 -2.36 22.51
CA ASN TA 44 -101.17 -1.20 22.62
C ASN TA 44 -102.43 -1.36 21.79
N MET TA 45 -102.28 -1.52 20.47
CA MET TA 45 -103.44 -1.72 19.61
C MET TA 45 -104.16 -3.02 19.94
N GLY TA 46 -103.42 -4.03 20.39
CA GLY TA 46 -104.08 -5.26 20.82
C GLY TA 46 -104.99 -5.03 22.01
N LEU TA 47 -104.47 -4.34 23.03
CA LEU TA 47 -105.30 -4.01 24.19
C LEU TA 47 -106.44 -3.08 23.79
N PHE TA 48 -106.19 -2.20 22.82
CA PHE TA 48 -107.22 -1.26 22.39
C PHE TA 48 -108.39 -2.00 21.75
N VAL TA 49 -108.09 -2.87 20.78
CA VAL TA 49 -109.15 -3.62 20.13
C VAL TA 49 -109.80 -4.60 21.10
N THR TA 50 -109.02 -5.17 22.01
CA THR TA 50 -109.58 -6.09 22.99
C THR TA 50 -110.51 -5.37 23.95
N GLN TA 51 -110.14 -4.17 24.37
CA GLN TA 51 -110.99 -3.40 25.27
C GLN TA 51 -112.26 -2.95 24.55
N LYS TA 52 -112.14 -2.55 23.28
CA LYS TA 52 -113.32 -2.14 22.54
C LYS TA 52 -114.27 -3.31 22.31
N ALA TA 53 -113.72 -4.51 22.14
CA ALA TA 53 -114.57 -5.69 21.98
C ALA TA 53 -115.36 -5.96 23.25
N LYS TA 54 -114.92 -5.41 24.38
CA LYS TA 54 -115.69 -5.55 25.61
C LYS TA 54 -116.95 -4.69 25.55
N SER TA 55 -116.82 -3.46 25.07
CA SER TA 55 -117.95 -2.55 25.06
C SER TA 55 -119.04 -3.02 24.09
N THR TA 56 -118.65 -3.53 22.92
CA THR TA 56 -119.63 -3.99 21.96
C THR TA 56 -120.41 -5.19 22.46
N ILE TA 57 -119.83 -5.96 23.39
CA ILE TA 57 -120.57 -7.04 24.04
C ILE TA 57 -121.58 -6.45 25.02
N ASN TA 58 -121.18 -5.40 25.73
CA ASN TA 58 -122.09 -4.76 26.67
C ASN TA 58 -123.24 -4.08 25.94
N LYS TA 59 -122.92 -3.28 24.92
CA LYS TA 59 -123.98 -2.61 24.16
C LYS TA 59 -124.82 -3.61 23.38
N GLY TA 60 -124.20 -4.69 22.91
CA GLY TA 60 -124.95 -5.72 22.21
C GLY TA 60 -125.95 -6.41 23.12
N GLU TA 61 -125.53 -6.73 24.35
CA GLU TA 61 -126.44 -7.36 25.29
C GLU TA 61 -127.57 -6.41 25.67
N GLU TA 62 -127.27 -5.12 25.78
CA GLU TA 62 -128.31 -4.15 26.12
C GLU TA 62 -129.37 -4.09 25.03
N THR TA 63 -128.95 -4.23 23.78
CA THR TA 63 -129.91 -4.22 22.67
C THR TA 63 -130.92 -5.36 22.81
N ALA TA 64 -130.48 -6.51 23.30
CA ALA TA 64 -131.36 -7.66 23.39
C ALA TA 64 -132.12 -7.73 24.70
N SER TA 65 -131.81 -6.87 25.67
CA SER TA 65 -132.42 -6.97 26.99
C SER TA 65 -133.42 -5.87 27.29
N THR TA 66 -133.46 -4.80 26.50
CA THR TA 66 -134.35 -3.67 26.75
C THR TA 66 -135.38 -3.58 25.64
N ALA TA 67 -136.66 -3.68 26.00
CA ALA TA 67 -137.75 -3.55 25.05
C ALA TA 67 -139.02 -3.22 25.82
N LEU TA 68 -139.93 -2.52 25.14
CA LEU TA 68 -141.15 -2.04 25.76
C LEU TA 68 -142.30 -3.00 25.46
N THR TA 69 -143.41 -2.80 26.17
CA THR TA 69 -144.64 -3.57 25.92
C THR TA 69 -145.83 -2.66 26.13
N LEU TA 70 -146.95 -3.03 25.51
CA LEU TA 70 -148.17 -2.23 25.57
C LEU TA 70 -148.94 -2.60 26.83
N SER TA 71 -148.56 -1.95 27.94
CA SER TA 71 -149.25 -2.14 29.20
C SER TA 71 -150.64 -1.53 29.11
N GLY TA 72 -151.67 -2.38 29.16
CA GLY TA 72 -153.02 -1.92 29.01
C GLY TA 72 -153.36 -1.64 27.56
N SER TA 73 -154.61 -1.21 27.34
CA SER TA 73 -155.10 -0.96 26.00
C SER TA 73 -154.91 0.50 25.62
N VAL TA 74 -155.16 0.78 24.33
CA VAL TA 74 -154.98 2.11 23.77
C VAL TA 74 -156.31 2.83 23.76
N LEU TA 75 -156.26 4.16 23.86
CA LEU TA 75 -157.44 5.00 23.90
C LEU TA 75 -157.50 5.89 22.66
N TYR TA 76 -158.65 6.54 22.48
CA TYR TA 76 -158.87 7.46 21.38
C TYR TA 76 -160.05 8.35 21.74
N ALA TA 77 -159.88 9.66 21.55
CA ALA TA 77 -160.86 10.65 21.98
C ALA TA 77 -161.31 11.48 20.79
N VAL TA 78 -162.61 11.54 20.55
CA VAL TA 78 -163.21 12.40 19.54
C VAL TA 78 -164.51 12.96 20.08
N ASN TA 79 -165.00 14.01 19.44
CA ASN TA 79 -166.31 14.58 19.77
C ASN TA 79 -167.38 13.65 19.23
N TYR TA 80 -167.92 12.80 20.11
CA TYR TA 80 -168.86 11.77 19.70
C TYR TA 80 -170.07 12.30 18.92
N PRO TA 81 -170.81 13.31 19.39
CA PRO TA 81 -172.02 13.72 18.66
C PRO TA 81 -171.74 14.22 17.25
N SER TA 82 -170.52 14.64 16.95
CA SER TA 82 -170.14 15.14 15.63
C SER TA 82 -168.76 14.55 15.30
N ASN TA 83 -168.75 13.40 14.64
CA ASN TA 83 -167.50 12.73 14.34
C ASN TA 83 -166.74 13.47 13.24
N THR TA 84 -166.23 14.66 13.56
CA THR TA 84 -165.56 15.49 12.58
C THR TA 84 -164.14 15.84 13.00
N ARG TA 85 -163.88 15.84 14.31
CA ARG TA 85 -162.60 16.28 14.84
C ARG TA 85 -162.02 15.23 15.78
N SER TA 86 -160.71 15.03 15.69
CA SER TA 86 -159.98 14.19 16.62
C SER TA 86 -159.22 15.05 17.61
N TYR TA 87 -159.04 14.55 18.82
CA TYR TA 87 -158.45 15.33 19.90
C TYR TA 87 -157.11 14.78 20.36
N TRP TA 88 -157.05 13.53 20.79
CA TRP TA 88 -155.81 12.98 21.32
C TRP TA 88 -155.94 11.46 21.43
N ILE TA 89 -154.79 10.81 21.65
CA ILE TA 89 -154.70 9.38 21.83
C ILE TA 89 -153.85 9.12 23.07
N TYR TA 90 -154.25 8.13 23.87
CA TYR TA 90 -153.57 7.82 25.12
C TYR TA 90 -153.31 6.33 25.22
N PHE TA 91 -152.14 5.97 25.74
CA PHE TA 91 -151.76 4.59 25.99
C PHE TA 91 -150.58 4.57 26.93
N THR TA 92 -150.44 3.47 27.67
CA THR TA 92 -149.34 3.29 28.61
C THR TA 92 -148.38 2.22 28.11
N VAL TA 93 -147.11 2.37 28.48
CA VAL TA 93 -146.06 1.46 28.07
C VAL TA 93 -145.30 1.00 29.30
N SER TA 94 -144.49 -0.03 29.11
CA SER TA 94 -143.72 -0.64 30.19
C SER TA 94 -142.66 -1.53 29.56
N PRO TA 95 -141.58 -1.82 30.28
CA PRO TA 95 -140.60 -2.80 29.79
C PRO TA 95 -141.25 -4.15 29.57
N SER TA 96 -140.90 -4.80 28.45
CA SER TA 96 -141.52 -6.07 28.09
C SER TA 96 -141.39 -7.09 29.21
N SER TA 97 -140.18 -7.27 29.71
CA SER TA 97 -139.94 -8.10 30.88
C SER TA 97 -139.01 -7.33 31.80
N GLY TA 98 -139.25 -7.45 33.11
CA GLY TA 98 -138.52 -6.65 34.06
C GLY TA 98 -137.08 -7.08 34.22
N VAL TA 99 -136.28 -6.88 33.17
CA VAL TA 99 -134.89 -7.31 33.16
C VAL TA 99 -133.92 -6.16 32.93
N SER TA 100 -134.40 -4.98 32.56
CA SER TA 100 -133.52 -3.85 32.26
C SER TA 100 -134.35 -2.58 32.24
N SER TA 101 -133.67 -1.46 32.03
CA SER TA 101 -134.30 -0.15 31.96
C SER TA 101 -134.05 0.46 30.59
N VAL TA 102 -134.99 1.28 30.15
CA VAL TA 102 -134.91 1.92 28.84
C VAL TA 102 -134.80 3.43 29.04
N GLU TA 103 -134.41 4.11 27.97
CA GLU TA 103 -134.30 5.56 27.96
C GLU TA 103 -135.37 6.16 27.07
N LEU TA 104 -135.99 7.24 27.54
CA LEU TA 104 -137.06 7.92 26.82
C LEU TA 104 -136.80 9.41 26.77
N SER TA 105 -135.54 9.80 26.65
CA SER TA 105 -135.18 11.21 26.58
C SER TA 105 -135.70 11.82 25.30
N PRO TA 106 -136.59 12.81 25.34
CA PRO TA 106 -137.14 13.38 24.11
C PRO TA 106 -136.11 13.96 23.17
N SER TA 107 -134.87 14.16 23.63
CA SER TA 107 -133.83 14.62 22.73
C SER TA 107 -133.36 13.51 21.81
N THR TA 108 -133.48 12.25 22.23
CA THR TA 108 -132.90 11.16 21.46
C THR TA 108 -133.83 9.96 21.29
N THR TA 109 -135.14 10.18 21.20
CA THR TA 109 -136.08 9.12 20.88
C THR TA 109 -137.13 9.64 19.91
N ALA TA 110 -137.66 8.74 19.09
CA ALA TA 110 -138.53 9.10 17.98
C ALA TA 110 -139.88 8.40 18.12
N ILE TA 111 -140.96 9.17 18.01
CA ILE TA 111 -142.32 8.66 18.00
C ILE TA 111 -142.94 9.02 16.66
N SER TA 112 -143.24 8.02 15.85
CA SER TA 112 -143.77 8.21 14.51
C SER TA 112 -145.24 7.83 14.46
N PHE TA 113 -146.03 8.65 13.77
CA PHE TA 113 -147.46 8.43 13.61
C PHE TA 113 -147.79 8.37 12.13
N THR TA 114 -148.49 7.32 11.71
CA THR TA 114 -148.85 7.13 10.31
C THR TA 114 -150.33 6.83 10.20
N ALA TA 115 -150.99 7.48 9.24
CA ALA TA 115 -152.38 7.20 8.90
C ALA TA 115 -152.41 6.74 7.44
N SER TA 116 -152.86 5.51 7.22
CA SER TA 116 -152.73 4.90 5.90
C SER TA 116 -153.65 5.57 4.88
N ALA TA 117 -154.96 5.50 5.10
CA ALA TA 117 -155.90 5.99 4.09
C ALA TA 117 -155.78 7.49 3.91
N GLU TA 118 -155.45 8.22 4.96
CA GLU TA 118 -155.29 9.67 4.84
C GLU TA 118 -154.07 10.03 4.02
N GLY TA 119 -153.07 9.14 3.97
CA GLY TA 119 -151.86 9.44 3.24
C GLY TA 119 -150.90 10.36 3.95
N ILE TA 120 -151.04 10.53 5.26
CA ILE TA 120 -150.19 11.40 6.05
C ILE TA 120 -149.30 10.53 6.93
N SER TA 121 -148.02 10.89 7.02
CA SER TA 121 -147.06 10.17 7.83
C SER TA 121 -146.18 11.17 8.56
N TYR TA 122 -145.95 10.90 9.84
CA TYR TA 122 -145.15 11.76 10.70
C TYR TA 122 -143.87 11.02 11.12
N SER TA 123 -143.00 11.75 11.82
CA SER TA 123 -141.76 11.17 12.33
C SER TA 123 -141.27 12.04 13.47
N ASN TA 124 -141.11 11.45 14.65
CA ASN TA 124 -140.58 12.14 15.83
C ASN TA 124 -141.46 13.34 16.19
N ILE TA 125 -142.69 13.02 16.59
CA ILE TA 125 -143.63 14.02 17.08
C ILE TA 125 -143.45 14.18 18.57
N TYR TA 126 -142.35 13.65 19.09
CA TYR TA 126 -142.05 13.68 20.53
C TYR TA 126 -141.12 14.84 20.80
N GLU TA 127 -141.59 15.82 21.57
CA GLU TA 127 -140.83 17.05 21.81
C GLU TA 127 -140.48 17.25 23.28
N TYR TA 128 -141.45 17.13 24.20
CA TYR TA 128 -141.22 17.37 25.60
C TYR TA 128 -141.64 16.16 26.41
N THR TA 129 -141.36 16.21 27.71
CA THR TA 129 -141.71 15.14 28.62
C THR TA 129 -141.85 15.71 30.03
N LEU TA 130 -142.36 14.87 30.93
CA LEU TA 130 -142.49 15.21 32.33
C LEU TA 130 -141.60 14.38 33.22
N LEU TA 131 -140.82 13.46 32.66
CA LEU TA 131 -139.96 12.59 33.45
C LEU TA 131 -138.76 13.33 34.05
N THR TA 132 -138.55 14.59 33.68
CA THR TA 132 -137.39 15.35 34.13
C THR TA 132 -137.75 16.49 35.06
N VAL TA 133 -139.00 16.64 35.45
CA VAL TA 133 -139.43 17.74 36.31
C VAL TA 133 -139.53 17.23 37.74
N SER TA 134 -139.32 18.13 38.69
CA SER TA 134 -139.43 17.79 40.10
C SER TA 134 -140.78 18.24 40.65
N PRO TA 135 -141.37 17.46 41.55
CA PRO TA 135 -142.68 17.85 42.11
C PRO TA 135 -142.63 19.12 42.94
N SER TA 136 -141.44 19.58 43.34
CA SER TA 136 -141.33 20.78 44.14
C SER TA 136 -141.64 22.05 43.35
N GLU TA 137 -141.87 21.95 42.05
CA GLU TA 137 -142.15 23.13 41.23
C GLU TA 137 -143.61 23.23 40.82
N LEU TA 138 -144.25 22.10 40.55
CA LEU TA 138 -145.63 22.12 40.08
C LEU TA 138 -146.65 22.26 41.21
N ALA TA 139 -146.38 21.66 42.36
CA ALA TA 139 -147.34 21.69 43.46
C ALA TA 139 -147.35 23.02 44.20
N ASN TA 140 -146.64 24.04 43.69
CA ASN TA 140 -146.56 25.30 44.41
C ASN TA 140 -147.79 26.17 44.17
N GLN TA 141 -148.02 26.57 42.93
CA GLN TA 141 -149.11 27.50 42.62
C GLN TA 141 -149.80 27.09 41.33
N VAL TA 142 -151.07 26.73 41.44
CA VAL TA 142 -152.03 26.67 40.34
C VAL TA 142 -153.42 26.55 40.95
N TYR TA 143 -154.39 27.24 40.37
CA TYR TA 143 -155.74 27.19 40.93
C TYR TA 143 -156.75 27.73 39.93
N ALA TA 144 -157.92 27.09 39.90
CA ALA TA 144 -159.07 27.59 39.15
C ALA TA 144 -160.22 27.93 40.08
N ASN TA 145 -159.97 28.04 41.38
CA ASN TA 145 -161.00 28.33 42.37
C ASN TA 145 -160.36 29.15 43.49
N GLY TA 146 -161.07 29.25 44.61
CA GLY TA 146 -160.57 30.02 45.74
C GLY TA 146 -159.38 29.41 46.44
N GLN TA 147 -158.97 28.21 46.07
CA GLN TA 147 -157.88 27.51 46.73
C GLN TA 147 -156.94 26.89 45.70
N TYR TA 148 -155.67 26.80 46.07
CA TYR TA 148 -154.68 26.19 45.19
C TYR TA 148 -154.87 24.68 45.15
N LEU TA 149 -154.56 24.08 44.01
CA LEU TA 149 -154.75 22.65 43.80
C LEU TA 149 -153.41 21.99 43.49
N ASP TA 150 -153.30 20.71 43.84
CA ASP TA 150 -152.11 19.92 43.58
C ASP TA 150 -152.30 19.06 42.34
N LEU TA 151 -151.20 18.56 41.81
CA LEU TA 151 -151.21 17.76 40.59
C LEU TA 151 -150.70 16.35 40.82
N VAL TA 152 -149.52 16.19 41.42
CA VAL TA 152 -148.85 14.90 41.54
C VAL TA 152 -148.84 14.49 43.00
N ASN TA 153 -149.17 13.23 43.26
CA ASN TA 153 -149.06 12.65 44.59
C ASN TA 153 -147.74 11.91 44.71
N GLN TA 154 -147.12 12.02 45.88
CA GLN TA 154 -145.79 11.46 46.10
C GLN TA 154 -145.79 10.64 47.37
N GLN TA 155 -145.42 9.37 47.26
CA GLN TA 155 -145.20 8.50 48.40
C GLN TA 155 -143.77 7.98 48.36
N THR TA 156 -143.17 7.84 49.53
CA THR TA 156 -141.79 7.43 49.65
C THR TA 156 -141.68 6.16 50.50
N ASN TA 157 -140.65 5.37 50.21
CA ASN TA 157 -140.37 4.14 50.92
C ASN TA 157 -139.01 3.64 50.47
N ALA TA 158 -138.33 2.90 51.35
CA ALA TA 158 -136.99 2.37 51.08
C ALA TA 158 -136.01 3.45 50.68
N GLY TA 159 -136.22 4.67 51.18
CA GLY TA 159 -135.34 5.77 50.86
C GLY TA 159 -135.48 6.32 49.45
N GLN TA 160 -136.59 6.02 48.77
CA GLN TA 160 -136.81 6.50 47.42
C GLN TA 160 -138.25 6.97 47.29
N THR TA 161 -138.44 8.14 46.69
CA THR TA 161 -139.76 8.73 46.50
C THR TA 161 -140.27 8.43 45.10
N TYR TA 162 -141.58 8.24 45.00
CA TYR TA 162 -142.23 7.91 43.73
C TYR TA 162 -143.29 8.95 43.43
N VAL TA 163 -143.28 9.46 42.21
CA VAL TA 163 -144.22 10.50 41.79
C VAL TA 163 -144.89 10.08 40.50
N TYR TA 164 -146.16 10.47 40.35
CA TYR TA 164 -146.91 10.17 39.14
C TYR TA 164 -148.17 11.03 39.11
N TYR TA 165 -148.65 11.31 37.91
CA TYR TA 165 -149.87 12.08 37.72
C TYR TA 165 -151.03 11.13 37.50
N PRO TA 166 -152.09 11.18 38.31
CA PRO TA 166 -153.16 10.19 38.19
C PRO TA 166 -153.96 10.31 36.89
N ASN TA 167 -154.41 11.52 36.58
CA ASN TA 167 -155.24 11.72 35.40
C ASN TA 167 -154.48 12.50 34.35
N PRO TA 168 -154.63 12.15 33.07
CA PRO TA 168 -153.91 12.88 32.01
C PRO TA 168 -154.24 14.35 31.97
N TYR TA 169 -155.42 14.76 32.44
CA TYR TA 169 -155.73 16.18 32.53
C TYR TA 169 -154.77 16.88 33.49
N TYR TA 170 -154.41 16.21 34.59
CA TYR TA 170 -153.46 16.81 35.52
C TYR TA 170 -152.11 17.04 34.85
N ALA TA 171 -151.58 16.04 34.16
CA ALA TA 171 -150.32 16.20 33.46
C ALA TA 171 -150.44 17.25 32.37
N LEU TA 172 -151.63 17.42 31.80
CA LEU TA 172 -151.84 18.48 30.81
C LEU TA 172 -151.70 19.85 31.45
N LEU TA 173 -152.32 20.05 32.62
CA LEU TA 173 -152.12 21.29 33.35
C LEU TA 173 -150.67 21.45 33.78
N ALA TA 174 -150.03 20.35 34.17
CA ALA TA 174 -148.63 20.42 34.57
C ALA TA 174 -147.75 20.84 33.41
N LEU TA 175 -148.03 20.32 32.21
CA LEU TA 175 -147.23 20.67 31.05
C LEU TA 175 -147.36 22.15 30.73
N ASN TA 176 -148.56 22.70 30.84
CA ASN TA 176 -148.78 24.10 30.52
C ASN TA 176 -147.95 25.00 31.44
N TYR TA 177 -147.83 24.62 32.71
CA TYR TA 177 -147.04 25.40 33.64
C TYR TA 177 -145.55 25.32 33.30
N THR TA 178 -145.04 24.10 33.11
CA THR TA 178 -143.61 23.95 32.90
C THR TA 178 -143.18 24.47 31.53
N LEU TA 179 -144.07 24.40 30.54
CA LEU TA 179 -143.72 24.86 29.21
C LEU TA 179 -143.71 26.38 29.13
N SER TA 180 -144.36 27.05 30.09
CA SER TA 180 -144.52 28.50 30.00
C SER TA 180 -143.41 29.26 30.69
N LYS TA 181 -142.95 28.79 31.85
CA LYS TA 181 -142.02 29.56 32.66
C LYS TA 181 -140.70 28.85 32.90
N ILE TA 182 -140.72 27.53 33.10
CA ILE TA 182 -139.48 26.81 33.38
C ILE TA 182 -138.53 26.88 32.20
N ASP TA 183 -139.06 26.76 30.99
CA ASP TA 183 -138.26 26.93 29.77
C ASP TA 183 -138.68 28.23 29.08
N LYS TA 184 -137.70 29.07 28.77
CA LYS TA 184 -137.98 30.38 28.17
C LYS TA 184 -137.99 30.27 26.65
N VAL TA 185 -138.94 29.49 26.15
CA VAL TA 185 -139.18 29.36 24.72
C VAL TA 185 -140.32 30.27 24.33
N SER TA 186 -140.12 31.05 23.26
CA SER TA 186 -141.18 31.95 22.82
C SER TA 186 -142.38 31.20 22.24
N PRO TA 187 -142.22 30.17 21.37
CA PRO TA 187 -143.41 29.46 20.90
C PRO TA 187 -143.80 28.34 21.86
N SER TA 188 -144.98 28.45 22.47
CA SER TA 188 -145.47 27.41 23.35
C SER TA 188 -146.49 26.58 22.60
N PRO TA 189 -146.17 25.36 22.17
CA PRO TA 189 -147.14 24.56 21.41
C PRO TA 189 -148.37 24.20 22.20
N LEU TA 190 -148.38 24.40 23.50
CA LEU TA 190 -149.54 24.15 24.34
C LEU TA 190 -149.91 25.43 25.08
N TYR TA 191 -151.22 25.66 25.21
CA TYR TA 191 -151.70 26.87 25.88
C TYR TA 191 -153.12 26.61 26.34
N ILE TA 192 -153.33 26.57 27.66
CA ILE TA 192 -154.64 26.34 28.24
C ILE TA 192 -155.09 27.61 28.93
N THR TA 193 -156.35 28.00 28.70
CA THR TA 193 -156.92 29.19 29.32
C THR TA 193 -158.40 28.95 29.54
N THR TA 194 -158.90 29.38 30.70
CA THR TA 194 -160.26 29.09 31.12
C THR TA 194 -161.27 30.12 30.64
N THR TA 195 -160.84 31.16 29.94
CA THR TA 195 -161.80 32.17 29.49
C THR TA 195 -162.62 31.63 28.33
N THR TA 196 -163.63 32.41 27.93
CA THR TA 196 -164.47 32.02 26.83
C THR TA 196 -163.65 32.01 25.54
N PRO TA 197 -163.77 30.95 24.72
CA PRO TA 197 -162.95 30.89 23.50
C PRO TA 197 -163.11 32.07 22.57
N SER TA 198 -164.34 32.58 22.40
CA SER TA 198 -164.52 33.76 21.58
C SER TA 198 -163.79 34.97 22.17
N SER TA 199 -163.79 35.08 23.50
CA SER TA 199 -163.04 36.15 24.15
C SER TA 199 -161.55 35.93 24.01
N ALA TA 200 -161.10 34.68 24.15
CA ALA TA 200 -159.68 34.37 24.02
C ALA TA 200 -159.18 34.68 22.62
N THR TA 201 -159.96 34.32 21.61
CA THR TA 201 -159.58 34.62 20.23
C THR TA 201 -159.51 36.12 19.99
N GLN TA 202 -160.31 36.90 20.72
CA GLN TA 202 -160.30 38.35 20.54
C GLN TA 202 -159.00 38.95 21.05
N ILE TA 203 -158.59 38.59 22.27
CA ILE TA 203 -157.39 39.16 22.85
C ILE TA 203 -156.15 38.58 22.19
N TYR TA 204 -156.17 37.29 21.87
CA TYR TA 204 -155.04 36.65 21.23
C TYR TA 204 -155.40 36.28 19.80
N PRO TA 205 -154.83 36.96 18.80
CA PRO TA 205 -155.23 36.67 17.42
C PRO TA 205 -154.77 35.31 16.93
N PHE TA 206 -153.51 34.96 17.18
CA PHE TA 206 -152.97 33.69 16.71
C PHE TA 206 -153.58 32.49 17.40
N LEU TA 207 -154.25 32.68 18.53
CA LEU TA 207 -154.83 31.56 19.25
C LEU TA 207 -156.00 30.93 18.50
N ALA TA 208 -156.60 31.68 17.56
CA ALA TA 208 -157.74 31.15 16.81
C ALA TA 208 -157.33 30.06 15.83
N HIS TA 209 -156.06 29.95 15.50
CA HIS TA 209 -155.59 28.92 14.58
C HIS TA 209 -155.25 27.62 15.28
N ASP TA 210 -155.09 27.65 16.60
CA ASP TA 210 -154.70 26.45 17.33
C ASP TA 210 -155.85 25.46 17.40
N ASN TA 211 -155.50 24.17 17.42
CA ASN TA 211 -156.50 23.15 17.69
C ASN TA 211 -156.98 23.27 19.12
N MET TA 212 -158.24 22.92 19.35
CA MET TA 212 -158.85 23.17 20.66
C MET TA 212 -159.80 22.04 21.02
N PHE TA 213 -159.62 21.51 22.23
CA PHE TA 213 -160.56 20.58 22.83
C PHE TA 213 -160.81 21.00 24.27
N THR TA 214 -161.84 20.44 24.87
CA THR TA 214 -162.28 20.87 26.19
C THR TA 214 -162.24 19.71 27.18
N PHE TA 215 -162.14 20.07 28.46
CA PHE TA 215 -162.19 19.12 29.56
C PHE TA 215 -162.45 19.90 30.83
N THR TA 216 -163.28 19.34 31.71
CA THR TA 216 -163.71 20.05 32.90
C THR TA 216 -163.54 19.16 34.13
N LEU TA 217 -163.32 19.83 35.27
CA LEU TA 217 -163.17 19.17 36.56
C LEU TA 217 -164.12 19.83 37.55
N ASN TA 218 -164.45 19.09 38.60
CA ASN TA 218 -165.33 19.59 39.67
C ASN TA 218 -164.45 19.95 40.86
N ILE TA 219 -164.05 21.21 40.92
CA ILE TA 219 -163.16 21.70 41.96
C ILE TA 219 -163.99 22.33 43.07
N SER TA 220 -163.93 21.74 44.25
CA SER TA 220 -164.60 22.26 45.44
C SER TA 220 -166.09 22.49 45.19
N GLY TA 221 -166.72 21.55 44.49
CA GLY TA 221 -168.12 21.68 44.15
C GLY TA 221 -168.45 22.76 43.16
N THR TA 222 -167.46 23.52 42.69
CA THR TA 222 -167.67 24.59 41.72
C THR TA 222 -167.25 24.09 40.35
N LEU TA 223 -168.22 23.91 39.46
CA LEU TA 223 -167.93 23.42 38.12
C LEU TA 223 -167.05 24.41 37.37
N VAL TA 224 -165.91 23.93 36.91
CA VAL TA 224 -164.94 24.76 36.19
C VAL TA 224 -164.48 24.01 34.94
N THR TA 225 -164.62 24.63 33.78
CA THR TA 225 -164.19 24.05 32.52
C THR TA 225 -162.82 24.59 32.12
N TYR TA 226 -162.21 23.95 31.14
CA TYR TA 226 -160.89 24.32 30.66
C TYR TA 226 -160.85 24.20 29.14
N TYR TA 227 -160.01 25.04 28.52
CA TYR TA 227 -159.84 25.07 27.08
C TYR TA 227 -158.36 25.03 26.76
N ALA TA 228 -157.92 23.94 26.11
CA ALA TA 228 -156.52 23.75 25.76
C ALA TA 228 -156.33 24.02 24.27
N PHE TA 229 -155.23 24.70 23.94
CA PHE TA 229 -154.93 25.06 22.56
C PHE TA 229 -153.61 24.43 22.14
N VAL TA 230 -153.60 23.80 20.97
CA VAL TA 230 -152.43 23.12 20.43
C VAL TA 230 -152.26 23.55 18.98
N ASN TA 231 -151.04 23.97 18.61
CA ASN TA 231 -150.76 24.46 17.27
C ASN TA 231 -149.91 23.49 16.45
N GLN TA 232 -149.59 22.32 17.00
CA GLN TA 232 -148.78 21.35 16.28
C GLN TA 232 -148.96 19.98 16.92
N THR TA 233 -149.17 18.96 16.10
CA THR TA 233 -149.39 17.60 16.59
C THR TA 233 -148.10 17.11 17.24
N PHE TA 234 -148.10 17.07 18.57
CA PHE TA 234 -146.94 16.61 19.32
C PHE TA 234 -147.40 15.64 20.40
N ALA TA 235 -146.43 15.10 21.15
CA ALA TA 235 -146.72 14.11 22.18
C ALA TA 235 -145.74 14.29 23.33
N PHE TA 236 -146.08 13.66 24.45
CA PHE TA 236 -145.23 13.69 25.64
C PHE TA 236 -145.56 12.49 26.51
N THR TA 237 -144.59 12.11 27.33
CA THR TA 237 -144.76 11.01 28.27
C THR TA 237 -144.69 11.52 29.70
N TYR TA 238 -145.50 10.94 30.57
CA TYR TA 238 -145.57 11.33 31.96
C TYR TA 238 -145.68 10.10 32.84
N PRO TA 239 -145.01 10.09 33.99
CA PRO TA 239 -144.99 8.88 34.83
C PRO TA 239 -146.36 8.63 35.45
N VAL TA 240 -146.78 7.36 35.42
CA VAL TA 240 -148.08 6.99 35.96
C VAL TA 240 -147.92 5.98 37.08
N ALA TA 241 -146.80 5.25 37.08
CA ALA TA 241 -146.57 4.24 38.11
C ALA TA 241 -145.10 3.86 38.15
N GLY TA 242 -144.57 3.73 39.37
CA GLY TA 242 -143.22 3.24 39.57
C GLY TA 242 -142.14 4.06 38.92
N ASP TA 243 -141.90 5.26 39.42
CA ASP TA 243 -140.86 6.15 38.90
C ASP TA 243 -140.11 6.74 40.08
N PRO TA 244 -139.18 5.98 40.67
CA PRO TA 244 -138.41 6.54 41.79
C PRO TA 244 -137.37 7.55 41.35
N LEU TA 245 -136.66 7.28 40.26
CA LEU TA 245 -135.58 8.14 39.79
C LEU TA 245 -136.14 9.23 38.87
N ILE TA 246 -137.02 10.04 39.46
CA ILE TA 246 -137.61 11.15 38.72
C ILE TA 246 -136.54 12.20 38.44
N GLY TA 247 -136.65 12.86 37.30
CA GLY TA 247 -135.71 13.89 36.92
C GLY TA 247 -134.59 13.44 36.02
N SER TA 248 -134.71 12.27 35.39
CA SER TA 248 -133.65 11.77 34.52
C SER TA 248 -134.16 11.16 33.22
N ALA TA 249 -135.46 11.09 32.99
CA ALA TA 249 -136.03 10.54 31.76
C ALA TA 249 -135.58 9.09 31.55
N ILE TA 250 -135.71 8.29 32.60
CA ILE TA 250 -135.35 6.87 32.56
C ILE TA 250 -136.46 6.09 33.22
N ALA TA 251 -137.14 5.23 32.44
CA ALA TA 251 -138.20 4.40 32.98
C ALA TA 251 -137.58 3.17 33.62
N PRO TA 252 -137.67 3.01 34.93
CA PRO TA 252 -137.01 1.87 35.59
C PRO TA 252 -137.61 0.54 35.21
N ALA TA 253 -137.03 -0.54 35.71
CA ALA TA 253 -137.54 -1.88 35.43
C ALA TA 253 -138.88 -2.09 36.11
N GLY TA 254 -139.81 -2.70 35.38
CA GLY TA 254 -141.13 -2.96 35.93
C GLY TA 254 -141.97 -1.72 36.09
N SER TA 255 -141.50 -0.59 35.57
CA SER TA 255 -142.22 0.65 35.67
C SER TA 255 -143.40 0.66 34.70
N VAL TA 256 -144.24 1.69 34.84
CA VAL TA 256 -145.36 1.92 33.94
C VAL TA 256 -145.38 3.39 33.58
N ILE TA 257 -145.31 3.70 32.29
CA ILE TA 257 -145.25 5.07 31.80
C ILE TA 257 -146.41 5.29 30.84
N GLY TA 258 -147.06 6.45 30.96
CA GLY TA 258 -148.19 6.81 30.12
C GLY TA 258 -147.76 7.78 29.03
N VAL TA 259 -148.24 7.52 27.82
CA VAL TA 259 -147.94 8.34 26.65
C VAL TA 259 -149.25 8.89 26.10
N MET TA 260 -149.28 10.17 25.79
CA MET TA 260 -150.45 10.80 25.20
C MET TA 260 -150.02 11.72 24.08
N ILE TA 261 -150.63 11.55 22.91
CA ILE TA 261 -150.33 12.36 21.73
C ILE TA 261 -151.46 13.36 21.54
N LEU TA 262 -151.12 14.65 21.51
CA LEU TA 262 -152.09 15.71 21.32
C LEU TA 262 -152.09 16.13 19.86
N PHE TA 263 -153.26 16.07 19.23
CA PHE TA 263 -153.38 16.35 17.80
C PHE TA 263 -153.42 17.85 17.55
N GLY TA 264 -152.73 18.29 16.50
CA GLY TA 264 -152.69 19.68 16.14
C GLY TA 264 -153.83 20.08 15.24
N PRO TA 265 -153.69 21.21 14.56
CA PRO TA 265 -154.77 21.68 13.68
C PRO TA 265 -154.82 20.91 12.37
N ASP TA 266 -153.67 20.48 11.88
CA ASP TA 266 -153.63 19.78 10.60
C ASP TA 266 -154.24 18.38 10.73
N LEU TA 267 -153.74 17.59 11.67
CA LEU TA 267 -154.22 16.22 11.82
C LEU TA 267 -155.55 16.14 12.57
N GLY TA 268 -155.79 17.09 13.48
CA GLY TA 268 -157.04 17.09 14.22
C GLY TA 268 -158.27 17.30 13.36
N SER TA 269 -158.09 17.79 12.13
CA SER TA 269 -159.19 17.99 11.21
C SER TA 269 -159.68 16.69 10.58
N HIS TA 270 -159.07 15.56 10.93
CA HIS TA 270 -159.46 14.26 10.40
C HIS TA 270 -159.85 13.33 11.54
N VAL TA 271 -160.69 12.35 11.23
CA VAL TA 271 -161.12 11.35 12.19
C VAL TA 271 -160.88 9.98 11.58
N PHE TA 272 -160.06 9.17 12.25
CA PHE TA 272 -159.75 7.84 11.74
C PHE TA 272 -160.96 6.92 11.89
N GLN TA 273 -161.33 6.26 10.80
CA GLN TA 273 -162.44 5.32 10.81
C GLN TA 273 -162.24 4.36 9.65
N TYR TA 274 -162.25 3.07 9.93
CA TYR TA 274 -161.97 2.03 8.94
C TYR TA 274 -160.60 2.22 8.31
N GLN TA 275 -159.66 2.76 9.08
CA GLN TA 275 -158.27 2.95 8.67
C GLN TA 275 -157.37 2.16 9.61
N THR TA 276 -156.07 2.25 9.36
CA THR TA 276 -155.07 1.61 10.20
C THR TA 276 -154.16 2.67 10.80
N ILE TA 277 -153.80 2.48 12.06
CA ILE TA 277 -152.95 3.41 12.78
C ILE TA 277 -151.66 2.70 13.17
N THR TA 278 -150.56 3.45 13.21
CA THR TA 278 -149.27 2.88 13.57
C THR TA 278 -148.47 3.90 14.36
N ILE TA 279 -148.03 3.49 15.55
CA ILE TA 279 -147.20 4.32 16.42
C ILE TA 279 -145.96 3.52 16.77
N GLN TA 280 -144.79 4.14 16.65
CA GLN TA 280 -143.52 3.46 16.87
C GLN TA 280 -142.63 4.32 17.76
N ILE TA 281 -142.29 3.81 18.93
CA ILE TA 281 -141.40 4.48 19.87
C ILE TA 281 -140.04 3.82 19.79
N THR TA 282 -139.03 4.58 19.37
CA THR TA 282 -137.68 4.06 19.18
C THR TA 282 -136.72 4.73 20.16
N PRO TA 283 -136.30 4.03 21.21
CA PRO TA 283 -135.28 4.59 22.10
C PRO TA 283 -133.92 4.67 21.41
N ASN TA 284 -133.01 5.40 22.05
CA ASN TA 284 -131.67 5.55 21.49
C ASN TA 284 -130.92 4.22 21.47
N ILE TA 285 -131.24 3.32 22.39
CA ILE TA 285 -130.66 1.98 22.43
C ILE TA 285 -131.74 1.00 22.89
N GLY TA 286 -131.85 -0.12 22.18
CA GLY TA 286 -132.83 -1.13 22.49
C GLY TA 286 -133.72 -1.41 21.29
N SER TA 287 -134.53 -2.44 21.43
CA SER TA 287 -135.45 -2.81 20.36
C SER TA 287 -136.68 -1.94 20.40
N PRO TA 288 -137.07 -1.34 19.27
CA PRO TA 288 -138.25 -0.47 19.27
C PRO TA 288 -139.54 -1.27 19.41
N LEU TA 289 -140.65 -0.54 19.47
CA LEU TA 289 -141.98 -1.12 19.59
C LEU TA 289 -142.90 -0.44 18.60
N THR TA 290 -143.72 -1.22 17.90
CA THR TA 290 -144.62 -0.73 16.87
C THR TA 290 -146.05 -1.11 17.22
N ILE TA 291 -146.87 -0.12 17.52
CA ILE TA 291 -148.30 -0.33 17.79
C ILE TA 291 -149.05 -0.31 16.46
N SER TA 292 -149.93 -1.27 16.26
CA SER TA 292 -150.75 -1.34 15.06
C SER TA 292 -152.18 -1.62 15.45
N GLU TA 293 -153.11 -0.76 15.00
CA GLU TA 293 -154.51 -0.91 15.32
C GLU TA 293 -155.35 -0.54 14.12
N TYR TA 294 -156.50 -1.21 14.00
CA TYR TA 294 -157.50 -0.94 12.96
C TYR TA 294 -158.74 -0.43 13.66
N VAL TA 295 -158.89 0.90 13.71
CA VAL TA 295 -159.95 1.51 14.49
C VAL TA 295 -161.29 1.32 13.79
N TYR TA 296 -162.33 1.10 14.58
CA TYR TA 296 -163.69 1.00 14.10
C TYR TA 296 -164.45 2.29 14.44
N GLN TA 297 -165.76 2.28 14.20
CA GLN TA 297 -166.66 3.39 14.49
C GLN TA 297 -166.56 3.80 15.95
N PRO TA 298 -165.95 4.94 16.26
CA PRO TA 298 -165.80 5.34 17.66
C PRO TA 298 -167.10 5.83 18.26
N GLU TA 299 -167.12 5.87 19.58
CA GLU TA 299 -168.31 6.29 20.32
C GLU TA 299 -167.91 6.63 21.75
N GLY TA 300 -168.84 7.25 22.47
CA GLY TA 300 -168.64 7.59 23.86
C GLY TA 300 -167.59 8.64 24.13
N SER TA 301 -166.98 9.21 23.09
CA SER TA 301 -165.98 10.28 23.19
C SER TA 301 -164.66 9.74 23.75
N VAL TA 302 -164.65 8.49 24.19
CA VAL TA 302 -163.44 7.81 24.62
C VAL TA 302 -163.49 6.37 24.12
N SER TA 303 -162.77 6.09 23.04
CA SER TA 303 -162.78 4.76 22.45
C SER TA 303 -161.57 3.98 22.93
N VAL TA 304 -161.81 2.85 23.58
CA VAL TA 304 -160.72 2.00 24.07
C VAL TA 304 -160.38 1.05 22.92
N ILE TA 305 -159.57 1.55 21.99
CA ILE TA 305 -159.19 0.84 20.79
C ILE TA 305 -158.17 1.68 20.03
N LEU UA 19 -25.43 -2.49 7.78
CA LEU UA 19 -26.19 -3.67 7.39
C LEU UA 19 -27.68 -3.42 7.54
N ALA UA 20 -28.48 -4.21 6.82
CA ALA UA 20 -29.92 -4.13 6.91
C ALA UA 20 -30.48 -5.01 8.02
N GLY UA 21 -29.64 -5.77 8.71
CA GLY UA 21 -30.12 -6.58 9.82
C GLY UA 21 -30.59 -5.73 10.98
N LEU UA 22 -29.87 -4.64 11.28
CA LEU UA 22 -30.30 -3.75 12.35
C LEU UA 22 -31.49 -2.91 11.92
N ASP UA 23 -31.62 -2.65 10.62
CA ASP UA 23 -32.80 -1.91 10.15
C ASP UA 23 -34.05 -2.75 10.30
N THR UA 24 -33.95 -4.06 10.03
CA THR UA 24 -35.11 -4.93 10.20
C THR UA 24 -35.56 -4.97 11.64
N ALA UA 25 -34.61 -4.98 12.58
CA ALA UA 25 -34.97 -4.99 13.99
C ALA UA 25 -35.67 -3.70 14.38
N ILE UA 26 -35.18 -2.57 13.90
CA ILE UA 26 -35.78 -1.29 14.26
C ILE UA 26 -37.20 -1.19 13.70
N ILE UA 27 -37.40 -1.72 12.49
CA ILE UA 27 -38.74 -1.69 11.90
C ILE UA 27 -39.64 -2.72 12.57
N LEU UA 28 -39.08 -3.88 12.94
CA LEU UA 28 -39.89 -4.93 13.55
C LEU UA 28 -40.46 -4.47 14.90
N ILE UA 29 -39.62 -3.82 15.70
CA ILE UA 29 -40.11 -3.28 16.97
C ILE UA 29 -41.16 -2.21 16.73
N ALA UA 30 -41.07 -1.51 15.61
CA ALA UA 30 -42.03 -0.46 15.32
C ALA UA 30 -43.39 -1.04 14.96
N PHE UA 31 -43.43 -1.92 13.96
CA PHE UA 31 -44.71 -2.41 13.46
C PHE UA 31 -45.44 -3.26 14.48
N ILE UA 32 -44.73 -3.82 15.45
CA ILE UA 32 -45.41 -4.63 16.46
C ILE UA 32 -46.11 -3.72 17.47
N ILE UA 33 -45.47 -2.63 17.86
CA ILE UA 33 -46.10 -1.70 18.79
C ILE UA 33 -47.36 -1.11 18.20
N THR UA 34 -47.33 -0.80 16.90
CA THR UA 34 -48.54 -0.31 16.24
C THR UA 34 -49.59 -1.40 16.15
N ALA UA 35 -49.16 -2.64 15.86
CA ALA UA 35 -50.10 -3.73 15.77
C ALA UA 35 -50.72 -4.04 17.13
N SER UA 36 -50.00 -3.73 18.20
CA SER UA 36 -50.50 -4.04 19.54
C SER UA 36 -51.52 -2.99 19.99
N VAL UA 37 -51.20 -1.71 19.80
CA VAL UA 37 -52.12 -0.66 20.24
C VAL UA 37 -53.42 -0.73 19.46
N LEU UA 38 -53.38 -1.26 18.24
CA LEU UA 38 -54.63 -1.54 17.54
C LEU UA 38 -55.43 -2.61 18.27
N ALA UA 39 -54.77 -3.68 18.70
CA ALA UA 39 -55.44 -4.70 19.49
C ALA UA 39 -55.86 -4.15 20.84
N TYR UA 40 -55.17 -3.12 21.32
CA TYR UA 40 -55.53 -2.49 22.58
C TYR UA 40 -56.95 -1.95 22.55
N VAL UA 41 -57.28 -1.24 21.47
CA VAL UA 41 -58.59 -0.60 21.40
C VAL UA 41 -59.63 -1.55 20.82
N ALA UA 42 -59.22 -2.44 19.92
CA ALA UA 42 -60.17 -3.39 19.34
C ALA UA 42 -60.82 -4.25 20.41
N ILE UA 43 -60.05 -4.65 21.42
CA ILE UA 43 -60.61 -5.40 22.53
C ILE UA 43 -61.47 -4.48 23.39
N ASN UA 44 -60.96 -3.29 23.69
CA ASN UA 44 -61.70 -2.36 24.55
C ASN UA 44 -63.04 -1.99 23.94
N MET UA 45 -63.05 -1.63 22.65
CA MET UA 45 -64.31 -1.35 21.98
C MET UA 45 -65.09 -2.62 21.71
N GLY UA 46 -64.40 -3.76 21.62
CA GLY UA 46 -65.11 -5.01 21.43
C GLY UA 46 -66.02 -5.34 22.61
N LEU UA 47 -65.53 -5.09 23.82
CA LEU UA 47 -66.34 -5.37 25.00
C LEU UA 47 -67.38 -4.28 25.21
N PHE UA 48 -67.08 -3.05 24.81
CA PHE UA 48 -68.01 -1.94 25.02
C PHE UA 48 -69.27 -2.13 24.21
N VAL UA 49 -69.13 -2.40 22.90
CA VAL UA 49 -70.29 -2.66 22.06
C VAL UA 49 -70.99 -3.94 22.51
N THR UA 50 -70.22 -4.94 22.92
CA THR UA 50 -70.80 -6.19 23.39
C THR UA 50 -71.62 -5.95 24.66
N GLN UA 51 -71.04 -5.25 25.63
CA GLN UA 51 -71.77 -4.99 26.88
C GLN UA 51 -72.97 -4.10 26.62
N LYS UA 52 -72.88 -3.22 25.62
CA LYS UA 52 -74.01 -2.35 25.31
C LYS UA 52 -75.14 -3.13 24.66
N ALA UA 53 -74.80 -4.10 23.81
CA ALA UA 53 -75.83 -4.91 23.17
C ALA UA 53 -76.60 -5.72 24.21
N LYS UA 54 -75.94 -6.13 25.29
CA LYS UA 54 -76.61 -6.84 26.36
C LYS UA 54 -77.70 -5.98 26.99
N SER UA 55 -77.45 -4.67 27.09
CA SER UA 55 -78.43 -3.79 27.72
C SER UA 55 -79.65 -3.59 26.83
N THR UA 56 -79.43 -3.29 25.55
CA THR UA 56 -80.56 -3.07 24.66
C THR UA 56 -81.42 -4.32 24.51
N ILE UA 57 -80.83 -5.50 24.68
CA ILE UA 57 -81.63 -6.73 24.72
C ILE UA 57 -82.45 -6.76 26.00
N ASN UA 58 -81.84 -6.34 27.11
CA ASN UA 58 -82.58 -6.30 28.37
C ASN UA 58 -83.70 -5.27 28.31
N LYS UA 59 -83.42 -4.08 27.77
CA LYS UA 59 -84.45 -3.06 27.66
C LYS UA 59 -85.53 -3.47 26.66
N GLY UA 60 -85.14 -4.16 25.60
CA GLY UA 60 -86.13 -4.66 24.66
C GLY UA 60 -87.03 -5.71 25.28
N GLU UA 61 -86.49 -6.50 26.20
CA GLU UA 61 -87.29 -7.52 26.86
C GLU UA 61 -88.29 -6.88 27.80
N GLU UA 62 -87.84 -5.90 28.60
CA GLU UA 62 -88.74 -5.22 29.51
C GLU UA 62 -89.84 -4.47 28.76
N THR UA 63 -89.58 -4.09 27.52
CA THR UA 63 -90.60 -3.41 26.73
C THR UA 63 -91.72 -4.35 26.34
N ALA UA 64 -91.38 -5.55 25.90
CA ALA UA 64 -92.39 -6.49 25.43
C ALA UA 64 -93.15 -7.12 26.59
N SER UA 65 -92.57 -7.16 27.78
CA SER UA 65 -93.21 -7.86 28.88
C SER UA 65 -94.20 -6.97 29.62
N THR UA 66 -93.77 -5.80 30.07
CA THR UA 66 -94.60 -4.95 30.89
C THR UA 66 -95.71 -4.29 30.06
N ALA UA 67 -96.93 -4.34 30.58
CA ALA UA 67 -98.08 -3.73 29.94
C ALA UA 67 -99.22 -3.66 30.94
N LEU UA 68 -99.82 -2.48 31.06
CA LEU UA 68 -100.98 -2.30 31.94
C LEU UA 68 -102.20 -2.97 31.33
N THR UA 69 -103.33 -2.87 32.04
CA THR UA 69 -104.58 -3.43 31.55
C THR UA 69 -105.73 -2.88 32.38
N LEU UA 70 -106.79 -2.45 31.71
CA LEU UA 70 -107.98 -1.93 32.38
C LEU UA 70 -108.73 -3.09 33.01
N SER UA 71 -108.51 -3.31 34.30
CA SER UA 71 -109.17 -4.38 35.04
C SER UA 71 -110.30 -3.75 35.85
N GLY UA 72 -111.50 -3.74 35.29
CA GLY UA 72 -112.67 -3.19 35.95
C GLY UA 72 -113.35 -2.15 35.08
N SER UA 73 -114.47 -1.65 35.61
CA SER UA 73 -115.27 -0.67 34.91
C SER UA 73 -114.77 0.75 35.21
N VAL UA 74 -115.08 1.66 34.30
CA VAL UA 74 -114.72 3.07 34.42
C VAL UA 74 -115.97 3.86 34.79
N LEU UA 75 -115.84 4.74 35.77
CA LEU UA 75 -116.97 5.49 36.32
C LEU UA 75 -116.87 6.95 35.92
N TYR UA 76 -118.01 7.53 35.57
CA TYR UA 76 -118.11 8.93 35.19
C TYR UA 76 -119.07 9.63 36.15
N ALA UA 77 -118.60 10.72 36.76
CA ALA UA 77 -119.33 11.37 37.84
C ALA UA 77 -119.67 12.79 37.44
N VAL UA 78 -120.97 13.08 37.35
CA VAL UA 78 -121.48 14.43 37.11
C VAL UA 78 -122.64 14.68 38.06
N ASN UA 79 -123.09 15.92 38.10
CA ASN UA 79 -124.24 16.29 38.91
C ASN UA 79 -125.52 15.71 38.30
N TYR UA 80 -126.16 14.81 39.06
CA TYR UA 80 -127.25 13.99 38.51
C TYR UA 80 -128.49 14.79 38.15
N PRO UA 81 -129.02 15.68 39.00
CA PRO UA 81 -130.28 16.34 38.63
C PRO UA 81 -130.16 17.25 37.42
N SER UA 82 -129.14 18.10 37.38
CA SER UA 82 -128.94 19.04 36.28
C SER UA 82 -127.57 18.75 35.66
N ASN UA 83 -127.55 18.00 34.57
CA ASN UA 83 -126.31 17.57 33.94
C ASN UA 83 -125.67 18.77 33.25
N THR UA 84 -125.06 19.63 34.07
CA THR UA 84 -124.39 20.82 33.56
C THR UA 84 -122.93 20.91 33.97
N ARG UA 85 -122.46 20.08 34.89
CA ARG UA 85 -121.07 20.12 35.33
C ARG UA 85 -120.54 18.70 35.44
N SER UA 86 -119.29 18.50 35.05
CA SER UA 86 -118.61 17.23 35.19
C SER UA 86 -117.65 17.28 36.36
N TYR UA 87 -117.60 16.21 37.15
CA TYR UA 87 -116.86 16.21 38.41
C TYR UA 87 -115.56 15.43 38.33
N TRP UA 88 -115.60 14.14 37.98
CA TRP UA 88 -114.38 13.34 37.90
C TRP UA 88 -114.69 12.03 37.20
N ILE UA 89 -113.62 11.35 36.81
CA ILE UA 89 -113.68 10.02 36.20
C ILE UA 89 -112.79 9.10 37.01
N TYR UA 90 -113.26 7.88 37.25
CA TYR UA 90 -112.54 6.92 38.07
C TYR UA 90 -112.49 5.57 37.38
N PHE UA 91 -111.36 4.88 37.51
CA PHE UA 91 -111.20 3.54 36.97
C PHE UA 91 -109.97 2.91 37.63
N THR UA 92 -109.81 1.62 37.39
CA THR UA 92 -108.68 0.85 37.90
C THR UA 92 -107.84 0.34 36.74
N VAL UA 93 -106.63 -0.10 37.05
CA VAL UA 93 -105.72 -0.60 36.02
C VAL UA 93 -104.68 -1.49 36.71
N SER UA 94 -104.37 -2.61 36.08
CA SER UA 94 -103.45 -3.59 36.60
C SER UA 94 -102.54 -4.06 35.48
N PRO UA 95 -101.36 -4.59 35.80
CA PRO UA 95 -100.52 -5.17 34.75
C PRO UA 95 -101.24 -6.31 34.05
N SER UA 96 -100.90 -6.48 32.76
CA SER UA 96 -101.64 -7.40 31.90
C SER UA 96 -101.68 -8.80 32.50
N SER UA 97 -100.51 -9.34 32.86
CA SER UA 97 -100.42 -10.60 33.56
C SER UA 97 -99.15 -10.60 34.39
N GLY UA 98 -99.03 -11.59 35.26
CA GLY UA 98 -97.94 -11.61 36.20
C GLY UA 98 -96.60 -11.91 35.57
N VAL UA 99 -96.10 -10.99 34.74
CA VAL UA 99 -94.82 -11.15 34.08
C VAL UA 99 -93.76 -10.21 34.65
N SER UA 100 -94.15 -9.02 35.07
CA SER UA 100 -93.21 -8.04 35.62
C SER UA 100 -94.03 -6.90 36.22
N SER UA 101 -93.33 -5.96 36.83
CA SER UA 101 -93.93 -4.80 37.45
C SER UA 101 -93.82 -3.58 36.54
N VAL UA 102 -94.58 -2.54 36.88
CA VAL UA 102 -94.58 -1.29 36.14
C VAL UA 102 -94.31 -0.15 37.11
N GLU UA 103 -93.83 0.97 36.56
CA GLU UA 103 -93.53 2.16 37.34
C GLU UA 103 -94.58 3.22 37.07
N LEU UA 104 -95.03 3.89 38.12
CA LEU UA 104 -96.07 4.90 38.01
C LEU UA 104 -95.66 6.20 38.69
N SER UA 105 -94.37 6.51 38.67
CA SER UA 105 -93.90 7.76 39.22
C SER UA 105 -94.46 8.91 38.38
N PRO UA 106 -95.14 9.89 39.00
CA PRO UA 106 -95.76 10.96 38.21
C PRO UA 106 -94.75 11.85 37.50
N SER UA 107 -93.46 11.70 37.81
CA SER UA 107 -92.44 12.56 37.24
C SER UA 107 -91.93 12.07 35.89
N THR UA 108 -92.11 10.79 35.56
CA THR UA 108 -91.62 10.24 34.32
C THR UA 108 -92.71 9.65 33.43
N THR UA 109 -93.97 9.63 33.88
CA THR UA 109 -95.06 9.08 33.09
C THR UA 109 -96.02 10.18 32.68
N ALA UA 110 -96.93 9.85 31.78
CA ALA UA 110 -97.86 10.82 31.23
C ALA UA 110 -99.25 10.21 31.13
N ILE UA 111 -100.25 11.01 31.49
CA ILE UA 111 -101.65 10.64 31.34
C ILE UA 111 -102.30 11.73 30.50
N SER UA 112 -102.72 11.38 29.28
CA SER UA 112 -103.25 12.34 28.34
C SER UA 112 -104.76 12.18 28.23
N PHE UA 113 -105.49 13.28 28.39
CA PHE UA 113 -106.94 13.31 28.26
C PHE UA 113 -107.32 14.10 27.02
N THR UA 114 -108.41 13.69 26.38
CA THR UA 114 -108.85 14.35 25.16
C THR UA 114 -110.31 14.05 24.90
N ALA UA 115 -111.01 15.03 24.34
CA ALA UA 115 -112.40 14.89 23.94
C ALA UA 115 -112.57 15.57 22.58
N SER UA 116 -113.03 14.80 21.60
CA SER UA 116 -113.06 15.32 20.23
C SER UA 116 -114.13 16.39 20.07
N ALA UA 117 -115.31 16.19 20.65
CA ALA UA 117 -116.42 17.11 20.44
C ALA UA 117 -116.10 18.50 20.98
N GLU UA 118 -115.69 18.58 22.24
CA GLU UA 118 -115.39 19.87 22.84
C GLU UA 118 -114.16 20.53 22.24
N GLY UA 119 -113.40 19.81 21.41
CA GLY UA 119 -112.20 20.38 20.82
C GLY UA 119 -111.07 20.62 21.79
N ILE UA 120 -111.13 20.07 22.99
CA ILE UA 120 -110.10 20.24 24.00
C ILE UA 120 -109.18 19.03 23.97
N SER UA 121 -107.89 19.28 24.19
CA SER UA 121 -106.90 18.21 24.20
C SER UA 121 -105.85 18.51 25.27
N TYR UA 122 -105.57 17.52 26.10
CA TYR UA 122 -104.61 17.65 27.18
C TYR UA 122 -103.42 16.73 26.93
N SER UA 123 -102.40 16.89 27.79
CA SER UA 123 -101.20 16.08 27.69
C SER UA 123 -100.54 16.06 29.07
N ASN UA 124 -100.40 14.88 29.65
CA ASN UA 124 -99.71 14.68 30.92
C ASN UA 124 -100.35 15.50 32.04
N ILE UA 125 -101.59 15.11 32.36
CA ILE UA 125 -102.33 15.72 33.46
C ILE UA 125 -101.97 15.00 34.75
N TYR UA 126 -101.00 14.11 34.69
CA TYR UA 126 -100.59 13.31 35.85
C TYR UA 126 -99.66 14.17 36.71
N GLU UA 127 -100.17 14.61 37.86
CA GLU UA 127 -99.42 15.51 38.74
C GLU UA 127 -98.89 14.82 39.99
N TYR UA 128 -99.77 14.20 40.78
CA TYR UA 128 -99.38 13.62 42.06
C TYR UA 128 -99.76 12.15 42.12
N THR UA 129 -99.35 11.50 43.20
CA THR UA 129 -99.64 10.09 43.39
C THR UA 129 -99.67 9.78 44.89
N LEU UA 130 -100.36 8.69 45.22
CA LEU UA 130 -100.41 8.19 46.58
C LEU UA 130 -99.63 6.91 46.76
N LEU UA 131 -98.89 6.47 45.74
CA LEU UA 131 -98.11 5.25 45.87
C LEU UA 131 -96.86 5.46 46.70
N THR UA 132 -96.42 6.70 46.85
CA THR UA 132 -95.15 6.99 47.50
C THR UA 132 -95.31 7.52 48.92
N VAL UA 133 -96.49 7.45 49.50
CA VAL UA 133 -96.72 7.93 50.85
C VAL UA 133 -96.92 6.73 51.78
N SER UA 134 -96.19 6.72 52.89
CA SER UA 134 -96.33 5.66 53.86
C SER UA 134 -97.59 5.85 54.69
N PRO UA 135 -98.18 4.77 55.20
CA PRO UA 135 -99.38 4.91 56.03
C PRO UA 135 -99.11 5.48 57.41
N SER UA 136 -97.85 5.79 57.74
CA SER UA 136 -97.54 6.32 59.06
C SER UA 136 -98.15 7.70 59.26
N GLU UA 137 -97.85 8.63 58.37
CA GLU UA 137 -98.33 10.00 58.53
C GLU UA 137 -99.84 10.07 58.42
N LEU UA 138 -100.42 9.34 57.47
CA LEU UA 138 -101.85 9.45 57.19
C LEU UA 138 -102.72 9.01 58.35
N ALA UA 139 -102.19 8.19 59.26
CA ALA UA 139 -103.03 7.62 60.30
C ALA UA 139 -103.22 8.58 61.47
N ASN UA 140 -102.39 9.62 61.56
CA ASN UA 140 -102.35 10.41 62.79
C ASN UA 140 -103.45 11.48 62.81
N GLN UA 141 -103.40 12.45 61.90
CA GLN UA 141 -104.19 13.66 62.03
C GLN UA 141 -105.19 13.83 60.89
N VAL UA 142 -106.42 13.36 61.12
CA VAL UA 142 -107.59 13.75 60.34
C VAL UA 142 -108.83 13.30 61.09
N TYR UA 143 -109.84 14.16 61.18
CA TYR UA 143 -111.07 13.81 61.88
C TYR UA 143 -112.11 14.88 61.65
N ALA UA 144 -113.37 14.44 61.53
CA ALA UA 144 -114.51 15.34 61.50
C ALA UA 144 -115.43 15.16 62.69
N ASN UA 145 -115.12 14.24 63.59
CA ASN UA 145 -115.90 14.00 64.79
C ASN UA 145 -114.95 13.53 65.88
N GLY UA 146 -115.50 12.91 66.93
CA GLY UA 146 -114.70 12.59 68.10
C GLY UA 146 -113.48 11.74 67.80
N GLN UA 147 -113.60 10.80 66.86
CA GLN UA 147 -112.54 9.85 66.57
C GLN UA 147 -111.74 10.30 65.35
N TYR UA 148 -110.44 10.02 65.39
CA TYR UA 148 -109.56 10.30 64.25
C TYR UA 148 -109.66 9.13 63.29
N LEU UA 149 -110.44 9.31 62.23
CA LEU UA 149 -110.67 8.20 61.30
C LEU UA 149 -109.39 7.84 60.56
N ASP UA 150 -109.27 6.57 60.22
CA ASP UA 150 -108.14 6.06 59.47
C ASP UA 150 -108.50 5.97 57.99
N LEU UA 151 -107.51 6.18 57.13
CA LEU UA 151 -107.74 6.23 55.69
C LEU UA 151 -107.41 4.92 55.00
N VAL UA 152 -106.33 4.25 55.40
CA VAL UA 152 -105.82 3.09 54.68
C VAL UA 152 -105.96 1.85 55.55
N ASN UA 153 -106.34 0.75 54.93
CA ASN UA 153 -106.44 -0.54 55.61
C ASN UA 153 -105.24 -1.39 55.18
N GLN UA 154 -104.41 -1.77 56.15
CA GLN UA 154 -103.17 -2.47 55.88
C GLN UA 154 -103.24 -3.89 56.42
N GLN UA 155 -102.84 -4.85 55.58
CA GLN UA 155 -102.71 -6.24 55.98
C GLN UA 155 -101.27 -6.67 55.73
N THR UA 156 -100.82 -7.66 56.51
CA THR UA 156 -99.46 -8.15 56.40
C THR UA 156 -99.44 -9.66 56.44
N ASN UA 157 -98.47 -10.25 55.75
CA ASN UA 157 -98.25 -11.68 55.72
C ASN UA 157 -96.92 -11.95 55.05
N ALA UA 158 -96.26 -13.03 55.50
CA ALA UA 158 -94.98 -13.45 54.95
C ALA UA 158 -93.94 -12.33 55.02
N GLY UA 159 -93.97 -11.57 56.12
CA GLY UA 159 -92.98 -10.55 56.34
C GLY UA 159 -93.09 -9.34 55.43
N GLN UA 160 -94.23 -9.15 54.79
CA GLN UA 160 -94.46 -7.99 53.94
C GLN UA 160 -95.78 -7.34 54.31
N THR UA 161 -95.87 -6.03 54.10
CA THR UA 161 -97.04 -5.25 54.44
C THR UA 161 -97.73 -4.79 53.17
N TYR UA 162 -99.06 -4.93 53.13
CA TYR UA 162 -99.86 -4.55 51.97
C TYR UA 162 -100.91 -3.54 52.41
N VAL UA 163 -100.94 -2.39 51.74
CA VAL UA 163 -101.87 -1.32 52.07
C VAL UA 163 -102.74 -1.03 50.86
N TYR UA 164 -103.87 -0.38 51.11
CA TYR UA 164 -104.79 0.03 50.05
C TYR UA 164 -105.84 0.95 50.63
N TYR UA 165 -106.31 1.89 49.80
CA TYR UA 165 -107.39 2.78 50.19
C TYR UA 165 -108.69 2.25 49.60
N PRO UA 166 -109.70 1.94 50.43
CA PRO UA 166 -110.88 1.26 49.89
C PRO UA 166 -111.78 2.17 49.07
N ASN UA 167 -112.02 3.39 49.54
CA ASN UA 167 -112.99 4.28 48.91
C ASN UA 167 -112.26 5.43 48.24
N PRO UA 168 -112.56 5.74 46.98
CA PRO UA 168 -111.93 6.91 46.35
C PRO UA 168 -112.05 8.19 47.16
N TYR UA 169 -113.15 8.34 47.91
CA TYR UA 169 -113.25 9.48 48.81
C TYR UA 169 -112.16 9.45 49.86
N TYR UA 170 -111.79 8.27 50.34
CA TYR UA 170 -110.67 8.17 51.27
C TYR UA 170 -109.37 8.52 50.59
N ALA UA 171 -109.25 8.26 49.28
CA ALA UA 171 -108.06 8.66 48.55
C ALA UA 171 -107.97 10.18 48.45
N LEU UA 172 -109.10 10.83 48.19
CA LEU UA 172 -109.09 12.29 48.09
C LEU UA 172 -108.71 12.92 49.41
N LEU UA 173 -109.21 12.38 50.52
CA LEU UA 173 -108.86 12.93 51.83
C LEU UA 173 -107.36 12.83 52.08
N ALA UA 174 -106.76 11.71 51.68
CA ALA UA 174 -105.32 11.55 51.86
C ALA UA 174 -104.55 12.53 50.99
N LEU UA 175 -105.09 12.86 49.82
CA LEU UA 175 -104.37 13.74 48.91
C LEU UA 175 -104.30 15.16 49.45
N ASN UA 176 -105.39 15.67 49.99
CA ASN UA 176 -105.39 17.03 50.55
C ASN UA 176 -104.37 17.15 51.67
N TYR UA 177 -104.40 16.21 52.61
CA TYR UA 177 -103.44 16.24 53.71
C TYR UA 177 -102.02 16.09 53.19
N THR UA 178 -101.84 15.32 52.11
CA THR UA 178 -100.50 15.14 51.55
C THR UA 178 -100.00 16.44 50.93
N LEU UA 179 -100.77 17.00 49.99
CA LEU UA 179 -100.31 18.19 49.27
C LEU UA 179 -100.15 19.38 50.19
N SER UA 180 -100.85 19.40 51.32
CA SER UA 180 -100.82 20.56 52.18
C SER UA 180 -99.56 20.61 53.05
N LYS UA 181 -99.31 19.57 53.84
CA LYS UA 181 -98.26 19.60 54.83
C LYS UA 181 -97.12 18.62 54.58
N ILE UA 182 -97.35 17.51 53.88
CA ILE UA 182 -96.28 16.56 53.62
C ILE UA 182 -95.20 17.21 52.77
N ASP UA 183 -95.60 17.79 51.64
CA ASP UA 183 -94.69 18.54 50.79
C ASP UA 183 -95.08 20.02 50.80
N LYS UA 184 -94.08 20.88 50.65
CA LYS UA 184 -94.27 22.33 50.76
C LYS UA 184 -94.53 22.90 49.37
N VAL UA 185 -95.79 22.98 49.00
CA VAL UA 185 -96.22 23.65 47.77
C VAL UA 185 -97.15 24.79 48.16
N SER UA 186 -96.73 26.02 47.88
CA SER UA 186 -97.57 27.17 48.21
C SER UA 186 -98.85 27.19 47.39
N PRO UA 187 -98.83 26.84 46.08
CA PRO UA 187 -100.12 26.63 45.40
C PRO UA 187 -100.56 25.18 45.51
N SER UA 188 -101.74 24.94 46.06
CA SER UA 188 -102.27 23.60 46.21
C SER UA 188 -103.51 23.45 45.35
N PRO UA 189 -103.50 22.58 44.34
CA PRO UA 189 -104.70 22.43 43.51
C PRO UA 189 -105.87 21.85 44.26
N LEU UA 190 -105.64 20.84 45.10
CA LEU UA 190 -106.70 20.20 45.86
C LEU UA 190 -106.82 20.84 47.23
N TYR UA 191 -108.06 21.06 47.67
CA TYR UA 191 -108.31 21.75 48.93
C TYR UA 191 -109.73 21.40 49.37
N ILE UA 192 -109.86 20.63 50.45
CA ILE UA 192 -111.16 20.19 50.96
C ILE UA 192 -111.32 20.68 52.38
N THR UA 193 -112.44 21.37 52.65
CA THR UA 193 -112.81 21.79 53.99
C THR UA 193 -114.26 21.43 54.25
N THR UA 194 -114.56 21.12 55.51
CA THR UA 194 -115.90 20.70 55.91
C THR UA 194 -116.85 21.86 56.12
N THR UA 195 -116.37 23.10 56.05
CA THR UA 195 -117.24 24.25 56.27
C THR UA 195 -118.11 24.50 55.04
N THR UA 196 -119.14 25.30 55.23
CA THR UA 196 -120.05 25.61 54.14
C THR UA 196 -119.33 26.42 53.06
N PRO UA 197 -119.62 26.19 51.78
CA PRO UA 197 -118.90 26.92 50.73
C PRO UA 197 -119.14 28.41 50.75
N SER UA 198 -120.33 28.86 51.16
CA SER UA 198 -120.60 30.29 51.20
C SER UA 198 -119.62 31.01 52.11
N SER UA 199 -119.33 30.43 53.28
CA SER UA 199 -118.34 31.03 54.16
C SER UA 199 -116.95 30.95 53.56
N ALA UA 200 -116.65 29.90 52.81
CA ALA UA 200 -115.34 29.77 52.20
C ALA UA 200 -115.09 30.88 51.19
N THR UA 201 -116.13 31.29 50.47
CA THR UA 201 -115.97 32.33 49.46
C THR UA 201 -115.56 33.66 50.11
N GLN UA 202 -116.23 34.04 51.19
CA GLN UA 202 -115.93 35.33 51.81
C GLN UA 202 -114.61 35.29 52.56
N ILE UA 203 -114.22 34.14 53.10
CA ILE UA 203 -112.94 34.03 53.80
C ILE UA 203 -111.80 33.64 52.86
N TYR UA 204 -112.12 33.24 51.62
CA TYR UA 204 -111.10 32.91 50.65
C TYR UA 204 -111.58 33.30 49.25
N PRO UA 205 -110.96 34.29 48.62
CA PRO UA 205 -111.46 34.75 47.32
C PRO UA 205 -111.30 33.73 46.22
N PHE UA 206 -110.15 33.07 46.15
CA PHE UA 206 -109.88 32.15 45.04
C PHE UA 206 -110.67 30.86 45.11
N LEU UA 207 -111.46 30.64 46.17
CA LEU UA 207 -112.30 29.46 46.26
C LEU UA 207 -113.60 29.61 45.48
N ALA UA 208 -113.89 30.79 44.95
CA ALA UA 208 -115.08 30.98 44.13
C ALA UA 208 -114.82 30.72 42.66
N HIS UA 209 -113.55 30.65 42.25
CA HIS UA 209 -113.21 30.38 40.86
C HIS UA 209 -112.97 28.91 40.60
N ASP UA 210 -112.45 28.18 41.59
CA ASP UA 210 -112.20 26.76 41.41
C ASP UA 210 -113.51 26.00 41.24
N ASN UA 211 -113.42 24.83 40.62
CA ASN UA 211 -114.55 23.93 40.53
C ASN UA 211 -114.72 23.19 41.85
N MET UA 212 -115.97 23.00 42.25
CA MET UA 212 -116.28 22.41 43.55
C MET UA 212 -117.35 21.35 43.40
N PHE UA 213 -117.12 20.19 44.02
CA PHE UA 213 -118.11 19.13 44.12
C PHE UA 213 -118.15 18.64 45.56
N THR UA 214 -119.19 17.86 45.87
CA THR UA 214 -119.47 17.46 47.24
C THR UA 214 -119.51 15.95 47.35
N PHE UA 215 -119.18 15.45 48.53
CA PHE UA 215 -119.37 14.05 48.87
C PHE UA 215 -119.67 13.95 50.36
N THR UA 216 -120.66 13.14 50.70
CA THR UA 216 -121.16 13.04 52.06
C THR UA 216 -120.79 11.69 52.65
N LEU UA 217 -120.18 11.72 53.83
CA LEU UA 217 -119.83 10.51 54.57
C LEU UA 217 -120.57 10.52 55.91
N ASN UA 218 -121.08 9.36 56.30
CA ASN UA 218 -121.77 9.20 57.58
C ASN UA 218 -120.79 8.61 58.58
N ILE UA 219 -120.31 9.43 59.50
CA ILE UA 219 -119.32 9.03 60.49
C ILE UA 219 -119.95 9.12 61.86
N SER UA 220 -119.86 8.02 62.63
CA SER UA 220 -120.36 7.97 64.00
C SER UA 220 -121.82 8.38 64.08
N GLY UA 221 -122.62 7.92 63.12
CA GLY UA 221 -124.04 8.19 63.14
C GLY UA 221 -124.44 9.52 62.55
N THR UA 222 -123.62 10.54 62.75
CA THR UA 222 -123.92 11.86 62.22
C THR UA 222 -123.39 12.00 60.80
N LEU UA 223 -124.01 12.90 60.04
CA LEU UA 223 -123.67 13.10 58.64
C LEU UA 223 -122.78 14.34 58.51
N VAL UA 224 -121.72 14.23 57.73
CA VAL UA 224 -120.83 15.34 57.44
C VAL UA 224 -120.64 15.44 55.94
N THR UA 225 -120.60 16.67 55.43
CA THR UA 225 -120.47 16.93 54.00
C THR UA 225 -119.20 17.73 53.75
N TYR UA 226 -118.38 17.26 52.83
CA TYR UA 226 -117.14 17.92 52.48
C TYR UA 226 -117.31 18.72 51.18
N TYR UA 227 -116.30 19.51 50.85
CA TYR UA 227 -116.31 20.31 49.64
C TYR UA 227 -114.91 20.38 49.08
N ALA UA 228 -114.73 19.90 47.85
CA ALA UA 228 -113.42 19.77 47.24
C ALA UA 228 -113.27 20.83 46.15
N PHE UA 229 -112.21 21.63 46.26
CA PHE UA 229 -111.92 22.66 45.27
C PHE UA 229 -110.69 22.26 44.46
N VAL UA 230 -110.77 22.43 43.15
CA VAL UA 230 -109.66 22.17 42.24
C VAL UA 230 -109.60 23.29 41.22
N ASN UA 231 -108.39 23.78 40.95
CA ASN UA 231 -108.20 24.90 40.03
C ASN UA 231 -107.62 24.46 38.68
N GLN UA 232 -107.36 23.18 38.50
CA GLN UA 232 -106.84 22.69 37.22
C GLN UA 232 -107.10 21.19 37.13
N THR UA 233 -107.20 20.71 35.89
CA THR UA 233 -107.45 19.30 35.66
C THR UA 233 -106.17 18.50 35.92
N PHE UA 234 -106.27 17.55 36.85
CA PHE UA 234 -105.12 16.73 37.21
C PHE UA 234 -105.59 15.34 37.60
N ALA UA 235 -104.65 14.40 37.65
CA ALA UA 235 -104.97 13.01 37.96
C ALA UA 235 -103.95 12.47 38.95
N PHE UA 236 -104.37 11.48 39.73
CA PHE UA 236 -103.52 10.88 40.74
C PHE UA 236 -103.86 9.42 40.90
N THR UA 237 -102.87 8.63 41.31
CA THR UA 237 -103.03 7.20 41.46
C THR UA 237 -102.88 6.79 42.92
N TYR UA 238 -103.53 5.70 43.29
CA TYR UA 238 -103.48 5.20 44.66
C TYR UA 238 -103.67 3.69 44.62
N PRO UA 239 -103.01 2.96 45.52
CA PRO UA 239 -103.11 1.50 45.48
C PRO UA 239 -104.44 1.02 46.01
N VAL UA 240 -104.97 -0.05 45.41
CA VAL UA 240 -106.25 -0.61 45.82
C VAL UA 240 -106.19 -2.10 46.12
N ALA UA 241 -105.23 -2.86 45.59
CA ALA UA 241 -105.16 -4.29 45.90
C ALA UA 241 -103.74 -4.79 45.70
N GLY UA 242 -103.15 -5.32 46.77
CA GLY UA 242 -101.89 -6.04 46.69
C GLY UA 242 -100.69 -5.24 46.22
N ASP UA 243 -100.31 -4.22 46.99
CA ASP UA 243 -99.15 -3.40 46.69
C ASP UA 243 -98.19 -3.47 47.87
N PRO UA 244 -97.33 -4.49 47.91
CA PRO UA 244 -96.42 -4.64 49.04
C PRO UA 244 -95.40 -3.52 49.17
N LEU UA 245 -94.68 -3.23 48.09
CA LEU UA 245 -93.63 -2.21 48.13
C LEU UA 245 -94.28 -0.83 48.11
N ILE UA 246 -94.21 -0.14 49.24
CA ILE UA 246 -94.84 1.17 49.40
C ILE UA 246 -93.75 2.23 49.51
N GLY UA 247 -93.95 3.35 48.83
CA GLY UA 247 -92.94 4.37 48.72
C GLY UA 247 -92.10 4.27 47.47
N SER UA 248 -92.50 3.46 46.50
CA SER UA 248 -91.71 3.20 45.31
C SER UA 248 -92.36 3.68 44.03
N ALA UA 249 -93.65 3.98 44.04
CA ALA UA 249 -94.40 4.32 42.84
C ALA UA 249 -94.25 3.24 41.77
N ILE UA 250 -94.29 1.99 42.21
CA ILE UA 250 -94.14 0.84 41.32
C ILE UA 250 -95.24 -0.16 41.65
N ALA UA 251 -96.00 -0.56 40.63
CA ALA UA 251 -97.08 -1.51 40.81
C ALA UA 251 -96.54 -2.92 40.55
N PRO UA 252 -96.44 -3.78 41.57
CA PRO UA 252 -95.90 -5.11 41.35
C PRO UA 252 -96.80 -5.95 40.48
N ALA UA 253 -96.22 -7.01 39.92
CA ALA UA 253 -96.97 -7.92 39.06
C ALA UA 253 -98.08 -8.58 39.85
N GLY UA 254 -99.32 -8.39 39.40
CA GLY UA 254 -100.48 -8.90 40.08
C GLY UA 254 -101.20 -7.88 40.95
N SER UA 255 -100.65 -6.69 41.10
CA SER UA 255 -101.30 -5.66 41.90
C SER UA 255 -102.48 -5.08 41.12
N VAL UA 256 -103.21 -4.19 41.79
CA VAL UA 256 -104.29 -3.42 41.15
C VAL UA 256 -104.14 -1.98 41.59
N ILE UA 257 -104.20 -1.07 40.62
CA ILE UA 257 -103.99 0.35 40.88
C ILE UA 257 -105.16 1.11 40.29
N GLY UA 258 -105.85 1.90 41.13
CA GLY UA 258 -106.95 2.71 40.66
C GLY UA 258 -106.47 4.11 40.30
N VAL UA 259 -107.12 4.69 39.30
CA VAL UA 259 -106.79 6.03 38.82
C VAL UA 259 -108.04 6.90 38.91
N MET UA 260 -107.87 8.13 39.37
CA MET UA 260 -108.95 9.09 39.47
C MET UA 260 -108.51 10.40 38.83
N ILE UA 261 -109.25 10.84 37.82
CA ILE UA 261 -108.97 12.09 37.12
C ILE UA 261 -109.95 13.13 37.63
N LEU UA 262 -109.43 14.18 38.26
CA LEU UA 262 -110.25 15.25 38.81
C LEU UA 262 -110.37 16.37 37.79
N PHE UA 263 -111.57 16.92 37.64
CA PHE UA 263 -111.88 17.91 36.63
C PHE UA 263 -111.86 19.31 37.24
N GLY UA 264 -111.10 20.21 36.63
CA GLY UA 264 -111.02 21.57 37.08
C GLY UA 264 -112.13 22.42 36.52
N PRO UA 265 -111.99 23.74 36.63
CA PRO UA 265 -113.04 24.62 36.09
C PRO UA 265 -113.06 24.66 34.57
N ASP UA 266 -111.91 24.53 33.92
CA ASP UA 266 -111.86 24.63 32.46
C ASP UA 266 -112.61 23.47 31.81
N LEU UA 267 -112.40 22.26 32.29
CA LEU UA 267 -112.99 21.08 31.68
C LEU UA 267 -114.30 20.68 32.33
N GLY UA 268 -114.44 20.89 33.64
CA GLY UA 268 -115.65 20.55 34.33
C GLY UA 268 -116.87 21.35 33.95
N SER UA 269 -116.71 22.37 33.11
CA SER UA 269 -117.83 23.20 32.68
C SER UA 269 -118.66 22.56 31.58
N HIS UA 270 -118.40 21.29 31.26
CA HIS UA 270 -119.14 20.56 30.24
C HIS UA 270 -119.60 19.23 30.83
N VAL UA 271 -120.37 18.50 30.04
CA VAL UA 271 -120.80 17.14 30.37
C VAL UA 271 -120.64 16.32 29.11
N PHE UA 272 -119.69 15.39 29.11
CA PHE UA 272 -119.46 14.54 27.94
C PHE UA 272 -120.71 13.71 27.67
N GLN UA 273 -121.37 13.99 26.56
CA GLN UA 273 -122.58 13.29 26.17
C GLN UA 273 -122.59 13.14 24.66
N TYR UA 274 -122.74 11.92 24.18
CA TYR UA 274 -122.66 11.61 22.75
C TYR UA 274 -121.29 11.99 22.18
N GLN UA 275 -120.25 11.91 23.01
CA GLN UA 275 -118.88 12.21 22.62
C GLN UA 275 -118.02 10.97 22.83
N THR UA 276 -116.72 11.14 22.59
CA THR UA 276 -115.74 10.08 22.77
C THR UA 276 -114.63 10.56 23.70
N ILE UA 277 -114.44 9.85 24.80
CA ILE UA 277 -113.44 10.20 25.80
C ILE UA 277 -112.30 9.21 25.70
N THR UA 278 -111.11 9.71 25.39
CA THR UA 278 -109.92 8.89 25.22
C THR UA 278 -108.89 9.28 26.27
N ILE UA 279 -108.46 8.31 27.07
CA ILE UA 279 -107.44 8.50 28.08
C ILE UA 279 -106.28 7.56 27.79
N GLN UA 280 -105.06 8.05 27.94
CA GLN UA 280 -103.88 7.27 27.61
C GLN UA 280 -102.84 7.40 28.70
N ILE UA 281 -102.37 6.26 29.22
CA ILE UA 281 -101.34 6.22 30.24
C ILE UA 281 -100.10 5.56 29.64
N THR UA 282 -99.00 6.29 29.56
CA THR UA 282 -97.79 5.84 28.88
C THR UA 282 -96.60 5.87 29.84
N PRO UA 283 -96.30 4.76 30.51
CA PRO UA 283 -95.11 4.71 31.36
C PRO UA 283 -93.83 4.82 30.54
N ASN UA 284 -92.74 5.12 31.23
CA ASN UA 284 -91.48 5.37 30.54
C ASN UA 284 -90.98 4.13 29.79
N ILE UA 285 -91.20 2.95 30.35
CA ILE UA 285 -90.86 1.70 29.69
C ILE UA 285 -92.10 0.83 29.63
N GLY UA 286 -92.29 0.16 28.51
CA GLY UA 286 -93.46 -0.68 28.32
C GLY UA 286 -94.52 -0.01 27.45
N SER UA 287 -95.45 -0.83 26.97
CA SER UA 287 -96.48 -0.34 26.08
C SER UA 287 -97.47 0.54 26.84
N PRO UA 288 -98.08 1.51 26.16
CA PRO UA 288 -99.07 2.35 26.83
C PRO UA 288 -100.44 1.70 26.90
N LEU UA 289 -101.43 2.41 27.43
CA LEU UA 289 -102.79 1.93 27.53
C LEU UA 289 -103.74 2.99 27.02
N THR UA 290 -104.68 2.58 26.16
CA THR UA 290 -105.64 3.49 25.55
C THR UA 290 -107.04 3.03 25.88
N ILE UA 291 -107.89 3.98 26.27
CA ILE UA 291 -109.28 3.71 26.66
C ILE UA 291 -110.16 4.71 25.94
N SER UA 292 -110.90 4.24 24.93
CA SER UA 292 -111.78 5.09 24.14
C SER UA 292 -113.22 4.65 24.39
N GLU UA 293 -113.96 5.44 25.16
CA GLU UA 293 -115.34 5.14 25.50
C GLU UA 293 -116.27 6.20 24.91
N TYR UA 294 -117.43 5.76 24.46
CA TYR UA 294 -118.46 6.63 23.89
C TYR UA 294 -119.61 6.71 24.87
N VAL UA 295 -119.65 7.77 25.67
CA VAL UA 295 -120.67 7.92 26.70
C VAL UA 295 -121.93 8.50 26.07
N TYR UA 296 -123.08 7.86 26.35
CA TYR UA 296 -124.36 8.31 25.81
C TYR UA 296 -124.99 9.38 26.68
N GLN UA 297 -125.33 9.04 27.91
CA GLN UA 297 -126.06 9.94 28.80
C GLN UA 297 -125.73 9.61 30.24
N PRO UA 298 -125.31 10.58 31.04
CA PRO UA 298 -124.97 10.29 32.44
C PRO UA 298 -126.22 10.11 33.29
N GLU UA 299 -126.09 9.32 34.34
CA GLU UA 299 -127.20 9.08 35.26
C GLU UA 299 -126.64 8.57 36.59
N GLY UA 300 -127.43 8.73 37.63
CA GLY UA 300 -127.08 8.23 38.95
C GLY UA 300 -125.86 8.88 39.58
N SER UA 301 -125.36 9.93 38.93
CA SER UA 301 -124.19 10.69 39.38
C SER UA 301 -122.92 9.85 39.26
N VAL UA 302 -123.05 8.58 38.90
CA VAL UA 302 -121.93 7.71 38.56
C VAL UA 302 -122.39 6.83 37.41
N SER UA 303 -121.72 6.93 36.27
CA SER UA 303 -122.07 6.16 35.09
C SER UA 303 -121.03 5.09 34.82
N VAL UA 304 -121.49 3.87 34.56
CA VAL UA 304 -120.59 2.76 34.23
C VAL UA 304 -120.41 2.80 32.73
N ILE UA 305 -119.50 3.67 32.29
CA ILE UA 305 -119.22 3.85 30.87
C ILE UA 305 -117.99 4.72 30.69
N LEU VA 19 -41.43 -8.17 8.77
CA LEU VA 19 -42.52 -8.77 8.00
C LEU VA 19 -43.87 -8.48 8.63
N ALA VA 20 -44.94 -8.94 7.98
CA ALA VA 20 -46.30 -8.78 8.48
C ALA VA 20 -46.86 -10.06 9.07
N GLY VA 21 -46.14 -11.17 9.00
CA GLY VA 21 -46.63 -12.40 9.58
C GLY VA 21 -46.81 -12.30 11.09
N LEU VA 22 -45.84 -11.71 11.76
CA LEU VA 22 -45.95 -11.51 13.21
C LEU VA 22 -47.04 -10.50 13.54
N ASP VA 23 -47.19 -9.48 12.69
CA ASP VA 23 -48.20 -8.45 12.95
C ASP VA 23 -49.60 -9.02 12.79
N THR VA 24 -49.80 -9.86 11.76
CA THR VA 24 -51.12 -10.46 11.56
C THR VA 24 -51.48 -11.40 12.69
N ALA VA 25 -50.49 -12.10 13.25
CA ALA VA 25 -50.76 -13.05 14.31
C ALA VA 25 -51.20 -12.35 15.58
N ILE VA 26 -50.49 -11.29 15.97
CA ILE VA 26 -50.85 -10.56 17.19
C ILE VA 26 -52.23 -9.96 17.07
N ILE VA 27 -52.61 -9.52 15.87
CA ILE VA 27 -53.93 -8.95 15.67
C ILE VA 27 -55.00 -10.02 15.78
N LEU VA 28 -54.73 -11.21 15.22
CA LEU VA 28 -55.75 -12.25 15.17
C LEU VA 28 -56.16 -12.72 16.56
N ILE VA 29 -55.20 -12.78 17.50
CA ILE VA 29 -55.52 -13.21 18.85
C ILE VA 29 -56.55 -12.29 19.48
N ALA VA 30 -56.42 -10.98 19.23
CA ALA VA 30 -57.38 -10.04 19.78
C ALA VA 30 -58.75 -10.18 19.13
N PHE VA 31 -58.78 -10.46 17.82
CA PHE VA 31 -60.04 -10.56 17.13
C PHE VA 31 -60.82 -11.79 17.59
N ILE VA 32 -60.12 -12.88 17.90
CA ILE VA 32 -60.79 -14.07 18.42
C ILE VA 32 -61.30 -13.81 19.82
N ILE VA 33 -60.56 -13.01 20.60
CA ILE VA 33 -61.01 -12.67 21.95
C ILE VA 33 -62.31 -11.88 21.88
N THR VA 34 -62.36 -10.89 20.98
CA THR VA 34 -63.56 -10.07 20.86
C THR VA 34 -64.76 -10.89 20.40
N ALA VA 35 -64.53 -11.78 19.44
CA ALA VA 35 -65.63 -12.61 18.94
C ALA VA 35 -66.19 -13.50 20.04
N SER VA 36 -65.32 -14.02 20.91
CA SER VA 36 -65.77 -14.92 21.96
C SER VA 36 -66.66 -14.20 22.96
N VAL VA 37 -66.26 -13.01 23.40
CA VAL VA 37 -67.04 -12.28 24.40
C VAL VA 37 -68.42 -11.93 23.85
N LEU VA 38 -68.52 -11.71 22.55
CA LEU VA 38 -69.83 -11.55 21.94
C LEU VA 38 -70.62 -12.84 22.02
N ALA VA 39 -70.00 -13.96 21.64
CA ALA VA 39 -70.65 -15.25 21.78
C ALA VA 39 -70.87 -15.59 23.25
N TYR VA 40 -70.00 -15.07 24.13
CA TYR VA 40 -70.14 -15.27 25.56
C TYR VA 40 -71.48 -14.75 26.05
N VAL VA 41 -71.87 -13.56 25.61
CA VAL VA 41 -73.11 -12.96 26.10
C VAL VA 41 -74.28 -13.29 25.18
N ALA VA 42 -74.02 -13.64 23.92
CA ALA VA 42 -75.10 -13.98 23.01
C ALA VA 42 -75.88 -15.18 23.50
N ILE VA 43 -75.18 -16.19 24.00
CA ILE VA 43 -75.86 -17.36 24.56
C ILE VA 43 -76.53 -17.01 25.87
N ASN VA 44 -75.82 -16.27 26.73
CA ASN VA 44 -76.36 -15.94 28.05
C ASN VA 44 -77.67 -15.17 27.94
N MET VA 45 -77.71 -14.18 27.05
CA MET VA 45 -78.93 -13.41 26.87
C MET VA 45 -79.95 -14.18 26.04
N GLY VA 46 -79.48 -15.09 25.19
CA GLY VA 46 -80.40 -15.90 24.41
C GLY VA 46 -81.27 -16.78 25.29
N LEU VA 47 -80.64 -17.52 26.21
CA LEU VA 47 -81.41 -18.39 27.08
C LEU VA 47 -82.28 -17.59 28.05
N PHE VA 48 -81.79 -16.43 28.48
CA PHE VA 48 -82.55 -15.60 29.40
C PHE VA 48 -83.87 -15.15 28.78
N VAL VA 49 -83.83 -14.70 27.53
CA VAL VA 49 -85.05 -14.29 26.84
C VAL VA 49 -85.97 -15.47 26.64
N THR VA 50 -85.39 -16.63 26.29
CA THR VA 50 -86.20 -17.83 26.09
C THR VA 50 -86.86 -18.26 27.39
N GLN VA 51 -86.12 -18.22 28.50
CA GLN VA 51 -86.70 -18.61 29.79
C GLN VA 51 -87.86 -17.70 30.16
N LYS VA 52 -87.74 -16.41 29.88
CA LYS VA 52 -88.84 -15.50 30.13
C LYS VA 52 -90.01 -15.80 29.20
N ALA VA 53 -89.72 -16.21 27.96
CA ALA VA 53 -90.78 -16.60 27.04
C ALA VA 53 -91.53 -17.82 27.57
N LYS VA 54 -90.81 -18.77 28.16
CA LYS VA 54 -91.46 -19.96 28.69
C LYS VA 54 -92.34 -19.62 29.89
N SER VA 55 -91.81 -18.81 30.81
CA SER VA 55 -92.58 -18.47 32.01
C SER VA 55 -93.84 -17.68 31.65
N THR VA 56 -93.77 -16.85 30.60
CA THR VA 56 -94.94 -16.09 30.20
C THR VA 56 -96.04 -17.00 29.66
N ILE VA 57 -95.66 -18.05 28.93
CA ILE VA 57 -96.65 -18.99 28.41
C ILE VA 57 -97.41 -19.63 29.55
N ASN VA 58 -96.69 -20.06 30.59
CA ASN VA 58 -97.35 -20.69 31.72
C ASN VA 58 -98.34 -19.75 32.39
N LYS VA 59 -98.00 -18.46 32.47
CA LYS VA 59 -98.95 -17.48 32.98
C LYS VA 59 -100.07 -17.23 31.99
N GLY VA 60 -99.73 -17.09 30.71
CA GLY VA 60 -100.76 -16.90 29.69
C GLY VA 60 -101.73 -18.06 29.63
N GLU VA 61 -101.21 -19.29 29.76
CA GLU VA 61 -102.09 -20.44 29.86
C GLU VA 61 -102.89 -20.40 31.15
N GLU VA 62 -102.28 -19.91 32.23
CA GLU VA 62 -102.99 -19.83 33.51
C GLU VA 62 -104.09 -18.78 33.45
N THR VA 63 -103.82 -17.64 32.82
CA THR VA 63 -104.82 -16.60 32.70
C THR VA 63 -106.06 -17.09 31.96
N ALA VA 64 -105.85 -17.78 30.84
CA ALA VA 64 -106.96 -18.29 30.04
C ALA VA 64 -107.59 -19.53 30.65
N SER VA 65 -107.13 -19.99 31.80
CA SER VA 65 -107.64 -21.20 32.42
C SER VA 65 -108.41 -20.94 33.71
N THR VA 66 -107.82 -20.24 34.67
CA THR VA 66 -108.46 -20.03 35.95
C THR VA 66 -109.53 -18.95 35.86
N ALA VA 67 -110.69 -19.22 36.47
CA ALA VA 67 -111.81 -18.28 36.47
C ALA VA 67 -112.82 -18.75 37.49
N LEU VA 68 -113.30 -17.82 38.31
CA LEU VA 68 -114.36 -18.13 39.26
C LEU VA 68 -115.70 -18.24 38.54
N THR VA 69 -116.70 -18.73 39.26
CA THR VA 69 -118.06 -18.76 38.72
C THR VA 69 -119.05 -18.73 39.88
N LEU VA 70 -120.26 -18.26 39.58
CA LEU VA 70 -121.30 -18.13 40.58
C LEU VA 70 -122.15 -19.40 40.59
N SER VA 71 -122.11 -20.12 41.70
CA SER VA 71 -122.95 -21.29 41.90
C SER VA 71 -123.77 -21.09 43.16
N GLY VA 72 -125.01 -21.56 43.14
CA GLY VA 72 -125.90 -21.34 44.25
C GLY VA 72 -126.46 -19.93 44.26
N SER VA 73 -127.67 -19.77 44.77
CA SER VA 73 -128.33 -18.47 44.74
C SER VA 73 -127.60 -17.48 45.64
N VAL VA 74 -127.84 -16.20 45.39
CA VAL VA 74 -127.28 -15.11 46.18
C VAL VA 74 -128.34 -14.67 47.19
N LEU VA 75 -127.89 -14.16 48.32
CA LEU VA 75 -128.79 -13.81 49.41
C LEU VA 75 -128.58 -12.34 49.79
N TYR VA 76 -129.64 -11.74 50.34
CA TYR VA 76 -129.61 -10.32 50.69
C TYR VA 76 -130.58 -10.11 51.84
N ALA VA 77 -130.06 -9.75 53.00
CA ALA VA 77 -130.85 -9.68 54.23
C ALA VA 77 -131.01 -8.23 54.68
N VAL VA 78 -132.24 -7.85 55.02
CA VAL VA 78 -132.57 -6.54 55.57
C VAL VA 78 -133.50 -6.75 56.75
N ASN VA 79 -133.88 -5.64 57.39
CA ASN VA 79 -134.91 -5.67 58.42
C ASN VA 79 -136.27 -5.74 57.74
N TYR VA 80 -136.87 -6.92 57.76
CA TYR VA 80 -138.06 -7.18 56.95
C TYR VA 80 -139.25 -6.29 57.30
N PRO VA 81 -139.71 -6.24 58.56
CA PRO VA 81 -140.96 -5.50 58.83
C PRO VA 81 -140.86 -4.02 58.53
N SER VA 82 -139.67 -3.45 58.49
CA SER VA 82 -139.46 -2.03 58.17
C SER VA 82 -138.25 -1.94 57.25
N ASN VA 83 -138.51 -1.72 55.96
CA ASN VA 83 -137.44 -1.69 54.96
C ASN VA 83 -136.66 -0.39 55.13
N THR VA 84 -135.80 -0.37 56.15
CA THR VA 84 -135.06 0.84 56.49
C THR VA 84 -133.55 0.62 56.47
N ARG VA 85 -133.10 -0.58 56.81
CA ARG VA 85 -131.67 -0.85 56.94
C ARG VA 85 -131.31 -2.17 56.29
N SER VA 86 -130.26 -2.18 55.47
CA SER VA 86 -129.73 -3.42 54.93
C SER VA 86 -128.71 -4.00 55.91
N TYR VA 87 -128.54 -5.32 55.84
CA TYR VA 87 -127.71 -6.02 56.82
C TYR VA 87 -126.46 -6.64 56.19
N TRP VA 88 -126.60 -7.50 55.18
CA TRP VA 88 -125.45 -8.18 54.61
C TRP VA 88 -125.88 -8.88 53.32
N ILE VA 89 -124.88 -9.38 52.60
CA ILE VA 89 -125.07 -10.11 51.36
C ILE VA 89 -124.20 -11.36 51.39
N TYR VA 90 -124.76 -12.48 50.97
CA TYR VA 90 -124.06 -13.76 50.98
C TYR VA 90 -124.23 -14.45 49.64
N PHE VA 91 -123.17 -15.14 49.21
CA PHE VA 91 -123.19 -15.92 47.97
C PHE VA 91 -122.02 -16.88 48.00
N THR VA 92 -122.08 -17.88 47.13
CA THR VA 92 -121.05 -18.92 47.05
C THR VA 92 -120.36 -18.85 45.71
N VAL VA 93 -119.03 -18.82 45.73
CA VAL VA 93 -118.22 -18.79 44.53
C VAL VA 93 -117.42 -20.07 44.47
N SER VA 94 -117.18 -20.55 43.24
CA SER VA 94 -116.45 -21.79 43.01
C SER VA 94 -115.62 -21.64 41.75
N PRO VA 95 -114.50 -22.36 41.66
CA PRO VA 95 -113.77 -22.40 40.39
C PRO VA 95 -114.66 -22.94 39.28
N SER VA 96 -114.35 -22.53 38.05
CA SER VA 96 -115.22 -22.85 36.92
C SER VA 96 -115.34 -24.35 36.71
N SER VA 97 -114.24 -25.01 36.41
CA SER VA 97 -114.23 -26.45 36.20
C SER VA 97 -112.86 -26.98 36.61
N GLY VA 98 -112.55 -28.21 36.22
CA GLY VA 98 -111.26 -28.79 36.55
C GLY VA 98 -110.15 -28.17 35.72
N VAL VA 99 -109.92 -26.87 35.92
CA VAL VA 99 -108.96 -26.14 35.12
C VAL VA 99 -107.67 -25.90 35.92
N SER VA 100 -107.79 -25.33 37.11
CA SER VA 100 -106.64 -25.03 37.96
C SER VA 100 -107.13 -24.45 39.27
N SER VA 101 -106.25 -24.46 40.26
CA SER VA 101 -106.55 -23.82 41.53
C SER VA 101 -106.54 -22.31 41.38
N VAL VA 102 -107.12 -21.63 42.37
CA VAL VA 102 -107.20 -20.18 42.38
C VAL VA 102 -106.99 -19.69 43.80
N GLU VA 103 -106.35 -18.52 43.94
CA GLU VA 103 -106.03 -17.95 45.23
C GLU VA 103 -107.04 -16.85 45.58
N LEU VA 104 -107.45 -16.82 46.84
CA LEU VA 104 -108.40 -15.83 47.35
C LEU VA 104 -107.86 -15.19 48.63
N SER VA 105 -106.56 -14.98 48.70
CA SER VA 105 -105.96 -14.43 49.89
C SER VA 105 -106.35 -12.96 50.05
N PRO VA 106 -106.62 -12.52 51.29
CA PRO VA 106 -107.05 -11.14 51.50
C PRO VA 106 -105.98 -10.09 51.22
N SER VA 107 -104.76 -10.51 50.91
CA SER VA 107 -103.70 -9.56 50.63
C SER VA 107 -103.53 -9.25 49.16
N THR VA 108 -104.06 -10.11 48.27
CA THR VA 108 -103.80 -9.99 46.85
C THR VA 108 -105.05 -10.19 46.00
N THR VA 109 -106.23 -10.17 46.61
CA THR VA 109 -107.48 -10.23 45.86
C THR VA 109 -108.24 -8.94 46.07
N ALA VA 110 -109.33 -8.78 45.31
CA ALA VA 110 -110.14 -7.58 45.43
C ALA VA 110 -111.59 -7.91 45.10
N ILE VA 111 -112.51 -7.47 45.96
CA ILE VA 111 -113.94 -7.54 45.71
C ILE VA 111 -114.48 -6.11 45.76
N SER VA 112 -115.03 -5.65 44.64
CA SER VA 112 -115.58 -4.30 44.55
C SER VA 112 -117.09 -4.35 44.73
N PHE VA 113 -117.63 -3.25 45.25
CA PHE VA 113 -119.07 -3.13 45.49
C PHE VA 113 -119.49 -1.72 45.10
N THR VA 114 -120.37 -1.61 44.11
CA THR VA 114 -120.84 -0.33 43.63
C THR VA 114 -122.36 -0.32 43.60
N ALA VA 115 -122.93 0.85 43.90
CA ALA VA 115 -124.36 1.09 43.79
C ALA VA 115 -124.55 2.36 42.96
N SER VA 116 -125.12 2.20 41.76
CA SER VA 116 -125.15 3.30 40.80
C SER VA 116 -126.06 4.43 41.26
N ALA VA 117 -127.21 4.09 41.85
CA ALA VA 117 -128.19 5.12 42.21
C ALA VA 117 -127.62 6.08 43.25
N GLU VA 118 -127.28 5.56 44.43
CA GLU VA 118 -126.77 6.41 45.50
C GLU VA 118 -125.39 6.98 45.21
N GLY VA 119 -124.77 6.61 44.08
CA GLY VA 119 -123.47 7.14 43.74
C GLY VA 119 -122.33 6.60 44.57
N ILE VA 120 -122.56 5.58 45.38
CA ILE VA 120 -121.52 5.01 46.21
C ILE VA 120 -120.87 3.86 45.44
N SER VA 121 -119.54 3.77 45.54
CA SER VA 121 -118.80 2.75 44.80
C SER VA 121 -117.51 2.46 45.57
N TYR VA 122 -117.50 1.35 46.30
CA TYR VA 122 -116.33 0.97 47.06
C TYR VA 122 -115.35 0.22 46.17
N SER VA 123 -114.28 -0.28 46.77
CA SER VA 123 -113.26 -1.03 46.05
C SER VA 123 -112.46 -1.85 47.04
N ASN VA 124 -112.34 -3.15 46.79
CA ASN VA 124 -111.52 -4.05 47.58
C ASN VA 124 -111.96 -4.04 49.05
N ILE VA 125 -113.17 -4.55 49.25
CA ILE VA 125 -113.73 -4.66 50.59
C ILE VA 125 -113.38 -6.03 51.18
N TYR VA 126 -112.45 -6.73 50.53
CA TYR VA 126 -111.94 -7.99 51.06
C TYR VA 126 -110.96 -7.68 52.18
N GLU VA 127 -111.27 -8.12 53.39
CA GLU VA 127 -110.43 -7.82 54.54
C GLU VA 127 -109.87 -9.06 55.22
N TYR VA 128 -110.70 -10.05 55.52
CA TYR VA 128 -110.27 -11.22 56.27
C TYR VA 128 -110.71 -12.49 55.56
N THR VA 129 -110.28 -13.63 56.10
CA THR VA 129 -110.60 -14.92 55.52
C THR VA 129 -110.55 -15.99 56.60
N LEU VA 130 -111.18 -17.13 56.31
CA LEU VA 130 -111.14 -18.28 57.18
C LEU VA 130 -110.53 -19.50 56.51
N LEU VA 131 -110.07 -19.38 55.28
CA LEU VA 131 -109.37 -20.44 54.58
C LEU VA 131 -107.92 -20.57 55.04
N THR VA 132 -107.56 -19.93 56.14
CA THR VA 132 -106.18 -19.97 56.63
C THR VA 132 -106.05 -20.46 58.06
N VAL VA 133 -107.16 -20.69 58.77
CA VAL VA 133 -107.13 -21.11 60.16
C VAL VA 133 -107.47 -22.58 60.25
N SER VA 134 -106.68 -23.32 61.03
CA SER VA 134 -106.91 -24.74 61.22
C SER VA 134 -108.12 -24.99 62.11
N PRO VA 135 -108.88 -26.05 61.85
CA PRO VA 135 -110.10 -26.29 62.63
C PRO VA 135 -109.85 -26.64 64.08
N SER VA 136 -108.62 -27.03 64.45
CA SER VA 136 -108.35 -27.41 65.83
C SER VA 136 -108.55 -26.24 66.78
N GLU VA 137 -108.35 -25.01 66.30
CA GLU VA 137 -108.49 -23.85 67.18
C GLU VA 137 -109.95 -23.42 67.34
N LEU VA 138 -110.80 -23.77 66.37
CA LEU VA 138 -112.18 -23.30 66.41
C LEU VA 138 -113.01 -24.05 67.43
N ALA VA 139 -112.86 -25.38 67.51
CA ALA VA 139 -113.74 -26.19 68.34
C ALA VA 139 -113.41 -26.11 69.82
N ASN VA 140 -112.57 -25.18 70.26
CA ASN VA 140 -112.11 -25.19 71.64
C ASN VA 140 -113.12 -24.53 72.57
N GLN VA 141 -113.39 -23.24 72.37
CA GLN VA 141 -114.29 -22.51 73.27
C GLN VA 141 -115.36 -21.77 72.47
N VAL VA 142 -116.46 -22.47 72.19
CA VAL VA 142 -117.68 -21.87 71.65
C VAL VA 142 -118.85 -22.57 72.32
N TYR VA 143 -119.55 -21.86 73.21
CA TYR VA 143 -120.70 -22.44 73.89
C TYR VA 143 -121.56 -21.33 74.49
N ALA VA 144 -122.86 -21.40 74.22
CA ALA VA 144 -123.84 -20.53 74.85
C ALA VA 144 -124.74 -21.27 75.82
N ASN VA 145 -124.52 -22.58 76.00
CA ASN VA 145 -125.30 -23.40 76.90
C ASN VA 145 -124.39 -24.47 77.46
N GLY VA 146 -124.98 -25.51 78.05
CA GLY VA 146 -124.19 -26.58 78.66
C GLY VA 146 -123.29 -27.32 77.70
N GLN VA 147 -123.55 -27.24 76.40
CA GLN VA 147 -122.78 -27.95 75.39
C GLN VA 147 -121.88 -26.99 74.64
N TYR VA 148 -120.66 -27.45 74.33
CA TYR VA 148 -119.70 -26.68 73.54
C TYR VA 148 -119.89 -27.05 72.08
N LEU VA 149 -120.82 -26.35 71.43
CA LEU VA 149 -121.15 -26.64 70.04
C LEU VA 149 -119.94 -26.36 69.14
N ASP VA 150 -119.76 -27.20 68.13
CA ASP VA 150 -118.64 -27.07 67.22
C ASP VA 150 -119.02 -26.22 66.02
N LEU VA 151 -118.11 -25.34 65.61
CA LEU VA 151 -118.38 -24.48 64.47
C LEU VA 151 -118.08 -25.18 63.15
N VAL VA 152 -117.10 -26.08 63.15
CA VAL VA 152 -116.64 -26.74 61.94
C VAL VA 152 -116.75 -28.25 62.12
N ASN VA 153 -117.17 -28.92 61.06
CA ASN VA 153 -117.21 -30.37 61.01
C ASN VA 153 -116.36 -30.85 59.84
N GLN VA 154 -115.43 -31.76 60.12
CA GLN VA 154 -114.46 -32.20 59.13
C GLN VA 154 -114.61 -33.69 58.88
N GLN VA 155 -114.22 -34.11 57.68
CA GLN VA 155 -114.23 -35.52 57.31
C GLN VA 155 -112.86 -35.92 56.78
N THR VA 156 -112.74 -37.12 56.22
CA THR VA 156 -111.49 -37.57 55.67
C THR VA 156 -111.74 -38.69 54.66
N ASN VA 157 -110.94 -38.70 53.61
CA ASN VA 157 -110.96 -39.74 52.59
C ASN VA 157 -109.75 -39.56 51.69
N ALA VA 158 -109.29 -40.66 51.11
CA ALA VA 158 -108.14 -40.66 50.21
C ALA VA 158 -106.91 -40.01 50.84
N GLY VA 159 -106.79 -40.14 52.16
CA GLY VA 159 -105.65 -39.60 52.86
C GLY VA 159 -105.66 -38.10 53.05
N GLN VA 160 -106.76 -37.43 52.74
CA GLN VA 160 -106.88 -35.99 52.91
C GLN VA 160 -108.02 -35.67 53.87
N THR VA 161 -107.96 -34.48 54.45
CA THR VA 161 -108.91 -34.04 55.47
C THR VA 161 -109.58 -32.76 55.00
N TYR VA 162 -110.88 -32.82 54.77
CA TYR VA 162 -111.64 -31.67 54.28
C TYR VA 162 -112.45 -31.07 55.42
N VAL VA 163 -112.66 -29.76 55.39
CA VAL VA 163 -113.49 -29.06 56.35
C VAL VA 163 -114.52 -28.22 55.59
N TYR VA 164 -115.50 -27.74 56.34
CA TYR VA 164 -116.57 -26.91 55.79
C TYR VA 164 -117.43 -26.40 56.93
N TYR VA 165 -118.13 -25.30 56.67
CA TYR VA 165 -119.08 -24.73 57.62
C TYR VA 165 -120.48 -24.87 57.07
N PRO VA 166 -121.42 -25.43 57.83
CA PRO VA 166 -122.75 -25.68 57.28
C PRO VA 166 -123.63 -24.44 57.20
N ASN VA 167 -123.55 -23.57 58.19
CA ASN VA 167 -124.48 -22.46 58.33
C ASN VA 167 -123.75 -21.13 58.19
N PRO VA 168 -124.23 -20.21 57.36
CA PRO VA 168 -123.60 -18.89 57.27
C PRO VA 168 -123.41 -18.22 58.62
N TYR VA 169 -124.35 -18.41 59.54
CA TYR VA 169 -124.19 -17.85 60.88
C TYR VA 169 -123.04 -18.53 61.62
N TYR VA 170 -122.76 -19.79 61.30
CA TYR VA 170 -121.66 -20.48 61.96
C TYR VA 170 -120.32 -19.85 61.59
N ALA VA 171 -120.19 -19.38 60.35
CA ALA VA 171 -118.98 -18.67 59.97
C ALA VA 171 -118.84 -17.36 60.73
N LEU VA 172 -119.96 -16.68 60.98
CA LEU VA 172 -119.92 -15.44 61.74
C LEU VA 172 -119.33 -15.65 63.12
N LEU VA 173 -119.78 -16.71 63.81
CA LEU VA 173 -119.20 -17.03 65.11
C LEU VA 173 -117.73 -17.40 64.96
N ALA VA 174 -117.39 -18.08 63.87
CA ALA VA 174 -115.99 -18.44 63.63
C ALA VA 174 -115.15 -17.20 63.36
N LEU VA 175 -115.67 -16.27 62.56
CA LEU VA 175 -114.93 -15.06 62.25
C LEU VA 175 -114.73 -14.22 63.50
N ASN VA 176 -115.74 -14.16 64.37
CA ASN VA 176 -115.60 -13.40 65.61
C ASN VA 176 -114.51 -13.99 66.49
N TYR VA 177 -114.40 -15.32 66.49
CA TYR VA 177 -113.41 -15.98 67.35
C TYR VA 177 -112.00 -15.64 66.92
N THR VA 178 -111.69 -15.85 65.64
CA THR VA 178 -110.31 -15.68 65.18
C THR VA 178 -109.85 -14.23 65.30
N LEU VA 179 -110.75 -13.28 65.01
CA LEU VA 179 -110.36 -11.87 65.11
C LEU VA 179 -110.06 -11.46 66.54
N SER VA 180 -110.65 -12.16 67.52
CA SER VA 180 -110.45 -11.79 68.91
C SER VA 180 -109.36 -12.63 69.58
N LYS VA 181 -109.02 -13.78 69.00
CA LYS VA 181 -108.08 -14.70 69.64
C LYS VA 181 -106.84 -14.95 68.81
N ILE VA 182 -106.98 -15.09 67.49
CA ILE VA 182 -105.84 -15.47 66.66
C ILE VA 182 -104.96 -14.25 66.38
N ASP VA 183 -105.50 -13.27 65.67
CA ASP VA 183 -104.76 -12.06 65.30
C ASP VA 183 -105.23 -10.93 66.20
N LYS VA 184 -104.42 -10.59 67.20
CA LYS VA 184 -104.78 -9.61 68.22
C LYS VA 184 -104.71 -8.21 67.61
N VAL VA 185 -105.72 -7.88 66.84
CA VAL VA 185 -105.86 -6.53 66.30
C VAL VA 185 -106.57 -5.66 67.32
N SER VA 186 -106.13 -4.40 67.44
CA SER VA 186 -106.77 -3.51 68.42
C SER VA 186 -108.14 -3.04 67.95
N PRO VA 187 -108.37 -2.65 66.68
CA PRO VA 187 -109.74 -2.38 66.25
C PRO VA 187 -110.40 -3.64 65.70
N SER VA 188 -111.56 -4.00 66.23
CA SER VA 188 -112.26 -5.19 65.77
C SER VA 188 -113.44 -4.78 64.90
N PRO VA 189 -113.38 -4.96 63.58
CA PRO VA 189 -114.52 -4.62 62.73
C PRO VA 189 -115.72 -5.53 62.90
N LEU VA 190 -115.68 -6.48 63.84
CA LEU VA 190 -116.79 -7.35 64.12
C LEU VA 190 -116.89 -7.58 65.61
N TYR VA 191 -118.11 -7.54 66.13
CA TYR VA 191 -118.36 -7.81 67.54
C TYR VA 191 -119.68 -8.56 67.66
N ILE VA 192 -119.61 -9.81 68.12
CA ILE VA 192 -120.79 -10.64 68.30
C ILE VA 192 -120.89 -10.99 69.77
N THR VA 193 -122.01 -10.62 70.39
CA THR VA 193 -122.23 -10.87 71.81
C THR VA 193 -123.65 -11.39 72.01
N THR VA 194 -123.92 -11.85 73.23
CA THR VA 194 -125.22 -12.38 73.59
C THR VA 194 -125.95 -11.54 74.63
N THR VA 195 -125.31 -10.53 75.18
CA THR VA 195 -125.95 -9.69 76.18
C THR VA 195 -127.02 -8.81 75.53
N THR VA 196 -127.78 -8.13 76.37
CA THR VA 196 -128.79 -7.20 75.87
C THR VA 196 -128.09 -6.04 75.17
N PRO VA 197 -128.47 -5.70 73.94
CA PRO VA 197 -127.76 -4.63 73.22
C PRO VA 197 -127.83 -3.29 73.92
N SER VA 198 -129.00 -2.89 74.41
CA SER VA 198 -129.12 -1.64 75.14
C SER VA 198 -128.27 -1.65 76.39
N SER VA 199 -128.12 -2.81 77.03
CA SER VA 199 -127.27 -2.91 78.21
C SER VA 199 -125.81 -2.70 77.85
N ALA VA 200 -125.34 -3.38 76.80
CA ALA VA 200 -123.94 -3.29 76.40
C ALA VA 200 -123.57 -1.89 75.93
N THR VA 201 -124.54 -1.10 75.48
CA THR VA 201 -124.24 0.27 75.05
C THR VA 201 -123.67 1.10 76.19
N GLN VA 202 -124.10 0.84 77.42
CA GLN VA 202 -123.53 1.55 78.56
C GLN VA 202 -122.08 1.18 78.78
N ILE VA 203 -121.80 -0.12 78.90
CA ILE VA 203 -120.43 -0.57 79.12
C ILE VA 203 -119.58 -0.40 77.87
N TYR VA 204 -120.19 -0.28 76.70
CA TYR VA 204 -119.48 -0.07 75.44
C TYR VA 204 -120.15 1.09 74.71
N PRO VA 205 -119.71 2.32 74.96
CA PRO VA 205 -120.36 3.47 74.30
C PRO VA 205 -120.16 3.49 72.81
N PHE VA 206 -118.96 3.15 72.33
CA PHE VA 206 -118.70 3.17 70.89
C PHE VA 206 -119.47 2.10 70.14
N LEU VA 207 -120.12 1.17 70.84
CA LEU VA 207 -120.88 0.12 70.15
C LEU VA 207 -122.13 0.69 69.50
N ALA VA 208 -122.71 1.75 70.08
CA ALA VA 208 -123.92 2.32 69.53
C ALA VA 208 -123.67 2.98 68.17
N HIS VA 209 -122.48 3.53 67.96
CA HIS VA 209 -122.17 4.14 66.67
C HIS VA 209 -122.08 3.10 65.57
N ASP VA 210 -121.86 1.84 65.92
CA ASP VA 210 -121.75 0.79 64.94
C ASP VA 210 -123.13 0.40 64.41
N ASN VA 211 -123.14 -0.40 63.36
CA ASN VA 211 -124.36 -0.98 62.82
C ASN VA 211 -124.56 -2.38 63.40
N MET VA 212 -125.78 -2.64 63.87
CA MET VA 212 -126.09 -3.88 64.58
C MET VA 212 -127.09 -4.70 63.78
N PHE VA 213 -126.85 -6.00 63.73
CA PHE VA 213 -127.82 -6.93 63.16
C PHE VA 213 -127.79 -8.22 63.98
N THR VA 214 -128.95 -8.86 64.08
CA THR VA 214 -129.14 -9.99 64.97
C THR VA 214 -129.55 -11.22 64.17
N PHE VA 215 -129.40 -12.38 64.81
CA PHE VA 215 -129.81 -13.65 64.21
C PHE VA 215 -130.01 -14.65 65.33
N THR VA 216 -131.17 -15.31 65.33
CA THR VA 216 -131.54 -16.23 66.39
C THR VA 216 -131.01 -17.62 66.10
N LEU VA 217 -131.01 -18.45 67.14
CA LEU VA 217 -130.56 -19.84 67.02
C LEU VA 217 -131.34 -20.69 68.01
N ASN VA 218 -131.95 -21.75 67.52
CA ASN VA 218 -132.70 -22.69 68.36
C ASN VA 218 -131.77 -23.85 68.70
N ILE VA 219 -130.99 -23.68 69.76
CA ILE VA 219 -130.03 -24.69 70.19
C ILE VA 219 -130.51 -25.29 71.50
N SER VA 220 -130.37 -26.61 71.62
CA SER VA 220 -130.80 -27.35 72.82
C SER VA 220 -132.23 -27.02 73.20
N GLY VA 221 -133.09 -26.84 72.20
CA GLY VA 221 -134.49 -26.56 72.41
C GLY VA 221 -134.81 -25.17 72.89
N THR VA 222 -133.84 -24.40 73.36
CA THR VA 222 -134.07 -23.05 73.84
C THR VA 222 -133.58 -22.03 72.82
N LEU VA 223 -134.29 -20.91 72.71
CA LEU VA 223 -133.94 -19.87 71.76
C LEU VA 223 -132.79 -19.04 72.33
N VAL VA 224 -131.66 -19.05 71.64
CA VAL VA 224 -130.49 -18.29 72.04
C VAL VA 224 -130.18 -17.33 70.89
N THR VA 225 -130.64 -16.09 71.00
CA THR VA 225 -130.40 -15.10 69.98
C THR VA 225 -128.94 -14.66 70.01
N TYR VA 226 -128.56 -13.83 69.04
CA TYR VA 226 -127.21 -13.32 68.96
C TYR VA 226 -127.24 -11.90 68.43
N TYR VA 227 -126.21 -11.13 68.78
CA TYR VA 227 -126.13 -9.73 68.43
C TYR VA 227 -124.75 -9.44 67.84
N ALA VA 228 -124.73 -8.97 66.59
CA ALA VA 228 -123.50 -8.71 65.86
C ALA VA 228 -123.39 -7.23 65.53
N PHE VA 229 -122.17 -6.70 65.63
CA PHE VA 229 -121.91 -5.29 65.39
C PHE VA 229 -120.74 -5.15 64.42
N VAL VA 230 -120.87 -4.20 63.50
CA VAL VA 230 -119.85 -3.90 62.50
C VAL VA 230 -119.65 -2.40 62.44
N ASN VA 231 -118.41 -1.97 62.23
CA ASN VA 231 -118.09 -0.54 62.13
C ASN VA 231 -117.59 -0.13 60.76
N GLN VA 232 -117.45 -1.06 59.82
CA GLN VA 232 -117.01 -0.74 58.47
C GLN VA 232 -117.34 -1.91 57.56
N THR VA 233 -117.78 -1.59 56.34
CA THR VA 233 -118.13 -2.63 55.39
C THR VA 233 -116.90 -3.45 55.01
N PHE VA 234 -117.02 -4.77 55.11
CA PHE VA 234 -115.92 -5.65 54.77
C PHE VA 234 -116.49 -6.98 54.30
N ALA VA 235 -115.63 -7.77 53.67
CA ALA VA 235 -116.00 -9.08 53.15
C ALA VA 235 -114.99 -10.12 53.60
N PHE VA 236 -115.48 -11.33 53.84
CA PHE VA 236 -114.64 -12.45 54.24
C PHE VA 236 -115.10 -13.70 53.50
N THR VA 237 -114.31 -14.76 53.62
CA THR VA 237 -114.59 -16.02 52.96
C THR VA 237 -114.43 -17.18 53.93
N TYR VA 238 -115.23 -18.23 53.71
CA TYR VA 238 -115.22 -19.43 54.52
C TYR VA 238 -115.54 -20.60 53.61
N PRO VA 239 -114.93 -21.76 53.82
CA PRO VA 239 -115.15 -22.90 52.92
C PRO VA 239 -116.56 -23.47 53.08
N VAL VA 240 -117.05 -24.07 52.00
CA VAL VA 240 -118.40 -24.63 51.94
C VAL VA 240 -118.38 -26.12 51.65
N ALA VA 241 -117.58 -26.54 50.67
CA ALA VA 241 -117.52 -27.95 50.31
C ALA VA 241 -116.26 -28.22 49.50
N GLY VA 242 -115.70 -29.41 49.70
CA GLY VA 242 -114.57 -29.86 48.89
C GLY VA 242 -113.33 -29.02 49.02
N ASP VA 243 -113.00 -28.55 50.22
CA ASP VA 243 -111.85 -27.69 50.46
C ASP VA 243 -110.79 -28.46 51.25
N PRO VA 244 -109.85 -29.13 50.58
CA PRO VA 244 -108.82 -29.86 51.34
C PRO VA 244 -107.77 -28.95 51.95
N LEU VA 245 -107.28 -27.96 51.21
CA LEU VA 245 -106.15 -27.15 51.63
C LEU VA 245 -106.58 -26.18 52.71
N ILE VA 246 -106.07 -26.38 53.92
CA ILE VA 246 -106.33 -25.51 55.05
C ILE VA 246 -105.06 -24.74 55.37
N GLY VA 247 -105.20 -23.49 55.77
CA GLY VA 247 -104.04 -22.62 55.90
C GLY VA 247 -103.40 -22.29 54.58
N SER VA 248 -104.20 -22.24 53.50
CA SER VA 248 -103.65 -22.10 52.16
C SER VA 248 -104.31 -20.95 51.40
N ALA VA 249 -105.56 -20.65 51.74
CA ALA VA 249 -106.33 -19.60 51.08
C ALA VA 249 -106.45 -19.82 49.59
N ILE VA 250 -106.37 -21.06 49.14
CA ILE VA 250 -106.44 -21.43 47.73
C ILE VA 250 -107.66 -22.30 47.53
N ALA VA 251 -108.48 -21.96 46.52
CA ALA VA 251 -109.68 -22.73 46.23
C ALA VA 251 -109.38 -23.72 45.12
N PRO VA 252 -109.30 -25.01 45.39
CA PRO VA 252 -109.04 -25.98 44.33
C PRO VA 252 -110.27 -26.16 43.44
N ALA VA 253 -110.02 -26.69 42.25
CA ALA VA 253 -111.09 -26.91 41.29
C ALA VA 253 -112.12 -27.88 41.84
N GLY VA 254 -113.38 -27.46 41.86
CA GLY VA 254 -114.46 -28.23 42.42
C GLY VA 254 -114.86 -27.84 43.82
N SER VA 255 -114.08 -26.99 44.48
CA SER VA 255 -114.41 -26.54 45.82
C SER VA 255 -115.49 -25.47 45.76
N VAL VA 256 -116.03 -25.12 46.93
CA VAL VA 256 -117.00 -24.04 47.07
C VAL VA 256 -116.57 -23.18 48.24
N ILE VA 257 -116.35 -21.90 48.00
CA ILE VA 257 -115.88 -20.96 49.01
C ILE VA 257 -116.96 -19.91 49.21
N GLY VA 258 -117.60 -19.94 50.38
CA GLY VA 258 -118.64 -18.97 50.67
C GLY VA 258 -118.08 -17.58 50.86
N VAL VA 259 -118.87 -16.59 50.45
CA VAL VA 259 -118.51 -15.19 50.58
C VAL VA 259 -119.63 -14.46 51.29
N MET VA 260 -119.28 -13.56 52.20
CA MET VA 260 -120.27 -12.76 52.91
C MET VA 260 -119.80 -11.33 52.98
N ILE VA 261 -120.68 -10.40 52.65
CA ILE VA 261 -120.39 -8.97 52.64
C ILE VA 261 -121.15 -8.33 53.78
N LEU VA 262 -120.44 -8.00 54.86
CA LEU VA 262 -121.05 -7.36 56.02
C LEU VA 262 -120.93 -5.84 55.88
N PHE VA 263 -122.01 -5.14 56.21
CA PHE VA 263 -122.09 -3.70 56.06
C PHE VA 263 -121.71 -3.00 57.36
N GLY VA 264 -121.19 -1.77 57.21
CA GLY VA 264 -120.91 -0.93 58.34
C GLY VA 264 -122.04 0.03 58.61
N PRO VA 265 -121.75 1.16 59.24
CA PRO VA 265 -122.80 2.16 59.48
C PRO VA 265 -123.11 3.00 58.25
N ASP VA 266 -122.08 3.31 57.47
CA ASP VA 266 -122.25 4.20 56.33
C ASP VA 266 -123.13 3.58 55.27
N LEU VA 267 -122.73 2.41 54.75
CA LEU VA 267 -123.51 1.71 53.75
C LEU VA 267 -124.69 0.94 54.34
N GLY VA 268 -124.96 1.12 55.63
CA GLY VA 268 -126.06 0.45 56.28
C GLY VA 268 -127.35 1.22 56.35
N SER VA 269 -127.33 2.51 56.01
CA SER VA 269 -128.53 3.35 56.03
C SER VA 269 -129.26 3.38 54.69
N HIS VA 270 -128.78 2.63 53.70
CA HIS VA 270 -129.40 2.57 52.39
C HIS VA 270 -130.02 1.21 52.15
N VAL VA 271 -131.12 1.21 51.40
CA VAL VA 271 -131.82 -0.01 51.03
C VAL VA 271 -131.87 -0.08 49.52
N PHE VA 272 -131.06 -0.96 48.93
CA PHE VA 272 -131.01 -1.09 47.48
C PHE VA 272 -132.34 -1.58 46.96
N GLN VA 273 -132.97 -0.79 46.09
CA GLN VA 273 -134.27 -1.12 45.53
C GLN VA 273 -134.43 -0.38 44.22
N TYR VA 274 -134.84 -1.10 43.18
CA TYR VA 274 -134.93 -0.57 41.82
C TYR VA 274 -133.55 -0.13 41.32
N GLN VA 275 -132.49 -0.76 41.82
CA GLN VA 275 -131.13 -0.43 41.45
C GLN VA 275 -130.42 -1.67 40.96
N THR VA 276 -129.18 -1.49 40.52
CA THR VA 276 -128.34 -2.58 40.04
C THR VA 276 -127.14 -2.72 40.96
N ILE VA 277 -127.13 -3.78 41.75
CA ILE VA 277 -126.03 -4.05 42.66
C ILE VA 277 -124.94 -4.81 41.91
N THR VA 278 -123.72 -4.30 41.98
CA THR VA 278 -122.60 -4.84 41.21
C THR VA 278 -121.49 -5.31 42.15
N ILE VA 279 -121.04 -6.55 41.94
CA ILE VA 279 -119.89 -7.10 42.64
C ILE VA 279 -118.94 -7.68 41.60
N GLN VA 280 -117.67 -7.32 41.69
CA GLN VA 280 -116.64 -7.83 40.79
C GLN VA 280 -115.49 -8.39 41.61
N ILE VA 281 -115.38 -9.71 41.66
CA ILE VA 281 -114.30 -10.37 42.37
C ILE VA 281 -113.15 -10.58 41.40
N THR VA 282 -111.93 -10.29 41.85
CA THR VA 282 -110.77 -10.44 40.97
C THR VA 282 -109.58 -11.01 41.74
N PRO VA 283 -108.99 -12.09 41.26
CA PRO VA 283 -107.77 -12.63 41.87
C PRO VA 283 -106.54 -11.90 41.34
N ASN VA 284 -105.37 -12.36 41.78
CA ASN VA 284 -104.13 -11.78 41.29
C ASN VA 284 -103.83 -12.17 39.85
N ILE VA 285 -104.36 -13.30 39.39
CA ILE VA 285 -104.17 -13.74 38.02
C ILE VA 285 -105.42 -14.49 37.58
N GLY VA 286 -105.84 -14.25 36.34
CA GLY VA 286 -107.01 -14.90 35.79
C GLY VA 286 -108.15 -13.91 35.57
N SER VA 287 -109.20 -14.42 34.96
CA SER VA 287 -110.34 -13.58 34.63
C SER VA 287 -111.15 -13.27 35.88
N PRO VA 288 -111.52 -12.01 36.10
CA PRO VA 288 -112.34 -11.67 37.26
C PRO VA 288 -113.80 -12.05 37.06
N LEU VA 289 -114.46 -12.36 38.18
CA LEU VA 289 -115.87 -12.68 38.17
C LEU VA 289 -116.69 -11.45 38.54
N THR VA 290 -117.71 -11.16 37.74
CA THR VA 290 -118.57 -10.01 37.96
C THR VA 290 -120.00 -10.48 38.23
N ILE VA 291 -120.71 -9.75 39.08
CA ILE VA 291 -122.06 -10.09 39.48
C ILE VA 291 -122.91 -8.83 39.41
N SER VA 292 -123.91 -8.83 38.54
CA SER VA 292 -124.82 -7.70 38.38
C SER VA 292 -126.24 -8.21 38.41
N GLU VA 293 -126.99 -7.82 39.44
CA GLU VA 293 -128.37 -8.23 39.61
C GLU VA 293 -129.25 -7.02 39.86
N TYR VA 294 -130.52 -7.15 39.49
CA TYR VA 294 -131.50 -6.11 39.72
C TYR VA 294 -132.37 -6.47 40.91
N VAL VA 295 -132.55 -5.52 41.83
CA VAL VA 295 -133.29 -5.74 43.07
C VAL VA 295 -134.64 -5.05 42.94
N TYR VA 296 -135.70 -5.74 43.35
CA TYR VA 296 -137.06 -5.22 43.26
C TYR VA 296 -137.65 -4.93 44.63
N GLN VA 297 -137.70 -5.92 45.51
CA GLN VA 297 -138.33 -5.76 46.81
C GLN VA 297 -137.88 -6.87 47.75
N PRO VA 298 -137.39 -6.53 48.94
CA PRO VA 298 -136.98 -7.57 49.89
C PRO VA 298 -138.17 -8.09 50.68
N GLU VA 299 -138.13 -9.38 50.99
CA GLU VA 299 -139.18 -10.01 51.78
C GLU VA 299 -138.58 -11.12 52.64
N GLY VA 300 -139.24 -11.39 53.76
CA GLY VA 300 -138.84 -12.46 54.66
C GLY VA 300 -137.51 -12.27 55.34
N SER VA 301 -136.96 -11.05 55.35
CA SER VA 301 -135.69 -10.73 55.98
C SER VA 301 -134.53 -11.41 55.28
N VAL VA 302 -134.82 -12.23 54.28
CA VAL VA 302 -133.82 -12.83 53.41
C VAL VA 302 -134.45 -13.07 52.05
N SER VA 303 -133.86 -12.50 51.00
CA SER VA 303 -134.44 -12.51 49.67
C SER VA 303 -133.40 -12.95 48.65
N VAL VA 304 -133.79 -13.86 47.78
CA VAL VA 304 -132.93 -14.26 46.67
C VAL VA 304 -132.80 -13.09 45.70
N ILE VA 305 -131.61 -12.96 45.12
CA ILE VA 305 -131.26 -11.90 44.17
C ILE VA 305 -131.19 -10.54 44.86
N LEU WA 19 -58.65 -11.34 7.12
CA LEU WA 19 -59.56 -12.48 7.16
C LEU WA 19 -60.39 -12.48 8.43
N ALA WA 20 -61.68 -12.76 8.28
CA ALA WA 20 -62.61 -12.75 9.40
C ALA WA 20 -63.43 -14.01 9.56
N GLY WA 21 -63.38 -14.95 8.61
CA GLY WA 21 -64.10 -16.20 8.77
C GLY WA 21 -63.62 -17.01 9.95
N LEU WA 22 -62.34 -16.87 10.31
CA LEU WA 22 -61.83 -17.51 11.50
C LEU WA 22 -62.55 -17.00 12.75
N ASP WA 23 -63.13 -15.81 12.67
CA ASP WA 23 -63.91 -15.27 13.78
C ASP WA 23 -65.39 -15.57 13.64
N THR WA 24 -65.89 -15.69 12.40
CA THR WA 24 -67.32 -15.90 12.20
C THR WA 24 -67.77 -17.25 12.75
N ALA WA 25 -66.86 -18.22 12.82
CA ALA WA 25 -67.23 -19.54 13.32
C ALA WA 25 -67.67 -19.49 14.77
N ILE WA 26 -66.99 -18.68 15.59
CA ILE WA 26 -67.32 -18.63 17.01
C ILE WA 26 -68.72 -18.05 17.21
N ILE WA 27 -69.01 -16.93 16.54
CA ILE WA 27 -70.33 -16.32 16.67
C ILE WA 27 -71.39 -17.26 16.13
N LEU WA 28 -71.07 -17.96 15.04
CA LEU WA 28 -72.07 -18.79 14.37
C LEU WA 28 -72.52 -19.94 15.25
N ILE WA 29 -71.57 -20.68 15.82
CA ILE WA 29 -71.93 -21.83 16.67
C ILE WA 29 -72.75 -21.37 17.86
N ALA WA 30 -72.43 -20.20 18.42
CA ALA WA 30 -73.20 -19.69 19.55
C ALA WA 30 -74.62 -19.38 19.15
N PHE WA 31 -74.82 -18.83 17.95
CA PHE WA 31 -76.17 -18.52 17.49
C PHE WA 31 -77.01 -19.80 17.37
N ILE WA 32 -76.39 -20.88 16.90
CA ILE WA 32 -77.11 -22.13 16.72
C ILE WA 32 -77.61 -22.66 18.06
N ILE WA 33 -76.82 -22.49 19.11
CA ILE WA 33 -77.20 -23.00 20.42
C ILE WA 33 -78.41 -22.23 20.95
N THR WA 34 -78.39 -20.89 20.82
CA THR WA 34 -79.52 -20.10 21.27
C THR WA 34 -80.78 -20.46 20.50
N ALA WA 35 -80.64 -20.73 19.21
CA ALA WA 35 -81.80 -21.13 18.42
C ALA WA 35 -82.31 -22.50 18.86
N SER WA 36 -81.41 -23.45 19.03
CA SER WA 36 -81.81 -24.79 19.43
C SER WA 36 -82.54 -24.77 20.77
N VAL WA 37 -81.99 -24.04 21.75
CA VAL WA 37 -82.63 -23.97 23.06
C VAL WA 37 -84.02 -23.35 22.94
N LEU WA 38 -84.13 -22.26 22.18
CA LEU WA 38 -85.42 -21.63 21.97
C LEU WA 38 -86.35 -22.58 21.20
N ALA WA 39 -85.78 -23.40 20.33
CA ALA WA 39 -86.60 -24.29 19.51
C ALA WA 39 -87.39 -25.26 20.36
N TYR WA 40 -86.71 -26.07 21.16
CA TYR WA 40 -87.42 -27.11 21.89
C TYR WA 40 -88.22 -26.57 23.06
N VAL WA 41 -87.84 -25.43 23.63
CA VAL WA 41 -88.67 -24.83 24.67
C VAL WA 41 -90.03 -24.45 24.11
N ALA WA 42 -90.08 -24.09 22.83
CA ALA WA 42 -91.36 -23.87 22.18
C ALA WA 42 -92.14 -25.16 22.05
N ILE WA 43 -91.48 -26.24 21.62
CA ILE WA 43 -92.15 -27.53 21.50
C ILE WA 43 -92.62 -28.02 22.86
N ASN WA 44 -91.79 -27.82 23.89
CA ASN WA 44 -92.16 -28.23 25.23
C ASN WA 44 -93.42 -27.52 25.69
N MET WA 45 -93.46 -26.19 25.54
CA MET WA 45 -94.62 -25.43 25.98
C MET WA 45 -95.77 -25.55 24.98
N GLY WA 46 -95.44 -25.70 23.69
CA GLY WA 46 -96.48 -25.85 22.69
C GLY WA 46 -97.28 -27.12 22.87
N LEU WA 47 -96.60 -28.23 23.14
CA LEU WA 47 -97.29 -29.49 23.42
C LEU WA 47 -98.09 -29.38 24.72
N PHE WA 48 -97.56 -28.64 25.69
CA PHE WA 48 -98.24 -28.51 26.98
C PHE WA 48 -99.61 -27.86 26.82
N VAL WA 49 -99.65 -26.72 26.12
CA VAL WA 49 -100.91 -25.97 26.03
C VAL WA 49 -101.94 -26.75 25.22
N THR WA 50 -101.49 -27.50 24.21
CA THR WA 50 -102.42 -28.32 23.44
C THR WA 50 -102.90 -29.51 24.26
N GLN WA 51 -101.98 -30.21 24.93
CA GLN WA 51 -102.39 -31.30 25.82
C GLN WA 51 -103.29 -30.79 26.92
N LYS WA 52 -103.03 -29.59 27.43
CA LYS WA 52 -103.92 -28.99 28.41
C LYS WA 52 -105.28 -28.70 27.81
N ALA WA 53 -105.30 -28.17 26.59
CA ALA WA 53 -106.57 -27.84 25.94
C ALA WA 53 -107.38 -29.09 25.66
N LYS WA 54 -106.73 -30.17 25.21
CA LYS WA 54 -107.45 -31.42 24.96
C LYS WA 54 -108.10 -31.93 26.22
N SER WA 55 -107.41 -31.83 27.35
CA SER WA 55 -107.99 -32.25 28.62
C SER WA 55 -109.22 -31.41 28.95
N THR WA 56 -109.07 -30.09 28.95
CA THR WA 56 -110.14 -29.21 29.41
C THR WA 56 -111.41 -29.39 28.59
N ILE WA 57 -111.28 -29.43 27.26
CA ILE WA 57 -112.48 -29.58 26.43
C ILE WA 57 -113.11 -30.95 26.67
N ASN WA 58 -112.31 -31.95 27.00
CA ASN WA 58 -112.86 -33.25 27.39
C ASN WA 58 -113.61 -33.13 28.71
N LYS WA 59 -113.03 -32.42 29.68
CA LYS WA 59 -113.74 -32.14 30.92
C LYS WA 59 -114.99 -31.31 30.63
N GLY WA 60 -114.91 -30.39 29.68
CA GLY WA 60 -116.09 -29.68 29.23
C GLY WA 60 -117.13 -30.61 28.63
N GLU WA 61 -116.69 -31.59 27.84
CA GLU WA 61 -117.61 -32.62 27.36
C GLU WA 61 -118.17 -33.42 28.50
N GLU WA 62 -117.37 -33.66 29.54
CA GLU WA 62 -117.87 -34.34 30.74
C GLU WA 62 -118.96 -33.50 31.41
N THR WA 63 -118.70 -32.20 31.58
CA THR WA 63 -119.66 -31.33 32.26
C THR WA 63 -120.99 -31.26 31.49
N ALA WA 64 -120.93 -30.80 30.25
CA ALA WA 64 -122.15 -30.65 29.45
C ALA WA 64 -122.90 -31.96 29.29
N SER WA 65 -122.27 -33.10 29.56
CA SER WA 65 -122.95 -34.38 29.47
C SER WA 65 -123.66 -34.75 30.77
N THR WA 66 -122.92 -34.79 31.88
CA THR WA 66 -123.52 -35.19 33.14
C THR WA 66 -124.56 -34.18 33.58
N ALA WA 67 -125.65 -34.68 34.15
CA ALA WA 67 -126.75 -33.83 34.59
C ALA WA 67 -127.66 -34.60 35.54
N LEU WA 68 -128.01 -33.99 36.66
CA LEU WA 68 -128.91 -34.62 37.63
C LEU WA 68 -130.33 -34.19 37.33
N THR WA 69 -131.22 -35.17 37.15
CA THR WA 69 -132.64 -34.92 36.91
C THR WA 69 -133.46 -35.69 37.94
N LEU WA 70 -134.49 -35.05 38.45
CA LEU WA 70 -135.28 -35.65 39.52
C LEU WA 70 -136.21 -36.71 38.95
N SER WA 71 -136.16 -37.92 39.52
CA SER WA 71 -137.08 -38.99 39.20
C SER WA 71 -137.96 -39.27 40.40
N GLY WA 72 -139.27 -39.43 40.16
CA GLY WA 72 -140.21 -39.62 41.25
C GLY WA 72 -140.67 -38.30 41.82
N SER WA 73 -141.37 -38.40 42.95
CA SER WA 73 -141.87 -37.22 43.64
C SER WA 73 -140.97 -36.85 44.80
N VAL WA 74 -141.33 -35.77 45.49
CA VAL WA 74 -140.66 -35.33 46.70
C VAL WA 74 -141.58 -35.55 47.88
N LEU WA 75 -140.99 -35.90 49.02
CA LEU WA 75 -141.74 -36.23 50.22
C LEU WA 75 -141.37 -35.29 51.34
N TYR WA 76 -142.33 -35.01 52.22
CA TYR WA 76 -142.10 -34.13 53.36
C TYR WA 76 -143.08 -34.52 54.45
N ALA WA 77 -142.60 -35.24 55.46
CA ALA WA 77 -143.45 -35.81 56.49
C ALA WA 77 -143.37 -34.98 57.76
N VAL WA 78 -144.52 -34.77 58.39
CA VAL WA 78 -144.62 -34.03 59.65
C VAL WA 78 -145.59 -34.79 60.56
N ASN WA 79 -145.77 -34.27 61.76
CA ASN WA 79 -146.80 -34.78 62.67
C ASN WA 79 -148.13 -34.20 62.24
N TYR WA 80 -148.97 -35.03 61.64
CA TYR WA 80 -150.23 -34.55 61.09
C TYR WA 80 -151.17 -33.91 62.12
N PRO WA 81 -151.36 -34.47 63.32
CA PRO WA 81 -152.29 -33.82 64.26
C PRO WA 81 -151.89 -32.40 64.64
N SER WA 82 -150.66 -32.22 65.11
CA SER WA 82 -150.16 -30.92 65.56
C SER WA 82 -149.06 -30.48 64.59
N ASN WA 83 -149.42 -29.62 63.63
CA ASN WA 83 -148.50 -29.19 62.59
C ASN WA 83 -147.46 -28.23 63.17
N THR WA 84 -146.53 -28.80 63.94
CA THR WA 84 -145.46 -28.02 64.55
C THR WA 84 -144.06 -28.57 64.32
N ARG WA 85 -143.91 -29.87 64.03
CA ARG WA 85 -142.60 -30.48 63.90
C ARG WA 85 -142.46 -31.13 62.53
N SER WA 86 -141.36 -30.82 61.85
CA SER WA 86 -141.03 -31.43 60.58
C SER WA 86 -140.04 -32.58 60.80
N TYR WA 87 -140.29 -33.70 60.12
CA TYR WA 87 -139.51 -34.91 60.37
C TYR WA 87 -138.35 -35.06 59.40
N TRP WA 88 -138.63 -35.13 58.10
CA TRP WA 88 -137.58 -35.38 57.13
C TRP WA 88 -138.11 -35.03 55.73
N ILE WA 89 -137.21 -35.11 54.75
CA ILE WA 89 -137.52 -34.90 53.34
C ILE WA 89 -136.68 -35.87 52.53
N TYR WA 90 -137.32 -36.57 51.59
CA TYR WA 90 -136.68 -37.61 50.81
C TYR WA 90 -137.01 -37.42 49.34
N PHE WA 91 -135.98 -37.41 48.49
CA PHE WA 91 -136.18 -37.27 47.06
C PHE WA 91 -135.08 -38.03 46.33
N THR WA 92 -135.46 -38.69 45.24
CA THR WA 92 -134.54 -39.51 44.47
C THR WA 92 -133.98 -38.73 43.30
N VAL WA 93 -132.66 -38.79 43.13
CA VAL WA 93 -131.96 -38.09 42.06
C VAL WA 93 -131.32 -39.12 41.15
N SER WA 94 -131.59 -39.01 39.86
CA SER WA 94 -131.09 -39.96 38.88
C SER WA 94 -130.31 -39.20 37.80
N PRO WA 95 -129.17 -39.72 37.34
CA PRO WA 95 -128.44 -39.07 36.25
C PRO WA 95 -129.30 -38.90 35.00
N SER WA 96 -128.90 -37.97 34.13
CA SER WA 96 -129.71 -37.65 32.97
C SER WA 96 -129.87 -38.86 32.05
N SER WA 97 -128.78 -39.33 31.48
CA SER WA 97 -128.82 -40.46 30.56
C SER WA 97 -127.43 -41.08 30.52
N GLY WA 98 -127.18 -41.94 29.54
CA GLY WA 98 -125.89 -42.57 29.41
C GLY WA 98 -124.83 -41.59 28.93
N VAL WA 99 -124.47 -40.65 29.81
CA VAL WA 99 -123.53 -39.59 29.48
C VAL WA 99 -122.17 -39.80 30.15
N SER WA 100 -122.14 -39.82 31.48
CA SER WA 100 -120.91 -39.99 32.24
C SER WA 100 -121.27 -40.10 33.72
N SER WA 101 -120.38 -40.71 34.48
CA SER WA 101 -120.58 -40.84 35.92
C SER WA 101 -120.26 -39.52 36.61
N VAL WA 102 -121.02 -39.25 37.68
CA VAL WA 102 -120.87 -38.02 38.45
C VAL WA 102 -120.65 -38.40 39.91
N GLU WA 103 -119.75 -37.70 40.57
CA GLU WA 103 -119.46 -37.98 41.98
C GLU WA 103 -120.62 -37.55 42.86
N LEU WA 104 -121.03 -38.43 43.76
CA LEU WA 104 -122.00 -38.13 44.81
C LEU WA 104 -121.39 -38.34 46.18
N SER WA 105 -120.07 -38.27 46.28
CA SER WA 105 -119.39 -38.51 47.54
C SER WA 105 -119.56 -37.31 48.47
N PRO WA 106 -119.72 -37.55 49.77
CA PRO WA 106 -119.87 -36.43 50.72
C PRO WA 106 -118.62 -35.58 50.86
N SER WA 107 -117.59 -35.84 50.07
CA SER WA 107 -116.36 -35.05 50.12
C SER WA 107 -116.24 -34.05 48.98
N THR WA 108 -116.91 -34.30 47.84
CA THR WA 108 -116.76 -33.47 46.66
C THR WA 108 -118.11 -32.98 46.14
N THR WA 109 -119.05 -32.69 47.02
CA THR WA 109 -120.30 -32.06 46.61
C THR WA 109 -120.96 -31.42 47.83
N ALA WA 110 -122.05 -30.70 47.58
CA ALA WA 110 -122.78 -29.99 48.61
C ALA WA 110 -124.26 -30.03 48.30
N ILE WA 111 -125.07 -30.02 49.36
CA ILE WA 111 -126.52 -30.03 49.25
C ILE WA 111 -127.04 -28.86 50.08
N SER WA 112 -127.66 -27.88 49.41
CA SER WA 112 -128.09 -26.65 50.05
C SER WA 112 -129.62 -26.61 50.10
N PHE WA 113 -130.16 -26.31 51.27
CA PHE WA 113 -131.60 -26.23 51.50
C PHE WA 113 -131.91 -24.86 52.07
N THR WA 114 -132.75 -24.11 51.38
CA THR WA 114 -133.05 -22.73 51.78
C THR WA 114 -134.56 -22.51 51.83
N ALA WA 115 -134.96 -21.57 52.68
CA ALA WA 115 -136.36 -21.16 52.80
C ALA WA 115 -136.36 -19.69 53.20
N SER WA 116 -136.81 -18.83 52.28
CA SER WA 116 -136.71 -17.39 52.52
C SER WA 116 -137.71 -16.93 53.57
N ALA WA 117 -138.94 -17.43 53.53
CA ALA WA 117 -139.99 -16.94 54.42
C ALA WA 117 -139.62 -17.18 55.89
N GLU WA 118 -139.12 -18.37 56.21
CA GLU WA 118 -138.74 -18.64 57.60
C GLU WA 118 -137.48 -17.88 58.00
N GLY WA 119 -136.64 -17.50 57.03
CA GLY WA 119 -135.41 -16.84 57.34
C GLY WA 119 -134.25 -17.77 57.60
N ILE WA 120 -134.25 -18.96 57.02
CA ILE WA 120 -133.20 -19.96 57.23
C ILE WA 120 -132.41 -20.11 55.95
N SER WA 121 -131.13 -20.41 56.09
CA SER WA 121 -130.22 -20.56 54.95
C SER WA 121 -129.20 -21.64 55.29
N TYR WA 122 -129.34 -22.80 54.67
CA TYR WA 122 -128.42 -23.92 54.91
C TYR WA 122 -127.72 -24.29 53.61
N SER WA 123 -126.48 -24.77 53.75
CA SER WA 123 -125.68 -25.16 52.59
C SER WA 123 -124.73 -26.27 53.01
N ASN WA 124 -124.61 -27.27 52.13
CA ASN WA 124 -123.69 -28.40 52.31
C ASN WA 124 -124.00 -29.15 53.61
N ILE WA 125 -125.18 -29.75 53.63
CA ILE WA 125 -125.62 -30.57 54.75
C ILE WA 125 -125.48 -32.04 54.38
N TYR WA 126 -124.60 -32.33 53.42
CA TYR WA 126 -124.37 -33.69 52.94
C TYR WA 126 -123.12 -34.22 53.62
N GLU WA 127 -123.32 -34.96 54.72
CA GLU WA 127 -122.21 -35.38 55.57
C GLU WA 127 -121.81 -36.83 55.39
N TYR WA 128 -122.76 -37.75 55.29
CA TYR WA 128 -122.46 -39.17 55.23
C TYR WA 128 -123.07 -39.78 53.97
N THR WA 129 -122.65 -41.00 53.67
CA THR WA 129 -123.13 -41.73 52.50
C THR WA 129 -123.19 -43.21 52.83
N LEU WA 130 -123.88 -43.96 51.96
CA LEU WA 130 -123.99 -45.41 52.10
C LEU WA 130 -123.58 -46.17 50.85
N LEU WA 131 -123.19 -45.48 49.78
CA LEU WA 131 -122.76 -46.18 48.58
C LEU WA 131 -121.39 -46.84 48.75
N THR WA 132 -120.65 -46.48 49.81
CA THR WA 132 -119.32 -47.05 49.99
C THR WA 132 -119.35 -48.33 50.81
N VAL WA 133 -120.30 -48.47 51.72
CA VAL WA 133 -120.34 -49.62 52.62
C VAL WA 133 -120.90 -50.82 51.87
N SER WA 134 -120.11 -51.88 51.77
CA SER WA 134 -120.55 -53.08 51.09
C SER WA 134 -121.64 -53.78 51.91
N PRO WA 135 -122.61 -54.40 51.25
CA PRO WA 135 -123.70 -55.07 51.99
C PRO WA 135 -123.27 -56.30 52.76
N SER WA 136 -122.00 -56.69 52.70
CA SER WA 136 -121.55 -57.87 53.45
C SER WA 136 -121.67 -57.64 54.94
N GLU WA 137 -121.12 -56.52 55.44
CA GLU WA 137 -121.24 -56.22 56.86
C GLU WA 137 -122.63 -55.73 57.23
N LEU WA 138 -123.43 -55.31 56.25
CA LEU WA 138 -124.74 -54.73 56.57
C LEU WA 138 -125.76 -55.82 56.87
N ALA WA 139 -125.89 -56.81 55.99
CA ALA WA 139 -126.84 -57.89 56.21
C ALA WA 139 -126.39 -58.86 57.29
N ASN WA 140 -125.31 -58.55 58.02
CA ASN WA 140 -124.79 -59.43 59.05
C ASN WA 140 -125.80 -59.65 60.16
N GLN WA 141 -126.16 -58.59 60.88
CA GLN WA 141 -127.06 -58.75 62.02
C GLN WA 141 -127.93 -57.51 62.18
N VAL WA 142 -129.25 -57.71 62.08
CA VAL WA 142 -130.25 -56.78 62.57
C VAL WA 142 -131.56 -57.54 62.67
N TYR WA 143 -132.25 -57.41 63.80
CA TYR WA 143 -133.47 -58.20 64.01
C TYR WA 143 -134.21 -57.70 65.23
N ALA WA 144 -135.52 -57.59 65.11
CA ALA WA 144 -136.41 -57.39 66.25
C ALA WA 144 -137.16 -58.67 66.62
N ASN WA 145 -137.05 -59.72 65.82
CA ASN WA 145 -137.67 -61.00 66.10
C ASN WA 145 -136.67 -62.10 65.72
N GLY WA 146 -137.16 -63.33 65.64
CA GLY WA 146 -136.29 -64.45 65.31
C GLY WA 146 -135.70 -64.39 63.91
N GLN WA 147 -136.24 -63.54 63.04
CA GLN WA 147 -135.79 -63.45 61.66
C GLN WA 147 -134.76 -62.33 61.53
N TYR WA 148 -133.63 -62.65 60.88
CA TYR WA 148 -132.60 -61.66 60.58
C TYR WA 148 -132.92 -61.05 59.23
N LEU WA 149 -133.77 -60.03 59.23
CA LEU WA 149 -134.21 -59.42 57.98
C LEU WA 149 -133.04 -58.75 57.28
N ASP WA 150 -132.92 -59.01 55.97
CA ASP WA 150 -131.85 -58.45 55.16
C ASP WA 150 -132.29 -57.11 54.60
N LEU WA 151 -131.65 -56.03 55.05
CA LEU WA 151 -132.01 -54.71 54.57
C LEU WA 151 -131.68 -54.56 53.09
N VAL WA 152 -130.44 -54.87 52.71
CA VAL WA 152 -130.05 -54.79 51.32
C VAL WA 152 -130.75 -55.88 50.51
N ASN WA 153 -131.31 -55.50 49.37
CA ASN WA 153 -131.89 -56.44 48.41
C ASN WA 153 -131.04 -56.37 47.15
N GLN WA 154 -130.12 -57.32 47.01
CA GLN WA 154 -129.14 -57.31 45.93
C GLN WA 154 -129.49 -58.37 44.90
N GLN WA 155 -129.15 -58.08 43.64
CA GLN WA 155 -129.31 -59.00 42.53
C GLN WA 155 -128.01 -59.03 41.72
N THR WA 156 -127.99 -59.87 40.69
CA THR WA 156 -126.81 -60.00 39.87
C THR WA 156 -127.22 -60.30 38.43
N ASN WA 157 -126.36 -59.88 37.50
CA ASN WA 157 -126.59 -60.09 36.07
C ASN WA 157 -125.32 -59.71 35.32
N ALA WA 158 -125.04 -60.45 34.26
CA ALA WA 158 -123.89 -60.20 33.39
C ALA WA 158 -122.59 -60.17 34.20
N GLY WA 159 -122.51 -61.04 35.20
CA GLY WA 159 -121.34 -61.09 36.05
C GLY WA 159 -121.14 -59.88 36.94
N GLN WA 160 -122.16 -59.05 37.10
CA GLN WA 160 -122.08 -57.85 37.92
C GLN WA 160 -122.96 -58.03 39.15
N THR WA 161 -122.66 -57.22 40.17
CA THR WA 161 -123.38 -57.28 41.45
C THR WA 161 -124.09 -55.94 41.67
N TYR WA 162 -125.41 -55.96 41.58
CA TYR WA 162 -126.22 -54.77 41.80
C TYR WA 162 -126.83 -54.80 43.20
N VAL WA 163 -126.94 -53.63 43.80
CA VAL WA 163 -127.54 -53.48 45.13
C VAL WA 163 -128.50 -52.30 45.12
N TYR WA 164 -129.45 -52.34 46.06
CA TYR WA 164 -130.42 -51.27 46.21
C TYR WA 164 -131.17 -51.49 47.52
N TYR WA 165 -131.77 -50.41 48.02
CA TYR WA 165 -132.55 -50.54 49.25
C TYR WA 165 -134.04 -50.49 48.93
N PRO WA 166 -134.85 -51.31 49.60
CA PRO WA 166 -136.28 -51.36 49.27
C PRO WA 166 -137.02 -50.08 49.64
N ASN WA 167 -136.86 -49.62 50.87
CA ASN WA 167 -137.60 -48.47 51.37
C ASN WA 167 -136.66 -47.62 52.22
N PRO WA 168 -136.93 -46.32 52.31
CA PRO WA 168 -136.05 -45.44 53.09
C PRO WA 168 -135.93 -45.83 54.56
N TYR WA 169 -136.93 -46.52 55.11
CA TYR WA 169 -136.85 -46.92 56.51
C TYR WA 169 -135.72 -47.91 56.73
N TYR WA 170 -135.61 -48.92 55.85
CA TYR WA 170 -134.52 -49.88 55.97
C TYR WA 170 -133.17 -49.19 55.88
N ALA WA 171 -133.08 -48.12 55.09
CA ALA WA 171 -131.84 -47.36 55.01
C ALA WA 171 -131.49 -46.75 56.36
N LEU WA 172 -132.50 -46.25 57.07
CA LEU WA 172 -132.24 -45.61 58.36
C LEU WA 172 -131.58 -46.58 59.34
N LEU WA 173 -132.12 -47.79 59.46
CA LEU WA 173 -131.46 -48.80 60.29
C LEU WA 173 -130.09 -49.16 59.73
N ALA WA 174 -130.00 -49.31 58.40
CA ALA WA 174 -128.71 -49.57 57.78
C ALA WA 174 -127.73 -48.44 58.04
N LEU WA 175 -128.24 -47.21 58.10
CA LEU WA 175 -127.37 -46.07 58.41
C LEU WA 175 -127.00 -46.06 59.88
N ASN WA 176 -127.96 -46.36 60.75
CA ASN WA 176 -127.68 -46.37 62.19
C ASN WA 176 -126.62 -47.42 62.52
N TYR WA 177 -126.72 -48.59 61.90
CA TYR WA 177 -125.70 -49.62 62.10
C TYR WA 177 -124.37 -49.17 61.50
N THR WA 178 -124.42 -48.40 60.41
CA THR WA 178 -123.19 -47.97 59.76
C THR WA 178 -122.40 -47.02 60.64
N LEU WA 179 -123.07 -46.00 61.18
CA LEU WA 179 -122.36 -45.00 61.99
C LEU WA 179 -121.85 -45.59 63.28
N SER WA 180 -122.46 -46.68 63.76
CA SER WA 180 -122.06 -47.25 65.03
C SER WA 180 -120.88 -48.21 64.88
N LYS WA 181 -120.92 -49.08 63.88
CA LYS WA 181 -119.96 -50.16 63.74
C LYS WA 181 -118.95 -49.93 62.63
N ILE WA 182 -119.41 -49.55 61.43
CA ILE WA 182 -118.52 -49.46 60.28
C ILE WA 182 -117.46 -48.39 60.51
N ASP WA 183 -117.89 -47.14 60.63
CA ASP WA 183 -116.98 -46.04 60.91
C ASP WA 183 -117.05 -45.65 62.39
N LYS WA 184 -115.95 -45.16 62.92
CA LYS WA 184 -115.82 -44.85 64.33
C LYS WA 184 -115.78 -43.33 64.49
N VAL WA 185 -116.94 -42.74 64.74
CA VAL WA 185 -117.05 -41.31 65.01
C VAL WA 185 -117.39 -41.11 66.47
N SER WA 186 -116.86 -40.03 67.06
CA SER WA 186 -117.15 -39.76 68.47
C SER WA 186 -118.54 -39.17 68.66
N PRO WA 187 -118.99 -38.15 67.89
CA PRO WA 187 -120.37 -37.70 68.07
C PRO WA 187 -121.33 -38.49 67.19
N SER WA 188 -122.28 -39.18 67.81
CA SER WA 188 -123.28 -39.93 67.05
C SER WA 188 -124.35 -38.99 66.54
N PRO WA 189 -124.45 -38.77 65.23
CA PRO WA 189 -125.46 -37.84 64.72
C PRO WA 189 -126.84 -38.41 64.60
N LEU WA 190 -126.99 -39.73 64.51
CA LEU WA 190 -128.28 -40.38 64.44
C LEU WA 190 -128.33 -41.53 65.43
N TYR WA 191 -129.42 -41.61 66.20
CA TYR WA 191 -129.59 -42.65 67.20
C TYR WA 191 -130.97 -43.27 66.99
N ILE WA 192 -130.98 -44.51 66.49
CA ILE WA 192 -132.21 -45.24 66.22
C ILE WA 192 -132.28 -46.40 67.20
N THR WA 193 -133.27 -46.38 68.08
CA THR WA 193 -133.46 -47.42 69.08
C THR WA 193 -134.89 -47.92 69.02
N THR WA 194 -135.19 -48.90 69.89
CA THR WA 194 -136.52 -49.48 69.97
C THR WA 194 -137.10 -49.44 71.38
N THR WA 195 -136.37 -48.87 72.34
CA THR WA 195 -136.85 -48.81 73.71
C THR WA 195 -137.89 -47.71 73.87
N THR WA 196 -138.47 -47.64 75.07
CA THR WA 196 -139.42 -46.59 75.37
C THR WA 196 -138.72 -45.23 75.33
N PRO WA 197 -139.32 -44.23 74.65
CA PRO WA 197 -138.67 -42.91 74.58
C PRO WA 197 -138.33 -42.33 75.95
N SER WA 198 -139.22 -42.50 76.92
CA SER WA 198 -138.90 -42.04 78.28
C SER WA 198 -137.72 -42.81 78.84
N SER WA 199 -137.66 -44.12 78.59
CA SER WA 199 -136.56 -44.93 79.12
C SER WA 199 -135.22 -44.45 78.58
N ALA WA 200 -135.18 -44.07 77.29
CA ALA WA 200 -133.95 -43.57 76.71
C ALA WA 200 -133.50 -42.29 77.41
N THR WA 201 -134.45 -41.40 77.72
CA THR WA 201 -134.11 -40.17 78.42
C THR WA 201 -133.53 -40.46 79.79
N GLN WA 202 -134.07 -41.47 80.49
CA GLN WA 202 -133.57 -41.80 81.81
C GLN WA 202 -132.18 -42.40 81.74
N ILE WA 203 -131.94 -43.30 80.79
CA ILE WA 203 -130.64 -43.93 80.66
C ILE WA 203 -129.66 -43.07 79.89
N TYR WA 204 -130.14 -42.13 79.08
CA TYR WA 204 -129.28 -41.22 78.31
C TYR WA 204 -129.83 -39.81 78.45
N PRO WA 205 -129.18 -38.96 79.24
CA PRO WA 205 -129.72 -37.61 79.47
C PRO WA 205 -129.68 -36.72 78.24
N PHE WA 206 -128.52 -36.63 77.59
CA PHE WA 206 -128.33 -35.63 76.55
C PHE WA 206 -128.96 -36.01 75.21
N LEU WA 207 -129.49 -37.22 75.06
CA LEU WA 207 -130.24 -37.53 73.85
C LEU WA 207 -131.68 -37.04 73.90
N ALA WA 208 -132.07 -36.34 74.97
CA ALA WA 208 -133.42 -35.82 75.05
C ALA WA 208 -133.57 -34.48 74.31
N HIS WA 209 -132.48 -33.73 74.20
CA HIS WA 209 -132.56 -32.42 73.54
C HIS WA 209 -132.81 -32.56 72.04
N ASP WA 210 -132.54 -33.72 71.48
CA ASP WA 210 -132.65 -33.91 70.04
C ASP WA 210 -134.12 -34.00 69.62
N ASN WA 211 -134.36 -33.70 68.35
CA ASN WA 211 -135.69 -33.87 67.77
C ASN WA 211 -135.88 -35.33 67.34
N MET WA 212 -137.00 -35.91 67.71
CA MET WA 212 -137.25 -37.33 67.50
C MET WA 212 -138.46 -37.54 66.62
N PHE WA 213 -138.42 -38.62 65.83
CA PHE WA 213 -139.52 -39.01 64.97
C PHE WA 213 -139.61 -40.53 64.96
N THR WA 214 -140.84 -41.05 64.91
CA THR WA 214 -141.09 -42.46 65.08
C THR WA 214 -141.68 -43.06 63.81
N PHE WA 215 -141.44 -44.36 63.62
CA PHE WA 215 -142.10 -45.12 62.58
C PHE WA 215 -142.25 -46.55 63.04
N THR WA 216 -143.21 -47.25 62.44
CA THR WA 216 -143.52 -48.62 62.82
C THR WA 216 -143.31 -49.54 61.62
N LEU WA 217 -143.21 -50.83 61.90
CA LEU WA 217 -143.02 -51.84 60.87
C LEU WA 217 -143.65 -53.14 61.32
N ASN WA 218 -144.20 -53.89 60.35
CA ASN WA 218 -144.86 -55.16 60.61
C ASN WA 218 -143.93 -56.27 60.14
N ILE WA 219 -143.36 -57.01 61.09
CA ILE WA 219 -142.48 -58.14 60.79
C ILE WA 219 -142.95 -59.34 61.60
N SER WA 220 -142.89 -60.52 60.98
CA SER WA 220 -143.31 -61.77 61.61
C SER WA 220 -144.74 -61.69 62.13
N GLY WA 221 -145.57 -60.88 61.47
CA GLY WA 221 -146.95 -60.70 61.87
C GLY WA 221 -147.17 -59.68 62.96
N THR WA 222 -146.15 -59.34 63.74
CA THR WA 222 -146.27 -58.37 64.82
C THR WA 222 -145.68 -57.03 64.40
N LEU WA 223 -146.00 -56.00 65.19
CA LEU WA 223 -145.59 -54.64 64.91
C LEU WA 223 -144.48 -54.21 65.85
N VAL WA 224 -143.52 -53.46 65.33
CA VAL WA 224 -142.42 -52.93 66.11
C VAL WA 224 -142.24 -51.45 65.77
N THR WA 225 -142.07 -50.63 66.80
CA THR WA 225 -141.96 -49.19 66.65
C THR WA 225 -140.53 -48.76 66.97
N TYR WA 226 -139.88 -48.11 66.01
CA TYR WA 226 -138.52 -47.62 66.19
C TYR WA 226 -138.54 -46.13 66.53
N TYR WA 227 -137.46 -45.68 67.16
CA TYR WA 227 -137.33 -44.31 67.63
C TYR WA 227 -135.98 -43.77 67.19
N ALA WA 228 -135.99 -42.66 66.46
CA ALA WA 228 -134.78 -42.09 65.88
C ALA WA 228 -134.58 -40.68 66.41
N PHE WA 229 -133.40 -40.40 66.95
CA PHE WA 229 -133.03 -39.09 67.44
C PHE WA 229 -132.10 -38.40 66.46
N VAL WA 230 -132.22 -37.07 66.37
CA VAL WA 230 -131.40 -36.28 65.45
C VAL WA 230 -130.93 -35.04 66.19
N ASN WA 231 -129.61 -34.91 66.36
CA ASN WA 231 -129.03 -33.78 67.07
C ASN WA 231 -128.42 -32.75 66.12
N GLN WA 232 -128.52 -32.96 64.81
CA GLN WA 232 -127.94 -32.04 63.84
C GLN WA 232 -128.53 -32.34 62.48
N THR WA 233 -128.89 -31.29 61.74
CA THR WA 233 -129.40 -31.45 60.39
C THR WA 233 -128.31 -31.96 59.48
N PHE WA 234 -128.62 -33.00 58.69
CA PHE WA 234 -127.65 -33.60 57.80
C PHE WA 234 -128.40 -34.30 56.68
N ALA WA 235 -127.63 -34.84 55.72
CA ALA WA 235 -128.20 -35.56 54.60
C ALA WA 235 -127.27 -36.70 54.20
N PHE WA 236 -127.81 -37.61 53.40
CA PHE WA 236 -127.05 -38.77 52.96
C PHE WA 236 -127.67 -39.31 51.69
N THR WA 237 -126.95 -40.23 51.04
CA THR WA 237 -127.43 -40.89 49.84
C THR WA 237 -127.26 -42.40 49.99
N TYR WA 238 -128.05 -43.13 49.20
CA TYR WA 238 -128.02 -44.58 49.19
C TYR WA 238 -128.56 -45.07 47.84
N PRO WA 239 -127.96 -46.09 47.25
CA PRO WA 239 -128.41 -46.53 45.92
C PRO WA 239 -129.83 -47.06 45.97
N VAL WA 240 -130.58 -46.81 44.89
CA VAL WA 240 -131.98 -47.21 44.83
C VAL WA 240 -132.22 -48.09 43.61
N ALA WA 241 -131.42 -47.93 42.56
CA ALA WA 241 -131.65 -48.68 41.35
C ALA WA 241 -130.46 -48.56 40.42
N GLY WA 242 -130.19 -49.64 39.70
CA GLY WA 242 -129.21 -49.60 38.62
C GLY WA 242 -127.83 -49.14 39.03
N ASP WA 243 -127.35 -49.61 40.18
CA ASP WA 243 -126.02 -49.28 40.67
C ASP WA 243 -125.14 -50.51 40.62
N PRO WA 244 -124.52 -50.82 39.48
CA PRO WA 244 -123.65 -52.00 39.42
C PRO WA 244 -122.35 -51.82 40.17
N LEU WA 245 -121.92 -50.58 40.37
CA LEU WA 245 -120.60 -50.29 40.93
C LEU WA 245 -120.79 -49.85 42.37
N ILE WA 246 -120.86 -50.81 43.27
CA ILE WA 246 -121.06 -50.57 44.69
C ILE WA 246 -119.72 -50.41 45.38
N GLY WA 247 -119.66 -49.49 46.34
CA GLY WA 247 -118.47 -49.26 47.13
C GLY WA 247 -117.65 -48.07 46.70
N SER WA 248 -117.92 -47.50 45.52
CA SER WA 248 -117.14 -46.38 45.02
C SER WA 248 -117.82 -45.03 45.20
N ALA WA 249 -119.11 -45.01 45.50
CA ALA WA 249 -119.89 -43.78 45.64
C ALA WA 249 -119.83 -42.94 44.36
N ILE WA 250 -119.72 -43.60 43.22
CA ILE WA 250 -119.64 -42.93 41.93
C ILE WA 250 -120.93 -43.30 41.18
N ALA WA 251 -121.89 -42.39 41.19
CA ALA WA 251 -123.18 -42.65 40.58
C ALA WA 251 -123.02 -42.92 39.09
N PRO WA 252 -123.37 -44.11 38.61
CA PRO WA 252 -123.22 -44.40 37.18
C PRO WA 252 -124.40 -43.90 36.37
N ALA WA 253 -124.29 -44.00 35.04
CA ALA WA 253 -125.36 -43.53 34.18
C ALA WA 253 -126.57 -44.45 34.27
N GLY WA 254 -127.75 -43.86 34.09
CA GLY WA 254 -128.99 -44.61 34.09
C GLY WA 254 -129.44 -45.03 35.48
N SER WA 255 -128.59 -44.83 36.47
CA SER WA 255 -128.89 -45.24 37.83
C SER WA 255 -129.96 -44.34 38.42
N VAL WA 256 -130.39 -44.68 39.64
CA VAL WA 256 -131.33 -43.88 40.42
C VAL WA 256 -130.81 -43.84 41.85
N ILE WA 257 -130.29 -42.70 42.26
CA ILE WA 257 -129.78 -42.52 43.61
C ILE WA 257 -130.84 -41.86 44.48
N GLY WA 258 -130.90 -42.27 45.74
CA GLY WA 258 -131.79 -41.65 46.69
C GLY WA 258 -131.07 -40.65 47.57
N VAL WA 259 -131.81 -39.65 48.02
CA VAL WA 259 -131.29 -38.61 48.91
C VAL WA 259 -132.33 -38.33 49.99
N MET WA 260 -131.88 -38.33 51.24
CA MET WA 260 -132.77 -38.11 52.37
C MET WA 260 -132.12 -37.14 53.32
N ILE WA 261 -132.88 -36.13 53.75
CA ILE WA 261 -132.41 -35.11 54.68
C ILE WA 261 -133.22 -35.22 55.96
N LEU WA 262 -132.52 -35.26 57.09
CA LEU WA 262 -133.15 -35.32 58.41
C LEU WA 262 -133.00 -33.95 59.07
N PHE WA 263 -134.12 -33.34 59.44
CA PHE WA 263 -134.09 -32.05 60.09
C PHE WA 263 -133.54 -32.19 61.50
N GLY WA 264 -132.62 -31.30 61.87
CA GLY WA 264 -132.14 -31.24 63.22
C GLY WA 264 -133.16 -30.59 64.14
N PRO WA 265 -132.81 -30.49 65.43
CA PRO WA 265 -133.73 -29.84 66.37
C PRO WA 265 -133.89 -28.35 66.11
N ASP WA 266 -132.86 -27.70 65.56
CA ASP WA 266 -132.95 -26.28 65.28
C ASP WA 266 -133.93 -25.98 64.14
N LEU WA 267 -134.08 -26.92 63.21
CA LEU WA 267 -134.93 -26.71 62.05
C LEU WA 267 -136.30 -27.36 62.18
N GLY WA 268 -136.39 -28.48 62.90
CA GLY WA 268 -137.66 -29.16 63.07
C GLY WA 268 -138.68 -28.44 63.93
N SER WA 269 -138.32 -27.27 64.48
CA SER WA 269 -139.24 -26.51 65.32
C SER WA 269 -140.21 -25.65 64.50
N HIS WA 270 -140.14 -25.69 63.18
CA HIS WA 270 -141.02 -24.90 62.34
C HIS WA 270 -141.46 -25.72 61.13
N VAL WA 271 -142.71 -25.56 60.73
CA VAL WA 271 -143.23 -26.23 59.55
C VAL WA 271 -143.35 -25.20 58.43
N PHE WA 272 -143.27 -25.69 57.19
CA PHE WA 272 -143.34 -24.84 56.01
C PHE WA 272 -144.76 -24.84 55.48
N GLN WA 273 -145.39 -23.66 55.44
CA GLN WA 273 -146.75 -23.54 54.97
C GLN WA 273 -146.91 -22.21 54.26
N TYR WA 274 -147.47 -22.24 53.05
CA TYR WA 274 -147.54 -21.07 52.17
C TYR WA 274 -146.16 -20.48 51.93
N GLN WA 275 -145.17 -21.34 51.77
CA GLN WA 275 -143.79 -20.92 51.51
C GLN WA 275 -143.25 -21.65 50.29
N THR WA 276 -142.10 -21.18 49.82
CA THR WA 276 -141.38 -21.84 48.75
C THR WA 276 -140.15 -22.54 49.31
N ILE WA 277 -139.85 -23.70 48.76
CA ILE WA 277 -138.72 -24.52 49.21
C ILE WA 277 -137.80 -24.77 48.02
N THR WA 278 -136.50 -24.60 48.23
CA THR WA 278 -135.52 -24.74 47.17
C THR WA 278 -134.36 -25.58 47.68
N ILE WA 279 -134.15 -26.75 47.06
CA ILE WA 279 -133.02 -27.61 47.37
C ILE WA 279 -132.10 -27.62 46.17
N GLN WA 280 -130.80 -27.56 46.43
CA GLN WA 280 -129.81 -27.50 45.37
C GLN WA 280 -128.63 -28.40 45.71
N ILE WA 281 -128.34 -29.35 44.83
CA ILE WA 281 -127.17 -30.22 44.94
C ILE WA 281 -126.11 -29.72 43.98
N THR WA 282 -124.89 -29.55 44.48
CA THR WA 282 -123.79 -28.99 43.69
C THR WA 282 -122.66 -30.02 43.63
N PRO WA 283 -122.70 -30.93 42.67
CA PRO WA 283 -121.56 -31.83 42.46
C PRO WA 283 -120.32 -31.06 42.04
N ASN WA 284 -119.17 -31.70 42.21
CA ASN WA 284 -117.91 -31.04 41.89
C ASN WA 284 -117.82 -30.70 40.41
N ILE WA 285 -118.26 -31.63 39.55
CA ILE WA 285 -118.18 -31.47 38.11
C ILE WA 285 -119.58 -31.59 37.53
N GLY WA 286 -119.92 -30.70 36.60
CA GLY WA 286 -121.20 -30.75 35.94
C GLY WA 286 -122.16 -29.69 36.44
N SER WA 287 -123.30 -29.61 35.76
CA SER WA 287 -124.29 -28.60 36.10
C SER WA 287 -125.01 -28.97 37.40
N PRO WA 288 -125.09 -28.06 38.36
CA PRO WA 288 -125.81 -28.37 39.60
C PRO WA 288 -127.29 -28.54 39.35
N LEU WA 289 -127.94 -29.25 40.27
CA LEU WA 289 -129.37 -29.46 40.25
C LEU WA 289 -130.05 -28.54 41.26
N THR WA 290 -131.25 -28.08 40.93
CA THR WA 290 -132.03 -27.22 41.82
C THR WA 290 -133.50 -27.59 41.71
N ILE WA 291 -134.09 -27.94 42.85
CA ILE WA 291 -135.49 -28.33 42.93
C ILE WA 291 -136.22 -27.27 43.74
N SER WA 292 -137.31 -26.73 43.20
CA SER WA 292 -138.03 -25.63 43.83
C SER WA 292 -139.53 -25.90 43.79
N GLU WA 293 -140.15 -26.00 44.97
CA GLU WA 293 -141.59 -26.19 45.10
C GLU WA 293 -142.16 -25.11 46.00
N TYR WA 294 -143.50 -25.11 46.09
CA TYR WA 294 -144.23 -24.22 46.99
C TYR WA 294 -145.28 -25.07 47.70
N VAL WA 295 -145.06 -25.35 48.97
CA VAL WA 295 -145.93 -26.24 49.74
C VAL WA 295 -147.11 -25.43 50.27
N TYR WA 296 -148.27 -26.06 50.31
CA TYR WA 296 -149.50 -25.43 50.80
C TYR WA 296 -149.85 -25.86 52.22
N GLN WA 297 -150.01 -27.16 52.44
CA GLN WA 297 -150.38 -27.66 53.75
C GLN WA 297 -150.13 -29.16 53.77
N PRO WA 298 -149.71 -29.71 54.90
CA PRO WA 298 -149.52 -31.17 54.97
C PRO WA 298 -150.76 -31.89 55.49
N GLU WA 299 -151.02 -33.08 54.97
CA GLU WA 299 -152.13 -33.90 55.42
C GLU WA 299 -151.73 -35.37 55.35
N GLY WA 300 -152.29 -36.16 56.27
CA GLY WA 300 -151.97 -37.58 56.31
C GLY WA 300 -150.56 -37.90 56.73
N SER WA 301 -149.88 -36.96 57.40
CA SER WA 301 -148.52 -37.09 57.93
C SER WA 301 -147.46 -37.23 56.84
N VAL WA 302 -147.84 -37.27 55.56
CA VAL WA 302 -146.89 -37.31 54.46
C VAL WA 302 -147.39 -36.38 53.37
N SER WA 303 -146.48 -35.65 52.74
CA SER WA 303 -146.84 -34.72 51.68
C SER WA 303 -146.57 -35.38 50.32
N VAL WA 304 -146.81 -34.62 49.25
CA VAL WA 304 -146.55 -35.11 47.90
C VAL WA 304 -145.68 -34.16 47.08
N ILE WA 305 -145.62 -32.88 47.41
CA ILE WA 305 -144.81 -31.93 46.66
C ILE WA 305 -144.08 -31.00 47.61
N LEU XA 19 197.86 23.89 -25.63
CA LEU XA 19 197.13 23.54 -26.83
C LEU XA 19 195.63 23.44 -26.53
N ALA XA 20 194.81 24.06 -27.38
CA ALA XA 20 193.37 24.01 -27.24
C ALA XA 20 192.73 22.91 -28.06
N GLY XA 21 193.48 22.27 -28.96
CA GLY XA 21 192.94 21.20 -29.77
C GLY XA 21 192.52 19.99 -28.96
N LEU XA 22 193.50 19.36 -28.30
CA LEU XA 22 193.18 18.25 -27.42
C LEU XA 22 192.34 18.72 -26.24
N ASP XA 23 192.51 19.98 -25.84
CA ASP XA 23 191.82 20.50 -24.65
C ASP XA 23 190.31 20.36 -24.78
N THR XA 24 189.72 21.09 -25.73
CA THR XA 24 188.27 21.09 -25.85
C THR XA 24 187.75 19.74 -26.34
N ALA XA 25 188.61 18.94 -26.98
CA ALA XA 25 188.18 17.65 -27.48
C ALA XA 25 187.75 16.73 -26.35
N ILE XA 26 188.63 16.54 -25.36
CA ILE XA 26 188.31 15.65 -24.25
C ILE XA 26 187.25 16.26 -23.36
N ILE XA 27 187.24 17.59 -23.23
CA ILE XA 27 186.22 18.25 -22.43
C ILE XA 27 184.86 18.10 -23.10
N LEU XA 28 184.83 18.14 -24.43
CA LEU XA 28 183.57 17.97 -25.14
C LEU XA 28 182.96 16.61 -24.87
N ILE XA 29 183.74 15.54 -25.02
CA ILE XA 29 183.21 14.20 -24.82
C ILE XA 29 182.94 13.97 -23.33
N ALA XA 30 183.71 14.62 -22.46
CA ALA XA 30 183.43 14.53 -21.03
C ALA XA 30 182.03 15.07 -20.73
N PHE XA 31 181.60 16.08 -21.47
CA PHE XA 31 180.25 16.60 -21.29
C PHE XA 31 179.24 15.86 -22.15
N ILE XA 32 179.67 15.32 -23.28
CA ILE XA 32 178.76 14.55 -24.13
C ILE XA 32 178.31 13.28 -23.41
N ILE XA 33 179.27 12.55 -22.83
CA ILE XA 33 178.91 11.35 -22.08
C ILE XA 33 178.00 11.70 -20.90
N THR XA 34 178.23 12.87 -20.30
CA THR XA 34 177.32 13.35 -19.26
C THR XA 34 175.94 13.62 -19.83
N ALA XA 35 175.88 14.30 -20.98
CA ALA XA 35 174.59 14.63 -21.58
C ALA XA 35 173.84 13.38 -21.99
N SER XA 36 174.57 12.33 -22.37
CA SER XA 36 173.92 11.08 -22.77
C SER XA 36 173.13 10.48 -21.63
N VAL XA 37 173.77 10.33 -20.46
CA VAL XA 37 173.08 9.70 -19.33
C VAL XA 37 171.99 10.60 -18.79
N LEU XA 38 172.17 11.92 -18.89
CA LEU XA 38 171.11 12.83 -18.45
C LEU XA 38 169.88 12.68 -19.32
N ALA XA 39 170.06 12.65 -20.64
CA ALA XA 39 168.94 12.35 -21.53
C ALA XA 39 168.43 10.94 -21.27
N TYR XA 40 169.32 10.03 -20.88
CA TYR XA 40 168.92 8.65 -20.65
C TYR XA 40 167.94 8.54 -19.49
N VAL XA 41 168.35 9.01 -18.31
CA VAL XA 41 167.48 8.89 -17.15
C VAL XA 41 166.26 9.78 -17.28
N ALA XA 42 166.30 10.76 -18.18
CA ALA XA 42 165.15 11.63 -18.40
C ALA XA 42 164.00 10.88 -19.06
N ILE XA 43 164.28 10.21 -20.18
CA ILE XA 43 163.23 9.47 -20.86
C ILE XA 43 162.79 8.26 -20.05
N ASN XA 44 163.70 7.69 -19.25
CA ASN XA 44 163.32 6.60 -18.34
C ASN XA 44 162.19 7.04 -17.42
N MET XA 45 162.39 8.14 -16.69
CA MET XA 45 161.35 8.63 -15.80
C MET XA 45 160.09 8.97 -16.59
N GLY XA 46 160.25 9.54 -17.78
CA GLY XA 46 159.09 9.90 -18.57
C GLY XA 46 158.26 8.70 -18.98
N LEU XA 47 158.92 7.66 -19.48
CA LEU XA 47 158.20 6.52 -20.01
C LEU XA 47 157.48 5.77 -18.89
N PHE XA 48 158.06 5.73 -17.69
CA PHE XA 48 157.43 5.04 -16.58
C PHE XA 48 156.09 5.66 -16.21
N VAL XA 49 156.08 6.99 -16.03
CA VAL XA 49 154.88 7.66 -15.53
C VAL XA 49 153.70 7.45 -16.47
N THR XA 50 153.92 7.62 -17.77
CA THR XA 50 152.83 7.50 -18.72
C THR XA 50 152.15 6.14 -18.61
N GLN XA 51 152.94 5.08 -18.53
CA GLN XA 51 152.35 3.75 -18.37
C GLN XA 51 151.74 3.58 -16.99
N LYS XA 52 152.36 4.17 -15.97
CA LYS XA 52 151.78 4.12 -14.63
C LYS XA 52 150.48 4.93 -14.56
N ALA XA 53 150.47 6.12 -15.15
CA ALA XA 53 149.26 6.93 -15.16
C ALA XA 53 148.15 6.23 -15.95
N LYS XA 54 148.47 5.72 -17.14
CA LYS XA 54 147.46 5.03 -17.93
C LYS XA 54 146.89 3.85 -17.17
N SER XA 55 147.74 3.08 -16.49
CA SER XA 55 147.26 1.96 -15.71
C SER XA 55 146.29 2.43 -14.62
N THR XA 56 146.52 3.62 -14.08
CA THR XA 56 145.62 4.13 -13.05
C THR XA 56 144.34 4.68 -13.65
N ILE XA 57 144.42 5.27 -14.85
CA ILE XA 57 143.21 5.80 -15.48
C ILE XA 57 142.30 4.66 -15.92
N ASN XA 58 142.88 3.61 -16.51
CA ASN XA 58 142.08 2.43 -16.84
C ASN XA 58 141.55 1.79 -15.56
N LYS XA 59 142.36 1.80 -14.50
CA LYS XA 59 141.89 1.37 -13.19
C LYS XA 59 140.71 2.22 -12.73
N GLY XA 60 140.88 3.53 -12.71
CA GLY XA 60 139.81 4.43 -12.30
C GLY XA 60 138.61 4.40 -13.21
N GLU XA 61 138.73 3.79 -14.39
CA GLU XA 61 137.58 3.68 -15.28
C GLU XA 61 136.75 2.44 -14.96
N GLU XA 62 137.39 1.38 -14.47
CA GLU XA 62 136.67 0.15 -14.17
C GLU XA 62 135.81 0.28 -12.93
N THR XA 63 136.09 1.25 -12.07
CA THR XA 63 135.30 1.37 -10.84
C THR XA 63 133.98 2.08 -11.08
N ALA XA 64 133.91 2.91 -12.12
CA ALA XA 64 132.70 3.68 -12.40
C ALA XA 64 131.67 2.91 -13.21
N SER XA 65 131.85 1.60 -13.37
CA SER XA 65 130.92 0.83 -14.19
C SER XA 65 130.51 -0.48 -13.52
N THR XA 66 130.13 -0.43 -12.25
CA THR XA 66 129.65 -1.62 -11.56
C THR XA 66 128.13 -1.59 -11.39
N ALA XA 67 127.60 -0.56 -10.72
CA ALA XA 67 126.18 -0.22 -10.74
C ALA XA 67 125.30 -1.38 -10.27
N LEU XA 68 125.43 -1.68 -8.98
CA LEU XA 68 124.51 -2.60 -8.33
C LEU XA 68 123.21 -1.87 -7.98
N THR XA 69 122.11 -2.61 -8.00
CA THR XA 69 120.80 -2.02 -7.70
C THR XA 69 119.99 -3.02 -6.87
N LEU XA 70 118.70 -2.73 -6.74
CA LEU XA 70 117.77 -3.55 -5.95
C LEU XA 70 116.61 -3.96 -6.83
N SER XA 71 116.37 -5.27 -6.92
CA SER XA 71 115.22 -5.80 -7.62
C SER XA 71 114.33 -6.52 -6.62
N GLY XA 72 113.28 -7.17 -7.13
CA GLY XA 72 112.38 -7.91 -6.27
C GLY XA 72 111.72 -7.01 -5.24
N SER XA 73 111.44 -7.59 -4.07
CA SER XA 73 110.81 -6.87 -2.99
C SER XA 73 111.35 -7.37 -1.66
N VAL XA 74 111.19 -6.55 -0.63
CA VAL XA 74 111.66 -6.89 0.71
C VAL XA 74 110.54 -7.58 1.46
N LEU XA 75 110.83 -8.78 1.97
CA LEU XA 75 109.85 -9.59 2.66
C LEU XA 75 110.27 -9.75 4.11
N TYR XA 76 109.31 -9.62 5.01
CA TYR XA 76 109.57 -9.60 6.45
C TYR XA 76 108.63 -10.59 7.13
N ALA XA 77 109.20 -11.48 7.94
CA ALA XA 77 108.43 -12.53 8.59
C ALA XA 77 108.65 -12.46 10.10
N VAL XA 78 107.56 -12.44 10.85
CA VAL XA 78 107.60 -12.31 12.30
C VAL XA 78 106.50 -13.19 12.88
N ASN XA 79 106.71 -13.64 14.11
CA ASN XA 79 105.74 -14.48 14.79
C ASN XA 79 104.42 -13.71 14.96
N TYR XA 80 103.32 -14.30 14.47
CA TYR XA 80 102.09 -13.53 14.30
C TYR XA 80 101.38 -13.24 15.61
N PRO XA 81 100.99 -14.24 16.42
CA PRO XA 81 100.07 -13.94 17.54
C PRO XA 81 100.63 -12.92 18.53
N SER XA 82 101.81 -13.16 19.07
CA SER XA 82 102.50 -12.21 19.94
C SER XA 82 103.76 -11.80 19.21
N ASN XA 83 103.73 -10.63 18.57
CA ASN XA 83 104.89 -10.17 17.80
C ASN XA 83 105.99 -9.82 18.78
N THR XA 84 106.87 -10.79 19.05
CA THR XA 84 107.89 -10.62 20.07
C THR XA 84 109.26 -10.95 19.49
N ARG XA 85 109.30 -11.86 18.53
CA ARG XA 85 110.55 -12.29 17.91
C ARG XA 85 110.43 -12.22 16.39
N SER XA 86 111.35 -11.48 15.77
CA SER XA 86 111.46 -11.44 14.33
C SER XA 86 112.27 -12.63 13.83
N TYR XA 87 112.04 -13.01 12.58
CA TYR XA 87 112.62 -14.23 12.05
C TYR XA 87 113.70 -13.98 11.01
N TRP XA 88 113.40 -13.24 9.94
CA TRP XA 88 114.38 -13.04 8.87
C TRP XA 88 113.89 -11.93 7.96
N ILE XA 89 114.70 -11.62 6.94
CA ILE XA 89 114.38 -10.64 5.92
C ILE XA 89 114.94 -11.16 4.60
N TYR XA 90 114.13 -11.14 3.55
CA TYR XA 90 114.54 -11.67 2.26
C TYR XA 90 114.32 -10.60 1.20
N PHE XA 91 115.35 -10.35 0.39
CA PHE XA 91 115.26 -9.41 -0.72
C PHE XA 91 116.33 -9.78 -1.73
N THR XA 92 115.96 -9.84 -3.00
CA THR XA 92 116.93 -10.16 -4.02
C THR XA 92 117.70 -8.91 -4.44
N VAL XA 93 118.90 -9.13 -4.97
CA VAL XA 93 119.79 -8.05 -5.39
C VAL XA 93 120.42 -8.44 -6.72
N SER XA 94 120.31 -7.55 -7.70
CA SER XA 94 120.84 -7.76 -9.04
C SER XA 94 121.56 -6.50 -9.48
N PRO XA 95 122.53 -6.62 -10.38
CA PRO XA 95 123.12 -5.43 -10.98
C PRO XA 95 122.09 -4.62 -11.75
N SER XA 96 122.45 -3.38 -12.08
CA SER XA 96 121.53 -2.51 -12.80
C SER XA 96 121.19 -3.09 -14.16
N SER XA 97 122.18 -3.23 -15.03
CA SER XA 97 121.99 -3.72 -16.38
C SER XA 97 123.25 -4.46 -16.80
N GLY XA 98 123.36 -4.72 -18.09
CA GLY XA 98 124.52 -5.43 -18.60
C GLY XA 98 125.75 -4.56 -18.71
N VAL XA 99 126.32 -4.18 -17.57
CA VAL XA 99 127.52 -3.35 -17.57
C VAL XA 99 128.76 -4.21 -17.36
N SER XA 100 128.78 -5.02 -16.31
CA SER XA 100 129.91 -5.87 -15.97
C SER XA 100 129.53 -6.67 -14.73
N SER XA 101 130.38 -7.64 -14.40
CA SER XA 101 130.15 -8.45 -13.22
C SER XA 101 130.58 -7.72 -11.96
N VAL XA 102 129.94 -8.08 -10.84
CA VAL XA 102 130.29 -7.56 -9.54
C VAL XA 102 130.79 -8.72 -8.68
N GLU XA 103 131.40 -8.37 -7.55
CA GLU XA 103 131.97 -9.35 -6.63
C GLU XA 103 131.22 -9.27 -5.31
N LEU XA 104 130.87 -10.44 -4.76
CA LEU XA 104 130.12 -10.51 -3.52
C LEU XA 104 130.75 -11.49 -2.55
N SER XA 105 132.07 -11.64 -2.59
CA SER XA 105 132.77 -12.50 -1.64
C SER XA 105 132.60 -11.92 -0.23
N PRO XA 106 132.24 -12.73 0.75
CA PRO XA 106 131.93 -12.18 2.09
C PRO XA 106 133.12 -11.55 2.79
N SER XA 107 134.33 -11.75 2.30
CA SER XA 107 135.50 -11.16 2.95
C SER XA 107 135.55 -9.66 2.74
N THR XA 108 135.67 -9.23 1.48
CA THR XA 108 135.86 -7.83 1.16
C THR XA 108 134.56 -7.11 0.85
N THR XA 109 133.43 -7.67 1.22
CA THR XA 109 132.14 -7.02 1.09
C THR XA 109 131.61 -6.67 2.49
N ALA XA 110 130.49 -5.94 2.52
CA ALA XA 110 129.99 -5.43 3.79
C ALA XA 110 128.49 -5.19 3.67
N ILE XA 111 127.70 -5.88 4.49
CA ILE XA 111 126.26 -5.68 4.56
C ILE XA 111 125.94 -5.28 6.00
N SER XA 112 125.50 -4.04 6.18
CA SER XA 112 125.21 -3.50 7.51
C SER XA 112 123.71 -3.37 7.70
N PHE XA 113 123.24 -3.67 8.90
CA PHE XA 113 121.83 -3.60 9.24
C PHE XA 113 121.66 -2.65 10.42
N THR XA 114 120.89 -1.58 10.21
CA THR XA 114 120.68 -0.58 11.24
C THR XA 114 119.19 -0.29 11.41
N ALA XA 115 118.80 0.00 12.64
CA ALA XA 115 117.45 0.43 12.97
C ALA XA 115 117.57 1.42 14.13
N SER XA 116 117.61 2.71 13.78
CA SER XA 116 117.96 3.76 14.74
C SER XA 116 116.94 3.94 15.85
N ALA XA 117 115.83 3.21 15.84
CA ALA XA 117 114.83 3.37 16.89
C ALA XA 117 115.37 2.91 18.24
N GLU XA 118 115.88 1.68 18.30
CA GLU XA 118 116.36 1.09 19.54
C GLU XA 118 117.88 1.13 19.65
N GLY XA 119 118.56 1.80 18.72
CA GLY XA 119 120.00 1.85 18.75
C GLY XA 119 120.65 0.53 18.38
N ILE XA 120 120.30 0.03 17.20
CA ILE XA 120 120.78 -1.26 16.72
C ILE XA 120 121.59 -1.00 15.46
N SER XA 121 122.90 -0.86 15.60
CA SER XA 121 123.79 -0.60 14.47
C SER XA 121 124.71 -1.80 14.30
N TYR XA 122 124.36 -2.69 13.38
CA TYR XA 122 125.11 -3.90 13.11
C TYR XA 122 125.76 -3.77 11.74
N SER XA 123 127.08 -3.61 11.71
CA SER XA 123 127.81 -3.45 10.47
C SER XA 123 128.49 -4.75 10.07
N ASN XA 124 128.42 -5.07 8.78
CA ASN XA 124 129.04 -6.26 8.21
C ASN XA 124 128.54 -7.53 8.90
N ILE XA 125 127.26 -7.81 8.68
CA ILE XA 125 126.64 -9.03 9.17
C ILE XA 125 126.71 -10.07 8.06
N TYR XA 126 127.60 -9.86 7.11
CA TYR XA 126 127.75 -10.74 5.96
C TYR XA 126 128.95 -11.65 6.19
N GLU XA 127 128.68 -12.94 6.39
CA GLU XA 127 129.72 -13.91 6.73
C GLU XA 127 129.85 -15.03 5.72
N TYR XA 128 128.75 -15.65 5.31
CA TYR XA 128 128.79 -16.82 4.46
C TYR XA 128 128.00 -16.58 3.17
N THR XA 129 128.24 -17.45 2.19
CA THR XA 129 127.54 -17.38 0.91
C THR XA 129 127.55 -18.76 0.27
N LEU XA 130 126.51 -19.02 -0.53
CA LEU XA 130 126.38 -20.30 -1.23
C LEU XA 130 126.83 -20.22 -2.68
N LEU XA 131 127.56 -19.17 -3.05
CA LEU XA 131 127.97 -19.02 -4.44
C LEU XA 131 129.15 -19.90 -4.80
N THR XA 132 129.95 -20.33 -3.82
CA THR XA 132 131.09 -21.18 -4.08
C THR XA 132 130.77 -22.66 -3.93
N VAL XA 133 129.56 -23.00 -3.51
CA VAL XA 133 129.17 -24.39 -3.27
C VAL XA 133 128.77 -25.00 -4.61
N SER XA 134 129.64 -25.85 -5.15
CA SER XA 134 129.32 -26.55 -6.38
C SER XA 134 128.13 -27.48 -6.14
N PRO XA 135 127.27 -27.68 -7.15
CA PRO XA 135 126.02 -28.40 -6.89
C PRO XA 135 126.23 -29.87 -6.56
N SER XA 136 127.27 -30.51 -7.12
CA SER XA 136 127.45 -31.94 -6.92
C SER XA 136 127.61 -32.28 -5.44
N GLU XA 137 128.48 -31.56 -4.74
CA GLU XA 137 128.70 -31.83 -3.32
C GLU XA 137 127.47 -31.54 -2.48
N LEU XA 138 126.46 -30.87 -3.06
CA LEU XA 138 125.24 -30.54 -2.35
C LEU XA 138 124.05 -31.37 -2.82
N ALA XA 139 124.25 -32.28 -3.78
CA ALA XA 139 123.11 -32.87 -4.47
C ALA XA 139 122.43 -33.95 -3.63
N ASN XA 140 123.21 -34.85 -3.03
CA ASN XA 140 122.66 -36.09 -2.49
C ASN XA 140 122.44 -36.06 -0.98
N GLN XA 141 123.37 -35.50 -0.22
CA GLN XA 141 123.40 -35.70 1.22
C GLN XA 141 122.38 -34.80 1.93
N VAL XA 142 121.12 -34.90 1.50
CA VAL XA 142 119.99 -34.27 2.16
C VAL XA 142 118.84 -35.27 2.09
N TYR XA 143 118.47 -35.84 3.23
CA TYR XA 143 117.46 -36.90 3.28
C TYR XA 143 116.31 -36.43 4.17
N ALA XA 144 115.25 -35.92 3.53
CA ALA XA 144 114.06 -35.52 4.27
C ALA XA 144 113.20 -36.73 4.62
N ASN XA 145 112.72 -37.43 3.60
CA ASN XA 145 111.89 -38.61 3.80
C ASN XA 145 111.83 -39.38 2.50
N GLY XA 146 111.84 -40.70 2.59
CA GLY XA 146 111.71 -41.54 1.41
C GLY XA 146 112.94 -41.55 0.53
N GLN XA 147 113.39 -40.38 0.09
CA GLN XA 147 114.49 -40.30 -0.87
C GLN XA 147 115.35 -39.09 -0.56
N TYR XA 148 116.52 -39.06 -1.19
CA TYR XA 148 117.43 -37.92 -1.11
C TYR XA 148 116.94 -36.86 -2.10
N LEU XA 149 116.50 -35.72 -1.58
CA LEU XA 149 116.00 -34.64 -2.43
C LEU XA 149 117.11 -33.68 -2.78
N ASP XA 150 117.07 -33.17 -4.02
CA ASP XA 150 118.04 -32.20 -4.50
C ASP XA 150 117.57 -30.79 -4.17
N LEU XA 151 118.53 -29.91 -3.90
CA LEU XA 151 118.22 -28.55 -3.50
C LEU XA 151 118.47 -27.52 -4.59
N VAL XA 152 119.16 -27.89 -5.67
CA VAL XA 152 119.49 -26.96 -6.74
C VAL XA 152 118.96 -27.52 -8.06
N ASN XA 153 118.47 -26.62 -8.91
CA ASN XA 153 118.15 -26.94 -10.28
C ASN XA 153 119.18 -26.30 -11.20
N GLN XA 154 119.32 -26.87 -12.39
CA GLN XA 154 120.33 -26.39 -13.32
C GLN XA 154 119.89 -26.62 -14.76
N GLN XA 155 120.28 -25.69 -15.63
CA GLN XA 155 120.05 -25.81 -17.05
C GLN XA 155 121.35 -25.53 -17.80
N THR XA 156 121.45 -26.09 -18.99
CA THR XA 156 122.60 -25.89 -19.87
C THR XA 156 122.14 -25.12 -21.10
N ASN XA 157 122.60 -23.87 -21.21
CA ASN XA 157 122.18 -23.00 -22.31
C ASN XA 157 123.42 -22.40 -22.96
N ALA XA 158 123.53 -22.57 -24.28
CA ALA XA 158 124.62 -22.01 -25.07
C ALA XA 158 126.00 -22.45 -24.58
N GLY XA 159 126.08 -23.59 -23.90
CA GLY XA 159 127.33 -24.12 -23.41
C GLY XA 159 127.64 -23.79 -21.97
N GLN XA 160 127.23 -22.62 -21.49
CA GLN XA 160 127.47 -22.20 -20.11
C GLN XA 160 126.31 -22.69 -19.26
N THR XA 161 126.59 -23.63 -18.37
CA THR XA 161 125.54 -24.19 -17.52
C THR XA 161 125.17 -23.20 -16.43
N TYR XA 162 123.87 -23.03 -16.21
CA TYR XA 162 123.35 -22.16 -15.16
C TYR XA 162 122.85 -22.99 -13.99
N VAL XA 163 122.97 -22.44 -12.79
CA VAL XA 163 122.47 -23.08 -11.57
C VAL XA 163 121.83 -22.01 -10.71
N TYR XA 164 120.89 -22.46 -9.86
CA TYR XA 164 120.20 -21.56 -8.95
C TYR XA 164 119.46 -22.40 -7.92
N TYR XA 165 118.93 -21.71 -6.90
CA TYR XA 165 118.12 -22.33 -5.88
C TYR XA 165 116.68 -21.88 -6.06
N PRO XA 166 115.75 -22.77 -6.38
CA PRO XA 166 114.36 -22.36 -6.64
C PRO XA 166 113.54 -22.08 -5.39
N ASN XA 167 114.16 -21.96 -4.22
CA ASN XA 167 113.39 -21.76 -3.00
C ASN XA 167 114.31 -21.23 -1.91
N PRO XA 168 113.89 -20.23 -1.13
CA PRO XA 168 114.74 -19.79 -0.01
C PRO XA 168 114.95 -20.86 1.04
N TYR XA 169 114.00 -21.78 1.20
CA TYR XA 169 114.19 -22.88 2.14
C TYR XA 169 115.32 -23.80 1.67
N TYR XA 170 115.35 -24.12 0.38
CA TYR XA 170 116.45 -24.92 -0.17
C TYR XA 170 117.79 -24.24 0.08
N ALA XA 171 117.82 -22.91 0.04
CA ALA XA 171 119.04 -22.20 0.39
C ALA XA 171 119.42 -22.45 1.83
N LEU XA 172 118.43 -22.46 2.74
CA LEU XA 172 118.73 -22.71 4.14
C LEU XA 172 119.27 -24.11 4.36
N LEU XA 173 118.62 -25.12 3.77
CA LEU XA 173 119.10 -26.48 3.91
C LEU XA 173 120.50 -26.63 3.31
N ALA XA 174 120.81 -25.83 2.30
CA ALA XA 174 122.16 -25.84 1.76
C ALA XA 174 123.16 -25.27 2.74
N LEU XA 175 122.77 -24.21 3.45
CA LEU XA 175 123.71 -23.56 4.36
C LEU XA 175 124.01 -24.44 5.57
N ASN XA 176 123.00 -25.15 6.08
CA ASN XA 176 123.22 -25.98 7.26
C ASN XA 176 124.21 -27.10 6.97
N TYR XA 177 124.11 -27.71 5.79
CA TYR XA 177 125.00 -28.80 5.46
C TYR XA 177 126.41 -28.29 5.14
N THR XA 178 126.51 -27.18 4.42
CA THR XA 178 127.82 -26.67 4.03
C THR XA 178 128.63 -26.24 5.24
N LEU XA 179 127.99 -25.59 6.21
CA LEU XA 179 128.69 -25.20 7.43
C LEU XA 179 129.15 -26.42 8.21
N SER XA 180 128.35 -27.49 8.20
CA SER XA 180 128.68 -28.67 8.99
C SER XA 180 129.82 -29.46 8.36
N LYS XA 181 129.76 -29.67 7.05
CA LYS XA 181 130.70 -30.57 6.38
C LYS XA 181 131.56 -29.86 5.34
N ILE XA 182 130.97 -29.09 4.44
CA ILE XA 182 131.74 -28.51 3.34
C ILE XA 182 132.76 -27.50 3.88
N ASP XA 183 132.28 -26.46 4.53
CA ASP XA 183 133.14 -25.42 5.10
C ASP XA 183 133.48 -25.82 6.53
N LYS XA 184 134.75 -26.18 6.76
CA LYS XA 184 135.17 -26.64 8.08
C LYS XA 184 135.02 -25.52 9.09
N VAL XA 185 134.17 -25.75 10.11
CA VAL XA 185 134.02 -24.81 11.21
C VAL XA 185 133.44 -25.57 12.40
N SER XA 186 134.04 -25.39 13.57
CA SER XA 186 133.60 -26.16 14.73
C SER XA 186 132.32 -25.58 15.34
N PRO XA 187 132.20 -24.24 15.54
CA PRO XA 187 130.90 -23.72 15.97
C PRO XA 187 130.03 -23.36 14.78
N SER XA 188 128.82 -23.88 14.72
CA SER XA 188 127.98 -23.55 13.58
C SER XA 188 126.95 -22.52 14.00
N PRO XA 189 126.86 -21.39 13.29
CA PRO XA 189 125.84 -20.40 13.65
C PRO XA 189 124.43 -20.86 13.34
N LEU XA 190 124.25 -21.71 12.33
CA LEU XA 190 122.95 -22.22 11.94
C LEU XA 190 122.90 -23.72 12.19
N TYR XA 191 121.80 -24.18 12.77
CA TYR XA 191 121.61 -25.60 13.06
C TYR XA 191 120.18 -25.98 12.68
N ILE XA 192 120.02 -26.54 11.49
CA ILE XA 192 118.71 -26.99 11.02
C ILE XA 192 118.53 -28.45 11.39
N THR XA 193 117.40 -28.77 12.01
CA THR XA 193 117.13 -30.12 12.45
C THR XA 193 115.69 -30.50 12.11
N THR XA 194 115.42 -31.79 12.10
CA THR XA 194 114.10 -32.31 11.82
C THR XA 194 113.45 -33.00 13.02
N THR XA 195 114.17 -33.16 14.12
CA THR XA 195 113.62 -33.79 15.31
C THR XA 195 112.64 -32.85 16.00
N THR XA 196 112.02 -33.35 17.06
CA THR XA 196 111.17 -32.51 17.89
C THR XA 196 112.02 -31.41 18.52
N PRO XA 197 111.58 -30.15 18.46
CA PRO XA 197 112.43 -29.06 18.99
C PRO XA 197 112.78 -29.24 20.46
N SER XA 198 111.78 -29.46 21.31
CA SER XA 198 112.06 -29.65 22.73
C SER XA 198 112.98 -30.85 22.96
N SER XA 199 112.82 -31.90 22.16
CA SER XA 199 113.70 -33.05 22.26
C SER XA 199 115.15 -32.65 21.97
N ALA XA 200 115.35 -31.79 20.98
CA ALA XA 200 116.70 -31.36 20.62
C ALA XA 200 117.33 -30.58 21.77
N THR XA 201 116.53 -29.81 22.50
CA THR XA 201 117.06 -29.08 23.65
C THR XA 201 117.58 -30.04 24.71
N GLN XA 202 116.88 -31.15 24.93
CA GLN XA 202 117.32 -32.11 25.95
C GLN XA 202 118.64 -32.74 25.57
N ILE XA 203 118.89 -32.92 24.27
CA ILE XA 203 120.14 -33.53 23.80
C ILE XA 203 121.15 -32.50 23.34
N TYR XA 204 120.83 -31.22 23.43
CA TYR XA 204 121.77 -30.16 23.08
C TYR XA 204 121.61 -28.97 24.02
N PRO XA 205 122.59 -28.71 24.89
CA PRO XA 205 122.46 -27.59 25.82
C PRO XA 205 122.54 -26.24 25.14
N PHE XA 206 123.48 -26.08 24.20
CA PHE XA 206 123.68 -24.79 23.56
C PHE XA 206 122.53 -24.41 22.63
N LEU XA 207 121.51 -25.25 22.49
CA LEU XA 207 120.35 -24.94 21.66
C LEU XA 207 119.25 -24.24 22.46
N ALA XA 208 119.54 -23.84 23.70
CA ALA XA 208 118.55 -23.18 24.55
C ALA XA 208 118.60 -21.67 24.45
N HIS XA 209 119.60 -21.10 23.80
CA HIS XA 209 119.70 -19.65 23.66
C HIS XA 209 119.27 -19.16 22.29
N ASP XA 210 119.38 -19.99 21.27
CA ASP XA 210 119.09 -19.57 19.91
C ASP XA 210 117.61 -19.23 19.74
N ASN XA 211 117.29 -18.54 18.65
CA ASN XA 211 115.92 -18.24 18.27
C ASN XA 211 115.53 -19.10 17.07
N MET XA 212 114.36 -19.72 17.15
CA MET XA 212 113.94 -20.74 16.21
C MET XA 212 112.82 -20.24 15.32
N PHE XA 213 112.88 -20.63 14.06
CA PHE XA 213 111.81 -20.38 13.11
C PHE XA 213 111.60 -21.62 12.26
N THR XA 214 110.34 -21.97 12.03
CA THR XA 214 109.98 -23.22 11.38
C THR XA 214 109.56 -22.98 9.94
N PHE XA 215 109.70 -24.01 9.11
CA PHE XA 215 109.15 -24.04 7.77
C PHE XA 215 108.72 -25.47 7.45
N THR XA 216 108.09 -25.64 6.30
CA THR XA 216 107.47 -26.92 5.98
C THR XA 216 107.56 -27.15 4.48
N LEU XA 217 107.70 -28.42 4.10
CA LEU XA 217 107.77 -28.81 2.71
C LEU XA 217 106.82 -29.98 2.50
N ASN XA 218 106.90 -30.60 1.33
CA ASN XA 218 106.05 -31.75 1.01
C ASN XA 218 106.85 -32.67 0.12
N ILE XA 219 107.48 -33.69 0.70
CA ILE XA 219 108.30 -34.64 -0.03
C ILE XA 219 107.57 -35.98 -0.04
N SER XA 220 107.29 -36.48 -1.25
CA SER XA 220 106.62 -37.77 -1.42
C SER XA 220 105.28 -37.79 -0.68
N GLY XA 221 104.56 -36.68 -0.73
CA GLY XA 221 103.24 -36.56 -0.11
C GLY XA 221 103.23 -36.54 1.39
N THR XA 222 104.35 -36.85 2.05
CA THR XA 222 104.41 -36.84 3.50
C THR XA 222 104.88 -35.47 3.95
N LEU XA 223 104.01 -34.76 4.67
CA LEU XA 223 104.35 -33.43 5.15
C LEU XA 223 105.45 -33.52 6.19
N VAL XA 224 106.51 -32.74 6.02
CA VAL XA 224 107.66 -32.75 6.89
C VAL XA 224 107.82 -31.37 7.51
N THR XA 225 108.07 -31.34 8.81
CA THR XA 225 108.39 -30.12 9.52
C THR XA 225 109.90 -29.93 9.59
N TYR XA 226 110.32 -28.74 10.03
CA TYR XA 226 111.73 -28.44 10.14
C TYR XA 226 111.93 -27.38 11.20
N TYR XA 227 113.12 -27.38 11.80
CA TYR XA 227 113.43 -26.46 12.89
C TYR XA 227 114.85 -25.97 12.72
N ALA XA 228 115.01 -24.67 12.49
CA ALA XA 228 116.30 -24.04 12.28
C ALA XA 228 116.60 -23.10 13.44
N PHE XA 229 117.82 -23.15 13.94
CA PHE XA 229 118.25 -22.30 15.04
C PHE XA 229 119.47 -21.50 14.63
N VAL XA 230 119.52 -20.24 15.06
CA VAL XA 230 120.63 -19.35 14.79
C VAL XA 230 121.05 -18.68 16.09
N ASN XA 231 122.35 -18.53 16.30
CA ASN XA 231 122.87 -17.92 17.52
C ASN XA 231 123.49 -16.54 17.30
N GLN XA 232 123.57 -16.07 16.06
CA GLN XA 232 124.11 -14.75 15.79
C GLN XA 232 123.43 -14.19 14.55
N THR XA 233 123.23 -12.87 14.54
CA THR XA 233 122.58 -12.20 13.42
C THR XA 233 123.54 -12.14 12.24
N PHE XA 234 123.36 -13.02 11.28
CA PHE XA 234 124.20 -13.07 10.08
C PHE XA 234 123.31 -13.03 8.84
N ALA XA 235 123.96 -12.92 7.68
CA ALA XA 235 123.25 -12.76 6.42
C ALA XA 235 124.04 -13.44 5.32
N PHE XA 236 123.35 -14.18 4.45
CA PHE XA 236 123.99 -14.92 3.37
C PHE XA 236 123.28 -14.63 2.06
N THR XA 237 124.01 -14.80 0.96
CA THR XA 237 123.51 -14.57 -0.38
C THR XA 237 123.70 -15.82 -1.21
N TYR XA 238 122.63 -16.28 -1.86
CA TYR XA 238 122.68 -17.47 -2.68
C TYR XA 238 122.28 -17.14 -4.11
N PRO XA 239 122.73 -17.91 -5.08
CA PRO XA 239 122.32 -17.66 -6.47
C PRO XA 239 120.84 -17.99 -6.65
N VAL XA 240 120.17 -17.16 -7.44
CA VAL XA 240 118.73 -17.33 -7.64
C VAL XA 240 118.31 -17.33 -9.10
N ALA XA 241 119.10 -16.81 -10.04
CA ALA XA 241 118.70 -16.82 -11.44
C ALA XA 241 119.89 -16.43 -12.31
N GLY XA 242 120.07 -17.17 -13.40
CA GLY XA 242 121.06 -16.84 -14.41
C GLY XA 242 122.45 -16.51 -13.88
N ASP XA 243 123.07 -17.46 -13.19
CA ASP XA 243 124.40 -17.27 -12.62
C ASP XA 243 125.26 -18.47 -12.97
N PRO XA 244 125.83 -18.48 -14.18
CA PRO XA 244 126.69 -19.61 -14.58
C PRO XA 244 128.05 -19.60 -13.93
N LEU XA 245 128.42 -18.51 -13.26
CA LEU XA 245 129.74 -18.38 -12.63
C LEU XA 245 129.74 -19.03 -11.27
N ILE XA 246 129.32 -20.28 -11.19
CA ILE XA 246 129.19 -20.96 -9.90
C ILE XA 246 130.58 -21.34 -9.40
N GLY XA 247 130.79 -21.15 -8.10
CA GLY XA 247 132.10 -21.38 -7.50
C GLY XA 247 133.05 -20.21 -7.56
N SER XA 248 132.55 -19.00 -7.81
CA SER XA 248 133.39 -17.82 -7.93
C SER XA 248 132.92 -16.64 -7.09
N ALA XA 249 131.72 -16.69 -6.52
CA ALA XA 249 131.17 -15.58 -5.72
C ALA XA 249 131.16 -14.27 -6.50
N ILE XA 250 130.96 -14.36 -7.81
CA ILE XA 250 130.98 -13.19 -8.69
C ILE XA 250 129.66 -13.16 -9.45
N ALA XA 251 128.81 -12.21 -9.12
CA ALA XA 251 127.52 -12.07 -9.79
C ALA XA 251 127.71 -11.34 -11.12
N PRO XA 252 127.43 -11.98 -12.25
CA PRO XA 252 127.61 -11.30 -13.54
C PRO XA 252 126.54 -10.25 -13.76
N ALA XA 253 126.72 -9.48 -14.83
CA ALA XA 253 125.80 -8.40 -15.15
C ALA XA 253 124.44 -8.95 -15.55
N GLY XA 254 123.38 -8.27 -15.11
CA GLY XA 254 122.03 -8.71 -15.37
C GLY XA 254 121.56 -9.89 -14.57
N SER XA 255 122.48 -10.67 -14.00
CA SER XA 255 122.11 -11.83 -13.20
C SER XA 255 121.30 -11.41 -11.98
N VAL XA 256 120.58 -12.36 -11.41
CA VAL XA 256 119.79 -12.14 -10.20
C VAL XA 256 120.38 -12.99 -9.09
N ILE XA 257 120.56 -12.37 -7.93
CA ILE XA 257 121.22 -13.01 -6.79
C ILE XA 257 120.38 -12.75 -5.56
N GLY XA 258 119.92 -13.81 -4.90
CA GLY XA 258 119.12 -13.64 -3.71
C GLY XA 258 119.98 -13.25 -2.52
N VAL XA 259 119.36 -12.54 -1.58
CA VAL XA 259 120.01 -12.13 -0.34
C VAL XA 259 119.02 -12.35 0.80
N MET XA 260 119.52 -12.86 1.93
CA MET XA 260 118.66 -13.16 3.06
C MET XA 260 119.40 -12.87 4.35
N ILE XA 261 118.69 -12.25 5.29
CA ILE XA 261 119.23 -11.89 6.60
C ILE XA 261 118.47 -12.67 7.65
N LEU XA 262 119.21 -13.31 8.55
CA LEU XA 262 118.63 -14.10 9.63
C LEU XA 262 118.96 -13.46 10.97
N PHE XA 263 117.98 -13.42 11.85
CA PHE XA 263 118.12 -12.77 13.15
C PHE XA 263 118.47 -13.78 14.21
N GLY XA 264 119.52 -13.50 14.98
CA GLY XA 264 119.88 -14.33 16.10
C GLY XA 264 119.04 -14.02 17.32
N PRO XA 265 119.53 -14.37 18.50
CA PRO XA 265 118.78 -14.06 19.72
C PRO XA 265 118.88 -12.61 20.13
N ASP XA 266 120.01 -11.96 19.83
CA ASP XA 266 120.25 -10.60 20.30
C ASP XA 266 119.26 -9.62 19.68
N LEU XA 267 119.20 -9.59 18.35
CA LEU XA 267 118.34 -8.65 17.65
C LEU XA 267 116.92 -9.17 17.47
N GLY XA 268 116.73 -10.49 17.44
CA GLY XA 268 115.40 -11.04 17.24
C GLY XA 268 114.41 -10.69 18.33
N SER XA 269 114.89 -10.35 19.53
CA SER XA 269 113.99 -10.09 20.64
C SER XA 269 113.10 -8.87 20.43
N HIS XA 270 113.40 -8.05 19.42
CA HIS XA 270 112.62 -6.84 19.15
C HIS XA 270 111.85 -7.00 17.85
N VAL XA 271 110.84 -6.15 17.69
CA VAL XA 271 110.00 -6.14 16.49
C VAL XA 271 109.97 -4.72 15.96
N PHE XA 272 110.06 -4.60 14.63
CA PHE XA 272 110.20 -3.29 13.97
C PHE XA 272 108.81 -2.72 13.72
N GLN XA 273 108.32 -1.93 14.67
CA GLN XA 273 107.03 -1.26 14.56
C GLN XA 273 107.21 0.22 14.86
N TYR XA 274 106.75 1.06 13.93
CA TYR XA 274 106.92 2.51 14.04
C TYR XA 274 108.40 2.90 14.09
N GLN XA 275 109.20 2.20 13.30
CA GLN XA 275 110.64 2.42 13.21
C GLN XA 275 111.05 2.53 11.76
N THR XA 276 112.35 2.75 11.54
CA THR XA 276 112.94 2.78 10.22
C THR XA 276 114.16 1.86 10.21
N ILE XA 277 114.21 0.98 9.22
CA ILE XA 277 115.30 0.02 9.07
C ILE XA 277 116.10 0.40 7.84
N THR XA 278 117.42 0.31 7.93
CA THR XA 278 118.33 0.70 6.85
C THR XA 278 119.33 -0.43 6.63
N ILE XA 279 119.19 -1.13 5.52
CA ILE XA 279 120.14 -2.15 5.09
C ILE XA 279 121.07 -1.51 4.08
N GLN XA 280 122.35 -1.90 4.13
CA GLN XA 280 123.33 -1.29 3.24
C GLN XA 280 124.36 -2.33 2.83
N ILE XA 281 124.35 -2.69 1.56
CA ILE XA 281 125.42 -3.48 0.96
C ILE XA 281 126.53 -2.53 0.56
N THR XA 282 127.77 -3.00 0.64
CA THR XA 282 128.95 -2.17 0.33
C THR XA 282 130.04 -3.03 -0.25
N PRO XA 283 130.04 -3.23 -1.56
CA PRO XA 283 131.11 -4.00 -2.20
C PRO XA 283 132.43 -3.25 -2.15
N ASN XA 284 133.49 -3.94 -2.57
CA ASN XA 284 134.82 -3.36 -2.53
C ASN XA 284 134.95 -2.18 -3.49
N ILE XA 285 134.48 -2.35 -4.72
CA ILE XA 285 134.50 -1.29 -5.73
C ILE XA 285 133.08 -1.05 -6.19
N GLY XA 286 132.76 0.21 -6.45
CA GLY XA 286 131.47 0.55 -7.01
C GLY XA 286 130.50 1.14 -6.00
N SER XA 287 129.23 0.96 -6.31
CA SER XA 287 128.18 1.67 -5.61
C SER XA 287 127.76 0.93 -4.35
N PRO XA 288 127.73 1.59 -3.20
CA PRO XA 288 126.93 1.08 -2.08
C PRO XA 288 125.46 1.17 -2.41
N LEU XA 289 124.65 0.55 -1.54
CA LEU XA 289 123.21 0.49 -1.77
C LEU XA 289 122.49 0.57 -0.42
N THR XA 290 121.73 1.64 -0.22
CA THR XA 290 121.02 1.88 1.04
C THR XA 290 119.55 1.53 0.84
N ILE XA 291 119.10 0.47 1.51
CA ILE XA 291 117.70 0.07 1.48
C ILE XA 291 117.04 0.58 2.75
N SER XA 292 116.00 1.39 2.60
CA SER XA 292 115.30 1.98 3.73
C SER XA 292 113.79 1.85 3.53
N GLU XA 293 113.09 1.45 4.59
CA GLU XA 293 111.65 1.32 4.55
C GLU XA 293 111.06 1.84 5.87
N TYR XA 294 109.74 1.88 5.92
CA TYR XA 294 109.00 2.25 7.12
C TYR XA 294 107.95 1.20 7.39
N VAL XA 295 107.94 0.66 8.62
CA VAL XA 295 107.08 -0.47 8.95
C VAL XA 295 106.51 -0.29 10.35
N TYR XA 296 105.19 -0.48 10.49
CA TYR XA 296 104.57 -0.55 11.79
C TYR XA 296 103.56 -1.70 11.85
N GLN XA 297 103.08 -2.14 10.68
CA GLN XA 297 101.99 -3.12 10.60
C GLN XA 297 102.53 -4.46 10.13
N PRO XA 298 102.72 -5.43 11.03
CA PRO XA 298 103.20 -6.74 10.57
C PRO XA 298 102.15 -7.53 9.81
N GLU XA 299 100.88 -7.43 10.23
CA GLU XA 299 99.72 -8.02 9.55
C GLU XA 299 99.96 -9.47 9.12
N GLY XA 300 100.13 -10.33 10.13
CA GLY XA 300 100.18 -11.75 9.91
C GLY XA 300 101.45 -12.35 10.47
N SER XA 301 101.79 -13.54 9.98
CA SER XA 301 103.05 -14.19 10.31
C SER XA 301 104.15 -13.86 9.30
N VAL XA 302 103.81 -13.14 8.23
CA VAL XA 302 104.79 -12.65 7.27
C VAL XA 302 104.24 -11.35 6.70
N SER XA 303 105.12 -10.40 6.43
CA SER XA 303 104.73 -9.09 5.98
C SER XA 303 105.09 -8.91 4.50
N VAL XA 304 104.88 -7.70 4.00
CA VAL XA 304 105.07 -7.38 2.59
C VAL XA 304 106.20 -6.38 2.38
N ILE XA 305 106.50 -5.55 3.36
CA ILE XA 305 107.60 -4.60 3.24
C ILE XA 305 108.23 -4.39 4.62
N LEU YA 19 164.35 22.55 -25.43
CA LEU YA 19 163.30 23.39 -24.86
C LEU YA 19 162.05 22.57 -24.60
N ALA YA 20 160.98 23.26 -24.22
CA ALA YA 20 159.66 22.64 -24.07
C ALA YA 20 158.65 23.17 -25.07
N GLY YA 21 159.04 24.10 -25.94
CA GLY YA 21 158.10 24.62 -26.92
C GLY YA 21 157.66 23.57 -27.93
N LEU YA 22 158.61 22.73 -28.36
CA LEU YA 22 158.25 21.65 -29.27
C LEU YA 22 157.46 20.57 -28.56
N ASP YA 23 157.75 20.34 -27.28
CA ASP YA 23 157.02 19.33 -26.52
C ASP YA 23 155.57 19.75 -26.31
N THR YA 24 155.35 21.03 -25.99
CA THR YA 24 154.00 21.50 -25.75
C THR YA 24 153.15 21.42 -27.00
N ALA YA 25 153.73 21.79 -28.15
CA ALA YA 25 152.97 21.76 -29.39
C ALA YA 25 152.54 20.35 -29.76
N ILE YA 26 153.42 19.37 -29.54
CA ILE YA 26 153.08 17.98 -29.84
C ILE YA 26 151.95 17.51 -28.93
N ILE YA 27 152.03 17.83 -27.64
CA ILE YA 27 150.98 17.44 -26.72
C ILE YA 27 149.73 18.28 -26.96
N LEU YA 28 149.89 19.51 -27.45
CA LEU YA 28 148.73 20.34 -27.76
C LEU YA 28 147.88 19.69 -28.85
N ILE YA 29 148.53 19.20 -29.90
CA ILE YA 29 147.81 18.50 -30.96
C ILE YA 29 147.16 17.23 -30.41
N ALA YA 30 147.90 16.49 -29.58
CA ALA YA 30 147.40 15.21 -29.10
C ALA YA 30 146.16 15.39 -28.23
N PHE YA 31 146.16 16.42 -27.38
CA PHE YA 31 145.02 16.62 -26.50
C PHE YA 31 143.79 17.08 -27.27
N ILE YA 32 143.98 17.75 -28.40
CA ILE YA 32 142.85 18.23 -29.18
C ILE YA 32 142.20 17.09 -29.95
N ILE YA 33 143.02 16.17 -30.47
CA ILE YA 33 142.48 15.01 -31.17
C ILE YA 33 141.60 14.19 -30.24
N THR YA 34 142.01 14.05 -28.98
CA THR YA 34 141.19 13.33 -28.01
C THR YA 34 139.88 14.05 -27.76
N ALA YA 35 139.89 15.38 -27.77
CA ALA YA 35 138.66 16.13 -27.58
C ALA YA 35 137.81 16.13 -28.85
N SER YA 36 138.45 16.06 -30.01
CA SER YA 36 137.70 16.00 -31.26
C SER YA 36 136.97 14.68 -31.41
N VAL YA 37 137.56 13.59 -30.91
CA VAL YA 37 136.91 12.29 -30.99
C VAL YA 37 135.74 12.22 -30.00
N LEU YA 38 135.91 12.75 -28.81
CA LEU YA 38 134.83 12.73 -27.82
C LEU YA 38 133.63 13.51 -28.34
N ALA YA 39 133.87 14.67 -28.93
CA ALA YA 39 132.78 15.44 -29.52
C ALA YA 39 132.16 14.68 -30.67
N TYR YA 40 132.97 13.99 -31.46
CA TYR YA 40 132.50 13.24 -32.61
C TYR YA 40 131.52 12.14 -32.19
N VAL YA 41 131.76 11.55 -31.01
CA VAL YA 41 130.93 10.43 -30.58
C VAL YA 41 129.78 10.92 -29.71
N ALA YA 42 129.95 12.06 -29.05
CA ALA YA 42 128.88 12.58 -28.20
C ALA YA 42 127.71 13.06 -29.04
N ILE YA 43 128.00 13.72 -30.16
CA ILE YA 43 126.93 14.22 -31.01
C ILE YA 43 126.21 13.08 -31.69
N ASN YA 44 126.96 12.15 -32.28
CA ASN YA 44 126.35 11.02 -32.98
C ASN YA 44 125.46 10.22 -32.05
N MET YA 45 125.93 9.94 -30.84
CA MET YA 45 125.11 9.21 -29.88
C MET YA 45 124.03 10.10 -29.29
N GLY YA 46 124.25 11.41 -29.30
CA GLY YA 46 123.22 12.32 -28.86
C GLY YA 46 122.04 12.35 -29.80
N LEU YA 47 122.31 12.42 -31.11
CA LEU YA 47 121.24 12.44 -32.09
C LEU YA 47 120.46 11.13 -32.08
N PHE YA 48 121.17 10.01 -31.94
CA PHE YA 48 120.53 8.71 -32.00
C PHE YA 48 119.53 8.52 -30.86
N VAL YA 49 119.91 8.94 -29.66
CA VAL YA 49 119.04 8.75 -28.50
C VAL YA 49 117.79 9.61 -28.62
N THR YA 50 117.95 10.88 -29.01
CA THR YA 50 116.78 11.75 -29.12
C THR YA 50 115.87 11.30 -30.25
N GLN YA 51 116.43 10.76 -31.32
CA GLN YA 51 115.59 10.24 -32.39
C GLN YA 51 114.81 9.02 -31.93
N LYS YA 52 115.44 8.17 -31.10
CA LYS YA 52 114.71 7.06 -30.51
C LYS YA 52 113.66 7.55 -29.52
N ALA YA 53 113.94 8.67 -28.86
CA ALA YA 53 112.95 9.26 -27.97
C ALA YA 53 111.75 9.77 -28.75
N LYS YA 54 111.97 10.25 -29.97
CA LYS YA 54 110.87 10.73 -30.79
C LYS YA 54 109.91 9.61 -31.12
N SER YA 55 110.43 8.43 -31.42
CA SER YA 55 109.58 7.32 -31.82
C SER YA 55 108.72 6.83 -30.65
N THR YA 56 109.33 6.64 -29.48
CA THR YA 56 108.58 6.11 -28.35
C THR YA 56 107.53 7.08 -27.86
N ILE YA 57 107.72 8.38 -28.12
CA ILE YA 57 106.65 9.34 -27.89
C ILE YA 57 105.52 9.11 -28.88
N ASN YA 58 105.88 8.93 -30.16
CA ASN YA 58 104.87 8.70 -31.19
C ASN YA 58 104.16 7.37 -30.98
N LYS YA 59 104.87 6.36 -30.48
CA LYS YA 59 104.22 5.08 -30.22
C LYS YA 59 103.41 5.12 -28.94
N GLY YA 60 103.81 5.96 -27.99
CA GLY YA 60 103.04 6.11 -26.77
C GLY YA 60 101.68 6.76 -27.02
N GLU YA 61 101.66 7.83 -27.82
CA GLU YA 61 100.40 8.48 -28.12
C GLU YA 61 99.51 7.56 -28.97
N GLU YA 62 100.12 6.66 -29.73
CA GLU YA 62 99.33 5.70 -30.49
C GLU YA 62 98.64 4.71 -29.56
N THR YA 63 99.30 4.35 -28.45
CA THR YA 63 98.71 3.39 -27.52
C THR YA 63 97.51 3.99 -26.81
N ALA YA 64 97.67 5.19 -26.24
CA ALA YA 64 96.60 5.80 -25.47
C ALA YA 64 95.41 6.20 -26.33
N SER YA 65 95.56 6.19 -27.66
CA SER YA 65 94.47 6.63 -28.52
C SER YA 65 93.62 5.46 -28.98
N THR YA 66 94.22 4.50 -29.67
CA THR YA 66 93.45 3.44 -30.30
C THR YA 66 92.84 2.50 -29.26
N ALA YA 67 91.55 2.21 -29.43
CA ALA YA 67 90.82 1.29 -28.57
C ALA YA 67 89.49 0.96 -29.23
N LEU YA 68 89.10 -0.30 -29.17
CA LEU YA 68 87.84 -0.74 -29.76
C LEU YA 68 86.70 -0.61 -28.76
N THR YA 69 85.48 -0.79 -29.26
CA THR YA 69 84.31 -0.77 -28.39
C THR YA 69 83.26 -1.71 -28.94
N LEU YA 70 82.45 -2.26 -28.05
CA LEU YA 70 81.41 -3.20 -28.42
C LEU YA 70 80.19 -2.40 -28.87
N SER YA 71 80.08 -2.17 -30.17
CA SER YA 71 78.95 -1.47 -30.74
C SER YA 71 78.00 -2.48 -31.36
N GLY YA 72 76.86 -2.69 -30.72
CA GLY YA 72 75.92 -3.68 -31.19
C GLY YA 72 75.84 -4.87 -30.25
N SER YA 73 74.64 -5.40 -30.05
CA SER YA 73 74.44 -6.49 -29.12
C SER YA 73 75.16 -7.75 -29.59
N VAL YA 74 75.39 -8.65 -28.64
CA VAL YA 74 76.07 -9.91 -28.90
C VAL YA 74 75.01 -11.00 -29.02
N LEU YA 75 75.12 -11.82 -30.05
CA LEU YA 75 74.13 -12.86 -30.34
C LEU YA 75 74.67 -14.23 -29.97
N TYR YA 76 73.75 -15.19 -29.86
CA TYR YA 76 74.10 -16.55 -29.45
C TYR YA 76 73.14 -17.50 -30.15
N ALA YA 77 73.67 -18.38 -31.00
CA ALA YA 77 72.86 -19.27 -31.80
C ALA YA 77 72.83 -20.65 -31.13
N VAL YA 78 71.66 -21.02 -30.63
CA VAL YA 78 71.45 -22.30 -29.95
C VAL YA 78 70.21 -22.95 -30.54
N ASN YA 79 70.23 -24.28 -30.63
CA ASN YA 79 69.07 -25.02 -31.10
C ASN YA 79 67.97 -24.90 -30.06
N TYR YA 80 66.99 -24.06 -30.34
CA TYR YA 80 66.06 -23.61 -29.30
C TYR YA 80 65.22 -24.72 -28.67
N PRO YA 81 64.68 -25.70 -29.41
CA PRO YA 81 63.92 -26.77 -28.74
C PRO YA 81 64.73 -27.47 -27.66
N SER YA 82 65.89 -28.00 -28.02
CA SER YA 82 66.75 -28.72 -27.10
C SER YA 82 68.06 -27.96 -26.97
N ASN YA 83 68.24 -27.28 -25.84
CA ASN YA 83 69.45 -26.50 -25.59
C ASN YA 83 70.59 -27.47 -25.27
N THR YA 84 71.09 -28.10 -26.31
CA THR YA 84 72.18 -29.06 -26.18
C THR YA 84 73.45 -28.64 -26.89
N ARG YA 85 73.34 -27.96 -28.03
CA ARG YA 85 74.48 -27.53 -28.80
C ARG YA 85 74.55 -26.01 -28.82
N SER YA 86 75.69 -25.49 -29.29
CA SER YA 86 75.87 -24.08 -29.53
C SER YA 86 76.47 -23.90 -30.92
N TYR YA 87 75.94 -22.94 -31.68
CA TYR YA 87 76.29 -22.81 -33.09
C TYR YA 87 77.34 -21.73 -33.32
N TRP YA 88 77.06 -20.49 -32.93
CA TRP YA 88 78.02 -19.41 -33.14
C TRP YA 88 77.61 -18.21 -32.28
N ILE YA 89 78.54 -17.26 -32.18
CA ILE YA 89 78.31 -16.00 -31.48
C ILE YA 89 78.77 -14.88 -32.39
N TYR YA 90 77.95 -13.85 -32.52
CA TYR YA 90 78.23 -12.77 -33.48
C TYR YA 90 77.99 -11.43 -32.80
N PHE YA 91 79.03 -10.58 -32.81
CA PHE YA 91 78.94 -9.23 -32.28
C PHE YA 91 79.79 -8.32 -33.15
N THR YA 92 79.42 -7.05 -33.18
CA THR YA 92 80.09 -6.05 -34.01
C THR YA 92 80.95 -5.13 -33.13
N VAL YA 93 82.09 -4.73 -33.68
CA VAL YA 93 83.08 -3.95 -32.95
C VAL YA 93 83.53 -2.79 -33.83
N SER YA 94 83.67 -1.62 -33.24
CA SER YA 94 84.10 -0.42 -33.94
C SER YA 94 85.08 0.32 -33.05
N PRO YA 95 85.93 1.18 -33.62
CA PRO YA 95 86.81 2.01 -32.80
C PRO YA 95 86.01 2.83 -31.79
N SER YA 96 86.56 2.94 -30.58
CA SER YA 96 85.82 3.52 -29.46
C SER YA 96 85.34 4.93 -29.80
N SER YA 97 86.27 5.85 -29.95
CA SER YA 97 86.01 7.15 -30.55
C SER YA 97 86.89 7.28 -31.77
N GLY YA 98 86.36 7.88 -32.83
CA GLY YA 98 87.05 7.83 -34.09
C GLY YA 98 88.31 8.68 -34.11
N VAL YA 99 89.23 8.40 -33.20
CA VAL YA 99 90.46 9.17 -33.11
C VAL YA 99 91.58 8.52 -33.93
N SER YA 100 91.58 7.20 -34.06
CA SER YA 100 92.61 6.51 -34.81
C SER YA 100 92.13 5.10 -35.14
N SER YA 101 92.77 4.50 -36.13
CA SER YA 101 92.40 3.17 -36.60
C SER YA 101 93.24 2.10 -35.90
N VAL YA 102 92.68 0.90 -35.83
CA VAL YA 102 93.36 -0.25 -35.23
C VAL YA 102 93.64 -1.27 -36.31
N GLU YA 103 94.70 -2.06 -36.11
CA GLU YA 103 95.03 -3.14 -37.02
C GLU YA 103 94.38 -4.42 -36.52
N LEU YA 104 93.75 -5.16 -37.44
CA LEU YA 104 93.07 -6.40 -37.10
C LEU YA 104 93.58 -7.55 -37.94
N SER YA 105 94.85 -7.51 -38.34
CA SER YA 105 95.43 -8.58 -39.11
C SER YA 105 95.41 -9.86 -38.27
N PRO YA 106 94.90 -10.97 -38.80
CA PRO YA 106 94.72 -12.16 -37.95
C PRO YA 106 96.02 -12.76 -37.48
N SER YA 107 97.14 -12.42 -38.09
CA SER YA 107 98.42 -12.97 -37.67
C SER YA 107 99.01 -12.24 -36.48
N THR YA 108 98.56 -11.02 -36.19
CA THR YA 108 99.14 -10.20 -35.13
C THR YA 108 98.07 -9.70 -34.18
N THR YA 109 97.19 -10.59 -33.74
CA THR YA 109 96.24 -10.28 -32.68
C THR YA 109 95.68 -11.58 -32.13
N ALA YA 110 94.99 -11.49 -31.01
CA ALA YA 110 94.47 -12.67 -30.34
C ALA YA 110 93.05 -12.43 -29.87
N ILE YA 111 92.21 -13.46 -29.99
CA ILE YA 111 90.85 -13.45 -29.48
C ILE YA 111 90.74 -14.62 -28.50
N SER YA 112 90.58 -14.30 -27.22
CA SER YA 112 90.58 -15.29 -26.16
C SER YA 112 89.18 -15.44 -25.60
N PHE YA 113 88.73 -16.68 -25.51
CA PHE YA 113 87.40 -17.03 -25.02
C PHE YA 113 87.52 -17.91 -23.79
N THR YA 114 86.66 -17.68 -22.81
CA THR YA 114 86.68 -18.48 -21.60
C THR YA 114 85.28 -18.56 -21.01
N ALA YA 115 84.92 -19.73 -20.50
CA ALA YA 115 83.64 -19.97 -19.86
C ALA YA 115 83.89 -20.50 -18.46
N SER YA 116 83.26 -19.88 -17.47
CA SER YA 116 83.56 -20.19 -16.08
C SER YA 116 83.22 -21.63 -15.72
N ALA YA 117 81.92 -21.97 -15.72
CA ALA YA 117 81.48 -23.21 -15.10
C ALA YA 117 82.14 -24.43 -15.75
N GLU YA 118 82.28 -24.42 -17.07
CA GLU YA 118 82.96 -25.52 -17.73
C GLU YA 118 84.47 -25.46 -17.57
N GLY YA 119 85.02 -24.35 -17.10
CA GLY YA 119 86.45 -24.21 -16.93
C GLY YA 119 87.24 -24.09 -18.21
N ILE YA 120 86.59 -24.20 -19.37
CA ILE YA 120 87.30 -24.07 -20.63
C ILE YA 120 87.85 -22.66 -20.78
N SER YA 121 89.00 -22.56 -21.44
CA SER YA 121 89.62 -21.26 -21.69
C SER YA 121 90.44 -21.36 -22.96
N TYR YA 122 90.21 -20.43 -23.88
CA TYR YA 122 90.89 -20.42 -25.17
C TYR YA 122 91.79 -19.20 -25.27
N SER YA 123 92.66 -19.22 -26.27
CA SER YA 123 93.58 -18.11 -26.51
C SER YA 123 93.87 -18.03 -28.00
N ASN YA 124 93.57 -16.89 -28.61
CA ASN YA 124 93.85 -16.61 -30.01
C ASN YA 124 93.18 -17.63 -30.93
N ILE YA 125 91.85 -17.57 -30.93
CA ILE YA 125 91.06 -18.39 -31.83
C ILE YA 125 90.83 -17.63 -33.13
N TYR YA 126 91.50 -16.48 -33.28
CA TYR YA 126 91.38 -15.67 -34.48
C TYR YA 126 92.27 -16.25 -35.57
N GLU YA 127 91.66 -16.68 -36.67
CA GLU YA 127 92.39 -17.41 -37.70
C GLU YA 127 92.27 -16.82 -39.10
N TYR YA 128 91.16 -16.19 -39.45
CA TYR YA 128 90.98 -15.68 -40.80
C TYR YA 128 90.23 -14.37 -40.76
N THR YA 129 90.22 -13.67 -41.89
CA THR YA 129 89.53 -12.40 -42.02
C THR YA 129 89.10 -12.21 -43.47
N LEU YA 130 88.01 -11.48 -43.67
CA LEU YA 130 87.52 -11.14 -44.99
C LEU YA 130 87.87 -9.72 -45.39
N LEU YA 131 88.54 -8.97 -44.53
CA LEU YA 131 88.95 -7.61 -44.84
C LEU YA 131 90.09 -7.55 -45.84
N THR YA 132 90.52 -8.68 -46.41
CA THR YA 132 91.59 -8.69 -47.38
C THR YA 132 91.18 -9.20 -48.75
N VAL YA 133 90.10 -9.95 -48.86
CA VAL YA 133 89.65 -10.45 -50.16
C VAL YA 133 88.96 -9.32 -50.91
N SER YA 134 89.39 -9.09 -52.14
CA SER YA 134 88.81 -8.04 -52.95
C SER YA 134 87.43 -8.44 -53.45
N PRO YA 135 86.52 -7.47 -53.63
CA PRO YA 135 85.19 -7.79 -54.16
C PRO YA 135 85.18 -8.17 -55.63
N SER YA 136 86.34 -8.28 -56.27
CA SER YA 136 86.38 -8.62 -57.68
C SER YA 136 86.33 -10.13 -57.91
N GLU YA 137 86.75 -10.92 -56.92
CA GLU YA 137 86.78 -12.37 -57.08
C GLU YA 137 85.44 -13.00 -56.75
N LEU YA 138 84.94 -12.76 -55.54
CA LEU YA 138 83.72 -13.40 -55.07
C LEU YA 138 82.48 -12.99 -55.85
N ALA YA 139 82.60 -12.06 -56.79
CA ALA YA 139 81.42 -11.51 -57.45
C ALA YA 139 80.77 -12.48 -58.44
N ASN YA 140 81.44 -13.56 -58.80
CA ASN YA 140 80.86 -14.44 -59.81
C ASN YA 140 80.85 -15.90 -59.42
N GLN YA 141 81.79 -16.35 -58.58
CA GLN YA 141 82.03 -17.77 -58.36
C GLN YA 141 81.22 -18.28 -57.17
N VAL YA 142 79.90 -18.15 -57.27
CA VAL YA 142 78.98 -18.82 -56.36
C VAL YA 142 77.57 -18.77 -56.95
N TYR YA 143 76.84 -19.87 -56.84
CA TYR YA 143 75.46 -19.91 -57.34
C TYR YA 143 74.81 -21.21 -56.89
N ALA YA 144 73.47 -21.17 -56.84
CA ALA YA 144 72.68 -22.36 -56.56
C ALA YA 144 71.49 -22.51 -57.49
N ASN YA 145 71.22 -21.53 -58.33
CA ASN YA 145 70.13 -21.57 -59.30
C ASN YA 145 70.58 -20.80 -60.53
N GLY YA 146 69.62 -20.41 -61.38
CA GLY YA 146 69.95 -19.72 -62.61
C GLY YA 146 70.70 -18.42 -62.44
N GLN YA 147 70.92 -17.99 -61.20
CA GLN YA 147 71.57 -16.71 -60.92
C GLN YA 147 72.80 -16.92 -60.04
N TYR YA 148 73.88 -16.22 -60.37
CA TYR YA 148 75.05 -16.15 -59.52
C TYR YA 148 74.82 -15.06 -58.48
N LEU YA 149 74.53 -15.44 -57.25
CA LEU YA 149 74.21 -14.45 -56.23
C LEU YA 149 75.45 -13.64 -55.87
N ASP YA 150 75.21 -12.41 -55.45
CA ASP YA 150 76.26 -11.47 -55.07
C ASP YA 150 76.28 -11.29 -53.56
N LEU YA 151 77.48 -11.31 -52.99
CA LEU YA 151 77.65 -11.27 -51.54
C LEU YA 151 77.99 -9.88 -51.03
N VAL YA 152 78.99 -9.23 -51.62
CA VAL YA 152 79.37 -7.90 -51.17
C VAL YA 152 78.38 -6.87 -51.70
N ASN YA 153 78.32 -5.73 -51.03
CA ASN YA 153 77.50 -4.60 -51.45
C ASN YA 153 78.38 -3.36 -51.43
N GLN YA 154 78.63 -2.78 -52.60
CA GLN YA 154 79.61 -1.71 -52.75
C GLN YA 154 78.94 -0.48 -53.33
N GLN YA 155 79.07 0.64 -52.61
CA GLN YA 155 78.65 1.95 -53.12
C GLN YA 155 79.80 2.92 -52.95
N THR YA 156 79.87 3.89 -53.86
CA THR YA 156 80.99 4.80 -53.93
C THR YA 156 80.53 6.24 -53.77
N ASN YA 157 81.42 7.06 -53.23
CA ASN YA 157 81.22 8.50 -53.13
C ASN YA 157 82.55 9.12 -52.73
N ALA YA 158 82.77 10.35 -53.22
CA ALA YA 158 84.00 11.10 -52.94
C ALA YA 158 85.24 10.35 -53.40
N GLY YA 159 85.10 9.49 -54.40
CA GLY YA 159 86.23 8.79 -54.98
C GLY YA 159 86.63 7.52 -54.27
N GLN YA 160 85.99 7.18 -53.16
CA GLN YA 160 86.32 5.99 -52.40
C GLN YA 160 85.15 5.02 -52.42
N THR YA 161 85.44 3.74 -52.61
CA THR YA 161 84.43 2.69 -52.65
C THR YA 161 84.32 2.05 -51.27
N TYR YA 162 83.09 1.86 -50.81
CA TYR YA 162 82.81 1.24 -49.52
C TYR YA 162 82.10 -0.09 -49.75
N VAL YA 163 82.65 -1.17 -49.19
CA VAL YA 163 82.05 -2.48 -49.31
C VAL YA 163 81.67 -2.98 -47.92
N TYR YA 164 80.83 -4.01 -47.89
CA TYR YA 164 80.41 -4.65 -46.65
C TYR YA 164 79.65 -5.92 -47.02
N TYR YA 165 79.25 -6.65 -45.98
CA TYR YA 165 78.47 -7.88 -46.14
C TYR YA 165 77.14 -7.71 -45.43
N PRO YA 166 76.01 -7.78 -46.15
CA PRO YA 166 74.73 -7.45 -45.52
C PRO YA 166 74.21 -8.53 -44.59
N ASN YA 167 74.69 -9.77 -44.71
CA ASN YA 167 74.12 -10.86 -43.96
C ASN YA 167 75.24 -11.77 -43.47
N PRO YA 168 75.22 -12.19 -42.20
CA PRO YA 168 76.24 -13.13 -41.72
C PRO YA 168 76.33 -14.39 -42.56
N TYR YA 169 75.19 -14.88 -43.08
CA TYR YA 169 75.22 -16.09 -43.89
C TYR YA 169 75.90 -15.85 -45.23
N TYR YA 170 75.82 -14.62 -45.73
CA TYR YA 170 76.59 -14.27 -46.93
C TYR YA 170 78.08 -14.34 -46.65
N ALA YA 171 78.51 -13.84 -45.49
CA ALA YA 171 79.93 -13.88 -45.15
C ALA YA 171 80.41 -15.31 -44.97
N LEU YA 172 79.52 -16.21 -44.54
CA LEU YA 172 79.88 -17.62 -44.46
C LEU YA 172 80.14 -18.19 -45.84
N LEU YA 173 79.25 -17.92 -46.79
CA LEU YA 173 79.47 -18.38 -48.15
C LEU YA 173 80.68 -17.72 -48.78
N ALA YA 174 80.98 -16.49 -48.37
CA ALA YA 174 82.18 -15.82 -48.88
C ALA YA 174 83.44 -16.47 -48.32
N LEU YA 175 83.41 -16.86 -47.06
CA LEU YA 175 84.59 -17.47 -46.45
C LEU YA 175 84.88 -18.84 -47.06
N ASN YA 176 83.84 -19.54 -47.49
CA ASN YA 176 84.02 -20.87 -48.07
C ASN YA 176 84.90 -20.78 -49.31
N TYR YA 177 84.48 -19.99 -50.30
CA TYR YA 177 85.27 -19.85 -51.52
C TYR YA 177 86.61 -19.19 -51.24
N THR YA 178 86.66 -18.34 -50.22
CA THR YA 178 87.91 -17.67 -49.88
C THR YA 178 88.97 -18.67 -49.44
N LEU YA 179 88.65 -19.47 -48.42
CA LEU YA 179 89.61 -20.45 -47.91
C LEU YA 179 89.93 -21.50 -48.95
N SER YA 180 88.99 -21.80 -49.85
CA SER YA 180 89.18 -22.89 -50.79
C SER YA 180 90.11 -22.49 -51.93
N LYS YA 181 89.86 -21.33 -52.53
CA LYS YA 181 90.54 -20.96 -53.77
C LYS YA 181 91.51 -19.81 -53.62
N ILE YA 182 91.15 -18.76 -52.87
CA ILE YA 182 92.01 -17.58 -52.78
C ILE YA 182 93.34 -17.95 -52.14
N ASP YA 183 93.29 -18.43 -50.90
CA ASP YA 183 94.47 -18.92 -50.19
C ASP YA 183 94.28 -20.42 -49.95
N LYS YA 184 94.80 -21.24 -50.86
CA LYS YA 184 94.50 -22.66 -50.91
C LYS YA 184 95.17 -23.38 -49.76
N VAL YA 185 94.58 -23.23 -48.57
CA VAL YA 185 95.01 -24.03 -47.42
C VAL YA 185 94.50 -25.46 -47.60
N SER YA 186 95.39 -26.43 -47.40
CA SER YA 186 95.00 -27.81 -47.70
C SER YA 186 94.00 -28.38 -46.70
N PRO YA 187 94.15 -28.20 -45.37
CA PRO YA 187 93.02 -28.50 -44.48
C PRO YA 187 92.08 -27.30 -44.40
N SER YA 188 90.91 -27.44 -45.02
CA SER YA 188 89.93 -26.36 -45.03
C SER YA 188 89.06 -26.49 -43.79
N PRO YA 189 89.15 -25.56 -42.83
CA PRO YA 189 88.36 -25.71 -41.60
C PRO YA 189 86.86 -25.62 -41.84
N LEU YA 190 86.43 -24.83 -42.82
CA LEU YA 190 85.02 -24.66 -43.11
C LEU YA 190 84.68 -25.32 -44.44
N TYR YA 191 83.50 -25.92 -44.51
CA TYR YA 191 83.05 -26.58 -45.73
C TYR YA 191 81.52 -26.49 -45.76
N ILE YA 192 81.00 -25.56 -46.56
CA ILE YA 192 79.57 -25.35 -46.68
C ILE YA 192 79.10 -26.00 -47.97
N THR YA 193 78.21 -26.98 -47.86
CA THR YA 193 77.66 -27.66 -49.01
C THR YA 193 76.15 -27.80 -48.85
N THR YA 194 75.46 -27.88 -49.99
CA THR YA 194 74.01 -27.99 -49.99
C THR YA 194 73.53 -29.43 -49.98
N THR YA 195 74.45 -30.39 -50.01
CA THR YA 195 74.05 -31.79 -50.03
C THR YA 195 73.49 -32.21 -48.68
N THR YA 196 72.53 -33.12 -48.72
CA THR YA 196 71.97 -33.67 -47.50
C THR YA 196 73.10 -34.25 -46.64
N PRO YA 197 73.13 -33.94 -45.34
CA PRO YA 197 74.25 -34.42 -44.51
C PRO YA 197 74.42 -35.92 -44.53
N SER YA 198 73.33 -36.67 -44.61
CA SER YA 198 73.43 -38.13 -44.66
C SER YA 198 74.30 -38.57 -45.84
N SER YA 199 73.97 -38.10 -47.05
CA SER YA 199 74.78 -38.43 -48.21
C SER YA 199 76.12 -37.71 -48.17
N ALA YA 200 76.21 -36.61 -47.42
CA ALA YA 200 77.47 -35.87 -47.34
C ALA YA 200 78.52 -36.67 -46.58
N THR YA 201 78.16 -37.16 -45.39
CA THR YA 201 79.11 -37.97 -44.62
C THR YA 201 79.46 -39.25 -45.36
N GLN YA 202 78.55 -39.77 -46.18
CA GLN YA 202 78.82 -41.01 -46.90
C GLN YA 202 79.95 -40.83 -47.90
N ILE YA 203 79.90 -39.76 -48.69
CA ILE YA 203 80.96 -39.53 -49.67
C ILE YA 203 82.20 -38.95 -49.00
N TYR YA 204 82.02 -38.08 -48.01
CA TYR YA 204 83.13 -37.49 -47.27
C TYR YA 204 83.07 -37.94 -45.82
N PRO YA 205 83.90 -38.88 -45.39
CA PRO YA 205 83.75 -39.43 -44.04
C PRO YA 205 84.09 -38.44 -42.95
N PHE YA 206 85.06 -37.56 -43.17
CA PHE YA 206 85.52 -36.68 -42.10
C PHE YA 206 84.46 -35.70 -41.63
N LEU YA 207 83.36 -35.54 -42.37
CA LEU YA 207 82.32 -34.63 -41.95
C LEU YA 207 81.55 -35.15 -40.74
N ALA YA 208 81.72 -36.43 -40.37
CA ALA YA 208 81.04 -36.96 -39.22
C ALA YA 208 81.68 -36.53 -37.91
N HIS YA 209 82.96 -36.14 -37.94
CA HIS YA 209 83.67 -35.70 -36.75
C HIS YA 209 83.56 -34.21 -36.51
N ASP YA 210 82.81 -33.49 -37.34
CA ASP YA 210 82.72 -32.05 -37.25
C ASP YA 210 81.37 -31.62 -36.68
N ASN YA 211 81.34 -30.40 -36.15
CA ASN YA 211 80.08 -29.77 -35.79
C ASN YA 211 79.32 -29.39 -37.05
N MET YA 212 78.04 -29.08 -36.89
CA MET YA 212 77.22 -28.73 -38.04
C MET YA 212 76.06 -27.84 -37.63
N PHE YA 213 75.81 -26.81 -38.42
CA PHE YA 213 74.60 -26.01 -38.32
C PHE YA 213 74.14 -25.69 -39.74
N THR YA 214 72.90 -25.24 -39.86
CA THR YA 214 72.28 -25.07 -41.17
C THR YA 214 71.67 -23.68 -41.31
N PHE YA 215 71.68 -23.16 -42.54
CA PHE YA 215 71.03 -21.91 -42.87
C PHE YA 215 70.39 -22.03 -44.25
N THR YA 216 69.26 -21.35 -44.41
CA THR YA 216 68.45 -21.47 -45.62
C THR YA 216 68.38 -20.13 -46.33
N LEU YA 217 68.13 -20.18 -47.63
CA LEU YA 217 68.01 -18.99 -48.45
C LEU YA 217 66.97 -19.23 -49.54
N ASN YA 218 66.28 -18.15 -49.92
CA ASN YA 218 65.33 -18.17 -51.02
C ASN YA 218 66.00 -17.51 -52.22
N ILE YA 219 66.32 -18.32 -53.22
CA ILE YA 219 67.00 -17.84 -54.42
C ILE YA 219 66.17 -18.25 -55.63
N SER YA 220 65.72 -17.25 -56.39
CA SER YA 220 64.90 -17.47 -57.59
C SER YA 220 63.63 -18.26 -57.26
N GLY YA 221 63.08 -18.01 -56.09
CA GLY YA 221 61.84 -18.65 -55.66
C GLY YA 221 62.01 -19.95 -54.91
N THR YA 222 62.83 -20.85 -55.44
CA THR YA 222 63.04 -22.14 -54.79
C THR YA 222 63.92 -21.98 -53.56
N LEU YA 223 63.51 -22.61 -52.46
CA LEU YA 223 64.27 -22.50 -51.22
C LEU YA 223 65.52 -23.36 -51.30
N VAL YA 224 66.66 -22.80 -50.87
CA VAL YA 224 67.93 -23.49 -50.87
C VAL YA 224 68.36 -23.71 -49.42
N THR YA 225 68.83 -24.91 -49.13
CA THR YA 225 69.26 -25.28 -47.78
C THR YA 225 70.74 -25.61 -47.79
N TYR YA 226 71.48 -25.00 -46.86
CA TYR YA 226 72.92 -25.23 -46.74
C TYR YA 226 73.23 -25.81 -45.37
N TYR YA 227 74.40 -26.45 -45.29
CA TYR YA 227 74.91 -26.97 -44.03
C TYR YA 227 76.39 -26.67 -43.95
N ALA YA 228 76.84 -26.23 -42.77
CA ALA YA 228 78.21 -25.82 -42.56
C ALA YA 228 78.87 -26.74 -41.54
N PHE YA 229 80.09 -27.19 -41.85
CA PHE YA 229 80.86 -28.06 -40.97
C PHE YA 229 82.12 -27.35 -40.53
N VAL YA 230 82.52 -27.57 -39.28
CA VAL YA 230 83.73 -26.98 -38.73
C VAL YA 230 84.46 -28.04 -37.91
N ASN YA 231 85.77 -28.14 -38.10
CA ASN YA 231 86.57 -29.11 -37.36
C ASN YA 231 87.29 -28.52 -36.16
N GLN YA 232 87.20 -27.21 -35.96
CA GLN YA 232 87.81 -26.56 -34.81
C GLN YA 232 87.13 -25.23 -34.56
N THR YA 233 87.33 -24.71 -33.36
CA THR YA 233 86.73 -23.45 -32.96
C THR YA 233 87.62 -22.30 -33.40
N PHE YA 234 87.08 -21.41 -34.22
CA PHE YA 234 87.85 -20.28 -34.74
C PHE YA 234 86.89 -19.12 -34.98
N ALA YA 235 87.47 -17.94 -35.14
CA ALA YA 235 86.69 -16.72 -35.37
C ALA YA 235 87.26 -15.98 -36.56
N PHE YA 236 86.42 -15.18 -37.18
CA PHE YA 236 86.84 -14.35 -38.31
C PHE YA 236 86.09 -13.02 -38.25
N THR YA 237 86.49 -12.11 -39.12
CA THR YA 237 85.92 -10.77 -39.15
C THR YA 237 85.62 -10.38 -40.58
N TYR YA 238 84.56 -9.61 -40.78
CA TYR YA 238 84.18 -9.12 -42.09
C TYR YA 238 83.67 -7.69 -41.95
N PRO YA 239 83.87 -6.86 -42.98
CA PRO YA 239 83.41 -5.46 -42.89
C PRO YA 239 81.91 -5.37 -42.98
N VAL YA 240 81.32 -4.50 -42.17
CA VAL YA 240 79.87 -4.39 -42.13
C VAL YA 240 79.42 -2.95 -42.38
N ALA YA 241 80.28 -1.97 -42.10
CA ALA YA 241 79.85 -0.58 -42.27
C ALA YA 241 81.07 0.31 -42.47
N GLY YA 242 81.13 0.97 -43.63
CA GLY YA 242 82.09 2.03 -43.87
C GLY YA 242 83.54 1.63 -43.80
N ASP YA 243 83.96 0.68 -44.62
CA ASP YA 243 85.36 0.23 -44.68
C ASP YA 243 85.89 0.52 -46.07
N PRO YA 244 86.33 1.75 -46.34
CA PRO YA 244 86.86 2.07 -47.67
C PRO YA 244 88.19 1.41 -47.97
N LEU YA 245 88.91 0.96 -46.94
CA LEU YA 245 90.22 0.34 -47.13
C LEU YA 245 90.09 -1.17 -47.25
N ILE YA 246 89.35 -1.60 -48.27
CA ILE YA 246 89.17 -3.03 -48.51
C ILE YA 246 90.49 -3.61 -49.01
N GLY YA 247 90.72 -4.88 -48.67
CA GLY YA 247 91.99 -5.50 -49.01
C GLY YA 247 93.15 -5.00 -48.18
N SER YA 248 92.90 -4.59 -46.94
CA SER YA 248 93.93 -4.01 -46.10
C SER YA 248 93.98 -4.56 -44.69
N ALA YA 249 92.92 -5.20 -44.20
CA ALA YA 249 92.89 -5.76 -42.84
C ALA YA 249 93.12 -4.67 -41.80
N ILE YA 250 92.45 -3.54 -41.98
CA ILE YA 250 92.54 -2.39 -41.08
C ILE YA 250 91.14 -1.86 -40.84
N ALA YA 251 90.85 -1.51 -39.59
CA ALA YA 251 89.54 -0.96 -39.24
C ALA YA 251 89.67 0.55 -39.09
N PRO YA 252 89.28 1.33 -40.10
CA PRO YA 252 89.43 2.78 -39.99
C PRO YA 252 88.50 3.36 -38.93
N ALA YA 253 88.77 4.62 -38.59
CA ALA YA 253 87.94 5.29 -37.59
C ALA YA 253 86.52 5.46 -38.10
N GLY YA 254 85.57 5.28 -37.21
CA GLY YA 254 84.17 5.32 -37.60
C GLY YA 254 83.86 4.26 -38.63
N SER YA 255 84.08 3.00 -38.28
CA SER YA 255 83.87 1.88 -39.20
C SER YA 255 83.55 0.65 -38.38
N VAL YA 256 82.37 0.10 -38.59
CA VAL YA 256 81.92 -1.04 -37.81
C VAL YA 256 82.49 -2.33 -38.42
N ILE YA 257 82.93 -3.24 -37.56
CA ILE YA 257 83.49 -4.52 -37.98
C ILE YA 257 82.74 -5.62 -37.26
N GLY YA 258 82.33 -6.65 -38.00
CA GLY YA 258 81.60 -7.76 -37.43
C GLY YA 258 82.53 -8.92 -37.11
N VAL YA 259 82.30 -9.53 -35.95
CA VAL YA 259 83.09 -10.65 -35.47
C VAL YA 259 82.17 -11.84 -35.30
N MET YA 260 82.54 -12.97 -35.91
CA MET YA 260 81.75 -14.19 -35.84
C MET YA 260 82.62 -15.31 -35.31
N ILE YA 261 82.24 -15.86 -34.16
CA ILE YA 261 82.96 -16.94 -33.51
C ILE YA 261 82.22 -18.24 -33.77
N LEU YA 262 82.90 -19.19 -34.41
CA LEU YA 262 82.30 -20.47 -34.77
C LEU YA 262 82.74 -21.53 -33.76
N PHE YA 263 81.78 -22.06 -33.02
CA PHE YA 263 82.07 -23.04 -31.98
C PHE YA 263 82.29 -24.42 -32.59
N GLY YA 264 83.35 -25.09 -32.18
CA GLY YA 264 83.68 -26.40 -32.70
C GLY YA 264 83.14 -27.51 -31.84
N PRO YA 265 83.51 -28.76 -32.16
CA PRO YA 265 83.01 -29.89 -31.36
C PRO YA 265 83.47 -29.84 -29.91
N ASP YA 266 84.68 -29.34 -29.68
CA ASP YA 266 85.19 -29.23 -28.32
C ASP YA 266 84.34 -28.29 -27.49
N LEU YA 267 83.90 -27.18 -28.08
CA LEU YA 267 83.18 -26.14 -27.37
C LEU YA 267 81.70 -26.08 -27.70
N GLY YA 268 81.28 -26.68 -28.82
CA GLY YA 268 79.87 -26.64 -29.18
C GLY YA 268 79.01 -27.67 -28.49
N SER YA 269 79.63 -28.72 -27.95
CA SER YA 269 78.86 -29.75 -27.25
C SER YA 269 78.19 -29.21 -26.00
N HIS YA 270 78.72 -28.15 -25.41
CA HIS YA 270 78.12 -27.53 -24.25
C HIS YA 270 77.20 -26.39 -24.66
N VAL YA 271 76.43 -25.90 -23.71
CA VAL YA 271 75.65 -24.68 -23.87
C VAL YA 271 75.87 -23.84 -22.62
N PHE YA 272 76.42 -22.64 -22.80
CA PHE YA 272 76.76 -21.80 -21.66
C PHE YA 272 75.49 -21.27 -21.01
N GLN YA 273 75.18 -21.78 -19.82
CA GLN YA 273 73.92 -21.49 -19.15
C GLN YA 273 74.21 -21.22 -17.68
N TYR YA 274 73.75 -20.06 -17.21
CA TYR YA 274 73.97 -19.62 -15.82
C TYR YA 274 75.45 -19.42 -15.52
N GLN YA 275 76.24 -19.11 -16.54
CA GLN YA 275 77.67 -18.90 -16.39
C GLN YA 275 78.04 -17.49 -16.81
N THR YA 276 79.33 -17.16 -16.67
CA THR YA 276 79.87 -15.87 -17.05
C THR YA 276 80.80 -16.06 -18.24
N ILE YA 277 80.43 -15.51 -19.38
CA ILE YA 277 81.23 -15.59 -20.60
C ILE YA 277 82.09 -14.34 -20.71
N THR YA 278 83.37 -14.53 -21.04
CA THR YA 278 84.30 -13.44 -21.19
C THR YA 278 85.08 -13.62 -22.48
N ILE YA 279 84.99 -12.64 -23.38
CA ILE YA 279 85.74 -12.62 -24.63
C ILE YA 279 86.66 -11.41 -24.60
N GLN YA 280 87.88 -11.59 -25.12
CA GLN YA 280 88.88 -10.53 -25.10
C GLN YA 280 89.58 -10.48 -26.45
N ILE YA 281 89.51 -9.33 -27.10
CA ILE YA 281 90.19 -9.08 -28.37
C ILE YA 281 91.35 -8.13 -28.10
N THR YA 282 92.58 -8.61 -28.31
CA THR YA 282 93.78 -7.82 -28.01
C THR YA 282 94.58 -7.57 -29.27
N PRO YA 283 94.51 -6.38 -29.85
CA PRO YA 283 95.32 -6.08 -31.03
C PRO YA 283 96.78 -5.91 -30.66
N ASN YA 284 97.61 -5.72 -31.70
CA ASN YA 284 99.03 -5.54 -31.47
C ASN YA 284 99.32 -4.18 -30.85
N ILE YA 285 98.52 -3.17 -31.18
CA ILE YA 285 98.67 -1.84 -30.61
C ILE YA 285 97.32 -1.39 -30.05
N GLY YA 286 97.35 -0.74 -28.90
CA GLY YA 286 96.14 -0.29 -28.25
C GLY YA 286 95.75 -1.17 -27.09
N SER YA 287 94.69 -0.77 -26.43
CA SER YA 287 94.18 -1.46 -25.26
C SER YA 287 93.23 -2.58 -25.65
N PRO YA 288 93.20 -3.67 -24.90
CA PRO YA 288 92.32 -4.79 -25.24
C PRO YA 288 90.88 -4.55 -24.82
N LEU YA 289 89.98 -5.16 -25.57
CA LEU YA 289 88.55 -5.10 -25.29
C LEU YA 289 88.10 -6.43 -24.70
N THR YA 290 87.56 -6.38 -23.48
CA THR YA 290 87.11 -7.57 -22.76
C THR YA 290 85.60 -7.52 -22.64
N ILE YA 291 84.91 -8.40 -23.37
CA ILE YA 291 83.46 -8.48 -23.33
C ILE YA 291 83.08 -9.52 -22.30
N SER YA 292 82.64 -9.08 -21.12
CA SER YA 292 82.25 -9.97 -20.04
C SER YA 292 80.73 -10.02 -19.97
N GLU YA 293 80.16 -11.21 -20.14
CA GLU YA 293 78.72 -11.40 -20.15
C GLU YA 293 78.35 -12.55 -19.25
N TYR YA 294 77.26 -12.40 -18.50
CA TYR YA 294 76.72 -13.46 -17.66
C TYR YA 294 75.49 -14.01 -18.37
N VAL YA 295 75.70 -15.06 -19.16
CA VAL YA 295 74.60 -15.66 -19.92
C VAL YA 295 73.64 -16.34 -18.95
N TYR YA 296 72.38 -15.91 -18.96
CA TYR YA 296 71.40 -16.40 -18.01
C TYR YA 296 70.58 -17.56 -18.57
N GLN YA 297 69.86 -17.33 -19.66
CA GLN YA 297 68.99 -18.33 -20.24
C GLN YA 297 68.79 -18.07 -21.73
N PRO YA 298 69.05 -19.06 -22.58
CA PRO YA 298 68.89 -18.84 -24.03
C PRO YA 298 67.43 -18.96 -24.44
N GLU YA 299 67.02 -18.11 -25.38
CA GLU YA 299 65.66 -18.18 -25.91
C GLU YA 299 65.65 -17.61 -27.31
N GLY YA 300 64.74 -18.13 -28.14
CA GLY YA 300 64.53 -17.63 -29.48
C GLY YA 300 65.46 -18.17 -30.54
N SER YA 301 66.40 -19.04 -30.18
CA SER YA 301 67.36 -19.66 -31.09
C SER YA 301 68.39 -18.64 -31.57
N VAL YA 302 68.17 -17.37 -31.27
CA VAL YA 302 69.16 -16.32 -31.44
C VAL YA 302 69.03 -15.40 -30.24
N SER YA 303 69.90 -15.55 -29.25
CA SER YA 303 69.79 -14.77 -28.04
C SER YA 303 70.32 -13.36 -28.26
N VAL YA 304 69.82 -12.43 -27.45
CA VAL YA 304 70.23 -11.03 -27.54
C VAL YA 304 71.44 -10.84 -26.64
N ILE YA 305 71.86 -11.89 -25.94
CA ILE YA 305 73.00 -11.80 -25.06
C ILE YA 305 73.70 -13.15 -24.92
N LEU ZA 19 147.11 23.28 -23.21
CA LEU ZA 19 146.16 23.61 -22.16
C LEU ZA 19 144.81 22.98 -22.45
N ALA ZA 20 143.94 23.00 -21.45
CA ALA ZA 20 142.57 22.54 -21.60
C ALA ZA 20 141.63 23.64 -22.07
N GLY ZA 21 142.13 24.88 -22.17
CA GLY ZA 21 141.26 25.97 -22.60
C GLY ZA 21 140.77 25.80 -24.02
N LEU ZA 22 141.65 25.34 -24.92
CA LEU ZA 22 141.20 25.00 -26.27
C LEU ZA 22 140.37 23.73 -26.26
N ASP ZA 23 140.66 22.82 -25.35
CA ASP ZA 23 139.94 21.56 -25.30
C ASP ZA 23 138.55 21.73 -24.69
N THR ZA 24 138.47 22.46 -23.58
CA THR ZA 24 137.17 22.69 -22.96
C THR ZA 24 136.26 23.49 -23.87
N ALA ZA 25 136.82 24.40 -24.66
CA ALA ZA 25 136.03 25.17 -25.60
C ALA ZA 25 135.38 24.26 -26.64
N ILE ZA 26 136.07 23.19 -27.04
CA ILE ZA 26 135.51 22.27 -28.00
C ILE ZA 26 134.40 21.44 -27.37
N ILE ZA 27 134.63 20.96 -26.15
CA ILE ZA 27 133.62 20.14 -25.49
C ILE ZA 27 132.41 20.97 -25.13
N LEU ZA 28 132.62 22.26 -24.81
CA LEU ZA 28 131.49 23.13 -24.53
C LEU ZA 28 130.64 23.34 -25.77
N ILE ZA 29 131.26 23.35 -26.95
CA ILE ZA 29 130.51 23.55 -28.18
C ILE ZA 29 129.66 22.33 -28.48
N ALA ZA 30 130.27 21.15 -28.46
CA ALA ZA 30 129.57 19.94 -28.89
C ALA ZA 30 128.42 19.60 -27.97
N PHE ZA 31 128.57 19.87 -26.68
CA PHE ZA 31 127.50 19.54 -25.74
C PHE ZA 31 126.29 20.43 -25.95
N ILE ZA 32 126.51 21.70 -26.31
CA ILE ZA 32 125.38 22.59 -26.54
C ILE ZA 32 124.66 22.21 -27.83
N ILE ZA 33 125.38 21.65 -28.81
CA ILE ZA 33 124.73 21.13 -30.00
C ILE ZA 33 123.79 19.99 -29.62
N THR ZA 34 124.26 19.06 -28.79
CA THR ZA 34 123.43 17.95 -28.37
C THR ZA 34 122.27 18.44 -27.52
N ALA ZA 35 122.52 19.42 -26.66
CA ALA ZA 35 121.45 19.96 -25.83
C ALA ZA 35 120.43 20.71 -26.68
N SER ZA 36 120.86 21.26 -27.81
CA SER ZA 36 119.95 21.98 -28.68
C SER ZA 36 119.06 21.02 -29.46
N VAL ZA 37 119.62 19.93 -29.96
CA VAL ZA 37 118.85 18.98 -30.74
C VAL ZA 37 117.76 18.36 -29.88
N LEU ZA 38 118.06 18.10 -28.61
CA LEU ZA 38 117.03 17.58 -27.70
C LEU ZA 38 115.87 18.55 -27.58
N ALA ZA 39 116.18 19.84 -27.42
CA ALA ZA 39 115.14 20.85 -27.35
C ALA ZA 39 114.34 20.89 -28.64
N TYR ZA 40 115.01 20.68 -29.77
CA TYR ZA 40 114.35 20.69 -31.08
C TYR ZA 40 113.27 19.62 -31.15
N VAL ZA 41 113.63 18.38 -30.81
CA VAL ZA 41 112.68 17.28 -30.96
C VAL ZA 41 111.70 17.27 -29.79
N ALA ZA 42 112.05 17.88 -28.67
CA ALA ZA 42 111.13 17.91 -27.54
C ALA ZA 42 109.96 18.84 -27.81
N ILE ZA 43 110.24 20.00 -28.39
CA ILE ZA 43 109.18 20.96 -28.67
C ILE ZA 43 108.31 20.47 -29.81
N ASN ZA 44 108.93 19.94 -30.88
CA ASN ZA 44 108.18 19.49 -32.03
C ASN ZA 44 107.20 18.39 -31.66
N MET ZA 45 107.62 17.47 -30.79
CA MET ZA 45 106.71 16.41 -30.36
C MET ZA 45 105.74 16.92 -29.30
N GLY ZA 46 106.19 17.82 -28.44
CA GLY ZA 46 105.29 18.38 -27.44
C GLY ZA 46 104.13 19.13 -28.06
N LEU ZA 47 104.38 19.78 -29.20
CA LEU ZA 47 103.30 20.45 -29.91
C LEU ZA 47 102.39 19.44 -30.60
N PHE ZA 48 102.98 18.38 -31.15
CA PHE ZA 48 102.20 17.41 -31.92
C PHE ZA 48 101.21 16.67 -31.03
N VAL ZA 49 101.68 16.13 -29.91
CA VAL ZA 49 100.80 15.41 -29.00
C VAL ZA 49 99.72 16.34 -28.45
N THR ZA 50 100.10 17.58 -28.13
CA THR ZA 50 99.13 18.53 -27.61
C THR ZA 50 98.06 18.83 -28.65
N GLN ZA 51 98.45 18.93 -29.92
CA GLN ZA 51 97.47 19.17 -30.97
C GLN ZA 51 96.61 17.94 -31.19
N LYS ZA 52 97.18 16.75 -31.05
CA LYS ZA 52 96.38 15.53 -31.17
C LYS ZA 52 95.42 15.39 -30.01
N ALA ZA 53 95.78 15.91 -28.85
CA ALA ZA 53 94.86 15.91 -27.72
C ALA ZA 53 93.67 16.81 -27.98
N LYS ZA 54 93.89 17.92 -28.67
CA LYS ZA 54 92.80 18.83 -28.98
C LYS ZA 54 91.78 18.17 -29.90
N SER ZA 55 92.25 17.35 -30.83
CA SER ZA 55 91.33 16.66 -31.73
C SER ZA 55 90.51 15.62 -30.98
N THR ZA 56 91.10 15.01 -29.95
CA THR ZA 56 90.39 13.99 -29.20
C THR ZA 56 89.28 14.60 -28.35
N ILE ZA 57 89.51 15.79 -27.79
CA ILE ZA 57 88.46 16.45 -27.02
C ILE ZA 57 87.29 16.81 -27.92
N ASN ZA 58 87.57 17.12 -29.18
CA ASN ZA 58 86.50 17.42 -30.11
C ASN ZA 58 85.66 16.18 -30.41
N LYS ZA 59 86.31 15.09 -30.80
CA LYS ZA 59 85.59 13.85 -31.06
C LYS ZA 59 84.91 13.33 -29.81
N GLY ZA 60 85.52 13.59 -28.65
CA GLY ZA 60 84.90 13.16 -27.40
C GLY ZA 60 83.63 13.93 -27.09
N GLU ZA 61 83.61 15.23 -27.42
CA GLU ZA 61 82.43 16.03 -27.16
C GLU ZA 61 81.30 15.70 -28.13
N GLU ZA 62 81.65 15.43 -29.40
CA GLU ZA 62 80.62 15.08 -30.37
C GLU ZA 62 80.02 13.71 -30.04
N THR ZA 63 80.83 12.80 -29.50
CA THR ZA 63 80.32 11.48 -29.16
C THR ZA 63 79.28 11.55 -28.05
N ALA ZA 64 79.46 12.47 -27.11
CA ALA ZA 64 78.51 12.61 -26.01
C ALA ZA 64 77.28 13.41 -26.39
N SER ZA 65 77.34 14.18 -27.48
CA SER ZA 65 76.22 15.04 -27.85
C SER ZA 65 75.30 14.34 -28.85
N THR ZA 66 75.87 13.88 -29.97
CA THR ZA 66 75.06 13.31 -31.03
C THR ZA 66 74.38 12.03 -30.55
N ALA ZA 67 73.08 11.93 -30.83
CA ALA ZA 67 72.27 10.76 -30.51
C ALA ZA 67 70.93 10.90 -31.20
N LEU ZA 68 70.40 9.79 -31.69
CA LEU ZA 68 69.10 9.79 -32.36
C LEU ZA 68 67.99 9.46 -31.36
N THR ZA 69 66.76 9.54 -31.84
CA THR ZA 69 65.60 9.19 -31.01
C THR ZA 69 64.48 8.73 -31.92
N LEU ZA 70 63.57 7.95 -31.34
CA LEU ZA 70 62.38 7.50 -32.06
C LEU ZA 70 61.25 8.48 -31.79
N SER ZA 71 60.97 9.34 -32.75
CA SER ZA 71 59.94 10.37 -32.64
C SER ZA 71 58.83 10.01 -33.61
N GLY ZA 72 57.78 9.39 -33.09
CA GLY ZA 72 56.69 8.94 -33.92
C GLY ZA 72 56.50 7.44 -33.85
N SER ZA 73 55.32 6.96 -34.22
CA SER ZA 73 55.02 5.54 -34.12
C SER ZA 73 55.78 4.77 -35.19
N VAL ZA 74 55.82 3.45 -35.02
CA VAL ZA 74 56.46 2.53 -35.95
C VAL ZA 74 55.37 1.66 -36.55
N LEU ZA 75 55.20 1.75 -37.87
CA LEU ZA 75 54.14 1.01 -38.53
C LEU ZA 75 54.64 -0.36 -38.96
N TYR ZA 76 53.70 -1.18 -39.43
CA TYR ZA 76 54.02 -2.52 -39.92
C TYR ZA 76 53.00 -2.90 -40.98
N ALA ZA 77 53.48 -3.28 -42.16
CA ALA ZA 77 52.61 -3.58 -43.29
C ALA ZA 77 52.51 -5.09 -43.48
N VAL ZA 78 51.30 -5.55 -43.80
CA VAL ZA 78 51.02 -6.97 -43.91
C VAL ZA 78 49.70 -7.12 -44.65
N ASN ZA 79 49.57 -8.21 -45.41
CA ASN ZA 79 48.30 -8.51 -46.06
C ASN ZA 79 47.27 -8.85 -44.99
N TYR ZA 80 46.34 -7.92 -44.74
CA TYR ZA 80 45.49 -8.03 -43.56
C TYR ZA 80 44.58 -9.26 -43.58
N PRO ZA 81 43.84 -9.56 -44.66
CA PRO ZA 81 42.95 -10.73 -44.61
C PRO ZA 81 43.68 -12.01 -44.28
N SER ZA 82 44.71 -12.34 -45.05
CA SER ZA 82 45.52 -13.54 -44.83
C SER ZA 82 46.92 -13.07 -44.45
N ASN ZA 83 47.19 -13.03 -43.15
CA ASN ZA 83 48.48 -12.57 -42.66
C ASN ZA 83 49.55 -13.62 -42.93
N THR ZA 84 50.21 -13.55 -44.08
CA THR ZA 84 51.24 -14.52 -44.41
C THR ZA 84 52.50 -13.83 -44.93
N ARG ZA 85 52.35 -12.66 -45.54
CA ARG ZA 85 53.46 -11.94 -46.11
C ARG ZA 85 53.70 -10.62 -45.37
N SER ZA 86 54.95 -10.20 -45.33
CA SER ZA 86 55.34 -8.93 -44.73
C SER ZA 86 55.80 -7.99 -45.82
N TYR ZA 87 55.30 -6.75 -45.78
CA TYR ZA 87 55.55 -5.79 -46.85
C TYR ZA 87 56.65 -4.80 -46.51
N TRP ZA 88 56.48 -4.03 -45.43
CA TRP ZA 88 57.48 -3.01 -45.09
C TRP ZA 88 57.23 -2.51 -43.67
N ILE ZA 89 58.29 -1.95 -43.08
CA ILE ZA 89 58.23 -1.33 -41.77
C ILE ZA 89 58.67 0.13 -41.93
N TYR ZA 90 57.99 1.03 -41.23
CA TYR ZA 90 58.23 2.45 -41.38
C TYR ZA 90 58.22 3.14 -40.03
N PHE ZA 91 59.15 4.06 -39.83
CA PHE ZA 91 59.18 4.87 -38.62
C PHE ZA 91 60.06 6.08 -38.89
N THR ZA 92 59.95 7.08 -38.02
CA THR ZA 92 60.67 8.34 -38.17
C THR ZA 92 61.62 8.52 -37.01
N VAL ZA 93 62.78 9.10 -37.30
CA VAL ZA 93 63.80 9.36 -36.29
C VAL ZA 93 64.26 10.80 -36.42
N SER ZA 94 64.75 11.35 -35.31
CA SER ZA 94 65.21 12.72 -35.24
C SER ZA 94 66.38 12.77 -34.27
N PRO ZA 95 67.19 13.84 -34.32
CA PRO ZA 95 68.19 14.04 -33.27
C PRO ZA 95 67.53 14.05 -31.90
N SER ZA 96 68.20 13.42 -30.93
CA SER ZA 96 67.61 13.18 -29.62
C SER ZA 96 67.12 14.47 -28.99
N SER ZA 97 68.06 15.36 -28.70
CA SER ZA 97 67.74 16.74 -28.40
C SER ZA 97 68.41 17.61 -29.46
N GLY ZA 98 67.88 18.81 -29.66
CA GLY ZA 98 68.41 19.66 -30.70
C GLY ZA 98 69.78 20.20 -30.33
N VAL ZA 99 70.73 19.31 -30.07
CA VAL ZA 99 72.06 19.70 -29.64
C VAL ZA 99 73.08 19.55 -30.75
N SER ZA 100 72.96 18.51 -31.57
CA SER ZA 100 73.94 18.26 -32.63
C SER ZA 100 73.27 17.49 -33.75
N SER ZA 101 73.80 17.67 -34.95
CA SER ZA 101 73.29 17.01 -36.14
C SER ZA 101 74.00 15.70 -36.37
N VAL ZA 102 73.26 14.69 -36.80
CA VAL ZA 102 73.81 13.37 -37.08
C VAL ZA 102 73.86 13.16 -38.58
N GLU ZA 103 74.83 12.37 -39.03
CA GLU ZA 103 75.03 12.07 -40.43
C GLU ZA 103 74.46 10.69 -40.73
N LEU ZA 104 73.56 10.63 -41.71
CA LEU ZA 104 72.91 9.38 -42.09
C LEU ZA 104 73.33 8.92 -43.48
N SER ZA 105 74.56 9.21 -43.86
CA SER ZA 105 75.05 8.81 -45.17
C SER ZA 105 75.09 7.29 -45.25
N PRO ZA 106 74.46 6.69 -46.27
CA PRO ZA 106 74.37 5.22 -46.31
C PRO ZA 106 75.69 4.53 -46.57
N SER ZA 107 76.80 5.25 -46.61
CA SER ZA 107 78.11 4.63 -46.76
C SER ZA 107 78.81 4.42 -45.43
N THR ZA 108 78.45 5.19 -44.42
CA THR ZA 108 79.11 5.12 -43.11
C THR ZA 108 78.24 4.48 -42.04
N THR ZA 109 76.97 4.84 -41.93
CA THR ZA 109 76.13 4.26 -40.91
C THR ZA 109 75.60 2.91 -41.36
N ALA ZA 110 75.01 2.18 -40.41
CA ALA ZA 110 74.49 0.85 -40.68
C ALA ZA 110 73.20 0.63 -39.90
N ILE ZA 111 72.26 -0.08 -40.52
CA ILE ZA 111 71.00 -0.45 -39.89
C ILE ZA 111 70.93 -1.97 -39.87
N SER ZA 112 70.81 -2.54 -38.68
CA SER ZA 112 70.80 -3.98 -38.49
C SER ZA 112 69.43 -4.43 -38.04
N PHE ZA 113 69.00 -5.59 -38.54
CA PHE ZA 113 67.66 -6.12 -38.29
C PHE ZA 113 67.79 -7.59 -37.92
N THR ZA 114 67.31 -7.95 -36.73
CA THR ZA 114 67.38 -9.32 -36.25
C THR ZA 114 66.01 -9.73 -35.74
N ALA ZA 115 65.44 -10.78 -36.33
CA ALA ZA 115 64.23 -11.40 -35.83
C ALA ZA 115 64.61 -12.64 -35.03
N SER ZA 116 64.15 -12.69 -33.77
CA SER ZA 116 64.60 -13.76 -32.88
C SER ZA 116 63.96 -15.09 -33.25
N ALA ZA 117 62.63 -15.18 -33.14
CA ALA ZA 117 61.96 -16.48 -33.21
C ALA ZA 117 62.17 -17.13 -34.57
N GLU ZA 118 62.11 -16.35 -35.64
CA GLU ZA 118 62.37 -16.92 -36.97
C GLU ZA 118 63.83 -17.33 -37.11
N GLY ZA 119 64.73 -16.70 -36.38
CA GLY ZA 119 66.13 -17.05 -36.41
C GLY ZA 119 66.97 -16.31 -37.43
N ILE ZA 120 66.44 -15.26 -38.04
CA ILE ZA 120 67.16 -14.50 -39.05
C ILE ZA 120 67.85 -13.33 -38.37
N SER ZA 121 68.91 -12.84 -39.01
CA SER ZA 121 69.68 -11.71 -38.46
C SER ZA 121 70.45 -11.06 -39.59
N TYR ZA 122 70.22 -9.78 -39.80
CA TYR ZA 122 70.88 -9.02 -40.86
C TYR ZA 122 71.88 -8.05 -40.25
N SER ZA 123 72.59 -7.34 -41.13
CA SER ZA 123 73.58 -6.36 -40.70
C SER ZA 123 73.79 -5.38 -41.84
N ASN ZA 124 73.51 -4.10 -41.59
CA ASN ZA 124 73.66 -3.04 -42.59
C ASN ZA 124 72.82 -3.33 -43.83
N ILE ZA 125 71.50 -3.31 -43.64
CA ILE ZA 125 70.58 -3.32 -44.77
C ILE ZA 125 70.40 -1.94 -45.37
N TYR ZA 126 71.01 -0.91 -44.78
CA TYR ZA 126 70.87 0.47 -45.25
C TYR ZA 126 71.65 0.63 -46.55
N GLU ZA 127 70.94 0.98 -47.62
CA GLU ZA 127 71.56 1.08 -48.95
C GLU ZA 127 71.49 2.47 -49.55
N TYR ZA 128 70.30 3.06 -49.64
CA TYR ZA 128 70.10 4.31 -50.36
C TYR ZA 128 69.41 5.33 -49.48
N THR ZA 129 69.23 6.53 -50.03
CA THR ZA 129 68.57 7.61 -49.31
C THR ZA 129 68.19 8.70 -50.31
N LEU ZA 130 67.23 9.53 -49.90
CA LEU ZA 130 66.76 10.64 -50.71
C LEU ZA 130 67.24 11.98 -50.18
N LEU ZA 131 68.04 11.99 -49.12
CA LEU ZA 131 68.56 13.25 -48.60
C LEU ZA 131 69.60 13.86 -49.51
N THR ZA 132 70.13 13.10 -50.46
CA THR ZA 132 71.17 13.59 -51.35
C THR ZA 132 70.65 14.09 -52.69
N VAL ZA 133 69.48 13.63 -53.12
CA VAL ZA 133 68.93 14.03 -54.41
C VAL ZA 133 68.22 15.37 -54.26
N SER ZA 134 68.52 16.30 -55.15
CA SER ZA 134 67.90 17.62 -55.13
C SER ZA 134 66.50 17.54 -55.73
N PRO ZA 135 65.57 18.36 -55.24
CA PRO ZA 135 64.20 18.32 -55.78
C PRO ZA 135 64.06 18.87 -57.19
N SER ZA 136 65.15 19.30 -57.82
CA SER ZA 136 65.05 19.85 -59.17
C SER ZA 136 64.75 18.76 -60.19
N GLU ZA 137 65.37 17.60 -60.04
CA GLU ZA 137 65.19 16.53 -61.03
C GLU ZA 137 63.84 15.85 -60.87
N LEU ZA 138 63.47 15.52 -59.64
CA LEU ZA 138 62.28 14.69 -59.42
C LEU ZA 138 61.00 15.40 -59.84
N ALA ZA 139 60.98 16.73 -59.73
CA ALA ZA 139 59.72 17.46 -59.85
C ALA ZA 139 59.19 17.53 -61.28
N ASN ZA 140 59.78 16.84 -62.24
CA ASN ZA 140 59.36 16.97 -63.64
C ASN ZA 140 58.83 15.67 -64.24
N GLN ZA 141 59.61 14.59 -64.18
CA GLN ZA 141 59.34 13.40 -64.97
C GLN ZA 141 58.71 12.29 -64.11
N VAL ZA 142 57.41 12.41 -63.88
CA VAL ZA 142 56.59 11.30 -63.40
C VAL ZA 142 55.12 11.66 -63.64
N TYR ZA 143 54.35 10.74 -64.21
CA TYR ZA 143 52.93 11.01 -64.44
C TYR ZA 143 52.24 9.72 -64.84
N ALA ZA 144 50.95 9.68 -64.56
CA ALA ZA 144 50.10 8.57 -64.97
C ALA ZA 144 48.74 9.02 -65.47
N ASN ZA 145 48.51 10.32 -65.57
CA ASN ZA 145 47.24 10.86 -66.04
C ASN ZA 145 47.53 12.20 -66.72
N GLY ZA 146 46.50 13.03 -66.87
CA GLY ZA 146 46.64 14.25 -67.63
C GLY ZA 146 47.75 15.17 -67.17
N GLN ZA 147 48.18 15.05 -65.92
CA GLN ZA 147 49.16 15.98 -65.36
C GLN ZA 147 50.26 15.24 -64.63
N TYR ZA 148 51.47 15.80 -64.72
CA TYR ZA 148 52.60 15.28 -63.97
C TYR ZA 148 52.42 15.58 -62.49
N LEU ZA 149 52.74 14.62 -61.64
CA LEU ZA 149 52.61 14.80 -60.20
C LEU ZA 149 53.94 15.21 -59.60
N ASP ZA 150 53.87 16.12 -58.63
CA ASP ZA 150 55.06 16.59 -57.92
C ASP ZA 150 55.17 15.84 -56.60
N LEU ZA 151 56.36 15.27 -56.35
CA LEU ZA 151 56.55 14.39 -55.20
C LEU ZA 151 57.10 15.10 -53.98
N VAL ZA 152 57.63 16.31 -54.14
CA VAL ZA 152 58.33 17.01 -53.07
C VAL ZA 152 57.66 18.36 -52.84
N ASN ZA 153 57.39 18.66 -51.57
CA ASN ZA 153 56.82 19.93 -51.17
C ASN ZA 153 57.91 20.79 -50.55
N GLN ZA 154 58.21 21.93 -51.18
CA GLN ZA 154 59.33 22.77 -50.81
C GLN ZA 154 58.84 24.14 -50.38
N GLN ZA 155 59.32 24.59 -49.23
CA GLN ZA 155 59.02 25.90 -48.68
C GLN ZA 155 60.31 26.71 -48.57
N THR ZA 156 60.15 27.99 -48.22
CA THR ZA 156 61.31 28.86 -48.11
C THR ZA 156 61.03 29.97 -47.12
N ASN ZA 157 62.03 30.26 -46.29
CA ASN ZA 157 61.99 31.37 -45.35
C ASN ZA 157 63.40 31.59 -44.83
N ALA ZA 158 63.70 32.84 -44.47
CA ALA ZA 158 65.02 33.26 -44.01
C ALA ZA 158 66.11 32.98 -45.03
N GLY ZA 159 65.73 32.80 -46.30
CA GLY ZA 159 66.69 32.58 -47.36
C GLY ZA 159 67.02 31.13 -47.63
N GLN ZA 160 66.53 30.20 -46.83
CA GLN ZA 160 66.80 28.78 -47.02
C GLN ZA 160 65.56 28.08 -47.56
N THR ZA 161 65.78 26.92 -48.16
CA THR ZA 161 64.72 26.13 -48.76
C THR ZA 161 64.57 24.82 -48.01
N TYR ZA 162 63.34 24.52 -47.58
CA TYR ZA 162 63.03 23.31 -46.82
C TYR ZA 162 62.16 22.41 -47.67
N VAL ZA 163 62.62 21.19 -47.94
CA VAL ZA 163 61.84 20.23 -48.70
C VAL ZA 163 61.53 19.04 -47.79
N TYR ZA 164 60.56 18.24 -48.21
CA TYR ZA 164 60.19 17.01 -47.52
C TYR ZA 164 59.22 16.24 -48.40
N TYR ZA 165 59.14 14.94 -48.17
CA TYR ZA 165 58.23 14.08 -48.89
C TYR ZA 165 57.04 13.76 -48.02
N PRO ZA 166 55.82 14.09 -48.42
CA PRO ZA 166 54.67 14.03 -47.50
C PRO ZA 166 54.03 12.66 -47.37
N ASN ZA 167 54.58 11.63 -48.01
CA ASN ZA 167 53.88 10.37 -48.08
C ASN ZA 167 54.88 9.26 -48.37
N PRO ZA 168 54.82 8.14 -47.64
CA PRO ZA 168 55.72 7.02 -47.96
C PRO ZA 168 55.55 6.51 -49.38
N TYR ZA 169 54.38 6.73 -49.99
CA TYR ZA 169 54.18 6.27 -51.35
C TYR ZA 169 54.79 7.23 -52.36
N TYR ZA 170 54.88 8.51 -52.01
CA TYR ZA 170 55.59 9.45 -52.88
C TYR ZA 170 57.10 9.21 -52.82
N ALA ZA 171 57.61 8.91 -51.62
CA ALA ZA 171 59.04 8.61 -51.50
C ALA ZA 171 59.39 7.34 -52.26
N LEU ZA 172 58.46 6.40 -52.36
CA LEU ZA 172 58.71 5.19 -53.13
C LEU ZA 172 58.79 5.49 -54.62
N LEU ZA 173 57.88 6.32 -55.12
CA LEU ZA 173 57.94 6.73 -56.52
C LEU ZA 173 59.15 7.61 -56.78
N ALA ZA 174 59.49 8.47 -55.84
CA ALA ZA 174 60.66 9.33 -56.00
C ALA ZA 174 61.93 8.52 -55.96
N LEU ZA 175 61.92 7.38 -55.26
CA LEU ZA 175 63.11 6.55 -55.21
C LEU ZA 175 63.29 5.76 -56.50
N ASN ZA 176 62.18 5.32 -57.09
CA ASN ZA 176 62.26 4.53 -58.32
C ASN ZA 176 62.97 5.29 -59.42
N TYR ZA 177 62.59 6.55 -59.63
CA TYR ZA 177 63.23 7.34 -60.67
C TYR ZA 177 64.67 7.64 -60.31
N THR ZA 178 64.97 7.81 -59.02
CA THR ZA 178 66.33 8.08 -58.59
C THR ZA 178 67.25 6.92 -58.96
N LEU ZA 179 66.85 5.70 -58.63
CA LEU ZA 179 67.65 4.53 -58.98
C LEU ZA 179 67.71 4.32 -60.48
N SER ZA 180 66.78 4.93 -61.23
CA SER ZA 180 66.75 4.70 -62.67
C SER ZA 180 67.69 5.65 -63.40
N LYS ZA 181 67.62 6.94 -63.08
CA LYS ZA 181 68.36 7.96 -63.82
C LYS ZA 181 69.35 8.72 -62.97
N ILE ZA 182 69.00 9.07 -61.74
CA ILE ZA 182 69.91 9.81 -60.88
C ILE ZA 182 71.16 8.97 -60.59
N ASP ZA 183 70.96 7.80 -59.99
CA ASP ZA 183 72.03 6.83 -59.80
C ASP ZA 183 71.95 5.77 -60.90
N LYS ZA 184 73.08 5.51 -61.53
CA LYS ZA 184 73.13 4.55 -62.63
C LYS ZA 184 73.51 3.16 -62.11
N VAL ZA 185 72.67 2.65 -61.22
CA VAL ZA 185 72.84 1.29 -60.71
C VAL ZA 185 72.26 0.32 -61.73
N SER ZA 186 73.07 -0.65 -62.16
CA SER ZA 186 72.57 -1.61 -63.14
C SER ZA 186 71.55 -2.57 -62.53
N PRO ZA 187 71.74 -3.15 -61.34
CA PRO ZA 187 70.63 -3.83 -60.69
C PRO ZA 187 69.83 -2.88 -59.83
N SER ZA 188 68.57 -2.64 -60.17
CA SER ZA 188 67.72 -1.77 -59.38
C SER ZA 188 66.84 -2.63 -58.48
N PRO ZA 189 67.05 -2.62 -57.16
CA PRO ZA 189 66.25 -3.49 -56.30
C PRO ZA 189 64.78 -3.14 -56.29
N LEU ZA 190 64.44 -1.88 -56.55
CA LEU ZA 190 63.05 -1.43 -56.58
C LEU ZA 190 62.61 -1.21 -58.01
N TYR ZA 191 61.38 -1.59 -58.32
CA TYR ZA 191 60.83 -1.40 -59.66
C TYR ZA 191 59.31 -1.28 -59.52
N ILE ZA 192 58.81 -0.05 -59.62
CA ILE ZA 192 57.39 0.22 -59.52
C ILE ZA 192 56.84 0.37 -60.93
N THR ZA 193 55.77 -0.37 -61.24
CA THR ZA 193 55.18 -0.35 -62.56
C THR ZA 193 53.67 -0.45 -62.45
N THR ZA 194 52.98 0.21 -63.38
CA THR ZA 194 51.53 0.20 -63.40
C THR ZA 194 50.96 -1.01 -64.11
N THR ZA 195 51.70 -1.60 -65.05
CA THR ZA 195 51.21 -2.76 -65.76
C THR ZA 195 50.94 -3.90 -64.79
N THR ZA 196 49.86 -4.63 -65.02
CA THR ZA 196 49.45 -5.67 -64.11
C THR ZA 196 50.55 -6.72 -63.98
N PRO ZA 197 50.70 -7.33 -62.80
CA PRO ZA 197 51.78 -8.32 -62.62
C PRO ZA 197 51.67 -9.52 -63.53
N SER ZA 198 50.49 -9.80 -64.08
CA SER ZA 198 50.35 -10.89 -65.04
C SER ZA 198 51.18 -10.62 -66.29
N SER ZA 199 50.95 -9.48 -66.94
CA SER ZA 199 51.71 -9.15 -68.13
C SER ZA 199 53.13 -8.69 -67.78
N ALA ZA 200 53.29 -8.03 -66.63
CA ALA ZA 200 54.61 -7.56 -66.23
C ALA ZA 200 55.58 -8.73 -66.07
N THR ZA 201 55.12 -9.82 -65.46
CA THR ZA 201 55.98 -10.98 -65.28
C THR ZA 201 56.30 -11.64 -66.62
N GLN ZA 202 55.35 -11.61 -67.57
CA GLN ZA 202 55.60 -12.26 -68.86
C GLN ZA 202 56.64 -11.51 -69.67
N ILE ZA 203 56.73 -10.19 -69.52
CA ILE ZA 203 57.75 -9.42 -70.23
C ILE ZA 203 59.10 -9.59 -69.55
N TYR ZA 204 59.18 -9.27 -68.26
CA TYR ZA 204 60.40 -9.45 -67.51
C TYR ZA 204 60.25 -10.66 -66.61
N PRO ZA 205 60.94 -11.77 -66.89
CA PRO ZA 205 60.71 -12.99 -66.11
C PRO ZA 205 61.23 -12.92 -64.69
N PHE ZA 206 62.25 -12.10 -64.43
CA PHE ZA 206 62.90 -12.12 -63.12
C PHE ZA 206 61.99 -11.63 -62.00
N LEU ZA 207 60.92 -10.90 -62.33
CA LEU ZA 207 60.06 -10.34 -61.30
C LEU ZA 207 59.27 -11.41 -60.55
N ALA ZA 208 59.25 -12.65 -61.03
CA ALA ZA 208 58.53 -13.71 -60.36
C ALA ZA 208 59.27 -14.25 -59.14
N HIS ZA 209 60.45 -13.72 -58.83
CA HIS ZA 209 61.21 -14.15 -57.66
C HIS ZA 209 61.33 -13.06 -56.61
N ASP ZA 210 60.58 -11.97 -56.74
CA ASP ZA 210 60.65 -10.83 -55.83
C ASP ZA 210 59.40 -10.75 -55.00
N ASN ZA 211 59.40 -9.81 -54.04
CA ASN ZA 211 58.26 -9.52 -53.21
C ASN ZA 211 57.49 -8.35 -53.78
N MET ZA 212 56.16 -8.44 -53.73
CA MET ZA 212 55.30 -7.45 -54.36
C MET ZA 212 54.26 -6.94 -53.38
N PHE ZA 213 54.16 -5.63 -53.26
CA PHE ZA 213 53.09 -4.98 -52.51
C PHE ZA 213 52.54 -3.83 -53.33
N THR ZA 214 51.24 -3.60 -53.21
CA THR ZA 214 50.53 -2.67 -54.06
C THR ZA 214 50.08 -1.45 -53.28
N PHE ZA 215 49.94 -0.34 -53.99
CA PHE ZA 215 49.37 0.88 -53.44
C PHE ZA 215 48.84 1.71 -54.58
N THR ZA 216 47.66 2.31 -54.39
CA THR ZA 216 46.97 3.04 -55.45
C THR ZA 216 46.70 4.46 -55.01
N LEU ZA 217 46.63 5.36 -55.99
CA LEU ZA 217 46.37 6.76 -55.77
C LEU ZA 217 45.21 7.22 -56.65
N ASN ZA 218 44.61 8.35 -56.27
CA ASN ZA 218 43.53 8.96 -57.04
C ASN ZA 218 44.10 10.17 -57.76
N ILE ZA 219 44.26 10.07 -59.07
CA ILE ZA 219 44.90 11.09 -59.88
C ILE ZA 219 43.90 11.55 -60.94
N SER ZA 220 43.46 12.80 -60.81
CA SER ZA 220 42.50 13.41 -61.74
C SER ZA 220 41.28 12.52 -61.95
N GLY ZA 221 40.67 12.09 -60.85
CA GLY ZA 221 39.44 11.34 -60.90
C GLY ZA 221 39.56 9.95 -61.46
N THR ZA 222 40.77 9.39 -61.58
CA THR ZA 222 40.96 8.05 -62.09
C THR ZA 222 41.93 7.32 -61.18
N LEU ZA 223 41.47 6.23 -60.56
CA LEU ZA 223 42.30 5.48 -59.63
C LEU ZA 223 43.43 4.80 -60.38
N VAL ZA 224 44.66 5.19 -60.06
CA VAL ZA 224 45.86 4.59 -60.66
C VAL ZA 224 46.47 3.66 -59.63
N THR ZA 225 46.71 2.41 -60.04
CA THR ZA 225 47.30 1.40 -59.17
C THR ZA 225 48.77 1.21 -59.52
N TYR ZA 226 49.57 0.96 -58.49
CA TYR ZA 226 51.02 0.80 -58.65
C TYR ZA 226 51.44 -0.52 -58.03
N TYR ZA 227 52.41 -1.17 -58.66
CA TYR ZA 227 52.93 -2.46 -58.20
C TYR ZA 227 54.43 -2.35 -58.03
N ALA ZA 228 54.93 -2.70 -56.85
CA ALA ZA 228 56.33 -2.55 -56.51
C ALA ZA 228 56.96 -3.91 -56.29
N PHE ZA 229 58.11 -4.15 -56.93
CA PHE ZA 229 58.84 -5.39 -56.82
C PHE ZA 229 60.17 -5.14 -56.12
N VAL ZA 230 60.45 -5.90 -55.07
CA VAL ZA 230 61.69 -5.79 -54.31
C VAL ZA 230 62.33 -7.17 -54.26
N ASN ZA 231 63.61 -7.25 -54.62
CA ASN ZA 231 64.33 -8.52 -54.65
C ASN ZA 231 65.34 -8.67 -53.52
N GLN ZA 232 65.40 -7.70 -52.60
CA GLN ZA 232 66.39 -7.74 -51.53
C GLN ZA 232 65.99 -6.81 -50.40
N THR ZA 233 66.02 -7.31 -49.17
CA THR ZA 233 65.64 -6.49 -48.02
C THR ZA 233 66.62 -5.34 -47.86
N PHE ZA 234 66.09 -4.12 -47.81
CA PHE ZA 234 66.93 -2.94 -47.65
C PHE ZA 234 66.09 -1.83 -47.03
N ALA ZA 235 66.72 -0.68 -46.81
CA ALA ZA 235 66.05 0.44 -46.18
C ALA ZA 235 66.63 1.74 -46.70
N PHE ZA 236 65.82 2.80 -46.66
CA PHE ZA 236 66.24 4.11 -47.12
C PHE ZA 236 65.65 5.17 -46.21
N THR ZA 237 66.20 6.38 -46.31
CA THR ZA 237 65.80 7.51 -45.49
C THR ZA 237 65.46 8.69 -46.38
N TYR ZA 238 64.42 9.43 -46.00
CA TYR ZA 238 63.99 10.62 -46.73
C TYR ZA 238 63.55 11.68 -45.74
N PRO ZA 239 63.68 12.95 -46.09
CA PRO ZA 239 63.31 14.01 -45.15
C PRO ZA 239 61.81 14.08 -44.97
N VAL ZA 240 61.40 14.41 -43.74
CA VAL ZA 240 59.97 14.48 -43.43
C VAL ZA 240 59.61 15.89 -42.99
N ALA ZA 241 60.56 16.60 -42.37
CA ALA ZA 241 60.28 17.94 -41.88
C ALA ZA 241 61.55 18.69 -41.49
N GLY ZA 242 61.67 19.93 -41.94
CA GLY ZA 242 62.73 20.82 -41.50
C GLY ZA 242 64.13 20.35 -41.83
N ASP ZA 243 64.46 20.27 -43.10
CA ASP ZA 243 65.79 19.84 -43.55
C ASP ZA 243 66.29 20.81 -44.61
N PRO ZA 244 66.87 21.94 -44.20
CA PRO ZA 244 67.36 22.91 -45.18
C PRO ZA 244 68.62 22.47 -45.91
N LEU ZA 245 69.33 21.45 -45.40
CA LEU ZA 245 70.55 20.98 -46.03
C LEU ZA 245 70.21 19.75 -46.87
N ILE ZA 246 69.82 20.00 -48.11
CA ILE ZA 246 69.43 18.95 -49.05
C ILE ZA 246 70.60 18.70 -49.99
N GLY ZA 247 70.90 17.43 -50.22
CA GLY ZA 247 72.08 17.06 -50.97
C GLY ZA 247 73.30 16.81 -50.10
N SER ZA 248 73.10 16.49 -48.83
CA SER ZA 248 74.21 16.28 -47.90
C SER ZA 248 74.10 15.01 -47.07
N ALA ZA 249 72.92 14.40 -46.97
CA ALA ZA 249 72.71 13.22 -46.12
C ALA ZA 249 73.09 13.52 -44.68
N ILE ZA 250 72.59 14.64 -44.16
CA ILE ZA 250 72.83 15.08 -42.80
C ILE ZA 250 71.51 15.51 -42.20
N ALA ZA 251 71.19 14.99 -41.01
CA ALA ZA 251 69.97 15.37 -40.32
C ALA ZA 251 70.29 16.50 -39.35
N PRO ZA 252 69.98 17.75 -39.68
CA PRO ZA 252 70.34 18.85 -38.79
C PRO ZA 252 69.54 18.81 -37.50
N ALA ZA 253 70.09 19.44 -36.47
CA ALA ZA 253 69.43 19.47 -35.17
C ALA ZA 253 68.10 20.22 -35.27
N GLY ZA 254 67.00 19.49 -35.15
CA GLY ZA 254 65.69 20.09 -35.30
C GLY ZA 254 64.98 19.62 -36.55
N SER ZA 255 65.31 18.43 -37.02
CA SER ZA 255 64.75 17.85 -38.22
C SER ZA 255 64.02 16.55 -37.88
N VAL ZA 256 63.41 15.95 -38.88
CA VAL ZA 256 62.74 14.67 -38.75
C VAL ZA 256 63.01 13.87 -40.02
N ILE ZA 257 63.56 12.66 -39.86
CA ILE ZA 257 63.89 11.80 -40.97
C ILE ZA 257 63.05 10.54 -40.88
N GLY ZA 258 62.53 10.09 -42.02
CA GLY ZA 258 61.76 8.88 -42.09
C GLY ZA 258 62.63 7.71 -42.52
N VAL ZA 259 62.37 6.54 -41.95
CA VAL ZA 259 63.11 5.32 -42.26
C VAL ZA 259 62.12 4.25 -42.66
N MET ZA 260 62.21 3.78 -43.90
CA MET ZA 260 61.32 2.75 -44.42
C MET ZA 260 62.16 1.54 -44.81
N ILE ZA 261 61.80 0.38 -44.25
CA ILE ZA 261 62.49 -0.87 -44.51
C ILE ZA 261 61.60 -1.71 -45.39
N LEU ZA 262 62.12 -2.13 -46.54
CA LEU ZA 262 61.38 -2.97 -47.47
C LEU ZA 262 61.83 -4.42 -47.32
N PHE ZA 263 60.87 -5.33 -47.24
CA PHE ZA 263 61.16 -6.74 -47.02
C PHE ZA 263 61.31 -7.45 -48.36
N GLY ZA 264 62.38 -8.21 -48.50
CA GLY ZA 264 62.62 -8.97 -49.71
C GLY ZA 264 61.93 -10.31 -49.67
N PRO ZA 265 62.23 -11.17 -50.64
CA PRO ZA 265 61.61 -12.49 -50.68
C PRO ZA 265 62.18 -13.40 -49.61
N ASP ZA 266 63.45 -13.19 -49.27
CA ASP ZA 266 64.10 -14.01 -48.25
C ASP ZA 266 63.45 -13.84 -46.89
N LEU ZA 267 62.83 -12.68 -46.64
CA LEU ZA 267 62.25 -12.38 -45.34
C LEU ZA 267 60.76 -12.06 -45.39
N GLY ZA 268 60.26 -11.56 -46.50
CA GLY ZA 268 58.85 -11.21 -46.59
C GLY ZA 268 57.92 -12.40 -46.47
N SER ZA 269 58.43 -13.62 -46.66
CA SER ZA 269 57.60 -14.81 -46.56
C SER ZA 269 57.08 -15.07 -45.15
N HIS ZA 270 57.63 -14.39 -44.14
CA HIS ZA 270 57.22 -14.58 -42.76
C HIS ZA 270 56.41 -13.37 -42.28
N VAL ZA 271 55.48 -13.63 -41.38
CA VAL ZA 271 54.78 -12.59 -40.64
C VAL ZA 271 55.17 -12.73 -39.18
N PHE ZA 272 55.61 -11.64 -38.59
CA PHE ZA 272 56.12 -11.68 -37.22
C PHE ZA 272 54.95 -11.66 -36.25
N GLN ZA 273 54.72 -12.78 -35.57
CA GLN ZA 273 53.65 -12.92 -34.59
C GLN ZA 273 54.24 -13.50 -33.32
N TYR ZA 274 54.01 -12.83 -32.20
CA TYR ZA 274 54.51 -13.25 -30.89
C TYR ZA 274 56.04 -13.32 -30.86
N GLN ZA 275 56.71 -12.56 -31.72
CA GLN ZA 275 58.15 -12.49 -31.76
C GLN ZA 275 58.62 -11.09 -31.39
N THR ZA 276 59.92 -10.98 -31.12
CA THR ZA 276 60.55 -9.69 -30.87
C THR ZA 276 61.35 -9.28 -32.09
N ILE ZA 277 61.61 -7.98 -32.21
CA ILE ZA 277 62.27 -7.41 -33.37
C ILE ZA 277 63.18 -6.29 -32.91
N THR ZA 278 64.44 -6.35 -33.33
CA THR ZA 278 65.45 -5.36 -32.95
C THR ZA 278 65.98 -4.68 -34.19
N ILE ZA 279 65.92 -3.35 -34.21
CA ILE ZA 279 66.48 -2.54 -35.29
C ILE ZA 279 67.48 -1.59 -34.67
N GLN ZA 280 68.72 -1.61 -35.15
CA GLN ZA 280 69.79 -0.78 -34.61
C GLN ZA 280 70.35 0.10 -35.71
N ILE ZA 281 70.36 1.41 -35.46
CA ILE ZA 281 70.93 2.39 -36.38
C ILE ZA 281 72.17 2.96 -35.73
N THR ZA 282 73.33 2.67 -36.29
CA THR ZA 282 74.61 3.12 -35.71
C THR ZA 282 75.29 4.11 -36.64
N PRO ZA 283 75.31 5.39 -36.32
CA PRO ZA 283 76.00 6.36 -37.17
C PRO ZA 283 77.51 6.22 -37.08
N ASN ZA 284 78.25 7.03 -37.84
CA ASN ZA 284 79.70 6.93 -37.84
C ASN ZA 284 80.33 7.54 -36.60
N ILE ZA 285 79.66 8.49 -35.95
CA ILE ZA 285 80.14 9.08 -34.71
C ILE ZA 285 78.95 9.33 -33.81
N GLY ZA 286 78.98 8.80 -32.60
CA GLY ZA 286 77.92 8.98 -31.63
C GLY ZA 286 77.26 7.66 -31.26
N SER ZA 287 76.38 7.77 -30.27
CA SER ZA 287 75.68 6.60 -29.77
C SER ZA 287 74.71 6.07 -30.81
N PRO ZA 288 74.45 4.75 -30.80
CA PRO ZA 288 73.47 4.19 -31.73
C PRO ZA 288 72.08 4.15 -31.13
N LEU ZA 289 71.10 4.02 -32.02
CA LEU ZA 289 69.71 3.89 -31.63
C LEU ZA 289 69.27 2.45 -31.84
N THR ZA 290 68.97 1.76 -30.73
CA THR ZA 290 68.48 0.39 -30.77
C THR ZA 290 67.06 0.37 -30.25
N ILE ZA 291 66.12 -0.02 -31.09
CA ILE ZA 291 64.70 -0.07 -30.75
C ILE ZA 291 64.27 -1.52 -30.82
N SER ZA 292 63.78 -2.05 -29.71
CA SER ZA 292 63.31 -3.43 -29.64
C SER ZA 292 61.83 -3.43 -29.29
N GLU ZA 293 61.05 -4.21 -30.04
CA GLU ZA 293 59.61 -4.25 -29.88
C GLU ZA 293 59.17 -5.70 -29.69
N TYR ZA 294 57.86 -5.89 -29.54
CA TYR ZA 294 57.27 -7.22 -29.39
C TYR ZA 294 55.84 -7.15 -29.89
N VAL ZA 295 55.56 -7.82 -31.00
CA VAL ZA 295 54.27 -7.74 -31.66
C VAL ZA 295 53.51 -9.04 -31.43
N TYR ZA 296 52.19 -8.93 -31.25
CA TYR ZA 296 51.34 -10.11 -31.08
C TYR ZA 296 50.67 -10.52 -32.39
N GLN ZA 297 49.83 -9.66 -32.92
CA GLN ZA 297 48.99 -9.96 -34.07
C GLN ZA 297 48.76 -8.69 -34.87
N PRO ZA 298 49.01 -8.71 -36.18
CA PRO ZA 298 48.79 -7.51 -36.99
C PRO ZA 298 47.33 -7.31 -37.32
N GLU ZA 299 46.97 -6.07 -37.59
CA GLU ZA 299 45.60 -5.73 -37.94
C GLU ZA 299 45.57 -4.52 -38.85
N GLY ZA 300 44.55 -4.46 -39.71
CA GLY ZA 300 44.32 -3.33 -40.57
C GLY ZA 300 45.32 -3.15 -41.71
N SER ZA 301 46.27 -4.07 -41.86
CA SER ZA 301 47.28 -4.05 -42.91
C SER ZA 301 48.30 -2.94 -42.67
N VAL ZA 302 48.05 -2.09 -41.69
CA VAL ZA 302 49.04 -1.13 -41.20
C VAL ZA 302 48.98 -1.15 -39.69
N SER ZA 303 49.85 -1.93 -39.07
CA SER ZA 303 49.81 -2.13 -37.62
C SER ZA 303 50.79 -1.18 -36.95
N VAL ZA 304 50.31 -0.49 -35.92
CA VAL ZA 304 51.14 0.52 -35.23
C VAL ZA 304 51.86 -0.24 -34.11
N ILE ZA 305 52.94 -0.92 -34.48
CA ILE ZA 305 53.80 -1.66 -33.57
C ILE ZA 305 54.86 -2.38 -34.38
N LEU AB 19 184.77 29.41 -26.61
CA LEU AB 19 184.00 29.22 -25.38
C LEU AB 19 182.60 28.72 -25.70
N ALA AB 20 181.87 28.35 -24.66
CA ALA AB 20 180.47 27.97 -24.78
C ALA AB 20 179.53 29.08 -24.35
N GLY AB 21 180.06 30.22 -23.90
CA GLY AB 21 179.19 31.32 -23.50
C GLY AB 21 178.48 31.94 -24.69
N LEU AB 22 179.17 32.06 -25.82
CA LEU AB 22 178.52 32.58 -27.02
C LEU AB 22 177.49 31.60 -27.56
N ASP AB 23 177.82 30.31 -27.57
CA ASP AB 23 176.88 29.31 -28.06
C ASP AB 23 175.61 29.29 -27.21
N THR AB 24 175.76 29.45 -25.89
CA THR AB 24 174.59 29.50 -25.03
C THR AB 24 173.73 30.72 -25.33
N ALA AB 25 174.36 31.83 -25.71
CA ALA AB 25 173.61 33.03 -26.04
C ALA AB 25 172.82 32.84 -27.33
N ILE AB 26 173.43 32.21 -28.33
CA ILE AB 26 172.77 32.04 -29.61
C ILE AB 26 171.59 31.09 -29.49
N ILE AB 27 171.77 30.00 -28.75
CA ILE AB 27 170.68 29.05 -28.59
C ILE AB 27 169.55 29.66 -27.77
N LEU AB 28 169.89 30.47 -26.76
CA LEU AB 28 168.87 31.13 -25.96
C LEU AB 28 168.06 32.11 -26.81
N ILE AB 29 168.70 32.69 -27.82
CA ILE AB 29 167.98 33.63 -28.69
C ILE AB 29 166.95 32.89 -29.53
N ALA AB 30 167.36 31.78 -30.16
CA ALA AB 30 166.45 31.06 -31.05
C ALA AB 30 165.32 30.41 -30.29
N PHE AB 31 165.56 30.03 -29.04
CA PHE AB 31 164.50 29.36 -28.27
C PHE AB 31 163.42 30.32 -27.84
N ILE AB 32 163.78 31.55 -27.48
CA ILE AB 32 162.78 32.55 -27.12
C ILE AB 32 161.94 32.90 -28.34
N ILE AB 33 162.56 32.95 -29.52
CA ILE AB 33 161.82 33.23 -30.74
C ILE AB 33 160.81 32.12 -31.00
N THR AB 34 161.22 30.87 -30.79
CA THR AB 34 160.33 29.75 -31.07
C THR AB 34 159.20 29.67 -30.06
N ALA AB 35 159.52 29.85 -28.77
CA ALA AB 35 158.49 29.76 -27.74
C ALA AB 35 157.47 30.87 -27.87
N SER AB 36 157.87 32.01 -28.44
CA SER AB 36 156.94 33.10 -28.62
C SER AB 36 155.94 32.79 -29.73
N VAL AB 37 156.41 32.15 -30.80
CA VAL AB 37 155.52 31.83 -31.92
C VAL AB 37 154.44 30.86 -31.49
N LEU AB 38 154.79 29.88 -30.65
CA LEU AB 38 153.78 29.00 -30.08
C LEU AB 38 152.76 29.81 -29.28
N ALA AB 39 153.23 30.81 -28.54
CA ALA AB 39 152.31 31.68 -27.82
C ALA AB 39 151.52 32.56 -28.77
N TYR AB 40 152.07 32.81 -29.96
CA TYR AB 40 151.41 33.69 -30.93
C TYR AB 40 150.12 33.06 -31.42
N VAL AB 41 150.18 31.78 -31.82
CA VAL AB 41 148.99 31.14 -32.37
C VAL AB 41 148.10 30.58 -31.27
N ALA AB 42 148.68 30.32 -30.10
CA ALA AB 42 147.87 29.79 -29.00
C ALA AB 42 146.83 30.81 -28.56
N ILE AB 43 147.21 32.09 -28.54
CA ILE AB 43 146.26 33.14 -28.22
C ILE AB 43 145.32 33.38 -29.39
N ASN AB 44 145.87 33.45 -30.61
CA ASN AB 44 145.05 33.74 -31.79
C ASN AB 44 143.96 32.69 -31.96
N MET AB 45 144.36 31.42 -32.07
CA MET AB 45 143.36 30.36 -32.23
C MET AB 45 142.55 30.17 -30.96
N GLY AB 46 143.05 30.62 -29.81
CA GLY AB 46 142.27 30.55 -28.59
C GLY AB 46 141.05 31.44 -28.64
N LEU AB 47 141.25 32.72 -29.00
CA LEU AB 47 140.13 33.64 -29.09
C LEU AB 47 139.18 33.23 -30.21
N PHE AB 48 139.72 32.66 -31.29
CA PHE AB 48 138.88 32.28 -32.42
C PHE AB 48 137.87 31.23 -32.03
N VAL AB 49 138.33 30.14 -31.42
CA VAL AB 49 137.41 29.08 -31.00
C VAL AB 49 136.47 29.60 -29.93
N THR AB 50 136.97 30.49 -29.07
CA THR AB 50 136.13 31.02 -28.00
C THR AB 50 134.94 31.80 -28.56
N GLN AB 51 135.20 32.70 -29.52
CA GLN AB 51 134.12 33.46 -30.12
C GLN AB 51 133.17 32.55 -30.88
N LYS AB 52 133.69 31.47 -31.45
CA LYS AB 52 132.82 30.51 -32.11
C LYS AB 52 131.89 29.83 -31.11
N ALA AB 53 132.40 29.59 -29.90
CA ALA AB 53 131.54 29.04 -28.85
C ALA AB 53 130.46 30.03 -28.46
N LYS AB 54 130.77 31.32 -28.47
CA LYS AB 54 129.75 32.32 -28.15
C LYS AB 54 128.64 32.33 -29.20
N SER AB 55 128.98 32.02 -30.45
CA SER AB 55 127.99 32.02 -31.51
C SER AB 55 127.03 30.84 -31.36
N THR AB 56 127.54 29.66 -31.05
CA THR AB 56 126.68 28.49 -30.97
C THR AB 56 125.82 28.52 -29.71
N ILE AB 57 126.24 29.28 -28.69
CA ILE AB 57 125.37 29.47 -27.53
C ILE AB 57 124.17 30.31 -27.91
N ASN AB 58 124.40 31.35 -28.71
CA ASN AB 58 123.31 32.21 -29.13
C ASN AB 58 122.31 31.46 -29.99
N LYS AB 59 122.81 30.72 -30.99
CA LYS AB 59 121.90 29.96 -31.85
C LYS AB 59 121.32 28.77 -31.10
N GLY AB 60 122.04 28.23 -30.12
CA GLY AB 60 121.49 27.16 -29.31
C GLY AB 60 120.29 27.61 -28.50
N GLU AB 61 120.26 28.90 -28.13
CA GLU AB 61 119.10 29.43 -27.42
C GLU AB 61 117.99 29.80 -28.39
N GLU AB 62 118.34 30.31 -29.57
CA GLU AB 62 117.32 30.66 -30.55
C GLU AB 62 116.57 29.44 -31.04
N THR AB 63 117.24 28.30 -31.14
CA THR AB 63 116.57 27.08 -31.57
C THR AB 63 115.56 26.63 -30.53
N ALA AB 64 115.97 26.62 -29.26
CA ALA AB 64 115.06 26.16 -28.21
C ALA AB 64 113.94 27.17 -27.97
N SER AB 65 114.18 28.44 -28.27
CA SER AB 65 113.20 29.47 -27.95
C SER AB 65 112.09 29.52 -29.00
N THR AB 66 112.44 29.82 -30.25
CA THR AB 66 111.44 30.03 -31.28
C THR AB 66 110.71 28.73 -31.59
N ALA AB 67 109.37 28.83 -31.63
CA ALA AB 67 108.52 27.71 -31.96
C ALA AB 67 107.12 28.24 -32.23
N LEU AB 68 106.48 27.73 -33.26
CA LEU AB 68 105.15 28.18 -33.63
C LEU AB 68 104.09 27.37 -32.91
N THR AB 69 102.87 27.89 -32.90
CA THR AB 69 101.71 27.17 -32.41
C THR AB 69 100.54 27.47 -33.33
N LEU AB 70 99.47 26.70 -33.17
CA LEU AB 70 98.30 26.80 -34.05
C LEU AB 70 97.15 27.38 -33.24
N SER AB 71 96.93 28.68 -33.40
CA SER AB 71 95.78 29.35 -32.81
C SER AB 71 94.65 29.38 -33.82
N GLY AB 72 93.45 29.05 -33.37
CA GLY AB 72 92.31 29.01 -34.27
C GLY AB 72 92.29 27.74 -35.10
N SER AB 73 91.09 27.22 -35.37
CA SER AB 73 90.95 25.95 -36.06
C SER AB 73 91.36 26.09 -37.53
N VAL AB 74 91.29 24.98 -38.25
CA VAL AB 74 91.66 24.92 -39.65
C VAL AB 74 90.40 24.71 -40.47
N LEU AB 75 90.25 25.49 -41.54
CA LEU AB 75 89.11 25.39 -42.43
C LEU AB 75 89.52 24.63 -43.70
N TYR AB 76 88.50 24.16 -44.42
CA TYR AB 76 88.74 23.35 -45.61
C TYR AB 76 87.56 23.52 -46.55
N ALA AB 77 87.78 24.20 -47.67
CA ALA AB 77 86.71 24.49 -48.61
C ALA AB 77 86.55 23.36 -49.61
N VAL AB 78 85.32 23.21 -50.10
CA VAL AB 78 84.97 22.09 -50.97
C VAL AB 78 83.64 22.41 -51.64
N ASN AB 79 83.40 21.85 -52.82
CA ASN AB 79 82.11 22.00 -53.48
C ASN AB 79 81.07 21.23 -52.67
N TYR AB 80 80.28 21.95 -51.88
CA TYR AB 80 79.50 21.31 -50.82
C TYR AB 80 78.45 20.34 -51.33
N PRO AB 81 77.57 20.69 -52.28
CA PRO AB 81 76.54 19.74 -52.69
C PRO AB 81 77.12 18.43 -53.19
N SER AB 82 78.02 18.50 -54.17
CA SER AB 82 78.67 17.32 -54.73
C SER AB 82 80.16 17.46 -54.46
N ASN AB 83 80.63 16.79 -53.40
CA ASN AB 83 82.03 16.89 -53.00
C ASN AB 83 82.89 16.16 -54.02
N THR AB 84 83.49 16.91 -54.93
CA THR AB 84 84.36 16.31 -55.95
C THR AB 84 85.68 17.06 -56.05
N ARG AB 85 85.68 18.35 -55.71
CA ARG AB 85 86.84 19.20 -55.87
C ARG AB 85 87.20 19.86 -54.55
N SER AB 86 88.49 20.10 -54.35
CA SER AB 86 89.00 20.78 -53.16
C SER AB 86 89.51 22.15 -53.57
N TYR AB 87 89.10 23.19 -52.84
CA TYR AB 87 89.41 24.56 -53.21
C TYR AB 87 90.63 25.09 -52.46
N TRP AB 88 90.58 25.11 -51.13
CA TRP AB 88 91.69 25.66 -50.36
C TRP AB 88 91.61 25.15 -48.92
N ILE AB 89 92.64 25.49 -48.14
CA ILE AB 89 92.71 25.22 -46.71
C ILE AB 89 93.28 26.45 -46.04
N TYR AB 90 92.69 26.87 -44.92
CA TYR AB 90 93.09 28.09 -44.25
C TYR AB 90 93.19 27.85 -42.76
N PHE AB 91 94.28 28.31 -42.15
CA PHE AB 91 94.45 28.24 -40.71
C PHE AB 91 95.44 29.32 -40.28
N THR AB 92 95.30 29.77 -39.04
CA THR AB 92 96.13 30.83 -38.49
C THR AB 92 97.18 30.24 -37.56
N VAL AB 93 98.34 30.89 -37.52
CA VAL AB 93 99.50 30.40 -36.77
C VAL AB 93 100.14 31.57 -36.04
N SER AB 94 100.44 31.36 -34.77
CA SER AB 94 101.12 32.33 -33.93
C SER AB 94 102.30 31.67 -33.25
N PRO AB 95 103.27 32.45 -32.77
CA PRO AB 95 104.36 31.85 -31.98
C PRO AB 95 103.82 31.17 -30.74
N SER AB 96 104.55 30.14 -30.29
CA SER AB 96 104.09 29.32 -29.17
C SER AB 96 103.78 30.17 -27.95
N SER AB 97 104.80 30.83 -27.42
CA SER AB 97 104.63 31.87 -26.43
C SER AB 97 105.38 33.10 -26.93
N GLY AB 98 105.01 34.27 -26.43
CA GLY AB 98 105.62 35.48 -26.92
C GLY AB 98 107.06 35.62 -26.46
N VAL AB 99 107.89 34.61 -26.79
CA VAL AB 99 109.26 34.58 -26.32
C VAL AB 99 110.19 35.27 -27.31
N SER AB 100 109.99 35.03 -28.61
CA SER AB 100 110.82 35.66 -29.63
C SER AB 100 110.16 35.46 -30.98
N SER AB 101 110.51 36.34 -31.91
CA SER AB 101 109.95 36.31 -33.25
C SER AB 101 110.51 35.12 -34.03
N VAL AB 102 109.81 34.76 -35.09
CA VAL AB 102 110.21 33.66 -35.97
C VAL AB 102 110.07 34.12 -37.41
N GLU AB 103 111.08 33.82 -38.22
CA GLU AB 103 111.10 34.28 -39.60
C GLU AB 103 110.25 33.35 -40.47
N LEU AB 104 109.42 33.95 -41.33
CA LEU AB 104 108.53 33.20 -42.20
C LEU AB 104 108.70 33.65 -43.64
N SER AB 105 109.94 33.98 -44.04
CA SER AB 105 110.20 34.34 -45.42
C SER AB 105 110.04 33.12 -46.32
N PRO AB 106 109.42 33.27 -47.48
CA PRO AB 106 109.22 32.12 -48.37
C PRO AB 106 110.51 31.56 -48.94
N SER AB 107 111.62 32.26 -48.78
CA SER AB 107 112.88 31.81 -49.36
C SER AB 107 113.59 30.81 -48.47
N THR AB 108 113.44 30.92 -47.16
CA THR AB 108 114.17 30.06 -46.24
C THR AB 108 113.30 29.08 -45.47
N THR AB 109 112.00 29.30 -45.38
CA THR AB 109 111.11 28.38 -44.69
C THR AB 109 110.43 27.46 -45.69
N ALA AB 110 109.77 26.43 -45.17
CA ALA AB 110 109.15 25.44 -46.03
C ALA AB 110 107.88 24.92 -45.37
N ILE AB 111 106.80 24.83 -46.15
CA ILE AB 111 105.54 24.26 -45.70
C ILE AB 111 105.29 23.02 -46.55
N SER AB 112 105.41 21.86 -45.93
CA SER AB 112 105.23 20.60 -46.62
C SER AB 112 103.82 20.06 -46.39
N PHE AB 113 103.23 19.51 -47.43
CA PHE AB 113 101.89 18.97 -47.40
C PHE AB 113 101.92 17.53 -47.88
N THR AB 114 101.15 16.66 -47.23
CA THR AB 114 101.13 15.26 -47.62
C THR AB 114 99.85 14.60 -47.12
N ALA AB 115 99.31 13.70 -47.92
CA ALA AB 115 98.13 12.92 -47.59
C ALA AB 115 98.51 11.44 -47.56
N SER AB 116 97.75 10.66 -46.80
CA SER AB 116 98.07 9.25 -46.62
C SER AB 116 97.43 8.39 -47.70
N ALA AB 117 96.11 8.47 -47.84
CA ALA AB 117 95.39 7.53 -48.69
C ALA AB 117 95.81 7.66 -50.15
N GLU AB 118 95.80 8.89 -50.67
CA GLU AB 118 96.10 9.08 -52.09
C GLU AB 118 97.54 8.79 -52.45
N GLY AB 119 98.42 8.69 -51.46
CA GLY AB 119 99.82 8.51 -51.76
C GLY AB 119 100.50 9.72 -52.35
N ILE AB 120 99.90 10.89 -52.22
CA ILE AB 120 100.47 12.13 -52.74
C ILE AB 120 101.20 12.84 -51.61
N SER AB 121 102.43 13.26 -51.85
CA SER AB 121 103.25 13.91 -50.85
C SER AB 121 104.03 15.05 -51.48
N TYR AB 122 103.94 16.23 -50.89
CA TYR AB 122 104.60 17.42 -51.38
C TYR AB 122 105.73 17.80 -50.42
N SER AB 123 106.42 18.88 -50.76
CA SER AB 123 107.47 19.43 -49.92
C SER AB 123 107.72 20.87 -50.34
N ASN AB 124 107.57 21.80 -49.40
CA ASN AB 124 107.83 23.22 -49.63
C ASN AB 124 106.96 23.76 -50.76
N ILE AB 125 105.66 23.81 -50.47
CA ILE AB 125 104.70 24.43 -51.37
C ILE AB 125 104.55 25.91 -51.02
N TYR AB 126 105.46 26.42 -50.19
CA TYR AB 126 105.41 27.81 -49.73
C TYR AB 126 106.15 28.68 -50.74
N GLU AB 127 105.42 29.53 -51.46
CA GLU AB 127 105.99 30.29 -52.55
C GLU AB 127 105.99 31.79 -52.31
N TYR AB 128 104.86 32.37 -51.94
CA TYR AB 128 104.74 33.82 -51.82
C TYR AB 128 104.29 34.21 -50.42
N THR AB 129 104.40 35.50 -50.12
CA THR AB 129 104.00 36.04 -48.84
C THR AB 129 103.48 37.45 -49.02
N LEU AB 130 102.70 37.91 -48.05
CA LEU AB 130 102.17 39.27 -48.05
C LEU AB 130 102.71 40.09 -46.90
N LEU AB 131 103.56 39.52 -46.05
CA LEU AB 131 104.19 40.29 -44.99
C LEU AB 131 105.21 41.30 -45.53
N THR AB 132 105.50 41.25 -46.83
CA THR AB 132 106.47 42.15 -47.43
C THR AB 132 105.83 43.28 -48.23
N VAL AB 133 104.61 43.09 -48.72
CA VAL AB 133 103.97 44.12 -49.52
C VAL AB 133 103.53 45.26 -48.61
N SER AB 134 103.76 46.49 -49.06
CA SER AB 134 103.36 47.64 -48.27
C SER AB 134 101.91 48.01 -48.56
N PRO AB 135 101.17 48.44 -47.54
CA PRO AB 135 99.76 48.79 -47.77
C PRO AB 135 99.58 50.05 -48.61
N SER AB 136 100.61 50.89 -48.73
CA SER AB 136 100.48 52.09 -49.54
C SER AB 136 100.35 51.75 -51.02
N GLU AB 137 100.89 50.61 -51.44
CA GLU AB 137 100.82 50.25 -52.85
C GLU AB 137 99.43 49.75 -53.22
N LEU AB 138 98.87 48.84 -52.43
CA LEU AB 138 97.59 48.25 -52.74
C LEU AB 138 96.42 49.22 -52.56
N ALA AB 139 96.69 50.41 -52.02
CA ALA AB 139 95.60 51.26 -51.57
C ALA AB 139 94.80 51.88 -52.70
N ASN AB 140 95.32 51.87 -53.93
CA ASN AB 140 94.72 52.66 -55.00
C ASN AB 140 94.02 51.81 -56.05
N GLN AB 141 94.70 50.82 -56.62
CA GLN AB 141 94.28 50.18 -57.86
C GLN AB 141 93.52 48.88 -57.59
N VAL AB 142 92.27 49.01 -57.16
CA VAL AB 142 91.31 47.91 -57.22
C VAL AB 142 89.92 48.50 -57.02
N TYR AB 143 88.96 48.05 -57.82
CA TYR AB 143 87.59 48.54 -57.72
C TYR AB 143 86.67 47.72 -58.60
N ALA AB 144 85.39 47.71 -58.25
CA ALA AB 144 84.36 47.06 -59.02
C ALA AB 144 83.16 47.94 -59.30
N ASN AB 145 83.05 49.08 -58.62
CA ASN AB 145 81.95 50.03 -58.82
C ASN AB 145 82.51 51.43 -58.58
N GLY AB 146 81.62 52.39 -58.35
CA GLY AB 146 82.03 53.77 -58.15
C GLY AB 146 83.03 53.98 -57.02
N GLN AB 147 83.37 52.93 -56.28
CA GLN AB 147 84.29 53.04 -55.15
C GLN AB 147 85.46 52.08 -55.34
N TYR AB 148 86.65 52.54 -54.96
CA TYR AB 148 87.82 51.68 -54.88
C TYR AB 148 87.86 51.06 -53.49
N LEU AB 149 87.67 49.74 -53.42
CA LEU AB 149 87.58 49.06 -52.14
C LEU AB 149 88.96 48.88 -51.53
N ASP AB 150 89.00 48.95 -50.20
CA ASP AB 150 90.24 48.83 -49.43
C ASP AB 150 90.37 47.41 -48.89
N LEU AB 151 91.53 46.81 -49.12
CA LEU AB 151 91.74 45.42 -48.73
C LEU AB 151 92.46 45.28 -47.39
N VAL AB 152 93.32 46.23 -47.05
CA VAL AB 152 94.09 46.17 -45.82
C VAL AB 152 93.52 47.14 -44.80
N ASN AB 153 93.46 46.68 -43.55
CA ASN AB 153 93.17 47.55 -42.43
C ASN AB 153 94.49 47.94 -41.76
N GLN AB 154 94.52 49.15 -41.21
CA GLN AB 154 95.74 49.64 -40.59
C GLN AB 154 95.39 50.61 -39.47
N GLN AB 155 95.87 50.30 -38.27
CA GLN AB 155 95.70 51.14 -37.10
C GLN AB 155 97.04 51.78 -36.74
N THR AB 156 97.07 52.52 -35.64
CA THR AB 156 98.29 53.18 -35.22
C THR AB 156 98.20 53.53 -33.74
N ASN AB 157 99.32 53.33 -33.04
CA ASN AB 157 99.50 53.73 -31.66
C ASN AB 157 100.94 53.49 -31.28
N ALA AB 158 101.43 54.30 -30.33
CA ALA AB 158 102.81 54.21 -29.85
C ALA AB 158 103.82 54.37 -30.98
N GLY AB 159 103.48 55.16 -31.99
CA GLY AB 159 104.39 55.41 -33.08
C GLY AB 159 104.59 54.25 -34.03
N GLN AB 160 103.70 53.26 -33.99
CA GLN AB 160 103.78 52.12 -34.88
C GLN AB 160 102.41 51.85 -35.47
N THR AB 161 102.40 51.41 -36.72
CA THR AB 161 101.17 51.16 -37.47
C THR AB 161 101.05 49.66 -37.74
N TYR AB 162 100.05 49.03 -37.16
CA TYR AB 162 99.78 47.63 -37.37
C TYR AB 162 98.78 47.45 -38.50
N VAL AB 163 99.14 46.64 -39.49
CA VAL AB 163 98.24 46.33 -40.58
C VAL AB 163 97.83 44.87 -40.51
N TYR AB 164 96.70 44.55 -41.14
CA TYR AB 164 96.21 43.19 -41.20
C TYR AB 164 95.12 43.13 -42.26
N TYR AB 165 94.69 41.92 -42.56
CA TYR AB 165 93.62 41.67 -43.52
C TYR AB 165 92.37 41.17 -42.81
N PRO AB 166 91.19 41.60 -43.24
CA PRO AB 166 89.96 41.24 -42.51
C PRO AB 166 89.39 39.89 -42.90
N ASN AB 167 89.68 39.36 -44.08
CA ASN AB 167 89.18 38.05 -44.48
C ASN AB 167 90.06 37.52 -45.60
N PRO AB 168 90.07 36.21 -45.82
CA PRO AB 168 90.97 35.65 -46.85
C PRO AB 168 90.65 36.14 -48.25
N TYR AB 169 89.39 36.44 -48.54
CA TYR AB 169 89.04 36.88 -49.89
C TYR AB 169 89.74 38.18 -50.25
N TYR AB 170 89.83 39.12 -49.30
CA TYR AB 170 90.56 40.34 -49.54
C TYR AB 170 92.05 40.07 -49.69
N ALA AB 171 92.54 39.03 -49.04
CA ALA AB 171 93.95 38.67 -49.18
C ALA AB 171 94.24 38.14 -50.58
N LEU AB 172 93.28 37.42 -51.17
CA LEU AB 172 93.45 36.95 -52.54
C LEU AB 172 93.44 38.11 -53.52
N LEU AB 173 92.57 39.10 -53.30
CA LEU AB 173 92.52 40.25 -54.18
C LEU AB 173 93.82 41.04 -54.10
N ALA AB 174 94.38 41.15 -52.89
CA ALA AB 174 95.66 41.84 -52.75
C ALA AB 174 96.79 41.03 -53.37
N LEU AB 175 96.72 39.70 -53.28
CA LEU AB 175 97.77 38.87 -53.84
C LEU AB 175 97.72 38.87 -55.37
N ASN AB 176 96.51 38.86 -55.94
CA ASN AB 176 96.39 38.84 -57.39
C ASN AB 176 97.06 40.05 -58.02
N TYR AB 177 96.86 41.23 -57.42
CA TYR AB 177 97.51 42.42 -57.93
C TYR AB 177 99.00 42.41 -57.62
N THR AB 178 99.38 41.83 -56.49
CA THR AB 178 100.79 41.81 -56.09
C THR AB 178 101.63 41.03 -57.10
N LEU AB 179 101.25 39.77 -57.34
CA LEU AB 179 101.99 38.96 -58.31
C LEU AB 179 101.96 39.59 -59.70
N SER AB 180 100.93 40.39 -59.99
CA SER AB 180 100.82 40.97 -61.32
C SER AB 180 101.71 42.18 -61.49
N LYS AB 181 101.64 43.16 -60.59
CA LYS AB 181 102.35 44.42 -60.75
C LYS AB 181 103.48 44.63 -59.76
N ILE AB 182 103.36 44.16 -58.52
CA ILE AB 182 104.37 44.46 -57.50
C ILE AB 182 105.69 43.79 -57.84
N ASP AB 183 105.68 42.46 -57.89
CA ASP AB 183 106.85 41.69 -58.32
C ASP AB 183 106.52 41.05 -59.66
N LYS AB 184 107.28 41.41 -60.68
CA LYS AB 184 106.95 41.03 -62.06
C LYS AB 184 107.25 39.56 -62.32
N VAL AB 185 106.46 38.67 -61.74
CA VAL AB 185 106.60 37.24 -62.02
C VAL AB 185 105.83 36.92 -63.30
N SER AB 186 106.51 36.32 -64.28
CA SER AB 186 105.89 36.12 -65.58
C SER AB 186 104.89 34.96 -65.56
N PRO AB 187 105.18 33.80 -64.96
CA PRO AB 187 104.09 32.82 -64.78
C PRO AB 187 103.36 33.07 -63.47
N SER AB 188 102.09 33.43 -63.55
CA SER AB 188 101.32 33.77 -62.36
C SER AB 188 100.49 32.57 -61.95
N PRO AB 189 100.73 31.97 -60.78
CA PRO AB 189 99.94 30.80 -60.37
C PRO AB 189 98.53 31.14 -59.93
N LEU AB 190 98.13 32.41 -59.95
CA LEU AB 190 96.80 32.81 -59.51
C LEU AB 190 96.28 33.90 -60.44
N TYR AB 191 95.09 33.68 -61.00
CA TYR AB 191 94.43 34.67 -61.83
C TYR AB 191 93.00 34.83 -61.37
N ILE AB 192 92.64 36.04 -60.95
CA ILE AB 192 91.30 36.35 -60.45
C ILE AB 192 90.66 37.35 -61.39
N THR AB 193 89.51 37.00 -61.94
CA THR AB 193 88.81 37.87 -62.88
C THR AB 193 87.33 37.89 -62.53
N THR AB 194 86.64 38.91 -63.04
CA THR AB 194 85.21 39.06 -62.83
C THR AB 194 84.38 38.54 -63.99
N THR AB 195 84.99 38.34 -65.16
CA THR AB 195 84.24 37.92 -66.33
C THR AB 195 83.74 36.49 -66.17
N THR AB 196 82.75 36.14 -67.00
CA THR AB 196 82.22 34.79 -66.98
C THR AB 196 83.31 33.81 -67.37
N PRO AB 197 83.46 32.68 -66.66
CA PRO AB 197 84.49 31.71 -67.03
C PRO AB 197 84.35 31.19 -68.45
N SER AB 198 83.15 31.23 -69.02
CA SER AB 198 82.97 30.85 -70.41
C SER AB 198 83.79 31.74 -71.33
N SER AB 199 83.53 33.06 -71.28
CA SER AB 199 84.27 33.99 -72.12
C SER AB 199 85.72 34.10 -71.70
N ALA AB 200 86.00 33.92 -70.40
CA ALA AB 200 87.38 34.02 -69.93
C ALA AB 200 88.24 32.92 -70.54
N THR AB 201 87.69 31.71 -70.67
CA THR AB 201 88.44 30.64 -71.32
C THR AB 201 88.64 30.92 -72.80
N GLN AB 202 87.74 31.69 -73.41
CA GLN AB 202 87.89 32.01 -74.83
C GLN AB 202 89.06 32.95 -75.06
N ILE AB 203 89.11 34.05 -74.32
CA ILE AB 203 90.19 35.01 -74.50
C ILE AB 203 91.52 34.43 -74.02
N TYR AB 204 91.51 33.67 -72.93
CA TYR AB 204 92.71 33.02 -72.41
C TYR AB 204 92.51 31.52 -72.40
N PRO AB 205 93.11 30.78 -73.34
CA PRO AB 205 92.85 29.34 -73.38
C PRO AB 205 93.45 28.57 -72.22
N PHE AB 206 94.49 29.11 -71.58
CA PHE AB 206 95.17 28.33 -70.54
C PHE AB 206 94.33 28.18 -69.28
N LEU AB 207 93.30 28.99 -69.10
CA LEU AB 207 92.47 28.89 -67.91
C LEU AB 207 91.60 27.64 -67.90
N ALA AB 208 91.52 26.91 -69.01
CA ALA AB 208 90.60 25.79 -69.11
C ALA AB 208 91.04 24.58 -68.30
N HIS AB 209 92.23 24.61 -67.71
CA HIS AB 209 92.74 23.47 -66.96
C HIS AB 209 92.89 23.73 -65.47
N ASP AB 210 92.97 24.99 -65.05
CA ASP AB 210 93.29 25.30 -63.66
C ASP AB 210 92.09 25.06 -62.76
N ASN AB 211 92.37 24.89 -61.47
CA ASN AB 211 91.33 24.81 -60.47
C ASN AB 211 90.60 26.15 -60.40
N MET AB 212 89.32 26.09 -60.03
CA MET AB 212 88.50 27.29 -60.03
C MET AB 212 87.53 27.27 -58.86
N PHE AB 213 87.41 28.41 -58.19
CA PHE AB 213 86.40 28.60 -57.16
C PHE AB 213 85.95 30.05 -57.20
N THR AB 214 84.75 30.28 -56.70
CA THR AB 214 84.11 31.59 -56.76
C THR AB 214 83.92 32.15 -55.35
N PHE AB 215 83.82 33.47 -55.27
CA PHE AB 215 83.52 34.13 -54.00
C PHE AB 215 82.91 35.49 -54.31
N THR AB 216 81.63 35.64 -53.99
CA THR AB 216 80.89 36.85 -54.35
C THR AB 216 80.97 37.88 -53.23
N LEU AB 217 80.83 39.15 -53.62
CA LEU AB 217 80.84 40.25 -52.68
C LEU AB 217 79.75 41.24 -53.04
N ASN AB 218 79.39 42.09 -52.08
CA ASN AB 218 78.31 43.06 -52.22
C ASN AB 218 78.91 44.46 -52.08
N ILE AB 219 79.34 45.03 -53.22
CA ILE AB 219 79.92 46.36 -53.24
C ILE AB 219 78.88 47.33 -53.78
N SER AB 220 78.48 48.29 -52.95
CA SER AB 220 77.56 49.36 -53.35
C SER AB 220 76.22 48.80 -53.83
N GLY AB 221 75.79 47.71 -53.21
CA GLY AB 221 74.48 47.16 -53.47
C GLY AB 221 74.42 46.07 -54.53
N THR AB 222 75.43 45.96 -55.38
CA THR AB 222 75.45 44.94 -56.41
C THR AB 222 76.29 43.76 -55.96
N LEU AB 223 76.00 42.60 -56.54
CA LEU AB 223 76.64 41.34 -56.17
C LEU AB 223 77.70 41.03 -57.22
N VAL AB 224 78.95 41.36 -56.90
CA VAL AB 224 80.08 41.13 -57.79
C VAL AB 224 80.64 39.74 -57.51
N THR AB 225 80.75 38.92 -58.55
CA THR AB 225 81.27 37.57 -58.43
C THR AB 225 82.65 37.50 -59.06
N TYR AB 226 83.58 36.86 -58.38
CA TYR AB 226 84.94 36.68 -58.85
C TYR AB 226 85.19 35.22 -59.16
N TYR AB 227 86.19 34.98 -60.00
CA TYR AB 227 86.59 33.63 -60.37
C TYR AB 227 88.09 33.52 -60.23
N ALA AB 228 88.54 32.57 -59.42
CA ALA AB 228 89.95 32.42 -59.10
C ALA AB 228 90.48 31.16 -59.77
N PHE AB 229 91.53 31.30 -60.58
CA PHE AB 229 92.17 30.20 -61.25
C PHE AB 229 93.56 29.99 -60.66
N VAL AB 230 93.89 28.74 -60.35
CA VAL AB 230 95.19 28.38 -59.81
C VAL AB 230 95.67 27.12 -60.49
N ASN AB 231 96.93 27.12 -60.93
CA ASN AB 231 97.48 26.03 -61.71
C ASN AB 231 98.57 25.26 -60.98
N GLN AB 232 98.71 25.48 -59.67
CA GLN AB 232 99.78 24.84 -58.91
C GLN AB 232 99.51 24.95 -57.42
N THR AB 233 99.61 23.83 -56.71
CA THR AB 233 99.33 23.82 -55.27
C THR AB 233 100.42 24.58 -54.54
N PHE AB 234 100.11 25.81 -54.14
CA PHE AB 234 101.05 26.64 -53.39
C PHE AB 234 100.34 27.24 -52.20
N ALA AB 235 101.11 27.87 -51.33
CA ALA AB 235 100.60 28.45 -50.11
C ALA AB 235 101.24 29.80 -49.85
N PHE AB 236 100.53 30.67 -49.16
CA PHE AB 236 101.06 31.98 -48.80
C PHE AB 236 100.55 32.37 -47.43
N THR AB 237 101.26 33.30 -46.81
CA THR AB 237 100.92 33.79 -45.48
C THR AB 237 100.66 35.29 -45.51
N TYR AB 238 99.80 35.75 -44.62
CA TYR AB 238 99.47 37.16 -44.53
C TYR AB 238 99.06 37.48 -43.10
N PRO AB 239 99.33 38.68 -42.62
CA PRO AB 239 99.05 39.00 -41.23
C PRO AB 239 97.55 39.12 -40.99
N VAL AB 240 97.14 38.78 -39.77
CA VAL AB 240 95.73 38.92 -39.40
C VAL AB 240 95.61 39.69 -38.09
N ALA AB 241 96.70 39.84 -37.36
CA ALA AB 241 96.64 40.58 -36.10
C ALA AB 241 98.01 41.01 -35.61
N GLY AB 242 98.17 42.31 -35.33
CA GLY AB 242 99.33 42.82 -34.62
C GLY AB 242 100.68 42.56 -35.25
N ASP AB 243 100.95 43.16 -36.41
CA ASP AB 243 102.21 42.99 -37.12
C ASP AB 243 102.76 44.37 -37.48
N PRO AB 244 103.52 44.99 -36.58
CA PRO AB 244 104.08 46.30 -36.89
C PRO AB 244 105.24 46.24 -37.85
N LEU AB 245 105.94 45.11 -37.95
CA LEU AB 245 107.10 44.98 -38.84
C LEU AB 245 106.61 44.46 -40.18
N ILE AB 246 106.20 45.39 -41.05
CA ILE AB 246 105.69 45.05 -42.37
C ILE AB 246 106.79 45.29 -43.38
N GLY AB 247 107.03 44.30 -44.24
CA GLY AB 247 108.11 44.36 -45.20
C GLY AB 247 109.29 43.49 -44.87
N SER AB 248 109.19 42.66 -43.82
CA SER AB 248 110.31 41.85 -43.38
C SER AB 248 110.03 40.36 -43.34
N ALA AB 249 108.78 39.94 -43.50
CA ALA AB 249 108.40 38.53 -43.45
C ALA AB 249 108.82 37.89 -42.13
N ILE AB 250 108.79 38.66 -41.05
CA ILE AB 250 109.13 38.16 -39.72
C ILE AB 250 107.90 38.31 -38.85
N ALA AB 251 107.45 37.19 -38.28
CA ALA AB 251 106.29 37.19 -37.41
C ALA AB 251 106.72 37.52 -35.99
N PRO AB 252 106.45 38.70 -35.47
CA PRO AB 252 106.93 39.05 -34.13
C PRO AB 252 106.15 38.31 -33.06
N ALA AB 253 106.78 38.15 -31.90
CA ALA AB 253 106.13 37.53 -30.77
C ALA AB 253 104.93 38.39 -30.35
N GLY AB 254 103.78 37.76 -30.24
CA GLY AB 254 102.54 38.46 -29.98
C GLY AB 254 101.71 38.75 -31.21
N SER AB 255 101.89 38.00 -32.29
CA SER AB 255 101.20 38.24 -33.54
C SER AB 255 100.59 36.94 -34.04
N VAL AB 256 99.51 37.08 -34.80
CA VAL AB 256 98.84 35.96 -35.44
C VAL AB 256 98.99 36.11 -36.94
N ILE AB 257 99.44 35.04 -37.59
CA ILE AB 257 99.67 35.02 -39.03
C ILE AB 257 98.75 33.99 -39.65
N GLY AB 258 98.22 34.30 -40.83
CA GLY AB 258 97.28 33.42 -41.47
C GLY AB 258 97.86 32.68 -42.65
N VAL AB 259 97.93 31.36 -42.55
CA VAL AB 259 98.45 30.53 -43.61
C VAL AB 259 97.28 30.02 -44.45
N MET AB 260 97.49 29.96 -45.77
CA MET AB 260 96.43 29.51 -46.68
C MET AB 260 97.06 28.71 -47.80
N ILE AB 261 96.47 27.55 -48.09
CA ILE AB 261 96.94 26.66 -49.15
C ILE AB 261 95.91 26.66 -50.27
N LEU AB 262 96.38 26.77 -51.51
CA LEU AB 262 95.51 26.85 -52.68
C LEU AB 262 95.80 25.66 -53.59
N PHE AB 263 94.86 24.74 -53.69
CA PHE AB 263 95.07 23.52 -54.45
C PHE AB 263 95.04 23.79 -55.94
N GLY AB 264 95.94 23.12 -56.66
CA GLY AB 264 95.96 23.19 -58.10
C GLY AB 264 95.16 22.07 -58.71
N PRO AB 265 95.35 21.82 -60.01
CA PRO AB 265 94.59 20.76 -60.68
C PRO AB 265 95.16 19.38 -60.37
N ASP AB 266 96.44 19.34 -60.03
CA ASP AB 266 97.10 18.07 -59.76
C ASP AB 266 96.54 17.38 -58.53
N LEU AB 267 95.96 18.16 -57.61
CA LEU AB 267 95.54 17.63 -56.32
C LEU AB 267 94.10 18.03 -56.01
N GLY AB 268 93.66 19.14 -56.59
CA GLY AB 268 92.33 19.66 -56.31
C GLY AB 268 91.20 18.74 -56.72
N SER AB 269 91.48 17.73 -57.54
CA SER AB 269 90.45 16.80 -57.99
C SER AB 269 90.06 15.80 -56.92
N HIS AB 270 90.71 15.81 -55.76
CA HIS AB 270 90.42 14.87 -54.70
C HIS AB 270 89.75 15.57 -53.52
N VAL AB 271 88.92 14.81 -52.82
CA VAL AB 271 88.29 15.27 -51.58
C VAL AB 271 88.75 14.35 -50.46
N PHE AB 272 89.45 14.91 -49.50
CA PHE AB 272 89.99 14.14 -48.38
C PHE AB 272 88.85 13.67 -47.51
N GLN AB 273 88.47 12.41 -47.65
CA GLN AB 273 87.38 11.83 -46.87
C GLN AB 273 87.87 10.52 -46.26
N TYR AB 274 87.73 10.39 -44.94
CA TYR AB 274 88.20 9.22 -44.21
C TYR AB 274 89.69 9.01 -44.44
N GLN AB 275 90.45 10.09 -44.38
CA GLN AB 275 91.87 10.10 -44.67
C GLN AB 275 92.63 10.79 -43.56
N THR AB 276 93.93 10.98 -43.78
CA THR AB 276 94.80 11.68 -42.84
C THR AB 276 95.59 12.75 -43.59
N ILE AB 277 95.65 13.94 -43.03
CA ILE AB 277 96.35 15.07 -43.62
C ILE AB 277 97.49 15.45 -42.70
N THR AB 278 98.64 15.78 -43.29
CA THR AB 278 99.82 16.17 -42.51
C THR AB 278 100.45 17.40 -43.14
N ILE AB 279 100.61 18.44 -42.33
CA ILE AB 279 101.27 19.67 -42.75
C ILE AB 279 102.38 19.98 -41.76
N GLN AB 280 103.52 20.44 -42.25
CA GLN AB 280 104.64 20.76 -41.38
C GLN AB 280 105.29 22.05 -41.85
N ILE AB 281 105.29 23.05 -40.98
CA ILE AB 281 105.91 24.34 -41.26
C ILE AB 281 107.25 24.38 -40.55
N THR AB 282 108.33 24.32 -41.32
CA THR AB 282 109.68 24.25 -40.77
C THR AB 282 110.48 25.52 -41.07
N PRO AB 283 110.57 26.46 -40.15
CA PRO AB 283 111.38 27.65 -40.39
C PRO AB 283 112.87 27.33 -40.38
N ASN AB 284 113.67 28.32 -40.76
CA ASN AB 284 115.10 28.10 -40.88
C ASN AB 284 115.77 27.96 -39.53
N ILE AB 285 115.17 28.53 -38.49
CA ILE AB 285 115.68 28.43 -37.13
C ILE AB 285 114.54 28.04 -36.21
N GLY AB 286 114.82 27.18 -35.24
CA GLY AB 286 113.83 26.76 -34.28
C GLY AB 286 113.12 25.48 -34.69
N SER AB 287 112.23 25.05 -33.80
CA SER AB 287 111.51 23.80 -33.97
C SER AB 287 110.33 23.98 -34.92
N PRO AB 288 110.02 22.96 -35.71
CA PRO AB 288 108.91 23.08 -36.68
C PRO AB 288 107.55 23.00 -36.03
N LEU AB 289 106.52 22.99 -36.87
CA LEU AB 289 105.14 22.83 -36.43
C LEU AB 289 104.47 21.79 -37.33
N THR AB 290 104.08 20.67 -36.74
CA THR AB 290 103.43 19.60 -37.48
C THR AB 290 101.98 19.46 -37.04
N ILE AB 291 101.10 19.27 -38.01
CA ILE AB 291 99.67 19.11 -37.76
C ILE AB 291 99.20 17.85 -38.47
N SER AB 292 98.35 17.08 -37.79
CA SER AB 292 97.77 15.88 -38.37
C SER AB 292 96.27 15.90 -38.13
N GLU AB 293 95.50 15.61 -39.17
CA GLU AB 293 94.05 15.70 -39.08
C GLU AB 293 93.41 14.51 -39.78
N TYR AB 294 92.27 14.08 -39.26
CA TYR AB 294 91.48 12.98 -39.82
C TYR AB 294 90.14 13.57 -40.26
N VAL AB 295 89.90 13.60 -41.57
CA VAL AB 295 88.72 14.23 -42.14
C VAL AB 295 87.67 13.17 -42.38
N TYR AB 296 86.50 13.35 -41.79
CA TYR AB 296 85.41 12.38 -41.96
C TYR AB 296 84.65 12.62 -43.25
N GLN AB 297 83.95 13.75 -43.32
CA GLN AB 297 83.04 14.03 -44.42
C GLN AB 297 82.83 15.54 -44.52
N PRO AB 298 83.26 16.17 -45.59
CA PRO AB 298 83.12 17.63 -45.69
C PRO AB 298 81.67 18.06 -45.71
N GLU AB 299 81.42 19.25 -45.18
CA GLU AB 299 80.07 19.80 -45.15
C GLU AB 299 80.14 21.31 -44.94
N GLY AB 300 79.17 22.02 -45.50
CA GLY AB 300 79.05 23.45 -45.34
C GLY AB 300 79.87 24.29 -46.29
N SER AB 301 80.71 23.67 -47.12
CA SER AB 301 81.58 24.34 -48.07
C SER AB 301 82.73 25.05 -47.35
N VAL AB 302 82.66 25.10 -46.02
CA VAL AB 302 83.80 25.44 -45.18
C VAL AB 302 83.79 24.48 -44.00
N SER AB 303 84.56 23.40 -44.09
CA SER AB 303 84.61 22.40 -43.05
C SER AB 303 85.67 22.80 -42.02
N VAL AB 304 85.28 22.84 -40.75
CA VAL AB 304 86.19 23.25 -39.68
C VAL AB 304 86.85 21.97 -39.18
N ILE AB 305 87.88 21.54 -39.90
CA ILE AB 305 88.73 20.40 -39.55
C ILE AB 305 89.72 20.14 -40.67
N LEU BB 19 167.89 28.37 -22.05
CA LEU BB 19 167.35 27.36 -21.17
C LEU BB 19 165.84 27.24 -21.34
N ALA BB 20 165.26 26.23 -20.73
CA ALA BB 20 163.82 26.03 -20.75
C ALA BB 20 163.11 26.78 -19.63
N GLY BB 21 163.84 27.52 -18.79
CA GLY BB 21 163.19 28.28 -17.75
C GLY BB 21 162.39 29.44 -18.29
N LEU BB 22 162.96 30.17 -19.25
CA LEU BB 22 162.25 31.30 -19.84
C LEU BB 22 161.14 30.85 -20.76
N ASP BB 23 161.40 29.82 -21.59
CA ASP BB 23 160.36 29.30 -22.47
C ASP BB 23 159.17 28.79 -21.67
N THR BB 24 159.42 28.22 -20.49
CA THR BB 24 158.32 27.78 -19.65
C THR BB 24 157.54 28.97 -19.11
N ALA BB 25 158.21 30.10 -18.89
CA ALA BB 25 157.53 31.28 -18.40
C ALA BB 25 156.66 31.90 -19.48
N ILE BB 26 157.21 32.06 -20.69
CA ILE BB 26 156.47 32.72 -21.76
C ILE BB 26 155.19 31.96 -22.07
N ILE BB 27 155.30 30.64 -22.28
CA ILE BB 27 154.13 29.83 -22.56
C ILE BB 27 153.18 29.82 -21.39
N LEU BB 28 153.70 29.96 -20.16
CA LEU BB 28 152.84 30.03 -19.00
C LEU BB 28 152.01 31.31 -19.01
N ILE BB 29 152.57 32.39 -19.57
CA ILE BB 29 151.84 33.64 -19.65
C ILE BB 29 150.73 33.54 -20.69
N ALA BB 30 151.01 32.86 -21.80
CA ALA BB 30 150.03 32.79 -22.87
C ALA BB 30 148.86 31.88 -22.50
N PHE BB 31 149.15 30.67 -22.02
CA PHE BB 31 148.10 29.71 -21.77
C PHE BB 31 147.15 30.18 -20.66
N ILE BB 32 147.61 31.08 -19.81
CA ILE BB 32 146.71 31.65 -18.81
C ILE BB 32 145.83 32.72 -19.43
N ILE BB 33 146.39 33.51 -20.35
CA ILE BB 33 145.60 34.52 -21.03
C ILE BB 33 144.49 33.87 -21.84
N THR BB 34 144.82 32.81 -22.58
CA THR BB 34 143.79 32.11 -23.34
C THR BB 34 142.76 31.48 -22.43
N ALA BB 35 143.20 30.91 -21.31
CA ALA BB 35 142.26 30.33 -20.37
C ALA BB 35 141.43 31.40 -19.67
N SER BB 36 141.95 32.62 -19.62
CA SER BB 36 141.20 33.71 -19.00
C SER BB 36 140.13 34.24 -19.95
N VAL BB 37 140.36 34.14 -21.25
CA VAL BB 37 139.38 34.64 -22.21
C VAL BB 37 138.21 33.67 -22.34
N LEU BB 38 138.48 32.38 -22.28
CA LEU BB 38 137.40 31.41 -22.28
C LEU BB 38 136.47 31.62 -21.09
N ALA BB 39 137.05 31.95 -19.93
CA ALA BB 39 136.24 32.26 -18.76
C ALA BB 39 135.47 33.56 -18.97
N TYR BB 40 136.11 34.56 -19.57
CA TYR BB 40 135.47 35.85 -19.77
C TYR BB 40 134.22 35.72 -20.62
N VAL BB 41 134.21 34.75 -21.54
CA VAL BB 41 133.07 34.59 -22.44
C VAL BB 41 132.08 33.59 -21.87
N ALA BB 42 132.56 32.57 -21.16
CA ALA BB 42 131.66 31.59 -20.57
C ALA BB 42 130.75 32.24 -19.53
N ILE BB 43 131.28 33.19 -18.76
CA ILE BB 43 130.46 33.89 -17.78
C ILE BB 43 129.52 34.87 -18.46
N ASN BB 44 129.98 35.48 -19.56
CA ASN BB 44 129.15 36.45 -20.27
C ASN BB 44 127.91 35.78 -20.86
N MET BB 45 128.11 34.72 -21.64
CA MET BB 45 126.98 34.04 -22.24
C MET BB 45 126.22 33.21 -21.23
N GLY BB 46 126.85 32.86 -20.11
CA GLY BB 46 126.15 32.13 -19.07
C GLY BB 46 125.05 32.95 -18.44
N LEU BB 47 125.37 34.16 -18.01
CA LEU BB 47 124.36 35.04 -17.43
C LEU BB 47 123.31 35.41 -18.45
N PHE BB 48 123.69 35.52 -19.73
CA PHE BB 48 122.77 35.99 -20.75
C PHE BB 48 121.64 34.98 -20.96
N VAL BB 49 121.99 33.72 -21.21
CA VAL BB 49 120.96 32.71 -21.42
C VAL BB 49 120.20 32.44 -20.14
N THR BB 50 120.83 32.71 -18.99
CA THR BB 50 120.16 32.55 -17.71
C THR BB 50 119.00 33.53 -17.58
N GLN BB 51 119.28 34.83 -17.79
CA GLN BB 51 118.21 35.81 -17.74
C GLN BB 51 117.20 35.58 -18.85
N LYS BB 52 117.65 35.04 -19.98
CA LYS BB 52 116.72 34.65 -21.03
C LYS BB 52 115.78 33.56 -20.55
N ALA BB 53 116.31 32.61 -19.76
CA ALA BB 53 115.46 31.57 -19.21
C ALA BB 53 114.50 32.15 -18.18
N LYS BB 54 114.94 33.16 -17.43
CA LYS BB 54 114.04 33.80 -16.48
C LYS BB 54 112.86 34.45 -17.18
N SER BB 55 113.09 35.00 -18.36
CA SER BB 55 112.02 35.68 -19.09
C SER BB 55 110.98 34.69 -19.58
N THR BB 56 111.42 33.59 -20.20
CA THR BB 56 110.46 32.63 -20.72
C THR BB 56 109.71 31.91 -19.62
N ILE BB 57 110.26 31.87 -18.41
CA ILE BB 57 109.52 31.34 -17.26
C ILE BB 57 108.35 32.24 -16.95
N ASN BB 58 108.57 33.56 -16.99
CA ASN BB 58 107.50 34.50 -16.69
C ASN BB 58 106.49 34.56 -17.82
N LYS BB 59 106.97 34.68 -19.07
CA LYS BB 59 106.04 34.78 -20.20
C LYS BB 59 105.23 33.51 -20.34
N GLY BB 60 105.87 32.35 -20.21
CA GLY BB 60 105.13 31.10 -20.30
C GLY BB 60 104.12 30.94 -19.19
N GLU BB 61 104.36 31.58 -18.04
CA GLU BB 61 103.45 31.45 -16.91
C GLU BB 61 102.17 32.24 -17.14
N GLU BB 62 102.29 33.43 -17.73
CA GLU BB 62 101.10 34.23 -17.99
C GLU BB 62 100.19 33.54 -19.00
N THR BB 63 100.78 32.87 -20.00
CA THR BB 63 99.99 32.10 -20.95
C THR BB 63 99.15 31.06 -20.23
N ALA BB 64 99.66 30.51 -19.14
CA ALA BB 64 98.91 29.52 -18.38
C ALA BB 64 97.89 30.14 -17.45
N SER BB 65 98.00 31.43 -17.16
CA SER BB 65 97.17 32.05 -16.12
C SER BB 65 96.05 32.90 -16.69
N THR BB 66 96.26 33.57 -17.82
CA THR BB 66 95.26 34.49 -18.36
C THR BB 66 94.33 33.77 -19.32
N ALA BB 67 93.04 34.05 -19.18
CA ALA BB 67 92.01 33.45 -20.03
C ALA BB 67 90.70 34.19 -19.82
N LEU BB 68 89.98 34.40 -20.91
CA LEU BB 68 88.70 35.08 -20.87
C LEU BB 68 87.57 34.06 -20.79
N THR BB 69 86.50 34.44 -20.08
CA THR BB 69 85.32 33.61 -19.95
C THR BB 69 84.11 34.37 -20.47
N LEU BB 70 83.01 33.65 -20.69
CA LEU BB 70 81.80 34.21 -21.26
C LEU BB 70 80.76 34.39 -20.17
N SER BB 71 80.65 35.60 -19.65
CA SER BB 71 79.63 35.95 -18.69
C SER BB 71 78.44 36.58 -19.40
N GLY BB 72 77.24 36.13 -19.05
CA GLY BB 72 76.05 36.68 -19.65
C GLY BB 72 75.75 36.11 -21.02
N SER BB 73 74.48 36.01 -21.36
CA SER BB 73 74.07 35.40 -22.62
C SER BB 73 74.45 36.28 -23.80
N VAL BB 74 74.40 35.68 -24.99
CA VAL BB 74 74.70 36.34 -26.24
C VAL BB 74 73.40 36.68 -26.94
N LEU BB 75 73.29 37.89 -27.46
CA LEU BB 75 72.07 38.37 -28.08
C LEU BB 75 72.20 38.42 -29.58
N TYR BB 76 71.06 38.56 -30.25
CA TYR BB 76 71.02 38.54 -31.72
C TYR BB 76 69.88 39.45 -32.16
N ALA BB 77 70.22 40.48 -32.94
CA ALA BB 77 69.25 41.44 -33.43
C ALA BB 77 68.87 41.13 -34.87
N VAL BB 78 67.59 41.33 -35.17
CA VAL BB 78 67.04 40.97 -36.48
C VAL BB 78 65.69 41.65 -36.64
N ASN BB 79 65.30 41.94 -37.87
CA ASN BB 79 63.96 42.47 -38.13
C ASN BB 79 62.93 41.40 -37.82
N TYR BB 80 62.21 41.56 -36.71
CA TYR BB 80 61.42 40.46 -36.17
C TYR BB 80 60.19 40.13 -37.01
N PRO BB 81 59.33 41.09 -37.38
CA PRO BB 81 58.12 40.70 -38.14
C PRO BB 81 58.43 40.00 -39.45
N SER BB 82 59.63 40.17 -39.99
CA SER BB 82 60.03 39.50 -41.23
C SER BB 82 61.53 39.27 -41.16
N ASN BB 83 61.93 38.08 -40.76
CA ASN BB 83 63.35 37.79 -40.55
C ASN BB 83 64.10 37.69 -41.87
N THR BB 84 64.71 38.80 -42.29
CA THR BB 84 65.46 38.84 -43.53
C THR BB 84 66.84 39.50 -43.42
N ARG BB 85 67.05 40.37 -42.44
CA ARG BB 85 68.33 41.05 -42.26
C ARG BB 85 68.98 40.58 -40.96
N SER BB 86 70.11 41.21 -40.64
CA SER BB 86 70.82 40.92 -39.40
C SER BB 86 71.48 42.20 -38.92
N TYR BB 87 71.13 42.66 -37.73
CA TYR BB 87 71.58 43.96 -37.27
C TYR BB 87 72.89 43.88 -36.48
N TRP BB 88 72.89 43.15 -35.37
CA TRP BB 88 74.10 43.06 -34.56
C TRP BB 88 74.03 41.85 -33.64
N ILE BB 89 75.17 41.54 -33.02
CA ILE BB 89 75.30 40.50 -32.03
C ILE BB 89 76.13 41.05 -30.87
N TYR BB 90 75.65 40.84 -29.65
CA TYR BB 90 76.28 41.46 -28.48
C TYR BB 90 76.44 40.43 -27.38
N PHE BB 91 77.61 40.42 -26.75
CA PHE BB 91 77.87 39.53 -25.63
C PHE BB 91 79.00 40.11 -24.79
N THR BB 92 79.01 39.74 -23.51
CA THR BB 92 79.98 40.25 -22.56
C THR BB 92 80.97 39.14 -22.18
N VAL BB 93 82.21 39.55 -21.91
CA VAL BB 93 83.26 38.63 -21.52
C VAL BB 93 83.95 39.17 -20.28
N SER BB 94 84.73 38.31 -19.64
CA SER BB 94 85.47 38.67 -18.44
C SER BB 94 86.60 37.66 -18.27
N PRO BB 95 87.65 38.01 -17.54
CA PRO BB 95 88.68 37.03 -17.21
C PRO BB 95 88.08 35.82 -16.51
N SER BB 96 88.61 34.64 -16.83
CA SER BB 96 88.00 33.38 -16.38
C SER BB 96 87.88 33.36 -14.86
N SER BB 97 89.01 33.34 -14.18
CA SER BB 97 89.08 33.60 -12.75
C SER BB 97 89.99 34.79 -12.56
N GLY BB 98 89.60 35.71 -11.69
CA GLY BB 98 90.29 36.98 -11.64
C GLY BB 98 91.68 36.86 -11.06
N VAL BB 99 92.56 36.16 -11.77
CA VAL BB 99 93.93 35.99 -11.32
C VAL BB 99 94.86 36.97 -12.00
N SER BB 100 94.55 37.40 -13.22
CA SER BB 100 95.40 38.31 -13.95
C SER BB 100 94.58 38.98 -15.04
N SER BB 101 95.03 40.17 -15.43
CA SER BB 101 94.33 40.95 -16.44
C SER BB 101 94.79 40.56 -17.84
N VAL BB 102 93.88 40.71 -18.81
CA VAL BB 102 94.16 40.41 -20.20
C VAL BB 102 94.10 41.72 -20.99
N GLU BB 103 94.85 41.76 -22.08
CA GLU BB 103 94.98 42.95 -22.91
C GLU BB 103 94.12 42.79 -24.16
N LEU BB 104 93.19 43.72 -24.36
CA LEU BB 104 92.24 43.65 -25.46
C LEU BB 104 92.42 44.79 -26.47
N SER BB 105 93.63 45.31 -26.61
CA SER BB 105 93.84 46.43 -27.51
C SER BB 105 93.53 46.01 -28.95
N PRO BB 106 92.74 46.79 -29.69
CA PRO BB 106 92.32 46.36 -31.03
C PRO BB 106 93.46 46.26 -32.03
N SER BB 107 94.67 46.61 -31.63
CA SER BB 107 95.82 46.46 -32.51
C SER BB 107 96.59 45.17 -32.27
N THR BB 108 96.27 44.44 -31.20
CA THR BB 108 97.00 43.23 -30.84
C THR BB 108 96.14 41.98 -30.76
N THR BB 109 94.84 42.11 -30.51
CA THR BB 109 93.96 40.95 -30.40
C THR BB 109 93.08 40.83 -31.64
N ALA BB 110 92.59 39.61 -31.86
CA ALA BB 110 91.85 39.27 -33.08
C ALA BB 110 90.51 38.67 -32.72
N ILE BB 111 89.47 39.10 -33.43
CA ILE BB 111 88.11 38.61 -33.23
C ILE BB 111 87.63 38.10 -34.58
N SER BB 112 87.52 36.79 -34.72
CA SER BB 112 87.11 36.17 -35.97
C SER BB 112 85.66 35.73 -35.89
N PHE BB 113 84.98 35.79 -37.04
CA PHE BB 113 83.58 35.42 -37.14
C PHE BB 113 83.41 34.52 -38.35
N THR BB 114 82.95 33.30 -38.12
CA THR BB 114 82.74 32.33 -39.20
C THR BB 114 81.36 31.73 -39.10
N ALA BB 115 80.71 31.59 -40.25
CA ALA BB 115 79.42 30.92 -40.36
C ALA BB 115 79.56 29.77 -41.35
N SER BB 116 78.99 28.62 -41.00
CA SER BB 116 79.23 27.43 -41.81
C SER BB 116 78.40 27.45 -43.09
N ALA BB 117 77.13 27.84 -43.01
CA ALA BB 117 76.23 27.72 -44.15
C ALA BB 117 76.62 28.68 -45.27
N GLU BB 118 76.69 29.97 -44.96
CA GLU BB 118 77.00 30.97 -45.98
C GLU BB 118 78.40 30.85 -46.53
N GLY BB 119 79.25 29.99 -45.96
CA GLY BB 119 80.60 29.84 -46.45
C GLY BB 119 81.45 31.06 -46.18
N ILE BB 120 80.92 32.02 -45.44
CA ILE BB 120 81.64 33.24 -45.12
C ILE BB 120 82.57 32.97 -43.94
N SER BB 121 83.74 33.58 -43.97
CA SER BB 121 84.75 33.39 -42.93
C SER BB 121 85.54 34.67 -42.78
N TYR BB 122 85.51 35.24 -41.58
CA TYR BB 122 86.22 36.48 -41.30
C TYR BB 122 87.45 36.20 -40.44
N SER BB 123 88.27 37.23 -40.28
CA SER BB 123 89.49 37.13 -39.47
C SER BB 123 89.80 38.52 -38.95
N ASN BB 124 89.68 38.70 -37.64
CA ASN BB 124 90.02 39.95 -36.97
C ASN BB 124 89.19 41.12 -37.52
N ILE BB 125 87.89 41.03 -37.26
CA ILE BB 125 86.98 42.13 -37.57
C ILE BB 125 87.01 43.15 -36.44
N TYR BB 126 87.93 42.96 -35.49
CA TYR BB 126 88.07 43.87 -34.37
C TYR BB 126 88.79 45.13 -34.84
N GLU BB 127 88.13 46.27 -34.73
CA GLU BB 127 88.68 47.52 -35.23
C GLU BB 127 88.84 48.59 -34.17
N TYR BB 128 87.81 48.84 -33.37
CA TYR BB 128 87.81 49.97 -32.45
C TYR BB 128 87.47 49.51 -31.04
N THR BB 129 87.61 50.43 -30.08
CA THR BB 129 87.31 50.14 -28.70
C THR BB 129 86.99 51.44 -27.98
N LEU BB 130 86.10 51.35 -26.99
CA LEU BB 130 85.76 52.49 -26.15
C LEU BB 130 86.49 52.48 -24.83
N LEU BB 131 87.36 51.50 -24.59
CA LEU BB 131 88.13 51.46 -23.37
C LEU BB 131 89.20 52.55 -23.32
N THR BB 132 89.60 53.06 -24.48
CA THR BB 132 90.66 54.07 -24.51
C THR BB 132 90.13 55.46 -24.23
N VAL BB 133 88.96 55.81 -24.78
CA VAL BB 133 88.44 57.15 -24.61
C VAL BB 133 88.03 57.37 -23.17
N SER BB 134 88.18 58.57 -22.70
CA SER BB 134 87.87 58.95 -21.34
C SER BB 134 86.51 59.62 -21.27
N PRO BB 135 85.81 59.50 -20.13
CA PRO BB 135 84.49 60.13 -20.01
C PRO BB 135 84.53 61.64 -20.10
N SER BB 136 85.70 62.26 -19.96
CA SER BB 136 85.77 63.71 -20.00
C SER BB 136 85.40 64.25 -21.38
N GLU BB 137 85.75 63.53 -22.44
CA GLU BB 137 85.48 64.00 -23.78
C GLU BB 137 83.99 63.88 -24.12
N LEU BB 138 83.43 62.67 -23.99
CA LEU BB 138 82.11 62.41 -24.52
C LEU BB 138 81.02 63.16 -23.76
N ALA BB 139 81.25 63.44 -22.48
CA ALA BB 139 80.19 63.93 -21.62
C ALA BB 139 79.79 65.37 -21.93
N ASN BB 140 80.41 65.97 -22.94
CA ASN BB 140 80.16 67.38 -23.21
C ASN BB 140 79.10 67.60 -24.29
N GLN BB 141 79.34 67.08 -25.50
CA GLN BB 141 78.48 67.43 -26.64
C GLN BB 141 77.85 66.19 -27.26
N VAL BB 142 76.58 65.95 -26.93
CA VAL BB 142 75.66 65.15 -27.73
C VAL BB 142 74.25 65.41 -27.20
N TYR BB 143 73.29 65.59 -28.10
CA TYR BB 143 71.92 65.85 -27.68
C TYR BB 143 71.01 65.85 -28.90
N ALA BB 144 69.71 65.67 -28.64
CA ALA BB 144 68.71 65.75 -29.68
C ALA BB 144 67.45 66.46 -29.21
N ASN BB 145 67.43 66.99 -27.99
CA ASN BB 145 66.28 67.71 -27.46
C ASN BB 145 66.80 68.75 -26.47
N GLY BB 146 65.92 69.22 -25.60
CA GLY BB 146 66.27 70.27 -24.67
C GLY BB 146 67.47 70.02 -23.78
N GLN BB 147 67.91 68.77 -23.65
CA GLN BB 147 68.97 68.42 -22.73
C GLN BB 147 70.07 67.63 -23.42
N TYR BB 148 71.29 67.80 -22.91
CA TYR BB 148 72.43 66.98 -23.34
C TYR BB 148 72.43 65.69 -22.55
N LEU BB 149 72.31 64.56 -23.23
CA LEU BB 149 72.30 63.27 -22.56
C LEU BB 149 73.71 62.85 -22.18
N ASP BB 150 73.85 62.26 -21.00
CA ASP BB 150 75.12 61.73 -20.53
C ASP BB 150 75.18 60.24 -20.87
N LEU BB 151 76.29 59.83 -21.49
CA LEU BB 151 76.39 58.49 -22.03
C LEU BB 151 77.07 57.50 -21.10
N VAL BB 152 77.88 57.96 -20.17
CA VAL BB 152 78.68 57.09 -19.32
C VAL BB 152 78.33 57.37 -17.86
N ASN BB 153 78.29 56.32 -17.05
CA ASN BB 153 78.11 56.43 -15.62
C ASN BB 153 79.44 56.14 -14.93
N GLN BB 154 79.71 56.83 -13.83
CA GLN BB 154 81.02 56.72 -13.18
C GLN BB 154 80.88 56.91 -11.69
N GLN BB 155 81.43 55.97 -10.93
CA GLN BB 155 81.48 56.06 -9.48
C GLN BB 155 82.91 56.34 -9.01
N THR BB 156 83.03 56.76 -7.76
CA THR BB 156 84.32 57.04 -7.15
C THR BB 156 84.39 56.36 -5.79
N ASN BB 157 85.37 55.48 -5.62
CA ASN BB 157 85.63 54.86 -4.33
C ASN BB 157 87.05 54.32 -4.34
N ALA BB 158 87.60 54.18 -3.13
CA ALA BB 158 88.97 53.73 -2.92
C ALA BB 158 89.99 54.60 -3.65
N GLY BB 159 89.65 55.86 -3.91
CA GLY BB 159 90.55 56.74 -4.60
C GLY BB 159 90.69 56.47 -6.09
N GLN BB 160 89.69 55.82 -6.70
CA GLN BB 160 89.70 55.53 -8.12
C GLN BB 160 88.34 55.83 -8.70
N THR BB 161 88.22 55.70 -10.03
CA THR BB 161 86.98 55.95 -10.73
C THR BB 161 86.69 54.79 -11.66
N TYR BB 162 85.45 54.30 -11.62
CA TYR BB 162 84.99 53.21 -12.47
C TYR BB 162 83.91 53.73 -13.40
N VAL BB 163 84.14 53.60 -14.70
CA VAL BB 163 83.16 54.03 -15.69
C VAL BB 163 82.58 52.82 -16.39
N TYR BB 164 81.38 53.00 -16.93
CA TYR BB 164 80.70 51.94 -17.67
C TYR BB 164 79.59 52.56 -18.49
N TYR BB 165 79.13 51.82 -19.49
CA TYR BB 165 78.08 52.27 -20.40
C TYR BB 165 76.84 51.42 -20.20
N PRO BB 166 75.73 52.00 -19.76
CA PRO BB 166 74.57 51.21 -19.35
C PRO BB 166 73.72 50.66 -20.48
N ASN BB 167 74.19 50.69 -21.72
CA ASN BB 167 73.35 50.29 -22.83
C ASN BB 167 74.19 50.08 -24.08
N PRO BB 168 73.91 49.06 -24.89
CA PRO BB 168 74.55 49.00 -26.21
C PRO BB 168 74.21 50.18 -27.10
N TYR BB 169 73.10 50.85 -26.83
CA TYR BB 169 72.72 52.01 -27.63
C TYR BB 169 73.47 53.26 -27.22
N TYR BB 170 73.69 53.44 -25.91
CA TYR BB 170 74.52 54.55 -25.47
C TYR BB 170 75.95 54.39 -25.92
N ALA BB 171 76.44 53.14 -25.98
CA ALA BB 171 77.78 52.90 -26.48
C ALA BB 171 77.85 53.14 -27.98
N LEU BB 172 76.73 52.96 -28.68
CA LEU BB 172 76.72 53.22 -30.12
C LEU BB 172 76.82 54.71 -30.41
N LEU BB 173 76.15 55.54 -29.60
CA LEU BB 173 76.25 56.97 -29.81
C LEU BB 173 77.62 57.50 -29.44
N ALA BB 174 78.20 56.97 -28.36
CA ALA BB 174 79.52 57.43 -27.94
C ALA BB 174 80.59 57.04 -28.97
N LEU BB 175 80.41 55.90 -29.63
CA LEU BB 175 81.34 55.51 -30.68
C LEU BB 175 81.19 56.39 -31.90
N ASN BB 176 79.98 56.90 -32.16
CA ASN BB 176 79.75 57.78 -33.28
C ASN BB 176 80.63 59.03 -33.19
N TYR BB 177 80.50 59.76 -32.07
CA TYR BB 177 81.28 60.97 -31.89
C TYR BB 177 82.77 60.68 -31.84
N THR BB 178 83.14 59.55 -31.25
CA THR BB 178 84.55 59.21 -31.07
C THR BB 178 85.25 59.11 -32.41
N LEU BB 179 84.72 58.29 -33.32
CA LEU BB 179 85.37 58.10 -34.61
C LEU BB 179 85.34 59.37 -35.44
N SER BB 180 84.44 60.31 -35.11
CA SER BB 180 84.32 61.53 -35.90
C SER BB 180 85.33 62.58 -35.46
N LYS BB 181 85.40 62.85 -34.15
CA LYS BB 181 86.20 63.96 -33.65
C LYS BB 181 87.42 63.55 -32.84
N ILE BB 182 87.37 62.43 -32.12
CA ILE BB 182 88.51 62.03 -31.31
C ILE BB 182 89.65 61.58 -32.20
N ASP BB 183 89.42 60.55 -33.01
CA ASP BB 183 90.41 60.03 -33.94
C ASP BB 183 89.86 60.17 -35.37
N LYS BB 184 90.41 61.15 -36.10
CA LYS BB 184 89.87 61.54 -37.40
C LYS BB 184 90.21 60.49 -38.45
N VAL BB 185 89.38 59.45 -38.50
CA VAL BB 185 89.45 58.50 -39.60
C VAL BB 185 88.67 59.07 -40.79
N SER BB 186 89.26 58.98 -41.98
CA SER BB 186 88.61 59.58 -43.13
C SER BB 186 87.38 58.78 -43.58
N PRO BB 187 87.43 57.44 -43.72
CA PRO BB 187 86.17 56.71 -43.88
C PRO BB 187 85.56 56.36 -42.54
N SER BB 188 84.44 56.95 -42.20
CA SER BB 188 83.86 56.60 -40.92
C SER BB 188 82.98 55.37 -41.08
N PRO BB 189 83.28 54.27 -40.39
CA PRO BB 189 82.55 53.03 -40.64
C PRO BB 189 81.08 53.07 -40.26
N LEU BB 190 80.66 54.04 -39.45
CA LEU BB 190 79.24 54.18 -39.12
C LEU BB 190 78.89 55.65 -39.00
N TYR BB 191 77.60 55.93 -39.19
CA TYR BB 191 77.09 57.30 -39.17
C TYR BB 191 75.66 57.26 -38.65
N ILE BB 192 75.48 57.59 -37.38
CA ILE BB 192 74.17 57.58 -36.74
C ILE BB 192 73.58 58.98 -36.89
N THR BB 193 72.54 59.11 -37.71
CA THR BB 193 71.91 60.39 -37.98
C THR BB 193 70.43 60.31 -37.64
N THR BB 194 69.83 61.48 -37.43
CA THR BB 194 68.43 61.58 -37.08
C THR BB 194 67.50 61.82 -38.26
N THR BB 195 68.04 62.25 -39.40
CA THR BB 195 67.20 62.55 -40.55
C THR BB 195 66.59 61.26 -41.11
N THR BB 196 65.46 61.42 -41.78
CA THR BB 196 64.79 60.30 -42.41
C THR BB 196 65.70 59.69 -43.47
N PRO BB 197 65.77 58.36 -43.58
CA PRO BB 197 66.66 57.75 -44.58
C PRO BB 197 66.38 58.18 -46.00
N SER BB 198 65.18 58.68 -46.30
CA SER BB 198 64.92 59.20 -47.64
C SER BB 198 65.72 60.46 -47.90
N SER BB 199 65.57 61.47 -47.04
CA SER BB 199 66.34 62.68 -47.17
C SER BB 199 67.81 62.44 -46.85
N ALA BB 200 68.12 61.40 -46.07
CA ALA BB 200 69.50 61.13 -45.73
C ALA BB 200 70.29 60.67 -46.95
N THR BB 201 69.77 59.68 -47.68
CA THR BB 201 70.50 59.20 -48.85
C THR BB 201 70.54 60.23 -49.96
N GLN BB 202 69.64 61.22 -49.93
CA GLN BB 202 69.64 62.24 -50.97
C GLN BB 202 70.82 63.19 -50.79
N ILE BB 203 71.07 63.62 -49.55
CA ILE BB 203 72.19 64.52 -49.30
C ILE BB 203 73.51 63.77 -49.19
N TYR BB 204 73.48 62.48 -48.88
CA TYR BB 204 74.68 61.64 -48.87
C TYR BB 204 74.40 60.40 -49.71
N PRO BB 205 74.91 60.34 -50.94
CA PRO BB 205 74.54 59.23 -51.83
C PRO BB 205 75.10 57.89 -51.39
N PHE BB 206 76.22 57.88 -50.67
CA PHE BB 206 76.86 56.61 -50.33
C PHE BB 206 76.07 55.81 -49.32
N LEU BB 207 75.19 56.45 -48.55
CA LEU BB 207 74.43 55.73 -47.54
C LEU BB 207 73.36 54.84 -48.12
N ALA BB 208 73.25 54.72 -49.43
CA ALA BB 208 72.26 53.85 -50.05
C ALA BB 208 72.74 52.41 -50.17
N HIS BB 209 73.82 52.05 -49.49
CA HIS BB 209 74.35 50.70 -49.52
C HIS BB 209 74.69 50.14 -48.15
N ASP BB 210 74.71 50.96 -47.11
CA ASP BB 210 75.08 50.50 -45.79
C ASP BB 210 73.91 49.83 -45.10
N ASN BB 211 74.20 48.81 -44.31
CA ASN BB 211 73.18 48.17 -43.49
C ASN BB 211 72.61 49.18 -42.50
N MET BB 212 71.33 49.04 -42.20
CA MET BB 212 70.65 50.02 -41.37
C MET BB 212 69.84 49.32 -40.28
N PHE BB 213 69.81 49.95 -39.10
CA PHE BB 213 68.95 49.49 -38.02
C PHE BB 213 68.68 50.69 -37.10
N THR BB 214 67.42 50.90 -36.77
CA THR BB 214 66.99 52.08 -36.03
C THR BB 214 66.70 51.71 -34.58
N PHE BB 215 66.98 52.66 -33.68
CA PHE BB 215 66.67 52.50 -32.26
C PHE BB 215 66.10 53.82 -31.75
N THR BB 216 64.95 53.73 -31.09
CA THR BB 216 64.21 54.91 -30.64
C THR BB 216 64.42 55.12 -29.15
N LEU BB 217 64.65 56.37 -28.78
CA LEU BB 217 64.82 56.78 -27.40
C LEU BB 217 63.77 57.82 -27.04
N ASN BB 218 63.63 58.08 -25.74
CA ASN BB 218 62.63 59.01 -25.22
C ASN BB 218 63.35 60.08 -24.41
N ILE BB 219 63.73 61.17 -25.06
CA ILE BB 219 64.45 62.27 -24.43
C ILE BB 219 63.48 63.40 -24.17
N SER BB 220 63.44 63.87 -22.93
CA SER BB 220 62.54 64.95 -22.51
C SER BB 220 61.11 64.68 -22.94
N GLY BB 221 60.63 63.48 -22.65
CA GLY BB 221 59.25 63.12 -22.93
C GLY BB 221 58.87 63.09 -24.39
N THR BB 222 59.84 63.18 -25.30
CA THR BB 222 59.56 63.14 -26.73
C THR BB 222 60.42 62.09 -27.39
N LEU BB 223 59.80 61.25 -28.22
CA LEU BB 223 60.53 60.19 -28.90
C LEU BB 223 61.55 60.78 -29.87
N VAL BB 224 62.70 60.11 -29.97
CA VAL BB 224 63.76 60.50 -30.89
C VAL BB 224 64.33 59.25 -31.52
N THR BB 225 64.28 59.16 -32.84
CA THR BB 225 64.74 57.99 -33.56
C THR BB 225 66.11 58.25 -34.17
N TYR BB 226 66.95 57.22 -34.17
CA TYR BB 226 68.29 57.27 -34.74
C TYR BB 226 68.42 56.18 -35.79
N TYR BB 227 69.15 56.48 -36.85
CA TYR BB 227 69.37 55.53 -37.94
C TYR BB 227 70.86 55.25 -38.05
N ALA BB 228 71.25 54.00 -37.84
CA ALA BB 228 72.65 53.60 -37.84
C ALA BB 228 72.99 52.98 -39.19
N PHE BB 229 73.97 53.55 -39.88
CA PHE BB 229 74.41 53.08 -41.18
C PHE BB 229 75.81 52.50 -41.03
N VAL BB 230 75.94 51.20 -41.24
CA VAL BB 230 77.21 50.49 -41.13
C VAL BB 230 77.59 49.97 -42.50
N ASN BB 231 78.83 50.23 -42.92
CA ASN BB 231 79.31 49.83 -44.24
C ASN BB 231 80.35 48.72 -44.17
N GLN BB 232 80.59 48.15 -42.99
CA GLN BB 232 81.66 47.16 -42.84
C GLN BB 232 81.41 46.39 -41.55
N THR BB 233 81.46 45.07 -41.64
CA THR BB 233 81.28 44.22 -40.47
C THR BB 233 82.48 44.40 -39.54
N PHE BB 234 82.27 45.08 -38.42
CA PHE BB 234 83.34 45.34 -37.47
C PHE BB 234 82.81 45.19 -36.06
N ALA BB 235 83.72 44.93 -35.13
CA ALA BB 235 83.39 44.73 -33.73
C ALA BB 235 84.10 45.76 -32.87
N PHE BB 236 83.59 45.96 -31.67
CA PHE BB 236 84.20 46.87 -30.71
C PHE BB 236 83.80 46.46 -29.31
N THR BB 237 84.58 46.92 -28.33
CA THR BB 237 84.34 46.61 -26.94
C THR BB 237 84.24 47.91 -26.14
N TYR BB 238 83.43 47.87 -25.08
CA TYR BB 238 83.26 48.99 -24.18
C TYR BB 238 83.14 48.47 -22.76
N PRO BB 239 83.64 49.23 -21.78
CA PRO BB 239 83.56 48.76 -20.38
C PRO BB 239 82.13 48.73 -19.90
N VAL BB 240 81.76 47.66 -19.22
CA VAL BB 240 80.41 47.50 -18.71
C VAL BB 240 80.36 47.30 -17.20
N ALA BB 241 81.44 46.88 -16.56
CA ALA BB 241 81.40 46.70 -15.11
C ALA BB 241 82.82 46.72 -14.55
N GLY BB 242 83.09 47.66 -13.66
CA GLY BB 242 84.31 47.65 -12.87
C GLY BB 242 85.60 47.76 -13.64
N ASP BB 243 85.78 48.85 -14.38
CA ASP BB 243 87.01 49.11 -15.12
C ASP BB 243 87.66 50.35 -14.54
N PRO BB 244 88.47 50.22 -13.50
CA PRO BB 244 89.05 51.42 -12.87
C PRO BB 244 90.06 52.12 -13.74
N LEU BB 245 90.78 51.40 -14.59
CA LEU BB 245 91.79 51.98 -15.47
C LEU BB 245 91.16 52.22 -16.83
N ILE BB 246 91.15 53.48 -17.26
CA ILE BB 246 90.55 53.88 -18.53
C ILE BB 246 91.61 54.57 -19.36
N GLY BB 247 91.71 54.18 -20.63
CA GLY BB 247 92.74 54.64 -21.51
C GLY BB 247 93.84 53.64 -21.78
N SER BB 248 93.58 52.36 -21.60
CA SER BB 248 94.60 51.33 -21.77
C SER BB 248 94.15 50.12 -22.58
N ALA BB 249 92.85 49.93 -22.79
CA ALA BB 249 92.34 48.76 -23.50
C ALA BB 249 92.76 47.47 -22.80
N ILE BB 250 92.78 47.50 -21.48
CA ILE BB 250 93.16 46.36 -20.65
C ILE BB 250 92.00 46.03 -19.75
N ALA BB 251 91.59 44.76 -19.73
CA ALA BB 251 90.51 44.33 -18.87
C ALA BB 251 91.08 43.82 -17.56
N PRO BB 252 90.97 44.58 -16.47
CA PRO BB 252 91.58 44.13 -15.21
C PRO BB 252 90.87 42.92 -14.65
N ALA BB 253 91.56 42.21 -13.78
CA ALA BB 253 90.96 41.06 -13.12
C ALA BB 253 89.73 41.49 -12.35
N GLY BB 254 88.68 40.69 -12.43
CA GLY BB 254 87.43 41.07 -11.80
C GLY BB 254 86.74 42.22 -12.50
N SER BB 255 86.77 42.26 -13.82
CA SER BB 255 86.08 43.27 -14.61
C SER BB 255 85.30 42.59 -15.72
N VAL BB 256 84.23 43.24 -16.16
CA VAL BB 256 83.37 42.73 -17.22
C VAL BB 256 83.47 43.66 -18.41
N ILE BB 257 83.64 43.08 -19.59
CA ILE BB 257 83.76 43.83 -20.83
C ILE BB 257 82.69 43.34 -21.79
N GLY BB 258 82.04 44.27 -22.47
CA GLY BB 258 81.00 43.94 -23.44
C GLY BB 258 81.54 44.03 -24.86
N VAL BB 259 81.15 43.07 -25.69
CA VAL BB 259 81.58 42.98 -27.08
C VAL BB 259 80.35 43.11 -27.97
N MET BB 260 80.48 43.84 -29.06
CA MET BB 260 79.37 44.07 -29.98
C MET BB 260 79.87 43.99 -31.41
N ILE BB 261 79.22 43.16 -32.22
CA ILE BB 261 79.56 42.99 -33.63
C ILE BB 261 78.43 43.59 -34.45
N LEU BB 262 78.76 44.56 -35.30
CA LEU BB 262 77.78 45.26 -36.13
C LEU BB 262 77.90 44.73 -37.55
N PHE BB 263 76.88 44.01 -38.00
CA PHE BB 263 76.93 43.39 -39.32
C PHE BB 263 76.82 44.44 -40.40
N GLY BB 264 77.60 44.27 -41.47
CA GLY BB 264 77.60 45.18 -42.57
C GLY BB 264 76.80 44.65 -43.75
N PRO BB 265 76.90 45.33 -44.90
CA PRO BB 265 76.13 44.88 -46.06
C PRO BB 265 76.58 43.54 -46.60
N ASP BB 266 77.85 43.20 -46.41
CA ASP BB 266 78.35 41.91 -46.92
C ASP BB 266 77.74 40.74 -46.17
N LEU BB 267 77.38 40.94 -44.90
CA LEU BB 267 76.86 39.85 -44.07
C LEU BB 267 75.51 40.13 -43.46
N GLY BB 268 75.10 41.39 -43.31
CA GLY BB 268 73.82 41.70 -42.71
C GLY BB 268 72.64 41.36 -43.58
N SER BB 269 72.89 40.67 -44.68
CA SER BB 269 71.83 40.23 -45.59
C SER BB 269 71.34 38.82 -45.30
N HIS BB 270 72.06 38.06 -44.49
CA HIS BB 270 71.70 36.70 -44.15
C HIS BB 270 71.21 36.62 -42.71
N VAL BB 271 70.16 35.85 -42.48
CA VAL BB 271 69.71 35.53 -41.14
C VAL BB 271 70.27 34.17 -40.76
N PHE BB 272 71.10 34.14 -39.72
CA PHE BB 272 71.71 32.89 -39.29
C PHE BB 272 70.64 32.05 -38.61
N GLN BB 273 69.99 31.19 -39.39
CA GLN BB 273 68.93 30.33 -38.91
C GLN BB 273 69.24 28.90 -39.29
N TYR BB 274 69.14 27.99 -38.33
CA TYR BB 274 69.50 26.59 -38.54
C TYR BB 274 70.96 26.48 -39.01
N GLN BB 275 71.82 27.25 -38.37
CA GLN BB 275 73.24 27.29 -38.72
C GLN BB 275 74.06 27.28 -37.44
N THR BB 276 75.35 26.98 -37.61
CA THR BB 276 76.31 27.03 -36.51
C THR BB 276 77.18 28.27 -36.70
N ILE BB 277 77.29 29.07 -35.64
CA ILE BB 277 78.08 30.30 -35.67
C ILE BB 277 79.27 30.13 -34.74
N THR BB 278 80.40 30.73 -35.12
CA THR BB 278 81.62 30.60 -34.34
C THR BB 278 82.33 31.94 -34.26
N ILE BB 279 82.62 32.38 -33.04
CA ILE BB 279 83.40 33.58 -32.78
C ILE BB 279 84.60 33.19 -31.93
N GLN BB 280 85.74 33.82 -32.19
CA GLN BB 280 86.96 33.49 -31.46
C GLN BB 280 87.74 34.77 -31.16
N ILE BB 281 88.00 35.01 -29.89
CA ILE BB 281 88.80 36.15 -29.44
C ILE BB 281 90.14 35.62 -28.98
N THR BB 282 91.22 36.14 -29.55
CA THR BB 282 92.58 35.73 -29.18
C THR BB 282 93.37 36.92 -28.69
N PRO BB 283 93.62 37.04 -27.38
CA PRO BB 283 94.53 38.08 -26.90
C PRO BB 283 95.95 37.77 -27.31
N ASN BB 284 96.77 38.83 -27.36
CA ASN BB 284 98.14 38.68 -27.84
C ASN BB 284 98.98 37.79 -26.94
N ILE BB 285 98.59 37.61 -25.69
CA ILE BB 285 99.27 36.68 -24.80
C ILE BB 285 98.24 36.06 -23.86
N GLY BB 286 98.09 34.73 -23.94
CA GLY BB 286 97.13 34.00 -23.16
C GLY BB 286 96.36 33.04 -24.02
N SER BB 287 95.36 32.44 -23.45
CA SER BB 287 94.58 31.45 -24.17
C SER BB 287 93.35 32.10 -24.82
N PRO BB 288 92.93 31.60 -25.97
CA PRO BB 288 91.81 32.22 -26.68
C PRO BB 288 90.46 31.94 -26.04
N LEU BB 289 89.40 32.37 -26.72
CA LEU BB 289 88.03 32.16 -26.28
C LEU BB 289 87.19 31.82 -27.50
N THR BB 290 86.59 30.62 -27.51
CA THR BB 290 85.84 30.13 -28.65
C THR BB 290 84.37 30.02 -28.27
N ILE BB 291 83.52 30.71 -29.01
CA ILE BB 291 82.07 30.63 -28.85
C ILE BB 291 81.50 29.91 -30.06
N SER BB 292 80.59 28.96 -29.81
CA SER BB 292 79.96 28.20 -30.90
C SER BB 292 78.51 27.96 -30.53
N GLU BB 293 77.60 28.47 -31.35
CA GLU BB 293 76.17 28.36 -31.10
C GLU BB 293 75.46 27.79 -32.32
N TYR BB 294 74.24 27.30 -32.09
CA TYR BB 294 73.39 26.76 -33.14
C TYR BB 294 72.05 27.48 -33.05
N VAL BB 295 71.87 28.48 -33.92
CA VAL BB 295 70.68 29.32 -33.87
C VAL BB 295 69.50 28.58 -34.51
N TYR BB 296 68.40 28.48 -33.77
CA TYR BB 296 67.22 27.79 -34.28
C TYR BB 296 66.38 28.71 -35.15
N GLN BB 297 65.82 29.75 -34.54
CA GLN BB 297 64.85 30.62 -35.19
C GLN BB 297 64.71 31.90 -34.37
N PRO BB 298 64.86 33.06 -34.99
CA PRO BB 298 64.80 34.31 -34.22
C PRO BB 298 63.40 34.58 -33.69
N GLU BB 299 63.35 35.40 -32.64
CA GLU BB 299 62.08 35.82 -32.05
C GLU BB 299 62.32 37.07 -31.23
N GLY BB 300 61.30 37.94 -31.18
CA GLY BB 300 61.34 39.13 -30.36
C GLY BB 300 62.32 40.19 -30.79
N SER BB 301 63.03 40.00 -31.90
CA SER BB 301 63.98 40.95 -32.45
C SER BB 301 65.25 41.02 -31.61
N VAL BB 302 65.24 40.39 -30.44
CA VAL BB 302 66.46 40.17 -29.66
C VAL BB 302 66.42 38.74 -29.15
N SER BB 303 67.02 37.82 -29.90
CA SER BB 303 67.02 36.41 -29.54
C SER BB 303 68.26 36.11 -28.73
N VAL BB 304 68.09 35.39 -27.62
CA VAL BB 304 69.21 35.13 -26.69
C VAL BB 304 69.88 33.85 -27.18
N ILE BB 305 70.72 34.02 -28.21
CA ILE BB 305 71.53 32.95 -28.77
C ILE BB 305 72.36 33.50 -29.94
N LEU CB 19 151.51 25.70 -17.63
CA LEU CB 19 150.95 24.37 -17.41
C LEU CB 19 149.43 24.41 -17.45
N ALA CB 20 148.82 23.22 -17.35
CA ALA CB 20 147.38 23.11 -17.27
C ALA CB 20 146.86 23.03 -15.84
N GLY CB 21 147.75 22.89 -14.86
CA GLY CB 21 147.34 22.89 -13.46
C GLY CB 21 146.78 24.21 -12.97
N LEU CB 22 147.00 25.29 -13.71
CA LEU CB 22 146.41 26.59 -13.42
C LEU CB 22 145.21 26.89 -14.30
N ASP CB 23 145.24 26.50 -15.57
CA ASP CB 23 144.12 26.78 -16.47
C ASP CB 23 142.86 26.06 -16.01
N THR CB 24 142.98 24.78 -15.60
CA THR CB 24 141.81 24.06 -15.14
C THR CB 24 141.26 24.68 -13.87
N ALA CB 25 142.14 25.29 -13.07
CA ALA CB 25 141.67 26.00 -11.88
C ALA CB 25 140.89 27.25 -12.26
N ILE CB 26 141.40 28.01 -13.23
CA ILE CB 26 140.69 29.20 -13.69
C ILE CB 26 139.36 28.81 -14.33
N ILE CB 27 139.38 27.77 -15.15
CA ILE CB 27 138.13 27.30 -15.76
C ILE CB 27 137.19 26.75 -14.70
N LEU CB 28 137.74 26.20 -13.62
CA LEU CB 28 136.91 25.71 -12.53
C LEU CB 28 136.16 26.85 -11.85
N ILE CB 29 136.85 27.95 -11.56
CA ILE CB 29 136.22 29.05 -10.84
C ILE CB 29 135.13 29.68 -11.69
N ALA CB 30 135.37 29.79 -13.00
CA ALA CB 30 134.41 30.43 -13.87
C ALA CB 30 133.13 29.61 -13.99
N PHE CB 31 133.26 28.31 -14.24
CA PHE CB 31 132.08 27.48 -14.46
C PHE CB 31 131.25 27.33 -13.19
N ILE CB 32 131.90 27.36 -12.02
CA ILE CB 32 131.15 27.26 -10.78
C ILE CB 32 130.35 28.53 -10.53
N ILE CB 33 130.91 29.68 -10.88
CA ILE CB 33 130.17 30.94 -10.76
C ILE CB 33 128.96 30.94 -11.68
N THR CB 34 129.12 30.38 -12.88
CA THR CB 34 127.99 30.30 -13.81
C THR CB 34 126.92 29.35 -13.28
N ALA CB 35 127.33 28.30 -12.57
CA ALA CB 35 126.35 27.40 -11.99
C ALA CB 35 125.67 28.03 -10.78
N SER CB 36 126.33 28.98 -10.14
CA SER CB 36 125.75 29.64 -8.98
C SER CB 36 124.60 30.55 -9.38
N VAL CB 37 124.75 31.27 -10.50
CA VAL CB 37 123.73 32.23 -10.89
C VAL CB 37 122.51 31.53 -11.45
N LEU CB 38 122.70 30.35 -12.05
CA LEU CB 38 121.56 29.59 -12.54
C LEU CB 38 120.71 29.08 -11.38
N ALA CB 39 121.36 28.58 -10.32
CA ALA CB 39 120.65 28.22 -9.11
C ALA CB 39 120.00 29.45 -8.49
N TYR CB 40 120.63 30.60 -8.62
CA TYR CB 40 120.11 31.84 -8.07
C TYR CB 40 118.77 32.19 -8.69
N VAL CB 41 118.63 31.97 -10.00
CA VAL CB 41 117.38 32.34 -10.67
C VAL CB 41 116.40 31.17 -10.68
N ALA CB 42 116.90 29.94 -10.62
CA ALA CB 42 116.01 28.79 -10.60
C ALA CB 42 115.24 28.73 -9.28
N ILE CB 43 115.90 29.10 -8.18
CA ILE CB 43 115.21 29.12 -6.90
C ILE CB 43 114.28 30.31 -6.81
N ASN CB 44 114.75 31.49 -7.24
CA ASN CB 44 113.93 32.69 -7.14
C ASN CB 44 112.67 32.57 -7.99
N MET CB 45 112.83 32.16 -9.26
CA MET CB 45 111.67 31.98 -10.11
C MET CB 45 110.82 30.81 -9.65
N GLY CB 46 111.44 29.82 -9.01
CA GLY CB 46 110.67 28.71 -8.48
C GLY CB 46 109.72 29.15 -7.38
N LEU CB 47 110.20 29.98 -6.47
CA LEU CB 47 109.35 30.49 -5.40
C LEU CB 47 108.26 31.40 -5.96
N PHE CB 48 108.57 32.14 -7.03
CA PHE CB 48 107.61 33.07 -7.58
C PHE CB 48 106.45 32.33 -8.25
N VAL CB 49 106.76 31.39 -9.15
CA VAL CB 49 105.72 30.63 -9.81
C VAL CB 49 104.95 29.79 -8.80
N THR CB 50 105.65 29.30 -7.77
CA THR CB 50 104.98 28.51 -6.73
C THR CB 50 103.97 29.35 -5.98
N GLN CB 51 104.37 30.55 -5.53
CA GLN CB 51 103.46 31.40 -4.78
C GLN CB 51 102.26 31.78 -5.61
N LYS CB 52 102.46 32.09 -6.89
CA LYS CB 52 101.34 32.49 -7.73
C LYS CB 52 100.48 31.29 -8.08
N ALA CB 53 101.05 30.08 -8.06
CA ALA CB 53 100.23 28.89 -8.17
C ALA CB 53 99.37 28.70 -6.94
N LYS CB 54 99.85 29.17 -5.78
CA LYS CB 54 99.05 29.10 -4.56
C LYS CB 54 97.90 30.09 -4.60
N SER CB 55 98.14 31.26 -5.18
CA SER CB 55 97.09 32.29 -5.22
C SER CB 55 95.93 31.86 -6.11
N THR CB 56 96.22 31.23 -7.24
CA THR CB 56 95.15 30.80 -8.13
C THR CB 56 94.35 29.66 -7.54
N ILE CB 57 94.91 28.93 -6.58
CA ILE CB 57 94.14 27.90 -5.89
C ILE CB 57 93.07 28.54 -5.03
N ASN CB 58 93.42 29.64 -4.37
CA ASN CB 58 92.45 30.35 -3.55
C ASN CB 58 91.34 30.95 -4.39
N LYS CB 59 91.66 31.39 -5.61
CA LYS CB 59 90.63 31.96 -6.47
C LYS CB 59 89.74 30.88 -7.07
N GLY CB 60 90.34 29.78 -7.53
CA GLY CB 60 89.55 28.69 -8.07
C GLY CB 60 88.61 28.09 -7.04
N GLU CB 61 89.00 28.15 -5.76
CA GLU CB 61 88.11 27.67 -4.70
C GLU CB 61 87.12 28.75 -4.30
N GLU CB 62 87.54 30.01 -4.33
CA GLU CB 62 86.60 31.10 -4.05
C GLU CB 62 85.55 31.21 -5.14
N THR CB 63 85.87 30.79 -6.36
CA THR CB 63 84.90 30.85 -7.44
C THR CB 63 83.82 29.79 -7.28
N ALA CB 64 84.20 28.58 -6.90
CA ALA CB 64 83.26 27.49 -6.76
C ALA CB 64 82.47 27.51 -5.47
N SER CB 65 82.77 28.45 -4.56
CA SER CB 65 82.15 28.46 -3.24
C SER CB 65 81.34 29.73 -2.97
N THR CB 66 81.05 30.52 -4.00
CA THR CB 66 80.22 31.71 -3.86
C THR CB 66 79.13 31.69 -4.91
N ALA CB 67 77.91 32.06 -4.49
CA ALA CB 67 76.76 32.07 -5.36
C ALA CB 67 75.62 32.77 -4.63
N LEU CB 68 74.70 33.31 -5.42
CA LEU CB 68 73.50 33.95 -4.89
C LEU CB 68 72.28 33.13 -5.26
N THR CB 69 71.37 32.96 -4.31
CA THR CB 69 70.12 32.28 -4.55
C THR CB 69 68.96 33.26 -4.41
N LEU CB 70 67.83 32.93 -5.03
CA LEU CB 70 66.66 33.78 -5.04
C LEU CB 70 65.72 33.30 -3.95
N SER CB 71 65.80 33.94 -2.78
CA SER CB 71 64.92 33.63 -1.66
C SER CB 71 63.78 34.64 -1.65
N GLY CB 72 62.55 34.14 -1.70
CA GLY CB 72 61.40 35.01 -1.74
C GLY CB 72 61.04 35.43 -3.15
N SER CB 73 59.75 35.46 -3.46
CA SER CB 73 59.31 35.75 -4.81
C SER CB 73 59.61 37.20 -5.18
N VAL CB 74 59.41 37.51 -6.46
CA VAL CB 74 59.64 38.84 -7.00
C VAL CB 74 58.31 39.58 -7.05
N LEU CB 75 58.37 40.88 -6.85
CA LEU CB 75 57.18 41.73 -6.87
C LEU CB 75 57.32 42.74 -8.01
N TYR CB 76 56.20 42.98 -8.69
CA TYR CB 76 56.19 43.83 -9.88
C TYR CB 76 55.05 44.81 -9.75
N ALA CB 77 55.35 46.10 -9.84
CA ALA CB 77 54.37 47.15 -9.63
C ALA CB 77 53.95 47.75 -10.95
N VAL CB 78 52.65 48.06 -11.06
CA VAL CB 78 52.09 48.67 -12.26
C VAL CB 78 50.78 49.32 -11.84
N ASN CB 79 50.37 50.35 -12.58
CA ASN CB 79 49.11 51.00 -12.28
C ASN CB 79 47.96 50.02 -12.49
N TYR CB 80 47.36 49.57 -11.39
CA TYR CB 80 46.49 48.39 -11.43
C TYR CB 80 45.26 48.57 -12.31
N PRO CB 81 44.42 49.58 -12.11
CA PRO CB 81 43.19 49.63 -12.91
C PRO CB 81 43.43 49.66 -14.41
N SER CB 82 44.31 50.53 -14.88
CA SER CB 82 44.66 50.64 -16.29
C SER CB 82 46.15 50.35 -16.42
N ASN CB 83 46.50 49.12 -16.77
CA ASN CB 83 47.89 48.70 -16.81
C ASN CB 83 48.62 49.34 -17.97
N THR CB 84 49.26 50.47 -17.73
CA THR CB 84 49.96 51.17 -18.79
C THR CB 84 51.40 51.51 -18.44
N ARG CB 85 51.68 51.86 -17.18
CA ARG CB 85 53.00 52.33 -16.78
C ARG CB 85 53.57 51.42 -15.69
N SER CB 86 54.80 50.97 -15.88
CA SER CB 86 55.49 50.16 -14.89
C SER CB 86 56.19 51.06 -13.88
N TYR CB 87 56.27 50.59 -12.63
CA TYR CB 87 56.80 51.39 -11.54
C TYR CB 87 58.10 50.86 -10.98
N TRP CB 88 58.13 49.60 -10.52
CA TRP CB 88 59.36 49.04 -9.97
C TRP CB 88 59.25 47.52 -9.93
N ILE CB 89 60.36 46.88 -9.60
CA ILE CB 89 60.45 45.44 -9.40
C ILE CB 89 61.35 45.19 -8.20
N TYR CB 90 60.91 44.32 -7.30
CA TYR CB 90 61.64 44.12 -6.05
C TYR CB 90 61.71 42.64 -5.72
N PHE CB 91 62.90 42.17 -5.35
CA PHE CB 91 63.08 40.82 -4.87
C PHE CB 91 64.25 40.79 -3.90
N THR CB 92 64.33 39.72 -3.12
CA THR CB 92 65.40 39.54 -2.17
C THR CB 92 66.37 38.47 -2.69
N VAL CB 93 67.62 38.57 -2.23
CA VAL CB 93 68.67 37.65 -2.64
C VAL CB 93 69.54 37.35 -1.43
N SER CB 94 70.20 36.20 -1.46
CA SER CB 94 71.04 35.76 -0.34
C SER CB 94 72.05 34.76 -0.88
N PRO CB 95 73.18 34.59 -0.19
CA PRO CB 95 74.13 33.56 -0.60
C PRO CB 95 73.48 32.19 -0.68
N SER CB 96 73.91 31.40 -1.68
CA SER CB 96 73.23 30.16 -2.03
C SER CB 96 73.11 29.23 -0.82
N SER CB 97 74.24 28.75 -0.35
CA SER CB 97 74.34 28.14 0.96
C SER CB 97 75.34 28.96 1.77
N GLY CB 98 75.12 29.03 3.07
CA GLY CB 98 75.92 29.93 3.86
C GLY CB 98 77.37 29.48 4.00
N VAL CB 99 78.03 29.30 2.86
CA VAL CB 99 79.40 28.80 2.87
C VAL CB 99 80.42 29.92 2.82
N SER CB 100 80.06 31.07 2.26
CA SER CB 100 80.98 32.20 2.16
C SER CB 100 80.18 33.45 1.85
N SER CB 101 80.84 34.60 1.98
CA SER CB 101 80.23 35.89 1.77
C SER CB 101 80.45 36.37 0.34
N VAL CB 102 79.52 37.20 -0.14
CA VAL CB 102 79.56 37.75 -1.48
C VAL CB 102 79.63 39.26 -1.39
N GLU CB 103 80.46 39.87 -2.23
CA GLU CB 103 80.63 41.31 -2.25
C GLU CB 103 79.77 41.91 -3.37
N LEU CB 104 78.93 42.87 -3.00
CA LEU CB 104 78.00 43.51 -3.92
C LEU CB 104 78.29 45.00 -4.05
N SER CB 105 79.56 45.36 -4.15
CA SER CB 105 79.91 46.76 -4.27
C SER CB 105 79.38 47.32 -5.59
N PRO CB 106 78.71 48.48 -5.57
CA PRO CB 106 78.07 48.99 -6.80
C PRO CB 106 79.04 49.41 -7.88
N SER CB 107 80.35 49.24 -7.67
CA SER CB 107 81.34 49.63 -8.67
C SER CB 107 81.97 48.44 -9.36
N THR CB 108 81.90 47.24 -8.78
CA THR CB 108 82.51 46.06 -9.36
C THR CB 108 81.51 45.07 -9.95
N THR CB 109 80.33 44.93 -9.35
CA THR CB 109 79.33 44.00 -9.84
C THR CB 109 78.41 44.71 -10.83
N ALA CB 110 77.60 43.92 -11.53
CA ALA CB 110 76.73 44.43 -12.57
C ALA CB 110 75.38 43.74 -12.51
N ILE CB 111 74.32 44.52 -12.74
CA ILE CB 111 72.95 44.01 -12.79
C ILE CB 111 72.36 44.39 -14.13
N SER CB 112 72.09 43.40 -14.96
CA SER CB 112 71.55 43.66 -16.28
C SER CB 112 70.03 43.51 -16.27
N PHE CB 113 69.42 43.77 -17.43
CA PHE CB 113 67.98 43.63 -17.59
C PHE CB 113 67.69 43.46 -19.07
N THR CB 114 66.67 42.65 -19.38
CA THR CB 114 66.37 42.35 -20.77
C THR CB 114 64.91 41.94 -20.89
N ALA CB 115 64.20 42.57 -21.82
CA ALA CB 115 62.86 42.18 -22.21
C ALA CB 115 62.90 41.70 -23.66
N SER CB 116 62.18 40.61 -23.94
CA SER CB 116 62.28 39.98 -25.24
C SER CB 116 61.47 40.72 -26.30
N ALA CB 117 60.16 40.82 -26.10
CA ALA CB 117 59.27 41.35 -27.13
C ALA CB 117 59.62 42.79 -27.49
N GLU CB 118 59.78 43.64 -26.47
CA GLU CB 118 60.06 45.05 -26.73
C GLU CB 118 61.43 45.27 -27.36
N GLY CB 119 62.30 44.27 -27.33
CA GLY CB 119 63.61 44.42 -27.93
C GLY CB 119 64.52 45.41 -27.25
N ILE CB 120 64.22 45.79 -26.02
CA ILE CB 120 65.04 46.73 -25.27
C ILE CB 120 65.85 45.93 -24.25
N SER CB 121 67.17 46.00 -24.38
CA SER CB 121 68.09 45.30 -23.50
C SER CB 121 69.01 46.32 -22.83
N TYR CB 122 69.40 46.01 -21.60
CA TYR CB 122 70.24 46.88 -20.80
C TYR CB 122 71.51 46.13 -20.39
N SER CB 123 72.37 46.81 -19.65
CA SER CB 123 73.57 46.21 -19.11
C SER CB 123 74.06 47.07 -17.95
N ASN CB 124 74.20 46.47 -16.78
CA ASN CB 124 74.74 47.15 -15.59
C ASN CB 124 73.90 48.38 -15.24
N ILE CB 125 72.66 48.10 -14.84
CA ILE CB 125 71.74 49.15 -14.39
C ILE CB 125 71.97 49.41 -12.90
N TYR CB 126 72.99 48.78 -12.33
CA TYR CB 126 73.26 48.87 -10.91
C TYR CB 126 74.14 50.08 -10.63
N GLU CB 127 73.62 51.03 -9.86
CA GLU CB 127 74.30 52.30 -9.65
C GLU CB 127 74.63 52.57 -8.18
N TYR CB 128 73.66 52.43 -7.29
CA TYR CB 128 73.85 52.80 -5.89
C TYR CB 128 73.49 51.63 -4.99
N THR CB 129 73.71 51.83 -3.69
CA THR CB 129 73.36 50.84 -2.68
C THR CB 129 73.37 51.50 -1.32
N LEU CB 130 72.59 50.92 -0.40
CA LEU CB 130 72.55 51.39 0.98
C LEU CB 130 73.30 50.46 1.92
N LEU CB 131 73.96 49.44 1.40
CA LEU CB 131 74.76 48.56 2.23
C LEU CB 131 75.95 49.27 2.86
N THR CB 132 76.25 50.49 2.42
CA THR CB 132 77.43 51.20 2.88
C THR CB 132 77.12 52.38 3.80
N VAL CB 133 75.90 52.89 3.78
CA VAL CB 133 75.57 54.06 4.59
C VAL CB 133 75.29 53.62 6.02
N SER CB 134 75.85 54.34 6.97
CA SER CB 134 75.66 54.04 8.38
C SER CB 134 74.33 54.60 8.87
N PRO CB 135 73.66 53.92 9.81
CA PRO CB 135 72.38 54.43 10.32
C PRO CB 135 72.50 55.69 11.16
N SER CB 136 73.72 56.18 11.42
CA SER CB 136 73.88 57.40 12.20
C SER CB 136 73.28 58.59 11.47
N GLU CB 137 73.38 58.61 10.14
CA GLU CB 137 72.88 59.75 9.38
C GLU CB 137 71.37 59.64 9.18
N LEU CB 138 70.90 58.48 8.75
CA LEU CB 138 69.49 58.32 8.37
C LEU CB 138 68.56 58.59 9.53
N ALA CB 139 68.93 58.15 10.73
CA ALA CB 139 68.00 58.18 11.86
C ALA CB 139 67.71 59.60 12.35
N ASN CB 140 68.38 60.62 11.80
CA ASN CB 140 68.28 61.96 12.34
C ASN CB 140 67.23 62.82 11.64
N GLN CB 141 67.39 63.04 10.33
CA GLN CB 141 66.57 64.03 9.63
C GLN CB 141 65.79 63.41 8.47
N VAL CB 142 64.53 63.09 8.73
CA VAL CB 142 63.50 62.91 7.71
C VAL CB 142 62.16 62.98 8.42
N TYR CB 143 61.22 63.76 7.87
CA TYR CB 143 59.96 63.92 8.58
C TYR CB 143 58.88 64.42 7.63
N ALA CB 144 57.65 63.99 7.91
CA ALA CB 144 56.47 64.50 7.23
C ALA CB 144 55.45 65.10 8.19
N ASN CB 145 55.60 64.89 9.49
CA ASN CB 145 54.68 65.43 10.48
C ASN CB 145 55.47 65.69 11.75
N GLY CB 146 54.77 65.82 12.87
CA GLY CB 146 55.39 66.20 14.12
C GLY CB 146 56.52 65.31 14.62
N GLN CB 147 56.79 64.20 13.95
CA GLN CB 147 57.81 63.26 14.39
C GLN CB 147 58.75 62.93 13.24
N TYR CB 148 60.05 63.00 13.51
CA TYR CB 148 61.07 62.52 12.57
C TYR CB 148 60.98 61.01 12.52
N LEU CB 149 60.60 60.46 11.37
CA LEU CB 149 60.41 59.02 11.27
C LEU CB 149 61.74 58.30 11.22
N ASP CB 150 61.79 57.13 11.85
CA ASP CB 150 62.99 56.30 11.91
C ASP CB 150 62.95 55.27 10.81
N LEU CB 151 63.92 55.35 9.89
CA LEU CB 151 63.87 54.54 8.68
C LEU CB 151 64.37 53.12 8.92
N VAL CB 152 65.39 52.95 9.75
CA VAL CB 152 66.10 51.70 9.88
C VAL CB 152 65.91 51.14 11.28
N ASN CB 153 65.74 49.82 11.37
CA ASN CB 153 65.63 49.13 12.64
C ASN CB 153 66.94 48.39 12.91
N GLN CB 154 67.48 48.56 14.11
CA GLN CB 154 68.78 47.98 14.45
C GLN CB 154 68.71 47.28 15.78
N GLN CB 155 69.19 46.05 15.82
CA GLN CB 155 69.29 45.24 17.03
C GLN CB 155 70.76 45.00 17.34
N THR CB 156 71.02 44.30 18.43
CA THR CB 156 72.40 44.04 18.83
C THR CB 156 72.51 42.75 19.64
N ASN CB 157 73.52 41.96 19.31
CA ASN CB 157 73.90 40.79 20.10
C ASN CB 157 75.27 40.34 19.64
N ALA CB 158 75.99 39.67 20.54
CA ALA CB 158 77.35 39.19 20.27
C ALA CB 158 78.28 40.33 19.87
N GLY CB 159 78.07 41.52 20.42
CA GLY CB 159 78.92 42.65 20.14
C GLY CB 159 78.80 43.23 18.75
N GLN CB 160 77.76 42.86 18.00
CA GLN CB 160 77.56 43.36 16.65
C GLN CB 160 76.19 44.03 16.55
N THR CB 161 76.04 44.87 15.54
CA THR CB 161 74.80 45.60 15.29
C THR CB 161 74.25 45.19 13.93
N TYR CB 162 73.00 44.74 13.91
CA TYR CB 162 72.34 44.30 12.69
C TYR CB 162 71.27 45.31 12.33
N VAL CB 163 71.45 45.99 11.20
CA VAL CB 163 70.47 46.96 10.72
C VAL CB 163 69.79 46.40 9.48
N TYR CB 164 68.59 46.91 9.21
CA TYR CB 164 67.86 46.55 8.00
C TYR CB 164 66.72 47.53 7.82
N TYR CB 165 66.22 47.62 6.58
CA TYR CB 165 65.10 48.46 6.25
C TYR CB 165 63.84 47.60 6.15
N PRO CB 166 62.83 47.84 6.98
CA PRO CB 166 61.67 46.93 7.03
C PRO CB 166 60.64 47.17 5.95
N ASN CB 167 60.96 47.92 4.89
CA ASN CB 167 59.99 48.25 3.86
C ASN CB 167 60.74 48.71 2.63
N PRO CB 168 60.28 48.35 1.43
CA PRO CB 168 60.88 48.94 0.23
C PRO CB 168 60.73 50.44 0.19
N TYR CB 169 59.62 50.96 0.69
CA TYR CB 169 59.39 52.40 0.67
C TYR CB 169 60.36 53.12 1.59
N TYR CB 170 60.58 52.59 2.79
CA TYR CB 170 61.53 53.20 3.71
C TYR CB 170 62.93 53.25 3.12
N ALA CB 171 63.25 52.31 2.23
CA ALA CB 171 64.53 52.37 1.55
C ALA CB 171 64.58 53.54 0.57
N LEU CB 172 63.45 53.86 -0.05
CA LEU CB 172 63.44 54.94 -1.03
C LEU CB 172 63.64 56.29 -0.36
N LEU CB 173 62.97 56.52 0.76
CA LEU CB 173 63.24 57.74 1.53
C LEU CB 173 64.68 57.78 1.97
N ALA CB 174 65.26 56.63 2.28
CA ALA CB 174 66.66 56.58 2.68
C ALA CB 174 67.57 56.86 1.50
N LEU CB 175 67.18 56.42 0.30
CA LEU CB 175 68.01 56.63 -0.87
C LEU CB 175 67.94 58.07 -1.36
N ASN CB 176 66.76 58.69 -1.26
CA ASN CB 176 66.60 60.07 -1.70
C ASN CB 176 67.43 61.01 -0.84
N TYR CB 177 67.48 60.76 0.47
CA TYR CB 177 68.26 61.62 1.35
C TYR CB 177 69.75 61.39 1.14
N THR CB 178 70.15 60.14 0.95
CA THR CB 178 71.58 59.83 0.79
C THR CB 178 72.13 60.48 -0.46
N LEU CB 179 71.41 60.34 -1.58
CA LEU CB 179 71.88 60.94 -2.82
C LEU CB 179 71.97 62.46 -2.71
N SER CB 180 71.12 63.08 -1.90
CA SER CB 180 71.11 64.53 -1.81
C SER CB 180 72.24 65.05 -0.92
N LYS CB 181 72.42 64.44 0.25
CA LYS CB 181 73.29 65.00 1.27
C LYS CB 181 74.61 64.25 1.41
N ILE CB 182 74.60 62.92 1.31
CA ILE CB 182 75.81 62.15 1.57
C ILE CB 182 76.81 62.32 0.43
N ASP CB 183 76.43 61.89 -0.78
CA ASP CB 183 77.31 61.99 -1.94
C ASP CB 183 76.74 63.05 -2.88
N LYS CB 184 77.56 64.05 -3.18
CA LYS CB 184 77.11 65.22 -3.94
C LYS CB 184 77.02 64.85 -5.42
N VAL CB 185 75.90 64.21 -5.78
CA VAL CB 185 75.64 63.94 -7.19
C VAL CB 185 75.04 65.18 -7.83
N SER CB 186 75.59 65.59 -8.97
CA SER CB 186 75.10 66.79 -9.63
C SER CB 186 73.73 66.53 -10.27
N PRO CB 187 73.49 65.39 -10.93
CA PRO CB 187 72.11 65.00 -11.18
C PRO CB 187 71.62 64.02 -10.13
N SER CB 188 70.33 64.04 -9.81
CA SER CB 188 69.76 63.06 -8.89
C SER CB 188 68.72 62.24 -9.64
N PRO CB 189 69.01 60.97 -9.96
CA PRO CB 189 68.04 60.17 -10.71
C PRO CB 189 66.76 59.90 -9.94
N LEU CB 190 66.73 60.15 -8.63
CA LEU CB 190 65.54 59.98 -7.82
C LEU CB 190 65.18 61.30 -7.16
N TYR CB 191 63.90 61.62 -7.15
CA TYR CB 191 63.43 62.84 -6.52
C TYR CB 191 62.07 62.56 -5.90
N ILE CB 192 62.00 62.65 -4.57
CA ILE CB 192 60.77 62.40 -3.82
C ILE CB 192 60.33 63.70 -3.16
N THR CB 193 59.06 64.04 -3.33
CA THR CB 193 58.53 65.27 -2.77
C THR CB 193 57.09 65.05 -2.34
N THR CB 194 56.65 65.86 -1.38
CA THR CB 194 55.32 65.74 -0.80
C THR CB 194 54.29 66.62 -1.50
N THR CB 195 54.72 67.59 -2.29
CA THR CB 195 53.79 68.48 -2.95
C THR CB 195 53.19 67.81 -4.18
N THR CB 196 52.03 68.33 -4.60
CA THR CB 196 51.33 67.80 -5.76
C THR CB 196 52.21 67.93 -7.01
N PRO CB 197 52.09 66.99 -7.95
CA PRO CB 197 52.90 67.08 -9.17
C PRO CB 197 52.61 68.28 -10.02
N SER CB 198 51.46 68.93 -9.85
CA SER CB 198 51.15 70.12 -10.63
C SER CB 198 52.10 71.26 -10.28
N SER CB 199 52.30 71.52 -8.99
CA SER CB 199 53.19 72.60 -8.59
C SER CB 199 54.64 72.22 -8.79
N ALA CB 200 55.00 70.97 -8.51
CA ALA CB 200 56.39 70.53 -8.68
C ALA CB 200 56.82 70.67 -10.13
N THR CB 201 55.93 70.36 -11.07
CA THR CB 201 56.23 70.57 -12.48
C THR CB 201 56.40 72.04 -12.79
N GLN CB 202 55.68 72.92 -12.09
CA GLN CB 202 55.78 74.35 -12.35
C GLN CB 202 57.12 74.90 -11.87
N ILE CB 203 57.51 74.56 -10.63
CA ILE CB 203 58.78 75.04 -10.10
C ILE CB 203 59.94 74.38 -10.83
N TYR CB 204 60.02 73.05 -10.74
CA TYR CB 204 61.06 72.30 -11.41
C TYR CB 204 60.53 71.83 -12.76
N PRO CB 205 61.04 72.36 -13.88
CA PRO CB 205 60.50 71.97 -15.18
C PRO CB 205 60.97 70.61 -15.65
N PHE CB 206 62.13 70.14 -15.20
CA PHE CB 206 62.64 68.86 -15.68
C PHE CB 206 61.82 67.68 -15.18
N LEU CB 207 61.03 67.84 -14.12
CA LEU CB 207 60.26 66.73 -13.60
C LEU CB 207 59.12 66.33 -14.52
N ALA CB 208 58.75 67.18 -15.47
CA ALA CB 208 57.71 66.83 -16.43
C ALA CB 208 58.11 65.66 -17.33
N HIS CB 209 59.37 65.26 -17.32
CA HIS CB 209 59.87 64.23 -18.22
C HIS CB 209 60.25 62.95 -17.50
N ASP CB 210 59.99 62.86 -16.19
CA ASP CB 210 60.39 61.70 -15.42
C ASP CB 210 59.18 60.87 -15.00
N ASN CB 211 59.40 59.57 -14.85
CA ASN CB 211 58.34 58.67 -14.41
C ASN CB 211 57.98 58.96 -12.95
N MET CB 212 56.70 58.80 -12.63
CA MET CB 212 56.19 59.13 -11.31
C MET CB 212 55.30 58.02 -10.78
N PHE CB 213 55.54 57.59 -9.55
CA PHE CB 213 54.63 56.72 -8.83
C PHE CB 213 54.57 57.20 -7.38
N THR CB 214 53.48 56.85 -6.70
CA THR CB 214 53.20 57.36 -5.38
C THR CB 214 53.06 56.23 -4.38
N PHE CB 215 53.16 56.60 -3.10
CA PHE CB 215 52.95 55.66 -2.01
C PHE CB 215 52.53 56.45 -0.79
N THR CB 216 51.73 55.81 0.06
CA THR CB 216 51.08 56.46 1.19
C THR CB 216 51.64 55.94 2.50
N LEU CB 217 51.84 56.85 3.45
CA LEU CB 217 52.38 56.52 4.77
C LEU CB 217 51.54 57.21 5.83
N ASN CB 218 50.87 56.42 6.66
CA ASN CB 218 50.06 56.97 7.74
C ASN CB 218 50.96 57.28 8.92
N ILE CB 219 51.25 58.56 9.12
CA ILE CB 219 52.18 59.02 10.15
C ILE CB 219 51.44 59.93 11.11
N SER CB 220 51.56 59.65 12.41
CA SER CB 220 50.94 60.44 13.48
C SER CB 220 49.44 60.65 13.23
N GLY CB 221 48.79 59.61 12.73
CA GLY CB 221 47.36 59.67 12.48
C GLY CB 221 46.99 60.62 11.36
N THR CB 222 47.99 61.06 10.58
CA THR CB 222 47.77 61.96 9.46
C THR CB 222 48.29 61.29 8.20
N LEU CB 223 47.42 61.16 7.21
CA LEU CB 223 47.82 60.52 5.96
C LEU CB 223 48.79 61.38 5.18
N VAL CB 224 49.88 60.77 4.72
CA VAL CB 224 50.91 61.46 3.96
C VAL CB 224 51.12 60.71 2.65
N THR CB 225 51.32 61.46 1.58
CA THR CB 225 51.55 60.88 0.26
C THR CB 225 52.83 61.45 -0.33
N TYR CB 226 53.54 60.62 -1.09
CA TYR CB 226 54.80 60.98 -1.70
C TYR CB 226 54.74 60.75 -3.20
N TYR CB 227 55.55 61.50 -3.94
CA TYR CB 227 55.63 61.41 -5.38
C TYR CB 227 57.09 61.25 -5.78
N ALA CB 228 57.44 60.09 -6.33
CA ALA CB 228 58.82 59.77 -6.67
C ALA CB 228 59.01 59.92 -8.18
N PHE CB 229 59.97 60.77 -8.56
CA PHE CB 229 60.27 61.04 -9.96
C PHE CB 229 61.63 60.43 -10.30
N VAL CB 230 61.62 59.46 -11.22
CA VAL CB 230 62.83 58.78 -11.65
C VAL CB 230 63.04 59.07 -13.13
N ASN CB 231 64.27 59.41 -13.50
CA ASN CB 231 64.58 59.76 -14.88
C ASN CB 231 65.60 58.82 -15.51
N GLN CB 232 65.83 57.66 -14.90
CA GLN CB 232 66.79 56.70 -15.43
C GLN CB 232 66.55 55.35 -14.78
N THR CB 233 66.55 54.31 -15.58
CA THR CB 233 66.30 52.95 -15.08
C THR CB 233 67.53 52.49 -14.30
N PHE CB 234 67.50 52.67 -12.99
CA PHE CB 234 68.60 52.29 -12.12
C PHE CB 234 68.07 51.39 -11.01
N ALA CB 235 68.98 50.62 -10.41
CA ALA CB 235 68.63 49.66 -9.38
C ALA CB 235 69.62 49.77 -8.23
N PHE CB 236 69.16 49.48 -7.03
CA PHE CB 236 69.99 49.56 -5.84
C PHE CB 236 69.75 48.34 -4.96
N THR CB 237 70.55 48.22 -3.91
CA THR CB 237 70.46 47.10 -2.99
C THR CB 237 70.55 47.61 -1.56
N TYR CB 238 69.77 47.01 -0.67
CA TYR CB 238 69.71 47.38 0.73
C TYR CB 238 69.54 46.14 1.57
N PRO CB 239 70.04 46.13 2.80
CA PRO CB 239 69.94 44.94 3.64
C PRO CB 239 68.53 44.75 4.17
N VAL CB 240 68.12 43.50 4.31
CA VAL CB 240 66.76 43.22 4.77
C VAL CB 240 66.78 42.33 6.01
N ALA CB 241 67.83 41.55 6.19
CA ALA CB 241 67.87 40.65 7.34
C ALA CB 241 69.28 40.14 7.59
N GLY CB 242 69.77 40.32 8.81
CA GLY CB 242 70.99 39.69 9.27
C GLY CB 242 72.26 40.12 8.57
N ASP CB 243 72.53 41.43 8.54
CA ASP CB 243 73.75 41.97 7.93
C ASP CB 243 74.52 42.72 9.01
N PRO CB 244 75.41 42.04 9.74
CA PRO CB 244 76.12 42.72 10.83
C PRO CB 244 77.06 43.81 10.34
N LEU CB 245 77.93 43.49 9.39
CA LEU CB 245 78.89 44.46 8.88
C LEU CB 245 78.16 45.45 7.98
N ILE CB 246 78.26 46.74 8.31
CA ILE CB 246 77.59 47.80 7.56
C ILE CB 246 78.62 48.86 7.21
N GLY CB 247 78.67 49.24 5.95
CA GLY CB 247 79.70 50.10 5.44
C GLY CB 247 80.73 49.41 4.58
N SER CB 248 80.46 48.18 4.14
CA SER CB 248 81.41 47.40 3.37
C SER CB 248 80.90 46.94 2.02
N ALA CB 249 79.59 47.05 1.76
CA ALA CB 249 78.99 46.55 0.52
C ALA CB 249 79.24 45.06 0.33
N ILE CB 250 79.36 44.33 1.44
CA ILE CB 250 79.58 42.90 1.43
C ILE CB 250 78.36 42.22 2.05
N ALA CB 251 77.85 41.19 1.39
CA ALA CB 251 76.74 40.43 1.91
C ALA CB 251 77.27 39.20 2.64
N PRO CB 252 77.29 39.18 3.96
CA PRO CB 252 77.84 38.03 4.66
C PRO CB 252 76.98 36.79 4.47
N ALA CB 253 77.54 35.65 4.85
CA ALA CB 253 76.81 34.39 4.75
C ALA CB 253 75.58 34.42 5.64
N GLY CB 254 74.49 33.86 5.14
CA GLY CB 254 73.23 33.87 5.86
C GLY CB 254 72.44 35.15 5.76
N SER CB 255 73.09 36.26 5.43
CA SER CB 255 72.38 37.53 5.27
C SER CB 255 71.46 37.46 4.06
N VAL CB 256 70.38 38.24 4.12
CA VAL CB 256 69.45 38.38 3.02
C VAL CB 256 69.51 39.82 2.55
N ILE CB 257 69.65 40.01 1.24
CA ILE CB 257 69.78 41.33 0.64
C ILE CB 257 68.58 41.57 -0.26
N GLY CB 258 68.13 42.82 -0.30
CA GLY CB 258 66.99 43.16 -1.12
C GLY CB 258 67.34 44.02 -2.31
N VAL CB 259 67.01 43.57 -3.50
CA VAL CB 259 67.29 44.29 -4.74
C VAL CB 259 66.02 44.97 -5.20
N MET CB 260 66.16 46.16 -5.79
CA MET CB 260 65.01 46.88 -6.29
C MET CB 260 65.37 47.61 -7.57
N ILE CB 261 64.62 47.36 -8.63
CA ILE CB 261 64.81 48.01 -9.93
C ILE CB 261 63.72 49.05 -10.10
N LEU CB 262 64.11 50.27 -10.47
CA LEU CB 262 63.19 51.37 -10.68
C LEU CB 262 63.23 51.80 -12.13
N PHE CB 263 62.07 51.90 -12.76
CA PHE CB 263 61.97 52.22 -14.17
C PHE CB 263 61.91 53.73 -14.37
N GLY CB 264 62.57 54.20 -15.43
CA GLY CB 264 62.50 55.58 -15.81
C GLY CB 264 61.49 55.80 -16.91
N PRO CB 265 61.59 56.92 -17.63
CA PRO CB 265 60.65 57.16 -18.73
C PRO CB 265 60.91 56.28 -19.93
N ASP CB 266 62.15 55.83 -20.13
CA ASP CB 266 62.47 55.03 -21.31
C ASP CB 266 61.78 53.67 -21.26
N LEU CB 267 61.68 53.08 -20.08
CA LEU CB 267 61.15 51.73 -19.93
C LEU CB 267 59.81 51.69 -19.19
N GLY CB 268 59.52 52.69 -18.37
CA GLY CB 268 58.27 52.70 -17.63
C GLY CB 268 57.04 52.76 -18.51
N SER CB 269 57.18 53.23 -19.74
CA SER CB 269 56.05 53.33 -20.66
C SER CB 269 55.62 51.99 -21.22
N HIS CB 270 56.22 50.89 -20.76
CA HIS CB 270 55.87 49.55 -21.22
C HIS CB 270 55.51 48.68 -20.02
N VAL CB 271 54.43 47.93 -20.16
CA VAL CB 271 54.05 46.91 -19.19
C VAL CB 271 54.43 45.56 -19.77
N PHE CB 272 55.01 44.69 -18.93
CA PHE CB 272 55.47 43.40 -19.38
C PHE CB 272 54.32 42.40 -19.30
N GLN CB 273 53.72 42.11 -20.44
CA GLN CB 273 52.61 41.16 -20.50
C GLN CB 273 52.85 40.20 -21.65
N TYR CB 274 52.76 38.91 -21.37
CA TYR CB 274 53.06 37.87 -22.36
C TYR CB 274 54.48 38.02 -22.88
N GLN CB 275 55.42 38.29 -21.98
CA GLN CB 275 56.81 38.50 -22.32
C GLN CB 275 57.69 37.65 -21.40
N THR CB 276 59.00 37.84 -21.52
CA THR CB 276 59.98 37.15 -20.70
C THR CB 276 60.99 38.17 -20.19
N ILE CB 277 61.12 38.26 -18.88
CA ILE CB 277 62.00 39.22 -18.22
C ILE CB 277 63.23 38.48 -17.72
N THR CB 278 64.40 39.02 -18.02
CA THR CB 278 65.67 38.40 -17.65
C THR CB 278 66.51 39.38 -16.87
N ILE CB 279 66.91 39.01 -15.65
CA ILE CB 279 67.78 39.82 -14.81
C ILE CB 279 68.97 38.97 -14.39
N GLN CB 280 70.15 39.56 -14.43
CA GLN CB 280 71.38 38.85 -14.11
C GLN CB 280 72.26 39.70 -13.22
N ILE CB 281 72.80 39.09 -12.18
CA ILE CB 281 73.66 39.77 -11.21
C ILE CB 281 74.99 39.05 -11.20
N THR CB 282 76.03 39.71 -11.69
CA THR CB 282 77.35 39.10 -11.79
C THR CB 282 78.29 39.74 -10.77
N PRO CB 283 78.63 39.07 -9.67
CA PRO CB 283 79.59 39.63 -8.73
C PRO CB 283 80.99 39.62 -9.33
N ASN CB 284 81.88 40.41 -8.71
CA ASN CB 284 83.23 40.50 -9.20
C ASN CB 284 84.00 39.19 -9.04
N ILE CB 285 83.52 38.28 -8.20
CA ILE CB 285 84.10 36.95 -8.09
C ILE CB 285 82.99 35.98 -7.75
N GLY CB 286 82.89 34.90 -8.51
CA GLY CB 286 81.85 33.91 -8.28
C GLY CB 286 81.00 33.63 -9.49
N SER CB 287 79.82 33.05 -9.27
CA SER CB 287 78.91 32.69 -10.33
C SER CB 287 77.77 33.70 -10.42
N PRO CB 288 77.28 33.98 -11.63
CA PRO CB 288 76.21 34.97 -11.79
C PRO CB 288 74.82 34.37 -11.61
N LEU CB 289 73.98 35.09 -10.88
CA LEU CB 289 72.60 34.69 -10.70
C LEU CB 289 71.78 35.13 -11.90
N THR CB 290 70.87 34.27 -12.35
CA THR CB 290 70.05 34.54 -13.52
C THR CB 290 68.59 34.30 -13.18
N ILE CB 291 67.77 35.33 -13.35
CA ILE CB 291 66.34 35.27 -13.16
C ILE CB 291 65.66 35.37 -14.50
N SER CB 292 64.65 34.53 -14.73
CA SER CB 292 63.90 34.56 -15.98
C SER CB 292 62.45 34.19 -15.68
N GLU CB 293 61.55 35.16 -15.81
CA GLU CB 293 60.16 34.97 -15.45
C GLU CB 293 59.26 35.36 -16.62
N TYR CB 294 58.23 34.55 -16.86
CA TYR CB 294 57.23 34.81 -17.88
C TYR CB 294 56.07 35.53 -17.20
N VAL CB 295 55.84 36.79 -17.58
CA VAL CB 295 54.87 37.64 -16.90
C VAL CB 295 53.55 37.58 -17.65
N TYR CB 296 52.51 37.15 -16.95
CA TYR CB 296 51.16 37.08 -17.49
C TYR CB 296 50.46 38.42 -17.27
N GLN CB 297 49.15 38.44 -17.46
CA GLN CB 297 48.35 39.63 -17.21
C GLN CB 297 48.44 40.03 -15.74
N PRO CB 298 49.05 41.17 -15.44
CA PRO CB 298 49.26 41.55 -14.04
C PRO CB 298 47.97 42.00 -13.37
N GLU CB 299 48.00 41.98 -12.04
CA GLU CB 299 46.87 42.42 -11.24
C GLU CB 299 47.31 42.67 -9.81
N GLY CB 300 46.70 43.66 -9.16
CA GLY CB 300 46.91 43.95 -7.76
C GLY CB 300 47.79 45.15 -7.48
N SER CB 301 48.42 45.73 -8.50
CA SER CB 301 49.34 46.86 -8.39
C SER CB 301 50.66 46.44 -7.75
N VAL CB 302 50.72 45.22 -7.23
CA VAL CB 302 51.96 44.56 -6.87
C VAL CB 302 51.81 43.11 -7.29
N SER CB 303 52.33 42.77 -8.47
CA SER CB 303 52.14 41.44 -9.02
C SER CB 303 53.28 40.53 -8.60
N VAL CB 304 52.93 39.33 -8.14
CA VAL CB 304 53.94 38.37 -7.67
C VAL CB 304 54.33 37.54 -8.89
N ILE CB 305 55.23 38.08 -9.69
CA ILE CB 305 55.86 37.41 -10.84
C ILE CB 305 56.70 38.41 -11.60
N LEU DB 19 189.70 27.72 -20.50
CA LEU DB 19 188.94 26.58 -20.99
C LEU DB 19 187.45 26.90 -21.01
N ALA DB 20 186.64 25.91 -21.39
CA ALA DB 20 185.20 26.03 -21.38
C ALA DB 20 184.56 25.32 -20.19
N GLY DB 21 185.35 24.62 -19.38
CA GLY DB 21 184.80 23.95 -18.22
C GLY DB 21 184.30 24.92 -17.16
N LEU DB 22 185.15 25.90 -16.82
CA LEU DB 22 184.74 26.91 -15.84
C LEU DB 22 183.55 27.71 -16.35
N ASP DB 23 183.53 28.02 -17.65
CA ASP DB 23 182.40 28.74 -18.22
C ASP DB 23 181.12 27.92 -18.12
N THR DB 24 181.22 26.62 -18.42
CA THR DB 24 180.03 25.77 -18.37
C THR DB 24 179.48 25.68 -16.96
N ALA DB 25 180.36 25.63 -15.95
CA ALA DB 25 179.89 25.55 -14.58
C ALA DB 25 179.23 26.83 -14.13
N ILE DB 26 179.82 27.99 -14.49
CA ILE DB 26 179.24 29.26 -14.08
C ILE DB 26 177.86 29.44 -14.69
N ILE DB 27 177.72 29.15 -15.98
CA ILE DB 27 176.43 29.26 -16.63
C ILE DB 27 175.45 28.25 -16.03
N LEU DB 28 175.95 27.11 -15.57
CA LEU DB 28 175.08 26.13 -14.93
C LEU DB 28 174.47 26.70 -13.65
N ILE DB 29 175.30 27.30 -12.79
CA ILE DB 29 174.80 27.85 -11.54
C ILE DB 29 173.78 28.95 -11.82
N ALA DB 30 173.99 29.70 -12.91
CA ALA DB 30 173.03 30.74 -13.26
C ALA DB 30 171.67 30.16 -13.62
N PHE DB 31 171.66 29.14 -14.49
CA PHE DB 31 170.40 28.58 -14.95
C PHE DB 31 169.66 27.85 -13.84
N ILE DB 32 170.39 27.20 -12.92
CA ILE DB 32 169.74 26.50 -11.83
C ILE DB 32 169.07 27.49 -10.88
N ILE DB 33 169.72 28.62 -10.60
CA ILE DB 33 169.10 29.63 -9.77
C ILE DB 33 167.90 30.25 -10.48
N THR DB 34 168.02 30.47 -11.79
CA THR DB 34 166.92 31.03 -12.56
C THR DB 34 165.73 30.08 -12.56
N ALA DB 35 165.97 28.79 -12.78
CA ALA DB 35 164.87 27.83 -12.78
C ALA DB 35 164.28 27.67 -11.38
N SER DB 36 165.10 27.92 -10.35
CA SER DB 36 164.61 27.76 -8.98
C SER DB 36 163.56 28.80 -8.64
N VAL DB 37 163.83 30.07 -8.96
CA VAL DB 37 162.89 31.13 -8.59
C VAL DB 37 161.61 31.03 -9.40
N LEU DB 38 161.69 30.50 -10.62
CA LEU DB 38 160.46 30.25 -11.38
C LEU DB 38 159.60 29.22 -10.65
N ALA DB 39 160.22 28.16 -10.16
CA ALA DB 39 159.51 27.18 -9.35
C ALA DB 39 158.99 27.80 -8.07
N TYR DB 40 159.72 28.79 -7.54
CA TYR DB 40 159.35 29.43 -6.29
C TYR DB 40 158.00 30.12 -6.41
N VAL DB 41 157.80 30.91 -7.45
CA VAL DB 41 156.55 31.64 -7.59
C VAL DB 41 155.45 30.76 -8.14
N ALA DB 42 155.81 29.73 -8.91
CA ALA DB 42 154.80 28.84 -9.48
C ALA DB 42 154.08 28.07 -8.38
N ILE DB 43 154.82 27.65 -7.35
CA ILE DB 43 154.18 26.95 -6.23
C ILE DB 43 153.36 27.93 -5.40
N ASN DB 44 153.94 29.08 -5.07
CA ASN DB 44 153.25 30.07 -4.26
C ASN DB 44 151.95 30.51 -4.93
N MET DB 45 152.01 30.80 -6.23
CA MET DB 45 150.81 31.25 -6.92
C MET DB 45 149.84 30.10 -7.15
N GLY DB 46 150.34 28.91 -7.45
CA GLY DB 46 149.46 27.77 -7.61
C GLY DB 46 148.68 27.46 -6.35
N LEU DB 47 149.34 27.57 -5.19
CA LEU DB 47 148.65 27.38 -3.93
C LEU DB 47 147.61 28.47 -3.70
N PHE DB 48 147.88 29.67 -4.20
CA PHE DB 48 146.94 30.77 -4.01
C PHE DB 48 145.71 30.60 -4.89
N VAL DB 49 145.91 30.27 -6.17
CA VAL DB 49 144.79 30.09 -7.08
C VAL DB 49 143.91 28.95 -6.61
N THR DB 50 144.52 27.84 -6.19
CA THR DB 50 143.74 26.71 -5.71
C THR DB 50 142.97 27.07 -4.45
N GLN DB 51 143.59 27.78 -3.52
CA GLN DB 51 142.89 28.21 -2.32
C GLN DB 51 141.75 29.17 -2.68
N LYS DB 52 141.93 29.93 -3.77
CA LYS DB 52 140.83 30.78 -4.23
C LYS DB 52 139.70 29.94 -4.80
N ALA DB 53 140.03 28.92 -5.58
CA ALA DB 53 139.01 28.05 -6.14
C ALA DB 53 138.23 27.34 -5.03
N LYS DB 54 138.89 27.03 -3.92
CA LYS DB 54 138.22 26.38 -2.81
C LYS DB 54 137.15 27.29 -2.21
N SER DB 55 137.47 28.58 -2.08
CA SER DB 55 136.52 29.50 -1.46
C SER DB 55 135.28 29.69 -2.33
N THR DB 56 135.45 29.75 -3.65
CA THR DB 56 134.30 29.95 -4.52
C THR DB 56 133.38 28.74 -4.53
N ILE DB 57 133.92 27.54 -4.35
CA ILE DB 57 133.07 26.36 -4.23
C ILE DB 57 132.18 26.49 -3.00
N ASN DB 58 132.73 27.03 -1.91
CA ASN DB 58 131.95 27.21 -0.71
C ASN DB 58 130.85 28.24 -0.92
N LYS DB 59 131.16 29.34 -1.61
CA LYS DB 59 130.15 30.37 -1.85
C LYS DB 59 129.11 29.89 -2.86
N GLY DB 60 129.54 29.22 -3.92
CA GLY DB 60 128.59 28.66 -4.85
C GLY DB 60 127.71 27.61 -4.21
N GLU DB 61 128.22 26.95 -3.17
CA GLU DB 61 127.40 25.99 -2.43
C GLU DB 61 126.36 26.71 -1.58
N GLU DB 62 126.75 27.80 -0.93
CA GLU DB 62 125.82 28.55 -0.11
C GLU DB 62 124.78 29.28 -0.96
N THR DB 63 125.09 29.51 -2.24
CA THR DB 63 124.12 30.14 -3.12
C THR DB 63 122.96 29.20 -3.40
N ALA DB 64 123.25 27.99 -3.88
CA ALA DB 64 122.19 27.05 -4.21
C ALA DB 64 121.47 26.54 -2.97
N SER DB 65 122.11 26.63 -1.80
CA SER DB 65 121.51 26.08 -0.58
C SER DB 65 120.60 27.11 0.10
N THR DB 66 121.15 28.25 0.49
CA THR DB 66 120.39 29.22 1.26
C THR DB 66 119.35 29.92 0.39
N ALA DB 67 118.15 30.07 0.93
CA ALA DB 67 117.03 30.71 0.25
C ALA DB 67 115.91 30.87 1.25
N LEU DB 68 115.04 31.86 1.00
CA LEU DB 68 113.92 32.15 1.88
C LEU DB 68 112.65 31.53 1.34
N THR DB 69 111.62 31.53 2.17
CA THR DB 69 110.29 31.08 1.75
C THR DB 69 109.25 31.80 2.59
N LEU DB 70 108.03 31.83 2.07
CA LEU DB 70 106.92 32.52 2.71
C LEU DB 70 105.96 31.49 3.28
N SER DB 71 105.91 31.40 4.60
CA SER DB 71 105.00 30.50 5.30
C SER DB 71 104.01 31.34 6.09
N GLY DB 72 102.75 31.28 5.73
CA GLY DB 72 101.76 32.12 6.35
C GLY DB 72 101.34 33.25 5.43
N SER DB 73 100.07 33.64 5.53
CA SER DB 73 99.52 34.61 4.62
C SER DB 73 100.08 36.00 4.91
N VAL DB 74 99.79 36.93 4.00
CA VAL DB 74 100.20 38.33 4.12
C VAL DB 74 98.95 39.16 4.38
N LEU DB 75 99.04 40.06 5.36
CA LEU DB 75 97.90 40.84 5.81
C LEU DB 75 98.03 42.30 5.34
N TYR DB 76 96.93 43.02 5.46
CA TYR DB 76 96.85 44.40 4.98
C TYR DB 76 95.84 45.15 5.82
N ALA DB 77 96.29 46.23 6.46
CA ALA DB 77 95.44 47.05 7.31
C ALA DB 77 94.98 48.29 6.57
N VAL DB 78 93.79 48.75 6.92
CA VAL DB 78 93.14 49.85 6.22
C VAL DB 78 92.00 50.37 7.09
N ASN DB 79 91.70 51.66 6.99
CA ASN DB 79 90.52 52.19 7.68
C ASN DB 79 89.28 51.55 7.09
N TYR DB 80 88.64 50.67 7.87
CA TYR DB 80 87.65 49.75 7.31
C TYR DB 80 86.36 50.44 6.88
N PRO DB 81 85.72 51.29 7.69
CA PRO DB 81 84.42 51.84 7.27
C PRO DB 81 84.49 52.62 5.96
N SER DB 82 85.60 53.32 5.72
CA SER DB 82 85.79 54.08 4.49
C SER DB 82 87.23 53.84 4.02
N ASN DB 83 87.38 53.09 2.93
CA ASN DB 83 88.69 52.69 2.47
C ASN DB 83 89.44 53.89 1.89
N THR DB 84 90.25 54.57 2.71
CA THR DB 84 90.92 55.77 2.25
C THR DB 84 92.41 55.76 2.56
N ARG DB 85 92.80 55.12 3.66
CA ARG DB 85 94.19 55.16 4.12
C ARG DB 85 94.70 53.75 4.38
N SER DB 86 95.99 53.56 4.13
CA SER DB 86 96.67 52.29 4.39
C SER DB 86 97.59 52.43 5.60
N TYR DB 87 97.71 51.35 6.36
CA TYR DB 87 98.43 51.41 7.64
C TYR DB 87 99.68 50.55 7.64
N TRP DB 88 99.59 49.25 7.38
CA TRP DB 88 100.76 48.38 7.46
C TRP DB 88 100.48 47.07 6.72
N ILE DB 89 101.52 46.26 6.59
CA ILE DB 89 101.45 44.96 5.93
C ILE DB 89 102.40 44.01 6.67
N TYR DB 90 101.89 42.83 7.01
CA TYR DB 90 102.62 41.89 7.85
C TYR DB 90 102.61 40.50 7.24
N PHE DB 91 103.75 39.82 7.30
CA PHE DB 91 103.85 38.44 6.86
C PHE DB 91 105.09 37.82 7.48
N THR DB 92 105.13 36.49 7.46
CA THR DB 92 106.20 35.73 8.09
C THR DB 92 107.04 35.02 7.04
N VAL DB 93 108.35 34.95 7.29
CA VAL DB 93 109.28 34.28 6.40
C VAL DB 93 110.09 33.28 7.19
N SER DB 94 110.73 32.36 6.47
CA SER DB 94 111.52 31.30 7.07
C SER DB 94 112.41 30.69 5.99
N PRO DB 95 113.52 30.06 6.36
CA PRO DB 95 114.35 29.40 5.34
C PRO DB 95 113.56 28.33 4.60
N SER DB 96 113.89 28.16 3.32
CA SER DB 96 113.05 27.37 2.41
C SER DB 96 112.84 25.96 2.94
N SER DB 97 113.92 25.18 3.03
CA SER DB 97 113.88 23.86 3.62
C SER DB 97 114.92 23.78 4.72
N GLY DB 98 114.86 22.72 5.50
CA GLY DB 98 115.77 22.58 6.61
C GLY DB 98 117.19 22.30 6.16
N VAL DB 99 117.74 23.20 5.37
CA VAL DB 99 119.02 22.96 4.70
C VAL DB 99 120.11 23.90 5.21
N SER DB 100 119.76 25.14 5.55
CA SER DB 100 120.78 26.12 5.92
C SER DB 100 120.10 27.35 6.50
N SER DB 101 120.90 28.20 7.13
CA SER DB 101 120.45 29.42 7.77
C SER DB 101 120.69 30.62 6.86
N VAL DB 102 119.73 31.54 6.84
CA VAL DB 102 119.80 32.71 5.97
C VAL DB 102 120.15 33.93 6.83
N GLU DB 103 120.87 34.86 6.22
CA GLU DB 103 121.28 36.09 6.88
C GLU DB 103 120.28 37.20 6.59
N LEU DB 104 119.89 37.92 7.64
CA LEU DB 104 118.85 38.94 7.51
C LEU DB 104 119.19 40.21 8.27
N SER DB 105 120.47 40.55 8.38
CA SER DB 105 120.83 41.78 9.06
C SER DB 105 120.39 42.98 8.24
N PRO DB 106 119.86 44.03 8.87
CA PRO DB 106 119.29 45.14 8.09
C PRO DB 106 120.32 45.96 7.36
N SER DB 107 121.60 45.85 7.71
CA SER DB 107 122.63 46.64 7.06
C SER DB 107 123.15 46.01 5.79
N THR DB 108 122.68 44.82 5.42
CA THR DB 108 123.18 44.12 4.25
C THR DB 108 122.09 43.69 3.27
N THR DB 109 120.88 43.41 3.72
CA THR DB 109 119.81 43.00 2.83
C THR DB 109 118.90 44.18 2.52
N ALA DB 110 117.90 43.93 1.68
CA ALA DB 110 117.03 45.00 1.21
C ALA DB 110 115.65 44.45 0.92
N ILE DB 111 114.62 45.09 1.47
CA ILE DB 111 113.24 44.76 1.17
C ILE DB 111 112.68 45.89 0.32
N SER DB 112 112.25 45.57 -0.90
CA SER DB 112 111.78 46.54 -1.86
C SER DB 112 110.26 46.46 -1.98
N PHE DB 113 109.62 47.61 -2.15
CA PHE DB 113 108.17 47.70 -2.30
C PHE DB 113 107.86 48.38 -3.62
N THR DB 114 106.82 47.90 -4.30
CA THR DB 114 106.47 48.42 -5.61
C THR DB 114 104.98 48.22 -5.86
N ALA DB 115 104.31 49.29 -6.29
CA ALA DB 115 102.92 49.24 -6.74
C ALA DB 115 102.89 49.84 -8.13
N SER DB 116 102.62 48.99 -9.14
CA SER DB 116 102.79 49.42 -10.52
C SER DB 116 101.75 50.47 -10.92
N ALA DB 117 100.51 50.31 -10.46
CA ALA DB 117 99.45 51.21 -10.91
C ALA DB 117 99.66 52.63 -10.39
N GLU DB 118 99.93 52.79 -9.10
CA GLU DB 118 100.08 54.11 -8.52
C GLU DB 118 101.34 54.83 -8.99
N GLY DB 119 102.22 54.15 -9.73
CA GLY DB 119 103.42 54.79 -10.20
C GLY DB 119 104.49 54.99 -9.16
N ILE DB 120 104.28 54.51 -7.95
CA ILE DB 120 105.27 54.63 -6.88
C ILE DB 120 106.10 53.36 -6.84
N SER DB 121 107.38 53.52 -6.49
CA SER DB 121 108.29 52.38 -6.42
C SER DB 121 109.43 52.74 -5.49
N TYR DB 122 109.65 51.92 -4.48
CA TYR DB 122 110.69 52.15 -3.48
C TYR DB 122 111.82 51.17 -3.70
N SER DB 123 112.80 51.21 -2.78
CA SER DB 123 113.94 50.31 -2.83
C SER DB 123 114.58 50.30 -1.45
N ASN DB 124 114.72 49.12 -0.86
CA ASN DB 124 115.39 48.93 0.42
C ASN DB 124 114.75 49.78 1.51
N ILE DB 125 113.52 49.39 1.85
CA ILE DB 125 112.79 50.05 2.94
C ILE DB 125 113.02 49.29 4.24
N TYR DB 126 114.07 48.46 4.27
CA TYR DB 126 114.45 47.73 5.47
C TYR DB 126 115.40 48.58 6.30
N GLU DB 127 115.00 48.92 7.51
CA GLU DB 127 115.80 49.79 8.36
C GLU DB 127 116.27 49.14 9.64
N TYR DB 128 115.36 48.60 10.45
CA TYR DB 128 115.69 48.13 11.78
C TYR DB 128 115.28 46.67 11.96
N THR DB 129 115.69 46.10 13.08
CA THR DB 129 115.38 44.70 13.38
C THR DB 129 115.34 44.52 14.89
N LEU DB 130 114.63 43.47 15.31
CA LEU DB 130 114.60 43.07 16.70
C LEU DB 130 115.32 41.75 16.94
N LEU DB 131 115.81 41.10 15.90
CA LEU DB 131 116.56 39.87 16.08
C LEU DB 131 117.84 40.12 16.85
N THR DB 132 118.33 41.35 16.88
CA THR DB 132 119.57 41.68 17.56
C THR DB 132 119.36 42.14 18.99
N VAL DB 133 118.17 42.61 19.33
CA VAL DB 133 117.95 43.20 20.65
C VAL DB 133 117.69 42.08 21.65
N SER DB 134 118.51 42.02 22.70
CA SER DB 134 118.36 40.99 23.71
C SER DB 134 117.13 41.27 24.57
N PRO DB 135 116.41 40.24 25.00
CA PRO DB 135 115.18 40.47 25.78
C PRO DB 135 115.43 41.02 27.18
N SER DB 136 116.68 41.13 27.62
CA SER DB 136 116.95 41.65 28.95
C SER DB 136 116.51 43.10 29.08
N GLU DB 137 116.80 43.91 28.07
CA GLU DB 137 116.43 45.33 28.12
C GLU DB 137 114.91 45.47 28.06
N LEU DB 138 114.27 44.74 27.16
CA LEU DB 138 112.85 44.95 26.90
C LEU DB 138 111.99 44.64 28.11
N ALA DB 139 112.40 43.65 28.90
CA ALA DB 139 111.49 43.07 29.89
C ALA DB 139 111.20 44.00 31.06
N ASN DB 140 111.97 45.08 31.22
CA ASN DB 140 111.85 45.86 32.44
C ASN DB 140 110.91 47.06 32.30
N GLN DB 141 111.21 47.99 31.39
CA GLN DB 141 110.58 49.31 31.40
C GLN DB 141 109.61 49.46 30.22
N VAL DB 142 108.38 49.03 30.42
CA VAL DB 142 107.24 49.49 29.63
C VAL DB 142 105.97 49.12 30.39
N TYR DB 143 105.05 50.08 30.54
CA TYR DB 143 103.82 49.80 31.26
C TYR DB 143 102.80 50.88 31.01
N ALA DB 144 101.52 50.50 31.08
CA ALA DB 144 100.41 51.40 30.95
C ALA DB 144 99.45 51.36 32.12
N ASN DB 145 99.57 50.39 33.02
CA ASN DB 145 98.72 50.27 34.18
C ASN DB 145 99.54 49.62 35.30
N GLY DB 146 98.85 49.11 36.32
CA GLY DB 146 99.51 48.55 37.48
C GLY DB 146 100.56 47.48 37.20
N GLN DB 147 100.60 46.98 35.97
CA GLN DB 147 101.54 45.93 35.58
C GLN DB 147 102.45 46.42 34.47
N TYR DB 148 103.71 46.01 34.54
CA TYR DB 148 104.64 46.17 33.42
C TYR DB 148 104.37 45.05 32.44
N LEU DB 149 103.71 45.36 31.33
CA LEU DB 149 103.31 44.31 30.40
C LEU DB 149 104.52 43.60 29.82
N ASP DB 150 104.42 42.28 29.72
CA ASP DB 150 105.51 41.44 29.24
C ASP DB 150 105.40 41.31 27.73
N LEU DB 151 106.44 41.75 27.01
CA LEU DB 151 106.41 41.75 25.56
C LEU DB 151 106.89 40.41 25.00
N VAL DB 152 108.11 40.01 25.35
CA VAL DB 152 108.72 38.82 24.78
C VAL DB 152 108.41 37.61 25.66
N ASN DB 153 108.06 36.50 25.01
CA ASN DB 153 107.81 35.24 25.69
C ASN DB 153 108.92 34.26 25.32
N GLN DB 154 109.59 33.72 26.33
CA GLN DB 154 110.76 32.91 26.10
C GLN DB 154 110.65 31.58 26.85
N GLN DB 155 111.56 30.67 26.53
CA GLN DB 155 111.66 29.37 27.16
C GLN DB 155 113.02 28.79 26.83
N THR DB 156 113.43 27.78 27.59
CA THR DB 156 114.77 27.23 27.46
C THR DB 156 114.71 25.70 27.43
N ASN DB 157 115.63 25.11 26.67
CA ASN DB 157 115.83 23.67 26.61
C ASN DB 157 117.10 23.39 25.83
N ALA DB 158 117.78 22.31 26.20
CA ALA DB 158 119.03 21.90 25.57
C ALA DB 158 120.10 22.98 25.70
N GLY DB 159 120.08 23.73 26.80
CA GLY DB 159 121.09 24.74 27.06
C GLY DB 159 120.87 26.06 26.35
N GLN DB 160 119.94 26.14 25.42
CA GLN DB 160 119.67 27.37 24.68
C GLN DB 160 118.32 27.93 25.09
N THR DB 161 118.15 29.23 24.84
CA THR DB 161 116.94 29.96 25.19
C THR DB 161 116.31 30.50 23.91
N TYR DB 162 115.05 30.17 23.70
CA TYR DB 162 114.29 30.64 22.54
C TYR DB 162 113.37 31.77 22.95
N VAL DB 163 113.45 32.89 22.25
CA VAL DB 163 112.57 34.02 22.52
C VAL DB 163 111.77 34.33 21.26
N TYR DB 164 110.61 34.95 21.47
CA TYR DB 164 109.74 35.32 20.36
C TYR DB 164 108.73 36.34 20.84
N TYR DB 165 108.20 37.12 19.90
CA TYR DB 165 107.19 38.12 20.19
C TYR DB 165 105.84 37.59 19.76
N PRO DB 166 104.89 37.35 20.67
CA PRO DB 166 103.66 36.68 20.28
C PRO DB 166 102.71 37.56 19.49
N ASN DB 167 102.81 38.88 19.61
CA ASN DB 167 101.86 39.78 18.98
C ASN DB 167 102.62 40.80 18.14
N PRO DB 168 102.21 41.06 16.90
CA PRO DB 168 102.84 42.15 16.14
C PRO DB 168 102.74 43.48 16.84
N TYR DB 169 101.68 43.71 17.61
CA TYR DB 169 101.58 44.93 18.40
C TYR DB 169 102.65 44.94 19.49
N TYR DB 170 102.87 43.80 20.15
CA TYR DB 170 103.95 43.71 21.12
C TYR DB 170 105.30 43.94 20.45
N ALA DB 171 105.42 43.55 19.18
CA ALA DB 171 106.62 43.87 18.44
C ALA DB 171 106.74 45.37 18.20
N LEU DB 172 105.60 46.03 17.97
CA LEU DB 172 105.62 47.47 17.75
C LEU DB 172 106.02 48.21 19.02
N LEU DB 173 105.37 47.91 20.13
CA LEU DB 173 105.71 48.57 21.39
C LEU DB 173 107.16 48.33 21.77
N ALA DB 174 107.72 47.20 21.33
CA ALA DB 174 109.14 46.96 21.54
C ALA DB 174 109.98 47.86 20.67
N LEU DB 175 109.67 47.93 19.37
CA LEU DB 175 110.47 48.75 18.46
C LEU DB 175 110.44 50.22 18.85
N ASN DB 176 109.30 50.70 19.33
CA ASN DB 176 109.23 52.08 19.82
C ASN DB 176 110.26 52.31 20.91
N TYR DB 177 110.43 51.33 21.81
CA TYR DB 177 111.38 51.50 22.89
C TYR DB 177 112.81 51.36 22.41
N THR DB 178 113.10 50.32 21.63
CA THR DB 178 114.46 50.10 21.16
C THR DB 178 114.98 51.31 20.39
N LEU DB 179 114.19 51.79 19.43
CA LEU DB 179 114.59 52.97 18.68
C LEU DB 179 114.74 54.19 19.59
N SER DB 180 114.09 54.18 20.74
CA SER DB 180 114.11 55.36 21.60
C SER DB 180 115.35 55.40 22.48
N LYS DB 181 115.62 54.31 23.21
CA LYS DB 181 116.63 54.33 24.26
C LYS DB 181 117.80 53.40 24.01
N ILE DB 182 117.58 52.25 23.39
CA ILE DB 182 118.68 51.29 23.20
C ILE DB 182 119.74 51.87 22.28
N ASP DB 183 119.36 52.17 21.04
CA ASP DB 183 120.26 52.83 20.11
C ASP DB 183 119.86 54.28 19.94
N LYS DB 184 120.85 55.15 19.76
CA LYS DB 184 120.63 56.60 19.76
C LYS DB 184 120.35 57.06 18.34
N VAL DB 185 119.09 57.32 18.04
CA VAL DB 185 118.68 57.97 16.80
C VAL DB 185 118.01 59.29 17.14
N SER DB 186 118.37 60.34 16.40
CA SER DB 186 117.73 61.63 16.65
C SER DB 186 116.35 61.69 15.99
N PRO DB 187 116.16 61.22 14.74
CA PRO DB 187 114.79 61.09 14.24
C PRO DB 187 114.23 59.71 14.51
N SER DB 188 113.07 59.64 15.16
CA SER DB 188 112.44 58.36 15.42
C SER DB 188 111.33 58.16 14.41
N PRO DB 189 111.50 57.32 13.40
CA PRO DB 189 110.44 57.17 12.38
C PRO DB 189 109.12 56.71 12.95
N LEU DB 190 109.13 55.92 14.02
CA LEU DB 190 107.92 55.47 14.68
C LEU DB 190 107.79 56.16 16.02
N TYR DB 191 106.58 56.58 16.35
CA TYR DB 191 106.30 57.21 17.64
C TYR DB 191 104.93 56.73 18.11
N ILE DB 192 104.91 55.85 19.10
CA ILE DB 192 103.67 55.29 19.63
C ILE DB 192 103.40 55.96 20.96
N THR DB 193 102.29 56.69 21.05
CA THR DB 193 101.90 57.38 22.26
C THR DB 193 100.48 56.98 22.63
N THR DB 194 100.13 57.23 23.89
CA THR DB 194 98.81 56.89 24.41
C THR DB 194 97.93 58.10 24.68
N THR DB 195 98.48 59.31 24.61
CA THR DB 195 97.67 60.50 24.80
C THR DB 195 96.77 60.73 23.58
N THR DB 196 95.78 61.60 23.77
CA THR DB 196 94.86 61.90 22.69
C THR DB 196 95.60 62.54 21.52
N PRO DB 197 95.20 62.25 20.28
CA PRO DB 197 95.86 62.88 19.14
C PRO DB 197 95.64 64.38 19.07
N SER DB 198 94.57 64.89 19.70
CA SER DB 198 94.33 66.33 19.70
C SER DB 198 95.42 67.07 20.46
N SER DB 199 95.64 66.70 21.72
CA SER DB 199 96.65 67.38 22.52
C SER DB 199 98.06 67.04 22.05
N ALA DB 200 98.27 65.81 21.57
CA ALA DB 200 99.60 65.41 21.12
C ALA DB 200 100.03 66.22 19.91
N THR DB 201 99.07 66.64 19.08
CA THR DB 201 99.41 67.45 17.92
C THR DB 201 99.91 68.83 18.33
N GLN DB 202 99.47 69.33 19.49
CA GLN DB 202 99.88 70.65 19.95
C GLN DB 202 101.20 70.64 20.70
N ILE DB 203 101.37 69.71 21.64
CA ILE DB 203 102.63 69.62 22.37
C ILE DB 203 103.75 69.20 21.43
N TYR DB 204 103.46 68.35 20.45
CA TYR DB 204 104.42 67.94 19.44
C TYR DB 204 103.87 68.30 18.06
N PRO DB 205 104.29 69.42 17.48
CA PRO DB 205 103.70 69.84 16.19
C PRO DB 205 104.05 68.93 15.04
N PHE DB 206 105.23 68.30 15.06
CA PHE DB 206 105.66 67.48 13.94
C PHE DB 206 104.76 66.25 13.74
N LEU DB 207 104.03 65.84 14.77
CA LEU DB 207 103.16 64.67 14.68
C LEU DB 207 101.87 64.96 13.94
N ALA DB 208 101.78 66.09 13.23
CA ALA DB 208 100.57 66.41 12.49
C ALA DB 208 100.59 65.88 11.07
N HIS DB 209 101.77 65.76 10.46
CA HIS DB 209 101.87 65.32 9.08
C HIS DB 209 102.09 63.82 8.93
N ASP DB 210 102.37 63.12 10.02
CA ASP DB 210 102.64 61.69 9.94
C ASP DB 210 101.35 60.93 9.71
N ASN DB 211 101.50 59.62 9.51
CA ASN DB 211 100.38 58.71 9.32
C ASN DB 211 100.11 57.98 10.63
N MET DB 212 98.90 58.09 11.13
CA MET DB 212 98.54 57.57 12.45
C MET DB 212 97.62 56.36 12.29
N PHE DB 213 97.96 55.27 12.99
CA PHE DB 213 97.08 54.13 13.11
C PHE DB 213 97.06 53.69 14.56
N THR DB 214 95.89 53.24 15.02
CA THR DB 214 95.66 52.94 16.42
C THR DB 214 95.46 51.45 16.63
N PHE DB 215 95.67 51.01 17.87
CA PHE DB 215 95.41 49.64 18.25
C PHE DB 215 95.25 49.57 19.76
N THR DB 216 94.20 48.90 20.21
CA THR DB 216 93.84 48.85 21.62
C THR DB 216 94.20 47.50 22.22
N LEU DB 217 94.56 47.51 23.50
CA LEU DB 217 94.98 46.31 24.21
C LEU DB 217 94.38 46.31 25.60
N ASN DB 218 93.97 45.13 26.05
CA ASN DB 218 93.36 44.95 27.37
C ASN DB 218 94.47 44.70 28.38
N ILE DB 219 94.63 45.60 29.34
CA ILE DB 219 95.62 45.47 30.40
C ILE DB 219 94.95 45.78 31.73
N SER DB 220 94.96 44.82 32.65
CA SER DB 220 94.46 45.01 34.00
C SER DB 220 93.01 45.48 33.99
N GLY DB 221 92.18 44.81 33.21
CA GLY DB 221 90.76 45.08 33.17
C GLY DB 221 90.35 46.40 32.55
N THR DB 222 91.29 47.31 32.31
CA THR DB 222 90.98 48.60 31.70
C THR DB 222 91.60 48.65 30.31
N LEU DB 223 90.81 49.08 29.33
CA LEU DB 223 91.26 49.09 27.94
C LEU DB 223 92.20 50.27 27.72
N VAL DB 224 93.35 50.00 27.11
CA VAL DB 224 94.36 51.00 26.84
C VAL DB 224 94.53 51.12 25.33
N THR DB 225 94.62 52.36 24.85
CA THR DB 225 94.77 52.63 23.43
C THR DB 225 96.16 53.19 23.16
N TYR DB 226 96.60 53.03 21.90
CA TYR DB 226 97.91 53.51 21.48
C TYR DB 226 97.79 54.11 20.10
N TYR DB 227 98.51 55.22 19.87
CA TYR DB 227 98.52 55.92 18.60
C TYR DB 227 99.93 55.87 18.01
N ALA DB 228 100.06 55.26 16.84
CA ALA DB 228 101.36 55.03 16.22
C ALA DB 228 101.50 55.93 15.01
N PHE DB 229 102.53 56.77 15.01
CA PHE DB 229 102.79 57.72 13.94
C PHE DB 229 103.99 57.27 13.13
N VAL DB 230 103.93 57.45 11.82
CA VAL DB 230 105.00 57.04 10.91
C VAL DB 230 105.25 58.19 9.94
N ASN DB 231 106.52 58.58 9.78
CA ASN DB 231 106.88 59.67 8.88
C ASN DB 231 107.61 59.17 7.63
N GLN DB 232 107.82 57.87 7.51
CA GLN DB 232 108.46 57.31 6.32
C GLN DB 232 108.22 55.82 6.30
N THR DB 233 107.92 55.29 5.12
CA THR DB 233 107.68 53.86 4.98
C THR DB 233 108.97 53.09 5.30
N PHE DB 234 108.96 52.36 6.41
CA PHE DB 234 110.10 51.54 6.80
C PHE DB 234 109.59 50.18 7.26
N ALA DB 235 110.49 49.20 7.24
CA ALA DB 235 110.15 47.83 7.57
C ALA DB 235 111.13 47.29 8.58
N PHE DB 236 110.64 46.43 9.48
CA PHE DB 236 111.47 45.81 10.49
C PHE DB 236 111.10 44.35 10.63
N THR DB 237 112.05 43.56 11.15
CA THR DB 237 111.88 42.13 11.35
C THR DB 237 112.08 41.76 12.80
N TYR DB 238 111.41 40.70 13.23
CA TYR DB 238 111.45 40.23 14.60
C TYR DB 238 111.23 38.73 14.61
N PRO DB 239 111.76 38.02 15.61
CA PRO DB 239 111.57 36.57 15.64
C PRO DB 239 110.20 36.20 16.18
N VAL DB 240 109.68 35.09 15.67
CA VAL DB 240 108.39 34.60 16.14
C VAL DB 240 108.40 33.12 16.54
N ALA DB 241 109.38 32.33 16.11
CA ALA DB 241 109.43 30.93 16.51
C ALA DB 241 110.79 30.34 16.18
N GLY DB 242 111.32 29.55 17.13
CA GLY DB 242 112.48 28.72 16.85
C GLY DB 242 113.74 29.46 16.50
N ASP DB 243 113.93 30.67 17.03
CA ASP DB 243 115.14 31.44 16.80
C ASP DB 243 115.96 31.47 18.08
N PRO DB 244 116.85 30.50 18.31
CA PRO DB 244 117.58 30.49 19.58
C PRO DB 244 118.64 31.55 19.67
N LEU DB 245 119.43 31.75 18.61
CA LEU DB 245 120.53 32.71 18.63
C LEU DB 245 119.94 34.10 18.40
N ILE DB 246 119.88 34.89 19.48
CA ILE DB 246 119.33 36.24 19.46
C ILE DB 246 120.44 37.22 19.77
N GLY DB 247 120.57 38.24 18.94
CA GLY DB 247 121.62 39.23 19.11
C GLY DB 247 122.58 39.24 17.94
N SER DB 248 122.24 38.52 16.87
CA SER DB 248 123.15 38.42 15.73
C SER DB 248 122.45 38.50 14.38
N ALA DB 249 121.14 38.73 14.36
CA ALA DB 249 120.40 38.99 13.12
C ALA DB 249 120.51 37.85 12.12
N ILE DB 250 120.75 36.63 12.60
CA ILE DB 250 120.83 35.45 11.75
C ILE DB 250 119.59 34.61 11.98
N ALA DB 251 118.97 34.16 10.90
CA ALA DB 251 117.77 33.35 10.99
C ALA DB 251 118.14 31.89 10.79
N PRO DB 252 118.14 31.06 11.82
CA PRO DB 252 118.53 29.66 11.64
C PRO DB 252 117.48 28.87 10.88
N ALA DB 253 117.92 27.78 10.28
CA ALA DB 253 117.00 26.91 9.56
C ALA DB 253 116.02 26.28 10.53
N GLY DB 254 114.73 26.37 10.20
CA GLY DB 254 113.67 25.93 11.07
C GLY DB 254 113.02 27.04 11.86
N SER DB 255 113.62 28.22 11.89
CA SER DB 255 113.07 29.37 12.58
C SER DB 255 112.08 30.10 11.67
N VAL DB 256 111.22 30.89 12.30
CA VAL DB 256 110.25 31.70 11.58
C VAL DB 256 110.45 33.15 11.99
N ILE DB 257 110.53 34.04 11.00
CA ILE DB 257 110.81 35.44 11.22
C ILE DB 257 109.59 36.26 10.81
N GLY DB 258 109.34 37.33 11.54
CA GLY DB 258 108.26 38.24 11.23
C GLY DB 258 108.76 39.43 10.43
N VAL DB 259 107.88 39.99 9.60
CA VAL DB 259 108.19 41.15 8.77
C VAL DB 259 106.97 42.07 8.79
N MET DB 260 107.21 43.37 8.93
CA MET DB 260 106.13 44.34 8.92
C MET DB 260 106.57 45.61 8.21
N ILE DB 261 105.75 46.07 7.28
CA ILE DB 261 106.00 47.30 6.53
C ILE DB 261 105.01 48.33 7.01
N LEU DB 262 105.51 49.42 7.58
CA LEU DB 262 104.69 50.47 8.16
C LEU DB 262 104.65 51.65 7.20
N PHE DB 263 103.49 51.89 6.61
CA PHE DB 263 103.35 52.95 5.62
C PHE DB 263 103.41 54.31 6.26
N GLY DB 264 104.02 55.27 5.57
CA GLY DB 264 104.16 56.61 6.07
C GLY DB 264 103.07 57.53 5.57
N PRO DB 265 103.36 58.82 5.50
CA PRO DB 265 102.38 59.76 4.94
C PRO DB 265 102.38 59.76 3.42
N ASP DB 266 103.54 59.48 2.84
CA ASP DB 266 103.67 59.49 1.39
C ASP DB 266 102.78 58.44 0.74
N LEU DB 267 103.03 57.17 1.04
CA LEU DB 267 102.27 56.08 0.44
C LEU DB 267 101.00 55.75 1.22
N GLY DB 268 100.94 56.10 2.50
CA GLY DB 268 99.82 55.74 3.34
C GLY DB 268 98.50 56.37 2.96
N SER DB 269 98.50 57.33 2.04
CA SER DB 269 97.27 57.95 1.59
C SER DB 269 96.65 57.24 0.39
N HIS DB 270 97.18 56.07 0.01
CA HIS DB 270 96.68 55.30 -1.11
C HIS DB 270 96.12 53.98 -0.62
N VAL DB 271 95.13 53.47 -1.36
CA VAL DB 271 94.54 52.16 -1.08
C VAL DB 271 94.78 51.28 -2.29
N PHE DB 272 95.39 50.12 -2.06
CA PHE DB 272 95.67 49.19 -3.14
C PHE DB 272 94.40 48.41 -3.42
N GLN DB 273 93.62 48.90 -4.37
CA GLN DB 273 92.42 48.22 -4.83
C GLN DB 273 92.53 48.00 -6.33
N TYR DB 274 92.34 46.76 -6.76
CA TYR DB 274 92.46 46.40 -8.18
C TYR DB 274 93.87 46.69 -8.70
N GLN DB 275 94.87 46.42 -7.85
CA GLN DB 275 96.26 46.69 -8.20
C GLN DB 275 97.11 45.47 -7.85
N THR DB 276 98.31 45.45 -8.41
CA THR DB 276 99.27 44.38 -8.18
C THR DB 276 100.44 44.92 -7.37
N ILE DB 277 100.72 44.31 -6.23
CA ILE DB 277 101.81 44.72 -5.35
C ILE DB 277 102.95 43.73 -5.50
N THR DB 278 104.17 44.20 -5.31
CA THR DB 278 105.35 43.36 -5.41
C THR DB 278 106.36 43.72 -4.33
N ILE DB 279 106.76 42.72 -3.55
CA ILE DB 279 107.77 42.88 -2.52
C ILE DB 279 108.86 41.87 -2.79
N GLN DB 280 110.11 42.25 -2.54
CA GLN DB 280 111.25 41.37 -2.84
C GLN DB 280 112.31 41.54 -1.76
N ILE DB 281 112.47 40.51 -0.93
CA ILE DB 281 113.54 40.45 0.05
C ILE DB 281 114.74 39.79 -0.59
N THR DB 282 115.93 40.37 -0.39
CA THR DB 282 117.15 39.87 -1.01
C THR DB 282 118.30 39.84 0.00
N PRO DB 283 118.62 38.68 0.54
CA PRO DB 283 119.77 38.57 1.44
C PRO DB 283 121.07 38.78 0.69
N ASN DB 284 122.13 39.01 1.46
CA ASN DB 284 123.44 39.25 0.85
C ASN DB 284 124.04 37.99 0.26
N ILE DB 285 123.63 36.82 0.74
CA ILE DB 285 124.06 35.55 0.17
C ILE DB 285 122.82 34.71 -0.12
N GLY DB 286 122.88 33.91 -1.16
CA GLY DB 286 121.75 33.12 -1.57
C GLY DB 286 120.85 33.85 -2.55
N SER DB 287 119.65 33.32 -2.70
CA SER DB 287 118.69 33.82 -3.67
C SER DB 287 117.64 34.69 -2.98
N PRO DB 288 117.04 35.62 -3.71
CA PRO DB 288 116.03 36.49 -3.12
C PRO DB 288 114.62 35.94 -3.25
N LEU DB 289 113.77 36.36 -2.31
CA LEU DB 289 112.36 36.01 -2.29
C LEU DB 289 111.55 37.09 -2.97
N THR DB 290 110.59 36.68 -3.79
CA THR DB 290 109.75 37.61 -4.53
C THR DB 290 108.29 37.30 -4.25
N ILE DB 291 107.55 38.31 -3.80
CA ILE DB 291 106.14 38.18 -3.46
C ILE DB 291 105.35 39.15 -4.33
N SER DB 292 104.32 38.64 -5.01
CA SER DB 292 103.50 39.47 -5.89
C SER DB 292 102.05 39.03 -5.72
N GLU DB 293 101.20 39.96 -5.28
CA GLU DB 293 99.81 39.68 -4.99
C GLU DB 293 98.91 40.71 -5.64
N TYR DB 294 97.72 40.28 -6.02
CA TYR DB 294 96.71 41.14 -6.62
C TYR DB 294 95.59 41.35 -5.62
N VAL DB 295 95.34 42.60 -5.24
CA VAL DB 295 94.39 42.93 -4.19
C VAL DB 295 93.10 43.41 -4.83
N TYR DB 296 92.00 42.72 -4.54
CA TYR DB 296 90.70 43.11 -5.07
C TYR DB 296 90.13 44.31 -4.34
N GLN DB 297 89.84 44.14 -3.07
CA GLN DB 297 89.09 45.10 -2.28
C GLN DB 297 89.22 44.74 -0.82
N PRO DB 298 89.54 45.69 0.05
CA PRO DB 298 89.80 45.34 1.45
C PRO DB 298 88.52 45.09 2.24
N GLU DB 299 88.65 44.27 3.26
CA GLU DB 299 87.55 44.01 4.19
C GLU DB 299 88.12 43.56 5.53
N GLY DB 300 87.29 43.65 6.56
CA GLY DB 300 87.67 43.23 7.90
C GLY DB 300 88.73 44.05 8.57
N SER DB 301 89.26 45.09 7.91
CA SER DB 301 90.28 45.99 8.44
C SER DB 301 91.63 45.30 8.52
N VAL DB 302 91.65 43.98 8.32
CA VAL DB 302 92.87 43.23 8.07
C VAL DB 302 92.58 42.26 6.95
N SER DB 303 92.86 42.66 5.72
CA SER DB 303 92.55 41.83 4.58
C SER DB 303 93.63 40.78 4.38
N VAL DB 304 93.21 39.52 4.23
CA VAL DB 304 94.16 38.42 4.10
C VAL DB 304 94.49 38.30 2.61
N ILE DB 305 95.37 39.18 2.16
CA ILE DB 305 95.81 39.25 0.77
C ILE DB 305 96.77 40.43 0.64
N LEU EB 19 173.73 22.56 -19.96
CA LEU EB 19 172.66 21.74 -20.52
C LEU EB 19 171.31 22.15 -19.96
N ALA EB 20 170.26 21.44 -20.38
CA ALA EB 20 168.91 21.71 -19.94
C ALA EB 20 168.28 20.58 -19.15
N GLY EB 21 168.91 19.41 -19.08
CA GLY EB 21 168.32 18.31 -18.33
C GLY EB 21 168.13 18.65 -16.86
N LEU EB 22 169.07 19.40 -16.28
CA LEU EB 22 168.93 19.81 -14.89
C LEU EB 22 167.80 20.83 -14.72
N ASP EB 23 167.68 21.76 -15.67
CA ASP EB 23 166.66 22.80 -15.56
C ASP EB 23 165.26 22.22 -15.69
N THR EB 24 165.07 21.32 -16.66
CA THR EB 24 163.74 20.74 -16.86
C THR EB 24 163.32 19.88 -15.69
N ALA EB 25 164.29 19.28 -14.99
CA ALA EB 25 163.96 18.45 -13.84
C ALA EB 25 163.47 19.29 -12.67
N ILE EB 26 164.24 20.33 -12.31
CA ILE EB 26 163.88 21.15 -11.16
C ILE EB 26 162.55 21.86 -11.38
N ILE EB 27 162.27 22.25 -12.62
CA ILE EB 27 161.00 22.90 -12.92
C ILE EB 27 159.85 21.92 -12.81
N LEU EB 28 160.03 20.70 -13.32
CA LEU EB 28 158.95 19.74 -13.36
C LEU EB 28 158.47 19.37 -11.96
N ILE EB 29 159.40 19.25 -11.02
CA ILE EB 29 159.04 18.84 -9.66
C ILE EB 29 158.07 19.85 -9.05
N ALA EB 30 158.27 21.13 -9.33
CA ALA EB 30 157.36 22.15 -8.82
C ALA EB 30 156.01 22.07 -9.50
N PHE EB 31 155.98 21.74 -10.79
CA PHE EB 31 154.71 21.62 -11.49
C PHE EB 31 153.88 20.48 -10.93
N ILE EB 32 154.55 19.47 -10.36
CA ILE EB 32 153.83 18.34 -9.80
C ILE EB 32 153.21 18.72 -8.47
N ILE EB 33 153.94 19.44 -7.63
CA ILE EB 33 153.42 19.84 -6.32
C ILE EB 33 152.25 20.79 -6.50
N THR EB 34 152.28 21.62 -7.54
CA THR EB 34 151.16 22.50 -7.83
C THR EB 34 149.97 21.69 -8.34
N ALA EB 35 150.22 20.71 -9.19
CA ALA EB 35 149.14 19.89 -9.70
C ALA EB 35 148.59 18.97 -8.62
N SER EB 36 149.46 18.52 -7.71
CA SER EB 36 149.01 17.60 -6.67
C SER EB 36 148.05 18.30 -5.71
N VAL EB 37 148.43 19.49 -5.22
CA VAL EB 37 147.60 20.18 -4.24
C VAL EB 37 146.25 20.53 -4.84
N LEU EB 38 146.18 20.78 -6.14
CA LEU EB 38 144.89 21.01 -6.78
C LEU EB 38 144.03 19.76 -6.74
N ALA EB 39 144.59 18.64 -7.16
CA ALA EB 39 143.89 17.36 -7.02
C ALA EB 39 143.64 17.03 -5.56
N TYR EB 40 144.50 17.54 -4.67
CA TYR EB 40 144.32 17.33 -3.24
C TYR EB 40 143.06 18.01 -2.73
N VAL EB 41 142.81 19.24 -3.19
CA VAL EB 41 141.65 19.98 -2.69
C VAL EB 41 140.44 19.73 -3.58
N ALA EB 42 140.65 19.31 -4.83
CA ALA EB 42 139.51 19.09 -5.72
C ALA EB 42 138.62 17.97 -5.19
N ILE EB 43 139.22 16.85 -4.77
CA ILE EB 43 138.42 15.74 -4.27
C ILE EB 43 137.87 16.06 -2.88
N ASN EB 44 138.63 16.81 -2.08
CA ASN EB 44 138.14 17.19 -0.75
C ASN EB 44 136.88 18.04 -0.88
N MET EB 45 136.90 19.03 -1.77
CA MET EB 45 135.71 19.84 -2.00
C MET EB 45 134.66 19.06 -2.78
N GLY EB 46 135.10 18.22 -3.73
CA GLY EB 46 134.16 17.40 -4.47
C GLY EB 46 133.40 16.44 -3.57
N LEU EB 47 134.03 16.02 -2.47
CA LEU EB 47 133.34 15.14 -1.52
C LEU EB 47 132.38 15.94 -0.65
N PHE EB 48 132.79 17.13 -0.21
CA PHE EB 48 131.94 17.92 0.66
C PHE EB 48 130.66 18.34 -0.05
N VAL EB 49 130.77 18.71 -1.32
CA VAL EB 49 129.59 19.20 -2.03
C VAL EB 49 128.61 18.06 -2.27
N THR EB 50 129.11 16.88 -2.61
CA THR EB 50 128.20 15.76 -2.83
C THR EB 50 127.65 15.21 -1.54
N GLN EB 51 128.41 15.32 -0.44
CA GLN EB 51 127.88 14.91 0.85
C GLN EB 51 126.83 15.90 1.34
N LYS EB 52 127.04 17.19 1.10
CA LYS EB 52 126.01 18.18 1.39
C LYS EB 52 124.80 17.96 0.51
N ALA EB 53 125.01 17.72 -0.78
CA ALA EB 53 123.90 17.46 -1.68
C ALA EB 53 123.11 16.22 -1.25
N LYS EB 54 123.78 15.30 -0.55
CA LYS EB 54 123.09 14.12 -0.03
C LYS EB 54 122.09 14.52 1.06
N SER EB 55 122.50 15.43 1.94
CA SER EB 55 121.64 15.80 3.06
C SER EB 55 120.47 16.65 2.61
N THR EB 56 120.63 17.44 1.55
CA THR EB 56 119.52 18.24 1.06
C THR EB 56 118.39 17.39 0.50
N ILE EB 57 118.73 16.26 -0.14
CA ILE EB 57 117.67 15.34 -0.58
C ILE EB 57 116.97 14.74 0.62
N ASN EB 58 117.74 14.41 1.67
CA ASN EB 58 117.15 13.83 2.87
C ASN EB 58 116.23 14.82 3.56
N LYS EB 59 116.70 16.05 3.74
CA LYS EB 59 115.83 17.09 4.31
C LYS EB 59 114.74 17.48 3.34
N GLY EB 60 115.03 17.44 2.03
CA GLY EB 60 114.00 17.70 1.05
C GLY EB 60 112.95 16.61 1.03
N GLU EB 61 113.37 15.36 1.21
CA GLU EB 61 112.42 14.26 1.26
C GLU EB 61 111.55 14.36 2.50
N GLU EB 62 112.13 14.82 3.62
CA GLU EB 62 111.33 15.00 4.83
C GLU EB 62 110.35 16.16 4.67
N THR EB 63 110.72 17.17 3.90
CA THR EB 63 109.83 18.31 3.70
C THR EB 63 108.55 17.90 2.97
N ALA EB 64 108.66 16.93 2.06
CA ALA EB 64 107.49 16.50 1.31
C ALA EB 64 106.71 15.41 2.04
N SER EB 65 107.36 14.70 2.96
CA SER EB 65 106.70 13.56 3.59
C SER EB 65 105.81 13.99 4.74
N THR EB 66 106.38 14.64 5.76
CA THR EB 66 105.60 14.94 6.96
C THR EB 66 104.55 16.00 6.66
N ALA EB 67 103.36 15.80 7.22
CA ALA EB 67 102.25 16.72 7.02
C ALA EB 67 101.20 16.45 8.08
N LEU EB 68 100.83 17.49 8.82
CA LEU EB 68 99.78 17.34 9.80
C LEU EB 68 98.41 17.37 9.13
N THR EB 69 97.42 16.78 9.80
CA THR EB 69 96.06 16.83 9.32
C THR EB 69 95.12 16.84 10.52
N LEU EB 70 93.92 17.37 10.29
CA LEU EB 70 92.92 17.49 11.35
C LEU EB 70 92.03 16.26 11.31
N SER EB 71 92.05 15.48 12.39
CA SER EB 71 91.26 14.26 12.51
C SER EB 71 90.36 14.41 13.73
N GLY EB 72 89.17 14.95 13.52
CA GLY EB 72 88.25 15.21 14.60
C GLY EB 72 87.69 16.62 14.56
N SER EB 73 86.43 16.78 14.95
CA SER EB 73 85.77 18.07 14.86
C SER EB 73 86.43 19.07 15.81
N VAL EB 74 86.17 20.35 15.55
CA VAL EB 74 86.66 21.45 16.36
C VAL EB 74 85.53 21.90 17.27
N LEU EB 75 85.90 22.35 18.47
CA LEU EB 75 84.92 22.78 19.47
C LEU EB 75 85.17 24.22 19.86
N TYR EB 76 84.10 24.88 20.30
CA TYR EB 76 84.14 26.29 20.68
C TYR EB 76 83.36 26.45 21.97
N ALA EB 77 83.93 27.17 22.93
CA ALA EB 77 83.33 27.31 24.25
C ALA EB 77 83.08 28.77 24.55
N VAL EB 78 81.80 29.11 24.77
CA VAL EB 78 81.40 30.45 25.18
C VAL EB 78 80.32 30.30 26.23
N ASN EB 79 80.01 31.41 26.90
CA ASN EB 79 78.93 31.42 27.88
C ASN EB 79 77.60 31.30 27.15
N TYR EB 80 76.94 30.16 27.29
CA TYR EB 80 75.74 29.87 26.52
C TYR EB 80 74.57 30.81 26.80
N PRO EB 81 74.23 31.15 28.05
CA PRO EB 81 73.06 32.02 28.25
C PRO EB 81 73.17 33.36 27.53
N SER EB 82 74.32 34.02 27.64
CA SER EB 82 74.56 35.29 26.96
C SER EB 82 75.92 35.22 26.28
N ASN EB 83 75.92 35.07 24.96
CA ASN EB 83 77.16 34.87 24.21
C ASN EB 83 77.93 36.19 24.20
N THR EB 84 78.67 36.42 25.28
CA THR EB 84 79.42 37.66 25.46
C THR EB 84 80.92 37.45 25.61
N ARG EB 85 81.36 36.31 26.15
CA ARG EB 85 82.79 36.04 26.32
C ARG EB 85 83.10 34.65 25.79
N SER EB 86 84.36 34.45 25.42
CA SER EB 86 84.84 33.19 24.87
C SER EB 86 85.78 32.52 25.86
N TYR EB 87 85.79 31.18 25.84
CA TYR EB 87 86.51 30.41 26.84
C TYR EB 87 87.66 29.61 26.27
N TRP EB 88 87.44 28.75 25.28
CA TRP EB 88 88.53 27.93 24.74
C TRP EB 88 88.12 27.32 23.42
N ILE EB 89 89.09 26.71 22.76
CA ILE EB 89 88.91 26.01 21.49
C ILE EB 89 89.77 24.75 21.52
N TYR EB 90 89.22 23.64 21.04
CA TYR EB 90 89.89 22.35 21.14
C TYR EB 90 89.73 21.57 19.85
N PHE EB 91 90.79 20.87 19.46
CA PHE EB 91 90.75 19.99 18.30
C PHE EB 91 91.94 19.04 18.36
N THR EB 92 91.88 18.01 17.53
CA THR EB 92 92.91 16.98 17.45
C THR EB 92 93.61 17.05 16.10
N VAL EB 93 94.91 16.73 16.12
CA VAL EB 93 95.74 16.79 14.92
C VAL EB 93 96.61 15.53 14.89
N SER EB 94 96.67 14.90 13.73
CA SER EB 94 97.42 13.67 13.54
C SER EB 94 98.31 13.82 12.32
N PRO EB 95 99.38 13.04 12.22
CA PRO EB 95 100.14 12.98 10.97
C PRO EB 95 99.26 12.54 9.82
N SER EB 96 99.63 12.95 8.61
CA SER EB 96 98.80 12.70 7.43
C SER EB 96 98.50 11.22 7.26
N SER EB 97 99.54 10.42 7.08
CA SER EB 97 99.40 8.98 6.95
C SER EB 97 100.66 8.33 7.52
N GLY EB 98 100.78 7.02 7.35
CA GLY EB 98 101.96 6.34 7.81
C GLY EB 98 103.14 6.65 6.92
N VAL EB 99 103.59 7.91 6.94
CA VAL EB 99 104.66 8.37 6.08
C VAL EB 99 105.90 8.79 6.86
N SER EB 100 105.73 9.50 7.98
CA SER EB 100 106.87 9.96 8.77
C SER EB 100 106.35 10.61 10.03
N SER EB 101 107.23 10.73 11.02
CA SER EB 101 106.90 11.39 12.27
C SER EB 101 107.12 12.88 12.15
N VAL EB 102 106.39 13.64 12.97
CA VAL EB 102 106.45 15.09 12.93
C VAL EB 102 106.88 15.62 14.29
N GLU EB 103 107.57 16.75 14.28
CA GLU EB 103 108.07 17.39 15.48
C GLU EB 103 107.07 18.40 16.00
N LEU EB 104 106.89 18.43 17.32
CA LEU EB 104 105.91 19.32 17.92
C LEU EB 104 106.45 19.98 19.20
N SER EB 105 107.75 20.24 19.26
CA SER EB 105 108.31 20.87 20.44
C SER EB 105 107.81 22.31 20.55
N PRO EB 106 107.42 22.76 21.73
CA PRO EB 106 106.88 24.12 21.88
C PRO EB 106 107.90 25.22 21.69
N SER EB 107 109.13 24.88 21.30
CA SER EB 107 110.16 25.88 21.04
C SER EB 107 110.38 26.14 19.56
N THR EB 108 110.27 25.11 18.73
CA THR EB 108 110.62 25.20 17.32
C THR EB 108 109.40 25.21 16.40
N THR EB 109 108.19 25.23 16.95
CA THR EB 109 106.98 25.31 16.15
C THR EB 109 106.14 26.47 16.64
N ALA EB 110 105.11 26.81 15.87
CA ALA EB 110 104.31 28.00 16.12
C ALA EB 110 102.86 27.75 15.78
N ILE EB 111 101.97 28.32 16.59
CA ILE EB 111 100.53 28.26 16.37
C ILE EB 111 100.03 29.69 16.32
N SER EB 112 99.56 30.14 15.16
CA SER EB 112 99.15 31.52 14.95
C SER EB 112 97.64 31.56 14.83
N PHE EB 113 96.99 32.31 15.72
CA PHE EB 113 95.54 32.49 15.70
C PHE EB 113 95.24 33.84 15.08
N THR EB 114 94.49 33.84 13.98
CA THR EB 114 94.10 35.08 13.30
C THR EB 114 92.60 35.06 13.06
N ALA EB 115 91.93 36.11 13.54
CA ALA EB 115 90.50 36.35 13.29
C ALA EB 115 90.42 37.77 12.74
N SER EB 116 90.54 37.90 11.42
CA SER EB 116 90.73 39.21 10.81
C SER EB 116 89.49 40.09 10.95
N ALA EB 117 88.30 39.49 10.91
CA ALA EB 117 87.07 40.29 10.92
C ALA EB 117 87.01 41.19 12.15
N GLU EB 118 87.50 40.70 13.29
CA GLU EB 118 87.50 41.52 14.49
C GLU EB 118 88.63 42.55 14.50
N GLY EB 119 89.61 42.41 13.59
CA GLY EB 119 90.75 43.29 13.59
C GLY EB 119 91.84 42.91 14.56
N ILE EB 120 92.01 41.62 14.84
CA ILE EB 120 93.03 41.14 15.76
C ILE EB 120 93.79 40.00 15.07
N SER EB 121 95.02 39.79 15.52
CA SER EB 121 95.87 38.75 14.95
C SER EB 121 96.99 38.43 15.91
N TYR EB 122 97.23 37.14 16.11
CA TYR EB 122 98.32 36.65 16.96
C TYR EB 122 99.28 35.83 16.11
N SER EB 123 100.43 35.55 16.68
CA SER EB 123 101.43 34.71 16.02
C SER EB 123 102.20 33.94 17.09
N ASN EB 124 102.18 32.60 16.98
CA ASN EB 124 102.93 31.73 17.87
C ASN EB 124 102.50 31.92 19.33
N ILE EB 125 101.26 31.51 19.60
CA ILE EB 125 100.72 31.52 20.95
C ILE EB 125 100.94 30.15 21.59
N TYR EB 126 101.84 29.36 21.01
CA TYR EB 126 102.11 28.01 21.49
C TYR EB 126 103.25 28.06 22.51
N GLU EB 127 102.94 27.68 23.75
CA GLU EB 127 103.91 27.81 24.83
C GLU EB 127 104.26 26.48 25.49
N TYR EB 128 103.26 25.69 25.86
CA TYR EB 128 103.49 24.51 26.69
C TYR EB 128 103.02 23.25 25.96
N THR EB 129 103.31 22.10 26.56
CA THR EB 129 102.94 20.80 26.02
C THR EB 129 103.08 19.77 27.12
N LEU EB 130 102.44 18.63 26.93
CA LEU EB 130 102.52 17.52 27.86
C LEU EB 130 103.19 16.29 27.27
N LEU EB 131 103.59 16.35 26.00
CA LEU EB 131 104.30 15.22 25.40
C LEU EB 131 105.65 14.96 26.07
N THR EB 132 106.10 15.83 26.96
CA THR EB 132 107.39 15.69 27.61
C THR EB 132 107.29 15.16 29.03
N VAL EB 133 106.21 15.46 29.74
CA VAL EB 133 106.08 15.03 31.12
C VAL EB 133 105.83 13.53 31.17
N SER EB 134 106.46 12.87 32.15
CA SER EB 134 106.26 11.45 32.37
C SER EB 134 104.99 11.21 33.17
N PRO EB 135 104.28 10.12 32.90
CA PRO EB 135 103.01 9.89 33.59
C PRO EB 135 103.15 9.60 35.07
N SER EB 136 104.38 9.40 35.57
CA SER EB 136 104.56 9.05 36.97
C SER EB 136 104.19 10.22 37.88
N GLU EB 137 104.76 11.39 37.61
CA GLU EB 137 104.58 12.52 38.52
C GLU EB 137 103.14 13.03 38.52
N LEU EB 138 102.43 12.82 37.42
CA LEU EB 138 101.12 13.43 37.28
C LEU EB 138 100.07 12.73 38.14
N ALA EB 139 99.88 11.43 37.92
CA ALA EB 139 98.72 10.72 38.45
C ALA EB 139 98.77 10.49 39.95
N ASN EB 140 99.73 11.06 40.67
CA ASN EB 140 99.88 10.76 42.09
C ASN EB 140 99.16 11.79 42.98
N GLN EB 141 99.51 13.06 42.86
CA GLN EB 141 99.09 14.06 43.86
C GLN EB 141 98.08 15.04 43.25
N VAL EB 142 96.81 14.64 43.28
CA VAL EB 142 95.70 15.55 43.04
C VAL EB 142 94.41 14.88 43.55
N TYR EB 143 93.60 15.63 44.30
CA TYR EB 143 92.34 15.07 44.77
C TYR EB 143 91.42 16.19 45.22
N ALA EB 144 90.12 16.00 44.99
CA ALA EB 144 89.08 16.86 45.51
C ALA EB 144 88.23 16.16 46.56
N ASN EB 145 88.50 14.90 46.85
CA ASN EB 145 87.79 14.12 47.85
C ASN EB 145 88.75 13.05 48.37
N GLY EB 146 88.20 12.05 49.06
CA GLY EB 146 89.03 11.02 49.66
C GLY EB 146 89.85 10.22 48.67
N GLN EB 147 89.58 10.35 47.37
CA GLN EB 147 90.26 9.58 46.35
C GLN EB 147 91.15 10.48 45.50
N TYR EB 148 92.35 9.99 45.20
CA TYR EB 148 93.30 10.68 44.33
C TYR EB 148 92.96 10.31 42.89
N LEU EB 149 92.36 11.24 42.16
CA LEU EB 149 91.92 10.95 40.80
C LEU EB 149 93.11 10.80 39.86
N ASP EB 150 93.00 9.88 38.92
CA ASP EB 150 94.05 9.63 37.94
C ASP EB 150 93.78 10.43 36.68
N LEU EB 151 94.83 11.06 36.14
CA LEU EB 151 94.69 11.94 34.99
C LEU EB 151 95.17 11.31 33.69
N VAL EB 152 96.21 10.48 33.75
CA VAL EB 152 96.79 9.86 32.56
C VAL EB 152 96.56 8.37 32.63
N ASN EB 153 96.15 7.78 31.50
CA ASN EB 153 95.95 6.34 31.40
C ASN EB 153 96.99 5.75 30.48
N GLN EB 154 97.49 4.56 30.84
CA GLN EB 154 98.54 3.94 30.05
C GLN EB 154 98.36 2.43 30.00
N GLN EB 155 98.50 1.88 28.80
CA GLN EB 155 98.60 0.44 28.59
C GLN EB 155 99.85 0.16 27.77
N THR EB 156 100.36 -1.05 27.89
CA THR EB 156 101.60 -1.43 27.23
C THR EB 156 101.41 -2.71 26.44
N ASN EB 157 102.22 -2.84 25.38
CA ASN EB 157 102.24 -4.03 24.56
C ASN EB 157 103.50 -4.00 23.70
N ALA EB 158 104.03 -5.19 23.42
CA ALA EB 158 105.22 -5.36 22.58
C ALA EB 158 106.41 -4.56 23.10
N GLY EB 159 106.45 -4.34 24.41
CA GLY EB 159 107.56 -3.62 25.00
C GLY EB 159 107.54 -2.12 24.82
N GLN EB 160 106.35 -1.52 24.76
CA GLN EB 160 106.22 -0.08 24.62
C GLN EB 160 105.04 0.40 25.44
N THR EB 161 105.27 1.45 26.23
CA THR EB 161 104.25 2.01 27.10
C THR EB 161 103.60 3.20 26.40
N TYR EB 162 102.29 3.08 26.17
CA TYR EB 162 101.52 4.13 25.52
C TYR EB 162 100.69 4.86 26.57
N VAL EB 163 100.91 6.16 26.71
CA VAL EB 163 100.14 6.97 27.64
C VAL EB 163 99.26 7.92 26.83
N TYR EB 164 98.19 8.37 27.47
CA TYR EB 164 97.23 9.26 26.82
C TYR EB 164 96.32 9.85 27.88
N TYR EB 165 95.73 10.99 27.57
CA TYR EB 165 94.80 11.65 28.48
C TYR EB 165 93.38 11.48 27.96
N PRO EB 166 92.44 11.09 28.81
CA PRO EB 166 91.10 10.77 28.32
C PRO EB 166 90.23 12.01 28.09
N ASN EB 167 90.39 13.03 28.92
CA ASN EB 167 89.51 14.18 28.85
C ASN EB 167 90.31 15.46 28.84
N PRO EB 168 89.85 16.48 28.10
CA PRO EB 168 90.54 17.78 28.14
C PRO EB 168 90.58 18.40 29.52
N TYR EB 169 89.53 18.22 30.33
CA TYR EB 169 89.54 18.78 31.68
C TYR EB 169 90.61 18.11 32.53
N TYR EB 170 90.86 16.81 32.31
CA TYR EB 170 91.99 16.17 32.97
C TYR EB 170 93.29 16.75 32.49
N ALA EB 171 93.37 17.09 31.20
CA ALA EB 171 94.59 17.68 30.66
C ALA EB 171 94.84 19.05 31.27
N LEU EB 172 93.77 19.79 31.56
CA LEU EB 172 93.92 21.09 32.20
C LEU EB 172 94.51 20.94 33.60
N LEU EB 173 93.95 20.02 34.39
CA LEU EB 173 94.48 19.79 35.73
C LEU EB 173 95.92 19.30 35.67
N ALA EB 174 96.23 18.46 34.68
CA ALA EB 174 97.61 18.00 34.53
C ALA EB 174 98.54 19.16 34.21
N LEU EB 175 98.08 20.10 33.39
CA LEU EB 175 98.93 21.23 33.03
C LEU EB 175 99.11 22.18 34.21
N ASN EB 176 98.08 22.34 35.04
CA ASN EB 176 98.18 23.21 36.21
C ASN EB 176 99.29 22.73 37.14
N TYR EB 177 99.38 21.42 37.33
CA TYR EB 177 100.41 20.89 38.22
C TYR EB 177 101.79 20.99 37.59
N THR EB 178 101.87 20.88 36.26
CA THR EB 178 103.17 20.96 35.61
C THR EB 178 103.77 22.35 35.79
N LEU EB 179 103.06 23.38 35.35
CA LEU EB 179 103.58 24.74 35.44
C LEU EB 179 103.88 25.11 36.89
N SER EB 180 102.98 24.77 37.81
CA SER EB 180 103.12 25.28 39.17
C SER EB 180 104.22 24.56 39.93
N LYS EB 181 104.32 23.25 39.76
CA LYS EB 181 105.25 22.45 40.55
C LYS EB 181 106.39 21.83 39.75
N ILE EB 182 106.14 21.35 38.52
CA ILE EB 182 107.17 20.61 37.80
C ILE EB 182 108.33 21.52 37.44
N ASP EB 183 108.07 22.58 36.68
CA ASP EB 183 109.10 23.55 36.33
C ASP EB 183 108.84 24.84 37.09
N LYS EB 184 109.86 25.31 37.81
CA LYS EB 184 109.70 26.44 38.71
C LYS EB 184 109.56 27.76 37.95
N VAL EB 185 108.43 27.95 37.29
CA VAL EB 185 108.14 29.24 36.67
C VAL EB 185 107.44 30.13 37.69
N SER EB 186 107.98 31.31 37.94
CA SER EB 186 107.39 32.19 38.93
C SER EB 186 106.06 32.78 38.42
N PRO EB 187 105.94 33.21 37.14
CA PRO EB 187 104.61 33.51 36.64
C PRO EB 187 103.97 32.30 35.96
N SER EB 188 102.77 31.93 36.39
CA SER EB 188 102.05 30.84 35.76
C SER EB 188 100.84 31.39 35.04
N PRO EB 189 100.68 31.12 33.74
CA PRO EB 189 99.52 31.68 33.03
C PRO EB 189 98.20 31.11 33.49
N LEU EB 190 98.17 29.83 33.85
CA LEU EB 190 96.95 29.16 34.26
C LEU EB 190 96.92 29.02 35.77
N TYR EB 191 95.72 29.09 36.35
CA TYR EB 191 95.56 28.86 37.78
C TYR EB 191 94.13 28.40 38.01
N ILE EB 192 93.96 27.11 38.18
CA ILE EB 192 92.65 26.54 38.48
C ILE EB 192 92.52 26.41 39.99
N THR EB 193 91.36 26.78 40.52
CA THR EB 193 91.10 26.68 41.94
C THR EB 193 89.73 26.07 42.17
N THR EB 194 89.45 25.75 43.42
CA THR EB 194 88.16 25.16 43.79
C THR EB 194 87.38 26.01 44.78
N THR EB 195 87.98 27.04 45.37
CA THR EB 195 87.24 27.97 46.20
C THR EB 195 86.43 28.91 45.32
N THR EB 196 85.39 29.49 45.90
CA THR EB 196 84.51 30.37 45.13
C THR EB 196 85.30 31.58 44.66
N PRO EB 197 85.10 32.04 43.42
CA PRO EB 197 85.90 33.17 42.91
C PRO EB 197 85.70 34.43 43.73
N SER EB 198 84.53 34.63 44.33
CA SER EB 198 84.32 35.79 45.18
C SER EB 198 85.28 35.83 46.35
N SER EB 199 85.75 34.67 46.82
CA SER EB 199 86.76 34.63 47.86
C SER EB 199 88.16 34.46 47.31
N ALA EB 200 88.29 33.93 46.09
CA ALA EB 200 89.61 33.70 45.52
C ALA EB 200 90.33 35.00 45.23
N THR EB 201 89.60 36.01 44.77
CA THR EB 201 90.21 37.31 44.51
C THR EB 201 90.53 38.07 45.78
N GLN EB 202 89.94 37.67 46.92
CA GLN EB 202 90.21 38.38 48.16
C GLN EB 202 91.64 38.14 48.63
N ILE EB 203 92.10 36.90 48.56
CA ILE EB 203 93.48 36.60 48.96
C ILE EB 203 94.44 36.85 47.80
N TYR EB 204 94.00 36.61 46.57
CA TYR EB 204 94.84 36.79 45.37
C TYR EB 204 94.20 37.87 44.52
N PRO EB 205 94.63 39.13 44.68
CA PRO EB 205 94.00 40.22 43.91
C PRO EB 205 94.33 40.16 42.43
N PHE EB 206 95.46 39.55 42.05
CA PHE EB 206 95.80 39.52 40.64
C PHE EB 206 94.91 38.58 39.82
N LEU EB 207 93.99 37.87 40.46
CA LEU EB 207 93.02 37.04 39.77
C LEU EB 207 91.71 37.78 39.50
N ALA EB 208 91.75 39.11 39.47
CA ALA EB 208 90.56 39.89 39.16
C ALA EB 208 90.47 40.30 37.71
N HIS EB 209 91.61 40.51 37.05
CA HIS EB 209 91.64 40.91 35.65
C HIS EB 209 91.77 39.74 34.69
N ASP EB 210 91.77 38.51 35.20
CA ASP EB 210 92.01 37.36 34.35
C ASP EB 210 90.70 36.87 33.72
N ASN EB 211 90.84 35.91 32.81
CA ASN EB 211 89.70 35.27 32.17
C ASN EB 211 89.34 34.01 32.94
N MET EB 212 88.05 33.78 33.13
CA MET EB 212 87.57 32.69 33.96
C MET EB 212 86.56 31.85 33.20
N PHE EB 213 86.72 30.53 33.28
CA PHE EB 213 85.71 29.61 32.79
C PHE EB 213 85.62 28.44 33.76
N THR EB 214 84.39 28.05 34.09
CA THR EB 214 84.13 27.06 35.11
C THR EB 214 83.76 25.73 34.48
N PHE EB 215 84.32 24.65 35.03
CA PHE EB 215 83.98 23.29 34.59
C PHE EB 215 83.84 22.40 35.80
N THR EB 216 82.76 21.64 35.85
CA THR EB 216 82.41 20.83 37.01
C THR EB 216 82.73 19.36 36.76
N LEU EB 217 82.87 18.62 37.86
CA LEU EB 217 83.13 17.20 37.81
C LEU EB 217 82.23 16.49 38.81
N ASN EB 218 81.95 15.22 38.53
CA ASN EB 218 81.16 14.38 39.42
C ASN EB 218 82.11 13.32 39.99
N ILE EB 219 82.80 13.67 41.07
CA ILE EB 219 83.76 12.80 41.73
C ILE EB 219 83.19 12.42 43.08
N SER EB 220 83.24 11.12 43.40
CA SER EB 220 82.70 10.58 44.64
C SER EB 220 81.21 10.90 44.77
N GLY EB 221 80.49 10.84 43.65
CA GLY EB 221 79.07 11.08 43.62
C GLY EB 221 78.64 12.51 43.89
N THR EB 222 79.56 13.38 44.31
CA THR EB 222 79.24 14.78 44.59
C THR EB 222 79.89 15.67 43.54
N LEU EB 223 79.25 16.80 43.26
CA LEU EB 223 79.74 17.72 42.25
C LEU EB 223 80.91 18.52 42.79
N VAL EB 224 81.90 18.74 41.94
CA VAL EB 224 83.07 19.56 42.27
C VAL EB 224 83.25 20.57 41.16
N THR EB 225 83.25 21.85 41.51
CA THR EB 225 83.43 22.93 40.55
C THR EB 225 84.89 23.37 40.52
N TYR EB 226 85.30 23.91 39.39
CA TYR EB 226 86.64 24.43 39.20
C TYR EB 226 86.56 25.79 38.53
N TYR EB 227 87.60 26.60 38.74
CA TYR EB 227 87.64 27.96 38.21
C TYR EB 227 89.04 28.21 37.65
N ALA EB 228 89.16 28.21 36.33
CA ALA EB 228 90.45 28.41 35.67
C ALA EB 228 90.62 29.88 35.32
N PHE EB 229 91.74 30.46 35.75
CA PHE EB 229 92.08 31.85 35.45
C PHE EB 229 93.22 31.88 34.45
N VAL EB 230 93.11 32.77 33.46
CA VAL EB 230 94.11 32.91 32.42
C VAL EB 230 94.43 34.39 32.26
N ASN EB 231 95.72 34.71 32.20
CA ASN EB 231 96.16 36.10 32.05
C ASN EB 231 96.74 36.39 30.67
N GLN EB 232 96.84 35.37 29.81
CA GLN EB 232 97.29 35.57 28.44
C GLN EB 232 96.93 34.34 27.63
N THR EB 233 96.51 34.57 26.40
CA THR EB 233 96.06 33.47 25.55
C THR EB 233 97.24 32.59 25.16
N PHE EB 234 97.14 31.30 25.50
CA PHE EB 234 98.17 30.34 25.14
C PHE EB 234 97.51 29.04 24.73
N ALA EB 235 98.29 28.17 24.10
CA ALA EB 235 97.80 26.90 23.60
C ALA EB 235 98.83 25.82 23.88
N PHE EB 236 98.37 24.59 24.06
CA PHE EB 236 99.23 23.47 24.39
C PHE EB 236 98.70 22.20 23.73
N THR EB 237 99.57 21.19 23.66
CA THR EB 237 99.22 19.90 23.08
C THR EB 237 99.59 18.78 24.05
N TYR EB 238 98.76 17.74 24.06
CA TYR EB 238 98.96 16.58 24.91
C TYR EB 238 98.58 15.33 24.13
N PRO EB 239 99.19 14.19 24.43
CA PRO EB 239 98.91 12.98 23.65
C PRO EB 239 97.51 12.46 23.92
N VAL EB 240 96.91 11.88 22.88
CA VAL EB 240 95.56 11.34 23.01
C VAL EB 240 95.53 9.88 22.57
N ALA EB 241 96.40 9.51 21.65
CA ALA EB 241 96.37 8.16 21.12
C ALA EB 241 97.68 7.84 20.41
N GLY EB 242 98.13 6.60 20.54
CA GLY EB 242 99.26 6.09 19.79
C GLY EB 242 100.56 6.84 19.97
N ASP EB 243 100.96 7.08 21.21
CA ASP EB 243 102.20 7.79 21.53
C ASP EB 243 103.10 6.88 22.35
N PRO EB 244 103.88 6.00 21.70
CA PRO EB 244 104.77 5.13 22.47
C PRO EB 244 105.97 5.87 23.03
N LEU EB 245 106.52 6.80 22.28
CA LEU EB 245 107.70 7.55 22.72
C LEU EB 245 107.22 8.82 23.40
N ILE EB 246 107.25 8.81 24.72
CA ILE EB 246 106.79 9.92 25.55
C ILE EB 246 107.98 10.57 26.22
N GLY EB 247 108.03 11.89 26.18
CA GLY EB 247 109.13 12.64 26.75
C GLY EB 247 109.99 13.39 25.77
N SER EB 248 109.60 13.46 24.49
CA SER EB 248 110.42 14.13 23.49
C SER EB 248 109.61 14.96 22.51
N ALA EB 249 108.30 15.10 22.71
CA ALA EB 249 107.46 15.94 21.86
C ALA EB 249 107.57 15.54 20.40
N ILE EB 250 107.52 14.23 20.15
CA ILE EB 250 107.53 13.67 18.80
C ILE EB 250 106.22 12.97 18.57
N ALA EB 251 105.59 13.24 17.43
CA ALA EB 251 104.33 12.61 17.07
C ALA EB 251 104.57 11.59 15.97
N PRO EB 252 104.67 10.30 16.29
CA PRO EB 252 104.95 9.31 15.25
C PRO EB 252 103.76 9.12 14.33
N ALA EB 253 103.99 8.35 13.27
CA ALA EB 253 102.92 8.09 12.31
C ALA EB 253 101.79 7.34 12.99
N GLY EB 254 100.56 7.71 12.64
CA GLY EB 254 99.37 7.13 13.23
C GLY EB 254 98.95 7.74 14.54
N SER EB 255 99.83 8.47 15.22
CA SER EB 255 99.49 9.08 16.50
C SER EB 255 98.41 10.15 16.30
N VAL EB 256 97.82 10.57 17.42
CA VAL EB 256 96.79 11.60 17.42
C VAL EB 256 97.07 12.54 18.59
N ILE EB 257 97.34 13.80 18.30
CA ILE EB 257 97.70 14.79 19.30
C ILE EB 257 96.56 15.80 19.41
N GLY EB 258 96.12 16.07 20.63
CA GLY EB 258 95.08 17.05 20.85
C GLY EB 258 95.67 18.43 21.07
N VAL EB 259 94.99 19.44 20.56
CA VAL EB 259 95.40 20.83 20.67
C VAL EB 259 94.28 21.62 21.32
N MET EB 260 94.64 22.50 22.24
CA MET EB 260 93.65 23.30 22.95
C MET EB 260 94.18 24.71 23.18
N ILE EB 261 93.38 25.69 22.78
CA ILE EB 261 93.69 27.10 22.96
C ILE EB 261 92.86 27.62 24.12
N LEU EB 262 93.46 28.46 24.95
CA LEU EB 262 92.80 29.00 26.13
C LEU EB 262 92.81 30.53 26.04
N PHE EB 263 91.64 31.10 25.79
CA PHE EB 263 91.54 32.54 25.60
C PHE EB 263 91.71 33.27 26.93
N GLY EB 264 92.35 34.44 26.87
CA GLY EB 264 92.57 35.24 28.04
C GLY EB 264 91.68 36.46 28.07
N PRO EB 265 92.08 37.48 28.84
CA PRO EB 265 91.26 38.69 28.90
C PRO EB 265 91.29 39.51 27.63
N ASP EB 266 92.40 39.45 26.89
CA ASP EB 266 92.52 40.27 25.69
C ASP EB 266 91.60 39.79 24.59
N LEU EB 267 91.53 38.48 24.38
CA LEU EB 267 90.78 37.91 23.27
C LEU EB 267 89.49 37.23 23.69
N GLY EB 268 89.37 36.83 24.95
CA GLY EB 268 88.18 36.18 25.43
C GLY EB 268 86.99 37.09 25.64
N SER EB 269 87.15 38.40 25.52
CA SER EB 269 86.05 39.34 25.62
C SER EB 269 85.27 39.48 24.33
N HIS EB 270 85.54 38.61 23.35
CA HIS EB 270 84.85 38.63 22.07
C HIS EB 270 84.17 37.29 21.83
N VAL EB 271 83.18 37.31 20.95
CA VAL EB 271 82.50 36.10 20.50
C VAL EB 271 82.57 36.09 18.97
N PHE EB 272 83.20 35.06 18.42
CA PHE EB 272 83.34 34.94 16.97
C PHE EB 272 82.00 34.49 16.41
N GLN EB 273 81.15 35.46 16.10
CA GLN EB 273 79.85 35.21 15.51
C GLN EB 273 79.81 35.85 14.12
N TYR EB 274 79.43 35.06 13.12
CA TYR EB 274 79.34 35.53 11.74
C TYR EB 274 80.69 36.03 11.25
N GLN EB 275 81.77 35.41 11.72
CA GLN EB 275 83.10 35.82 11.32
C GLN EB 275 83.90 34.65 10.75
N THR EB 276 85.19 34.86 10.53
CA THR EB 276 86.06 33.83 9.98
C THR EB 276 87.26 33.66 10.88
N ILE EB 277 87.51 32.43 11.30
CA ILE EB 277 88.62 32.09 12.18
C ILE EB 277 89.70 31.44 11.33
N THR EB 278 90.96 31.59 11.75
CA THR EB 278 92.07 30.97 11.04
C THR EB 278 93.17 30.64 12.03
N ILE EB 279 93.49 29.35 12.15
CA ILE EB 279 94.57 28.87 13.01
C ILE EB 279 95.55 28.08 12.15
N GLN EB 280 96.84 28.28 12.41
CA GLN EB 280 97.87 27.62 11.63
C GLN EB 280 98.90 27.00 12.56
N ILE EB 281 99.38 25.81 12.19
CA ILE EB 281 100.38 25.08 12.95
C ILE EB 281 101.55 24.80 12.01
N THR EB 282 102.66 25.52 12.20
CA THR EB 282 103.81 25.38 11.33
C THR EB 282 104.96 24.70 12.05
N PRO EB 283 105.24 23.43 11.78
CA PRO EB 283 106.37 22.76 12.42
C PRO EB 283 107.69 23.29 11.89
N ASN EB 284 108.78 22.80 12.50
CA ASN EB 284 110.11 23.22 12.07
C ASN EB 284 110.49 22.63 10.73
N ILE EB 285 109.88 21.52 10.33
CA ILE EB 285 110.12 20.91 9.03
C ILE EB 285 108.83 20.29 8.53
N GLY EB 286 108.50 20.52 7.27
CA GLY EB 286 107.28 20.01 6.68
C GLY EB 286 106.24 21.10 6.47
N SER EB 287 105.11 20.67 5.94
CA SER EB 287 104.04 21.58 5.57
C SER EB 287 103.27 22.06 6.78
N PRO EB 288 102.77 23.30 6.75
CA PRO EB 288 101.95 23.81 7.86
C PRO EB 288 100.47 23.59 7.63
N LEU EB 289 99.77 23.28 8.70
CA LEU EB 289 98.33 23.03 8.65
C LEU EB 289 97.57 24.33 8.83
N THR EB 290 96.52 24.50 8.03
CA THR EB 290 95.69 25.70 8.08
C THR EB 290 94.26 25.33 8.36
N ILE EB 291 93.71 25.85 9.46
CA ILE EB 291 92.34 25.59 9.86
C ILE EB 291 91.57 26.91 9.78
N SER EB 292 90.55 26.93 8.94
CA SER EB 292 89.72 28.12 8.74
C SER EB 292 88.25 27.74 8.84
N GLU EB 293 87.49 28.50 9.62
CA GLU EB 293 86.08 28.21 9.84
C GLU EB 293 85.28 29.50 9.86
N TYR EB 294 83.99 29.38 9.54
CA TYR EB 294 83.04 30.48 9.60
C TYR EB 294 81.99 30.11 10.64
N VAL EB 295 82.01 30.81 11.78
CA VAL EB 295 81.18 30.48 12.92
C VAL EB 295 79.89 31.27 12.84
N TYR EB 296 78.78 30.60 12.54
CA TYR EB 296 77.49 31.27 12.46
C TYR EB 296 77.08 31.85 13.80
N GLN EB 297 76.75 30.98 14.74
CA GLN EB 297 76.12 31.31 16.01
C GLN EB 297 76.46 30.22 17.02
N PRO EB 298 77.01 30.56 18.18
CA PRO EB 298 77.35 29.52 19.15
C PRO EB 298 76.11 28.99 19.83
N GLU EB 299 76.16 27.71 20.19
CA GLU EB 299 75.06 27.07 20.90
C GLU EB 299 75.59 25.88 21.68
N GLY EB 300 74.87 25.52 22.75
CA GLY EB 300 75.23 24.39 23.58
C GLY EB 300 76.42 24.61 24.50
N SER EB 301 77.09 25.76 24.39
CA SER EB 301 78.26 26.14 25.18
C SER EB 301 79.48 25.33 24.79
N VAL EB 302 79.28 24.28 23.99
CA VAL EB 302 80.35 23.62 23.26
C VAL EB 302 79.85 23.40 21.84
N SER EB 303 80.15 24.33 20.95
CA SER EB 303 79.63 24.28 19.60
C SER EB 303 80.66 23.63 18.68
N VAL EB 304 80.16 22.86 17.73
CA VAL EB 304 81.01 22.25 16.70
C VAL EB 304 81.28 23.29 15.63
N ILE EB 305 82.53 23.35 15.18
CA ILE EB 305 83.01 24.35 14.23
C ILE EB 305 82.96 25.75 14.83
N LEU FB 19 156.96 19.85 -20.51
CA LEU FB 19 155.77 19.11 -20.93
C LEU FB 19 154.76 19.03 -19.79
N ALA FB 20 153.48 19.14 -20.12
CA ALA FB 20 152.42 19.26 -19.13
C ALA FB 20 151.65 17.98 -18.90
N GLY FB 21 151.70 17.02 -19.83
CA GLY FB 21 150.92 15.80 -19.66
C GLY FB 21 151.24 15.06 -18.38
N LEU FB 22 152.51 15.06 -17.99
CA LEU FB 22 152.89 14.41 -16.74
C LEU FB 22 152.20 15.05 -15.54
N ASP FB 23 151.79 16.31 -15.66
CA ASP FB 23 151.08 16.98 -14.58
C ASP FB 23 149.58 16.74 -14.65
N THR FB 24 149.02 16.68 -15.86
CA THR FB 24 147.59 16.46 -16.01
C THR FB 24 147.16 15.08 -15.54
N ALA FB 25 148.09 14.14 -15.42
CA ALA FB 25 147.74 12.81 -14.95
C ALA FB 25 147.20 12.84 -13.53
N ILE FB 26 147.75 13.71 -12.69
CA ILE FB 26 147.31 13.77 -11.29
C ILE FB 26 145.93 14.39 -11.20
N ILE FB 27 145.70 15.47 -11.95
CA ILE FB 27 144.40 16.13 -11.91
C ILE FB 27 143.33 15.25 -12.52
N LEU FB 28 143.70 14.48 -13.54
CA LEU FB 28 142.73 13.61 -14.20
C LEU FB 28 142.24 12.51 -13.26
N ILE FB 29 143.17 11.87 -12.55
CA ILE FB 29 142.80 10.76 -11.68
C ILE FB 29 141.86 11.25 -10.58
N ALA FB 30 142.16 12.41 -10.00
CA ALA FB 30 141.33 12.93 -8.91
C ALA FB 30 139.93 13.26 -9.41
N PHE FB 31 139.82 13.88 -10.58
CA PHE FB 31 138.52 14.24 -11.11
C PHE FB 31 137.63 13.02 -11.29
N ILE FB 32 138.22 11.86 -11.55
CA ILE FB 32 137.44 10.64 -11.69
C ILE FB 32 136.82 10.25 -10.36
N ILE FB 33 137.56 10.46 -9.26
CA ILE FB 33 137.08 10.04 -7.95
C ILE FB 33 135.94 10.93 -7.50
N THR FB 34 136.01 12.22 -7.82
CA THR FB 34 134.89 13.11 -7.52
C THR FB 34 133.65 12.67 -8.28
N ALA FB 35 133.80 12.37 -9.56
CA ALA FB 35 132.65 11.99 -10.37
C ALA FB 35 132.08 10.66 -9.92
N SER FB 36 132.94 9.68 -9.64
CA SER FB 36 132.46 8.37 -9.23
C SER FB 36 131.68 8.45 -7.93
N VAL FB 37 132.24 9.12 -6.93
CA VAL FB 37 131.56 9.24 -5.64
C VAL FB 37 130.22 9.94 -5.81
N LEU FB 38 130.21 11.03 -6.58
CA LEU FB 38 128.96 11.74 -6.84
C LEU FB 38 128.00 10.87 -7.65
N ALA FB 39 128.54 9.99 -8.49
CA ALA FB 39 127.70 9.17 -9.36
C ALA FB 39 126.81 8.26 -8.54
N TYR FB 40 127.40 7.46 -7.65
CA TYR FB 40 126.61 6.44 -6.97
C TYR FB 40 125.82 6.98 -5.79
N VAL FB 41 126.23 8.10 -5.20
CA VAL FB 41 125.42 8.66 -4.12
C VAL FB 41 124.09 9.14 -4.68
N ALA FB 42 124.05 9.46 -5.98
CA ALA FB 42 122.77 9.72 -6.63
C ALA FB 42 121.97 8.42 -6.75
N ILE FB 43 122.65 7.33 -7.13
CA ILE FB 43 121.97 6.04 -7.19
C ILE FB 43 121.51 5.61 -5.82
N ASN FB 44 122.31 5.87 -4.80
CA ASN FB 44 121.93 5.49 -3.44
C ASN FB 44 120.72 6.29 -2.98
N MET FB 45 120.73 7.61 -3.17
CA MET FB 45 119.61 8.43 -2.73
C MET FB 45 118.44 8.31 -3.69
N GLY FB 46 118.70 8.14 -4.98
CA GLY FB 46 117.61 7.96 -5.93
C GLY FB 46 116.77 6.74 -5.64
N LEU FB 47 117.39 5.68 -5.13
CA LEU FB 47 116.64 4.49 -4.75
C LEU FB 47 115.81 4.77 -3.50
N PHE FB 48 116.33 5.58 -2.59
CA PHE FB 48 115.62 5.83 -1.34
C PHE FB 48 114.35 6.65 -1.57
N VAL FB 49 114.42 7.64 -2.46
CA VAL FB 49 113.25 8.48 -2.71
C VAL FB 49 112.17 7.69 -3.44
N THR FB 50 112.57 6.74 -4.29
CA THR FB 50 111.58 5.94 -5.00
C THR FB 50 111.01 4.85 -4.10
N GLN FB 51 111.86 4.21 -3.30
CA GLN FB 51 111.37 3.20 -2.37
C GLN FB 51 110.33 3.79 -1.42
N LYS FB 52 110.61 4.98 -0.90
CA LYS FB 52 109.61 5.68 -0.10
C LYS FB 52 108.37 5.96 -0.90
N ALA FB 53 108.53 6.44 -2.14
CA ALA FB 53 107.38 6.77 -2.98
C ALA FB 53 106.51 5.55 -3.24
N LYS FB 54 107.10 4.36 -3.17
CA LYS FB 54 106.32 3.14 -3.29
C LYS FB 54 105.65 2.78 -1.98
N SER FB 55 106.32 3.07 -0.86
CA SER FB 55 105.76 2.75 0.44
C SER FB 55 104.53 3.60 0.73
N THR FB 56 104.59 4.90 0.41
CA THR FB 56 103.46 5.76 0.69
C THR FB 56 102.25 5.41 -0.15
N ILE FB 57 102.45 4.80 -1.33
CA ILE FB 57 101.31 4.43 -2.17
C ILE FB 57 100.54 3.29 -1.53
N ASN FB 58 101.25 2.29 -1.00
CA ASN FB 58 100.59 1.22 -0.26
C ASN FB 58 99.78 1.79 0.90
N LYS FB 59 100.43 2.59 1.75
CA LYS FB 59 99.70 3.28 2.81
C LYS FB 59 98.62 4.19 2.24
N GLY FB 60 98.91 4.85 1.12
CA GLY FB 60 97.90 5.66 0.47
C GLY FB 60 96.73 4.83 -0.02
N GLU FB 61 97.01 3.63 -0.53
CA GLU FB 61 95.92 2.77 -0.99
C GLU FB 61 95.17 2.15 0.18
N GLU FB 62 95.86 1.84 1.28
CA GLU FB 62 95.14 1.42 2.48
C GLU FB 62 94.32 2.56 3.05
N THR FB 63 94.85 3.79 2.98
CA THR FB 63 94.07 4.96 3.38
C THR FB 63 92.79 5.07 2.56
N ALA FB 64 92.88 4.74 1.27
CA ALA FB 64 91.72 4.81 0.40
C ALA FB 64 90.88 3.54 0.40
N SER FB 65 91.40 2.43 0.93
CA SER FB 65 90.67 1.17 0.98
C SER FB 65 90.17 0.85 2.37
N THR FB 66 91.03 0.91 3.39
CA THR FB 66 90.63 0.60 4.75
C THR FB 66 89.65 1.67 5.23
N ALA FB 67 88.41 1.28 5.50
CA ALA FB 67 87.40 2.23 5.95
C ALA FB 67 86.31 1.47 6.68
N LEU FB 68 86.14 1.75 7.97
CA LEU FB 68 85.08 1.10 8.74
C LEU FB 68 83.72 1.67 8.35
N THR FB 69 82.72 0.81 8.35
CA THR FB 69 81.35 1.21 8.04
C THR FB 69 80.42 0.60 9.06
N LEU FB 70 79.54 1.43 9.62
CA LEU FB 70 78.55 0.93 10.56
C LEU FB 70 77.59 -0.02 9.87
N SER FB 71 77.28 -1.12 10.54
CA SER FB 71 76.35 -2.12 10.00
C SER FB 71 75.56 -2.69 11.17
N GLY FB 72 74.36 -2.16 11.39
CA GLY FB 72 73.57 -2.52 12.55
C GLY FB 72 73.20 -1.31 13.37
N SER FB 73 71.91 -1.16 13.66
CA SER FB 73 71.43 0.03 14.36
C SER FB 73 72.11 0.18 15.71
N VAL FB 74 72.21 1.43 16.17
CA VAL FB 74 72.84 1.74 17.44
C VAL FB 74 71.80 1.62 18.54
N LEU FB 75 72.11 0.83 19.57
CA LEU FB 75 71.23 0.63 20.71
C LEU FB 75 71.74 1.42 21.90
N TYR FB 76 70.81 2.01 22.64
CA TYR FB 76 71.14 2.85 23.79
C TYR FB 76 70.29 2.42 24.98
N ALA FB 77 70.94 2.21 26.13
CA ALA FB 77 70.28 1.64 27.29
C ALA FB 77 70.31 2.62 28.45
N VAL FB 78 69.17 2.75 29.12
CA VAL FB 78 69.02 3.65 30.26
C VAL FB 78 67.76 3.21 31.00
N ASN FB 79 67.80 3.32 32.33
CA ASN FB 79 66.71 2.81 33.16
C ASN FB 79 65.37 3.35 32.71
N TYR FB 80 64.41 2.44 32.50
CA TYR FB 80 63.19 2.79 31.79
C TYR FB 80 62.22 3.62 32.62
N PRO FB 81 61.81 3.21 33.84
CA PRO FB 81 60.80 3.99 34.55
C PRO FB 81 61.25 5.41 34.86
N SER FB 82 62.40 5.55 35.51
CA SER FB 82 62.96 6.85 35.88
C SER FB 82 64.25 7.03 35.09
N ASN FB 83 64.17 7.80 33.99
CA ASN FB 83 65.33 8.02 33.15
C ASN FB 83 66.30 8.96 33.84
N THR FB 84 67.21 8.40 34.63
CA THR FB 84 68.12 9.22 35.42
C THR FB 84 69.58 8.87 35.20
N ARG FB 85 69.90 7.60 34.96
CA ARG FB 85 71.28 7.15 34.84
C ARG FB 85 71.47 6.42 33.52
N SER FB 86 72.46 6.86 32.75
CA SER FB 86 72.77 6.23 31.47
C SER FB 86 73.56 4.95 31.72
N TYR FB 87 73.19 3.86 31.04
CA TYR FB 87 73.79 2.56 31.29
C TYR FB 87 74.91 2.23 30.31
N TRP FB 88 74.61 2.14 29.02
CA TRP FB 88 75.63 1.77 28.04
C TRP FB 88 75.13 2.06 26.64
N ILE FB 89 76.02 1.85 25.67
CA ILE FB 89 75.73 2.05 24.25
C ILE FB 89 76.47 0.98 23.47
N TYR FB 90 75.76 0.26 22.61
CA TYR FB 90 76.36 -0.81 21.82
C TYR FB 90 75.98 -0.65 20.36
N PHE FB 91 76.96 -0.86 19.49
CA PHE FB 91 76.73 -0.93 18.05
C PHE FB 91 77.79 -1.83 17.45
N THR FB 92 77.82 -1.92 16.12
CA THR FB 92 78.74 -2.78 15.41
C THR FB 92 79.60 -1.97 14.46
N VAL FB 93 80.71 -2.59 14.05
CA VAL FB 93 81.66 -1.97 13.13
C VAL FB 93 82.16 -3.07 12.19
N SER FB 94 82.33 -2.71 10.92
CA SER FB 94 82.81 -3.70 9.97
C SER FB 94 83.59 -3.01 8.87
N PRO FB 95 84.68 -3.57 8.38
CA PRO FB 95 85.37 -3.00 7.23
C PRO FB 95 84.44 -2.87 6.03
N SER FB 96 84.79 -1.94 5.13
CA SER FB 96 83.90 -1.58 4.03
C SER FB 96 83.57 -2.79 3.16
N SER FB 97 84.59 -3.33 2.50
CA SER FB 97 84.40 -4.47 1.61
C SER FB 97 85.69 -5.29 1.65
N GLY FB 98 85.87 -6.17 0.69
CA GLY FB 98 87.08 -6.97 0.64
C GLY FB 98 88.27 -6.16 0.19
N VAL FB 99 88.60 -5.11 0.94
CA VAL FB 99 89.71 -4.23 0.57
C VAL FB 99 91.00 -4.71 1.24
N SER FB 100 91.01 -4.74 2.57
CA SER FB 100 92.17 -5.18 3.35
C SER FB 100 91.77 -5.13 4.82
N SER FB 101 92.66 -5.63 5.67
CA SER FB 101 92.41 -5.61 7.10
C SER FB 101 92.59 -4.20 7.65
N VAL FB 102 92.15 -4.00 8.88
CA VAL FB 102 92.32 -2.74 9.59
C VAL FB 102 92.74 -3.05 11.03
N GLU FB 103 93.60 -2.21 11.57
CA GLU FB 103 94.20 -2.43 12.88
C GLU FB 103 93.32 -1.76 13.94
N LEU FB 104 92.67 -2.58 14.77
CA LEU FB 104 91.81 -2.09 15.84
C LEU FB 104 92.42 -2.31 17.21
N SER FB 105 93.75 -2.26 17.32
CA SER FB 105 94.40 -2.44 18.61
C SER FB 105 94.07 -1.27 19.51
N PRO FB 106 93.77 -1.50 20.79
CA PRO FB 106 93.42 -0.38 21.68
C PRO FB 106 94.57 0.54 21.99
N SER FB 107 95.79 0.20 21.58
CA SER FB 107 96.95 1.03 21.90
C SER FB 107 97.11 2.17 20.91
N THR FB 108 96.79 1.94 19.65
CA THR FB 108 97.10 2.90 18.59
C THR FB 108 95.86 3.46 17.89
N THR FB 109 94.67 3.15 18.37
CA THR FB 109 93.45 3.74 17.83
C THR FB 109 92.72 4.51 18.93
N ALA FB 110 91.76 5.33 18.52
CA ALA FB 110 91.06 6.21 19.44
C ALA FB 110 89.57 6.18 19.16
N ILE FB 111 88.77 6.09 20.22
CA ILE FB 111 87.33 6.14 20.14
C ILE FB 111 86.89 7.35 20.96
N SER FB 112 86.39 8.38 20.28
CA SER FB 112 86.01 9.63 20.93
C SER FB 112 84.51 9.64 21.21
N PHE FB 113 84.13 10.43 22.21
CA PHE FB 113 82.73 10.59 22.59
C PHE FB 113 82.50 12.01 23.08
N THR FB 114 81.59 12.72 22.42
CA THR FB 114 81.25 14.08 22.81
C THR FB 114 79.75 14.28 22.68
N ALA FB 115 79.13 14.82 23.72
CA ALA FB 115 77.74 15.25 23.69
C ALA FB 115 77.76 16.78 23.80
N SER FB 116 77.75 17.45 22.66
CA SER FB 116 77.98 18.89 22.62
C SER FB 116 76.89 19.68 23.33
N ALA FB 117 75.69 19.10 23.51
CA ALA FB 117 74.63 19.84 24.18
C ALA FB 117 74.93 19.99 25.67
N GLU FB 118 75.22 18.88 26.35
CA GLU FB 118 75.51 18.94 27.78
C GLU FB 118 76.85 19.60 28.07
N GLY FB 119 77.74 19.67 27.09
CA GLY FB 119 79.05 20.27 27.30
C GLY FB 119 80.13 19.30 27.68
N ILE FB 120 80.07 18.07 27.20
CA ILE FB 120 81.03 17.04 27.55
C ILE FB 120 81.80 16.64 26.31
N SER FB 121 83.02 16.15 26.52
CA SER FB 121 83.87 15.72 25.41
C SER FB 121 84.93 14.78 25.96
N TYR FB 122 84.87 13.51 25.55
CA TYR FB 122 85.85 12.50 25.95
C TYR FB 122 86.66 12.08 24.74
N SER FB 123 87.96 11.90 24.94
CA SER FB 123 88.86 11.50 23.86
C SER FB 123 89.55 10.19 24.23
N ASN FB 124 89.49 9.22 23.32
CA ASN FB 124 90.14 7.93 23.49
C ASN FB 124 89.66 7.22 24.76
N ILE FB 125 88.39 6.85 24.72
CA ILE FB 125 87.80 6.00 25.75
C ILE FB 125 87.95 4.53 25.38
N TYR FB 126 88.78 4.21 24.40
CA TYR FB 126 89.02 2.85 23.95
C TYR FB 126 90.22 2.31 24.72
N GLU FB 127 89.98 1.32 25.57
CA GLU FB 127 91.02 0.82 26.47
C GLU FB 127 91.36 -0.65 26.24
N TYR FB 128 90.37 -1.53 26.23
CA TYR FB 128 90.61 -2.96 26.18
C TYR FB 128 89.97 -3.57 24.95
N THR FB 129 90.28 -4.85 24.72
CA THR FB 129 89.74 -5.58 23.59
C THR FB 129 89.79 -7.06 23.90
N LEU FB 130 88.91 -7.82 23.23
CA LEU FB 130 88.87 -9.26 23.36
C LEU FB 130 89.36 -9.95 22.10
N LEU FB 131 89.85 -9.20 21.12
CA LEU FB 131 90.35 -9.80 19.90
C LEU FB 131 91.70 -10.48 20.09
N THR FB 132 92.32 -10.35 21.26
CA THR FB 132 93.65 -10.87 21.48
C THR FB 132 93.67 -12.10 22.38
N VAL FB 133 92.69 -12.27 23.24
CA VAL FB 133 92.71 -13.38 24.19
C VAL FB 133 92.17 -14.63 23.51
N SER FB 134 92.84 -15.76 23.74
CA SER FB 134 92.42 -17.01 23.13
C SER FB 134 91.15 -17.53 23.80
N PRO FB 135 90.34 -18.30 23.08
CA PRO FB 135 89.09 -18.81 23.68
C PRO FB 135 89.30 -19.90 24.70
N SER FB 136 90.52 -20.40 24.87
CA SER FB 136 90.76 -21.49 25.81
C SER FB 136 90.51 -21.04 27.24
N GLU FB 137 91.07 -19.89 27.62
CA GLU FB 137 90.96 -19.44 29.01
C GLU FB 137 89.53 -19.06 29.35
N LEU FB 138 88.80 -18.47 28.40
CA LEU FB 138 87.47 -17.97 28.70
C LEU FB 138 86.49 -19.11 28.95
N ALA FB 139 86.47 -20.11 28.07
CA ALA FB 139 85.51 -21.20 28.17
C ALA FB 139 85.88 -22.15 29.30
N ASN FB 140 86.90 -21.80 30.10
CA ASN FB 140 87.35 -22.70 31.13
C ASN FB 140 86.49 -22.60 32.39
N GLN FB 141 86.45 -21.44 33.03
CA GLN FB 141 85.77 -21.32 34.31
C GLN FB 141 84.95 -20.03 34.36
N VAL FB 142 83.63 -20.18 34.36
CA VAL FB 142 82.67 -19.19 34.82
C VAL FB 142 81.34 -19.90 34.97
N TYR FB 143 80.62 -19.64 36.06
CA TYR FB 143 79.38 -20.36 36.29
C TYR FB 143 78.59 -19.74 37.42
N ALA FB 144 77.27 -19.85 37.33
CA ALA FB 144 76.36 -19.47 38.39
C ALA FB 144 75.37 -20.58 38.72
N ASN FB 145 75.47 -21.73 38.08
CA ASN FB 145 74.60 -22.87 38.35
C ASN FB 145 75.41 -24.14 38.07
N GLY FB 146 74.71 -25.26 37.95
CA GLY FB 146 75.39 -26.54 37.76
C GLY FB 146 76.15 -26.67 36.46
N GLN FB 147 76.11 -25.66 35.60
CA GLN FB 147 76.77 -25.71 34.30
C GLN FB 147 77.79 -24.59 34.17
N TYR FB 148 78.93 -24.92 33.58
CA TYR FB 148 79.94 -23.92 33.22
C TYR FB 148 79.58 -23.41 31.83
N LEU FB 149 78.87 -22.28 31.79
CA LEU FB 149 78.36 -21.79 30.52
C LEU FB 149 79.50 -21.38 29.60
N ASP FB 150 79.36 -21.73 28.32
CA ASP FB 150 80.38 -21.45 27.31
C ASP FB 150 80.12 -20.06 26.73
N LEU FB 151 81.02 -19.13 27.03
CA LEU FB 151 80.81 -17.74 26.60
C LEU FB 151 81.08 -17.58 25.11
N VAL FB 152 82.12 -18.22 24.60
CA VAL FB 152 82.57 -18.04 23.22
C VAL FB 152 82.16 -19.25 22.39
N ASN FB 153 81.74 -19.00 21.16
CA ASN FB 153 81.41 -20.04 20.20
C ASN FB 153 82.39 -19.95 19.04
N GLN FB 154 82.64 -21.09 18.39
CA GLN FB 154 83.64 -21.12 17.34
C GLN FB 154 83.35 -22.23 16.34
N GLN FB 155 83.62 -21.94 15.08
CA GLN FB 155 83.52 -22.90 13.98
C GLN FB 155 84.88 -23.07 13.34
N THR FB 156 84.92 -23.84 12.24
CA THR FB 156 86.16 -24.06 11.52
C THR FB 156 85.84 -24.50 10.10
N ASN FB 157 86.69 -24.06 9.16
CA ASN FB 157 86.59 -24.44 7.76
C ASN FB 157 87.85 -23.98 7.05
N ALA FB 158 88.32 -24.81 6.11
CA ALA FB 158 89.50 -24.53 5.29
C ALA FB 158 90.76 -24.33 6.12
N GLY FB 159 90.76 -24.77 7.37
CA GLY FB 159 91.94 -24.69 8.20
C GLY FB 159 92.08 -23.45 9.04
N GLN FB 160 90.97 -22.83 9.43
CA GLN FB 160 91.00 -21.66 10.30
C GLN FB 160 89.85 -21.75 11.29
N THR FB 161 90.11 -21.28 12.51
CA THR FB 161 89.14 -21.34 13.60
C THR FB 161 88.54 -19.95 13.79
N TYR FB 162 87.27 -19.80 13.44
CA TYR FB 162 86.57 -18.54 13.58
C TYR FB 162 85.84 -18.51 14.91
N VAL FB 163 86.10 -17.48 15.71
CA VAL FB 163 85.51 -17.35 17.04
C VAL FB 163 84.62 -16.11 17.06
N TYR FB 164 83.63 -16.12 17.96
CA TYR FB 164 82.77 -14.97 18.16
C TYR FB 164 81.99 -15.15 19.46
N TYR FB 165 81.63 -14.03 20.06
CA TYR FB 165 80.79 -14.01 21.24
C TYR FB 165 79.39 -13.57 20.85
N PRO FB 166 78.36 -14.36 21.09
CA PRO FB 166 77.04 -14.07 20.50
C PRO FB 166 76.43 -12.76 20.95
N ASN FB 167 76.23 -12.58 22.24
CA ASN FB 167 75.56 -11.39 22.72
C ASN FB 167 76.50 -10.51 23.53
N PRO FB 168 76.24 -9.21 23.62
CA PRO FB 168 77.09 -8.35 24.45
C PRO FB 168 77.10 -8.75 25.91
N TYR FB 169 76.02 -9.35 26.41
CA TYR FB 169 76.00 -9.78 27.80
C TYR FB 169 77.05 -10.83 28.07
N TYR FB 170 77.31 -11.71 27.10
CA TYR FB 170 78.39 -12.68 27.26
C TYR FB 170 79.75 -11.99 27.18
N ALA FB 171 79.85 -10.93 26.38
CA ALA FB 171 81.12 -10.22 26.26
C ALA FB 171 81.52 -9.56 27.57
N LEU FB 172 80.54 -9.07 28.33
CA LEU FB 172 80.86 -8.39 29.58
C LEU FB 172 81.43 -9.37 30.60
N LEU FB 173 80.82 -10.54 30.74
CA LEU FB 173 81.37 -11.56 31.63
C LEU FB 173 82.74 -12.00 31.15
N ALA FB 174 82.91 -12.16 29.85
CA ALA FB 174 84.21 -12.53 29.31
C ALA FB 174 85.23 -11.42 29.54
N LEU FB 175 84.76 -10.17 29.60
CA LEU FB 175 85.67 -9.06 29.85
C LEU FB 175 86.01 -8.96 31.34
N ASN FB 176 85.07 -9.30 32.21
CA ASN FB 176 85.33 -9.25 33.64
C ASN FB 176 86.43 -10.22 34.02
N TYR FB 177 86.38 -11.45 33.52
CA TYR FB 177 87.37 -12.45 33.89
C TYR FB 177 88.73 -12.10 33.32
N THR FB 178 88.77 -11.62 32.07
CA THR FB 178 90.06 -11.33 31.44
C THR FB 178 90.80 -10.24 32.19
N LEU FB 179 90.09 -9.19 32.61
CA LEU FB 179 90.73 -8.10 33.32
C LEU FB 179 91.35 -8.59 34.63
N SER FB 180 90.73 -9.59 35.26
CA SER FB 180 91.16 -10.00 36.60
C SER FB 180 92.32 -10.98 36.53
N LYS FB 181 92.33 -11.87 35.55
CA LYS FB 181 93.31 -12.96 35.51
C LYS FB 181 94.20 -12.91 34.28
N ILE FB 182 93.63 -12.70 33.08
CA ILE FB 182 94.42 -12.79 31.86
C ILE FB 182 95.52 -11.73 31.85
N ASP FB 183 95.13 -10.46 31.90
CA ASP FB 183 96.08 -9.36 32.05
C ASP FB 183 95.88 -8.74 33.43
N LYS FB 184 96.77 -9.09 34.35
CA LYS FB 184 96.63 -8.72 35.76
C LYS FB 184 96.78 -7.21 35.89
N VAL FB 185 95.67 -6.53 36.09
CA VAL FB 185 95.64 -5.09 36.35
C VAL FB 185 95.10 -4.89 37.76
N SER FB 186 95.71 -3.96 38.51
CA SER FB 186 95.26 -3.73 39.88
C SER FB 186 93.95 -2.95 39.91
N PRO FB 187 93.79 -1.84 39.17
CA PRO FB 187 92.46 -1.24 39.09
C PRO FB 187 91.64 -1.88 37.97
N SER FB 188 90.59 -2.61 38.32
CA SER FB 188 89.73 -3.21 37.31
C SER FB 188 88.54 -2.29 37.09
N PRO FB 189 88.45 -1.60 35.96
CA PRO FB 189 87.32 -0.68 35.75
C PRO FB 189 85.99 -1.40 35.66
N LEU FB 190 85.98 -2.69 35.43
CA LEU FB 190 84.76 -3.49 35.40
C LEU FB 190 84.83 -4.54 36.50
N TYR FB 191 83.74 -4.65 37.26
CA TYR FB 191 83.65 -5.66 38.31
C TYR FB 191 82.19 -6.09 38.43
N ILE FB 192 81.90 -7.31 38.05
CA ILE FB 192 80.55 -7.85 38.09
C ILE FB 192 80.44 -8.81 39.27
N THR FB 193 79.28 -8.79 39.91
CA THR FB 193 79.01 -9.73 41.00
C THR FB 193 77.54 -10.11 40.99
N THR FB 194 77.26 -11.35 41.36
CA THR FB 194 75.89 -11.84 41.45
C THR FB 194 75.35 -11.80 42.87
N THR FB 195 76.09 -11.23 43.81
CA THR FB 195 75.63 -11.12 45.18
C THR FB 195 74.58 -10.01 45.28
N THR FB 196 74.06 -9.82 46.49
CA THR FB 196 73.16 -8.72 46.74
C THR FB 196 73.93 -7.40 46.60
N PRO FB 197 73.42 -6.43 45.85
CA PRO FB 197 74.19 -5.18 45.66
C PRO FB 197 74.50 -4.48 46.96
N SER FB 198 73.54 -4.39 47.88
CA SER FB 198 73.81 -3.78 49.17
C SER FB 198 74.88 -4.55 49.93
N SER FB 199 74.86 -5.88 49.84
CA SER FB 199 75.89 -6.68 50.49
C SER FB 199 77.26 -6.39 49.89
N ALA FB 200 77.31 -6.13 48.58
CA ALA FB 200 78.58 -5.80 47.93
C ALA FB 200 79.16 -4.50 48.46
N THR FB 201 78.29 -3.55 48.82
CA THR FB 201 78.77 -2.29 49.39
C THR FB 201 79.31 -2.48 50.79
N GLN FB 202 78.68 -3.36 51.59
CA GLN FB 202 79.13 -3.57 52.95
C GLN FB 202 80.53 -4.16 53.00
N ILE FB 203 80.80 -5.14 52.13
CA ILE FB 203 82.13 -5.74 52.08
C ILE FB 203 83.09 -4.97 51.19
N TYR FB 204 82.59 -4.17 50.25
CA TYR FB 204 83.42 -3.31 49.41
C TYR FB 204 82.93 -1.88 49.53
N PRO FB 205 83.55 -1.06 50.38
CA PRO FB 205 83.10 0.34 50.49
C PRO FB 205 83.36 1.14 49.23
N PHE FB 206 84.49 0.89 48.56
CA PHE FB 206 84.83 1.62 47.36
C PHE FB 206 83.89 1.33 46.19
N LEU FB 207 83.03 0.32 46.30
CA LEU FB 207 82.11 0.00 45.24
C LEU FB 207 80.86 0.86 45.23
N ALA FB 208 80.64 1.65 46.29
CA ALA FB 208 79.42 2.45 46.37
C ALA FB 208 79.43 3.61 45.39
N HIS FB 209 80.62 4.08 45.01
CA HIS FB 209 80.71 5.22 44.10
C HIS FB 209 80.66 4.81 42.64
N ASP FB 210 80.83 3.53 42.32
CA ASP FB 210 80.83 3.10 40.94
C ASP FB 210 79.42 3.12 40.37
N ASN FB 211 79.33 3.12 39.05
CA ASN FB 211 78.04 3.12 38.37
C ASN FB 211 77.52 1.69 38.28
N MET FB 212 76.25 1.51 38.64
CA MET FB 212 75.64 0.20 38.77
C MET FB 212 74.58 0.03 37.69
N PHE FB 213 74.80 -0.92 36.79
CA PHE FB 213 73.78 -1.31 35.83
C PHE FB 213 73.64 -2.82 35.84
N THR FB 214 72.40 -3.29 35.76
CA THR FB 214 72.09 -4.70 35.93
C THR FB 214 71.57 -5.28 34.64
N PHE FB 215 72.16 -6.38 34.22
CA PHE FB 215 71.66 -7.21 33.13
C PHE FB 215 71.42 -8.60 33.65
N THR FB 216 70.42 -9.27 33.09
CA THR FB 216 70.01 -10.57 33.58
C THR FB 216 69.97 -11.58 32.44
N LEU FB 217 70.17 -12.85 32.81
CA LEU FB 217 70.10 -13.97 31.88
C LEU FB 217 69.22 -15.06 32.49
N ASN FB 218 68.96 -16.09 31.70
CA ASN FB 218 68.19 -17.25 32.13
C ASN FB 218 69.03 -18.49 31.89
N ILE FB 219 69.59 -19.04 32.96
CA ILE FB 219 70.44 -20.23 32.88
C ILE FB 219 69.85 -21.31 33.77
N SER FB 220 69.96 -22.56 33.30
CA SER FB 220 69.43 -23.72 34.03
C SER FB 220 67.96 -23.52 34.38
N GLY FB 221 67.21 -22.89 33.47
CA GLY FB 221 65.81 -22.65 33.66
C GLY FB 221 65.45 -21.57 34.65
N THR FB 222 66.40 -21.08 35.44
CA THR FB 222 66.13 -20.06 36.44
C THR FB 222 66.81 -18.75 36.05
N LEU FB 223 66.37 -17.67 36.66
CA LEU FB 223 66.86 -16.34 36.35
C LEU FB 223 68.04 -16.00 37.26
N VAL FB 224 69.01 -15.29 36.70
CA VAL FB 224 70.15 -14.79 37.47
C VAL FB 224 70.34 -13.31 37.14
N THR FB 225 70.62 -12.52 38.17
CA THR FB 225 70.78 -11.08 38.04
C THR FB 225 72.22 -10.71 38.38
N TYR FB 226 72.82 -9.89 37.53
CA TYR FB 226 74.19 -9.43 37.72
C TYR FB 226 74.21 -7.97 38.12
N TYR FB 227 75.35 -7.54 38.66
CA TYR FB 227 75.52 -6.16 39.13
C TYR FB 227 76.90 -5.70 38.69
N ALA FB 228 76.97 -5.08 37.53
CA ALA FB 228 78.25 -4.61 36.98
C ALA FB 228 78.52 -3.21 37.50
N PHE FB 229 79.67 -3.04 38.14
CA PHE FB 229 80.08 -1.75 38.71
C PHE FB 229 81.23 -1.20 37.90
N VAL FB 230 81.07 0.00 37.36
CA VAL FB 230 82.08 0.66 36.55
C VAL FB 230 82.46 1.97 37.23
N ASN FB 231 83.76 2.26 37.26
CA ASN FB 231 84.26 3.49 37.86
C ASN FB 231 84.87 4.44 36.84
N GLN FB 232 84.76 4.14 35.55
CA GLN FB 232 85.38 4.94 34.51
C GLN FB 232 84.78 4.63 33.15
N THR FB 233 84.35 5.66 32.43
CA THR FB 233 83.72 5.46 31.13
C THR FB 233 84.74 4.97 30.12
N PHE FB 234 84.55 3.75 29.63
CA PHE FB 234 85.47 3.14 28.68
C PHE FB 234 84.68 2.34 27.67
N ALA FB 235 85.37 1.93 26.59
CA ALA FB 235 84.76 1.18 25.52
C ALA FB 235 85.72 0.12 25.02
N PHE FB 236 85.18 -1.04 24.66
CA PHE FB 236 85.98 -2.18 24.23
C PHE FB 236 85.35 -2.80 22.98
N THR FB 237 86.13 -3.65 22.32
CA THR FB 237 85.68 -4.32 21.11
C THR FB 237 85.87 -5.82 21.25
N TYR FB 238 85.09 -6.57 20.46
CA TYR FB 238 85.15 -8.02 20.44
C TYR FB 238 84.67 -8.50 19.08
N PRO FB 239 85.13 -9.65 18.61
CA PRO FB 239 84.67 -10.14 17.31
C PRO FB 239 83.27 -10.72 17.39
N VAL FB 240 82.55 -10.61 16.29
CA VAL FB 240 81.21 -11.17 16.24
C VAL FB 240 81.02 -11.99 14.97
N ALA FB 241 81.96 -11.88 14.03
CA ALA FB 241 81.82 -12.66 12.80
C ALA FB 241 83.14 -12.65 12.05
N GLY FB 242 83.41 -13.76 11.36
CA GLY FB 242 84.49 -13.90 10.41
C GLY FB 242 85.83 -13.31 10.81
N ASP FB 243 86.40 -13.77 11.91
CA ASP FB 243 87.68 -13.28 12.39
C ASP FB 243 88.58 -14.46 12.74
N PRO FB 244 89.24 -15.05 11.73
CA PRO FB 244 90.19 -16.12 12.04
C PRO FB 244 91.50 -15.61 12.61
N LEU FB 245 91.76 -14.31 12.50
CA LEU FB 245 93.00 -13.71 13.00
C LEU FB 245 92.81 -13.28 14.44
N ILE FB 246 92.60 -14.26 15.31
CA ILE FB 246 92.45 -14.04 16.73
C ILE FB 246 93.82 -14.03 17.39
N GLY FB 247 94.00 -13.12 18.34
CA GLY FB 247 95.24 -13.01 19.08
C GLY FB 247 96.09 -11.81 18.69
N SER FB 248 95.63 -10.97 17.77
CA SER FB 248 96.42 -9.85 17.29
C SER FB 248 95.65 -8.54 17.19
N ALA FB 249 94.35 -8.54 17.46
CA ALA FB 249 93.53 -7.34 17.36
C ALA FB 249 93.57 -6.77 15.94
N ILE FB 250 93.47 -7.66 14.96
CA ILE FB 250 93.35 -7.28 13.56
C ILE FB 250 91.92 -7.55 13.12
N ALA FB 251 91.32 -6.56 12.45
CA ALA FB 251 90.01 -6.75 11.86
C ALA FB 251 90.18 -6.95 10.36
N PRO FB 252 89.99 -8.17 9.85
CA PRO FB 252 90.21 -8.41 8.43
C PRO FB 252 89.04 -7.92 7.59
N ALA FB 253 89.27 -7.86 6.28
CA ALA FB 253 88.23 -7.46 5.36
C ALA FB 253 87.10 -8.48 5.36
N GLY FB 254 85.88 -8.00 5.57
CA GLY FB 254 84.72 -8.85 5.64
C GLY FB 254 84.30 -9.23 7.05
N SER FB 255 85.13 -8.96 8.04
CA SER FB 255 84.79 -9.28 9.42
C SER FB 255 83.80 -8.26 9.97
N VAL FB 256 83.22 -8.59 11.12
CA VAL FB 256 82.31 -7.70 11.82
C VAL FB 256 82.76 -7.65 13.28
N ILE FB 257 83.02 -6.46 13.79
CA ILE FB 257 83.46 -6.26 15.17
C ILE FB 257 82.32 -5.63 15.95
N GLY FB 258 82.21 -6.01 17.21
CA GLY FB 258 81.27 -5.39 18.13
C GLY FB 258 81.97 -4.33 18.94
N VAL FB 259 81.22 -3.29 19.30
CA VAL FB 259 81.75 -2.17 20.09
C VAL FB 259 80.71 -1.81 21.14
N MET FB 260 81.16 -1.65 22.39
CA MET FB 260 80.26 -1.34 23.48
C MET FB 260 80.91 -0.30 24.38
N ILE FB 261 80.16 0.76 24.69
CA ILE FB 261 80.62 1.81 25.59
C ILE FB 261 79.87 1.65 26.91
N LEU FB 262 80.61 1.76 28.01
CA LEU FB 262 80.05 1.68 29.34
C LEU FB 262 80.26 3.01 30.05
N PHE FB 263 79.17 3.60 30.54
CA PHE FB 263 79.24 4.89 31.20
C PHE FB 263 79.50 4.70 32.69
N GLY FB 264 80.38 5.51 33.24
CA GLY FB 264 80.71 5.43 34.65
C GLY FB 264 79.88 6.38 35.49
N PRO FB 265 80.42 6.79 36.63
CA PRO FB 265 79.69 7.74 37.47
C PRO FB 265 79.84 9.18 36.99
N ASP FB 266 80.96 9.47 36.33
CA ASP FB 266 81.24 10.83 35.90
C ASP FB 266 80.23 11.29 34.87
N LEU FB 267 79.90 10.43 33.91
CA LEU FB 267 79.01 10.77 32.81
C LEU FB 267 77.64 10.10 32.92
N GLY FB 268 77.57 8.91 33.49
CA GLY FB 268 76.33 8.16 33.56
C GLY FB 268 75.21 8.88 34.31
N SER FB 269 75.53 9.89 35.10
CA SER FB 269 74.50 10.63 35.82
C SER FB 269 73.64 11.48 34.89
N HIS FB 270 73.86 11.42 33.58
CA HIS FB 270 73.07 12.17 32.61
C HIS FB 270 72.29 11.21 31.72
N VAL FB 271 71.20 11.71 31.17
CA VAL FB 271 70.45 11.03 30.12
C VAL FB 271 70.35 11.98 28.94
N PHE FB 272 70.41 11.43 27.74
CA PHE FB 272 70.46 12.22 26.52
C PHE FB 272 69.04 12.32 25.95
N GLN FB 273 68.48 13.52 26.02
CA GLN FB 273 67.17 13.82 25.45
C GLN FB 273 67.29 15.12 24.67
N TYR FB 274 66.87 15.09 23.40
CA TYR FB 274 66.94 16.25 22.53
C TYR FB 274 68.38 16.75 22.39
N GLN FB 275 69.30 15.79 22.24
CA GLN FB 275 70.72 16.09 22.13
C GLN FB 275 71.29 15.39 20.89
N THR FB 276 72.56 15.65 20.62
CA THR FB 276 73.26 15.09 19.47
C THR FB 276 74.50 14.37 19.99
N ILE FB 277 74.52 13.05 19.85
CA ILE FB 277 75.60 12.21 20.34
C ILE FB 277 76.55 11.92 19.17
N THR FB 278 77.84 12.08 19.41
CA THR FB 278 78.86 11.90 18.38
C THR FB 278 79.91 10.93 18.89
N ILE FB 279 80.14 9.85 18.15
CA ILE FB 279 81.16 8.86 18.45
C ILE FB 279 82.05 8.72 17.23
N GLN FB 280 83.36 8.87 17.42
CA GLN FB 280 84.33 8.84 16.34
C GLN FB 280 85.41 7.81 16.65
N ILE FB 281 85.63 6.90 15.72
CA ILE FB 281 86.60 5.81 15.88
C ILE FB 281 87.67 5.99 14.82
N THR FB 282 88.85 6.45 15.23
CA THR FB 282 89.92 6.76 14.29
C THR FB 282 91.03 5.72 14.41
N PRO FB 283 91.26 4.89 13.40
CA PRO FB 283 92.39 3.97 13.46
C PRO FB 283 93.72 4.68 13.26
N ASN FB 284 94.82 3.93 13.25
CA ASN FB 284 96.11 4.54 13.03
C ASN FB 284 96.31 4.92 11.57
N ILE FB 285 95.82 4.10 10.65
CA ILE FB 285 95.88 4.37 9.22
C ILE FB 285 94.51 4.13 8.63
N GLY FB 286 94.14 4.98 7.66
CA GLY FB 286 92.83 4.90 7.05
C GLY FB 286 91.88 5.93 7.59
N SER FB 287 90.69 5.96 6.98
CA SER FB 287 89.70 6.98 7.29
C SER FB 287 88.99 6.68 8.60
N PRO FB 288 88.57 7.71 9.31
CA PRO FB 288 87.79 7.51 10.54
C PRO FB 288 86.34 7.14 10.25
N LEU FB 289 85.54 7.09 11.31
CA LEU FB 289 84.11 6.81 11.20
C LEU FB 289 83.39 7.67 12.22
N THR FB 290 82.37 8.41 11.79
CA THR FB 290 81.65 9.34 12.64
C THR FB 290 80.21 8.86 12.82
N ILE FB 291 79.75 8.85 14.07
CA ILE FB 291 78.42 8.37 14.43
C ILE FB 291 77.72 9.51 15.13
N SER FB 292 76.91 10.27 14.39
CA SER FB 292 76.14 11.37 14.94
C SER FB 292 74.66 11.06 14.80
N GLU FB 293 73.93 11.21 15.91
CA GLU FB 293 72.51 10.88 15.92
C GLU FB 293 71.79 11.90 16.79
N TYR FB 294 70.49 11.68 16.99
CA TYR FB 294 69.64 12.55 17.78
C TYR FB 294 68.69 11.67 18.59
N VAL FB 295 68.60 11.92 19.89
CA VAL FB 295 67.83 11.08 20.79
C VAL FB 295 66.64 11.89 21.30
N TYR FB 296 65.43 11.40 21.08
CA TYR FB 296 64.25 12.06 21.60
C TYR FB 296 64.01 11.68 23.06
N GLN FB 297 63.75 10.39 23.30
CA GLN FB 297 63.39 9.90 24.62
C GLN FB 297 63.61 8.40 24.64
N PRO FB 298 63.81 7.81 25.81
CA PRO FB 298 64.01 6.35 25.88
C PRO FB 298 62.71 5.59 26.06
N GLU FB 299 62.74 4.33 25.63
CA GLU FB 299 61.61 3.42 25.78
C GLU FB 299 62.13 2.00 25.94
N GLY FB 300 61.48 1.24 26.82
CA GLY FB 300 61.84 -0.15 27.03
C GLY FB 300 63.21 -0.39 27.60
N SER FB 301 63.88 0.64 28.10
CA SER FB 301 65.18 0.54 28.75
C SER FB 301 66.29 0.16 27.77
N VAL FB 302 65.93 -0.15 26.53
CA VAL FB 302 66.91 -0.34 25.46
C VAL FB 302 66.35 0.31 24.20
N SER FB 303 66.86 1.49 23.86
CA SER FB 303 66.34 2.19 22.70
C SER FB 303 67.03 1.70 21.43
N VAL FB 304 66.57 2.21 20.29
CA VAL FB 304 67.10 1.78 19.01
C VAL FB 304 67.81 2.95 18.34
N ILE FB 305 68.24 3.92 19.13
CA ILE FB 305 68.99 5.05 18.59
C ILE FB 305 69.79 5.72 19.69
N LEU GB 19 -71.88 -13.66 9.00
CA LEU GB 19 -72.53 -14.44 7.95
C LEU GB 19 -73.91 -14.84 8.45
N ALA GB 20 -74.93 -14.08 8.03
CA ALA GB 20 -76.29 -14.33 8.49
C ALA GB 20 -76.96 -15.47 7.75
N GLY GB 21 -76.26 -16.11 6.81
CA GLY GB 21 -76.86 -17.20 6.05
C GLY GB 21 -76.85 -18.52 6.79
N LEU GB 22 -75.67 -18.98 7.18
CA LEU GB 22 -75.52 -20.31 7.79
C LEU GB 22 -76.37 -20.42 9.05
N ASP GB 23 -76.21 -19.49 9.98
CA ASP GB 23 -76.94 -19.56 11.23
C ASP GB 23 -78.45 -19.50 11.01
N THR GB 24 -78.94 -18.45 10.34
CA THR GB 24 -80.38 -18.30 10.17
C THR GB 24 -80.97 -19.44 9.35
N ALA GB 25 -80.16 -20.11 8.54
CA ALA GB 25 -80.65 -21.32 7.87
C ALA GB 25 -81.00 -22.40 8.87
N ILE GB 26 -80.17 -22.56 9.90
CA ILE GB 26 -80.46 -23.54 10.94
C ILE GB 26 -81.55 -23.02 11.87
N ILE GB 27 -81.48 -21.74 12.26
CA ILE GB 27 -82.55 -21.14 13.04
C ILE GB 27 -83.87 -21.27 12.30
N LEU GB 28 -83.82 -21.24 10.97
CA LEU GB 28 -85.02 -21.53 10.18
C LEU GB 28 -85.50 -22.95 10.45
N ILE GB 29 -84.67 -23.95 10.11
CA ILE GB 29 -85.12 -25.33 10.23
C ILE GB 29 -85.36 -25.69 11.69
N ALA GB 30 -84.64 -25.04 12.61
CA ALA GB 30 -84.91 -25.27 14.03
C ALA GB 30 -86.32 -24.81 14.39
N PHE GB 31 -86.84 -23.83 13.64
CA PHE GB 31 -88.18 -23.33 13.93
C PHE GB 31 -89.23 -23.99 13.04
N ILE GB 32 -88.88 -24.29 11.79
CA ILE GB 32 -89.82 -24.98 10.91
C ILE GB 32 -90.21 -26.31 11.52
N ILE GB 33 -89.26 -27.01 12.14
CA ILE GB 33 -89.59 -28.27 12.79
C ILE GB 33 -90.42 -28.03 14.03
N THR GB 34 -90.20 -26.90 14.70
CA THR GB 34 -90.95 -26.60 15.91
C THR GB 34 -92.42 -26.36 15.60
N ALA GB 35 -92.70 -25.48 14.63
CA ALA GB 35 -94.09 -25.23 14.24
C ALA GB 35 -94.73 -26.49 13.66
N SER GB 36 -93.92 -27.37 13.06
CA SER GB 36 -94.46 -28.61 12.52
C SER GB 36 -95.00 -29.49 13.63
N VAL GB 37 -94.25 -29.62 14.73
CA VAL GB 37 -94.72 -30.42 15.85
C VAL GB 37 -95.95 -29.78 16.49
N LEU GB 38 -95.94 -28.45 16.64
CA LEU GB 38 -97.11 -27.79 17.20
C LEU GB 38 -98.32 -27.97 16.29
N ALA GB 39 -98.12 -27.88 14.98
CA ALA GB 39 -99.21 -28.15 14.05
C ALA GB 39 -99.65 -29.60 14.12
N TYR GB 40 -98.70 -30.51 14.36
CA TYR GB 40 -99.03 -31.92 14.46
C TYR GB 40 -99.91 -32.19 15.67
N VAL GB 41 -99.59 -31.59 16.82
CA VAL GB 41 -100.34 -31.86 18.03
C VAL GB 41 -101.62 -31.03 18.07
N ALA GB 42 -101.64 -29.90 17.36
CA ALA GB 42 -102.83 -29.06 17.36
C ALA GB 42 -103.98 -29.76 16.63
N ILE GB 43 -103.73 -30.23 15.42
CA ILE GB 43 -104.78 -30.94 14.69
C ILE GB 43 -105.05 -32.29 15.33
N ASN GB 44 -104.08 -32.84 16.06
CA ASN GB 44 -104.31 -34.06 16.81
C ASN GB 44 -105.45 -33.89 17.82
N MET GB 45 -105.45 -32.75 18.51
CA MET GB 45 -106.57 -32.44 19.39
C MET GB 45 -107.86 -32.22 18.60
N GLY GB 46 -107.75 -31.64 17.41
CA GLY GB 46 -108.94 -31.35 16.63
C GLY GB 46 -109.69 -32.60 16.22
N LEU GB 47 -109.01 -33.53 15.58
CA LEU GB 47 -109.66 -34.74 15.10
C LEU GB 47 -110.18 -35.60 16.25
N PHE GB 48 -109.71 -35.34 17.47
CA PHE GB 48 -110.15 -36.12 18.61
C PHE GB 48 -111.51 -35.65 19.13
N VAL GB 49 -111.64 -34.34 19.35
CA VAL GB 49 -112.84 -33.84 20.00
C VAL GB 49 -114.05 -33.90 19.07
N THR GB 50 -113.86 -33.56 17.79
CA THR GB 50 -114.97 -33.63 16.85
C THR GB 50 -115.54 -35.04 16.78
N GLN GB 51 -114.66 -36.05 16.79
CA GLN GB 51 -115.13 -37.42 16.90
C GLN GB 51 -115.72 -37.68 18.28
N LYS GB 52 -115.10 -37.11 19.32
CA LYS GB 52 -115.65 -37.23 20.67
C LYS GB 52 -117.01 -36.55 20.75
N ALA GB 53 -117.13 -35.36 20.17
CA ALA GB 53 -118.40 -34.65 20.22
C ALA GB 53 -119.48 -35.40 19.46
N LYS GB 54 -119.17 -35.86 18.24
CA LYS GB 54 -120.16 -36.54 17.42
C LYS GB 54 -120.75 -37.73 18.15
N SER GB 55 -119.92 -38.46 18.90
CA SER GB 55 -120.42 -39.58 19.66
C SER GB 55 -121.46 -39.12 20.69
N THR GB 56 -121.15 -38.06 21.43
CA THR GB 56 -122.06 -37.59 22.46
C THR GB 56 -123.39 -37.15 21.87
N ILE GB 57 -123.37 -36.55 20.69
CA ILE GB 57 -124.62 -36.17 20.03
C ILE GB 57 -125.42 -37.41 19.69
N ASN GB 58 -124.75 -38.45 19.19
CA ASN GB 58 -125.45 -39.68 18.82
C ASN GB 58 -126.05 -40.35 20.03
N LYS GB 59 -125.25 -40.54 21.08
CA LYS GB 59 -125.75 -41.21 22.28
C LYS GB 59 -126.81 -40.38 22.99
N GLY GB 60 -126.86 -39.08 22.72
CA GLY GB 60 -127.93 -38.26 23.25
C GLY GB 60 -129.19 -38.28 22.40
N GLU GB 61 -129.10 -38.80 21.18
CA GLU GB 61 -130.26 -38.80 20.28
C GLU GB 61 -131.34 -39.74 20.78
N GLU GB 62 -131.01 -41.01 20.99
CA GLU GB 62 -132.00 -41.99 21.40
C GLU GB 62 -132.48 -41.80 22.83
N THR GB 63 -131.99 -40.77 23.53
CA THR GB 63 -132.52 -40.49 24.85
C THR GB 63 -134.01 -40.15 24.81
N ALA GB 64 -134.46 -39.56 23.72
CA ALA GB 64 -135.87 -39.20 23.58
C ALA GB 64 -136.67 -40.27 22.86
N SER GB 65 -136.06 -40.92 21.87
CA SER GB 65 -136.77 -41.90 21.03
C SER GB 65 -136.90 -43.23 21.78
N THR GB 66 -137.64 -43.17 22.89
CA THR GB 66 -137.96 -44.36 23.68
C THR GB 66 -139.46 -44.66 23.67
N ALA GB 67 -140.29 -43.70 24.11
CA ALA GB 67 -141.75 -43.77 23.97
C ALA GB 67 -142.32 -45.02 24.62
N LEU GB 68 -142.19 -45.07 25.95
CA LEU GB 68 -142.80 -46.10 26.76
C LEU GB 68 -144.03 -45.55 27.45
N THR GB 69 -145.19 -46.17 27.19
CA THR GB 69 -146.47 -45.63 27.64
C THR GB 69 -147.28 -46.77 28.26
N LEU GB 70 -148.55 -46.48 28.53
CA LEU GB 70 -149.45 -47.37 29.24
C LEU GB 70 -150.38 -48.06 28.25
N SER GB 71 -150.82 -49.27 28.61
CA SER GB 71 -151.74 -50.03 27.78
C SER GB 71 -152.70 -50.80 28.67
N GLY GB 72 -153.79 -51.27 28.07
CA GLY GB 72 -154.75 -52.09 28.80
C GLY GB 72 -155.45 -51.29 29.88
N SER GB 73 -155.51 -51.85 31.08
CA SER GB 73 -156.17 -51.22 32.21
C SER GB 73 -155.33 -51.47 33.46
N VAL GB 74 -155.92 -51.20 34.62
CA VAL GB 74 -155.26 -51.41 35.90
C VAL GB 74 -156.21 -52.18 36.81
N LEU GB 75 -155.67 -53.18 37.52
CA LEU GB 75 -156.46 -54.04 38.38
C LEU GB 75 -155.93 -53.97 39.80
N TYR GB 76 -156.81 -54.23 40.77
CA TYR GB 76 -156.42 -54.25 42.17
C TYR GB 76 -157.42 -55.15 42.90
N ALA GB 77 -157.02 -56.39 43.14
CA ALA GB 77 -157.91 -57.42 43.65
C ALA GB 77 -157.75 -57.55 45.17
N VAL GB 78 -158.86 -57.49 45.88
CA VAL GB 78 -158.88 -57.64 47.34
C VAL GB 78 -160.01 -58.59 47.70
N ASN GB 79 -159.83 -59.33 48.79
CA ASN GB 79 -160.88 -60.19 49.31
C ASN GB 79 -162.11 -59.37 49.68
N TYR GB 80 -163.23 -59.68 49.01
CA TYR GB 80 -164.43 -58.84 49.14
C TYR GB 80 -165.04 -58.86 50.53
N PRO GB 81 -165.37 -60.02 51.14
CA PRO GB 81 -166.10 -59.97 52.41
C PRO GB 81 -165.32 -59.31 53.53
N SER GB 82 -164.06 -59.70 53.72
CA SER GB 82 -163.21 -59.11 54.75
C SER GB 82 -162.19 -58.22 54.04
N ASN GB 83 -162.58 -56.96 53.82
CA ASN GB 83 -161.73 -56.02 53.10
C ASN GB 83 -160.55 -55.60 53.97
N THR GB 84 -159.66 -56.53 54.27
CA THR GB 84 -158.49 -56.25 55.10
C THR GB 84 -157.19 -56.84 54.55
N ARG GB 85 -157.24 -57.70 53.55
CA ARG GB 85 -156.05 -58.33 52.99
C ARG GB 85 -155.99 -58.02 51.49
N SER GB 86 -155.15 -57.05 51.11
CA SER GB 86 -154.95 -56.73 49.71
C SER GB 86 -154.04 -57.77 49.07
N TYR GB 87 -154.37 -58.15 47.83
CA TYR GB 87 -153.72 -59.28 47.18
C TYR GB 87 -152.64 -58.85 46.18
N TRP GB 88 -153.02 -58.10 45.15
CA TRP GB 88 -152.06 -57.78 44.09
C TRP GB 88 -152.64 -56.70 43.17
N ILE GB 89 -151.77 -56.17 42.32
CA ILE GB 89 -152.13 -55.21 41.27
C ILE GB 89 -151.49 -55.67 39.98
N TYR GB 90 -152.28 -55.68 38.90
CA TYR GB 90 -151.81 -56.13 37.60
C TYR GB 90 -152.20 -55.11 36.55
N PHE GB 91 -151.24 -54.76 35.70
CA PHE GB 91 -151.48 -53.84 34.59
C PHE GB 91 -150.43 -54.08 33.51
N THR GB 92 -150.86 -54.08 32.26
CA THR GB 92 -149.94 -54.27 31.15
C THR GB 92 -149.38 -52.93 30.70
N VAL GB 93 -148.18 -52.99 30.13
CA VAL GB 93 -147.45 -51.80 29.71
C VAL GB 93 -146.86 -52.07 28.34
N SER GB 94 -147.09 -51.16 27.40
CA SER GB 94 -146.64 -51.34 26.03
C SER GB 94 -146.08 -50.03 25.50
N PRO GB 95 -145.07 -50.11 24.62
CA PRO GB 95 -144.58 -48.89 23.96
C PRO GB 95 -145.69 -48.25 23.12
N SER GB 96 -145.51 -46.95 22.86
CA SER GB 96 -146.53 -46.20 22.13
C SER GB 96 -146.72 -46.74 20.73
N SER GB 97 -145.68 -46.66 19.90
CA SER GB 97 -145.74 -47.12 18.52
C SER GB 97 -144.42 -47.77 18.18
N GLY GB 98 -144.23 -48.06 16.89
CA GLY GB 98 -143.00 -48.69 16.43
C GLY GB 98 -141.84 -47.72 16.33
N VAL GB 99 -141.33 -47.28 17.47
CA VAL GB 99 -140.23 -46.32 17.47
C VAL GB 99 -138.90 -47.02 17.73
N SER GB 100 -138.84 -47.87 18.74
CA SER GB 100 -137.63 -48.58 19.14
C SER GB 100 -137.96 -49.49 20.30
N SER GB 101 -137.01 -50.35 20.65
CA SER GB 101 -137.15 -51.22 21.80
C SER GB 101 -136.66 -50.50 23.06
N VAL GB 102 -137.10 -51.00 24.21
CA VAL GB 102 -136.75 -50.42 25.50
C VAL GB 102 -136.30 -51.53 26.44
N GLU GB 103 -135.26 -51.25 27.22
CA GLU GB 103 -134.74 -52.23 28.17
C GLU GB 103 -135.58 -52.23 29.45
N LEU GB 104 -136.06 -53.42 29.82
CA LEU GB 104 -136.87 -53.59 31.02
C LEU GB 104 -136.24 -54.63 31.96
N SER GB 105 -134.92 -54.72 31.97
CA SER GB 105 -134.27 -55.65 32.88
C SER GB 105 -134.44 -55.19 34.32
N PRO GB 106 -134.80 -56.09 35.23
CA PRO GB 106 -134.96 -55.68 36.63
C PRO GB 106 -133.69 -55.19 37.27
N SER GB 107 -132.53 -55.46 36.67
CA SER GB 107 -131.27 -54.91 37.17
C SER GB 107 -131.01 -53.51 36.66
N THR GB 108 -131.75 -53.05 35.65
CA THR GB 108 -131.53 -51.73 35.07
C THR GB 108 -132.72 -50.80 35.24
N THR GB 109 -133.86 -51.28 35.71
CA THR GB 109 -135.04 -50.46 35.91
C THR GB 109 -135.44 -50.49 37.38
N ALA GB 110 -136.58 -49.87 37.69
CA ALA GB 110 -137.07 -49.81 39.06
C ALA GB 110 -138.56 -49.57 39.05
N ILE GB 111 -139.22 -49.95 40.14
CA ILE GB 111 -140.65 -49.72 40.33
C ILE GB 111 -140.87 -49.19 41.73
N SER GB 112 -141.14 -47.90 41.86
CA SER GB 112 -141.35 -47.27 43.16
C SER GB 112 -142.84 -47.20 43.47
N PHE GB 113 -143.21 -47.64 44.66
CA PHE GB 113 -144.58 -47.61 45.13
C PHE GB 113 -144.67 -46.78 46.40
N THR GB 114 -145.81 -46.13 46.59
CA THR GB 114 -146.00 -45.32 47.78
C THR GB 114 -147.49 -45.19 48.07
N ALA GB 115 -147.80 -44.92 49.33
CA ALA GB 115 -149.17 -44.72 49.80
C ALA GB 115 -149.36 -43.25 50.10
N SER GB 116 -150.29 -42.61 49.39
CA SER GB 116 -150.50 -41.18 49.57
C SER GB 116 -151.04 -40.86 50.95
N ALA GB 117 -151.89 -41.72 51.49
CA ALA GB 117 -152.54 -41.44 52.77
C ALA GB 117 -151.87 -42.18 53.93
N GLU GB 118 -151.71 -43.49 53.82
CA GLU GB 118 -151.21 -44.30 54.92
C GLU GB 118 -149.74 -44.07 55.22
N GLY GB 119 -149.01 -43.39 54.34
CA GLY GB 119 -147.62 -43.04 54.61
C GLY GB 119 -146.63 -44.18 54.48
N ILE GB 120 -146.58 -44.79 53.31
CA ILE GB 120 -145.56 -45.79 52.98
C ILE GB 120 -144.91 -45.37 51.68
N SER GB 121 -143.61 -45.61 51.56
CA SER GB 121 -142.85 -45.27 50.35
C SER GB 121 -141.89 -46.41 50.06
N TYR GB 122 -142.16 -47.16 49.00
CA TYR GB 122 -141.31 -48.26 48.57
C TYR GB 122 -140.57 -47.86 47.30
N SER GB 123 -139.47 -48.55 47.02
CA SER GB 123 -138.65 -48.26 45.86
C SER GB 123 -137.94 -49.52 45.41
N ASN GB 124 -137.91 -49.73 44.10
CA ASN GB 124 -137.20 -50.85 43.49
C ASN GB 124 -137.71 -52.18 44.05
N ILE GB 125 -138.97 -52.46 43.76
CA ILE GB 125 -139.61 -53.71 44.18
C ILE GB 125 -139.87 -54.57 42.95
N TYR GB 126 -139.01 -54.42 41.94
CA TYR GB 126 -139.07 -55.20 40.70
C TYR GB 126 -137.81 -56.05 40.65
N GLU GB 127 -137.94 -57.34 40.91
CA GLU GB 127 -136.80 -58.23 41.06
C GLU GB 127 -136.66 -59.24 39.93
N TYR GB 128 -137.73 -59.94 39.57
CA TYR GB 128 -137.65 -61.07 38.66
C TYR GB 128 -138.48 -60.78 37.41
N THR GB 129 -138.32 -61.65 36.41
CA THR GB 129 -139.05 -61.50 35.16
C THR GB 129 -139.04 -62.83 34.42
N LEU GB 130 -140.04 -63.00 33.55
CA LEU GB 130 -140.16 -64.20 32.73
C LEU GB 130 -139.69 -63.98 31.30
N LEU GB 131 -139.17 -62.79 30.98
CA LEU GB 131 -138.72 -62.51 29.62
C LEU GB 131 -137.45 -63.27 29.26
N THR GB 132 -136.73 -63.80 30.26
CA THR GB 132 -135.48 -64.49 30.01
C THR GB 132 -135.65 -66.00 29.87
N VAL GB 133 -136.64 -66.58 30.53
CA VAL GB 133 -136.80 -68.03 30.51
C VAL GB 133 -137.23 -68.48 29.12
N SER GB 134 -136.83 -69.69 28.75
CA SER GB 134 -137.20 -70.21 27.44
C SER GB 134 -138.47 -71.04 27.54
N PRO GB 135 -139.35 -70.96 26.55
CA PRO GB 135 -140.61 -71.74 26.61
C PRO GB 135 -140.41 -73.23 26.39
N SER GB 136 -139.25 -73.66 25.93
CA SER GB 136 -139.03 -75.08 25.66
C SER GB 136 -139.13 -75.91 26.94
N GLU GB 137 -138.23 -75.65 27.89
CA GLU GB 137 -138.17 -76.50 29.08
C GLU GB 137 -139.24 -76.13 30.10
N LEU GB 138 -139.72 -74.88 30.09
CA LEU GB 138 -140.69 -74.45 31.09
C LEU GB 138 -142.07 -75.04 30.85
N ALA GB 139 -142.28 -75.80 29.78
CA ALA GB 139 -143.62 -76.24 29.43
C ALA GB 139 -143.91 -77.68 29.84
N ASN GB 140 -142.90 -78.48 30.15
CA ASN GB 140 -143.11 -79.92 30.33
C ASN GB 140 -143.33 -80.30 31.79
N GLN GB 141 -142.34 -80.05 32.64
CA GLN GB 141 -142.28 -80.68 33.96
C GLN GB 141 -143.16 -79.92 34.97
N VAL GB 142 -144.46 -80.18 34.86
CA VAL GB 142 -145.42 -79.80 35.90
C VAL GB 142 -146.62 -80.74 35.77
N TYR GB 143 -147.07 -81.29 36.90
CA TYR GB 143 -148.15 -82.26 36.94
C TYR GB 143 -149.29 -81.68 37.78
N ALA GB 144 -150.17 -80.94 37.13
CA ALA GB 144 -151.33 -80.38 37.82
C ALA GB 144 -152.32 -81.48 38.18
N ASN GB 145 -152.83 -82.18 37.16
CA ASN GB 145 -153.76 -83.27 37.39
C ASN GB 145 -153.78 -84.16 36.14
N GLY GB 146 -153.38 -85.40 36.29
CA GLY GB 146 -153.45 -86.35 35.17
C GLY GB 146 -152.44 -86.21 34.07
N GLN GB 147 -152.21 -85.00 33.57
CA GLN GB 147 -151.34 -84.79 32.43
C GLN GB 147 -150.52 -83.52 32.64
N TYR GB 148 -149.47 -83.38 31.82
CA TYR GB 148 -148.58 -82.24 31.87
C TYR GB 148 -149.09 -81.16 30.93
N LEU GB 149 -149.53 -80.03 31.48
CA LEU GB 149 -150.12 -78.97 30.70
C LEU GB 149 -149.06 -78.01 30.22
N ASP GB 150 -149.18 -77.57 28.96
CA ASP GB 150 -148.26 -76.60 28.37
C ASP GB 150 -148.71 -75.20 28.81
N LEU GB 151 -148.01 -74.64 29.80
CA LEU GB 151 -148.43 -73.37 30.37
C LEU GB 151 -148.30 -72.21 29.40
N VAL GB 152 -147.52 -72.36 28.34
CA VAL GB 152 -147.25 -71.28 27.41
C VAL GB 152 -147.62 -71.72 25.99
N ASN GB 153 -148.32 -70.86 25.27
CA ASN GB 153 -148.58 -71.06 23.85
C ASN GB 153 -147.64 -70.19 23.04
N GLN GB 154 -147.36 -70.62 21.82
CA GLN GB 154 -146.40 -69.93 20.97
C GLN GB 154 -146.77 -70.13 19.52
N GLN GB 155 -146.78 -69.04 18.75
CA GLN GB 155 -147.02 -69.08 17.32
C GLN GB 155 -145.76 -68.62 16.58
N THR GB 156 -145.75 -68.86 15.28
CA THR GB 156 -144.60 -68.52 14.45
C THR GB 156 -145.08 -67.92 13.14
N ASN GB 157 -144.47 -66.81 12.75
CA ASN GB 157 -144.80 -66.13 11.50
C ASN GB 157 -143.56 -65.43 10.99
N ALA GB 158 -143.34 -65.51 9.67
CA ALA GB 158 -142.22 -64.88 8.99
C ALA GB 158 -140.87 -65.31 9.56
N GLY GB 159 -140.81 -66.49 10.17
CA GLY GB 159 -139.56 -66.99 10.70
C GLY GB 159 -139.25 -66.53 12.11
N GLN GB 160 -140.24 -66.05 12.85
CA GLN GB 160 -140.06 -65.60 14.23
C GLN GB 160 -141.01 -66.37 15.12
N THR GB 161 -140.47 -67.05 16.12
CA THR GB 161 -141.27 -67.83 17.06
C THR GB 161 -141.74 -66.91 18.17
N TYR GB 162 -142.95 -66.38 18.03
CA TYR GB 162 -143.53 -65.52 19.03
C TYR GB 162 -143.88 -66.32 20.27
N VAL GB 163 -143.77 -65.68 21.43
CA VAL GB 163 -144.10 -66.29 22.72
C VAL GB 163 -144.96 -65.30 23.50
N TYR GB 164 -146.03 -65.81 24.12
CA TYR GB 164 -146.92 -64.97 24.89
C TYR GB 164 -147.64 -65.82 25.92
N TYR GB 165 -148.01 -65.19 27.03
CA TYR GB 165 -148.68 -65.90 28.11
C TYR GB 165 -150.17 -65.58 28.09
N PRO GB 166 -151.03 -66.59 28.13
CA PRO GB 166 -152.47 -66.33 27.98
C PRO GB 166 -153.13 -65.82 29.26
N ASN GB 167 -152.66 -66.28 30.41
CA ASN GB 167 -153.33 -65.98 31.67
C ASN GB 167 -152.31 -65.75 32.78
N PRO GB 168 -152.59 -64.82 33.70
CA PRO GB 168 -151.64 -64.58 34.79
C PRO GB 168 -151.37 -65.80 35.65
N TYR GB 169 -152.41 -66.54 36.05
CA TYR GB 169 -152.21 -67.72 36.88
C TYR GB 169 -151.27 -68.72 36.20
N TYR GB 170 -151.32 -68.81 34.88
CA TYR GB 170 -150.36 -69.64 34.18
C TYR GB 170 -148.95 -69.12 34.36
N ALA GB 171 -148.78 -67.79 34.31
CA ALA GB 171 -147.46 -67.22 34.53
C ALA GB 171 -147.01 -67.39 35.97
N LEU GB 172 -147.93 -67.31 36.92
CA LEU GB 172 -147.58 -67.51 38.32
C LEU GB 172 -146.99 -68.90 38.54
N LEU GB 173 -147.65 -69.93 38.03
CA LEU GB 173 -147.12 -71.28 38.14
C LEU GB 173 -145.75 -71.39 37.47
N ALA GB 174 -145.59 -70.72 36.34
CA ALA GB 174 -144.28 -70.67 35.69
C ALA GB 174 -143.25 -70.02 36.60
N LEU GB 175 -143.64 -68.94 37.28
CA LEU GB 175 -142.71 -68.30 38.21
C LEU GB 175 -142.37 -69.23 39.37
N ASN GB 176 -143.33 -70.05 39.79
CA ASN GB 176 -143.08 -71.00 40.87
C ASN GB 176 -141.97 -71.98 40.49
N TYR GB 177 -142.03 -72.51 39.27
CA TYR GB 177 -141.03 -73.48 38.85
C TYR GB 177 -139.66 -72.83 38.67
N THR GB 178 -139.60 -71.73 37.91
CA THR GB 178 -138.30 -71.16 37.56
C THR GB 178 -137.58 -70.65 38.79
N LEU GB 179 -138.29 -70.02 39.71
CA LEU GB 179 -137.66 -69.53 40.94
C LEU GB 179 -137.12 -70.67 41.79
N SER GB 180 -137.68 -71.87 41.67
CA SER GB 180 -137.22 -72.99 42.49
C SER GB 180 -136.16 -73.82 41.78
N LYS GB 181 -136.18 -73.84 40.45
CA LYS GB 181 -135.33 -74.75 39.69
C LYS GB 181 -134.33 -74.04 38.79
N ILE GB 182 -134.76 -73.05 38.01
CA ILE GB 182 -133.87 -72.43 37.04
C ILE GB 182 -132.84 -71.55 37.74
N ASP GB 183 -133.31 -70.50 38.41
CA ASP GB 183 -132.41 -69.58 39.12
C ASP GB 183 -132.55 -69.86 40.62
N LYS GB 184 -131.57 -70.56 41.17
CA LYS GB 184 -131.61 -70.93 42.58
C LYS GB 184 -131.52 -69.68 43.46
N VAL GB 185 -132.21 -69.73 44.60
CA VAL GB 185 -132.20 -68.67 45.59
C VAL GB 185 -132.55 -69.28 46.93
N SER GB 186 -131.76 -68.96 47.96
CA SER GB 186 -131.95 -69.65 49.25
C SER GB 186 -133.26 -69.26 49.92
N PRO GB 187 -133.66 -67.98 50.00
CA PRO GB 187 -135.03 -67.70 50.44
C PRO GB 187 -135.98 -67.61 49.25
N SER GB 188 -137.07 -68.37 49.31
CA SER GB 188 -138.05 -68.37 48.23
C SER GB 188 -139.08 -67.29 48.51
N PRO GB 189 -139.12 -66.20 47.74
CA PRO GB 189 -140.12 -65.16 48.01
C PRO GB 189 -141.53 -65.58 47.64
N LEU GB 190 -141.69 -66.52 46.71
CA LEU GB 190 -142.99 -66.99 46.29
C LEU GB 190 -142.99 -68.51 46.24
N TYR GB 191 -144.13 -69.09 46.60
CA TYR GB 191 -144.35 -70.52 46.46
C TYR GB 191 -145.85 -70.79 46.43
N ILE GB 192 -146.25 -71.74 45.59
CA ILE GB 192 -147.64 -72.13 45.47
C ILE GB 192 -147.73 -73.66 45.56
N THR GB 193 -148.83 -74.14 46.13
CA THR GB 193 -149.03 -75.57 46.29
C THR GB 193 -150.52 -75.87 46.21
N THR GB 194 -150.83 -77.16 46.02
CA THR GB 194 -152.20 -77.62 45.94
C THR GB 194 -152.66 -78.29 47.23
N THR GB 195 -151.75 -78.62 48.15
CA THR GB 195 -152.12 -79.25 49.40
C THR GB 195 -152.93 -78.28 50.26
N THR GB 196 -153.51 -78.83 51.33
CA THR GB 196 -154.29 -78.00 52.24
C THR GB 196 -153.37 -76.99 52.92
N PRO GB 197 -153.72 -75.70 52.91
CA PRO GB 197 -152.79 -74.69 53.45
C PRO GB 197 -152.46 -74.88 54.92
N SER GB 198 -153.42 -75.32 55.72
CA SER GB 198 -153.16 -75.54 57.14
C SER GB 198 -152.09 -76.61 57.34
N SER GB 199 -152.26 -77.75 56.67
CA SER GB 199 -151.25 -78.81 56.75
C SER GB 199 -149.92 -78.34 56.18
N ALA GB 200 -149.95 -77.51 55.14
CA ALA GB 200 -148.72 -76.96 54.59
C ALA GB 200 -148.00 -76.12 55.62
N THR GB 201 -148.74 -75.36 56.43
CA THR GB 201 -148.11 -74.60 57.50
C THR GB 201 -147.49 -75.51 58.54
N GLN GB 202 -148.07 -76.70 58.74
CA GLN GB 202 -147.50 -77.65 59.68
C GLN GB 202 -146.18 -78.19 59.18
N ILE GB 203 -146.12 -78.55 57.89
CA ILE GB 203 -144.89 -79.11 57.34
C ILE GB 203 -143.91 -78.00 56.98
N TYR GB 204 -144.39 -76.77 56.81
CA TYR GB 204 -143.53 -75.61 56.54
C TYR GB 204 -143.80 -74.54 57.58
N PRO GB 205 -143.00 -74.45 58.64
CA PRO GB 205 -143.28 -73.48 59.71
C PRO GB 205 -143.16 -72.04 59.23
N PHE GB 206 -142.07 -71.72 58.52
CA PHE GB 206 -141.81 -70.34 58.11
C PHE GB 206 -142.52 -69.96 56.82
N LEU GB 207 -143.58 -70.67 56.45
CA LEU GB 207 -144.41 -70.32 55.29
C LEU GB 207 -145.81 -69.89 55.69
N ALA GB 208 -146.03 -69.57 56.97
CA ALA GB 208 -147.35 -69.19 57.44
C ALA GB 208 -147.55 -67.69 57.57
N HIS GB 209 -146.47 -66.92 57.70
CA HIS GB 209 -146.60 -65.48 57.87
C HIS GB 209 -147.04 -64.78 56.58
N ASP GB 210 -146.98 -65.46 55.44
CA ASP GB 210 -147.35 -64.86 54.18
C ASP GB 210 -148.85 -64.73 54.05
N ASN GB 211 -149.31 -63.62 53.47
CA ASN GB 211 -150.71 -63.48 53.14
C ASN GB 211 -151.09 -64.46 52.05
N MET GB 212 -152.25 -65.08 52.21
CA MET GB 212 -152.68 -66.20 51.37
C MET GB 212 -153.83 -65.78 50.46
N PHE GB 213 -153.78 -66.28 49.22
CA PHE GB 213 -154.86 -66.08 48.26
C PHE GB 213 -155.02 -67.37 47.46
N THR GB 214 -156.24 -67.62 47.00
CA THR GB 214 -156.58 -68.88 46.37
C THR GB 214 -157.31 -68.66 45.05
N PHE GB 215 -156.98 -69.49 44.07
CA PHE GB 215 -157.71 -69.55 42.81
C PHE GB 215 -157.81 -71.01 42.38
N THR GB 216 -158.77 -71.29 41.51
CA THR GB 216 -159.09 -72.66 41.10
C THR GB 216 -159.05 -72.78 39.59
N LEU GB 217 -158.58 -73.92 39.12
CA LEU GB 217 -158.53 -74.25 37.70
C LEU GB 217 -159.42 -75.46 37.42
N ASN GB 218 -159.66 -75.70 36.13
CA ASN GB 218 -160.47 -76.82 35.68
C ASN GB 218 -159.62 -77.67 34.74
N ILE GB 219 -159.13 -78.80 35.23
CA ILE GB 219 -158.27 -79.70 34.48
C ILE GB 219 -159.00 -81.02 34.30
N SER GB 220 -159.19 -81.43 33.04
CA SER GB 220 -159.90 -82.67 32.71
C SER GB 220 -161.25 -82.74 33.40
N GLY GB 221 -161.93 -81.61 33.52
CA GLY GB 221 -163.21 -81.54 34.20
C GLY GB 221 -163.13 -81.63 35.70
N THR GB 222 -161.94 -81.57 36.28
CA THR GB 222 -161.74 -81.69 37.72
C THR GB 222 -161.26 -80.37 38.29
N LEU GB 223 -161.95 -79.88 39.32
CA LEU GB 223 -161.56 -78.64 39.97
C LEU GB 223 -160.36 -78.89 40.89
N VAL GB 224 -159.33 -78.06 40.74
CA VAL GB 224 -158.11 -78.19 41.54
C VAL GB 224 -157.81 -76.82 42.15
N THR GB 225 -157.78 -76.76 43.48
CA THR GB 225 -157.48 -75.53 44.18
C THR GB 225 -155.99 -75.25 44.16
N TYR GB 226 -155.64 -73.99 44.41
CA TYR GB 226 -154.25 -73.55 44.39
C TYR GB 226 -154.04 -72.49 45.46
N TYR GB 227 -153.19 -72.79 46.43
CA TYR GB 227 -152.86 -71.85 47.50
C TYR GB 227 -151.41 -71.41 47.35
N ALA GB 228 -151.19 -70.10 47.42
CA ALA GB 228 -149.87 -69.52 47.25
C ALA GB 228 -149.46 -68.75 48.49
N PHE GB 229 -148.16 -68.43 48.56
CA PHE GB 229 -147.61 -67.68 49.68
C PHE GB 229 -146.53 -66.75 49.16
N VAL GB 230 -146.50 -65.53 49.68
CA VAL GB 230 -145.52 -64.52 49.30
C VAL GB 230 -145.07 -63.78 50.55
N ASN GB 231 -143.75 -63.77 50.78
CA ASN GB 231 -143.22 -63.23 52.02
C ASN GB 231 -142.88 -61.75 51.94
N GLN GB 232 -142.80 -61.18 50.73
CA GLN GB 232 -142.49 -59.77 50.58
C GLN GB 232 -142.96 -59.29 49.22
N THR GB 233 -143.43 -58.05 49.17
CA THR GB 233 -143.91 -57.48 47.92
C THR GB 233 -142.79 -57.44 46.89
N PHE GB 234 -143.13 -57.78 45.66
CA PHE GB 234 -142.18 -57.79 44.55
C PHE GB 234 -142.98 -57.75 43.25
N ALA GB 235 -142.28 -57.50 42.15
CA ALA GB 235 -142.92 -57.36 40.85
C ALA GB 235 -142.17 -58.19 39.82
N PHE GB 236 -142.90 -58.61 38.79
CA PHE GB 236 -142.32 -59.38 37.70
C PHE GB 236 -143.05 -59.05 36.41
N THR GB 237 -142.37 -59.28 35.30
CA THR GB 237 -142.92 -59.00 33.97
C THR GB 237 -142.85 -60.24 33.10
N TYR GB 238 -143.90 -60.44 32.29
CA TYR GB 238 -144.00 -61.57 31.39
C TYR GB 238 -144.60 -61.09 30.08
N PRO GB 239 -144.11 -61.60 28.95
CA PRO GB 239 -144.65 -61.14 27.66
C PRO GB 239 -146.10 -61.56 27.47
N VAL GB 240 -146.87 -60.67 26.87
CA VAL GB 240 -148.30 -60.91 26.69
C VAL GB 240 -148.71 -60.93 25.22
N ALA GB 241 -148.05 -60.19 24.34
CA ALA GB 241 -148.44 -60.17 22.94
C ALA GB 241 -147.28 -59.67 22.09
N GLY GB 242 -147.08 -60.32 20.94
CA GLY GB 242 -146.13 -59.89 19.94
C GLY GB 242 -144.73 -59.58 20.43
N ASP GB 243 -144.09 -60.55 21.07
CA ASP GB 243 -142.71 -60.41 21.55
C ASP GB 243 -141.92 -61.60 21.05
N PRO GB 244 -141.50 -61.59 19.78
CA PRO GB 244 -140.69 -62.71 19.27
C PRO GB 244 -139.28 -62.73 19.82
N LEU GB 245 -138.85 -61.66 20.48
CA LEU GB 245 -137.49 -61.55 20.99
C LEU GB 245 -137.44 -62.05 22.44
N ILE GB 246 -137.58 -63.36 22.57
CA ILE GB 246 -137.57 -64.02 23.87
C ILE GB 246 -136.13 -64.15 24.35
N GLY GB 247 -135.95 -64.14 25.67
CA GLY GB 247 -134.64 -64.23 26.27
C GLY GB 247 -133.83 -62.96 26.24
N SER GB 248 -134.15 -62.02 25.36
CA SER GB 248 -133.44 -60.75 25.31
C SER GB 248 -133.84 -59.82 26.46
N ALA GB 249 -134.97 -60.09 27.11
CA ALA GB 249 -135.42 -59.33 28.28
C ALA GB 249 -135.60 -57.84 27.97
N ILE GB 250 -135.88 -57.51 26.71
CA ILE GB 250 -136.16 -56.13 26.32
C ILE GB 250 -137.50 -56.09 25.62
N ALA GB 251 -138.18 -54.96 25.75
CA ALA GB 251 -139.51 -54.80 25.17
C ALA GB 251 -139.39 -54.18 23.79
N PRO GB 252 -139.71 -54.91 22.73
CA PRO GB 252 -139.60 -54.34 21.38
C PRO GB 252 -140.75 -53.39 21.09
N ALA GB 253 -140.56 -52.60 20.03
CA ALA GB 253 -141.58 -51.66 19.61
C ALA GB 253 -142.83 -52.39 19.15
N GLY GB 254 -143.99 -51.80 19.42
CA GLY GB 254 -145.26 -52.39 19.08
C GLY GB 254 -145.67 -53.57 19.91
N SER GB 255 -144.79 -54.09 20.76
CA SER GB 255 -145.11 -55.23 21.61
C SER GB 255 -145.97 -54.79 22.79
N VAL GB 256 -146.55 -55.79 23.47
CA VAL GB 256 -147.31 -55.58 24.69
C VAL GB 256 -146.67 -56.39 25.80
N ILE GB 257 -146.39 -55.74 26.92
CA ILE GB 257 -145.74 -56.36 28.07
C ILE GB 257 -146.70 -56.29 29.25
N GLY GB 258 -146.78 -57.38 30.00
CA GLY GB 258 -147.56 -57.42 31.22
C GLY GB 258 -146.69 -57.21 32.45
N VAL GB 259 -147.25 -56.49 33.41
CA VAL GB 259 -146.57 -56.20 34.68
C VAL GB 259 -147.49 -56.61 35.81
N MET GB 260 -146.98 -57.40 36.74
CA MET GB 260 -147.74 -57.85 37.90
C MET GB 260 -146.93 -57.61 39.16
N ILE GB 261 -147.61 -57.06 40.17
CA ILE GB 261 -147.01 -56.87 41.49
C ILE GB 261 -147.88 -57.59 42.51
N LEU GB 262 -147.25 -58.36 43.38
CA LEU GB 262 -147.94 -59.12 44.41
C LEU GB 262 -147.53 -58.57 45.78
N PHE GB 263 -148.52 -58.15 46.55
CA PHE GB 263 -148.26 -57.55 47.85
C PHE GB 263 -147.68 -58.57 48.83
N GLY GB 264 -146.86 -58.07 49.74
CA GLY GB 264 -146.34 -58.88 50.82
C GLY GB 264 -147.19 -58.72 52.07
N PRO GB 265 -146.90 -59.52 53.10
CA PRO GB 265 -147.67 -59.40 54.35
C PRO GB 265 -147.46 -58.09 55.06
N ASP GB 266 -146.35 -57.39 54.80
CA ASP GB 266 -146.12 -56.11 55.45
C ASP GB 266 -147.15 -55.07 55.02
N LEU GB 267 -147.56 -55.10 53.75
CA LEU GB 267 -148.54 -54.16 53.25
C LEU GB 267 -149.93 -54.77 53.09
N GLY GB 268 -150.02 -56.10 52.95
CA GLY GB 268 -151.30 -56.75 52.78
C GLY GB 268 -152.29 -56.48 53.89
N SER GB 269 -151.81 -56.15 55.09
CA SER GB 269 -152.71 -55.86 56.20
C SER GB 269 -153.57 -54.64 55.93
N HIS GB 270 -153.18 -53.78 54.99
CA HIS GB 270 -153.93 -52.59 54.65
C HIS GB 270 -154.70 -52.80 53.35
N VAL GB 271 -155.75 -52.01 53.17
CA VAL GB 271 -156.54 -51.99 51.95
C VAL GB 271 -156.78 -50.55 51.55
N PHE GB 272 -156.47 -50.21 50.30
CA PHE GB 272 -156.55 -48.84 49.82
C PHE GB 272 -158.01 -48.47 49.57
N GLN GB 273 -158.53 -47.57 50.40
CA GLN GB 273 -159.89 -47.08 50.26
C GLN GB 273 -159.88 -45.57 50.45
N TYR GB 274 -160.48 -44.85 49.51
CA TYR GB 274 -160.52 -43.38 49.54
C TYR GB 274 -159.10 -42.80 49.58
N GLN GB 275 -158.24 -43.34 48.71
CA GLN GB 275 -156.83 -42.94 48.67
C GLN GB 275 -156.37 -42.88 47.23
N THR GB 276 -155.10 -42.50 47.05
CA THR GB 276 -154.49 -42.39 45.73
C THR GB 276 -153.28 -43.31 45.67
N ILE GB 277 -153.10 -43.97 44.53
CA ILE GB 277 -152.00 -44.91 44.31
C ILE GB 277 -151.00 -44.28 43.36
N THR GB 278 -149.71 -44.44 43.67
CA THR GB 278 -148.64 -43.88 42.86
C THR GB 278 -147.59 -44.97 42.60
N ILE GB 279 -147.59 -45.51 41.39
CA ILE GB 279 -146.62 -46.51 40.97
C ILE GB 279 -145.79 -45.93 39.82
N GLN GB 280 -144.50 -46.22 39.83
CA GLN GB 280 -143.58 -45.68 38.83
C GLN GB 280 -142.87 -46.82 38.11
N ILE GB 281 -142.69 -46.64 36.80
CA ILE GB 281 -141.96 -47.57 35.95
C ILE GB 281 -140.80 -46.77 35.37
N THR GB 282 -139.62 -46.88 35.98
CA THR GB 282 -138.48 -46.07 35.58
C THR GB 282 -137.44 -46.91 34.86
N PRO GB 283 -137.38 -46.90 33.53
CA PRO GB 283 -136.33 -47.64 32.83
C PRO GB 283 -134.98 -46.94 32.95
N ASN GB 284 -133.96 -47.50 32.31
CA ASN GB 284 -132.64 -46.87 32.35
C ASN GB 284 -132.51 -45.72 31.36
N ILE GB 285 -133.28 -45.73 30.28
CA ILE GB 285 -133.28 -44.67 29.29
C ILE GB 285 -134.72 -44.28 28.99
N GLY GB 286 -134.95 -42.99 28.80
CA GLY GB 286 -136.26 -42.49 28.40
C GLY GB 286 -137.05 -41.95 29.56
N SER GB 287 -138.21 -41.39 29.22
CA SER GB 287 -139.08 -40.79 30.21
C SER GB 287 -139.79 -41.89 31.02
N PRO GB 288 -139.90 -41.73 32.33
CA PRO GB 288 -140.57 -42.75 33.14
C PRO GB 288 -142.08 -42.76 32.93
N LEU GB 289 -142.77 -43.64 33.65
CA LEU GB 289 -144.22 -43.75 33.61
C LEU GB 289 -144.75 -43.75 35.04
N THR GB 290 -145.49 -42.70 35.39
CA THR GB 290 -145.99 -42.52 36.75
C THR GB 290 -147.48 -42.83 36.77
N ILE GB 291 -147.85 -43.88 37.48
CA ILE GB 291 -149.24 -44.26 37.65
C ILE GB 291 -149.84 -43.38 38.74
N SER GB 292 -150.99 -42.77 38.44
CA SER GB 292 -151.70 -41.94 39.41
C SER GB 292 -153.19 -42.22 39.27
N GLU GB 293 -153.80 -42.71 40.34
CA GLU GB 293 -155.20 -43.10 40.27
C GLU GB 293 -155.76 -43.18 41.69
N TYR GB 294 -157.03 -42.81 41.83
CA TYR GB 294 -157.70 -42.74 43.12
C TYR GB 294 -158.74 -43.85 43.22
N VAL GB 295 -158.68 -44.62 44.31
CA VAL GB 295 -159.67 -45.65 44.59
C VAL GB 295 -160.45 -45.27 45.84
N TYR GB 296 -161.73 -45.62 45.84
CA TYR GB 296 -162.57 -45.40 47.02
C TYR GB 296 -163.48 -46.56 47.39
N GLN GB 297 -163.73 -47.51 46.48
CA GLN GB 297 -164.59 -48.66 46.76
C GLN GB 297 -163.86 -49.91 46.29
N PRO GB 298 -163.93 -51.01 47.04
CA PRO GB 298 -163.32 -52.26 46.56
C PRO GB 298 -164.08 -52.88 45.40
N GLU GB 299 -165.41 -52.88 45.46
CA GLU GB 299 -166.27 -53.40 44.41
C GLU GB 299 -165.97 -54.88 44.13
N GLY GB 300 -166.22 -55.69 45.16
CA GLY GB 300 -166.12 -57.13 45.02
C GLY GB 300 -164.69 -57.64 45.10
N SER GB 301 -164.57 -58.96 44.90
CA SER GB 301 -163.27 -59.60 44.98
C SER GB 301 -162.35 -59.23 43.82
N VAL GB 302 -162.91 -58.91 42.66
CA VAL GB 302 -162.14 -58.46 41.50
C VAL GB 302 -162.55 -57.03 41.19
N SER GB 303 -161.60 -56.24 40.70
CA SER GB 303 -161.82 -54.84 40.40
C SER GB 303 -161.43 -54.54 38.96
N VAL GB 304 -161.72 -53.32 38.54
CA VAL GB 304 -161.40 -52.86 37.19
C VAL GB 304 -160.58 -51.57 37.21
N ILE GB 305 -160.52 -50.86 38.33
CA ILE GB 305 -159.76 -49.62 38.41
C ILE GB 305 -159.00 -49.56 39.72
N LEU HB 19 56.33 8.26 -11.85
CA LEU HB 19 55.24 9.01 -11.23
C LEU HB 19 54.00 8.13 -11.07
N ALA HB 20 52.93 8.74 -10.56
CA ALA HB 20 51.66 8.07 -10.40
C ALA HB 20 50.61 8.51 -11.40
N GLY HB 21 50.95 9.46 -12.29
CA GLY HB 21 49.96 9.95 -13.23
C GLY HB 21 49.50 8.86 -14.20
N LEU HB 22 50.44 8.11 -14.76
CA LEU HB 22 50.09 7.01 -15.65
C LEU HB 22 49.28 5.96 -14.90
N ASP HB 23 49.70 5.61 -13.69
CA ASP HB 23 48.98 4.63 -12.89
C ASP HB 23 47.59 5.14 -12.53
N THR HB 24 47.50 6.42 -12.16
CA THR HB 24 46.20 6.98 -11.82
C THR HB 24 45.25 6.95 -13.01
N ALA HB 25 45.76 7.28 -14.20
CA ALA HB 25 44.92 7.26 -15.39
C ALA HB 25 44.45 5.85 -15.71
N ILE HB 26 45.35 4.87 -15.56
CA ILE HB 26 44.98 3.48 -15.81
C ILE HB 26 43.90 3.03 -14.83
N ILE HB 27 44.04 3.41 -13.55
CA ILE HB 27 43.07 3.03 -12.54
C ILE HB 27 41.73 3.69 -12.81
N LEU HB 28 41.75 4.96 -13.24
CA LEU HB 28 40.51 5.67 -13.52
C LEU HB 28 39.79 5.03 -14.70
N ILE HB 29 40.53 4.65 -15.74
CA ILE HB 29 39.94 4.00 -16.90
C ILE HB 29 39.28 2.68 -16.50
N ALA HB 30 39.98 1.89 -15.68
CA ALA HB 30 39.45 0.62 -15.22
C ALA HB 30 38.17 0.83 -14.42
N PHE HB 31 38.17 1.84 -13.54
CA PHE HB 31 37.00 2.07 -12.71
C PHE HB 31 35.82 2.55 -13.54
N ILE HB 32 36.08 3.38 -14.56
CA ILE HB 32 35.00 3.87 -15.40
C ILE HB 32 34.38 2.73 -16.19
N ILE HB 33 35.22 1.81 -16.68
CA ILE HB 33 34.70 0.67 -17.44
C ILE HB 33 33.84 -0.22 -16.56
N THR HB 34 34.30 -0.45 -15.33
CA THR HB 34 33.52 -1.25 -14.38
C THR HB 34 32.18 -0.58 -14.08
N ALA HB 35 32.19 0.73 -13.87
CA ALA HB 35 30.95 1.45 -13.57
C ALA HB 35 29.99 1.40 -14.75
N SER HB 36 30.52 1.55 -15.97
CA SER HB 36 29.65 1.54 -17.15
C SER HB 36 29.02 0.16 -17.34
N VAL HB 37 29.78 -0.90 -17.09
CA VAL HB 37 29.22 -2.25 -17.30
C VAL HB 37 28.17 -2.54 -16.23
N LEU HB 38 28.38 -2.06 -15.00
CA LEU HB 38 27.36 -2.21 -13.97
C LEU HB 38 26.09 -1.48 -14.37
N ALA HB 39 26.24 -0.26 -14.88
CA ALA HB 39 25.08 0.54 -15.28
C ALA HB 39 24.30 -0.12 -16.41
N TYR HB 40 25.03 -0.63 -17.41
CA TYR HB 40 24.44 -1.37 -18.52
C TYR HB 40 23.56 -2.50 -18.00
N VAL HB 41 24.14 -3.32 -17.12
CA VAL HB 41 23.43 -4.47 -16.57
C VAL HB 41 22.21 -4.02 -15.77
N ALA HB 42 22.36 -2.96 -14.98
CA ALA HB 42 21.25 -2.52 -14.14
C ALA HB 42 20.09 -2.01 -14.99
N ILE HB 43 20.39 -1.28 -16.07
CA ILE HB 43 19.34 -0.73 -16.91
C ILE HB 43 18.59 -1.85 -17.60
N ASN HB 44 19.31 -2.86 -18.07
CA ASN HB 44 18.67 -3.99 -18.73
C ASN HB 44 17.73 -4.70 -17.76
N MET HB 45 18.19 -4.91 -16.53
CA MET HB 45 17.37 -5.61 -15.55
C MET HB 45 16.15 -4.79 -15.15
N GLY HB 46 16.31 -3.47 -15.03
CA GLY HB 46 15.17 -2.64 -14.68
C GLY HB 46 14.10 -2.65 -15.75
N LEU HB 47 14.52 -2.60 -17.02
CA LEU HB 47 13.57 -2.64 -18.13
C LEU HB 47 12.82 -3.97 -18.14
N PHE HB 48 13.55 -5.07 -17.91
CA PHE HB 48 12.92 -6.38 -17.90
C PHE HB 48 11.91 -6.49 -16.77
N VAL HB 49 12.25 -5.97 -15.59
CA VAL HB 49 11.36 -6.08 -14.45
C VAL HB 49 10.12 -5.22 -14.66
N THR HB 50 10.28 -4.05 -15.27
CA THR HB 50 9.11 -3.19 -15.51
C THR HB 50 8.16 -3.82 -16.51
N GLN HB 51 8.71 -4.47 -17.55
CA GLN HB 51 7.87 -5.14 -18.53
C GLN HB 51 7.13 -6.32 -17.88
N LYS HB 52 7.81 -7.06 -17.01
CA LYS HB 52 7.18 -8.17 -16.30
C LYS HB 52 6.07 -7.67 -15.39
N ALA HB 53 6.31 -6.57 -14.69
CA ALA HB 53 5.30 -6.02 -13.78
C ALA HB 53 4.09 -5.53 -14.55
N LYS HB 54 4.30 -4.90 -15.71
CA LYS HB 54 3.19 -4.44 -16.52
C LYS HB 54 2.34 -5.61 -17.00
N SER HB 55 3.00 -6.68 -17.45
CA SER HB 55 2.29 -7.89 -17.88
C SER HB 55 1.49 -8.48 -16.74
N THR HB 56 2.08 -8.53 -15.55
CA THR HB 56 1.40 -9.09 -14.39
C THR HB 56 0.19 -8.25 -13.99
N ILE HB 57 0.33 -6.92 -14.02
CA ILE HB 57 -0.78 -6.04 -13.69
C ILE HB 57 -1.94 -6.27 -14.65
N ASN HB 58 -1.63 -6.38 -15.94
CA ASN HB 58 -2.66 -6.59 -16.95
C ASN HB 58 -3.36 -7.92 -16.73
N LYS HB 59 -2.59 -8.96 -16.42
CA LYS HB 59 -3.17 -10.27 -16.19
C LYS HB 59 -4.04 -10.29 -14.94
N GLY HB 60 -3.62 -9.58 -13.89
CA GLY HB 60 -4.43 -9.53 -12.67
C GLY HB 60 -5.73 -8.78 -12.89
N GLU HB 61 -5.68 -7.70 -13.65
CA GLU HB 61 -6.89 -6.95 -13.97
C GLU HB 61 -7.86 -7.82 -14.78
N GLU HB 62 -7.33 -8.56 -15.74
CA GLU HB 62 -8.18 -9.44 -16.55
C GLU HB 62 -8.79 -10.54 -15.69
N THR HB 63 -8.01 -11.11 -14.76
CA THR HB 63 -8.52 -12.16 -13.88
C THR HB 63 -9.64 -11.63 -13.00
N ALA HB 64 -9.45 -10.42 -12.44
CA ALA HB 64 -10.46 -9.82 -11.59
C ALA HB 64 -11.72 -9.48 -12.39
N SER HB 65 -11.56 -9.07 -13.65
CA SER HB 65 -12.74 -8.76 -14.45
C SER HB 65 -13.53 -10.00 -14.83
N THR HB 66 -12.89 -10.96 -15.51
CA THR HB 66 -13.60 -12.11 -16.08
C THR HB 66 -14.39 -12.87 -15.02
N ALA HB 67 -15.59 -13.30 -15.39
CA ALA HB 67 -16.46 -14.10 -14.53
C ALA HB 67 -17.66 -14.58 -15.34
N LEU HB 68 -18.19 -15.74 -14.96
CA LEU HB 68 -19.40 -16.29 -15.56
C LEU HB 68 -20.55 -16.27 -14.56
N THR HB 69 -21.76 -16.56 -15.04
CA THR HB 69 -22.84 -16.86 -14.12
C THR HB 69 -23.88 -17.66 -14.89
N LEU HB 70 -24.95 -17.99 -14.19
CA LEU HB 70 -26.01 -18.84 -14.73
C LEU HB 70 -27.24 -17.99 -15.04
N SER HB 71 -27.69 -18.05 -16.29
CA SER HB 71 -28.88 -17.33 -16.73
C SER HB 71 -29.84 -18.34 -17.34
N GLY HB 72 -30.66 -18.96 -16.50
CA GLY HB 72 -31.60 -19.97 -16.96
C GLY HB 72 -31.60 -21.20 -16.07
N SER HB 73 -32.78 -21.77 -15.84
CA SER HB 73 -32.90 -22.87 -14.90
C SER HB 73 -32.16 -24.11 -15.39
N VAL HB 74 -32.17 -25.15 -14.56
CA VAL HB 74 -31.47 -26.39 -14.83
C VAL HB 74 -32.49 -27.48 -15.14
N LEU HB 75 -32.52 -27.93 -16.39
CA LEU HB 75 -33.48 -28.94 -16.81
C LEU HB 75 -32.81 -30.31 -16.74
N TYR HB 76 -33.34 -31.17 -15.89
CA TYR HB 76 -32.83 -32.53 -15.68
C TYR HB 76 -33.87 -33.49 -16.23
N ALA HB 77 -33.45 -34.44 -17.05
CA ALA HB 77 -34.37 -35.35 -17.72
C ALA HB 77 -34.34 -36.72 -17.06
N VAL HB 78 -35.51 -37.32 -16.88
CA VAL HB 78 -35.64 -38.58 -16.17
C VAL HB 78 -36.89 -39.29 -16.67
N ASN HB 79 -36.84 -40.61 -16.71
CA ASN HB 79 -38.03 -41.40 -17.05
C ASN HB 79 -39.08 -41.20 -15.95
N TYR HB 80 -40.14 -40.46 -16.29
CA TYR HB 80 -41.02 -39.91 -15.27
C TYR HB 80 -41.83 -40.96 -14.52
N PRO HB 81 -42.46 -41.96 -15.15
CA PRO HB 81 -43.25 -42.92 -14.37
C PRO HB 81 -42.43 -43.64 -13.32
N SER HB 82 -41.39 -44.34 -13.76
CA SER HB 82 -40.51 -45.09 -12.86
C SER HB 82 -39.15 -44.43 -12.91
N ASN HB 83 -38.83 -43.64 -11.88
CA ASN HB 83 -37.59 -42.86 -11.85
C ASN HB 83 -36.42 -43.82 -11.65
N THR HB 84 -35.97 -44.40 -12.76
CA THR HB 84 -34.92 -45.41 -12.74
C THR HB 84 -33.65 -44.99 -13.47
N ARG HB 85 -33.76 -44.15 -14.48
CA ARG HB 85 -32.61 -43.75 -15.28
C ARG HB 85 -32.45 -42.23 -15.28
N SER HB 86 -31.30 -41.77 -15.77
CA SER HB 86 -31.01 -40.36 -15.93
C SER HB 86 -30.38 -40.13 -17.29
N TYR HB 87 -30.92 -39.19 -18.06
CA TYR HB 87 -30.44 -38.93 -19.42
C TYR HB 87 -29.52 -37.71 -19.50
N TRP HB 88 -30.04 -36.53 -19.14
CA TRP HB 88 -29.24 -35.35 -19.40
C TRP HB 88 -29.59 -34.21 -18.44
N ILE HB 89 -28.69 -33.25 -18.44
CA ILE HB 89 -28.83 -32.01 -17.68
C ILE HB 89 -28.44 -30.82 -18.55
N TYR HB 90 -29.35 -29.88 -18.70
CA TYR HB 90 -29.16 -28.74 -19.59
C TYR HB 90 -29.22 -27.44 -18.79
N PHE HB 91 -28.32 -26.51 -19.12
CA PHE HB 91 -28.34 -25.18 -18.50
C PHE HB 91 -27.56 -24.13 -19.29
N THR HB 92 -28.11 -22.92 -19.30
CA THR HB 92 -27.46 -21.79 -19.96
C THR HB 92 -26.47 -21.10 -19.03
N VAL HB 93 -25.45 -20.51 -19.64
CA VAL HB 93 -24.37 -19.82 -18.93
C VAL HB 93 -24.06 -18.55 -19.70
N SER HB 94 -23.52 -17.56 -18.99
CA SER HB 94 -23.24 -16.27 -19.64
C SER HB 94 -22.20 -15.50 -18.85
N PRO HB 95 -21.33 -14.76 -19.51
CA PRO HB 95 -20.45 -13.83 -18.79
C PRO HB 95 -21.24 -12.98 -17.82
N SER HB 96 -20.67 -12.81 -16.62
CA SER HB 96 -21.42 -12.34 -15.45
C SER HB 96 -22.15 -11.03 -15.72
N SER HB 97 -21.41 -9.97 -15.98
CA SER HB 97 -21.94 -8.73 -16.49
C SER HB 97 -21.32 -8.46 -17.85
N GLY HB 98 -21.68 -7.33 -18.44
CA GLY HB 98 -21.04 -6.96 -19.70
C GLY HB 98 -19.63 -6.46 -19.45
N VAL HB 99 -18.78 -7.31 -18.89
CA VAL HB 99 -17.46 -6.92 -18.44
C VAL HB 99 -16.36 -7.42 -19.38
N SER HB 100 -16.39 -8.71 -19.72
CA SER HB 100 -15.30 -9.29 -20.50
C SER HB 100 -15.69 -10.70 -20.92
N SER HB 101 -15.06 -11.15 -22.01
CA SER HB 101 -15.35 -12.45 -22.61
C SER HB 101 -14.40 -13.50 -22.06
N VAL HB 102 -14.95 -14.65 -21.68
CA VAL HB 102 -14.17 -15.77 -21.18
C VAL HB 102 -14.08 -16.82 -22.28
N GLU HB 103 -12.95 -17.52 -22.32
CA GLU HB 103 -12.73 -18.56 -23.33
C GLU HB 103 -13.14 -19.91 -22.76
N LEU HB 104 -13.99 -20.63 -23.51
CA LEU HB 104 -14.55 -21.90 -23.08
C LEU HB 104 -14.05 -23.04 -23.95
N SER HB 105 -12.78 -23.02 -24.31
CA SER HB 105 -12.21 -24.10 -25.09
C SER HB 105 -12.18 -25.37 -24.26
N PRO HB 106 -12.61 -26.51 -24.80
CA PRO HB 106 -12.63 -27.74 -23.99
C PRO HB 106 -11.26 -28.28 -23.69
N SER HB 107 -10.25 -27.91 -24.47
CA SER HB 107 -8.90 -28.38 -24.22
C SER HB 107 -8.22 -27.67 -23.06
N THR HB 108 -8.85 -26.63 -22.49
CA THR HB 108 -8.21 -25.88 -21.43
C THR HB 108 -9.16 -25.51 -20.29
N THR HB 109 -10.41 -25.96 -20.32
CA THR HB 109 -11.34 -25.72 -19.23
C THR HB 109 -11.88 -27.05 -18.73
N ALA HB 110 -12.44 -27.01 -17.52
CA ALA HB 110 -12.87 -28.23 -16.84
C ALA HB 110 -14.27 -28.08 -16.28
N ILE HB 111 -14.97 -29.22 -16.20
CA ILE HB 111 -16.31 -29.31 -15.64
C ILE HB 111 -16.36 -30.50 -14.69
N SER HB 112 -16.67 -30.23 -13.43
CA SER HB 112 -16.64 -31.24 -12.38
C SER HB 112 -18.04 -31.40 -11.80
N PHE HB 113 -18.53 -32.63 -11.75
CA PHE HB 113 -19.89 -32.93 -11.32
C PHE HB 113 -19.85 -33.86 -10.11
N THR HB 114 -20.54 -33.49 -9.04
CA THR HB 114 -20.54 -34.26 -7.81
C THR HB 114 -21.96 -34.51 -7.34
N ALA HB 115 -22.24 -35.73 -6.91
CA ALA HB 115 -23.48 -36.07 -6.23
C ALA HB 115 -23.13 -36.62 -4.87
N SER HB 116 -23.76 -36.06 -3.83
CA SER HB 116 -23.35 -36.40 -2.47
C SER HB 116 -23.75 -37.82 -2.10
N ALA HB 117 -25.05 -38.11 -2.07
CA ALA HB 117 -25.55 -39.33 -1.45
C ALA HB 117 -24.90 -40.57 -2.04
N GLU HB 118 -24.96 -40.72 -3.36
CA GLU HB 118 -24.29 -41.87 -3.98
C GLU HB 118 -22.78 -41.80 -3.89
N GLY HB 119 -22.23 -40.66 -3.46
CA GLY HB 119 -20.80 -40.53 -3.36
C GLY HB 119 -20.08 -40.54 -4.67
N ILE HB 120 -20.55 -39.82 -5.68
CA ILE HB 120 -19.91 -39.88 -6.99
C ILE HB 120 -19.35 -38.51 -7.33
N SER HB 121 -18.18 -38.49 -7.96
CA SER HB 121 -17.56 -37.24 -8.35
C SER HB 121 -16.73 -37.46 -9.60
N TYR HB 122 -16.91 -36.60 -10.58
CA TYR HB 122 -16.13 -36.59 -11.80
C TYR HB 122 -15.19 -35.39 -11.77
N SER HB 123 -14.45 -35.22 -12.86
CA SER HB 123 -13.56 -34.07 -13.02
C SER HB 123 -13.24 -33.93 -14.49
N ASN HB 124 -13.55 -32.78 -15.07
CA ASN HB 124 -13.29 -32.49 -16.47
C ASN HB 124 -14.02 -33.49 -17.38
N ILE HB 125 -15.35 -33.48 -17.28
CA ILE HB 125 -16.18 -34.17 -18.25
C ILE HB 125 -16.38 -33.36 -19.52
N TYR HB 126 -15.85 -32.15 -19.57
CA TYR HB 126 -15.97 -31.29 -20.73
C TYR HB 126 -15.06 -31.83 -21.83
N GLU HB 127 -15.65 -32.25 -22.94
CA GLU HB 127 -14.89 -32.91 -23.99
C GLU HB 127 -14.99 -32.24 -25.34
N TYR HB 128 -16.16 -31.77 -25.75
CA TYR HB 128 -16.34 -31.18 -27.07
C TYR HB 128 -17.19 -29.93 -26.96
N THR HB 129 -17.13 -29.11 -28.01
CA THR HB 129 -17.92 -27.89 -28.09
C THR HB 129 -18.29 -27.64 -29.54
N LEU HB 130 -19.45 -27.02 -29.74
CA LEU HB 130 -19.94 -26.70 -31.08
C LEU HB 130 -19.70 -25.26 -31.46
N LEU HB 131 -18.96 -24.51 -30.64
CA LEU HB 131 -18.66 -23.12 -30.99
C LEU HB 131 -17.63 -23.05 -32.10
N THR HB 132 -16.87 -24.11 -32.33
CA THR HB 132 -15.81 -24.08 -33.32
C THR HB 132 -16.29 -24.46 -34.71
N VAL HB 133 -17.44 -25.14 -34.84
CA VAL HB 133 -17.89 -25.57 -36.15
C VAL HB 133 -18.48 -24.39 -36.90
N SER HB 134 -18.38 -24.45 -38.23
CA SER HB 134 -18.93 -23.38 -39.05
C SER HB 134 -20.26 -23.81 -39.66
N PRO HB 135 -21.26 -22.93 -39.68
CA PRO HB 135 -22.58 -23.32 -40.18
C PRO HB 135 -22.62 -23.64 -41.66
N SER HB 136 -21.52 -23.48 -42.38
CA SER HB 136 -21.49 -23.81 -43.80
C SER HB 136 -21.36 -25.31 -44.06
N GLU HB 137 -21.34 -26.13 -43.00
CA GLU HB 137 -21.22 -27.57 -43.15
C GLU HB 137 -22.41 -28.34 -42.59
N LEU HB 138 -22.97 -27.91 -41.46
CA LEU HB 138 -23.99 -28.69 -40.80
C LEU HB 138 -25.29 -28.70 -41.57
N ALA HB 139 -25.68 -27.55 -42.11
CA ALA HB 139 -26.97 -27.42 -42.79
C ALA HB 139 -27.00 -28.07 -44.16
N ASN HB 140 -26.03 -28.89 -44.52
CA ASN HB 140 -26.00 -29.45 -45.86
C ASN HB 140 -26.39 -30.93 -45.91
N GLN HB 141 -25.80 -31.77 -45.04
CA GLN HB 141 -26.05 -33.21 -45.11
C GLN HB 141 -26.61 -33.74 -43.80
N VAL HB 142 -27.93 -33.63 -43.66
CA VAL HB 142 -28.70 -34.39 -42.67
C VAL HB 142 -30.17 -34.29 -43.05
N TYR HB 143 -30.89 -35.41 -42.97
CA TYR HB 143 -32.31 -35.40 -43.35
C TYR HB 143 -32.94 -36.73 -42.97
N ALA HB 144 -34.26 -36.75 -43.01
CA ALA HB 144 -35.04 -37.96 -42.87
C ALA HB 144 -36.16 -38.07 -43.90
N ASN HB 145 -36.37 -37.05 -44.71
CA ASN HB 145 -37.38 -37.03 -45.76
C ASN HB 145 -36.85 -36.18 -46.91
N GLY HB 146 -37.73 -35.76 -47.80
CA GLY HB 146 -37.34 -35.00 -48.96
C GLY HB 146 -36.64 -33.67 -48.69
N GLN HB 147 -36.50 -33.30 -47.42
CA GLN HB 147 -35.92 -32.02 -47.04
C GLN HB 147 -34.72 -32.23 -46.13
N TYR HB 148 -33.60 -31.57 -46.46
CA TYR HB 148 -32.45 -31.51 -45.59
C TYR HB 148 -32.73 -30.48 -44.51
N LEU HB 149 -33.07 -30.95 -43.31
CA LEU HB 149 -33.46 -30.04 -42.24
C LEU HB 149 -32.28 -29.17 -41.83
N ASP HB 150 -32.59 -27.90 -41.53
CA ASP HB 150 -31.58 -26.93 -41.13
C ASP HB 150 -31.53 -26.86 -39.62
N LEU HB 151 -30.35 -27.06 -39.05
CA LEU HB 151 -30.22 -27.06 -37.60
C LEU HB 151 -29.87 -25.68 -37.07
N VAL HB 152 -28.75 -25.13 -37.50
CA VAL HB 152 -28.28 -23.84 -37.00
C VAL HB 152 -29.13 -22.73 -37.61
N ASN HB 153 -29.49 -21.75 -36.79
CA ASN HB 153 -30.12 -20.55 -37.33
C ASN HB 153 -29.07 -19.47 -37.31
N GLN HB 154 -29.24 -18.46 -38.16
CA GLN HB 154 -28.24 -17.42 -38.30
C GLN HB 154 -28.87 -16.14 -38.82
N GLN HB 155 -28.42 -15.01 -38.27
CA GLN HB 155 -28.89 -13.69 -38.66
C GLN HB 155 -27.70 -12.81 -38.99
N THR HB 156 -27.98 -11.70 -39.67
CA THR HB 156 -26.95 -10.71 -39.99
C THR HB 156 -27.33 -9.38 -39.38
N ASN HB 157 -26.35 -8.69 -38.81
CA ASN HB 157 -26.60 -7.41 -38.14
C ASN HB 157 -25.27 -6.70 -37.96
N ALA HB 158 -25.19 -5.46 -38.42
CA ALA HB 158 -24.01 -4.61 -38.27
C ALA HB 158 -22.77 -5.23 -38.90
N GLY HB 159 -22.96 -6.03 -39.94
CA GLY HB 159 -21.85 -6.61 -40.67
C GLY HB 159 -21.26 -7.85 -40.03
N GLN HB 160 -21.90 -8.44 -39.04
CA GLN HB 160 -21.42 -9.65 -38.40
C GLN HB 160 -22.54 -10.68 -38.38
N THR HB 161 -22.19 -11.94 -38.62
CA THR HB 161 -23.16 -13.02 -38.65
C THR HB 161 -23.27 -13.64 -37.28
N TYR HB 162 -24.48 -13.61 -36.71
CA TYR HB 162 -24.72 -14.15 -35.39
C TYR HB 162 -25.45 -15.47 -35.56
N VAL HB 163 -24.84 -16.56 -35.13
CA VAL HB 163 -25.41 -17.89 -35.32
C VAL HB 163 -25.74 -18.49 -33.97
N TYR HB 164 -26.69 -19.43 -33.99
CA TYR HB 164 -27.11 -20.12 -32.77
C TYR HB 164 -27.81 -21.42 -33.11
N TYR HB 165 -28.16 -22.17 -32.06
CA TYR HB 165 -28.83 -23.45 -32.16
C TYR HB 165 -30.14 -23.39 -31.40
N PRO HB 166 -31.28 -23.65 -32.04
CA PRO HB 166 -32.58 -23.40 -31.40
C PRO HB 166 -33.11 -24.57 -30.60
N ASN HB 167 -32.35 -25.65 -30.40
CA ASN HB 167 -32.95 -26.83 -29.80
C ASN HB 167 -31.84 -27.75 -29.31
N PRO HB 168 -31.95 -28.31 -28.10
CA PRO HB 168 -31.01 -29.38 -27.72
C PRO HB 168 -31.04 -30.57 -28.67
N TYR HB 169 -32.18 -30.90 -29.24
CA TYR HB 169 -32.22 -32.01 -30.20
C TYR HB 169 -31.45 -31.67 -31.47
N TYR HB 170 -31.59 -30.44 -31.97
CA TYR HB 170 -30.80 -30.03 -33.12
C TYR HB 170 -29.31 -30.00 -32.77
N ALA HB 171 -28.97 -29.53 -31.58
CA ALA HB 171 -27.59 -29.51 -31.15
C ALA HB 171 -27.00 -30.92 -31.10
N LEU HB 172 -27.77 -31.87 -30.55
CA LEU HB 172 -27.34 -33.26 -30.49
C LEU HB 172 -27.16 -33.85 -31.88
N LEU HB 173 -28.10 -33.59 -32.79
CA LEU HB 173 -28.01 -34.09 -34.15
C LEU HB 173 -26.82 -33.49 -34.89
N ALA HB 174 -26.49 -32.24 -34.60
CA ALA HB 174 -25.31 -31.64 -35.20
C ALA HB 174 -24.02 -32.20 -34.61
N LEU HB 175 -23.98 -32.40 -33.29
CA LEU HB 175 -22.79 -32.94 -32.66
C LEU HB 175 -22.52 -34.36 -33.10
N ASN HB 176 -23.57 -35.13 -33.36
CA ASN HB 176 -23.41 -36.46 -33.93
C ASN HB 176 -22.55 -36.40 -35.19
N TYR HB 177 -22.97 -35.57 -36.14
CA TYR HB 177 -22.24 -35.46 -37.40
C TYR HB 177 -20.86 -34.85 -37.20
N THR HB 178 -20.74 -33.91 -36.26
CA THR HB 178 -19.45 -33.30 -35.97
C THR HB 178 -18.45 -34.36 -35.54
N LEU HB 179 -18.84 -35.17 -34.55
CA LEU HB 179 -17.99 -36.24 -34.05
C LEU HB 179 -17.72 -37.28 -35.13
N SER HB 180 -18.71 -37.55 -36.00
CA SER HB 180 -18.47 -38.56 -37.03
C SER HB 180 -17.47 -38.08 -38.08
N LYS HB 181 -17.61 -36.86 -38.58
CA LYS HB 181 -16.88 -36.47 -39.78
C LYS HB 181 -16.01 -35.23 -39.60
N ILE HB 182 -16.50 -34.23 -38.87
CA ILE HB 182 -15.79 -32.96 -38.78
C ILE HB 182 -14.42 -33.13 -38.15
N ASP HB 183 -14.31 -34.01 -37.14
CA ASP HB 183 -13.01 -34.36 -36.58
C ASP HB 183 -12.93 -35.87 -36.48
N LYS HB 184 -11.90 -36.45 -37.10
CA LYS HB 184 -11.79 -37.90 -37.23
C LYS HB 184 -11.43 -38.56 -35.91
N VAL HB 185 -12.43 -38.93 -35.12
CA VAL HB 185 -12.24 -39.71 -33.91
C VAL HB 185 -12.73 -41.12 -34.17
N SER HB 186 -11.97 -42.11 -33.72
CA SER HB 186 -12.37 -43.50 -33.97
C SER HB 186 -13.45 -43.94 -32.98
N PRO HB 187 -13.31 -43.70 -31.66
CA PRO HB 187 -14.47 -43.93 -30.78
C PRO HB 187 -15.32 -42.67 -30.66
N SER HB 188 -16.60 -42.77 -31.02
CA SER HB 188 -17.50 -41.63 -30.90
C SER HB 188 -18.41 -41.84 -29.71
N PRO HB 189 -18.37 -40.98 -28.70
CA PRO HB 189 -19.20 -41.19 -27.50
C PRO HB 189 -20.69 -41.06 -27.76
N LEU HB 190 -21.10 -40.52 -28.90
CA LEU HB 190 -22.51 -40.28 -29.19
C LEU HB 190 -22.86 -40.93 -30.52
N TYR HB 191 -23.93 -41.72 -30.53
CA TYR HB 191 -24.40 -42.35 -31.77
C TYR HB 191 -25.91 -42.22 -31.81
N ILE HB 192 -26.39 -41.25 -32.60
CA ILE HB 192 -27.83 -41.05 -32.79
C ILE HB 192 -28.26 -41.83 -34.02
N THR HB 193 -29.28 -42.67 -33.87
CA THR HB 193 -29.73 -43.54 -34.93
C THR HB 193 -31.25 -43.47 -35.11
N THR HB 194 -31.68 -43.56 -36.37
CA THR HB 194 -33.10 -43.59 -36.68
C THR HB 194 -33.68 -45.00 -36.67
N THR HB 195 -32.84 -46.03 -36.76
CA THR HB 195 -33.33 -47.40 -36.75
C THR HB 195 -33.80 -47.78 -35.34
N THR HB 196 -34.72 -48.73 -35.29
CA THR HB 196 -35.21 -49.18 -34.00
C THR HB 196 -34.09 -49.84 -33.20
N PRO HB 197 -34.07 -49.69 -31.88
CA PRO HB 197 -32.98 -50.26 -31.09
C PRO HB 197 -32.91 -51.78 -31.13
N SER HB 198 -34.06 -52.46 -31.23
CA SER HB 198 -34.06 -53.92 -31.28
C SER HB 198 -33.19 -54.43 -32.43
N SER HB 199 -33.13 -53.68 -33.52
CA SER HB 199 -32.26 -54.03 -34.64
C SER HB 199 -30.91 -53.32 -34.60
N ALA HB 200 -30.85 -52.12 -34.00
CA ALA HB 200 -29.58 -51.42 -33.91
C ALA HB 200 -28.60 -52.19 -33.05
N THR HB 201 -29.07 -52.76 -31.94
CA THR HB 201 -28.22 -53.50 -31.02
C THR HB 201 -27.73 -54.82 -31.63
N GLN HB 202 -28.42 -55.33 -32.65
CA GLN HB 202 -27.96 -56.51 -33.36
C GLN HB 202 -27.01 -56.15 -34.50
N ILE HB 203 -27.27 -55.01 -35.16
CA ILE HB 203 -26.40 -54.60 -36.24
C ILE HB 203 -25.08 -54.06 -35.71
N TYR HB 204 -25.07 -53.57 -34.48
CA TYR HB 204 -23.80 -53.27 -33.80
C TYR HB 204 -23.89 -53.82 -32.39
N PRO HB 205 -23.01 -54.74 -32.00
CA PRO HB 205 -23.13 -55.31 -30.65
C PRO HB 205 -22.82 -54.31 -29.55
N PHE HB 206 -21.94 -53.34 -29.79
CA PHE HB 206 -21.49 -52.45 -28.73
C PHE HB 206 -22.57 -51.47 -28.28
N LEU HB 207 -23.64 -51.29 -29.04
CA LEU HB 207 -24.68 -50.36 -28.63
C LEU HB 207 -25.52 -50.87 -27.47
N ALA HB 208 -25.23 -52.06 -26.95
CA ALA HB 208 -26.01 -52.57 -25.83
C ALA HB 208 -25.50 -52.02 -24.50
N HIS HB 209 -24.19 -51.79 -24.38
CA HIS HB 209 -23.62 -51.29 -23.14
C HIS HB 209 -23.80 -49.80 -22.96
N ASP HB 210 -24.20 -49.08 -24.00
CA ASP HB 210 -24.36 -47.63 -23.91
C ASP HB 210 -25.70 -47.28 -23.28
N ASN HB 211 -25.79 -46.04 -22.80
CA ASN HB 211 -27.06 -45.51 -22.35
C ASN HB 211 -27.98 -45.30 -23.54
N MET HB 212 -29.22 -44.90 -23.28
CA MET HB 212 -30.15 -44.67 -24.37
C MET HB 212 -31.21 -43.69 -23.95
N PHE HB 213 -31.41 -42.68 -24.78
CA PHE HB 213 -32.60 -41.82 -24.70
C PHE HB 213 -33.15 -41.56 -26.09
N THR HB 214 -34.33 -40.94 -26.14
CA THR HB 214 -35.06 -40.77 -27.40
C THR HB 214 -35.59 -39.34 -27.53
N PHE HB 215 -35.87 -38.96 -28.77
CA PHE HB 215 -36.55 -37.70 -29.04
C PHE HB 215 -37.19 -37.74 -30.42
N THR HB 216 -38.37 -37.12 -30.52
CA THR HB 216 -39.19 -37.22 -31.71
C THR HB 216 -39.37 -35.85 -32.36
N LEU HB 217 -39.63 -35.89 -33.67
CA LEU HB 217 -39.78 -34.70 -34.49
C LEU HB 217 -40.93 -34.90 -35.47
N ASN HB 218 -41.49 -33.79 -35.95
CA ASN HB 218 -42.53 -33.80 -36.98
C ASN HB 218 -41.95 -33.09 -38.20
N ILE HB 219 -41.25 -33.84 -39.04
CA ILE HB 219 -40.60 -33.31 -40.23
C ILE HB 219 -41.38 -33.76 -41.45
N SER HB 220 -41.71 -32.81 -42.32
CA SER HB 220 -42.46 -33.09 -43.56
C SER HB 220 -43.76 -33.83 -43.27
N GLY HB 221 -44.37 -33.50 -42.13
CA GLY HB 221 -45.63 -34.09 -41.74
C GLY HB 221 -45.56 -35.48 -41.15
N THR HB 222 -44.44 -36.19 -41.31
CA THR HB 222 -44.31 -37.54 -40.79
C THR HB 222 -43.55 -37.51 -39.46
N LEU HB 223 -43.99 -38.32 -38.52
CA LEU HB 223 -43.39 -38.39 -37.21
C LEU HB 223 -42.15 -39.27 -37.26
N VAL HB 224 -41.00 -38.70 -36.93
CA VAL HB 224 -39.73 -39.42 -36.92
C VAL HB 224 -39.25 -39.42 -35.47
N THR HB 225 -38.50 -40.45 -35.10
CA THR HB 225 -37.89 -40.50 -33.78
C THR HB 225 -36.45 -40.96 -33.93
N TYR HB 226 -35.61 -40.56 -32.96
CA TYR HB 226 -34.23 -41.00 -32.95
C TYR HB 226 -33.93 -41.60 -31.60
N TYR HB 227 -32.88 -42.43 -31.55
CA TYR HB 227 -32.40 -42.99 -30.30
C TYR HB 227 -30.95 -42.57 -30.20
N ALA HB 228 -30.62 -41.87 -29.14
CA ALA HB 228 -29.27 -41.37 -28.93
C ALA HB 228 -28.62 -42.22 -27.86
N PHE HB 229 -27.54 -42.90 -28.24
CA PHE HB 229 -26.76 -43.76 -27.37
C PHE HB 229 -25.49 -43.04 -26.98
N VAL HB 230 -25.26 -42.94 -25.66
CA VAL HB 230 -24.05 -42.35 -25.11
C VAL HB 230 -23.38 -43.39 -24.23
N ASN HB 231 -22.05 -43.47 -24.32
CA ASN HB 231 -21.29 -44.49 -23.61
C ASN HB 231 -20.49 -43.97 -22.43
N GLN HB 232 -20.40 -42.65 -22.25
CA GLN HB 232 -19.67 -42.10 -21.12
C GLN HB 232 -20.32 -40.80 -20.69
N THR HB 233 -20.24 -40.54 -19.38
CA THR HB 233 -20.78 -39.32 -18.80
C THR HB 233 -19.92 -38.16 -19.27
N PHE HB 234 -20.45 -37.40 -20.22
CA PHE HB 234 -19.69 -36.28 -20.77
C PHE HB 234 -20.56 -35.04 -20.90
N ALA HB 235 -19.98 -33.98 -21.44
CA ALA HB 235 -20.63 -32.68 -21.45
C ALA HB 235 -20.11 -31.83 -22.59
N PHE HB 236 -21.01 -31.05 -23.18
CA PHE HB 236 -20.68 -30.20 -24.32
C PHE HB 236 -21.44 -28.87 -24.28
N THR HB 237 -20.74 -27.82 -24.71
CA THR HB 237 -21.28 -26.46 -24.72
C THR HB 237 -21.52 -25.99 -26.15
N TYR HB 238 -22.64 -25.30 -26.35
CA TYR HB 238 -23.01 -24.83 -27.67
C TYR HB 238 -23.65 -23.44 -27.65
N PRO HB 239 -23.46 -22.66 -28.72
CA PRO HB 239 -23.99 -21.29 -28.74
C PRO HB 239 -25.50 -21.26 -28.74
N VAL HB 240 -26.07 -20.30 -28.00
CA VAL HB 240 -27.52 -20.17 -27.91
C VAL HB 240 -28.03 -18.80 -28.31
N ALA HB 241 -27.26 -17.73 -28.15
CA ALA HB 241 -27.77 -16.40 -28.47
C ALA HB 241 -26.60 -15.42 -28.57
N GLY HB 242 -26.53 -14.71 -29.69
CA GLY HB 242 -25.58 -13.64 -29.85
C GLY HB 242 -24.13 -14.04 -29.73
N ASP HB 243 -23.68 -14.99 -30.54
CA ASP HB 243 -22.28 -15.41 -30.59
C ASP HB 243 -21.75 -15.16 -31.99
N PRO HB 244 -21.41 -13.91 -32.32
CA PRO HB 244 -20.85 -13.64 -33.64
C PRO HB 244 -19.49 -14.26 -33.86
N LEU HB 245 -18.74 -14.52 -32.79
CA LEU HB 245 -17.40 -15.08 -32.89
C LEU HB 245 -17.45 -16.59 -33.07
N ILE HB 246 -18.22 -17.07 -34.05
CA ILE HB 246 -18.29 -18.50 -34.30
C ILE HB 246 -16.95 -19.00 -34.81
N GLY HB 247 -16.70 -20.28 -34.58
CA GLY HB 247 -15.42 -20.85 -34.98
C GLY HB 247 -14.25 -20.37 -34.15
N SER HB 248 -14.51 -19.91 -32.93
CA SER HB 248 -13.46 -19.37 -32.07
C SER HB 248 -13.45 -19.91 -30.66
N ALA HB 249 -14.56 -20.47 -30.17
CA ALA HB 249 -14.65 -21.02 -28.82
C ALA HB 249 -14.38 -19.94 -27.77
N ILE HB 250 -15.01 -18.80 -27.95
CA ILE HB 250 -14.96 -17.70 -26.99
C ILE HB 250 -16.39 -17.25 -26.74
N ALA HB 251 -16.73 -17.02 -25.47
CA ALA HB 251 -18.06 -16.55 -25.11
C ALA HB 251 -18.01 -15.04 -24.94
N PRO HB 252 -18.43 -14.26 -25.92
CA PRO HB 252 -18.32 -12.80 -25.80
C PRO HB 252 -19.25 -12.27 -24.73
N ALA HB 253 -18.98 -11.03 -24.32
CA ALA HB 253 -19.86 -10.38 -23.36
C ALA HB 253 -21.24 -10.21 -23.97
N GLY HB 254 -22.26 -10.35 -23.14
CA GLY HB 254 -23.63 -10.30 -23.63
C GLY HB 254 -23.96 -11.45 -24.55
N SER HB 255 -23.49 -12.65 -24.24
CA SER HB 255 -23.76 -13.83 -25.04
C SER HB 255 -24.12 -14.97 -24.11
N VAL HB 256 -24.94 -15.89 -24.61
CA VAL HB 256 -25.39 -17.03 -23.83
C VAL HB 256 -24.92 -18.32 -24.51
N ILE HB 257 -24.29 -19.19 -23.74
CA ILE HB 257 -23.94 -20.53 -24.20
C ILE HB 257 -24.82 -21.48 -23.42
N GLY HB 258 -24.96 -22.71 -23.86
CA GLY HB 258 -25.75 -23.66 -23.09
C GLY HB 258 -24.95 -24.91 -23.00
N VAL HB 259 -24.74 -25.43 -21.79
CA VAL HB 259 -24.04 -26.68 -21.63
C VAL HB 259 -25.12 -27.75 -21.54
N MET HB 260 -24.78 -28.93 -22.02
CA MET HB 260 -25.65 -30.09 -21.86
C MET HB 260 -24.70 -31.19 -21.43
N ILE HB 261 -24.93 -31.73 -20.24
CA ILE HB 261 -24.23 -32.91 -19.77
C ILE HB 261 -25.13 -34.07 -20.11
N LEU HB 262 -24.54 -35.14 -20.65
CA LEU HB 262 -25.29 -36.34 -21.01
C LEU HB 262 -24.63 -37.49 -20.27
N PHE HB 263 -25.38 -38.16 -19.39
CA PHE HB 263 -24.81 -39.19 -18.54
C PHE HB 263 -24.62 -40.48 -19.32
N GLY HB 264 -23.58 -41.22 -18.97
CA GLY HB 264 -23.33 -42.51 -19.56
C GLY HB 264 -23.98 -43.61 -18.75
N PRO HB 265 -23.63 -44.86 -19.04
CA PRO HB 265 -24.22 -45.97 -18.29
C PRO HB 265 -23.73 -46.03 -16.85
N ASP HB 266 -22.54 -45.51 -16.56
CA ASP HB 266 -22.02 -45.55 -15.21
C ASP HB 266 -22.89 -44.72 -14.26
N LEU HB 267 -23.24 -43.50 -14.68
CA LEU HB 267 -24.00 -42.59 -13.84
C LEU HB 267 -25.48 -42.52 -14.19
N GLY HB 268 -25.86 -42.88 -15.42
CA GLY HB 268 -27.26 -42.81 -15.80
C GLY HB 268 -28.16 -43.78 -15.08
N SER HB 269 -27.59 -44.81 -14.45
CA SER HB 269 -28.40 -45.78 -13.73
C SER HB 269 -28.95 -45.20 -12.44
N HIS HB 270 -28.31 -44.17 -11.90
CA HIS HB 270 -28.78 -43.56 -10.67
C HIS HB 270 -29.78 -42.45 -10.96
N VAL HB 271 -30.62 -42.17 -9.97
CA VAL HB 271 -31.57 -41.07 -10.02
C VAL HB 271 -31.38 -40.27 -8.75
N PHE HB 272 -30.93 -39.02 -8.91
CA PHE HB 272 -30.69 -38.16 -7.76
C PHE HB 272 -32.01 -37.80 -7.09
N GLN HB 273 -32.13 -38.16 -5.82
CA GLN HB 273 -33.38 -37.99 -5.08
C GLN HB 273 -33.05 -37.68 -3.62
N TYR HB 274 -33.43 -36.49 -3.17
CA TYR HB 274 -33.13 -36.01 -1.83
C TYR HB 274 -31.62 -35.96 -1.59
N GLN HB 275 -30.89 -35.42 -2.56
CA GLN HB 275 -29.44 -35.37 -2.49
C GLN HB 275 -28.96 -33.97 -2.86
N THR HB 276 -27.65 -33.82 -2.90
CA THR HB 276 -27.00 -32.56 -3.25
C THR HB 276 -26.16 -32.73 -4.50
N ILE HB 277 -26.47 -31.92 -5.51
CA ILE HB 277 -25.75 -31.94 -6.78
C ILE HB 277 -24.87 -30.70 -6.83
N THR HB 278 -23.65 -30.86 -7.32
CA THR HB 278 -22.75 -29.74 -7.46
C THR HB 278 -22.11 -29.77 -8.84
N ILE HB 279 -22.20 -28.66 -9.55
CA ILE HB 279 -21.50 -28.50 -10.81
C ILE HB 279 -20.49 -27.39 -10.64
N GLN HB 280 -19.30 -27.60 -11.19
CA GLN HB 280 -18.30 -26.53 -11.14
C GLN HB 280 -17.63 -26.44 -12.50
N ILE HB 281 -17.73 -25.26 -13.12
CA ILE HB 281 -17.03 -24.97 -14.36
C ILE HB 281 -15.84 -24.10 -14.00
N THR HB 282 -14.67 -24.41 -14.56
CA THR HB 282 -13.46 -23.65 -14.28
C THR HB 282 -12.71 -23.42 -15.58
N PRO HB 283 -12.59 -22.16 -16.02
CA PRO HB 283 -11.86 -21.85 -17.24
C PRO HB 283 -10.37 -21.67 -17.00
N ASN HB 284 -9.63 -21.27 -18.02
CA ASN HB 284 -8.21 -21.01 -17.90
C ASN HB 284 -7.91 -19.64 -17.30
N ILE HB 285 -8.89 -18.75 -17.21
CA ILE HB 285 -8.67 -17.42 -16.67
C ILE HB 285 -9.98 -16.91 -16.07
N GLY HB 286 -9.88 -16.32 -14.89
CA GLY HB 286 -11.03 -15.78 -14.20
C GLY HB 286 -11.58 -16.71 -13.16
N SER HB 287 -12.58 -16.21 -12.44
CA SER HB 287 -13.19 -16.97 -11.37
C SER HB 287 -14.04 -18.11 -11.94
N PRO HB 288 -14.16 -19.21 -11.21
CA PRO HB 288 -15.01 -20.32 -11.66
C PRO HB 288 -16.46 -20.12 -11.26
N LEU HB 289 -17.31 -20.96 -11.85
CA LEU HB 289 -18.74 -20.92 -11.60
C LEU HB 289 -19.16 -22.22 -10.93
N THR HB 290 -19.64 -22.12 -9.69
CA THR HB 290 -20.06 -23.28 -8.91
C THR HB 290 -21.55 -23.19 -8.63
N ILE HB 291 -22.28 -24.21 -9.07
CA ILE HB 291 -23.73 -24.28 -8.90
C ILE HB 291 -24.00 -25.43 -7.94
N SER HB 292 -24.88 -25.20 -6.97
CA SER HB 292 -25.22 -26.20 -5.97
C SER HB 292 -26.73 -26.29 -5.86
N GLU HB 293 -27.27 -27.50 -5.92
CA GLU HB 293 -28.70 -27.71 -5.90
C GLU HB 293 -29.06 -28.87 -4.96
N TYR HB 294 -30.27 -28.79 -4.40
CA TYR HB 294 -30.84 -29.87 -3.61
C TYR HB 294 -31.96 -30.49 -4.42
N VAL HB 295 -31.83 -31.78 -4.70
CA VAL HB 295 -32.80 -32.50 -5.52
C VAL HB 295 -33.68 -33.33 -4.61
N TYR HB 296 -34.97 -33.00 -4.59
CA TYR HB 296 -35.94 -33.70 -3.74
C TYR HB 296 -36.66 -34.81 -4.49
N GLN HB 297 -37.36 -34.47 -5.55
CA GLN HB 297 -38.10 -35.47 -6.31
C GLN HB 297 -38.37 -34.96 -7.72
N PRO HB 298 -37.96 -35.69 -8.75
CA PRO HB 298 -38.18 -35.22 -10.12
C PRO HB 298 -39.65 -35.33 -10.50
N GLU HB 299 -40.18 -34.27 -11.11
CA GLU HB 299 -41.55 -34.27 -11.59
C GLU HB 299 -41.61 -33.60 -12.95
N GLY HB 300 -42.51 -34.09 -13.81
CA GLY HB 300 -42.74 -33.52 -15.12
C GLY HB 300 -41.92 -34.11 -16.25
N SER HB 301 -40.99 -35.02 -15.95
CA SER HB 301 -40.11 -35.67 -16.91
C SER HB 301 -39.05 -34.69 -17.43
N VAL HB 302 -39.18 -33.42 -17.09
CA VAL HB 302 -38.13 -32.43 -17.23
C VAL HB 302 -38.20 -31.54 -15.99
N SER HB 303 -37.32 -31.78 -15.03
CA SER HB 303 -37.36 -31.07 -13.77
C SER HB 303 -36.99 -29.60 -13.96
N VAL HB 304 -37.08 -28.85 -12.86
CA VAL HB 304 -36.90 -27.40 -12.85
C VAL HB 304 -35.81 -26.95 -11.89
N ILE HB 305 -34.73 -27.71 -11.75
CA ILE HB 305 -34.06 -27.72 -10.45
C ILE HB 305 -33.05 -28.85 -10.43
#